data_7BLZ
#
_entry.id   7BLZ
#
_cell.length_a   1.00
_cell.length_b   1.00
_cell.length_c   1.00
_cell.angle_alpha   90.00
_cell.angle_beta   90.00
_cell.angle_gamma   90.00
#
_symmetry.space_group_name_H-M   'P 1'
#
loop_
_entity.id
_entity.type
_entity.pdbx_description
1 polymer 'Similar to light harvesting protein'
2 polymer 'Similar to chlorophyll a/b-binding protein, CP24'
3 polymer Lhcr3
4 polymer 'Photosystem I P700 chlorophyll a apoprotein A1'
5 polymer 'Photosystem I P700 chlorophyll a apoprotein A2'
6 polymer 'Photosystem I iron-sulfur center'
7 polymer 'Photosystem I p700 chlorophyll A apoprotein A2'
8 polymer 'Photosystem I iron-sulfur center subunit VII'
9 polymer PSI-F
10 polymer 'Photosystem I reaction center subunit VIII'
11 polymer 'Photosystem I reaction center subunit IX'
12 polymer PSI-K
13 polymer 'Photosystem I reaction center subunit XI'
14 polymer 'Photosystem I reaction center subunit XII'
15 polymer PsaO
16 non-polymer 'CHLOROPHYLL A'
17 non-polymer (1~{S})-3,5,5-trimethyl-4-[(1~{E},3~{E},5~{E},7~{E},9~{E},11~{E},13~{E},15~{E},17~{E})-3,7,12,16-tetramethyl-18-[(4~{S})-2,6,6-trimethyl-4-oxidanyl-cyclohexen-1-yl]octadeca-1,3,5,7,9,11,13,15,17-nonaenyl]cyclohex-3-en-1-ol
18 non-polymer (3R)-beta,beta-caroten-3-ol
19 non-polymer 1,2-DIPALMITOYL-PHOSPHATIDYL-GLYCEROLE
20 non-polymer ERGOSTEROL
21 non-polymer BETA-CAROTENE
22 non-polymer '(1S)-2-{[{[(2R)-2,3-DIHYDROXYPROPYL]OXY}(HYDROXY)PHOSPHORYL]OXY}-1-[(PALMITOYLOXY)METHYL]ETHYL STEARATE'
23 non-polymer 'DIACYL GLYCEROL'
24 non-polymer DODECYL-ALPHA-D-MALTOSIDE
25 non-polymer PHOSPHATIDYLETHANOLAMINE
26 non-polymer 'CHLOROPHYLL A ISOMER'
27 non-polymer PHYLLOQUINONE
28 non-polymer 'IRON/SULFUR CLUSTER'
29 non-polymer 1,2-DIACYL-GLYCEROL-3-SN-PHOSPHATE
30 non-polymer Phosphatidylinositol
31 non-polymer 'DIGALACTOSYL DIACYL GLYCEROL (DGDG)'
32 non-polymer 'CALCIUM ION'
33 water water
#
loop_
_entity_poly.entity_id
_entity_poly.type
_entity_poly.pdbx_seq_one_letter_code
_entity_poly.pdbx_strand_id
1 'polypeptide(L)'
;QSPALPFLSKPPNLSPDMPGYRGFDPLRFSDAFDVNWLQEGEIKNGRVAMLACLHFFVTEFYQFPFFAGAPKLAGPAHDY
FVKSGAMIQILAFIGFLEFLLHRGKVLYSDMEWKGRKPGELGFNPLNLPNDKAMRDREVNNGRLAMLGFAGIIHGEFLNG
KMPFEQITNFQPL
;
1
2 'polypeptide(L)'
;GATMPSMPFLKRPSKLDGSLPGGEGCFDPLGFTEVFSLEWLREAEIKHCRVAMLAVLGVIAQEFGTFDFYNAKSKLQLSP
DLHNQFVQNGALQQILLFVCAWEFIVGLPALIESVNGNREPGYFGFDPLKLGGTVGSAQWKRMQAGELRNGRLAMIAFGG
FFHQQLLTKQGIIEQLAHF
;
2
3 'polypeptide(L)'
;VPFAPVPEAVRESGLAGSEAEFDPLMITSYLPISWMRESEVKHGRIAMLAFVGTLAQQAYQFPWYKGAPTTLVGAHDHFV
TTALAQILLFTSAFEIVAGVPAAIQTVRGSGRLPGYYGFDPLGLWGKDEASRKRMELAEVKNGRLAMIAMLALWHQEVLS
GGMGVIEQLVKQKF
;
3
4 'polypeptide(L)'
;EKQVKVVVDRDVVPTSFEKWAKPGHFSRSLAKGPKTTTWIWNLHADAHDFDSHTSSLEEVSRKIFSAHFGQLAIIFIWLS
GMYFHGARFSNYVAWLSNPTGIKPSAQVVWPIVGQQILNADVGGGMQGIQITSGLFQLWRASGIVNELQLYVTALGGLGM
AGLMIFAGWFHYHKAAPKLEWFQNVESMLNHHLAGLLGLGSLSWAGHQIHVSLPINKLLDAGVAPSSIPLPHEFILNRNL
MAELYPSFQQGLVPFFTLNWKQYSDILTFKGGLSPVTGGLWLTDVAHHHLAIAVLFLVAGHMYRTNWGIGHSIKQILEAH
KGPLTGEGHKGLYEILTTSWHANLAINLAMLGSLSIIVAHHMYAMPPYPYLATDYPTQLSLFTHHMWIGGFCIVGAGAHA
AIYMVRDYSPTVNFNNVLDRMIRHRDAIISHLNWVCIFLGMHSFGLYIHNDTMRALGRAQDMFSDTAIQLQPVFAQWIQQ
IHTLAPGNTAVNALATASYAFGADTVTVGSKIAMMPIKLGTADFMVHHIHAFTIHVTTLILLKGVLYARNSRLIPDKANL
GFRFPCDGPGRGGTCQVSAWDHVFLGLFWMYNALSIVIFHFSWKMQSDVWGTVTSNGAISHITGGNFAQSAITINGWLRD
FLWAQASQVIQSYGSSLSAYGLMFLGAHFVWAFSLMFLFSGRGYWQELIESIVWAHNKLKVAPAIAPRALSITQGRAVGV
AHYLLGGIATTWAFFLARIIAVG
;
A
5 'polypeptide(L)'
;ATKFPKFSQALASDPTTRRIWYGIATAHDFESHDGMTEENLYQKIFASHFGHLAIIFLWTSGNLFHVAWQGNFEQWVANP
LKTKPLAHAIWDPHFGQAALKAFTRGDTVANISYSGVYHWWYTIGIRNNVELYTGALGLLVLSAVFLLAGWLHIQPKFKP
SLSWFKNNESRLNHHLAGLFGVSSLAWTGHLVHVAIPASRGQHVGWDNFIMTPPHPAGLQPFFTGNWSVYAQSPDSMQHV
FGTSQGAGTAILTFLGGFHPQTQSLWLTDMAHHHLAIAVIFIVAGHMYRTNFGIGHNLKTILEAHRPPSGRLGKGHIGIY
QTLTNSLHFQLGLALASLSVVTSLVAQHMYAMPPYAYMAFDYVTQSALYTHHQYIAGLLIVGAFAHGAIFFIRDYDPEQN
QDNVLARMLAHKEAVISHLSWVSLFLGFHTLGLYVHNDVVVAFGNPEKQILIEPIFAQWIQATSGKMLYGFQVLLSSSTS
NASVAAQQLWLPGWLEAVNNESNSLFLTIGPGDFLVHHAIALGLHTTTLILVKGALDARGSKLMPDKKDFGYSFPCDGPG
RGGTCDISAWDAFYLAMFWMLNTIGWVTFYWHWKHLSLWQGNVAQFNESSTYLMGWLRDYLWLNSSPLINGYNPYGMNSL
AVWSWMFLFAHLVWATGFMFLISWRGYWQELIETLAWAHERTPLANLIRWKDKPVALSIVQARLVGLVHFTVGYILTYAA
FVIASTAGKFS
;
B
6 'polypeptide(L)' AHTVKIYDNCIGCTQCVRACPLDVLEMVPWDGCKAGQMASAPRTEDCVGCKRCETACPTDFLSIRVYLGGETTRSMGLAY C
7 'polypeptide(L)'
;LNLKMPSPSFLGSTGGWLRCAETEEKYAMTWSSDQQHIFEMPTGGAAVMNSGDNLLYLARKEQALALATQLRTQFKIQDY
KIYRIFPSGEVQYLHPKDGVLPYQVNKGREQVGRVKSTIGKNVNPAQVKFTSKATYDR
;
D
8 'polypeptide(L)' IKKGSLVKILRPESFWYNEVGTVVNVETSKVLYPVLVRFDKVNYSGLNSTNFSLDELVEIK E
9 'polypeptide(L)'
;VLTPCQQSEAFHKREINEVRTLENRQANYEANSPSYLALQSQIDQVHKRFDKYGTLLCGQDGLPHLITDGDWRHAREFTI
PALLFLYITGWIGWVGRSYLKYTKETKNPTEQEIILDVPMALKYMLSGFLWPLSAWQEYRSGQLLAKEDEITVSP
;
F
10 'polypeptide(L)' SASYLPSILVPTVGLILPFASMAILFIAIEK I
11 'polypeptide(L)' MNLKKYLSTAPVVATLWLFLTAGILIELNRFFPDSLFY J
12 'polypeptide(L)' YTIPTIMVISNLVGVAVGRYALGRSDLTQLIASMCFGHIIGVGIVLGLSNMGVI K
13 'polypeptide(L)'
;DYIKPYNNDPFVGHLATPINSSSLTRAYLSQLPIYRRGVSPFLRGLEIGMAHGYFLIGPFVQLGPLRNTDIKYLAGLLSA
IGLIVILTLGMLLYGAVSFTNDSQDLESVDGWRQLASGFLLGAVGGAGFAYLLLTL
;
L
14 'polypeptide(L)' ITDNQVFVALIMALVCGYLAVKLAKQL M
15 'polypeptide(L)'
;FEVSDGEPYPLNPAVIFIALIGWSAVAAIPSNIPVLGGTGLTQAFLASIQRLLAQYPTGPKLDDPFWFYLIVYHVGLFAL
LIFGQIGYAGYAKGTYN
;
O
#
loop_
_chem_comp.id
_chem_comp.type
_chem_comp.name
_chem_comp.formula
3PH non-polymer 1,2-DIACYL-GLYCEROL-3-SN-PHOSPHATE 'C39 H77 O8 P'
BCR non-polymer BETA-CAROTENE 'C40 H56'
C7Z non-polymer (1~{S})-3,5,5-trimethyl-4-[(1~{E},3~{E},5~{E},7~{E},9~{E},11~{E},13~{E},15~{E},17~{E})-3,7,12,16-tetramethyl-18-[(4~{S})-2,6,6-trimethyl-4-oxidanyl-cyclohexen-1-yl]octadeca-1,3,5,7,9,11,13,15,17-nonaenyl]cyclohex-3-en-1-ol 'C40 H56 O2'
CA non-polymer 'CALCIUM ION' 'Ca 2'
CL0 non-polymer 'CHLOROPHYLL A ISOMER' 'C55 H72 Mg N4 O5 2'
CLA non-polymer 'CHLOROPHYLL A' 'C55 H72 Mg N4 O5'
DGA non-polymer 'DIACYL GLYCEROL' 'C39 H76 O5'
DGD saccharide 'DIGALACTOSYL DIACYL GLYCEROL (DGDG)' 'C51 H96 O15'
ERG non-polymer ERGOSTEROL 'C28 H44 O'
LHG non-polymer 1,2-DIPALMITOYL-PHOSPHATIDYL-GLYCEROLE 'C38 H75 O10 P'
LMU D-saccharide DODECYL-ALPHA-D-MALTOSIDE 'C24 H46 O11'
PGT non-polymer '(1S)-2-{[{[(2R)-2,3-DIHYDROXYPROPYL]OXY}(HYDROXY)PHOSPHORYL]OXY}-1-[(PALMITOYLOXY)METHYL]ETHYL STEARATE' 'C40 H79 O10 P'
PQN non-polymer PHYLLOQUINONE 'C31 H46 O2'
PTY non-polymer PHOSPHATIDYLETHANOLAMINE 'C40 H80 N O8 P'
RRX non-polymer (3R)-beta,beta-caroten-3-ol 'C40 H56 O'
SF4 non-polymer 'IRON/SULFUR CLUSTER' 'Fe4 S4'
T7X non-polymer Phosphatidylinositol 'C47 H83 O13 P'
#
# COMPACT_ATOMS: atom_id res chain seq x y z
N GLN A 1 7.85 23.55 50.42
CA GLN A 1 6.83 23.72 51.46
C GLN A 1 6.64 22.43 52.24
N SER A 2 6.96 21.30 51.61
CA SER A 2 6.80 20.01 52.26
C SER A 2 7.82 19.87 53.40
N PRO A 3 7.43 19.32 54.55
CA PRO A 3 8.40 19.17 55.64
C PRO A 3 9.55 18.24 55.29
N ALA A 4 9.25 17.09 54.69
CA ALA A 4 10.32 16.14 54.33
C ALA A 4 11.29 16.73 53.33
N LEU A 5 10.77 17.36 52.28
CA LEU A 5 11.59 17.98 51.24
C LEU A 5 11.30 19.48 51.22
N PRO A 6 12.16 20.32 51.76
CA PRO A 6 11.91 21.76 51.76
C PRO A 6 12.15 22.44 50.42
N PHE A 7 12.55 21.69 49.39
CA PHE A 7 12.80 22.27 48.08
C PHE A 7 11.62 22.05 47.13
N LEU A 8 10.73 21.10 47.46
CA LEU A 8 9.51 20.85 46.71
C LEU A 8 8.33 21.30 47.57
N SER A 9 7.16 21.41 46.95
CA SER A 9 5.96 21.83 47.67
C SER A 9 5.19 20.62 48.21
N LYS A 10 4.42 20.87 49.28
CA LYS A 10 3.61 19.80 49.85
C LYS A 10 2.52 19.44 48.84
N PRO A 11 2.24 18.16 48.61
CA PRO A 11 1.19 17.81 47.65
C PRO A 11 -0.15 18.37 48.13
N PRO A 12 -0.99 18.87 47.22
CA PRO A 12 -2.27 19.43 47.66
C PRO A 12 -3.22 18.42 48.30
N ASN A 13 -3.14 17.14 47.93
CA ASN A 13 -4.04 16.14 48.49
C ASN A 13 -3.67 15.72 49.91
N LEU A 14 -2.39 15.70 50.25
CA LEU A 14 -1.99 15.29 51.59
C LEU A 14 -2.36 16.37 52.61
N SER A 15 -2.46 15.95 53.88
CA SER A 15 -2.82 16.85 54.97
C SER A 15 -2.05 16.48 56.24
N PRO A 16 -1.77 17.45 57.10
CA PRO A 16 -1.03 17.15 58.34
C PRO A 16 -1.81 16.32 59.36
N ASP A 17 -3.14 16.42 59.36
CA ASP A 17 -3.94 15.71 60.37
C ASP A 17 -3.82 14.19 60.24
N MET A 18 -3.78 13.65 59.03
CA MET A 18 -3.70 12.19 58.90
C MET A 18 -2.38 11.68 59.48
N PRO A 19 -2.38 10.49 60.08
CA PRO A 19 -1.15 9.98 60.71
C PRO A 19 0.01 9.76 59.73
N GLY A 20 1.22 10.01 60.22
CA GLY A 20 2.42 9.83 59.43
C GLY A 20 2.73 10.91 58.43
N TYR A 21 2.01 12.03 58.45
CA TYR A 21 2.27 13.08 57.47
C TYR A 21 3.65 13.72 57.59
N ARG A 22 4.48 13.49 56.58
CA ARG A 22 5.79 14.11 56.47
C ARG A 22 5.86 14.93 55.19
N GLY A 23 4.81 14.91 54.38
CA GLY A 23 4.81 15.61 53.12
C GLY A 23 5.77 15.01 52.12
N PHE A 24 6.17 13.76 52.35
CA PHE A 24 7.11 13.07 51.48
C PHE A 24 6.36 12.42 50.34
N ASP A 25 6.34 13.06 49.18
CA ASP A 25 5.67 12.54 48.00
C ASP A 25 6.18 13.29 46.78
N PRO A 26 7.43 13.07 46.36
CA PRO A 26 7.95 13.81 45.19
C PRO A 26 7.26 13.44 43.90
N LEU A 27 6.93 12.17 43.69
CA LEU A 27 6.28 11.72 42.46
C LEU A 27 4.79 12.06 42.44
N ARG A 28 4.29 12.69 43.49
CA ARG A 28 2.90 13.13 43.60
C ARG A 28 1.91 12.00 43.28
N PHE A 29 2.09 10.86 43.96
CA PHE A 29 1.15 9.76 43.78
C PHE A 29 -0.19 10.11 44.42
N SER A 30 -0.18 11.00 45.43
CA SER A 30 -1.42 11.41 46.05
C SER A 30 -2.35 12.03 45.01
N ASP A 31 -1.76 12.59 43.96
CA ASP A 31 -2.51 13.13 42.84
C ASP A 31 -2.70 11.98 41.87
N ALA A 32 -3.89 11.90 41.28
CA ALA A 32 -4.28 10.84 40.34
C ALA A 32 -4.74 9.59 41.08
N PHE A 33 -4.70 9.58 42.42
CA PHE A 33 -5.15 8.44 43.21
C PHE A 33 -5.83 8.98 44.46
N ASP A 34 -6.91 8.31 44.87
CA ASP A 34 -7.65 8.75 46.06
C ASP A 34 -6.74 8.75 47.27
N VAL A 35 -6.77 9.87 48.01
CA VAL A 35 -5.94 9.99 49.21
C VAL A 35 -6.35 8.93 50.22
N ASN A 36 -7.66 8.70 50.37
CA ASN A 36 -8.13 7.70 51.33
C ASN A 36 -7.75 6.29 50.91
N TRP A 37 -7.87 5.96 49.62
CA TRP A 37 -7.49 4.62 49.19
C TRP A 37 -5.99 4.40 49.34
N LEU A 38 -5.19 5.40 48.97
CA LEU A 38 -3.74 5.27 49.13
C LEU A 38 -3.39 5.09 50.59
N GLN A 39 -4.04 5.86 51.47
CA GLN A 39 -3.78 5.76 52.90
C GLN A 39 -4.15 4.37 53.42
N GLU A 40 -5.31 3.85 52.99
CA GLU A 40 -5.71 2.51 53.41
C GLU A 40 -4.73 1.48 52.90
N GLY A 41 -4.24 1.66 51.68
CA GLY A 41 -3.27 0.74 51.12
C GLY A 41 -2.01 0.72 51.94
N GLU A 42 -1.56 1.90 52.38
CA GLU A 42 -0.36 1.98 53.21
C GLU A 42 -0.59 1.29 54.55
N ILE A 43 -1.75 1.51 55.15
CA ILE A 43 -2.07 0.90 56.44
C ILE A 43 -2.05 -0.62 56.33
N LYS A 44 -2.75 -1.18 55.34
CA LYS A 44 -2.80 -2.64 55.23
C LYS A 44 -1.45 -3.21 54.80
N ASN A 45 -0.75 -2.55 53.87
CA ASN A 45 0.55 -3.06 53.47
C ASN A 45 1.45 -3.15 54.69
N GLY A 46 1.40 -2.13 55.55
CA GLY A 46 2.21 -2.14 56.76
C GLY A 46 1.79 -3.22 57.73
N ARG A 47 0.48 -3.42 57.92
CA ARG A 47 0.03 -4.44 58.86
C ARG A 47 0.43 -5.84 58.39
N VAL A 48 0.22 -6.13 57.11
CA VAL A 48 0.57 -7.43 56.54
C VAL A 48 2.08 -7.63 56.57
N ALA A 49 2.86 -6.57 56.31
CA ALA A 49 4.31 -6.69 56.37
C ALA A 49 4.80 -6.90 57.80
N MET A 50 4.14 -6.27 58.77
CA MET A 50 4.51 -6.44 60.16
C MET A 50 4.33 -7.89 60.58
N LEU A 51 3.17 -8.47 60.23
CA LEU A 51 2.94 -9.87 60.58
C LEU A 51 3.94 -10.77 59.86
N ALA A 52 4.24 -10.47 58.59
CA ALA A 52 5.20 -11.27 57.84
C ALA A 52 6.58 -11.22 58.51
N CYS A 53 6.97 -10.03 58.99
CA CYS A 53 8.24 -9.88 59.66
C CYS A 53 8.31 -10.75 60.91
N LEU A 54 7.25 -10.74 61.71
CA LEU A 54 7.28 -11.59 62.90
C LEU A 54 7.34 -13.06 62.51
N HIS A 55 6.74 -13.44 61.39
CA HIS A 55 6.84 -14.83 60.96
C HIS A 55 8.29 -15.21 60.70
N PHE A 56 9.00 -14.38 59.94
CA PHE A 56 10.40 -14.69 59.65
C PHE A 56 11.25 -14.71 60.92
N PHE A 57 10.95 -13.85 61.89
CA PHE A 57 11.74 -13.84 63.13
C PHE A 57 11.48 -15.07 63.98
N VAL A 58 10.21 -15.49 64.11
CA VAL A 58 9.88 -16.65 64.94
C VAL A 58 9.96 -17.96 64.17
N THR A 59 10.25 -17.92 62.88
CA THR A 59 10.37 -19.16 62.11
C THR A 59 11.74 -19.79 62.33
N GLU A 60 12.75 -18.98 62.68
CA GLU A 60 14.07 -19.52 62.96
C GLU A 60 13.97 -20.55 64.07
N PHE A 61 13.17 -20.25 65.09
CA PHE A 61 12.94 -21.10 66.24
C PHE A 61 11.57 -21.73 66.03
N TYR A 62 11.57 -22.89 65.38
CA TYR A 62 10.33 -23.59 65.09
C TYR A 62 9.57 -23.91 66.37
N GLN A 63 8.25 -23.73 66.32
CA GLN A 63 7.39 -23.98 67.48
C GLN A 63 6.12 -24.77 67.18
N PHE A 64 5.91 -25.24 65.94
CA PHE A 64 4.73 -26.00 65.57
C PHE A 64 5.10 -27.46 65.36
N PRO A 65 5.08 -28.30 66.40
CA PRO A 65 5.45 -29.70 66.20
C PRO A 65 4.57 -30.45 65.22
N PHE A 66 3.34 -30.00 64.95
CA PHE A 66 2.49 -30.73 64.02
C PHE A 66 3.08 -30.75 62.61
N PHE A 67 3.59 -29.61 62.14
CA PHE A 67 4.17 -29.58 60.79
C PHE A 67 5.62 -30.06 60.76
N ALA A 68 6.24 -30.29 61.92
CA ALA A 68 7.62 -30.77 62.00
C ALA A 68 8.61 -29.90 61.23
N GLY A 69 9.80 -30.44 60.96
CA GLY A 69 10.82 -29.70 60.24
C GLY A 69 10.35 -29.18 58.90
N ALA A 70 10.57 -27.90 58.66
CA ALA A 70 10.19 -27.22 57.44
C ALA A 70 11.40 -26.61 56.76
N PRO A 71 11.30 -26.25 55.48
CA PRO A 71 12.46 -25.67 54.80
C PRO A 71 13.03 -24.45 55.51
N LYS A 72 12.18 -23.63 56.14
CA LYS A 72 12.56 -22.44 56.88
C LYS A 72 13.01 -21.31 55.96
N LEU A 73 12.96 -21.49 54.63
CA LEU A 73 13.35 -20.48 53.67
C LEU A 73 12.07 -19.95 53.02
N ALA A 74 12.11 -18.68 52.59
CA ALA A 74 10.93 -18.05 52.01
C ALA A 74 10.38 -18.84 50.83
N GLY A 75 11.14 -18.94 49.75
CA GLY A 75 10.69 -19.63 48.56
C GLY A 75 10.39 -21.10 48.80
N PRO A 76 11.34 -21.83 49.38
CA PRO A 76 11.11 -23.25 49.64
C PRO A 76 9.94 -23.50 50.59
N ALA A 77 9.80 -22.70 51.65
CA ALA A 77 8.68 -22.92 52.57
C ALA A 77 7.37 -22.61 51.88
N HIS A 78 7.31 -21.54 51.10
CA HIS A 78 6.08 -21.20 50.40
C HIS A 78 5.69 -22.32 49.44
N ASP A 79 6.66 -22.83 48.67
CA ASP A 79 6.37 -23.91 47.74
C ASP A 79 5.95 -25.18 48.48
N TYR A 80 6.63 -25.49 49.59
CA TYR A 80 6.31 -26.68 50.37
C TYR A 80 4.90 -26.62 50.91
N PHE A 81 4.52 -25.49 51.52
CA PHE A 81 3.18 -25.36 52.07
C PHE A 81 2.12 -25.16 50.99
N VAL A 82 2.51 -24.77 49.78
CA VAL A 82 1.54 -24.64 48.71
C VAL A 82 1.21 -26.02 48.16
N LYS A 83 2.21 -26.89 48.08
CA LYS A 83 1.98 -28.26 47.62
C LYS A 83 1.33 -29.10 48.71
N SER A 84 1.58 -28.76 49.98
CA SER A 84 1.01 -29.50 51.09
C SER A 84 -0.47 -29.19 51.31
N GLY A 85 -1.01 -28.17 50.65
CA GLY A 85 -2.40 -27.81 50.78
C GLY A 85 -2.70 -26.81 51.87
N ALA A 86 -1.75 -26.55 52.77
CA ALA A 86 -2.00 -25.59 53.84
C ALA A 86 -2.08 -24.16 53.32
N MET A 87 -1.37 -23.84 52.24
CA MET A 87 -1.43 -22.48 51.71
C MET A 87 -2.77 -22.18 51.06
N ILE A 88 -3.45 -23.20 50.51
CA ILE A 88 -4.76 -22.95 49.93
C ILE A 88 -5.74 -22.66 51.06
N GLN A 89 -5.53 -23.25 52.24
CA GLN A 89 -6.36 -23.00 53.40
C GLN A 89 -6.01 -21.67 54.04
N ILE A 90 -4.76 -21.23 53.88
CA ILE A 90 -4.34 -19.94 54.43
C ILE A 90 -4.90 -18.82 53.58
N LEU A 91 -4.94 -19.01 52.26
CA LEU A 91 -5.53 -17.99 51.40
C LEU A 91 -6.97 -17.75 51.85
N ALA A 92 -7.63 -18.82 52.29
CA ALA A 92 -8.97 -18.71 52.83
C ALA A 92 -8.86 -18.16 54.24
N PHE A 93 -9.96 -17.57 54.71
CA PHE A 93 -10.04 -16.92 56.02
C PHE A 93 -9.36 -15.55 55.95
N ILE A 94 -8.62 -15.29 54.87
CA ILE A 94 -8.02 -13.98 54.66
C ILE A 94 -8.93 -13.15 53.78
N GLY A 95 -9.33 -13.74 52.64
CA GLY A 95 -10.27 -13.06 51.78
C GLY A 95 -11.59 -12.91 52.50
N PHE A 96 -11.95 -13.89 53.32
CA PHE A 96 -13.17 -13.80 54.11
C PHE A 96 -13.06 -12.65 55.10
N LEU A 97 -11.91 -12.53 55.75
CA LEU A 97 -11.69 -11.44 56.69
C LEU A 97 -11.62 -10.10 55.95
N GLU A 98 -11.22 -10.12 54.68
CA GLU A 98 -11.17 -8.89 53.90
C GLU A 98 -12.59 -8.44 53.54
N PHE A 99 -13.44 -9.40 53.20
CA PHE A 99 -14.84 -9.11 52.88
C PHE A 99 -15.63 -8.76 54.13
N LEU A 100 -15.18 -9.23 55.29
CA LEU A 100 -15.86 -8.95 56.56
C LEU A 100 -15.45 -7.59 57.12
N LEU A 101 -14.14 -7.31 57.14
CA LEU A 101 -13.68 -6.02 57.66
C LEU A 101 -14.17 -4.87 56.81
N HIS A 102 -14.16 -5.03 55.48
CA HIS A 102 -14.60 -3.97 54.58
C HIS A 102 -16.11 -3.93 54.40
N ARG A 103 -16.84 -4.92 54.94
CA ARG A 103 -18.30 -4.97 54.83
C ARG A 103 -18.76 -5.09 53.38
N GLY A 104 -17.98 -5.79 52.55
CA GLY A 104 -18.32 -6.00 51.16
C GLY A 104 -17.73 -5.01 50.18
N LYS A 105 -17.26 -3.86 50.64
CA LYS A 105 -16.68 -2.85 49.76
C LYS A 105 -15.19 -3.14 49.54
N VAL A 106 -14.94 -4.32 48.98
CA VAL A 106 -13.57 -4.76 48.73
C VAL A 106 -12.94 -3.98 47.58
N LEU A 107 -13.69 -3.71 46.52
CA LEU A 107 -13.15 -3.01 45.36
C LEU A 107 -12.76 -1.57 45.69
N TYR A 108 -11.87 -1.03 44.84
CA TYR A 108 -11.41 0.34 44.99
C TYR A 108 -12.53 1.32 44.66
N SER A 109 -13.42 0.95 43.75
CA SER A 109 -14.55 1.80 43.39
C SER A 109 -15.69 1.67 44.38
N ASP A 110 -15.68 0.63 45.21
CA ASP A 110 -16.71 0.39 46.20
C ASP A 110 -16.33 0.95 47.57
N MET A 111 -15.09 0.72 47.99
CA MET A 111 -14.63 1.19 49.29
C MET A 111 -14.91 2.67 49.50
N GLU A 112 -15.65 2.97 50.56
CA GLU A 112 -16.00 4.34 50.92
C GLU A 112 -15.80 4.48 52.42
N TRP A 113 -15.07 5.51 52.83
CA TRP A 113 -14.77 5.74 54.25
C TRP A 113 -15.83 6.64 54.87
N LYS A 114 -17.03 6.07 55.00
CA LYS A 114 -18.16 6.77 55.58
C LYS A 114 -18.19 6.50 57.08
N GLY A 115 -17.97 7.55 57.87
CA GLY A 115 -17.96 7.42 59.32
C GLY A 115 -16.71 6.77 59.89
N ARG A 116 -15.67 6.58 59.09
CA ARG A 116 -14.44 5.96 59.55
C ARG A 116 -13.26 6.71 58.94
N LYS A 117 -12.06 6.23 59.22
CA LYS A 117 -10.80 6.77 58.75
C LYS A 117 -9.99 5.63 58.15
N PRO A 118 -9.09 5.93 57.22
CA PRO A 118 -8.29 4.84 56.63
C PRO A 118 -7.58 4.01 57.68
N GLY A 119 -7.93 2.73 57.75
CA GLY A 119 -7.35 1.80 58.71
C GLY A 119 -8.26 1.43 59.86
N GLU A 120 -9.33 2.20 60.09
CA GLU A 120 -10.26 1.92 61.19
C GLU A 120 -11.24 0.84 60.77
N LEU A 121 -10.72 -0.39 60.69
CA LEU A 121 -11.52 -1.56 60.34
C LEU A 121 -11.90 -2.33 61.61
N GLY A 122 -12.62 -1.66 62.50
CA GLY A 122 -13.00 -2.31 63.75
C GLY A 122 -11.76 -2.81 64.45
N PHE A 123 -11.76 -4.11 64.76
CA PHE A 123 -10.64 -4.80 65.40
C PHE A 123 -9.98 -3.99 66.52
N ASN A 124 -10.76 -3.70 67.56
CA ASN A 124 -10.27 -3.00 68.75
C ASN A 124 -10.80 -3.77 69.95
N PRO A 125 -10.35 -5.02 70.13
CA PRO A 125 -10.87 -5.83 71.25
C PRO A 125 -10.53 -5.29 72.62
N LEU A 126 -9.32 -4.76 72.82
CA LEU A 126 -8.94 -4.24 74.13
C LEU A 126 -9.42 -2.82 74.38
N ASN A 127 -10.00 -2.15 73.39
CA ASN A 127 -10.51 -0.79 73.56
C ASN A 127 -9.42 0.14 74.10
N LEU A 128 -8.22 0.03 73.53
CA LEU A 128 -7.08 0.84 73.92
C LEU A 128 -7.12 2.18 73.18
N PRO A 129 -6.31 3.15 73.60
CA PRO A 129 -6.35 4.46 72.93
C PRO A 129 -6.05 4.38 71.44
N ASN A 130 -6.82 5.17 70.68
CA ASN A 130 -6.68 5.26 69.22
C ASN A 130 -6.34 6.68 68.78
N ASP A 131 -5.85 7.51 69.68
CA ASP A 131 -5.52 8.89 69.34
C ASP A 131 -4.44 8.93 68.26
N LYS A 132 -4.24 10.12 67.68
CA LYS A 132 -3.27 10.27 66.59
C LYS A 132 -1.88 9.82 66.98
N ALA A 133 -1.53 9.82 68.27
CA ALA A 133 -0.20 9.35 68.65
C ALA A 133 -0.07 7.87 68.36
N MET A 134 -1.07 7.07 68.76
CA MET A 134 -1.05 5.65 68.52
C MET A 134 -1.15 5.33 67.03
N ARG A 135 -1.92 6.12 66.28
CA ARG A 135 -2.04 5.91 64.84
C ARG A 135 -0.73 6.21 64.12
N ASP A 136 -0.04 7.27 64.54
CA ASP A 136 1.24 7.61 63.94
C ASP A 136 2.28 6.56 64.30
N ARG A 137 2.25 6.06 65.53
CA ARG A 137 3.18 5.00 65.90
C ARG A 137 2.91 3.76 65.07
N GLU A 138 1.63 3.48 64.80
CA GLU A 138 1.25 2.32 64.00
C GLU A 138 1.78 2.44 62.58
N VAL A 139 1.55 3.59 61.93
CA VAL A 139 2.02 3.73 60.55
C VAL A 139 3.55 3.76 60.49
N ASN A 140 4.20 4.35 61.49
CA ASN A 140 5.67 4.38 61.46
C ASN A 140 6.23 2.98 61.61
N ASN A 141 5.73 2.20 62.57
CA ASN A 141 6.22 0.84 62.70
C ASN A 141 5.85 0.02 61.48
N GLY A 142 4.74 0.37 60.81
CA GLY A 142 4.36 -0.33 59.60
C GLY A 142 5.32 -0.06 58.47
N ARG A 143 5.79 1.18 58.35
CA ARG A 143 6.76 1.50 57.30
C ARG A 143 8.09 0.83 57.62
N LEU A 144 8.49 0.86 58.89
CA LEU A 144 9.73 0.22 59.30
C LEU A 144 9.68 -1.26 58.99
N ALA A 145 8.52 -1.90 59.21
CA ALA A 145 8.38 -3.31 58.91
C ALA A 145 8.23 -3.57 57.42
N MET A 146 7.69 -2.60 56.67
CA MET A 146 7.59 -2.77 55.22
C MET A 146 8.98 -2.81 54.62
N LEU A 147 9.89 -1.99 55.15
CA LEU A 147 11.27 -1.98 54.67
C LEU A 147 12.02 -3.21 55.19
N GLY A 148 11.79 -3.54 56.48
CA GLY A 148 12.47 -4.68 57.07
C GLY A 148 12.12 -6.01 56.42
N PHE A 149 10.83 -6.22 56.13
CA PHE A 149 10.45 -7.49 55.50
C PHE A 149 11.12 -7.64 54.15
N ALA A 150 11.15 -6.56 53.37
CA ALA A 150 11.76 -6.63 52.06
C ALA A 150 13.25 -6.93 52.18
N GLY A 151 13.92 -6.31 53.15
CA GLY A 151 15.34 -6.59 53.33
C GLY A 151 15.57 -8.03 53.77
N ILE A 152 14.72 -8.54 54.66
CA ILE A 152 14.86 -9.91 55.15
C ILE A 152 14.66 -10.92 54.03
N ILE A 153 13.60 -10.74 53.25
CA ILE A 153 13.35 -11.71 52.17
C ILE A 153 14.42 -11.58 51.10
N HIS A 154 14.96 -10.39 50.87
CA HIS A 154 16.03 -10.28 49.87
C HIS A 154 17.29 -10.96 50.40
N GLY A 155 17.56 -10.84 51.69
CA GLY A 155 18.71 -11.52 52.26
C GLY A 155 18.55 -13.02 52.13
N GLU A 156 17.33 -13.51 52.34
CA GLU A 156 17.07 -14.93 52.17
C GLU A 156 17.24 -15.33 50.71
N PHE A 157 16.98 -14.41 49.78
CA PHE A 157 17.16 -14.72 48.37
C PHE A 157 18.63 -14.83 48.00
N LEU A 158 19.46 -13.91 48.48
CA LEU A 158 20.88 -13.91 48.13
C LEU A 158 21.74 -14.78 49.04
N ASN A 159 21.57 -14.69 50.36
CA ASN A 159 22.39 -15.50 51.26
C ASN A 159 21.76 -16.84 51.60
N GLY A 160 20.45 -16.89 51.77
CA GLY A 160 19.79 -18.12 52.17
C GLY A 160 19.78 -18.33 53.66
N LYS A 161 20.33 -17.38 54.42
CA LYS A 161 20.40 -17.43 55.87
C LYS A 161 19.26 -16.64 56.47
N MET A 162 18.86 -17.01 57.67
CA MET A 162 17.77 -16.33 58.34
C MET A 162 18.24 -14.96 58.86
N PRO A 163 17.30 -14.05 59.15
CA PRO A 163 17.68 -12.71 59.62
C PRO A 163 18.67 -12.68 60.77
N PHE A 164 18.30 -13.26 61.92
CA PHE A 164 19.20 -13.26 63.05
C PHE A 164 20.40 -14.17 62.83
N GLU A 165 20.29 -15.13 61.92
CA GLU A 165 21.43 -15.98 61.61
C GLU A 165 22.42 -15.25 60.72
N GLN A 166 21.94 -14.26 59.97
CA GLN A 166 22.75 -13.46 59.08
C GLN A 166 23.35 -12.25 59.78
N ILE A 167 22.69 -11.76 60.83
CA ILE A 167 23.20 -10.60 61.55
C ILE A 167 24.49 -10.93 62.28
N THR A 168 24.63 -12.18 62.74
CA THR A 168 25.83 -12.58 63.46
C THR A 168 26.95 -12.95 62.50
N ASN A 169 28.18 -12.60 62.88
CA ASN A 169 29.36 -12.84 62.06
C ASN A 169 29.02 -12.57 60.60
N PHE A 170 28.53 -11.35 60.40
CA PHE A 170 28.10 -10.87 59.09
C PHE A 170 29.15 -11.14 58.03
N GLN A 171 28.72 -11.70 56.89
CA GLN A 171 29.58 -12.03 55.77
C GLN A 171 29.32 -11.12 54.58
N PRO A 172 30.35 -10.53 53.96
CA PRO A 172 30.11 -9.72 52.77
C PRO A 172 29.89 -10.59 51.54
N LEU A 173 29.39 -9.97 50.48
CA LEU A 173 29.13 -10.70 49.24
C LEU A 173 30.34 -10.64 48.32
N GLY B 1 34.78 53.37 22.95
CA GLY B 1 33.64 53.17 22.09
C GLY B 1 32.57 52.29 22.70
N ALA B 2 32.58 51.01 22.31
CA ALA B 2 31.61 50.05 22.84
C ALA B 2 30.19 50.44 22.47
N THR B 3 29.22 49.60 22.84
CA THR B 3 27.82 49.86 22.56
C THR B 3 27.18 50.62 23.73
N MET B 4 25.87 50.85 23.67
CA MET B 4 25.21 51.55 24.76
C MET B 4 25.32 50.75 26.05
N PRO B 5 24.97 49.46 26.09
CA PRO B 5 25.14 48.69 27.33
C PRO B 5 26.48 47.94 27.28
N SER B 6 26.97 47.58 28.46
CA SER B 6 28.25 46.88 28.56
C SER B 6 28.11 45.57 29.33
N MET B 7 29.15 44.76 29.19
CA MET B 7 29.30 43.45 29.82
C MET B 7 30.71 43.38 30.35
N PRO B 8 30.98 42.50 31.32
CA PRO B 8 32.35 42.40 31.84
C PRO B 8 33.36 42.21 30.72
N PHE B 9 32.92 41.70 29.56
CA PHE B 9 33.83 41.59 28.43
C PHE B 9 34.35 42.97 28.06
N LEU B 10 33.55 44.00 28.32
CA LEU B 10 33.80 45.41 28.06
C LEU B 10 33.55 45.76 26.60
N LYS B 11 33.11 44.79 25.78
CA LYS B 11 32.84 45.01 24.37
C LYS B 11 31.55 44.32 23.94
N ARG B 12 30.65 44.05 24.87
CA ARG B 12 29.42 43.35 24.56
C ARG B 12 28.18 44.02 25.12
N PRO B 13 27.03 43.83 24.49
CA PRO B 13 25.78 44.40 25.03
C PRO B 13 25.22 43.42 26.05
N SER B 14 24.97 43.92 27.26
CA SER B 14 24.47 43.08 28.34
C SER B 14 23.30 42.22 27.87
N LYS B 15 23.31 40.95 28.28
CA LYS B 15 22.25 40.01 27.94
C LYS B 15 21.10 40.15 28.93
N LEU B 16 20.17 39.20 28.92
CA LEU B 16 19.04 39.27 29.84
C LEU B 16 19.49 39.16 31.29
N ASP B 17 20.49 38.32 31.55
CA ASP B 17 20.98 38.15 32.92
C ASP B 17 21.53 39.47 33.45
N GLY B 18 21.29 39.72 34.73
CA GLY B 18 21.75 40.93 35.38
C GLY B 18 22.85 40.69 36.40
N SER B 19 22.49 40.69 37.68
CA SER B 19 23.42 40.48 38.78
C SER B 19 22.91 39.32 39.64
N LEU B 20 23.40 38.12 39.36
CA LEU B 20 23.02 36.91 40.08
C LEU B 20 24.16 36.43 40.96
N PRO B 21 23.87 35.61 41.98
CA PRO B 21 24.95 35.11 42.84
C PRO B 21 26.02 34.43 42.02
N GLY B 22 27.22 35.01 41.98
CA GLY B 22 28.30 34.46 41.20
C GLY B 22 28.16 34.70 39.72
N GLY B 23 27.13 35.43 39.30
CA GLY B 23 26.90 35.72 37.90
C GLY B 23 27.26 37.14 37.52
N GLU B 24 28.02 37.82 38.37
CA GLU B 24 28.41 39.20 38.07
C GLU B 24 29.22 39.27 36.78
N GLY B 25 29.79 38.15 36.34
CA GLY B 25 30.57 38.13 35.12
C GLY B 25 29.73 38.21 33.86
N CYS B 26 28.45 37.84 33.94
CA CYS B 26 27.57 37.87 32.77
C CYS B 26 28.28 37.28 31.55
N PHE B 27 28.95 36.15 31.77
CA PHE B 27 29.74 35.46 30.75
C PHE B 27 28.84 34.63 29.83
N ASP B 28 28.27 35.30 28.83
CA ASP B 28 27.41 34.67 27.84
C ASP B 28 27.76 35.20 26.44
N PRO B 29 29.00 35.02 26.01
CA PRO B 29 29.37 35.50 24.66
C PRO B 29 28.55 34.86 23.56
N LEU B 30 28.29 33.56 23.67
CA LEU B 30 27.49 32.82 22.71
C LEU B 30 26.08 32.74 23.28
N GLY B 31 25.10 33.13 22.49
CA GLY B 31 23.73 33.12 22.97
C GLY B 31 23.24 31.76 23.43
N PHE B 32 23.15 31.58 24.75
CA PHE B 32 22.65 30.36 25.35
C PHE B 32 21.41 30.61 26.20
N THR B 33 21.31 31.78 26.84
CA THR B 33 20.16 32.15 27.64
C THR B 33 19.08 32.82 26.82
N GLU B 34 19.42 33.30 25.62
CA GLU B 34 18.45 33.96 24.75
C GLU B 34 17.46 32.98 24.15
N VAL B 35 17.81 31.70 24.07
CA VAL B 35 16.95 30.68 23.51
C VAL B 35 16.52 29.66 24.56
N PHE B 36 17.42 29.31 25.48
CA PHE B 36 17.13 28.34 26.52
C PHE B 36 16.78 29.04 27.83
N SER B 37 15.94 28.38 28.63
CA SER B 37 15.52 28.94 29.90
C SER B 37 16.72 29.15 30.82
N LEU B 38 16.72 30.28 31.53
CA LEU B 38 17.81 30.58 32.44
C LEU B 38 17.81 29.62 33.63
N GLU B 39 16.62 29.25 34.12
CA GLU B 39 16.55 28.34 35.26
C GLU B 39 17.14 26.98 34.90
N TRP B 40 16.83 26.49 33.69
CA TRP B 40 17.36 25.19 33.26
C TRP B 40 18.88 25.21 33.25
N LEU B 41 19.46 26.24 32.64
CA LEU B 41 20.92 26.35 32.57
C LEU B 41 21.52 26.50 33.96
N ARG B 42 20.90 27.30 34.83
CA ARG B 42 21.43 27.48 36.17
C ARG B 42 21.42 26.17 36.95
N GLU B 43 20.33 25.41 36.84
CA GLU B 43 20.24 24.12 37.51
C GLU B 43 21.34 23.20 37.01
N ALA B 44 21.52 23.16 35.69
CA ALA B 44 22.55 22.30 35.12
C ALA B 44 23.94 22.71 35.59
N GLU B 45 24.21 24.01 35.62
CA GLU B 45 25.52 24.49 36.06
C GLU B 45 25.79 24.14 37.51
N ILE B 46 24.80 24.31 38.38
CA ILE B 46 25.01 24.00 39.79
C ILE B 46 25.19 22.50 39.99
N LYS B 47 24.41 21.68 39.25
CA LYS B 47 24.56 20.24 39.36
C LYS B 47 25.95 19.82 38.90
N HIS B 48 26.43 20.42 37.81
CA HIS B 48 27.76 20.12 37.31
C HIS B 48 28.82 20.52 38.32
N CYS B 49 28.67 21.71 38.91
CA CYS B 49 29.62 22.21 39.88
C CYS B 49 29.74 21.26 41.06
N ARG B 50 28.61 20.80 41.58
CA ARG B 50 28.64 19.90 42.73
C ARG B 50 29.27 18.56 42.38
N VAL B 51 28.81 17.92 41.30
CA VAL B 51 29.37 16.62 40.95
C VAL B 51 30.86 16.74 40.61
N ALA B 52 31.29 17.85 40.00
CA ALA B 52 32.70 18.02 39.65
C ALA B 52 33.55 18.28 40.88
N MET B 53 33.06 19.04 41.86
CA MET B 53 33.85 19.26 43.06
C MET B 53 34.08 17.94 43.76
N LEU B 54 33.02 17.12 43.85
CA LEU B 54 33.17 15.82 44.47
C LEU B 54 34.17 14.98 43.68
N ALA B 55 34.13 15.07 42.35
CA ALA B 55 35.06 14.29 41.53
C ALA B 55 36.51 14.72 41.72
N VAL B 56 36.78 16.02 41.76
CA VAL B 56 38.16 16.49 41.95
C VAL B 56 38.69 16.03 43.30
N LEU B 57 37.95 16.32 44.36
CA LEU B 57 38.41 15.90 45.68
C LEU B 57 38.49 14.38 45.76
N GLY B 58 37.59 13.68 45.06
CA GLY B 58 37.61 12.23 45.08
C GLY B 58 38.82 11.66 44.38
N VAL B 59 39.24 12.26 43.27
CA VAL B 59 40.42 11.78 42.57
C VAL B 59 41.65 11.96 43.44
N ILE B 60 41.76 13.12 44.09
CA ILE B 60 42.92 13.35 44.95
C ILE B 60 42.89 12.44 46.17
N ALA B 61 41.72 12.26 46.77
CA ALA B 61 41.58 11.43 47.97
C ALA B 61 41.76 9.94 47.67
N GLN B 62 41.39 9.49 46.48
CA GLN B 62 41.51 8.08 46.13
C GLN B 62 42.97 7.67 45.96
N GLU B 63 43.84 8.61 45.62
CA GLU B 63 45.25 8.30 45.42
C GLU B 63 46.00 8.08 46.72
N PHE B 64 45.41 8.41 47.87
CA PHE B 64 46.06 8.17 49.16
C PHE B 64 45.62 6.85 49.76
N GLY B 65 44.32 6.61 49.84
CA GLY B 65 43.79 5.37 50.40
C GLY B 65 42.71 4.71 49.56
N THR B 66 42.77 3.38 49.45
CA THR B 66 41.79 2.60 48.68
C THR B 66 40.96 1.68 49.58
N PHE B 67 41.01 1.88 50.90
CA PHE B 67 40.27 1.11 51.91
C PHE B 67 40.84 -0.29 52.16
N ASP B 68 41.73 -0.76 51.30
CA ASP B 68 42.38 -2.07 51.44
C ASP B 68 41.48 -3.27 51.16
N PHE B 69 40.16 -3.09 51.02
CA PHE B 69 39.28 -4.21 50.71
C PHE B 69 38.79 -4.16 49.27
N TYR B 70 39.22 -3.16 48.50
CA TYR B 70 38.91 -3.01 47.09
C TYR B 70 40.21 -3.35 46.37
N ASN B 71 40.14 -4.31 45.44
CA ASN B 71 41.33 -4.72 44.70
C ASN B 71 42.19 -3.52 44.28
N ALA B 72 41.64 -2.64 43.47
CA ALA B 72 42.33 -1.45 42.99
C ALA B 72 43.70 -1.81 42.42
N LYS B 73 43.69 -2.67 41.41
CA LYS B 73 44.93 -3.09 40.78
C LYS B 73 45.61 -1.95 40.03
N SER B 74 44.87 -0.91 39.66
CA SER B 74 45.41 0.24 38.95
C SER B 74 45.43 1.43 39.90
N LYS B 75 46.59 2.09 39.99
CA LYS B 75 46.73 3.24 40.87
C LYS B 75 46.25 4.53 40.21
N LEU B 76 45.77 4.45 38.96
CA LEU B 76 45.25 5.61 38.24
C LEU B 76 43.74 5.62 38.48
N GLN B 77 43.26 6.65 39.18
CA GLN B 77 41.84 6.71 39.51
C GLN B 77 40.97 7.05 38.30
N LEU B 78 41.47 7.87 37.39
CA LEU B 78 40.70 8.26 36.19
C LEU B 78 41.06 7.42 34.98
N SER B 79 41.33 6.12 35.17
CA SER B 79 41.66 5.22 34.08
C SER B 79 40.49 4.30 33.78
N PRO B 80 40.28 3.93 32.50
CA PRO B 80 39.15 3.04 32.19
C PRO B 80 39.22 1.69 32.88
N ASP B 81 40.44 1.17 33.12
CA ASP B 81 40.55 -0.12 33.78
C ASP B 81 39.97 -0.09 35.19
N LEU B 82 40.28 0.96 35.95
CA LEU B 82 39.75 1.08 37.30
C LEU B 82 38.24 1.28 37.28
N HIS B 83 37.73 2.05 36.32
CA HIS B 83 36.29 2.26 36.22
C HIS B 83 35.59 0.94 35.94
N ASN B 84 36.11 0.18 34.98
CA ASN B 84 35.51 -1.11 34.62
C ASN B 84 35.58 -2.12 35.75
N GLN B 85 36.72 -2.21 36.43
CA GLN B 85 36.82 -3.19 37.52
C GLN B 85 35.88 -2.81 38.66
N PHE B 86 35.79 -1.53 39.01
CA PHE B 86 34.88 -1.16 40.09
C PHE B 86 33.42 -1.33 39.66
N VAL B 87 33.14 -1.20 38.37
CA VAL B 87 31.78 -1.42 37.90
C VAL B 87 31.43 -2.90 38.00
N GLN B 88 32.40 -3.76 37.68
CA GLN B 88 32.18 -5.19 37.74
C GLN B 88 32.04 -5.69 39.17
N ASN B 89 32.84 -5.15 40.10
CA ASN B 89 32.72 -5.63 41.48
C ASN B 89 31.45 -5.12 42.16
N GLY B 90 30.66 -4.28 41.47
CA GLY B 90 29.40 -3.80 42.00
C GLY B 90 29.44 -2.48 42.73
N ALA B 91 30.61 -1.93 43.03
CA ALA B 91 30.68 -0.66 43.75
C ALA B 91 30.06 0.46 42.93
N LEU B 92 30.55 0.67 41.71
CA LEU B 92 29.99 1.72 40.85
C LEU B 92 28.58 1.38 40.40
N GLN B 93 28.23 0.09 40.34
CA GLN B 93 26.87 -0.27 39.96
C GLN B 93 25.90 0.20 41.03
N GLN B 94 26.29 0.09 42.30
CA GLN B 94 25.46 0.56 43.40
C GLN B 94 25.43 2.08 43.45
N ILE B 95 26.56 2.74 43.13
CA ILE B 95 26.52 4.19 43.10
C ILE B 95 25.55 4.64 42.02
N LEU B 96 25.57 3.96 40.87
CA LEU B 96 24.65 4.30 39.78
C LEU B 96 23.21 4.07 40.21
N LEU B 97 22.95 2.96 40.90
CA LEU B 97 21.59 2.67 41.35
C LEU B 97 21.05 3.80 42.22
N PHE B 98 21.79 4.17 43.26
CA PHE B 98 21.29 5.21 44.16
C PHE B 98 21.35 6.62 43.56
N VAL B 99 22.32 6.92 42.70
CA VAL B 99 22.37 8.25 42.09
C VAL B 99 21.20 8.40 41.12
N CYS B 100 20.86 7.35 40.39
CA CYS B 100 19.72 7.40 39.49
C CYS B 100 18.44 7.50 40.29
N ALA B 101 18.38 6.82 41.44
CA ALA B 101 17.19 6.90 42.28
C ALA B 101 16.98 8.34 42.73
N TRP B 102 18.06 9.00 43.16
CA TRP B 102 17.95 10.41 43.58
C TRP B 102 17.50 11.29 42.42
N GLU B 103 18.10 11.09 41.25
CA GLU B 103 17.76 11.94 40.10
C GLU B 103 16.30 11.78 39.66
N PHE B 104 15.80 10.54 39.60
CA PHE B 104 14.42 10.34 39.17
C PHE B 104 13.41 10.72 40.24
N ILE B 105 13.61 10.25 41.46
CA ILE B 105 12.64 10.51 42.54
C ILE B 105 12.69 11.94 43.03
N VAL B 106 13.87 12.58 43.05
CA VAL B 106 14.01 13.92 43.59
C VAL B 106 14.58 14.91 42.58
N GLY B 107 15.63 14.52 41.85
CA GLY B 107 16.22 15.45 40.90
C GLY B 107 15.25 15.95 39.85
N LEU B 108 14.48 15.04 39.24
CA LEU B 108 13.52 15.45 38.22
C LEU B 108 12.47 16.37 38.81
N PRO B 109 11.85 16.06 39.96
CA PRO B 109 10.88 17.01 40.53
C PRO B 109 11.51 18.35 40.84
N ALA B 110 12.77 18.34 41.31
CA ALA B 110 13.47 19.57 41.63
C ALA B 110 13.65 20.45 40.40
N LEU B 111 14.06 19.84 39.29
CA LEU B 111 14.26 20.60 38.06
C LEU B 111 12.94 21.11 37.52
N ILE B 112 11.87 20.31 37.61
CA ILE B 112 10.57 20.76 37.12
C ILE B 112 10.09 21.95 37.95
N GLU B 113 10.27 21.88 39.28
CA GLU B 113 9.88 22.99 40.14
C GLU B 113 10.66 24.26 39.81
N SER B 114 11.99 24.12 39.63
CA SER B 114 12.79 25.31 39.31
C SER B 114 12.49 25.84 37.92
N VAL B 115 12.04 24.98 37.01
CA VAL B 115 11.71 25.43 35.66
C VAL B 115 10.38 26.16 35.66
N ASN B 116 9.49 25.83 36.61
CA ASN B 116 8.21 26.53 36.70
C ASN B 116 8.32 27.88 37.40
N GLY B 117 9.43 28.16 38.07
CA GLY B 117 9.62 29.43 38.74
C GLY B 117 9.24 29.43 40.21
N ASN B 118 9.48 28.31 40.89
CA ASN B 118 9.18 28.17 42.31
C ASN B 118 10.42 27.89 43.14
N ARG B 119 11.23 26.93 42.73
CA ARG B 119 12.45 26.56 43.45
C ARG B 119 13.66 27.23 42.81
N GLU B 120 14.50 27.86 43.64
CA GLU B 120 15.70 28.48 43.10
C GLU B 120 16.61 27.38 42.55
N PRO B 121 17.25 27.59 41.40
CA PRO B 121 18.11 26.53 40.85
C PRO B 121 19.17 26.10 41.84
N GLY B 122 19.33 24.78 41.96
CA GLY B 122 20.31 24.21 42.86
C GLY B 122 20.08 24.45 44.34
N TYR B 123 18.83 24.60 44.75
CA TYR B 123 18.50 24.82 46.16
C TYR B 123 17.73 23.62 46.68
N PHE B 124 18.41 22.76 47.44
CA PHE B 124 17.81 21.58 48.04
C PHE B 124 17.56 21.76 49.53
N GLY B 125 17.81 22.94 50.07
CA GLY B 125 17.59 23.19 51.50
C GLY B 125 18.41 22.30 52.39
N PHE B 126 19.68 22.08 52.06
CA PHE B 126 20.58 21.23 52.83
C PHE B 126 21.61 22.11 53.53
N ASP B 127 21.32 22.48 54.78
CA ASP B 127 22.20 23.31 55.58
C ASP B 127 22.30 22.74 56.99
N PRO B 128 22.88 21.55 57.13
CA PRO B 128 23.01 20.97 58.49
C PRO B 128 23.67 21.92 59.47
N LEU B 129 24.83 22.46 59.09
CA LEU B 129 25.55 23.42 59.90
C LEU B 129 25.22 24.80 59.37
N LYS B 130 24.84 25.72 60.26
CA LYS B 130 24.48 27.06 59.82
C LYS B 130 25.70 27.80 59.34
N LEU B 131 26.20 27.44 58.16
CA LEU B 131 27.36 28.07 57.55
C LEU B 131 26.97 29.21 56.62
N GLY B 132 25.88 29.04 55.86
CA GLY B 132 25.42 30.06 54.95
C GLY B 132 24.49 31.07 55.54
N GLY B 133 24.01 30.85 56.77
CA GLY B 133 23.10 31.79 57.39
C GLY B 133 21.73 31.76 56.75
N THR B 134 21.00 32.86 56.95
CA THR B 134 19.66 32.98 56.39
C THR B 134 19.71 32.99 54.87
N VAL B 135 18.66 32.42 54.26
CA VAL B 135 18.60 32.36 52.81
C VAL B 135 18.31 33.74 52.24
N GLY B 136 18.97 34.06 51.13
CA GLY B 136 18.79 35.35 50.48
C GLY B 136 19.21 36.53 51.33
N SER B 137 20.39 36.43 51.94
CA SER B 137 20.89 37.50 52.79
C SER B 137 22.41 37.38 52.84
N ALA B 138 23.04 38.12 53.76
CA ALA B 138 24.48 38.06 53.89
C ALA B 138 24.89 36.65 54.31
N GLN B 139 26.04 36.21 53.81
CA GLN B 139 26.64 34.91 54.05
C GLN B 139 25.97 33.83 53.21
N TRP B 140 24.94 34.15 52.42
CA TRP B 140 24.27 33.18 51.57
C TRP B 140 24.54 33.47 50.10
N LYS B 141 24.21 34.68 49.63
CA LYS B 141 24.49 35.00 48.24
C LYS B 141 25.99 34.93 47.99
N ARG B 142 26.79 35.43 48.92
CA ARG B 142 28.23 35.36 48.78
C ARG B 142 28.70 33.91 48.79
N MET B 143 28.13 33.10 49.70
CA MET B 143 28.51 31.70 49.75
C MET B 143 28.06 30.98 48.49
N GLN B 144 26.89 31.35 47.95
CA GLN B 144 26.42 30.73 46.71
C GLN B 144 27.38 31.07 45.58
N ALA B 145 27.85 32.31 45.53
CA ALA B 145 28.80 32.70 44.49
C ALA B 145 30.10 31.93 44.67
N GLY B 146 30.52 31.74 45.92
CA GLY B 146 31.73 30.97 46.17
C GLY B 146 31.57 29.54 45.70
N GLU B 147 30.39 28.96 45.93
CA GLU B 147 30.13 27.61 45.48
C GLU B 147 30.23 27.53 43.96
N LEU B 148 29.64 28.51 43.27
CA LEU B 148 29.68 28.53 41.82
C LEU B 148 31.12 28.62 41.30
N ARG B 149 31.92 29.52 41.87
CA ARG B 149 33.30 29.67 41.42
C ARG B 149 34.12 28.42 41.72
N ASN B 150 33.97 27.86 42.93
CA ASN B 150 34.69 26.65 43.26
C ASN B 150 34.30 25.52 42.32
N GLY B 151 33.01 25.43 41.99
CA GLY B 151 32.56 24.39 41.09
C GLY B 151 33.10 24.54 39.69
N ARG B 152 33.11 25.77 39.17
CA ARG B 152 33.66 25.99 37.83
C ARG B 152 35.13 25.61 37.81
N LEU B 153 35.87 26.03 38.84
CA LEU B 153 37.28 25.69 38.92
C LEU B 153 37.46 24.17 39.00
N ALA B 154 36.59 23.50 39.76
CA ALA B 154 36.67 22.06 39.89
C ALA B 154 36.36 21.37 38.57
N MET B 155 35.44 21.93 37.79
CA MET B 155 35.10 21.34 36.50
C MET B 155 36.31 21.42 35.56
N ILE B 156 36.93 22.59 35.50
CA ILE B 156 38.10 22.76 34.64
C ILE B 156 39.26 21.89 35.14
N ALA B 157 39.41 21.76 36.47
CA ALA B 157 40.45 20.93 37.05
C ALA B 157 40.19 19.45 36.86
N PHE B 158 38.92 19.03 36.75
CA PHE B 158 38.63 17.63 36.50
C PHE B 158 38.99 17.29 35.08
N GLY B 159 38.69 18.21 34.15
CA GLY B 159 39.10 17.97 32.78
C GLY B 159 40.60 17.86 32.69
N GLY B 160 41.30 18.75 33.40
CA GLY B 160 42.76 18.68 33.41
C GLY B 160 43.28 17.39 34.02
N PHE B 161 42.68 16.96 35.14
CA PHE B 161 43.11 15.73 35.78
C PHE B 161 43.00 14.55 34.81
N PHE B 162 41.84 14.41 34.17
CA PHE B 162 41.65 13.29 33.25
C PHE B 162 42.63 13.33 32.09
N HIS B 163 42.76 14.48 31.42
CA HIS B 163 43.67 14.56 30.28
C HIS B 163 45.12 14.29 30.70
N GLN B 164 45.57 14.90 31.80
CA GLN B 164 46.94 14.68 32.25
C GLN B 164 47.19 13.23 32.57
N GLN B 165 46.27 12.57 33.28
CA GLN B 165 46.48 11.17 33.62
C GLN B 165 46.50 10.30 32.37
N LEU B 166 45.60 10.57 31.42
CA LEU B 166 45.56 9.76 30.20
C LEU B 166 46.77 9.99 29.32
N LEU B 167 47.45 11.14 29.43
CA LEU B 167 48.61 11.40 28.59
C LEU B 167 49.93 10.99 29.24
N THR B 168 50.05 11.11 30.56
CA THR B 168 51.28 10.75 31.26
C THR B 168 51.23 9.38 31.92
N LYS B 169 50.04 8.78 32.04
CA LYS B 169 49.90 7.48 32.70
C LYS B 169 50.48 7.57 34.12
N GLN B 170 50.31 8.73 34.73
CA GLN B 170 50.77 9.03 36.08
C GLN B 170 49.64 9.70 36.83
N GLY B 171 49.63 9.55 38.15
CA GLY B 171 48.60 10.16 38.97
C GLY B 171 48.82 11.65 39.12
N ILE B 172 47.86 12.31 39.77
CA ILE B 172 47.97 13.74 39.98
C ILE B 172 49.13 14.05 40.92
N ILE B 173 49.18 13.37 42.07
CA ILE B 173 50.26 13.59 43.01
C ILE B 173 51.57 13.09 42.44
N GLU B 174 51.54 11.94 41.76
CA GLU B 174 52.75 11.38 41.17
C GLU B 174 53.30 12.33 40.11
N GLN B 175 52.43 12.90 39.27
CA GLN B 175 52.88 13.82 38.24
C GLN B 175 53.37 15.12 38.86
N LEU B 176 52.72 15.57 39.94
CA LEU B 176 53.15 16.79 40.60
C LEU B 176 54.54 16.63 41.20
N ALA B 177 54.84 15.43 41.70
CA ALA B 177 56.14 15.17 42.30
C ALA B 177 57.23 14.98 41.25
N HIS B 178 56.90 14.39 40.10
CA HIS B 178 57.86 14.15 39.03
C HIS B 178 57.36 14.74 37.72
N PHE B 179 58.20 15.57 37.10
CA PHE B 179 57.89 16.25 35.84
C PHE B 179 56.42 16.68 35.77
N VAL C 1 39.39 64.04 -6.42
CA VAL C 1 38.80 64.52 -5.17
C VAL C 1 39.48 63.88 -3.95
N PRO C 2 39.62 62.56 -3.92
CA PRO C 2 40.27 61.90 -2.79
C PRO C 2 41.79 62.01 -2.92
N PHE C 3 42.49 61.38 -1.97
CA PHE C 3 43.94 61.41 -2.02
C PHE C 3 44.43 60.90 -3.36
N ALA C 4 43.73 59.89 -3.91
CA ALA C 4 44.07 59.38 -5.23
C ALA C 4 43.31 60.22 -6.26
N PRO C 5 43.97 60.82 -7.25
CA PRO C 5 43.26 61.67 -8.20
C PRO C 5 42.31 60.97 -9.17
N VAL C 6 42.75 59.88 -9.80
CA VAL C 6 41.89 59.20 -10.79
C VAL C 6 40.56 58.74 -10.22
N PRO C 7 40.49 58.15 -9.02
CA PRO C 7 39.18 57.70 -8.52
C PRO C 7 38.34 58.85 -7.98
N GLU C 8 37.03 58.64 -8.00
CA GLU C 8 36.08 59.62 -7.51
C GLU C 8 36.03 59.57 -5.98
N ALA C 9 35.25 60.48 -5.40
CA ALA C 9 35.08 60.50 -3.96
C ALA C 9 34.72 59.10 -3.50
N VAL C 10 35.57 58.49 -2.69
CA VAL C 10 35.37 57.13 -2.24
C VAL C 10 34.47 57.02 -1.01
N ARG C 11 33.82 58.11 -0.62
CA ARG C 11 32.95 58.06 0.55
C ARG C 11 33.82 57.75 1.76
N GLU C 12 33.22 57.19 2.82
CA GLU C 12 33.94 56.83 4.05
C GLU C 12 34.86 57.95 4.53
N SER C 13 34.54 59.19 4.16
CA SER C 13 35.35 60.32 4.58
C SER C 13 34.82 60.97 5.85
N GLY C 14 33.54 60.78 6.17
CA GLY C 14 32.93 61.31 7.36
C GLY C 14 32.98 60.37 8.53
N LEU C 15 33.56 59.19 8.35
CA LEU C 15 33.69 58.19 9.40
C LEU C 15 35.02 58.40 10.12
N ALA C 16 35.44 57.42 10.92
CA ALA C 16 36.67 57.49 11.68
C ALA C 16 37.66 56.41 11.24
N GLY C 17 38.95 56.69 11.47
CA GLY C 17 40.01 55.76 11.14
C GLY C 17 41.18 56.33 10.36
N SER C 18 40.92 57.20 9.39
CA SER C 18 42.00 57.78 8.60
C SER C 18 41.51 58.98 7.80
N GLU C 19 42.21 60.12 7.93
CA GLU C 19 41.81 61.30 7.18
C GLU C 19 41.91 61.03 5.69
N ALA C 20 42.99 60.38 5.26
CA ALA C 20 43.15 60.05 3.85
C ALA C 20 42.05 59.08 3.44
N GLU C 21 41.54 59.25 2.24
CA GLU C 21 40.47 58.40 1.72
C GLU C 21 41.02 57.60 0.55
N PHE C 22 41.68 56.48 0.86
CA PHE C 22 42.26 55.59 -0.14
C PHE C 22 41.37 54.36 -0.25
N ASP C 23 40.46 54.40 -1.20
CA ASP C 23 39.53 53.31 -1.48
C ASP C 23 39.22 53.40 -2.97
N PRO C 24 40.26 53.27 -3.82
CA PRO C 24 40.03 53.39 -5.27
C PRO C 24 39.01 52.41 -5.82
N LEU C 25 39.00 51.17 -5.36
CA LEU C 25 38.04 50.19 -5.85
C LEU C 25 36.66 50.38 -5.22
N MET C 26 36.51 51.30 -4.27
CA MET C 26 35.24 51.55 -3.60
C MET C 26 34.69 50.26 -3.01
N ILE C 27 35.59 49.45 -2.45
CA ILE C 27 35.18 48.19 -1.83
C ILE C 27 34.25 48.47 -0.65
N THR C 28 34.44 49.61 0.01
CA THR C 28 33.60 49.95 1.15
C THR C 28 32.17 50.25 0.69
N SER C 29 32.00 50.74 -0.54
CA SER C 29 30.67 51.04 -1.04
C SER C 29 29.81 49.77 -1.13
N TYR C 30 30.45 48.61 -1.26
CA TYR C 30 29.75 47.34 -1.38
C TYR C 30 29.97 46.41 -0.18
N LEU C 31 30.57 46.90 0.90
CA LEU C 31 30.83 46.11 2.09
C LEU C 31 30.70 47.00 3.31
N PRO C 32 30.40 46.43 4.48
CA PRO C 32 30.29 47.26 5.68
C PRO C 32 31.64 47.84 6.06
N ILE C 33 31.68 49.16 6.26
CA ILE C 33 32.94 49.82 6.62
C ILE C 33 33.43 49.29 7.97
N SER C 34 32.52 49.07 8.91
CA SER C 34 32.94 48.57 10.23
C SER C 34 33.57 47.19 10.13
N TRP C 35 32.98 46.30 9.33
CA TRP C 35 33.54 44.96 9.17
C TRP C 35 34.92 45.01 8.55
N MET C 36 35.07 45.80 7.48
CA MET C 36 36.37 45.91 6.83
C MET C 36 37.39 46.50 7.78
N ARG C 37 37.00 47.50 8.57
CA ARG C 37 37.94 48.09 9.51
C ARG C 37 38.34 47.08 10.59
N GLU C 38 37.39 46.27 11.03
CA GLU C 38 37.69 45.25 12.03
C GLU C 38 38.69 44.25 11.47
N SER C 39 38.50 43.85 10.21
CA SER C 39 39.44 42.92 9.57
C SER C 39 40.80 43.58 9.40
N GLU C 40 40.82 44.87 9.07
CA GLU C 40 42.07 45.59 8.87
C GLU C 40 42.86 45.69 10.17
N VAL C 41 42.21 46.07 11.27
CA VAL C 41 42.92 46.17 12.54
C VAL C 41 43.39 44.79 12.97
N LYS C 42 42.59 43.75 12.72
CA LYS C 42 43.03 42.41 13.09
C LYS C 42 44.27 42.01 12.29
N HIS C 43 44.25 42.28 10.98
CA HIS C 43 45.41 41.96 10.15
C HIS C 43 46.64 42.73 10.63
N GLY C 44 46.46 44.00 10.97
CA GLY C 44 47.59 44.78 11.43
C GLY C 44 48.19 44.24 12.71
N ARG C 45 47.33 43.90 13.68
CA ARG C 45 47.85 43.36 14.94
C ARG C 45 48.55 42.02 14.72
N ILE C 46 47.96 41.13 13.91
CA ILE C 46 48.58 39.84 13.65
C ILE C 46 49.92 40.02 12.94
N ALA C 47 49.96 40.89 11.93
CA ALA C 47 51.19 41.12 11.18
C ALA C 47 52.26 41.74 12.05
N MET C 48 51.91 42.69 12.91
CA MET C 48 52.92 43.30 13.77
C MET C 48 53.49 42.26 14.73
N LEU C 49 52.61 41.42 15.30
CA LEU C 49 53.10 40.38 16.19
C LEU C 49 54.03 39.43 15.43
N ALA C 50 53.65 39.06 14.21
CA ALA C 50 54.47 38.15 13.41
C ALA C 50 55.81 38.78 13.05
N PHE C 51 55.82 40.09 12.75
CA PHE C 51 57.07 40.74 12.41
C PHE C 51 58.04 40.72 13.59
N VAL C 52 57.53 41.06 14.77
CA VAL C 52 58.41 41.04 15.94
C VAL C 52 58.86 39.61 16.23
N GLY C 53 57.95 38.65 16.07
CA GLY C 53 58.32 37.26 16.31
C GLY C 53 59.37 36.78 15.33
N THR C 54 59.30 37.26 14.09
CA THR C 54 60.28 36.85 13.09
C THR C 54 61.64 37.46 13.39
N LEU C 55 61.67 38.73 13.79
CA LEU C 55 62.94 39.35 14.13
C LEU C 55 63.49 38.87 15.46
N ALA C 56 62.69 38.21 16.28
CA ALA C 56 63.13 37.70 17.57
C ALA C 56 63.56 36.24 17.52
N GLN C 57 62.73 35.37 16.95
CA GLN C 57 63.07 33.94 16.88
C GLN C 57 64.35 33.71 16.09
N GLN C 58 64.60 34.50 15.05
CA GLN C 58 65.80 34.34 14.24
C GLN C 58 67.05 34.82 14.96
N ALA C 59 66.91 35.52 16.08
CA ALA C 59 68.05 36.02 16.84
C ALA C 59 68.30 35.23 18.11
N TYR C 60 67.26 34.71 18.75
CA TYR C 60 67.40 33.94 19.97
C TYR C 60 66.26 32.94 20.08
N GLN C 61 66.60 31.72 20.48
CA GLN C 61 65.63 30.64 20.66
C GLN C 61 65.60 30.25 22.13
N PHE C 62 64.41 29.88 22.59
CA PHE C 62 64.24 29.49 23.99
C PHE C 62 65.04 28.23 24.29
N PRO C 63 65.37 27.98 25.57
CA PRO C 63 66.10 26.76 25.90
C PRO C 63 65.35 25.55 25.36
N TRP C 64 64.02 25.58 25.45
CA TRP C 64 63.20 24.52 24.89
C TRP C 64 63.15 24.77 23.40
N TYR C 65 62.95 23.72 22.62
CA TYR C 65 62.97 23.80 21.17
C TYR C 65 64.39 24.09 20.67
N LYS C 66 65.39 23.73 21.47
CA LYS C 66 66.80 23.97 21.15
C LYS C 66 67.09 23.76 19.67
N GLY C 67 66.81 22.55 19.17
CA GLY C 67 67.06 22.26 17.77
C GLY C 67 65.80 22.43 16.95
N ALA C 68 65.67 23.56 16.25
CA ALA C 68 64.51 23.83 15.43
C ALA C 68 64.86 24.85 14.37
N PRO C 69 64.37 24.71 13.13
CA PRO C 69 64.71 25.70 12.10
C PRO C 69 64.14 27.07 12.45
N THR C 70 64.85 28.10 12.00
CA THR C 70 64.43 29.47 12.24
C THR C 70 63.62 30.06 11.10
N THR C 71 63.77 29.53 9.89
CA THR C 71 63.02 30.05 8.74
C THR C 71 61.52 29.93 8.98
N LEU C 72 60.78 30.88 8.44
CA LEU C 72 59.32 30.88 8.60
C LEU C 72 58.73 29.57 8.07
N VAL C 73 59.12 29.16 6.87
CA VAL C 73 58.60 27.93 6.31
C VAL C 73 59.07 26.73 7.14
N GLY C 74 60.37 26.67 7.43
CA GLY C 74 60.88 25.57 8.22
C GLY C 74 60.29 25.54 9.61
N ALA C 75 60.20 26.71 10.25
CA ALA C 75 59.63 26.76 11.60
C ALA C 75 58.17 26.33 11.58
N HIS C 76 57.42 26.77 10.58
CA HIS C 76 56.01 26.39 10.50
C HIS C 76 55.86 24.89 10.33
N ASP C 77 56.62 24.30 9.40
CA ASP C 77 56.52 22.86 9.18
C ASP C 77 56.97 22.06 10.39
N HIS C 78 58.03 22.52 11.07
CA HIS C 78 58.54 21.80 12.23
C HIS C 78 57.65 21.94 13.46
N PHE C 79 56.94 23.07 13.59
CA PHE C 79 56.08 23.30 14.75
C PHE C 79 54.60 23.10 14.47
N VAL C 80 54.20 22.84 13.23
CA VAL C 80 52.80 22.63 12.92
C VAL C 80 52.21 21.40 13.58
N THR C 81 53.03 20.60 14.26
CA THR C 81 52.53 19.38 14.89
C THR C 81 52.16 19.56 16.36
N THR C 82 52.99 20.23 17.15
CA THR C 82 52.69 20.40 18.58
C THR C 82 52.60 21.85 19.03
N ALA C 83 53.56 22.70 18.66
CA ALA C 83 53.52 24.08 19.11
C ALA C 83 52.47 24.90 18.37
N LEU C 84 52.63 25.03 17.04
CA LEU C 84 51.65 25.81 16.28
C LEU C 84 50.27 25.19 16.38
N ALA C 85 50.17 23.88 16.58
CA ALA C 85 48.86 23.26 16.72
C ALA C 85 48.16 23.82 17.96
N GLN C 86 48.89 23.91 19.07
CA GLN C 86 48.34 24.45 20.31
C GLN C 86 48.02 25.94 20.16
N ILE C 87 48.91 26.69 19.51
CA ILE C 87 48.69 28.11 19.31
C ILE C 87 47.40 28.30 18.50
N LEU C 88 47.22 27.49 17.47
CA LEU C 88 46.01 27.56 16.66
C LEU C 88 44.79 27.24 17.49
N LEU C 89 44.88 26.21 18.34
CA LEU C 89 43.75 25.83 19.17
C LEU C 89 43.30 27.00 20.04
N PHE C 90 44.24 27.61 20.77
CA PHE C 90 43.85 28.70 21.66
C PHE C 90 43.43 29.95 20.90
N THR C 91 44.11 30.31 19.81
CA THR C 91 43.71 31.49 19.06
C THR C 91 42.31 31.28 18.48
N SER C 92 42.04 30.07 18.00
CA SER C 92 40.73 29.74 17.46
C SER C 92 39.67 29.82 18.56
N ALA C 93 40.03 29.38 19.77
CA ALA C 93 39.09 29.45 20.87
C ALA C 93 38.75 30.91 21.17
N PHE C 94 39.77 31.77 21.17
CA PHE C 94 39.53 33.19 21.41
C PHE C 94 38.62 33.77 20.33
N GLU C 95 38.84 33.39 19.08
CA GLU C 95 38.01 33.89 17.99
C GLU C 95 36.58 33.38 18.11
N ILE C 96 36.43 32.11 18.50
CA ILE C 96 35.11 31.50 18.61
C ILE C 96 34.31 32.12 19.74
N VAL C 97 34.96 32.48 20.85
CA VAL C 97 34.25 33.04 21.99
C VAL C 97 34.06 34.55 21.87
N ALA C 98 35.15 35.29 21.65
CA ALA C 98 35.10 36.74 21.55
C ALA C 98 35.30 37.30 20.15
N GLY C 99 35.83 36.54 19.21
CA GLY C 99 36.07 37.05 17.87
C GLY C 99 34.89 37.13 16.92
N VAL C 100 34.31 35.98 16.57
CA VAL C 100 33.20 35.98 15.62
C VAL C 100 32.02 36.81 16.12
N PRO C 101 31.51 36.63 17.34
CA PRO C 101 30.37 37.44 17.76
C PRO C 101 30.64 38.92 17.76
N ALA C 102 31.89 39.33 18.04
CA ALA C 102 32.20 40.76 18.05
C ALA C 102 31.91 41.37 16.68
N ALA C 103 32.45 40.77 15.63
CA ALA C 103 32.20 41.29 14.28
C ALA C 103 30.74 41.16 13.92
N ILE C 104 30.10 40.06 14.32
CA ILE C 104 28.68 39.88 14.01
C ILE C 104 27.86 41.04 14.58
N GLN C 105 28.08 41.35 15.86
CA GLN C 105 27.36 42.44 16.49
C GLN C 105 27.70 43.78 15.86
N THR C 106 28.98 44.02 15.57
CA THR C 106 29.36 45.29 14.97
C THR C 106 28.64 45.49 13.64
N VAL C 107 28.54 44.43 12.84
CA VAL C 107 27.86 44.53 11.56
C VAL C 107 26.35 44.69 11.76
N ARG C 108 25.78 44.00 12.73
CA ARG C 108 24.35 44.06 12.98
C ARG C 108 23.89 45.40 13.59
N GLY C 109 24.73 46.42 13.72
CA GLY C 109 24.31 47.70 14.27
C GLY C 109 24.99 48.13 15.56
N SER C 110 25.84 47.31 16.18
CA SER C 110 26.48 47.74 17.42
C SER C 110 27.41 48.91 17.15
N GLY C 111 27.50 49.82 18.12
CA GLY C 111 28.34 51.00 18.02
C GLY C 111 29.79 50.77 18.36
N ARG C 112 30.20 49.52 18.53
CA ARG C 112 31.57 49.18 18.87
C ARG C 112 32.56 49.73 17.84
N LEU C 113 33.60 50.40 18.32
CA LEU C 113 34.64 50.88 17.42
C LEU C 113 35.31 49.65 16.85
N PRO C 114 35.48 49.54 15.52
CA PRO C 114 36.11 48.33 15.00
C PRO C 114 37.48 48.12 15.61
N GLY C 115 37.74 46.88 16.04
CA GLY C 115 39.00 46.55 16.67
C GLY C 115 39.07 46.93 18.14
N TYR C 116 37.93 47.20 18.77
CA TYR C 116 37.89 47.61 20.16
C TYR C 116 37.58 46.44 21.09
N TYR C 117 38.40 46.29 22.11
CA TYR C 117 38.27 45.33 23.19
C TYR C 117 38.65 46.11 24.44
N GLY C 118 38.37 45.56 25.61
CA GLY C 118 38.71 46.29 26.83
C GLY C 118 40.14 46.09 27.28
N PHE C 119 41.04 45.77 26.34
CA PHE C 119 42.44 45.52 26.68
C PHE C 119 43.26 46.81 26.65
N ASP C 120 43.15 47.56 27.74
CA ASP C 120 43.90 48.80 27.95
C ASP C 120 44.40 48.80 29.39
N PRO C 121 45.27 47.84 29.73
CA PRO C 121 45.74 47.76 31.13
C PRO C 121 46.54 48.96 31.61
N LEU C 122 47.44 49.48 30.79
CA LEU C 122 48.28 50.62 31.20
C LEU C 122 47.67 51.96 30.87
N GLY C 123 46.47 52.01 30.32
CA GLY C 123 45.82 53.28 30.01
C GLY C 123 46.62 54.16 29.07
N LEU C 124 47.20 53.58 28.02
CA LEU C 124 47.98 54.34 27.05
C LEU C 124 47.12 54.88 25.93
N TRP C 125 45.81 54.64 25.96
CA TRP C 125 44.92 55.14 24.92
C TRP C 125 44.92 56.66 24.87
N GLY C 126 44.94 57.30 26.03
CA GLY C 126 44.93 58.74 26.14
C GLY C 126 43.61 59.25 26.73
N LYS C 127 43.67 60.46 27.26
CA LYS C 127 42.50 61.09 27.87
C LYS C 127 41.71 61.91 26.85
N ASP C 128 42.36 62.89 26.24
CA ASP C 128 41.70 63.75 25.26
C ASP C 128 41.23 62.93 24.05
N GLU C 129 40.08 63.34 23.51
CA GLU C 129 39.55 62.64 22.34
C GLU C 129 40.53 62.74 21.16
N ALA C 130 41.17 63.89 20.99
CA ALA C 130 42.13 64.04 19.90
C ALA C 130 43.28 63.06 20.09
N SER C 131 43.75 62.90 21.32
CA SER C 131 44.85 61.96 21.58
C SER C 131 44.41 60.53 21.26
N ARG C 132 43.17 60.18 21.63
CA ARG C 132 42.69 58.83 21.33
C ARG C 132 42.59 58.61 19.83
N LYS C 133 42.10 59.62 19.10
CA LYS C 133 41.98 59.52 17.65
C LYS C 133 43.36 59.34 17.02
N ARG C 134 44.32 60.15 17.45
CA ARG C 134 45.68 60.04 16.93
C ARG C 134 46.28 58.69 17.27
N MET C 135 45.99 58.17 18.46
CA MET C 135 46.51 56.87 18.87
C MET C 135 45.94 55.76 18.00
N GLU C 136 44.64 55.80 17.72
CA GLU C 136 44.04 54.79 16.86
C GLU C 136 44.62 54.88 15.45
N LEU C 137 44.75 56.11 14.94
CA LEU C 137 45.32 56.31 13.62
C LEU C 137 46.76 55.86 13.58
N ALA C 138 47.45 55.91 14.72
CA ALA C 138 48.84 55.45 14.79
C ALA C 138 48.89 53.93 14.77
N GLU C 139 47.98 53.28 15.50
CA GLU C 139 47.93 51.83 15.50
C GLU C 139 47.68 51.32 14.09
N VAL C 140 46.74 51.94 13.38
CA VAL C 140 46.46 51.51 12.02
C VAL C 140 47.60 51.92 11.09
N LYS C 141 48.22 53.08 11.33
CA LYS C 141 49.34 53.52 10.50
C LYS C 141 50.53 52.60 10.69
N ASN C 142 50.89 52.32 11.94
CA ASN C 142 51.98 51.38 12.17
C ASN C 142 51.63 50.06 11.50
N GLY C 143 50.34 49.72 11.50
CA GLY C 143 49.87 48.56 10.79
C GLY C 143 49.83 48.95 9.33
N ARG C 144 49.66 47.97 8.46
CA ARG C 144 49.67 48.17 7.02
C ARG C 144 51.11 48.38 6.56
N LEU C 145 52.05 48.57 7.49
CA LEU C 145 53.47 48.66 7.25
C LEU C 145 54.12 47.36 7.69
N ALA C 146 53.45 46.67 8.61
CA ALA C 146 53.85 45.37 9.10
C ALA C 146 53.24 44.27 8.23
N MET C 147 52.08 44.54 7.64
CA MET C 147 51.48 43.57 6.73
C MET C 147 52.35 43.45 5.49
N ILE C 148 52.68 44.60 4.90
CA ILE C 148 53.56 44.65 3.74
C ILE C 148 54.92 44.10 4.12
N ALA C 149 55.36 44.42 5.33
CA ALA C 149 56.66 43.94 5.80
C ALA C 149 56.68 42.42 5.89
N MET C 150 55.62 41.81 6.43
CA MET C 150 55.58 40.37 6.53
C MET C 150 55.57 39.73 5.15
N LEU C 151 54.80 40.30 4.22
CA LEU C 151 54.79 39.75 2.87
C LEU C 151 56.18 39.84 2.25
N ALA C 152 56.85 40.98 2.42
CA ALA C 152 58.18 41.16 1.89
C ALA C 152 59.18 40.19 2.53
N LEU C 153 59.07 40.01 3.85
CA LEU C 153 59.98 39.09 4.54
C LEU C 153 59.80 37.67 4.02
N TRP C 154 58.56 37.24 3.84
CA TRP C 154 58.33 35.89 3.34
C TRP C 154 58.88 35.74 1.94
N HIS C 155 58.65 36.73 1.07
CA HIS C 155 59.17 36.65 -0.29
C HIS C 155 60.69 36.61 -0.30
N GLN C 156 61.33 37.46 0.51
CA GLN C 156 62.78 37.48 0.55
C GLN C 156 63.32 36.15 1.05
N GLU C 157 62.69 35.56 2.07
CA GLU C 157 63.14 34.27 2.57
C GLU C 157 63.00 33.19 1.51
N VAL C 158 61.89 33.17 0.78
CA VAL C 158 61.69 32.16 -0.25
C VAL C 158 62.72 32.32 -1.37
N LEU C 159 62.94 33.55 -1.83
CA LEU C 159 63.89 33.80 -2.91
C LEU C 159 65.35 33.75 -2.46
N SER C 160 65.61 33.73 -1.16
CA SER C 160 66.98 33.68 -0.64
C SER C 160 67.37 32.30 -0.13
N GLY C 161 66.60 31.27 -0.46
CA GLY C 161 66.92 29.93 0.00
C GLY C 161 66.88 29.78 1.51
N GLY C 162 65.88 30.36 2.15
CA GLY C 162 65.76 30.27 3.60
C GLY C 162 66.85 31.05 4.32
N MET C 163 66.84 32.37 4.16
CA MET C 163 67.83 33.24 4.79
C MET C 163 67.13 34.19 5.75
N GLY C 164 67.75 34.43 6.90
CA GLY C 164 67.17 35.30 7.89
C GLY C 164 67.12 36.75 7.42
N VAL C 165 66.26 37.53 8.08
CA VAL C 165 66.10 38.93 7.72
C VAL C 165 67.43 39.68 7.91
N ILE C 166 68.00 39.59 9.11
CA ILE C 166 69.29 40.26 9.35
C ILE C 166 70.39 39.54 8.60
N GLU C 167 70.34 38.20 8.56
CA GLU C 167 71.35 37.44 7.83
C GLU C 167 71.34 37.83 6.36
N GLN C 168 70.15 37.95 5.76
CA GLN C 168 70.05 38.35 4.37
C GLN C 168 70.47 39.79 4.18
N LEU C 169 70.20 40.65 5.17
CA LEU C 169 70.59 42.04 5.09
C LEU C 169 72.10 42.22 5.22
N VAL C 170 72.80 41.19 5.73
CA VAL C 170 74.23 41.25 5.90
C VAL C 170 75.02 40.45 4.86
N LYS C 171 74.39 39.49 4.17
CA LYS C 171 75.09 38.66 3.20
C LYS C 171 74.87 39.07 1.75
N GLN C 172 73.62 39.09 1.27
CA GLN C 172 73.39 39.42 -0.13
C GLN C 172 72.04 40.10 -0.32
N LYS C 173 71.91 40.72 -1.49
CA LYS C 173 70.70 41.43 -1.89
C LYS C 173 70.54 41.27 -3.41
N PHE C 174 69.36 40.84 -3.84
CA PHE C 174 69.10 40.66 -5.26
C PHE C 174 67.60 40.76 -5.55
N GLU D 1 15.46 46.27 -9.42
CA GLU D 1 16.38 45.56 -8.54
C GLU D 1 15.74 45.34 -7.17
N LYS D 2 15.79 44.11 -6.70
CA LYS D 2 15.22 43.73 -5.40
C LYS D 2 16.32 43.29 -4.47
N GLN D 3 16.33 43.85 -3.26
CA GLN D 3 17.33 43.50 -2.26
C GLN D 3 17.07 42.09 -1.73
N VAL D 4 18.06 41.22 -1.85
CA VAL D 4 17.94 39.84 -1.34
C VAL D 4 18.35 39.93 0.12
N LYS D 5 17.41 40.35 0.97
CA LYS D 5 17.63 40.55 2.39
C LYS D 5 16.83 39.56 3.23
N VAL D 6 17.31 39.36 4.47
CA VAL D 6 16.68 38.45 5.43
C VAL D 6 15.88 39.26 6.44
N VAL D 7 14.59 38.98 6.55
CA VAL D 7 13.71 39.61 7.53
C VAL D 7 13.00 38.48 8.26
N VAL D 8 13.01 38.53 9.60
CA VAL D 8 12.40 37.51 10.42
C VAL D 8 11.58 38.13 11.53
N ASP D 9 10.65 37.34 12.06
CA ASP D 9 9.78 37.72 13.17
C ASP D 9 10.23 36.94 14.39
N ARG D 10 10.43 37.66 15.50
CA ARG D 10 10.89 37.05 16.74
C ARG D 10 9.72 36.71 17.65
N ASP D 11 9.80 35.55 18.30
CA ASP D 11 8.77 35.08 19.22
C ASP D 11 7.39 35.13 18.57
N VAL D 12 7.33 34.63 17.33
CA VAL D 12 6.06 34.63 16.61
C VAL D 12 5.10 33.60 17.19
N VAL D 13 5.59 32.44 17.59
CA VAL D 13 4.78 31.37 18.14
C VAL D 13 5.33 30.99 19.52
N PRO D 14 4.52 30.94 20.56
CA PRO D 14 5.03 30.57 21.88
C PRO D 14 5.26 29.07 21.99
N THR D 15 6.23 28.71 22.84
CA THR D 15 6.58 27.32 23.08
C THR D 15 5.85 26.84 24.33
N SER D 16 4.82 26.02 24.13
CA SER D 16 4.05 25.50 25.25
C SER D 16 3.36 24.21 24.86
N PHE D 17 2.99 23.44 25.87
CA PHE D 17 2.29 22.16 25.69
C PHE D 17 0.78 22.34 25.72
N GLU D 18 0.29 23.57 25.79
CA GLU D 18 -1.14 23.82 25.84
C GLU D 18 -1.84 23.24 24.61
N LYS D 19 -1.26 23.45 23.42
CA LYS D 19 -1.88 22.95 22.20
C LYS D 19 -1.67 21.45 22.01
N TRP D 20 -0.82 20.81 22.80
CA TRP D 20 -0.61 19.37 22.66
C TRP D 20 -1.81 18.60 23.18
N ALA D 21 -2.50 19.14 24.19
CA ALA D 21 -3.66 18.49 24.79
C ALA D 21 -4.96 18.72 24.02
N LYS D 22 -4.90 19.40 22.87
CA LYS D 22 -6.09 19.70 22.06
C LYS D 22 -5.85 19.17 20.65
N PRO D 23 -6.05 17.87 20.41
CA PRO D 23 -5.86 17.33 19.06
C PRO D 23 -6.80 18.02 18.09
N GLY D 24 -6.31 18.23 16.87
CA GLY D 24 -7.09 18.90 15.85
C GLY D 24 -7.13 20.40 16.00
N HIS D 25 -6.26 20.96 16.84
CA HIS D 25 -6.23 22.41 17.03
C HIS D 25 -5.92 23.16 15.74
N PHE D 26 -5.15 22.55 14.85
CA PHE D 26 -4.78 23.19 13.59
C PHE D 26 -5.95 23.34 12.62
N SER D 27 -7.07 22.65 12.85
CA SER D 27 -8.23 22.72 11.98
C SER D 27 -9.43 23.24 12.76
N ARG D 28 -10.21 24.12 12.11
CA ARG D 28 -11.40 24.67 12.76
C ARG D 28 -12.45 23.60 12.99
N SER D 29 -12.62 22.68 12.03
CA SER D 29 -13.62 21.63 12.17
C SER D 29 -13.19 20.57 13.16
N LEU D 30 -11.90 20.21 13.17
CA LEU D 30 -11.40 19.19 14.07
C LEU D 30 -11.24 19.66 15.51
N ALA D 31 -11.37 20.95 15.78
CA ALA D 31 -11.23 21.48 17.12
C ALA D 31 -12.55 21.55 17.89
N LYS D 32 -13.64 21.08 17.30
CA LYS D 32 -14.95 21.10 17.94
C LYS D 32 -15.32 19.79 18.61
N GLY D 33 -14.43 18.81 18.61
CA GLY D 33 -14.70 17.52 19.21
C GLY D 33 -14.96 16.49 18.14
N PRO D 34 -14.61 15.22 18.41
CA PRO D 34 -14.80 14.18 17.40
C PRO D 34 -16.25 13.94 16.97
N LYS D 35 -17.09 13.52 17.90
CA LYS D 35 -18.51 13.21 17.66
C LYS D 35 -18.67 11.92 16.87
N THR D 36 -17.59 11.40 16.30
CA THR D 36 -17.60 10.16 15.51
C THR D 36 -16.17 9.68 15.40
N THR D 37 -16.01 8.41 14.98
CA THR D 37 -14.68 7.86 14.83
C THR D 37 -13.97 8.37 13.58
N THR D 38 -14.70 8.99 12.65
CA THR D 38 -14.08 9.53 11.45
C THR D 38 -13.14 10.68 11.77
N TRP D 39 -13.38 11.37 12.89
CA TRP D 39 -12.53 12.49 13.27
C TRP D 39 -11.10 12.01 13.56
N ILE D 40 -10.95 10.82 14.12
CA ILE D 40 -9.62 10.30 14.41
C ILE D 40 -8.82 10.16 13.12
N TRP D 41 -9.45 9.64 12.07
CA TRP D 41 -8.75 9.48 10.80
C TRP D 41 -8.51 10.83 10.14
N ASN D 42 -9.50 11.73 10.21
CA ASN D 42 -9.33 13.05 9.60
C ASN D 42 -8.22 13.85 10.29
N LEU D 43 -8.00 13.59 11.59
CA LEU D 43 -6.96 14.30 12.31
C LEU D 43 -5.59 14.02 11.72
N HIS D 44 -5.32 12.76 11.38
CA HIS D 44 -4.02 12.41 10.80
C HIS D 44 -3.98 12.69 9.31
N ALA D 45 -5.12 12.59 8.62
CA ALA D 45 -5.14 12.84 7.18
C ALA D 45 -4.81 14.29 6.85
N ASP D 46 -5.26 15.23 7.67
CA ASP D 46 -5.01 16.65 7.44
C ASP D 46 -4.01 17.24 8.43
N ALA D 47 -3.09 16.42 8.93
CA ALA D 47 -2.09 16.91 9.89
C ALA D 47 -0.97 17.67 9.19
N HIS D 48 -0.44 17.12 8.10
CA HIS D 48 0.65 17.75 7.37
C HIS D 48 0.18 18.63 6.23
N ASP D 49 -1.13 18.78 6.03
CA ASP D 49 -1.66 19.63 4.97
C ASP D 49 -1.71 21.04 5.53
N PHE D 50 -0.57 21.74 5.50
CA PHE D 50 -0.50 23.08 6.04
C PHE D 50 -1.30 24.08 5.21
N ASP D 51 -1.56 23.80 3.94
CA ASP D 51 -2.32 24.71 3.10
C ASP D 51 -3.80 24.74 3.49
N SER D 52 -4.31 23.67 4.08
CA SER D 52 -5.71 23.64 4.49
C SER D 52 -5.91 24.32 5.84
N HIS D 53 -4.89 24.35 6.68
CA HIS D 53 -5.00 24.98 7.99
C HIS D 53 -5.29 26.47 7.87
N THR D 54 -4.34 27.21 7.31
CA THR D 54 -4.46 28.65 7.14
C THR D 54 -4.39 29.03 5.66
N SER D 55 -4.88 30.23 5.37
CA SER D 55 -4.89 30.76 4.00
C SER D 55 -3.71 31.69 3.74
N SER D 56 -2.79 31.82 4.68
CA SER D 56 -1.63 32.68 4.53
C SER D 56 -0.43 31.86 4.04
N LEU D 57 0.24 32.37 3.00
CA LEU D 57 1.39 31.68 2.46
C LEU D 57 2.59 31.74 3.41
N GLU D 58 2.71 32.84 4.17
CA GLU D 58 3.81 32.99 5.11
C GLU D 58 3.79 31.87 6.16
N GLU D 59 2.63 31.61 6.74
CA GLU D 59 2.51 30.56 7.76
C GLU D 59 2.85 29.19 7.18
N VAL D 60 2.37 28.90 5.97
CA VAL D 60 2.66 27.62 5.35
C VAL D 60 4.17 27.48 5.10
N SER D 61 4.79 28.56 4.60
CA SER D 61 6.22 28.53 4.34
C SER D 61 7.00 28.25 5.62
N ARG D 62 6.57 28.85 6.73
CA ARG D 62 7.26 28.61 8.00
C ARG D 62 7.03 27.18 8.48
N LYS D 63 5.79 26.68 8.36
CA LYS D 63 5.49 25.31 8.76
C LYS D 63 6.24 24.30 7.91
N ILE D 64 6.70 24.70 6.72
CA ILE D 64 7.46 23.80 5.85
C ILE D 64 8.96 23.86 6.18
N PHE D 65 9.52 25.07 6.25
CA PHE D 65 10.93 25.21 6.63
C PHE D 65 11.15 24.40 7.91
N SER D 66 10.30 24.63 8.90
CA SER D 66 10.32 23.77 10.06
C SER D 66 9.58 22.55 9.58
N ALA D 67 9.85 21.41 10.20
CA ALA D 67 9.32 20.11 9.79
C ALA D 67 10.23 19.63 8.66
N HIS D 68 10.84 20.55 7.88
CA HIS D 68 11.88 20.09 6.98
C HIS D 68 13.09 19.83 7.86
N PHE D 69 13.29 20.73 8.82
CA PHE D 69 14.36 20.55 9.80
C PHE D 69 14.11 19.28 10.61
N GLY D 70 12.85 19.03 10.97
CA GLY D 70 12.53 17.84 11.73
C GLY D 70 12.82 16.57 10.94
N GLN D 71 12.49 16.56 9.65
CA GLN D 71 12.78 15.39 8.83
C GLN D 71 14.28 15.24 8.65
N LEU D 72 15.01 16.36 8.56
CA LEU D 72 16.46 16.29 8.45
C LEU D 72 17.04 15.68 9.73
N ALA D 73 16.46 16.05 10.88
CA ALA D 73 16.89 15.49 12.15
C ALA D 73 16.59 14.01 12.22
N ILE D 74 15.43 13.61 11.67
CA ILE D 74 15.05 12.20 11.65
C ILE D 74 16.03 11.41 10.77
N ILE D 75 16.43 12.00 9.64
CA ILE D 75 17.39 11.34 8.76
C ILE D 75 18.74 11.25 9.44
N PHE D 76 19.14 12.28 10.18
CA PHE D 76 20.41 12.24 10.88
C PHE D 76 20.40 11.20 11.98
N ILE D 77 19.26 11.03 12.65
CA ILE D 77 19.14 10.02 13.68
C ILE D 77 19.26 8.63 13.05
N TRP D 78 18.60 8.44 11.90
CA TRP D 78 18.69 7.15 11.22
C TRP D 78 20.12 6.86 10.79
N LEU D 79 20.82 7.87 10.27
CA LEU D 79 22.21 7.68 9.86
C LEU D 79 23.09 7.36 11.07
N SER D 80 22.86 8.05 12.18
CA SER D 80 23.61 7.78 13.40
C SER D 80 23.36 6.35 13.85
N GLY D 81 22.12 5.89 13.70
CA GLY D 81 21.81 4.53 14.08
C GLY D 81 22.56 3.53 13.23
N MET D 82 22.64 3.79 11.92
CA MET D 82 23.36 2.87 11.04
C MET D 82 24.84 2.83 11.44
N TYR D 83 25.43 3.99 11.69
CA TYR D 83 26.83 4.02 12.08
C TYR D 83 27.06 3.35 13.43
N PHE D 84 26.19 3.58 14.40
CA PHE D 84 26.36 2.94 15.71
C PHE D 84 26.20 1.44 15.59
N HIS D 85 25.23 0.97 14.78
CA HIS D 85 25.07 -0.47 14.60
C HIS D 85 26.34 -1.05 14.00
N GLY D 86 26.95 -0.32 13.06
CA GLY D 86 28.18 -0.81 12.46
C GLY D 86 29.32 -0.87 13.45
N ALA D 87 29.39 0.11 14.36
CA ALA D 87 30.48 0.17 15.33
C ALA D 87 30.31 -0.83 16.48
N ARG D 88 29.07 -1.06 16.93
CA ARG D 88 28.79 -1.90 18.09
C ARG D 88 28.35 -3.34 17.78
N PHE D 89 27.40 -3.53 16.86
CA PHE D 89 26.87 -4.87 16.57
C PHE D 89 27.18 -5.37 15.16
N SER D 90 28.35 -5.06 14.60
CA SER D 90 28.66 -5.51 13.25
C SER D 90 30.08 -6.04 13.14
N ASN D 91 30.27 -6.93 12.16
CA ASN D 91 31.58 -7.52 11.86
C ASN D 91 32.20 -6.74 10.71
N TYR D 92 32.51 -5.47 11.00
CA TYR D 92 33.10 -4.60 9.98
C TYR D 92 34.59 -4.83 9.82
N VAL D 93 35.33 -4.97 10.93
CA VAL D 93 36.77 -5.21 10.83
C VAL D 93 37.03 -6.56 10.19
N ALA D 94 36.30 -7.58 10.63
CA ALA D 94 36.46 -8.91 10.05
C ALA D 94 36.16 -8.87 8.56
N TRP D 95 35.11 -8.14 8.18
CA TRP D 95 34.78 -8.03 6.76
C TRP D 95 35.92 -7.35 6.01
N LEU D 96 36.52 -6.33 6.60
CA LEU D 96 37.63 -5.66 5.95
C LEU D 96 38.79 -6.63 5.71
N SER D 97 39.06 -7.49 6.70
CA SER D 97 40.15 -8.46 6.52
C SER D 97 39.85 -9.42 5.37
N ASN D 98 38.61 -9.91 5.28
CA ASN D 98 38.20 -10.84 4.23
C ASN D 98 36.87 -10.36 3.67
N PRO D 99 36.89 -9.34 2.80
CA PRO D 99 35.64 -8.83 2.24
C PRO D 99 34.84 -9.83 1.43
N THR D 100 35.50 -10.74 0.71
CA THR D 100 34.78 -11.70 -0.11
C THR D 100 34.21 -12.87 0.69
N GLY D 101 34.91 -13.32 1.73
CA GLY D 101 34.43 -14.44 2.51
C GLY D 101 33.43 -14.12 3.61
N ILE D 102 33.57 -12.96 4.23
CA ILE D 102 32.68 -12.55 5.31
C ILE D 102 31.45 -11.87 4.73
N LYS D 103 30.27 -12.24 5.25
CA LYS D 103 29.00 -11.67 4.81
C LYS D 103 28.69 -10.45 5.67
N PRO D 104 28.39 -9.29 5.09
CA PRO D 104 28.09 -8.10 5.92
C PRO D 104 26.91 -8.35 6.84
N SER D 105 27.01 -7.86 8.07
CA SER D 105 25.95 -8.01 9.06
C SER D 105 26.15 -6.99 10.17
N ALA D 106 25.08 -6.28 10.53
CA ALA D 106 25.14 -5.27 11.58
C ALA D 106 23.95 -5.34 12.54
N GLN D 107 23.21 -6.45 12.55
CA GLN D 107 22.06 -6.60 13.43
C GLN D 107 22.18 -7.91 14.21
N VAL D 108 21.98 -7.82 15.52
CA VAL D 108 22.05 -8.96 16.42
C VAL D 108 20.68 -9.11 17.06
N VAL D 109 20.02 -10.25 16.83
CA VAL D 109 18.70 -10.50 17.38
C VAL D 109 18.82 -11.10 18.78
N TRP D 110 17.98 -10.63 19.69
CA TRP D 110 18.00 -11.11 21.07
C TRP D 110 17.43 -12.53 21.16
N PRO D 111 17.98 -13.37 22.05
CA PRO D 111 17.43 -14.73 22.20
C PRO D 111 16.24 -14.70 23.14
N ILE D 112 15.01 -14.74 22.62
CA ILE D 112 13.83 -14.69 23.47
C ILE D 112 12.79 -15.77 23.15
N VAL D 113 12.37 -15.87 21.89
CA VAL D 113 11.34 -16.82 21.48
C VAL D 113 11.83 -17.75 20.37
N GLY D 114 13.12 -18.10 20.39
CA GLY D 114 13.67 -18.93 19.34
C GLY D 114 14.12 -18.14 18.14
N GLN D 115 13.97 -16.82 18.18
CA GLN D 115 14.39 -15.95 17.09
C GLN D 115 15.90 -15.86 16.98
N GLN D 116 16.63 -16.41 17.96
CA GLN D 116 18.08 -16.40 17.92
C GLN D 116 18.62 -17.12 16.68
N ILE D 117 17.79 -17.95 16.04
CA ILE D 117 18.22 -18.65 14.84
C ILE D 117 18.48 -17.68 13.70
N LEU D 118 17.84 -16.51 13.74
CA LEU D 118 18.05 -15.52 12.69
C LEU D 118 19.49 -15.03 12.64
N ASN D 119 20.27 -15.26 13.69
CA ASN D 119 21.66 -14.85 13.71
C ASN D 119 22.45 -15.77 12.81
N ALA D 120 22.49 -15.45 11.51
CA ALA D 120 23.19 -16.27 10.55
C ALA D 120 24.70 -16.28 10.81
N ASP D 121 25.34 -17.38 10.39
CA ASP D 121 26.78 -17.54 10.55
C ASP D 121 27.51 -16.74 9.47
N VAL D 122 27.31 -15.42 9.53
CA VAL D 122 27.91 -14.51 8.57
C VAL D 122 29.43 -14.48 8.64
N GLY D 123 30.02 -15.09 9.66
CA GLY D 123 31.46 -15.11 9.79
C GLY D 123 31.98 -13.95 10.62
N GLY D 124 33.31 -13.92 10.77
CA GLY D 124 33.93 -12.88 11.54
C GLY D 124 33.69 -12.98 13.03
N GLY D 125 33.39 -14.17 13.53
CA GLY D 125 33.15 -14.36 14.94
C GLY D 125 31.70 -14.15 15.32
N MET D 126 31.19 -12.94 15.08
CA MET D 126 29.81 -12.63 15.41
C MET D 126 28.86 -13.29 14.42
N GLN D 127 27.64 -13.56 14.88
CA GLN D 127 26.58 -14.14 14.05
C GLN D 127 25.36 -13.24 14.16
N GLY D 128 24.84 -12.83 13.02
CA GLY D 128 23.68 -11.96 12.99
C GLY D 128 22.98 -12.00 11.66
N ILE D 129 22.17 -10.96 11.42
CA ILE D 129 21.42 -10.84 10.17
C ILE D 129 22.28 -10.16 9.12
N GLN D 130 22.35 -10.78 7.94
CA GLN D 130 23.14 -10.23 6.85
C GLN D 130 22.47 -8.98 6.30
N ILE D 131 23.19 -7.86 6.28
CA ILE D 131 22.66 -6.60 5.79
C ILE D 131 23.01 -6.45 4.32
N THR D 132 22.02 -6.06 3.52
CA THR D 132 22.20 -5.85 2.08
C THR D 132 22.08 -4.38 1.71
N SER D 133 22.31 -3.49 2.67
CA SER D 133 22.23 -2.05 2.46
C SER D 133 23.51 -1.44 1.91
N GLY D 134 24.59 -2.22 1.82
CA GLY D 134 25.83 -1.69 1.32
C GLY D 134 26.54 -0.76 2.28
N LEU D 135 26.17 -0.81 3.57
CA LEU D 135 26.83 0.06 4.54
C LEU D 135 28.31 -0.28 4.67
N PHE D 136 28.65 -1.57 4.64
CA PHE D 136 30.05 -1.99 4.76
C PHE D 136 30.87 -1.49 3.58
N GLN D 137 30.38 -1.67 2.36
CA GLN D 137 31.12 -1.22 1.19
C GLN D 137 31.29 0.29 1.18
N LEU D 138 30.24 1.02 1.54
CA LEU D 138 30.32 2.48 1.58
C LEU D 138 31.35 2.93 2.60
N TRP D 139 31.32 2.33 3.80
CA TRP D 139 32.29 2.70 4.82
C TRP D 139 33.71 2.40 4.36
N ARG D 140 33.92 1.26 3.70
CA ARG D 140 35.26 0.95 3.21
C ARG D 140 35.70 1.98 2.18
N ALA D 141 34.81 2.37 1.27
CA ALA D 141 35.16 3.37 0.26
C ALA D 141 35.47 4.71 0.90
N SER D 142 34.87 5.00 2.06
CA SER D 142 35.11 6.26 2.75
C SER D 142 36.40 6.27 3.55
N GLY D 143 37.11 5.15 3.65
CA GLY D 143 38.35 5.07 4.38
C GLY D 143 38.23 4.57 5.81
N ILE D 144 37.04 4.16 6.24
CA ILE D 144 36.87 3.65 7.60
C ILE D 144 37.59 2.33 7.74
N VAL D 145 38.42 2.20 8.77
CA VAL D 145 39.19 0.97 9.00
C VAL D 145 38.96 0.42 10.40
N ASN D 146 38.62 1.29 11.34
CA ASN D 146 38.38 0.88 12.72
C ASN D 146 36.99 1.31 13.15
N GLU D 147 36.47 0.63 14.19
CA GLU D 147 35.15 0.95 14.70
C GLU D 147 35.12 2.23 15.51
N LEU D 148 36.29 2.77 15.91
CA LEU D 148 36.30 4.03 16.63
C LEU D 148 35.79 5.14 15.73
N GLN D 149 36.17 5.10 14.45
CA GLN D 149 35.69 6.09 13.50
C GLN D 149 34.19 5.97 13.32
N LEU D 150 33.67 4.73 13.30
CA LEU D 150 32.23 4.53 13.17
C LEU D 150 31.51 5.11 14.38
N TYR D 151 32.07 4.92 15.58
CA TYR D 151 31.47 5.48 16.78
C TYR D 151 31.47 7.00 16.75
N VAL D 152 32.59 7.59 16.34
CA VAL D 152 32.68 9.04 16.26
C VAL D 152 31.68 9.58 15.24
N THR D 153 31.53 8.89 14.12
CA THR D 153 30.58 9.32 13.10
C THR D 153 29.15 9.25 13.64
N ALA D 154 28.85 8.19 14.40
CA ALA D 154 27.51 8.07 14.98
C ALA D 154 27.25 9.21 15.94
N LEU D 155 28.24 9.54 16.78
CA LEU D 155 28.08 10.64 17.72
C LEU D 155 27.88 11.96 16.97
N GLY D 156 28.65 12.16 15.91
CA GLY D 156 28.50 13.38 15.12
C GLY D 156 27.12 13.46 14.49
N GLY D 157 26.60 12.31 14.05
CA GLY D 157 25.27 12.30 13.46
C GLY D 157 24.22 12.66 14.50
N LEU D 158 24.38 12.15 15.72
CA LEU D 158 23.42 12.48 16.77
C LEU D 158 23.48 13.98 17.06
N GLY D 159 24.68 14.55 17.09
CA GLY D 159 24.81 15.98 17.31
C GLY D 159 24.17 16.77 16.19
N MET D 160 24.36 16.32 14.95
CA MET D 160 23.75 17.01 13.80
C MET D 160 22.24 16.92 13.88
N ALA D 161 21.71 15.80 14.38
CA ALA D 161 20.27 15.67 14.53
C ALA D 161 19.78 16.65 15.58
N GLY D 162 20.52 16.78 16.68
CA GLY D 162 20.13 17.73 17.70
C GLY D 162 20.13 19.14 17.15
N LEU D 163 21.12 19.45 16.30
CA LEU D 163 21.19 20.77 15.69
C LEU D 163 20.00 20.99 14.77
N MET D 164 19.62 19.97 14.00
CA MET D 164 18.48 20.07 13.11
C MET D 164 17.16 20.11 13.88
N ILE D 165 17.18 19.73 15.15
CA ILE D 165 16.01 19.82 16.00
C ILE D 165 15.88 21.25 16.52
N PHE D 166 17.01 21.78 17.01
CA PHE D 166 17.06 23.14 17.51
C PHE D 166 16.75 24.13 16.41
N ALA D 167 17.30 23.91 15.21
CA ALA D 167 17.05 24.81 14.09
C ALA D 167 15.57 24.82 13.73
N GLY D 168 14.94 23.64 13.72
CA GLY D 168 13.52 23.57 13.39
C GLY D 168 12.67 24.30 14.40
N TRP D 169 12.99 24.16 15.70
CA TRP D 169 12.21 24.85 16.71
C TRP D 169 12.48 26.35 16.70
N PHE D 170 13.74 26.74 16.47
CA PHE D 170 14.13 28.14 16.44
C PHE D 170 13.54 28.88 15.26
N HIS D 171 13.36 28.22 14.12
CA HIS D 171 12.81 28.88 12.95
C HIS D 171 11.30 28.89 12.93
N TYR D 172 10.66 28.53 14.04
CA TYR D 172 9.20 28.58 14.16
C TYR D 172 8.74 29.26 15.44
N HIS D 173 9.54 29.27 16.51
CA HIS D 173 9.17 29.91 17.76
C HIS D 173 10.10 31.04 18.16
N LYS D 174 11.26 31.18 17.52
CA LYS D 174 12.21 32.23 17.86
C LYS D 174 12.51 33.18 16.71
N ALA D 175 12.61 32.67 15.48
CA ALA D 175 12.89 33.53 14.33
C ALA D 175 12.26 32.89 13.09
N ALA D 176 11.05 33.34 12.75
CA ALA D 176 10.33 32.83 11.59
C ALA D 176 10.46 33.81 10.44
N PRO D 177 11.06 33.43 9.30
CA PRO D 177 11.20 34.38 8.19
C PRO D 177 9.85 34.75 7.57
N LYS D 178 9.80 35.96 7.02
CA LYS D 178 8.59 36.44 6.37
C LYS D 178 8.48 35.86 4.95
N LEU D 179 7.32 36.08 4.32
CA LEU D 179 7.11 35.55 2.97
C LEU D 179 8.11 36.12 1.97
N GLU D 180 8.64 37.32 2.18
CA GLU D 180 9.63 37.82 1.23
C GLU D 180 10.76 36.82 1.17
N TRP D 181 11.13 36.25 2.32
CA TRP D 181 12.10 35.17 2.35
C TRP D 181 11.33 33.95 1.84
N PHE D 182 12.04 32.99 1.28
CA PHE D 182 11.45 31.79 0.65
C PHE D 182 10.98 32.10 -0.77
N GLN D 183 10.86 33.38 -1.12
CA GLN D 183 10.45 33.74 -2.47
C GLN D 183 11.64 34.20 -3.29
N ASN D 184 12.83 34.17 -2.68
CA ASN D 184 14.09 34.52 -3.34
C ASN D 184 14.58 33.24 -3.98
N VAL D 185 13.98 32.88 -5.11
CA VAL D 185 14.35 31.65 -5.79
C VAL D 185 15.73 31.77 -6.44
N GLU D 186 16.13 32.96 -6.87
CA GLU D 186 17.45 33.13 -7.47
C GLU D 186 18.54 32.85 -6.44
N SER D 187 18.41 33.42 -5.24
CA SER D 187 19.41 33.21 -4.19
C SER D 187 19.41 31.76 -3.73
N MET D 188 18.21 31.19 -3.53
CA MET D 188 18.14 29.80 -3.09
C MET D 188 18.79 28.87 -4.11
N LEU D 189 18.56 29.12 -5.40
CA LEU D 189 19.18 28.30 -6.44
C LEU D 189 20.69 28.50 -6.49
N ASN D 190 21.15 29.74 -6.41
CA ASN D 190 22.59 29.99 -6.45
C ASN D 190 23.29 29.26 -5.31
N HIS D 191 22.74 29.36 -4.10
CA HIS D 191 23.36 28.71 -2.96
C HIS D 191 23.30 27.19 -3.07
N HIS D 192 22.15 26.64 -3.49
CA HIS D 192 22.05 25.19 -3.59
C HIS D 192 22.93 24.64 -4.71
N LEU D 193 23.20 25.44 -5.75
CA LEU D 193 24.02 24.98 -6.85
C LEU D 193 25.50 25.11 -6.55
N ALA D 194 25.90 26.16 -5.84
CA ALA D 194 27.30 26.37 -5.51
C ALA D 194 27.67 25.96 -4.09
N GLY D 195 26.73 25.97 -3.15
CA GLY D 195 27.06 25.61 -1.78
C GLY D 195 26.62 24.24 -1.30
N LEU D 196 25.36 23.86 -1.58
CA LEU D 196 24.87 22.56 -1.13
C LEU D 196 25.40 21.42 -1.99
N LEU D 197 25.51 21.64 -3.30
CA LEU D 197 25.98 20.63 -4.23
C LEU D 197 27.41 20.89 -4.70
N GLY D 198 27.71 22.11 -5.13
CA GLY D 198 29.04 22.43 -5.60
C GLY D 198 30.09 22.26 -4.51
N LEU D 199 29.95 23.03 -3.43
CA LEU D 199 30.91 22.92 -2.33
C LEU D 199 30.86 21.54 -1.69
N GLY D 200 29.69 20.90 -1.69
CA GLY D 200 29.60 19.57 -1.10
C GLY D 200 30.45 18.57 -1.87
N SER D 201 30.32 18.58 -3.20
CA SER D 201 31.10 17.67 -4.02
C SER D 201 32.58 18.04 -3.93
N LEU D 202 32.89 19.33 -3.82
CA LEU D 202 34.29 19.75 -3.70
C LEU D 202 34.90 19.19 -2.42
N SER D 203 34.18 19.32 -1.30
CA SER D 203 34.66 18.81 -0.03
C SER D 203 34.79 17.30 -0.06
N TRP D 204 33.82 16.61 -0.66
CA TRP D 204 33.93 15.16 -0.73
C TRP D 204 35.13 14.76 -1.58
N ALA D 205 35.39 15.50 -2.66
CA ALA D 205 36.55 15.21 -3.50
C ALA D 205 37.83 15.38 -2.69
N GLY D 206 37.88 16.43 -1.87
CA GLY D 206 39.06 16.63 -1.04
C GLY D 206 39.24 15.50 -0.05
N HIS D 207 38.15 15.06 0.56
CA HIS D 207 38.24 13.95 1.51
C HIS D 207 38.74 12.69 0.82
N GLN D 208 38.23 12.41 -0.39
CA GLN D 208 38.67 11.24 -1.12
C GLN D 208 40.15 11.33 -1.46
N ILE D 209 40.60 12.51 -1.89
CA ILE D 209 42.00 12.69 -2.27
C ILE D 209 42.91 12.51 -1.06
N HIS D 210 42.47 12.98 0.11
CA HIS D 210 43.30 12.89 1.31
C HIS D 210 43.00 11.71 2.22
N VAL D 211 41.87 11.03 2.07
CA VAL D 211 41.57 9.91 2.95
C VAL D 211 41.24 8.64 2.18
N SER D 212 40.23 8.70 1.31
CA SER D 212 39.82 7.51 0.57
C SER D 212 40.93 6.97 -0.31
N LEU D 213 41.54 7.82 -1.13
CA LEU D 213 42.58 7.37 -2.04
C LEU D 213 43.73 6.64 -1.36
N PRO D 214 44.45 7.26 -0.43
CA PRO D 214 45.58 6.54 0.20
C PRO D 214 45.18 5.31 1.00
N ILE D 215 44.14 5.40 1.82
CA ILE D 215 43.72 4.26 2.62
C ILE D 215 43.31 3.09 1.73
N ASN D 216 42.50 3.37 0.71
CA ASN D 216 42.07 2.30 -0.19
C ASN D 216 43.25 1.75 -0.99
N LYS D 217 44.20 2.61 -1.38
CA LYS D 217 45.35 2.13 -2.12
C LYS D 217 46.14 1.15 -1.27
N LEU D 218 46.33 1.48 0.01
CA LEU D 218 47.04 0.57 0.90
C LEU D 218 46.26 -0.71 1.14
N LEU D 219 44.92 -0.59 1.26
CA LEU D 219 44.09 -1.77 1.48
C LEU D 219 44.18 -2.73 0.29
N ASP D 220 44.17 -2.19 -0.93
CA ASP D 220 44.24 -3.00 -2.12
C ASP D 220 45.66 -3.50 -2.41
N ALA D 221 46.64 -3.10 -1.60
CA ALA D 221 48.02 -3.52 -1.77
C ALA D 221 48.41 -4.63 -0.80
N GLY D 222 47.45 -5.20 -0.09
CA GLY D 222 47.72 -6.27 0.85
C GLY D 222 48.10 -5.83 2.26
N VAL D 223 47.91 -4.56 2.59
CA VAL D 223 48.24 -4.04 3.92
C VAL D 223 47.05 -4.26 4.84
N ALA D 224 47.33 -4.71 6.06
CA ALA D 224 46.27 -4.94 7.03
C ALA D 224 45.62 -3.62 7.43
N PRO D 225 44.32 -3.63 7.71
CA PRO D 225 43.67 -2.37 8.11
C PRO D 225 44.25 -1.74 9.37
N SER D 226 44.75 -2.55 10.30
CA SER D 226 45.33 -2.00 11.52
C SER D 226 46.69 -1.37 11.28
N SER D 227 47.42 -1.83 10.28
CA SER D 227 48.75 -1.31 9.96
C SER D 227 48.71 -0.07 9.08
N ILE D 228 47.56 0.27 8.50
CA ILE D 228 47.48 1.44 7.62
C ILE D 228 47.57 2.71 8.47
N PRO D 229 48.30 3.74 8.03
CA PRO D 229 48.38 4.97 8.83
C PRO D 229 47.01 5.63 8.94
N LEU D 230 46.82 6.37 10.03
CA LEU D 230 45.56 7.06 10.25
C LEU D 230 45.34 8.13 9.19
N PRO D 231 44.08 8.49 8.92
CA PRO D 231 43.82 9.52 7.90
C PRO D 231 44.53 10.84 8.16
N HIS D 232 44.63 11.27 9.43
CA HIS D 232 45.27 12.53 9.71
C HIS D 232 46.78 12.47 9.44
N GLU D 233 47.38 11.28 9.52
CA GLU D 233 48.81 11.16 9.25
C GLU D 233 49.11 11.47 7.79
N PHE D 234 48.21 11.10 6.88
CA PHE D 234 48.44 11.39 5.47
C PHE D 234 48.41 12.89 5.20
N ILE D 235 47.75 13.67 6.05
CA ILE D 235 47.69 15.11 5.87
C ILE D 235 48.86 15.79 6.55
N LEU D 236 49.19 15.37 7.77
CA LEU D 236 50.31 15.99 8.49
C LEU D 236 51.64 15.65 7.82
N ASN D 237 51.91 14.36 7.61
CA ASN D 237 53.15 13.91 6.98
C ASN D 237 52.93 13.80 5.49
N ARG D 238 53.38 14.81 4.74
CA ARG D 238 53.23 14.80 3.29
C ARG D 238 54.10 13.74 2.63
N ASN D 239 55.13 13.26 3.32
CA ASN D 239 56.00 12.25 2.74
C ASN D 239 55.23 10.99 2.37
N LEU D 240 54.27 10.60 3.21
CA LEU D 240 53.48 9.40 2.93
C LEU D 240 52.67 9.58 1.65
N MET D 241 51.98 10.72 1.51
CA MET D 241 51.19 10.95 0.31
C MET D 241 52.09 11.00 -0.91
N ALA D 242 53.29 11.57 -0.76
CA ALA D 242 54.21 11.62 -1.90
C ALA D 242 54.63 10.21 -2.30
N GLU D 243 54.90 9.35 -1.32
CA GLU D 243 55.29 7.98 -1.62
C GLU D 243 54.16 7.24 -2.33
N LEU D 244 52.92 7.40 -1.84
CA LEU D 244 51.80 6.73 -2.48
C LEU D 244 51.42 7.39 -3.79
N TYR D 245 51.58 8.71 -3.89
CA TYR D 245 51.27 9.45 -5.10
C TYR D 245 52.35 10.51 -5.30
N PRO D 246 53.27 10.30 -6.25
CA PRO D 246 54.33 11.30 -6.46
C PRO D 246 53.82 12.68 -6.81
N SER D 247 52.59 12.79 -7.31
CA SER D 247 52.06 14.11 -7.67
C SER D 247 52.05 15.05 -6.47
N PHE D 248 51.90 14.52 -5.25
CA PHE D 248 51.88 15.37 -4.07
C PHE D 248 53.22 16.04 -3.81
N GLN D 249 54.30 15.53 -4.43
CA GLN D 249 55.60 16.16 -4.23
C GLN D 249 55.58 17.59 -4.76
N GLN D 250 54.87 17.82 -5.87
CA GLN D 250 54.78 19.16 -6.44
C GLN D 250 53.88 20.06 -5.62
N GLY D 251 52.99 19.49 -4.80
CA GLY D 251 52.10 20.29 -3.99
C GLY D 251 51.00 20.95 -4.80
N LEU D 252 50.48 22.05 -4.24
CA LEU D 252 49.42 22.81 -4.89
C LEU D 252 49.94 23.75 -5.97
N VAL D 253 51.26 23.87 -6.11
CA VAL D 253 51.81 24.76 -7.13
C VAL D 253 51.28 24.41 -8.53
N PRO D 254 51.27 23.14 -8.95
CA PRO D 254 50.74 22.85 -10.29
C PRO D 254 49.31 23.32 -10.50
N PHE D 255 48.47 23.25 -9.47
CA PHE D 255 47.09 23.71 -9.62
C PHE D 255 47.03 25.18 -9.98
N PHE D 256 47.79 26.00 -9.25
CA PHE D 256 47.79 27.45 -9.48
C PHE D 256 48.56 27.86 -10.74
N THR D 257 49.41 26.98 -11.28
CA THR D 257 50.15 27.28 -12.49
C THR D 257 49.50 26.69 -13.73
N LEU D 258 48.28 26.17 -13.60
CA LEU D 258 47.50 25.55 -14.66
C LEU D 258 48.15 24.28 -15.19
N ASN D 259 49.14 23.75 -14.50
CA ASN D 259 49.79 22.50 -14.90
C ASN D 259 49.03 21.32 -14.31
N TRP D 260 47.72 21.33 -14.55
CA TRP D 260 46.84 20.28 -14.02
C TRP D 260 47.26 18.89 -14.48
N LYS D 261 47.95 18.78 -15.62
CA LYS D 261 48.37 17.47 -16.09
C LYS D 261 49.34 16.79 -15.15
N GLN D 262 49.94 17.53 -14.21
CA GLN D 262 50.84 16.93 -13.23
C GLN D 262 50.09 16.12 -12.19
N TYR D 263 48.75 16.20 -12.18
CA TYR D 263 47.92 15.47 -11.23
C TYR D 263 47.41 14.17 -11.83
N SER D 264 48.20 13.54 -12.70
CA SER D 264 47.81 12.29 -13.34
C SER D 264 47.91 11.10 -12.40
N ASP D 265 48.46 11.28 -11.21
CA ASP D 265 48.57 10.19 -10.24
C ASP D 265 47.34 10.11 -9.36
N ILE D 266 46.67 11.24 -9.13
CA ILE D 266 45.48 11.29 -8.31
C ILE D 266 44.22 11.60 -9.12
N LEU D 267 44.32 12.40 -10.20
CA LEU D 267 43.16 12.74 -11.03
C LEU D 267 43.15 11.95 -12.34
N THR D 268 42.92 10.63 -12.28
CA THR D 268 42.92 9.80 -13.48
C THR D 268 41.52 9.66 -14.08
N PHE D 269 41.50 9.20 -15.34
CA PHE D 269 40.30 8.93 -16.13
C PHE D 269 40.40 7.55 -16.77
N LYS D 270 40.78 6.55 -15.96
CA LYS D 270 40.92 5.19 -16.48
C LYS D 270 39.65 4.72 -17.17
N GLY D 271 38.49 4.92 -16.53
CA GLY D 271 37.21 4.59 -17.10
C GLY D 271 36.60 3.26 -16.67
N GLY D 272 37.40 2.24 -16.39
CA GLY D 272 36.89 0.94 -16.03
C GLY D 272 36.81 0.68 -14.52
N LEU D 273 36.43 -0.55 -14.20
CA LEU D 273 36.32 -1.01 -12.82
C LEU D 273 37.66 -1.57 -12.36
N SER D 274 37.93 -1.43 -11.07
CA SER D 274 39.17 -1.93 -10.51
C SER D 274 39.17 -3.46 -10.53
N PRO D 275 40.22 -4.11 -11.06
CA PRO D 275 40.22 -5.57 -11.09
C PRO D 275 40.46 -6.22 -9.73
N VAL D 276 40.86 -5.44 -8.73
CA VAL D 276 41.12 -6.01 -7.41
C VAL D 276 39.84 -6.06 -6.58
N THR D 277 39.04 -5.00 -6.58
CA THR D 277 37.81 -4.95 -5.82
C THR D 277 36.56 -5.00 -6.69
N GLY D 278 36.67 -4.75 -7.98
CA GLY D 278 35.53 -4.79 -8.87
C GLY D 278 34.76 -3.49 -9.00
N GLY D 279 35.12 -2.46 -8.24
CA GLY D 279 34.46 -1.18 -8.30
C GLY D 279 35.23 -0.15 -9.12
N LEU D 280 34.63 1.03 -9.24
CA LEU D 280 35.26 2.11 -9.99
C LEU D 280 36.56 2.54 -9.31
N TRP D 281 37.51 3.00 -10.12
CA TRP D 281 38.78 3.46 -9.59
C TRP D 281 38.54 4.70 -8.75
N LEU D 282 38.95 4.66 -7.47
CA LEU D 282 38.72 5.81 -6.60
C LEU D 282 39.33 7.09 -7.17
N THR D 283 40.42 6.97 -7.95
CA THR D 283 40.98 8.17 -8.54
C THR D 283 40.03 8.78 -9.55
N ASP D 284 39.40 7.94 -10.38
CA ASP D 284 38.42 8.45 -11.34
C ASP D 284 37.24 9.07 -10.63
N VAL D 285 36.86 8.51 -9.48
CA VAL D 285 35.73 9.02 -8.70
C VAL D 285 36.07 10.38 -8.08
N ALA D 286 37.30 10.53 -7.57
CA ALA D 286 37.71 11.80 -7.00
C ALA D 286 37.78 12.87 -8.09
N HIS D 287 38.35 12.51 -9.25
CA HIS D 287 38.43 13.45 -10.36
C HIS D 287 37.03 13.84 -10.81
N HIS D 288 36.10 12.87 -10.78
CA HIS D 288 34.71 13.11 -11.17
C HIS D 288 34.05 14.09 -10.20
N HIS D 289 34.28 13.89 -8.90
CA HIS D 289 33.71 14.81 -7.91
C HIS D 289 34.28 16.21 -8.07
N LEU D 290 35.58 16.30 -8.36
CA LEU D 290 36.20 17.60 -8.56
C LEU D 290 35.59 18.32 -9.75
N ALA D 291 35.40 17.60 -10.86
CA ALA D 291 34.81 18.20 -12.05
C ALA D 291 33.36 18.60 -11.81
N ILE D 292 32.58 17.74 -11.14
CA ILE D 292 31.19 18.08 -10.87
C ILE D 292 31.10 19.25 -9.90
N ALA D 293 32.06 19.38 -8.97
CA ALA D 293 32.06 20.50 -8.05
C ALA D 293 32.37 21.80 -8.78
N VAL D 294 33.38 21.78 -9.66
CA VAL D 294 33.73 22.99 -10.40
C VAL D 294 32.59 23.38 -11.33
N LEU D 295 31.96 22.40 -11.98
CA LEU D 295 30.85 22.68 -12.89
C LEU D 295 29.65 23.25 -12.12
N PHE D 296 29.32 22.68 -10.95
CA PHE D 296 28.21 23.19 -10.17
C PHE D 296 28.51 24.58 -9.62
N LEU D 297 29.76 24.82 -9.21
CA LEU D 297 30.12 26.14 -8.72
C LEU D 297 29.96 27.18 -9.81
N VAL D 298 30.42 26.86 -11.02
CA VAL D 298 30.27 27.81 -12.13
C VAL D 298 28.79 28.03 -12.42
N ALA D 299 27.99 26.96 -12.33
CA ALA D 299 26.55 27.09 -12.60
C ALA D 299 25.83 27.89 -11.52
N GLY D 300 26.38 27.93 -10.30
CA GLY D 300 25.74 28.66 -9.22
C GLY D 300 25.80 30.16 -9.30
N HIS D 301 26.45 30.73 -10.32
CA HIS D 301 26.56 32.17 -10.49
C HIS D 301 25.76 32.66 -11.68
N MET D 302 24.65 31.97 -12.00
CA MET D 302 23.82 32.33 -13.13
C MET D 302 22.75 33.35 -12.77
N TYR D 303 22.03 33.13 -11.68
CA TYR D 303 20.95 34.02 -11.29
C TYR D 303 21.47 35.28 -10.58
N ARG D 304 20.66 36.32 -10.65
CA ARG D 304 20.97 37.63 -10.07
C ARG D 304 20.47 37.72 -8.64
N THR D 305 21.36 38.09 -7.73
CA THR D 305 21.01 38.19 -6.31
C THR D 305 21.77 39.32 -5.63
N ASN D 306 21.08 40.39 -5.28
CA ASN D 306 21.61 41.54 -4.55
C ASN D 306 22.72 42.28 -5.28
N TRP D 307 22.97 41.97 -6.56
CA TRP D 307 24.00 42.64 -7.33
C TRP D 307 23.49 42.76 -8.76
N GLY D 308 24.12 43.65 -9.53
CA GLY D 308 23.69 43.84 -10.92
C GLY D 308 23.91 42.61 -11.78
N ILE D 309 25.04 41.93 -11.60
CA ILE D 309 25.36 40.74 -12.39
C ILE D 309 24.42 39.61 -12.03
N GLY D 310 24.14 38.75 -13.02
CA GLY D 310 23.28 37.60 -12.86
C GLY D 310 22.17 37.57 -13.89
N HIS D 311 21.20 36.69 -13.63
CA HIS D 311 20.04 36.51 -14.50
C HIS D 311 18.77 36.49 -13.67
N SER D 312 17.67 36.83 -14.33
CA SER D 312 16.35 36.84 -13.71
C SER D 312 15.56 35.69 -14.31
N ILE D 313 15.11 34.77 -13.47
CA ILE D 313 14.38 33.61 -13.97
C ILE D 313 13.10 34.05 -14.68
N LYS D 314 12.43 35.08 -14.15
CA LYS D 314 11.21 35.55 -14.79
C LYS D 314 11.49 36.07 -16.19
N GLN D 315 12.56 36.84 -16.36
CA GLN D 315 12.90 37.37 -17.68
C GLN D 315 13.20 36.25 -18.66
N ILE D 316 13.95 35.24 -18.21
CA ILE D 316 14.28 34.11 -19.10
C ILE D 316 13.02 33.36 -19.48
N LEU D 317 12.13 33.11 -18.50
CA LEU D 317 10.90 32.39 -18.79
C LEU D 317 10.03 33.14 -19.79
N GLU D 318 9.83 34.44 -19.56
CA GLU D 318 9.00 35.23 -20.46
C GLU D 318 9.66 35.39 -21.84
N ALA D 319 10.99 35.33 -21.90
CA ALA D 319 11.67 35.48 -23.18
C ALA D 319 11.38 34.31 -24.12
N HIS D 320 11.21 33.11 -23.57
CA HIS D 320 10.93 31.92 -24.38
C HIS D 320 9.47 31.95 -24.81
N LYS D 321 9.25 32.26 -26.08
CA LYS D 321 7.91 32.34 -26.65
C LYS D 321 8.00 32.04 -28.15
N GLY D 322 7.04 31.27 -28.66
CA GLY D 322 7.05 30.92 -30.07
C GLY D 322 5.67 30.97 -30.71
N PRO D 323 5.61 30.77 -32.02
CA PRO D 323 4.31 30.80 -32.71
C PRO D 323 3.35 29.73 -32.23
N LEU D 324 3.84 28.53 -31.91
CA LEU D 324 2.97 27.45 -31.45
C LEU D 324 2.61 27.57 -29.97
N THR D 325 3.27 28.46 -29.24
CA THR D 325 2.99 28.72 -27.82
C THR D 325 2.86 30.23 -27.71
N GLY D 326 1.63 30.72 -27.69
CA GLY D 326 1.36 32.14 -27.62
C GLY D 326 2.19 32.94 -26.63
N GLU D 327 1.99 32.69 -25.33
CA GLU D 327 2.71 33.42 -24.29
C GLU D 327 3.90 32.63 -23.74
N GLY D 328 4.22 31.48 -24.32
CA GLY D 328 5.35 30.72 -23.84
C GLY D 328 5.24 30.38 -22.37
N HIS D 329 6.32 30.66 -21.63
CA HIS D 329 6.41 30.39 -20.20
C HIS D 329 6.07 31.59 -19.34
N LYS D 330 5.21 32.49 -19.84
CA LYS D 330 4.82 33.66 -19.06
C LYS D 330 3.89 33.24 -17.93
N GLY D 331 4.14 33.77 -16.73
CA GLY D 331 3.34 33.46 -15.57
C GLY D 331 3.81 32.26 -14.78
N LEU D 332 4.75 31.47 -15.30
CA LEU D 332 5.24 30.32 -14.58
C LEU D 332 6.09 30.73 -13.37
N TYR D 333 6.81 31.85 -13.48
CA TYR D 333 7.62 32.30 -12.36
C TYR D 333 6.74 32.60 -11.14
N GLU D 334 5.63 33.29 -11.36
CA GLU D 334 4.72 33.59 -10.26
C GLU D 334 4.10 32.31 -9.72
N ILE D 335 3.94 31.30 -10.58
CA ILE D 335 3.36 30.03 -10.15
C ILE D 335 4.31 29.30 -9.22
N LEU D 336 5.60 29.29 -9.54
CA LEU D 336 6.57 28.59 -8.72
C LEU D 336 7.06 29.39 -7.52
N THR D 337 6.54 30.61 -7.32
CA THR D 337 6.93 31.43 -6.17
C THR D 337 5.74 31.71 -5.25
N THR D 338 4.54 31.26 -5.61
CA THR D 338 3.35 31.47 -4.80
C THR D 338 2.62 30.18 -4.47
N SER D 339 3.14 29.02 -4.86
CA SER D 339 2.49 27.73 -4.59
C SER D 339 3.54 26.67 -4.31
N TRP D 340 3.60 26.20 -3.06
CA TRP D 340 4.55 25.15 -2.71
C TRP D 340 4.19 23.82 -3.35
N HIS D 341 2.92 23.61 -3.71
CA HIS D 341 2.51 22.36 -4.33
C HIS D 341 3.13 22.18 -5.71
N ALA D 342 3.25 23.26 -6.47
CA ALA D 342 3.86 23.17 -7.79
C ALA D 342 5.34 22.81 -7.68
N ASN D 343 6.05 23.50 -6.79
CA ASN D 343 7.46 23.22 -6.59
C ASN D 343 7.65 21.79 -6.10
N LEU D 344 6.77 21.34 -5.21
CA LEU D 344 6.87 19.97 -4.70
C LEU D 344 6.63 18.97 -5.82
N ALA D 345 5.70 19.25 -6.74
CA ALA D 345 5.46 18.33 -7.85
C ALA D 345 6.70 18.22 -8.74
N ILE D 346 7.26 19.37 -9.15
CA ILE D 346 8.44 19.33 -10.01
C ILE D 346 9.59 18.62 -9.31
N ASN D 347 9.86 19.01 -8.06
CA ASN D 347 10.96 18.43 -7.31
C ASN D 347 10.76 16.94 -7.06
N LEU D 348 9.53 16.49 -6.80
CA LEU D 348 9.30 15.07 -6.58
C LEU D 348 9.51 14.28 -7.86
N ALA D 349 9.06 14.80 -9.00
CA ALA D 349 9.26 14.09 -10.26
C ALA D 349 10.74 13.97 -10.55
N MET D 350 11.49 15.07 -10.40
CA MET D 350 12.92 15.04 -10.66
C MET D 350 13.66 14.15 -9.68
N LEU D 351 13.30 14.20 -8.40
CA LEU D 351 13.98 13.37 -7.41
C LEU D 351 13.72 11.89 -7.68
N GLY D 352 12.48 11.55 -8.07
CA GLY D 352 12.19 10.16 -8.39
C GLY D 352 12.94 9.69 -9.62
N SER D 353 12.98 10.53 -10.65
CA SER D 353 13.72 10.17 -11.86
C SER D 353 15.21 10.01 -11.54
N LEU D 354 15.73 10.89 -10.67
CA LEU D 354 17.13 10.82 -10.26
C LEU D 354 17.41 9.51 -9.53
N SER D 355 16.47 9.08 -8.68
CA SER D 355 16.66 7.83 -7.95
C SER D 355 16.70 6.64 -8.92
N ILE D 356 15.82 6.63 -9.91
CA ILE D 356 15.82 5.53 -10.89
C ILE D 356 17.14 5.51 -11.66
N ILE D 357 17.61 6.69 -12.07
CA ILE D 357 18.87 6.79 -12.79
C ILE D 357 20.01 6.31 -11.89
N VAL D 358 19.94 6.63 -10.59
CA VAL D 358 20.95 6.20 -9.64
C VAL D 358 21.00 4.68 -9.59
N ALA D 359 19.84 4.03 -9.56
CA ALA D 359 19.82 2.57 -9.51
C ALA D 359 20.52 1.98 -10.72
N HIS D 360 20.14 2.44 -11.92
CA HIS D 360 20.76 1.90 -13.13
C HIS D 360 22.28 2.10 -13.12
N HIS D 361 22.73 3.34 -12.88
CA HIS D 361 24.16 3.64 -12.89
C HIS D 361 24.92 2.92 -11.78
N MET D 362 24.29 2.65 -10.63
CA MET D 362 24.99 1.98 -9.55
C MET D 362 25.20 0.50 -9.84
N TYR D 363 24.21 -0.16 -10.45
CA TYR D 363 24.45 -1.57 -10.74
C TYR D 363 25.41 -1.73 -11.91
N ALA D 364 25.26 -0.90 -12.96
CA ALA D 364 26.12 -1.05 -14.14
C ALA D 364 27.57 -0.72 -13.86
N MET D 365 27.83 0.33 -13.08
CA MET D 365 29.18 0.77 -12.74
C MET D 365 29.32 0.77 -11.23
N PRO D 366 29.50 -0.40 -10.61
CA PRO D 366 29.62 -0.46 -9.16
C PRO D 366 30.62 0.57 -8.66
N PRO D 367 30.16 1.57 -7.90
CA PRO D 367 31.09 2.61 -7.43
C PRO D 367 31.90 2.21 -6.20
N TYR D 368 31.27 1.47 -5.27
CA TYR D 368 31.96 1.07 -4.06
C TYR D 368 32.74 -0.24 -4.25
N PRO D 369 33.80 -0.44 -3.49
CA PRO D 369 34.58 -1.68 -3.64
C PRO D 369 33.82 -2.89 -3.13
N TYR D 370 34.07 -4.03 -3.78
CA TYR D 370 33.44 -5.30 -3.43
C TYR D 370 31.91 -5.23 -3.46
N LEU D 371 31.36 -4.20 -4.11
CA LEU D 371 29.91 -4.08 -4.20
C LEU D 371 29.33 -5.04 -5.23
N ALA D 372 30.03 -5.21 -6.37
CA ALA D 372 29.56 -6.11 -7.41
C ALA D 372 29.58 -7.56 -6.95
N THR D 373 30.65 -7.97 -6.24
CA THR D 373 30.75 -9.34 -5.77
C THR D 373 29.67 -9.69 -4.76
N ASP D 374 29.11 -8.69 -4.08
CA ASP D 374 28.06 -8.92 -3.09
C ASP D 374 26.72 -8.75 -3.80
N TYR D 375 26.32 -9.80 -4.52
CA TYR D 375 25.06 -9.75 -5.25
C TYR D 375 23.88 -9.40 -4.37
N PRO D 376 23.76 -9.89 -3.13
CA PRO D 376 22.61 -9.49 -2.31
C PRO D 376 22.50 -7.98 -2.21
N THR D 377 23.63 -7.30 -1.97
CA THR D 377 23.62 -5.84 -1.86
C THR D 377 23.24 -5.20 -3.19
N GLN D 378 23.77 -5.72 -4.31
CA GLN D 378 23.45 -5.16 -5.62
C GLN D 378 21.96 -5.24 -5.91
N LEU D 379 21.36 -6.42 -5.71
CA LEU D 379 19.94 -6.59 -5.96
C LEU D 379 19.13 -5.67 -5.06
N SER D 380 19.44 -5.65 -3.76
CA SER D 380 18.69 -4.82 -2.83
C SER D 380 18.79 -3.34 -3.17
N LEU D 381 19.99 -2.85 -3.52
CA LEU D 381 20.13 -1.42 -3.83
C LEU D 381 19.42 -1.04 -5.12
N PHE D 382 19.58 -1.82 -6.19
CA PHE D 382 18.88 -1.48 -7.43
C PHE D 382 17.38 -1.46 -7.21
N THR D 383 16.86 -2.52 -6.57
CA THR D 383 15.42 -2.62 -6.33
C THR D 383 14.93 -1.51 -5.41
N HIS D 384 15.70 -1.18 -4.36
CA HIS D 384 15.32 -0.15 -3.41
C HIS D 384 15.23 1.22 -4.05
N HIS D 385 16.27 1.63 -4.78
CA HIS D 385 16.23 2.94 -5.41
C HIS D 385 15.19 2.99 -6.53
N MET D 386 14.96 1.86 -7.20
CA MET D 386 13.94 1.81 -8.24
C MET D 386 12.56 2.09 -7.62
N TRP D 387 12.29 1.46 -6.47
CA TRP D 387 11.00 1.65 -5.81
C TRP D 387 10.84 3.07 -5.25
N ILE D 388 11.88 3.60 -4.59
CA ILE D 388 11.74 4.95 -4.05
C ILE D 388 11.55 5.95 -5.18
N GLY D 389 12.21 5.72 -6.33
CA GLY D 389 12.04 6.62 -7.45
C GLY D 389 10.63 6.58 -7.99
N GLY D 390 10.05 5.38 -8.13
CA GLY D 390 8.69 5.28 -8.62
C GLY D 390 7.68 5.92 -7.68
N PHE D 391 7.88 5.73 -6.37
CA PHE D 391 6.97 6.34 -5.41
C PHE D 391 7.05 7.86 -5.50
N CYS D 392 8.26 8.42 -5.59
CA CYS D 392 8.38 9.86 -5.71
C CYS D 392 7.76 10.38 -6.99
N ILE D 393 7.79 9.59 -8.07
CA ILE D 393 7.18 10.04 -9.32
C ILE D 393 5.66 10.10 -9.19
N VAL D 394 5.06 9.07 -8.59
CA VAL D 394 3.61 9.10 -8.39
C VAL D 394 3.24 10.27 -7.49
N GLY D 395 4.06 10.53 -6.47
CA GLY D 395 3.79 11.67 -5.61
C GLY D 395 3.88 12.97 -6.37
N ALA D 396 4.80 13.05 -7.34
CA ALA D 396 4.93 14.25 -8.15
C ALA D 396 3.63 14.49 -8.90
N GLY D 397 3.07 13.44 -9.49
CA GLY D 397 1.81 13.60 -10.19
C GLY D 397 0.69 14.03 -9.26
N ALA D 398 0.64 13.44 -8.07
CA ALA D 398 -0.40 13.79 -7.10
C ALA D 398 -0.31 15.26 -6.72
N HIS D 399 0.89 15.76 -6.45
CA HIS D 399 1.03 17.16 -6.08
C HIS D 399 0.77 18.08 -7.27
N ALA D 400 1.04 17.63 -8.49
CA ALA D 400 0.69 18.46 -9.63
C ALA D 400 -0.82 18.64 -9.69
N ALA D 401 -1.56 17.54 -9.45
CA ALA D 401 -3.01 17.63 -9.44
C ALA D 401 -3.50 18.51 -8.30
N ILE D 402 -2.84 18.41 -7.13
CA ILE D 402 -3.24 19.24 -5.99
C ILE D 402 -3.11 20.72 -6.36
N TYR D 403 -1.96 21.10 -6.93
CA TYR D 403 -1.77 22.50 -7.33
C TYR D 403 -2.83 22.91 -8.34
N MET D 404 -3.11 22.04 -9.30
CA MET D 404 -4.09 22.35 -10.34
C MET D 404 -5.48 22.58 -9.76
N VAL D 405 -5.84 21.83 -8.72
CA VAL D 405 -7.18 21.96 -8.13
C VAL D 405 -7.28 23.15 -7.18
N ARG D 406 -6.22 23.44 -6.41
CA ARG D 406 -6.29 24.49 -5.40
C ARG D 406 -5.57 25.79 -5.74
N ASP D 407 -4.31 25.75 -6.17
CA ASP D 407 -3.53 26.96 -6.40
C ASP D 407 -3.59 27.50 -7.83
N TYR D 408 -4.35 26.88 -8.73
CA TYR D 408 -4.43 27.38 -10.10
C TYR D 408 -5.18 28.72 -10.19
N SER D 409 -4.75 29.56 -11.13
CA SER D 409 -5.37 30.86 -11.36
C SER D 409 -5.51 31.10 -12.86
N PRO D 410 -6.72 31.40 -13.36
CA PRO D 410 -6.85 31.64 -14.81
C PRO D 410 -6.08 32.85 -15.30
N THR D 411 -6.03 33.92 -14.50
CA THR D 411 -5.30 35.11 -14.93
C THR D 411 -3.81 34.81 -15.08
N VAL D 412 -3.23 34.11 -14.11
CA VAL D 412 -1.81 33.76 -14.20
C VAL D 412 -1.57 32.83 -15.38
N ASN D 413 -2.43 31.82 -15.54
CA ASN D 413 -2.31 30.87 -16.64
C ASN D 413 -3.22 31.30 -17.79
N PHE D 414 -2.77 32.33 -18.50
CA PHE D 414 -3.52 32.86 -19.63
C PHE D 414 -2.69 32.76 -20.89
N ASN D 415 -3.17 31.97 -21.85
CA ASN D 415 -2.52 31.74 -23.14
C ASN D 415 -1.09 31.24 -23.02
N ASN D 416 -0.69 30.75 -21.85
CA ASN D 416 0.66 30.24 -21.65
C ASN D 416 0.70 28.76 -21.99
N VAL D 417 1.84 28.11 -21.71
CA VAL D 417 1.96 26.69 -22.02
C VAL D 417 0.97 25.87 -21.20
N LEU D 418 0.79 26.21 -19.92
CA LEU D 418 -0.15 25.46 -19.09
C LEU D 418 -1.58 25.63 -19.59
N ASP D 419 -1.99 26.87 -19.85
CA ASP D 419 -3.34 27.11 -20.34
C ASP D 419 -3.53 26.47 -21.71
N ARG D 420 -2.55 26.64 -22.60
CA ARG D 420 -2.65 26.04 -23.93
C ARG D 420 -2.75 24.53 -23.85
N MET D 421 -2.10 23.92 -22.86
CA MET D 421 -2.20 22.47 -22.70
C MET D 421 -3.57 22.08 -22.21
N ILE D 422 -4.07 22.78 -21.18
CA ILE D 422 -5.40 22.47 -20.67
C ILE D 422 -6.43 22.63 -21.76
N ARG D 423 -6.19 23.51 -22.73
CA ARG D 423 -7.14 23.72 -23.82
C ARG D 423 -7.27 22.48 -24.68
N HIS D 424 -6.17 21.83 -25.03
CA HIS D 424 -6.20 20.63 -25.87
C HIS D 424 -5.91 19.36 -25.09
N ARG D 425 -6.27 19.32 -23.80
CA ARG D 425 -6.03 18.13 -22.99
C ARG D 425 -6.68 16.89 -23.58
N ASP D 426 -7.74 17.04 -24.37
CA ASP D 426 -8.39 15.88 -24.98
C ASP D 426 -7.48 15.25 -26.02
N ALA D 427 -6.80 16.07 -26.83
CA ALA D 427 -5.88 15.52 -27.82
C ALA D 427 -4.75 14.79 -27.12
N ILE D 428 -4.21 15.39 -26.06
CA ILE D 428 -3.12 14.80 -25.30
C ILE D 428 -3.53 13.44 -24.77
N ILE D 429 -4.63 13.38 -24.03
CA ILE D 429 -5.06 12.13 -23.41
C ILE D 429 -5.55 11.09 -24.41
N SER D 430 -6.27 11.47 -25.47
CA SER D 430 -6.71 10.45 -26.42
C SER D 430 -5.54 9.88 -27.21
N HIS D 431 -4.60 10.73 -27.65
CA HIS D 431 -3.45 10.23 -28.38
C HIS D 431 -2.58 9.38 -27.47
N LEU D 432 -2.41 9.79 -26.21
CA LEU D 432 -1.62 9.01 -25.27
C LEU D 432 -2.29 7.68 -24.97
N ASN D 433 -3.63 7.67 -24.90
CA ASN D 433 -4.36 6.44 -24.66
C ASN D 433 -4.19 5.51 -25.86
N TRP D 434 -4.16 6.07 -27.07
CA TRP D 434 -3.94 5.28 -28.27
C TRP D 434 -2.55 4.66 -28.22
N VAL D 435 -1.56 5.44 -27.78
CA VAL D 435 -0.20 4.93 -27.67
C VAL D 435 -0.15 3.79 -26.66
N CYS D 436 -0.88 3.95 -25.56
CA CYS D 436 -0.90 2.91 -24.53
C CYS D 436 -1.50 1.62 -25.08
N ILE D 437 -2.59 1.73 -25.84
CA ILE D 437 -3.20 0.53 -26.41
C ILE D 437 -2.23 -0.15 -27.38
N PHE D 438 -1.59 0.64 -28.25
CA PHE D 438 -0.65 0.07 -29.20
C PHE D 438 0.51 -0.62 -28.49
N LEU D 439 1.05 0.03 -27.45
CA LEU D 439 2.16 -0.54 -26.71
C LEU D 439 1.76 -1.82 -26.01
N GLY D 440 0.60 -1.83 -25.36
CA GLY D 440 0.16 -3.04 -24.68
C GLY D 440 0.00 -4.19 -25.65
N MET D 441 -0.64 -3.93 -26.80
CA MET D 441 -0.81 -5.00 -27.76
C MET D 441 0.54 -5.50 -28.26
N HIS D 442 1.39 -4.61 -28.76
CA HIS D 442 2.68 -5.01 -29.31
C HIS D 442 3.72 -5.42 -28.27
N SER D 443 3.41 -5.37 -26.98
CA SER D 443 4.33 -5.80 -25.94
C SER D 443 3.82 -7.07 -25.27
N PHE D 444 2.62 -7.02 -24.67
CA PHE D 444 2.07 -8.19 -24.01
C PHE D 444 1.56 -9.20 -25.04
N GLY D 445 1.04 -8.74 -26.17
CA GLY D 445 0.57 -9.66 -27.19
C GLY D 445 1.69 -10.54 -27.71
N LEU D 446 2.91 -10.00 -27.78
CA LEU D 446 4.04 -10.83 -28.23
C LEU D 446 4.24 -11.97 -27.24
N TYR D 447 4.18 -11.67 -25.94
CA TYR D 447 4.31 -12.70 -24.92
C TYR D 447 3.18 -13.72 -25.01
N ILE D 448 1.95 -13.25 -25.16
CA ILE D 448 0.79 -14.13 -25.26
C ILE D 448 0.91 -15.03 -26.49
N HIS D 449 1.34 -14.44 -27.61
CA HIS D 449 1.51 -15.19 -28.84
C HIS D 449 2.56 -16.28 -28.65
N ASN D 450 3.65 -15.97 -27.96
CA ASN D 450 4.67 -16.98 -27.72
C ASN D 450 4.12 -18.10 -26.84
N ASP D 451 3.29 -17.75 -25.85
CA ASP D 451 2.69 -18.79 -25.01
C ASP D 451 1.84 -19.72 -25.86
N THR D 452 1.00 -19.14 -26.72
CA THR D 452 0.13 -19.92 -27.58
C THR D 452 0.92 -20.81 -28.53
N MET D 453 2.02 -20.28 -29.09
CA MET D 453 2.84 -21.06 -30.01
C MET D 453 3.51 -22.23 -29.30
N ARG D 454 4.17 -21.96 -28.16
CA ARG D 454 4.85 -23.02 -27.43
C ARG D 454 3.88 -24.10 -26.98
N ALA D 455 2.67 -23.70 -26.57
CA ALA D 455 1.69 -24.70 -26.14
C ALA D 455 1.23 -25.58 -27.31
N LEU D 456 1.15 -25.01 -28.51
CA LEU D 456 0.72 -25.74 -29.69
C LEU D 456 1.85 -26.54 -30.34
N GLY D 457 3.05 -26.51 -29.78
CA GLY D 457 4.15 -27.23 -30.38
C GLY D 457 4.72 -26.56 -31.61
N ARG D 458 4.24 -25.35 -31.93
CA ARG D 458 4.71 -24.60 -33.09
C ARG D 458 5.80 -23.61 -32.69
N ALA D 459 6.92 -24.16 -32.21
CA ALA D 459 8.04 -23.32 -31.78
C ALA D 459 8.66 -22.55 -32.93
N GLN D 460 8.50 -23.02 -34.18
CA GLN D 460 9.08 -22.33 -35.32
C GLN D 460 8.38 -21.00 -35.60
N ASP D 461 7.22 -20.76 -34.99
CA ASP D 461 6.46 -19.53 -35.20
C ASP D 461 6.48 -18.60 -33.98
N MET D 462 7.57 -18.59 -33.22
CA MET D 462 7.69 -17.76 -32.04
C MET D 462 8.56 -16.54 -32.29
N PHE D 463 8.51 -15.60 -31.35
CA PHE D 463 9.31 -14.38 -31.39
C PHE D 463 10.55 -14.59 -30.52
N SER D 464 11.47 -15.41 -31.03
CA SER D 464 12.69 -15.74 -30.30
C SER D 464 13.88 -15.71 -31.26
N ASP D 465 15.05 -16.02 -30.72
CA ASP D 465 16.27 -16.04 -31.53
C ASP D 465 16.19 -17.09 -32.62
N THR D 466 15.69 -18.28 -32.29
CA THR D 466 15.58 -19.35 -33.29
C THR D 466 14.47 -19.05 -34.29
N ALA D 467 13.31 -18.64 -33.81
CA ALA D 467 12.16 -18.31 -34.63
C ALA D 467 12.23 -16.82 -34.97
N ILE D 468 11.11 -16.23 -35.41
CA ILE D 468 11.07 -14.81 -35.75
C ILE D 468 11.87 -14.05 -34.70
N GLN D 469 12.82 -13.24 -35.15
CA GLN D 469 13.72 -12.51 -34.27
C GLN D 469 13.41 -11.02 -34.25
N LEU D 470 13.41 -10.44 -33.06
CA LEU D 470 13.18 -9.01 -32.82
C LEU D 470 14.40 -8.54 -32.03
N GLN D 471 15.46 -8.17 -32.75
CA GLN D 471 16.69 -7.75 -32.11
C GLN D 471 16.73 -6.25 -31.86
N PRO D 472 17.06 -5.79 -30.64
CA PRO D 472 17.16 -4.34 -30.41
C PRO D 472 18.36 -3.80 -31.15
N VAL D 473 18.23 -3.61 -32.47
CA VAL D 473 19.38 -3.15 -33.26
C VAL D 473 19.87 -1.79 -32.77
N PHE D 474 18.96 -0.89 -32.41
CA PHE D 474 19.39 0.43 -31.95
C PHE D 474 20.16 0.33 -30.64
N ALA D 475 19.64 -0.41 -29.67
CA ALA D 475 20.33 -0.55 -28.39
C ALA D 475 21.64 -1.31 -28.56
N GLN D 476 21.63 -2.38 -29.36
CA GLN D 476 22.86 -3.12 -29.61
C GLN D 476 23.90 -2.22 -30.27
N TRP D 477 23.45 -1.35 -31.17
CA TRP D 477 24.34 -0.43 -31.86
C TRP D 477 24.95 0.55 -30.87
N ILE D 478 24.13 1.07 -29.95
CA ILE D 478 24.65 2.00 -28.95
C ILE D 478 25.69 1.29 -28.08
N GLN D 479 25.43 0.01 -27.78
CA GLN D 479 26.39 -0.75 -26.98
C GLN D 479 27.72 -0.87 -27.71
N GLN D 480 27.67 -1.18 -29.00
CA GLN D 480 28.90 -1.30 -29.78
C GLN D 480 29.64 0.04 -29.83
N ILE D 481 28.90 1.14 -29.98
CA ILE D 481 29.53 2.46 -30.02
C ILE D 481 30.20 2.73 -28.68
N HIS D 482 29.57 2.35 -27.58
CA HIS D 482 30.18 2.54 -26.26
C HIS D 482 31.42 1.67 -26.13
N THR D 483 31.38 0.46 -26.69
CA THR D 483 32.52 -0.43 -26.63
C THR D 483 33.72 0.15 -27.35
N LEU D 484 33.48 0.86 -28.45
CA LEU D 484 34.56 1.48 -29.23
C LEU D 484 34.86 2.92 -28.82
N ALA D 485 34.09 3.48 -27.90
CA ALA D 485 34.32 4.86 -27.45
C ALA D 485 35.69 5.10 -26.82
N PRO D 486 36.23 4.20 -25.99
CA PRO D 486 37.53 4.48 -25.34
C PRO D 486 38.71 4.74 -26.27
N GLY D 487 38.53 4.61 -27.57
CA GLY D 487 39.65 4.85 -28.48
C GLY D 487 39.36 5.75 -29.66
N ASN D 488 38.09 6.08 -29.90
CA ASN D 488 37.73 6.94 -31.02
C ASN D 488 36.94 8.18 -30.63
N THR D 489 36.25 8.17 -29.49
CA THR D 489 35.50 9.33 -29.04
C THR D 489 35.86 9.73 -27.62
N ALA D 490 36.65 8.93 -26.90
CA ALA D 490 37.13 9.22 -25.55
C ALA D 490 38.63 8.94 -25.66
N VAL D 491 39.38 9.94 -26.15
CA VAL D 491 40.81 9.77 -26.36
C VAL D 491 41.54 9.55 -25.03
N ASN D 492 41.21 10.33 -24.01
CA ASN D 492 41.88 10.19 -22.72
C ASN D 492 41.30 9.10 -21.85
N ALA D 493 40.18 8.49 -22.23
CA ALA D 493 39.61 7.41 -21.45
C ALA D 493 40.35 6.12 -21.78
N LEU D 494 40.78 5.39 -20.75
CA LEU D 494 41.52 4.16 -20.95
C LEU D 494 40.64 2.92 -21.01
N ALA D 495 39.36 3.01 -20.66
CA ALA D 495 38.47 1.86 -20.71
C ALA D 495 37.03 2.36 -20.78
N THR D 496 36.14 1.47 -21.23
CA THR D 496 34.74 1.82 -21.36
C THR D 496 34.15 2.18 -20.00
N ALA D 497 33.24 3.15 -20.00
CA ALA D 497 32.59 3.59 -18.77
C ALA D 497 32.02 2.42 -17.98
N SER D 498 31.32 1.52 -18.67
CA SER D 498 30.73 0.35 -18.03
C SER D 498 31.03 -0.88 -18.86
N TYR D 499 31.42 -1.96 -18.19
CA TYR D 499 31.70 -3.20 -18.91
C TYR D 499 30.41 -3.86 -19.38
N ALA D 500 29.25 -3.32 -18.99
CA ALA D 500 27.98 -3.87 -19.42
C ALA D 500 27.73 -3.57 -20.89
N PHE D 501 28.39 -2.55 -21.45
CA PHE D 501 28.25 -2.22 -22.86
C PHE D 501 29.07 -3.15 -23.74
N GLY D 502 30.22 -3.61 -23.23
CA GLY D 502 31.10 -4.50 -23.98
C GLY D 502 32.43 -4.69 -23.29
N ALA D 503 33.52 -4.61 -24.05
CA ALA D 503 34.88 -4.76 -23.54
C ALA D 503 35.05 -6.19 -23.02
N ASP D 504 35.57 -6.40 -21.82
CA ASP D 504 35.78 -7.72 -21.24
C ASP D 504 35.10 -7.81 -19.88
N THR D 505 35.07 -9.03 -19.35
CA THR D 505 34.45 -9.30 -18.06
C THR D 505 35.47 -9.09 -16.94
N VAL D 506 34.95 -8.82 -15.74
CA VAL D 506 35.75 -8.60 -14.55
C VAL D 506 35.31 -9.60 -13.49
N THR D 507 36.28 -10.30 -12.91
CA THR D 507 36.02 -11.29 -11.88
C THR D 507 36.81 -10.94 -10.62
N VAL D 508 36.13 -10.98 -9.48
CA VAL D 508 36.74 -10.67 -8.19
C VAL D 508 36.32 -11.76 -7.21
N GLY D 509 37.30 -12.43 -6.61
CA GLY D 509 36.99 -13.48 -5.66
C GLY D 509 36.23 -14.64 -6.26
N SER D 510 36.61 -15.06 -7.48
CA SER D 510 35.96 -16.15 -8.18
C SER D 510 34.47 -15.85 -8.44
N LYS D 511 34.14 -14.57 -8.56
CA LYS D 511 32.77 -14.15 -8.82
C LYS D 511 32.78 -13.07 -9.89
N ILE D 512 31.76 -13.07 -10.73
CA ILE D 512 31.66 -12.10 -11.82
C ILE D 512 31.21 -10.76 -11.25
N ALA D 513 31.95 -9.70 -11.58
CA ALA D 513 31.61 -8.35 -11.12
C ALA D 513 30.75 -7.63 -12.15
N MET D 514 31.22 -7.54 -13.38
CA MET D 514 30.46 -6.90 -14.45
C MET D 514 30.96 -7.42 -15.79
N MET D 515 30.04 -7.97 -16.58
CA MET D 515 30.32 -8.52 -17.90
C MET D 515 29.31 -7.96 -18.88
N PRO D 516 29.62 -7.93 -20.17
CA PRO D 516 28.69 -7.40 -21.15
C PRO D 516 27.30 -8.03 -21.03
N ILE D 517 26.28 -7.17 -20.99
CA ILE D 517 24.89 -7.61 -20.88
C ILE D 517 24.33 -7.60 -22.30
N LYS D 518 24.45 -8.75 -22.97
CA LYS D 518 23.96 -8.86 -24.34
C LYS D 518 22.44 -8.78 -24.37
N LEU D 519 21.91 -8.05 -25.34
CA LEU D 519 20.47 -7.87 -25.50
C LEU D 519 19.97 -8.70 -26.68
N GLY D 520 18.85 -9.40 -26.47
CA GLY D 520 18.25 -10.23 -27.49
C GLY D 520 16.76 -9.99 -27.66
N THR D 521 16.06 -10.97 -28.23
CA THR D 521 14.63 -10.83 -28.43
C THR D 521 13.90 -10.70 -27.10
N ALA D 522 14.32 -11.48 -26.10
CA ALA D 522 13.68 -11.40 -24.79
C ALA D 522 13.81 -10.00 -24.22
N ASP D 523 14.99 -9.39 -24.36
CA ASP D 523 15.18 -8.04 -23.86
C ASP D 523 14.35 -7.05 -24.67
N PHE D 524 14.19 -7.30 -25.97
CA PHE D 524 13.36 -6.43 -26.79
C PHE D 524 11.94 -6.41 -26.26
N MET D 525 11.37 -7.60 -26.04
CA MET D 525 10.00 -7.70 -25.54
C MET D 525 9.86 -7.12 -24.13
N VAL D 526 10.81 -7.42 -23.24
CA VAL D 526 10.68 -6.91 -21.87
C VAL D 526 10.83 -5.39 -21.84
N HIS D 527 11.73 -4.84 -22.65
CA HIS D 527 11.87 -3.39 -22.68
C HIS D 527 10.61 -2.74 -23.21
N HIS D 528 9.97 -3.37 -24.21
CA HIS D 528 8.71 -2.81 -24.69
C HIS D 528 7.63 -2.93 -23.63
N ILE D 529 7.66 -3.99 -22.82
CA ILE D 529 6.69 -4.12 -21.74
C ILE D 529 6.90 -2.99 -20.74
N HIS D 530 8.16 -2.67 -20.46
CA HIS D 530 8.48 -1.56 -19.54
C HIS D 530 7.92 -0.26 -20.08
N ALA D 531 8.15 0.00 -21.37
CA ALA D 531 7.65 1.23 -21.98
C ALA D 531 6.12 1.27 -21.92
N PHE D 532 5.47 0.14 -22.20
CA PHE D 532 4.01 0.09 -22.16
C PHE D 532 3.49 0.44 -20.77
N THR D 533 4.06 -0.17 -19.73
CA THR D 533 3.59 0.11 -18.39
C THR D 533 3.88 1.55 -17.97
N ILE D 534 5.05 2.08 -18.35
CA ILE D 534 5.35 3.47 -18.01
C ILE D 534 4.36 4.40 -18.70
N HIS D 535 4.01 4.09 -19.95
CA HIS D 535 3.06 4.91 -20.68
C HIS D 535 1.68 4.88 -20.03
N VAL D 536 1.22 3.70 -19.59
CA VAL D 536 -0.10 3.66 -18.97
C VAL D 536 -0.10 4.40 -17.64
N THR D 537 0.94 4.24 -16.82
CA THR D 537 0.94 4.94 -15.54
C THR D 537 1.05 6.45 -15.75
N THR D 538 1.88 6.91 -16.69
CA THR D 538 1.96 8.34 -16.94
C THR D 538 0.64 8.85 -17.53
N LEU D 539 -0.06 8.00 -18.29
CA LEU D 539 -1.35 8.40 -18.84
C LEU D 539 -2.34 8.64 -17.72
N ILE D 540 -2.37 7.73 -16.75
CA ILE D 540 -3.30 7.87 -15.63
C ILE D 540 -2.99 9.15 -14.85
N LEU D 541 -1.71 9.38 -14.54
CA LEU D 541 -1.35 10.58 -13.78
C LEU D 541 -1.62 11.86 -14.58
N LEU D 542 -1.24 11.89 -15.86
CA LEU D 542 -1.45 13.07 -16.68
C LEU D 542 -2.94 13.35 -16.83
N LYS D 543 -3.75 12.29 -16.99
CA LYS D 543 -5.19 12.47 -17.11
C LYS D 543 -5.74 13.09 -15.83
N GLY D 544 -5.29 12.60 -14.68
CA GLY D 544 -5.76 13.15 -13.42
C GLY D 544 -5.36 14.60 -13.21
N VAL D 545 -4.18 14.98 -13.70
CA VAL D 545 -3.72 16.36 -13.53
C VAL D 545 -4.39 17.31 -14.52
N LEU D 546 -4.59 16.87 -15.76
CA LEU D 546 -5.20 17.74 -16.76
C LEU D 546 -6.68 18.00 -16.50
N TYR D 547 -7.42 16.99 -16.06
CA TYR D 547 -8.84 17.11 -15.78
C TYR D 547 -9.13 17.38 -14.31
N ALA D 548 -8.11 17.71 -13.53
CA ALA D 548 -8.30 17.95 -12.09
C ALA D 548 -9.32 19.06 -11.83
N ARG D 549 -9.32 20.10 -12.65
CA ARG D 549 -10.27 21.21 -12.41
C ARG D 549 -11.65 20.94 -12.98
N ASN D 550 -11.74 20.44 -14.21
CA ASN D 550 -13.06 20.18 -14.80
C ASN D 550 -12.91 19.18 -15.95
N SER D 551 -14.06 18.69 -16.40
CA SER D 551 -14.13 17.72 -17.50
C SER D 551 -15.54 17.78 -18.09
N ARG D 552 -15.73 17.05 -19.19
CA ARG D 552 -17.04 17.03 -19.83
C ARG D 552 -18.08 16.28 -18.99
N LEU D 553 -17.64 15.49 -18.01
CA LEU D 553 -18.54 14.73 -17.14
C LEU D 553 -18.93 15.56 -15.92
N ILE D 554 -17.96 16.21 -15.30
CA ILE D 554 -18.16 17.05 -14.12
C ILE D 554 -17.61 18.43 -14.47
N PRO D 555 -18.47 19.41 -14.79
CA PRO D 555 -17.97 20.74 -15.18
C PRO D 555 -17.29 21.55 -14.08
N ASP D 556 -17.40 21.18 -12.80
CA ASP D 556 -16.78 21.96 -11.72
C ASP D 556 -16.07 21.06 -10.72
N LYS D 557 -15.19 20.18 -11.20
CA LYS D 557 -14.46 19.30 -10.30
C LYS D 557 -13.61 20.09 -9.30
N ALA D 558 -13.12 21.26 -9.69
CA ALA D 558 -12.28 22.06 -8.78
C ALA D 558 -13.05 22.45 -7.54
N ASN D 559 -14.31 22.89 -7.69
CA ASN D 559 -15.10 23.27 -6.52
C ASN D 559 -15.32 22.09 -5.59
N LEU D 560 -15.39 20.88 -6.14
CA LEU D 560 -15.57 19.70 -5.30
C LEU D 560 -14.33 19.40 -4.49
N GLY D 561 -13.16 19.84 -4.96
CA GLY D 561 -11.90 19.61 -4.28
C GLY D 561 -11.03 18.60 -5.00
N PHE D 562 -9.82 18.44 -4.48
CA PHE D 562 -8.88 17.50 -5.07
C PHE D 562 -9.11 16.09 -4.56
N ARG D 563 -9.50 15.95 -3.30
CA ARG D 563 -9.72 14.66 -2.67
C ARG D 563 -11.17 14.54 -2.20
N PHE D 564 -12.05 14.09 -3.09
CA PHE D 564 -13.45 13.88 -2.79
C PHE D 564 -13.86 12.51 -3.31
N PRO D 565 -14.81 11.84 -2.66
CA PRO D 565 -15.18 10.48 -3.09
C PRO D 565 -15.82 10.37 -4.46
N CYS D 566 -16.86 11.15 -4.75
CA CYS D 566 -17.54 11.08 -6.03
C CYS D 566 -18.63 12.14 -6.07
N ASP D 567 -19.25 12.29 -7.24
CA ASP D 567 -20.34 13.21 -7.42
C ASP D 567 -21.69 12.53 -7.26
N GLY D 568 -21.69 11.21 -7.04
CA GLY D 568 -22.91 10.45 -6.85
C GLY D 568 -23.18 9.47 -7.97
N PRO D 569 -24.32 8.73 -7.88
CA PRO D 569 -24.69 7.77 -8.91
C PRO D 569 -25.46 8.44 -10.04
N GLY D 570 -24.92 9.55 -10.54
CA GLY D 570 -25.55 10.30 -11.60
C GLY D 570 -24.63 10.37 -12.81
N ARG D 571 -25.23 10.70 -13.96
CA ARG D 571 -24.50 10.78 -15.21
C ARG D 571 -23.92 9.41 -15.57
N GLY D 572 -24.55 8.35 -15.06
CA GLY D 572 -24.11 6.99 -15.26
C GLY D 572 -23.24 6.47 -14.14
N GLY D 573 -22.65 7.36 -13.36
CA GLY D 573 -21.77 7.01 -12.26
C GLY D 573 -20.53 7.87 -12.33
N THR D 574 -20.17 8.51 -11.22
CA THR D 574 -19.01 9.40 -11.17
C THR D 574 -18.02 8.97 -10.09
N CYS D 575 -17.89 7.66 -9.89
CA CYS D 575 -16.97 7.13 -8.89
C CYS D 575 -15.52 7.36 -9.30
N GLN D 576 -14.66 7.55 -8.32
CA GLN D 576 -13.23 7.74 -8.57
C GLN D 576 -12.99 8.73 -9.69
N VAL D 577 -13.71 9.85 -9.65
CA VAL D 577 -13.57 10.87 -10.69
C VAL D 577 -12.58 11.96 -10.29
N SER D 578 -12.37 12.18 -8.99
CA SER D 578 -11.44 13.20 -8.53
C SER D 578 -10.00 12.83 -8.88
N ALA D 579 -9.14 13.85 -8.87
CA ALA D 579 -7.73 13.61 -9.18
C ALA D 579 -7.07 12.69 -8.16
N TRP D 580 -7.49 12.79 -6.90
CA TRP D 580 -6.92 11.91 -5.88
C TRP D 580 -7.12 10.45 -6.27
N ASP D 581 -8.28 10.13 -6.81
CA ASP D 581 -8.54 8.77 -7.25
C ASP D 581 -7.64 8.39 -8.42
N HIS D 582 -7.31 9.37 -9.28
CA HIS D 582 -6.41 9.08 -10.38
C HIS D 582 -5.03 8.72 -9.83
N VAL D 583 -4.63 9.39 -8.76
CA VAL D 583 -3.35 9.06 -8.12
C VAL D 583 -3.45 7.66 -7.50
N PHE D 584 -4.62 7.34 -6.96
CA PHE D 584 -4.87 6.05 -6.34
C PHE D 584 -4.69 4.93 -7.37
N LEU D 585 -5.18 5.14 -8.60
CA LEU D 585 -5.03 4.14 -9.65
C LEU D 585 -3.59 4.13 -10.17
N GLY D 586 -2.99 5.31 -10.28
CA GLY D 586 -1.62 5.39 -10.73
C GLY D 586 -0.68 4.65 -9.81
N LEU D 587 -1.02 4.57 -8.53
CA LEU D 587 -0.16 3.83 -7.60
C LEU D 587 -0.09 2.37 -7.99
N PHE D 588 -1.24 1.75 -8.28
CA PHE D 588 -1.23 0.35 -8.69
C PHE D 588 -0.47 0.16 -9.98
N TRP D 589 -0.68 1.08 -10.94
CA TRP D 589 0.02 0.91 -12.21
C TRP D 589 1.53 1.12 -12.05
N MET D 590 1.93 2.09 -11.23
CA MET D 590 3.36 2.28 -10.99
C MET D 590 3.93 1.05 -10.32
N TYR D 591 3.17 0.45 -9.39
CA TYR D 591 3.63 -0.75 -8.73
C TYR D 591 3.82 -1.88 -9.73
N ASN D 592 2.87 -2.02 -10.66
CA ASN D 592 2.97 -3.06 -11.67
C ASN D 592 4.19 -2.84 -12.56
N ALA D 593 4.37 -1.61 -13.03
CA ALA D 593 5.51 -1.29 -13.90
C ALA D 593 6.83 -1.53 -13.17
N LEU D 594 6.94 -1.03 -11.95
CA LEU D 594 8.17 -1.18 -11.16
C LEU D 594 8.41 -2.64 -10.81
N SER D 595 7.36 -3.41 -10.53
CA SER D 595 7.53 -4.82 -10.22
C SER D 595 8.09 -5.55 -11.43
N ILE D 596 7.58 -5.25 -12.62
CA ILE D 596 8.08 -5.89 -13.83
C ILE D 596 9.53 -5.46 -14.09
N VAL D 597 9.84 -4.18 -13.81
CA VAL D 597 11.20 -3.68 -14.04
C VAL D 597 12.19 -4.39 -13.12
N ILE D 598 11.86 -4.50 -11.83
CA ILE D 598 12.76 -5.17 -10.90
C ILE D 598 12.84 -6.65 -11.22
N PHE D 599 11.74 -7.24 -11.72
CA PHE D 599 11.77 -8.65 -12.09
C PHE D 599 12.75 -8.88 -13.23
N HIS D 600 12.72 -7.99 -14.23
CA HIS D 600 13.65 -8.12 -15.36
C HIS D 600 15.09 -7.98 -14.88
N PHE D 601 15.36 -6.98 -14.04
CA PHE D 601 16.73 -6.80 -13.55
C PHE D 601 17.20 -8.03 -12.80
N SER D 602 16.39 -8.53 -11.86
CA SER D 602 16.78 -9.69 -11.08
C SER D 602 17.05 -10.90 -11.95
N TRP D 603 16.10 -11.25 -12.82
CA TRP D 603 16.29 -12.44 -13.65
C TRP D 603 17.47 -12.29 -14.61
N LYS D 604 17.53 -11.16 -15.33
CA LYS D 604 18.61 -10.97 -16.28
C LYS D 604 19.97 -10.99 -15.59
N MET D 605 20.08 -10.36 -14.43
CA MET D 605 21.35 -10.36 -13.72
C MET D 605 21.74 -11.75 -13.26
N GLN D 606 20.78 -12.53 -12.75
CA GLN D 606 21.09 -13.86 -12.27
C GLN D 606 21.32 -14.87 -13.38
N SER D 607 20.88 -14.58 -14.61
CA SER D 607 21.05 -15.52 -15.71
C SER D 607 22.15 -15.13 -16.69
N ASP D 608 22.58 -13.88 -16.74
CA ASP D 608 23.61 -13.47 -17.69
C ASP D 608 24.75 -12.64 -17.11
N VAL D 609 24.67 -12.20 -15.85
CA VAL D 609 25.74 -11.39 -15.28
C VAL D 609 26.27 -12.02 -14.00
N TRP D 610 25.44 -12.12 -12.97
CA TRP D 610 25.87 -12.69 -11.69
C TRP D 610 26.13 -14.18 -11.84
N GLY D 611 27.22 -14.64 -11.23
CA GLY D 611 27.58 -16.04 -11.30
C GLY D 611 29.00 -16.24 -10.78
N THR D 612 29.49 -17.46 -10.95
CA THR D 612 30.83 -17.83 -10.52
C THR D 612 31.71 -18.10 -11.74
N VAL D 613 33.01 -18.02 -11.53
CA VAL D 613 33.98 -18.25 -12.59
C VAL D 613 35.00 -19.26 -12.08
N THR D 614 35.14 -20.37 -12.80
CA THR D 614 36.09 -21.41 -12.45
C THR D 614 37.44 -21.07 -13.06
N SER D 615 38.49 -21.68 -12.52
CA SER D 615 39.82 -21.43 -13.06
C SER D 615 39.80 -21.64 -14.56
N ASN D 616 40.63 -20.88 -15.27
CA ASN D 616 40.77 -20.87 -16.72
C ASN D 616 39.70 -20.00 -17.38
N GLY D 617 38.86 -19.31 -16.62
CA GLY D 617 37.84 -18.43 -17.18
C GLY D 617 36.46 -19.01 -17.40
N ALA D 618 36.24 -20.29 -17.13
CA ALA D 618 34.91 -20.86 -17.32
C ALA D 618 33.89 -20.11 -16.45
N ILE D 619 32.79 -19.70 -17.06
CA ILE D 619 31.73 -18.95 -16.38
C ILE D 619 30.50 -19.82 -16.21
N SER D 620 29.89 -19.75 -15.03
CA SER D 620 28.68 -20.50 -14.70
C SER D 620 27.76 -19.56 -13.95
N HIS D 621 26.65 -19.17 -14.59
CA HIS D 621 25.71 -18.25 -13.97
C HIS D 621 24.78 -19.00 -13.02
N ILE D 622 24.05 -18.24 -12.21
CA ILE D 622 23.11 -18.83 -11.26
C ILE D 622 22.05 -19.63 -12.02
N THR D 623 21.57 -19.06 -13.11
CA THR D 623 20.56 -19.70 -13.99
C THR D 623 21.16 -19.60 -15.38
N GLY D 624 21.93 -20.62 -15.76
CA GLY D 624 22.60 -20.64 -17.05
C GLY D 624 21.75 -20.39 -18.28
N GLY D 625 21.93 -19.20 -18.87
CA GLY D 625 21.25 -18.80 -20.08
C GLY D 625 19.78 -19.14 -20.23
N ASN D 626 19.05 -19.31 -19.12
CA ASN D 626 17.64 -19.64 -19.23
C ASN D 626 16.79 -18.42 -19.61
N PHE D 627 17.27 -17.21 -19.33
CA PHE D 627 16.50 -16.01 -19.65
C PHE D 627 16.36 -15.81 -21.16
N ALA D 628 17.29 -16.34 -21.95
CA ALA D 628 17.22 -16.15 -23.39
C ALA D 628 15.97 -16.77 -24.00
N GLN D 629 15.61 -17.98 -23.56
CA GLN D 629 14.44 -18.68 -24.08
C GLN D 629 13.29 -18.81 -23.10
N SER D 630 13.49 -18.45 -21.83
CA SER D 630 12.42 -18.56 -20.84
C SER D 630 11.74 -17.24 -20.54
N ALA D 631 12.39 -16.11 -20.80
CA ALA D 631 11.81 -14.80 -20.54
C ALA D 631 10.95 -14.31 -21.70
N ILE D 632 10.76 -15.15 -22.73
CA ILE D 632 9.95 -14.79 -23.88
C ILE D 632 8.53 -15.31 -23.78
N THR D 633 8.19 -15.99 -22.68
CA THR D 633 6.86 -16.54 -22.48
C THR D 633 6.41 -16.30 -21.05
N ILE D 634 5.10 -16.11 -20.87
CA ILE D 634 4.59 -15.90 -19.52
C ILE D 634 4.77 -17.18 -18.72
N ASN D 635 4.64 -18.34 -19.37
CA ASN D 635 4.84 -19.60 -18.67
C ASN D 635 6.26 -19.71 -18.18
N GLY D 636 7.23 -19.23 -18.98
CA GLY D 636 8.62 -19.26 -18.54
C GLY D 636 8.84 -18.32 -17.38
N TRP D 637 8.17 -17.16 -17.41
CA TRP D 637 8.29 -16.20 -16.33
C TRP D 637 7.67 -16.73 -15.04
N LEU D 638 6.74 -17.67 -15.14
CA LEU D 638 6.09 -18.24 -13.97
C LEU D 638 6.79 -19.51 -13.48
N ARG D 639 7.43 -20.25 -14.38
CA ARG D 639 8.11 -21.51 -14.07
C ARG D 639 9.59 -21.31 -13.76
N ASP D 640 10.33 -20.66 -14.66
CA ASP D 640 11.76 -20.47 -14.45
C ASP D 640 12.11 -19.32 -13.53
N PHE D 641 11.19 -18.40 -13.25
CA PHE D 641 11.49 -17.26 -12.38
C PHE D 641 10.68 -17.24 -11.10
N LEU D 642 9.35 -17.24 -11.18
CA LEU D 642 8.54 -17.16 -9.97
C LEU D 642 8.50 -18.49 -9.20
N TRP D 643 8.51 -19.61 -9.91
CA TRP D 643 8.47 -20.91 -9.24
C TRP D 643 9.86 -21.44 -8.91
N ALA D 644 10.78 -21.42 -9.88
CA ALA D 644 12.12 -21.94 -9.65
C ALA D 644 12.87 -21.13 -8.60
N GLN D 645 12.80 -19.81 -8.66
CA GLN D 645 13.53 -18.98 -7.70
C GLN D 645 12.83 -18.85 -6.35
N ALA D 646 11.56 -19.23 -6.24
CA ALA D 646 10.88 -19.12 -4.96
C ALA D 646 11.23 -20.26 -4.01
N SER D 647 11.83 -21.34 -4.52
CA SER D 647 12.21 -22.46 -3.67
C SER D 647 13.08 -22.03 -2.50
N GLN D 648 13.87 -20.97 -2.69
CA GLN D 648 14.74 -20.50 -1.61
C GLN D 648 13.95 -19.80 -0.51
N VAL D 649 12.87 -19.09 -0.85
CA VAL D 649 12.10 -18.39 0.17
C VAL D 649 11.08 -19.29 0.85
N ILE D 650 10.68 -20.39 0.23
CA ILE D 650 9.71 -21.28 0.85
C ILE D 650 10.39 -22.36 1.69
N GLN D 651 11.62 -22.73 1.33
CA GLN D 651 12.39 -23.73 2.06
C GLN D 651 13.33 -23.10 3.09
N SER D 652 13.20 -21.79 3.32
CA SER D 652 14.05 -21.09 4.27
C SER D 652 13.75 -21.44 5.72
N TYR D 653 12.65 -22.12 5.98
CA TYR D 653 12.31 -22.47 7.36
C TYR D 653 13.38 -23.37 7.96
N GLY D 654 13.62 -23.19 9.25
CA GLY D 654 14.62 -23.97 9.97
C GLY D 654 16.02 -23.41 9.86
N SER D 655 16.21 -22.32 9.13
CA SER D 655 17.53 -21.71 8.98
C SER D 655 17.47 -20.23 9.34
N SER D 656 18.57 -19.52 9.12
CA SER D 656 18.61 -18.09 9.43
C SER D 656 17.71 -17.28 8.53
N LEU D 657 17.37 -17.80 7.35
CA LEU D 657 16.50 -17.09 6.42
C LEU D 657 15.03 -17.35 6.69
N SER D 658 14.70 -18.14 7.71
CA SER D 658 13.30 -18.42 8.02
C SER D 658 12.49 -17.14 8.13
N ALA D 659 13.08 -16.11 8.76
CA ALA D 659 12.37 -14.84 8.90
C ALA D 659 11.85 -14.37 7.54
N TYR D 660 12.71 -14.36 6.53
CA TYR D 660 12.28 -13.95 5.21
C TYR D 660 11.06 -14.75 4.79
N GLY D 661 11.14 -16.08 4.92
CA GLY D 661 9.99 -16.91 4.56
C GLY D 661 8.75 -16.47 5.29
N LEU D 662 8.88 -16.20 6.59
CA LEU D 662 7.74 -15.72 7.35
C LEU D 662 7.22 -14.43 6.74
N MET D 663 8.12 -13.48 6.47
CA MET D 663 7.70 -12.23 5.85
C MET D 663 7.11 -12.49 4.48
N PHE D 664 7.56 -13.55 3.81
CA PHE D 664 7.00 -13.89 2.50
C PHE D 664 5.53 -14.25 2.66
N LEU D 665 5.19 -14.95 3.73
CA LEU D 665 3.79 -15.31 3.97
C LEU D 665 3.01 -14.12 4.47
N GLY D 666 3.54 -13.41 5.47
CA GLY D 666 2.84 -12.25 6.00
C GLY D 666 2.47 -11.27 4.91
N ALA D 667 3.43 -10.93 4.05
CA ALA D 667 3.16 -10.01 2.96
C ALA D 667 1.94 -10.48 2.17
N HIS D 668 1.93 -11.77 1.80
CA HIS D 668 0.79 -12.29 1.06
C HIS D 668 -0.51 -11.96 1.79
N PHE D 669 -0.57 -12.27 3.08
CA PHE D 669 -1.76 -11.98 3.86
C PHE D 669 -2.16 -10.52 3.68
N VAL D 670 -1.19 -9.61 3.87
CA VAL D 670 -1.49 -8.18 3.72
C VAL D 670 -2.01 -7.91 2.31
N TRP D 671 -1.32 -8.44 1.30
CA TRP D 671 -1.76 -8.20 -0.07
C TRP D 671 -3.16 -8.74 -0.29
N ALA D 672 -3.53 -9.82 0.41
CA ALA D 672 -4.86 -10.38 0.27
C ALA D 672 -5.87 -9.63 1.12
N PHE D 673 -5.41 -8.99 2.19
CA PHE D 673 -6.28 -8.21 3.06
C PHE D 673 -6.69 -6.92 2.37
N SER D 674 -5.79 -6.36 1.55
CA SER D 674 -6.10 -5.13 0.82
C SER D 674 -7.31 -5.34 -0.07
N LEU D 675 -7.45 -6.53 -0.66
CA LEU D 675 -8.60 -6.80 -1.51
C LEU D 675 -9.89 -6.48 -0.78
N MET D 676 -9.93 -6.76 0.53
CA MET D 676 -11.12 -6.46 1.33
C MET D 676 -11.53 -5.02 1.15
N PHE D 677 -10.58 -4.10 1.29
CA PHE D 677 -10.86 -2.67 1.15
C PHE D 677 -10.96 -2.20 -0.29
N LEU D 678 -10.55 -3.00 -1.27
CA LEU D 678 -10.61 -2.57 -2.65
C LEU D 678 -11.85 -3.06 -3.39
N PHE D 679 -12.40 -4.21 -3.03
CA PHE D 679 -13.59 -4.74 -3.68
C PHE D 679 -14.86 -4.52 -2.85
N SER D 680 -14.84 -3.59 -1.88
CA SER D 680 -15.98 -3.36 -1.00
C SER D 680 -16.26 -1.86 -0.85
N GLY D 681 -17.45 -1.55 -0.33
CA GLY D 681 -17.88 -0.18 -0.12
C GLY D 681 -18.26 0.05 1.33
N ARG D 682 -18.21 1.33 1.74
CA ARG D 682 -18.50 1.68 3.14
C ARG D 682 -19.98 1.56 3.52
N GLY D 683 -20.90 1.48 2.57
CA GLY D 683 -22.30 1.33 2.95
C GLY D 683 -22.54 0.04 3.71
N TYR D 684 -21.98 -1.06 3.21
CA TYR D 684 -22.12 -2.36 3.84
C TYR D 684 -21.46 -2.38 5.21
N TRP D 685 -20.26 -1.81 5.33
CA TRP D 685 -19.58 -1.80 6.62
C TRP D 685 -20.33 -0.94 7.60
N GLN D 686 -20.97 0.14 7.13
CA GLN D 686 -21.74 0.98 8.03
C GLN D 686 -22.93 0.20 8.58
N GLU D 687 -23.59 -0.59 7.74
CA GLU D 687 -24.72 -1.38 8.24
C GLU D 687 -24.24 -2.43 9.24
N LEU D 688 -23.11 -3.10 8.94
CA LEU D 688 -22.58 -4.09 9.87
C LEU D 688 -22.22 -3.43 11.19
N ILE D 689 -21.66 -2.22 11.13
CA ILE D 689 -21.30 -1.47 12.32
C ILE D 689 -22.57 -1.06 13.07
N GLU D 690 -23.69 -0.87 12.35
CA GLU D 690 -24.94 -0.55 13.02
C GLU D 690 -25.40 -1.73 13.85
N SER D 691 -25.32 -2.94 13.29
CA SER D 691 -25.72 -4.12 14.04
C SER D 691 -24.81 -4.33 15.25
N ILE D 692 -23.51 -4.15 15.06
CA ILE D 692 -22.57 -4.31 16.18
C ILE D 692 -22.85 -3.25 17.25
N VAL D 693 -23.20 -2.04 16.83
CA VAL D 693 -23.50 -0.99 17.80
C VAL D 693 -24.77 -1.34 18.56
N TRP D 694 -25.75 -1.97 17.89
CA TRP D 694 -26.95 -2.37 18.62
C TRP D 694 -26.59 -3.40 19.68
N ALA D 695 -25.71 -4.34 19.32
CA ALA D 695 -25.29 -5.33 20.30
C ALA D 695 -24.65 -4.65 21.49
N HIS D 696 -23.81 -3.64 21.24
CA HIS D 696 -23.19 -2.91 22.34
C HIS D 696 -24.22 -2.18 23.17
N ASN D 697 -25.22 -1.57 22.52
CA ASN D 697 -26.26 -0.85 23.23
C ASN D 697 -27.02 -1.78 24.17
N LYS D 698 -27.22 -3.03 23.76
CA LYS D 698 -27.95 -3.98 24.59
C LYS D 698 -27.23 -4.26 25.90
N LEU D 699 -25.95 -3.91 26.01
CA LEU D 699 -25.17 -4.14 27.23
C LEU D 699 -24.69 -2.85 27.88
N LYS D 700 -25.19 -1.69 27.45
CA LYS D 700 -24.78 -0.40 28.03
C LYS D 700 -23.26 -0.24 27.96
N VAL D 701 -22.67 -0.61 26.83
CA VAL D 701 -21.22 -0.51 26.65
C VAL D 701 -20.92 0.23 25.35
N ALA D 702 -21.88 1.01 24.87
CA ALA D 702 -21.65 1.74 23.63
C ALA D 702 -20.70 2.91 23.88
N PRO D 703 -19.85 3.26 22.91
CA PRO D 703 -18.92 4.38 23.10
C PRO D 703 -19.53 5.71 22.73
N ALA D 704 -19.05 6.76 23.42
CA ALA D 704 -19.53 8.10 23.14
C ALA D 704 -19.20 8.51 21.71
N ILE D 705 -18.01 8.15 21.25
CA ILE D 705 -17.57 8.46 19.88
C ILE D 705 -18.30 7.46 18.97
N ALA D 706 -19.35 7.92 18.32
CA ALA D 706 -20.16 7.09 17.45
C ALA D 706 -19.31 6.33 16.44
N PRO D 707 -19.28 4.99 16.48
CA PRO D 707 -18.47 4.24 15.51
C PRO D 707 -19.00 4.41 14.10
N ARG D 708 -18.11 4.75 13.18
CA ARG D 708 -18.45 4.95 11.78
C ARG D 708 -17.48 4.17 10.91
N ALA D 709 -17.93 3.83 9.70
CA ALA D 709 -17.09 3.10 8.77
C ALA D 709 -16.06 4.06 8.15
N LEU D 710 -15.03 3.48 7.53
CA LEU D 710 -14.02 4.29 6.90
C LEU D 710 -14.62 5.04 5.72
N SER D 711 -14.22 6.28 5.53
CA SER D 711 -14.73 7.08 4.43
C SER D 711 -14.43 6.37 3.10
N ILE D 712 -15.18 6.76 2.06
CA ILE D 712 -14.97 6.16 0.75
C ILE D 712 -13.53 6.38 0.32
N THR D 713 -13.08 7.63 0.41
CA THR D 713 -11.70 7.97 0.05
C THR D 713 -10.72 7.28 0.99
N GLN D 714 -11.03 7.24 2.29
CA GLN D 714 -10.15 6.58 3.23
C GLN D 714 -10.09 5.09 2.94
N GLY D 715 -11.22 4.50 2.56
CA GLY D 715 -11.22 3.08 2.23
C GLY D 715 -10.33 2.81 1.03
N ARG D 716 -10.42 3.68 0.02
CA ARG D 716 -9.57 3.51 -1.17
C ARG D 716 -8.10 3.64 -0.79
N ALA D 717 -7.79 4.60 0.08
CA ALA D 717 -6.41 4.80 0.51
C ALA D 717 -5.89 3.59 1.27
N VAL D 718 -6.70 3.04 2.17
CA VAL D 718 -6.29 1.87 2.94
C VAL D 718 -6.06 0.69 2.00
N GLY D 719 -6.96 0.51 1.03
CA GLY D 719 -6.81 -0.59 0.11
C GLY D 719 -5.53 -0.49 -0.70
N VAL D 720 -5.25 0.69 -1.25
CA VAL D 720 -4.02 0.83 -2.03
C VAL D 720 -2.79 0.69 -1.15
N ALA D 721 -2.84 1.23 0.07
CA ALA D 721 -1.69 1.12 0.97
C ALA D 721 -1.38 -0.33 1.27
N HIS D 722 -2.41 -1.11 1.61
CA HIS D 722 -2.20 -2.53 1.91
C HIS D 722 -1.73 -3.28 0.67
N TYR D 723 -2.30 -2.96 -0.49
CA TYR D 723 -1.90 -3.64 -1.72
C TYR D 723 -0.42 -3.44 -1.99
N LEU D 724 0.03 -2.17 -1.96
CA LEU D 724 1.43 -1.87 -2.22
C LEU D 724 2.33 -2.47 -1.15
N LEU D 725 1.95 -2.35 0.12
CA LEU D 725 2.76 -2.90 1.19
C LEU D 725 2.95 -4.40 1.01
N GLY D 726 1.85 -5.12 0.79
CA GLY D 726 1.95 -6.56 0.62
C GLY D 726 2.75 -6.96 -0.60
N GLY D 727 2.49 -6.33 -1.75
CA GLY D 727 3.24 -6.68 -2.95
C GLY D 727 4.72 -6.40 -2.84
N ILE D 728 5.07 -5.19 -2.36
CA ILE D 728 6.47 -4.83 -2.24
C ILE D 728 7.15 -5.68 -1.18
N ALA D 729 6.45 -6.01 -0.08
CA ALA D 729 7.07 -6.86 0.93
C ALA D 729 7.28 -8.27 0.41
N THR D 730 6.33 -8.79 -0.36
CA THR D 730 6.48 -10.13 -0.92
C THR D 730 7.67 -10.18 -1.86
N THR D 731 7.75 -9.22 -2.79
CA THR D 731 8.89 -9.24 -3.70
C THR D 731 10.19 -8.91 -2.98
N TRP D 732 10.12 -8.18 -1.85
CA TRP D 732 11.30 -7.87 -1.06
C TRP D 732 11.86 -9.12 -0.42
N ALA D 733 10.99 -9.88 0.27
CA ALA D 733 11.41 -11.12 0.91
C ALA D 733 11.89 -12.12 -0.12
N PHE D 734 11.17 -12.22 -1.25
CA PHE D 734 11.57 -13.16 -2.30
C PHE D 734 12.95 -12.81 -2.84
N PHE D 735 13.16 -11.53 -3.19
CA PHE D 735 14.44 -11.10 -3.71
C PHE D 735 15.57 -11.36 -2.71
N LEU D 736 15.38 -10.93 -1.46
CA LEU D 736 16.44 -11.08 -0.46
C LEU D 736 16.74 -12.56 -0.17
N ALA D 737 15.72 -13.39 0.01
CA ALA D 737 15.97 -14.80 0.30
C ALA D 737 16.64 -15.48 -0.89
N ARG D 738 16.16 -15.22 -2.11
CA ARG D 738 16.74 -15.85 -3.28
C ARG D 738 18.19 -15.44 -3.48
N ILE D 739 18.51 -14.16 -3.28
CA ILE D 739 19.87 -13.70 -3.50
C ILE D 739 20.80 -14.10 -2.34
N ILE D 740 20.28 -14.30 -1.14
CA ILE D 740 21.14 -14.68 -0.03
C ILE D 740 21.41 -16.19 -0.02
N ALA D 741 20.38 -17.00 -0.27
CA ALA D 741 20.59 -18.45 -0.27
C ALA D 741 21.60 -18.87 -1.31
N VAL D 742 21.52 -18.31 -2.51
CA VAL D 742 22.42 -18.63 -3.61
C VAL D 742 23.01 -17.33 -4.15
N GLY D 743 24.32 -17.31 -4.34
CA GLY D 743 24.99 -16.12 -4.84
C GLY D 743 25.13 -15.03 -3.79
N ALA E 1 -39.84 -1.17 -27.05
CA ALA E 1 -40.89 -1.73 -27.89
C ALA E 1 -40.31 -2.27 -29.20
N THR E 2 -39.89 -1.38 -30.09
CA THR E 2 -39.30 -1.79 -31.35
C THR E 2 -37.78 -1.85 -31.29
N LYS E 3 -37.18 -1.47 -30.16
CA LYS E 3 -35.73 -1.51 -29.99
C LYS E 3 -35.36 -2.86 -29.36
N PHE E 4 -34.06 -3.05 -29.08
CA PHE E 4 -33.56 -4.31 -28.53
C PHE E 4 -34.29 -4.80 -27.29
N PRO E 5 -34.44 -4.00 -26.22
CA PRO E 5 -35.12 -4.52 -25.03
C PRO E 5 -36.46 -5.19 -25.32
N LYS E 6 -37.42 -4.44 -25.87
CA LYS E 6 -38.73 -4.97 -26.22
C LYS E 6 -39.59 -5.28 -24.99
N PHE E 7 -39.01 -5.23 -23.79
CA PHE E 7 -39.74 -5.51 -22.57
C PHE E 7 -39.65 -4.40 -21.54
N SER E 8 -38.92 -3.33 -21.83
CA SER E 8 -38.78 -2.21 -20.90
C SER E 8 -38.59 -0.96 -21.72
N GLN E 9 -39.64 -0.12 -21.78
CA GLN E 9 -39.55 1.11 -22.56
C GLN E 9 -38.46 2.03 -22.00
N ALA E 10 -38.18 1.92 -20.70
CA ALA E 10 -37.15 2.77 -20.10
C ALA E 10 -35.79 2.50 -20.73
N LEU E 11 -35.44 1.22 -20.91
CA LEU E 11 -34.16 0.88 -21.51
C LEU E 11 -34.17 1.09 -23.02
N ALA E 12 -35.30 0.84 -23.68
CA ALA E 12 -35.37 1.02 -25.12
C ALA E 12 -35.12 2.47 -25.52
N SER E 13 -35.49 3.42 -24.67
CA SER E 13 -35.30 4.83 -24.98
C SER E 13 -33.89 5.32 -24.66
N ASP E 14 -33.04 4.48 -24.08
CA ASP E 14 -31.68 4.88 -23.75
C ASP E 14 -30.87 5.01 -25.04
N PRO E 15 -30.25 6.16 -25.30
CA PRO E 15 -29.46 6.33 -26.54
C PRO E 15 -27.99 5.93 -26.42
N THR E 16 -27.59 5.27 -25.34
CA THR E 16 -26.21 4.85 -25.15
C THR E 16 -26.10 3.33 -25.25
N THR E 17 -24.86 2.84 -25.24
CA THR E 17 -24.61 1.41 -25.31
C THR E 17 -25.09 0.69 -24.06
N ARG E 18 -25.45 1.42 -23.02
CA ARG E 18 -25.92 0.82 -21.78
C ARG E 18 -27.22 0.05 -22.00
N ARG E 19 -28.00 0.42 -23.01
CA ARG E 19 -29.26 -0.26 -23.26
C ARG E 19 -29.06 -1.73 -23.59
N ILE E 20 -28.08 -2.06 -24.44
CA ILE E 20 -27.87 -3.45 -24.81
C ILE E 20 -27.41 -4.26 -23.60
N TRP E 21 -26.46 -3.71 -22.82
CA TRP E 21 -25.98 -4.42 -21.64
C TRP E 21 -27.12 -4.69 -20.66
N TYR E 22 -27.86 -3.65 -20.30
CA TYR E 22 -28.95 -3.82 -19.35
C TYR E 22 -30.05 -4.72 -19.91
N GLY E 23 -30.30 -4.68 -21.22
CA GLY E 23 -31.30 -5.55 -21.79
C GLY E 23 -30.90 -7.00 -21.68
N ILE E 24 -29.62 -7.29 -21.93
CA ILE E 24 -29.12 -8.65 -21.80
C ILE E 24 -29.20 -9.10 -20.35
N ALA E 25 -28.87 -8.22 -19.42
CA ALA E 25 -28.90 -8.57 -18.00
C ALA E 25 -30.31 -8.75 -17.47
N THR E 26 -31.23 -7.84 -17.81
CA THR E 26 -32.60 -7.90 -17.33
C THR E 26 -33.52 -8.69 -18.25
N ALA E 27 -32.98 -9.58 -19.08
CA ALA E 27 -33.82 -10.35 -20.00
C ALA E 27 -34.64 -11.39 -19.25
N HIS E 28 -34.07 -12.05 -18.24
CA HIS E 28 -34.76 -13.09 -17.50
C HIS E 28 -35.57 -12.57 -16.32
N ASP E 29 -35.49 -11.29 -15.99
CA ASP E 29 -36.26 -10.74 -14.87
C ASP E 29 -37.67 -10.46 -15.38
N PHE E 30 -38.46 -11.52 -15.46
CA PHE E 30 -39.83 -11.41 -15.96
C PHE E 30 -40.69 -10.51 -15.07
N GLU E 31 -40.53 -10.62 -13.76
CA GLU E 31 -41.33 -9.82 -12.84
C GLU E 31 -41.15 -8.32 -13.04
N SER E 32 -39.99 -7.90 -13.54
CA SER E 32 -39.72 -6.48 -13.75
C SER E 32 -40.13 -5.96 -15.12
N HIS E 33 -40.69 -6.80 -15.99
CA HIS E 33 -41.09 -6.33 -17.30
C HIS E 33 -42.27 -5.38 -17.18
N ASP E 34 -42.46 -4.55 -18.21
CA ASP E 34 -43.54 -3.56 -18.19
C ASP E 34 -44.91 -4.23 -18.23
N GLY E 35 -45.20 -4.95 -19.31
CA GLY E 35 -46.48 -5.63 -19.45
C GLY E 35 -46.43 -7.03 -18.91
N MET E 36 -46.33 -7.17 -17.59
CA MET E 36 -46.25 -8.47 -16.94
C MET E 36 -47.39 -8.67 -15.95
N THR E 37 -47.89 -9.89 -15.90
CA THR E 37 -48.96 -10.29 -15.00
C THR E 37 -48.57 -11.61 -14.34
N GLU E 38 -49.21 -11.90 -13.21
CA GLU E 38 -48.88 -13.14 -12.50
C GLU E 38 -49.12 -14.36 -13.39
N GLU E 39 -50.27 -14.40 -14.07
CA GLU E 39 -50.57 -15.53 -14.94
C GLU E 39 -49.54 -15.63 -16.05
N ASN E 40 -49.24 -14.52 -16.72
CA ASN E 40 -48.26 -14.53 -17.80
C ASN E 40 -46.89 -14.90 -17.26
N LEU E 41 -46.54 -14.41 -16.07
CA LEU E 41 -45.25 -14.72 -15.48
C LEU E 41 -45.11 -16.22 -15.25
N TYR E 42 -46.13 -16.82 -14.63
CA TYR E 42 -46.08 -18.27 -14.37
C TYR E 42 -46.03 -19.06 -15.67
N GLN E 43 -46.81 -18.66 -16.67
CA GLN E 43 -46.79 -19.39 -17.94
C GLN E 43 -45.44 -19.29 -18.62
N LYS E 44 -44.83 -18.10 -18.59
CA LYS E 44 -43.52 -17.94 -19.20
C LYS E 44 -42.48 -18.76 -18.46
N ILE E 45 -42.59 -18.84 -17.13
CA ILE E 45 -41.65 -19.65 -16.36
C ILE E 45 -41.84 -21.11 -16.70
N PHE E 46 -43.08 -21.55 -16.91
CA PHE E 46 -43.35 -22.94 -17.27
C PHE E 46 -42.68 -23.27 -18.60
N ALA E 47 -42.84 -22.39 -19.59
CA ALA E 47 -42.21 -22.62 -20.88
C ALA E 47 -40.69 -22.61 -20.75
N SER E 48 -40.16 -21.70 -19.93
CA SER E 48 -38.72 -21.63 -19.73
C SER E 48 -38.20 -22.92 -19.11
N HIS E 49 -38.95 -23.48 -18.16
CA HIS E 49 -38.55 -24.74 -17.54
C HIS E 49 -38.55 -25.86 -18.56
N PHE E 50 -39.53 -25.88 -19.47
CA PHE E 50 -39.53 -26.92 -20.50
C PHE E 50 -38.31 -26.77 -21.40
N GLY E 51 -38.03 -25.53 -21.82
CA GLY E 51 -36.89 -25.27 -22.67
C GLY E 51 -35.55 -25.50 -21.99
N HIS E 52 -35.54 -25.51 -20.66
CA HIS E 52 -34.33 -25.78 -19.90
C HIS E 52 -34.12 -27.27 -19.73
N LEU E 53 -35.21 -28.01 -19.50
CA LEU E 53 -35.10 -29.45 -19.41
C LEU E 53 -34.62 -30.00 -20.75
N ALA E 54 -35.10 -29.42 -21.84
CA ALA E 54 -34.67 -29.85 -23.16
C ALA E 54 -33.17 -29.60 -23.34
N ILE E 55 -32.66 -28.47 -22.82
CA ILE E 55 -31.25 -28.16 -22.94
C ILE E 55 -30.42 -29.16 -22.13
N ILE E 56 -30.88 -29.53 -20.95
CA ILE E 56 -30.15 -30.51 -20.13
C ILE E 56 -30.09 -31.85 -20.86
N PHE E 57 -31.23 -32.28 -21.41
CA PHE E 57 -31.25 -33.56 -22.12
C PHE E 57 -30.38 -33.52 -23.35
N LEU E 58 -30.36 -32.39 -24.07
CA LEU E 58 -29.50 -32.28 -25.24
C LEU E 58 -28.04 -32.37 -24.84
N TRP E 59 -27.67 -31.79 -23.70
CA TRP E 59 -26.29 -31.86 -23.24
C TRP E 59 -25.89 -33.30 -22.91
N THR E 60 -26.72 -34.00 -22.14
CA THR E 60 -26.37 -35.39 -21.79
C THR E 60 -26.33 -36.25 -23.05
N SER E 61 -27.25 -36.03 -23.98
CA SER E 61 -27.24 -36.79 -25.22
C SER E 61 -25.97 -36.52 -25.99
N GLY E 62 -25.50 -35.27 -25.99
CA GLY E 62 -24.25 -34.96 -26.66
C GLY E 62 -23.09 -35.69 -26.05
N ASN E 63 -23.06 -35.76 -24.72
CA ASN E 63 -21.97 -36.48 -24.04
C ASN E 63 -21.98 -37.94 -24.46
N LEU E 64 -23.16 -38.57 -24.44
CA LEU E 64 -23.26 -39.98 -24.81
C LEU E 64 -22.83 -40.20 -26.26
N PHE E 65 -23.31 -39.34 -27.17
CA PHE E 65 -22.96 -39.49 -28.57
C PHE E 65 -21.47 -39.33 -28.80
N HIS E 66 -20.84 -38.36 -28.13
CA HIS E 66 -19.41 -38.17 -28.31
C HIS E 66 -18.62 -39.34 -27.76
N VAL E 67 -19.06 -39.90 -26.63
CA VAL E 67 -18.33 -41.04 -26.05
C VAL E 67 -18.47 -42.27 -26.95
N ALA E 68 -19.65 -42.46 -27.54
CA ALA E 68 -19.87 -43.64 -28.38
C ALA E 68 -19.23 -43.50 -29.77
N TRP E 69 -19.27 -42.30 -30.34
CA TRP E 69 -18.74 -42.08 -31.69
C TRP E 69 -17.23 -41.86 -31.71
N GLN E 70 -16.70 -41.09 -30.75
CA GLN E 70 -15.26 -40.82 -30.71
C GLN E 70 -14.54 -41.37 -29.50
N GLY E 71 -15.25 -41.83 -28.47
CA GLY E 71 -14.63 -42.37 -27.29
C GLY E 71 -14.12 -43.79 -27.51
N ASN E 72 -13.64 -44.38 -26.42
CA ASN E 72 -13.10 -45.74 -26.42
C ASN E 72 -13.77 -46.56 -25.33
N PHE E 73 -15.10 -46.46 -25.23
CA PHE E 73 -15.82 -47.20 -24.21
C PHE E 73 -15.67 -48.71 -24.42
N GLU E 74 -15.77 -49.17 -25.67
CA GLU E 74 -15.63 -50.59 -25.93
C GLU E 74 -14.24 -51.07 -25.54
N GLN E 75 -13.22 -50.24 -25.78
CA GLN E 75 -11.85 -50.60 -25.44
C GLN E 75 -11.54 -50.33 -23.98
N TRP E 76 -12.41 -49.62 -23.27
CA TRP E 76 -12.21 -49.31 -21.86
C TRP E 76 -12.90 -50.32 -20.94
N VAL E 77 -14.00 -50.91 -21.41
CA VAL E 77 -14.71 -51.89 -20.59
C VAL E 77 -13.86 -53.12 -20.36
N ALA E 78 -13.11 -53.56 -21.38
CA ALA E 78 -12.27 -54.74 -21.25
C ALA E 78 -11.20 -54.55 -20.17
N ASN E 79 -10.52 -53.41 -20.19
CA ASN E 79 -9.46 -53.10 -19.22
C ASN E 79 -9.70 -51.70 -18.66
N PRO E 80 -10.65 -51.56 -17.73
CA PRO E 80 -10.93 -50.23 -17.16
C PRO E 80 -9.76 -49.62 -16.40
N LEU E 81 -8.80 -50.42 -15.96
CA LEU E 81 -7.65 -49.92 -15.21
C LEU E 81 -6.42 -49.67 -16.06
N LYS E 82 -6.18 -50.51 -17.07
CA LYS E 82 -4.99 -50.33 -17.92
C LYS E 82 -5.11 -49.09 -18.80
N THR E 83 -6.24 -48.92 -19.47
CA THR E 83 -6.44 -47.78 -20.36
C THR E 83 -7.11 -46.63 -19.63
N LYS E 84 -7.28 -45.52 -20.36
CA LYS E 84 -7.91 -44.31 -19.85
C LYS E 84 -9.07 -43.92 -20.75
N PRO E 85 -10.14 -43.36 -20.19
CA PRO E 85 -11.29 -42.97 -21.01
C PRO E 85 -10.98 -41.79 -21.92
N LEU E 86 -11.77 -41.71 -23.00
CA LEU E 86 -11.65 -40.64 -23.98
C LEU E 86 -12.94 -39.84 -24.01
N ALA E 87 -12.81 -38.51 -23.96
CA ALA E 87 -13.98 -37.64 -23.98
C ALA E 87 -14.48 -37.41 -25.41
N HIS E 88 -13.65 -36.80 -26.25
CA HIS E 88 -14.04 -36.52 -27.63
C HIS E 88 -12.78 -36.22 -28.43
N ALA E 89 -12.92 -36.28 -29.76
CA ALA E 89 -11.80 -36.01 -30.63
C ALA E 89 -11.46 -34.52 -30.63
N ILE E 90 -10.19 -34.22 -30.88
CA ILE E 90 -9.69 -32.85 -30.91
C ILE E 90 -9.37 -32.51 -32.36
N TRP E 91 -10.06 -31.49 -32.88
CA TRP E 91 -9.85 -31.02 -34.26
C TRP E 91 -9.57 -29.53 -34.16
N ASP E 92 -8.27 -29.18 -34.08
CA ASP E 92 -7.84 -27.80 -33.97
C ASP E 92 -6.86 -27.48 -35.09
N PRO E 93 -7.15 -26.53 -35.98
CA PRO E 93 -6.20 -26.23 -37.07
C PRO E 93 -4.87 -25.68 -36.58
N HIS E 94 -4.79 -25.20 -35.34
CA HIS E 94 -3.57 -24.62 -34.81
C HIS E 94 -2.62 -25.64 -34.19
N PHE E 95 -3.07 -26.88 -34.01
CA PHE E 95 -2.21 -27.90 -33.45
C PHE E 95 -1.04 -28.17 -34.38
N GLY E 96 0.18 -28.15 -33.84
CA GLY E 96 1.35 -28.44 -34.62
C GLY E 96 1.64 -29.93 -34.61
N GLN E 97 2.73 -30.30 -35.28
CA GLN E 97 3.09 -31.72 -35.31
C GLN E 97 3.32 -32.24 -33.89
N ALA E 98 4.08 -31.49 -33.09
CA ALA E 98 4.35 -31.91 -31.72
C ALA E 98 3.06 -31.96 -30.90
N ALA E 99 2.19 -30.96 -31.07
CA ALA E 99 0.93 -30.95 -30.32
C ALA E 99 0.08 -32.15 -30.70
N LEU E 100 -0.01 -32.44 -32.01
CA LEU E 100 -0.79 -33.59 -32.45
C LEU E 100 -0.26 -34.89 -31.85
N LYS E 101 1.06 -35.06 -31.89
CA LYS E 101 1.64 -36.28 -31.34
C LYS E 101 1.44 -36.37 -29.83
N ALA E 102 1.59 -35.26 -29.12
CA ALA E 102 1.42 -35.27 -27.67
C ALA E 102 0.00 -35.64 -27.27
N PHE E 103 -1.00 -35.10 -27.97
CA PHE E 103 -2.39 -35.38 -27.66
C PHE E 103 -2.90 -36.67 -28.29
N THR E 104 -2.07 -37.38 -29.05
CA THR E 104 -2.50 -38.62 -29.68
C THR E 104 -2.60 -39.70 -28.61
N ARG E 105 -3.75 -40.37 -28.54
CA ARG E 105 -4.00 -41.42 -27.58
C ARG E 105 -3.76 -42.82 -28.15
N GLY E 106 -3.25 -42.91 -29.37
CA GLY E 106 -2.99 -44.20 -29.99
C GLY E 106 -3.55 -44.36 -31.38
N ASP E 107 -4.74 -43.81 -31.62
CA ASP E 107 -5.36 -43.91 -32.94
C ASP E 107 -5.90 -42.57 -33.42
N THR E 108 -6.22 -41.67 -32.49
CA THR E 108 -6.74 -40.36 -32.85
C THR E 108 -6.43 -39.37 -31.75
N VAL E 109 -6.54 -38.09 -32.09
CA VAL E 109 -6.29 -37.00 -31.16
C VAL E 109 -7.60 -36.76 -30.40
N ALA E 110 -7.61 -37.05 -29.11
CA ALA E 110 -8.79 -36.88 -28.28
C ALA E 110 -8.37 -36.45 -26.88
N ASN E 111 -9.38 -36.16 -26.05
CA ASN E 111 -9.18 -35.74 -24.68
C ASN E 111 -9.52 -36.88 -23.72
N ILE E 112 -8.83 -36.91 -22.59
CA ILE E 112 -9.04 -37.95 -21.58
C ILE E 112 -10.20 -37.50 -20.70
N SER E 113 -11.36 -38.12 -20.89
CA SER E 113 -12.56 -37.78 -20.12
C SER E 113 -12.29 -37.87 -18.63
N TYR E 114 -12.44 -36.74 -17.94
CA TYR E 114 -12.25 -36.65 -16.50
C TYR E 114 -13.57 -36.45 -15.76
N SER E 115 -14.70 -36.62 -16.44
CA SER E 115 -16.02 -36.44 -15.84
C SER E 115 -16.55 -37.71 -15.18
N GLY E 116 -15.86 -38.84 -15.34
CA GLY E 116 -16.31 -40.08 -14.74
C GLY E 116 -17.57 -40.66 -15.34
N VAL E 117 -17.92 -40.28 -16.56
CA VAL E 117 -19.12 -40.83 -17.18
C VAL E 117 -18.89 -42.28 -17.61
N TYR E 118 -17.65 -42.64 -17.92
CA TYR E 118 -17.35 -44.00 -18.33
C TYR E 118 -17.67 -45.00 -17.22
N HIS E 119 -17.20 -44.71 -16.00
CA HIS E 119 -17.45 -45.62 -14.89
C HIS E 119 -18.95 -45.72 -14.60
N TRP E 120 -19.65 -44.58 -14.61
CA TRP E 120 -21.08 -44.59 -14.35
C TRP E 120 -21.83 -45.44 -15.38
N TRP E 121 -21.57 -45.19 -16.67
CA TRP E 121 -22.24 -45.95 -17.72
C TRP E 121 -21.86 -47.42 -17.68
N TYR E 122 -20.65 -47.75 -17.26
CA TYR E 122 -20.25 -49.14 -17.17
C TYR E 122 -20.89 -49.82 -15.98
N THR E 123 -21.18 -49.05 -14.92
CA THR E 123 -21.82 -49.60 -13.73
C THR E 123 -23.31 -49.83 -13.95
N ILE E 124 -23.99 -48.94 -14.69
CA ILE E 124 -25.42 -49.13 -14.91
C ILE E 124 -25.73 -50.30 -15.83
N GLY E 125 -24.76 -50.75 -16.64
CA GLY E 125 -25.00 -51.88 -17.51
C GLY E 125 -24.63 -51.70 -18.97
N ILE E 126 -24.17 -50.50 -19.34
CA ILE E 126 -23.79 -50.26 -20.73
C ILE E 126 -22.47 -50.95 -21.01
N ARG E 127 -22.44 -51.74 -22.10
CA ARG E 127 -21.24 -52.47 -22.48
C ARG E 127 -20.84 -52.31 -23.95
N ASN E 128 -21.69 -51.72 -24.79
CA ASN E 128 -21.39 -51.55 -26.19
C ASN E 128 -21.57 -50.10 -26.60
N ASN E 129 -20.86 -49.71 -27.66
CA ASN E 129 -20.99 -48.34 -28.16
C ASN E 129 -22.37 -48.13 -28.77
N VAL E 130 -22.94 -49.17 -29.36
CA VAL E 130 -24.27 -49.06 -29.94
C VAL E 130 -25.28 -48.75 -28.86
N GLU E 131 -25.09 -49.28 -27.65
CA GLU E 131 -26.00 -48.98 -26.55
C GLU E 131 -25.95 -47.50 -26.21
N LEU E 132 -24.73 -46.94 -26.15
CA LEU E 132 -24.59 -45.52 -25.87
C LEU E 132 -25.24 -44.68 -26.96
N TYR E 133 -25.07 -45.11 -28.22
CA TYR E 133 -25.68 -44.39 -29.33
C TYR E 133 -27.20 -44.42 -29.22
N THR E 134 -27.77 -45.58 -28.88
CA THR E 134 -29.21 -45.68 -28.71
C THR E 134 -29.68 -44.79 -27.57
N GLY E 135 -28.91 -44.75 -26.48
CA GLY E 135 -29.28 -43.88 -25.37
C GLY E 135 -29.27 -42.43 -25.78
N ALA E 136 -28.29 -42.04 -26.60
CA ALA E 136 -28.23 -40.67 -27.10
C ALA E 136 -29.44 -40.36 -27.95
N LEU E 137 -29.84 -41.31 -28.80
CA LEU E 137 -31.02 -41.10 -29.64
C LEU E 137 -32.26 -40.94 -28.78
N GLY E 138 -32.40 -41.79 -27.76
CA GLY E 138 -33.55 -41.68 -26.88
C GLY E 138 -33.59 -40.36 -26.16
N LEU E 139 -32.44 -39.89 -25.68
CA LEU E 139 -32.41 -38.61 -25.00
C LEU E 139 -32.70 -37.46 -25.96
N LEU E 140 -32.27 -37.58 -27.22
CA LEU E 140 -32.59 -36.55 -28.20
C LEU E 140 -34.09 -36.49 -28.42
N VAL E 141 -34.73 -37.67 -28.51
CA VAL E 141 -36.18 -37.71 -28.68
C VAL E 141 -36.85 -37.11 -27.46
N LEU E 142 -36.32 -37.39 -26.26
CA LEU E 142 -36.90 -36.84 -25.05
C LEU E 142 -36.79 -35.32 -25.06
N SER E 143 -35.65 -34.79 -25.51
CA SER E 143 -35.47 -33.35 -25.60
C SER E 143 -36.45 -32.74 -26.58
N ALA E 144 -36.65 -33.40 -27.73
CA ALA E 144 -37.60 -32.90 -28.70
C ALA E 144 -39.01 -32.91 -28.12
N VAL E 145 -39.34 -33.96 -27.35
CA VAL E 145 -40.66 -34.04 -26.74
C VAL E 145 -40.85 -32.90 -25.75
N PHE E 146 -39.83 -32.61 -24.95
CA PHE E 146 -39.95 -31.50 -24.00
C PHE E 146 -40.01 -30.16 -24.71
N LEU E 147 -39.34 -30.03 -25.86
CA LEU E 147 -39.43 -28.79 -26.63
C LEU E 147 -40.84 -28.60 -27.16
N LEU E 148 -41.42 -29.68 -27.68
CA LEU E 148 -42.79 -29.63 -28.18
C LEU E 148 -43.76 -29.31 -27.05
N ALA E 149 -43.55 -29.90 -25.88
CA ALA E 149 -44.42 -29.61 -24.74
C ALA E 149 -44.32 -28.16 -24.33
N GLY E 150 -43.09 -27.62 -24.31
CA GLY E 150 -42.93 -26.23 -23.95
C GLY E 150 -43.64 -25.31 -24.92
N TRP E 151 -43.52 -25.60 -26.21
CA TRP E 151 -44.22 -24.77 -27.20
C TRP E 151 -45.73 -24.94 -27.11
N LEU E 152 -46.19 -26.15 -26.78
CA LEU E 152 -47.62 -26.41 -26.69
C LEU E 152 -48.25 -25.68 -25.51
N HIS E 153 -47.58 -25.68 -24.36
CA HIS E 153 -48.13 -25.03 -23.18
C HIS E 153 -48.12 -23.51 -23.24
N ILE E 154 -47.35 -22.90 -24.15
CA ILE E 154 -47.36 -21.44 -24.25
C ILE E 154 -48.45 -20.97 -25.19
N GLN E 155 -49.25 -21.90 -25.75
CA GLN E 155 -50.35 -21.57 -26.64
C GLN E 155 -51.56 -21.12 -25.83
N PRO E 156 -52.43 -20.28 -26.40
CA PRO E 156 -53.60 -19.83 -25.63
C PRO E 156 -54.55 -20.94 -25.23
N LYS E 157 -54.67 -22.00 -26.04
CA LYS E 157 -55.58 -23.08 -25.70
C LYS E 157 -55.03 -23.99 -24.60
N PHE E 158 -53.71 -24.12 -24.49
CA PHE E 158 -53.09 -24.98 -23.49
C PHE E 158 -52.32 -24.19 -22.44
N LYS E 159 -52.78 -22.99 -22.11
CA LYS E 159 -52.11 -22.16 -21.11
C LYS E 159 -52.61 -22.55 -19.71
N PRO E 160 -51.75 -23.00 -18.81
CA PRO E 160 -52.23 -23.35 -17.47
C PRO E 160 -52.60 -22.11 -16.67
N SER E 161 -53.72 -22.19 -15.95
CA SER E 161 -54.18 -21.06 -15.17
C SER E 161 -53.34 -20.89 -13.91
N LEU E 162 -53.48 -19.73 -13.28
CA LEU E 162 -52.72 -19.43 -12.08
C LEU E 162 -53.10 -20.39 -10.94
N SER E 163 -54.39 -20.73 -10.83
CA SER E 163 -54.80 -21.65 -9.78
C SER E 163 -54.10 -22.99 -9.91
N TRP E 164 -53.92 -23.46 -11.15
CA TRP E 164 -53.24 -24.73 -11.37
C TRP E 164 -51.77 -24.64 -10.97
N PHE E 165 -51.14 -23.48 -11.16
CA PHE E 165 -49.75 -23.31 -10.79
C PHE E 165 -49.54 -23.23 -9.29
N LYS E 166 -50.58 -22.88 -8.53
CA LYS E 166 -50.48 -22.76 -7.08
C LYS E 166 -51.04 -23.97 -6.34
N ASN E 167 -51.40 -25.04 -7.05
CA ASN E 167 -51.93 -26.26 -6.41
C ASN E 167 -50.75 -27.01 -5.79
N ASN E 168 -50.30 -26.49 -4.65
CA ASN E 168 -49.16 -27.07 -3.95
C ASN E 168 -49.43 -28.50 -3.49
N GLU E 169 -50.64 -28.78 -2.99
CA GLU E 169 -50.93 -30.12 -2.50
C GLU E 169 -50.72 -31.16 -3.59
N SER E 170 -51.28 -30.93 -4.77
CA SER E 170 -51.13 -31.90 -5.86
C SER E 170 -49.70 -31.93 -6.41
N ARG E 171 -49.06 -30.78 -6.57
CA ARG E 171 -47.70 -30.78 -7.09
C ARG E 171 -46.78 -31.58 -6.17
N LEU E 172 -46.92 -31.39 -4.87
CA LEU E 172 -46.10 -32.14 -3.92
C LEU E 172 -46.45 -33.63 -3.94
N ASN E 173 -47.75 -33.96 -3.96
CA ASN E 173 -48.17 -35.35 -3.97
C ASN E 173 -47.76 -36.08 -5.24
N HIS E 174 -47.61 -35.37 -6.35
CA HIS E 174 -47.21 -35.98 -7.61
C HIS E 174 -45.70 -36.00 -7.80
N HIS E 175 -44.98 -35.09 -7.14
CA HIS E 175 -43.54 -35.06 -7.24
C HIS E 175 -42.90 -36.07 -6.29
N LEU E 176 -43.47 -36.22 -5.09
CA LEU E 176 -42.93 -37.18 -4.14
C LEU E 176 -43.30 -38.61 -4.49
N ALA E 177 -44.44 -38.80 -5.16
CA ALA E 177 -44.89 -40.14 -5.54
C ALA E 177 -44.35 -40.57 -6.90
N GLY E 178 -44.51 -39.72 -7.92
CA GLY E 178 -44.07 -40.07 -9.26
C GLY E 178 -42.69 -39.59 -9.66
N LEU E 179 -42.43 -38.29 -9.53
CA LEU E 179 -41.13 -37.76 -9.94
C LEU E 179 -40.00 -38.34 -9.09
N PHE E 180 -40.23 -38.51 -7.79
CA PHE E 180 -39.23 -39.07 -6.89
C PHE E 180 -39.42 -40.56 -6.62
N GLY E 181 -40.65 -40.98 -6.36
CA GLY E 181 -40.94 -42.37 -6.07
C GLY E 181 -40.94 -43.34 -7.23
N VAL E 182 -41.82 -43.12 -8.22
CA VAL E 182 -41.88 -44.02 -9.36
C VAL E 182 -40.55 -44.02 -10.11
N SER E 183 -39.89 -42.86 -10.17
CA SER E 183 -38.60 -42.80 -10.85
C SER E 183 -37.58 -43.70 -10.16
N SER E 184 -37.56 -43.70 -8.83
CA SER E 184 -36.63 -44.55 -8.09
C SER E 184 -37.01 -46.02 -8.26
N LEU E 185 -38.31 -46.33 -8.25
CA LEU E 185 -38.73 -47.71 -8.44
C LEU E 185 -38.30 -48.20 -9.81
N ALA E 186 -38.44 -47.35 -10.83
CA ALA E 186 -38.03 -47.72 -12.17
C ALA E 186 -36.51 -47.94 -12.22
N TRP E 187 -35.75 -47.10 -11.53
CA TRP E 187 -34.31 -47.29 -11.52
C TRP E 187 -33.96 -48.62 -10.86
N THR E 188 -34.68 -48.97 -9.79
CA THR E 188 -34.43 -50.24 -9.14
C THR E 188 -34.72 -51.38 -10.10
N GLY E 189 -35.81 -51.27 -10.86
CA GLY E 189 -36.13 -52.30 -11.83
C GLY E 189 -35.03 -52.44 -12.86
N HIS E 190 -34.49 -51.31 -13.31
CA HIS E 190 -33.41 -51.36 -14.29
C HIS E 190 -32.18 -52.04 -13.71
N LEU E 191 -31.83 -51.71 -12.47
CA LEU E 191 -30.67 -52.33 -11.84
C LEU E 191 -30.85 -53.84 -11.71
N VAL E 192 -32.05 -54.26 -11.31
CA VAL E 192 -32.31 -55.68 -11.14
C VAL E 192 -32.35 -56.40 -12.49
N HIS E 193 -32.76 -55.70 -13.55
CA HIS E 193 -32.88 -56.30 -14.87
C HIS E 193 -31.69 -56.07 -15.79
N VAL E 194 -30.89 -55.02 -15.58
CA VAL E 194 -29.78 -54.76 -16.48
C VAL E 194 -28.43 -54.61 -15.78
N ALA E 195 -28.36 -53.74 -14.78
CA ALA E 195 -27.08 -53.50 -14.09
C ALA E 195 -26.55 -54.76 -13.44
N ILE E 196 -27.36 -55.42 -12.59
CA ILE E 196 -26.90 -56.63 -11.91
C ILE E 196 -26.59 -57.74 -12.91
N PRO E 197 -27.48 -58.10 -13.83
CA PRO E 197 -27.14 -59.16 -14.78
C PRO E 197 -25.92 -58.82 -15.61
N ALA E 198 -25.78 -57.55 -16.00
CA ALA E 198 -24.60 -57.14 -16.78
C ALA E 198 -23.34 -57.30 -15.97
N SER E 199 -23.39 -56.97 -14.68
CA SER E 199 -22.23 -57.11 -13.82
C SER E 199 -21.89 -58.57 -13.57
N ARG E 200 -22.87 -59.46 -13.66
CA ARG E 200 -22.65 -60.88 -13.43
C ARG E 200 -22.44 -61.65 -14.74
N GLY E 201 -22.02 -60.96 -15.79
CA GLY E 201 -21.73 -61.58 -17.08
C GLY E 201 -22.91 -61.93 -17.94
N GLN E 202 -24.14 -61.63 -17.51
CA GLN E 202 -25.34 -61.96 -18.27
C GLN E 202 -25.92 -60.66 -18.82
N HIS E 203 -25.60 -60.34 -20.06
CA HIS E 203 -26.10 -59.12 -20.68
C HIS E 203 -27.58 -59.30 -21.04
N VAL E 204 -28.43 -58.47 -20.46
CA VAL E 204 -29.87 -58.50 -20.70
C VAL E 204 -30.27 -57.19 -21.36
N GLY E 205 -30.89 -57.29 -22.53
CA GLY E 205 -31.33 -56.14 -23.29
C GLY E 205 -32.82 -56.19 -23.59
N TRP E 206 -33.29 -55.16 -24.28
CA TRP E 206 -34.71 -55.07 -24.62
C TRP E 206 -35.20 -56.34 -25.32
N ASP E 207 -34.35 -56.95 -26.15
CA ASP E 207 -34.74 -58.14 -26.89
C ASP E 207 -34.96 -59.35 -25.98
N ASN E 208 -34.26 -59.45 -24.86
CA ASN E 208 -34.41 -60.60 -23.97
C ASN E 208 -34.80 -60.26 -22.54
N PHE E 209 -35.08 -59.00 -22.20
CA PHE E 209 -35.46 -58.71 -20.82
C PHE E 209 -36.83 -59.29 -20.50
N ILE E 210 -37.69 -59.45 -21.51
CA ILE E 210 -39.00 -60.05 -21.28
C ILE E 210 -38.90 -61.57 -21.24
N MET E 211 -37.83 -62.13 -21.78
CA MET E 211 -37.60 -63.58 -21.83
C MET E 211 -36.88 -64.10 -20.59
N THR E 212 -35.73 -63.50 -20.25
CA THR E 212 -34.94 -63.94 -19.10
C THR E 212 -35.40 -63.25 -17.82
N PRO E 213 -35.66 -63.98 -16.75
CA PRO E 213 -36.09 -63.35 -15.50
C PRO E 213 -34.89 -62.96 -14.65
N PRO E 214 -34.94 -61.82 -13.95
CA PRO E 214 -33.79 -61.43 -13.14
C PRO E 214 -33.42 -62.44 -12.06
N HIS E 215 -34.41 -63.07 -11.43
CA HIS E 215 -34.14 -64.03 -10.37
C HIS E 215 -34.59 -65.43 -10.78
N PRO E 216 -33.81 -66.47 -10.46
CA PRO E 216 -34.24 -67.83 -10.83
C PRO E 216 -35.56 -68.22 -10.22
N ALA E 217 -35.88 -67.71 -9.03
CA ALA E 217 -37.14 -68.03 -8.37
C ALA E 217 -38.32 -67.23 -8.91
N GLY E 218 -38.07 -66.25 -9.78
CA GLY E 218 -39.16 -65.47 -10.32
C GLY E 218 -39.77 -64.54 -9.28
N LEU E 219 -40.98 -64.10 -9.57
CA LEU E 219 -41.72 -63.20 -8.68
C LEU E 219 -42.53 -63.94 -7.63
N GLN E 220 -42.51 -65.27 -7.65
CA GLN E 220 -43.27 -66.04 -6.67
C GLN E 220 -42.92 -65.66 -5.23
N PRO E 221 -41.65 -65.52 -4.84
CA PRO E 221 -41.36 -65.14 -3.45
C PRO E 221 -41.93 -63.79 -3.08
N PHE E 222 -41.94 -62.83 -4.01
CA PHE E 222 -42.47 -61.50 -3.70
C PHE E 222 -43.95 -61.57 -3.37
N PHE E 223 -44.71 -62.37 -4.12
CA PHE E 223 -46.15 -62.49 -3.88
C PHE E 223 -46.44 -63.39 -2.69
N THR E 224 -45.56 -64.35 -2.39
CA THR E 224 -45.80 -65.24 -1.26
C THR E 224 -45.56 -64.55 0.07
N GLY E 225 -44.44 -63.84 0.19
CA GLY E 225 -44.13 -63.14 1.43
C GLY E 225 -42.69 -63.26 1.89
N ASN E 226 -42.03 -64.38 1.59
CA ASN E 226 -40.64 -64.57 2.02
C ASN E 226 -39.72 -63.92 0.99
N TRP E 227 -39.38 -62.65 1.24
CA TRP E 227 -38.50 -61.90 0.35
C TRP E 227 -37.03 -62.26 0.54
N SER E 228 -36.69 -63.01 1.59
CA SER E 228 -35.30 -63.38 1.82
C SER E 228 -34.71 -64.14 0.64
N VAL E 229 -35.55 -64.79 -0.17
CA VAL E 229 -35.06 -65.53 -1.32
C VAL E 229 -34.31 -64.62 -2.28
N TYR E 230 -34.58 -63.31 -2.24
CA TYR E 230 -33.89 -62.38 -3.14
C TYR E 230 -32.51 -62.00 -2.64
N ALA E 231 -32.14 -62.36 -1.41
CA ALA E 231 -30.84 -62.07 -0.83
C ALA E 231 -30.16 -63.34 -0.34
N GLN E 232 -30.53 -64.49 -0.90
CA GLN E 232 -29.97 -65.76 -0.47
C GLN E 232 -28.52 -65.96 -0.90
N SER E 233 -28.20 -65.69 -2.17
CA SER E 233 -26.85 -65.90 -2.69
C SER E 233 -26.19 -64.65 -3.24
N PRO E 234 -25.47 -63.88 -2.42
CA PRO E 234 -24.78 -62.69 -2.94
C PRO E 234 -23.47 -63.07 -3.61
N ASP E 235 -22.69 -62.08 -4.05
CA ASP E 235 -21.41 -62.36 -4.67
C ASP E 235 -20.48 -63.05 -3.67
N SER E 236 -19.63 -63.93 -4.18
CA SER E 236 -18.69 -64.69 -3.35
C SER E 236 -17.56 -63.85 -2.77
N MET E 237 -17.53 -62.53 -2.88
CA MET E 237 -16.49 -61.64 -2.38
C MET E 237 -15.24 -61.71 -3.26
N GLN E 238 -15.19 -62.61 -4.23
CA GLN E 238 -14.05 -62.73 -5.14
C GLN E 238 -14.51 -62.66 -6.59
N HIS E 239 -15.73 -62.17 -6.81
CA HIS E 239 -16.30 -62.06 -8.15
C HIS E 239 -15.60 -60.97 -8.95
N VAL E 240 -15.43 -61.23 -10.24
CA VAL E 240 -14.79 -60.29 -11.16
C VAL E 240 -15.90 -59.54 -11.88
N PHE E 241 -15.92 -58.22 -11.72
CA PHE E 241 -16.95 -57.42 -12.37
C PHE E 241 -16.94 -57.65 -13.87
N GLY E 242 -18.14 -57.86 -14.43
CA GLY E 242 -18.30 -58.09 -15.85
C GLY E 242 -18.23 -59.55 -16.27
N THR E 243 -17.90 -60.45 -15.35
CA THR E 243 -17.80 -61.88 -15.65
C THR E 243 -18.75 -62.65 -14.73
N SER E 244 -18.76 -63.97 -14.91
CA SER E 244 -19.62 -64.86 -14.12
C SER E 244 -18.83 -65.67 -13.10
N GLN E 245 -17.56 -65.37 -12.90
CA GLN E 245 -16.75 -66.11 -11.94
C GLN E 245 -17.17 -65.73 -10.52
N GLY E 246 -17.61 -66.72 -9.76
CA GLY E 246 -18.04 -66.46 -8.39
C GLY E 246 -19.24 -65.54 -8.31
N ALA E 247 -20.20 -65.70 -9.20
CA ALA E 247 -21.40 -64.87 -9.24
C ALA E 247 -22.49 -65.46 -8.36
N GLY E 248 -23.46 -64.60 -8.01
CA GLY E 248 -24.59 -65.00 -7.20
C GLY E 248 -25.89 -64.62 -7.88
N THR E 249 -26.99 -65.07 -7.27
CA THR E 249 -28.32 -64.80 -7.79
C THR E 249 -29.10 -63.79 -6.95
N ALA E 250 -28.50 -63.25 -5.89
CA ALA E 250 -29.20 -62.30 -5.03
C ALA E 250 -29.33 -60.95 -5.74
N ILE E 251 -30.55 -60.44 -5.84
CA ILE E 251 -30.81 -59.16 -6.51
C ILE E 251 -31.01 -58.02 -5.52
N LEU E 252 -31.36 -58.32 -4.27
CA LEU E 252 -31.64 -57.30 -3.25
C LEU E 252 -30.91 -57.57 -1.93
N THR E 253 -29.60 -57.74 -1.98
CA THR E 253 -28.80 -57.99 -0.78
C THR E 253 -28.52 -56.67 -0.04
N PHE E 254 -28.10 -56.80 1.22
CA PHE E 254 -27.77 -55.65 2.08
C PHE E 254 -26.37 -55.80 2.64
N LEU E 255 -25.39 -56.11 1.79
CA LEU E 255 -24.01 -56.23 2.24
C LEU E 255 -23.55 -54.87 2.76
N GLY E 256 -22.47 -54.87 3.54
CA GLY E 256 -22.00 -53.63 4.13
C GLY E 256 -21.04 -52.74 3.37
N GLY E 257 -19.85 -53.24 3.04
CA GLY E 257 -18.83 -52.46 2.36
C GLY E 257 -18.92 -52.42 0.85
N PHE E 258 -17.77 -52.21 0.22
CA PHE E 258 -17.65 -52.12 -1.23
C PHE E 258 -17.13 -53.44 -1.80
N HIS E 259 -17.38 -53.63 -3.09
CA HIS E 259 -16.91 -54.81 -3.78
C HIS E 259 -15.38 -54.77 -3.78
N PRO E 260 -14.69 -55.81 -3.28
CA PRO E 260 -13.22 -55.74 -3.24
C PRO E 260 -12.55 -55.49 -4.58
N GLN E 261 -13.04 -56.11 -5.65
CA GLN E 261 -12.39 -55.93 -6.95
C GLN E 261 -12.58 -54.52 -7.49
N THR E 262 -13.78 -53.95 -7.37
CA THR E 262 -14.06 -52.62 -7.89
C THR E 262 -14.00 -51.53 -6.83
N GLN E 263 -13.94 -51.88 -5.55
CA GLN E 263 -13.91 -50.89 -4.47
C GLN E 263 -15.06 -49.90 -4.61
N SER E 264 -16.23 -50.43 -4.99
CA SER E 264 -17.43 -49.63 -5.15
C SER E 264 -18.60 -50.35 -4.50
N LEU E 265 -19.61 -49.57 -4.13
CA LEU E 265 -20.80 -50.14 -3.49
C LEU E 265 -21.39 -51.24 -4.36
N TRP E 266 -21.81 -52.32 -3.71
CA TRP E 266 -22.40 -53.44 -4.43
C TRP E 266 -23.64 -53.01 -5.20
N LEU E 267 -23.78 -53.49 -6.42
CA LEU E 267 -24.95 -53.15 -7.21
C LEU E 267 -26.22 -53.71 -6.58
N THR E 268 -26.14 -54.88 -5.96
CA THR E 268 -27.30 -55.46 -5.32
C THR E 268 -27.75 -54.59 -4.15
N ASP E 269 -26.80 -54.04 -3.38
CA ASP E 269 -27.16 -53.16 -2.29
C ASP E 269 -27.75 -51.87 -2.81
N MET E 270 -27.29 -51.40 -3.98
CA MET E 270 -27.84 -50.19 -4.56
C MET E 270 -29.29 -50.42 -5.00
N ALA E 271 -29.57 -51.58 -5.60
CA ALA E 271 -30.93 -51.87 -6.02
C ALA E 271 -31.84 -51.96 -4.80
N HIS E 272 -31.40 -52.66 -3.76
CA HIS E 272 -32.19 -52.77 -2.54
C HIS E 272 -32.41 -51.40 -1.93
N HIS E 273 -31.39 -50.54 -2.00
CA HIS E 273 -31.48 -49.18 -1.48
C HIS E 273 -32.54 -48.38 -2.22
N HIS E 274 -32.46 -48.36 -3.55
CA HIS E 274 -33.43 -47.62 -4.34
C HIS E 274 -34.83 -48.18 -4.15
N LEU E 275 -34.95 -49.49 -3.91
CA LEU E 275 -36.27 -50.06 -3.67
C LEU E 275 -36.87 -49.49 -2.40
N ALA E 276 -36.09 -49.49 -1.31
CA ALA E 276 -36.60 -48.94 -0.06
C ALA E 276 -36.92 -47.45 -0.21
N ILE E 277 -36.06 -46.70 -0.92
CA ILE E 277 -36.29 -45.28 -1.10
C ILE E 277 -37.57 -45.04 -1.89
N ALA E 278 -37.79 -45.82 -2.95
CA ALA E 278 -39.00 -45.66 -3.76
C ALA E 278 -40.23 -45.97 -2.93
N VAL E 279 -40.17 -47.01 -2.10
CA VAL E 279 -41.32 -47.34 -1.27
C VAL E 279 -41.64 -46.19 -0.33
N ILE E 280 -40.61 -45.65 0.33
CA ILE E 280 -40.82 -44.55 1.27
C ILE E 280 -41.38 -43.33 0.55
N PHE E 281 -40.87 -43.03 -0.66
CA PHE E 281 -41.35 -41.88 -1.41
C PHE E 281 -42.81 -42.06 -1.82
N ILE E 282 -43.15 -43.24 -2.34
CA ILE E 282 -44.54 -43.47 -2.76
C ILE E 282 -45.46 -43.39 -1.57
N VAL E 283 -44.98 -43.82 -0.39
CA VAL E 283 -45.83 -43.74 0.81
C VAL E 283 -46.02 -42.28 1.22
N ALA E 284 -44.94 -41.49 1.20
CA ALA E 284 -45.02 -40.10 1.59
C ALA E 284 -45.73 -39.23 0.56
N GLY E 285 -45.96 -39.74 -0.64
CA GLY E 285 -46.64 -38.97 -1.67
C GLY E 285 -48.14 -38.88 -1.52
N HIS E 286 -48.70 -39.48 -0.48
CA HIS E 286 -50.14 -39.46 -0.21
C HIS E 286 -50.49 -38.59 0.99
N MET E 287 -49.56 -37.75 1.44
CA MET E 287 -49.80 -36.94 2.63
C MET E 287 -50.73 -35.76 2.38
N TYR E 288 -50.62 -35.09 1.25
CA TYR E 288 -51.42 -33.90 1.01
C TYR E 288 -52.81 -34.24 0.45
N ARG E 289 -53.71 -33.26 0.54
CA ARG E 289 -55.11 -33.40 0.14
C ARG E 289 -55.33 -33.02 -1.31
N THR E 290 -55.98 -33.93 -2.04
CA THR E 290 -56.34 -33.83 -3.45
C THR E 290 -57.87 -33.92 -3.55
N ASN E 291 -58.39 -34.12 -4.76
CA ASN E 291 -59.83 -34.19 -4.99
C ASN E 291 -60.47 -35.45 -4.44
N PHE E 292 -59.71 -36.34 -3.79
CA PHE E 292 -60.26 -37.58 -3.26
C PHE E 292 -60.74 -37.46 -1.82
N GLY E 293 -60.62 -36.28 -1.22
CA GLY E 293 -61.10 -36.06 0.13
C GLY E 293 -60.28 -36.68 1.24
N ILE E 294 -59.01 -37.03 0.96
CA ILE E 294 -58.13 -37.61 1.95
C ILE E 294 -56.77 -36.94 1.83
N GLY E 295 -56.17 -36.58 2.96
CA GLY E 295 -54.87 -35.94 2.98
C GLY E 295 -54.84 -34.73 3.88
N HIS E 296 -53.80 -33.91 3.69
CA HIS E 296 -53.57 -32.70 4.47
C HIS E 296 -53.56 -31.46 3.61
N ASN E 297 -53.76 -30.32 4.27
CA ASN E 297 -53.71 -29.00 3.65
C ASN E 297 -52.49 -28.31 4.25
N LEU E 298 -51.55 -27.92 3.38
CA LEU E 298 -50.34 -27.26 3.87
C LEU E 298 -50.67 -26.09 4.78
N LYS E 299 -51.69 -25.31 4.40
CA LYS E 299 -52.08 -24.15 5.21
C LYS E 299 -52.52 -24.57 6.61
N THR E 300 -53.34 -25.62 6.71
CA THR E 300 -53.81 -26.06 8.01
C THR E 300 -52.65 -26.53 8.88
N ILE E 301 -51.72 -27.30 8.32
CA ILE E 301 -50.58 -27.77 9.10
C ILE E 301 -49.76 -26.58 9.60
N LEU E 302 -49.46 -25.65 8.70
CA LEU E 302 -48.66 -24.49 9.08
C LEU E 302 -49.34 -23.68 10.18
N GLU E 303 -50.65 -23.43 10.06
CA GLU E 303 -51.36 -22.65 11.06
C GLU E 303 -51.55 -23.39 12.37
N ALA E 304 -51.54 -24.72 12.36
CA ALA E 304 -51.71 -25.47 13.60
C ALA E 304 -50.44 -25.51 14.44
N HIS E 305 -49.30 -25.09 13.89
CA HIS E 305 -48.03 -25.09 14.62
C HIS E 305 -47.80 -23.72 15.24
N ARG E 306 -48.14 -23.61 16.52
CA ARG E 306 -47.96 -22.35 17.26
C ARG E 306 -47.75 -22.67 18.73
N PRO E 307 -46.56 -22.45 19.28
CA PRO E 307 -46.33 -22.75 20.70
C PRO E 307 -47.30 -21.97 21.58
N PRO E 308 -47.94 -22.63 22.54
CA PRO E 308 -48.88 -21.90 23.40
C PRO E 308 -48.23 -20.78 24.21
N SER E 309 -46.97 -20.94 24.61
CA SER E 309 -46.30 -19.92 25.40
C SER E 309 -46.17 -18.62 24.62
N GLY E 310 -46.14 -18.68 23.29
CA GLY E 310 -46.01 -17.50 22.47
C GLY E 310 -44.59 -17.08 22.19
N ARG E 311 -43.62 -17.97 22.43
CA ARG E 311 -42.23 -17.64 22.18
C ARG E 311 -41.98 -17.32 20.71
N LEU E 312 -42.64 -18.07 19.81
CA LEU E 312 -42.50 -17.85 18.38
C LEU E 312 -43.54 -16.88 17.84
N GLY E 313 -44.27 -16.20 18.72
CA GLY E 313 -45.28 -15.26 18.25
C GLY E 313 -46.52 -15.97 17.80
N LYS E 314 -47.06 -15.56 16.65
CA LYS E 314 -48.25 -16.16 16.08
C LYS E 314 -47.94 -17.42 15.28
N GLY E 315 -46.78 -18.04 15.52
CA GLY E 315 -46.41 -19.25 14.82
C GLY E 315 -46.26 -18.99 13.33
N HIS E 316 -46.66 -19.99 12.54
CA HIS E 316 -46.58 -19.90 11.08
C HIS E 316 -47.89 -19.45 10.47
N ILE E 317 -48.67 -18.66 11.21
CA ILE E 317 -49.94 -18.15 10.69
C ILE E 317 -49.60 -17.09 9.65
N GLY E 318 -49.97 -17.36 8.39
CA GLY E 318 -49.68 -16.48 7.30
C GLY E 318 -48.49 -16.91 6.46
N ILE E 319 -47.71 -17.86 6.97
CA ILE E 319 -46.55 -18.36 6.23
C ILE E 319 -46.99 -18.99 4.91
N TYR E 320 -48.11 -19.73 4.94
CA TYR E 320 -48.58 -20.41 3.74
C TYR E 320 -48.84 -19.45 2.59
N GLN E 321 -49.65 -18.41 2.81
CA GLN E 321 -49.93 -17.47 1.74
C GLN E 321 -48.67 -16.75 1.29
N THR E 322 -47.81 -16.40 2.25
CA THR E 322 -46.57 -15.70 1.93
C THR E 322 -45.71 -16.53 0.98
N LEU E 323 -45.63 -17.83 1.21
CA LEU E 323 -44.81 -18.69 0.35
C LEU E 323 -45.50 -19.01 -0.97
N THR E 324 -46.81 -19.25 -0.94
CA THR E 324 -47.53 -19.60 -2.17
C THR E 324 -47.57 -18.44 -3.15
N ASN E 325 -47.82 -17.23 -2.68
CA ASN E 325 -47.89 -16.08 -3.58
C ASN E 325 -46.52 -15.52 -3.96
N SER E 326 -45.43 -16.05 -3.42
CA SER E 326 -44.09 -15.55 -3.71
C SER E 326 -43.23 -16.63 -4.35
N LEU E 327 -42.82 -16.39 -5.61
CA LEU E 327 -41.95 -17.33 -6.29
C LEU E 327 -40.52 -17.24 -5.79
N HIS E 328 -40.10 -16.06 -5.32
CA HIS E 328 -38.73 -15.91 -4.84
C HIS E 328 -38.49 -16.68 -3.55
N PHE E 329 -39.48 -16.72 -2.65
CA PHE E 329 -39.33 -17.51 -1.43
C PHE E 329 -39.23 -18.99 -1.79
N GLN E 330 -40.04 -19.42 -2.77
CA GLN E 330 -39.98 -20.81 -3.25
C GLN E 330 -38.62 -21.12 -3.85
N LEU E 331 -38.11 -20.20 -4.68
CA LEU E 331 -36.81 -20.41 -5.33
C LEU E 331 -35.68 -20.40 -4.30
N GLY E 332 -35.78 -19.54 -3.28
CA GLY E 332 -34.76 -19.51 -2.25
C GLY E 332 -34.73 -20.81 -1.49
N LEU E 333 -35.90 -21.35 -1.14
CA LEU E 333 -35.95 -22.62 -0.42
C LEU E 333 -35.43 -23.75 -1.29
N ALA E 334 -35.84 -23.79 -2.55
CA ALA E 334 -35.40 -24.85 -3.45
C ALA E 334 -33.89 -24.79 -3.66
N LEU E 335 -33.34 -23.59 -3.85
CA LEU E 335 -31.90 -23.46 -4.04
C LEU E 335 -31.14 -23.89 -2.80
N ALA E 336 -31.62 -23.52 -1.61
CA ALA E 336 -30.93 -23.92 -0.40
C ALA E 336 -30.90 -25.45 -0.28
N SER E 337 -32.05 -26.08 -0.49
CA SER E 337 -32.11 -27.53 -0.39
C SER E 337 -31.25 -28.20 -1.44
N LEU E 338 -31.29 -27.70 -2.68
CA LEU E 338 -30.50 -28.27 -3.75
C LEU E 338 -29.00 -28.10 -3.49
N SER E 339 -28.61 -27.00 -2.84
CA SER E 339 -27.21 -26.80 -2.52
C SER E 339 -26.75 -27.79 -1.46
N VAL E 340 -27.57 -27.99 -0.43
CA VAL E 340 -27.20 -28.95 0.61
C VAL E 340 -27.14 -30.35 0.02
N VAL E 341 -28.04 -30.67 -0.91
CA VAL E 341 -28.03 -31.99 -1.53
C VAL E 341 -26.83 -32.16 -2.45
N THR E 342 -26.45 -31.14 -3.22
CA THR E 342 -25.30 -31.30 -4.10
C THR E 342 -24.00 -31.34 -3.33
N SER E 343 -23.93 -30.76 -2.14
CA SER E 343 -22.71 -30.87 -1.36
C SER E 343 -22.68 -32.22 -0.65
N LEU E 344 -23.86 -32.70 -0.23
CA LEU E 344 -23.95 -34.01 0.39
C LEU E 344 -23.62 -35.09 -0.63
N VAL E 345 -23.96 -34.85 -1.90
CA VAL E 345 -23.66 -35.80 -2.96
C VAL E 345 -22.17 -35.97 -3.09
N ALA E 346 -21.42 -34.86 -3.09
CA ALA E 346 -19.97 -34.94 -3.20
C ALA E 346 -19.36 -35.63 -1.98
N GLN E 347 -19.82 -35.23 -0.78
CA GLN E 347 -19.28 -35.83 0.44
C GLN E 347 -19.57 -37.32 0.52
N HIS E 348 -20.73 -37.77 0.03
CA HIS E 348 -21.07 -39.18 0.06
C HIS E 348 -20.42 -39.96 -1.08
N MET E 349 -20.16 -39.30 -2.21
CA MET E 349 -19.56 -39.98 -3.35
C MET E 349 -18.08 -40.23 -3.13
N TYR E 350 -17.34 -39.28 -2.56
CA TYR E 350 -15.93 -39.53 -2.36
C TYR E 350 -15.68 -40.59 -1.30
N ALA E 351 -16.44 -40.57 -0.21
CA ALA E 351 -16.24 -41.54 0.87
C ALA E 351 -16.73 -42.94 0.49
N MET E 352 -17.81 -43.03 -0.28
CA MET E 352 -18.38 -44.31 -0.71
C MET E 352 -18.49 -44.30 -2.22
N PRO E 353 -17.41 -44.63 -2.93
CA PRO E 353 -17.46 -44.65 -4.40
C PRO E 353 -18.55 -45.57 -4.89
N PRO E 354 -19.58 -45.02 -5.55
CA PRO E 354 -20.67 -45.88 -6.04
C PRO E 354 -20.37 -46.56 -7.37
N TYR E 355 -19.67 -45.86 -8.26
CA TYR E 355 -19.36 -46.39 -9.58
C TYR E 355 -18.09 -47.23 -9.55
N ALA E 356 -18.14 -48.36 -10.24
CA ALA E 356 -17.01 -49.30 -10.28
C ALA E 356 -15.75 -48.66 -10.83
N TYR E 357 -14.63 -48.97 -10.21
CA TYR E 357 -13.28 -48.50 -10.57
C TYR E 357 -13.14 -47.00 -10.47
N MET E 358 -14.12 -46.30 -9.90
CA MET E 358 -14.02 -44.85 -9.76
C MET E 358 -12.95 -44.46 -8.76
N ALA E 359 -12.73 -45.30 -7.74
CA ALA E 359 -11.72 -44.99 -6.73
C ALA E 359 -10.33 -44.87 -7.33
N PHE E 360 -9.97 -45.78 -8.24
CA PHE E 360 -8.64 -45.75 -8.86
C PHE E 360 -8.43 -44.46 -9.66
N ASP E 361 -9.47 -43.99 -10.36
CA ASP E 361 -9.34 -42.77 -11.14
C ASP E 361 -9.31 -41.56 -10.21
N TYR E 362 -8.11 -41.21 -9.75
CA TYR E 362 -7.95 -40.08 -8.84
C TYR E 362 -8.33 -38.76 -9.50
N VAL E 363 -7.93 -38.57 -10.76
CA VAL E 363 -8.23 -37.32 -11.45
C VAL E 363 -9.73 -37.07 -11.49
N THR E 364 -10.50 -38.08 -11.89
CA THR E 364 -11.95 -37.92 -11.96
C THR E 364 -12.53 -37.69 -10.57
N GLN E 365 -12.01 -38.39 -9.56
CA GLN E 365 -12.53 -38.22 -8.20
C GLN E 365 -12.36 -36.77 -7.75
N SER E 366 -11.15 -36.23 -7.88
CA SER E 366 -10.92 -34.85 -7.46
C SER E 366 -11.75 -33.88 -8.28
N ALA E 367 -11.79 -34.08 -9.60
CA ALA E 367 -12.55 -33.18 -10.45
C ALA E 367 -14.02 -33.17 -10.08
N LEU E 368 -14.61 -34.34 -9.86
CA LEU E 368 -16.03 -34.41 -9.50
C LEU E 368 -16.30 -33.80 -8.14
N TYR E 369 -15.46 -34.08 -7.14
CA TYR E 369 -15.68 -33.50 -5.82
C TYR E 369 -15.63 -31.99 -5.89
N THR E 370 -14.60 -31.44 -6.52
CA THR E 370 -14.48 -29.99 -6.65
C THR E 370 -15.63 -29.41 -7.44
N HIS E 371 -16.04 -30.11 -8.52
CA HIS E 371 -17.14 -29.71 -9.39
C HIS E 371 -18.42 -29.49 -8.58
N HIS E 372 -18.87 -30.54 -7.91
CA HIS E 372 -20.10 -30.45 -7.13
C HIS E 372 -19.97 -29.46 -5.98
N GLN E 373 -18.81 -29.38 -5.32
CA GLN E 373 -18.70 -28.45 -4.21
C GLN E 373 -18.77 -26.99 -4.68
N TYR E 374 -18.12 -26.67 -5.81
CA TYR E 374 -18.19 -25.31 -6.32
C TYR E 374 -19.62 -24.98 -6.75
N ILE E 375 -20.31 -25.94 -7.38
CA ILE E 375 -21.69 -25.69 -7.77
C ILE E 375 -22.56 -25.52 -6.53
N ALA E 376 -22.25 -26.27 -5.46
CA ALA E 376 -23.00 -26.14 -4.22
C ALA E 376 -22.83 -24.75 -3.63
N GLY E 377 -21.60 -24.23 -3.67
CA GLY E 377 -21.36 -22.89 -3.16
C GLY E 377 -22.16 -21.87 -3.94
N LEU E 378 -22.15 -21.98 -5.28
CA LEU E 378 -22.92 -21.07 -6.09
C LEU E 378 -24.41 -21.19 -5.79
N LEU E 379 -24.90 -22.41 -5.59
CA LEU E 379 -26.31 -22.64 -5.31
C LEU E 379 -26.75 -22.05 -3.97
N ILE E 380 -25.96 -22.22 -2.91
CA ILE E 380 -26.36 -21.66 -1.62
C ILE E 380 -26.28 -20.14 -1.66
N VAL E 381 -25.28 -19.59 -2.33
CA VAL E 381 -25.19 -18.14 -2.43
C VAL E 381 -26.40 -17.60 -3.19
N GLY E 382 -26.84 -18.33 -4.22
CA GLY E 382 -28.01 -17.91 -4.97
C GLY E 382 -29.27 -18.03 -4.15
N ALA E 383 -29.35 -19.05 -3.29
CA ALA E 383 -30.51 -19.21 -2.43
C ALA E 383 -30.64 -18.01 -1.50
N PHE E 384 -29.52 -17.57 -0.92
CA PHE E 384 -29.54 -16.41 -0.04
C PHE E 384 -29.87 -15.13 -0.82
N ALA E 385 -29.36 -15.00 -2.04
CA ALA E 385 -29.67 -13.82 -2.83
C ALA E 385 -31.16 -13.75 -3.15
N HIS E 386 -31.75 -14.89 -3.49
CA HIS E 386 -33.18 -14.91 -3.78
C HIS E 386 -33.98 -14.63 -2.52
N GLY E 387 -33.49 -15.06 -1.37
CA GLY E 387 -34.19 -14.74 -0.13
C GLY E 387 -34.23 -13.24 0.10
N ALA E 388 -33.11 -12.58 -0.16
CA ALA E 388 -33.08 -11.12 -0.02
C ALA E 388 -34.04 -10.47 -1.00
N ILE E 389 -34.07 -10.98 -2.24
CA ILE E 389 -34.98 -10.44 -3.24
C ILE E 389 -36.42 -10.63 -2.76
N PHE E 390 -36.70 -11.76 -2.11
CA PHE E 390 -38.04 -12.01 -1.59
C PHE E 390 -38.41 -10.99 -0.54
N PHE E 391 -37.46 -10.66 0.35
CA PHE E 391 -37.75 -9.68 1.39
C PHE E 391 -38.08 -8.31 0.79
N ILE E 392 -37.33 -7.90 -0.23
CA ILE E 392 -37.56 -6.57 -0.80
C ILE E 392 -38.82 -6.53 -1.69
N ARG E 393 -38.99 -7.51 -2.57
CA ARG E 393 -40.08 -7.49 -3.53
C ARG E 393 -41.32 -8.30 -3.19
N ASP E 394 -41.19 -9.49 -2.59
CA ASP E 394 -42.36 -10.34 -2.32
C ASP E 394 -42.69 -10.47 -0.83
N TYR E 395 -42.39 -9.47 -0.01
CA TYR E 395 -42.69 -9.54 1.41
C TYR E 395 -43.39 -8.26 1.86
N ASP E 396 -44.59 -8.40 2.41
CA ASP E 396 -45.38 -7.28 2.91
C ASP E 396 -45.57 -7.48 4.40
N PRO E 397 -44.94 -6.68 5.27
CA PRO E 397 -45.13 -6.88 6.71
C PRO E 397 -46.58 -6.76 7.16
N GLU E 398 -47.42 -6.08 6.38
CA GLU E 398 -48.82 -5.91 6.76
C GLU E 398 -49.51 -7.27 6.89
N GLN E 399 -49.22 -8.19 5.97
CA GLN E 399 -49.81 -9.52 5.99
C GLN E 399 -49.03 -10.53 6.83
N ASN E 400 -47.82 -10.18 7.26
CA ASN E 400 -46.98 -11.04 8.09
C ASN E 400 -46.77 -10.29 9.40
N GLN E 401 -47.73 -10.43 10.31
CA GLN E 401 -47.69 -9.77 11.60
C GLN E 401 -47.44 -10.80 12.69
N ASP E 402 -46.36 -10.59 13.45
CA ASP E 402 -45.98 -11.49 14.54
C ASP E 402 -45.74 -12.90 14.02
N ASN E 403 -45.29 -13.01 12.77
CA ASN E 403 -44.99 -14.27 12.13
C ASN E 403 -43.54 -14.63 12.41
N VAL E 404 -43.20 -15.91 12.24
CA VAL E 404 -41.82 -16.33 12.48
C VAL E 404 -40.89 -15.52 11.58
N LEU E 405 -41.29 -15.32 10.33
CA LEU E 405 -40.49 -14.54 9.39
C LEU E 405 -40.43 -13.07 9.83
N ALA E 406 -41.57 -12.52 10.22
CA ALA E 406 -41.61 -11.14 10.69
C ALA E 406 -40.75 -10.99 11.94
N ARG E 407 -40.82 -11.99 12.84
CA ARG E 407 -40.00 -11.92 14.04
C ARG E 407 -38.53 -11.99 13.67
N MET E 408 -38.17 -12.75 12.63
CA MET E 408 -36.78 -12.78 12.21
C MET E 408 -36.35 -11.37 11.84
N LEU E 409 -37.21 -10.66 11.11
CA LEU E 409 -36.88 -9.28 10.76
C LEU E 409 -36.90 -8.37 11.97
N ALA E 410 -37.61 -8.75 13.04
CA ALA E 410 -37.68 -7.90 14.23
C ALA E 410 -36.38 -7.89 15.03
N HIS E 411 -35.73 -9.05 15.17
CA HIS E 411 -34.49 -9.14 15.92
C HIS E 411 -33.30 -9.41 14.99
N LYS E 412 -33.36 -8.88 13.77
CA LYS E 412 -32.28 -9.08 12.81
C LYS E 412 -30.93 -8.61 13.36
N GLU E 413 -30.93 -7.51 14.13
CA GLU E 413 -29.68 -7.01 14.67
C GLU E 413 -28.99 -8.05 15.55
N ALA E 414 -29.76 -8.75 16.39
CA ALA E 414 -29.14 -9.76 17.25
C ALA E 414 -28.52 -10.88 16.42
N VAL E 415 -29.22 -11.32 15.37
CA VAL E 415 -28.70 -12.39 14.52
C VAL E 415 -27.40 -11.95 13.86
N ILE E 416 -27.39 -10.73 13.29
CA ILE E 416 -26.19 -10.24 12.64
C ILE E 416 -25.04 -10.10 13.63
N SER E 417 -25.33 -9.57 14.82
CA SER E 417 -24.28 -9.40 15.81
C SER E 417 -23.68 -10.73 16.23
N HIS E 418 -24.52 -11.74 16.47
CA HIS E 418 -23.99 -13.04 16.88
C HIS E 418 -23.23 -13.70 15.74
N LEU E 419 -23.70 -13.57 14.50
CA LEU E 419 -22.97 -14.14 13.38
C LEU E 419 -21.62 -13.46 13.26
N SER E 420 -21.58 -12.15 13.46
CA SER E 420 -20.33 -11.41 13.41
C SER E 420 -19.38 -11.88 14.49
N TRP E 421 -19.91 -12.10 15.70
CA TRP E 421 -19.06 -12.57 16.79
C TRP E 421 -18.50 -13.94 16.49
N VAL E 422 -19.32 -14.85 15.97
CA VAL E 422 -18.84 -16.19 15.66
C VAL E 422 -17.75 -16.13 14.60
N SER E 423 -17.99 -15.35 13.54
CA SER E 423 -17.02 -15.23 12.47
C SER E 423 -15.72 -14.62 12.99
N LEU E 424 -15.81 -13.60 13.83
CA LEU E 424 -14.62 -12.95 14.37
C LEU E 424 -13.85 -13.90 15.28
N PHE E 425 -14.56 -14.62 16.15
CA PHE E 425 -13.90 -15.56 17.05
C PHE E 425 -13.18 -16.64 16.27
N LEU E 426 -13.85 -17.22 15.27
CA LEU E 426 -13.24 -18.26 14.46
C LEU E 426 -12.04 -17.72 13.70
N GLY E 427 -12.15 -16.53 13.11
CA GLY E 427 -11.03 -15.99 12.36
C GLY E 427 -9.84 -15.68 13.26
N PHE E 428 -10.07 -14.93 14.34
CA PHE E 428 -8.98 -14.60 15.25
C PHE E 428 -8.26 -15.84 15.73
N HIS E 429 -9.00 -16.84 16.22
CA HIS E 429 -8.38 -18.05 16.76
C HIS E 429 -7.76 -18.97 15.71
N THR E 430 -8.46 -19.24 14.59
CA THR E 430 -7.90 -20.13 13.58
C THR E 430 -6.65 -19.52 12.95
N LEU E 431 -6.69 -18.24 12.58
CA LEU E 431 -5.52 -17.62 11.99
C LEU E 431 -4.41 -17.48 13.01
N GLY E 432 -4.76 -17.22 14.28
CA GLY E 432 -3.74 -17.12 15.30
C GLY E 432 -3.00 -18.43 15.48
N LEU E 433 -3.74 -19.55 15.51
CA LEU E 433 -3.09 -20.84 15.67
C LEU E 433 -2.25 -21.18 14.45
N TYR E 434 -2.77 -20.91 13.24
CA TYR E 434 -2.00 -21.22 12.04
C TYR E 434 -0.71 -20.43 12.01
N VAL E 435 -0.77 -19.12 12.29
CA VAL E 435 0.46 -18.32 12.27
C VAL E 435 1.37 -18.68 13.42
N HIS E 436 0.83 -19.07 14.58
CA HIS E 436 1.70 -19.44 15.69
C HIS E 436 2.51 -20.68 15.32
N ASN E 437 1.84 -21.67 14.74
CA ASN E 437 2.54 -22.87 14.32
C ASN E 437 3.57 -22.52 13.24
N ASP E 438 3.19 -21.64 12.32
CA ASP E 438 4.09 -21.22 11.26
C ASP E 438 5.34 -20.55 11.83
N VAL E 439 5.17 -19.66 12.80
CA VAL E 439 6.29 -18.95 13.39
C VAL E 439 7.21 -19.90 14.15
N VAL E 440 6.63 -20.76 15.00
CA VAL E 440 7.47 -21.68 15.77
C VAL E 440 8.22 -22.62 14.83
N VAL E 441 7.54 -23.13 13.79
CA VAL E 441 8.21 -24.04 12.87
C VAL E 441 9.32 -23.30 12.11
N ALA E 442 9.09 -22.02 11.80
CA ALA E 442 10.10 -21.25 11.09
C ALA E 442 11.38 -21.12 11.92
N PHE E 443 11.23 -20.93 13.22
CA PHE E 443 12.38 -20.79 14.12
C PHE E 443 13.05 -22.12 14.45
N GLY E 444 12.67 -23.21 13.78
CA GLY E 444 13.28 -24.49 14.04
C GLY E 444 12.81 -25.20 15.30
N ASN E 445 11.57 -24.96 15.73
CA ASN E 445 11.02 -25.59 16.93
C ASN E 445 9.63 -26.12 16.60
N PRO E 446 9.55 -27.16 15.77
CA PRO E 446 8.22 -27.70 15.43
C PRO E 446 7.46 -28.24 16.62
N GLU E 447 8.16 -28.72 17.65
CA GLU E 447 7.50 -29.28 18.82
C GLU E 447 6.77 -28.23 19.64
N LYS E 448 6.98 -26.94 19.39
CA LYS E 448 6.33 -25.88 20.15
C LYS E 448 4.99 -25.45 19.58
N GLN E 449 4.61 -25.93 18.39
CA GLN E 449 3.34 -25.53 17.80
C GLN E 449 2.17 -26.17 18.57
N ILE E 450 1.03 -25.49 18.55
CA ILE E 450 -0.17 -25.94 19.25
C ILE E 450 -0.96 -26.85 18.32
N LEU E 451 -0.96 -28.14 18.62
CA LEU E 451 -1.69 -29.15 17.86
C LEU E 451 -2.83 -29.67 18.73
N ILE E 452 -4.05 -29.31 18.39
CA ILE E 452 -5.24 -29.74 19.12
C ILE E 452 -5.84 -30.93 18.39
N GLU E 453 -5.92 -32.06 19.09
CA GLU E 453 -6.45 -33.28 18.48
C GLU E 453 -7.97 -33.19 18.30
N PRO E 454 -8.50 -33.54 17.12
CA PRO E 454 -9.96 -33.51 16.94
C PRO E 454 -10.62 -34.66 17.67
N ILE E 455 -10.74 -34.52 19.00
CA ILE E 455 -11.30 -35.57 19.83
C ILE E 455 -12.78 -35.82 19.51
N PHE E 456 -13.55 -34.76 19.35
CA PHE E 456 -14.98 -34.92 19.09
C PHE E 456 -15.23 -35.64 17.75
N ALA E 457 -14.50 -35.25 16.70
CA ALA E 457 -14.68 -35.90 15.41
C ALA E 457 -14.18 -37.35 15.45
N GLN E 458 -13.06 -37.58 16.16
CA GLN E 458 -12.55 -38.94 16.28
C GLN E 458 -13.55 -39.81 17.03
N TRP E 459 -14.26 -39.22 18.00
CA TRP E 459 -15.27 -39.98 18.74
C TRP E 459 -16.42 -40.34 17.82
N ILE E 460 -16.83 -39.41 16.95
CA ILE E 460 -17.91 -39.76 16.03
C ILE E 460 -17.44 -40.86 15.08
N GLN E 461 -16.17 -40.82 14.66
CA GLN E 461 -15.64 -41.86 13.79
C GLN E 461 -15.67 -43.21 14.51
N ALA E 462 -15.29 -43.23 15.78
CA ALA E 462 -15.30 -44.47 16.54
C ALA E 462 -16.73 -44.99 16.69
N THR E 463 -17.68 -44.09 17.00
CA THR E 463 -19.06 -44.51 17.13
C THR E 463 -19.54 -45.13 15.84
N SER E 464 -18.99 -44.68 14.70
CA SER E 464 -19.39 -45.25 13.41
C SER E 464 -18.78 -46.63 13.19
N GLY E 465 -17.61 -46.91 13.76
CA GLY E 465 -16.97 -48.20 13.58
C GLY E 465 -15.46 -48.16 13.52
N LYS E 466 -14.87 -46.98 13.46
CA LYS E 466 -13.42 -46.85 13.39
C LYS E 466 -12.78 -47.37 14.68
N MET E 467 -11.65 -48.06 14.53
CA MET E 467 -10.92 -48.64 15.66
C MET E 467 -9.51 -48.10 15.84
N LEU E 468 -9.05 -47.22 14.94
CA LEU E 468 -7.69 -46.69 15.05
C LEU E 468 -7.49 -45.90 16.34
N TYR E 469 -8.49 -45.13 16.75
CA TYR E 469 -8.37 -44.33 17.96
C TYR E 469 -8.60 -45.12 19.24
N GLY E 470 -9.15 -46.32 19.15
CA GLY E 470 -9.38 -47.14 20.33
C GLY E 470 -10.39 -46.60 21.32
N PHE E 471 -11.44 -45.92 20.85
CA PHE E 471 -12.45 -45.41 21.77
C PHE E 471 -13.39 -46.51 22.24
N GLN E 472 -13.68 -47.48 21.37
CA GLN E 472 -14.54 -48.61 21.71
C GLN E 472 -15.91 -48.17 22.22
N VAL E 473 -16.60 -47.35 21.42
CA VAL E 473 -17.93 -46.86 21.75
C VAL E 473 -18.88 -47.20 20.59
N LEU E 474 -20.02 -47.80 20.92
CA LEU E 474 -21.06 -48.17 19.95
C LEU E 474 -20.58 -49.21 18.93
N LEU E 475 -20.53 -48.86 17.64
CA LEU E 475 -20.13 -49.85 16.65
C LEU E 475 -18.65 -50.24 16.75
N SER E 476 -17.82 -49.44 17.42
CA SER E 476 -16.43 -49.82 17.57
C SER E 476 -16.28 -50.93 18.62
N SER E 477 -17.24 -51.03 19.53
CA SER E 477 -17.24 -52.04 20.58
C SER E 477 -18.18 -53.17 20.14
N SER E 478 -17.64 -54.39 20.06
CA SER E 478 -18.44 -55.53 19.63
C SER E 478 -19.55 -55.89 20.62
N THR E 479 -19.43 -55.48 21.88
CA THR E 479 -20.43 -55.79 22.89
C THR E 479 -21.58 -54.79 22.91
N SER E 480 -21.48 -53.70 22.17
CA SER E 480 -22.54 -52.70 22.15
C SER E 480 -23.83 -53.28 21.57
N ASN E 481 -24.96 -52.79 22.07
CA ASN E 481 -26.25 -53.28 21.57
C ASN E 481 -26.42 -52.98 20.09
N ALA E 482 -26.03 -51.78 19.66
CA ALA E 482 -26.16 -51.42 18.26
C ALA E 482 -25.31 -52.33 17.38
N SER E 483 -24.07 -52.60 17.80
CA SER E 483 -23.19 -53.48 17.02
C SER E 483 -23.74 -54.89 16.96
N VAL E 484 -24.23 -55.41 18.10
CA VAL E 484 -24.77 -56.76 18.13
C VAL E 484 -26.01 -56.88 17.26
N ALA E 485 -26.84 -55.83 17.24
CA ALA E 485 -28.06 -55.87 16.43
C ALA E 485 -27.75 -56.00 14.96
N ALA E 486 -26.77 -55.24 14.47
CA ALA E 486 -26.40 -55.26 13.06
C ALA E 486 -25.21 -56.17 12.77
N GLN E 487 -24.73 -56.92 13.77
CA GLN E 487 -23.58 -57.79 13.57
C GLN E 487 -23.81 -58.79 12.44
N GLN E 488 -25.04 -59.27 12.28
CA GLN E 488 -25.36 -60.25 11.24
C GLN E 488 -25.99 -59.66 9.99
N LEU E 489 -26.04 -58.33 9.86
CA LEU E 489 -26.66 -57.76 8.66
C LEU E 489 -25.73 -56.96 7.75
N TRP E 490 -25.25 -55.80 8.19
CA TRP E 490 -24.37 -54.96 7.39
C TRP E 490 -23.10 -54.56 8.14
N LEU E 491 -23.06 -54.80 9.44
CA LEU E 491 -21.88 -54.43 10.23
C LEU E 491 -20.58 -55.11 9.79
N PRO E 492 -20.54 -56.40 9.45
CA PRO E 492 -19.23 -56.97 9.08
C PRO E 492 -18.61 -56.30 7.86
N GLY E 493 -19.36 -56.20 6.76
CA GLY E 493 -18.82 -55.56 5.57
C GLY E 493 -18.50 -54.09 5.79
N TRP E 494 -19.39 -53.37 6.48
CA TRP E 494 -19.15 -51.95 6.73
C TRP E 494 -17.90 -51.75 7.58
N LEU E 495 -17.73 -52.57 8.62
CA LEU E 495 -16.55 -52.44 9.46
C LEU E 495 -15.28 -52.75 8.67
N GLU E 496 -15.37 -53.69 7.70
CA GLU E 496 -14.20 -53.98 6.89
C GLU E 496 -13.85 -52.80 6.00
N ALA E 497 -14.86 -52.10 5.48
CA ALA E 497 -14.59 -50.96 4.61
C ALA E 497 -14.10 -49.74 5.40
N VAL E 498 -14.68 -49.48 6.57
CA VAL E 498 -14.28 -48.31 7.36
C VAL E 498 -12.88 -48.46 7.94
N ASN E 499 -12.46 -49.70 8.25
CA ASN E 499 -11.14 -49.96 8.82
C ASN E 499 -10.11 -50.34 7.76
N ASN E 500 -10.42 -50.15 6.47
CA ASN E 500 -9.47 -50.52 5.43
C ASN E 500 -8.19 -49.70 5.52
N GLU E 501 -8.31 -48.41 5.83
CA GLU E 501 -7.22 -47.44 5.96
C GLU E 501 -6.70 -47.01 4.59
N SER E 502 -7.14 -47.62 3.49
CA SER E 502 -6.70 -47.25 2.16
C SER E 502 -7.76 -46.51 1.36
N ASN E 503 -9.04 -46.72 1.66
CA ASN E 503 -10.12 -46.03 0.97
C ASN E 503 -10.39 -44.70 1.67
N SER E 504 -11.33 -43.93 1.13
CA SER E 504 -11.66 -42.63 1.69
C SER E 504 -12.87 -42.67 2.63
N LEU E 505 -13.22 -43.85 3.13
CA LEU E 505 -14.34 -43.99 4.06
C LEU E 505 -13.84 -43.69 5.47
N PHE E 506 -14.32 -42.60 6.06
CA PHE E 506 -13.92 -42.19 7.40
C PHE E 506 -12.39 -42.14 7.52
N LEU E 507 -11.79 -41.21 6.76
CA LEU E 507 -10.35 -41.04 6.75
C LEU E 507 -9.81 -40.65 8.12
N THR E 508 -8.61 -41.13 8.43
CA THR E 508 -7.99 -40.82 9.71
C THR E 508 -7.74 -39.31 9.78
N ILE E 509 -8.13 -38.69 10.90
CA ILE E 509 -7.98 -37.25 11.08
C ILE E 509 -6.99 -36.96 12.19
N GLY E 510 -6.29 -35.84 12.06
CA GLY E 510 -5.31 -35.40 13.02
C GLY E 510 -5.43 -33.91 13.31
N PRO E 511 -4.41 -33.33 13.95
CA PRO E 511 -4.48 -31.88 14.26
C PRO E 511 -4.67 -31.01 13.04
N GLY E 512 -4.02 -31.36 11.92
CA GLY E 512 -4.19 -30.58 10.71
C GLY E 512 -5.64 -30.54 10.27
N ASP E 513 -6.32 -31.67 10.38
CA ASP E 513 -7.74 -31.72 10.03
C ASP E 513 -8.55 -30.84 10.96
N PHE E 514 -8.20 -30.82 12.25
CA PHE E 514 -8.90 -29.97 13.20
C PHE E 514 -8.77 -28.50 12.81
N LEU E 515 -7.55 -28.07 12.52
CA LEU E 515 -7.30 -26.67 12.16
C LEU E 515 -8.02 -26.30 10.86
N VAL E 516 -7.92 -27.13 9.83
CA VAL E 516 -8.56 -26.78 8.56
C VAL E 516 -10.07 -26.88 8.69
N HIS E 517 -10.59 -27.76 9.54
CA HIS E 517 -12.04 -27.82 9.71
C HIS E 517 -12.50 -26.55 10.39
N HIS E 518 -11.67 -26.01 11.29
CA HIS E 518 -12.02 -24.74 11.92
C HIS E 518 -11.97 -23.62 10.89
N ALA E 519 -11.03 -23.70 9.94
CA ALA E 519 -10.98 -22.69 8.89
C ALA E 519 -12.22 -22.79 8.01
N ILE E 520 -12.66 -24.03 7.75
CA ILE E 520 -13.87 -24.28 6.99
C ILE E 520 -15.04 -23.64 7.72
N ALA E 521 -15.05 -23.76 9.04
CA ALA E 521 -16.10 -23.16 9.87
C ALA E 521 -16.06 -21.64 9.75
N LEU E 522 -14.85 -21.07 9.81
CA LEU E 522 -14.69 -19.62 9.69
C LEU E 522 -15.29 -19.14 8.39
N GLY E 523 -14.99 -19.82 7.29
CA GLY E 523 -15.51 -19.44 5.99
C GLY E 523 -17.00 -19.58 5.87
N LEU E 524 -17.56 -20.71 6.35
CA LEU E 524 -18.99 -20.91 6.28
C LEU E 524 -19.73 -19.83 7.08
N HIS E 525 -19.24 -19.54 8.28
CA HIS E 525 -19.87 -18.52 9.12
C HIS E 525 -19.75 -17.13 8.52
N THR E 526 -18.60 -16.77 7.97
CA THR E 526 -18.46 -15.44 7.40
C THR E 526 -19.31 -15.28 6.14
N THR E 527 -19.41 -16.33 5.31
CA THR E 527 -20.24 -16.23 4.13
C THR E 527 -21.72 -16.10 4.52
N THR E 528 -22.17 -16.94 5.46
CA THR E 528 -23.56 -16.84 5.88
C THR E 528 -23.80 -15.51 6.58
N LEU E 529 -22.77 -14.95 7.23
CA LEU E 529 -22.94 -13.65 7.87
C LEU E 529 -23.22 -12.58 6.82
N ILE E 530 -22.40 -12.54 5.77
CA ILE E 530 -22.61 -11.54 4.73
C ILE E 530 -23.97 -11.73 4.06
N LEU E 531 -24.33 -12.98 3.75
CA LEU E 531 -25.60 -13.25 3.08
C LEU E 531 -26.81 -12.98 3.98
N VAL E 532 -26.76 -13.40 5.25
CA VAL E 532 -27.86 -13.17 6.17
C VAL E 532 -28.02 -11.68 6.42
N LYS E 533 -26.90 -10.97 6.54
CA LYS E 533 -26.94 -9.53 6.74
C LYS E 533 -27.53 -8.86 5.51
N GLY E 534 -27.23 -9.39 4.32
CA GLY E 534 -27.80 -8.82 3.11
C GLY E 534 -29.29 -9.03 3.01
N ALA E 535 -29.75 -10.24 3.39
CA ALA E 535 -31.17 -10.55 3.32
C ALA E 535 -31.99 -9.81 4.38
N LEU E 536 -31.49 -9.75 5.61
CA LEU E 536 -32.22 -9.09 6.69
C LEU E 536 -32.22 -7.57 6.52
N ASP E 537 -31.09 -6.98 6.14
CA ASP E 537 -30.99 -5.54 5.94
C ASP E 537 -31.35 -5.14 4.51
N ALA E 538 -32.08 -5.98 3.79
CA ALA E 538 -32.46 -5.69 2.41
C ALA E 538 -33.59 -4.67 2.34
N ARG E 539 -34.47 -4.65 3.34
CA ARG E 539 -35.59 -3.72 3.33
C ARG E 539 -35.20 -2.34 3.85
N GLY E 540 -34.29 -2.28 4.83
CA GLY E 540 -33.89 -0.99 5.36
C GLY E 540 -32.76 -1.11 6.35
N SER E 541 -32.20 0.04 6.70
CA SER E 541 -31.09 0.14 7.65
C SER E 541 -31.06 1.56 8.19
N LYS E 542 -30.36 1.73 9.32
CA LYS E 542 -30.27 3.07 9.90
C LYS E 542 -29.67 4.05 8.90
N LEU E 543 -28.78 3.57 8.03
CA LEU E 543 -28.17 4.44 7.02
C LEU E 543 -29.18 4.78 5.93
N MET E 544 -29.93 3.78 5.45
CA MET E 544 -30.93 3.96 4.41
C MET E 544 -32.23 3.26 4.80
N PRO E 545 -33.09 3.91 5.58
CA PRO E 545 -34.35 3.26 5.97
C PRO E 545 -35.26 2.91 4.81
N ASP E 546 -35.17 3.63 3.68
CA ASP E 546 -36.02 3.38 2.53
C ASP E 546 -35.32 2.55 1.45
N LYS E 547 -34.49 1.58 1.86
CA LYS E 547 -33.81 0.74 0.88
C LYS E 547 -34.80 -0.06 0.04
N LYS E 548 -35.87 -0.54 0.66
CA LYS E 548 -36.86 -1.33 -0.08
C LYS E 548 -37.44 -0.53 -1.24
N ASP E 549 -37.49 0.79 -1.13
CA ASP E 549 -38.04 1.62 -2.19
C ASP E 549 -37.13 1.72 -3.41
N PHE E 550 -35.86 1.34 -3.29
CA PHE E 550 -34.93 1.42 -4.40
C PHE E 550 -34.68 0.07 -5.08
N GLY E 551 -35.45 -0.95 -4.72
CA GLY E 551 -35.27 -2.25 -5.33
C GLY E 551 -34.20 -3.09 -4.64
N TYR E 552 -33.83 -4.16 -5.34
CA TYR E 552 -32.82 -5.09 -4.84
C TYR E 552 -31.41 -4.74 -5.32
N SER E 553 -31.27 -4.30 -6.58
CA SER E 553 -29.97 -3.97 -7.14
C SER E 553 -29.95 -2.54 -7.67
N PHE E 554 -29.22 -1.67 -6.99
CA PHE E 554 -29.05 -0.28 -7.37
C PHE E 554 -27.62 0.11 -7.03
N PRO E 555 -27.03 1.08 -7.74
CA PRO E 555 -25.64 1.44 -7.45
C PRO E 555 -25.38 1.91 -6.03
N CYS E 556 -25.99 3.02 -5.63
CA CYS E 556 -25.78 3.58 -4.30
C CYS E 556 -26.73 4.75 -4.07
N ASP E 557 -26.49 5.50 -2.99
CA ASP E 557 -27.31 6.67 -2.65
C ASP E 557 -26.47 7.96 -2.65
N GLY E 558 -25.30 7.95 -3.27
CA GLY E 558 -24.45 9.11 -3.33
C GLY E 558 -23.53 9.20 -2.13
N PRO E 559 -22.61 10.16 -2.15
CA PRO E 559 -21.67 10.30 -1.02
C PRO E 559 -22.30 10.93 0.21
N GLY E 560 -23.59 11.26 0.18
CA GLY E 560 -24.23 11.85 1.33
C GLY E 560 -24.32 10.87 2.47
N ARG E 561 -24.48 11.41 3.67
CA ARG E 561 -24.57 10.60 4.89
C ARG E 561 -23.29 9.80 5.10
N GLY E 562 -22.16 10.41 4.76
CA GLY E 562 -20.86 9.78 4.90
C GLY E 562 -20.45 8.89 3.75
N GLY E 563 -21.40 8.37 2.97
CA GLY E 563 -21.11 7.49 1.86
C GLY E 563 -22.00 6.27 1.92
N THR E 564 -22.49 5.80 0.77
CA THR E 564 -23.39 4.65 0.73
C THR E 564 -22.99 3.63 -0.33
N CYS E 565 -21.69 3.43 -0.55
CA CYS E 565 -21.25 2.46 -1.54
C CYS E 565 -21.57 1.04 -1.07
N ASP E 566 -22.04 0.21 -2.01
CA ASP E 566 -22.40 -1.18 -1.72
C ASP E 566 -23.50 -1.30 -0.68
N ILE E 567 -24.39 -0.32 -0.63
CA ILE E 567 -25.49 -0.33 0.36
C ILE E 567 -26.55 -1.35 -0.02
N SER E 568 -26.81 -1.52 -1.31
CA SER E 568 -27.85 -2.44 -1.76
C SER E 568 -27.54 -3.88 -1.35
N ALA E 569 -28.61 -4.69 -1.29
CA ALA E 569 -28.47 -6.10 -0.94
C ALA E 569 -27.74 -6.87 -2.03
N TRP E 570 -27.88 -6.44 -3.29
CA TRP E 570 -27.17 -7.11 -4.37
C TRP E 570 -25.68 -7.06 -4.11
N ASP E 571 -25.20 -5.94 -3.55
CA ASP E 571 -23.78 -5.84 -3.23
C ASP E 571 -23.42 -6.78 -2.10
N ALA E 572 -24.36 -7.04 -1.18
CA ALA E 572 -24.07 -8.01 -0.13
C ALA E 572 -23.84 -9.38 -0.76
N PHE E 573 -24.65 -9.71 -1.77
CA PHE E 573 -24.46 -10.98 -2.47
C PHE E 573 -23.13 -10.98 -3.21
N TYR E 574 -22.79 -9.86 -3.84
CA TYR E 574 -21.54 -9.74 -4.59
C TYR E 574 -20.33 -9.80 -3.67
N LEU E 575 -20.47 -9.39 -2.40
CA LEU E 575 -19.40 -9.46 -1.42
C LEU E 575 -19.30 -10.86 -0.86
N ALA E 576 -20.44 -11.55 -0.77
CA ALA E 576 -20.49 -12.92 -0.28
C ALA E 576 -20.01 -13.91 -1.34
N MET E 577 -20.05 -13.52 -2.62
CA MET E 577 -19.55 -14.41 -3.66
C MET E 577 -18.06 -14.62 -3.51
N PHE E 578 -17.33 -13.58 -3.12
CA PHE E 578 -15.89 -13.70 -2.92
C PHE E 578 -15.61 -14.64 -1.76
N TRP E 579 -16.39 -14.51 -0.68
CA TRP E 579 -16.19 -15.38 0.48
C TRP E 579 -16.59 -16.82 0.15
N MET E 580 -17.60 -17.02 -0.68
CA MET E 580 -17.96 -18.38 -1.04
C MET E 580 -16.84 -19.00 -1.84
N LEU E 581 -16.26 -18.23 -2.77
CA LEU E 581 -15.15 -18.76 -3.55
C LEU E 581 -14.00 -19.11 -2.63
N ASN E 582 -13.75 -18.28 -1.61
CA ASN E 582 -12.67 -18.55 -0.66
C ASN E 582 -12.96 -19.79 0.20
N THR E 583 -14.17 -19.89 0.74
CA THR E 583 -14.55 -21.02 1.58
C THR E 583 -14.48 -22.32 0.79
N ILE E 584 -15.08 -22.34 -0.40
CA ILE E 584 -15.06 -23.53 -1.22
C ILE E 584 -13.65 -23.81 -1.69
N GLY E 585 -12.82 -22.78 -1.88
CA GLY E 585 -11.45 -23.01 -2.26
C GLY E 585 -10.67 -23.69 -1.16
N TRP E 586 -10.95 -23.33 0.09
CA TRP E 586 -10.30 -23.97 1.23
C TRP E 586 -10.77 -25.41 1.37
N VAL E 587 -12.08 -25.64 1.19
CA VAL E 587 -12.63 -26.99 1.30
C VAL E 587 -12.01 -27.90 0.24
N THR E 588 -11.98 -27.43 -1.01
CA THR E 588 -11.41 -28.23 -2.08
C THR E 588 -9.90 -28.37 -1.93
N PHE E 589 -9.23 -27.33 -1.42
CA PHE E 589 -7.79 -27.41 -1.18
C PHE E 589 -7.49 -28.53 -0.20
N TYR E 590 -8.25 -28.57 0.89
CA TYR E 590 -8.07 -29.58 1.93
C TYR E 590 -8.42 -30.97 1.43
N TRP E 591 -9.51 -31.11 0.67
CA TRP E 591 -9.85 -32.43 0.15
C TRP E 591 -8.77 -32.93 -0.80
N HIS E 592 -8.34 -32.08 -1.73
CA HIS E 592 -7.33 -32.47 -2.70
C HIS E 592 -6.00 -32.78 -2.05
N TRP E 593 -5.56 -32.00 -1.06
CA TRP E 593 -4.28 -32.31 -0.43
C TRP E 593 -4.36 -33.58 0.40
N LYS E 594 -5.45 -33.74 1.18
CA LYS E 594 -5.58 -34.94 1.99
C LYS E 594 -5.60 -36.19 1.11
N HIS E 595 -6.34 -36.14 0.00
CA HIS E 595 -6.40 -37.28 -0.90
C HIS E 595 -5.12 -37.49 -1.68
N LEU E 596 -4.37 -36.41 -2.00
CA LEU E 596 -3.11 -36.59 -2.70
C LEU E 596 -2.12 -37.28 -1.79
N SER E 597 -2.12 -36.92 -0.50
CA SER E 597 -1.20 -37.55 0.44
C SER E 597 -1.59 -39.00 0.65
N LEU E 598 -2.89 -39.30 0.69
CA LEU E 598 -3.31 -40.69 0.89
C LEU E 598 -2.98 -41.55 -0.32
N TRP E 599 -3.28 -41.06 -1.53
CA TRP E 599 -3.01 -41.83 -2.74
C TRP E 599 -1.53 -42.14 -2.92
N GLN E 600 -0.66 -41.14 -2.71
CA GLN E 600 0.76 -41.38 -2.88
C GLN E 600 1.35 -42.25 -1.78
N GLY E 601 0.56 -42.64 -0.79
CA GLY E 601 1.06 -43.49 0.27
C GLY E 601 1.92 -42.78 1.30
N ASN E 602 1.91 -41.44 1.34
CA ASN E 602 2.70 -40.67 2.28
C ASN E 602 1.77 -39.71 3.01
N VAL E 603 1.12 -40.19 4.07
CA VAL E 603 0.23 -39.33 4.83
C VAL E 603 1.00 -38.47 5.82
N ALA E 604 2.22 -38.89 6.19
CA ALA E 604 3.02 -38.11 7.12
C ALA E 604 3.25 -36.69 6.61
N GLN E 605 3.40 -36.53 5.29
CA GLN E 605 3.61 -35.20 4.74
C GLN E 605 2.46 -34.28 5.13
N PHE E 606 1.23 -34.75 4.97
CA PHE E 606 0.08 -33.93 5.34
C PHE E 606 0.01 -33.77 6.85
N ASN E 607 0.14 -34.88 7.58
CA ASN E 607 0.07 -34.84 9.04
C ASN E 607 1.03 -33.83 9.65
N GLU E 608 2.19 -33.63 9.04
CA GLU E 608 3.20 -32.72 9.58
C GLU E 608 3.30 -31.37 8.88
N SER E 609 2.71 -31.20 7.70
CA SER E 609 2.79 -29.93 6.99
C SER E 609 1.50 -29.13 6.98
N SER E 610 0.36 -29.75 7.29
CA SER E 610 -0.91 -29.03 7.30
C SER E 610 -1.12 -28.21 8.56
N THR E 611 -0.23 -28.33 9.56
CA THR E 611 -0.40 -27.56 10.79
C THR E 611 -0.03 -26.09 10.59
N TYR E 612 0.83 -25.79 9.63
CA TYR E 612 1.25 -24.42 9.34
C TYR E 612 0.97 -24.10 7.88
N LEU E 613 0.76 -22.82 7.60
CA LEU E 613 0.45 -22.37 6.25
C LEU E 613 1.64 -22.46 5.30
N MET E 614 2.87 -22.40 5.82
CA MET E 614 4.02 -22.53 4.94
C MET E 614 3.98 -23.86 4.23
N GLY E 615 3.55 -24.91 4.92
CA GLY E 615 3.44 -26.22 4.30
C GLY E 615 2.33 -26.23 3.26
N TRP E 616 1.21 -25.55 3.57
CA TRP E 616 0.10 -25.48 2.62
C TRP E 616 0.51 -24.79 1.34
N LEU E 617 1.51 -23.90 1.40
CA LEU E 617 1.98 -23.19 0.22
C LEU E 617 3.14 -23.89 -0.48
N ARG E 618 3.96 -24.63 0.25
CA ARG E 618 5.12 -25.31 -0.31
C ARG E 618 4.82 -26.74 -0.77
N ASP E 619 4.38 -27.59 0.16
CA ASP E 619 4.12 -28.99 -0.18
C ASP E 619 2.85 -29.21 -1.00
N TYR E 620 1.98 -28.20 -1.14
CA TYR E 620 0.75 -28.37 -1.91
C TYR E 620 0.71 -27.50 -3.16
N LEU E 621 0.81 -26.18 -3.02
CA LEU E 621 0.74 -25.32 -4.20
C LEU E 621 2.03 -25.33 -5.01
N TRP E 622 3.19 -25.34 -4.35
CA TRP E 622 4.45 -25.31 -5.07
C TRP E 622 4.89 -26.71 -5.54
N LEU E 623 4.90 -27.68 -4.63
CA LEU E 623 5.34 -29.02 -4.99
C LEU E 623 4.50 -29.64 -6.10
N ASN E 624 3.18 -29.59 -5.97
CA ASN E 624 2.32 -30.19 -6.98
C ASN E 624 2.14 -29.34 -8.23
N SER E 625 2.65 -28.12 -8.26
CA SER E 625 2.52 -27.28 -9.45
C SER E 625 3.60 -27.54 -10.48
N SER E 626 4.62 -28.33 -10.14
CA SER E 626 5.69 -28.61 -11.09
C SER E 626 5.19 -29.27 -12.36
N PRO E 627 4.45 -30.38 -12.32
CA PRO E 627 3.96 -30.97 -13.57
C PRO E 627 3.00 -30.07 -14.32
N LEU E 628 2.27 -29.21 -13.62
CA LEU E 628 1.30 -28.32 -14.27
C LEU E 628 2.01 -27.25 -15.10
N ILE E 629 2.95 -26.53 -14.50
CA ILE E 629 3.64 -25.45 -15.22
C ILE E 629 4.67 -25.94 -16.21
N ASN E 630 4.93 -27.26 -16.26
CA ASN E 630 5.89 -27.83 -17.20
C ASN E 630 5.21 -28.43 -18.41
N GLY E 631 3.95 -28.07 -18.67
CA GLY E 631 3.26 -28.62 -19.83
C GLY E 631 4.00 -28.32 -21.12
N TYR E 632 4.51 -27.10 -21.26
CA TYR E 632 5.27 -26.70 -22.43
C TYR E 632 6.45 -25.86 -21.96
N ASN E 633 7.61 -26.10 -22.55
CA ASN E 633 8.83 -25.40 -22.19
C ASN E 633 9.71 -25.32 -23.42
N PRO E 634 10.83 -24.60 -23.35
CA PRO E 634 11.70 -24.51 -24.54
C PRO E 634 12.17 -25.86 -25.02
N TYR E 635 12.25 -26.84 -24.13
CA TYR E 635 12.71 -28.17 -24.51
C TYR E 635 11.67 -28.91 -25.35
N GLY E 636 10.39 -28.69 -25.09
CA GLY E 636 9.34 -29.34 -25.86
C GLY E 636 7.96 -29.08 -25.28
N MET E 637 7.13 -30.13 -25.22
CA MET E 637 5.78 -29.99 -24.68
C MET E 637 5.29 -31.35 -24.22
N ASN E 638 4.20 -31.33 -23.46
CA ASN E 638 3.56 -32.51 -22.91
C ASN E 638 2.09 -32.50 -23.28
N SER E 639 1.38 -33.55 -22.87
CA SER E 639 -0.05 -33.60 -23.14
C SER E 639 -0.80 -32.66 -22.21
N LEU E 640 -0.16 -32.22 -21.14
CA LEU E 640 -0.73 -31.30 -20.16
C LEU E 640 -0.54 -29.85 -20.58
N ALA E 641 -0.07 -29.60 -21.80
CA ALA E 641 0.13 -28.23 -22.25
C ALA E 641 -1.17 -27.45 -22.22
N VAL E 642 -2.27 -28.10 -22.56
CA VAL E 642 -3.56 -27.42 -22.55
C VAL E 642 -3.90 -26.96 -21.13
N TRP E 643 -3.61 -27.80 -20.14
CA TRP E 643 -3.90 -27.43 -18.76
C TRP E 643 -3.02 -26.27 -18.32
N SER E 644 -1.75 -26.24 -18.75
CA SER E 644 -0.87 -25.14 -18.37
C SER E 644 -1.33 -23.84 -19.02
N TRP E 645 -1.69 -23.88 -20.29
CA TRP E 645 -2.17 -22.68 -20.97
C TRP E 645 -3.48 -22.22 -20.36
N MET E 646 -4.34 -23.15 -19.93
CA MET E 646 -5.59 -22.78 -19.28
C MET E 646 -5.32 -22.18 -17.91
N PHE E 647 -4.31 -22.70 -17.20
CA PHE E 647 -3.94 -22.18 -15.90
C PHE E 647 -3.50 -20.73 -16.02
N LEU E 648 -2.67 -20.44 -17.03
CA LEU E 648 -2.23 -19.07 -17.25
C LEU E 648 -3.40 -18.18 -17.70
N PHE E 649 -4.27 -18.73 -18.55
CA PHE E 649 -5.43 -17.98 -19.01
C PHE E 649 -6.34 -17.62 -17.84
N ALA E 650 -6.48 -18.56 -16.90
CA ALA E 650 -7.30 -18.30 -15.72
C ALA E 650 -6.64 -17.24 -14.85
N HIS E 651 -5.32 -17.29 -14.72
CA HIS E 651 -4.62 -16.25 -13.96
C HIS E 651 -4.89 -14.89 -14.59
N LEU E 652 -4.86 -14.83 -15.92
CA LEU E 652 -5.09 -13.58 -16.64
C LEU E 652 -6.53 -13.09 -16.48
N VAL E 653 -7.52 -13.98 -16.59
CA VAL E 653 -8.91 -13.53 -16.45
C VAL E 653 -9.18 -13.11 -15.01
N TRP E 654 -8.50 -13.73 -14.04
CA TRP E 654 -8.66 -13.33 -12.65
C TRP E 654 -8.13 -11.92 -12.44
N ALA E 655 -6.95 -11.63 -12.98
CA ALA E 655 -6.42 -10.28 -12.86
C ALA E 655 -7.31 -9.28 -13.60
N THR E 656 -7.82 -9.68 -14.77
CA THR E 656 -8.72 -8.81 -15.49
C THR E 656 -9.93 -8.48 -14.63
N GLY E 657 -10.37 -9.45 -13.83
CA GLY E 657 -11.46 -9.19 -12.92
C GLY E 657 -11.05 -8.14 -11.90
N PHE E 658 -9.82 -8.25 -11.40
CA PHE E 658 -9.32 -7.26 -10.45
C PHE E 658 -9.48 -5.87 -11.06
N MET E 659 -9.27 -5.78 -12.38
CA MET E 659 -9.41 -4.50 -13.08
C MET E 659 -10.73 -3.82 -12.73
N PHE E 660 -11.85 -4.49 -13.02
CA PHE E 660 -13.16 -3.90 -12.73
C PHE E 660 -13.45 -3.86 -11.24
N LEU E 661 -12.84 -4.73 -10.45
CA LEU E 661 -13.11 -4.74 -9.01
C LEU E 661 -12.39 -3.60 -8.27
N ILE E 662 -11.38 -2.98 -8.88
CA ILE E 662 -10.65 -1.88 -8.26
C ILE E 662 -11.05 -0.54 -8.86
N SER E 663 -10.86 -0.36 -10.17
CA SER E 663 -11.23 0.88 -10.82
C SER E 663 -12.75 0.94 -10.98
N TRP E 664 -13.34 2.04 -10.56
CA TRP E 664 -14.79 2.24 -10.63
C TRP E 664 -15.13 3.23 -11.73
N ARG E 665 -16.42 3.32 -12.07
CA ARG E 665 -16.87 4.21 -13.13
C ARG E 665 -16.58 5.66 -12.79
N GLY E 666 -16.09 6.41 -13.77
CA GLY E 666 -15.74 7.81 -13.63
C GLY E 666 -14.41 8.07 -14.29
N TYR E 667 -13.44 7.16 -14.10
CA TYR E 667 -12.18 7.31 -14.80
C TYR E 667 -12.39 6.88 -16.25
N TRP E 668 -13.18 5.82 -16.41
CA TRP E 668 -13.51 5.26 -17.71
C TRP E 668 -14.51 6.15 -18.44
N GLN E 669 -15.40 6.83 -17.74
CA GLN E 669 -16.34 7.72 -18.41
C GLN E 669 -15.58 8.86 -19.10
N GLU E 670 -14.67 9.50 -18.36
CA GLU E 670 -13.85 10.56 -18.95
C GLU E 670 -12.97 10.01 -20.05
N LEU E 671 -12.40 8.82 -19.84
CA LEU E 671 -11.56 8.22 -20.86
C LEU E 671 -12.35 8.00 -22.15
N ILE E 672 -13.59 7.52 -22.02
CA ILE E 672 -14.44 7.29 -23.17
C ILE E 672 -14.80 8.62 -23.83
N GLU E 673 -14.97 9.68 -23.04
CA GLU E 673 -15.27 10.98 -23.64
C GLU E 673 -14.08 11.41 -24.51
N THR E 674 -12.88 11.20 -23.99
CA THR E 674 -11.66 11.54 -24.73
C THR E 674 -11.60 10.73 -26.02
N LEU E 675 -11.91 9.44 -25.93
CA LEU E 675 -11.92 8.58 -27.12
C LEU E 675 -12.98 9.04 -28.11
N ALA E 676 -14.14 9.46 -27.62
CA ALA E 676 -15.21 9.93 -28.48
C ALA E 676 -14.75 11.17 -29.26
N TRP E 677 -14.07 12.07 -28.56
CA TRP E 677 -13.54 13.26 -29.21
C TRP E 677 -12.56 12.86 -30.31
N ALA E 678 -11.67 11.91 -29.99
CA ALA E 678 -10.68 11.47 -30.96
C ALA E 678 -11.34 10.85 -32.19
N HIS E 679 -12.37 10.03 -32.00
CA HIS E 679 -13.00 9.40 -33.16
C HIS E 679 -13.74 10.40 -34.03
N GLU E 680 -14.47 11.34 -33.44
CA GLU E 680 -15.21 12.28 -34.27
C GLU E 680 -14.36 13.47 -34.72
N ARG E 681 -13.07 13.51 -34.37
CA ARG E 681 -12.20 14.58 -34.82
C ARG E 681 -11.05 14.10 -35.69
N THR E 682 -11.12 12.88 -36.23
CA THR E 682 -10.07 12.34 -37.08
C THR E 682 -10.60 12.14 -38.50
N PRO E 683 -9.87 12.58 -39.53
CA PRO E 683 -10.36 12.40 -40.90
C PRO E 683 -10.31 10.95 -41.34
N LEU E 684 -11.09 10.66 -42.38
CA LEU E 684 -11.24 9.35 -43.01
C LEU E 684 -11.95 8.35 -42.11
N ALA E 685 -12.32 8.73 -40.90
CA ALA E 685 -13.02 7.86 -39.97
C ALA E 685 -14.26 8.53 -39.38
N ASN E 686 -14.55 9.77 -39.79
CA ASN E 686 -15.72 10.46 -39.29
C ASN E 686 -16.99 9.91 -39.92
N LEU E 687 -16.89 9.35 -41.12
CA LEU E 687 -18.05 8.77 -41.79
C LEU E 687 -18.70 7.72 -40.90
N ILE E 688 -17.89 6.89 -40.25
CA ILE E 688 -18.39 5.85 -39.37
C ILE E 688 -18.84 6.52 -38.08
N ARG E 689 -20.14 6.47 -37.79
CA ARG E 689 -20.71 7.09 -36.61
C ARG E 689 -21.39 6.05 -35.75
N TRP E 690 -21.08 6.05 -34.45
CA TRP E 690 -21.69 5.10 -33.53
C TRP E 690 -23.20 5.33 -33.44
N LYS E 691 -23.97 4.23 -33.52
CA LYS E 691 -25.41 4.35 -33.39
C LYS E 691 -25.80 4.59 -31.94
N ASP E 692 -25.09 3.94 -31.02
CA ASP E 692 -25.30 4.07 -29.59
C ASP E 692 -24.12 4.84 -29.02
N LYS E 693 -24.40 5.88 -28.24
CA LYS E 693 -23.35 6.70 -27.67
C LYS E 693 -22.48 5.89 -26.72
N PRO E 694 -21.16 5.83 -26.94
CA PRO E 694 -20.30 5.06 -26.01
C PRO E 694 -20.39 5.58 -24.59
N VAL E 695 -20.46 4.66 -23.63
CA VAL E 695 -20.53 5.00 -22.22
C VAL E 695 -19.80 3.92 -21.43
N ALA E 696 -19.29 4.31 -20.26
CA ALA E 696 -18.58 3.37 -19.41
C ALA E 696 -19.53 2.40 -18.73
N LEU E 697 -19.01 1.24 -18.37
CA LEU E 697 -19.84 0.24 -17.69
C LEU E 697 -20.42 0.84 -16.42
N SER E 698 -21.70 0.57 -16.19
CA SER E 698 -22.37 1.08 -15.01
C SER E 698 -21.67 0.61 -13.74
N ILE E 699 -22.03 1.26 -12.62
CA ILE E 699 -21.46 0.90 -11.33
C ILE E 699 -21.76 -0.57 -11.03
N VAL E 700 -23.04 -0.94 -11.04
CA VAL E 700 -23.43 -2.31 -10.76
C VAL E 700 -22.95 -3.22 -11.88
N GLN E 701 -22.97 -2.75 -13.13
CA GLN E 701 -22.48 -3.57 -14.23
C GLN E 701 -21.01 -3.86 -14.03
N ALA E 702 -20.25 -2.87 -13.55
CA ALA E 702 -18.83 -3.08 -13.30
C ALA E 702 -18.64 -4.14 -12.22
N ARG E 703 -19.43 -4.06 -11.14
CA ARG E 703 -19.29 -5.05 -10.08
C ARG E 703 -19.59 -6.45 -10.60
N LEU E 704 -20.63 -6.59 -11.42
CA LEU E 704 -20.98 -7.91 -11.96
C LEU E 704 -19.92 -8.41 -12.94
N VAL E 705 -19.39 -7.55 -13.80
CA VAL E 705 -18.36 -7.96 -14.75
C VAL E 705 -17.09 -8.38 -14.01
N GLY E 706 -16.68 -7.57 -13.02
CA GLY E 706 -15.50 -7.92 -12.26
C GLY E 706 -15.68 -9.19 -11.47
N LEU E 707 -16.87 -9.38 -10.88
CA LEU E 707 -17.15 -10.60 -10.13
C LEU E 707 -17.15 -11.81 -11.06
N VAL E 708 -17.65 -11.65 -12.29
CA VAL E 708 -17.66 -12.75 -13.24
C VAL E 708 -16.24 -13.09 -13.65
N HIS E 709 -15.41 -12.06 -13.91
CA HIS E 709 -14.02 -12.31 -14.27
C HIS E 709 -13.29 -13.03 -13.14
N PHE E 710 -13.45 -12.53 -11.91
CA PHE E 710 -12.80 -13.13 -10.75
C PHE E 710 -13.26 -14.56 -10.55
N THR E 711 -14.56 -14.81 -10.70
CA THR E 711 -15.11 -16.15 -10.53
C THR E 711 -14.61 -17.10 -11.61
N VAL E 712 -14.60 -16.64 -12.87
CA VAL E 712 -14.12 -17.47 -13.96
C VAL E 712 -12.66 -17.81 -13.76
N GLY E 713 -11.86 -16.83 -13.34
CA GLY E 713 -10.45 -17.08 -13.11
C GLY E 713 -10.22 -18.04 -11.95
N TYR E 714 -10.93 -17.84 -10.84
CA TYR E 714 -10.78 -18.72 -9.69
C TYR E 714 -11.07 -20.17 -10.06
N ILE E 715 -12.23 -20.39 -10.69
CA ILE E 715 -12.64 -21.74 -11.06
C ILE E 715 -11.69 -22.34 -12.09
N LEU E 716 -11.38 -21.61 -13.16
CA LEU E 716 -10.50 -22.17 -14.19
C LEU E 716 -9.10 -22.44 -13.65
N THR E 717 -8.56 -21.55 -12.81
CA THR E 717 -7.23 -21.77 -12.26
C THR E 717 -7.19 -23.03 -11.42
N TYR E 718 -8.14 -23.19 -10.49
CA TYR E 718 -8.10 -24.39 -9.68
C TYR E 718 -8.43 -25.64 -10.48
N ALA E 719 -9.26 -25.53 -11.51
CA ALA E 719 -9.56 -26.70 -12.33
C ALA E 719 -8.30 -27.19 -13.04
N ALA E 720 -7.58 -26.26 -13.67
CA ALA E 720 -6.36 -26.63 -14.36
C ALA E 720 -5.35 -27.21 -13.37
N PHE E 721 -5.18 -26.55 -12.21
CA PHE E 721 -4.22 -27.03 -11.23
C PHE E 721 -4.55 -28.45 -10.77
N VAL E 722 -5.79 -28.68 -10.32
CA VAL E 722 -6.15 -29.99 -9.80
C VAL E 722 -6.00 -31.07 -10.87
N ILE E 723 -6.53 -30.83 -12.08
CA ILE E 723 -6.44 -31.86 -13.11
C ILE E 723 -4.99 -32.15 -13.47
N ALA E 724 -4.20 -31.11 -13.75
CA ALA E 724 -2.81 -31.32 -14.13
C ALA E 724 -2.01 -32.01 -13.03
N SER E 725 -2.19 -31.59 -11.77
CA SER E 725 -1.44 -32.19 -10.68
C SER E 725 -1.81 -33.66 -10.49
N THR E 726 -3.11 -33.95 -10.39
CA THR E 726 -3.52 -35.33 -10.20
C THR E 726 -3.14 -36.19 -11.40
N ALA E 727 -2.99 -35.60 -12.59
CA ALA E 727 -2.61 -36.38 -13.76
C ALA E 727 -1.11 -36.68 -13.75
N GLY E 728 -0.29 -35.65 -13.75
CA GLY E 728 1.15 -35.85 -13.76
C GLY E 728 1.65 -36.66 -12.58
N LYS E 729 1.06 -36.44 -11.40
CA LYS E 729 1.50 -37.16 -10.21
C LYS E 729 1.30 -38.67 -10.34
N PHE E 730 0.16 -39.09 -10.89
CA PHE E 730 -0.16 -40.51 -11.03
C PHE E 730 -0.22 -40.97 -12.49
N SER E 731 0.39 -40.23 -13.41
CA SER E 731 0.40 -40.63 -14.81
C SER E 731 1.73 -40.26 -15.46
N ALA F 1 -34.46 10.68 -16.75
CA ALA F 1 -35.85 10.72 -16.35
C ALA F 1 -36.00 10.31 -14.89
N HIS F 2 -35.05 10.73 -14.06
CA HIS F 2 -35.08 10.42 -12.65
C HIS F 2 -36.24 11.15 -11.98
N THR F 3 -36.81 10.51 -10.96
CA THR F 3 -37.96 11.05 -10.23
C THR F 3 -37.51 11.68 -8.91
N VAL F 4 -37.66 12.99 -8.79
CA VAL F 4 -37.31 13.71 -7.57
C VAL F 4 -38.61 14.03 -6.86
N LYS F 5 -38.73 13.59 -5.61
CA LYS F 5 -39.94 13.79 -4.83
C LYS F 5 -39.63 14.48 -3.51
N ILE F 6 -40.41 15.51 -3.20
CA ILE F 6 -40.27 16.29 -1.97
C ILE F 6 -41.34 15.82 -1.00
N TYR F 7 -40.96 15.60 0.26
CA TYR F 7 -41.88 15.14 1.28
C TYR F 7 -42.23 16.28 2.22
N ASP F 8 -43.28 16.07 3.02
CA ASP F 8 -43.80 17.08 3.93
C ASP F 8 -42.85 17.45 5.06
N ASN F 9 -41.79 16.70 5.32
CA ASN F 9 -40.88 17.06 6.39
C ASN F 9 -39.93 18.19 5.99
N CYS F 10 -40.04 18.67 4.76
CA CYS F 10 -39.17 19.75 4.30
C CYS F 10 -39.34 20.99 5.17
N ILE F 11 -38.21 21.61 5.53
CA ILE F 11 -38.23 22.82 6.36
C ILE F 11 -38.03 24.08 5.55
N GLY F 12 -37.93 23.99 4.22
CA GLY F 12 -37.75 25.17 3.40
C GLY F 12 -36.43 25.89 3.63
N CYS F 13 -35.34 25.15 3.80
CA CYS F 13 -34.04 25.77 4.02
C CYS F 13 -33.35 26.17 2.72
N THR F 14 -33.83 25.69 1.57
CA THR F 14 -33.32 25.99 0.24
C THR F 14 -31.96 25.39 -0.04
N GLN F 15 -31.35 24.66 0.89
CA GLN F 15 -30.03 24.11 0.64
C GLN F 15 -30.05 23.15 -0.55
N CYS F 16 -31.15 22.43 -0.75
CA CYS F 16 -31.24 21.52 -1.89
C CYS F 16 -31.20 22.29 -3.20
N VAL F 17 -31.94 23.40 -3.29
CA VAL F 17 -31.95 24.20 -4.51
C VAL F 17 -30.58 24.84 -4.73
N ARG F 18 -29.95 25.31 -3.65
CA ARG F 18 -28.65 25.94 -3.78
C ARG F 18 -27.57 24.95 -4.19
N ALA F 19 -27.68 23.69 -3.78
CA ALA F 19 -26.70 22.67 -4.12
C ALA F 19 -27.00 21.91 -5.41
N CYS F 20 -28.15 22.17 -6.04
CA CYS F 20 -28.47 21.47 -7.28
C CYS F 20 -27.72 22.10 -8.44
N PRO F 21 -26.93 21.34 -9.21
CA PRO F 21 -26.17 21.91 -10.32
C PRO F 21 -26.86 21.89 -11.67
N LEU F 22 -28.15 21.53 -11.75
CA LEU F 22 -28.86 21.47 -13.02
C LEU F 22 -30.15 22.27 -13.02
N ASP F 23 -30.34 23.17 -12.04
CA ASP F 23 -31.54 23.99 -11.97
C ASP F 23 -32.80 23.13 -12.01
N VAL F 24 -32.74 21.97 -11.34
CA VAL F 24 -33.88 21.07 -11.32
C VAL F 24 -34.85 21.40 -10.19
N LEU F 25 -34.37 22.05 -9.13
CA LEU F 25 -35.19 22.40 -7.98
C LEU F 25 -35.43 23.91 -7.93
N GLU F 26 -36.41 24.29 -7.10
CA GLU F 26 -36.76 25.68 -6.91
C GLU F 26 -37.53 25.78 -5.59
N MET F 27 -37.84 27.01 -5.20
CA MET F 27 -38.58 27.28 -3.98
C MET F 27 -39.95 27.85 -4.34
N VAL F 28 -41.00 27.31 -3.70
CA VAL F 28 -42.36 27.75 -3.96
C VAL F 28 -43.02 28.11 -2.64
N PRO F 29 -44.00 29.01 -2.62
CA PRO F 29 -44.66 29.34 -1.36
C PRO F 29 -45.32 28.11 -0.74
N TRP F 30 -45.31 28.08 0.59
CA TRP F 30 -45.87 26.96 1.33
C TRP F 30 -46.29 27.45 2.70
N ASP F 31 -47.10 26.65 3.40
CA ASP F 31 -47.58 27.00 4.73
C ASP F 31 -47.30 25.89 5.74
N GLY F 32 -46.40 24.97 5.43
CA GLY F 32 -46.05 23.88 6.32
C GLY F 32 -44.87 24.14 7.22
N CYS F 33 -44.31 25.36 7.17
CA CYS F 33 -43.17 25.71 8.00
C CYS F 33 -43.14 27.23 8.11
N LYS F 34 -42.40 27.72 9.12
CA LYS F 34 -42.33 29.16 9.30
C LYS F 34 -41.66 29.84 8.11
N ALA F 35 -40.74 29.15 7.44
CA ALA F 35 -40.07 29.74 6.29
C ALA F 35 -41.06 30.08 5.18
N GLY F 36 -42.24 29.44 5.19
CA GLY F 36 -43.24 29.71 4.18
C GLY F 36 -42.82 29.31 2.78
N GLN F 37 -41.84 28.43 2.65
CA GLN F 37 -41.36 27.98 1.36
C GLN F 37 -41.09 26.49 1.39
N MET F 38 -41.24 25.85 0.24
CA MET F 38 -41.02 24.42 0.10
C MET F 38 -40.27 24.15 -1.20
N ALA F 39 -39.46 23.09 -1.19
CA ALA F 39 -38.69 22.72 -2.36
C ALA F 39 -39.60 22.06 -3.39
N SER F 40 -39.33 22.34 -4.66
CA SER F 40 -40.09 21.77 -5.76
C SER F 40 -39.12 21.33 -6.84
N ALA F 41 -39.54 20.33 -7.62
CA ALA F 41 -38.74 19.77 -8.71
C ALA F 41 -39.55 19.77 -9.99
N PRO F 42 -39.73 20.94 -10.60
CA PRO F 42 -40.52 21.03 -11.85
C PRO F 42 -39.71 20.80 -13.12
N ARG F 43 -38.40 20.61 -13.01
CA ARG F 43 -37.52 20.38 -14.16
C ARG F 43 -36.72 19.11 -13.97
N THR F 44 -37.40 18.04 -13.57
CA THR F 44 -36.73 16.77 -13.35
C THR F 44 -36.17 16.16 -14.63
N GLU F 45 -36.57 16.68 -15.80
CA GLU F 45 -36.04 16.14 -17.05
C GLU F 45 -34.55 16.42 -17.19
N ASP F 46 -34.04 17.45 -16.51
CA ASP F 46 -32.62 17.80 -16.56
C ASP F 46 -31.82 17.15 -15.45
N CYS F 47 -32.47 16.42 -14.54
CA CYS F 47 -31.76 15.78 -13.44
C CYS F 47 -30.86 14.66 -13.95
N VAL F 48 -29.70 14.51 -13.29
CA VAL F 48 -28.74 13.48 -13.64
C VAL F 48 -28.58 12.43 -12.55
N GLY F 49 -29.07 12.70 -11.34
CA GLY F 49 -28.93 11.76 -10.26
C GLY F 49 -27.71 11.94 -9.39
N CYS F 50 -27.02 13.08 -9.53
CA CYS F 50 -25.81 13.32 -8.72
C CYS F 50 -26.13 13.28 -7.24
N LYS F 51 -27.38 13.53 -6.86
CA LYS F 51 -27.82 13.51 -5.47
C LYS F 51 -27.14 14.58 -4.62
N ARG F 52 -26.70 15.69 -5.23
CA ARG F 52 -26.11 16.75 -4.44
C ARG F 52 -27.15 17.33 -3.49
N CYS F 53 -28.40 17.39 -3.95
CA CYS F 53 -29.49 17.89 -3.13
C CYS F 53 -29.72 16.98 -1.93
N GLU F 54 -29.71 15.66 -2.15
CA GLU F 54 -29.89 14.73 -1.05
C GLU F 54 -28.82 14.94 0.01
N THR F 55 -27.59 15.21 -0.42
CA THR F 55 -26.49 15.45 0.52
C THR F 55 -26.66 16.79 1.23
N ALA F 56 -27.22 17.79 0.55
CA ALA F 56 -27.42 19.11 1.12
C ALA F 56 -28.69 19.23 1.94
N CYS F 57 -29.49 18.18 2.07
CA CYS F 57 -30.73 18.26 2.86
C CYS F 57 -30.41 18.10 4.34
N PRO F 58 -30.91 19.00 5.21
CA PRO F 58 -30.61 18.89 6.64
C PRO F 58 -31.59 18.07 7.47
N THR F 59 -32.80 17.81 6.98
CA THR F 59 -33.79 17.05 7.73
C THR F 59 -33.18 15.73 8.19
N ASP F 60 -33.76 15.11 9.23
CA ASP F 60 -33.23 13.85 9.72
C ASP F 60 -33.12 12.89 8.54
N PHE F 61 -34.26 12.51 7.97
CA PHE F 61 -34.26 11.68 6.78
C PHE F 61 -34.58 12.61 5.63
N LEU F 62 -33.78 12.51 4.58
CA LEU F 62 -33.91 13.39 3.43
C LEU F 62 -35.36 13.64 3.04
N SER F 63 -35.74 14.91 3.01
CA SER F 63 -37.08 15.30 2.59
C SER F 63 -37.20 15.30 1.08
N ILE F 64 -36.08 15.23 0.39
CA ILE F 64 -36.02 15.19 -1.07
C ILE F 64 -35.35 13.86 -1.44
N ARG F 65 -36.06 13.03 -2.19
CA ARG F 65 -35.54 11.72 -2.60
C ARG F 65 -35.48 11.66 -4.12
N VAL F 66 -34.32 11.27 -4.64
CA VAL F 66 -34.09 11.15 -6.06
C VAL F 66 -34.02 9.65 -6.39
N TYR F 67 -34.93 9.19 -7.23
CA TYR F 67 -34.99 7.80 -7.65
C TYR F 67 -34.51 7.71 -9.08
N LEU F 68 -33.49 6.88 -9.30
CA LEU F 68 -32.90 6.70 -10.63
C LEU F 68 -33.80 5.78 -11.45
N GLY F 69 -34.41 6.32 -12.50
CA GLY F 69 -35.28 5.54 -13.35
C GLY F 69 -34.84 5.54 -14.80
N GLY F 70 -35.70 6.03 -15.69
CA GLY F 70 -35.35 6.07 -17.09
C GLY F 70 -34.10 6.90 -17.32
N GLU F 71 -33.22 6.40 -18.19
CA GLU F 71 -31.97 7.07 -18.53
C GLU F 71 -32.07 7.68 -19.92
N THR F 72 -31.71 8.96 -20.01
CA THR F 72 -31.75 9.69 -21.27
C THR F 72 -30.41 10.37 -21.51
N THR F 73 -30.33 11.20 -22.55
CA THR F 73 -29.07 11.90 -22.80
C THR F 73 -28.76 12.90 -21.70
N ARG F 74 -29.78 13.62 -21.23
CA ARG F 74 -29.55 14.59 -20.16
C ARG F 74 -29.11 13.91 -18.88
N SER F 75 -29.78 12.81 -18.51
CA SER F 75 -29.45 12.11 -17.28
C SER F 75 -28.06 11.47 -17.30
N MET F 76 -27.56 11.10 -18.48
CA MET F 76 -26.24 10.48 -18.56
C MET F 76 -25.11 11.51 -18.58
N GLY F 77 -25.43 12.81 -18.65
CA GLY F 77 -24.40 13.82 -18.66
C GLY F 77 -23.42 13.66 -19.80
N LEU F 78 -23.93 13.44 -21.01
CA LEU F 78 -23.11 13.24 -22.18
C LEU F 78 -22.99 14.53 -22.98
N ALA F 79 -21.77 15.05 -23.10
CA ALA F 79 -21.51 16.25 -23.88
C ALA F 79 -21.22 15.89 -25.33
N TYR F 80 -21.23 14.60 -25.66
CA TYR F 80 -20.98 14.10 -27.00
C TYR F 80 -22.19 13.31 -27.46
N LEU G 1 -31.68 33.84 -28.40
CA LEU G 1 -31.98 35.26 -28.56
C LEU G 1 -30.70 36.05 -28.81
N ASN G 2 -30.78 37.05 -29.68
CA ASN G 2 -29.64 37.89 -30.02
C ASN G 2 -28.42 37.02 -30.35
N LEU G 3 -28.58 36.19 -31.39
CA LEU G 3 -27.51 35.29 -31.80
C LEU G 3 -26.28 36.06 -32.27
N LYS G 4 -26.44 37.34 -32.61
CA LYS G 4 -25.32 38.17 -33.06
C LYS G 4 -24.62 38.85 -31.88
N MET G 5 -25.02 38.54 -30.66
CA MET G 5 -24.41 39.13 -29.47
C MET G 5 -22.92 38.82 -29.45
N PRO G 6 -22.07 39.75 -29.01
CA PRO G 6 -20.62 39.48 -29.00
C PRO G 6 -20.27 38.32 -28.09
N SER G 7 -19.17 37.61 -28.43
CA SER G 7 -18.71 36.45 -27.69
C SER G 7 -17.42 36.73 -26.92
N PRO G 8 -17.20 36.05 -25.79
CA PRO G 8 -15.96 36.26 -25.04
C PRO G 8 -14.76 35.85 -25.89
N SER G 9 -13.64 36.55 -25.70
CA SER G 9 -12.43 36.27 -26.46
C SER G 9 -11.81 34.96 -25.98
N PHE G 10 -12.07 33.88 -26.70
CA PHE G 10 -11.54 32.56 -26.38
C PHE G 10 -10.72 32.09 -27.58
N LEU G 11 -9.69 31.27 -27.32
CA LEU G 11 -8.80 30.80 -28.37
C LEU G 11 -9.07 29.36 -28.80
N GLY G 12 -10.32 28.92 -28.76
CA GLY G 12 -10.65 27.58 -29.21
C GLY G 12 -10.85 26.52 -28.15
N SER G 13 -9.84 25.66 -27.97
CA SER G 13 -9.87 24.55 -27.01
C SER G 13 -10.52 23.34 -27.68
N THR G 14 -10.21 22.14 -27.19
CA THR G 14 -10.77 20.91 -27.74
C THR G 14 -11.88 20.34 -26.85
N GLY G 15 -12.39 21.12 -25.92
CA GLY G 15 -13.44 20.67 -25.02
C GLY G 15 -14.81 21.24 -25.33
N GLY G 16 -14.93 22.01 -26.41
CA GLY G 16 -16.19 22.61 -26.77
C GLY G 16 -17.19 21.58 -27.30
N TRP G 17 -18.37 22.08 -27.67
CA TRP G 17 -19.41 21.22 -28.18
C TRP G 17 -18.95 20.50 -29.44
N LEU G 18 -19.38 19.24 -29.58
CA LEU G 18 -19.03 18.39 -30.70
C LEU G 18 -20.19 18.36 -31.70
N ARG G 19 -20.08 17.49 -32.71
CA ARG G 19 -21.10 17.37 -33.75
C ARG G 19 -22.48 17.05 -33.17
N CYS G 20 -22.49 16.27 -32.09
CA CYS G 20 -23.75 15.91 -31.44
C CYS G 20 -24.57 17.15 -31.12
N ALA G 21 -23.90 18.22 -30.68
CA ALA G 21 -24.61 19.45 -30.37
C ALA G 21 -25.24 20.05 -31.62
N GLU G 22 -24.61 19.86 -32.79
CA GLU G 22 -25.18 20.38 -34.02
C GLU G 22 -26.50 19.69 -34.33
N THR G 23 -26.53 18.37 -34.25
CA THR G 23 -27.77 17.67 -34.55
C THR G 23 -28.68 17.49 -33.33
N GLU G 24 -28.31 18.04 -32.18
CA GLU G 24 -29.13 17.90 -30.98
C GLU G 24 -29.12 19.22 -30.21
N GLU G 25 -29.53 19.16 -28.94
CA GLU G 25 -29.60 20.34 -28.11
C GLU G 25 -28.23 20.99 -27.92
N LYS G 26 -28.22 22.31 -27.90
CA LYS G 26 -27.02 23.11 -27.70
C LYS G 26 -27.41 24.27 -26.81
N TYR G 27 -26.81 24.34 -25.62
CA TYR G 27 -27.15 25.41 -24.70
C TYR G 27 -26.30 26.64 -24.97
N ALA G 28 -26.83 27.80 -24.59
CA ALA G 28 -26.14 29.07 -24.77
C ALA G 28 -26.29 29.89 -23.51
N MET G 29 -25.29 30.71 -23.21
CA MET G 29 -25.34 31.58 -22.04
C MET G 29 -24.99 32.98 -22.49
N THR G 30 -25.86 33.94 -22.14
CA THR G 30 -25.70 35.34 -22.48
C THR G 30 -25.76 36.15 -21.19
N TRP G 31 -24.67 36.85 -20.88
CA TRP G 31 -24.56 37.69 -19.70
C TRP G 31 -23.88 39.00 -20.04
N SER G 32 -24.13 40.03 -19.23
CA SER G 32 -23.54 41.34 -19.44
C SER G 32 -22.63 41.70 -18.28
N SER G 33 -21.49 42.32 -18.62
CA SER G 33 -20.50 42.73 -17.63
C SER G 33 -20.01 44.14 -17.95
N ASP G 34 -19.33 44.74 -16.98
CA ASP G 34 -18.78 46.09 -17.12
C ASP G 34 -17.27 46.13 -17.14
N GLN G 35 -16.59 45.02 -16.79
CA GLN G 35 -15.14 44.95 -16.76
C GLN G 35 -14.71 43.68 -17.51
N GLN G 36 -13.58 43.76 -18.22
CA GLN G 36 -13.05 42.64 -18.98
C GLN G 36 -12.37 41.65 -18.03
N HIS G 37 -13.20 40.92 -17.30
CA HIS G 37 -12.72 39.93 -16.35
C HIS G 37 -12.23 38.68 -17.09
N ILE G 38 -11.37 37.92 -16.43
CA ILE G 38 -10.85 36.67 -16.97
C ILE G 38 -11.50 35.56 -16.16
N PHE G 39 -12.19 34.66 -16.85
CA PHE G 39 -12.91 33.56 -16.21
C PHE G 39 -12.50 32.24 -16.83
N GLU G 40 -12.52 31.19 -16.00
CA GLU G 40 -12.17 29.85 -16.44
C GLU G 40 -13.35 29.23 -17.18
N MET G 41 -13.17 28.93 -18.46
CA MET G 41 -14.25 28.34 -19.23
C MET G 41 -14.57 26.95 -18.67
N PRO G 42 -15.84 26.54 -18.65
CA PRO G 42 -16.16 25.20 -18.13
C PRO G 42 -15.56 24.08 -18.94
N THR G 43 -15.14 24.35 -20.18
CA THR G 43 -14.55 23.35 -21.05
C THR G 43 -13.05 23.20 -20.85
N GLY G 44 -12.43 24.03 -20.02
CA GLY G 44 -11.01 23.95 -19.77
C GLY G 44 -10.23 25.04 -20.48
N GLY G 45 -9.85 26.07 -19.75
CA GLY G 45 -9.11 27.18 -20.31
C GLY G 45 -9.44 28.46 -19.58
N ALA G 46 -8.95 29.57 -20.14
CA ALA G 46 -9.18 30.89 -19.60
C ALA G 46 -9.63 31.81 -20.73
N ALA G 47 -10.67 32.61 -20.46
CA ALA G 47 -11.22 33.53 -21.45
C ALA G 47 -11.42 34.89 -20.82
N VAL G 48 -11.54 35.91 -21.67
CA VAL G 48 -11.76 37.28 -21.25
C VAL G 48 -13.16 37.67 -21.69
N MET G 49 -14.02 38.00 -20.73
CA MET G 49 -15.40 38.38 -21.05
C MET G 49 -15.41 39.82 -21.56
N ASN G 50 -15.88 39.98 -22.80
CA ASN G 50 -15.95 41.31 -23.41
C ASN G 50 -16.78 42.25 -22.57
N SER G 51 -16.28 43.46 -22.36
CA SER G 51 -17.02 44.45 -21.60
C SER G 51 -18.27 44.80 -22.39
N GLY G 52 -19.43 44.54 -21.80
CA GLY G 52 -20.69 44.78 -22.46
C GLY G 52 -21.52 43.51 -22.46
N ASP G 53 -21.73 42.93 -23.65
CA ASP G 53 -22.53 41.72 -23.81
C ASP G 53 -21.64 40.54 -24.21
N ASN G 54 -21.85 39.40 -23.55
CA ASN G 54 -21.09 38.16 -23.79
C ASN G 54 -22.05 37.01 -24.07
N LEU G 55 -21.80 36.28 -25.15
CA LEU G 55 -22.62 35.13 -25.54
C LEU G 55 -21.71 33.98 -25.94
N LEU G 56 -21.94 32.80 -25.35
CA LEU G 56 -21.14 31.62 -25.69
C LEU G 56 -22.05 30.40 -25.76
N TYR G 57 -21.58 29.37 -26.47
CA TYR G 57 -22.32 28.14 -26.66
C TYR G 57 -21.63 26.96 -25.97
N LEU G 58 -22.43 26.08 -25.37
CA LEU G 58 -21.97 24.90 -24.65
C LEU G 58 -22.84 23.72 -25.05
N ALA G 59 -22.34 22.51 -24.75
CA ALA G 59 -23.05 21.28 -25.08
C ALA G 59 -23.86 20.69 -23.95
N ARG G 60 -23.82 21.27 -22.76
CA ARG G 60 -24.58 20.72 -21.63
C ARG G 60 -25.17 21.84 -20.79
N LYS G 61 -26.31 21.54 -20.15
CA LYS G 61 -26.94 22.52 -19.28
C LYS G 61 -26.13 22.70 -18.01
N GLU G 62 -25.54 21.60 -17.52
CA GLU G 62 -24.73 21.69 -16.31
C GLU G 62 -23.51 22.57 -16.53
N GLN G 63 -22.92 22.50 -17.73
CA GLN G 63 -21.76 23.34 -18.00
C GLN G 63 -22.14 24.82 -17.95
N ALA G 64 -23.28 25.17 -18.57
CA ALA G 64 -23.72 26.57 -18.54
C ALA G 64 -24.05 27.00 -17.13
N LEU G 65 -24.71 26.13 -16.36
CA LEU G 65 -25.05 26.49 -14.99
C LEU G 65 -23.80 26.63 -14.13
N ALA G 66 -22.79 25.79 -14.36
CA ALA G 66 -21.55 25.92 -13.60
C ALA G 66 -20.85 27.22 -13.95
N LEU G 67 -20.85 27.59 -15.23
CA LEU G 67 -20.24 28.84 -15.64
C LEU G 67 -20.98 29.99 -14.98
N ALA G 68 -22.32 29.91 -14.93
CA ALA G 68 -23.11 30.96 -14.29
C ALA G 68 -22.79 31.03 -12.81
N THR G 69 -22.60 29.88 -12.17
CA THR G 69 -22.27 29.86 -10.74
C THR G 69 -20.95 30.57 -10.49
N GLN G 70 -19.95 30.32 -11.34
CA GLN G 70 -18.67 30.99 -11.13
C GLN G 70 -18.77 32.48 -11.48
N LEU G 71 -19.61 32.83 -12.46
CA LEU G 71 -19.76 34.24 -12.80
C LEU G 71 -20.45 34.99 -11.67
N ARG G 72 -21.32 34.29 -10.92
CA ARG G 72 -22.03 34.90 -9.81
C ARG G 72 -21.17 34.92 -8.54
N THR G 73 -20.26 33.96 -8.40
CA THR G 73 -19.41 33.88 -7.22
C THR G 73 -18.09 34.64 -7.39
N GLN G 74 -17.28 34.26 -8.39
CA GLN G 74 -16.02 34.96 -8.62
C GLN G 74 -16.24 36.43 -8.93
N PHE G 75 -17.38 36.75 -9.53
CA PHE G 75 -17.75 38.12 -9.88
C PHE G 75 -19.18 38.35 -9.45
N LYS G 76 -19.53 39.62 -9.22
CA LYS G 76 -20.89 39.97 -8.80
C LYS G 76 -21.74 40.22 -10.04
N ILE G 77 -21.92 39.16 -10.81
CA ILE G 77 -22.71 39.18 -12.04
C ILE G 77 -23.89 38.26 -11.81
N GLN G 78 -25.10 38.83 -11.77
CA GLN G 78 -26.33 38.06 -11.55
C GLN G 78 -27.27 38.08 -12.74
N ASP G 79 -26.97 38.84 -13.78
CA ASP G 79 -27.84 38.93 -14.96
C ASP G 79 -27.37 37.96 -16.05
N TYR G 80 -27.34 36.68 -15.70
CA TYR G 80 -26.93 35.62 -16.64
C TYR G 80 -28.17 34.85 -17.06
N LYS G 81 -28.34 34.69 -18.37
CA LYS G 81 -29.49 33.97 -18.92
C LYS G 81 -29.00 32.78 -19.73
N ILE G 82 -29.58 31.61 -19.47
CA ILE G 82 -29.22 30.37 -20.15
C ILE G 82 -30.39 29.93 -21.01
N TYR G 83 -30.15 29.81 -22.30
CA TYR G 83 -31.14 29.37 -23.29
C TYR G 83 -30.73 28.04 -23.87
N ARG G 84 -31.67 27.39 -24.55
CA ARG G 84 -31.45 26.10 -25.20
C ARG G 84 -31.87 26.24 -26.65
N ILE G 85 -31.00 25.81 -27.57
CA ILE G 85 -31.25 25.88 -29.00
C ILE G 85 -31.29 24.47 -29.56
N PHE G 86 -32.34 24.17 -30.29
CA PHE G 86 -32.56 22.88 -30.92
C PHE G 86 -32.08 22.92 -32.36
N PRO G 87 -31.87 21.76 -32.99
CA PRO G 87 -31.42 21.77 -34.39
C PRO G 87 -32.36 22.53 -35.31
N SER G 88 -33.66 22.57 -34.98
CA SER G 88 -34.61 23.30 -35.82
C SER G 88 -34.34 24.80 -35.79
N GLY G 89 -33.86 25.32 -34.67
CA GLY G 89 -33.58 26.74 -34.52
C GLY G 89 -34.42 27.45 -33.47
N GLU G 90 -35.43 26.81 -32.90
CA GLU G 90 -36.27 27.45 -31.90
C GLU G 90 -35.53 27.49 -30.56
N VAL G 91 -35.45 28.69 -29.98
CA VAL G 91 -34.77 28.90 -28.71
C VAL G 91 -35.75 28.67 -27.56
N GLN G 92 -35.20 28.27 -26.41
CA GLN G 92 -35.98 28.00 -25.22
C GLN G 92 -35.30 28.63 -24.01
N TYR G 93 -36.06 29.40 -23.24
CA TYR G 93 -35.53 30.06 -22.04
C TYR G 93 -35.51 29.04 -20.91
N LEU G 94 -34.32 28.73 -20.40
CA LEU G 94 -34.17 27.74 -19.33
C LEU G 94 -33.82 28.35 -17.98
N HIS G 95 -32.76 29.13 -17.88
CA HIS G 95 -32.35 29.71 -16.61
C HIS G 95 -32.39 31.23 -16.66
N PRO G 96 -33.01 31.92 -15.69
CA PRO G 96 -33.70 31.38 -14.51
C PRO G 96 -35.15 30.97 -14.76
N LYS G 97 -35.63 31.17 -15.98
CA LYS G 97 -36.99 30.83 -16.42
C LYS G 97 -38.04 31.79 -15.86
N ASP G 98 -37.69 32.62 -14.89
CA ASP G 98 -38.65 33.56 -14.35
C ASP G 98 -38.05 34.88 -13.93
N GLY G 99 -36.75 35.12 -14.15
CA GLY G 99 -36.12 36.35 -13.74
C GLY G 99 -35.73 36.38 -12.27
N VAL G 100 -35.98 35.30 -11.54
CA VAL G 100 -35.65 35.20 -10.11
C VAL G 100 -34.83 33.94 -9.91
N LEU G 101 -33.86 33.99 -9.00
CA LEU G 101 -33.03 32.83 -8.75
C LEU G 101 -33.87 31.69 -8.17
N PRO G 102 -33.55 30.44 -8.51
CA PRO G 102 -34.37 29.32 -8.01
C PRO G 102 -34.44 29.22 -6.49
N TYR G 103 -33.34 29.48 -5.77
CA TYR G 103 -33.40 29.38 -4.32
C TYR G 103 -34.11 30.55 -3.65
N GLN G 104 -34.49 31.58 -4.40
CA GLN G 104 -35.21 32.72 -3.86
C GLN G 104 -36.70 32.47 -4.07
N VAL G 105 -37.44 32.31 -2.97
CA VAL G 105 -38.88 32.06 -3.07
C VAL G 105 -39.53 33.18 -3.86
N ASN G 106 -40.37 32.82 -4.81
CA ASN G 106 -41.08 33.77 -5.65
C ASN G 106 -42.49 33.28 -5.89
N LYS G 107 -43.42 34.21 -5.97
CA LYS G 107 -44.82 33.85 -6.21
C LYS G 107 -45.02 33.39 -7.65
N GLY G 108 -46.09 32.64 -7.86
CA GLY G 108 -46.43 32.11 -9.17
C GLY G 108 -45.88 30.74 -9.46
N ARG G 109 -45.04 30.18 -8.59
CA ARG G 109 -44.48 28.85 -8.79
C ARG G 109 -45.39 27.80 -8.17
N GLU G 110 -45.70 26.77 -8.95
CA GLU G 110 -46.56 25.67 -8.50
C GLU G 110 -45.70 24.50 -8.04
N GLN G 111 -46.04 23.96 -6.87
CA GLN G 111 -45.30 22.83 -6.32
C GLN G 111 -45.43 21.63 -7.26
N VAL G 112 -44.29 21.01 -7.57
CA VAL G 112 -44.24 19.84 -8.43
C VAL G 112 -43.48 18.74 -7.70
N GLY G 113 -44.00 17.52 -7.78
CA GLY G 113 -43.37 16.39 -7.13
C GLY G 113 -43.43 16.49 -5.61
N ARG G 114 -44.64 16.47 -5.07
CA ARG G 114 -44.84 16.54 -3.62
C ARG G 114 -45.50 15.25 -3.15
N VAL G 115 -45.02 14.74 -2.02
CA VAL G 115 -45.53 13.51 -1.42
C VAL G 115 -46.01 13.83 -0.02
N LYS G 116 -47.23 13.38 0.30
CA LYS G 116 -47.80 13.64 1.62
C LYS G 116 -47.05 12.85 2.69
N SER G 117 -46.89 13.48 3.86
CA SER G 117 -46.22 12.86 5.00
C SER G 117 -44.75 12.55 4.71
N THR G 118 -44.09 11.91 5.67
CA THR G 118 -42.68 11.55 5.51
C THR G 118 -42.55 10.26 4.71
N ILE G 119 -41.29 9.91 4.39
CA ILE G 119 -41.02 8.72 3.60
C ILE G 119 -41.34 7.44 4.38
N GLY G 120 -41.47 7.51 5.70
CA GLY G 120 -41.77 6.32 6.47
C GLY G 120 -43.14 5.74 6.19
N LYS G 121 -44.02 6.49 5.53
CA LYS G 121 -45.35 6.03 5.21
C LYS G 121 -45.45 5.42 3.81
N ASN G 122 -44.33 5.31 3.10
CA ASN G 122 -44.36 4.74 1.76
C ASN G 122 -44.81 3.28 1.81
N VAL G 123 -45.61 2.88 0.83
CA VAL G 123 -46.10 1.51 0.78
C VAL G 123 -44.97 0.56 0.41
N ASN G 124 -45.15 -0.71 0.74
CA ASN G 124 -44.14 -1.72 0.45
C ASN G 124 -44.19 -2.10 -1.03
N PRO G 125 -43.04 -2.51 -1.60
CA PRO G 125 -43.05 -2.90 -3.02
C PRO G 125 -44.00 -4.04 -3.31
N ALA G 126 -44.30 -4.89 -2.31
CA ALA G 126 -45.20 -6.01 -2.53
C ALA G 126 -46.64 -5.56 -2.75
N GLN G 127 -47.03 -4.41 -2.18
CA GLN G 127 -48.39 -3.92 -2.32
C GLN G 127 -48.65 -3.29 -3.68
N VAL G 128 -47.62 -2.92 -4.43
CA VAL G 128 -47.78 -2.29 -5.73
C VAL G 128 -47.14 -3.17 -6.80
N LYS G 129 -47.13 -4.48 -6.59
CA LYS G 129 -46.54 -5.41 -7.54
C LYS G 129 -47.48 -5.66 -8.71
N PHE G 130 -46.91 -5.75 -9.91
CA PHE G 130 -47.66 -5.98 -11.13
C PHE G 130 -48.59 -4.81 -11.47
N THR G 131 -48.23 -3.61 -11.02
CA THR G 131 -49.03 -2.42 -11.28
C THR G 131 -48.11 -1.26 -11.62
N SER G 132 -48.66 -0.29 -12.33
CA SER G 132 -47.91 0.90 -12.73
C SER G 132 -47.92 1.96 -11.63
N LYS G 133 -47.59 1.53 -10.41
CA LYS G 133 -47.55 2.41 -9.25
C LYS G 133 -46.24 2.22 -8.52
N ALA G 134 -45.77 3.28 -7.89
CA ALA G 134 -44.52 3.27 -7.14
C ALA G 134 -44.78 3.48 -5.66
N THR G 135 -43.77 3.19 -4.85
CA THR G 135 -43.89 3.34 -3.41
C THR G 135 -44.14 4.80 -3.03
N TYR G 136 -43.43 5.73 -3.67
CA TYR G 136 -43.61 7.14 -3.36
C TYR G 136 -45.00 7.66 -3.76
N ASP G 137 -45.71 6.92 -4.60
CA ASP G 137 -47.05 7.35 -5.02
C ASP G 137 -48.05 7.04 -3.91
N ARG G 138 -48.86 8.04 -3.56
CA ARG G 138 -49.87 7.87 -2.51
C ARG G 138 -51.21 7.45 -3.11
N ILE H 1 -45.25 18.31 26.46
CA ILE H 1 -44.16 18.61 25.54
C ILE H 1 -44.02 20.12 25.40
N LYS H 2 -42.96 20.67 26.00
CA LYS H 2 -42.71 22.10 25.94
C LYS H 2 -41.19 22.32 25.98
N LYS H 3 -40.79 23.54 26.31
CA LYS H 3 -39.38 23.91 26.38
C LYS H 3 -38.56 22.90 27.16
N GLY H 4 -37.54 22.35 26.51
CA GLY H 4 -36.65 21.38 27.12
C GLY H 4 -37.33 20.21 27.80
N SER H 5 -38.29 19.59 27.11
CA SER H 5 -39.02 18.45 27.65
C SER H 5 -38.50 17.18 27.01
N LEU H 6 -38.08 16.22 27.85
CA LEU H 6 -37.57 14.96 27.32
C LEU H 6 -38.69 14.22 26.60
N VAL H 7 -38.44 13.84 25.35
CA VAL H 7 -39.42 13.12 24.54
C VAL H 7 -38.75 12.00 23.79
N LYS H 8 -39.44 10.86 23.70
CA LYS H 8 -38.93 9.70 22.99
C LYS H 8 -39.50 9.73 21.57
N ILE H 9 -38.63 9.46 20.60
CA ILE H 9 -39.00 9.48 19.20
C ILE H 9 -39.76 8.21 18.82
N LEU H 10 -40.67 8.35 17.86
CA LEU H 10 -41.48 7.25 17.36
C LEU H 10 -41.37 7.08 15.85
N ARG H 11 -40.72 8.00 15.15
CA ARG H 11 -40.58 7.90 13.70
C ARG H 11 -39.70 6.71 13.35
N PRO H 12 -40.16 5.76 12.52
CA PRO H 12 -39.30 4.61 12.21
C PRO H 12 -38.08 4.96 11.39
N GLU H 13 -38.21 5.82 10.37
CA GLU H 13 -37.06 6.17 9.54
C GLU H 13 -36.11 7.13 10.25
N SER H 14 -36.45 7.62 11.43
CA SER H 14 -35.57 8.55 12.13
C SER H 14 -34.31 7.85 12.65
N PHE H 15 -33.18 8.56 12.54
CA PHE H 15 -31.92 7.99 13.01
C PHE H 15 -31.93 7.82 14.52
N TRP H 16 -32.69 8.64 15.23
CA TRP H 16 -32.79 8.59 16.69
C TRP H 16 -34.06 7.87 17.15
N TYR H 17 -34.49 6.84 16.42
CA TYR H 17 -35.69 6.12 16.80
C TYR H 17 -35.47 5.43 18.15
N ASN H 18 -36.52 5.44 18.98
CA ASN H 18 -36.50 4.85 20.31
C ASN H 18 -35.52 5.54 21.25
N GLU H 19 -35.04 6.72 20.89
CA GLU H 19 -34.11 7.49 21.71
C GLU H 19 -34.81 8.71 22.29
N VAL H 20 -34.24 9.24 23.38
CA VAL H 20 -34.81 10.41 24.05
C VAL H 20 -34.06 11.65 23.60
N GLY H 21 -34.78 12.76 23.50
CA GLY H 21 -34.20 14.02 23.08
C GLY H 21 -34.92 15.18 23.75
N THR H 22 -34.24 16.33 23.76
CA THR H 22 -34.78 17.52 24.37
C THR H 22 -35.53 18.35 23.32
N VAL H 23 -36.51 19.11 23.78
CA VAL H 23 -37.33 19.95 22.89
C VAL H 23 -36.76 21.36 22.95
N VAL H 24 -36.18 21.80 21.83
CA VAL H 24 -35.61 23.15 21.77
C VAL H 24 -36.72 24.19 21.77
N ASN H 25 -37.75 23.99 20.94
CA ASN H 25 -38.87 24.91 20.87
C ASN H 25 -40.05 24.20 20.23
N VAL H 26 -41.22 24.82 20.35
CA VAL H 26 -42.45 24.29 19.79
C VAL H 26 -43.11 25.37 18.95
N GLU H 27 -43.44 25.06 17.71
CA GLU H 27 -44.08 26.02 16.83
C GLU H 27 -45.51 26.28 17.24
N THR H 28 -46.01 27.47 16.86
CA THR H 28 -47.38 27.88 17.15
C THR H 28 -48.03 28.48 15.91
N SER H 29 -47.46 28.22 14.73
CA SER H 29 -47.98 28.72 13.47
C SER H 29 -48.79 27.69 12.71
N LYS H 30 -49.16 26.57 13.34
CA LYS H 30 -49.94 25.52 12.71
C LYS H 30 -49.18 24.92 11.52
N VAL H 31 -48.03 24.35 11.82
CA VAL H 31 -47.18 23.73 10.81
C VAL H 31 -47.31 22.21 10.95
N LEU H 32 -46.89 21.49 9.91
CA LEU H 32 -46.98 20.04 9.91
C LEU H 32 -46.12 19.41 11.00
N TYR H 33 -44.88 19.86 11.15
CA TYR H 33 -43.95 19.33 12.14
C TYR H 33 -43.46 20.51 12.98
N PRO H 34 -44.13 20.79 14.10
CA PRO H 34 -43.77 21.94 14.94
C PRO H 34 -42.87 21.71 16.15
N VAL H 35 -42.38 20.50 16.42
CA VAL H 35 -41.56 20.26 17.61
C VAL H 35 -40.11 20.02 17.17
N LEU H 36 -39.23 20.95 17.51
CA LEU H 36 -37.81 20.81 17.18
C LEU H 36 -37.15 20.05 18.32
N VAL H 37 -36.53 18.91 18.01
CA VAL H 37 -35.88 18.06 18.99
C VAL H 37 -34.39 17.98 18.71
N ARG H 38 -33.60 18.06 19.78
CA ARG H 38 -32.15 17.97 19.74
C ARG H 38 -31.72 16.73 20.52
N PHE H 39 -30.67 16.08 20.03
CA PHE H 39 -30.16 14.86 20.65
C PHE H 39 -28.67 14.98 20.94
N ASP H 40 -28.21 14.17 21.90
CA ASP H 40 -26.79 14.16 22.24
C ASP H 40 -25.98 13.48 21.14
N LYS H 41 -26.55 12.46 20.49
CA LYS H 41 -25.90 11.73 19.42
C LYS H 41 -26.11 12.45 18.09
N VAL H 42 -25.21 12.19 17.15
CA VAL H 42 -25.26 12.79 15.82
C VAL H 42 -25.58 11.70 14.81
N ASN H 43 -26.21 12.10 13.71
CA ASN H 43 -26.55 11.14 12.67
C ASN H 43 -25.44 11.11 11.63
N TYR H 44 -25.65 10.34 10.56
CA TYR H 44 -24.63 10.20 9.52
C TYR H 44 -24.33 11.50 8.78
N SER H 45 -25.18 12.50 8.88
CA SER H 45 -24.95 13.78 8.20
C SER H 45 -24.31 14.80 9.12
N GLY H 46 -23.95 14.42 10.34
CA GLY H 46 -23.35 15.34 11.27
C GLY H 46 -24.30 16.32 11.90
N LEU H 47 -25.60 16.08 11.79
CA LEU H 47 -26.64 16.94 12.33
C LEU H 47 -27.25 16.28 13.55
N ASN H 48 -27.50 17.06 14.61
CA ASN H 48 -28.04 16.52 15.84
C ASN H 48 -29.51 16.82 16.09
N SER H 49 -30.08 17.86 15.49
CA SER H 49 -31.49 18.19 15.72
C SER H 49 -32.32 17.99 14.47
N THR H 50 -33.64 18.00 14.65
CA THR H 50 -34.60 17.82 13.57
C THR H 50 -36.01 18.07 14.09
N ASN H 51 -36.92 18.37 13.16
CA ASN H 51 -38.31 18.62 13.48
C ASN H 51 -39.13 17.33 13.47
N PHE H 52 -40.12 17.28 14.36
CA PHE H 52 -41.02 16.15 14.51
C PHE H 52 -42.41 16.69 14.85
N SER H 53 -43.39 15.79 14.84
CA SER H 53 -44.77 16.11 15.14
C SER H 53 -45.13 15.57 16.52
N LEU H 54 -46.25 16.06 17.05
CA LEU H 54 -46.69 15.61 18.38
C LEU H 54 -46.97 14.12 18.39
N ASP H 55 -47.64 13.61 17.35
CA ASP H 55 -47.95 12.18 17.30
C ASP H 55 -46.72 11.31 17.13
N GLU H 56 -45.59 11.89 16.72
CA GLU H 56 -44.35 11.15 16.53
C GLU H 56 -43.46 11.15 17.76
N LEU H 57 -43.88 11.78 18.85
CA LEU H 57 -43.09 11.84 20.07
C LEU H 57 -43.96 11.52 21.27
N VAL H 58 -43.34 10.93 22.30
CA VAL H 58 -44.03 10.57 23.54
C VAL H 58 -43.27 11.19 24.70
N GLU H 59 -43.96 11.98 25.52
CA GLU H 59 -43.31 12.61 26.65
C GLU H 59 -42.82 11.57 27.65
N ILE H 60 -41.64 11.81 28.21
CA ILE H 60 -41.01 10.93 29.19
C ILE H 60 -41.13 11.57 30.55
N LYS H 61 -41.76 10.85 31.49
CA LYS H 61 -41.97 11.33 32.86
C LYS H 61 -42.42 12.79 32.88
N VAL I 1 -3.82 -43.24 17.08
CA VAL I 1 -3.63 -43.47 18.51
C VAL I 1 -2.60 -42.49 19.05
N LEU I 2 -2.70 -42.17 20.34
CA LEU I 2 -1.81 -41.23 20.99
C LEU I 2 -1.08 -41.93 22.15
N THR I 3 0.21 -41.64 22.28
CA THR I 3 1.05 -42.20 23.32
C THR I 3 1.89 -41.09 23.92
N PRO I 4 2.29 -41.22 25.19
CA PRO I 4 3.12 -40.17 25.79
C PRO I 4 4.40 -39.96 24.99
N CYS I 5 4.77 -38.69 24.83
CA CYS I 5 5.97 -38.37 24.07
C CYS I 5 7.22 -38.98 24.69
N GLN I 6 7.25 -39.13 26.01
CA GLN I 6 8.43 -39.72 26.65
C GLN I 6 8.65 -41.15 26.22
N GLN I 7 7.60 -41.84 25.75
CA GLN I 7 7.69 -43.22 25.30
C GLN I 7 7.62 -43.34 23.78
N SER I 8 7.66 -42.22 23.06
CA SER I 8 7.59 -42.23 21.60
C SER I 8 8.97 -42.01 21.03
N GLU I 9 9.37 -42.87 20.09
CA GLU I 9 10.68 -42.74 19.47
C GLU I 9 10.80 -41.49 18.62
N ALA I 10 9.68 -41.03 18.05
CA ALA I 10 9.72 -39.83 17.21
C ALA I 10 10.15 -38.61 18.01
N PHE I 11 9.68 -38.50 19.27
CA PHE I 11 10.06 -37.35 20.09
C PHE I 11 11.56 -37.33 20.34
N HIS I 12 12.13 -38.47 20.73
CA HIS I 12 13.56 -38.52 20.97
C HIS I 12 14.33 -38.27 19.69
N LYS I 13 13.83 -38.79 18.57
CA LYS I 13 14.50 -38.57 17.29
C LYS I 13 14.52 -37.08 16.97
N ARG I 14 13.41 -36.38 17.20
CA ARG I 14 13.36 -34.94 16.94
C ARG I 14 14.31 -34.20 17.86
N GLU I 15 14.38 -34.60 19.13
CA GLU I 15 15.29 -33.93 20.05
C GLU I 15 16.73 -34.09 19.59
N ILE I 16 17.10 -35.31 19.19
CA ILE I 16 18.46 -35.56 18.71
C ILE I 16 18.72 -34.78 17.44
N ASN I 17 17.73 -34.68 16.56
CA ASN I 17 17.90 -33.93 15.32
C ASN I 17 18.17 -32.45 15.62
N GLU I 18 17.40 -31.86 16.54
CA GLU I 18 17.62 -30.46 16.87
C GLU I 18 18.99 -30.27 17.52
N VAL I 19 19.37 -31.17 18.42
CA VAL I 19 20.68 -31.05 19.07
C VAL I 19 21.78 -31.13 18.01
N ARG I 20 21.61 -32.03 17.04
CA ARG I 20 22.60 -32.17 15.98
C ARG I 20 22.67 -30.91 15.13
N THR I 21 21.52 -30.33 14.82
CA THR I 21 21.49 -29.11 14.02
C THR I 21 22.25 -27.99 14.73
N LEU I 22 22.05 -27.89 16.06
CA LEU I 22 22.76 -26.85 16.80
C LEU I 22 24.26 -27.15 16.90
N GLU I 23 24.60 -28.42 17.15
CA GLU I 23 26.01 -28.80 17.28
C GLU I 23 26.77 -28.60 15.98
N ASN I 24 26.13 -28.80 14.83
CA ASN I 24 26.84 -28.62 13.56
C ASN I 24 27.35 -27.19 13.44
N ARG I 25 26.52 -26.21 13.81
CA ARG I 25 26.94 -24.81 13.76
C ARG I 25 27.87 -24.48 14.93
N GLN I 26 27.71 -25.17 16.05
CA GLN I 26 28.54 -24.92 17.22
C GLN I 26 29.99 -25.35 16.99
N ALA I 27 30.19 -26.42 16.20
CA ALA I 27 31.55 -26.91 15.96
C ALA I 27 32.42 -25.88 15.24
N ASN I 28 31.82 -25.05 14.38
CA ASN I 28 32.61 -24.06 13.65
C ASN I 28 33.28 -23.05 14.57
N TYR I 29 32.63 -22.68 15.67
CA TYR I 29 33.17 -21.69 16.59
C TYR I 29 34.16 -22.34 17.55
N GLU I 30 34.75 -21.52 18.42
CA GLU I 30 35.73 -21.97 19.41
C GLU I 30 35.08 -21.99 20.78
N ALA I 31 35.54 -22.92 21.64
CA ALA I 31 34.98 -23.11 22.97
C ALA I 31 34.74 -21.80 23.72
N ASN I 32 35.80 -21.04 23.99
CA ASN I 32 35.69 -19.77 24.71
C ASN I 32 35.97 -18.63 23.72
N SER I 33 34.90 -18.06 23.19
CA SER I 33 34.96 -16.96 22.23
C SER I 33 33.55 -16.45 21.99
N PRO I 34 33.37 -15.34 21.27
CA PRO I 34 32.00 -14.89 21.00
C PRO I 34 31.31 -16.01 20.22
N SER I 35 30.09 -16.34 20.62
CA SER I 35 29.36 -17.44 20.01
C SER I 35 29.91 -18.72 20.64
N TYR I 36 29.35 -19.88 20.25
CA TYR I 36 29.68 -21.21 20.79
C TYR I 36 29.11 -21.36 22.18
N LEU I 37 28.99 -20.25 22.91
CA LEU I 37 28.34 -20.29 24.21
C LEU I 37 26.86 -20.05 23.97
N ALA I 38 26.59 -19.24 22.95
CA ALA I 38 25.23 -18.94 22.50
C ALA I 38 24.51 -20.19 22.02
N LEU I 39 25.24 -21.12 21.40
CA LEU I 39 24.65 -22.36 20.93
C LEU I 39 24.53 -23.40 22.05
N GLN I 40 25.43 -23.35 23.03
CA GLN I 40 25.34 -24.28 24.15
C GLN I 40 24.10 -23.98 24.97
N SER I 41 23.81 -22.69 25.18
CA SER I 41 22.61 -22.35 25.93
C SER I 41 21.37 -22.86 25.20
N GLN I 42 21.39 -22.78 23.86
CA GLN I 42 20.27 -23.28 23.07
C GLN I 42 20.11 -24.78 23.24
N ILE I 43 21.23 -25.52 23.26
CA ILE I 43 21.14 -26.97 23.44
C ILE I 43 20.54 -27.30 24.80
N ASP I 44 20.99 -26.59 25.84
CA ASP I 44 20.43 -26.85 27.18
C ASP I 44 18.93 -26.56 27.20
N GLN I 45 18.53 -25.46 26.55
CA GLN I 45 17.11 -25.13 26.52
C GLN I 45 16.33 -26.20 25.78
N VAL I 46 16.91 -26.77 24.72
CA VAL I 46 16.24 -27.83 23.97
C VAL I 46 16.02 -29.04 24.88
N HIS I 47 17.05 -29.42 25.62
CA HIS I 47 16.92 -30.55 26.53
C HIS I 47 15.82 -30.31 27.54
N LYS I 48 15.81 -29.12 28.16
CA LYS I 48 14.78 -28.81 29.15
C LYS I 48 13.40 -28.81 28.53
N ARG I 49 13.25 -28.23 27.34
CA ARG I 49 11.95 -28.18 26.68
C ARG I 49 11.42 -29.58 26.40
N PHE I 50 12.28 -30.46 25.87
CA PHE I 50 11.81 -31.80 25.58
C PHE I 50 11.46 -32.56 26.86
N ASP I 51 12.27 -32.39 27.91
CA ASP I 51 11.96 -33.06 29.17
C ASP I 51 10.63 -32.56 29.72
N LYS I 52 10.33 -31.28 29.49
CA LYS I 52 9.07 -30.69 29.96
C LYS I 52 7.89 -31.23 29.16
N TYR I 53 8.04 -31.30 27.84
CA TYR I 53 6.98 -31.77 26.95
C TYR I 53 6.79 -33.29 26.99
N GLY I 54 7.72 -34.04 27.57
CA GLY I 54 7.57 -35.49 27.60
C GLY I 54 6.27 -35.95 28.22
N THR I 55 5.68 -35.15 29.11
CA THR I 55 4.43 -35.53 29.75
C THR I 55 3.23 -35.41 28.82
N LEU I 56 3.34 -34.63 27.75
CA LEU I 56 2.22 -34.47 26.82
C LEU I 56 2.03 -35.73 25.98
N LEU I 57 0.91 -35.76 25.26
CA LEU I 57 0.55 -36.87 24.39
C LEU I 57 0.83 -36.51 22.94
N CYS I 58 1.38 -37.45 22.19
CA CYS I 58 1.67 -37.23 20.79
C CYS I 58 1.56 -38.54 20.03
N GLY I 59 1.20 -38.43 18.75
CA GLY I 59 1.02 -39.59 17.90
C GLY I 59 2.29 -40.11 17.25
N GLN I 60 2.16 -40.50 15.98
CA GLN I 60 3.30 -41.03 15.25
C GLN I 60 4.28 -39.94 14.84
N ASP I 61 3.77 -38.76 14.47
CA ASP I 61 4.65 -37.67 14.06
C ASP I 61 5.54 -37.17 15.20
N GLY I 62 5.21 -37.51 16.45
CA GLY I 62 5.99 -37.08 17.58
C GLY I 62 5.69 -35.67 18.05
N LEU I 63 4.76 -34.97 17.42
CA LEU I 63 4.42 -33.61 17.82
C LEU I 63 3.41 -33.64 18.97
N PRO I 64 3.64 -32.89 20.05
CA PRO I 64 2.69 -32.91 21.17
C PRO I 64 1.30 -32.46 20.74
N HIS I 65 0.32 -33.33 20.99
CA HIS I 65 -1.08 -33.05 20.68
C HIS I 65 -1.80 -32.70 21.96
N LEU I 66 -2.63 -31.67 21.91
CA LEU I 66 -3.35 -31.16 23.08
C LEU I 66 -4.80 -31.63 23.07
N ILE I 67 -5.23 -32.24 24.17
CA ILE I 67 -6.59 -32.75 24.32
C ILE I 67 -7.45 -31.65 24.94
N THR I 68 -8.48 -31.23 24.20
CA THR I 68 -9.39 -30.17 24.65
C THR I 68 -10.78 -30.69 24.98
N ASP I 69 -10.97 -32.00 25.08
CA ASP I 69 -12.28 -32.56 25.36
C ASP I 69 -12.82 -32.18 26.74
N GLY I 70 -11.99 -31.67 27.63
CA GLY I 70 -12.41 -31.30 28.96
C GLY I 70 -12.04 -32.31 30.02
N ASP I 71 -11.29 -33.35 29.66
CA ASP I 71 -10.88 -34.35 30.63
C ASP I 71 -10.05 -33.72 31.72
N TRP I 72 -10.34 -34.07 32.97
CA TRP I 72 -9.60 -33.50 34.09
C TRP I 72 -8.11 -33.79 34.00
N ARG I 73 -7.74 -34.96 33.48
CA ARG I 73 -6.33 -35.28 33.36
C ARG I 73 -5.59 -34.29 32.46
N HIS I 74 -6.31 -33.63 31.56
CA HIS I 74 -5.74 -32.66 30.63
C HIS I 74 -6.23 -31.24 30.93
N ALA I 75 -6.60 -30.97 32.18
CA ALA I 75 -7.08 -29.64 32.53
C ALA I 75 -5.99 -28.60 32.33
N ARG I 76 -4.75 -28.93 32.72
CA ARG I 76 -3.65 -27.99 32.56
C ARG I 76 -3.40 -27.66 31.10
N GLU I 77 -3.77 -28.58 30.19
CA GLU I 77 -3.53 -28.35 28.77
C GLU I 77 -4.43 -27.25 28.22
N PHE I 78 -5.73 -27.32 28.47
CA PHE I 78 -6.67 -26.31 27.97
C PHE I 78 -7.58 -25.70 29.02
N THR I 79 -8.05 -26.47 30.00
CA THR I 79 -8.98 -25.94 30.99
C THR I 79 -8.39 -24.78 31.79
N ILE I 80 -7.22 -24.98 32.39
CA ILE I 80 -6.62 -23.93 33.21
C ILE I 80 -6.28 -22.70 32.37
N PRO I 81 -5.55 -22.82 31.26
CA PRO I 81 -5.28 -21.61 30.47
C PRO I 81 -6.55 -20.97 29.95
N ALA I 82 -7.58 -21.78 29.66
CA ALA I 82 -8.85 -21.24 29.19
C ALA I 82 -9.49 -20.36 30.27
N LEU I 83 -9.51 -20.86 31.51
CA LEU I 83 -10.10 -20.10 32.61
C LEU I 83 -9.29 -18.83 32.87
N LEU I 84 -7.96 -18.94 32.83
CA LEU I 84 -7.12 -17.76 33.07
C LEU I 84 -7.32 -16.72 31.96
N PHE I 85 -7.50 -17.17 30.71
CA PHE I 85 -7.73 -16.21 29.65
C PHE I 85 -9.06 -15.51 29.86
N LEU I 86 -10.10 -16.29 30.19
CA LEU I 86 -11.41 -15.69 30.40
C LEU I 86 -11.35 -14.69 31.54
N TYR I 87 -10.59 -14.98 32.59
CA TYR I 87 -10.48 -14.05 33.70
C TYR I 87 -9.81 -12.76 33.26
N ILE I 88 -8.69 -12.86 32.54
CA ILE I 88 -7.98 -11.66 32.09
C ILE I 88 -8.85 -10.81 31.15
N THR I 89 -9.48 -11.45 30.16
CA THR I 89 -10.30 -10.68 29.22
C THR I 89 -11.60 -10.20 29.83
N GLY I 90 -12.17 -10.92 30.81
CA GLY I 90 -13.35 -10.42 31.47
C GLY I 90 -12.99 -9.20 32.28
N TRP I 91 -11.78 -9.21 32.86
CA TRP I 91 -11.31 -8.05 33.61
C TRP I 91 -11.17 -6.86 32.67
N ILE I 92 -10.57 -7.10 31.50
CA ILE I 92 -10.40 -6.02 30.51
C ILE I 92 -11.76 -5.45 30.11
N GLY I 93 -12.70 -6.34 29.77
CA GLY I 93 -14.02 -5.90 29.34
C GLY I 93 -14.80 -5.17 30.42
N TRP I 94 -14.76 -5.68 31.65
CA TRP I 94 -15.51 -5.05 32.75
C TRP I 94 -14.94 -3.68 33.09
N VAL I 95 -13.61 -3.55 33.15
CA VAL I 95 -13.05 -2.23 33.47
C VAL I 95 -13.38 -1.26 32.35
N GLY I 96 -13.31 -1.71 31.09
CA GLY I 96 -13.66 -0.81 30.00
C GLY I 96 -15.10 -0.37 30.07
N ARG I 97 -16.01 -1.30 30.35
CA ARG I 97 -17.42 -0.95 30.44
C ARG I 97 -17.67 0.05 31.56
N SER I 98 -17.04 -0.17 32.72
CA SER I 98 -17.23 0.77 33.83
C SER I 98 -16.67 2.15 33.49
N TYR I 99 -15.51 2.21 32.82
CA TYR I 99 -14.96 3.50 32.47
C TYR I 99 -15.89 4.23 31.50
N LEU I 100 -16.47 3.50 30.55
CA LEU I 100 -17.40 4.12 29.62
C LEU I 100 -18.63 4.64 30.36
N LYS I 101 -19.15 3.85 31.30
CA LYS I 101 -20.32 4.27 32.06
C LYS I 101 -20.01 5.53 32.87
N TYR I 102 -18.78 5.66 33.37
CA TYR I 102 -18.44 6.86 34.12
C TYR I 102 -18.30 8.06 33.20
N THR I 103 -17.61 7.87 32.06
CA THR I 103 -17.41 8.97 31.12
C THR I 103 -18.73 9.51 30.61
N LYS I 104 -19.72 8.64 30.43
CA LYS I 104 -21.01 9.12 29.93
C LYS I 104 -21.67 10.09 30.89
N GLU I 105 -21.21 10.14 32.14
CA GLU I 105 -21.77 11.04 33.15
C GLU I 105 -21.09 12.41 33.15
N THR I 106 -20.05 12.60 32.36
CA THR I 106 -19.34 13.87 32.32
C THR I 106 -20.05 14.86 31.40
N LYS I 107 -19.48 16.05 31.29
CA LYS I 107 -20.08 17.09 30.45
C LYS I 107 -19.87 16.79 28.97
N ASN I 108 -18.66 16.36 28.60
CA ASN I 108 -18.30 16.04 27.22
C ASN I 108 -17.62 14.68 27.22
N PRO I 109 -18.40 13.60 27.18
CA PRO I 109 -17.78 12.26 27.18
C PRO I 109 -16.81 12.02 26.05
N THR I 110 -17.01 12.68 24.90
CA THR I 110 -16.09 12.49 23.77
C THR I 110 -14.68 12.89 24.14
N GLU I 111 -14.53 14.02 24.84
CA GLU I 111 -13.19 14.46 25.22
C GLU I 111 -12.53 13.44 26.14
N GLN I 112 -13.32 12.85 27.05
CA GLN I 112 -12.76 11.84 27.94
C GLN I 112 -12.32 10.62 27.16
N GLU I 113 -13.11 10.24 26.14
CA GLU I 113 -12.74 9.08 25.33
C GLU I 113 -11.46 9.34 24.56
N ILE I 114 -11.28 10.55 24.03
CA ILE I 114 -10.06 10.86 23.30
C ILE I 114 -8.90 11.00 24.28
N ILE I 115 -9.00 11.93 25.22
CA ILE I 115 -7.98 12.14 26.24
C ILE I 115 -8.47 11.37 27.46
N LEU I 116 -7.93 10.16 27.64
CA LEU I 116 -8.33 9.33 28.77
C LEU I 116 -8.01 9.99 30.10
N ASP I 117 -8.90 9.85 31.06
CA ASP I 117 -8.72 10.38 32.41
C ASP I 117 -7.96 9.31 33.17
N VAL I 118 -6.63 9.43 33.18
CA VAL I 118 -5.76 8.46 33.82
C VAL I 118 -6.20 8.19 35.26
N PRO I 119 -6.57 9.21 36.05
CA PRO I 119 -7.00 8.92 37.42
C PRO I 119 -8.18 7.96 37.49
N MET I 120 -9.30 8.31 36.85
CA MET I 120 -10.47 7.43 36.89
C MET I 120 -10.22 6.14 36.11
N ALA I 121 -9.48 6.21 35.02
CA ALA I 121 -9.19 5.00 34.26
C ALA I 121 -8.46 4.00 35.13
N LEU I 122 -7.45 4.48 35.87
CA LEU I 122 -6.72 3.61 36.79
C LEU I 122 -7.59 3.19 37.95
N LYS I 123 -8.52 4.04 38.36
CA LYS I 123 -9.41 3.68 39.46
C LYS I 123 -10.26 2.48 39.09
N TYR I 124 -10.75 2.45 37.85
CA TYR I 124 -11.56 1.32 37.42
C TYR I 124 -10.69 0.13 37.02
N MET I 125 -9.46 0.37 36.58
CA MET I 125 -8.57 -0.73 36.21
C MET I 125 -8.12 -1.49 37.46
N LEU I 126 -7.69 -0.77 38.49
CA LEU I 126 -7.25 -1.41 39.72
C LEU I 126 -8.38 -2.24 40.30
N SER I 127 -9.59 -1.72 40.28
CA SER I 127 -10.74 -2.44 40.78
C SER I 127 -11.08 -3.50 39.74
N GLY I 128 -12.21 -4.18 39.92
CA GLY I 128 -12.56 -5.20 38.96
C GLY I 128 -11.79 -6.48 39.11
N PHE I 129 -10.95 -6.60 40.15
CA PHE I 129 -10.21 -7.84 40.34
C PHE I 129 -11.14 -9.00 40.68
N LEU I 130 -12.41 -8.68 40.94
CA LEU I 130 -13.48 -9.63 41.22
C LEU I 130 -14.59 -9.42 40.20
N TRP I 131 -14.19 -9.21 38.94
CA TRP I 131 -15.17 -8.96 37.89
C TRP I 131 -16.24 -10.04 37.79
N PRO I 132 -15.97 -11.33 38.00
CA PRO I 132 -17.07 -12.29 37.90
C PRO I 132 -18.18 -11.98 38.89
N LEU I 133 -17.81 -11.49 40.08
CA LEU I 133 -18.79 -11.13 41.09
C LEU I 133 -19.44 -9.80 40.77
N SER I 134 -18.70 -8.88 40.13
CA SER I 134 -19.27 -7.59 39.76
C SER I 134 -20.21 -7.72 38.56
N ALA I 135 -19.97 -8.70 37.69
CA ALA I 135 -20.86 -8.92 36.55
C ALA I 135 -22.24 -9.27 37.08
N TRP I 136 -22.27 -10.12 38.10
CA TRP I 136 -23.49 -10.43 38.79
C TRP I 136 -23.75 -9.23 39.69
N GLN I 137 -24.97 -9.10 40.19
CA GLN I 137 -25.40 -7.96 41.01
C GLN I 137 -25.64 -6.76 40.10
N GLU I 138 -24.94 -6.70 38.97
CA GLU I 138 -25.22 -5.67 37.98
C GLU I 138 -26.33 -6.20 37.10
N TYR I 139 -26.26 -7.51 36.84
CA TYR I 139 -27.29 -8.21 36.09
C TYR I 139 -28.54 -8.37 36.94
N ARG I 140 -28.36 -8.74 38.22
CA ARG I 140 -29.51 -8.91 39.11
C ARG I 140 -30.23 -7.58 39.33
N SER I 141 -29.48 -6.49 39.47
CA SER I 141 -30.09 -5.19 39.68
C SER I 141 -30.74 -4.66 38.41
N GLY I 142 -30.45 -5.27 37.26
CA GLY I 142 -30.99 -4.83 36.00
C GLY I 142 -30.18 -3.71 35.37
N GLN I 143 -29.01 -3.40 35.94
CA GLN I 143 -28.14 -2.35 35.45
C GLN I 143 -27.20 -2.83 34.34
N LEU I 144 -27.23 -4.12 33.99
CA LEU I 144 -26.37 -4.66 32.95
C LEU I 144 -27.05 -4.64 31.59
N LEU I 145 -28.18 -5.33 31.47
CA LEU I 145 -28.92 -5.38 30.20
C LEU I 145 -29.81 -4.17 30.04
N ALA I 146 -29.97 -3.74 28.79
CA ALA I 146 -30.80 -2.59 28.45
C ALA I 146 -32.20 -3.06 28.05
N LYS I 147 -33.08 -2.10 27.78
CA LYS I 147 -34.46 -2.38 27.38
C LYS I 147 -34.77 -1.92 25.95
N GLU I 148 -34.52 -0.67 25.64
CA GLU I 148 -34.78 -0.11 24.31
C GLU I 148 -33.50 0.46 23.73
N ASP I 149 -33.22 0.14 22.46
CA ASP I 149 -32.03 0.60 21.77
C ASP I 149 -32.41 1.09 20.38
N GLU I 150 -31.41 1.50 19.61
CA GLU I 150 -31.65 1.98 18.26
C GLU I 150 -31.96 0.82 17.34
N ILE I 151 -33.08 0.93 16.62
CA ILE I 151 -33.51 -0.11 15.67
C ILE I 151 -34.04 0.59 14.42
N THR I 152 -33.70 0.05 13.26
CA THR I 152 -34.13 0.61 12.00
C THR I 152 -35.49 0.05 11.58
N VAL I 153 -35.98 0.51 10.43
CA VAL I 153 -37.26 0.07 9.88
C VAL I 153 -37.29 -1.45 9.87
N SER I 154 -38.48 -2.04 10.06
CA SER I 154 -38.63 -3.48 10.10
C SER I 154 -37.73 -3.96 11.24
N PRO I 155 -37.96 -3.48 12.48
CA PRO I 155 -37.19 -3.78 13.69
C PRO I 155 -36.23 -4.95 13.57
N SER J 1 -17.85 -43.65 -38.63
CA SER J 1 -16.62 -42.90 -38.41
C SER J 1 -16.79 -41.45 -38.84
N ALA J 2 -17.03 -41.25 -40.14
CA ALA J 2 -17.24 -39.93 -40.72
C ALA J 2 -16.18 -38.93 -40.24
N SER J 3 -14.93 -39.22 -40.61
CA SER J 3 -13.82 -38.36 -40.24
C SER J 3 -13.91 -36.98 -40.86
N TYR J 4 -14.76 -36.80 -41.88
CA TYR J 4 -14.92 -35.51 -42.53
C TYR J 4 -15.94 -34.62 -41.83
N LEU J 5 -16.87 -35.21 -41.07
CA LEU J 5 -17.85 -34.41 -40.36
C LEU J 5 -17.20 -33.44 -39.39
N PRO J 6 -16.23 -33.83 -38.56
CA PRO J 6 -15.63 -32.84 -37.65
C PRO J 6 -14.93 -31.72 -38.41
N SER J 7 -14.21 -32.07 -39.48
CA SER J 7 -13.51 -31.06 -40.27
C SER J 7 -14.46 -30.10 -40.96
N ILE J 8 -15.72 -30.51 -41.17
CA ILE J 8 -16.68 -29.63 -41.83
C ILE J 8 -17.52 -28.87 -40.81
N LEU J 9 -17.67 -29.41 -39.61
CA LEU J 9 -18.48 -28.77 -38.58
C LEU J 9 -17.70 -27.82 -37.68
N VAL J 10 -16.51 -28.22 -37.21
CA VAL J 10 -15.75 -27.32 -36.34
C VAL J 10 -15.55 -25.96 -36.98
N PRO J 11 -15.13 -25.84 -38.24
CA PRO J 11 -14.98 -24.51 -38.82
C PRO J 11 -16.32 -23.79 -38.99
N THR J 12 -17.39 -24.52 -39.28
CA THR J 12 -18.69 -23.90 -39.44
C THR J 12 -19.21 -23.34 -38.13
N VAL J 13 -19.09 -24.11 -37.04
CA VAL J 13 -19.56 -23.66 -35.74
C VAL J 13 -18.59 -22.67 -35.10
N GLY J 14 -17.34 -22.63 -35.54
CA GLY J 14 -16.37 -21.72 -34.97
C GLY J 14 -16.17 -20.44 -35.75
N LEU J 15 -16.49 -20.46 -37.05
CA LEU J 15 -16.33 -19.28 -37.89
C LEU J 15 -17.62 -18.84 -38.58
N ILE J 16 -18.34 -19.77 -39.20
CA ILE J 16 -19.57 -19.41 -39.91
C ILE J 16 -20.68 -19.03 -38.92
N LEU J 17 -21.02 -19.94 -38.02
CA LEU J 17 -22.09 -19.66 -37.06
C LEU J 17 -21.84 -18.41 -36.23
N PRO J 18 -20.67 -18.20 -35.63
CA PRO J 18 -20.50 -16.97 -34.84
C PRO J 18 -20.65 -15.69 -35.64
N PHE J 19 -20.02 -15.61 -36.81
CA PHE J 19 -20.13 -14.39 -37.60
C PHE J 19 -21.57 -14.15 -38.06
N ALA J 20 -22.23 -15.20 -38.55
CA ALA J 20 -23.61 -15.03 -38.99
C ALA J 20 -24.52 -14.63 -37.83
N SER J 21 -24.37 -15.30 -36.69
CA SER J 21 -25.20 -14.99 -35.53
C SER J 21 -24.93 -13.57 -35.05
N MET J 22 -23.67 -13.15 -35.02
CA MET J 22 -23.35 -11.80 -34.58
C MET J 22 -23.93 -10.77 -35.54
N ALA J 23 -23.90 -11.05 -36.84
CA ALA J 23 -24.45 -10.11 -37.80
C ALA J 23 -25.96 -9.97 -37.62
N ILE J 24 -26.67 -11.10 -37.52
CA ILE J 24 -28.12 -11.05 -37.34
C ILE J 24 -28.46 -10.39 -36.02
N LEU J 25 -27.70 -10.70 -34.96
CA LEU J 25 -27.95 -10.12 -33.65
C LEU J 25 -27.69 -8.62 -33.66
N PHE J 26 -26.67 -8.17 -34.39
CA PHE J 26 -26.36 -6.75 -34.49
C PHE J 26 -27.49 -6.03 -35.22
N ILE J 27 -28.00 -6.63 -36.29
CA ILE J 27 -29.11 -6.03 -37.03
C ILE J 27 -30.34 -5.95 -36.14
N ALA J 28 -30.59 -7.00 -35.36
CA ALA J 28 -31.76 -7.04 -34.49
C ALA J 28 -31.67 -5.99 -33.39
N ILE J 29 -30.52 -5.87 -32.74
CA ILE J 29 -30.40 -4.90 -31.65
C ILE J 29 -30.43 -3.48 -32.19
N GLU J 30 -29.77 -3.23 -33.32
CA GLU J 30 -29.76 -1.87 -33.87
C GLU J 30 -31.12 -1.50 -34.44
N LYS J 31 -31.81 -2.45 -35.05
CA LYS J 31 -33.12 -2.19 -35.64
C LYS J 31 -34.21 -2.94 -34.88
N MET K 1 0.96 25.03 29.24
CA MET K 1 1.99 23.95 29.36
C MET K 1 1.44 22.78 30.16
N ASN K 2 0.40 22.14 29.64
CA ASN K 2 -0.24 20.99 30.28
C ASN K 2 0.26 19.71 29.61
N LEU K 3 1.45 19.28 30.02
CA LEU K 3 2.03 18.08 29.44
C LEU K 3 1.33 16.82 29.92
N LYS K 4 0.80 16.84 31.16
CA LYS K 4 0.11 15.67 31.68
C LYS K 4 -1.10 15.32 30.82
N LYS K 5 -1.89 16.32 30.43
CA LYS K 5 -3.05 16.06 29.60
C LYS K 5 -2.65 15.42 28.28
N TYR K 6 -1.58 15.93 27.65
CA TYR K 6 -1.13 15.32 26.40
C TYR K 6 -0.70 13.89 26.62
N LEU K 7 0.07 13.64 27.68
CA LEU K 7 0.50 12.28 27.97
C LEU K 7 -0.69 11.38 28.24
N SER K 8 -1.83 11.95 28.59
CA SER K 8 -3.04 11.18 28.85
C SER K 8 -3.90 10.97 27.60
N THR K 9 -3.44 11.44 26.43
CA THR K 9 -4.23 11.27 25.22
C THR K 9 -4.20 9.81 24.77
N ALA K 10 -5.20 9.45 23.96
CA ALA K 10 -5.35 8.07 23.47
C ALA K 10 -4.10 7.47 22.86
N PRO K 11 -3.41 8.10 21.91
CA PRO K 11 -2.22 7.44 21.36
C PRO K 11 -1.11 7.23 22.36
N VAL K 12 -0.82 8.23 23.20
CA VAL K 12 0.25 8.10 24.19
C VAL K 12 -0.08 7.05 25.23
N VAL K 13 -1.29 7.11 25.80
CA VAL K 13 -1.65 6.13 26.82
C VAL K 13 -1.71 4.73 26.22
N ALA K 14 -2.24 4.61 25.01
CA ALA K 14 -2.34 3.30 24.37
C ALA K 14 -0.95 2.72 24.09
N THR K 15 -0.04 3.55 23.56
CA THR K 15 1.30 3.03 23.29
C THR K 15 2.00 2.65 24.58
N LEU K 16 1.84 3.45 25.64
CA LEU K 16 2.49 3.11 26.91
C LEU K 16 1.93 1.81 27.49
N TRP K 17 0.61 1.65 27.48
CA TRP K 17 0.01 0.43 28.01
C TRP K 17 0.41 -0.79 27.20
N LEU K 18 0.37 -0.69 25.87
CA LEU K 18 0.77 -1.83 25.06
C LEU K 18 2.25 -2.12 25.21
N PHE K 19 3.08 -1.09 25.39
CA PHE K 19 4.50 -1.30 25.60
C PHE K 19 4.73 -2.06 26.89
N LEU K 20 4.02 -1.68 27.96
CA LEU K 20 4.16 -2.38 29.22
C LEU K 20 3.67 -3.82 29.11
N THR K 21 2.55 -4.03 28.41
CA THR K 21 2.03 -5.38 28.24
C THR K 21 3.01 -6.26 27.48
N ALA K 22 3.55 -5.74 26.38
CA ALA K 22 4.52 -6.49 25.59
C ALA K 22 5.77 -6.76 26.40
N GLY K 23 6.21 -5.78 27.20
CA GLY K 23 7.38 -5.99 28.03
C GLY K 23 7.16 -7.08 29.05
N ILE K 24 5.97 -7.09 29.67
CA ILE K 24 5.66 -8.13 30.64
C ILE K 24 5.65 -9.49 29.97
N LEU K 25 5.03 -9.58 28.80
CA LEU K 25 4.97 -10.85 28.07
C LEU K 25 6.37 -11.35 27.72
N ILE K 26 7.22 -10.45 27.20
CA ILE K 26 8.57 -10.83 26.81
C ILE K 26 9.39 -11.24 28.02
N GLU K 27 9.32 -10.46 29.11
CA GLU K 27 10.07 -10.80 30.31
C GLU K 27 9.63 -12.15 30.85
N LEU K 28 8.33 -12.43 30.82
CA LEU K 28 7.84 -13.73 31.27
C LEU K 28 8.35 -14.83 30.35
N ASN K 29 8.47 -14.54 29.06
CA ASN K 29 8.92 -15.54 28.09
C ASN K 29 10.41 -15.86 28.19
N ARG K 30 11.25 -14.95 28.71
CA ARG K 30 12.66 -15.27 28.84
C ARG K 30 12.93 -15.91 30.20
N PHE K 31 12.18 -15.51 31.22
CA PHE K 31 12.33 -16.12 32.54
C PHE K 31 11.68 -17.49 32.56
N PHE K 32 10.59 -17.67 31.81
CA PHE K 32 9.84 -18.92 31.71
C PHE K 32 9.64 -19.23 30.23
N PRO K 33 10.67 -19.71 29.54
CA PRO K 33 10.56 -19.97 28.09
C PRO K 33 9.77 -21.23 27.76
N ASP K 34 9.31 -21.25 26.51
CA ASP K 34 8.58 -22.38 25.94
C ASP K 34 7.49 -22.90 26.87
N SER K 35 6.73 -21.97 27.43
CA SER K 35 5.64 -22.33 28.33
C SER K 35 4.50 -22.95 27.52
N LEU K 36 4.01 -24.09 27.98
CA LEU K 36 2.93 -24.80 27.32
C LEU K 36 2.20 -25.60 28.37
N PHE K 37 0.90 -25.82 28.15
CA PHE K 37 0.06 -26.60 29.07
C PHE K 37 0.29 -26.22 30.54
N TYR K 38 0.40 -24.93 30.80
CA TYR K 38 0.61 -24.38 32.15
C TYR K 38 1.43 -25.30 33.05
N TYR L 1 56.46 32.36 -20.50
CA TYR L 1 55.48 33.32 -20.04
C TYR L 1 54.24 33.34 -20.93
N THR L 2 54.03 32.23 -21.66
CA THR L 2 52.86 32.15 -22.53
C THR L 2 51.56 32.10 -21.72
N ILE L 3 51.54 31.33 -20.64
CA ILE L 3 50.34 31.22 -19.82
C ILE L 3 49.95 32.57 -19.24
N PRO L 4 50.85 33.34 -18.60
CA PRO L 4 50.45 34.64 -18.08
C PRO L 4 49.92 35.58 -19.16
N THR L 5 50.54 35.55 -20.34
CA THR L 5 50.09 36.42 -21.43
C THR L 5 48.69 36.04 -21.87
N ILE L 6 48.44 34.74 -22.04
CA ILE L 6 47.10 34.30 -22.46
C ILE L 6 46.08 34.66 -21.39
N MET L 7 46.45 34.51 -20.12
CA MET L 7 45.51 34.85 -19.05
C MET L 7 45.21 36.34 -19.04
N VAL L 8 46.21 37.18 -19.26
CA VAL L 8 45.97 38.62 -19.28
C VAL L 8 45.07 38.98 -20.45
N ILE L 9 45.32 38.38 -21.62
CA ILE L 9 44.49 38.67 -22.79
C ILE L 9 43.06 38.22 -22.52
N SER L 10 42.89 37.05 -21.90
CA SER L 10 41.55 36.56 -21.58
C SER L 10 40.87 37.50 -20.60
N ASN L 11 41.62 38.02 -19.62
CA ASN L 11 41.04 38.94 -18.65
C ASN L 11 40.57 40.21 -19.34
N LEU L 12 41.36 40.71 -20.28
CA LEU L 12 40.95 41.93 -21.00
C LEU L 12 39.71 41.66 -21.85
N VAL L 13 39.67 40.50 -22.51
CA VAL L 13 38.50 40.15 -23.31
C VAL L 13 37.27 40.06 -22.40
N GLY L 14 37.44 39.46 -21.22
CA GLY L 14 36.33 39.35 -20.29
C GLY L 14 35.89 40.71 -19.81
N VAL L 15 36.83 41.62 -19.59
CA VAL L 15 36.49 42.98 -19.15
C VAL L 15 35.67 43.66 -20.23
N ALA L 16 36.09 43.54 -21.49
CA ALA L 16 35.35 44.17 -22.58
C ALA L 16 33.93 43.62 -22.69
N VAL L 17 33.81 42.28 -22.74
CA VAL L 17 32.48 41.68 -22.87
C VAL L 17 31.62 42.01 -21.65
N GLY L 18 32.22 42.05 -20.46
CA GLY L 18 31.45 42.39 -19.28
C GLY L 18 30.95 43.82 -19.32
N ARG L 19 31.81 44.76 -19.72
CA ARG L 19 31.38 46.14 -19.80
C ARG L 19 30.24 46.27 -20.80
N TYR L 20 30.35 45.56 -21.93
CA TYR L 20 29.29 45.64 -22.94
C TYR L 20 27.97 45.05 -22.44
N ALA L 21 28.02 43.83 -21.90
CA ALA L 21 26.81 43.16 -21.45
C ALA L 21 26.16 43.90 -20.28
N LEU L 22 26.92 44.17 -19.22
CA LEU L 22 26.35 44.86 -18.06
C LEU L 22 26.10 46.33 -18.34
N GLY L 23 26.89 46.95 -19.20
CA GLY L 23 26.69 48.35 -19.52
C GLY L 23 27.08 49.32 -18.41
N ARG L 24 27.95 48.90 -17.49
CA ARG L 24 28.37 49.77 -16.41
C ARG L 24 29.79 49.38 -15.99
N SER L 25 30.51 50.34 -15.41
CA SER L 25 31.87 50.15 -14.94
C SER L 25 31.89 50.36 -13.43
N ASP L 26 31.96 49.26 -12.68
CA ASP L 26 31.99 49.33 -11.23
C ASP L 26 32.76 48.13 -10.70
N LEU L 27 32.94 48.07 -9.38
CA LEU L 27 33.66 46.96 -8.77
C LEU L 27 32.95 45.64 -9.05
N THR L 28 31.62 45.63 -8.97
CA THR L 28 30.87 44.40 -9.24
C THR L 28 31.12 43.93 -10.66
N GLN L 29 31.01 44.84 -11.63
CA GLN L 29 31.24 44.47 -13.02
C GLN L 29 32.69 44.04 -13.21
N LEU L 30 33.62 44.71 -12.53
CA LEU L 30 35.03 44.36 -12.65
C LEU L 30 35.27 42.92 -12.19
N ILE L 31 34.80 42.58 -10.99
CA ILE L 31 35.03 41.23 -10.47
C ILE L 31 34.31 40.19 -11.33
N ALA L 32 33.08 40.49 -11.77
CA ALA L 32 32.37 39.52 -12.61
C ALA L 32 33.11 39.29 -13.92
N SER L 33 33.58 40.37 -14.55
CA SER L 33 34.31 40.24 -15.80
C SER L 33 35.60 39.48 -15.58
N MET L 34 36.27 39.71 -14.45
CA MET L 34 37.51 38.99 -14.17
C MET L 34 37.22 37.50 -13.99
N CYS L 35 36.11 37.16 -13.34
CA CYS L 35 35.75 35.76 -13.17
C CYS L 35 35.50 35.11 -14.53
N PHE L 36 34.75 35.80 -15.39
CA PHE L 36 34.49 35.26 -16.72
C PHE L 36 35.78 35.11 -17.51
N GLY L 37 36.64 36.14 -17.46
CA GLY L 37 37.90 36.07 -18.16
C GLY L 37 38.77 34.93 -17.68
N HIS L 38 38.73 34.65 -16.38
CA HIS L 38 39.50 33.54 -15.85
C HIS L 38 38.91 32.21 -16.30
N ILE L 39 37.59 32.11 -16.32
CA ILE L 39 36.94 30.88 -16.76
C ILE L 39 37.19 30.62 -18.24
N ILE L 40 37.50 31.66 -19.00
CA ILE L 40 37.75 31.53 -20.43
C ILE L 40 39.24 31.28 -20.67
N GLY L 41 40.09 31.95 -19.90
CA GLY L 41 41.54 31.80 -20.00
C GLY L 41 42.02 30.45 -19.51
N VAL L 42 41.52 29.99 -18.37
CA VAL L 42 41.91 28.68 -17.86
C VAL L 42 41.59 27.61 -18.89
N GLY L 43 40.39 27.69 -19.48
CA GLY L 43 39.99 26.73 -20.48
C GLY L 43 40.80 26.81 -21.76
N ILE L 44 41.09 28.02 -22.23
CA ILE L 44 41.89 28.17 -23.44
C ILE L 44 43.30 27.64 -23.22
N VAL L 45 43.91 27.97 -22.09
CA VAL L 45 45.26 27.52 -21.81
C VAL L 45 45.32 26.00 -21.70
N LEU L 46 44.37 25.40 -20.95
CA LEU L 46 44.39 23.96 -20.81
C LEU L 46 44.10 23.26 -22.14
N GLY L 47 43.23 23.85 -22.97
CA GLY L 47 42.95 23.25 -24.26
C GLY L 47 44.16 23.31 -25.18
N LEU L 48 44.85 24.45 -25.21
CA LEU L 48 46.03 24.56 -26.05
C LEU L 48 47.12 23.62 -25.56
N SER L 49 47.27 23.49 -24.24
CA SER L 49 48.28 22.59 -23.71
C SER L 49 47.96 21.15 -24.09
N ASN L 50 46.68 20.78 -24.04
CA ASN L 50 46.31 19.42 -24.43
C ASN L 50 46.61 19.15 -25.89
N MET L 51 46.67 20.20 -26.71
CA MET L 51 46.95 20.08 -28.14
C MET L 51 48.44 20.14 -28.44
N GLY L 52 49.28 20.45 -27.46
CA GLY L 52 50.71 20.53 -27.68
C GLY L 52 51.21 21.89 -28.11
N VAL L 53 50.32 22.87 -28.33
CA VAL L 53 50.77 24.19 -28.75
C VAL L 53 51.60 24.84 -27.66
N ILE L 54 51.18 24.72 -26.41
CA ILE L 54 51.91 25.30 -25.28
C ILE L 54 52.18 24.25 -24.23
N ASP M 1 0.21 31.66 -32.25
CA ASP M 1 -0.76 32.31 -33.12
C ASP M 1 -1.25 31.34 -34.20
N TYR M 2 -0.44 30.32 -34.50
CA TYR M 2 -0.84 29.36 -35.53
C TYR M 2 -2.04 28.53 -35.08
N ILE M 3 -2.15 28.22 -33.80
CA ILE M 3 -3.27 27.43 -33.28
C ILE M 3 -4.47 28.36 -33.13
N LYS M 4 -5.56 28.05 -33.83
CA LYS M 4 -6.80 28.82 -33.82
C LYS M 4 -7.98 27.88 -33.77
N PRO M 5 -9.18 28.38 -33.50
CA PRO M 5 -10.35 27.49 -33.50
C PRO M 5 -10.51 26.96 -34.91
N TYR M 6 -11.10 25.77 -35.04
CA TYR M 6 -11.24 25.17 -36.36
C TYR M 6 -12.00 26.07 -37.33
N ASN M 7 -13.18 26.54 -36.93
CA ASN M 7 -14.01 27.39 -37.78
C ASN M 7 -13.91 28.88 -37.41
N ASN M 8 -12.81 29.28 -36.77
CA ASN M 8 -12.61 30.67 -36.36
C ASN M 8 -13.65 31.09 -35.32
N ASP M 9 -14.48 30.16 -34.88
CA ASP M 9 -15.52 30.42 -33.89
C ASP M 9 -15.15 29.65 -32.62
N PRO M 10 -14.77 30.31 -31.53
CA PRO M 10 -14.41 29.57 -30.32
C PRO M 10 -15.58 28.75 -29.78
N PHE M 11 -15.34 28.01 -28.71
CA PHE M 11 -16.32 27.16 -28.05
C PHE M 11 -16.59 25.88 -28.83
N VAL M 12 -15.83 25.63 -29.91
CA VAL M 12 -15.96 24.43 -30.72
C VAL M 12 -15.00 23.39 -30.16
N GLY M 13 -15.38 22.12 -30.24
CA GLY M 13 -14.52 21.06 -29.73
C GLY M 13 -13.44 20.64 -30.72
N HIS M 14 -12.72 21.62 -31.27
CA HIS M 14 -11.66 21.33 -32.23
C HIS M 14 -10.78 22.55 -32.36
N LEU M 15 -9.56 22.34 -32.86
CA LEU M 15 -8.58 23.39 -33.05
C LEU M 15 -7.95 23.27 -34.42
N ALA M 16 -7.69 24.43 -35.05
CA ALA M 16 -7.05 24.47 -36.37
C ALA M 16 -5.54 24.58 -36.17
N THR M 17 -4.92 23.43 -35.94
CA THR M 17 -3.48 23.34 -35.75
C THR M 17 -2.81 23.11 -37.11
N PRO M 18 -1.47 23.17 -37.18
CA PRO M 18 -0.80 23.02 -38.48
C PRO M 18 -1.12 21.75 -39.27
N ILE M 19 -0.82 20.56 -38.75
CA ILE M 19 -1.12 19.36 -39.53
C ILE M 19 -2.61 19.06 -39.52
N ASN M 20 -3.33 19.58 -38.52
CA ASN M 20 -4.77 19.38 -38.46
C ASN M 20 -5.45 20.04 -39.66
N SER M 21 -5.03 21.27 -39.97
CA SER M 21 -5.56 22.03 -41.11
C SER M 21 -4.42 22.85 -41.69
N SER M 22 -4.15 22.67 -42.97
CA SER M 22 -3.08 23.38 -43.66
C SER M 22 -3.33 23.26 -45.16
N SER M 23 -2.58 24.05 -45.93
CA SER M 23 -2.73 23.96 -47.38
C SER M 23 -2.43 22.54 -47.84
N LEU M 24 -1.30 22.01 -47.41
CA LEU M 24 -0.91 20.65 -47.77
C LEU M 24 -1.88 19.63 -47.17
N THR M 25 -2.26 19.81 -45.90
CA THR M 25 -3.19 18.88 -45.26
C THR M 25 -4.56 18.92 -45.92
N ARG M 26 -5.09 20.11 -46.16
CA ARG M 26 -6.41 20.20 -46.78
C ARG M 26 -6.39 19.61 -48.18
N ALA M 27 -5.28 19.79 -48.91
CA ALA M 27 -5.18 19.21 -50.24
C ALA M 27 -5.08 17.69 -50.18
N TYR M 28 -4.31 17.16 -49.22
CA TYR M 28 -4.13 15.72 -49.10
C TYR M 28 -5.40 15.03 -48.62
N LEU M 29 -6.04 15.55 -47.57
CA LEU M 29 -7.27 14.94 -47.09
C LEU M 29 -8.30 14.93 -48.21
N SER M 30 -8.35 16.00 -48.98
CA SER M 30 -9.23 16.09 -50.13
C SER M 30 -8.58 15.33 -51.27
N GLN M 31 -9.36 15.04 -52.31
CA GLN M 31 -8.94 14.32 -53.50
C GLN M 31 -8.78 12.83 -53.25
N LEU M 32 -8.87 12.35 -52.01
CA LEU M 32 -8.75 10.93 -51.74
C LEU M 32 -9.99 10.24 -52.28
N PRO M 33 -9.93 8.92 -52.50
CA PRO M 33 -11.13 8.22 -53.01
C PRO M 33 -12.38 8.68 -52.28
N ILE M 34 -12.28 8.90 -50.98
CA ILE M 34 -13.35 9.41 -50.15
C ILE M 34 -13.09 10.89 -49.97
N TYR M 35 -14.15 11.70 -49.96
CA TYR M 35 -14.11 13.15 -49.83
C TYR M 35 -13.82 13.84 -51.17
N ARG M 36 -13.56 13.11 -52.24
CA ARG M 36 -13.28 13.74 -53.53
C ARG M 36 -14.57 14.07 -54.25
N ARG M 37 -14.60 15.25 -54.87
CA ARG M 37 -15.78 15.70 -55.59
C ARG M 37 -15.96 14.95 -56.90
N GLY M 38 -17.22 14.73 -57.27
CA GLY M 38 -17.57 14.05 -58.51
C GLY M 38 -17.11 12.61 -58.64
N VAL M 39 -17.34 11.80 -57.60
CA VAL M 39 -16.97 10.39 -57.62
C VAL M 39 -18.15 9.58 -57.09
N SER M 40 -18.59 8.60 -57.88
CA SER M 40 -19.72 7.78 -57.47
C SER M 40 -19.28 6.85 -56.34
N PRO M 41 -20.22 6.43 -55.49
CA PRO M 41 -19.84 5.54 -54.38
C PRO M 41 -19.12 4.28 -54.84
N PHE M 42 -19.54 3.70 -55.97
CA PHE M 42 -18.88 2.49 -56.45
C PHE M 42 -17.43 2.76 -56.82
N LEU M 43 -17.17 3.91 -57.47
CA LEU M 43 -15.78 4.22 -57.83
C LEU M 43 -14.93 4.41 -56.59
N ARG M 44 -15.46 5.12 -55.58
CA ARG M 44 -14.71 5.32 -54.34
C ARG M 44 -14.40 3.97 -53.71
N GLY M 45 -15.39 3.08 -53.67
CA GLY M 45 -15.16 1.78 -53.08
C GLY M 45 -14.15 0.96 -53.86
N LEU M 46 -14.21 1.02 -55.19
CA LEU M 46 -13.27 0.28 -56.00
C LEU M 46 -11.84 0.75 -55.74
N GLU M 47 -11.63 2.06 -55.71
CA GLU M 47 -10.29 2.59 -55.46
C GLU M 47 -9.81 2.21 -54.06
N ILE M 48 -10.67 2.40 -53.05
CA ILE M 48 -10.30 2.07 -51.68
C ILE M 48 -9.95 0.60 -51.56
N GLY M 49 -10.76 -0.28 -52.16
CA GLY M 49 -10.49 -1.70 -52.07
C GLY M 49 -9.20 -2.09 -52.77
N MET M 50 -8.99 -1.61 -53.99
CA MET M 50 -7.77 -1.96 -54.69
C MET M 50 -6.54 -1.44 -53.95
N ALA M 51 -6.70 -0.39 -53.15
CA ALA M 51 -5.57 0.12 -52.39
C ALA M 51 -5.41 -0.61 -51.05
N HIS M 52 -6.50 -1.18 -50.52
CA HIS M 52 -6.44 -1.86 -49.23
C HIS M 52 -5.97 -3.31 -49.37
N GLY M 53 -6.59 -4.08 -50.26
CA GLY M 53 -6.19 -5.46 -50.42
C GLY M 53 -4.74 -5.62 -50.80
N TYR M 54 -4.22 -4.68 -51.59
CA TYR M 54 -2.82 -4.73 -52.03
C TYR M 54 -1.89 -4.84 -50.83
N PHE M 55 -2.05 -3.95 -49.84
CA PHE M 55 -1.18 -4.03 -48.67
C PHE M 55 -1.68 -5.04 -47.64
N LEU M 56 -2.92 -5.50 -47.76
CA LEU M 56 -3.43 -6.49 -46.82
C LEU M 56 -2.84 -7.87 -47.10
N ILE M 57 -2.54 -8.16 -48.36
CA ILE M 57 -1.98 -9.47 -48.70
C ILE M 57 -0.60 -9.65 -48.06
N GLY M 58 0.22 -8.60 -48.07
CA GLY M 58 1.56 -8.64 -47.53
C GLY M 58 1.74 -9.36 -46.22
N PRO M 59 1.03 -8.90 -45.18
CA PRO M 59 1.17 -9.55 -43.87
C PRO M 59 0.92 -11.06 -43.86
N PHE M 60 -0.15 -11.51 -44.52
CA PHE M 60 -0.46 -12.93 -44.52
C PHE M 60 0.58 -13.76 -45.26
N VAL M 61 1.05 -13.28 -46.42
CA VAL M 61 2.03 -14.05 -47.17
C VAL M 61 3.39 -14.05 -46.48
N GLN M 62 3.79 -12.91 -45.91
CA GLN M 62 5.10 -12.80 -45.27
C GLN M 62 5.17 -13.48 -43.91
N LEU M 63 4.14 -13.35 -43.07
CA LEU M 63 4.19 -13.93 -41.72
C LEU M 63 3.08 -14.94 -41.44
N GLY M 64 2.43 -15.47 -42.47
CA GLY M 64 1.38 -16.44 -42.25
C GLY M 64 1.95 -17.75 -41.73
N PRO M 65 1.10 -18.60 -41.15
CA PRO M 65 1.62 -19.88 -40.64
C PRO M 65 2.28 -20.72 -41.72
N LEU M 66 1.86 -20.55 -42.96
CA LEU M 66 2.41 -21.27 -44.10
C LEU M 66 3.38 -20.39 -44.91
N ARG M 67 4.08 -19.48 -44.23
CA ARG M 67 5.01 -18.58 -44.90
C ARG M 67 6.25 -19.31 -45.42
N ASN M 68 6.57 -20.47 -44.87
CA ASN M 68 7.74 -21.22 -45.31
C ASN M 68 7.43 -22.28 -46.35
N THR M 69 6.16 -22.62 -46.56
CA THR M 69 5.81 -23.63 -47.55
C THR M 69 5.82 -23.04 -48.95
N ASP M 70 5.66 -23.91 -49.94
CA ASP M 70 5.64 -23.47 -51.34
C ASP M 70 4.35 -22.77 -51.73
N ILE M 71 3.33 -22.80 -50.87
CA ILE M 71 2.05 -22.15 -51.16
C ILE M 71 1.87 -20.97 -50.22
N LYS M 72 2.98 -20.36 -49.80
CA LYS M 72 2.89 -19.22 -48.89
C LYS M 72 2.10 -18.09 -49.53
N TYR M 73 2.38 -17.79 -50.79
CA TYR M 73 1.67 -16.71 -51.48
C TYR M 73 0.20 -17.05 -51.65
N LEU M 74 -0.13 -18.27 -52.06
CA LEU M 74 -1.52 -18.65 -52.23
C LEU M 74 -2.27 -18.63 -50.90
N ALA M 75 -1.65 -19.17 -49.86
CA ALA M 75 -2.29 -19.17 -48.55
C ALA M 75 -2.53 -17.74 -48.06
N GLY M 76 -1.54 -16.87 -48.24
CA GLY M 76 -1.71 -15.49 -47.83
C GLY M 76 -2.79 -14.79 -48.62
N LEU M 77 -2.87 -15.07 -49.92
CA LEU M 77 -3.91 -14.47 -50.73
C LEU M 77 -5.28 -14.91 -50.27
N LEU M 78 -5.43 -16.20 -49.95
CA LEU M 78 -6.72 -16.70 -49.48
C LEU M 78 -7.07 -16.05 -48.14
N SER M 79 -6.09 -15.91 -47.25
CA SER M 79 -6.36 -15.27 -45.97
C SER M 79 -6.78 -13.83 -46.16
N ALA M 80 -6.12 -13.10 -47.05
CA ALA M 80 -6.48 -11.72 -47.32
C ALA M 80 -7.88 -11.63 -47.89
N ILE M 81 -8.23 -12.55 -48.80
CA ILE M 81 -9.57 -12.54 -49.38
C ILE M 81 -10.61 -12.77 -48.29
N GLY M 82 -10.32 -13.69 -47.36
CA GLY M 82 -11.26 -13.93 -46.27
C GLY M 82 -11.43 -12.71 -45.40
N LEU M 83 -10.32 -12.04 -45.07
CA LEU M 83 -10.40 -10.84 -44.25
C LEU M 83 -11.20 -9.77 -44.98
N ILE M 84 -11.02 -9.69 -46.30
CA ILE M 84 -11.75 -8.70 -47.11
C ILE M 84 -13.24 -9.01 -47.06
N VAL M 85 -13.60 -10.30 -47.13
CA VAL M 85 -15.00 -10.69 -47.07
C VAL M 85 -15.61 -10.28 -45.73
N ILE M 86 -14.86 -10.52 -44.64
CA ILE M 86 -15.36 -10.15 -43.32
C ILE M 86 -15.54 -8.63 -43.22
N LEU M 87 -14.57 -7.87 -43.75
CA LEU M 87 -14.68 -6.43 -43.71
C LEU M 87 -15.89 -5.95 -44.52
N THR M 88 -16.13 -6.57 -45.67
CA THR M 88 -17.28 -6.19 -46.49
C THR M 88 -18.56 -6.49 -45.73
N LEU M 89 -18.58 -7.60 -44.99
CA LEU M 89 -19.75 -7.94 -44.18
C LEU M 89 -20.00 -6.85 -43.16
N GLY M 90 -18.92 -6.39 -42.50
CA GLY M 90 -19.06 -5.33 -41.52
C GLY M 90 -19.59 -4.05 -42.14
N MET M 91 -19.06 -3.71 -43.31
CA MET M 91 -19.50 -2.51 -44.02
C MET M 91 -20.98 -2.57 -44.33
N LEU M 92 -21.43 -3.71 -44.86
CA LEU M 92 -22.83 -3.87 -45.21
C LEU M 92 -23.72 -3.79 -43.97
N LEU M 93 -23.28 -4.39 -42.85
CA LEU M 93 -24.09 -4.31 -41.64
C LEU M 93 -24.22 -2.86 -41.18
N TYR M 94 -23.11 -2.13 -41.21
CA TYR M 94 -23.13 -0.72 -40.81
C TYR M 94 -24.11 0.06 -41.67
N GLY M 95 -24.07 -0.16 -42.98
CA GLY M 95 -24.98 0.54 -43.87
C GLY M 95 -26.43 0.14 -43.63
N ALA M 96 -26.66 -1.13 -43.30
CA ALA M 96 -28.02 -1.61 -43.07
C ALA M 96 -28.67 -0.95 -41.86
N VAL M 97 -27.91 -0.77 -40.78
CA VAL M 97 -28.51 -0.18 -39.58
C VAL M 97 -28.40 1.34 -39.54
N SER M 98 -27.24 1.89 -39.90
CA SER M 98 -27.04 3.33 -39.79
C SER M 98 -27.85 4.14 -40.81
N PHE M 99 -27.91 3.70 -42.07
CA PHE M 99 -28.59 4.46 -43.11
C PHE M 99 -29.99 3.93 -43.43
N THR M 100 -30.82 4.82 -43.95
CA THR M 100 -32.21 4.56 -44.34
C THR M 100 -32.38 4.80 -45.84
N ASN M 101 -33.63 4.74 -46.31
CA ASN M 101 -33.94 4.94 -47.72
C ASN M 101 -33.94 6.43 -48.04
N ASP M 102 -33.12 6.82 -49.01
CA ASP M 102 -33.01 8.20 -49.45
C ASP M 102 -32.17 8.20 -50.73
N SER M 103 -31.85 9.40 -51.23
CA SER M 103 -31.06 9.51 -52.45
C SER M 103 -29.67 8.91 -52.25
N GLN M 104 -29.12 8.34 -53.32
CA GLN M 104 -27.81 7.73 -53.27
C GLN M 104 -26.75 8.83 -53.23
N ASP M 105 -26.24 9.11 -52.03
CA ASP M 105 -25.22 10.13 -51.84
C ASP M 105 -24.14 9.66 -50.88
N LEU M 106 -23.92 8.35 -50.80
CA LEU M 106 -22.97 7.67 -49.96
C LEU M 106 -23.45 7.62 -48.51
N GLU M 107 -24.53 8.31 -48.16
CA GLU M 107 -25.08 8.32 -46.81
C GLU M 107 -26.42 7.60 -46.74
N SER M 108 -26.75 6.83 -47.77
CA SER M 108 -27.99 6.08 -47.85
C SER M 108 -27.68 4.59 -47.92
N VAL M 109 -28.73 3.78 -47.81
CA VAL M 109 -28.54 2.33 -47.87
C VAL M 109 -27.98 1.92 -49.24
N ASP M 110 -28.56 2.48 -50.31
CA ASP M 110 -28.07 2.15 -51.65
C ASP M 110 -26.65 2.67 -51.86
N GLY M 111 -26.36 3.88 -51.37
CA GLY M 111 -25.02 4.42 -51.54
C GLY M 111 -23.98 3.58 -50.83
N TRP M 112 -24.24 3.22 -49.57
CA TRP M 112 -23.28 2.40 -48.85
C TRP M 112 -23.22 0.99 -49.41
N ARG M 113 -24.30 0.50 -50.01
CA ARG M 113 -24.26 -0.83 -50.63
C ARG M 113 -23.34 -0.79 -51.84
N GLN M 114 -23.45 0.27 -52.66
CA GLN M 114 -22.58 0.41 -53.81
C GLN M 114 -21.13 0.56 -53.37
N LEU M 115 -20.92 1.33 -52.29
CA LEU M 115 -19.56 1.52 -51.78
C LEU M 115 -18.99 0.19 -51.30
N ALA M 116 -19.81 -0.62 -50.62
CA ALA M 116 -19.34 -1.92 -50.15
C ALA M 116 -19.02 -2.85 -51.31
N SER M 117 -19.87 -2.86 -52.33
CA SER M 117 -19.60 -3.72 -53.49
C SER M 117 -18.29 -3.30 -54.15
N GLY M 118 -18.10 -1.99 -54.32
CA GLY M 118 -16.87 -1.51 -54.92
C GLY M 118 -15.66 -1.86 -54.07
N PHE M 119 -15.79 -1.73 -52.75
CA PHE M 119 -14.69 -2.06 -51.87
C PHE M 119 -14.32 -3.54 -51.98
N LEU M 120 -15.33 -4.41 -52.01
CA LEU M 120 -15.05 -5.84 -52.12
C LEU M 120 -14.36 -6.17 -53.45
N LEU M 121 -14.92 -5.66 -54.56
CA LEU M 121 -14.32 -5.93 -55.86
C LEU M 121 -12.90 -5.40 -55.94
N GLY M 122 -12.70 -4.16 -55.49
CA GLY M 122 -11.37 -3.58 -55.53
C GLY M 122 -10.38 -4.31 -54.66
N ALA M 123 -10.80 -4.71 -53.45
CA ALA M 123 -9.90 -5.43 -52.56
C ALA M 123 -9.51 -6.77 -53.15
N VAL M 124 -10.47 -7.50 -53.71
CA VAL M 124 -10.14 -8.79 -54.31
C VAL M 124 -9.19 -8.60 -55.48
N GLY M 125 -9.47 -7.62 -56.34
CA GLY M 125 -8.59 -7.37 -57.48
C GLY M 125 -7.20 -6.96 -57.06
N GLY M 126 -7.11 -6.10 -56.04
CA GLY M 126 -5.80 -5.66 -55.57
C GLY M 126 -5.01 -6.81 -54.97
N ALA M 127 -5.68 -7.67 -54.19
CA ALA M 127 -5.00 -8.81 -53.62
C ALA M 127 -4.51 -9.74 -54.72
N GLY M 128 -5.33 -9.94 -55.76
CA GLY M 128 -4.92 -10.78 -56.86
C GLY M 128 -3.74 -10.19 -57.61
N PHE M 129 -3.76 -8.88 -57.82
CA PHE M 129 -2.66 -8.22 -58.52
C PHE M 129 -1.36 -8.34 -57.72
N ALA M 130 -1.45 -8.14 -56.40
CA ALA M 130 -0.26 -8.27 -55.57
C ALA M 130 0.26 -9.70 -55.59
N TYR M 131 -0.66 -10.67 -55.55
CA TYR M 131 -0.24 -12.07 -55.61
C TYR M 131 0.45 -12.36 -56.93
N LEU M 132 -0.08 -11.82 -58.03
CA LEU M 132 0.53 -12.01 -59.33
C LEU M 132 1.92 -11.41 -59.37
N LEU M 133 2.08 -10.21 -58.80
CA LEU M 133 3.39 -9.58 -58.77
C LEU M 133 4.37 -10.41 -57.96
N LEU M 134 3.93 -10.93 -56.82
CA LEU M 134 4.81 -11.75 -55.99
C LEU M 134 5.22 -13.02 -56.72
N THR M 135 4.28 -13.67 -57.40
CA THR M 135 4.60 -14.89 -58.13
C THR M 135 5.58 -14.62 -59.27
N LEU M 136 5.36 -13.52 -59.99
CA LEU M 136 6.24 -13.16 -61.10
C LEU M 136 7.54 -12.56 -60.59
N ILE N 1 -20.21 -46.99 -34.45
CA ILE N 1 -21.15 -46.03 -35.00
C ILE N 1 -20.85 -45.81 -36.48
N THR N 2 -21.70 -46.36 -37.33
CA THR N 2 -21.52 -46.22 -38.77
C THR N 2 -21.79 -44.78 -39.21
N ASP N 3 -21.33 -44.45 -40.42
CA ASP N 3 -21.55 -43.11 -40.94
C ASP N 3 -23.03 -42.81 -41.06
N ASN N 4 -23.81 -43.80 -41.54
CA ASN N 4 -25.24 -43.60 -41.67
C ASN N 4 -25.88 -43.32 -40.31
N GLN N 5 -25.39 -43.98 -39.26
CA GLN N 5 -25.93 -43.73 -37.92
C GLN N 5 -25.67 -42.29 -37.51
N VAL N 6 -24.47 -41.79 -37.79
CA VAL N 6 -24.14 -40.41 -37.45
C VAL N 6 -25.05 -39.46 -38.20
N PHE N 7 -25.32 -39.77 -39.48
CA PHE N 7 -26.20 -38.90 -40.26
C PHE N 7 -27.61 -38.90 -39.69
N VAL N 8 -28.09 -40.06 -39.24
CA VAL N 8 -29.42 -40.13 -38.65
C VAL N 8 -29.46 -39.27 -37.39
N ALA N 9 -28.41 -39.36 -36.57
CA ALA N 9 -28.36 -38.55 -35.36
C ALA N 9 -28.38 -37.07 -35.71
N LEU N 10 -27.66 -36.70 -36.76
CA LEU N 10 -27.64 -35.29 -37.18
C LEU N 10 -29.02 -34.83 -37.61
N ILE N 11 -29.75 -35.68 -38.33
CA ILE N 11 -31.10 -35.31 -38.77
C ILE N 11 -31.99 -35.08 -37.56
N MET N 12 -31.90 -35.98 -36.57
CA MET N 12 -32.72 -35.81 -35.37
C MET N 12 -32.32 -34.53 -34.64
N ALA N 13 -31.02 -34.22 -34.60
CA ALA N 13 -30.57 -33.00 -33.95
C ALA N 13 -31.14 -31.78 -34.67
N LEU N 14 -31.21 -31.84 -36.00
CA LEU N 14 -31.77 -30.73 -36.75
C LEU N 14 -33.24 -30.55 -36.41
N VAL N 15 -33.97 -31.66 -36.26
CA VAL N 15 -35.38 -31.57 -35.89
C VAL N 15 -35.50 -30.93 -34.52
N CYS N 16 -34.64 -31.34 -33.58
CA CYS N 16 -34.67 -30.76 -32.25
C CYS N 16 -34.38 -29.26 -32.31
N GLY N 17 -33.43 -28.86 -33.15
CA GLY N 17 -33.12 -27.46 -33.28
C GLY N 17 -34.30 -26.67 -33.82
N TYR N 18 -34.99 -27.23 -34.82
CA TYR N 18 -36.15 -26.57 -35.38
C TYR N 18 -37.22 -26.39 -34.31
N LEU N 19 -37.46 -27.44 -33.52
CA LEU N 19 -38.46 -27.34 -32.45
C LEU N 19 -38.05 -26.30 -31.42
N ALA N 20 -36.75 -26.24 -31.08
CA ALA N 20 -36.25 -25.29 -30.11
C ALA N 20 -36.18 -23.87 -30.65
N VAL N 21 -36.27 -23.70 -31.96
CA VAL N 21 -36.26 -22.37 -32.57
C VAL N 21 -37.70 -21.90 -32.58
N LYS N 22 -38.62 -22.84 -32.84
CA LYS N 22 -40.05 -22.50 -32.82
C LYS N 22 -40.48 -22.15 -31.40
N LEU N 23 -40.06 -22.94 -30.43
CA LEU N 23 -40.41 -22.70 -29.03
C LEU N 23 -39.91 -21.34 -28.58
N ALA N 24 -38.70 -20.97 -28.99
CA ALA N 24 -38.13 -19.69 -28.58
C ALA N 24 -38.80 -18.52 -29.30
N LYS N 25 -39.10 -18.67 -30.59
CA LYS N 25 -39.77 -17.59 -31.30
C LYS N 25 -41.17 -17.37 -30.73
N GLN N 26 -41.84 -18.44 -30.31
CA GLN N 26 -43.17 -18.30 -29.73
C GLN N 26 -43.10 -17.56 -28.41
N LEU N 27 -42.06 -17.80 -27.62
CA LEU N 27 -41.89 -17.14 -26.33
C LEU N 27 -41.58 -15.66 -26.51
N PHE O 1 2.43 28.70 -49.13
CA PHE O 1 2.04 27.67 -48.17
C PHE O 1 1.46 28.30 -46.91
N GLU O 2 0.45 27.63 -46.33
CA GLU O 2 -0.22 28.09 -45.11
C GLU O 2 0.02 27.07 -44.02
N VAL O 3 0.73 27.48 -42.96
CA VAL O 3 1.03 26.55 -41.87
C VAL O 3 -0.25 26.10 -41.16
N SER O 4 -1.14 27.04 -40.85
CA SER O 4 -2.38 26.70 -40.15
C SER O 4 -3.49 27.66 -40.55
N ASP O 5 -4.61 27.09 -41.00
CA ASP O 5 -5.78 27.87 -41.42
C ASP O 5 -5.34 28.95 -42.42
N GLY O 6 -5.85 30.16 -42.29
CA GLY O 6 -5.50 31.23 -43.21
C GLY O 6 -4.23 32.00 -42.91
N GLU O 7 -3.49 31.63 -41.86
CA GLU O 7 -2.26 32.33 -41.52
C GLU O 7 -1.13 31.88 -42.42
N PRO O 8 -0.45 32.77 -43.12
CA PRO O 8 0.66 32.36 -43.99
C PRO O 8 1.91 32.02 -43.20
N TYR O 9 2.81 31.28 -43.85
CA TYR O 9 4.07 30.85 -43.26
C TYR O 9 5.18 31.14 -44.25
N PRO O 10 6.24 31.85 -43.85
CA PRO O 10 7.33 32.14 -44.80
C PRO O 10 8.30 30.98 -44.93
N LEU O 11 8.38 30.43 -46.13
CA LEU O 11 9.29 29.33 -46.46
C LEU O 11 10.38 29.87 -47.36
N ASN O 12 11.62 29.66 -46.97
CA ASN O 12 12.76 30.16 -47.73
C ASN O 12 13.75 29.04 -48.03
N PRO O 13 13.97 28.66 -49.29
CA PRO O 13 14.96 27.61 -49.56
C PRO O 13 16.35 28.03 -49.15
N ALA O 14 16.60 29.35 -49.08
CA ALA O 14 17.89 29.83 -48.64
C ALA O 14 18.19 29.38 -47.22
N VAL O 15 17.14 29.16 -46.42
CA VAL O 15 17.36 28.68 -45.05
C VAL O 15 17.99 27.29 -45.11
N ILE O 16 17.45 26.42 -45.96
CA ILE O 16 17.99 25.08 -46.10
C ILE O 16 19.41 25.14 -46.66
N PHE O 17 19.64 25.98 -47.67
CA PHE O 17 20.97 26.09 -48.26
C PHE O 17 22.00 26.57 -47.24
N ILE O 18 21.67 27.61 -46.47
CA ILE O 18 22.59 28.15 -45.49
C ILE O 18 22.82 27.14 -44.37
N ALA O 19 21.78 26.43 -43.94
CA ALA O 19 21.97 25.45 -42.88
C ALA O 19 22.87 24.31 -43.36
N LEU O 20 22.64 23.84 -44.59
CA LEU O 20 23.44 22.76 -45.14
C LEU O 20 24.90 23.17 -45.31
N ILE O 21 25.13 24.35 -45.91
CA ILE O 21 26.50 24.81 -46.11
C ILE O 21 27.20 25.03 -44.77
N GLY O 22 26.52 25.70 -43.84
CA GLY O 22 27.12 25.95 -42.54
C GLY O 22 27.49 24.68 -41.81
N TRP O 23 26.57 23.70 -41.80
CA TRP O 23 26.87 22.46 -41.10
C TRP O 23 27.96 21.66 -41.80
N SER O 24 27.97 21.65 -43.15
CA SER O 24 29.02 20.92 -43.85
C SER O 24 30.38 21.54 -43.58
N ALA O 25 30.46 22.88 -43.58
CA ALA O 25 31.72 23.55 -43.31
C ALA O 25 32.18 23.30 -41.88
N VAL O 26 31.25 23.34 -40.92
CA VAL O 26 31.61 23.11 -39.53
C VAL O 26 32.09 21.68 -39.34
N ALA O 27 31.41 20.72 -39.97
CA ALA O 27 31.79 19.31 -39.84
C ALA O 27 32.95 18.92 -40.74
N ALA O 28 33.40 19.80 -41.63
CA ALA O 28 34.53 19.51 -42.51
C ALA O 28 35.88 19.77 -41.86
N ILE O 29 35.89 20.19 -40.60
CA ILE O 29 37.15 20.46 -39.90
C ILE O 29 37.83 19.12 -39.59
N PRO O 30 39.09 18.92 -39.97
CA PRO O 30 39.74 17.64 -39.71
C PRO O 30 39.95 17.38 -38.22
N SER O 31 39.93 16.09 -37.87
CA SER O 31 40.13 15.63 -36.51
C SER O 31 40.91 14.32 -36.55
N ASN O 32 42.13 14.33 -36.01
CA ASN O 32 42.98 13.14 -36.00
C ASN O 32 42.48 12.18 -34.93
N ILE O 33 41.38 11.51 -35.24
CA ILE O 33 40.76 10.54 -34.34
C ILE O 33 40.53 9.27 -35.16
N PRO O 34 40.62 8.08 -34.57
CA PRO O 34 40.43 6.85 -35.38
C PRO O 34 39.10 6.74 -36.11
N VAL O 35 37.97 7.13 -35.50
CA VAL O 35 36.70 6.98 -36.20
C VAL O 35 36.65 7.85 -37.44
N LEU O 36 37.12 9.10 -37.34
CA LEU O 36 37.10 9.99 -38.49
C LEU O 36 38.31 9.84 -39.39
N GLY O 37 39.38 9.20 -38.91
CA GLY O 37 40.57 9.00 -39.73
C GLY O 37 41.27 10.25 -40.19
N GLY O 38 41.39 11.25 -39.32
CA GLY O 38 42.09 12.48 -39.70
C GLY O 38 41.37 13.39 -40.66
N THR O 39 40.04 13.33 -40.72
CA THR O 39 39.29 14.19 -41.61
C THR O 39 37.96 14.54 -40.96
N GLY O 40 37.32 15.58 -41.48
CA GLY O 40 36.04 16.02 -40.93
C GLY O 40 34.97 14.95 -41.10
N LEU O 41 33.95 15.04 -40.25
CA LEU O 41 32.87 14.07 -40.32
C LEU O 41 32.13 14.14 -41.65
N THR O 42 32.12 15.31 -42.30
CA THR O 42 31.45 15.40 -43.60
C THR O 42 32.17 14.57 -44.64
N GLN O 43 33.50 14.69 -44.70
CA GLN O 43 34.26 13.90 -45.65
C GLN O 43 34.13 12.42 -45.35
N ALA O 44 34.22 12.04 -44.07
CA ALA O 44 34.10 10.63 -43.70
C ALA O 44 32.72 10.09 -44.05
N PHE O 45 31.68 10.89 -43.81
CA PHE O 45 30.32 10.47 -44.12
C PHE O 45 30.14 10.27 -45.62
N LEU O 46 30.65 11.21 -46.43
CA LEU O 46 30.54 11.06 -47.87
C LEU O 46 31.32 9.84 -48.35
N ALA O 47 32.49 9.60 -47.76
CA ALA O 47 33.28 8.43 -48.14
C ALA O 47 32.52 7.15 -47.82
N SER O 48 31.89 7.10 -46.64
CA SER O 48 31.12 5.92 -46.28
C SER O 48 29.93 5.75 -47.23
N ILE O 49 29.35 6.86 -47.66
CA ILE O 49 28.22 6.80 -48.59
C ILE O 49 28.69 6.16 -49.89
N GLN O 50 29.86 6.58 -50.40
CA GLN O 50 30.37 5.99 -51.64
C GLN O 50 30.66 4.50 -51.45
N ARG O 51 31.32 4.16 -50.35
CA ARG O 51 31.64 2.76 -50.09
C ARG O 51 30.39 1.89 -50.08
N LEU O 52 29.35 2.35 -49.36
CA LEU O 52 28.12 1.58 -49.30
C LEU O 52 27.35 1.61 -50.61
N LEU O 53 27.52 2.66 -51.42
CA LEU O 53 26.83 2.72 -52.70
C LEU O 53 27.42 1.71 -53.68
N ALA O 54 28.73 1.47 -53.59
CA ALA O 54 29.33 0.48 -54.48
C ALA O 54 28.56 -0.83 -54.38
N GLN O 55 28.29 -1.27 -53.15
CA GLN O 55 27.51 -2.49 -52.90
C GLN O 55 26.07 -2.08 -52.58
N TYR O 56 25.41 -1.54 -53.60
CA TYR O 56 24.04 -1.06 -53.46
C TYR O 56 23.08 -2.05 -52.83
N PRO O 57 23.02 -3.32 -53.23
CA PRO O 57 22.06 -4.23 -52.58
C PRO O 57 22.31 -4.43 -51.10
N THR O 58 23.54 -4.79 -50.72
CA THR O 58 23.86 -5.02 -49.32
C THR O 58 24.03 -3.68 -48.60
N GLY O 59 23.27 -3.48 -47.53
CA GLY O 59 23.34 -2.27 -46.76
C GLY O 59 24.34 -2.37 -45.63
N PRO O 60 24.56 -1.27 -44.91
CA PRO O 60 25.51 -1.30 -43.80
C PRO O 60 24.94 -2.07 -42.62
N LYS O 61 25.79 -2.87 -41.98
CA LYS O 61 25.37 -3.66 -40.84
C LYS O 61 25.58 -2.87 -39.54
N LEU O 62 25.37 -3.54 -38.40
CA LEU O 62 25.49 -2.87 -37.09
C LEU O 62 26.90 -2.37 -36.79
N ASP O 63 27.94 -3.05 -37.28
CA ASP O 63 29.31 -2.64 -37.00
C ASP O 63 29.88 -1.67 -38.03
N ASP O 64 29.07 -1.19 -38.97
CA ASP O 64 29.56 -0.27 -39.98
C ASP O 64 29.66 1.15 -39.43
N PRO O 65 30.76 1.87 -39.67
CA PRO O 65 30.85 3.24 -39.14
C PRO O 65 29.84 4.20 -39.73
N PHE O 66 29.24 3.87 -40.88
CA PHE O 66 28.27 4.73 -41.53
C PHE O 66 27.17 5.23 -40.60
N TRP O 67 26.70 4.38 -39.69
CA TRP O 67 25.63 4.79 -38.79
C TRP O 67 26.03 5.93 -37.87
N PHE O 68 27.26 5.88 -37.32
CA PHE O 68 27.69 6.96 -36.44
C PHE O 68 27.78 8.27 -37.21
N TYR O 69 28.36 8.23 -38.42
CA TYR O 69 28.45 9.43 -39.23
C TYR O 69 27.05 9.95 -39.56
N LEU O 70 26.14 9.04 -39.90
CA LEU O 70 24.78 9.43 -40.24
C LEU O 70 24.08 10.13 -39.08
N ILE O 71 24.15 9.53 -37.89
CA ILE O 71 23.48 10.14 -36.74
C ILE O 71 24.07 11.49 -36.41
N VAL O 72 25.40 11.60 -36.33
CA VAL O 72 26.00 12.89 -35.96
C VAL O 72 25.73 13.94 -37.04
N TYR O 73 25.90 13.58 -38.30
CA TYR O 73 25.65 14.52 -39.39
C TYR O 73 24.21 14.99 -39.38
N HIS O 74 23.26 14.07 -39.18
CA HIS O 74 21.86 14.45 -39.17
C HIS O 74 21.52 15.24 -37.90
N VAL O 75 22.13 14.92 -36.77
CA VAL O 75 21.87 15.67 -35.55
C VAL O 75 22.23 17.12 -35.77
N GLY O 76 23.45 17.36 -36.26
CA GLY O 76 23.90 18.72 -36.50
C GLY O 76 23.17 19.45 -37.62
N LEU O 77 22.92 18.76 -38.74
CA LEU O 77 22.22 19.39 -39.85
C LEU O 77 20.79 19.76 -39.45
N PHE O 78 20.10 18.84 -38.77
CA PHE O 78 18.74 19.13 -38.34
C PHE O 78 18.74 20.26 -37.32
N ALA O 79 19.76 20.31 -36.46
CA ALA O 79 19.81 21.39 -35.48
C ALA O 79 19.99 22.73 -36.19
N LEU O 80 20.88 22.80 -37.18
CA LEU O 80 21.07 24.05 -37.90
C LEU O 80 19.79 24.42 -38.64
N LEU O 81 19.09 23.43 -39.21
CA LEU O 81 17.85 23.72 -39.93
C LEU O 81 16.77 24.26 -38.99
N ILE O 82 16.57 23.60 -37.85
CA ILE O 82 15.55 24.03 -36.90
C ILE O 82 15.88 25.42 -36.34
N PHE O 83 17.11 25.60 -35.85
CA PHE O 83 17.51 26.90 -35.32
C PHE O 83 17.52 27.95 -36.42
N GLY O 84 17.82 27.55 -37.65
CA GLY O 84 17.85 28.49 -38.76
C GLY O 84 16.47 28.99 -39.12
N GLN O 85 15.49 28.09 -39.12
CA GLN O 85 14.12 28.52 -39.41
C GLN O 85 13.61 29.37 -38.27
N ILE O 86 14.00 29.05 -37.03
CA ILE O 86 13.60 29.87 -35.90
C ILE O 86 14.16 31.28 -36.05
N GLY O 87 15.43 31.39 -36.41
CA GLY O 87 16.03 32.71 -36.57
C GLY O 87 15.48 33.49 -37.75
N TYR O 88 15.27 32.82 -38.89
CA TYR O 88 14.76 33.50 -40.07
C TYR O 88 13.32 33.99 -39.86
N ALA O 89 12.43 33.12 -39.39
CA ALA O 89 11.05 33.53 -39.19
C ALA O 89 10.88 34.44 -37.98
N GLY O 90 11.54 34.12 -36.87
CA GLY O 90 11.39 34.91 -35.66
C GLY O 90 11.99 36.31 -35.75
N TYR O 91 13.16 36.44 -36.36
CA TYR O 91 13.84 37.74 -36.44
C TYR O 91 13.77 38.39 -37.81
N ALA O 92 14.05 37.64 -38.88
CA ALA O 92 14.03 38.25 -40.21
C ALA O 92 12.63 38.58 -40.67
N LYS O 93 11.65 37.71 -40.41
CA LYS O 93 10.28 37.93 -40.86
C LYS O 93 9.40 38.65 -39.83
N GLY O 94 9.91 38.94 -38.64
CA GLY O 94 9.12 39.65 -37.65
C GLY O 94 8.21 38.80 -36.81
N THR O 95 8.30 37.48 -36.88
CA THR O 95 7.42 36.65 -36.05
C THR O 95 7.69 36.88 -34.57
N TYR O 96 8.82 37.53 -34.24
CA TYR O 96 9.22 37.88 -32.88
C TYR O 96 9.85 36.72 -32.11
N ASN O 97 10.62 37.07 -31.08
CA ASN O 97 11.28 36.10 -30.22
C ASN O 97 10.29 35.04 -29.75
MG CLA P . 14.49 14.33 53.25
CHA CLA P . 12.73 13.77 56.16
CHB CLA P . 15.79 17.27 54.55
CHC CLA P . 16.29 14.67 50.49
CHD CLA P . 13.18 11.30 51.94
NA CLA P . 14.30 15.42 55.16
C1A CLA P . 13.54 15.04 56.19
C2A CLA P . 13.63 16.02 57.33
C3A CLA P . 14.57 17.11 56.79
C4A CLA P . 14.92 16.59 55.43
CMA CLA P . 14.21 18.58 56.97
CAA CLA P . 14.30 15.33 58.51
CBA CLA P . 14.21 16.15 59.80
CGA CLA P . 15.09 15.54 60.86
O1A CLA P . 16.05 14.85 60.55
O2A CLA P . 14.79 15.81 62.13
NB CLA P . 15.82 15.73 52.64
C1B CLA P . 16.20 16.88 53.27
C2B CLA P . 17.12 17.61 52.43
C3B CLA P . 17.24 16.88 51.28
C4B CLA P . 16.42 15.68 51.43
CMB CLA P . 17.76 18.93 52.77
CAB CLA P . 18.05 17.15 50.08
CBB CLA P . 19.48 17.64 50.23
NC CLA P . 14.66 13.20 51.49
C1C CLA P . 15.50 13.51 50.50
C2C CLA P . 15.50 12.49 49.43
C3C CLA P . 14.60 11.55 49.86
C4C CLA P . 14.08 12.01 51.14
CMC CLA P . 16.35 12.50 48.19
CAC CLA P . 14.22 10.27 49.14
CBC CLA P . 13.43 10.59 47.89
ND CLA P . 13.31 12.85 53.81
C1D CLA P . 12.80 11.73 53.23
C2D CLA P . 11.83 11.06 54.10
C3D CLA P . 11.82 11.87 55.24
C4D CLA P . 12.70 12.93 55.05
CMD CLA P . 10.98 9.83 53.96
CAD CLA P . 11.20 11.99 56.55
OBD CLA P . 10.61 11.10 57.12
CBD CLA P . 11.89 13.14 57.24
CGD CLA P . 10.90 14.12 57.80
O1D CLA P . 9.90 14.43 57.17
O2D CLA P . 11.12 14.68 58.99
CED CLA P . 11.05 13.81 60.11
C1 CLA P . 15.40 16.94 62.81
C2 CLA P . 16.00 16.71 64.19
C3 CLA P . 16.36 17.71 65.02
C4 CLA P . 16.93 17.35 66.36
C5 CLA P . 16.22 19.19 64.73
C6 CLA P . 17.59 19.88 64.74
C7 CLA P . 18.18 19.96 63.34
C8 CLA P . 19.66 20.34 63.36
C9 CLA P . 19.92 21.48 62.38
C10 CLA P . 20.58 19.16 63.04
C11 CLA P . 21.53 18.81 64.19
C12 CLA P . 20.86 17.84 65.16
C13 CLA P . 21.13 18.10 66.66
C14 CLA P . 20.94 19.56 67.05
C15 CLA P . 22.52 17.60 67.04
C16 CLA P . 22.68 17.46 68.56
C17 CLA P . 22.04 16.18 69.08
C18 CLA P . 21.25 16.37 70.38
C19 CLA P . 22.08 16.94 71.51
C20 CLA P . 19.99 17.21 70.16
HHB CLA P . 16.14 18.23 54.89
HHC CLA P . 16.00 15.19 49.57
HHD CLA P . 12.25 11.21 51.36
H2A CLA P . 12.64 16.42 57.59
HMA1 CLA P . 13.82 18.73 57.94
HMA2 CLA P . 13.47 18.85 56.25
HMA3 CLA P . 15.07 19.17 56.84
HAA1 CLA P . 15.35 15.18 58.26
HAA2 CLA P . 13.85 14.35 58.68
HBA1 CLA P . 13.18 16.16 60.15
HBA2 CLA P . 14.52 17.17 59.61
HMB1 CLA P . 18.51 18.78 53.51
HMB2 CLA P . 17.01 19.60 53.12
HMB3 CLA P . 18.22 19.34 51.90
HBB1 CLA P . 20.08 17.23 51.02
HBB2 CLA P . 19.97 18.07 49.37
HMC1 CLA P . 16.41 13.48 47.81
HMC2 CLA P . 15.94 11.86 47.47
HMC3 CLA P . 17.32 12.16 48.45
HAC1 CLA P . 13.62 9.64 49.80
HAC2 CLA P . 15.13 9.72 48.87
HBC1 CLA P . 12.66 9.86 47.77
HBC2 CLA P . 14.07 10.55 47.05
HBC3 CLA P . 13.00 11.55 47.97
HMD1 CLA P . 11.25 9.33 53.07
HMD2 CLA P . 9.97 10.11 53.92
HMD3 CLA P . 11.15 9.19 54.79
HBD CLA P . 12.52 12.75 58.05
HED1 CLA P . 10.56 14.30 60.92
HED2 CLA P . 12.03 13.56 60.42
HED3 CLA P . 10.52 12.93 59.87
H11 CLA P . 14.63 17.71 62.92
H12 CLA P . 16.17 17.36 62.17
H2 CLA P . 16.15 15.69 64.51
H41 CLA P . 16.96 18.20 66.98
H42 CLA P . 17.92 16.97 66.24
H43 CLA P . 16.32 16.60 66.81
H51 CLA P . 15.60 19.63 65.50
H52 CLA P . 15.74 19.35 63.78
H61 CLA P . 18.28 19.36 65.40
H62 CLA P . 17.47 20.90 65.12
H71 CLA P . 17.63 20.71 62.76
H72 CLA P . 18.03 19.01 62.83
H8 CLA P . 19.90 20.70 64.36
H91 CLA P . 20.94 21.77 62.43
H92 CLA P . 19.31 22.31 62.62
H93 CLA P . 19.70 21.15 61.38
H101 CLA P . 21.18 19.40 62.15
H102 CLA P . 20.00 18.28 62.78
H111 CLA P . 21.85 19.72 64.68
H112 CLA P . 22.42 18.33 63.76
H121 CLA P . 21.20 16.83 64.93
H122 CLA P . 19.78 17.86 64.99
H13 CLA P . 20.40 17.51 67.22
H141 CLA P . 20.67 19.62 68.07
H142 CLA P . 20.17 19.99 66.46
H143 CLA P . 21.84 20.09 66.89
H151 CLA P . 23.27 18.30 66.67
H152 CLA P . 22.70 16.63 66.57
H161 CLA P . 22.26 18.33 69.06
H162 CLA P . 23.76 17.44 68.79
H171 CLA P . 22.83 15.44 69.27
H172 CLA P . 21.38 15.77 68.32
H18 CLA P . 20.90 15.37 70.70
H191 CLA P . 21.53 16.93 72.41
H192 CLA P . 22.36 17.94 71.29
H193 CLA P . 22.96 16.36 71.64
H201 CLA P . 19.36 17.14 71.01
H202 CLA P . 19.47 16.87 69.31
H203 CLA P . 20.27 18.22 70.01
HHC2 CLA P . 17.31 14.33 50.29
HHD2 CLA P . 13.57 10.30 52.05
MG CLA Q . 4.32 5.61 52.33
CHA CLA Q . 3.47 8.91 52.72
CHB CLA Q . 1.33 4.98 50.68
CHC CLA Q . 5.34 2.51 51.88
CHD CLA Q . 7.39 6.30 54.01
NA CLA Q . 2.57 6.81 51.74
C1A CLA Q . 2.41 8.11 52.00
C2A CLA Q . 1.07 8.62 51.55
C3A CLA Q . 0.43 7.36 50.94
C4A CLA Q . 1.48 6.32 51.11
CMA CLA Q . -0.95 7.05 51.48
CAA CLA Q . 1.14 9.76 50.53
CBA CLA Q . 2.28 9.72 49.51
CGA CLA Q . 1.97 8.78 48.36
O1A CLA Q . 0.93 8.91 47.75
O2A CLA Q . 2.84 7.84 48.02
NB CLA Q . 3.47 4.01 51.42
C1B CLA Q . 2.25 3.91 50.81
C2B CLA Q . 2.06 2.55 50.35
C3B CLA Q . 3.20 1.88 50.71
C4B CLA Q . 4.08 2.82 51.38
CMB CLA Q . 0.85 1.99 49.65
CAB CLA Q . 3.57 0.46 50.51
CBB CLA Q . 2.97 -0.40 49.43
NC CLA Q . 6.09 4.60 52.81
C1C CLA Q . 6.28 3.31 52.58
C2C CLA Q . 7.56 2.81 53.12
C3C CLA Q . 8.13 3.91 53.70
C4C CLA Q . 7.20 5.02 53.51
CMC CLA Q . 8.12 1.41 53.06
CAC CLA Q . 9.45 3.99 54.42
CBC CLA Q . 10.50 4.48 53.44
ND CLA Q . 5.29 7.14 53.13
C1D CLA Q . 6.44 7.33 53.83
C2D CLA Q . 6.55 8.68 54.35
C3D CLA Q . 5.39 9.29 53.91
C4D CLA Q . 4.65 8.37 53.18
CMD CLA Q . 7.58 9.39 55.20
CAD CLA Q . 4.67 10.54 53.94
OBD CLA Q . 5.12 11.62 54.31
CBD CLA Q . 3.41 10.35 53.16
CGD CLA Q . 2.20 10.49 54.03
O1D CLA Q . 1.77 9.53 54.62
O2D CLA Q . 1.60 11.66 54.18
CED CLA Q . 0.42 11.59 54.97
C1 CLA Q . 2.34 6.55 47.55
C2 CLA Q . 3.28 5.38 47.37
C3 CLA Q . 2.83 4.20 46.92
C4 CLA Q . 1.38 4.00 46.61
C5 CLA Q . 3.74 3.01 46.71
C6 CLA Q . 3.90 2.69 45.23
C7 CLA Q . 5.18 3.33 44.69
C8 CLA Q . 5.53 2.90 43.25
C9 CLA Q . 4.32 2.54 42.41
C10 CLA Q . 6.52 1.74 43.30
C11 CLA Q . 7.95 2.23 43.48
C12 CLA Q . 8.85 1.15 44.07
C13 CLA Q . 8.61 0.98 45.57
C14 CLA Q . 9.91 0.78 46.33
HHB CLA Q . 0.47 4.79 50.06
HHC CLA Q . 5.20 1.63 52.50
HHD CLA Q . 7.56 6.21 55.08
H2A CLA Q . 0.50 8.95 52.42
H3A CLA Q . 0.30 7.54 49.87
HMA1 CLA Q . -1.69 7.55 50.91
HMA2 CLA Q . -1.02 7.36 52.49
HMA3 CLA Q . -1.10 6.00 51.43
HAA1 CLA Q . 1.21 10.70 51.08
HAA2 CLA Q . 0.19 9.79 49.98
HBA1 CLA Q . 3.22 9.45 49.98
HBA2 CLA Q . 2.39 10.72 49.11
HMB1 CLA Q . 1.07 1.85 48.62
HMB2 CLA Q . 0.03 2.64 49.76
HMB3 CLA Q . 0.61 1.05 50.08
HBB1 CLA Q . 3.27 -1.42 49.34
HBB2 CLA Q . 2.50 0.07 48.58
HMC1 CLA Q . 7.51 0.81 52.43
HMC2 CLA Q . 8.15 0.99 54.02
HMC3 CLA Q . 9.10 1.44 52.66
HAC1 CLA Q . 9.72 3.01 54.80
HAC2 CLA Q . 9.38 4.68 55.25
HBC1 CLA Q . 11.40 4.66 53.95
HBC2 CLA Q . 10.16 5.38 52.98
HBC3 CLA Q . 10.65 3.74 52.69
HMD1 CLA Q . 8.52 8.91 55.10
HMD2 CLA Q . 7.28 9.37 56.21
HMD3 CLA Q . 7.68 10.40 54.88
HBD CLA Q . 3.36 11.04 52.29
HED1 CLA Q . -0.03 12.55 55.03
HED2 CLA Q . 0.65 11.25 55.95
HED3 CLA Q . -0.25 10.91 54.51
H11 CLA Q . 1.86 6.73 46.58
H12 CLA Q . 1.55 6.24 48.22
H2 CLA Q . 4.33 5.51 47.58
H41 CLA Q . 1.22 2.98 46.36
H42 CLA Q . 1.09 4.61 45.80
H43 CLA Q . 0.80 4.24 47.47
H51 CLA Q . 3.30 2.13 47.22
H52 CLA Q . 4.71 3.20 47.17
H61 CLA Q . 3.04 3.07 44.68
H62 CLA Q . 3.95 1.62 45.10
H71 CLA Q . 6.01 3.06 45.34
H72 CLA Q . 5.08 4.41 44.71
H8 CLA Q . 6.04 3.74 42.77
H91 CLA Q . 4.62 2.46 41.39
H92 CLA Q . 3.58 3.28 42.50
H93 CLA Q . 3.93 1.60 42.73
H101 CLA Q . 6.46 1.17 42.37
H102 CLA Q . 6.26 1.06 44.11
H111 CLA Q . 7.97 3.10 44.14
H112 CLA Q . 8.36 2.54 42.51
H121 CLA Q . 9.90 1.41 43.90
H122 CLA Q . 8.66 0.20 43.56
H141 CLA Q . 9.69 0.54 47.34
H142 CLA Q . 10.48 1.67 46.29
H143 CLA Q . 10.46 -0.01 45.88
HHC2 CLA Q . 5.90 2.16 51.02
HHD2 CLA Q . 8.33 6.67 53.59
MG CLA R . 1.57 -4.38 46.99
CHA CLA R . -1.53 -2.96 46.55
CHB CLA R . 3.10 -1.33 46.29
CHC CLA R . 4.48 -5.83 47.52
CHD CLA R . -0.05 -7.43 47.84
NA CLA R . 0.88 -2.34 46.48
C1A CLA R . -0.40 -1.98 46.34
C2A CLA R . -0.53 -0.53 45.98
C3A CLA R . 0.92 -0.07 45.86
C4A CLA R . 1.69 -1.29 46.24
CMA CLA R . 1.29 0.61 44.56
CAA CLA R . -1.21 0.19 47.14
CBA CLA R . -1.44 1.68 46.85
CGA CLA R . -2.90 1.92 46.55
O1A CLA R . -3.73 1.55 47.36
O2A CLA R . -3.26 2.54 45.43
NB CLA R . 3.48 -3.68 46.93
C1B CLA R . 3.93 -2.43 46.61
C2B CLA R . 5.37 -2.40 46.66
C3B CLA R . 5.73 -3.68 47.00
C4B CLA R . 4.53 -4.48 47.17
CMB CLA R . 6.28 -1.24 46.38
CAB CLA R . 7.09 -4.22 47.18
CBB CLA R . 7.58 -5.19 46.14
NC CLA R . 2.12 -6.27 47.71
C1C CLA R . 3.38 -6.69 47.69
C2C CLA R . 3.48 -8.17 47.85
C3C CLA R . 2.19 -8.59 47.97
C4C CLA R . 1.35 -7.41 47.88
CMC CLA R . 4.73 -9.00 47.85
CAC CLA R . 1.71 -10.01 48.14
CBC CLA R . 1.79 -10.43 49.59
ND CLA R . -0.26 -5.09 47.24
C1D CLA R . -0.81 -6.30 47.46
C2D CLA R . -2.25 -6.32 47.25
C3D CLA R . -2.52 -5.00 46.89
C4D CLA R . -1.33 -4.28 46.89
CMD CLA R . -3.32 -7.38 47.33
CAD CLA R . -3.60 -4.12 46.50
OBD CLA R . -4.53 -4.50 45.82
CBD CLA R . -3.02 -2.74 46.40
CGD CLA R . -3.33 -2.18 45.04
O1D CLA R . -2.72 -2.56 44.06
O2D CLA R . -4.29 -1.28 44.89
CED CLA R . -5.46 -1.74 44.23
C1 CLA R . -2.73 2.17 44.12
C2 CLA R . -1.48 2.85 43.61
C3 CLA R . -0.96 2.62 42.38
C4 CLA R . 0.28 3.36 42.00
C5 CLA R . -1.53 1.66 41.35
C6 CLA R . -0.52 0.58 40.95
C7 CLA R . -0.16 0.56 39.47
C8 CLA R . -0.79 -0.51 38.56
C9 CLA R . -2.14 -0.05 38.02
C10 CLA R . -0.87 -1.89 39.23
C11 CLA R . -1.06 -3.13 38.35
C12 CLA R . -0.59 -3.06 36.89
C13 CLA R . -0.09 -4.42 36.37
C14 CLA R . 0.51 -4.23 34.99
C15 CLA R . -1.18 -5.49 36.36
C16 CLA R . -0.60 -6.90 36.23
C17 CLA R . -0.81 -7.75 37.48
C18 CLA R . -0.05 -7.30 38.74
C19 CLA R . -0.34 -8.30 39.86
C20 CLA R . 1.45 -7.18 38.57
HHB CLA R . 3.60 -0.38 46.17
HHC CLA R . 5.11 -6.32 46.77
HHD CLA R . -0.34 -8.25 47.17
H2A CLA R . -1.08 -0.40 45.04
H3A CLA R . 1.09 0.67 46.65
HMA1 CLA R . 1.12 1.66 44.63
HMA2 CLA R . 0.67 0.23 43.78
HMA3 CLA R . 2.30 0.42 44.32
HAA1 CLA R . -0.59 0.10 48.04
HAA2 CLA R . -2.17 -0.28 47.36
HBA1 CLA R . -0.81 1.99 46.02
HBA2 CLA R . -1.15 2.26 47.73
HMB1 CLA R . 5.87 -0.36 46.80
HMB2 CLA R . 6.39 -1.12 45.33
HMB3 CLA R . 7.23 -1.43 46.81
HBB1 CLA R . 7.94 -6.17 46.43
HBB2 CLA R . 7.71 -4.86 45.12
HMC1 CLA R . 5.58 -8.38 47.94
HMC2 CLA R . 4.79 -9.55 46.94
HMC3 CLA R . 4.71 -9.68 48.67
HAC1 CLA R . 2.31 -10.68 47.53
HAC2 CLA R . 0.67 -10.10 47.80
HBC1 CLA R . 1.34 -11.38 49.71
HBC2 CLA R . 1.28 -9.73 50.20
HBC3 CLA R . 2.81 -10.48 49.89
HMD1 CLA R . -3.08 -8.07 48.08
HMD2 CLA R . -3.39 -7.87 46.39
HMD3 CLA R . -4.25 -6.92 47.55
HBD CLA R . -3.42 -2.09 47.20
HED1 CLA R . -6.13 -0.93 44.09
HED2 CLA R . -5.93 -2.48 44.82
HED3 CLA R . -5.20 -2.15 43.29
H11 CLA R . -3.53 2.36 43.39
H12 CLA R . -2.56 1.09 44.11
H2 CLA R . -0.99 3.55 44.25
H41 CLA R . 0.40 3.34 40.94
H42 CLA R . 1.12 2.91 42.45
H43 CLA R . 0.20 4.37 42.31
H51 CLA R . -1.83 2.22 40.47
H52 CLA R . -2.43 1.17 41.74
H61 CLA R . -0.91 -0.39 41.27
H62 CLA R . 0.40 0.74 41.53
H71 CLA R . 0.93 0.45 39.40
H72 CLA R . -0.37 1.55 39.04
H8 CLA R . -0.12 -0.59 37.69
H91 CLA R . -2.78 -0.88 37.92
H92 CLA R . -2.00 0.40 37.08
H93 CLA R . -2.56 0.65 38.69
H101 CLA R . -1.73 -1.86 39.91
H102 CLA R . 0.01 -2.03 39.84
H111 CLA R . -2.12 -3.40 38.36
H112 CLA R . -0.53 -3.95 38.83
H121 CLA R . 0.22 -2.35 36.79
H122 CLA R . -1.42 -2.73 36.26
H13 CLA R . 0.71 -4.77 37.05
H141 CLA R . 0.67 -5.18 34.53
H142 CLA R . 1.43 -3.72 35.06
H143 CLA R . -0.15 -3.67 34.38
H151 CLA R . -1.84 -5.30 35.51
H152 CLA R . -1.79 -5.42 37.26
H161 CLA R . 0.46 -6.83 35.99
H162 CLA R . -1.10 -7.39 35.40
H171 CLA R . -0.51 -8.78 37.25
H172 CLA R . -1.87 -7.77 37.72
H18 CLA R . -0.45 -6.32 39.04
H191 CLA R . 0.17 -8.00 40.73
H192 CLA R . -0.02 -9.26 39.57
H193 CLA R . -1.39 -8.32 40.05
H201 CLA R . 1.84 -6.57 39.36
H202 CLA R . 1.71 -6.73 37.65
H203 CLA R . 1.91 -8.13 38.63
HHC2 CLA R . 5.06 -5.91 48.44
HHD2 CLA R . -0.39 -7.72 48.83
MG CLA S . 3.34 -17.83 59.95
CHA CLA S . 4.47 -21.07 59.85
CHB CLA S . 2.60 -17.94 56.55
CHC CLA S . 2.23 -14.71 60.17
CHD CLA S . 3.99 -17.77 63.44
NA CLA S . 3.49 -19.34 58.36
C1A CLA S . 3.95 -20.59 58.52
C2A CLA S . 3.92 -21.37 57.25
C3A CLA S . 3.34 -20.36 56.24
C4A CLA S . 3.12 -19.13 57.07
CMA CLA S . 4.01 -20.23 54.87
CAA CLA S . 2.98 -22.58 57.35
CBA CLA S . 1.57 -22.27 57.88
CGA CLA S . 1.45 -22.41 59.37
O1A CLA S . 2.15 -23.21 59.98
O2A CLA S . 0.53 -21.68 59.99
NB CLA S . 2.54 -16.54 58.59
C1B CLA S . 2.35 -16.74 57.25
C2B CLA S . 1.81 -15.54 56.66
C3B CLA S . 1.71 -14.65 57.68
C4B CLA S . 2.17 -15.29 58.90
CMB CLA S . 1.44 -15.32 55.22
CAB CLA S . 1.22 -13.26 57.59
CBB CLA S . 2.01 -12.25 56.80
NC CLA S . 3.13 -16.48 61.55
C1C CLA S . 2.70 -15.23 61.39
C2C CLA S . 2.77 -14.46 62.66
C3C CLA S . 3.28 -15.33 63.58
C4C CLA S . 3.50 -16.60 62.88
CMC CLA S . 2.38 -13.02 62.85
CAC CLA S . 3.55 -15.02 65.03
CBC CLA S . 2.96 -16.06 65.95
ND CLA S . 4.04 -19.02 61.36
C1D CLA S . 4.27 -18.95 62.70
C2D CLA S . 4.79 -20.20 63.23
C3D CLA S . 4.87 -21.02 62.11
C4D CLA S . 4.41 -20.31 61.01
CMD CLA S . 5.21 -20.66 64.61
CAD CLA S . 5.25 -22.36 61.68
OBD CLA S . 5.84 -23.17 62.37
CBD CLA S . 5.20 -22.35 60.19
CGD CLA S . 6.59 -22.22 59.63
O1D CLA S . 7.40 -21.49 60.19
O2D CLA S . 6.98 -22.86 58.53
CED CLA S . 8.32 -22.64 58.12
C1 CLA S . 0.88 -20.39 60.59
C2 CLA S . -0.11 -19.72 61.52
C3 CLA S . -0.54 -18.45 61.37
C4 CLA S . -0.13 -17.55 60.25
C5 CLA S . -1.53 -17.84 62.35
C6 CLA S . -0.90 -16.67 63.11
C7 CLA S . -1.61 -15.36 62.74
C8 CLA S . -1.13 -14.12 63.49
C9 CLA S . -0.43 -14.41 64.82
C10 CLA S . -2.34 -13.21 63.71
C11 CLA S . -1.95 -11.77 64.04
C12 CLA S . -2.37 -11.32 65.44
C13 CLA S . -3.88 -11.34 65.71
C14 CLA S . -4.70 -10.63 64.64
C15 CLA S . -4.12 -10.69 67.07
C16 CLA S . -5.40 -11.15 67.76
C17 CLA S . -5.73 -10.25 68.94
C18 CLA S . -6.99 -10.68 69.69
C19 CLA S . -7.12 -9.90 70.99
C20 CLA S . -8.23 -10.50 68.83
HHB CLA S . 2.31 -17.96 55.51
HHC CLA S . 2.81 -13.78 60.03
HHD CLA S . 4.90 -17.51 63.99
H2A CLA S . 4.92 -21.69 56.95
HMA1 CLA S . 4.05 -21.19 54.40
HMA2 CLA S . 4.99 -19.86 54.99
HMA3 CLA S . 3.45 -19.58 54.25
HAA1 CLA S . 3.43 -23.35 57.96
HAA2 CLA S . 2.86 -23.00 56.34
HBA1 CLA S . 0.87 -22.95 57.40
HBA2 CLA S . 1.29 -21.25 57.60
HMB1 CLA S . 0.86 -14.44 55.12
HMB2 CLA S . 0.87 -16.15 54.86
HMB3 CLA S . 2.32 -15.24 54.64
HBB1 CLA S . 1.97 -12.31 55.72
HBB2 CLA S . 2.17 -11.28 57.24
HMC1 CLA S . 1.72 -12.72 62.07
HMC2 CLA S . 3.24 -12.40 62.82
HMC3 CLA S . 1.89 -12.90 63.78
HAC1 CLA S . 3.13 -14.05 65.29
HAC2 CLA S . 4.63 -14.96 65.20
HBC1 CLA S . 3.65 -16.86 66.08
HBC2 CLA S . 2.06 -16.44 65.54
HBC3 CLA S . 2.75 -15.63 66.90
HMD1 CLA S . 4.45 -20.43 65.30
HMD2 CLA S . 6.12 -20.18 64.89
HMD3 CLA S . 5.36 -21.71 64.59
HBD CLA S . 4.69 -23.24 59.78
HED1 CLA S . 8.53 -23.23 57.26
HED2 CLA S . 8.99 -22.90 58.90
HED3 CLA S . 8.45 -21.62 57.87
H11 CLA S . 1.15 -19.72 59.78
H12 CLA S . 1.79 -20.55 61.17
H2 CLA S . -0.47 -20.29 62.37
H41 CLA S . -0.83 -16.76 60.16
H42 CLA S . -0.09 -18.08 59.34
H43 CLA S . 0.82 -17.14 60.47
H51 CLA S . -1.86 -18.60 63.05
H52 CLA S . -2.41 -17.49 61.79
H61 CLA S . 0.16 -16.61 62.87
H62 CLA S . -1.01 -16.87 64.18
H71 CLA S . -2.67 -15.48 62.91
H72 CLA S . -1.47 -15.19 61.67
H8 CLA S . -0.40 -13.58 62.84
H91 CLA S . -0.15 -13.50 65.28
H92 CLA S . 0.44 -14.99 64.64
H93 CLA S . -1.09 -14.95 65.45
H101 CLA S . -2.94 -13.63 64.52
H102 CLA S . -2.94 -13.21 62.81
H111 CLA S . -2.38 -11.10 63.28
H112 CLA S . -0.86 -11.68 63.96
H121 CLA S . -2.01 -10.30 65.59
H122 CLA S . -1.88 -11.95 66.17
H13 CLA S . -4.22 -12.38 65.77
H141 CLA S . -4.55 -11.12 63.70
H142 CLA S . -4.39 -9.62 64.57
H143 CLA S . -5.73 -10.68 64.89
H151 CLA S . -4.15 -9.60 66.95
H152 CLA S . -3.27 -10.92 67.73
H161 CLA S . -5.29 -12.18 68.09
H162 CLA S . -6.22 -11.12 67.04
H171 CLA S . -5.84 -9.22 68.60
H172 CLA S . -4.88 -10.27 69.64
H18 CLA S . -6.90 -11.74 69.94
H191 CLA S . -8.10 -10.04 71.40
H192 CLA S . -6.96 -8.87 70.81
H193 CLA S . -6.39 -10.25 71.69
H201 CLA S . -9.10 -10.54 69.44
H202 CLA S . -8.28 -11.27 68.11
H203 CLA S . -8.20 -9.56 68.34
HHC2 CLA S . 1.21 -14.38 60.37
HHD2 CLA S . 3.27 -18.07 64.20
MG CLA T . 1.98 -17.18 44.57
CHA CLA T . -0.70 -18.88 45.92
CHB CLA T . 1.89 -19.18 41.74
CHC CLA T . 4.46 -15.35 43.30
CHD CLA T . 2.09 -15.14 47.49
NA CLA T . 0.72 -18.86 43.88
C1A CLA T . -0.28 -19.41 44.56
C2A CLA T . -0.88 -20.58 43.83
C3A CLA T . -0.04 -20.65 42.55
C4A CLA T . 0.92 -19.51 42.71
CMA CLA T . 0.46 -22.01 42.06
CAA CLA T . -2.34 -20.40 43.43
CBA CLA T . -2.65 -19.05 42.78
CGA CLA T . -3.31 -18.12 43.76
O1A CLA T . -4.49 -18.28 44.03
O2A CLA T . -2.57 -17.19 44.31
NB CLA T . 3.00 -17.25 42.81
C1B CLA T . 2.84 -18.15 41.78
C2B CLA T . 3.81 -17.85 40.75
C3B CLA T . 4.52 -16.78 41.20
C4B CLA T . 4.00 -16.41 42.51
CMB CLA T . 4.00 -18.59 39.44
CAB CLA T . 5.64 -16.09 40.52
CBB CLA T . 7.02 -16.71 40.51
NC CLA T . 3.06 -15.52 45.27
C1C CLA T . 4.03 -14.92 44.57
C2C CLA T . 4.62 -13.77 45.31
C3C CLA T . 3.92 -13.72 46.47
C4C CLA T . 2.96 -14.82 46.45
CMC CLA T . 5.71 -12.87 44.80
CAC CLA T . 4.09 -12.73 47.60
CBC CLA T . 5.21 -13.15 48.53
ND CLA T . 1.00 -16.95 46.27
C1D CLA T . 1.13 -16.18 47.38
C2D CLA T . 0.18 -16.55 48.42
C3D CLA T . -0.52 -17.60 47.85
C4D CLA T . -0.02 -17.84 46.56
CMD CLA T . -0.08 -16.03 49.83
CAD CLA T . -1.58 -18.54 48.10
OBD CLA T . -2.15 -18.72 49.17
CBD CLA T . -1.86 -19.26 46.81
CGD CLA T . -1.98 -20.74 47.04
O1D CLA T . -1.16 -21.32 47.73
O2D CLA T . -2.98 -21.42 46.49
CED CLA T . -4.30 -20.98 46.81
C1 CLA T . -3.08 -15.84 44.58
C2 CLA T . -2.77 -15.27 45.94
C3 CLA T . -2.17 -14.07 46.14
C4 CLA T . -1.93 -13.63 47.55
C5 CLA T . -1.70 -13.11 45.08
C6 CLA T . -0.21 -13.28 44.75
C7 CLA T . 0.13 -14.38 43.75
C8 CLA T . -0.43 -14.20 42.33
C9 CLA T . -0.49 -15.56 41.64
C10 CLA T . 0.37 -13.19 41.52
C11 CLA T . 1.57 -13.76 40.76
C12 CLA T . 2.50 -12.64 40.31
C13 CLA T . 3.62 -13.14 39.39
C14 CLA T . 4.96 -12.52 39.79
C15 CLA T . 3.30 -12.88 37.91
C16 CLA T . 3.42 -11.42 37.49
C17 CLA T . 2.77 -11.20 36.12
C18 CLA T . 2.24 -9.78 35.93
C19 CLA T . 3.38 -8.77 35.79
C20 CLA T . 1.31 -9.71 34.73
HHB CLA T . 1.85 -19.75 40.82
HHC CLA T . 5.53 -15.52 43.40
HHD CLA T . 2.70 -15.36 48.36
H2A CLA T . -0.76 -21.50 44.41
HMA1 CLA T . -0.34 -22.69 42.05
HMA2 CLA T . 1.22 -22.35 42.72
HMA3 CLA T . 0.87 -21.91 41.09
HAA1 CLA T . -2.98 -20.53 44.31
HAA2 CLA T . -2.61 -21.19 42.72
HBA1 CLA T . -3.30 -19.20 41.91
HBA2 CLA T . -1.72 -18.60 42.41
HMB1 CLA T . 4.77 -18.12 38.89
HMB2 CLA T . 3.10 -18.56 38.90
HMB3 CLA T . 4.26 -19.59 39.64
HBB1 CLA T . 7.76 -16.32 39.83
HBB2 CLA T . 7.32 -17.33 41.33
HMC1 CLA T . 6.63 -13.40 44.76
HMC2 CLA T . 5.82 -12.04 45.46
HMC3 CLA T . 5.45 -12.51 43.83
HAC1 CLA T . 3.15 -12.66 48.17
HAC2 CLA T . 4.31 -11.74 47.19
HBC1 CLA T . 5.25 -12.49 49.34
HBC2 CLA T . 6.12 -13.13 48.00
HBC3 CLA T . 5.02 -14.14 48.87
HMD1 CLA T . -0.41 -15.04 49.77
HMD2 CLA T . 0.82 -16.09 50.38
HMD3 CLA T . -0.82 -16.63 50.28
HBD CLA T . -2.79 -18.87 46.38
HED1 CLA T . -4.97 -21.79 46.73
HED2 CLA T . -4.59 -20.23 46.10
HED3 CLA T . -4.32 -20.58 47.78
H11 CLA T . -4.18 -15.87 44.47
H12 CLA T . -2.71 -15.18 43.79
H2 CLA T . -3.06 -15.84 46.80
H41 CLA T . -1.00 -13.14 47.63
H42 CLA T . -1.93 -14.47 48.20
H43 CLA T . -2.70 -12.97 47.85
H51 CLA T . -1.84 -12.09 45.47
H52 CLA T . -2.32 -13.18 44.19
H61 CLA T . 0.32 -13.49 45.68
H62 CLA T . 0.18 -12.32 44.37
H71 CLA T . -0.22 -15.34 44.14
H72 CLA T . 1.22 -14.45 43.67
H8 CLA T . -1.46 -13.83 42.41
H91 CLA T . -0.71 -15.43 40.61
H92 CLA T . -1.26 -16.14 42.09
H93 CLA T . 0.44 -16.06 41.76
H101 CLA T . 0.71 -12.38 42.17
H102 CLA T . -0.30 -12.73 40.78
H111 CLA T . 1.23 -14.32 39.90
H112 CLA T . 2.12 -14.44 41.42
H121 CLA T . 2.95 -12.17 41.19
H122 CLA T . 1.92 -11.87 39.79
H13 CLA T . 3.70 -14.22 39.53
H141 CLA T . 5.70 -12.80 39.08
H142 CLA T . 5.24 -12.89 40.74
H143 CLA T . 4.88 -11.48 39.84
H151 CLA T . 2.28 -13.23 37.72
H152 CLA T . 3.97 -13.48 37.30
H161 CLA T . 4.48 -11.14 37.42
H162 CLA T . 2.96 -10.76 38.22
H171 CLA T . 1.94 -11.90 35.99
H172 CLA T . 3.49 -11.41 35.33
H18 CLA T . 1.66 -9.51 36.82
H191 CLA T . 2.98 -7.82 35.52
H192 CLA T . 4.05 -9.09 35.03
H193 CLA T . 3.90 -8.68 36.70
H201 CLA T . 1.19 -8.70 34.43
H202 CLA T . 0.37 -10.11 34.99
H203 CLA T . 1.72 -10.27 33.92
HHC2 CLA T . 4.37 -14.46 42.66
HHD2 CLA T . 1.54 -14.23 47.73
MG CLA U . -5.45 -8.84 50.04
CHA CLA U . -5.15 -5.38 49.81
CHB CLA U . -8.71 -8.68 48.86
CHC CLA U . -5.56 -12.16 50.13
CHD CLA U . -2.17 -8.97 51.32
NA CLA U . -6.81 -7.21 49.39
C1A CLA U . -6.50 -5.90 49.39
C2A CLA U . -7.65 -5.04 48.92
C3A CLA U . -8.72 -6.11 48.70
C4A CLA U . -8.06 -7.43 48.98
CMA CLA U . -10.23 -5.87 48.69
CAA CLA U . -7.18 -4.32 47.64
CBA CLA U . -7.99 -4.50 46.36
CGA CLA U . -7.37 -5.56 45.47
O1A CLA U . -7.01 -6.62 45.97
O2A CLA U . -7.26 -5.35 44.16
NB CLA U . -6.89 -10.19 49.56
C1B CLA U . -8.17 -9.95 49.14
C2B CLA U . -8.87 -11.21 49.00
C3B CLA U . -7.98 -12.18 49.36
C4B CLA U . -6.73 -11.52 49.72
CMB CLA U . -10.30 -11.41 48.55
CAB CLA U . -8.19 -13.64 49.40
CBB CLA U . -8.45 -14.42 48.13
NC CLA U . -4.06 -10.32 50.54
C1C CLA U . -4.34 -11.62 50.56
C2C CLA U . -3.21 -12.42 51.10
C3C CLA U . -2.24 -11.50 51.39
C4C CLA U . -2.78 -10.19 51.05
CMC CLA U . -3.16 -13.91 51.26
CAC CLA U . -0.88 -11.77 51.98
CBC CLA U . -1.01 -11.97 53.47
ND CLA U . -3.98 -7.59 50.48
C1D CLA U . -2.72 -7.72 50.96
C2D CLA U . -2.07 -6.42 51.12
C3D CLA U . -3.01 -5.51 50.65
C4D CLA U . -4.16 -6.22 50.28
CMD CLA U . -0.71 -6.00 51.60
CAD CLA U . -3.26 -4.10 50.44
OBD CLA U . -2.48 -3.19 50.69
CBD CLA U . -4.61 -3.96 49.80
CGD CLA U . -5.44 -2.96 50.57
O1D CLA U . -5.27 -2.78 51.76
O2D CLA U . -6.38 -2.23 49.94
CED CLA U . -6.22 -0.82 49.96
C1 CLA U . -6.14 -5.87 43.38
C2 CLA U . -5.53 -5.00 42.29
C3 CLA U . -4.43 -5.35 41.59
C4 CLA U . -3.90 -4.43 40.53
C5 CLA U . -3.63 -6.63 41.77
C6 CLA U . -2.33 -6.32 42.51
C7 CLA U . -2.12 -7.16 43.77
C8 CLA U . -1.06 -8.24 43.59
C9 CLA U . -1.33 -9.44 44.49
C10 CLA U . 0.32 -7.65 43.89
C11 CLA U . 1.47 -8.46 43.27
C12 CLA U . 2.41 -7.59 42.43
C13 CLA U . 3.55 -6.95 43.23
C14 CLA U . 2.99 -6.03 44.32
C15 CLA U . 4.47 -6.25 42.24
C16 CLA U . 5.15 -4.97 42.75
C17 CLA U . 6.13 -4.42 41.71
C18 CLA U . 6.92 -3.21 42.24
C19 CLA U . 7.97 -2.79 41.21
C20 CLA U . 6.02 -2.04 42.58
HHB CLA U . -9.70 -8.66 48.44
HHC CLA U . -5.87 -12.84 50.92
HHD CLA U . -2.02 -8.94 52.40
H2A CLA U . -7.96 -4.32 49.69
H3A CLA U . -8.89 -6.05 49.79
HMA1 CLA U . -10.43 -4.97 49.21
HMA2 CLA U . -10.69 -6.67 49.20
HMA3 CLA U . -10.59 -5.82 47.70
HAA1 CLA U . -6.17 -4.65 47.43
HAA2 CLA U . -7.12 -3.25 47.85
HBA1 CLA U . -8.00 -3.55 45.82
HBA2 CLA U . -9.03 -4.75 46.57
HMB1 CLA U . -10.96 -11.07 49.31
HMB2 CLA U . -10.47 -12.44 48.38
HMB3 CLA U . -10.47 -10.87 47.66
HBB1 CLA U . -9.33 -15.03 48.08
HBB2 CLA U . -7.59 -14.74 47.56
HMC1 CLA U . -4.07 -14.25 51.70
HMC2 CLA U . -2.36 -14.19 51.89
HMC3 CLA U . -3.04 -14.37 50.31
HAC1 CLA U . -0.21 -10.94 51.77
HAC2 CLA U . -0.45 -12.68 51.52
HBC1 CLA U . -0.05 -12.06 53.91
HBC2 CLA U . -1.57 -12.85 53.67
HBC3 CLA U . -1.51 -11.13 53.89
HMD1 CLA U . -0.80 -5.62 52.58
HMD2 CLA U . -0.33 -5.25 50.97
HMD3 CLA U . -0.05 -6.84 51.59
HBD CLA U . -4.51 -3.59 48.78
HED1 CLA U . -7.11 -0.35 49.63
HED2 CLA U . -5.44 -0.53 49.31
HED3 CLA U . -6.00 -0.48 50.94
H11 CLA U . -6.49 -6.78 42.90
H12 CLA U . -5.35 -6.17 44.06
H2 CLA U . -6.00 -4.07 42.06
H41 CLA U . -3.36 -4.98 39.82
H42 CLA U . -3.28 -3.70 40.98
H43 CLA U . -4.71 -3.94 40.06
H51 CLA U . -3.39 -7.04 40.79
H52 CLA U . -4.22 -7.37 42.31
H61 CLA U . -2.33 -5.27 42.79
H62 CLA U . -1.49 -6.46 41.83
H71 CLA U . -3.06 -7.64 44.06
H72 CLA U . -1.81 -6.51 44.57
H8 CLA U . -1.07 -8.59 42.54
H91 CLA U . -0.47 -10.05 44.55
H92 CLA U . -2.15 -10.00 44.09
H93 CLA U . -1.59 -9.10 45.45
H101 CLA U . 0.46 -7.63 44.97
H102 CLA U . 0.36 -6.63 43.53
H111 CLA U . 1.06 -9.25 42.65
H112 CLA U . 2.04 -8.93 44.08
H121 CLA U . 1.84 -6.81 41.93
H122 CLA U . 2.85 -8.21 41.65
H13 CLA U . 4.11 -7.74 43.72
H141 CLA U . 3.77 -5.51 44.81
H142 CLA U . 2.48 -6.61 45.04
H143 CLA U . 2.32 -5.33 43.88
H151 CLA U . 3.92 -6.01 41.33
H152 CLA U . 5.26 -6.95 41.95
H161 CLA U . 5.67 -5.17 43.68
H162 CLA U . 4.37 -4.22 42.94
H171 CLA U . 5.59 -4.14 40.82
H172 CLA U . 6.83 -5.20 41.44
H18 CLA U . 7.45 -3.52 43.16
H191 CLA U . 8.47 -1.92 41.56
H192 CLA U . 7.50 -2.58 40.29
H193 CLA U . 8.67 -3.57 41.09
H201 CLA U . 6.62 -1.21 42.86
H202 CLA U . 5.38 -2.28 43.38
H203 CLA U . 5.44 -1.77 41.73
HHC2 CLA U . -5.28 -12.81 49.29
HHD2 CLA U . -1.16 -9.00 50.89
MG CLA V . -3.21 -1.96 64.65
CHA CLA V . -6.43 -0.80 64.86
CHB CLA V . -2.10 0.67 66.62
CHC CLA V . -0.14 -3.20 64.43
CHD CLA V . -4.37 -4.66 62.67
NA CLA V . -4.15 -0.24 65.65
C1A CLA V . -5.45 0.07 65.60
C2A CLA V . -5.75 1.33 66.35
C3A CLA V . -4.37 1.80 66.82
C4A CLA V . -3.47 0.69 66.36
CMA CLA V . -3.97 3.21 66.41
CAA CLA V . -6.64 1.06 67.57
CBA CLA V . -6.26 -0.17 68.43
CGA CLA V . -5.22 0.16 69.48
O1A CLA V . -5.58 0.70 70.53
O2A CLA V . -3.94 -0.10 69.25
NB CLA V . -1.41 -1.36 65.41
C1B CLA V . -1.15 -0.28 66.20
C2B CLA V . 0.26 -0.25 66.51
C3B CLA V . 0.79 -1.34 65.88
C4B CLA V . -0.28 -2.04 65.19
CMB CLA V . 0.98 0.78 67.36
CAB CLA V . 2.20 -1.79 65.89
CBB CLA V . 3.05 -1.58 67.12
NC CLA V . -2.41 -3.70 63.79
C1C CLA V . -1.11 -4.00 63.79
C2C CLA V . -0.83 -5.24 63.03
C3C CLA V . -2.06 -5.66 62.59
C4C CLA V . -3.03 -4.69 63.07
CMC CLA V . 0.51 -5.90 62.79
CAC CLA V . -2.39 -6.88 61.77
CBC CLA V . -2.94 -7.94 62.72
ND CLA V . -4.90 -2.68 63.97
C1D CLA V . -5.28 -3.67 63.12
C2D CLA V . -6.68 -3.59 62.73
C3D CLA V . -7.11 -2.46 63.41
C4D CLA V . -6.05 -1.94 64.15
CMD CLA V . -7.55 -4.39 61.80
CAD CLA V . -8.28 -1.63 63.63
OBD CLA V . -9.14 -1.42 62.78
CBD CLA V . -7.93 -0.66 64.73
CGD CLA V . -8.29 0.74 64.32
O1D CLA V . -7.76 1.26 63.36
O2D CLA V . -9.19 1.42 65.02
CED CLA V . -10.56 1.10 64.77
C1 CLA V . -3.49 -1.47 69.02
C2 CLA V . -2.02 -1.86 69.14
C3 CLA V . -1.32 -1.72 70.28
C4 CLA V . -1.90 -1.15 71.53
C5 CLA V . 0.14 -2.14 70.33
C6 CLA V . 0.23 -3.66 70.26
C7 CLA V . 1.16 -4.22 71.34
C8 CLA V . 1.08 -5.75 71.49
C9 CLA V . 2.20 -6.21 72.40
C10 CLA V . 1.10 -6.40 70.10
C11 CLA V . 1.50 -7.88 70.07
C12 CLA V . 2.91 -8.03 69.47
C13 CLA V . 3.36 -9.49 69.38
C14 CLA V . 4.81 -9.55 68.89
C15 CLA V . 2.44 -10.28 68.46
HHB CLA V . -1.78 1.30 67.43
HHC CLA V . 0.54 -2.91 63.62
HHD CLA V . -4.38 -4.64 61.58
H2A CLA V . -6.21 2.07 65.70
H3A CLA V . -4.36 1.81 67.91
HMA1 CLA V . -4.25 3.90 67.16
HMA2 CLA V . -4.46 3.45 65.51
HMA3 CLA V . -2.92 3.24 66.26
HAA1 CLA V . -7.67 0.92 67.23
HAA2 CLA V . -6.63 1.94 68.22
HBA1 CLA V . -5.91 -0.99 67.81
HBA2 CLA V . -7.16 -0.52 68.94
HMB1 CLA V . 0.43 1.68 67.35
HMB2 CLA V . 1.94 0.94 66.95
HMB3 CLA V . 1.06 0.42 68.35
HBB1 CLA V . 2.83 -2.18 67.99
HBB2 CLA V . 4.04 -1.22 66.99
HMC1 CLA V . 1.27 -5.34 63.29
HMC2 CLA V . 0.70 -5.91 61.75
HMC3 CLA V . 0.49 -6.89 63.16
HAC1 CLA V . -1.50 -7.26 61.27
HAC2 CLA V . -3.14 -6.63 61.02
HBC1 CLA V . -3.46 -8.67 62.17
HBC2 CLA V . -3.61 -7.49 63.41
HBC3 CLA V . -2.15 -8.40 63.24
HMD1 CLA V . -7.71 -5.35 62.20
HMD2 CLA V . -7.08 -4.46 60.85
HMD3 CLA V . -8.49 -3.90 61.69
HBD CLA V . -8.44 -0.94 65.66
HED1 CLA V . -11.13 1.99 64.74
HED2 CLA V . -10.92 0.49 65.56
HED3 CLA V . -10.64 0.58 63.85
H11 CLA V . -3.80 -1.75 68.02
H12 CLA V . -4.06 -2.12 69.70
H2 CLA V . -1.54 -2.28 68.28
H41 CLA V . -1.28 -1.40 72.36
H42 CLA V . -2.86 -1.55 71.69
H43 CLA V . -1.96 -0.10 71.44
H51 CLA V . 0.68 -1.70 69.48
H52 CLA V . 0.60 -1.77 71.24
H61 CLA V . 0.61 -3.94 69.27
H62 CLA V . -0.76 -4.09 70.37
H71 CLA V . 0.91 -3.76 72.29
H72 CLA V . 2.19 -3.94 71.11
H8 CLA V . 0.13 -5.99 71.96
H91 CLA V . 2.01 -7.18 72.77
H92 CLA V . 2.27 -5.54 73.23
H93 CLA V . 3.13 -6.20 71.87
H101 CLA V . 1.78 -5.85 69.46
H102 CLA V . 0.10 -6.32 69.67
H111 CLA V . 0.79 -8.43 69.45
H112 CLA V . 1.47 -8.33 71.06
H121 CLA V . 3.62 -7.47 70.08
H122 CLA V . 2.91 -7.60 68.46
H13 CLA V . 3.32 -9.92 70.38
H141 CLA V . 5.11 -10.56 68.80
H142 CLA V . 5.44 -9.04 69.57
H143 CLA V . 4.88 -9.08 67.94
HHC2 CLA V . 0.45 -3.88 65.04
HHD2 CLA V . -4.80 -5.62 62.95
MG CLA W . 12.36 7.45 65.10
CHA CLA W . 9.12 7.16 66.25
CHB CLA W . 12.69 10.51 66.71
CHC CLA W . 15.50 7.58 64.03
CHD CLA W . 12.01 4.29 63.51
NA CLA W . 11.07 8.72 66.36
C1A CLA W . 9.80 8.43 66.70
C2A CLA W . 9.18 9.53 67.53
C3A CLA W . 10.31 10.55 67.64
C4A CLA W . 11.44 9.91 66.87
CMA CLA W . 9.99 12.03 67.40
CAA CLA W . 8.73 9.09 68.92
CBA CLA W . 9.52 7.93 69.53
CGA CLA W . 8.86 7.55 70.83
O1A CLA W . 8.66 6.38 71.08
O2A CLA W . 8.51 8.50 71.69
NB CLA W . 13.85 8.81 65.35
C1B CLA W . 13.81 10.00 66.01
C2B CLA W . 15.08 10.67 65.88
C3B CLA W . 15.86 9.84 65.13
C4B CLA W . 15.07 8.67 64.79
CMB CLA W . 15.47 12.01 66.46
CAB CLA W . 17.26 10.06 64.71
CBB CLA W . 18.36 9.28 65.40
NC CLA W . 13.57 6.12 64.02
C1C CLA W . 14.81 6.41 63.62
C2C CLA W . 15.35 5.41 62.67
C3C CLA W . 14.36 4.48 62.56
C4C CLA W . 13.25 4.92 63.39
CMC CLA W . 16.71 5.42 62.01
CAC CLA W . 14.40 3.23 61.70
CBC CLA W . 15.28 2.17 62.33
ND CLA W . 11.00 6.02 64.90
C1D CLA W . 10.92 4.83 64.24
C2D CLA W . 9.59 4.24 64.36
C3D CLA W . 8.90 5.16 65.15
C4D CLA W . 9.76 6.21 65.46
CMD CLA W . 8.97 2.96 63.85
CAD CLA W . 7.60 5.40 65.76
OBD CLA W . 6.72 4.58 65.89
CBD CLA W . 7.71 6.68 66.54
CGD CLA W . 6.71 7.70 66.06
O1D CLA W . 6.54 7.89 64.87
O2D CLA W . 5.99 8.38 66.94
CED CLA W . 4.63 8.63 66.61
C1 CLA W . 9.54 9.19 72.47
C2 CLA W . 9.42 10.69 72.67
C3 CLA W . 10.15 11.60 72.00
C4 CLA W . 9.91 13.06 72.30
C5 CLA W . 11.17 11.32 70.92
C6 CLA W . 12.60 11.59 71.39
C7 CLA W . 13.29 10.34 71.95
C8 CLA W . 14.46 9.81 71.10
C9 CLA W . 15.69 10.69 71.24
C10 CLA W . 14.08 9.64 69.63
C11 CLA W . 14.72 8.40 69.01
C12 CLA W . 13.69 7.29 68.85
C13 CLA W . 14.29 5.90 68.64
C14 CLA W . 15.07 5.43 69.86
C15 CLA W . 15.16 5.86 67.38
C16 CLA W . 15.30 4.44 66.83
C17 CLA W . 16.72 4.19 66.32
C18 CLA W . 16.92 2.74 65.85
C19 CLA W . 18.13 2.64 64.93
C20 CLA W . 17.10 1.78 67.04
HHB CLA W . 12.85 11.43 67.26
HHC CLA W . 15.88 8.01 63.11
HHD CLA W . 11.65 4.07 62.51
H2A CLA W . 8.33 9.97 66.99
HMA1 CLA W . 9.16 12.31 67.99
HMA2 CLA W . 9.76 12.17 66.37
HMA3 CLA W . 10.82 12.62 67.65
HAA1 CLA W . 7.67 8.81 68.88
HAA2 CLA W . 8.81 9.94 69.59
HBA1 CLA W . 10.55 8.23 69.70
HBA2 CLA W . 9.51 7.06 68.87
HMB1 CLA W . 16.42 12.29 66.08
HMB2 CLA W . 15.52 11.93 67.52
HMB3 CLA W . 14.75 12.73 66.20
HBB1 CLA W . 19.38 9.57 65.25
HBB2 CLA W . 18.13 8.34 65.85
HMC1 CLA W . 17.03 6.42 61.88
HMC2 CLA W . 16.63 4.95 61.07
HMC3 CLA W . 17.40 4.90 62.62
HAC1 CLA W . 14.80 3.49 60.71
HAC2 CLA W . 13.39 2.85 61.56
HBC1 CLA W . 15.39 1.37 61.65
HBC2 CLA W . 14.82 1.82 63.22
HBC3 CLA W . 16.22 2.58 62.55
HMD1 CLA W . 9.03 2.94 62.79
HMD2 CLA W . 7.95 2.95 64.13
HMD3 CLA W . 9.47 2.13 64.27
HBD CLA W . 7.58 6.50 67.61
HED1 CLA W . 4.08 8.83 67.50
HED2 CLA W . 4.22 7.80 66.11
HED3 CLA W . 4.57 9.49 65.98
H11 CLA W . 10.51 8.94 72.05
H12 CLA W . 9.51 8.73 73.46
H2 CLA W . 8.72 11.04 73.41
H41 CLA W . 10.52 13.65 71.69
H42 CLA W . 10.14 13.24 73.32
H43 CLA W . 8.89 13.28 72.13
H51 CLA W . 10.97 11.97 70.07
H52 CLA W . 11.09 10.30 70.57
H61 CLA W . 12.58 12.35 72.17
H62 CLA W . 13.19 12.00 70.56
H71 CLA W . 12.56 9.55 72.07
H72 CLA W . 13.68 10.58 72.94
H8 CLA W . 14.71 8.82 71.50
H91 CLA W . 16.48 10.29 70.65
H92 CLA W . 16.00 10.71 72.25
H93 CLA W . 15.48 11.67 70.92
H101 CLA W . 14.40 10.52 69.07
H102 CLA W . 12.99 9.57 69.54
H111 CLA W . 15.55 8.05 69.63
H112 CLA W . 15.12 8.65 68.03
H121 CLA W . 13.04 7.52 68.01
H122 CLA W . 13.06 7.26 69.75
H13 CLA W . 13.45 5.19 68.49
H141 CLA W . 15.08 4.36 69.88
H142 CLA W . 14.60 5.79 70.74
H143 CLA W . 16.06 5.80 69.81
H151 CLA W . 16.14 6.27 67.60
H152 CLA W . 14.69 6.50 66.61
H161 CLA W . 14.60 4.30 66.01
H162 CLA W . 15.05 3.72 67.61
H171 CLA W . 17.43 4.42 67.12
H172 CLA W . 16.92 4.86 65.49
H18 CLA W . 16.03 2.43 65.30
H191 CLA W . 18.30 1.63 64.68
H192 CLA W . 18.98 3.03 65.41
H193 CLA W . 17.95 3.19 64.05
H201 CLA W . 17.11 0.79 66.68
H202 CLA W . 16.31 1.91 67.72
H203 CLA W . 18.02 1.99 67.51
HHC2 CLA W . 16.38 7.20 64.56
HHD2 CLA W . 12.22 3.32 63.97
MG CLA X . 8.88 -1.63 67.58
CHA CLA X . 6.36 -0.29 69.48
CHB CLA X . 10.57 1.39 67.61
CHC CLA X . 11.32 -3.08 65.83
CHD CLA X . 7.17 -4.76 67.62
NA CLA X . 8.52 0.35 68.46
C1A CLA X . 7.46 0.70 69.19
C2A CLA X . 7.52 2.11 69.66
C3A CLA X . 8.85 2.61 69.07
C4A CLA X . 9.37 1.41 68.33
CMA CLA X . 9.00 4.02 68.51
CAA CLA X . 7.61 2.12 71.18
CBA CLA X . 6.52 2.93 71.87
CGA CLA X . 6.18 2.30 73.20
O1A CLA X . 5.01 2.16 73.49
O2A CLA X . 7.14 1.94 74.04
NB CLA X . 10.66 -0.95 66.86
C1B CLA X . 11.16 0.31 66.93
C2B CLA X . 12.43 0.36 66.23
C3B CLA X . 12.63 -0.88 65.73
C4B CLA X . 11.50 -1.72 66.13
CMB CLA X . 13.34 1.56 66.06
CAB CLA X . 13.81 -1.30 64.92
CBB CLA X . 14.37 -2.70 64.96
NC CLA X . 9.18 -3.59 66.85
C1C CLA X . 10.27 -3.96 66.18
C2C CLA X . 10.24 -5.40 65.81
C3C CLA X . 9.06 -5.86 66.33
C4C CLA X . 8.41 -4.73 66.96
CMC CLA X . 11.31 -6.18 65.08
CAC CLA X . 8.55 -7.29 66.28
CBC CLA X . 8.29 -7.77 64.87
ND CLA X . 7.23 -2.43 68.32
C1D CLA X . 6.62 -3.64 68.30
C2D CLA X . 5.34 -3.62 69.01
C3D CLA X . 5.25 -2.31 69.48
C4D CLA X . 6.38 -1.61 69.05
CMD CLA X . 4.29 -4.65 69.29
CAD CLA X . 4.40 -1.42 70.24
OBD CLA X . 3.54 -1.78 71.01
CBD CLA X . 5.08 -0.08 70.28
CGD CLA X . 4.20 0.96 69.66
O1D CLA X . 4.07 1.04 68.45
O2D CLA X . 3.54 1.81 70.43
CED CLA X . 2.47 1.25 71.19
C1 CLA X . 7.63 0.55 74.07
C2 CLA X . 9.03 0.28 73.55
C3 CLA X . 9.35 -0.78 72.78
C4 CLA X . 8.34 -1.82 72.36
C5 CLA X . 10.77 -0.99 72.31
C6 CLA X . 10.89 -0.70 70.81
C7 CLA X . 12.30 -0.97 70.29
C8 CLA X . 13.36 0.13 70.47
C9 CLA X . 14.22 -0.13 71.71
C10 CLA X . 12.84 1.58 70.41
C11 CLA X . 12.25 2.20 71.68
C12 CLA X . 12.39 3.71 71.59
C13 CLA X . 11.31 4.50 72.33
C14 CLA X . 11.56 5.99 72.11
C15 CLA X . 11.28 4.10 73.80
C16 CLA X . 10.40 4.98 74.70
C17 CLA X . 8.91 4.83 74.39
C18 CLA X . 8.06 5.96 74.98
C19 CLA X . 6.61 5.78 74.58
C20 CLA X . 8.19 6.04 76.49
HHB CLA X . 11.10 2.33 67.60
HHC CLA X . 11.40 -3.14 64.74
HHD CLA X . 6.43 -5.10 66.90
H2A CLA X . 6.67 2.72 69.29
HMA1 CLA X . 8.12 4.58 68.71
HMA2 CLA X . 9.17 3.97 67.47
HMA3 CLA X . 9.83 4.49 68.97
HAA1 CLA X . 8.58 2.51 71.48
HAA2 CLA X . 7.55 1.08 71.51
HBA1 CLA X . 5.63 2.97 71.24
HBA2 CLA X . 6.87 3.95 72.02
HMB1 CLA X . 14.20 1.42 66.65
HMB2 CLA X . 12.84 2.45 66.33
HMB3 CLA X . 13.63 1.62 65.05
HBB1 CLA X . 15.42 -2.81 65.07
HBB2 CLA X . 13.82 -3.48 64.47
HMC1 CLA X . 11.05 -6.28 64.07
HMC2 CLA X . 11.40 -7.13 65.51
HMC3 CLA X . 12.23 -5.67 65.17
HAC1 CLA X . 7.62 -7.37 66.85
HAC2 CLA X . 9.27 -7.95 66.76
HBC1 CLA X . 7.31 -7.52 64.57
HBC2 CLA X . 8.99 -7.34 64.21
HBC3 CLA X . 8.40 -8.83 64.84
HMD1 CLA X . 3.33 -4.22 69.17
HMD2 CLA X . 4.39 -4.99 70.29
HMD3 CLA X . 4.41 -5.47 68.63
HBD CLA X . 5.32 0.20 71.32
HED1 CLA X . 1.86 2.04 71.56
HED2 CLA X . 2.86 0.70 72.00
HED3 CLA X . 1.88 0.62 70.57
H11 CLA X . 6.92 -0.06 73.52
H12 CLA X . 7.59 0.21 75.10
H2 CLA X . 9.81 0.97 73.80
H41 CLA X . 8.85 -2.60 71.83
H42 CLA X . 7.62 -1.39 71.73
H43 CLA X . 7.88 -2.24 73.22
H51 CLA X . 11.07 -2.02 72.51
H52 CLA X . 11.43 -0.33 72.86
H61 CLA X . 10.56 0.31 70.59
H62 CLA X . 10.20 -1.37 70.29
H71 CLA X . 12.22 -1.19 69.22
H72 CLA X . 12.67 -1.88 70.76
H8 CLA X . 14.04 0.03 69.61
H91 CLA X . 14.85 0.70 71.89
H92 CLA X . 14.81 -1.00 71.54
H93 CLA X . 13.60 -0.29 72.55
H101 CLA X . 12.09 1.64 69.62
H102 CLA X . 13.68 2.21 70.10
H111 CLA X . 12.77 1.84 72.58
H112 CLA X . 11.20 1.94 71.77
H121 CLA X . 12.37 4.00 70.54
H122 CLA X . 13.37 4.01 71.97
H13 CLA X . 10.34 4.26 71.88
H141 CLA X . 10.80 6.57 72.57
H142 CLA X . 11.58 6.20 71.07
H143 CLA X . 12.50 6.25 72.52
H151 CLA X . 12.29 4.12 74.19
H152 CLA X . 10.92 3.08 73.88
H161 CLA X . 10.69 6.03 74.62
H162 CLA X . 10.56 4.68 75.74
H171 CLA X . 8.56 3.87 74.78
H172 CLA X . 8.76 4.82 73.31
H18 CLA X . 8.42 6.91 74.57
H191 CLA X . 6.02 6.56 75.01
H192 CLA X . 6.25 4.85 74.94
H193 CLA X . 6.51 5.81 73.53
H201 CLA X . 7.48 6.74 76.87
H202 CLA X . 9.16 6.35 76.76
H203 CLA X . 7.99 5.09 76.92
HHC2 CLA X . 12.22 -3.57 66.21
HHD2 CLA X . 7.25 -5.55 68.37
MG CLA Y . 18.88 -4.41 53.86
CHA CLA Y . 21.79 -6.13 53.19
CHB CLA Y . 19.79 -4.02 57.18
CHC CLA Y . 16.12 -2.62 54.32
CHD CLA Y . 17.96 -4.79 50.44
NA CLA Y . 20.61 -5.00 55.08
C1A CLA Y . 21.66 -5.69 54.63
C2A CLA Y . 22.67 -5.92 55.71
C3A CLA Y . 22.03 -5.28 56.96
C4A CLA Y . 20.73 -4.73 56.40
CMA CLA Y . 22.02 -6.05 58.27
CAA CLA Y . 23.97 -5.18 55.38
CBA CLA Y . 23.77 -3.66 55.23
CGA CLA Y . 24.25 -3.08 53.92
O1A CLA Y . 24.80 -3.78 53.08
O2A CLA Y . 24.04 -1.78 53.71
NB CLA Y . 18.10 -3.47 55.49
C1B CLA Y . 18.57 -3.45 56.76
C2B CLA Y . 17.64 -2.72 57.61
C3B CLA Y . 16.62 -2.34 56.78
C4B CLA Y . 16.93 -2.82 55.44
CMB CLA Y . 17.75 -2.47 59.08
CAB CLA Y . 15.39 -1.59 57.12
CBB CLA Y . 14.43 -2.11 58.16
NC CLA Y . 17.33 -3.76 52.59
C1C CLA Y . 16.30 -3.05 52.98
C2C CLA Y . 15.35 -2.76 51.87
C3C CLA Y . 15.92 -3.36 50.78
C4C CLA Y . 17.14 -3.99 51.24
CMC CLA Y . 14.08 -1.96 51.93
CAC CLA Y . 15.40 -3.39 49.38
CBC CLA Y . 14.44 -4.55 49.26
ND CLA Y . 19.61 -5.17 52.18
C1D CLA Y . 19.18 -5.34 50.90
C2D CLA Y . 20.07 -6.18 50.12
C3D CLA Y . 21.09 -6.47 51.03
C4D CLA Y . 20.80 -5.87 52.25
CMD CLA Y . 20.06 -6.69 48.70
CAD CLA Y . 22.34 -7.19 51.15
OBD CLA Y . 22.73 -8.07 50.38
CBD CLA Y . 22.89 -6.91 52.51
CGD CLA Y . 23.19 -8.22 53.18
O1D CLA Y . 22.33 -9.06 53.33
O2D CLA Y . 24.43 -8.45 53.59
CED CLA Y . 25.26 -9.16 52.66
C1 CLA Y . 25.04 -0.84 53.20
C2 CLA Y . 26.26 -0.48 54.03
C3 CLA Y . 26.87 0.73 53.97
C4 CLA Y . 28.07 1.01 54.82
C5 CLA Y . 26.49 1.90 53.08
C6 CLA Y . 25.91 3.01 53.96
C7 CLA Y . 24.63 3.58 53.34
C8 CLA Y . 24.08 4.81 54.06
C9 CLA Y . 24.25 4.74 55.58
C10 CLA Y . 22.59 4.90 53.67
C11 CLA Y . 22.02 6.32 53.68
C12 CLA Y . 21.21 6.59 54.94
C13 CLA Y . 20.31 7.82 54.88
C14 CLA Y . 19.13 7.59 53.95
C15 CLA Y . 21.06 9.10 54.46
C16 CLA Y . 22.27 9.46 55.32
C17 CLA Y . 21.92 9.84 56.75
C18 CLA Y . 21.24 11.20 56.87
C19 CLA Y . 19.95 11.10 57.68
C20 CLA Y . 22.17 12.24 57.49
HHB CLA Y . 20.08 -3.82 58.20
HHC CLA Y . 15.14 -3.01 54.61
HHD CLA Y . 17.36 -5.62 50.08
H2A CLA Y . 22.86 -6.99 55.87
HMA1 CLA Y . 22.99 -6.42 58.47
HMA2 CLA Y . 21.34 -6.86 58.20
HMA3 CLA Y . 21.71 -5.41 59.05
HAA1 CLA Y . 24.41 -5.59 54.46
HAA2 CLA Y . 24.68 -5.35 56.18
HBA1 CLA Y . 24.31 -3.16 56.04
HBA2 CLA Y . 22.72 -3.39 55.34
HMB1 CLA Y . 18.76 -2.28 59.34
HMB2 CLA Y . 17.39 -3.30 59.62
HMB3 CLA Y . 17.17 -1.61 59.34
HBB1 CLA Y . 13.44 -1.71 58.21
HBB2 CLA Y . 14.73 -2.91 58.81
HMC1 CLA Y . 13.32 -2.47 51.38
HMC2 CLA Y . 14.24 -1.01 51.48
HMC3 CLA Y . 13.78 -1.83 52.93
HAC1 CLA Y . 16.22 -3.49 48.67
HAC2 CLA Y . 14.88 -2.45 49.16
HBC1 CLA Y . 14.16 -4.67 48.24
HBC2 CLA Y . 13.59 -4.34 49.84
HBC3 CLA Y . 14.91 -5.43 49.61
HMD1 CLA Y . 19.68 -7.67 48.69
HMD2 CLA Y . 21.06 -6.69 48.33
HMD3 CLA Y . 19.45 -6.06 48.10
HBD CLA Y . 23.80 -6.30 52.43
HED1 CLA Y . 26.27 -8.85 52.79
HED2 CLA Y . 24.95 -8.94 51.68
HED3 CLA Y . 25.19 -10.20 52.85
H11 CLA Y . 24.50 0.07 52.96
H12 CLA Y . 25.40 -1.22 52.24
H2 CLA Y . 26.65 -1.21 54.69
H41 CLA Y . 28.54 1.89 54.50
H42 CLA Y . 28.76 0.20 54.74
H43 CLA Y . 27.76 1.12 55.83
H51 CLA Y . 25.76 1.61 52.32
H52 CLA Y . 27.37 2.27 52.56
H61 CLA Y . 26.66 3.80 54.08
H62 CLA Y . 25.69 2.60 54.95
H71 CLA Y . 23.88 2.79 53.34
H72 CLA Y . 24.85 3.84 52.31
H8 CLA Y . 24.59 5.70 53.68
H91 CLA Y . 23.77 5.57 56.02
H92 CLA Y . 25.28 4.76 55.81
H93 CLA Y . 23.81 3.84 55.95
H101 CLA Y . 22.01 4.27 54.36
H102 CLA Y . 22.47 4.48 52.68
H111 CLA Y . 21.38 6.44 52.80
H112 CLA Y . 22.83 7.04 53.59
H121 CLA Y . 21.89 6.70 55.79
H122 CLA Y . 20.58 5.72 55.14
H13 CLA Y . 19.91 8.00 55.89
H141 CLA Y . 18.40 8.34 54.10
H142 CLA Y . 18.69 6.64 54.16
H143 CLA Y . 19.45 7.61 52.94
H151 CLA Y . 20.34 9.93 54.49
H152 CLA Y . 21.37 9.00 53.42
H161 CLA Y . 22.78 10.30 54.84
H162 CLA Y . 22.96 8.62 55.32
H171 CLA Y . 22.85 9.86 57.34
H172 CLA Y . 21.29 9.08 57.19
H18 CLA Y . 20.98 11.55 55.85
H191 CLA Y . 19.58 12.07 57.89
H192 CLA Y . 20.15 10.59 58.58
H193 CLA Y . 19.23 10.55 57.12
H201 CLA Y . 22.28 12.03 58.52
H202 CLA Y . 21.76 13.20 57.37
H203 CLA Y . 23.12 12.20 57.02
HHC2 CLA Y . 15.97 -1.54 54.26
HHD2 CLA Y . 18.21 -4.20 49.56
MG CLA Z . 13.28 -7.87 43.79
CHA CLA Z . 16.20 -9.68 43.92
CHB CLA Z . 15.06 -4.89 43.86
CHC CLA Z . 10.39 -6.23 43.57
CHD CLA Z . 11.46 -10.92 43.73
NA CLA Z . 15.41 -7.31 43.87
C1A CLA Z . 16.44 -8.18 43.93
C2A CLA Z . 17.76 -7.48 44.07
C3A CLA Z . 17.35 -5.99 44.06
C4A CLA Z . 15.86 -6.04 43.93
CMA CLA Z . 17.91 -5.12 45.19
CAA CLA Z . 18.73 -7.78 42.94
CBA CLA Z . 18.07 -7.78 41.57
CGA CLA Z . 19.06 -7.46 40.49
O1A CLA Z . 19.94 -6.64 40.66
O2A CLA Z . 18.93 -8.11 39.35
NB CLA Z . 12.81 -5.89 43.73
C1B CLA Z . 13.65 -4.81 43.75
C2B CLA Z . 12.87 -3.59 43.69
C3B CLA Z . 11.56 -3.99 43.61
C4B CLA Z . 11.54 -5.45 43.63
CMB CLA Z . 13.35 -2.17 43.68
CAB CLA Z . 10.36 -3.14 43.51
CBB CLA Z . 9.67 -2.65 44.76
NC CLA Z . 11.28 -8.48 43.56
C1C CLA Z . 10.25 -7.64 43.56
C2C CLA Z . 8.94 -8.34 43.56
C3C CLA Z . 9.26 -9.67 43.56
C4C CLA Z . 10.73 -9.74 43.57
CMC CLA Z . 7.57 -7.72 43.55
CAC CLA Z . 8.30 -10.82 43.55
CBC CLA Z . 7.96 -11.21 42.13
ND CLA Z . 13.62 -9.81 43.80
C1D CLA Z . 12.88 -10.95 43.77
C2D CLA Z . 13.71 -12.15 43.83
C3D CLA Z . 15.00 -11.64 43.87
C4D CLA Z . 14.94 -10.25 43.87
CMD CLA Z . 13.41 -13.62 43.82
CAD CLA Z . 16.38 -12.04 43.94
OBD CLA Z . 16.80 -13.19 43.79
CBD CLA Z . 17.22 -10.80 43.94
CGD CLA Z . 18.05 -10.76 45.20
O1D CLA Z . 17.54 -10.56 46.28
O2D CLA Z . 19.36 -10.95 45.11
CED CLA Z . 19.76 -12.31 44.90
C1 CLA Z . 17.94 -7.64 38.38
C2 CLA Z . 17.60 -6.16 38.28
C3 CLA Z . 18.40 -5.31 37.62
C4 CLA Z . 19.67 -5.77 36.97
C5 CLA Z . 18.08 -3.84 37.52
C6 CLA Z . 17.92 -3.43 36.04
C7 CLA Z . 18.91 -2.32 35.68
C8 CLA Z . 19.14 -2.06 34.18
C9 CLA Z . 18.73 -3.21 33.26
C10 CLA Z . 20.60 -1.67 33.95
C11 CLA Z . 21.57 -2.85 34.01
C12 CLA Z . 23.00 -2.37 34.27
C13 CLA Z . 23.28 -2.11 35.75
C14 CLA Z . 24.35 -1.03 35.88
C15 CLA Z . 23.72 -3.40 36.45
C16 CLA Z . 23.56 -3.34 37.96
C17 CLA Z . 22.11 -3.47 38.40
C18 CLA Z . 21.66 -2.43 39.43
C19 CLA Z . 22.51 -2.46 40.70
C20 CLA Z . 21.65 -1.03 38.82
HHB CLA Z . 15.59 -3.96 43.79
HHC CLA Z . 9.79 -5.90 44.43
HHD CLA Z . 11.16 -11.59 42.92
H2A CLA Z . 18.21 -7.73 45.03
H3A CLA Z . 17.75 -5.56 43.14
HMA1 CLA Z . 18.93 -5.36 45.35
HMA2 CLA Z . 17.36 -5.31 46.07
HMA3 CLA Z . 17.82 -4.10 44.92
HAA1 CLA Z . 19.20 -8.75 43.12
HAA2 CLA Z . 19.53 -7.03 42.96
HBA1 CLA Z . 17.25 -7.04 41.55
HBA2 CLA Z . 17.63 -8.77 41.39
HMB1 CLA Z . 14.35 -2.13 44.00
HMB2 CLA Z . 12.74 -1.59 44.33
HMB3 CLA Z . 13.27 -1.78 42.70
HBB1 CLA Z . 8.82 -2.00 44.68
HBB2 CLA Z . 9.93 -3.08 45.72
HMC1 CLA Z . 7.07 -7.94 44.46
HMC2 CLA Z . 7.02 -8.13 42.75
HMC3 CLA Z . 7.65 -6.67 43.42
HAC1 CLA Z . 7.38 -10.54 44.07
HAC2 CLA Z . 8.73 -11.68 44.06
HBC1 CLA Z . 7.42 -10.42 41.66
HBC2 CLA Z . 7.38 -12.09 42.12
HBC3 CLA Z . 8.87 -11.38 41.59
HMD1 CLA Z . 13.30 -13.97 44.82
HMD2 CLA Z . 14.22 -14.14 43.37
HMD3 CLA Z . 12.52 -13.81 43.27
HBD CLA Z . 17.88 -10.76 43.06
HED1 CLA Z . 20.80 -12.39 45.04
HED2 CLA Z . 19.52 -12.59 43.91
HED3 CLA Z . 19.25 -12.94 45.58
H11 CLA Z . 17.00 -8.16 38.63
H12 CLA Z . 18.22 -8.00 37.39
H2 CLA Z . 16.70 -5.81 38.75
H41 CLA Z . 20.13 -4.96 36.48
H42 CLA Z . 19.44 -6.53 36.26
H43 CLA Z . 20.32 -6.17 37.70
H51 CLA Z . 18.88 -3.25 37.98
H52 CLA Z . 17.15 -3.63 38.05
H61 CLA Z . 16.90 -3.06 35.88
H62 CLA Z . 18.05 -4.31 35.42
H71 CLA Z . 19.88 -2.55 36.14
H72 CLA Z . 18.56 -1.39 36.13
H8 CLA Z . 18.53 -1.19 33.91
H91 CLA Z . 19.03 -2.98 32.27
H92 CLA Z . 17.68 -3.33 33.29
H93 CLA Z . 19.20 -4.11 33.56
H101 CLA Z . 20.89 -0.93 34.69
H102 CLA Z . 20.69 -1.20 32.97
H111 CLA Z . 21.54 -3.39 33.06
H112 CLA Z . 21.27 -3.55 34.79
H121 CLA Z . 23.17 -1.46 33.71
H122 CLA Z . 23.70 -3.13 33.90
H13 CLA Z . 22.36 -1.75 36.22
H141 CLA Z . 24.52 -0.82 36.90
H142 CLA Z . 24.04 -0.16 35.39
H143 CLA Z . 25.26 -1.38 35.44
H151 CLA Z . 24.76 -3.61 36.20
H152 CLA Z . 23.12 -4.24 36.06
H161 CLA Z . 23.99 -2.40 38.34
H162 CLA Z . 24.14 -4.16 38.40
H171 CLA Z . 21.96 -4.46 38.84
H172 CLA Z . 21.46 -3.41 37.53
H18 CLA Z . 20.63 -2.68 39.71
H191 CLA Z . 22.06 -1.83 41.42
H192 CLA Z . 23.49 -2.12 40.50
H193 CLA Z . 22.54 -3.46 41.07
H201 CLA Z . 21.23 -0.35 39.52
H202 CLA Z . 21.06 -1.03 37.94
H203 CLA Z . 22.63 -0.72 38.59
HHC2 CLA Z . 9.84 -5.89 42.70
HHD2 CLA Z . 11.11 -11.38 44.64
C6 C7Z AA . 16.13 -6.65 60.09
C17 C7Z AA . 18.07 -6.24 61.52
C4 C7Z AA . 17.60 -7.30 58.06
C3 C7Z AA . 17.67 -8.71 58.94
O3 C7Z AA . 18.66 -9.56 58.37
C2 C7Z AA . 17.98 -8.51 60.27
C1 C7Z AA . 17.09 -7.30 60.98
C5 C7Z AA . 16.65 -6.36 58.60
C18 C7Z AA . 15.80 -5.51 57.64
C16 C7Z AA . 16.31 -7.92 62.19
O23 C7Z AA . -5.10 -4.00 71.15
C26 C7Z AA . -3.35 -5.36 68.91
C7 C7Z AA . 14.99 -5.79 60.73
C8 C7Z AA . 13.73 -5.79 60.25
C9 C7Z AA . 12.65 -4.91 60.95
C19 C7Z AA . 13.02 -3.49 61.41
C10 C7Z AA . 11.43 -5.38 61.15
C11 C7Z AA . 10.32 -4.54 61.86
C12 C7Z AA . 9.24 -5.17 62.40
C13 C7Z AA . 8.09 -4.39 63.15
C20 C7Z AA . 8.27 -2.89 63.50
C14 C7Z AA . 6.96 -5.03 63.48
C15 C7Z AA . 5.79 -4.33 64.22
C35 C7Z AA . 4.73 -5.05 64.67
C34 C7Z AA . 4.73 -6.57 64.40
C33 C7Z AA . 3.77 -7.44 64.77
C40 C7Z AA . 3.97 -8.93 64.39
C32 C7Z AA . 2.46 -7.13 65.57
C31 C7Z AA . 2.01 -5.92 65.95
C30 C7Z AA . 0.65 -5.81 66.75
C29 C7Z AA . -0.40 -6.63 66.53
C39 C7Z AA . -0.37 -7.75 65.50
C28 C7Z AA . -1.74 -6.46 67.32
C27 C7Z AA . -1.96 -5.44 68.17
C21 C7Z AA . -3.67 -6.28 70.05
C36 C7Z AA . -2.71 -5.97 71.22
C37 C7Z AA . -3.42 -7.74 69.59
C22 C7Z AA . -5.23 -6.20 70.62
C23 C7Z AA . -5.82 -4.98 70.43
C24 C7Z AA . -5.84 -4.54 68.77
C25 C7Z AA . -4.52 -4.51 68.20
C38 C7Z AA . -4.38 -4.17 66.68
C1 RRX BA . 5.24 -15.22 52.14
C2 RRX BA . 5.35 -16.84 52.44
O2 RRX BA . 6.47 8.99 45.98
C3 RRX BA . 6.39 -17.15 53.26
C40 RRX BA . 8.84 6.13 45.39
C30 RRX BA . 8.91 6.68 46.84
C39 RRX BA . 10.37 6.61 47.30
C29 RRX BA . 8.51 8.30 46.71
C28 RRX BA . 7.26 8.74 47.14
C27 RRX BA . 6.41 7.72 48.13
C26 RRX BA . 7.24 6.76 48.78
C38 RRX BA . 6.79 6.13 50.10
C25 RRX BA . 8.11 5.88 47.75
C24 RRX BA . 7.42 4.55 47.25
C23 RRX BA . 7.56 3.28 47.75
C22 RRX BA . 8.47 2.80 48.93
C37 RRX BA . 9.71 3.61 49.36
C21 RRX BA . 8.17 1.62 49.59
C20 RRX BA . 6.92 0.77 49.20
C19 RRX BA . 6.71 -0.57 49.52
C18 RRX BA . 7.68 -1.53 50.29
C36 RRX BA . 9.21 -1.39 50.14
C17 RRX BA . 7.20 -2.54 51.09
C16 RRX BA . 5.70 -2.77 51.34
C15 RRX BA . 5.09 -4.01 51.26
C14 RRX BA . 5.85 -5.30 50.83
C13 RRX BA . 5.50 -6.57 51.21
C35 RRX BA . 6.40 -7.69 50.63
C12 RRX BA . 4.29 -6.85 52.16
C11 RRX BA . 3.96 -8.04 52.78
C10 RRX BA . 4.72 -9.39 52.69
C9 RRX BA . 4.06 -10.60 52.71
C34 RRX BA . 2.57 -10.67 52.79
C8 RRX BA . 4.84 -11.96 52.63
C7 RRX BA . 4.42 -13.04 53.37
C6 RRX BA . 5.14 -14.42 53.35
C32 RRX BA . 6.52 -14.77 51.32
C31 RRX BA . 3.97 -15.01 51.26
C5 RRX BA . 5.75 -15.03 54.69
C33 RRX BA . 5.31 -14.45 56.05
C4 RRX BA . 6.33 -16.36 54.71
H1 RRX BA . 4.52 -17.14 52.86
H2 RRX BA . 5.46 -17.31 51.60
H3 RRX BA . 6.15 9.78 46.01
H4 RRX BA . 6.36 -18.11 53.43
H5 RRX BA . 7.22 -16.94 52.81
H6 RRX BA . 9.45 6.62 44.82
H7 RRX BA . 7.94 6.24 45.04
H8 RRX BA . 9.09 5.19 45.38
H9 RRX BA . 10.41 6.70 48.26
H10 RRX BA . 10.88 7.33 46.88
H11 RRX BA . 10.75 5.76 47.03
H12 RRX BA . 8.59 8.55 45.78
H13 RRX BA . 9.17 8.80 47.21
H14 RRX BA . 7.39 9.58 47.61
H15 RRX BA . 5.97 8.25 48.81
H16 RRX BA . 5.75 7.26 47.60
H17 RRX BA . 6.62 6.84 50.74
H18 RRX BA . 7.48 5.54 50.43
H19 RRX BA . 5.97 5.64 49.95
H20 RRX BA . 6.83 4.65 46.54
H21 RRX BA . 7.08 2.63 47.31
H22 RRX BA . 9.47 4.53 49.53
H23 RRX BA . 10.38 3.56 48.67
H24 RRX BA . 10.07 3.22 50.17
H25 RRX BA . 8.72 1.35 50.30
H26 RRX BA . 6.25 1.19 48.74
H27 RRX BA . 5.91 -0.94 49.22
H28 RRX BA . 9.41 -0.93 49.30
H29 RRX BA . 9.61 -2.27 50.13
H30 RRX BA . 9.56 -0.89 50.88
H31 RRX BA . 7.82 -3.08 51.54
H32 RRX BA . 5.18 -2.04 51.59
H33 RRX BA . 4.18 -4.06 51.42
H34 RRX BA . 6.58 -5.20 50.25
H36 RRX BA . 5.93 -8.55 50.65
H37 RRX BA . 7.22 -7.75 51.13
H38 RRX BA . 6.61 -7.48 49.70
H39 RRX BA . 3.73 -6.14 52.33
H40 RRX BA . 3.21 -8.03 53.32
H42 RRX BA . 5.65 -9.39 52.65
H43 RRX BA . 2.17 -9.91 52.34
H44 RRX BA . 2.29 -10.69 53.71
H45 RRX BA . 2.27 -11.49 52.35
H46 RRX BA . 5.59 -12.04 52.08
H47 RRX BA . 3.66 -12.95 53.92
H48 RRX BA . 6.36 -13.92 50.89
H49 RRX BA . 6.74 -15.44 50.65
H50 RRX BA . 7.28 -14.68 51.93
H51 RRX BA . 3.89 -14.08 51.00
H52 RRX BA . 3.18 -15.27 51.77
H53 RRX BA . 4.03 -15.57 50.47
H54 RRX BA . 4.70 -13.71 55.91
H55 RRX BA . 6.08 -14.15 56.54
H56 RRX BA . 4.85 -15.14 56.56
H57 RRX BA . 7.24 -16.28 55.03
H58 RRX BA . 5.83 -16.90 55.33
C6 C7Z CA . 11.54 5.69 57.86
C17 C7Z CA . 10.22 3.67 58.29
C4 C7Z CA . 10.11 7.82 57.33
C3 C7Z CA . 9.24 7.32 58.64
O3 C7Z CA . 7.96 7.97 58.63
C2 C7Z CA . 9.04 5.97 58.64
C1 C7Z CA . 10.48 5.15 58.70
C5 C7Z CA . 11.38 7.15 57.21
C18 C7Z CA . 12.65 8.00 56.98
C16 C7Z CA . 10.97 5.18 60.18
O23 C7Z CA . 27.70 -7.92 44.41
C26 C7Z CA . 23.95 -5.93 44.31
C7 C7Z CA . 12.44 4.68 57.10
C8 C7Z CA . 13.77 4.60 57.36
C9 C7Z CA . 14.61 3.56 56.56
C19 C7Z CA . 15.34 2.46 57.33
C10 C7Z CA . 14.65 3.69 55.23
C11 C7Z CA . 15.42 2.76 54.23
C12 C7Z CA . 16.33 1.86 54.64
C13 C7Z CA . 17.07 0.95 53.58
C20 C7Z CA . 18.31 0.12 54.01
C14 C7Z CA . 16.63 0.89 52.31
C15 C7Z CA . 17.38 0.00 51.29
C35 C7Z CA . 17.31 0.28 49.98
C34 C7Z CA . 18.04 -0.60 48.93
C33 C7Z CA . 17.88 -0.31 47.64
C40 C7Z CA . 16.96 0.87 47.22
C32 C7Z CA . 18.61 -1.15 46.54
C31 C7Z CA . 19.49 -2.09 46.88
C30 C7Z CA . 20.22 -2.93 45.77
C29 C7Z CA . 21.09 -3.86 46.16
C39 C7Z CA . 21.34 -4.08 47.65
C28 C7Z CA . 21.87 -4.73 45.11
C27 C7Z CA . 23.14 -5.05 45.35
C21 C7Z CA . 23.95 -7.42 44.46
C36 C7Z CA . 23.48 -7.76 45.89
C37 C7Z CA . 22.97 -8.03 43.44
C22 C7Z CA . 25.45 -8.10 44.24
C23 C7Z CA . 26.47 -7.26 44.61
C24 C7Z CA . 26.48 -5.79 43.71
C25 C7Z CA . 25.17 -5.27 43.48
C38 C7Z CA . 25.00 -3.81 42.92
C6 C7Z DA . -4.88 -9.11 57.10
C17 C7Z DA . -5.18 -9.29 54.67
C4 C7Z DA . -5.69 -6.93 58.27
C3 C7Z DA . -6.95 -6.99 57.18
O3 C7Z DA . -7.43 -5.66 56.98
C2 C7Z DA . -6.59 -7.51 55.96
C1 C7Z DA . -5.87 -9.01 56.04
C5 C7Z DA . -4.57 -7.77 57.89
C18 C7Z DA . -3.18 -7.56 58.54
C16 C7Z DA . -6.98 -10.07 56.27
O23 C7Z DA . -3.66 -33.81 60.02
C26 C7Z DA . -1.45 -30.26 60.77
C7 C7Z DA . -3.64 -10.04 56.86
C8 C7Z DA . -3.42 -11.18 57.56
C9 C7Z DA . -2.13 -11.94 57.19
C19 C7Z DA . -0.95 -11.11 56.68
C10 C7Z DA . -1.99 -13.25 57.28
C11 C7Z DA . -3.06 -14.27 57.78
C12 C7Z DA . -2.57 -15.49 58.09
C13 C7Z DA . -3.42 -16.72 58.61
C20 C7Z DA . -4.88 -16.54 59.11
C14 C7Z DA . -2.82 -17.91 58.58
C15 C7Z DA . -3.47 -19.25 59.03
C35 C7Z DA . -2.61 -20.24 59.31
C34 C7Z DA . -2.97 -21.67 59.76
C33 C7Z DA . -4.18 -22.12 60.16
C40 C7Z DA . -5.43 -21.23 60.22
C32 C7Z DA . -4.25 -23.63 60.55
C31 C7Z DA . -3.09 -24.28 60.61
C30 C7Z DA . -2.99 -25.80 60.97
C29 C7Z DA . -2.98 -26.70 59.97
C39 C7Z DA . -3.07 -26.22 58.52
C28 C7Z DA . -2.85 -28.23 60.28
C27 C7Z DA . -1.63 -28.73 60.46
C21 C7Z DA . -0.97 -31.19 59.70
C36 C7Z DA . 0.56 -31.41 59.88
C37 C7Z DA . -1.21 -30.51 58.32
C22 C7Z DA . -1.75 -32.65 59.68
C23 C7Z DA . -3.04 -32.54 60.11
C24 C7Z DA . -3.16 -31.97 61.74
C25 C7Z DA . -2.22 -30.92 62.03
C38 C7Z DA . -2.43 -30.06 63.32
C6 C7Z EA . 8.53 -15.00 46.57
C17 C7Z EA . 8.95 -16.28 48.62
C4 C7Z EA . 8.65 -16.26 44.30
C3 C7Z EA . 7.87 -17.46 45.15
O3 C7Z EA . 8.09 -18.71 44.47
C2 C7Z EA . 8.31 -17.58 46.44
C1 C7Z EA . 8.12 -16.18 47.31
C5 C7Z EA . 9.22 -15.24 45.14
C18 C7Z EA . 10.08 -14.12 44.51
C16 C7Z EA . 6.60 -16.06 47.67
O23 C7Z EA . 14.72 8.85 53.99
C26 C7Z EA . 14.58 6.34 51.42
C7 C7Z EA . 8.72 -13.62 47.30
C8 C7Z EA . 8.40 -12.49 46.64
C9 C7Z EA . 8.56 -11.09 47.30
C19 C7Z EA . 7.71 -10.73 48.53
C10 C7Z EA . 9.41 -10.19 46.81
C11 C7Z EA . 9.51 -8.80 47.49
C12 C7Z EA . 10.29 -7.79 47.00
C13 C7Z EA . 10.26 -6.43 47.80
C20 C7Z EA . 9.32 -6.33 49.03
C14 C7Z EA . 10.99 -5.36 47.45
C15 C7Z EA . 10.80 -4.12 48.36
C35 C7Z EA . 11.47 -2.95 48.29
C34 C7Z EA . 12.60 -2.65 47.29
C33 C7Z EA . 13.20 -1.46 47.38
C40 C7Z EA . 14.35 -1.06 46.42
C32 C7Z EA . 12.76 -0.42 48.46
C31 C7Z EA . 13.41 0.74 48.49
C30 C7Z EA . 13.09 1.88 49.52
C29 C7Z EA . 13.78 3.04 49.38
C39 C7Z EA . 14.80 3.15 48.25
C28 C7Z EA . 13.57 4.25 50.34
C27 C7Z EA . 14.61 5.08 50.48
C21 C7Z EA . 15.82 6.72 52.17
C36 C7Z EA . 16.30 8.10 51.66
C37 C7Z EA . 16.91 5.66 51.84
C22 C7Z EA . 15.60 6.77 53.81
C23 C7Z EA . 14.50 7.47 54.21
C24 C7Z EA . 13.05 6.99 53.41
C25 C7Z EA . 13.19 6.91 51.99
C38 C7Z EA . 11.91 6.92 51.08
O1 LHG FA . 12.76 14.15 63.31
C1 LHG FA . 11.54 13.57 63.79
C2 LHG FA . 11.56 12.07 63.50
O2 LHG FA . 12.69 11.75 62.69
C3 LHG FA . 10.29 11.62 62.77
O3 LHG FA . 10.67 10.65 61.80
P LHG FA . 10.84 9.10 62.22
O4 LHG FA . 10.52 8.99 63.69
O5 LHG FA . 10.12 8.23 61.23
O6 LHG FA . 12.42 8.92 62.00
C4 LHG FA . 12.91 8.62 60.70
C5 LHG FA . 14.20 9.39 60.46
C6 LHG FA . 15.36 8.45 60.17
O7 LHG FA . 14.03 10.26 59.33
C7 LHG FA . 14.78 11.36 59.43
O9 LHG FA . 14.43 12.23 60.22
C8 LHG FA . 16.02 11.52 58.59
C9 LHG FA . 15.68 11.55 57.10
C10 LHG FA . 16.61 12.51 56.37
O8 LHG FA . 15.45 8.24 58.77
C23 LHG FA . 16.25 7.30 58.31
O10 LHG FA . 16.05 6.13 58.57
C24 LHG FA . 17.46 7.72 57.51
C11 LHG FA . 16.54 12.36 54.85
C12 LHG FA . 17.53 11.34 54.28
C13 LHG FA . 17.47 11.34 52.76
C14 LHG FA . 18.79 10.94 52.11
C15 LHG FA . 18.65 10.69 50.61
C16 LHG FA . 19.36 9.39 50.21
C17 LHG FA . 19.34 9.12 48.71
C18 LHG FA . 17.91 9.02 48.17
C19 LHG FA . 17.80 8.17 46.92
C20 LHG FA . 16.34 8.01 46.52
C21 LHG FA . 15.69 6.80 47.19
C22 LHG FA . 14.25 7.07 47.54
C25 LHG FA . 18.70 7.55 58.38
C26 LHG FA . 19.30 6.15 58.19
C27 LHG FA . 20.76 6.12 58.62
C28 LHG FA . 21.35 4.75 58.28
C29 LHG FA . 22.44 4.33 59.27
C30 LHG FA . 21.87 3.97 60.64
C31 LHG FA . 22.49 4.84 61.72
C32 LHG FA . 21.93 4.56 63.12
C33 LHG FA . 20.46 4.97 63.34
C34 LHG FA . 20.06 6.35 62.83
C35 LHG FA . 20.92 7.49 63.38
C36 LHG FA . 20.62 8.80 62.65
C37 LHG FA . 21.18 8.82 61.24
C38 LHG FA . 21.81 10.15 60.91
HO1 LHG FA . 12.60 15.06 63.04
HC11 LHG FA . 11.47 13.73 64.87
HC12 LHG FA . 10.68 14.06 63.31
HC2 LHG FA . 11.62 11.52 64.46
H02 LHG FA . 13.50 11.89 63.19
HC31 LHG FA . 9.57 11.20 63.48
HC32 LHG FA . 9.81 12.46 62.27
HC41 LHG FA . 13.08 7.54 60.60
HC42 LHG FA . 12.16 8.91 59.95
HC5 LHG FA . 14.43 9.98 61.35
HC61 LHG FA . 15.22 7.49 60.70
HC62 LHG FA . 16.30 8.90 60.52
HC81 LHG FA . 16.72 10.70 58.80
HC82 LHG FA . 16.52 12.45 58.87
HC91 LHG FA . 14.65 11.87 56.98
HC92 LHG FA . 15.79 10.54 56.69
H101 LHG FA . 17.64 12.34 56.71
H102 LHG FA . 16.35 13.53 56.64
H241 LHG FA . 17.36 8.77 57.23
H242 LHG FA . 17.54 7.14 56.59
H111 LHG FA . 16.73 13.33 54.40
H112 LHG FA . 15.53 12.05 54.58
H121 LHG FA . 17.28 10.35 54.66
H122 LHG FA . 18.54 11.59 54.62
H131 LHG FA . 17.19 12.34 52.42
H132 LHG FA . 16.68 10.66 52.43
H141 LHG FA . 19.17 10.04 52.59
H142 LHG FA . 19.52 11.73 52.27
H151 LHG FA . 19.09 11.52 50.06
H152 LHG FA . 17.59 10.62 50.35
H161 LHG FA . 18.89 8.55 50.73
H162 LHG FA . 20.40 9.44 50.54
H171 LHG FA . 19.86 8.18 48.50
H172 LHG FA . 19.87 9.91 48.18
H181 LHG FA . 17.55 10.04 47.94
H182 LHG FA . 17.25 8.62 48.95
H191 LHG FA . 18.24 7.19 47.10
H192 LHG FA . 18.35 8.64 46.10
H201 LHG FA . 16.27 7.90 45.43
H202 LHG FA . 15.79 8.91 46.80
H211 LHG FA . 16.25 6.54 48.09
H212 LHG FA . 15.74 5.94 46.51
H221 LHG FA . 14.20 7.53 48.50
H222 LHG FA . 13.71 6.17 47.56
H223 LHG FA . 13.82 7.73 46.83
H251 LHG FA . 18.42 7.68 59.43
H252 LHG FA . 19.43 8.30 58.13
H261 LHG FA . 19.21 5.84 57.15
H262 LHG FA . 18.73 5.45 58.80
H271 LHG FA . 20.85 6.30 59.69
H272 LHG FA . 21.31 6.90 58.10
H281 LHG FA . 21.78 4.79 57.27
H282 LHG FA . 20.56 4.01 58.29
H291 LHG FA . 23.16 5.14 59.38
H292 LHG FA . 22.97 3.47 58.86
H301 LHG FA . 22.08 2.92 60.84
H302 LHG FA . 20.79 4.11 60.63
H311 LHG FA . 22.35 5.89 61.47
H312 LHG FA . 23.56 4.65 61.75
H321 LHG FA . 22.55 5.07 63.85
H322 LHG FA . 22.01 3.49 63.31
H331 LHG FA . 20.25 4.92 64.41
H332 LHG FA . 19.82 4.23 62.86
H341 LHG FA . 19.03 6.53 63.13
H342 LHG FA . 20.09 6.36 61.74
H351 LHG FA . 21.98 7.25 63.27
H352 LHG FA . 20.71 7.62 64.44
H361 LHG FA . 21.04 9.64 63.21
H362 LHG FA . 19.54 8.94 62.61
H371 LHG FA . 20.37 8.62 60.53
H372 LHG FA . 21.92 8.03 61.12
H381 LHG FA . 22.24 10.12 59.94
H382 LHG FA . 22.56 10.37 61.61
H383 LHG FA . 21.08 10.91 60.94
C1 ERG GA . 2.55 18.95 38.58
C2 ERG GA . 3.17 19.78 37.34
C3 ERG GA . 3.67 20.83 37.71
C4 ERG GA . 3.77 20.95 38.98
C5 ERG GA . 3.90 19.58 39.71
C6 ERG GA . 5.15 19.34 40.57
C7 ERG GA . 5.54 18.13 40.76
C8 ERG GA . 5.09 17.25 39.94
C9 ERG GA . 4.00 17.70 38.89
C10 ERG GA . 3.26 18.63 39.31
C11 ERG GA . 3.22 16.50 38.21
C12 ERG GA . 3.92 15.25 38.01
C13 ERG GA . 5.53 15.14 38.60
C14 ERG GA . 6.11 16.37 39.15
C15 ERG GA . 7.25 15.93 40.13
C16 ERG GA . 7.63 14.40 39.65
C17 ERG GA . 6.56 13.90 38.87
C18 ERG GA . 4.79 14.63 39.89
C19 ERG GA . 2.42 18.18 40.52
C20 ERG GA . 7.08 13.34 37.52
C21 ERG GA . 7.83 14.41 36.71
C22 ERG GA . 8.00 12.16 37.79
C23 ERG GA . 8.29 11.24 36.88
C24 ERG GA . 7.73 11.24 35.46
C25 ERG GA . 6.53 10.31 35.33
C26 ERG GA . 6.81 8.93 35.94
C27 ERG GA . 6.15 10.13 33.86
C28 ERG GA . 8.85 10.82 34.49
O1 ERG GA . 5.24 20.94 37.05
H41 ERG GA . 2.99 21.42 39.31
H42 ERG GA . 4.56 21.48 39.17
H6 ERG GA . 5.55 20.04 41.03
H7 ERG GA . 5.81 17.87 41.61
H111 ERG GA . 2.95 16.79 37.33
H112 ERG GA . 2.42 16.30 38.72
H121 ERG GA . 3.99 15.13 37.05
H122 ERG GA . 3.36 14.53 38.33
H14 ERG GA . 6.50 16.90 38.44
H151 ERG GA . 6.95 15.94 41.05
H152 ERG GA . 8.01 16.53 40.03
H161 ERG GA . 7.74 13.84 40.44
H162 ERG GA . 8.46 14.43 39.14
H17 ERG GA . 6.17 13.16 39.34
H181 ERG GA . 5.35 14.58 40.67
H182 ERG GA . 4.43 13.75 39.74
H183 ERG GA . 4.02 15.17 40.13
H191 ERG GA . 2.51 17.22 40.65
H192 ERG GA . 1.49 18.39 40.36
H193 ERG GA . 2.72 18.64 41.31
H20 ERG GA . 6.32 13.03 37.01
H211 ERG GA . 7.60 14.32 35.77
H212 ERG GA . 8.79 14.27 36.81
H213 ERG GA . 7.61 15.29 37.03
H22 ERG GA . 8.39 12.07 38.64
H23 ERG GA . 8.87 10.55 37.13
H24 ERG GA . 7.46 12.15 35.22
H25 ERG GA . 5.78 10.71 35.80
H261 ERG GA . 6.05 8.35 35.78
H262 ERG GA . 6.95 9.01 36.90
H263 ERG GA . 7.60 8.54 35.53
H271 ERG GA . 5.21 9.91 33.79
H272 ERG GA . 6.67 9.40 33.48
H273 ERG GA . 6.33 10.95 33.37
H281 ERG GA . 8.77 9.87 34.29
H282 ERG GA . 9.71 10.99 34.91
H283 ERG GA . 8.79 11.33 33.67
HO1 ERG GA . 5.19 20.92 36.20
MG CLA HA . 37.18 38.63 30.58
CHA CLA HA . 36.16 38.35 33.87
CHB CLA HA . 38.36 41.82 31.17
CHC CLA HA . 38.19 38.74 27.41
CHD CLA HA . 36.00 35.33 30.00
NA CLA HA . 37.26 39.96 32.33
C1A CLA HA . 36.80 39.68 33.55
C2A CLA HA . 37.02 40.81 34.52
C3A CLA HA . 37.72 41.88 33.64
C4A CLA HA . 37.79 41.21 32.30
CMA CLA HA . 37.22 43.31 33.71
CAA CLA HA . 37.84 40.24 35.68
CBA CLA HA . 38.67 41.23 36.50
CGA CLA HA . 40.06 40.66 36.66
O1A CLA HA . 40.31 39.97 37.64
O2A CLA HA . 40.95 40.92 35.73
NB CLA HA . 38.13 40.04 29.48
C1B CLA HA . 38.50 41.30 29.87
C2B CLA HA . 39.11 41.98 28.75
C3B CLA HA . 39.06 41.11 27.70
C4B CLA HA . 38.43 39.88 28.17
CMB CLA HA . 39.67 43.37 28.71
CAB CLA HA . 39.56 41.41 26.33
CBB CLA HA . 39.83 40.34 25.30
NC CLA HA . 37.16 37.24 29.00
C1C CLA HA . 37.60 37.51 27.78
C2C CLA HA . 37.41 36.38 26.84
C3C CLA HA . 36.82 35.41 27.61
C4C CLA HA . 36.66 35.96 28.95
CMC CLA HA . 37.80 36.30 25.38
CAC CLA HA . 36.42 34.03 27.15
CBC CLA HA . 37.47 33.05 27.61
ND CLA HA . 36.32 37.16 31.58
C1D CLA HA . 35.87 35.90 31.29
C2D CLA HA . 35.24 35.26 32.44
C3D CLA HA . 35.36 36.23 33.44
C4D CLA HA . 36.00 37.35 32.92
CMD CLA HA . 34.58 33.93 32.67
CAD CLA HA . 35.05 36.48 34.83
OBD CLA HA . 34.43 35.74 35.57
CBD CLA HA . 35.62 37.83 35.19
CGD CLA HA . 34.54 38.65 35.81
O1D CLA HA . 34.01 38.28 36.85
O2D CLA HA . 34.14 39.80 35.28
CED CLA HA . 33.74 40.80 36.24
C1 CLA HA . 41.84 39.87 35.22
C2 CLA HA . 43.01 39.39 36.06
C3 CLA HA . 44.08 38.74 35.53
C4 CLA HA . 45.20 38.33 36.44
C5 CLA HA . 44.24 38.41 34.06
C6 CLA HA . 44.81 37.00 33.84
C7 CLA HA . 44.19 36.37 32.59
C8 CLA HA . 44.78 35.03 32.15
C9 CLA HA . 46.21 34.77 32.66
C10 CLA HA . 44.73 34.87 30.62
C11 CLA HA . 45.50 35.93 29.84
C12 CLA HA . 46.44 35.35 28.79
C13 CLA HA . 45.74 34.91 27.50
C14 CLA HA . 45.66 33.40 27.44
C15 CLA HA . 46.50 35.47 26.28
C16 CLA HA . 45.79 35.26 24.95
C17 CLA HA . 46.75 34.68 23.91
C18 CLA HA . 46.11 34.32 22.57
C19 CLA HA . 45.00 33.29 22.74
C20 CLA HA . 45.59 35.55 21.84
HHB CLA HA . 38.75 42.81 31.33
HHC CLA HA . 37.62 39.09 26.55
HHD CLA HA . 34.98 35.11 29.65
H2A CLA HA . 36.06 41.20 34.89
H3A CLA HA . 38.76 41.92 33.98
HMA1 CLA HA . 37.11 43.60 34.72
HMA2 CLA HA . 36.29 43.39 33.21
HMA3 CLA HA . 37.92 43.95 33.24
HAA1 CLA HA . 38.51 39.48 35.29
HAA2 CLA HA . 37.15 39.74 36.37
HBA1 CLA HA . 38.22 41.36 37.49
HBA2 CLA HA . 38.71 42.22 36.03
HMB1 CLA HA . 39.82 43.73 29.68
HMB2 CLA HA . 38.96 43.99 28.21
HMB3 CLA HA . 40.58 43.37 28.17
HBB1 CLA HA . 40.72 40.41 24.71
HBB2 CLA HA . 38.99 39.80 24.89
HMC1 CLA HA . 38.09 37.26 25.05
HMC2 CLA HA . 36.96 35.97 24.83
HMC3 CLA HA . 38.60 35.62 25.26
HAC1 CLA HA . 36.34 34.01 26.06
HAC2 CLA HA . 35.45 33.76 27.56
HBC1 CLA HA . 37.12 32.06 27.48
HBC2 CLA HA . 37.68 33.22 28.63
HBC3 CLA HA . 38.36 33.19 27.05
HMD1 CLA HA . 34.62 33.36 31.78
HMD2 CLA HA . 33.58 34.07 32.95
HMD3 CLA HA . 35.09 33.41 33.44
HBD CLA HA . 36.45 37.68 35.91
HED1 CLA HA . 33.65 41.74 35.77
HED2 CLA HA . 34.47 40.86 37.00
HED3 CLA HA . 32.82 40.52 36.66
H11 CLA HA . 42.23 40.22 34.26
H12 CLA HA . 41.22 38.99 34.99
H2 CLA HA . 42.99 39.59 37.11
H41 CLA HA . 46.08 38.22 35.89
H42 CLA HA . 44.95 37.42 36.91
H43 CLA HA . 45.33 39.08 37.18
H51 CLA HA . 44.92 39.13 33.60
H52 CLA HA . 43.29 38.48 33.54
H61 CLA HA . 44.61 36.37 34.71
H62 CLA HA . 45.90 37.09 33.73
H71 CLA HA . 44.25 37.10 31.78
H72 CLA HA . 43.13 36.22 32.80
H8 CLA HA . 44.15 34.24 32.58
H91 CLA HA . 46.56 33.87 32.24
H92 CLA HA . 46.18 34.68 33.72
H93 CLA HA . 46.84 35.57 32.39
H101 CLA HA . 43.69 34.89 30.31
H102 CLA HA . 45.13 33.89 30.37
H111 CLA HA . 46.09 36.54 30.54
H112 CLA HA . 44.79 36.60 29.36
H121 CLA HA . 46.96 34.49 29.22
H122 CLA HA . 47.20 36.09 28.55
H13 CLA HA . 44.73 35.32 27.50
H141 CLA HA . 45.11 33.09 26.59
H142 CLA HA . 45.17 33.04 28.31
H143 CLA HA . 46.64 32.99 27.40
H151 CLA HA . 47.49 35.02 26.24
H152 CLA HA . 46.65 36.55 26.43
H161 CLA HA . 45.41 36.21 24.58
H162 CLA HA . 44.94 34.58 25.07
H171 CLA HA . 47.23 33.78 24.32
H172 CLA HA . 47.55 35.41 23.74
H18 CLA HA . 46.89 33.87 21.95
H191 CLA HA . 44.97 32.66 21.88
H192 CLA HA . 44.07 33.78 22.85
H193 CLA HA . 45.19 32.69 23.59
H201 CLA HA . 45.24 35.26 20.88
H202 CLA HA . 46.37 36.25 21.74
H203 CLA HA . 44.79 35.97 22.39
HHC2 CLA HA . 39.17 38.46 27.00
HHD2 CLA HA . 36.48 34.36 30.15
MG CLA IA . 29.00 29.13 33.41
CHA CLA IA . 27.43 32.16 33.84
CHB CLA IA . 25.96 27.63 32.62
CHC CLA IA . 30.64 26.30 32.89
CHD CLA IA . 32.10 30.71 34.19
NA CLA IA . 26.91 29.81 33.24
C1A CLA IA . 26.48 31.05 33.47
C2A CLA IA . 25.01 31.17 33.30
C3A CLA IA . 24.57 29.74 32.99
C4A CLA IA . 25.87 29.00 32.93
CMA CLA IA . 23.49 29.19 33.90
CAA CLA IA . 24.64 32.10 32.13
CBA CLA IA . 25.55 32.01 30.89
CGA CLA IA . 25.27 30.77 30.05
O1A CLA IA . 24.13 30.55 29.69
O2A CLA IA . 26.25 29.96 29.70
NB CLA IA . 28.40 27.28 32.84
C1B CLA IA . 27.12 26.83 32.59
C2B CLA IA . 27.17 25.43 32.24
C3B CLA IA . 28.48 25.07 32.32
C4B CLA IA . 29.25 26.26 32.71
CMB CLA IA . 26.00 24.54 31.88
CAB CLA IA . 29.13 23.75 32.10
CBB CLA IA . 28.34 22.47 32.12
NC CLA IA . 31.03 28.61 33.45
C1C CLA IA . 31.47 27.38 33.29
C2C CLA IA . 32.92 27.24 33.55
C3C CLA IA . 33.32 28.51 33.89
C4C CLA IA . 32.14 29.35 33.84
CMC CLA IA . 33.77 25.99 33.47
ND CLA IA . 29.70 30.93 33.86
C1D CLA IA . 30.90 31.46 34.21
C2D CLA IA . 30.78 32.86 34.62
C3D CLA IA . 29.42 33.12 34.46
C4D CLA IA . 28.79 31.96 34.01
CMD CLA IA . 31.74 33.91 35.10
CAD CLA IA . 28.43 34.16 34.61
OBD CLA IA . 28.62 35.27 35.09
CBD CLA IA . 27.11 33.60 34.16
CGD CLA IA . 26.10 33.69 35.28
O1D CLA IA . 25.22 34.52 35.26
O2D CLA IA . 26.18 32.84 36.31
CED CLA IA . 24.97 32.61 37.03
C1 CLA IA . 25.96 28.59 29.26
C2 CLA IA . 27.07 27.58 29.10
C3 CLA IA . 26.82 26.33 28.70
C4 CLA IA . 25.42 25.85 28.44
C5 CLA IA . 27.91 25.29 28.53
C6 CLA IA . 28.07 24.88 27.07
C7 CLA IA . 29.18 25.63 26.34
C8 CLA IA . 29.95 24.76 25.32
C9 CLA IA . 29.06 24.28 24.19
C10 CLA IA . 30.63 23.59 26.03
C11 CLA IA . 32.05 23.33 25.50
C12 CLA IA . 33.09 24.21 26.20
C13 CLA IA . 34.49 23.64 26.03
C14 CLA IA . 34.86 22.81 27.25
C15 CLA IA . 35.51 24.76 25.80
C16 CLA IA . 36.80 24.25 25.18
C17 CLA IA . 37.75 25.40 24.83
C18 CLA IA . 38.89 24.93 23.94
C19 CLA IA . 38.51 25.03 22.47
C20 CLA IA . 40.15 25.74 24.21
HHB CLA IA . 25.04 27.15 32.36
HHC CLA IA . 30.85 25.50 33.60
HHD CLA IA . 32.56 30.80 35.17
H2A CLA IA . 24.53 31.53 34.23
H3A CLA IA . 24.12 29.73 31.98
HMA1 CLA IA . 22.55 29.56 33.61
HMA2 CLA IA . 23.70 29.50 34.89
HMA3 CLA IA . 23.51 28.13 33.86
HAA1 CLA IA . 24.65 33.13 32.49
HAA2 CLA IA . 23.61 31.89 31.83
HBA1 CLA IA . 26.59 32.05 31.16
HBA2 CLA IA . 25.33 32.88 30.27
HMB1 CLA IA . 25.20 25.13 31.51
HMB2 CLA IA . 25.68 24.00 32.74
HMB3 CLA IA . 26.29 23.85 31.13
HBB1 CLA IA . 27.67 22.30 32.95
HBB2 CLA IA . 28.76 21.61 31.63
HMC1 CLA IA . 33.16 25.18 33.18
HMC2 CLA IA . 34.20 25.80 34.42
HMC3 CLA IA . 34.53 26.14 32.75
HMD1 CLA IA . 32.73 33.52 35.08
HMD2 CLA IA . 31.50 34.18 36.10
HMD3 CLA IA . 31.69 34.76 34.48
HBD CLA IA . 26.74 34.13 33.27
HED1 CLA IA . 25.12 31.80 37.70
HED2 CLA IA . 24.19 32.36 36.36
HED3 CLA IA . 24.72 33.47 37.58
H11 CLA IA . 25.46 28.68 28.29
H12 CLA IA . 25.23 28.18 29.95
H2 CLA IA . 28.09 27.88 29.28
H41 CLA IA . 25.45 24.80 28.22
H42 CLA IA . 25.01 26.37 27.60
H43 CLA IA . 24.82 26.01 29.28
H51 CLA IA . 27.68 24.42 29.14
H52 CLA IA . 28.86 25.70 28.91
H61 CLA IA . 27.12 25.05 26.54
H62 CLA IA . 28.26 23.80 27.03
H71 CLA IA . 29.89 26.03 27.06
H72 CLA IA . 28.74 26.47 25.81
H8 CLA IA . 30.74 25.39 24.89
H91 CLA IA . 29.58 23.58 23.60
H92 CLA IA . 28.78 25.11 23.58
H93 CLA IA . 28.18 23.83 24.59
H101 CLA IA . 30.03 22.69 25.87
H102 CLA IA . 30.66 23.78 27.10
H111 CLA IA . 32.07 23.53 24.43
H112 CLA IA . 32.30 22.28 25.66
H121 CLA IA . 32.84 24.26 27.27
H122 CLA IA . 33.03 25.22 25.80
H13 CLA IA . 34.50 22.98 25.16
H141 CLA IA . 35.80 22.33 27.09
H142 CLA IA . 34.12 22.08 27.43
H143 CLA IA . 34.95 23.44 28.10
H151 CLA IA . 35.74 25.24 26.76
H152 CLA IA . 35.08 25.52 25.15
H161 CLA IA . 36.56 23.68 24.28
H162 CLA IA . 37.29 23.57 25.89
H171 CLA IA . 38.16 25.81 25.76
H172 CLA IA . 37.19 26.19 24.33
H18 CLA IA . 39.10 23.88 24.17
H191 CLA IA . 39.32 24.73 21.87
H192 CLA IA . 38.26 26.03 22.23
H193 CLA IA . 37.67 24.41 22.27
H201 CLA IA . 40.83 25.62 23.40
H202 CLA IA . 40.61 25.39 25.10
H203 CLA IA . 39.91 26.76 24.32
HHC2 CLA IA . 31.04 25.97 31.94
HHD2 CLA IA . 32.77 31.22 33.50
MG CLA JA . 27.18 17.71 30.46
CHA CLA JA . 23.83 18.39 30.12
CHB CLA JA . 27.99 20.74 28.95
CHC CLA JA . 30.39 17.03 31.00
CHD CLA JA . 26.34 14.66 32.09
NA CLA JA . 26.04 19.41 29.63
C1A CLA JA . 24.71 19.48 29.57
C2A CLA JA . 24.25 20.77 28.93
C3A CLA JA . 25.57 21.45 28.54
C4A CLA JA . 26.61 20.49 29.06
CMA CLA JA . 25.71 21.88 27.09
CAA CLA JA . 23.49 21.59 29.98
CBA CLA JA . 22.13 22.14 29.55
CGA CLA JA . 22.25 22.98 28.29
O1A CLA JA . 23.11 23.84 28.22
O2A CLA JA . 21.38 22.78 27.30
NB CLA JA . 28.91 18.73 30.06
C1B CLA JA . 29.05 19.92 29.40
C2B CLA JA . 30.45 20.22 29.28
C3B CLA JA . 31.11 19.17 29.85
C4B CLA JA . 30.12 18.23 30.34
CMB CLA JA . 31.07 21.44 28.62
CAB CLA JA . 32.58 18.98 29.98
CBB CLA JA . 33.48 19.16 28.77
NC CLA JA . 28.19 16.13 31.42
C1C CLA JA . 29.51 16.05 31.49
C2C CLA JA . 29.96 14.80 32.14
C3C CLA JA . 28.80 14.13 32.46
C4C CLA JA . 27.70 14.98 32.00
CMC CLA JA . 31.39 14.37 32.39
CAC CLA JA . 28.69 12.80 33.14
CBC CLA JA . 28.67 12.99 34.64
ND CLA JA . 25.58 16.73 31.04
C1D CLA JA . 25.31 15.51 31.61
C2D CLA JA . 23.88 15.21 31.61
C3D CLA JA . 23.32 16.35 31.03
C4D CLA JA . 24.34 17.23 30.71
CMD CLA JA . 23.05 14.04 32.08
CAD CLA JA . 22.05 16.92 30.64
OBD CLA JA . 21.08 16.25 30.31
CBD CLA JA . 22.32 18.29 30.11
CGD CLA JA . 21.80 18.44 28.72
O1D CLA JA . 22.25 17.76 27.80
O2D CLA JA . 20.83 19.31 28.45
CED CLA JA . 19.81 18.87 27.56
C1 CLA JA . 21.85 22.45 25.95
C2 CLA JA . 22.40 21.07 25.69
C3 CLA JA . 23.22 20.76 24.67
C4 CLA JA . 23.69 19.34 24.52
C5 CLA JA . 23.73 21.71 23.60
C6 CLA JA . 22.88 21.59 22.33
C7 CLA JA . 23.69 21.92 21.08
C8 CLA JA . 23.57 20.89 19.94
C9 CLA JA . 22.12 20.75 19.50
C10 CLA JA . 24.14 19.50 20.28
C11 CLA JA . 25.64 19.46 20.54
C12 CLA JA . 26.48 18.98 19.34
C13 CLA JA . 26.41 19.88 18.11
C14 CLA JA . 27.08 19.21 16.92
C15 CLA JA . 27.03 21.27 18.35
C16 CLA JA . 28.55 21.27 18.39
C17 CLA JA . 29.06 22.43 19.25
C18 CLA JA . 30.58 22.38 19.43
C19 CLA JA . 31.31 22.76 18.16
C20 CLA JA . 31.02 23.26 20.59
HHB CLA JA . 28.27 21.69 28.56
HHC CLA JA . 31.08 16.50 30.34
HHD CLA JA . 26.21 13.69 31.60
H2A CLA JA . 23.63 20.58 28.04
H3A CLA JA . 25.69 22.37 29.12
HMA1 CLA JA . 24.92 22.55 26.85
HMA2 CLA JA . 25.63 21.01 26.47
HMA3 CLA JA . 26.64 22.34 26.93
HAA1 CLA JA . 24.10 22.42 30.33
HAA2 CLA JA . 23.33 20.96 30.86
HBA1 CLA JA . 21.75 22.78 30.35
HBA2 CLA JA . 21.43 21.33 29.40
HMB1 CLA JA . 30.61 22.31 29.01
HMB2 CLA JA . 30.92 21.38 27.58
HMB3 CLA JA . 32.10 21.47 28.84
HBB1 CLA JA . 34.21 19.94 28.80
HBB2 CLA JA . 33.66 18.30 28.15
HMC1 CLA JA . 31.94 15.20 32.77
HMC2 CLA JA . 31.82 14.04 31.48
HMC3 CLA JA . 31.41 13.58 33.08
HAC1 CLA JA . 29.54 12.16 32.87
HAC2 CLA JA . 27.78 12.29 32.82
HBC1 CLA JA . 28.65 12.04 35.12
HBC2 CLA JA . 27.81 13.54 34.91
HBC3 CLA JA . 29.54 13.51 34.95
HMD1 CLA JA . 23.55 13.54 32.86
HMD2 CLA JA . 22.91 13.39 31.26
HMD3 CLA JA . 22.12 14.40 32.42
HBD CLA JA . 21.88 19.06 30.77
HED1 CLA JA . 18.91 19.39 27.80
HED2 CLA JA . 19.67 17.83 27.65
HED3 CLA JA . 20.09 19.11 26.57
H11 CLA JA . 22.62 23.18 25.70
H12 CLA JA . 21.02 22.63 25.27
H2 CLA JA . 22.12 20.28 26.36
H41 CLA JA . 24.20 19.22 23.60
H42 CLA JA . 22.86 18.69 24.55
H43 CLA JA . 24.34 19.11 25.32
H51 CLA JA . 24.76 21.45 23.38
H52 CLA JA . 23.72 22.74 23.96
H61 CLA JA . 22.05 22.30 22.41
H62 CLA JA . 22.46 20.60 22.27
H71 CLA JA . 24.73 22.08 21.33
H72 CLA JA . 23.32 22.88 20.69
H8 CLA JA . 24.15 21.28 19.09
H91 CLA JA . 22.11 20.38 18.49
H92 CLA JA . 21.64 21.68 19.54
H93 CLA JA . 21.63 20.05 20.12
H101 CLA JA . 23.90 18.83 19.46
H102 CLA JA . 23.62 19.11 21.16
H111 CLA JA . 25.81 18.75 21.36
H112 CLA JA . 26.00 20.43 20.88
H121 CLA JA . 26.15 17.98 19.06
H122 CLA JA . 27.52 18.90 19.67
H13 CLA JA . 25.36 20.02 17.85
H141 CLA JA . 27.11 19.88 16.10
H142 CLA JA . 26.53 18.35 16.64
H143 CLA JA . 28.07 18.92 17.16
H151 CLA JA . 26.64 21.68 19.29
H152 CLA JA . 26.69 21.93 17.56
H161 CLA JA . 28.93 21.39 17.37
H162 CLA JA . 28.93 20.33 18.78
H171 CLA JA . 28.59 22.38 20.23
H172 CLA JA . 28.79 23.38 18.79
H18 CLA JA . 30.86 21.34 19.68
H191 CLA JA . 32.34 22.91 18.38
H192 CLA JA . 30.91 23.67 17.77
H193 CLA JA . 31.21 21.99 17.43
H201 CLA JA . 32.07 23.22 20.71
H202 CLA JA . 30.54 22.95 21.48
H203 CLA JA . 30.74 24.27 20.38
HHC2 CLA JA . 31.00 17.32 31.87
HHD2 CLA JA . 26.13 14.49 33.14
MG CLA KA . 35.21 8.13 45.74
CHA CLA KA . 36.77 5.11 46.30
CHB CLA KA . 33.52 6.82 43.01
CHC CLA KA . 33.69 11.07 45.36
CHD CLA KA . 36.94 9.48 48.53
NA CLA KA . 35.13 6.17 44.75
C1A CLA KA . 35.82 5.10 45.12
C2A CLA KA . 35.53 3.92 44.24
C3A CLA KA . 34.55 4.49 43.20
C4A CLA KA . 34.37 5.91 43.66
CMA CLA KA . 34.86 4.22 41.74
CAA CLA KA . 34.82 2.79 45.00
CBA CLA KA . 33.54 3.19 45.77
CGA CLA KA . 33.79 3.99 47.03
O1A CLA KA . 34.51 3.55 47.91
O2A CLA KA . 33.18 5.16 47.14
NB CLA KA . 33.83 8.83 44.41
C1B CLA KA . 33.27 8.16 43.34
C2B CLA KA . 32.37 9.05 42.65
C3B CLA KA . 32.43 10.24 43.32
C4B CLA KA . 33.36 10.09 44.43
CMB CLA KA . 31.56 8.72 41.42
CAB CLA KA . 31.70 11.50 43.03
CBB CLA KA . 31.74 12.16 41.67
NC CLA KA . 35.25 9.94 46.80
C1C CLA KA . 34.58 11.02 46.46
C2C CLA KA . 34.85 12.17 47.37
C3C CLA KA . 35.74 11.68 48.27
C4C CLA KA . 36.00 10.30 47.92
CMC CLA KA . 34.26 13.55 47.32
CAC CLA KA . 36.36 12.42 49.43
CBC CLA KA . 35.49 12.18 50.65
ND CLA KA . 36.52 7.56 47.09
C1D CLA KA . 37.14 8.12 48.18
C2D CLA KA . 38.02 7.18 48.86
C3D CLA KA . 37.86 6.01 48.12
C4D CLA KA . 36.96 6.24 47.08
CMD CLA KA . 38.91 7.29 50.06
CAD CLA KA . 38.29 4.62 48.05
OBD CLA KA . 38.88 4.01 48.93
CBD CLA KA . 37.70 4.03 46.81
CGD CLA KA . 38.82 3.83 45.84
O1D CLA KA . 39.92 4.28 46.06
O2D CLA KA . 38.63 3.14 44.71
CED CLA KA . 39.66 3.26 43.73
C1 CLA KA . 33.50 6.15 48.18
C2 CLA KA . 33.30 5.83 49.65
C3 CLA KA . 33.16 6.80 50.57
C4 CLA KA . 32.97 6.41 52.01
C5 CLA KA . 33.17 8.29 50.30
C6 CLA KA . 31.73 8.79 50.22
C7 CLA KA . 31.50 9.90 49.20
C8 CLA KA . 31.89 11.33 49.61
C9 CLA KA . 31.96 11.57 51.12
C10 CLA KA . 30.98 12.36 48.92
C11 CLA KA . 29.52 12.37 49.41
C12 CLA KA . 28.84 13.72 49.14
C13 CLA KA . 28.61 14.58 50.40
C14 CLA KA . 29.91 14.85 51.14
C15 CLA KA . 27.56 13.95 51.31
C16 CLA KA . 26.81 15.00 52.13
C17 CLA KA . 25.80 14.37 53.08
C18 CLA KA . 26.40 14.02 54.44
C19 CLA KA . 26.45 15.22 55.37
C20 CLA KA . 25.60 12.89 55.10
HHB CLA KA . 32.88 6.40 42.25
HHC CLA KA . 34.02 11.93 44.76
HHD CLA KA . 37.91 9.96 48.41
H2A CLA KA . 36.44 3.54 43.75
HMA1 CLA KA . 34.80 3.18 41.55
HMA2 CLA KA . 35.84 4.55 41.52
HMA3 CLA KA . 34.17 4.74 41.13
HAA1 CLA KA . 35.52 2.31 45.68
HAA2 CLA KA . 34.52 2.05 44.27
HBA1 CLA KA . 33.02 2.27 46.05
HBA2 CLA KA . 32.88 3.75 45.11
HMB1 CLA KA . 30.62 8.34 41.71
HMB2 CLA KA . 32.07 8.01 40.83
HMB3 CLA KA . 31.41 9.61 40.85
HBB1 CLA KA . 30.84 12.18 41.09
HBB2 CLA KA . 32.44 12.97 41.53
HMC1 CLA KA . 33.51 13.59 46.58
HMC2 CLA KA . 35.03 14.26 47.10
HMC3 CLA KA . 33.84 13.79 48.27
HAC1 CLA KA . 36.39 13.50 49.22
HAC2 CLA KA . 37.37 12.07 49.61
HBC1 CLA KA . 36.04 12.40 51.52
HBC2 CLA KA . 35.19 11.16 50.65
HBC3 CLA KA . 34.63 12.80 50.60
HMD1 CLA KA . 39.64 8.02 49.88
HMD2 CLA KA . 39.38 6.36 50.23
HMD3 CLA KA . 38.32 7.54 50.91
HBD CLA KA . 37.17 3.09 47.02
HED1 CLA KA . 39.30 2.91 42.80
HED2 CLA KA . 40.50 2.70 44.02
HED3 CLA KA . 39.93 4.28 43.64
H11 CLA KA . 32.91 7.05 47.95
H12 CLA KA . 34.53 6.43 48.06
H2 CLA KA . 33.27 4.80 49.95
H41 CLA KA . 33.16 7.24 52.64
H42 CLA KA . 33.64 5.62 52.25
H43 CLA KA . 31.97 6.07 52.16
H51 CLA KA . 33.71 8.51 49.38
H52 CLA KA . 33.69 8.81 51.11
H61 CLA KA . 31.41 9.09 51.21
H62 CLA KA . 31.11 7.94 49.94
H71 CLA KA . 30.45 9.89 48.91
H72 CLA KA . 32.06 9.65 48.29
H8 CLA KA . 32.90 11.51 49.22
H91 CLA KA . 32.12 12.60 51.30
H92 CLA KA . 32.77 11.02 51.52
H93 CLA KA . 31.06 11.26 51.58
H101 CLA KA . 30.99 12.17 47.86
H102 CLA KA . 31.40 13.35 49.09
H111 CLA KA . 29.45 12.13 50.46
H112 CLA KA . 28.97 11.61 48.85
H121 CLA KA . 27.88 13.55 48.65
H122 CLA KA . 29.45 14.29 48.44
H13 CLA KA . 28.21 15.55 50.06
H141 CLA KA . 29.76 15.62 51.85
H142 CLA KA . 30.66 15.14 50.45
H143 CLA KA . 30.22 13.96 51.64
H151 CLA KA . 28.04 13.24 51.97
H152 CLA KA . 26.83 13.40 50.70
H161 CLA KA . 26.29 15.69 51.45
H162 CLA KA . 27.53 15.59 52.70
H171 CLA KA . 25.39 13.48 52.61
H172 CLA KA . 24.96 15.06 53.22
H18 CLA KA . 27.42 13.66 54.28
H191 CLA KA . 26.94 14.94 56.27
H192 CLA KA . 25.47 15.54 55.60
H193 CLA KA . 26.98 16.00 54.92
H201 CLA KA . 26.09 12.59 55.99
H202 CLA KA . 25.54 12.07 54.43
H203 CLA KA . 24.63 13.24 55.33
HHC2 CLA KA . 32.73 11.39 45.78
HHD2 CLA KA . 36.74 9.49 49.60
MG CLA LA . 25.34 -0.15 49.29
CHA CLA LA . 27.80 -2.33 48.30
CHB CLA LA . 23.40 -2.79 50.43
CHC CLA LA . 23.10 2.08 50.32
CHD CLA LA . 27.32 2.52 48.07
NA CLA LA . 25.57 -2.34 49.37
C1A CLA LA . 26.62 -3.03 48.91
C2A CLA LA . 26.46 -4.51 49.08
C3A CLA LA . 25.05 -4.60 49.73
C4A CLA LA . 24.63 -3.18 49.87
CMA CLA LA . 24.09 -5.55 49.02
CAA CLA LA . 27.63 -5.03 49.91
CBA CLA LA . 27.41 -6.28 50.76
CGA CLA LA . 27.85 -5.99 52.18
O1A CLA LA . 28.93 -6.38 52.56
O2A CLA LA . 27.04 -5.32 52.99
NB CLA LA . 23.55 -0.32 50.24
C1B CLA LA . 22.90 -1.47 50.59
C2B CLA LA . 21.63 -1.13 51.18
C3B CLA LA . 21.55 0.23 51.15
C4B CLA LA . 22.77 0.73 50.54
CMB CLA LA . 20.60 -2.08 51.73
CAB CLA LA . 20.41 1.04 51.65
CBB CLA LA . 20.59 2.43 52.20
NC CLA LA . 25.29 1.95 49.30
C1C CLA LA . 24.23 2.65 49.68
C2C CLA LA . 24.36 4.10 49.38
C3C CLA LA . 25.58 4.21 48.78
C4C CLA LA . 26.15 2.87 48.73
CMC CLA LA . 23.38 5.20 49.67
CAC CLA LA . 26.23 5.46 48.25
CBC CLA LA . 25.67 5.76 46.89
ND CLA LA . 27.09 0.14 48.41
C1D CLA LA . 27.81 1.20 47.97
C2D CLA LA . 29.10 0.80 47.41
C3D CLA LA . 29.08 -0.59 47.54
C4D CLA LA . 27.89 -0.97 48.14
CMD CLA LA . 30.25 1.55 46.79
CAD CLA LA . 29.88 -1.77 47.28
OBD CLA LA . 31.07 -1.79 47.04
CBD CLA LA . 29.07 -2.95 47.73
CGD CLA LA . 28.74 -3.83 46.57
O1D CLA LA . 28.20 -3.38 45.56
O2D CLA LA . 29.03 -5.11 46.65
CED CLA LA . 30.41 -5.42 46.47
C1 CLA LA . 27.55 -4.52 54.11
C2 CLA LA . 28.71 -3.57 53.95
C3 CLA LA . 29.34 -3.02 55.00
C4 CLA LA . 30.49 -2.09 54.75
C5 CLA LA . 29.02 -3.28 56.46
C6 CLA LA . 28.40 -2.05 57.15
C7 CLA LA . 26.93 -2.26 57.47
C8 CLA LA . 26.20 -0.96 57.83
C9 CLA LA . 26.88 -0.24 58.99
C10 CLA LA . 24.74 -1.23 58.15
C11 CLA LA . 23.79 -0.45 57.25
C12 CLA LA . 22.33 -0.91 57.44
C13 CLA LA . 21.30 -0.11 56.64
C14 CLA LA . 21.71 0.10 55.18
C15 CLA LA . 20.98 1.22 57.32
C16 CLA LA . 19.48 1.44 57.44
C17 CLA LA . 18.86 0.71 58.63
C18 CLA LA . 19.03 1.42 59.96
C19 CLA LA . 18.15 2.66 60.09
C20 CLA LA . 18.74 0.47 61.11
HHB CLA LA . 22.78 -3.58 50.80
HHC CLA LA . 22.24 2.51 49.82
HHD CLA LA . 27.19 2.86 47.04
H2A CLA LA . 26.44 -5.00 48.10
H3A CLA LA . 25.16 -4.98 50.75
HMA1 CLA LA . 24.40 -6.54 49.17
HMA2 CLA LA . 24.09 -5.33 47.99
HMA3 CLA LA . 23.12 -5.40 49.40
HAA1 CLA LA . 27.97 -4.23 50.57
HAA2 CLA LA . 28.45 -5.25 49.23
HBA1 CLA LA . 28.03 -7.09 50.36
HBA2 CLA LA . 26.37 -6.63 50.74
HMB1 CLA LA . 20.05 -2.52 50.94
HMB2 CLA LA . 19.92 -1.55 52.35
HMB3 CLA LA . 21.08 -2.84 52.30
HBB1 CLA LA . 20.15 2.67 53.16
HBB2 CLA LA . 20.72 3.24 51.50
HMC1 CLA LA . 22.53 4.80 50.16
HMC2 CLA LA . 23.07 5.64 48.75
HMC3 CLA LA . 23.83 5.93 50.29
HAC1 CLA LA . 27.31 5.33 48.20
HAC2 CLA LA . 26.03 6.29 48.92
HBC1 CLA LA . 26.30 6.46 46.39
HBC2 CLA LA . 24.70 6.17 46.98
HBC3 CLA LA . 25.63 4.87 46.31
HMD1 CLA LA . 30.61 2.26 47.48
HMD2 CLA LA . 29.92 2.03 45.90
HMD3 CLA LA . 31.02 0.86 46.57
HBD CLA LA . 29.61 -3.52 48.49
HED1 CLA LA . 30.81 -5.70 47.41
HED2 CLA LA . 30.92 -4.57 46.11
HED3 CLA LA . 30.52 -6.22 45.79
H11 CLA LA . 27.85 -5.25 54.87
H12 CLA LA . 26.72 -3.96 54.54
H2 CLA LA . 29.04 -3.31 52.96
H41 CLA LA . 30.80 -1.64 55.66
H42 CLA LA . 30.19 -1.33 54.06
H43 CLA LA . 31.29 -2.63 54.33
H51 CLA LA . 29.95 -3.52 56.98
H52 CLA LA . 28.35 -4.12 56.58
H61 CLA LA . 28.51 -1.18 56.51
H62 CLA LA . 28.95 -1.85 58.07
H71 CLA LA . 26.84 -2.96 58.31
H72 CLA LA . 26.44 -2.72 56.61
H8 CLA LA . 26.25 -0.30 56.95
H91 CLA LA . 26.28 0.57 59.30
H92 CLA LA . 27.83 0.12 58.69
H93 CLA LA . 26.99 -0.92 59.81
H101 CLA LA . 24.55 -0.95 59.19
H102 CLA LA . 24.53 -2.30 58.06
H111 CLA LA . 24.09 -0.59 56.21
H112 CLA LA . 23.86 0.62 57.47
H121 CLA LA . 22.09 -0.86 58.50
H122 CLA LA . 22.27 -1.96 57.14
H13 CLA LA . 20.38 -0.71 56.62
H141 CLA LA . 20.94 0.62 54.68
H142 CLA LA . 21.87 -0.83 54.72
H143 CLA LA . 22.60 0.68 55.14
H151 CLA LA . 21.41 2.03 56.72
H152 CLA LA . 21.44 1.25 58.31
H161 CLA LA . 18.99 1.09 56.52
H162 CLA LA . 19.26 2.51 57.51
H171 CLA LA . 19.32 -0.28 58.69
H172 CLA LA . 17.80 0.56 58.44
H18 CLA LA . 20.08 1.75 60.05
H191 CLA LA . 18.26 3.06 61.07
H192 CLA LA . 17.14 2.38 59.93
H193 CLA LA . 18.44 3.38 59.38
H201 CLA LA . 18.93 0.95 62.03
H202 CLA LA . 19.36 -0.39 61.03
H203 CLA LA . 17.73 0.18 61.08
HHC2 CLA LA . 23.09 2.53 51.31
HHD2 CLA LA . 28.13 3.14 48.48
MG CLA MA . 30.02 5.09 33.51
CHA CLA MA . 29.23 1.95 32.32
CHB CLA MA . 31.28 6.03 30.42
CHC CLA MA . 30.65 8.10 34.78
CHD CLA MA . 28.70 4.15 36.68
NA CLA MA . 30.24 4.11 31.55
C1A CLA MA . 29.86 2.86 31.27
C2A CLA MA . 30.18 2.49 29.85
C3A CLA MA . 30.84 3.77 29.30
C4A CLA MA . 30.79 4.70 30.47
CMA CLA MA . 32.13 3.65 28.49
CAA CLA MA . 28.93 2.17 29.04
CBA CLA MA . 29.29 1.70 27.63
CGA CLA MA . 28.11 0.96 27.03
O1A CLA MA . 27.97 -0.23 27.27
O2A CLA MA . 27.27 1.62 26.26
NB CLA MA . 30.82 6.78 32.72
C1B CLA MA . 31.29 6.99 31.45
C2B CLA MA . 31.79 8.35 31.34
C3B CLA MA . 31.60 8.90 32.58
C4B CLA MA . 30.99 7.90 33.43
CMB CLA MA . 32.40 9.01 30.13
CAB CLA MA . 31.93 10.26 33.08
CBB CLA MA . 32.78 11.25 32.32
NC CLA MA . 29.69 5.98 35.39
C1C CLA MA . 30.02 7.23 35.68
C2C CLA MA . 29.68 7.60 37.07
C3C CLA MA . 29.10 6.47 37.59
C4C CLA MA . 29.12 5.47 36.53
CMC CLA MA . 29.89 8.93 37.74
CAC CLA MA . 28.54 6.31 38.98
CBC CLA MA . 27.12 6.84 38.97
ND CLA MA . 29.18 3.52 34.37
C1D CLA MA . 28.68 3.22 35.61
C2D CLA MA . 28.15 1.87 35.65
C3D CLA MA . 28.37 1.39 34.38
C4D CLA MA . 28.98 2.37 33.61
CMD CLA MA . 27.50 1.03 36.73
CAD CLA MA . 28.17 0.22 33.55
OBD CLA MA . 27.35 -0.67 33.76
CBD CLA MA . 28.80 0.50 32.21
CGD CLA MA . 30.00 -0.40 32.04
O1D CLA MA . 31.09 -0.07 32.48
O2D CLA MA . 29.86 -1.56 31.42
CED CLA MA . 29.95 -2.71 32.27
C1 CLA MA . 25.85 1.31 26.31
C2 CLA MA . 25.30 0.17 25.48
C3 CLA MA . 24.71 -0.94 25.98
C4 CLA MA . 24.20 -2.00 25.05
C5 CLA MA . 24.53 -1.24 27.47
C6 CLA MA . 23.15 -0.78 27.94
C7 CLA MA . 23.19 0.35 28.96
C8 CLA MA . 23.93 0.06 30.26
C9 CLA MA . 23.75 -1.37 30.78
C10 CLA MA . 23.44 1.07 31.30
C11 CLA MA . 24.49 1.39 32.37
C12 CLA MA . 24.48 2.86 32.78
C13 CLA MA . 25.16 3.85 31.83
C14 CLA MA . 25.95 3.21 30.70
C15 CLA MA . 26.04 4.77 32.69
C16 CLA MA . 26.80 5.82 31.90
C17 CLA MA . 27.48 6.84 32.81
C18 CLA MA . 26.57 8.01 33.21
C19 CLA MA . 26.20 7.90 34.69
C20 CLA MA . 27.23 9.36 32.93
HHB CLA MA . 31.56 6.37 29.44
HHC CLA MA . 31.58 8.38 35.26
HHD CLA MA . 29.32 3.70 37.46
H2A CLA MA . 30.89 1.64 29.81
HMA1 CLA MA . 31.99 2.94 27.72
HMA2 CLA MA . 32.90 3.31 29.13
HMA3 CLA MA . 32.38 4.59 28.09
HAA1 CLA MA . 28.31 3.07 28.97
HAA2 CLA MA . 28.34 1.39 29.54
HBA1 CLA MA . 30.16 1.04 27.67
HBA2 CLA MA . 29.53 2.56 27.01
HMB1 CLA MA . 31.95 9.96 29.99
HMB2 CLA MA . 32.25 8.42 29.28
HMB3 CLA MA . 33.44 9.15 30.30
HBB1 CLA MA . 33.41 11.91 32.88
HBB2 CLA MA . 32.42 11.59 31.36
HMC1 CLA MA . 30.86 8.97 38.16
HMC2 CLA MA . 29.18 9.05 38.52
HMC3 CLA MA . 29.76 9.71 37.03
HAC1 CLA MA . 29.14 6.88 39.70
HAC2 CLA MA . 28.55 5.26 39.27
HBC1 CLA MA . 26.65 6.61 39.90
HBC2 CLA MA . 26.57 6.38 38.18
HBC3 CLA MA . 27.12 7.88 38.83
HMD1 CLA MA . 26.83 1.63 37.29
HMD2 CLA MA . 28.25 0.65 37.38
HMD3 CLA MA . 26.97 0.23 36.30
HBD CLA MA . 28.09 0.35 31.41
HED1 CLA MA . 29.71 -3.58 31.71
HED2 CLA MA . 29.27 -2.62 33.07
HED3 CLA MA . 30.93 -2.80 32.65
H11 CLA MA . 25.31 2.21 25.99
H12 CLA MA . 25.57 1.16 27.36
H2 CLA MA . 25.37 0.25 24.41
H41 CLA MA . 24.42 -2.95 25.44
H42 CLA MA . 24.67 -1.88 24.11
H43 CLA MA . 23.15 -1.88 24.94
H51 CLA MA . 25.31 -0.77 28.06
H52 CLA MA . 24.62 -2.31 27.61
H61 CLA MA . 22.62 -1.64 28.36
H62 CLA MA . 22.58 -0.45 27.07
H71 CLA MA . 22.16 0.62 29.21
H72 CLA MA . 23.65 1.23 28.49
H8 CLA MA . 25.01 0.23 30.09
H91 CLA MA . 24.29 -1.48 31.68
H92 CLA MA . 24.13 -2.06 30.07
H93 CLA MA . 22.73 -1.56 30.95
H101 CLA MA . 22.55 0.66 31.78
H102 CLA MA . 23.16 1.99 30.80
H111 CLA MA . 25.48 1.08 32.05
H112 CLA MA . 24.24 0.80 33.26
H121 CLA MA . 24.95 2.94 33.76
H122 CLA MA . 23.44 3.18 32.91
H13 CLA MA . 24.38 4.48 31.38
H141 CLA MA . 26.32 3.96 30.05
H142 CLA MA . 25.32 2.56 30.14
H143 CLA MA . 26.77 2.65 31.10
H151 CLA MA . 26.77 4.15 33.24
H152 CLA MA . 25.41 5.27 33.43
H161 CLA MA . 26.12 6.33 31.20
H162 CLA MA . 27.58 5.34 31.30
H171 CLA MA . 28.36 7.24 32.32
H172 CLA MA . 27.79 6.35 33.72
H18 CLA MA . 25.66 7.94 32.61
H191 CLA MA . 25.55 8.70 34.93
H192 CLA MA . 27.08 7.97 35.27
H193 CLA MA . 25.73 6.98 34.87
H201 CLA MA . 28.12 9.44 33.49
H202 CLA MA . 26.56 10.13 33.23
H203 CLA MA . 27.44 9.45 31.90
HHC2 CLA MA . 30.05 9.01 34.77
HHD2 CLA MA . 27.69 4.18 37.08
MG CLA NA . 20.71 13.17 35.36
CHA CLA NA . 20.54 16.49 34.41
CHB CLA NA . 17.29 12.83 34.95
CHC CLA NA . 21.02 9.96 36.14
CHD CLA NA . 24.21 13.56 35.85
NA CLA NA . 19.07 14.51 34.73
C1A CLA NA . 19.20 15.79 34.42
C2A CLA NA . 17.87 16.40 34.09
C3A CLA NA . 16.87 15.26 34.33
C4A CLA NA . 17.78 14.12 34.68
CMA CLA NA . 15.73 15.53 35.28
CAA CLA NA . 17.79 16.83 32.63
CBA CLA NA . 18.28 15.76 31.66
CGA CLA NA . 18.03 16.15 30.23
O1A CLA NA . 18.28 17.29 29.87
O2A CLA NA . 17.54 15.25 29.40
NB CLA NA . 19.38 11.66 35.51
C1B CLA NA . 18.03 11.69 35.33
C2B CLA NA . 17.47 10.37 35.56
C3B CLA NA . 18.53 9.59 35.91
C4B CLA NA . 19.74 10.41 35.86
CMB CLA NA . 16.02 9.95 35.48
CAB CLA NA . 18.53 8.16 36.23
CBB CLA NA . 18.16 7.19 35.13
NC CLA NA . 22.36 11.95 35.81
C1C CLA NA . 22.25 10.67 36.16
C2C CLA NA . 23.55 10.08 36.57
C3C CLA NA . 24.45 11.10 36.43
C4C CLA NA . 23.70 12.26 35.97
CMC CLA NA . 23.77 8.65 37.00
CAC CLA NA . 25.93 11.05 36.71
CBC CLA NA . 26.26 11.61 38.07
ND CLA NA . 22.10 14.58 35.19
C1D CLA NA . 23.44 14.66 35.40
C2D CLA NA . 23.95 16.01 35.14
C3D CLA NA . 22.81 16.70 34.74
C4D CLA NA . 21.72 15.84 34.79
CMD CLA NA . 25.31 16.62 35.22
CAD CLA NA . 22.37 18.02 34.31
OBD CLA NA . 23.10 18.91 33.92
CBD CLA NA . 20.90 17.92 34.01
CGD CLA NA . 20.14 18.94 34.80
O1D CLA NA . 20.56 19.32 35.88
O2D CLA NA . 19.01 19.45 34.32
CED CLA NA . 19.08 20.76 33.74
C1 CLA NA . 18.46 14.49 28.56
C2 CLA NA . 19.04 15.17 27.34
C3 CLA NA . 20.21 14.79 26.78
C4 CLA NA . 20.70 15.53 25.57
C5 CLA NA . 21.09 13.68 27.33
C6 CLA NA . 21.87 12.91 26.27
C7 CLA NA . 21.02 12.13 25.27
C8 CLA NA . 20.30 10.87 25.78
C9 CLA NA . 19.00 11.21 26.49
C10 CLA NA . 21.20 10.01 26.67
C11 CLA NA . 20.70 8.56 26.70
C12 CLA NA . 20.87 7.88 28.07
C13 CLA NA . 19.66 7.04 28.49
C14 CLA NA . 19.18 6.12 27.37
C15 CLA NA . 18.53 7.93 28.99
C16 CLA NA . 18.83 8.60 30.34
C17 CLA NA . 18.93 10.11 30.20
C18 CLA NA . 18.96 10.81 31.56
C19 CLA NA . 20.19 10.42 32.37
C20 CLA NA . 18.92 12.32 31.39
HHB CLA NA . 16.26 12.66 34.67
HHC CLA NA . 20.96 9.50 37.14
HHD CLA NA . 24.60 13.83 36.83
H2A CLA NA . 17.66 17.25 34.76
H3A CLA NA . 16.40 15.02 33.37
HMA1 CLA NA . 15.17 16.36 34.95
HMA2 CLA NA . 16.12 15.73 36.24
HMA3 CLA NA . 15.10 14.67 35.33
HAA1 CLA NA . 18.38 17.75 32.48
HAA2 CLA NA . 16.75 17.07 32.38
HBA1 CLA NA . 17.78 14.81 31.85
HBA2 CLA NA . 19.36 15.60 31.81
HMB1 CLA NA . 15.90 9.31 34.65
HMB2 CLA NA . 15.39 10.79 35.39
HMB3 CLA NA . 15.78 9.43 36.35
HBB1 CLA NA . 18.80 7.15 34.27
HBB2 CLA NA . 17.58 6.31 35.39
HMC1 CLA NA . 23.12 8.43 37.81
HMC2 CLA NA . 24.77 8.53 37.32
HMC3 CLA NA . 23.56 7.99 36.19
HAC1 CLA NA . 26.47 11.62 35.94
HAC2 CLA NA . 26.28 10.02 36.65
HBC1 CLA NA . 27.24 11.34 38.34
HBC2 CLA NA . 25.57 11.23 38.78
HBC3 CLA NA . 26.17 12.67 38.04
HMD1 CLA NA . 25.92 16.06 35.88
HMD2 CLA NA . 25.23 17.62 35.58
HMD3 CLA NA . 25.76 16.62 34.26
HBD CLA NA . 20.72 18.06 32.94
HED1 CLA NA . 18.11 21.06 33.45
HED2 CLA NA . 19.71 20.72 32.89
HED3 CLA NA . 19.47 21.44 34.44
H11 CLA NA . 17.95 13.59 28.24
H12 CLA NA . 19.28 14.18 29.20
H2 CLA NA . 18.49 15.97 26.89
H41 CLA NA . 21.75 15.67 25.63
H42 CLA NA . 20.23 16.49 25.53
H43 CLA NA . 20.45 15.00 24.69
H51 CLA NA . 20.48 12.98 27.89
H52 CLA NA . 21.79 14.13 28.04
H61 CLA NA . 22.55 12.22 26.78
H62 CLA NA . 22.51 13.60 25.72
H71 CLA NA . 21.67 11.84 24.44
H72 CLA NA . 20.26 12.82 24.85
H8 CLA NA . 20.06 10.27 24.91
H91 CLA NA . 18.30 10.42 26.32
H92 CLA NA . 18.60 12.11 26.10
H93 CLA NA . 19.16 11.31 27.53
H101 CLA NA . 21.22 10.42 27.68
H102 CLA NA . 22.22 10.03 26.28
H111 CLA NA . 21.25 7.99 25.95
H112 CLA NA . 19.65 8.54 26.41
H121 CLA NA . 21.08 8.63 28.83
H122 CLA NA . 21.74 7.22 28.01
H13 CLA NA . 19.98 6.41 29.33
H141 CLA NA . 18.72 5.27 27.80
H142 CLA NA . 20.00 5.83 26.78
H143 CLA NA . 18.47 6.64 26.77
H151 CLA NA . 17.62 7.32 29.09
H152 CLA NA . 18.31 8.70 28.25
H161 CLA NA . 19.76 8.19 30.74
H162 CLA NA . 18.03 8.34 31.04
H171 CLA NA . 18.08 10.48 29.63
H172 CLA NA . 19.84 10.36 29.65
H18 CLA NA . 18.07 10.51 32.12
H191 CLA NA . 20.43 11.20 33.04
H192 CLA NA . 21.00 10.25 31.72
H193 CLA NA . 19.98 9.53 32.92
H201 CLA NA . 18.79 12.78 32.33
H202 CLA NA . 18.13 12.58 30.75
H203 CLA NA . 19.84 12.65 30.97
HHC2 CLA NA . 21.19 9.13 35.46
HHD2 CLA NA . 25.08 13.50 35.19
MG CLA OA . 27.11 23.20 48.58
CHA CLA OA . 23.92 24.02 49.61
CHB CLA OA . 28.24 26.37 49.44
CHC CLA OA . 30.13 22.27 47.64
CHD CLA OA . 25.92 19.95 47.76
NA CLA OA . 26.20 25.01 49.45
C1A CLA OA . 24.92 25.14 49.79
C2A CLA OA . 24.62 26.50 50.35
C3A CLA OA . 25.96 27.22 50.24
C4A CLA OA . 26.87 26.16 49.69
CMA CLA OA . 25.94 28.56 49.52
CAA CLA OA . 24.13 26.44 51.79
CBA CLA OA . 24.72 25.31 52.65
CGA CLA OA . 26.18 25.52 52.97
O1A CLA OA . 26.51 26.47 53.66
O2A CLA OA . 27.06 24.66 52.49
NB CLA OA . 28.89 24.17 48.56
C1B CLA OA . 29.18 25.45 48.92
C2B CLA OA . 30.58 25.72 48.68
C3B CLA OA . 31.09 24.56 48.16
C4B CLA OA . 30.01 23.58 48.10
CMB CLA OA . 31.34 27.00 48.92
CAB CLA OA . 32.48 24.24 47.75
CBB CLA OA . 33.67 24.78 48.49
NC CLA OA . 27.90 21.38 47.87
C1C CLA OA . 29.17 21.25 47.52
C2C CLA OA . 29.46 19.90 46.98
C3C CLA OA . 28.28 19.23 47.03
C4C CLA OA . 27.29 20.16 47.59
CMC CLA OA . 30.79 19.39 46.49
CAC CLA OA . 28.12 17.79 46.58
CBC CLA OA . 26.90 17.08 47.10
ND CLA OA . 25.43 22.16 48.64
C1D CLA OA . 25.02 20.90 48.29
C2D CLA OA . 23.60 20.70 48.51
C3D CLA OA . 23.18 21.93 49.03
C4D CLA OA . 24.28 22.78 49.11
CMD CLA OA . 22.66 19.55 48.30
CAD CLA OA . 22.01 22.63 49.52
OBD CLA OA . 20.86 22.28 49.32
CBD CLA OA . 22.44 24.01 49.88
CGD CLA OA . 21.76 24.97 48.94
O1D CLA OA . 21.21 24.54 47.94
O2D CLA OA . 21.77 26.28 49.16
CED CLA OA . 21.83 27.08 47.98
C1 CLA OA . 28.45 24.63 52.94
C2 CLA OA . 29.36 25.80 52.64
C3 CLA OA . 30.71 25.75 52.79
C4 CLA OA . 31.53 26.95 52.46
C5 CLA OA . 31.49 24.54 53.26
C6 CLA OA . 32.38 24.94 54.45
C7 CLA OA . 32.68 23.73 55.33
C8 CLA OA . 33.85 23.93 56.30
C9 CLA OA . 33.96 25.37 56.81
C10 CLA OA . 35.16 23.49 55.63
C11 CLA OA . 35.46 22.01 55.85
C12 CLA OA . 35.87 21.31 54.56
C13 CLA OA . 36.59 20.00 54.86
C14 CLA OA . 38.10 20.22 54.90
C15 CLA OA . 36.22 18.92 53.82
C16 CLA OA . 34.96 18.15 54.24
C17 CLA OA . 34.83 16.80 53.52
C18 CLA OA . 34.36 16.90 52.07
C19 CLA OA . 34.33 15.51 51.45
C20 CLA OA . 33.00 17.55 51.92
HHB CLA OA . 28.64 27.31 49.80
HHC CLA OA . 30.54 22.37 46.63
HHD CLA OA . 25.52 19.64 46.79
H2A CLA OA . 23.88 27.03 49.72
H3A CLA OA . 26.30 27.44 51.26
HMA1 CLA OA . 25.34 29.25 50.07
HMA2 CLA OA . 25.51 28.42 48.56
HMA3 CLA OA . 26.92 28.91 49.42
HAA1 CLA OA . 23.04 26.33 51.79
HAA2 CLA OA . 24.34 27.40 52.28
HBA1 CLA OA . 24.58 24.34 52.17
HBA2 CLA OA . 24.16 25.28 53.59
HMB1 CLA OA . 30.68 27.76 49.19
HMB2 CLA OA . 31.86 27.26 48.04
HMB3 CLA OA . 32.04 26.85 49.71
HBB1 CLA OA . 34.49 24.11 48.70
HBB2 CLA OA . 33.88 25.84 48.43
HMC1 CLA OA . 31.46 20.20 46.36
HMC2 CLA OA . 30.65 18.89 45.56
HMC3 CLA OA . 31.19 18.71 47.20
HAC1 CLA OA . 29.00 17.24 46.91
HAC2 CLA OA . 28.12 17.76 45.48
HBC1 CLA OA . 26.02 17.51 46.68
HBC2 CLA OA . 26.86 17.16 48.16
HBC3 CLA OA . 26.95 16.06 46.83
HMD1 CLA OA . 23.14 18.65 48.56
HMD2 CLA OA . 22.38 19.52 47.27
HMD3 CLA OA . 21.80 19.68 48.90
HBD CLA OA . 22.21 24.25 50.92
HED1 CLA OA . 22.01 28.08 48.25
HED2 CLA OA . 20.90 27.02 47.47
HED3 CLA OA . 22.60 26.72 47.35
H11 CLA OA . 28.91 23.74 52.51
H12 CLA OA . 28.44 24.48 54.02
H2 CLA OA . 28.93 26.72 52.29
H41 CLA OA . 32.47 26.64 52.07
H42 CLA OA . 31.69 27.52 53.33
H43 CLA OA . 31.04 27.53 51.73
H51 CLA OA . 32.12 24.18 52.44
H52 CLA OA . 30.84 23.72 53.55
H61 CLA OA . 31.87 25.69 55.04
H62 CLA OA . 33.32 25.36 54.08
H71 CLA OA . 32.89 22.86 54.70
H72 CLA OA . 31.79 23.49 55.91
H8 CLA OA . 33.69 23.28 57.17
H91 CLA OA . 34.58 25.39 57.66
H92 CLA OA . 32.99 25.72 57.06
H93 CLA OA . 34.37 25.99 56.05
H101 CLA OA . 35.98 24.08 56.04
H102 CLA OA . 35.11 23.71 54.56
H111 CLA OA . 34.56 21.52 56.25
H112 CLA OA . 36.25 21.91 56.59
H121 CLA OA . 36.54 21.96 53.99
H122 CLA OA . 34.99 21.12 53.95
H13 CLA OA . 36.27 19.65 55.85
H141 CLA OA . 38.57 19.35 55.29
H142 CLA OA . 38.31 21.06 55.50
H143 CLA OA . 38.46 20.39 53.91
H151 CLA OA . 37.05 18.23 53.72
H152 CLA OA . 36.04 19.40 52.85
H161 CLA OA . 34.08 18.77 54.06
H162 CLA OA . 35.01 17.95 55.31
H171 CLA OA . 34.12 16.18 54.08
H172 CLA OA . 35.80 16.29 53.55
H18 CLA OA . 35.10 17.50 51.52
H191 CLA OA . 34.02 15.57 50.44
H192 CLA OA . 33.63 14.90 51.98
H193 CLA OA . 35.28 15.07 51.50
H201 CLA OA . 32.65 17.41 50.94
H202 CLA OA . 33.08 18.59 52.12
H203 CLA OA . 32.32 17.11 52.61
HHC2 CLA OA . 30.95 21.84 48.22
HHD2 CLA OA . 25.82 19.08 48.42
MG CLA PA . 38.97 34.74 42.65
CHA CLA PA . 36.49 34.07 44.95
CHB CLA PA . 38.63 38.15 43.20
CHC CLA PA . 41.44 35.26 40.48
CHD CLA PA . 39.33 31.25 42.11
NA CLA PA . 37.70 36.01 43.95
C1A CLA PA . 36.77 35.55 44.77
C2A CLA PA . 36.09 36.66 45.53
C3A CLA PA . 36.76 37.92 44.95
C4A CLA PA . 37.76 37.35 43.98
CMA CLA PA . 35.91 39.12 44.55
CAA CLA PA . 36.36 36.45 47.02
CBA CLA PA . 37.08 37.59 47.75
CGA CLA PA . 37.83 37.01 48.93
O1A CLA PA . 37.25 36.81 49.98
O2A CLA PA . 39.10 36.70 48.76
NB CLA PA . 39.89 36.42 41.97
C1B CLA PA . 39.61 37.74 42.27
C2B CLA PA . 40.48 38.60 41.51
C3B CLA PA . 41.26 37.77 40.75
C4B CLA PA . 40.87 36.40 41.06
CMB CLA PA . 40.50 40.11 41.55
CAB CLA PA . 42.32 38.12 39.79
CBB CLA PA . 43.33 39.19 40.08
NC CLA PA . 40.21 33.47 41.53
C1C CLA PA . 41.14 33.89 40.69
C2C CLA PA . 41.82 32.79 39.98
C3C CLA PA . 41.22 31.66 40.47
C4C CLA PA . 40.22 32.09 41.43
CMC CLA PA . 42.92 32.88 38.97
CAC CLA PA . 41.56 30.24 40.09
CBC CLA PA . 40.88 29.88 38.78
ND CLA PA . 38.19 33.04 43.29
C1D CLA PA . 38.37 31.72 43.04
C2D CLA PA . 37.44 30.89 43.80
C3D CLA PA . 36.72 31.82 44.54
C4D CLA PA . 37.17 33.10 44.23
CMD CLA PA . 37.19 29.41 43.89
CAD CLA PA . 35.65 31.94 45.52
OBD CLA PA . 35.14 31.00 46.12
CBD CLA PA . 35.51 33.38 45.88
CGD CLA PA . 34.09 33.85 45.69
O1D CLA PA . 33.46 33.54 44.69
O2D CLA PA . 33.52 34.60 46.61
CED CLA PA . 33.21 33.94 47.85
C1 CLA PA . 40.19 37.62 49.13
C2 CLA PA . 40.17 39.06 48.68
C3 CLA PA . 40.39 39.42 47.39
C4 CLA PA . 40.38 40.86 47.00
C5 CLA PA . 40.61 38.42 46.28
C6 CLA PA . 42.10 38.18 46.03
C7 CLA PA . 42.46 36.69 46.07
C8 CLA PA . 41.70 35.88 45.02
C9 CLA PA . 40.84 34.81 45.68
C10 CLA PA . 42.66 35.30 43.98
C11 CLA PA . 43.38 34.02 44.40
C12 CLA PA . 44.16 33.42 43.23
C13 CLA PA . 45.00 32.23 43.65
C14 CLA PA . 46.38 32.69 44.13
C15 CLA PA . 45.10 31.22 42.51
C16 CLA PA . 46.04 31.62 41.37
C17 CLA PA . 46.01 30.57 40.27
C18 CLA PA . 46.88 30.90 39.05
C19 CLA PA . 46.27 32.01 38.20
C20 CLA PA . 48.31 31.26 39.45
HHB CLA PA . 38.57 39.22 43.37
HHC CLA PA . 41.36 35.41 39.40
HHD CLA PA . 38.79 30.69 41.35
H2A CLA PA . 35.01 36.67 45.32
HMA1 CLA PA . 35.26 39.37 45.35
HMA2 CLA PA . 35.33 38.88 43.70
HMA3 CLA PA . 36.54 39.94 44.33
HAA1 CLA PA . 36.96 35.54 47.13
HAA2 CLA PA . 35.40 36.26 47.52
HBA1 CLA PA . 36.35 38.32 48.11
HBA2 CLA PA . 37.80 38.10 47.12
HMB1 CLA PA . 39.53 40.47 41.72
HMB2 CLA PA . 40.85 40.47 40.61
HMB3 CLA PA . 41.15 40.44 42.32
HBB1 CLA PA . 44.32 39.10 39.66
HBB2 CLA PA . 42.99 40.16 40.41
HMC1 CLA PA . 43.10 33.91 38.74
HMC2 CLA PA . 42.65 32.37 38.09
HMC3 CLA PA . 43.81 32.46 39.36
HAC1 CLA PA . 41.22 29.55 40.87
HAC2 CLA PA . 42.64 30.12 39.98
HBC1 CLA PA . 41.34 29.02 38.37
HBC2 CLA PA . 40.96 30.69 38.11
HBC3 CLA PA . 39.86 29.68 38.97
HMD1 CLA PA . 37.14 29.00 42.92
HMD2 CLA PA . 36.28 29.24 44.39
HMD3 CLA PA . 37.98 28.95 44.43
HBD CLA PA . 35.80 33.55 46.92
HED1 CLA PA . 32.41 34.43 48.33
HED2 CLA PA . 34.07 33.97 48.48
HED3 CLA PA . 32.96 32.93 47.66
H11 CLA PA . 41.13 37.18 48.78
H12 CLA PA . 40.25 37.63 50.22
H2 CLA PA . 40.02 39.84 49.41
H41 CLA PA . 40.99 41.00 46.14
H42 CLA PA . 40.75 41.45 47.79
H43 CLA PA . 39.39 41.16 46.77
H51 CLA PA . 40.17 38.82 45.37
H52 CLA PA . 40.11 37.48 46.51
H61 CLA PA . 42.69 38.71 46.78
H62 CLA PA . 42.37 38.58 45.05
H71 CLA PA . 42.23 36.29 47.06
H72 CLA PA . 43.53 36.57 45.91
H8 CLA PA . 41.02 36.56 44.49
H91 CLA PA . 40.49 34.13 44.95
H92 CLA PA . 40.01 35.26 46.16
H93 CLA PA . 41.42 34.29 46.40
H101 CLA PA . 43.40 36.05 43.71
H102 CLA PA . 42.10 35.07 43.08
H111 CLA PA . 42.67 33.27 44.76
H112 CLA PA . 44.08 34.24 45.22
H121 CLA PA . 44.80 34.20 42.80
H122 CLA PA . 43.44 33.12 42.45
H13 CLA PA . 44.49 31.74 44.49
H141 CLA PA . 47.00 31.83 44.25
H142 CLA PA . 46.27 33.19 45.06
H143 CLA PA . 46.81 33.34 43.42
H151 CLA PA . 44.11 31.03 42.10
H152 CLA PA . 45.47 30.27 42.92
H161 CLA PA . 47.07 31.73 41.75
H162 CLA PA . 45.72 32.59 40.98
H171 CLA PA . 44.98 30.44 39.93
H172 CLA PA . 46.33 29.62 40.68
H18 CLA PA . 46.93 30.00 38.43
H191 CLA PA . 46.92 32.23 37.39
H192 CLA PA . 46.13 32.88 38.80
H193 CLA PA . 45.33 31.68 37.82
H201 CLA PA . 48.94 31.20 38.60
H202 CLA PA . 48.65 30.59 40.19
H203 CLA PA . 48.33 32.24 39.84
HHC2 CLA PA . 42.51 35.35 40.69
HHD2 CLA PA . 39.94 30.51 42.64
MG CLA QA . 39.03 26.93 47.84
CHA CLA QA . 36.77 28.66 49.77
CHB CLA QA . 40.19 29.89 46.45
CHC CLA QA . 41.16 25.14 46.00
CHD CLA QA . 37.91 23.92 49.36
NA CLA QA . 38.55 29.08 48.08
C1A CLA QA . 37.63 29.57 48.92
C2A CLA QA . 37.58 31.07 48.89
C3A CLA QA . 38.71 31.41 47.89
C4A CLA QA . 39.18 30.06 47.41
CMA CLA QA . 38.74 32.69 47.06
CAA CLA QA . 37.81 31.74 50.26
CBA CLA QA . 38.71 30.98 51.23
CGA CLA QA . 38.56 31.58 52.59
O1A CLA QA . 39.39 32.39 52.99
O2A CLA QA . 37.50 31.24 53.32
NB CLA QA . 40.44 27.43 46.45
C1B CLA QA . 40.75 28.68 45.97
C2B CLA QA . 41.78 28.57 44.98
C3B CLA QA . 42.04 27.23 44.85
C4B CLA QA . 41.19 26.52 45.81
CMB CLA QA . 42.44 29.66 44.17
CAB CLA QA . 43.04 26.63 43.94
CBB CLA QA . 42.82 25.31 43.22
NC CLA QA . 39.49 24.88 47.74
C1C CLA QA . 40.41 24.38 46.94
C2C CLA QA . 40.58 22.91 47.12
C3C CLA QA . 39.67 22.59 48.10
C4C CLA QA . 38.99 23.82 48.48
CMC CLA QA . 41.53 22.00 46.40
CAC CLA QA . 39.44 21.22 48.69
CBC CLA QA . 38.38 20.45 47.94
ND CLA QA . 37.71 26.34 49.18
C1D CLA QA . 37.34 25.16 49.75
C2D CLA QA . 36.30 25.34 50.77
C3D CLA QA . 36.09 26.71 50.76
C4D CLA QA . 36.93 27.29 49.81
CMD CLA QA . 35.55 24.40 51.68
CAD CLA QA . 35.31 27.76 51.39
OBD CLA QA . 34.75 27.67 52.47
CBD CLA QA . 35.65 29.05 50.71
CGD CLA QA . 34.47 29.57 49.93
O1D CLA QA . 33.77 28.80 49.29
O2D CLA QA . 34.18 30.86 49.93
CED CLA QA . 32.88 31.23 50.39
C1 CLA QA . 37.43 29.98 54.07
C2 CLA QA . 38.50 28.93 53.91
C3 CLA QA . 38.37 27.66 54.35
C4 CLA QA . 39.49 26.68 54.14
C5 CLA QA . 37.14 27.10 55.06
C6 CLA QA . 37.17 27.46 56.54
C7 CLA QA . 37.73 26.32 57.41
C8 CLA QA . 38.57 26.82 58.58
C9 CLA QA . 37.87 27.95 59.32
C10 CLA QA . 39.99 27.13 58.07
C11 CLA QA . 40.65 28.43 58.53
C12 CLA QA . 40.57 29.49 57.44
C13 CLA QA . 40.81 30.92 57.92
C14 CLA QA . 41.99 31.01 58.87
C15 CLA QA . 39.57 31.52 58.61
C16 CLA QA . 38.36 31.77 57.70
C17 CLA QA . 38.64 32.57 56.42
C18 CLA QA . 39.27 33.95 56.66
C19 CLA QA . 39.55 34.61 55.32
C20 CLA QA . 38.39 34.86 57.52
HHB CLA QA . 40.69 30.79 46.13
HHC CLA QA . 40.91 24.72 45.03
HHD CLA QA . 37.10 23.32 48.94
H2A CLA QA . 36.62 31.41 48.49
HMA1 CLA QA . 37.84 33.20 47.16
HMA2 CLA QA . 38.95 32.45 46.04
HMA3 CLA QA . 39.53 33.29 47.43
HAA1 CLA QA . 36.85 31.91 50.73
HAA2 CLA QA . 38.26 32.72 50.09
HBA1 CLA QA . 39.75 31.04 50.90
HBA2 CLA QA . 38.44 29.92 51.29
HMB1 CLA QA . 42.01 30.59 44.41
HMB2 CLA QA . 42.31 29.47 43.14
HMB3 CLA QA . 43.47 29.68 44.39
HBB1 CLA QA . 43.67 24.83 42.77
HBB2 CLA QA . 41.84 25.09 42.84
HMC1 CLA QA . 42.08 21.43 47.11
HMC2 CLA QA . 42.19 22.57 45.80
HMC3 CLA QA . 40.97 21.34 45.78
HAC1 CLA QA . 39.15 21.32 49.73
HAC2 CLA QA . 40.38 20.65 48.67
HBC1 CLA QA . 38.36 19.45 48.29
HBC2 CLA QA . 38.59 20.47 46.91
HBC3 CLA QA . 37.43 20.89 48.13
HMD1 CLA QA . 34.73 24.90 52.10
HMD2 CLA QA . 36.20 24.09 52.45
HMD3 CLA QA . 35.22 23.56 51.13
HBD CLA QA . 35.98 29.81 51.44
HED1 CLA QA . 32.82 32.28 50.48
HED2 CLA QA . 32.69 30.77 51.33
HED3 CLA QA . 32.15 30.90 49.69
H11 CLA QA . 36.48 29.51 53.80
H12 CLA QA . 37.36 30.22 55.13
H2 CLA QA . 39.42 29.20 53.43
H41 CLA QA . 39.35 25.84 54.78
H42 CLA QA . 40.40 27.16 54.38
H43 CLA QA . 39.50 26.37 53.13
H51 CLA QA . 37.11 26.02 54.93
H52 CLA QA . 36.23 27.52 54.61
H61 CLA QA . 36.16 27.69 56.87
H62 CLA QA . 37.78 28.35 56.68
H71 CLA QA . 38.32 25.64 56.79
H72 CLA QA . 36.88 25.74 57.81
H8 CLA QA . 38.67 25.98 59.29
H91 CLA QA . 38.29 28.05 60.29
H92 CLA QA . 36.84 27.72 59.41
H93 CLA QA . 37.98 28.86 58.79
H101 CLA QA . 39.97 27.12 56.98
H102 CLA QA . 40.64 26.30 58.38
H111 CLA QA . 41.71 28.23 58.73
H112 CLA QA . 40.22 28.80 59.47
H121 CLA QA . 39.59 29.44 56.95
H122 CLA QA . 41.32 29.27 56.68
H13 CLA QA . 41.04 31.55 57.05
H141 CLA QA . 42.31 32.01 58.96
H142 CLA QA . 42.80 30.43 58.48
H143 CLA QA . 41.73 30.63 59.82
H151 CLA QA . 39.86 32.47 59.07
H152 CLA QA . 39.27 30.85 59.41
H161 CLA QA . 37.61 32.30 58.28
H162 CLA QA . 37.93 30.81 57.42
H171 CLA QA . 37.69 32.71 55.90
H172 CLA QA . 39.29 31.99 55.77
H18 CLA QA . 40.23 33.81 57.18
H191 CLA QA . 39.85 35.62 55.48
H192 CLA QA . 38.69 34.59 54.72
H193 CLA QA . 40.33 34.09 54.82
H201 CLA QA . 38.81 35.82 57.54
H202 CLA QA . 38.34 34.46 58.50
H203 CLA QA . 37.42 34.90 57.10
HHC2 CLA QA . 42.20 24.85 46.18
HHD2 CLA QA . 38.21 23.41 50.27
MG CLA RA . 46.69 20.92 32.22
CHA CLA RA . 49.71 19.45 31.37
CHB CLA RA . 48.17 22.54 34.92
CHC CLA RA . 43.77 22.37 32.85
CHD CLA RA . 45.20 19.26 29.47
NA CLA RA . 48.73 21.01 33.06
C1A CLA RA . 49.80 20.35 32.60
C2A CLA RA . 51.02 20.59 33.45
C3A CLA RA . 50.50 21.56 34.53
C4A CLA RA . 49.06 21.73 34.17
CMA CLA RA . 50.91 21.32 35.98
CAA CLA RA . 52.21 21.16 32.64
CBA CLA RA . 52.24 22.68 32.44
CGA CLA RA . 51.42 23.09 31.24
O1A CLA RA . 50.21 22.94 31.26
O2A CLA RA . 52.04 23.59 30.19
NB CLA RA . 46.08 22.24 33.63
C1B CLA RA . 46.80 22.77 34.67
C2B CLA RA . 45.94 23.63 35.46
C3B CLA RA . 44.72 23.57 34.87
C4B CLA RA . 44.81 22.69 33.72
CMB CLA RA . 46.32 24.42 36.68
CAB CLA RA . 43.46 24.25 35.28
CBB CLA RA . 42.99 24.22 36.71
NC CLA RA . 44.81 20.87 31.28
C1C CLA RA . 43.75 21.53 31.71
C2C CLA RA . 42.55 21.29 30.87
C3C CLA RA . 42.99 20.42 29.90
C4C CLA RA . 44.39 20.17 30.18
CMC CLA RA . 41.18 21.88 31.07
CAC CLA RA . 42.20 19.84 28.75
CBC CLA RA . 40.94 19.13 29.22
ND CLA RA . 47.21 19.70 30.76
C1D CLA RA . 46.57 19.08 29.73
C2D CLA RA . 47.45 18.19 28.99
C3D CLA RA . 48.68 18.35 29.63
C4D CLA RA . 48.51 19.26 30.68
CMD CLA RA . 47.27 17.27 27.80
CAD CLA RA . 50.05 17.90 29.60
OBD CLA RA . 50.57 17.28 28.69
CBD CLA RA . 50.78 18.64 30.68
CGD CLA RA . 51.43 17.67 31.62
O1D CLA RA . 50.87 16.62 31.92
O2D CLA RA . 52.62 17.94 32.12
CED CLA RA . 53.74 17.39 31.41
C1 CLA RA . 52.50 24.99 30.14
C2 CLA RA . 51.48 26.11 30.04
C3 CLA RA . 51.45 26.99 29.02
C4 CLA RA . 52.38 26.95 27.84
C5 CLA RA . 50.41 28.10 29.00
C6 CLA RA . 50.92 29.34 29.71
C7 CLA RA . 49.97 30.54 29.56
C8 CLA RA . 48.67 30.38 30.34
C9 CLA RA . 47.60 31.30 29.77
C10 CLA RA . 48.88 30.68 31.82
C11 CLA RA . 48.36 29.56 32.71
C12 CLA RA . 49.39 28.46 32.86
C13 CLA RA . 49.04 27.50 34.00
C14 CLA RA . 49.51 28.05 35.34
C15 CLA RA . 49.62 26.11 33.75
C16 CLA RA . 51.14 26.10 33.57
C17 CLA RA . 51.87 25.64 34.84
C18 CLA RA . 53.35 25.43 34.56
C19 CLA RA . 54.10 26.76 34.50
C20 CLA RA . 53.97 24.52 35.61
HHB CLA RA . 48.60 23.05 35.75
HHC CLA RA . 42.97 21.98 33.49
HHD CLA RA . 44.72 18.28 29.57
H2A CLA RA . 51.33 19.65 33.92
HMA1 CLA RA . 51.96 21.24 36.05
HMA2 CLA RA . 50.47 20.42 36.34
HMA3 CLA RA . 50.59 22.14 36.57
HAA1 CLA RA . 52.24 20.68 31.66
HAA2 CLA RA . 53.13 20.87 33.16
HBA1 CLA RA . 53.28 22.97 32.27
HBA2 CLA RA . 51.91 23.21 33.33
HMB1 CLA RA . 45.62 25.21 36.82
HMB2 CLA RA . 47.29 24.82 36.56
HMB3 CLA RA . 46.30 23.78 37.54
HBB1 CLA RA . 42.54 25.10 37.12
HBB2 CLA RA . 42.69 23.26 37.12
HMC1 CLA RA . 41.28 22.85 31.48
HMC2 CLA RA . 40.61 21.27 31.72
HMC3 CLA RA . 40.70 21.96 30.14
HAC1 CLA RA . 42.83 19.12 28.21
HAC2 CLA RA . 41.95 20.63 28.04
HBC1 CLA RA . 40.45 18.71 28.38
HBC2 CLA RA . 40.30 19.82 29.69
HBC3 CLA RA . 41.20 18.37 29.90
HMD1 CLA RA . 46.37 17.53 27.29
HMD2 CLA RA . 47.21 16.28 28.14
HMD3 CLA RA . 48.08 17.38 27.14
HBD CLA RA . 51.55 19.30 30.23
HED1 CLA RA . 54.63 17.85 31.76
HED2 CLA RA . 53.62 17.58 30.38
HED3 CLA RA . 53.79 16.35 31.58
H11 CLA RA . 53.20 25.07 29.31
H12 CLA RA . 53.08 25.17 31.04
H2 CLA RA . 50.77 26.23 30.83
H41 CLA RA . 52.05 27.63 27.10
H42 CLA RA . 52.41 25.98 27.44
H43 CLA RA . 53.36 27.23 28.16
H51 CLA RA . 49.50 27.73 29.48
H52 CLA RA . 50.16 28.35 27.96
H61 CLA RA . 51.90 29.60 29.31
H62 CLA RA . 51.05 29.12 30.77
H71 CLA RA . 49.74 30.67 28.49
H72 CLA RA . 50.49 31.44 29.89
H8 CLA RA . 48.32 29.35 30.25
H91 CLA RA . 46.70 31.16 30.30
H92 CLA RA . 47.44 31.07 28.75
H93 CLA RA . 47.91 32.30 29.86
H101 CLA RA . 48.37 31.61 32.07
H102 CLA RA . 49.94 30.84 32.01
H111 CLA RA . 47.43 29.15 32.28
H112 CLA RA . 48.11 29.97 33.70
H121 CLA RA . 50.37 28.90 33.05
H122 CLA RA . 49.45 27.89 31.93
H13 CLA RA . 47.95 27.41 34.04
H141 CLA RA . 49.41 27.31 36.08
H142 CLA RA . 48.91 28.89 35.61
H143 CLA RA . 50.52 28.35 35.27
H151 CLA RA . 49.17 25.70 32.85
H152 CLA RA . 49.36 25.46 34.57
H161 CLA RA . 51.51 27.09 33.29
H162 CLA RA . 51.40 25.41 32.77
H171 CLA RA . 51.43 24.70 35.19
H172 CLA RA . 51.74 26.39 35.62
H18 CLA RA . 53.45 24.95 33.58
H191 CLA RA . 55.13 26.58 34.48
H192 CLA RA . 53.86 27.34 35.36
H193 CLA RA . 53.80 27.29 33.63
H201 CLA RA . 55.03 24.50 35.49
H202 CLA RA . 53.59 23.53 35.48
H203 CLA RA . 53.73 24.86 36.58
HHC2 CLA RA . 43.39 23.33 32.49
HHD2 CLA RA . 45.11 19.52 28.41
MG CLA SA . 38.73 15.14 25.29
CHA CLA SA . 41.45 13.21 24.40
CHB CLA SA . 40.31 17.99 24.09
CHC CLA SA . 36.02 16.88 26.13
CHD CLA SA . 37.12 12.20 26.48
NA CLA SA . 40.68 15.58 24.34
C1A CLA SA . 41.62 14.69 24.08
C2A CLA SA . 42.83 15.32 23.44
C3A CLA SA . 42.45 16.81 23.37
C4A CLA SA . 41.07 16.81 23.95
CMA CLA SA . 43.45 17.83 23.88
CAA CLA SA . 43.05 14.75 22.05
CBA CLA SA . 44.35 15.23 21.42
CGA CLA SA . 44.35 14.78 19.98
O1A CLA SA . 44.71 13.66 19.69
O2A CLA SA . 43.95 15.66 19.08
NB CLA SA . 38.24 17.11 25.13
C1B CLA SA . 39.01 18.13 24.63
C2B CLA SA . 38.28 19.36 24.72
C3B CLA SA . 37.08 19.05 25.29
C4B CLA SA . 37.07 17.61 25.55
CMB CLA SA . 38.73 20.73 24.28
CAB CLA SA . 35.99 20.01 25.59
CBB CLA SA . 34.55 19.72 25.25
NC CLA SA . 36.88 14.62 26.13
C1C CLA SA . 35.92 15.49 26.39
C2C CLA SA . 34.72 14.86 26.98
C3C CLA SA . 35.03 13.53 27.07
C4C CLA SA . 36.38 13.39 26.53
CMC CLA SA . 33.44 15.54 27.39
CAC CLA SA . 34.15 12.42 27.58
CBC CLA SA . 33.76 12.62 29.03
ND CLA SA . 39.09 13.20 25.45
C1D CLA SA . 38.41 12.11 25.91
C2D CLA SA . 39.19 10.89 25.77
C3D CLA SA . 40.38 11.34 25.17
C4D CLA SA . 40.30 12.71 25.00
CMD CLA SA . 38.96 9.44 26.09
CAD CLA SA . 41.65 10.86 24.68
OBD CLA SA . 41.91 9.71 24.39
CBD CLA SA . 42.42 12.06 24.20
CGD CLA SA . 43.65 12.23 25.05
O1D CLA SA . 44.66 11.60 24.80
O2D CLA SA . 43.63 13.06 26.09
CED CLA SA . 44.88 13.68 26.43
C1 CLA SA . 42.61 15.61 18.49
C2 CLA SA . 42.50 16.08 17.06
C3 CLA SA . 41.38 16.55 16.48
C4 CLA SA . 41.48 16.97 15.04
C5 CLA SA . 40.02 16.71 17.13
C6 CLA SA . 38.92 16.00 16.33
C7 CLA SA . 37.54 16.61 16.59
C8 CLA SA . 36.59 16.50 15.40
C9 CLA SA . 36.38 15.05 14.97
C10 CLA SA . 37.07 17.35 14.22
C11 CLA SA . 35.89 17.85 13.38
C12 CLA SA . 36.26 19.05 12.51
C13 CLA SA . 35.09 19.47 11.62
C14 CLA SA . 35.58 19.98 10.26
C15 CLA SA . 34.26 20.53 12.34
C16 CLA SA . 32.91 20.76 11.68
C17 CLA SA . 32.00 19.53 11.77
C18 CLA SA . 30.52 19.91 11.72
C19 CLA SA . 30.17 20.58 10.40
C20 CLA SA . 29.64 18.70 11.95
HHB CLA SA . 40.70 18.86 23.59
HHC CLA SA . 35.82 17.37 27.09
HHD CLA SA . 37.20 11.83 27.50
H2A CLA SA . 43.73 15.19 24.06
H3A CLA SA . 42.32 17.04 22.30
HMA1 CLA SA . 44.40 17.62 23.48
HMA2 CLA SA . 43.48 17.80 24.93
HMA3 CLA SA . 43.14 18.80 23.57
HAA1 CLA SA . 42.22 15.04 21.39
HAA2 CLA SA . 43.07 13.66 22.09
HBA1 CLA SA . 45.20 14.81 21.95
HBA2 CLA SA . 44.41 16.32 21.47
HMB1 CLA SA . 38.53 20.85 23.25
HMB2 CLA SA . 39.78 20.84 24.46
HMB3 CLA SA . 38.20 21.47 24.82
HBB1 CLA SA . 33.94 20.53 24.86
HBB2 CLA SA . 34.03 18.95 25.79
HMC1 CLA SA . 33.27 16.37 26.76
HMC2 CLA SA . 33.51 15.86 28.40
HMC3 CLA SA . 32.64 14.86 27.29
HAC1 CLA SA . 34.67 11.46 27.49
HAC2 CLA SA . 33.24 12.37 26.97
HBC1 CLA SA . 32.71 12.54 29.12
HBC2 CLA SA . 34.07 13.57 29.37
HBC3 CLA SA . 34.21 11.87 29.63
HMD1 CLA SA . 38.21 9.36 26.84
HMD2 CLA SA . 39.85 9.01 26.44
HMD3 CLA SA . 38.63 8.93 25.22
HBD CLA SA . 42.68 11.94 23.15
HED1 CLA SA . 44.70 14.48 27.08
HED2 CLA SA . 45.35 14.01 25.55
HED3 CLA SA . 45.49 12.96 26.92
H11 CLA SA . 41.95 16.24 19.12
H12 CLA SA . 42.23 14.59 18.57
H2 CLA SA . 43.39 16.03 16.46
H41 CLA SA . 40.80 17.77 14.87
H42 CLA SA . 41.24 16.16 14.42
H43 CLA SA . 42.46 17.30 14.85
H51 CLA SA . 39.79 17.78 17.20
H52 CLA SA . 40.04 16.31 18.14
H61 CLA SA . 38.91 14.95 16.62
H62 CLA SA . 39.14 16.04 15.26
H71 CLA SA . 37.66 17.66 16.85
H72 CLA SA . 37.09 16.10 17.44
H8 CLA SA . 35.61 16.89 15.72
H91 CLA SA . 35.65 15.02 14.20
H92 CLA SA . 36.03 14.49 15.80
H93 CLA SA . 37.29 14.64 14.61
H101 CLA SA . 37.72 16.76 13.58
H102 CLA SA . 37.64 18.20 14.59
H111 CLA SA . 35.07 18.14 14.04
H112 CLA SA . 35.53 17.05 12.74
H121 CLA SA . 37.13 18.80 11.90
H122 CLA SA . 36.54 19.90 13.16
H13 CLA SA . 34.48 18.59 11.45
H141 CLA SA . 34.79 19.95 9.57
H142 CLA SA . 36.37 19.38 9.91
H143 CLA SA . 35.91 20.99 10.36
H151 CLA SA . 34.81 21.47 12.35
H152 CLA SA . 34.12 20.22 13.38
H161 CLA SA . 33.04 21.02 10.63
H162 CLA SA . 32.41 21.59 12.17
H171 CLA SA . 32.20 19.00 12.71
H172 CLA SA . 32.23 18.85 10.95
H18 CLA SA . 30.33 20.63 12.52
H191 CLA SA . 29.12 20.73 10.35
H192 CLA SA . 30.47 19.96 9.60
H193 CLA SA . 30.66 21.51 10.32
H201 CLA SA . 28.62 19.00 11.98
H202 CLA SA . 29.89 18.25 12.88
H203 CLA SA . 29.78 18.00 11.17
HHC2 CLA SA . 35.15 17.11 25.50
HHD2 CLA SA . 36.50 11.48 25.95
MG CLA TA . 41.56 9.35 53.27
CHA CLA TA . 44.49 7.74 54.12
CHB CLA TA . 39.69 6.57 54.17
CHC CLA TA . 38.82 11.05 52.46
CHD CLA TA . 43.49 12.21 52.37
NA CLA TA . 42.02 7.35 54.08
C1A CLA TA . 43.25 6.90 54.34
C2A CLA TA . 43.22 5.48 54.86
C3A CLA TA . 41.72 5.15 54.86
C4A CLA TA . 41.08 6.42 54.34
CMA CLA TA . 41.27 3.80 54.31
CAA CLA TA . 43.78 5.34 56.28
CBA CLA TA . 43.39 6.50 57.20
CGA CLA TA . 44.05 6.28 58.54
O1A CLA TA . 43.50 5.58 59.38
O2A CLA TA . 45.21 6.86 58.77
NB CLA TA . 39.59 8.89 53.32
C1B CLA TA . 39.00 7.71 53.71
C2B CLA TA . 37.55 7.84 53.56
C3B CLA TA . 37.34 9.09 53.07
C4B CLA TA . 38.64 9.74 52.93
CMB CLA TA . 36.49 6.82 53.85
CAB CLA TA . 36.05 9.73 52.75
CBB CLA TA . 35.08 10.09 53.84
NC CLA TA . 41.21 11.32 52.62
C1C CLA TA . 40.01 11.79 52.29
C2C CLA TA . 40.07 13.17 51.73
C3C CLA TA . 41.39 13.49 51.74
C4C CLA TA . 42.11 12.33 52.29
CMC CLA TA . 38.91 14.00 51.25
CAC CLA TA . 42.04 14.77 51.27
CBC CLA TA . 42.41 14.67 49.82
ND CLA TA . 43.46 9.91 53.17
C1D CLA TA . 44.14 11.06 52.88
C2D CLA TA . 45.57 10.93 53.13
C3D CLA TA . 45.69 9.64 53.62
C4D CLA TA . 44.43 9.04 53.65
CMD CLA TA . 46.74 11.87 53.00
CAD CLA TA . 46.67 8.69 54.12
OBD CLA TA . 47.74 9.00 54.62
CBD CLA TA . 45.96 7.40 54.35
CGD CLA TA . 46.48 6.41 53.35
O1D CLA TA . 47.45 6.69 52.66
O2D CLA TA . 45.93 5.20 53.23
CED CLA TA . 46.81 4.10 53.39
C1 CLA TA . 45.30 8.11 59.53
C2 CLA TA . 44.24 9.17 59.37
C3 CLA TA . 44.18 9.99 58.29
C4 CLA TA . 43.11 11.03 58.21
C5 CLA TA . 45.13 9.92 57.11
C6 CLA TA . 46.15 11.06 57.14
C7 CLA TA . 47.46 10.61 57.76
C8 CLA TA . 48.58 11.63 57.54
C9 CLA TA . 49.29 11.41 56.21
C10 CLA TA . 49.55 11.61 58.73
C11 CLA TA . 50.44 10.37 58.79
C12 CLA TA . 50.38 9.68 60.16
C13 CLA TA . 49.31 8.60 60.20
C14 CLA TA . 48.61 8.61 61.56
C15 CLA TA . 49.92 7.23 59.89
C16 CLA TA . 48.92 6.29 59.23
C17 CLA TA . 48.64 6.69 57.78
C18 CLA TA . 48.47 5.49 56.84
C19 CLA TA . 49.81 4.84 56.50
C20 CLA TA . 47.50 4.44 57.39
HHB CLA TA . 39.09 5.75 54.51
HHC CLA TA . 38.33 11.06 51.49
HHD CLA TA . 43.88 12.34 51.35
H2A CLA TA . 43.75 4.80 54.17
HMA1 CLA TA . 41.83 3.03 54.77
HMA2 CLA TA . 41.44 3.78 53.26
HMA3 CLA TA . 40.24 3.65 54.50
HAA1 CLA TA . 44.87 5.27 56.23
HAA2 CLA TA . 43.41 4.41 56.71
HBA1 CLA TA . 42.31 6.53 57.32
HBA2 CLA TA . 43.73 7.45 56.80
HMB1 CLA TA . 36.93 5.87 54.06
HMB2 CLA TA . 35.84 6.73 53.02
HMB3 CLA TA . 35.93 7.13 54.70
HBB1 CLA TA . 34.23 10.72 53.61
HBB2 CLA TA . 35.19 9.69 54.83
HMC1 CLA TA . 38.01 13.66 51.71
HMC2 CLA TA . 38.82 13.93 50.20
HMC3 CLA TA . 39.08 15.01 51.53
HAC1 CLA TA . 42.93 14.97 51.87
HAC2 CLA TA . 41.33 15.60 51.41
HBC1 CLA TA . 42.82 15.59 49.49
HBC2 CLA TA . 41.56 14.44 49.24
HBC3 CLA TA . 43.14 13.91 49.68
HMD1 CLA TA . 46.61 12.47 52.13
HMD2 CLA TA . 47.63 11.30 52.92
HMD3 CLA TA . 46.79 12.50 53.85
HBD CLA TA . 46.12 7.03 55.37
HED1 CLA TA . 46.27 3.26 53.75
HED2 CLA TA . 47.59 4.36 54.08
HED3 CLA TA . 47.26 3.85 52.46
H11 CLA TA . 46.27 8.56 59.32
H12 CLA TA . 45.32 7.84 60.59
H2 CLA TA . 43.52 9.31 60.15
H41 CLA TA . 43.24 11.62 57.35
H42 CLA TA . 43.15 11.65 59.07
H43 CLA TA . 42.16 10.54 58.17
H51 CLA TA . 44.54 10.02 56.20
H52 CLA TA . 45.63 8.97 57.07
H61 CLA TA . 45.74 11.90 57.71
H62 CLA TA . 46.33 11.41 56.11
H71 CLA TA . 47.76 9.65 57.35
H72 CLA TA . 47.30 10.48 58.84
H8 CLA TA . 48.12 12.63 57.51
H91 CLA TA . 50.16 12.02 56.17
H92 CLA TA . 48.64 11.68 55.41
H93 CLA TA . 49.56 10.39 56.10
H101 CLA TA . 48.98 11.70 59.65
H102 CLA TA . 50.18 12.50 58.67
H111 CLA TA . 51.47 10.67 58.59
H112 CLA TA . 50.15 9.66 58.02
H121 CLA TA . 50.20 10.42 60.94
H122 CLA TA . 51.36 9.23 60.36
H13 CLA TA . 48.56 8.82 59.43
H141 CLA TA . 47.91 7.82 61.60
H142 CLA TA . 48.13 9.54 61.70
H143 CLA TA . 49.34 8.47 62.33
H151 CLA TA . 50.28 6.78 60.83
H152 CLA TA . 50.78 7.36 59.24
H161 CLA TA . 47.99 6.30 59.80
H162 CLA TA . 49.31 5.26 59.27
H171 CLA TA . 49.45 7.31 57.42
H172 CLA TA . 47.72 7.29 57.75
H18 CLA TA . 48.05 5.87 55.90
H191 CLA TA . 49.64 3.97 55.93
H192 CLA TA . 50.33 4.60 57.38
H193 CLA TA . 50.39 5.52 55.92
H201 CLA TA . 47.12 3.87 56.58
H202 CLA TA . 46.70 4.92 57.89
H203 CLA TA . 48.01 3.81 58.07
HHC2 CLA TA . 38.19 11.68 53.09
HHD2 CLA TA . 43.85 13.05 52.94
C6 C7Z UA . 27.96 20.72 53.66
C17 C7Z UA . 27.53 19.00 55.36
C4 C7Z UA . 25.90 22.25 53.90
C3 C7Z UA . 26.71 22.61 55.31
O3 C7Z UA . 25.85 23.40 56.14
C2 C7Z UA . 27.09 21.49 55.99
C1 C7Z UA . 28.01 20.46 55.09
C5 C7Z UA . 26.62 21.34 53.06
C18 C7Z UA . 26.48 21.47 51.52
C16 C7Z UA . 29.50 20.59 55.57
O23 C7Z UA . 48.05 19.16 38.83
C26 C7Z UA . 45.72 21.08 39.60
C7 C7Z UA . 28.93 19.95 52.70
C8 C7Z UA . 29.57 20.65 51.73
C9 C7Z UA . 30.54 19.98 50.73
C19 C7Z UA . 30.21 18.62 50.11
C10 C7Z UA . 31.65 20.62 50.40
C11 C7Z UA . 32.69 20.04 49.39
C12 C7Z UA . 33.45 20.94 48.74
C13 C7Z UA . 34.55 20.56 47.67
C20 C7Z UA . 35.05 19.09 47.53
C14 C7Z UA . 35.03 21.52 46.88
C15 C7Z UA . 36.12 21.27 45.81
C35 C7Z UA . 36.80 22.35 45.37
C34 C7Z UA . 37.93 22.27 44.32
C33 C7Z UA . 38.47 23.43 43.93
C40 C7Z UA . 37.96 24.76 44.53
C32 C7Z UA . 39.64 23.47 42.89
C31 C7Z UA . 40.10 22.36 42.33
C30 C7Z UA . 41.27 22.44 41.30
C29 C7Z UA . 42.51 22.10 41.72
C39 C7Z UA . 42.72 21.64 43.16
C28 C7Z UA . 43.73 22.16 40.73
C27 C7Z UA . 44.48 21.07 40.58
C21 C7Z UA . 47.04 21.61 40.08
C36 C7Z UA . 47.40 20.92 41.42
C37 C7Z UA . 46.87 23.13 40.33
C22 C7Z UA . 48.31 21.41 39.02
C23 C7Z UA . 48.13 20.39 38.13
C24 C7Z UA . 46.68 20.62 37.22
C25 C7Z UA . 45.52 20.66 38.06
C38 C7Z UA . 44.12 20.88 37.40
C6 C7Z VA . 34.57 9.39 38.61
C17 C7Z VA . 33.27 7.45 37.85
C4 C7Z VA . 36.39 8.94 40.41
C3 C7Z VA . 36.72 7.63 39.44
O3 C7Z VA . 37.45 6.67 40.21
C2 C7Z VA . 35.60 7.03 38.95
C1 C7Z VA . 34.68 8.06 38.03
C5 C7Z VA . 35.14 9.59 40.09
C18 C7Z VA . 34.65 10.77 40.95
C16 C7Z VA . 35.36 8.18 36.63
O23 C7Z VA . 28.56 31.32 26.03
C26 C7Z VA . 31.02 28.60 28.06
C7 C7Z VA . 33.51 10.39 38.02
C8 C7Z VA . 33.71 11.74 38.07
C9 C7Z VA . 32.67 12.71 37.48
C19 C7Z VA . 31.19 12.30 37.43
C10 C7Z VA . 33.04 13.91 37.03
C11 C7Z VA . 32.00 14.91 36.44
C12 C7Z VA . 32.40 15.96 35.67
C13 C7Z VA . 31.32 16.95 35.08
C20 C7Z VA . 29.81 16.62 35.26
C14 C7Z VA . 31.68 18.06 34.41
C15 C7Z VA . 33.18 18.41 34.21
C35 C7Z VA . 33.59 19.49 33.53
C34 C7Z VA . 32.66 20.53 32.84
C33 C7Z VA . 33.27 21.56 32.21
C40 C7Z VA . 34.81 21.63 32.24
C32 C7Z VA . 32.48 22.69 31.47
C31 C7Z VA . 33.21 23.65 30.88
C30 C7Z VA . 32.59 24.87 30.11
C29 C7Z VA . 33.41 25.85 29.69
C39 C7Z VA . 34.90 25.75 29.99
C28 C7Z VA . 32.87 27.11 28.94
C27 C7Z VA . 31.55 27.32 28.82
C21 C7Z VA . 31.41 28.95 26.67
C36 C7Z VA . 31.77 27.68 25.88
C37 C7Z VA . 32.66 29.88 26.73
C22 C7Z VA . 30.20 29.76 25.88
C23 C7Z VA . 29.84 30.94 26.49
C24 C7Z VA . 29.80 30.90 28.22
C25 C7Z VA . 30.07 29.64 28.85
C38 C7Z VA . 30.08 29.59 30.41
C1 RRX WA . 23.68 13.91 41.80
C2 RRX WA . 22.82 15.30 41.53
O2 RRX WA . 35.08 -7.33 51.58
C3 RRX WA . 23.14 16.32 42.37
C40 RRX WA . 32.91 -3.85 49.05
C30 RRX WA . 32.79 -4.54 50.44
C39 RRX WA . 31.43 -5.26 50.53
C29 RRX WA . 33.97 -5.69 50.46
C28 RRX WA . 34.02 -6.37 51.65
C27 RRX WA . 34.32 -5.35 52.93
C26 RRX WA . 33.65 -4.08 52.88
C38 RRX WA . 33.88 -3.13 54.05
C25 RRX WA . 32.94 -3.57 51.52
C24 RRX WA . 32.15 -2.19 51.56
C23 RRX WA . 30.97 -1.98 50.91
C22 RRX WA . 30.20 -0.63 50.98
C37 RRX WA . 28.74 -0.69 51.42
C21 RRX WA . 30.79 0.59 50.69
C20 RRX WA . 29.96 1.91 50.78
C19 RRX WA . 30.54 3.13 51.07
C18 RRX WA . 29.69 4.44 51.17
C36 RRX WA . 28.93 4.73 52.49
C17 RRX WA . 29.56 5.34 50.14
C16 RRX WA . 30.30 5.10 48.81
C15 RRX WA . 30.25 5.92 47.72
C14 RRX WA . 29.42 7.23 47.56
C13 RRX WA . 29.68 8.06 46.50
C35 RRX WA . 30.80 7.70 45.49
C12 RRX WA . 28.92 9.38 46.21
C11 RRX WA . 28.36 9.53 44.97
C10 RRX WA . 27.59 10.79 44.53
C9 RRX WA . 27.53 11.12 43.20
C34 RRX WA . 28.20 10.27 42.17
C8 RRX WA . 26.77 12.38 42.68
C7 RRX WA . 25.57 12.80 43.22
C6 RRX WA . 24.87 14.04 42.63
C32 RRX WA . 22.70 12.84 42.45
C31 RRX WA . 24.15 13.38 40.41
C5 RRX WA . 25.53 15.49 42.79
C33 RRX WA . 26.81 15.67 43.62
C4 RRX WA . 24.76 16.63 42.35
H1 RRX WA . 22.97 15.59 40.62
H2 RRX WA . 21.88 15.10 41.64
H3 RRX WA . 34.89 -8.01 52.04
H4 RRX WA . 22.66 17.12 42.11
H5 RRX WA . 22.88 16.07 43.28
H6 RRX WA . 32.87 -4.52 48.36
H7 RRX WA . 33.76 -3.38 49.00
H8 RRX WA . 32.19 -3.21 48.93
H9 RRX WA . 31.13 -5.28 51.46
H10 RRX WA . 31.52 -6.18 50.21
H11 RRX WA . 30.76 -4.81 49.99
H12 RRX WA . 34.82 -5.26 50.30
H13 RRX WA . 33.79 -6.33 49.75
H14 RRX WA . 33.19 -6.83 51.80
H15 RRX WA . 34.05 -5.81 53.74
H16 RRX WA . 35.28 -5.19 52.97
H17 RRX WA . 33.38 -3.43 54.81
H18 RRX WA . 33.61 -2.22 53.82
H19 RRX WA . 34.83 -3.13 54.28
H20 RRX WA . 32.50 -1.50 52.07
H21 RRX WA . 30.60 -2.67 50.40
H22 RRX WA . 28.42 -1.60 51.33
H23 RRX WA . 28.20 -0.10 50.88
H24 RRX WA . 28.68 -0.43 52.36
H25 RRX WA . 31.68 0.62 50.41
H26 RRX WA . 29.04 1.89 50.64
H27 RRX WA . 31.47 3.17 51.23
H28 RRX WA . 29.15 4.05 53.15
H29 RRX WA . 27.97 4.72 52.33
H30 RRX WA . 29.19 5.61 52.82
H31 RRX WA . 29.05 6.10 50.25
H32 RRX WA . 30.84 4.34 48.76
H33 RRX WA . 30.75 5.65 46.98
H34 RRX WA . 28.74 7.43 48.17
H36 RRX WA . 31.63 7.54 45.97
H37 RRX WA . 30.92 8.43 44.88
H38 RRX WA . 30.56 6.90 45.00
H39 RRX WA . 28.86 10.06 46.85
H40 RRX WA . 28.45 8.83 44.37
H42 RRX WA . 27.16 11.33 45.16
H43 RRX WA . 27.93 9.34 42.28
H44 RRX WA . 29.16 10.33 42.27
H45 RRX WA . 27.95 10.57 41.29
H46 RRX WA . 27.13 12.86 41.96
H47 RRX WA . 25.20 12.32 43.92
H48 RRX WA . 23.15 11.98 42.55
H49 RRX WA . 21.92 12.73 41.88
H50 RRX WA . 22.42 13.15 43.33
H51 RRX WA . 24.79 12.66 40.53
H52 RRX WA . 24.56 14.10 39.92
H53 RRX WA . 23.39 13.04 39.92
H54 RRX WA . 26.72 15.21 44.46
H55 RRX WA . 26.96 16.62 43.78
H56 RRX WA . 27.56 15.31 43.13
H57 RRX WA . 24.95 17.39 42.93
H58 RRX WA . 25.03 16.85 41.44
C1 BCR XA . 36.14 6.59 32.38
C2 BCR XA . 36.00 5.23 31.70
C3 BCR XA . 34.88 5.17 30.67
C4 BCR XA . 34.95 6.34 29.69
C5 BCR XA . 36.08 7.27 30.05
C6 BCR XA . 36.18 7.65 31.32
C7 BCR XA . 36.32 9.06 31.79
C8 BCR XA . 36.36 10.13 31.01
C9 BCR XA . 36.51 11.51 31.46
C10 BCR XA . 36.62 12.62 30.54
C11 BCR XA . 36.64 14.04 30.45
C33 BCR XA . 37.09 7.66 29.01
C31 BCR XA . 37.43 6.65 33.18
C32 BCR XA . 34.91 6.85 33.25
C34 BCR XA . 36.61 11.82 32.93
C12 BCR XA . 36.68 15.24 30.33
C13 BCR XA . 36.32 16.60 30.59
C14 BCR XA . 36.91 17.57 29.83
C15 BCR XA . 36.64 18.97 29.97
C16 BCR XA . 36.90 20.25 29.59
C17 BCR XA . 37.77 20.57 28.68
C18 BCR XA . 38.38 21.75 28.40
C19 BCR XA . 38.09 23.12 28.85
C20 BCR XA . 38.44 24.40 28.80
C21 BCR XA . 39.34 25.36 28.23
C22 BCR XA . 39.47 26.68 28.43
C23 BCR XA . 38.72 27.66 29.25
C24 BCR XA . 39.10 29.11 29.41
C25 BCR XA . 38.46 30.20 30.21
C26 BCR XA . 39.09 31.38 30.18
C27 BCR XA . 38.96 32.40 31.30
C28 BCR XA . 37.89 32.01 32.30
C29 BCR XA . 36.73 31.32 31.62
C30 BCR XA . 37.15 30.00 30.99
C35 BCR XA . 35.31 16.91 31.65
C36 BCR XA . 39.45 21.73 27.36
C37 BCR XA . 40.60 27.25 27.61
C38 BCR XA . 40.03 31.82 29.08
C39 BCR XA . 36.05 29.62 30.00
C40 BCR XA . 37.31 28.95 32.07
HC21 BCR XA . 36.94 4.98 31.21
HC22 BCR XA . 35.82 4.46 32.46
HC31 BCR XA . 34.96 4.23 30.11
HC32 BCR XA . 33.92 5.19 31.18
HC41 BCR XA . 35.11 5.95 28.67
HC42 BCR XA . 34.01 6.88 29.70
HC7 BCR XA . 36.40 9.21 32.85
HC8 BCR XA . 36.30 9.99 29.95
H331 BCR XA . 36.64 8.29 28.29
H332 BCR XA . 37.43 6.78 28.53
H333 BCR XA . 37.91 8.14 29.47
H311 BCR XA . 37.30 7.25 34.04
H312 BCR XA . 38.21 7.04 32.58
H313 BCR XA . 37.69 5.66 33.49
H321 BCR XA . 35.14 7.57 33.99
H322 BCR XA . 34.62 5.96 33.72
H323 BCR XA . 34.12 7.20 32.64
H341 BCR XA . 36.76 12.86 33.06
H342 BCR XA . 37.43 11.29 33.35
H343 BCR XA . 35.71 11.53 33.41
H14C BCR XA . 37.63 17.27 29.09
H15C BCR XA . 35.93 19.34 30.69
H16C BCR XA . 36.23 20.77 30.25
H17C BCR XA . 38.24 19.72 28.25
H19C BCR XA . 37.27 23.04 29.56
H20C BCR XA . 37.64 24.58 29.49
H21C BCR XA . 39.85 24.60 27.67
H23C BCR XA . 37.88 27.30 29.81
H24C BCR XA . 39.99 29.39 28.87
H271 BCR XA . 38.73 33.38 30.87
H272 BCR XA . 39.92 32.48 31.82
H281 BCR XA . 37.52 32.93 32.77
H282 BCR XA . 38.31 31.38 33.08
H291 BCR XA . 35.93 31.15 32.34
H292 BCR XA . 36.34 31.98 30.84
H351 BCR XA . 35.79 17.39 32.45
H352 BCR XA . 34.89 16.00 32.00
H353 BCR XA . 34.54 17.51 31.25
H361 BCR XA . 40.37 22.01 27.80
H362 BCR XA . 39.21 22.41 26.58
H363 BCR XA . 39.56 20.76 26.94
H371 BCR XA . 41.36 27.61 28.26
H372 BCR XA . 40.24 28.03 27.00
H373 BCR XA . 41.01 26.49 27.01
H381 BCR XA . 39.99 32.88 29.01
H382 BCR XA . 39.73 31.40 28.16
H383 BCR XA . 41.01 31.53 29.32
H391 BCR XA . 35.13 29.50 30.52
H392 BCR XA . 36.28 28.70 29.52
H393 BCR XA . 35.94 30.38 29.27
H401 BCR XA . 37.00 29.36 33.01
H402 BCR XA . 38.32 28.66 32.14
H403 BCR XA . 36.71 28.10 31.85
C1 ERG YA . 16.93 21.82 56.85
C2 ERG YA . 15.91 23.04 56.58
C3 ERG YA . 14.96 23.03 57.36
C4 ERG YA . 15.09 22.23 58.34
C5 ERG YA . 16.59 22.01 58.73
C6 ERG YA . 16.88 21.43 60.11
C7 ERG YA . 17.25 20.21 60.14
C8 ERG YA . 17.73 19.76 59.05
C9 ERG YA . 18.22 20.88 58.04
C10 ERG YA . 17.35 21.75 57.82
C11 ERG YA . 18.84 20.26 56.74
C12 ERG YA . 19.97 19.50 57.12
C13 ERG YA . 19.57 18.17 58.08
C14 ERG YA . 18.56 18.43 59.12
C15 ERG YA . 17.42 17.40 58.88
C16 ERG YA . 17.72 16.75 57.40
C17 ERG YA . 19.11 16.89 57.18
C18 ERG YA . 20.84 17.86 58.85
C19 ERG YA . 18.26 22.98 57.86
C20 ERG YA . 19.87 15.58 57.44
C21 ERG YA . 19.38 14.81 58.68
C22 ERG YA . 19.69 14.72 56.20
C23 ERG YA . 20.45 14.98 55.16
C24 ERG YA . 20.31 14.16 53.87
C25 ERG YA . 21.68 14.08 53.18
C26 ERG YA . 22.34 12.75 53.55
C27 ERG YA . 21.59 14.17 51.66
C28 ERG YA . 19.26 14.85 53.00
O1 ERG YA . 14.75 24.60 57.99
H41 ERG YA . 14.69 21.38 58.13
H42 ERG YA . 14.64 22.61 59.11
H6 ERG YA . 17.12 21.99 60.81
H7 ERG YA . 16.88 19.62 60.76
H111 ERG YA . 19.14 20.97 56.14
H112 ERG YA . 18.21 19.68 56.31
H121 ERG YA . 20.58 20.07 57.62
H122 ERG YA . 20.43 19.18 56.32
H14 ERG YA . 18.94 18.31 60.00
H151 ERG YA . 16.56 17.85 58.87
H152 ERG YA . 17.43 16.70 59.56
H161 ERG YA . 17.24 17.27 56.72
H162 ERG YA . 17.45 15.82 57.36
H17 ERG YA . 19.23 17.13 56.25
H181 ERG YA . 20.71 17.10 59.44
H182 ERG YA . 21.09 18.63 59.38
H183 ERG YA . 21.56 17.66 58.22
H191 ERG YA . 19.06 22.78 58.36
H192 ERG YA . 17.80 23.73 58.27
H193 ERG YA . 18.52 23.23 56.95
H20 ERG YA . 20.82 15.74 57.54
H211 ERG YA . 20.07 14.18 58.95
H212 ERG YA . 18.57 14.33 58.48
H213 ERG YA . 19.22 15.44 59.40
H22 ERG YA . 19.05 14.05 56.17
H23 ERG YA . 21.08 15.65 55.20
H24 ERG YA . 20.01 13.26 54.08
H25 ERG YA . 22.24 14.80 53.51
H261 ERG YA . 23.20 12.68 53.10
H262 ERG YA . 21.76 12.02 53.27
H263 ERG YA . 22.47 12.71 54.51
H271 ERG YA . 22.45 13.94 51.27
H272 ERG YA . 21.36 15.09 51.40
H273 ERG YA . 20.91 13.56 51.34
H281 ERG YA . 19.01 14.28 52.25
H282 ERG YA . 19.61 15.69 52.67
H283 ERG YA . 18.47 15.03 53.54
HO1 ERG YA . 15.47 24.86 58.35
C46 PGT ZA . 35.97 28.18 26.73
C45 PGT ZA . 36.82 29.44 26.44
C44 PGT ZA . 37.88 29.27 25.32
C43 PGT ZA . 38.81 30.50 25.07
C42 PGT ZA . 40.37 30.24 25.23
C41 PGT ZA . 41.30 31.28 24.52
C40 PGT ZA . 42.07 32.29 25.45
C39 PGT ZA . 41.76 33.81 25.19
C38 PGT ZA . 42.17 34.81 26.31
C37 PGT ZA . 41.00 35.71 26.86
C36 PGT ZA . 41.29 36.39 28.23
C35 PGT ZA . 40.93 35.53 29.48
C34 PGT ZA . 41.14 36.22 30.85
C33 PGT ZA . 39.97 37.15 31.33
C32 PGT ZA . 40.09 37.67 32.80
C31 PGT ZA . 39.38 36.78 33.86
O31 PGT ZA . 38.81 35.75 33.53
O2 PGT ZA . 39.37 37.12 35.22
C2 PGT ZA . 39.85 36.15 36.20
C1 PGT ZA . 39.26 36.59 37.61
O3P PGT ZA . 38.91 35.48 38.38
P PGT ZA . 37.34 35.32 39.06
O1P PGT ZA . 37.33 34.10 39.96
O2P PGT ZA . 36.36 35.28 37.90
O4P PGT ZA . 37.06 36.69 40.03
C4 PGT ZA . 36.26 37.76 39.56
C5 PGT ZA . 36.69 39.13 40.21
O5 PGT ZA . 37.86 39.53 39.54
C6 PGT ZA . 35.61 40.26 40.01
O6 PGT ZA . 36.29 41.43 39.58
C3 PGT ZA . 41.45 36.18 36.18
O3 PGT ZA . 41.96 34.86 36.53
C11 PGT ZA . 42.52 34.10 35.50
O11 PGT ZA . 43.73 33.86 35.54
C12 PGT ZA . 41.66 33.58 34.34
H461 PGT ZA . 35.16 28.35 27.47
H462 PGT ZA . 36.55 27.35 27.15
H451 PGT ZA . 37.32 29.73 27.40
H452 PGT ZA . 36.14 30.28 26.21
H441 PGT ZA . 37.33 29.03 24.38
H442 PGT ZA . 38.50 28.37 25.54
H431 PGT ZA . 38.51 31.32 25.76
H432 PGT ZA . 38.63 30.90 24.06
H421 PGT ZA . 40.60 29.23 24.85
H422 PGT ZA . 40.61 30.21 26.32
H411 PGT ZA . 40.70 31.86 23.79
H412 PGT ZA . 42.05 30.73 23.91
H401 PGT ZA . 43.17 32.13 25.34
H402 PGT ZA . 41.85 32.05 26.52
H391 PGT ZA . 40.67 33.90 25.00
H392 PGT ZA . 42.25 34.11 24.24
H381 PGT ZA . 42.98 35.47 25.93
H382 PGT ZA . 42.62 34.24 27.16
H371 PGT ZA . 40.08 35.09 26.96
H372 PGT ZA . 40.76 36.49 26.11
H361 PGT ZA . 40.72 37.35 28.29
H362 PGT ZA . 42.36 36.66 28.27
H351 PGT ZA . 41.52 34.59 29.45
H352 PGT ZA . 39.87 35.20 29.40
H341 PGT ZA . 42.08 36.81 30.81
H342 PGT ZA . 41.32 35.43 31.62
H331 PGT ZA . 39.02 36.60 31.20
H332 PGT ZA . 39.92 38.02 30.64
H321 PGT ZA . 39.71 38.70 32.84
H322 PGT ZA . 41.17 37.73 33.05
H2 PGT ZA . 39.48 35.15 35.96
H11 PGT ZA . 38.35 37.21 37.47
H12 PGT ZA . 39.98 37.21 38.19
H41 PGT ZA . 35.21 37.53 39.79
H42 PGT ZA . 36.34 37.80 38.45
H5 PGT ZA . 36.86 38.96 41.30
HO5 PGT ZA . 38.04 40.45 39.78
H61 PGT ZA . 34.89 39.95 39.23
H62 PGT ZA . 35.03 40.47 40.94
HO6 PGT ZA . 36.03 41.64 38.67
H31 PGT ZA . 41.83 36.50 35.19
H32 PGT ZA . 41.81 36.91 36.94
H121 PGT ZA . 42.21 33.00 33.59
H122 PGT ZA . 41.11 34.37 33.80
H013 PGT ZA . 35.46 27.79 25.83
H243 PGT ZA . 40.86 32.88 34.70
CA1 DGA AB . 25.38 16.13 26.99
CA2 DGA AB . 24.58 14.99 27.68
CA3 DGA AB . 25.36 13.64 27.62
CA4 DGA AB . 25.40 12.95 29.02
CA5 DGA AB . 24.84 11.50 28.97
CA6 DGA AB . 25.05 10.83 30.37
CA7 DGA AB . 23.72 10.58 31.12
CA8 DGA AB . 23.41 9.05 31.29
CA9 DGA AB . 23.17 8.73 32.80
CAA DGA AB . 23.02 7.20 32.97
CBA DGA AB . 21.52 6.82 33.03
CCA DGA AB . 21.26 5.46 32.32
CDA DGA AB . 20.74 4.42 33.34
CEA DGA AB . 20.38 3.08 32.61
CFA DGA AB . 20.44 1.89 33.63
CGA DGA AB . 19.26 1.95 34.62
CHA DGA AB . 19.70 2.57 35.95
CIA DGA AB . 20.39 1.51 36.83
OA1 DGA AB . 24.99 16.60 25.97
CB1 DGA AB . 29.80 14.58 26.83
CB2 DGA AB . 30.10 14.22 28.31
CB3 DGA AB . 29.06 13.20 28.85
CB4 DGA AB . 29.80 12.03 29.55
CB5 DGA AB . 28.84 10.87 29.89
CB6 DGA AB . 28.42 10.15 28.60
CB7 DGA AB . 27.91 8.72 28.91
CB8 DGA AB . 28.71 7.69 28.07
CB9 DGA AB . 28.25 6.27 28.41
CAB DGA AB . 27.26 5.74 27.35
CBB DGA AB . 28.01 5.23 26.09
CCB DGA AB . 27.29 5.72 24.80
CDB DGA AB . 26.16 4.64 24.73
CEB DGA AB . 25.17 4.97 23.56
CFB DGA AB . 24.03 3.91 23.53
CGB DGA AB . 22.84 4.42 24.39
CHB DGA AB . 21.83 3.29 24.63
CIB DGA AB . 22.30 2.37 25.79
OB1 DGA AB . 30.47 14.11 25.95
OG1 DGA AB . 26.57 16.64 27.61
CG1 DGA AB . 27.45 17.42 26.81
CG2 DGA AB . 28.84 16.79 26.92
OG2 DGA AB . 28.72 15.46 26.48
CG3 DGA AB . 29.85 17.53 26.06
OXT DGA AB . 29.61 18.91 26.08
HA21 DGA AB . 23.73 14.88 27.21
HA22 DGA AB . 24.40 15.25 28.60
HA31 DGA AB . 26.27 13.81 27.34
HA32 DGA AB . 24.94 13.05 26.99
HA41 DGA AB . 24.86 13.47 29.65
HA42 DGA AB . 26.31 12.92 29.34
HA51 DGA AB . 25.31 10.99 28.30
HA52 DGA AB . 23.89 11.51 28.75
HA61 DGA AB . 25.61 11.40 30.91
HA62 DGA AB . 25.52 9.98 30.24
HA71 DGA AB . 22.99 10.99 30.63
HA72 DGA AB . 23.77 10.99 32.00
HA81 DGA AB . 24.15 8.53 30.96
HA82 DGA AB . 22.61 8.83 30.78
HA91 DGA AB . 22.37 9.16 33.11
HA92 DGA AB . 23.92 9.04 33.32
HAT1 DGA AB . 23.44 6.93 33.81
HAT2 DGA AB . 23.45 6.74 32.24
HAE1 DGA AB . 21.00 7.51 32.59
HAE2 DGA AB . 21.25 6.74 33.95
HAW1 DGA AB . 22.08 5.13 31.91
HAW2 DGA AB . 20.59 5.59 31.62
HAH1 DGA AB . 19.94 4.77 33.78
HAH2 DGA AB . 21.42 4.26 34.01
HAF1 DGA AB . 21.03 2.94 31.91
HAF2 DGA AB . 19.50 3.15 32.24
HAN1 DGA AB . 21.28 1.92 34.11
HAN2 DGA AB . 20.40 1.06 33.13
HAS1 DGA AB . 18.93 1.05 34.78
HAS2 DGA AB . 18.55 2.49 34.24
HAV1 DGA AB . 18.92 2.91 36.43
HAV2 DGA AB . 20.32 3.29 35.79
HAG1 DGA AB . 20.74 1.94 37.63
HAG2 DGA AB . 21.11 1.11 36.34
HAG3 DGA AB . 19.75 0.83 37.08
HB21 DGA AB . 30.07 15.03 28.84
HB22 DGA AB . 30.99 13.84 28.36
HB31 DGA AB . 28.52 12.85 28.12
HB32 DGA AB . 28.47 13.64 29.49
HB41 DGA AB . 30.20 12.37 30.37
HB42 DGA AB . 30.51 11.70 28.97
HB51 DGA AB . 28.05 11.24 30.33
HB52 DGA AB . 29.29 10.25 30.49
HB61 DGA AB . 29.18 10.09 28.00
HB62 DGA AB . 27.71 10.65 28.17
HB71 DGA AB . 26.97 8.66 28.68
HB72 DGA AB . 28.04 8.52 29.86
HB81 DGA AB . 29.65 7.79 28.28
HB82 DGA AB . 28.56 7.87 27.12
HB91 DGA AB . 27.82 6.27 29.27
HB92 DGA AB . 29.02 5.69 28.44
HBT1 DGA AB . 26.65 6.45 27.09
HBT2 DGA AB . 26.76 5.00 27.73
HBE1 DGA AB . 28.03 4.26 26.10
HBE2 DGA AB . 28.92 5.57 26.10
HBW1 DGA AB . 28.10 6.01 24.35
HBW2 DGA AB . 26.75 6.46 24.48
HBH1 DGA AB . 25.67 4.61 25.56
HBH2 DGA AB . 26.56 3.77 24.56
HBF1 DGA AB . 25.65 4.95 22.71
HBF2 DGA AB . 24.78 5.84 23.70
HBN1 DGA AB . 24.36 3.07 23.88
HBN2 DGA AB . 23.74 3.79 22.61
HBS1 DGA AB . 22.40 5.15 23.93
HBS2 DGA AB . 23.18 4.74 25.24
HBV1 DGA AB . 21.73 2.75 23.83
HBV2 DGA AB . 20.96 3.67 24.86
HBG1 DGA AB . 21.54 1.90 26.16
HBG2 DGA AB . 22.70 2.92 26.49
HBG3 DGA AB . 22.95 1.74 25.46
HG11 DGA AB . 27.47 18.33 27.13
HG12 DGA AB . 27.17 17.41 25.87
HG2 DGA AB . 29.12 16.82 27.84
HG31 DGA AB . 29.81 17.21 25.14
HG32 DGA AB . 30.75 17.37 26.40
HXT DGA AB . 30.33 19.33 26.21
C1 ERG BB . 16.85 37.00 20.01
C2 ERG BB . 16.61 36.62 21.56
C3 ERG BB . 16.42 37.63 22.23
C4 ERG BB . 17.05 38.64 21.82
C5 ERG BB . 18.08 38.30 20.70
C6 ERG BB . 19.27 39.25 20.45
C7 ERG BB . 20.20 38.77 19.75
C8 ERG BB . 20.05 37.53 19.44
C9 ERG BB . 18.58 37.13 19.02
C10 ERG BB . 17.70 37.60 19.79
C11 ERG BB . 18.41 35.61 18.70
C12 ERG BB . 19.43 35.16 17.81
C13 ERG BB . 20.96 35.36 18.51
C14 ERG BB . 21.21 36.78 18.69
C15 ERG BB . 22.41 36.84 19.71
C16 ERG BB . 22.47 35.34 20.40
C17 ERG BB . 21.29 34.69 19.95
C18 ERG BB . 21.96 34.88 17.46
C19 ERG BB . 17.06 38.62 18.85
C20 ERG BB . 21.42 33.15 20.00
C21 ERG BB . 20.25 32.49 19.25
C22 ERG BB . 22.72 32.56 19.42
C23 ERG BB . 23.03 31.33 19.76
C24 ERG BB . 24.30 30.62 19.28
C25 ERG BB . 24.61 29.46 20.24
C26 ERG BB . 25.95 28.82 19.96
C27 ERG BB . 23.53 28.37 20.12
C28 ERG BB . 25.48 31.58 19.22
O1 ERG BB . 14.75 37.99 22.16
H41 ERG BB . 17.53 39.04 22.57
H42 ERG BB . 16.41 39.30 21.48
H6 ERG BB . 19.44 39.93 21.06
H7 ERG BB . 20.68 39.33 19.19
H111 ERG BB . 17.57 35.43 18.26
H112 ERG BB . 18.47 35.09 19.52
H121 ERG BB . 19.39 35.69 17.01
H122 ERG BB . 19.29 34.23 17.59
H14 ERG BB . 21.44 37.22 17.85
H151 ERG BB . 22.25 37.50 20.40
H152 ERG BB . 23.23 37.02 19.23
H161 ERG BB . 22.46 35.42 21.36
H162 ERG BB . 23.27 34.89 20.09
H17 ERG BB . 20.57 34.95 20.55
H181 ERG BB . 22.86 35.01 17.79
H182 ERG BB . 21.84 35.39 16.64
H183 ERG BB . 21.81 33.94 17.27
H191 ERG BB . 17.65 38.79 18.10
H192 ERG BB . 16.90 39.45 19.32
H193 ERG BB . 16.22 38.27 18.52
H20 ERG BB . 21.37 32.88 20.92
H211 ERG BB . 20.18 31.57 19.54
H212 ERG BB . 20.42 32.52 18.30
H213 ERG BB . 19.43 32.96 19.46
H22 ERG BB . 23.26 33.06 18.85
H23 ERG BB . 22.46 30.88 20.34
H24 ERG BB . 24.14 30.26 18.39
H25 ERG BB . 24.60 29.80 21.15
H261 ERG BB . 26.03 27.99 20.46
H262 ERG BB . 26.67 29.42 20.23
H263 ERG BB . 26.03 28.62 19.01
H271 ERG BB . 23.76 27.64 20.70
H272 ERG BB . 23.49 28.06 19.20
H273 ERG BB . 22.66 28.73 20.37
H281 ERG BB . 26.26 31.13 18.83
H282 ERG BB . 25.70 31.89 20.12
H283 ERG BB . 25.26 32.35 18.68
HO1 ERG BB . 14.48 38.19 22.95
O1 LHG CB . 42.04 32.75 50.02
C1 LHG CB . 42.11 31.82 48.94
C2 LHG CB . 43.53 31.28 48.81
O2 LHG CB . 43.66 30.57 47.57
C3 LHG CB . 43.89 30.33 49.95
O3 LHG CB . 42.75 29.65 50.48
P LHG CB . 42.07 28.46 49.64
O4 LHG CB . 40.57 28.61 49.77
O5 LHG CB . 42.71 28.40 48.28
O6 LHG CB . 42.48 27.14 50.46
C4 LHG CB . 42.57 25.89 49.79
C5 LHG CB . 43.28 24.87 50.66
C6 LHG CB . 42.43 23.61 50.79
O7 LHG CB . 44.55 24.52 50.11
C7 LHG CB . 45.51 24.49 51.06
O9 LHG CB . 45.39 23.70 51.98
C8 LHG CB . 46.71 25.40 50.97
C9 LHG CB . 46.27 26.81 50.62
C10 LHG CB . 47.17 27.42 49.55
O8 LHG CB . 41.23 23.88 51.52
C23 LHG CB . 41.24 23.95 52.86
O10 LHG CB . 42.04 24.69 53.42
C24 LHG CB . 40.28 23.11 53.66
C11 LHG CB . 46.94 26.79 48.18
C12 LHG CB . 45.78 27.49 47.46
C13 LHG CB . 45.26 26.79 46.21
C14 LHG CB . 46.16 25.70 45.63
C15 LHG CB . 45.93 24.34 46.27
C16 LHG CB . 45.33 23.35 45.27
C17 LHG CB . 45.14 21.97 45.89
C18 LHG CB . 46.41 21.13 45.79
C19 LHG CB . 46.10 19.66 46.05
C20 LHG CB . 45.59 18.96 44.79
C21 LHG CB . 46.72 18.31 44.00
C22 LHG CB . 47.30 17.12 44.72
C25 LHG CB . 40.96 22.60 54.92
C26 LHG CB . 40.51 23.38 56.14
C27 LHG CB . 41.23 22.91 57.40
C28 LHG CB . 40.29 22.11 58.30
C29 LHG CB . 39.53 23.02 59.26
C30 LHG CB . 38.41 22.25 59.95
C31 LHG CB . 37.02 22.73 59.52
C32 LHG CB . 36.44 23.73 60.51
C33 LHG CB . 34.92 23.78 60.39
C34 LHG CB . 34.34 25.10 60.88
C35 LHG CB . 32.89 25.25 60.42
C36 LHG CB . 31.95 25.60 61.57
C37 LHG CB . 30.54 25.12 61.28
C38 LHG CB . 29.51 26.20 61.60
HO1 LHG CB . 41.17 33.16 50.04
HC11 LHG CB . 41.40 31.01 49.09
HC12 LHG CB . 41.84 32.33 48.01
HC2 LHG CB . 44.23 32.12 48.82
H02 LHG CB . 43.34 31.11 46.84
HC31 LHG CB . 44.61 29.59 49.59
HC32 LHG CB . 44.37 30.89 50.76
HC41 LHG CB . 41.57 25.53 49.54
HC42 LHG CB . 43.12 26.01 48.85
HC5 LHG CB . 43.43 25.31 51.66
HC61 LHG CB . 43.00 22.83 51.29
HC62 LHG CB . 42.16 23.25 49.80
HC81 LHG CB . 47.41 25.03 50.23
HC82 LHG CB . 47.22 25.41 51.94
HC91 LHG CB . 46.31 27.44 51.52
HC92 LHG CB . 45.25 26.81 50.27
H101 LHG CB . 48.21 27.29 49.83
H102 LHG CB . 46.98 28.50 49.48
H241 LHG CB . 39.93 22.27 53.06
H242 LHG CB . 39.40 23.72 53.94
H111 LHG CB . 46.71 25.73 48.30
H112 LHG CB . 47.84 26.89 47.58
H121 LHG CB . 46.09 28.50 47.20
H122 LHG CB . 44.95 27.59 48.17
H131 LHG CB . 45.10 27.54 45.44
H132 LHG CB . 44.28 26.35 46.43
H141 LHG CB . 47.20 25.98 45.72
H142 LHG CB . 45.94 25.61 44.56
H151 LHG CB . 45.24 24.44 47.12
H152 LHG CB . 46.86 23.94 46.65
H161 LHG CB . 45.99 23.27 44.41
H162 LHG CB . 44.37 23.72 44.92
H171 LHG CB . 44.33 21.45 45.39
H172 LHG CB . 44.87 22.09 46.94
H181 LHG CB . 47.15 21.48 46.51
H182 LHG CB . 46.85 21.23 44.79
H191 LHG CB . 45.35 19.58 46.83
H192 LHG CB . 47.01 19.16 46.41
H201 LHG CB . 45.08 19.69 44.16
H202 LHG CB . 44.86 18.20 45.08
H211 LHG CB . 47.51 19.04 43.83
H212 LHG CB . 46.35 17.99 43.03
H221 LHG CB . 47.79 16.48 44.03
H222 LHG CB . 46.53 16.58 45.21
H223 LHG CB . 48.01 17.44 45.45
H251 LHG CB . 42.05 22.70 54.81
H252 LHG CB . 40.74 21.55 55.05
H261 LHG CB . 39.43 23.26 56.27
H262 LHG CB . 40.72 24.45 55.99
H271 LHG CB . 41.61 23.77 57.95
H272 LHG CB . 42.08 22.29 57.11
H281 LHG CB . 40.87 21.39 58.88
H282 LHG CB . 39.58 21.55 57.69
H291 LHG CB . 39.11 23.87 58.70
H292 LHG CB . 40.21 23.42 60.00
H301 LHG CB . 38.52 22.36 61.03
H302 LHG CB . 38.50 21.19 59.72
H311 LHG CB . 36.35 21.87 59.45
H312 LHG CB . 37.08 23.19 58.54
H321 LHG CB . 36.85 24.73 60.32
H322 LHG CB . 36.70 23.46 61.53
H331 LHG CB . 34.49 22.96 60.96
H332 LHG CB . 34.64 23.64 59.33
H341 LHG CB . 34.94 25.93 60.49
H342 LHG CB . 34.40 25.13 61.97
H351 LHG CB . 32.56 24.32 59.97
H352 LHG CB . 32.84 26.03 59.66
H361 LHG CB . 31.94 26.69 61.71
H362 LHG CB . 32.30 25.15 62.50
H371 LHG CB . 30.33 24.23 61.88
H372 LHG CB . 30.45 24.85 60.23
H381 LHG CB . 28.55 25.85 61.33
H382 LHG CB . 29.74 27.07 61.04
H383 LHG CB . 29.54 26.42 62.64
C6 C7Z DB . 37.27 30.86 36.61
C17 C7Z DB . 36.45 28.93 37.84
C4 C7Z DB . 35.46 32.65 36.02
C3 C7Z DB . 34.94 32.41 37.58
O3 C7Z DB . 33.57 32.83 37.68
C2 C7Z DB . 35.02 31.10 37.95
C1 C7Z DB . 36.54 30.47 37.81
C5 C7Z DB . 36.79 32.15 35.78
C18 C7Z DB . 37.87 33.16 35.34
C16 C7Z DB . 37.38 30.95 39.05
O23 C7Z DB . 50.30 15.56 20.17
C26 C7Z DB . 48.37 18.06 23.03
C7 C7Z DB . 38.16 29.77 35.92
C8 C7Z DB . 39.44 30.02 35.55
C9 C7Z DB . 40.26 28.88 34.90
C19 C7Z DB . 40.64 27.67 35.73
C10 C7Z DB . 40.66 28.94 33.63
C11 C7Z DB . 41.50 27.72 33.12
C12 C7Z DB . 42.84 27.84 33.08
C13 C7Z DB . 43.82 26.69 32.61
C20 C7Z DB . 45.14 26.47 33.41
C14 C7Z DB . 43.58 25.91 31.54
C15 C7Z DB . 42.33 26.02 30.66
C35 C7Z DB . 42.23 25.23 29.57
C34 C7Z DB . 43.36 24.24 29.22
C33 C7Z DB . 43.43 23.69 27.99
C40 C7Z DB . 42.35 24.02 26.93
C32 C7Z DB . 44.58 22.70 27.64
C31 C7Z DB . 44.49 21.88 26.58
C30 C7Z DB . 45.67 20.91 26.23
C29 C7Z DB . 45.84 20.46 24.98
C39 C7Z DB . 44.89 20.91 23.87
C28 C7Z DB . 47.02 19.49 24.63
C27 C7Z DB . 47.19 19.05 23.38
C21 C7Z DB . 49.61 18.57 22.36
C36 C7Z DB . 50.58 19.10 23.45
C37 C7Z DB . 49.23 19.72 21.41
C22 C7Z DB . 50.39 17.40 21.47
C23 C7Z DB . 49.54 16.51 20.88
C24 C7Z DB . 48.52 15.68 22.00
C25 C7Z DB . 48.19 16.47 23.15
C38 C7Z DB . 47.25 15.87 24.25
C1B LMU EB . 40.48 47.61 33.19
C2B LMU EB . 39.14 47.65 33.91
C3B LMU EB . 38.01 48.03 32.97
C4B LMU EB . 38.55 49.00 31.93
C5B LMU EB . 39.54 48.26 31.03
C6B LMU EB . 40.44 49.26 30.32
O1B LMU EB . 41.28 46.60 33.81
O2B LMU EB . 38.84 46.39 34.51
O3B LMU EB . 36.94 48.64 33.70
O4' LMU EB . 37.48 49.52 31.13
O5B LMU EB . 40.36 47.35 31.79
O6B LMU EB . 39.78 50.53 30.25
C1' LMU EB . 42.10 43.06 31.85
C2' LMU EB . 43.07 44.22 31.57
C3' LMU EB . 42.46 45.56 31.94
C4' LMU EB . 41.44 45.39 33.05
C5' LMU EB . 41.87 44.24 33.93
C6' LMU EB . 41.10 44.20 35.25
O1' LMU EB . 42.74 41.83 31.51
O2' LMU EB . 44.29 44.01 32.29
O3' LMU EB . 41.85 46.15 30.78
O5' LMU EB . 41.67 43.02 33.22
O6' LMU EB . 41.70 43.25 36.14
C1 LMU EB . 42.82 41.62 30.10
C2 LMU EB . 42.38 40.21 29.73
C3 LMU EB . 42.47 40.01 28.22
C4 LMU EB . 43.77 39.32 27.83
C5 LMU EB . 43.76 38.87 26.38
C6 LMU EB . 44.14 40.01 25.45
C7 LMU EB . 44.17 39.53 23.99
C8 LMU EB . 44.98 40.47 23.12
C9 LMU EB . 46.22 39.78 22.54
C10 LMU EB . 47.29 39.52 23.60
C11 LMU EB . 47.85 40.84 24.15
C12 LMU EB . 49.36 40.78 24.28
H1B LMU EB . 40.98 48.58 33.33
H2B LMU EB . 39.20 48.41 34.70
H3B LMU EB . 37.65 47.13 32.45
H4B LMU EB . 39.07 49.82 32.44
H5B LMU EB . 38.97 47.71 30.27
H6'2 LMU EB . 41.38 49.36 30.86
H6'1 LMU EB . 40.66 48.89 29.32
H2O1 LMU EB . 39.32 46.30 35.33
H3O1 LMU EB . 36.53 47.97 34.28
H4O1 LMU EB . 36.83 49.95 31.70
H6B LMU EB . 40.39 51.18 29.86
H1' LMU EB . 41.21 43.20 31.22
H2' LMU EB . 43.29 44.23 30.49
H3' LMU EB . 43.27 46.22 32.31
H4' LMU EB . 40.47 45.12 32.59
H5' LMU EB . 42.94 44.37 34.19
H6D LMU EB . 40.06 43.92 35.06
H6E LMU EB . 41.11 45.19 35.71
H2O2 LMU EB . 44.69 43.17 32.03
H3O2 LMU EB . 42.53 46.33 30.13
H6' LMU EB . 41.29 43.33 37.01
H12 LMU EB . 42.21 42.35 29.57
H11 LMU EB . 43.86 41.76 29.78
H22 LMU EB . 43.01 39.48 30.23
H21 LMU EB . 41.35 40.06 30.05
H32 LMU EB . 41.63 39.41 27.88
H31 LMU EB . 42.41 40.98 27.72
H42 LMU EB . 44.61 40.01 27.99
H41 LMU EB . 43.93 38.45 28.49
H52 LMU EB . 44.48 38.04 26.26
H51 LMU EB . 42.78 38.49 26.12
H62 LMU EB . 43.43 40.82 25.54
H61 LMU EB . 45.12 40.39 25.72
H72 LMU EB . 44.59 38.52 23.95
H71 LMU EB . 43.15 39.48 23.62
H82 LMU EB . 44.36 40.82 22.30
H81 LMU EB . 45.29 41.35 23.70
H92 LMU EB . 45.93 38.82 22.10
H91 LMU EB . 46.65 40.40 21.75
H102 LMU EB . 46.86 38.95 24.42
H101 LMU EB . 48.11 38.95 23.17
H112 LMU EB . 47.57 41.66 23.50
H111 LMU EB . 47.41 41.02 25.14
H123 LMU EB . 49.63 40.04 25.00
H122 LMU EB . 49.78 40.53 23.34
H121 LMU EB . 49.72 41.72 24.60
MG CLA FB . 48.78 58.49 -3.69
CHA CLA FB . 49.53 61.84 -4.04
CHB CLA FB . 48.75 58.07 -7.13
CHC CLA FB . 48.16 55.26 -3.20
CHD CLA FB . 48.87 58.91 -0.16
NA CLA FB . 49.12 59.80 -5.43
C1A CLA FB . 49.42 61.12 -5.37
C2A CLA FB . 49.56 61.73 -6.73
C3A CLA FB . 49.34 60.51 -7.67
C4A CLA FB . 49.05 59.39 -6.72
CMA CLA FB . 48.58 60.65 -8.99
CAA CLA FB . 50.93 62.41 -6.97
CBA CLA FB . 52.12 61.46 -7.14
CGA CLA FB . 52.58 60.91 -5.81
O1A CLA FB . 52.98 59.76 -5.77
O2A CLA FB . 52.53 61.68 -4.75
NB CLA FB . 48.51 56.93 -4.96
C1B CLA FB . 48.50 56.93 -6.33
C2B CLA FB . 48.19 55.61 -6.82
C3B CLA FB . 48.04 54.85 -5.70
C4B CLA FB . 48.24 55.69 -4.53
CMB CLA FB . 48.07 55.17 -8.25
CAB CLA FB . 47.70 53.41 -5.61
CBB CLA FB . 46.47 52.87 -6.31
NC CLA FB . 48.61 57.29 -1.98
C1C CLA FB . 48.31 56.00 -2.01
C2C CLA FB . 48.16 55.41 -0.64
C3C CLA FB . 48.39 56.46 0.20
C4C CLA FB . 48.67 57.62 -0.63
CMC CLA FB . 47.82 53.99 -0.30
CAC CLA FB . 48.38 56.41 1.70
CBC CLA FB . 47.35 57.37 2.28
ND CLA FB . 49.11 59.92 -2.36
C1D CLA FB . 49.12 60.02 -1.01
C2D CLA FB . 49.39 61.38 -0.55
C3D CLA FB . 49.55 62.07 -1.74
C4D CLA FB . 49.38 61.19 -2.82
CMD CLA FB . 49.51 62.02 0.79
CAD CLA FB . 49.84 63.39 -2.25
OBD CLA FB . 49.69 64.41 -1.60
CBD CLA FB . 49.80 63.30 -3.75
CGD CLA FB . 48.70 64.20 -4.25
O1D CLA FB . 48.96 65.30 -4.70
O2D CLA FB . 47.43 63.79 -4.19
CED CLA FB . 46.57 64.32 -5.20
C1 CLA FB . 53.50 62.76 -4.55
C2 CLA FB . 54.67 62.57 -3.61
C3 CLA FB . 54.52 62.61 -2.27
C4 CLA FB . 55.70 62.44 -1.36
C5 CLA FB . 53.19 62.79 -1.57
C6 CLA FB . 53.10 64.13 -0.83
C7 CLA FB . 52.91 65.30 -1.79
C8 CLA FB . 52.71 66.64 -1.07
C9 CLA FB . 51.78 66.53 0.13
C10 CLA FB . 52.18 67.70 -2.05
C11 CLA FB . 50.75 67.47 -2.53
C12 CLA FB . 49.74 68.42 -1.87
C13 CLA FB . 48.31 67.96 -2.16
C14 CLA FB . 47.34 69.13 -2.05
C15 CLA FB . 47.97 66.78 -1.24
C16 CLA FB . 46.89 67.06 -0.20
C17 CLA FB . 46.91 65.95 0.85
C18 CLA FB . 47.88 66.30 1.98
C19 CLA FB . 47.11 66.78 3.21
C20 CLA FB . 48.75 65.10 2.33
HHB CLA FB . 48.71 57.91 -8.20
HHC CLA FB . 47.18 54.80 -3.12
HHD CLA FB . 47.97 59.17 0.40
H2A CLA FB . 48.76 62.45 -6.91
HMA1 CLA FB . 48.47 61.67 -9.24
HMA2 CLA FB . 47.64 60.19 -8.92
HMA3 CLA FB . 49.14 60.18 -9.76
HAA1 CLA FB . 51.12 63.09 -6.15
HAA2 CLA FB . 50.84 63.02 -7.88
HBA1 CLA FB . 52.93 62.03 -7.59
HBA2 CLA FB . 51.88 60.65 -7.82
HMB1 CLA FB . 48.03 54.11 -8.29
HMB2 CLA FB . 48.92 55.51 -8.80
HMB3 CLA FB . 47.19 55.58 -8.67
HBB1 CLA FB . 46.17 51.85 -6.15
HBB2 CLA FB . 45.85 53.52 -6.88
HMC1 CLA FB . 47.66 53.43 -1.18
HMC2 CLA FB . 46.96 53.97 0.31
HMC3 CLA FB . 48.64 53.55 0.23
HAC1 CLA FB . 49.37 56.67 2.10
HAC2 CLA FB . 48.15 55.41 2.02
HBC1 CLA FB . 47.07 57.03 3.25
HBC2 CLA FB . 46.50 57.40 1.65
HBC3 CLA FB . 47.77 58.33 2.37
HMD1 CLA FB . 49.66 61.28 1.54
HMD2 CLA FB . 48.63 62.58 1.01
HMD3 CLA FB . 50.35 62.69 0.80
HBD CLA FB . 50.77 63.62 -4.16
HED1 CLA FB . 45.65 63.80 -5.17
HED2 CLA FB . 47.02 64.20 -6.15
HED3 CLA FB . 46.41 65.35 -5.01
H11 CLA FB . 52.95 63.65 -4.22
H12 CLA FB . 53.92 62.99 -5.52
H2 CLA FB . 55.66 62.45 -4.01
H41 CLA FB . 55.37 62.19 -0.39
H42 CLA FB . 56.25 63.35 -1.31
H43 CLA FB . 56.33 61.68 -1.72
H51 CLA FB . 53.07 61.98 -0.84
H52 CLA FB . 52.38 62.71 -2.28
H61 CLA FB . 54.00 64.28 -0.22
H62 CLA FB . 52.25 64.07 -0.14
H71 CLA FB . 52.07 65.09 -2.46
H72 CLA FB . 53.81 65.39 -2.41
H8 CLA FB . 53.68 66.98 -0.71
H91 CLA FB . 51.47 67.51 0.43
H92 CLA FB . 52.30 66.08 0.94
H93 CLA FB . 50.93 65.96 -0.11
H101 CLA FB . 52.84 67.74 -2.92
H102 CLA FB . 52.24 68.69 -1.57
H111 CLA FB . 50.45 66.44 -2.30
H112 CLA FB . 50.70 67.58 -3.61
H121 CLA FB . 49.89 69.43 -2.27
H122 CLA FB . 49.91 68.46 -0.80
H13 CLA FB . 48.27 67.60 -3.19
H141 CLA FB . 46.34 68.78 -2.15
H142 CLA FB . 47.53 69.82 -2.83
H143 CLA FB . 47.46 69.62 -1.12
H151 CLA FB . 48.87 66.47 -0.72
H152 CLA FB . 47.64 65.94 -1.87
H161 CLA FB . 45.91 67.08 -0.68
H162 CLA FB . 47.07 68.02 0.29
H171 CLA FB . 47.22 65.02 0.38
H172 CLA FB . 45.91 65.82 1.26
H18 CLA FB . 48.53 67.11 1.64
H191 CLA FB . 47.81 67.08 3.96
H192 CLA FB . 46.51 66.00 3.58
H193 CLA FB . 46.51 67.61 2.95
H201 CLA FB . 49.41 65.36 3.12
H202 CLA FB . 49.32 64.83 1.47
H203 CLA FB . 48.15 64.29 2.62
HHC2 CLA FB . 48.87 54.43 -3.13
HHD2 CLA FB . 49.67 58.87 0.57
MG CLA GB . 43.67 49.40 4.04
CHA CLA GB . 41.69 52.20 3.90
CHB CLA GB . 40.91 47.43 4.80
CHC CLA GB . 45.70 46.77 4.17
CHD CLA GB . 46.48 51.43 3.23
NA CLA GB . 41.52 49.75 4.32
C1A CLA GB . 40.93 50.94 4.23
C2A CLA GB . 39.45 50.84 4.46
C3A CLA GB . 39.25 49.36 4.79
C4A CLA GB . 40.63 48.79 4.63
CMA CLA GB . 38.54 49.07 6.10
CAA CLA GB . 38.68 51.20 3.20
CBA CLA GB . 39.21 50.58 1.89
CGA CLA GB . 38.46 49.32 1.49
O1A CLA GB . 37.28 49.21 1.78
O2A CLA GB . 39.10 48.37 0.83
NB CLA GB . 43.36 47.43 4.42
C1B CLA GB . 42.18 46.80 4.70
C2B CLA GB . 42.41 45.38 4.87
C3B CLA GB . 43.76 45.22 4.70
C4B CLA GB . 44.34 46.52 4.40
CMB CLA GB . 41.37 44.33 5.18
CAB CLA GB . 44.54 43.97 4.75
CBB CLA GB . 44.02 42.74 4.04
NC CLA GB . 45.72 49.12 3.62
C1C CLA GB . 46.34 47.97 3.78
C2C CLA GB . 47.80 48.08 3.50
C3C CLA GB . 47.98 49.38 3.17
C4C CLA GB . 46.69 50.04 3.25
CMC CLA GB . 48.82 46.96 3.57
CAC CLA GB . 49.29 50.05 2.78
CBC CLA GB . 49.35 50.23 1.28
ND CLA GB . 44.09 51.29 3.62
C1D CLA GB . 45.20 52.02 3.36
C2D CLA GB . 44.89 53.44 3.24
C3D CLA GB . 43.52 53.50 3.45
C4D CLA GB . 43.06 52.20 3.68
CMD CLA GB . 45.71 54.67 2.98
CAD CLA GB . 42.40 54.42 3.52
OBD CLA GB . 42.48 55.64 3.50
CBD CLA GB . 41.17 53.61 3.79
CGD CLA GB . 40.55 54.03 5.09
O1D CLA GB . 41.19 54.01 6.12
O2D CLA GB . 39.28 54.43 5.12
CED CLA GB . 39.07 55.81 5.42
C1 CLA GB . 39.16 47.02 1.37
C2 CLA GB . 40.46 46.24 1.29
C3 CLA GB . 40.53 44.95 0.88
C4 CLA GB . 39.34 44.14 0.48
C5 CLA GB . 41.84 44.20 0.83
C6 CLA GB . 42.21 43.82 -0.61
C7 CLA GB . 43.67 43.38 -0.66
C8 CLA GB . 44.09 42.66 -1.93
C9 CLA GB . 43.47 41.27 -2.01
C10 CLA GB . 45.61 42.57 -1.97
C11 CLA GB . 46.26 43.70 -2.75
C12 CLA GB . 47.77 43.49 -2.80
C13 CLA GB . 48.52 44.72 -3.32
C14 CLA GB . 48.08 45.07 -4.74
C15 CLA GB . 50.02 44.47 -3.27
C16 CLA GB . 50.55 44.39 -1.86
C17 CLA GB . 52.02 44.76 -1.78
C18 CLA GB . 52.21 46.28 -1.83
HHB CLA GB . 40.08 46.79 5.01
HHC CLA GB . 46.17 46.54 5.13
HHD CLA GB . 47.10 51.85 4.03
H2A CLA GB . 39.14 51.48 5.31
H3A CLA GB . 38.62 48.92 4.01
HMA1 CLA GB . 37.50 49.20 5.98
HMA2 CLA GB . 38.89 49.73 6.84
HMA3 CLA GB . 38.75 48.07 6.38
HAA1 CLA GB . 38.69 52.28 3.08
HAA2 CLA GB . 37.64 50.91 3.33
HBA1 CLA GB . 40.28 50.33 1.96
HBA2 CLA GB . 39.12 51.31 1.09
HMB1 CLA GB . 40.86 44.61 6.06
HMB2 CLA GB . 41.84 43.40 5.34
HMB3 CLA GB . 40.70 44.25 4.37
HBB1 CLA GB . 44.54 42.42 3.15
HBB2 CLA GB . 43.49 42.01 4.61
HMC1 CLA GB . 48.49 46.24 4.29
HMC2 CLA GB . 49.75 47.36 3.89
HMC3 CLA GB . 48.93 46.52 2.62
HAC1 CLA GB . 50.13 49.43 3.11
HAC2 CLA GB . 49.37 51.01 3.27
HBC1 CLA GB . 50.28 50.67 1.01
HBC2 CLA GB . 48.55 50.85 0.97
HBC3 CLA GB . 49.26 49.28 0.81
HMD1 CLA GB . 45.70 54.91 1.95
HMD2 CLA GB . 45.29 55.49 3.52
HMD3 CLA GB . 46.69 54.52 3.31
HBD CLA GB . 40.45 53.71 2.97
HED1 CLA GB . 38.05 56.04 5.33
HED2 CLA GB . 39.64 56.39 4.75
HED3 CLA GB . 39.39 56.00 6.41
H11 CLA GB . 38.37 46.44 0.89
H12 CLA GB . 38.91 47.08 2.42
H2 CLA GB . 41.37 46.73 1.56
H41 CLA GB . 39.60 43.11 0.44
H42 CLA GB . 39.00 44.45 -0.48
H43 CLA GB . 38.56 44.27 1.18
H51 CLA GB . 42.64 44.83 1.24
H52 CLA GB . 41.78 43.30 1.44
H61 CLA GB . 41.57 43.01 -0.95
H62 CLA GB . 42.06 44.68 -1.27
H71 CLA GB . 43.89 42.75 0.20
H72 CLA GB . 44.30 44.27 -0.57
H8 CLA GB . 43.75 43.24 -2.80
H91 CLA GB . 43.85 40.77 -2.86
H92 CLA GB . 42.43 41.33 -2.07
H93 CLA GB . 43.75 40.72 -1.15
H101 CLA GB . 45.91 41.62 -2.39
H102 CLA GB . 45.98 42.59 -0.94
H111 CLA GB . 46.04 44.67 -2.27
H112 CLA GB . 45.85 43.73 -3.76
H121 CLA GB . 47.99 42.65 -3.46
H122 CLA GB . 48.13 43.24 -1.80
H13 CLA GB . 48.29 45.57 -2.66
H141 CLA GB . 48.76 45.76 -5.15
H142 CLA GB . 47.11 45.50 -4.71
H143 CLA GB . 48.06 44.20 -5.32
H151 CLA GB . 50.54 45.28 -3.80
H152 CLA GB . 50.25 43.54 -3.80
H161 CLA GB . 50.43 43.37 -1.48
H162 CLA GB . 49.97 45.05 -1.21
H171 CLA GB . 52.56 44.31 -2.61
H172 CLA GB . 52.46 44.39 -0.86
HHC2 CLA GB . 46.05 46.00 3.50
HHD2 CLA GB . 46.91 51.79 2.30
MG CLA HB . 44.06 37.53 4.76
CHA CLA HB . 40.68 37.98 5.31
CHB CLA HB . 44.07 39.94 2.27
CHC CLA HB . 47.34 37.10 4.43
CHD CLA HB . 44.09 35.09 7.34
NA CLA HB . 42.53 38.85 3.88
C1A CLA HB . 41.23 38.89 4.23
C2A CLA HB . 40.56 40.00 3.43
C3A CLA HB . 41.61 40.52 2.44
C4A CLA HB . 42.82 39.75 2.88
CMA CLA HB . 41.29 40.60 0.95
CAA CLA HB . 39.72 41.16 4.01
CBA CLA HB . 38.27 40.94 4.44
CGA CLA HB . 37.29 41.26 3.35
O1A CLA HB . 36.10 41.22 3.61
O2A CLA HB . 37.73 41.56 2.14
NB CLA HB . 45.47 38.39 3.56
C1B CLA HB . 45.29 39.31 2.57
C2B CLA HB . 46.54 39.56 1.91
C3B CLA HB . 47.46 38.76 2.53
C4B CLA HB . 46.75 38.02 3.57
CMB CLA HB . 46.74 40.52 0.76
CAB CLA HB . 48.91 38.54 2.28
CBB CLA HB . 49.79 39.51 1.53
NC CLA HB . 45.47 36.33 5.75
C1C CLA HB . 46.76 36.33 5.45
C2C CLA HB . 47.54 35.42 6.34
C3C CLA HB . 46.62 34.88 7.17
C4C CLA HB . 45.32 35.44 6.79
CMC CLA HB . 49.02 35.20 6.29
CAC CLA HB . 46.88 33.89 8.29
CBC CLA HB . 47.12 34.66 9.58
ND CLA HB . 42.82 36.74 6.08
C1D CLA HB . 42.88 35.73 6.98
C2D CLA HB . 41.57 35.38 7.51
C3D CLA HB . 40.73 36.27 6.85
C4D CLA HB . 41.48 37.08 6.01
CMD CLA HB . 41.06 34.35 8.49
CAD CLA HB . 39.33 36.63 6.74
OBD CLA HB . 38.42 35.84 6.91
CBD CLA HB . 39.27 37.80 5.82
CGD CLA HB . 38.30 37.49 4.70
O1D CLA HB . 38.65 36.80 3.75
O2D CLA HB . 37.05 37.94 4.76
CED CLA HB . 36.22 37.74 3.64
C1 CLA HB . 36.83 41.49 1.00
C2 CLA HB . 35.80 40.38 0.97
C3 CLA HB . 35.85 39.36 0.10
C4 CLA HB . 34.77 38.31 0.17
C5 CLA HB . 36.91 39.14 -0.96
C6 CLA HB . 38.17 38.52 -0.37
C7 CLA HB . 37.94 37.07 0.07
C8 CLA HB . 39.11 36.12 -0.19
C9 CLA HB . 38.81 34.79 0.46
C10 CLA HB . 40.43 36.70 0.31
C11 CLA HB . 41.65 35.86 -0.05
C12 CLA HB . 42.02 35.84 -1.55
C13 CLA HB . 42.74 37.08 -2.10
C14 CLA HB . 43.79 37.62 -1.14
C15 CLA HB . 41.82 38.22 -2.53
C16 CLA HB . 40.65 37.78 -3.42
C17 CLA HB . 39.98 38.98 -4.08
C18 CLA HB . 38.88 38.54 -5.03
C19 CLA HB . 37.58 38.26 -4.29
C20 CLA HB . 38.67 39.57 -6.13
HHB CLA HB . 44.09 40.65 1.47
HHC CLA HB . 47.83 36.38 3.77
HHD CLA HB . 43.95 34.02 7.16
H2A CLA HB . 41.22 40.51 4.15
HMA1 CLA HB . 41.95 41.27 0.47
HMA2 CLA HB . 40.29 40.95 0.83
HMA3 CLA HB . 41.38 39.64 0.52
HAA1 CLA HB . 39.72 41.96 3.26
HAA2 CLA HB . 40.24 41.55 4.88
HBA1 CLA HB . 38.07 41.60 5.29
HBA2 CLA HB . 38.13 39.93 4.79
HMB1 CLA HB . 47.77 40.75 0.64
HMB2 CLA HB . 46.19 41.40 0.95
HMB3 CLA HB . 46.38 40.07 -0.13
HBB1 CLA HB . 50.18 39.18 0.58
HBB2 CLA HB . 50.42 40.15 2.12
HMC1 CLA HB . 49.50 36.07 5.90
HMC2 CLA HB . 49.25 34.36 5.70
HMC3 CLA HB . 49.38 35.05 7.28
HAC1 CLA HB . 47.75 33.28 8.05
HAC2 CLA HB . 46.02 33.23 8.40
HBC1 CLA HB . 47.31 33.97 10.36
HBC2 CLA HB . 46.27 35.24 9.80
HBC3 CLA HB . 47.96 35.29 9.46
HMD1 CLA HB . 41.71 34.28 9.31
HMD2 CLA HB . 41.02 33.41 8.00
HMD3 CLA HB . 40.10 34.61 8.80
HBD CLA HB . 38.93 38.70 6.37
HED1 CLA HB . 35.26 38.14 3.82
HED2 CLA HB . 36.14 36.70 3.43
HED3 CLA HB . 36.64 38.24 2.80
H11 CLA HB . 37.44 41.47 0.09
H12 CLA HB . 36.28 42.43 0.97
H2 CLA HB . 34.99 40.41 1.67
H41 CLA HB . 34.74 37.77 -0.74
H42 CLA HB . 33.84 38.78 0.34
H43 CLA HB . 34.98 37.65 0.96
H51 CLA HB . 37.16 40.08 -1.44
H52 CLA HB . 36.52 38.48 -1.74
H61 CLA HB . 38.50 39.11 0.48
H62 CLA HB . 38.96 38.54 -1.13
H71 CLA HB . 37.05 36.69 -0.45
H72 CLA HB . 37.71 37.07 1.15
H8 CLA HB . 39.18 35.96 -1.27
H91 CLA HB . 39.47 34.04 0.10
H92 CLA HB . 37.82 34.50 0.25
H93 CLA HB . 38.92 34.87 1.52
H101 CLA HB . 40.39 36.80 1.40
H102 CLA HB . 40.58 37.71 -0.08
H111 CLA HB . 41.49 34.83 0.27
H112 CLA HB . 42.51 36.21 0.54
H121 CLA HB . 41.13 35.63 -2.12
H122 CLA HB . 42.68 34.99 -1.70
H13 CLA HB . 43.29 36.75 -3.01
H141 CLA HB . 44.44 38.28 -1.65
H142 CLA HB . 44.36 36.83 -0.73
H143 CLA HB . 43.31 38.14 -0.35
H151 CLA HB . 42.41 38.95 -3.09
H152 CLA HB . 41.43 38.74 -1.66
H161 CLA HB . 39.91 37.25 -2.82
H162 CLA HB . 41.01 37.10 -4.19
H171 CLA HB . 40.73 39.56 -4.63
H172 CLA HB . 39.56 39.62 -3.31
H18 CLA HB . 39.20 37.60 -5.52
H191 CLA HB . 36.90 37.77 -4.94
H192 CLA HB . 37.15 39.18 -3.97
H193 CLA HB . 37.77 37.66 -3.45
H201 CLA HB . 37.95 39.22 -6.82
H202 CLA HB . 39.58 39.75 -6.64
H203 CLA HB . 38.31 40.48 -5.70
HHC2 CLA HB . 48.15 37.64 4.91
HHD2 CLA HB . 44.20 35.19 8.43
MG CLA IB . 57.13 33.24 18.24
CHA CLA IB . 59.19 30.52 18.64
CHB CLA IB . 54.83 31.33 16.48
CHC CLA IB . 55.20 35.95 17.97
CHD CLA IB . 59.47 35.20 20.05
NA CLA IB . 56.99 31.14 17.62
C1A CLA IB . 57.92 30.21 17.87
C2A CLA IB . 57.53 28.87 17.32
C3A CLA IB . 56.18 29.16 16.63
C4A CLA IB . 55.97 30.62 16.92
CMA CLA IB . 56.04 28.70 15.18
CAA CLA IB . 57.35 27.84 18.45
CBA CLA IB . 56.41 28.22 19.60
CGA CLA IB . 56.88 29.37 20.47
O1A CLA IB . 57.70 29.17 21.34
O2A CLA IB . 56.39 30.58 20.25
NB CLA IB . 55.32 33.58 17.38
C1B CLA IB . 54.53 32.69 16.69
C2B CLA IB . 53.34 33.36 16.22
C3B CLA IB . 53.46 34.66 16.65
C4B CLA IB . 54.71 34.77 17.38
CMB CLA IB . 52.22 32.75 15.43
CAB CLA IB . 52.53 35.79 16.45
CBB CLA IB . 51.95 36.07 15.08
NC CLA IB . 57.28 35.21 18.96
C1C CLA IB . 56.38 36.16 18.72
C2C CLA IB . 56.75 37.46 19.34
C3C CLA IB . 57.94 37.22 19.95
C4C CLA IB . 58.27 35.82 19.70
CMC CLA IB . 55.95 38.74 19.28
CAC CLA IB . 58.77 38.20 20.75
CBC CLA IB . 58.58 37.91 22.22
ND CLA IB . 58.88 33.03 19.15
C1D CLA IB . 59.74 33.83 19.83
C2D CLA IB . 60.93 33.10 20.27
C3D CLA IB . 60.70 31.81 19.79
C4D CLA IB . 59.47 31.78 19.14
CMD CLA IB . 62.17 33.48 21.02
CAD CLA IB . 61.28 30.49 19.75
OBD CLA IB . 62.44 30.21 20.03
CBD CLA IB . 60.35 29.60 18.98
CGD CLA IB . 61.03 29.13 17.74
O1D CLA IB . 61.84 28.22 17.79
O2D CLA IB . 60.79 29.72 16.57
CED CLA IB . 61.57 29.28 15.45
C1 CLA IB . 56.46 31.65 21.24
C2 CLA IB . 55.60 32.88 21.07
C3 CLA IB . 55.82 34.00 21.77
C4 CLA IB . 56.90 34.10 22.80
C5 CLA IB . 54.97 35.24 21.58
C6 CLA IB . 53.79 35.27 22.53
C7 CLA IB . 53.52 36.68 23.05
C8 CLA IB . 52.20 36.73 23.81
C9 CLA IB . 51.52 38.08 23.64
C10 CLA IB . 52.48 36.44 25.29
C11 CLA IB . 51.31 35.74 25.98
C12 CLA IB . 51.78 34.43 26.61
C13 CLA IB . 50.70 33.68 27.38
C14 CLA IB . 49.76 32.95 26.42
C15 CLA IB . 49.89 34.59 28.31
C16 CLA IB . 50.75 35.32 29.33
C17 CLA IB . 49.95 36.36 30.11
C18 CLA IB . 49.76 37.66 29.33
C19 CLA IB . 48.69 38.52 29.98
C20 CLA IB . 51.07 38.44 29.21
HHB CLA IB . 54.08 30.74 15.98
HHC CLA IB . 55.25 36.67 17.16
HHD CLA IB . 60.26 35.76 19.54
H2A CLA IB . 58.26 28.52 16.60
H3A CLA IB . 55.41 28.61 17.16
HMA1 CLA IB . 56.03 27.65 15.14
HMA2 CLA IB . 56.87 29.06 14.62
HMA3 CLA IB . 55.15 29.08 14.77
HAA1 CLA IB . 58.34 27.62 18.88
HAA2 CLA IB . 56.99 26.92 18.01
HBA1 CLA IB . 56.28 27.35 20.24
HBA2 CLA IB . 55.42 28.46 19.21
HMB1 CLA IB . 51.41 33.43 15.36
HMB2 CLA IB . 51.89 31.87 15.92
HMB3 CLA IB . 52.56 32.51 14.46
HBB1 CLA IB . 51.33 36.95 14.94
HBB2 CLA IB . 52.02 35.33 14.30
HMC1 CLA IB . 54.94 38.54 19.54
HMC2 CLA IB . 56.00 39.14 18.30
HMC3 CLA IB . 56.35 39.44 19.97
HAC1 CLA IB . 58.45 39.22 20.53
HAC2 CLA IB . 59.82 38.09 20.48
HBC1 CLA IB . 58.85 38.77 22.78
HBC2 CLA IB . 59.21 37.11 22.51
HBC3 CLA IB . 57.58 37.66 22.41
HMD1 CLA IB . 61.97 33.50 22.06
HMD2 CLA IB . 62.51 34.43 20.69
HMD3 CLA IB . 62.92 32.75 20.83
HBD CLA IB . 60.01 28.76 19.59
HED1 CLA IB . 61.14 29.65 14.56
HED2 CLA IB . 61.61 28.23 15.43
HED3 CLA IB . 62.55 29.67 15.55
H11 CLA IB . 57.50 31.96 21.30
H12 CLA IB . 56.22 31.21 22.22
H2 CLA IB . 54.81 32.86 20.33
H41 CLA IB . 56.87 35.05 23.26
H42 CLA IB . 57.85 33.98 22.33
H43 CLA IB . 56.77 33.34 23.53
H51 CLA IB . 54.59 35.26 20.55
H52 CLA IB . 55.59 36.13 21.73
H61 CLA IB . 53.97 34.59 23.37
H62 CLA IB . 52.90 34.92 22.01
H71 CLA IB . 53.48 37.37 22.21
H72 CLA IB . 54.34 37.00 23.70
H8 CLA IB . 51.55 35.95 23.42
H91 CLA IB . 50.56 38.04 24.11
H92 CLA IB . 51.39 38.28 22.61
H93 CLA IB . 52.10 38.83 24.09
H101 CLA IB . 52.70 37.38 25.80
H102 CLA IB . 53.36 35.80 25.37
H111 CLA IB . 50.51 35.54 25.26
H112 CLA IB . 50.92 36.41 26.76
H121 CLA IB . 52.62 34.64 27.28
H122 CLA IB . 52.16 33.78 25.81
H13 CLA IB . 51.19 32.93 28.01
H141 CLA IB . 48.98 32.49 26.97
H142 CLA IB . 50.31 32.20 25.91
H143 CLA IB . 49.36 33.64 25.73
H151 CLA IB . 49.15 33.97 28.85
H152 CLA IB . 49.32 35.31 27.72
H161 CLA IB . 51.60 35.79 28.85
H162 CLA IB . 51.16 34.58 30.04
H171 CLA IB . 50.46 36.58 31.06
H172 CLA IB . 48.97 35.95 30.36
H18 CLA IB . 49.43 37.41 28.31
H191 CLA IB . 48.67 39.47 29.51
H192 CLA IB . 48.91 38.64 31.01
H193 CLA IB . 47.75 38.05 29.86
H201 CLA IB . 50.86 39.40 28.81
H202 CLA IB . 51.74 37.93 28.56
H203 CLA IB . 51.51 38.55 30.17
HHC2 CLA IB . 54.39 36.30 18.61
HHD2 CLA IB . 59.63 35.38 21.12
MG CLA JB . 49.86 25.89 25.92
CHA CLA JB . 52.40 23.86 24.76
CHB CLA JB . 48.97 23.51 28.27
CHC CLA JB . 47.56 28.01 27.04
CHD CLA JB . 50.76 28.29 23.46
NA CLA JB . 50.60 23.89 26.48
C1A CLA JB . 51.61 23.24 25.91
C2A CLA JB . 51.80 21.87 26.49
C3A CLA JB . 50.71 21.80 27.57
C4A CLA JB . 50.05 23.15 27.46
CMA CLA JB . 49.80 20.59 27.55
CAA CLA JB . 53.19 21.69 27.11
CBA CLA JB . 53.43 20.23 27.46
CGA CLA JB . 54.68 20.10 28.28
O1A CLA JB . 55.75 19.88 27.73
O2A CLA JB . 54.58 20.24 29.59
NB CLA JB . 48.50 25.78 27.43
C1B CLA JB . 48.26 24.74 28.26
C2B CLA JB . 47.15 25.06 29.14
C3B CLA JB . 46.76 26.31 28.80
C4B CLA JB . 47.61 26.77 27.69
CMB CLA JB . 46.58 24.18 30.22
CAB CLA JB . 45.65 27.07 29.43
CBB CLA JB . 45.60 28.58 29.48
NC CLA JB . 49.31 27.85 25.40
C1C CLA JB . 48.28 28.49 25.93
C2C CLA JB . 48.00 29.78 25.27
C3C CLA JB . 48.93 29.86 24.27
C4C CLA JB . 49.74 28.66 24.36
CMC CLA JB . 46.91 30.77 25.60
CAC CLA JB . 49.09 30.98 23.27
CBC CLA JB . 47.91 30.97 22.32
ND CLA JB . 51.18 26.12 24.48
C1D CLA JB . 51.49 27.08 23.54
C2D CLA JB . 52.61 26.69 22.70
C3D CLA JB . 52.95 25.43 23.19
C4D CLA JB . 52.10 25.11 24.24
CMD CLA JB . 53.35 27.32 21.55
CAD CLA JB . 53.89 24.35 22.99
OBD CLA JB . 54.79 24.31 22.17
CBD CLA JB . 53.58 23.29 24.00
CGD CLA JB . 53.21 22.01 23.32
O1D CLA JB . 52.39 21.99 22.42
O2D CLA JB . 53.78 20.87 23.70
CED CLA JB . 55.09 20.64 23.18
C1 CLA JB . 55.27 21.35 30.26
C2 CLA JB . 55.78 21.16 31.67
C3 CLA JB . 56.20 22.21 32.39
C4 CLA JB . 56.69 22.01 33.79
C5 CLA JB . 56.21 23.61 31.78
C6 CLA JB . 56.87 24.68 32.65
C7 CLA JB . 58.37 24.80 32.41
C8 CLA JB . 58.77 25.40 31.06
C9 CLA JB . 60.28 25.51 30.96
C10 CLA JB . 58.11 26.76 30.82
C11 CLA JB . 56.91 26.64 29.90
C12 CLA JB . 55.79 27.61 30.27
C13 CLA JB . 56.15 29.09 30.12
C14 CLA JB . 54.90 29.92 30.40
C15 CLA JB . 56.70 29.38 28.72
C16 CLA JB . 56.92 30.88 28.49
C17 CLA JB . 57.48 31.14 27.09
HHB CLA JB . 48.66 22.79 29.00
HHC CLA JB . 46.51 28.15 26.78
HHD CLA JB . 50.30 28.30 22.46
H2A CLA JB . 51.63 21.10 25.73
H3A CLA JB . 51.22 21.77 28.53
HMA1 CLA JB . 50.37 19.71 27.62
HMA2 CLA JB . 49.25 20.58 26.63
HMA3 CLA JB . 49.13 20.65 28.36
HAA1 CLA JB . 53.27 22.31 28.02
HAA2 CLA JB . 53.96 22.02 26.41
HBA1 CLA JB . 53.53 19.64 26.55
HBA2 CLA JB . 52.58 19.84 28.03
HMB1 CLA JB . 45.85 23.53 29.82
HMB2 CLA JB . 46.12 24.80 30.96
HMB3 CLA JB . 47.35 23.62 30.68
HBB1 CLA JB . 45.08 29.03 30.30
HBB2 CLA JB . 45.69 29.14 28.57
HMC1 CLA JB . 46.76 30.77 26.66
HMC2 CLA JB . 46.02 30.49 25.11
HMC3 CLA JB . 47.21 31.73 25.29
HAC1 CLA JB . 50.01 30.84 22.70
HAC2 CLA JB . 49.13 31.94 23.78
HBC1 CLA JB . 48.05 31.72 21.59
HBC2 CLA JB . 47.01 31.17 22.85
HBC3 CLA JB . 47.84 30.03 21.85
HMD1 CLA JB . 53.16 28.37 21.55
HMD2 CLA JB . 53.01 26.90 20.64
HMD3 CLA JB . 54.38 27.15 21.66
HBD CLA JB . 54.44 23.14 24.67
HED1 CLA JB . 55.30 19.61 23.18
HED2 CLA JB . 55.79 21.14 23.80
HED3 CLA JB . 55.16 21.02 22.19
H11 CLA JB . 54.59 22.20 30.25
H12 CLA JB . 56.13 21.62 29.64
H2 CLA JB . 55.77 20.18 32.12
H41 CLA JB . 56.06 22.52 34.46
H42 CLA JB . 57.69 22.38 33.88
H43 CLA JB . 56.68 20.98 34.03
H51 CLA JB . 55.19 23.90 31.57
H52 CLA JB . 56.73 23.56 30.82
H61 CLA JB . 56.67 24.51 33.70
H62 CLA JB . 56.39 25.64 32.41
H71 CLA JB . 58.82 23.82 32.51
H72 CLA JB . 58.80 25.42 33.20
H8 CLA JB . 58.43 24.71 30.27
H91 CLA JB . 60.55 25.66 29.94
H92 CLA JB . 60.73 24.63 31.32
H93 CLA JB . 60.61 26.34 31.53
H101 CLA JB . 58.85 27.42 30.37
H102 CLA JB . 57.81 27.19 31.77
H111 CLA JB . 56.50 25.63 29.96
H112 CLA JB . 57.21 26.80 28.86
H121 CLA JB . 55.51 27.43 31.32
H122 CLA JB . 54.92 27.39 29.67
H13 CLA JB . 56.91 29.35 30.86
H141 CLA JB . 55.18 30.88 30.73
H142 CLA JB . 54.32 29.45 31.15
H143 CLA JB . 54.32 30.00 29.52
H151 CLA JB . 56.01 29.01 27.97
H152 CLA JB . 57.65 28.87 28.59
H161 CLA JB . 57.62 31.26 29.24
H162 CLA JB . 55.97 31.43 28.60
HHC2 CLA JB . 47.75 28.73 27.84
HHD2 CLA JB . 51.49 29.10 23.46
MG CLA KB . 49.26 27.69 8.99
CHA CLA KB . 48.44 24.41 8.36
CHB CLA KB . 49.70 28.28 5.59
CHC CLA KB . 49.90 30.87 9.69
CHD CLA KB . 48.75 27.09 12.45
NA CLA KB . 49.07 26.48 7.15
C1A CLA KB . 48.76 25.19 7.11
C2A CLA KB . 48.73 24.67 5.70
C3A CLA KB . 49.14 25.89 4.86
C4A CLA KB . 49.32 26.96 5.91
CMA CLA KB . 50.26 25.71 3.84
CAA CLA KB . 47.31 24.24 5.34
CBA CLA KB . 46.26 25.18 5.93
CGA CLA KB . 44.93 24.97 5.27
O1A CLA KB . 44.16 24.15 5.76
O2A CLA KB . 44.59 25.64 4.18
NB CLA KB . 49.70 29.29 7.83
C1B CLA KB . 49.88 29.35 6.48
C2B CLA KB . 50.26 30.69 6.09
C3B CLA KB . 50.31 31.41 7.26
C4B CLA KB . 49.97 30.50 8.35
CMB CLA KB . 50.55 31.16 4.68
CAB CLA KB . 50.67 32.82 7.50
CBB CLA KB . 51.85 33.48 6.84
NC CLA KB . 49.29 28.79 10.77
C1C CLA KB . 49.60 30.09 10.83
C2C CLA KB . 49.56 30.61 12.21
C3C CLA KB . 49.21 29.53 12.98
C4C CLA KB . 49.06 28.40 12.07
CMC CLA KB . 49.83 32.02 12.66
CAC CLA KB . 49.05 29.54 14.48
CBC CLA KB . 47.63 29.98 14.80
ND CLA KB . 48.72 26.21 10.18
C1D CLA KB . 48.57 26.03 11.53
C2D CLA KB . 48.23 24.65 11.85
C3D CLA KB . 48.19 24.03 10.61
C4D CLA KB . 48.47 24.96 9.63
CMD CLA KB . 47.98 23.89 13.14
CAD CLA KB . 47.94 22.75 9.97
OBD CLA KB . 47.75 21.68 10.53
CBD CLA KB . 48.04 22.95 8.49
CGD CLA KB . 49.07 22.05 7.87
O1D CLA KB . 50.26 22.28 8.01
O2D CLA KB . 48.70 20.99 7.16
CED CLA KB . 48.70 19.75 7.85
C1 CLA KB . 44.81 27.08 4.04
C2 CLA KB . 46.01 27.57 3.26
C3 CLA KB . 46.34 28.87 3.17
C4 CLA KB . 47.54 29.30 2.38
C5 CLA KB . 45.55 30.00 3.82
C6 CLA KB . 46.41 30.67 4.89
C7 CLA KB . 45.54 31.36 5.92
C8 CLA KB . 45.09 30.39 7.01
C9 CLA KB . 43.76 30.88 7.58
C10 CLA KB . 46.23 30.20 8.03
C11 CLA KB . 45.88 30.29 9.52
C12 CLA KB . 45.85 28.91 10.18
C13 CLA KB . 44.74 28.00 9.64
C14 CLA KB . 43.42 28.31 10.34
C15 CLA KB . 45.16 26.56 9.84
C16 CLA KB . 44.13 25.55 9.34
C17 CLA KB . 44.60 24.13 9.64
C18 CLA KB . 43.61 23.09 9.13
C19 CLA KB . 44.34 22.01 8.33
C20 CLA KB . 42.82 22.48 10.27
HHB CLA KB . 49.88 28.48 4.55
HHC CLA KB . 50.87 31.32 9.91
HHD CLA KB . 49.51 26.77 13.17
H2A CLA KB . 49.45 23.84 5.58
H3A CLA KB . 48.27 26.17 4.27
HMA1 CLA KB . 50.15 24.78 3.35
HMA2 CLA KB . 51.20 25.73 4.34
HMA3 CLA KB . 50.22 26.49 3.14
HAA1 CLA KB . 47.14 23.23 5.71
HAA2 CLA KB . 47.21 24.24 4.25
HBA1 CLA KB . 46.58 26.22 5.82
HBA2 CLA KB . 46.14 24.98 7.00
HMB1 CLA KB . 49.63 31.23 4.15
HMB2 CLA KB . 51.21 30.49 4.21
HMB3 CLA KB . 50.99 32.12 4.71
HBB1 CLA KB . 52.52 34.05 7.46
HBB2 CLA KB . 51.79 33.74 5.81
HMC1 CLA KB . 49.04 32.35 13.29
HMC2 CLA KB . 49.91 32.66 11.82
HMC3 CLA KB . 50.74 32.04 13.21
HAC1 CLA KB . 49.76 30.21 14.94
HAC2 CLA KB . 49.22 28.53 14.87
HBC1 CLA KB . 47.48 29.96 15.85
HBC2 CLA KB . 46.94 29.33 14.33
HBC3 CLA KB . 47.49 30.97 14.45
HMD1 CLA KB . 47.66 24.57 13.88
HMD2 CLA KB . 48.86 23.41 13.44
HMD3 CLA KB . 47.22 23.18 12.98
HBD CLA KB . 47.06 22.78 8.01
HED1 CLA KB . 48.72 18.95 7.16
HED2 CLA KB . 47.81 19.68 8.44
HED3 CLA KB . 49.54 19.70 8.49
H11 CLA KB . 44.86 27.51 5.04
H12 CLA KB . 43.92 27.50 3.56
H2 CLA KB . 46.63 26.84 2.76
H41 CLA KB . 47.54 30.36 2.29
H42 CLA KB . 47.51 28.86 1.43
H43 CLA KB . 48.42 28.99 2.89
H51 CLA KB . 44.63 29.63 4.27
H52 CLA KB . 45.30 30.74 3.06
H61 CLA KB . 47.08 31.40 4.42
H62 CLA KB . 47.04 29.91 5.38
H71 CLA KB . 44.67 31.79 5.43
H72 CLA KB . 46.11 32.19 6.36
H8 CLA KB . 44.92 29.43 6.54
H91 CLA KB . 43.40 30.19 8.29
H92 CLA KB . 43.06 30.98 6.80
H93 CLA KB . 43.90 31.82 8.05
H101 CLA KB . 47.01 30.95 7.83
H102 CLA KB . 46.68 29.23 7.85
H111 CLA KB . 44.94 30.81 9.71
H112 CLA KB . 46.65 30.87 10.01
H121 CLA KB . 45.71 29.03 11.25
H122 CLA KB . 46.81 28.42 10.02
H13 CLA KB . 44.61 28.19 8.57
H141 CLA KB . 42.61 28.18 9.65
H142 CLA KB . 43.42 29.30 10.71
H143 CLA KB . 43.28 27.63 11.15
H151 CLA KB . 45.35 26.38 10.90
H152 CLA KB . 46.10 26.39 9.30
H161 CLA KB . 43.99 25.67 8.27
H162 CLA KB . 43.17 25.73 9.82
H171 CLA KB . 44.72 24.02 10.72
H172 CLA KB . 45.57 23.98 9.17
H18 CLA KB . 42.90 23.59 8.44
H191 CLA KB . 43.64 21.27 8.02
H192 CLA KB . 45.07 21.56 8.95
H193 CLA KB . 44.80 22.44 7.48
H201 CLA KB . 42.14 21.76 9.88
H202 CLA KB . 42.28 23.24 10.77
H203 CLA KB . 43.48 22.02 10.95
HHC2 CLA KB . 49.19 31.70 9.73
HHD2 CLA KB . 47.82 27.15 13.02
MG CLA LB . 39.59 34.24 12.08
CHA CLA LB . 38.64 37.03 10.31
CHB CLA LB . 36.28 33.26 12.40
CHC CLA LB . 40.64 31.55 13.72
CHD CLA LB . 42.98 35.26 11.76
NA CLA LB . 37.64 35.04 11.42
C1A CLA LB . 37.47 36.17 10.72
C2A CLA LB . 36.03 36.38 10.38
C3A CLA LB . 35.32 35.20 11.07
C4A CLA LB . 36.47 34.45 11.68
CMA CLA LB . 34.10 35.53 11.92
CAA CLA LB . 35.95 36.33 8.84
CBA CLA LB . 34.68 35.83 8.14
CGA CLA LB . 35.11 34.94 6.99
O1A CLA LB . 35.22 35.46 5.88
O2A CLA LB . 35.35 33.67 7.19
NB CLA LB . 38.61 32.66 12.91
C1B CLA LB . 37.27 32.44 12.99
C2B CLA LB . 37.02 31.21 13.69
C3B CLA LB . 38.25 30.75 14.07
C4B CLA LB . 39.26 31.68 13.57
CMB CLA LB . 35.68 30.58 14.00
CAB CLA LB . 38.56 29.53 14.83
CBB CLA LB . 38.18 28.17 14.26
NC CLA LB . 41.49 33.50 12.57
C1C CLA LB . 41.68 32.39 13.28
C2C CLA LB . 43.12 32.14 13.56
C3C CLA LB . 43.77 33.18 12.95
C4C CLA LB . 42.74 34.02 12.35
CMC CLA LB . 43.70 30.98 14.32
CAC CLA LB . 45.27 33.41 12.93
CBC CLA LB . 45.73 33.99 14.24
ND CLA LB . 40.64 35.72 11.29
C1D CLA LB . 41.95 36.05 11.18
C2D CLA LB . 42.15 37.26 10.41
C3D CLA LB . 40.84 37.64 10.07
C4D CLA LB . 39.96 36.71 10.61
CMD CLA LB . 43.35 38.04 9.98
CAD CLA LB . 40.09 38.66 9.37
OBD CLA LB . 40.54 39.77 9.10
CBD CLA LB . 38.64 38.33 9.52
CGD CLA LB . 37.93 39.40 10.30
O1D CLA LB . 38.41 39.86 11.33
O2D CLA LB . 36.76 39.85 9.87
CED CLA LB . 36.26 41.03 10.52
C1 CLA LB . 36.46 33.01 6.49
C2 CLA LB . 36.44 32.95 4.98
C3 CLA LB . 37.46 32.47 4.26
C4 CLA LB . 37.37 32.43 2.76
C5 CLA LB . 38.77 31.96 4.84
C6 CLA LB . 39.81 33.06 4.76
C7 CLA LB . 41.08 32.60 4.04
C8 CLA LB . 42.12 33.71 3.89
C9 CLA LB . 41.54 34.96 3.25
C10 CLA LB . 43.30 33.20 3.06
C11 CLA LB . 44.56 34.01 3.32
C12 CLA LB . 45.20 34.53 2.04
C13 CLA LB . 45.98 33.44 1.32
C14 CLA LB . 47.43 33.43 1.79
C15 CLA LB . 45.90 33.62 -0.20
C16 CLA LB . 46.30 32.34 -0.95
C17 CLA LB . 47.62 32.51 -1.67
C18 CLA LB . 48.24 31.18 -2.13
C19 CLA LB . 49.02 30.52 -1.00
C20 CLA LB . 47.21 30.22 -2.71
HHB CLA LB . 35.29 32.84 12.38
HHC CLA LB . 40.78 31.45 14.80
HHD CLA LB . 43.45 35.88 12.52
H2A CLA LB . 35.66 37.34 10.76
H3A CLA LB . 34.97 34.51 10.30
HMA1 CLA LB . 33.43 36.11 11.33
HMA2 CLA LB . 34.41 36.09 12.76
HMA3 CLA LB . 33.64 34.64 12.22
HAA1 CLA LB . 36.77 35.70 8.51
HAA2 CLA LB . 36.15 37.34 8.46
HBA1 CLA LB . 34.11 36.67 7.74
HBA2 CLA LB . 34.01 35.28 8.80
HMB1 CLA LB . 35.19 30.34 13.10
HMB2 CLA LB . 35.09 31.25 14.57
HMB3 CLA LB . 35.83 29.70 14.57
HBB1 CLA LB . 38.47 27.28 14.78
HBB2 CLA LB . 37.82 28.11 13.25
HMC1 CLA LB . 43.90 31.30 15.32
HMC2 CLA LB . 44.60 30.69 13.87
HMC3 CLA LB . 43.02 30.18 14.32
HAC1 CLA LB . 45.52 34.09 12.12
HAC2 CLA LB . 45.77 32.46 12.75
HBC1 CLA LB . 46.79 33.96 14.28
HBC2 CLA LB . 45.33 33.42 15.04
HBC3 CLA LB . 45.39 34.99 14.32
HMD1 CLA LB . 44.23 37.55 10.32
HMD2 CLA LB . 43.31 39.02 10.38
HMD3 CLA LB . 43.37 38.08 8.92
HBD CLA LB . 38.16 38.21 8.54
HED1 CLA LB . 35.42 41.40 9.98
HED2 CLA LB . 37.00 41.77 10.55
HED3 CLA LB . 35.96 40.78 11.50
H11 CLA LB . 36.51 31.99 6.86
H12 CLA LB . 37.38 33.51 6.80
H2 CLA LB . 35.55 33.29 4.46
H41 CLA LB . 38.29 32.14 2.35
H42 CLA LB . 37.11 33.39 2.40
H43 CLA LB . 36.61 31.73 2.48
H51 CLA LB . 39.10 31.09 4.27
H52 CLA LB . 38.63 31.64 5.88
H61 CLA LB . 40.07 33.39 5.77
H62 CLA LB . 39.37 33.92 4.24
H71 CLA LB . 40.81 32.23 3.05
H72 CLA LB . 41.52 31.77 4.59
H8 CLA LB . 42.48 33.96 4.89
H91 CLA LB . 42.33 35.60 2.95
H92 CLA LB . 40.93 35.46 3.94
H93 CLA LB . 40.96 34.68 2.41
H101 CLA LB . 43.05 33.25 2.00
H102 CLA LB . 43.48 32.15 3.31
H111 CLA LB . 45.29 33.38 3.84
H112 CLA LB . 44.33 34.85 3.98
H121 CLA LB . 45.88 35.35 2.28
H122 CLA LB . 44.41 34.93 1.38
H13 CLA LB . 45.52 32.47 1.58
H141 CLA LB . 47.92 32.57 1.40
H142 CLA LB . 47.45 33.40 2.85
H143 CLA LB . 47.92 34.31 1.45
H151 CLA LB . 46.56 34.43 -0.50
H152 CLA LB . 44.88 33.90 -0.48
H161 CLA LB . 45.52 32.12 -1.68
H162 CLA LB . 46.36 31.51 -0.26
H171 CLA LB . 48.33 33.02 -1.01
H172 CLA LB . 47.48 33.16 -2.55
H18 CLA LB . 48.96 31.41 -2.94
H191 CLA LB . 49.40 29.59 -1.34
H192 CLA LB . 48.37 30.34 -0.18
H193 CLA LB . 49.80 31.15 -0.70
H201 CLA LB . 47.72 29.46 -3.24
H202 CLA LB . 46.57 30.73 -3.37
H203 CLA LB . 46.64 29.79 -1.92
HHC2 CLA LB . 40.87 30.56 13.32
HHD2 CLA LB . 43.74 35.11 10.98
MG CLA MB . 46.81 47.73 20.32
CHA CLA MB . 43.82 48.36 21.88
CHB CLA MB . 47.47 51.13 20.05
CHC CLA MB . 49.68 46.98 18.87
CHD CLA MB . 46.16 44.24 20.63
NA CLA MB . 45.78 49.58 20.91
C1A CLA MB . 44.57 49.62 21.51
C2A CLA MB . 44.12 51.02 21.77
C3A CLA MB . 45.25 51.84 21.14
C4A CLA MB . 46.26 50.82 20.67
CMA CLA MB . 45.16 53.32 20.75
CAA CLA MB . 44.05 51.24 23.29
CBA CLA MB . 45.32 51.81 23.95
CGA CLA MB . 46.46 50.81 23.97
O1A CLA MB . 46.23 49.62 23.84
O2A CLA MB . 47.69 51.26 24.15
NB CLA MB . 48.33 48.87 19.58
C1B CLA MB . 48.44 50.23 19.56
C2B CLA MB . 49.70 50.61 18.95
C3B CLA MB . 50.31 49.42 18.63
C4B CLA MB . 49.42 48.34 19.03
CMB CLA MB . 50.21 52.01 18.74
CAB CLA MB . 51.61 49.21 17.96
CBB CLA MB . 52.04 50.15 16.87
NC CLA MB . 47.80 45.92 19.93
C1C CLA MB . 48.95 45.85 19.26
C2C CLA MB . 49.36 44.45 18.98
C3C CLA MB . 48.38 43.70 19.53
C4C CLA MB . 47.40 44.61 20.11
CMC CLA MB . 50.60 43.99 18.26
CAC CLA MB . 48.30 42.19 19.55
CBC CLA MB . 49.03 41.74 20.79
ND CLA MB . 45.43 46.52 21.06
C1D CLA MB . 45.21 45.18 21.11
C2D CLA MB . 43.93 44.86 21.72
C3D CLA MB . 43.39 46.11 22.01
C4D CLA MB . 44.30 47.09 21.62
CMD CLA MB . 43.19 43.57 22.00
CAD CLA MB . 42.23 46.76 22.58
OBD CLA MB . 41.35 46.20 23.20
CBD CLA MB . 42.47 48.24 22.55
CGD CLA MB . 41.40 48.91 21.75
O1D CLA MB . 40.38 49.31 22.29
O2D CLA MB . 41.54 49.08 20.44
CED CLA MB . 40.89 50.21 19.86
C1 CLA MB . 48.52 51.73 23.04
C2 CLA MB . 49.66 52.68 23.33
C3 CLA MB . 50.96 52.47 23.03
C4 CLA MB . 51.98 53.50 23.36
C5 CLA MB . 51.53 51.22 22.37
C6 CLA MB . 51.79 50.16 23.43
C7 CLA MB . 52.85 49.15 22.97
C8 CLA MB . 54.19 49.21 23.70
C9 CLA MB . 54.68 50.61 23.99
C10 CLA MB . 55.22 48.46 22.85
C11 CLA MB . 56.27 47.73 23.70
C12 CLA MB . 56.95 46.60 22.91
C13 CLA MB . 56.17 45.29 22.96
C14 CLA MB . 56.45 44.53 24.25
C15 CLA MB . 56.50 44.43 21.74
C16 CLA MB . 55.54 43.25 21.59
C17 CLA MB . 56.10 41.94 22.15
C18 CLA MB . 55.02 41.13 22.86
C19 CLA MB . 53.90 40.71 21.91
C20 CLA MB . 55.61 39.90 23.53
HHB CLA MB . 47.70 52.19 19.95
HHC CLA MB . 49.71 46.87 17.78
HHD CLA MB . 45.66 43.65 19.86
H2A CLA MB . 43.16 51.23 21.29
H3A CLA MB . 44.74 51.70 20.18
HMA1 CLA MB . 45.32 53.93 21.60
HMA2 CLA MB . 44.20 53.50 20.36
HMA3 CLA MB . 45.88 53.53 20.00
HAA1 CLA MB . 43.80 50.31 23.78
HAA2 CLA MB . 43.23 51.93 23.50
HBA1 CLA MB . 45.64 52.72 23.46
HBA2 CLA MB . 45.08 52.06 24.99
HMB1 CLA MB . 50.07 52.57 19.62
HMB2 CLA MB . 49.70 52.47 17.94
HMB3 CLA MB . 51.25 51.98 18.52
HBB1 CLA MB . 51.31 50.48 16.15
HBB2 CLA MB . 53.08 50.38 16.73
HMC1 CLA MB . 51.14 44.83 17.91
HMC2 CLA MB . 50.30 43.40 17.42
HMC3 CLA MB . 51.20 43.41 18.90
HAC1 CLA MB . 48.77 41.78 18.65
HAC2 CLA MB . 47.26 41.87 19.58
HBC1 CLA MB . 48.85 40.70 20.96
HBC2 CLA MB . 48.70 42.29 21.62
HBC3 CLA MB . 50.07 41.90 20.66
HMD1 CLA MB . 43.37 43.27 23.00
HMD2 CLA MB . 43.53 42.82 21.33
HMD3 CLA MB . 42.16 43.73 21.86
HBD CLA MB . 42.49 48.64 23.58
HED1 CLA MB . 41.32 50.43 18.92
HED2 CLA MB . 40.98 51.04 20.51
HED3 CLA MB . 39.86 49.98 19.73
H11 CLA MB . 47.85 52.26 22.37
H12 CLA MB . 48.89 50.86 22.50
H2 CLA MB . 49.41 53.62 23.79
H41 CLA MB . 52.84 53.04 23.79
H42 CLA MB . 51.58 54.20 24.04
H43 CLA MB . 52.27 54.02 22.48
H51 CLA MB . 52.47 51.48 21.88
H52 CLA MB . 50.85 50.84 21.61
H61 CLA MB . 50.86 49.62 23.63
H62 CLA MB . 52.10 50.63 24.37
H71 CLA MB . 53.02 49.28 21.89
H72 CLA MB . 52.44 48.15 23.10
H8 CLA MB . 54.08 48.67 24.66
H91 CLA MB . 55.72 50.59 24.20
H92 CLA MB . 54.17 51.00 24.84
H93 CLA MB . 54.50 51.24 23.15
H101 CLA MB . 55.73 49.17 22.20
H102 CLA MB . 54.71 47.73 22.21
H111 CLA MB . 55.80 47.31 24.59
H112 CLA MB . 57.03 48.44 24.01
H121 CLA MB . 57.95 46.43 23.32
H122 CLA MB . 57.08 46.91 21.87
H13 CLA MB . 55.09 45.54 22.93
H141 CLA MB . 55.72 43.78 24.39
H142 CLA MB . 56.42 45.21 25.07
H143 CLA MB . 57.42 44.09 24.19
H151 CLA MB . 57.52 44.07 21.82
H152 CLA MB . 56.44 45.05 20.85
H161 CLA MB . 55.32 43.12 20.54
H162 CLA MB . 54.61 43.48 22.09
H171 CLA MB . 56.91 42.15 22.85
H172 CLA MB . 56.51 41.35 21.32
H18 CLA MB . 54.58 41.77 23.64
H191 CLA MB . 53.14 40.23 22.47
H192 CLA MB . 54.28 40.03 21.19
H193 CLA MB . 53.50 41.55 21.42
H201 CLA MB . 54.89 39.46 24.17
H202 CLA MB . 56.46 40.17 24.10
H203 CLA MB . 55.89 39.19 22.79
HHC2 CLA MB . 50.70 46.82 19.21
HHD2 CLA MB . 46.36 43.56 21.46
MG CLA NB . 54.77 58.94 8.07
CHA CLA NB . 52.95 58.80 11.01
CHB CLA NB . 54.47 62.40 7.99
CHC CLA NB . 56.61 58.96 5.30
CHD CLA NB . 55.12 55.41 8.19
NA CLA NB . 53.82 60.46 9.36
C1A CLA NB . 53.14 60.21 10.50
C2A CLA NB . 52.63 61.48 11.12
C3A CLA NB . 53.13 62.58 10.14
C4A CLA NB . 53.86 61.78 9.10
CMA CLA NB . 52.20 63.71 9.74
CAA CLA NB . 53.12 61.66 12.57
CBA CLA NB . 54.31 62.60 12.75
CGA CLA NB . 55.59 61.90 12.37
O1A CLA NB . 55.57 60.95 11.63
O2A CLA NB . 56.72 62.36 12.86
NB CLA NB . 55.44 60.43 6.85
C1B CLA NB . 55.20 61.77 6.95
C2B CLA NB . 55.83 62.45 5.84
C3B CLA NB . 56.41 61.47 5.09
C4B CLA NB . 56.16 60.19 5.75
CMB CLA NB . 55.81 63.93 5.53
CAB CLA NB . 57.16 61.68 3.84
CBB CLA NB . 56.73 60.97 2.57
NC CLA NB . 55.74 57.44 6.97
C1C CLA NB . 56.40 57.66 5.84
C2C CLA NB . 56.87 56.41 5.20
C3C CLA NB . 56.46 55.41 6.05
C4C CLA NB . 55.76 56.07 7.14
CMC CLA NB . 57.65 56.26 3.92
CAC CLA NB . 56.69 53.93 5.87
CBC CLA NB . 57.95 53.51 6.58
ND CLA NB . 54.23 57.43 9.22
C1D CLA NB . 54.41 56.07 9.21
C2D CLA NB . 53.74 55.44 10.35
C3D CLA NB . 53.19 56.51 11.04
C4D CLA NB . 53.48 57.69 10.37
CMD CLA NB . 53.63 54.01 10.81
CAD CLA NB . 52.42 56.82 12.22
OBD CLA NB . 52.17 56.05 13.13
CBD CLA NB . 52.21 58.31 12.24
CGD CLA NB . 50.74 58.57 12.20
O1D CLA NB . 49.95 57.78 12.69
O2D CLA NB . 50.25 59.67 11.64
CED CLA NB . 49.55 60.56 12.53
C1 CLA NB . 57.30 63.59 12.32
C2 CLA NB . 57.14 63.90 10.85
C3 CLA NB . 57.88 63.29 9.90
C4 CLA NB . 57.68 63.64 8.45
C5 CLA NB . 58.92 62.24 10.17
C6 CLA NB . 58.31 60.85 10.06
C7 CLA NB . 59.09 60.00 9.08
C8 CLA NB . 58.52 58.59 8.86
C9 CLA NB . 57.67 58.10 10.03
C10 CLA NB . 59.67 57.62 8.62
C11 CLA NB . 60.37 57.90 7.29
C12 CLA NB . 60.65 56.62 6.52
C13 CLA NB . 61.87 55.89 7.08
C14 CLA NB . 63.14 56.29 6.35
C15 CLA NB . 61.65 54.38 7.03
C16 CLA NB . 61.69 53.83 5.60
C17 CLA NB . 61.15 52.40 5.55
C18 CLA NB . 62.27 51.38 5.70
C19 CLA NB . 61.75 50.07 6.29
C20 CLA NB . 62.96 51.11 4.36
HHB CLA NB . 54.39 63.47 7.94
HHC CLA NB . 56.26 58.88 4.27
HHD CLA NB . 54.41 54.70 7.74
H2A CLA NB . 51.53 61.50 11.10
HMA1 CLA NB . 51.76 64.14 10.60
HMA2 CLA NB . 51.44 63.34 9.11
HMA3 CLA NB . 52.75 64.45 9.22
HAA1 CLA NB . 53.40 60.69 12.96
HAA2 CLA NB . 52.29 62.03 13.17
HBA1 CLA NB . 54.37 62.88 13.82
HBA2 CLA NB . 54.19 63.53 12.19
HMB1 CLA NB . 56.78 64.23 5.21
HMB2 CLA NB . 55.53 64.48 6.38
HMB3 CLA NB . 55.13 64.11 4.74
HBB1 CLA NB . 56.45 61.57 1.72
HBB2 CLA NB . 57.10 59.98 2.38
HMC1 CLA NB . 57.64 57.18 3.39
HMC2 CLA NB . 57.20 55.51 3.32
HMC3 CLA NB . 58.65 55.99 4.14
HAC1 CLA NB . 56.77 53.70 4.81
HAC2 CLA NB . 55.84 53.38 6.28
HBC1 CLA NB . 58.03 52.46 6.57
HBC2 CLA NB . 57.93 53.86 7.59
HBC3 CLA NB . 58.79 53.93 6.09
HMD1 CLA NB . 52.96 53.49 10.18
HMD2 CLA NB . 53.26 54.00 11.80
HMD3 CLA NB . 54.58 53.55 10.78
HBD CLA NB . 52.64 58.72 13.16
HED1 CLA NB . 49.11 61.34 11.98
HED2 CLA NB . 50.23 60.95 13.23
HED3 CLA NB . 48.79 60.02 13.04
H11 CLA NB . 58.37 63.60 12.56
H12 CLA NB . 56.86 64.42 12.87
H2 CLA NB . 56.41 64.64 10.55
H41 CLA NB . 57.76 62.76 7.87
H42 CLA NB . 58.41 64.34 8.16
H43 CLA NB . 56.71 64.06 8.32
H51 CLA NB . 59.36 62.37 11.16
H52 CLA NB . 59.72 62.33 9.43
H61 CLA NB . 57.27 60.93 9.74
H62 CLA NB . 58.31 60.39 11.05
H71 CLA NB . 60.13 59.92 9.42
H72 CLA NB . 59.11 60.51 8.12
H8 CLA NB . 57.89 58.61 7.97
H91 CLA NB . 57.40 57.09 9.86
H92 CLA NB . 56.78 58.68 10.10
H93 CLA NB . 58.21 58.17 10.93
H101 CLA NB . 59.29 56.59 8.62
H102 CLA NB . 60.40 57.70 9.43
H111 CLA NB . 61.31 58.42 7.49
H112 CLA NB . 59.74 58.57 6.69
H121 CLA NB . 60.83 56.86 5.47
H122 CLA NB . 59.78 55.96 6.56
H13 CLA NB . 61.98 56.18 8.14
H141 CLA NB . 63.94 55.69 6.67
H142 CLA NB . 63.36 57.31 6.56
H143 CLA NB . 63.01 56.18 5.30
H151 CLA NB . 60.68 54.14 7.48
H152 CLA NB . 62.41 53.89 7.63
H161 CLA NB . 62.72 53.83 5.24
H162 CLA NB . 61.10 54.46 4.95
H171 CLA NB . 60.65 52.24 4.59
H172 CLA NB . 60.42 52.25 6.34
H18 CLA NB . 63.02 51.78 6.40
H191 CLA NB . 62.46 49.30 6.16
H192 CLA NB . 60.84 49.81 5.80
H193 CLA NB . 61.56 50.21 7.32
H201 CLA NB . 62.42 50.39 3.82
H202 CLA NB . 63.94 50.77 4.54
H203 CLA NB . 63.01 52.02 3.81
HHC2 CLA NB . 57.70 59.05 5.21
HHD2 CLA NB . 55.86 54.79 8.68
MG CLA OB . 57.03 52.34 15.05
CHA CLA OB . 55.13 54.44 17.02
CHB CLA OB . 57.56 54.89 12.76
CHC CLA OB . 58.92 50.26 13.27
CHD CLA OB . 56.51 49.74 17.41
NA CLA OB . 56.42 54.47 14.89
C1A CLA OB . 55.67 55.11 15.78
C2A CLA OB . 55.44 56.54 15.37
C3A CLA OB . 56.23 56.66 14.04
C4A CLA OB . 56.77 55.27 13.86
CMA CLA OB . 55.71 57.45 12.86
CAA CLA OB . 56.00 57.52 16.41
CBA CLA OB . 55.74 58.96 16.02
CGA CLA OB . 57.05 59.70 15.96
O1A CLA OB . 57.68 59.88 16.99
O2A CLA OB . 57.48 60.15 14.80
NB CLA OB . 58.07 52.55 13.31
C1B CLA OB . 58.16 53.64 12.50
C2B CLA OB . 58.95 53.33 11.33
C3B CLA OB . 59.33 52.02 11.49
C4B CLA OB . 58.76 51.55 12.75
CMB CLA OB . 59.28 54.27 10.21
CAB CLA OB . 60.16 51.15 10.61
CBB CLA OB . 61.37 51.67 9.87
NC CLA OB . 57.66 50.36 15.33
C1C CLA OB . 58.41 49.69 14.45
C2C CLA OB . 58.63 48.28 14.87
C3C CLA OB . 57.98 48.17 16.06
C4C CLA OB . 57.37 49.46 16.34
CMC CLA OB . 59.44 47.25 14.14
CAC CLA OB . 57.89 46.93 16.93
CBC CLA OB . 59.11 46.86 17.83
ND CLA OB . 56.11 52.05 16.77
C1D CLA OB . 55.94 51.02 17.63
C2D CLA OB . 55.12 51.40 18.78
C3D CLA OB . 54.81 52.72 18.52
C4D CLA OB . 55.40 53.11 17.32
CMD CLA OB . 54.62 50.67 20.00
CAD CLA OB . 54.08 53.86 19.07
OBD CLA OB . 53.26 53.80 19.96
CBD CLA OB . 54.25 55.00 18.11
CGD CLA OB . 52.91 55.40 17.57
O1D CLA OB . 52.06 54.55 17.37
O2D CLA OB . 52.64 56.68 17.31
CED CLA OB . 51.96 57.40 18.34
C1 CLA OB . 58.81 59.80 14.32
C2 CLA OB . 59.19 58.35 14.04
C3 CLA OB . 60.09 57.66 14.76
C4 CLA OB . 60.81 58.25 15.94
C5 CLA OB . 60.44 56.24 14.40
C6 CLA OB . 60.06 55.23 15.49
C7 CLA OB . 60.93 53.99 15.35
C8 CLA OB . 60.45 52.78 16.12
C9 CLA OB . 59.72 53.15 17.41
C10 CLA OB . 61.65 51.89 16.41
C11 CLA OB . 61.24 50.47 16.79
C12 CLA OB . 62.02 49.44 15.98
C13 CLA OB . 63.52 49.55 16.25
HHB CLA OB . 57.75 55.67 12.03
HHC CLA OB . 58.59 49.58 12.47
HHD CLA OB . 55.68 49.04 17.34
H2A CLA OB . 54.38 56.74 15.20
HMA1 CLA OB . 54.74 57.84 13.08
HMA2 CLA OB . 55.66 56.82 12.01
HMA3 CLA OB . 56.36 58.25 12.66
HAA1 CLA OB . 57.08 57.36 16.50
HAA2 CLA OB . 55.55 57.32 17.38
HBA1 CLA OB . 55.08 59.43 16.76
HBA2 CLA OB . 55.24 59.01 15.04
HMB1 CLA OB . 58.38 54.70 9.84
HMB2 CLA OB . 59.75 53.75 9.42
HMB3 CLA OB . 59.92 55.04 10.55
HBB1 CLA OB . 62.25 51.04 9.86
HBB2 CLA OB . 61.23 52.34 9.04
HMC1 CLA OB . 59.23 47.28 13.11
HMC2 CLA OB . 59.19 46.28 14.51
HMC3 CLA OB . 60.48 47.42 14.30
HAC1 CLA OB . 57.84 46.04 16.29
HAC2 CLA OB . 56.99 46.97 17.53
HBC1 CLA OB . 58.97 46.09 18.54
HBC2 CLA OB . 59.23 47.78 18.32
HBC3 CLA OB . 59.97 46.66 17.24
HMD1 CLA OB . 55.01 49.69 20.02
HMD2 CLA OB . 53.56 50.64 19.98
HMD3 CLA OB . 54.94 51.19 20.87
HBD CLA OB . 54.73 55.85 18.62
HED1 CLA OB . 51.38 58.17 17.90
HED2 CLA OB . 52.68 57.82 19.00
HED3 CLA OB . 51.34 56.73 18.87
H11 CLA OB . 59.53 60.22 15.02
H12 CLA OB . 58.97 60.34 13.38
H2 CLA OB . 58.72 57.86 13.20
H41 CLA OB . 61.47 57.52 16.34
H42 CLA OB . 60.11 58.54 16.67
H43 CLA OB . 61.38 59.09 15.63
H51 CLA OB . 61.51 56.17 14.23
H52 CLA OB . 59.93 55.96 13.48
H61 CLA OB . 59.01 54.95 15.40
H62 CLA OB . 60.21 55.68 16.48
H71 CLA OB . 61.94 54.23 15.67
H72 CLA OB . 60.99 53.73 14.29
H8 CLA OB . 59.74 52.22 15.48
H91 CLA OB . 59.59 52.29 18.01
H92 CLA OB . 58.78 53.56 17.18
H93 CLA OB . 60.30 53.87 17.94
H101 CLA OB . 62.23 52.33 17.22
H102 CLA OB . 62.28 51.86 15.53
H111 CLA OB . 60.17 50.33 16.62
H112 CLA OB . 61.43 50.31 17.85
H121 CLA OB . 61.83 49.58 14.92
H122 CLA OB . 61.68 48.44 16.26
HHC2 CLA OB . 60.00 50.11 13.32
HHD2 CLA OB . 57.06 49.47 18.32
MG CLA PB . 61.38 43.43 -1.16
CHA CLA PB . 63.87 41.48 -2.48
CHB CLA PB . 63.72 45.34 0.58
CHC CLA PB . 58.89 45.30 -0.03
CHD CLA PB . 58.99 41.46 -2.90
NA CLA PB . 63.58 43.43 -0.97
C1A CLA PB . 64.40 42.57 -1.58
C2A CLA PB . 65.84 42.82 -1.21
C3A CLA PB . 65.74 44.03 -0.26
C4A CLA PB . 64.27 44.30 -0.19
CMA CLA PB . 66.59 44.05 1.02
CAA CLA PB . 66.73 43.14 -2.40
CBA CLA PB . 66.02 43.94 -3.48
CGA CLA PB . 67.04 44.72 -4.27
O1A CLA PB . 67.25 45.89 -3.98
O2A CLA PB . 67.69 44.12 -5.25
NB CLA PB . 61.32 45.06 0.06
C1B CLA PB . 62.35 45.70 0.70
C2B CLA PB . 61.83 46.77 1.52
C3B CLA PB . 60.47 46.75 1.34
C4B CLA PB . 60.16 45.65 0.42
CMB CLA PB . 62.60 47.72 2.39
CAB CLA PB . 59.43 47.61 1.92
CBB CLA PB . 59.64 48.40 3.19
NC CLA PB . 59.31 43.44 -1.49
C1C CLA PB . 58.47 44.26 -0.88
C2C CLA PB . 57.05 43.99 -1.21
C3C CLA PB . 57.10 42.92 -2.06
C4C CLA PB . 58.51 42.57 -2.22
CMC CLA PB . 55.83 44.72 -0.72
CAC CLA PB . 55.92 42.22 -2.71
CBC CLA PB . 55.80 40.81 -2.18
ND CLA PB . 61.32 41.87 -2.37
C1D CLA PB . 60.37 41.17 -3.04
C2D CLA PB . 60.95 40.12 -3.88
C3D CLA PB . 62.31 40.25 -3.65
C4D CLA PB . 62.52 41.30 -2.76
CMD CLA PB . 60.37 39.07 -4.79
CAD CLA PB . 63.59 39.68 -4.02
OBD CLA PB . 63.82 39.10 -5.07
CBD CLA PB . 64.63 40.37 -3.18
CGD CLA PB . 65.16 39.37 -2.19
O1D CLA PB . 64.76 38.22 -2.19
O2D CLA PB . 66.05 39.75 -1.29
CED CLA PB . 67.36 39.21 -1.45
C1 CLA PB . 67.35 44.38 -6.64
HHB CLA PB . 64.42 45.96 1.10
HHC CLA PB . 58.28 45.21 0.88
HHD CLA PB . 58.55 40.59 -2.43
H2A CLA PB . 66.25 41.96 -0.65
HMA1 CLA PB . 67.60 43.88 0.77
HMA2 CLA PB . 66.25 43.29 1.67
HMA3 CLA PB . 66.49 44.99 1.49
HAA1 CLA PB . 67.12 42.22 -2.83
HAA2 CLA PB . 67.60 43.72 -2.05
HBA1 CLA PB . 65.30 44.62 -3.04
HBA2 CLA PB . 65.48 43.25 -4.15
HMB1 CLA PB . 63.64 47.55 2.27
HMB2 CLA PB . 62.33 47.58 3.39
HMB3 CLA PB . 62.38 48.72 2.10
HBB1 CLA PB . 58.78 48.61 3.81
HBB2 CLA PB . 60.47 49.06 3.25
HMC1 CLA PB . 56.12 45.67 -0.34
HMC2 CLA PB . 55.35 44.16 0.04
HMC3 CLA PB . 55.16 44.87 -1.52
HAC1 CLA PB . 56.06 42.20 -3.79
HAC2 CLA PB . 55.00 42.77 -2.49
HBC1 CLA PB . 54.79 40.51 -2.22
HBC2 CLA PB . 56.14 40.77 -1.17
HBC3 CLA PB . 56.38 40.16 -2.78
HMD1 CLA PB . 59.44 39.42 -5.18
HMD2 CLA PB . 60.22 38.17 -4.25
HMD3 CLA PB . 61.04 38.90 -5.59
HBD CLA PB . 65.45 40.76 -3.80
HED1 CLA PB . 68.07 39.94 -1.18
HED2 CLA PB . 67.49 38.93 -2.45
HED3 CLA PB . 67.46 38.36 -0.82
HHC2 CLA PB . 58.52 46.21 -0.51
HHD2 CLA PB . 58.57 41.49 -3.91
MG CLA QB . 53.45 37.42 -4.76
CHA CLA QB . 54.87 34.38 -5.53
CHB CLA QB . 55.78 39.07 -6.75
CHC CLA QB . 51.94 40.29 -4.02
CHD CLA QB . 51.10 35.75 -2.70
NA CLA QB . 55.14 36.81 -6.02
C1A CLA QB . 55.56 35.55 -6.19
C2A CLA QB . 56.74 35.47 -7.11
C3A CLA QB . 57.02 36.94 -7.46
C4A CLA QB . 55.94 37.67 -6.71
CMA CLA QB . 58.46 37.45 -7.39
CAA CLA QB . 56.33 34.74 -8.38
CBA CLA QB . 57.29 33.65 -8.81
CGA CLA QB . 56.87 33.13 -10.16
O1A CLA QB . 57.01 31.95 -10.43
O2A CLA QB . 56.34 33.99 -11.03
NB CLA QB . 53.80 39.36 -5.30
C1B CLA QB . 54.81 39.85 -6.09
C2B CLA QB . 54.69 41.29 -6.17
C3B CLA QB . 53.62 41.61 -5.40
C4B CLA QB . 53.06 40.38 -4.86
CMB CLA QB . 55.59 42.23 -6.93
CAB CLA QB . 53.04 42.94 -5.12
CBB CLA QB . 52.28 43.68 -6.18
NC CLA QB . 51.74 37.92 -3.63
C1C CLA QB . 51.33 39.16 -3.43
C2C CLA QB . 50.16 39.24 -2.53
C3C CLA QB . 49.90 37.94 -2.20
C4C CLA QB . 50.90 37.12 -2.89
CMC CLA QB . 49.44 40.48 -2.09
CAC CLA QB . 48.79 37.47 -1.29
CBC CLA QB . 49.28 36.54 -0.20
ND CLA QB . 53.00 35.58 -4.20
C1D CLA QB . 52.07 35.00 -3.40
C2D CLA QB . 52.24 33.55 -3.35
C3D CLA QB . 53.34 33.32 -4.19
C4D CLA QB . 53.77 34.55 -4.69
CMD CLA QB . 51.52 32.43 -2.64
CAD CLA QB . 54.17 32.27 -4.72
OBD CLA QB . 54.08 31.08 -4.48
CBD CLA QB . 55.19 32.91 -5.62
CGD CLA QB . 56.56 32.62 -5.09
O1D CLA QB . 57.36 31.97 -5.75
O2D CLA QB . 56.93 33.06 -3.89
CED CLA QB . 58.20 33.70 -3.81
C1 CLA QB . 55.08 33.70 -11.70
C2 CLA QB . 55.08 32.87 -12.96
C3 CLA QB . 53.95 32.54 -13.61
C4 CLA QB . 54.04 31.72 -14.86
C5 CLA QB . 52.55 32.93 -13.16
C6 CLA QB . 51.69 31.68 -13.00
C7 CLA QB . 50.46 31.91 -12.12
C8 CLA QB . 50.76 32.25 -10.66
C9 CLA QB . 51.95 31.47 -10.12
C10 CLA QB . 49.55 31.97 -9.76
C11 CLA QB . 48.22 32.44 -10.34
C12 CLA QB . 47.06 32.13 -9.39
C13 CLA QB . 46.85 33.07 -8.20
C14 CLA QB . 47.48 34.45 -8.39
C15 CLA QB . 47.34 32.39 -6.92
C16 CLA QB . 46.90 33.11 -5.64
C17 CLA QB . 45.42 32.89 -5.33
C18 CLA QB . 44.81 34.09 -4.60
C19 CLA QB . 44.79 35.34 -5.49
C20 CLA QB . 43.41 33.74 -4.11
HHB CLA QB . 56.52 39.61 -7.32
HHC CLA QB . 52.16 40.98 -3.20
HHD CLA QB . 51.32 35.61 -1.64
H2A CLA QB . 57.60 34.99 -6.64
HMA1 CLA QB . 59.07 36.85 -8.00
HMA2 CLA QB . 58.80 37.39 -6.39
HMA3 CLA QB . 58.49 38.46 -7.71
HAA1 CLA QB . 56.24 35.48 -9.19
HAA2 CLA QB . 55.34 34.30 -8.25
HBA1 CLA QB . 57.30 32.83 -8.08
HBA2 CLA QB . 58.31 34.06 -8.88
HMB1 CLA QB . 55.59 41.97 -7.95
HMB2 CLA QB . 56.57 42.17 -6.54
HMB3 CLA QB . 55.22 43.22 -6.82
HBB1 CLA QB . 51.39 44.23 -5.90
HBB2 CLA QB . 52.79 43.96 -7.09
HMC1 CLA QB . 49.59 41.24 -2.81
HMC2 CLA QB . 49.81 40.80 -1.15
HMC3 CLA QB . 48.41 40.28 -2.00
HAC1 CLA QB . 48.03 36.95 -1.88
HAC2 CLA QB . 48.31 38.34 -0.83
HBC1 CLA QB . 48.57 36.50 0.58
HBC2 CLA QB . 50.20 36.89 0.18
HBC3 CLA QB . 49.40 35.57 -0.60
HMD1 CLA QB . 50.61 32.79 -2.24
HMD2 CLA QB . 52.13 32.06 -1.86
HMD3 CLA QB . 51.32 31.65 -3.32
HBD CLA QB . 55.09 32.55 -6.65
HED1 CLA QB . 58.37 34.03 -2.82
HED2 CLA QB . 58.23 34.51 -4.48
HED3 CLA QB . 58.96 33.01 -4.07
H11 CLA QB . 54.61 34.66 -11.93
H12 CLA QB . 54.43 33.21 -10.97
H2 CLA QB . 56.02 32.55 -13.36
H41 CLA QB . 53.07 31.65 -15.31
H42 CLA QB . 54.39 30.76 -14.63
H43 CLA QB . 54.70 32.18 -15.54
H51 CLA QB . 52.09 33.58 -13.92
H52 CLA QB . 52.58 33.49 -12.23
H61 CLA QB . 52.31 30.87 -12.59
H62 CLA QB . 51.35 31.36 -13.98
H71 CLA QB . 49.85 31.00 -12.14
H72 CLA QB . 49.86 32.71 -12.55
H8 CLA QB . 51.00 33.31 -10.60
H91 CLA QB . 52.02 31.61 -9.07
H92 CLA QB . 52.84 31.81 -10.57
H93 CLA QB . 51.82 30.43 -10.32
H101 CLA QB . 49.71 32.47 -8.79
H102 CLA QB . 49.50 30.90 -9.55
H111 CLA QB . 48.03 31.90 -11.26
H112 CLA QB . 48.26 33.50 -10.59
H121 CLA QB . 47.20 31.11 -9.00
H122 CLA QB . 46.14 32.11 -9.97
H13 CLA QB . 45.77 33.23 -8.11
H141 CLA QB . 47.15 35.10 -7.63
H142 CLA QB . 47.18 34.85 -9.33
H143 CLA QB . 48.53 34.36 -8.36
H151 CLA QB . 48.43 32.35 -6.94
H152 CLA QB . 46.96 31.37 -6.88
H161 CLA QB . 47.13 34.17 -5.70
H162 CLA QB . 47.49 32.71 -4.80
H171 CLA QB . 45.31 32.01 -4.72
H172 CLA QB . 44.87 32.72 -6.27
H18 CLA QB . 45.43 34.30 -3.72
H191 CLA QB . 43.98 35.96 -5.22
H192 CLA QB . 44.69 35.05 -6.50
H193 CLA QB . 45.69 35.87 -5.36
H201 CLA QB . 42.87 34.63 -3.92
H202 CLA QB . 43.48 33.17 -3.22
H203 CLA QB . 42.91 33.17 -4.85
HHC2 CLA QB . 51.14 40.78 -4.58
HHD2 CLA QB . 50.13 35.25 -2.87
C6 C7Z RB . 49.08 46.07 25.26
C17 C7Z RB . 46.83 47.00 25.06
C4 C7Z RB . 49.78 46.77 27.69
C3 C7Z RB . 49.72 48.27 27.01
O3 C7Z RB . 50.83 48.42 26.11
C2 C7Z RB . 48.56 48.45 26.31
C1 C7Z RB . 48.34 47.33 25.11
C5 C7Z RB . 49.76 45.75 26.67
C18 C7Z RB . 50.27 44.32 27.00
C16 C7Z RB . 48.74 47.98 23.74
O23 C7Z RB . 64.34 43.56 3.35
C26 C7Z RB . 61.55 45.21 6.17
C7 C7Z RB . 49.72 45.44 23.98
C8 C7Z RB . 50.98 45.79 23.66
C9 C7Z RB . 51.71 45.22 22.41
C19 C7Z RB . 51.96 43.71 22.30
C10 C7Z RB . 52.12 46.05 21.46
C11 C7Z RB . 52.87 45.53 20.20
C12 C7Z RB . 53.40 46.42 19.33
C13 C7Z RB . 54.20 45.95 18.06
C20 C7Z RB . 55.00 44.63 18.13
C14 C7Z RB . 54.19 46.67 16.93
C15 C7Z RB . 55.03 46.17 15.72
C35 C7Z RB . 55.29 46.97 14.67
C34 C7Z RB . 56.15 46.44 13.51
C33 C7Z RB . 56.44 47.23 12.46
C40 C7Z RB . 55.91 48.69 12.42
C32 C7Z RB . 57.33 46.68 11.31
C31 C7Z RB . 57.54 47.37 10.19
C30 C7Z RB . 58.49 46.76 9.09
C29 C7Z RB . 59.17 47.60 8.30
C39 C7Z RB . 59.00 49.11 8.46
C28 C7Z RB . 60.13 47.05 7.20
C27 C7Z RB . 60.55 45.78 7.26
C21 C7Z RB . 62.93 44.87 6.60
C36 C7Z RB . 62.84 44.04 7.91
C37 C7Z RB . 63.69 46.19 6.90
C22 C7Z RB . 63.82 44.00 5.50
C23 C7Z RB . 63.54 44.35 4.21
C24 C7Z RB . 61.89 44.09 3.81
C25 C7Z RB . 60.96 44.62 4.78
C38 C7Z RB . 59.60 45.17 4.25
C6 C7Z SB . 43.31 48.23 -1.31
C17 C7Z SB . 44.27 48.94 -3.45
C4 C7Z SB . 41.41 49.88 -0.76
C3 C7Z SB . 40.78 49.14 -2.11
O3 C7Z SB . 39.65 49.88 -2.56
C2 C7Z SB . 41.68 49.05 -3.14
C1 C7Z SB . 43.07 48.25 -2.75
C5 C7Z SB . 42.75 49.44 -0.46
C18 C7Z SB . 43.37 49.78 0.91
C16 C7Z SB . 42.97 46.77 -3.26
O23 C7Z SB . 57.19 30.59 12.34
C26 C7Z SB . 54.02 33.36 11.29
C7 C7Z SB . 44.63 47.56 -0.78
C8 C7Z SB . 44.57 46.70 0.26
C9 C7Z SB . 45.90 46.09 0.75
C19 C7Z SB . 47.18 46.92 0.60
C10 C7Z SB . 45.98 44.89 1.30
C11 C7Z SB . 47.43 44.49 1.73
C12 C7Z SB . 47.95 43.28 1.52
C13 C7Z SB . 49.42 43.07 2.02
C20 C7Z SB . 50.60 43.72 1.24
C14 C7Z SB . 49.71 42.36 3.12
C15 C7Z SB . 48.68 41.64 4.02
C35 C7Z SB . 49.28 40.95 4.99
C34 C7Z SB . 48.65 40.09 6.11
C33 C7Z SB . 49.59 39.46 6.80
C40 C7Z SB . 51.06 39.70 6.37
C32 C7Z SB . 49.36 38.49 8.01
C31 C7Z SB . 50.45 37.75 8.26
C30 C7Z SB . 50.61 36.67 9.38
C29 C7Z SB . 51.83 36.11 9.41
C39 C7Z SB . 52.86 36.58 8.39
C28 C7Z SB . 52.24 35.01 10.45
C27 C7Z SB . 53.47 34.47 10.31
C21 C7Z SB . 53.98 31.92 10.85
C36 C7Z SB . 53.59 31.88 9.36
C37 C7Z SB . 52.90 31.20 11.68
C22 C7Z SB . 55.41 31.10 11.05
C23 C7Z SB . 55.97 31.30 12.27
C24 C7Z SB . 56.28 32.97 12.57
C25 C7Z SB . 55.13 33.80 12.37
C38 C7Z SB . 54.70 34.75 13.53
C6 C7Z TB . 63.18 40.07 -8.88
C17 C7Z TB . 63.52 41.39 -10.92
C4 C7Z TB . 64.16 37.68 -9.17
C3 C7Z TB . 65.54 38.57 -9.44
O3 C7Z TB . 66.52 37.72 -10.04
C2 C7Z TB . 65.35 39.64 -10.26
C1 C7Z TB . 64.20 40.71 -9.71
C5 C7Z TB . 62.97 38.50 -9.10
C18 C7Z TB . 61.62 37.85 -8.76
C16 C7Z TB . 64.92 41.80 -8.85
O23 C7Z TB . 49.30 55.28 5.82
C26 C7Z TB . 51.62 53.39 4.33
C7 C7Z TB . 61.99 40.93 -8.37
C8 C7Z TB . 61.83 41.16 -7.04
C9 C7Z TB . 60.63 42.01 -6.56
C19 C7Z TB . 59.20 41.52 -6.78
C10 C7Z TB . 60.85 43.17 -5.94
C11 C7Z TB . 59.66 44.04 -5.44
C12 C7Z TB . 58.84 44.63 -6.32
C13 C7Z TB . 57.64 45.53 -5.80
C20 C7Z TB . 56.55 46.02 -6.78
C14 C7Z TB . 57.58 45.84 -4.50
C15 C7Z TB . 56.43 46.72 -3.96
C35 C7Z TB . 56.67 47.42 -2.84
C34 C7Z TB . 55.62 48.35 -2.20
C33 C7Z TB . 55.86 48.79 -0.96
C40 C7Z TB . 57.15 48.35 -0.23
C32 C7Z TB . 54.88 49.74 -0.22
C31 C7Z TB . 55.23 50.10 1.01
C30 C7Z TB . 54.34 51.06 1.85
C29 C7Z TB . 54.89 51.74 2.86
C39 C7Z TB . 56.37 51.58 3.20
C28 C7Z TB . 53.97 52.71 3.67
C27 C7Z TB . 52.65 52.49 3.58
C21 C7Z TB . 51.29 53.12 5.76
C36 C7Z TB . 51.88 51.73 6.10
C37 C7Z TB . 51.96 54.19 6.65
C22 C7Z TB . 49.66 53.06 6.12
C23 C7Z TB . 48.92 53.97 5.42
C24 C7Z TB . 49.17 53.81 3.74
C25 C7Z TB . 50.52 54.12 3.41
C38 C7Z TB . 50.89 54.42 1.91
C6 C7Z UB . 45.03 37.61 17.47
C17 C7Z UB . 43.61 36.59 15.77
C4 C7Z UB . 44.35 40.05 16.97
C3 C7Z UB . 43.02 39.54 17.82
O3 C7Z UB . 41.99 40.52 17.69
C2 C7Z UB . 42.53 38.33 17.38
C1 C7Z UB . 43.67 37.14 17.22
C5 C7Z UB . 45.40 39.06 16.91
C18 C7Z UB . 46.87 39.51 16.82
C16 C7Z UB . 43.34 36.00 18.22
O23 C7Z UB . 62.58 19.47 26.44
C26 C7Z UB . 59.45 22.29 26.55
C7 C7Z UB . 46.16 36.53 17.65
C8 C7Z UB . 47.27 36.80 18.38
C9 C7Z UB . 48.34 35.68 18.52
C19 C7Z UB . 48.59 34.72 17.36
C10 C7Z UB . 49.05 35.57 19.64
C11 C7Z UB . 50.11 34.44 19.74
C12 C7Z UB . 50.45 33.94 20.95
C13 C7Z UB . 51.51 32.78 21.07
C20 C7Z UB . 51.93 31.99 19.79
C14 C7Z UB . 52.05 32.47 22.25
C15 C7Z UB . 53.08 31.32 22.34
C35 C7Z UB . 53.48 30.85 23.54
C34 C7Z UB . 54.48 29.69 23.61
C33 C7Z UB . 54.65 29.02 24.74
C40 C7Z UB . 53.84 29.42 26.01
C32 C7Z UB . 55.65 27.83 24.81
C31 C7Z UB . 55.76 27.10 25.93
C30 C7Z UB . 56.75 25.89 25.98
C29 C7Z UB . 56.33 24.76 26.55
C39 C7Z UB . 54.91 24.69 27.12
C28 C7Z UB . 57.25 23.50 26.62
C27 C7Z UB . 58.58 23.59 26.47
C21 C7Z UB . 59.96 21.80 27.87
C36 C7Z UB . 58.82 21.01 28.57
C37 C7Z UB . 60.33 23.03 28.74
C22 C7Z UB . 61.29 20.82 27.73
C23 C7Z UB . 61.67 20.56 26.45
C24 C7Z UB . 60.36 20.17 25.39
C25 C7Z UB . 59.33 21.17 25.40
C38 C7Z UB . 58.51 21.46 24.11
O1 LHG VB . 52.05 63.38 2.83
C1 LHG VB . 51.43 62.84 4.00
C2 LHG VB . 52.37 61.86 4.68
O2 LHG VB . 53.20 61.20 3.72
C3 LHG VB . 51.56 60.82 5.44
O3 LHG VB . 51.05 59.87 4.52
P LHG VB . 51.81 58.47 4.25
O4 LHG VB . 53.18 58.54 4.88
O5 LHG VB . 50.88 57.34 4.59
O6 LHG VB . 52.00 58.52 2.65
C4 LHG VB . 52.58 57.43 1.95
C5 LHG VB . 53.85 57.94 1.26
C6 LHG VB . 55.10 57.36 1.91
O7 LHG VB . 53.83 57.57 -0.11
C7 LHG VB . 53.58 58.62 -0.90
O9 LHG VB . 54.41 59.51 -1.00
C8 LHG VB . 52.28 58.70 -1.67
C9 LHG VB . 52.50 58.28 -3.12
C10 LHG VB . 52.93 56.82 -3.27
O8 LHG VB . 55.82 56.61 0.95
C23 LHG VB . 55.42 55.39 0.60
O10 LHG VB . 54.86 54.68 1.41
C24 LHG VB . 55.63 54.94 -0.83
C11 LHG VB . 52.14 55.83 -2.41
C12 LHG VB . 52.31 54.42 -2.93
C13 LHG VB . 52.28 53.36 -1.82
C14 LHG VB . 50.88 52.80 -1.63
C15 LHG VB . 50.47 51.83 -2.73
C16 LHG VB . 49.71 50.65 -2.16
C17 LHG VB . 49.45 49.56 -3.20
C18 LHG VB . 48.46 49.99 -4.28
C19 LHG VB . 47.82 48.76 -4.91
C20 LHG VB . 47.06 49.11 -6.18
C21 LHG VB . 46.79 47.85 -7.01
C22 LHG VB . 47.98 47.50 -7.88
C25 LHG VB . 56.34 53.59 -0.87
C26 LHG VB . 57.49 53.62 -1.87
C27 LHG VB . 57.74 52.25 -2.51
C28 LHG VB . 58.21 51.21 -1.50
C29 LHG VB . 59.71 51.30 -1.27
C30 LHG VB . 60.13 50.56 -0.01
C31 LHG VB . 60.75 51.50 1.03
C32 LHG VB . 59.74 52.49 1.60
C33 LHG VB . 60.42 53.79 2.00
C34 LHG VB . 60.42 54.79 0.87
C35 LHG VB . 59.27 55.78 1.01
C36 LHG VB . 59.21 56.74 -0.17
C37 LHG VB . 58.63 58.10 0.25
C38 LHG VB . 57.75 58.67 -0.83
HO1 LHG VB . 51.44 63.98 2.37
HC11 LHG VB . 51.17 63.65 4.69
HC12 LHG VB . 50.51 62.32 3.72
HC2 LHG VB . 53.00 62.41 5.40
H02 LHG VB . 53.78 61.84 3.28
HC31 LHG VB . 52.19 60.32 6.18
HC32 LHG VB . 50.73 61.30 5.97
HC41 LHG VB . 52.80 56.61 2.63
HC42 LHG VB . 51.88 57.07 1.19
HC5 LHG VB . 53.88 59.04 1.36
HC61 LHG VB . 54.86 56.73 2.77
HC62 LHG VB . 55.73 58.19 2.27
HC81 LHG VB . 51.91 59.73 -1.65
HC82 LHG VB . 51.53 58.06 -1.18
HC91 LHG VB . 53.28 58.91 -3.55
HC92 LHG VB . 51.58 58.44 -3.68
H101 LHG VB . 53.99 56.72 -3.02
H102 LHG VB . 52.82 56.53 -4.32
H241 LHG VB . 56.22 55.69 -1.36
H242 LHG VB . 54.66 54.86 -1.32
H111 LHG VB . 51.08 56.10 -2.44
H112 LHG VB . 52.47 55.90 -1.38
H121 LHG VB . 53.26 54.34 -3.47
H122 LHG VB . 51.52 54.19 -3.65
H131 LHG VB . 52.63 53.81 -0.89
H132 LHG VB . 52.97 52.55 -2.08
H141 LHG VB . 50.17 53.62 -1.59
H142 LHG VB . 50.84 52.27 -0.67
H151 LHG VB . 51.36 51.47 -3.25
H152 LHG VB . 49.85 52.35 -3.46
H161 LHG VB . 48.74 51.00 -1.76
H162 LHG VB . 50.27 50.21 -1.33
H171 LHG VB . 49.05 48.67 -2.70
H172 LHG VB . 50.39 49.27 -3.66
H181 LHG VB . 48.99 50.57 -5.04
H182 LHG VB . 47.69 50.63 -3.84
H191 LHG VB . 47.13 48.32 -4.19
H192 LHG VB . 48.58 48.03 -5.14
H201 LHG VB . 47.63 49.82 -6.78
H202 LHG VB . 46.11 49.58 -5.94
H211 LHG VB . 45.91 48.00 -7.64
H212 LHG VB . 46.57 47.01 -6.33
H221 LHG VB . 47.80 46.59 -8.38
H222 LHG VB . 48.84 47.39 -7.27
H223 LHG VB . 48.14 48.27 -8.58
H251 LHG VB . 55.64 52.81 -1.15
H252 LHG VB . 56.73 53.35 0.13
H261 LHG VB . 58.40 53.95 -1.36
H262 LHG VB . 57.28 54.34 -2.66
H271 LHG VB . 58.49 52.36 -3.29
H272 LHG VB . 56.82 51.91 -2.98
H281 LHG VB . 57.96 50.23 -1.88
H282 LHG VB . 57.68 51.35 -0.55
H291 LHG VB . 60.02 52.35 -1.19
H292 LHG VB . 60.23 50.86 -2.13
H301 LHG VB . 60.85 49.78 -0.26
H302 LHG VB . 59.26 50.08 0.44
H311 LHG VB . 61.56 52.06 0.55
H312 LHG VB . 61.18 50.91 1.84
H321 LHG VB . 59.26 52.04 2.47
H322 LHG VB . 58.96 52.69 0.86
H331 LHG VB . 61.45 53.58 2.31
H332 LHG VB . 59.90 54.22 2.87
H341 LHG VB . 60.33 54.27 -0.09
H342 LHG VB . 61.37 55.33 0.87
H351 LHG VB . 59.41 56.35 1.93
H352 LHG VB . 58.33 55.24 1.10
H361 LHG VB . 58.59 56.32 -0.95
H362 LHG VB . 60.21 56.89 -0.58
H371 LHG VB . 59.44 58.79 0.47
H372 LHG VB . 58.05 57.97 1.17
H381 LHG VB . 57.35 59.58 -0.51
H382 LHG VB . 56.96 57.99 -1.03
H383 LHG VB . 58.32 58.81 -1.71
C1 PTY WB . 46.00 17.54 17.21
C2 PTY WB . 50.39 11.89 15.74
C3 PTY WB . 50.26 13.21 14.98
O4 PTY WB . 46.36 17.84 18.53
C5 PTY WB . 48.31 16.62 17.14
C6 PTY WB . 47.25 17.39 16.36
O7 PTY WB . 47.74 18.66 16.03
C8 PTY WB . 48.15 18.80 14.70
O10 PTY WB . 48.92 18.03 14.24
C11 PTY WB . 47.62 19.94 13.82
C12 PTY WB . 46.43 20.64 14.52
C13 PTY WB . 45.18 19.77 14.42
C14 PTY WB . 44.24 20.31 13.35
C15 PTY WB . 42.85 19.69 13.53
C16 PTY WB . 41.84 20.46 12.68
C17 PTY WB . 40.42 20.04 13.06
C18 PTY WB . 39.44 21.08 12.52
C19 PTY WB . 39.28 20.93 11.01
C20 PTY WB . 38.78 22.23 10.39
C21 PTY WB . 39.17 22.29 8.91
C22 PTY WB . 38.70 21.04 8.17
C23 PTY WB . 38.41 21.34 6.69
C24 PTY WB . 39.68 21.77 5.95
C25 PTY WB . 39.68 23.28 5.74
C26 PTY WB . 40.85 23.68 4.84
C27 PTY WB . 40.38 24.75 3.85
C28 PTY WB . 41.58 25.38 3.14
C29 PTY WB . 42.38 24.32 2.39
C30 PTY WB . 45.70 18.94 19.07
C31 PTY WB . 44.22 18.85 19.44
O30 PTY WB . 46.30 19.94 19.26
C32 PTY WB . 43.56 20.22 19.42
C33 PTY WB . 43.23 20.65 17.98
C34 PTY WB . 44.30 21.58 17.42
C35 PTY WB . 43.78 22.28 16.18
C36 PTY WB . 42.93 23.50 16.54
C37 PTY WB . 41.96 23.82 15.40
C38 PTY WB . 40.50 23.69 15.86
C39 PTY WB . 40.17 22.22 16.16
C40 PTY WB . 39.63 22.13 17.60
C41 PTY WB . 39.49 20.66 18.02
C42 PTY WB . 39.52 20.59 19.55
C43 PTY WB . 39.22 19.18 20.04
C44 PTY WB . 40.53 18.39 20.20
P1 PTY WB . 50.39 15.04 16.85
O11 PTY WB . 51.06 14.17 15.61
O12 PTY WB . 49.78 14.09 17.86
O13 PTY WB . 51.46 15.86 17.53
O14 PTY WB . 49.22 16.04 16.26
N1 PTY WB . 49.16 11.62 16.47
HC11 PTY WB . 45.46 18.26 16.86
HC12 PTY WB . 45.49 16.72 17.18
HC21 PTY WB . 51.12 11.95 16.36
HC22 PTY WB . 50.54 11.17 15.11
HC31 PTY WB . 49.34 13.50 14.97
HC32 PTY WB . 50.57 13.08 14.07
HC51 PTY WB . 47.88 15.92 17.66
HC52 PTY WB . 48.78 17.22 17.74
HC6 PTY WB . 47.04 16.90 15.55
H111 PTY WB . 47.33 19.59 12.97
H112 PTY WB . 48.33 20.58 13.68
H121 PTY WB . 46.28 21.49 14.08
H122 PTY WB . 46.65 20.79 15.44
H131 PTY WB . 44.73 19.77 15.27
H132 PTY WB . 45.44 18.86 14.19
H141 PTY WB . 44.58 20.08 12.47
H142 PTY WB . 44.18 21.28 13.43
H151 PTY WB . 42.60 19.74 14.47
H152 PTY WB . 42.88 18.77 13.26
H161 PTY WB . 42.00 20.25 11.75
H162 PTY WB . 41.95 21.41 12.83
H171 PTY WB . 40.34 19.99 14.02
H172 PTY WB . 40.22 19.17 12.67
H181 PTY WB . 39.77 21.97 12.73
H182 PTY WB . 38.57 20.96 12.95
H191 PTY WB . 38.64 20.21 10.83
H192 PTY WB . 40.13 20.68 10.61
H201 PTY WB . 39.17 22.98 10.85
H202 PTY WB . 37.82 22.27 10.47
H211 PTY WB . 40.13 22.36 8.83
H212 PTY WB . 38.76 23.08 8.50
H221 PTY WB . 37.89 20.70 8.59
H222 PTY WB . 39.39 20.37 8.22
H231 PTY WB . 37.75 22.05 6.64
H232 PTY WB . 38.04 20.55 6.27
H241 PTY WB . 39.70 21.32 5.09
H242 PTY WB . 40.46 21.51 6.47
H251 PTY WB . 39.77 23.72 6.60
H252 PTY WB . 38.84 23.55 5.33
H261 PTY WB . 41.16 22.90 4.34
H262 PTY WB . 41.57 24.03 5.38
H271 PTY WB . 39.90 25.44 4.34
H272 PTY WB . 39.79 24.35 3.19
H281 PTY WB . 42.14 25.82 3.80
H282 PTY WB . 41.26 26.05 2.52
H291 PTY WB . 42.99 24.76 1.77
H292 PTY WB . 41.78 23.74 1.91
H293 PTY WB . 42.91 23.80 3.03
H311 PTY WB . 44.14 18.47 20.34
H312 PTY WB . 43.77 18.26 18.81
H321 PTY WB . 44.16 20.88 19.81
H322 PTY WB . 42.75 20.19 19.93
H331 PTY WB . 42.37 21.12 17.98
H332 PTY WB . 43.16 19.86 17.42
H341 PTY WB . 45.09 21.06 17.20
H342 PTY WB . 44.55 22.24 18.09
H351 PTY WB . 43.24 21.65 15.66
H352 PTY WB . 44.53 22.57 15.63
H361 PTY WB . 43.52 24.26 16.69
H362 PTY WB . 42.43 23.32 17.36
H371 PTY WB . 42.12 23.24 14.65
H372 PTY WB . 42.11 24.75 15.12
H381 PTY WB . 39.92 24.00 15.16
H382 PTY WB . 40.37 24.22 16.66
H391 PTY WB . 40.96 21.67 16.07
H392 PTY WB . 39.48 21.92 15.54
H401 PTY WB . 38.76 22.54 17.64
H402 PTY WB . 40.24 22.57 18.20
H411 PTY WB . 40.22 20.14 17.66
H412 PTY WB . 38.65 20.30 17.69
H421 PTY WB . 38.85 21.19 19.90
H422 PTY WB . 40.39 20.87 19.86
H431 PTY WB . 38.65 18.71 19.39
H432 PTY WB . 38.77 19.21 20.89
H441 PTY WB . 40.33 17.47 20.40
H442 PTY WB . 41.04 18.77 20.93
H443 PTY WB . 41.05 18.45 19.38
HN11 PTY WB . 48.75 12.38 16.67
HN12 PTY WB . 49.35 11.18 17.22
C1 PTY XB . 21.41 41.16 8.19
C2 PTY XB . 17.76 43.24 9.10
C3 PTY XB . 18.61 43.24 10.38
O4 PTY XB . 22.19 41.05 7.03
C5 PTY XB . 19.62 39.91 9.47
C6 PTY XB . 20.41 40.01 8.16
O7 PTY XB . 21.10 38.81 7.89
C8 PTY XB . 22.12 38.44 8.78
O10 PTY XB . 21.86 38.20 9.90
C11 PTY XB . 23.56 38.29 8.29
C12 PTY XB . 24.53 38.78 9.37
C13 PTY XB . 25.95 38.32 9.04
C14 PTY XB . 26.90 38.68 10.19
C15 PTY XB . 28.35 38.42 9.78
C16 PTY XB . 28.68 36.94 9.86
C17 PTY XB . 29.94 36.64 9.05
C18 PTY XB . 30.63 35.37 9.56
C19 PTY XB . 31.04 34.47 8.40
C20 PTY XB . 31.43 33.07 8.86
C21 PTY XB . 32.26 33.11 10.15
C22 PTY XB . 32.94 31.76 10.40
C23 PTY XB . 34.13 31.58 9.46
C24 PTY XB . 34.94 30.34 9.86
C25 PTY XB . 36.42 30.70 9.77
C26 PTY XB . 37.31 29.47 9.95
C27 PTY XB . 38.69 29.74 9.35
C28 PTY XB . 39.32 30.96 10.00
C29 PTY XB . 40.83 30.97 9.73
C30 PTY XB . 23.12 42.09 6.81
C31 PTY XB . 24.33 41.81 5.92
O30 PTY XB . 22.96 43.16 7.29
C32 PTY XB . 25.54 41.54 6.82
C33 PTY XB . 26.64 40.81 6.04
C34 PTY XB . 27.95 40.91 6.82
C35 PTY XB . 29.01 39.92 6.35
C36 PTY XB . 29.34 40.05 4.86
C37 PTY XB . 30.22 41.26 4.56
C38 PTY XB . 31.68 41.07 5.00
C39 PTY XB . 32.32 39.73 4.57
C40 PTY XB . 32.11 39.39 3.09
C41 PTY XB . 32.33 37.89 2.86
C42 PTY XB . 31.41 37.40 1.76
C43 PTY XB . 31.99 36.17 1.06
C44 PTY XB . 32.06 34.96 2.00
P1 PTY XB . 19.45 41.17 11.76
O11 PTY XB . 18.26 42.14 11.17
O12 PTY XB . 20.38 42.00 12.62
O13 PTY XB . 18.82 40.09 12.61
O14 PTY XB . 20.32 40.49 10.53
N1 PTY XB . 17.99 44.46 8.35
HC11 PTY XB . 20.94 42.01 8.18
HC12 PTY XB . 21.98 41.11 8.97
HC21 PTY XB . 16.82 43.18 9.35
HC22 PTY XB . 18.00 42.47 8.56
HC31 PTY XB . 18.45 44.05 10.87
HC32 PTY XB . 19.55 43.18 10.14
HC51 PTY XB . 19.46 38.97 9.68
HC52 PTY XB . 18.77 40.35 9.36
HC6 PTY XB . 19.78 40.17 7.45
H111 PTY XB . 23.69 38.82 7.48
H112 PTY XB . 23.75 37.36 8.09
H121 PTY XB . 24.26 38.42 10.23
H122 PTY XB . 24.50 39.76 9.41
H131 PTY XB . 26.25 38.75 8.23
H132 PTY XB . 25.96 37.35 8.92
H141 PTY XB . 26.69 38.15 10.97
H142 PTY XB . 26.79 39.62 10.40
H151 PTY XB . 28.95 38.93 10.37
H152 PTY XB . 28.48 38.73 8.86
H161 PTY XB . 27.94 36.42 9.52
H162 PTY XB . 28.84 36.70 10.79
H171 PTY XB . 30.55 37.38 9.12
H172 PTY XB . 29.70 36.52 8.12
H181 PTY XB . 30.01 34.89 10.15
H182 PTY XB . 31.41 35.62 10.07
H191 PTY XB . 31.78 34.88 7.93
H192 PTY XB . 30.28 34.39 7.77
H201 PTY XB . 31.96 32.65 8.16
H202 PTY XB . 30.63 32.54 9.01
H211 PTY XB . 31.68 33.31 10.89
H212 PTY XB . 32.93 33.80 10.07
H221 PTY XB . 32.30 31.05 10.25
H222 PTY XB . 33.26 31.73 11.32
H231 PTY XB . 34.70 32.36 9.50
H232 PTY XB . 33.82 31.46 8.55
H241 PTY XB . 34.75 29.61 9.25
H242 PTY XB . 34.72 30.08 10.76
H251 PTY XB . 36.64 31.34 10.46
H252 PTY XB . 36.61 31.08 8.90
H261 PTY XB . 36.90 28.71 9.51
H262 PTY XB . 37.40 29.27 10.90
H271 PTY XB . 38.59 29.89 8.39
H272 PTY XB . 39.26 28.96 9.49
H281 PTY XB . 39.17 30.93 10.96
H282 PTY XB . 38.92 31.76 9.64
H291 PTY XB . 41.21 31.78 10.12
H292 PTY XB . 40.98 30.97 8.77
H293 PTY XB . 41.23 30.20 10.13
H311 PTY XB . 24.51 42.58 5.36
H312 PTY XB . 24.16 41.03 5.38
H321 PTY XB . 25.27 41.00 7.58
H322 PTY XB . 25.90 42.39 7.14
H331 PTY XB . 26.74 41.23 5.17
H332 PTY XB . 26.39 39.88 5.94
H341 PTY XB . 27.76 40.74 7.75
H342 PTY XB . 28.30 41.81 6.73
H351 PTY XB . 28.68 39.02 6.51
H352 PTY XB . 29.83 40.05 6.87
H361 PTY XB . 28.52 40.16 4.36
H362 PTY XB . 29.77 39.24 4.56
H371 PTY XB . 29.86 42.03 5.03
H372 PTY XB . 30.20 41.44 3.61
H381 PTY XB . 31.73 41.13 5.96
H382 PTY XB . 32.20 41.78 4.61
H391 PTY XB . 31.94 39.03 5.12
H392 PTY XB . 33.27 39.78 4.75
H401 PTY XB . 32.75 39.89 2.56
H402 PTY XB . 31.21 39.62 2.81
H411 PTY XB . 32.14 37.40 3.69
H412 PTY XB . 33.26 37.74 2.62
H421 PTY XB . 31.30 38.11 1.09
H422 PTY XB . 30.54 37.18 2.13
H431 PTY XB . 32.87 36.37 0.73
H432 PTY XB . 31.41 35.94 0.31
H441 PTY XB . 31.29 34.39 1.85
H442 PTY XB . 32.04 35.26 2.92
H443 PTY XB . 32.87 34.47 1.83
HN11 PTY XB . 18.45 45.04 8.85
HN12 PTY XB . 17.21 44.81 8.12
MG CL0 YB . 2.63 -15.96 -5.11
CHA CL0 YB . 4.23 -12.82 -5.43
CHB CL0 YB . -0.33 -14.22 -4.75
CHC CL0 YB . 1.09 -18.98 -5.03
CHD CL0 YB . 5.78 -17.57 -5.63
NA CL0 YB . 2.00 -13.77 -5.09
C1A CL0 YB . 2.74 -12.74 -5.19
C2A CL0 YB . 2.00 -11.45 -4.99
C3A CL0 YB . 0.61 -11.97 -4.71
C4A CL0 YB . 0.76 -13.42 -4.88
CMA CL0 YB . 0.11 -11.57 -3.34
CAA CL0 YB . 1.96 -10.52 -6.21
CBA CL0 YB . 1.08 -9.29 -5.98
CGA CL0 YB . 0.85 -8.54 -7.27
O1A CL0 YB . -0.08 -7.78 -7.46
O2A CL0 YB . 1.63 -8.61 -8.33
NB CL0 YB . 0.66 -16.49 -4.93
C1B CL0 YB . -0.41 -15.69 -4.80
C2B CL0 YB . -1.70 -16.44 -4.66
C3B CL0 YB . -1.23 -17.83 -4.75
C4B CL0 YB . 0.24 -17.76 -4.91
CMB CL0 YB . -3.10 -15.92 -4.50
CAB CL0 YB . -1.99 -19.10 -4.69
CBB CL0 YB . -3.22 -19.16 -4.21
NC CL0 YB . 3.33 -17.96 -5.35
C1C CL0 YB . 2.56 -19.05 -5.20
C2C CL0 YB . 3.28 -20.34 -5.23
C3C CL0 YB . 4.66 -19.90 -5.42
C4C CL0 YB . 4.58 -18.43 -5.47
CMC CL0 YB . 2.75 -21.73 -5.09
CAC CL0 YB . 5.91 -20.73 -5.52
CBC CL0 YB . 6.48 -20.89 -4.13
ND CL0 YB . 4.57 -15.46 -5.49
C1D CL0 YB . 5.73 -16.10 -5.60
C2D CL0 YB . 6.93 -15.21 -5.72
C3D CL0 YB . 6.25 -13.91 -5.63
C4D CL0 YB . 4.94 -14.12 -5.50
CMD CL0 YB . 8.41 -15.35 -5.85
CAD CL0 YB . 6.56 -12.47 -5.63
OBD CL0 YB . 7.70 -11.94 -5.90
CBD CL0 YB . 5.26 -11.73 -5.61
CGD CL0 YB . 5.18 -11.01 -6.94
O1D CL0 YB . 4.81 -11.59 -7.94
O2D CL0 YB . 5.56 -9.61 -7.01
CED CL0 YB . 5.11 -8.80 -8.09
C1 CL0 YB . 0.98 -8.48 -9.79
C2 CL0 YB . 1.48 -9.33 -10.94
C3 CL0 YB . 2.56 -8.97 -11.64
C4 CL0 YB . 3.32 -7.71 -11.31
C5 CL0 YB . 3.03 -9.84 -12.78
C6 CL0 YB . 4.36 -10.49 -12.42
C7 CL0 YB . 4.50 -11.93 -12.91
C8 CL0 YB . 4.28 -12.11 -14.41
C9 CL0 YB . 3.30 -13.26 -14.63
C10 CL0 YB . 5.58 -12.40 -15.17
C11 CL0 YB . 6.00 -11.28 -16.13
C12 CL0 YB . 5.42 -11.55 -17.51
C13 CL0 YB . 5.89 -10.62 -18.65
C14 CL0 YB . 7.14 -9.80 -18.33
C15 CL0 YB . 4.75 -9.72 -19.12
C16 CL0 YB . 4.59 -8.47 -18.26
C17 CL0 YB . 3.23 -7.81 -18.49
C18 CL0 YB . 3.20 -6.41 -17.89
C19 CL0 YB . 2.47 -5.40 -18.79
C20 CL0 YB . 2.58 -6.44 -16.51
H1 CL0 YB . -1.27 -13.70 -4.75
H2 CL0 YB . 0.89 -19.55 -4.11
H3 CL0 YB . 6.49 -17.87 -4.86
H4 CL0 YB . 0.19 -10.53 -3.24
H5 CL0 YB . 0.74 -12.02 -2.61
H6 CL0 YB . -0.88 -11.90 -3.19
H7 CL0 YB . 1.59 -11.07 -7.07
H8 CL0 YB . 2.95 -10.16 -6.43
H9 CL0 YB . 0.11 -9.57 -5.57
H10 CL0 YB . 1.56 -8.63 -5.26
H11 CL0 YB . -3.09 -14.87 -4.41
H12 CL0 YB . -3.55 -16.35 -3.66
H13 CL0 YB . -3.67 -16.17 -5.36
H15 CL0 YB . -3.48 -18.53 -3.39
H16 CL0 YB . -3.75 -20.09 -4.33
H17 CL0 YB . 1.71 -21.72 -5.23
H18 CL0 YB . 2.99 -22.10 -4.12
H19 CL0 YB . 3.21 -22.36 -5.82
H20 CL0 YB . 6.63 -20.25 -6.17
H21 CL0 YB . 5.65 -21.71 -5.93
H22 CL0 YB . 7.39 -21.41 -4.17
H23 CL0 YB . 5.79 -21.42 -3.52
H24 CL0 YB . 6.64 -19.93 -3.70
H25 CL0 YB . 8.63 -16.08 -6.58
H26 CL0 YB . 8.83 -15.64 -4.92
H27 CL0 YB . 8.81 -14.43 -6.16
H28 CL0 YB . 5.23 -11.00 -4.79
H29 CL0 YB . 5.26 -7.78 -7.85
H30 CL0 YB . 4.09 -8.97 -8.27
H31 CL0 YB . 5.67 -9.04 -8.96
H32 CL0 YB . 1.01 -7.42 -10.09
H33 CL0 YB . -0.09 -8.72 -9.68
H34 CL0 YB . 0.95 -10.22 -11.20
H35 CL0 YB . 4.18 -7.65 -11.94
H36 CL0 YB . 3.63 -7.75 -10.30
H37 CL0 YB . 2.71 -6.87 -11.47
H38 CL0 YB . 3.16 -9.24 -13.68
H39 CL0 YB . 2.29 -10.61 -12.99
H40 CL0 YB . 4.46 -10.48 -11.33
H41 CL0 YB . 5.18 -9.89 -12.83
H42 CL0 YB . 3.76 -12.54 -12.38
H43 CL0 YB . 5.48 -12.31 -12.63
H44 CL0 YB . 3.83 -11.20 -14.83
H45 CL0 YB . 3.10 -13.37 -15.66
H46 CL0 YB . 2.39 -13.06 -14.12
H47 CL0 YB . 3.72 -14.16 -14.26
H48 CL0 YB . 5.42 -13.31 -15.75
H49 CL0 YB . 6.39 -12.60 -14.47
H50 CL0 YB . 7.09 -11.26 -16.17
H51 CL0 YB . 5.65 -10.32 -15.76
H52 CL0 YB . 4.34 -11.51 -17.44
H53 CL0 YB . 5.68 -12.58 -17.80
H54 CL0 YB . 6.14 -11.27 -19.50
H55 CL0 YB . 7.35 -9.16 -19.15
H56 CL0 YB . 7.96 -10.46 -18.21
H57 CL0 YB . 7.00 -9.23 -17.46
H58 CL0 YB . 3.81 -10.27 -19.11
H59 CL0 YB . 4.93 -9.41 -20.15
H60 CL0 YB . 5.38 -7.75 -18.53
H61 CL0 YB . 4.70 -8.72 -17.21
H62 CL0 YB . 2.45 -8.42 -18.03
H63 CL0 YB . 3.02 -7.77 -19.57
H64 CL0 YB . 4.23 -6.06 -17.79
H65 CL0 YB . 1.78 -4.85 -18.20
H66 CL0 YB . 1.94 -5.89 -19.56
H67 CL0 YB . 3.17 -4.74 -19.21
H68 CL0 YB . 2.82 -5.53 -16.01
H69 CL0 YB . 2.98 -7.25 -15.97
H70 CL0 YB . 1.53 -6.53 -16.58
H71 CL0 YB . 2.38 -10.91 -4.11
H72 CL0 YB . -0.10 -11.61 -5.47
HHC2 CL0 YB . 0.66 -19.57 -5.83
HHD2 CL0 YB . 6.24 -17.85 -6.58
MG CLA ZB . -1.83 9.49 16.75
CHA CLA ZB . -4.55 7.42 17.22
CHB CLA ZB . -0.03 6.91 15.33
CHC CLA ZB . 0.70 11.60 16.35
CHD CLA ZB . -3.67 12.14 18.24
NA CLA ZB . -2.23 7.37 16.30
C1A CLA ZB . -3.37 6.72 16.56
C2A CLA ZB . -3.29 5.27 16.16
C3A CLA ZB . -1.88 5.15 15.58
C4A CLA ZB . -1.32 6.54 15.73
CMA CLA ZB . -1.00 3.95 15.92
CAA CLA ZB . -4.34 4.86 15.13
CBA CLA ZB . -5.31 3.80 15.65
CGA CLA ZB . -5.18 2.52 14.83
O1A CLA ZB . -5.53 2.58 13.67
O2A CLA ZB . -4.72 1.39 15.33
NB CLA ZB . 0.03 9.29 15.96
C1B CLA ZB . 0.60 8.17 15.43
C2B CLA ZB . 1.94 8.46 14.98
C3B CLA ZB . 2.14 9.79 15.28
C4B CLA ZB . 0.92 10.29 15.90
CMB CLA ZB . 2.92 7.52 14.33
CAB CLA ZB . 3.38 10.56 15.00
CBB CLA ZB . 3.60 11.93 15.57
NC CLA ZB . -1.60 11.55 17.09
C1C CLA ZB . -0.46 12.20 16.91
C2C CLA ZB . -0.52 13.62 17.34
C3C CLA ZB . -1.80 13.76 17.80
C4C CLA ZB . -2.46 12.48 17.65
CMC CLA ZB . 0.60 14.62 17.28
CAC CLA ZB . -2.41 15.03 18.37
CBC CLA ZB . -2.30 15.06 19.88
ND CLA ZB . -3.61 9.80 17.55
C1D CLA ZB . -4.28 10.87 18.08
C2D CLA ZB . -5.63 10.53 18.46
C3D CLA ZB . -5.74 9.18 18.13
C4D CLA ZB . -4.52 8.76 17.58
CMD CLA ZB . -6.77 11.31 19.09
CAD CLA ZB . -6.65 8.06 18.13
OBD CLA ZB . -7.70 8.02 18.76
CBD CLA ZB . -5.89 6.86 17.64
CGD CLA ZB . -5.74 5.89 18.78
O1D CLA ZB . -6.73 5.33 19.24
O2D CLA ZB . -4.55 5.62 19.29
CED CLA ZB . -4.35 4.29 19.76
C1 CLA ZB . -4.55 1.04 16.74
C2 CLA ZB . -3.29 1.50 17.45
C3 CLA ZB . -2.48 0.70 18.17
C4 CLA ZB . -2.72 -0.78 18.35
C5 CLA ZB . -1.24 1.23 18.83
C6 CLA ZB . -0.02 0.86 18.00
C7 CLA ZB . 1.17 0.44 18.85
C8 CLA ZB . 1.88 1.58 19.60
C9 CLA ZB . 1.91 2.91 18.85
C10 CLA ZB . 3.31 1.14 19.90
C11 CLA ZB . 3.37 0.10 21.02
C12 CLA ZB . 3.99 -1.19 20.52
C13 CLA ZB . 3.96 -2.26 21.60
C14 CLA ZB . 5.37 -2.73 21.94
C15 CLA ZB . 3.06 -3.41 21.17
C16 CLA ZB . 3.66 -4.27 20.07
C17 CLA ZB . 2.58 -5.02 19.28
C18 CLA ZB . 2.80 -4.96 17.78
C19 CLA ZB . 4.01 -5.80 17.35
C20 CLA ZB . 1.54 -5.42 17.04
HHB CLA ZB . 0.51 6.16 14.76
HHC CLA ZB . 1.47 11.75 17.12
HHD CLA ZB . -3.53 12.28 19.31
H2A CLA ZB . -3.36 4.64 17.06
HMA1 CLA ZB . -1.51 3.06 15.64
HMA2 CLA ZB . -0.80 3.95 16.95
HMA3 CLA ZB . -0.09 4.01 15.38
HAA1 CLA ZB . -3.82 4.46 14.24
HAA2 CLA ZB . -4.90 5.74 14.81
HBA1 CLA ZB . -6.33 4.18 15.53
HBA2 CLA ZB . -5.15 3.61 16.71
HMB1 CLA ZB . 2.45 7.02 13.53
HMB2 CLA ZB . 3.26 6.81 15.05
HMB3 CLA ZB . 3.75 8.07 13.97
HBB1 CLA ZB . 4.22 12.04 16.45
HBB2 CLA ZB . 3.40 12.80 14.97
HMC1 CLA ZB . 1.06 14.59 16.33
HMC2 CLA ZB . 1.31 14.41 18.03
HMC3 CLA ZB . 0.21 15.59 17.44
HAC1 CLA ZB . -3.47 15.07 18.08
HAC2 CLA ZB . -1.92 15.91 17.95
HBC1 CLA ZB . -2.63 16.00 20.23
HBC2 CLA ZB . -1.28 14.91 20.16
HBC3 CLA ZB . -2.90 14.29 20.30
HMD1 CLA ZB . -7.24 11.89 18.35
HMD2 CLA ZB . -6.39 11.93 19.86
HMD3 CLA ZB . -7.47 10.64 19.50
HBD CLA ZB . -6.41 6.39 16.79
HED1 CLA ZB . -3.32 4.10 19.85
HED2 CLA ZB . -4.78 3.60 19.07
HED3 CLA ZB . -4.82 4.18 20.70
H11 CLA ZB . -4.62 -0.04 16.83
H12 CLA ZB . -5.39 1.45 17.29
H2 CLA ZB . -3.02 2.55 17.38
H41 CLA ZB . -1.94 -1.19 18.93
H42 CLA ZB . -2.72 -1.26 17.39
H43 CLA ZB . -3.64 -0.95 18.83
H51 CLA ZB . -1.14 0.82 19.84
H52 CLA ZB . -1.32 2.32 18.91
H61 CLA ZB . 0.25 1.69 17.34
H62 CLA ZB . -0.28 0.02 17.35
H71 CLA ZB . 1.90 -0.07 18.20
H72 CLA ZB . 0.83 -0.29 19.58
H8 CLA ZB . 1.37 1.73 20.55
H91 CLA ZB . 2.49 3.61 19.41
H92 CLA ZB . 0.93 3.28 18.73
H93 CLA ZB . 2.36 2.78 17.90
H101 CLA ZB . 3.91 2.01 20.19
H102 CLA ZB . 3.77 0.72 19.00
H111 CLA ZB . 2.36 -0.09 21.39
H112 CLA ZB . 3.96 0.50 21.84
H121 CLA ZB . 5.03 -1.01 20.22
H122 CLA ZB . 3.44 -1.54 19.65
H13 CLA ZB . 3.53 -1.81 22.50
H141 CLA ZB . 5.32 -3.58 22.58
H142 CLA ZB . 5.90 -1.95 22.44
H143 CLA ZB . 5.89 -3.00 21.06
H151 CLA ZB . 2.11 -3.00 20.84
H152 CLA ZB . 2.84 -4.03 22.04
H161 CLA ZB . 4.33 -5.01 20.52
H162 CLA ZB . 4.26 -3.67 19.39
H171 CLA ZB . 1.60 -4.58 19.50
H172 CLA ZB . 2.56 -6.06 19.60
H18 CLA ZB . 2.99 -3.92 17.49
H191 CLA ZB . 3.99 -5.92 16.29
H192 CLA ZB . 3.96 -6.75 17.80
H193 CLA ZB . 4.90 -5.30 17.63
H201 CLA ZB . 1.75 -5.54 16.01
H202 CLA ZB . 0.79 -4.70 17.17
H203 CLA ZB . 1.23 -6.35 17.45
HHC2 CLA ZB . 0.98 12.25 15.53
HHD2 CLA ZB . -4.41 12.89 17.94
MG CLA AC . 3.59 15.21 12.64
CHA CLA AC . 2.04 17.94 14.08
CHB CLA AC . 6.54 16.99 12.29
CHC CLA AC . 5.01 12.49 11.38
CHD CLA AC . 0.55 13.40 12.92
NA CLA AC . 4.24 17.25 13.14
C1A CLA AC . 3.49 18.19 13.72
C2A CLA AC . 4.27 19.47 13.93
C3A CLA AC . 5.65 19.13 13.33
C4A CLA AC . 5.49 17.70 12.90
CMA CLA AC . 6.34 20.08 12.38
CAA CLA AC . 4.38 19.75 15.43
CBA CLA AC . 5.77 19.52 16.03
CGA CLA AC . 5.70 19.52 17.54
O1A CLA AC . 5.19 20.47 18.10
O2A CLA AC . 6.17 18.49 18.23
NB CLA AC . 5.46 14.80 11.96
C1B CLA AC . 6.53 15.66 11.85
C2B CLA AC . 7.65 14.98 11.24
C3B CLA AC . 7.20 13.71 10.98
C4B CLA AC . 5.82 13.63 11.44
CMB CLA AC . 8.99 15.59 10.95
CAB CLA AC . 7.90 12.58 10.35
CBB CLA AC . 8.87 12.78 9.22
NC CLA AC . 2.92 13.25 12.30
C1C CLA AC . 3.66 12.31 11.72
C2C CLA AC . 2.92 11.04 11.52
C3C CLA AC . 1.67 11.30 12.00
C4C CLA AC . 1.67 12.68 12.48
CMC CLA AC . 3.47 9.78 10.90
CAC CLA AC . 0.51 10.34 12.02
CBC CLA AC . -0.07 10.27 10.62
ND CLA AC . 1.74 15.49 13.27
C1D CLA AC . 0.62 14.73 13.40
C2D CLA AC . -0.45 15.45 14.09
C3D CLA AC . 0.11 16.70 14.34
C4D CLA AC . 1.42 16.71 13.85
CMD CLA AC . -1.87 15.10 14.47
CAD CLA AC . -0.18 17.98 14.94
OBD CLA AC . -1.03 18.20 15.78
CBD CLA AC . 1.01 18.87 14.67
CGD CLA AC . 0.60 19.94 13.70
O1D CLA AC . -0.19 20.81 14.04
O2D CLA AC . 1.09 19.95 12.47
CED CLA AC . 1.62 21.19 12.02
C1 CLA AC . 7.57 18.44 18.66
C2 CLA AC . 8.23 17.10 18.90
C3 CLA AC . 9.49 17.01 19.37
C4 CLA AC . 10.30 18.24 19.65
C5 CLA AC . 10.18 15.69 19.63
C6 CLA AC . 11.39 15.45 18.73
C7 CLA AC . 11.05 15.38 17.24
C8 CLA AC . 12.32 15.38 16.39
C9 CLA AC . 12.31 16.56 15.43
C10 CLA AC . 12.48 14.07 15.63
C11 CLA AC . 12.84 12.89 16.51
C12 CLA AC . 12.59 11.56 15.80
C13 CLA AC . 12.39 10.36 16.74
C14 CLA AC . 11.23 10.58 17.69
C15 CLA AC . 13.71 10.06 17.45
C16 CLA AC . 13.66 8.87 18.41
C17 CLA AC . 14.48 9.20 19.66
C18 CLA AC . 14.60 8.02 20.61
C19 CLA AC . 15.89 8.13 21.42
C20 CLA AC . 13.40 7.91 21.53
HHB CLA AC . 7.50 17.46 12.33
HHC CLA AC . 5.09 12.14 10.34
HHD CLA AC . -0.14 13.43 12.07
H2A CLA AC . 3.82 20.31 13.40
HMA1 CLA AC . 6.44 21.02 12.84
HMA2 CLA AC . 5.75 20.18 11.50
HMA3 CLA AC . 7.30 19.71 12.12
HAA1 CLA AC . 3.67 19.12 15.96
HAA2 CLA AC . 4.09 20.79 15.61
HBA1 CLA AC . 6.46 20.31 15.69
HBA2 CLA AC . 6.19 18.56 15.71
HMB1 CLA AC . 9.64 15.43 11.78
HMB2 CLA AC . 8.89 16.63 10.77
HMB3 CLA AC . 9.42 15.13 10.09
HBB1 CLA AC . 8.46 12.90 8.23
HBB2 CLA AC . 9.84 12.33 9.31
HMC1 CLA AC . 4.27 9.43 11.50
HMC2 CLA AC . 3.79 9.97 9.92
HMC3 CLA AC . 2.70 9.04 10.89
HAC1 CLA AC . -0.25 10.68 12.72
HAC2 CLA AC . 0.85 9.35 12.33
HBC1 CLA AC . -0.87 9.57 10.61
HBC2 CLA AC . 0.68 9.96 9.95
HBC3 CLA AC . -0.42 11.22 10.34
HMD1 CLA AC . -1.93 14.08 14.73
HMD2 CLA AC . -2.53 15.32 13.68
HMD3 CLA AC . -2.14 15.68 15.31
HBD CLA AC . 1.38 19.33 15.60
HED1 CLA AC . 2.46 21.02 11.40
HED2 CLA AC . 1.89 21.78 12.86
HED3 CLA AC . 0.88 21.71 11.46
H11 CLA AC . 7.64 19.01 19.59
H12 CLA AC . 8.16 18.97 17.92
H2 CLA AC . 7.68 16.19 18.71
H41 CLA AC . 11.27 17.97 20.00
H42 CLA AC . 9.82 18.82 20.40
H43 CLA AC . 10.39 18.82 18.77
H51 CLA AC . 9.46 14.87 19.49
H52 CLA AC . 10.50 15.66 20.67
H61 CLA AC . 11.86 14.51 19.03
H62 CLA AC . 12.13 16.24 18.90
H71 CLA AC . 10.47 14.49 17.04
H72 CLA AC . 10.44 16.25 16.97
H8 CLA AC . 13.19 15.49 17.06
H91 CLA AC . 13.21 16.58 14.89
H92 CLA AC . 12.20 17.47 15.97
H93 CLA AC . 11.50 16.46 14.75
H101 CLA AC . 13.27 14.20 14.89
H102 CLA AC . 11.55 13.86 15.08
H111 CLA AC . 13.90 12.94 16.78
H112 CLA AC . 12.26 12.94 17.44
H121 CLA AC . 13.43 11.35 15.14
H122 CLA AC . 11.71 11.66 15.16
H13 CLA AC . 12.15 9.49 16.11
H141 CLA AC . 10.77 9.66 17.91
H142 CLA AC . 10.52 11.22 17.23
H143 CLA AC . 11.58 11.03 18.59
H151 CLA AC . 14.03 10.94 18.00
H152 CLA AC . 14.47 9.86 16.70
H161 CLA AC . 14.09 7.99 17.92
H162 CLA AC . 12.63 8.63 18.69
H171 CLA AC . 14.00 10.04 20.19
H172 CLA AC . 15.47 9.53 19.35
H18 CLA AC . 14.65 7.10 20.01
H191 CLA AC . 15.91 7.36 22.15
H192 CLA AC . 15.92 9.07 21.90
H193 CLA AC . 16.72 8.03 20.78
H201 CLA AC . 13.40 6.97 22.00
H202 CLA AC . 12.52 8.03 20.98
H203 CLA AC . 13.46 8.67 22.28
HHC2 CLA AC . 5.54 11.74 11.97
HHD2 CLA AC . 0.05 12.80 13.67
MG CLA BC . 8.08 18.82 2.51
CHA CLA BC . 10.83 18.68 0.44
CHB CLA BC . 9.56 16.59 4.70
CHC CLA BC . 5.43 19.15 4.51
CHD CLA BC . 6.61 21.18 0.30
NA CLA BC . 10.01 17.75 2.59
C1A CLA BC . 10.98 17.81 1.67
C2A CLA BC . 12.15 16.94 2.03
C3A CLA BC . 11.69 16.27 3.33
C4A CLA BC . 10.34 16.90 3.57
CMA CLA BC . 11.77 14.76 3.33
CAA CLA BC . 13.40 17.79 2.29
CBA CLA BC . 14.63 17.05 2.83
CGA CLA BC . 15.29 16.20 1.77
O1A CLA BC . 15.61 16.71 0.71
O2A CLA BC . 15.52 14.91 2.02
NB CLA BC . 7.59 18.01 4.31
C1B CLA BC . 8.28 17.09 5.03
C2B CLA BC . 7.54 16.71 6.21
C3B CLA BC . 6.38 17.44 6.14
C4B CLA BC . 6.42 18.25 4.93
CMB CLA BC . 7.96 15.73 7.26
CAB CLA BC . 5.26 17.43 7.10
CBB CLA BC . 5.52 17.28 8.59
NC CLA BC . 6.31 19.94 2.39
C1C CLA BC . 5.34 19.91 3.31
C2C CLA BC . 4.17 20.74 2.94
C3C CLA BC . 4.52 21.29 1.74
C4C CLA BC . 5.84 20.77 1.40
CMC CLA BC . 2.92 20.98 3.73
CAC CLA BC . 3.65 22.23 0.92
CBC CLA BC . 3.10 21.53 -0.29
ND CLA BC . 8.50 19.73 0.80
C1D CLA BC . 7.89 20.66 0.01
C2D CLA BC . 8.73 21.02 -1.12
C3D CLA BC . 9.87 20.24 -0.95
C4D CLA BC . 9.72 19.47 0.21
CMD CLA BC . 8.60 21.97 -2.29
CAD CLA BC . 11.16 19.96 -1.53
OBD CLA BC . 11.80 20.74 -2.23
CBD CLA BC . 11.78 18.85 -0.73
CGD CLA BC . 11.87 17.63 -1.59
O1D CLA BC . 12.24 16.55 -1.15
O2D CLA BC . 11.55 17.72 -2.88
CED CLA BC . 10.63 16.74 -3.38
C1 CLA BC . 16.85 14.35 2.29
C2 CLA BC . 17.92 15.11 3.06
C3 CLA BC . 19.10 14.52 3.36
C4 CLA BC . 19.39 13.11 2.94
C5 CLA BC . 20.21 15.24 4.12
C6 CLA BC . 20.60 14.60 5.46
C7 CLA BC . 21.71 13.54 5.50
C8 CLA BC . 22.91 13.66 4.55
C9 CLA BC . 23.58 12.30 4.39
C10 CLA BC . 23.91 14.75 4.98
C11 CLA BC . 25.03 14.28 5.90
C12 CLA BC . 26.06 15.38 6.20
C13 CLA BC . 26.85 15.84 4.96
C14 CLA BC . 27.49 14.65 4.24
C15 CLA BC . 27.96 16.85 5.28
C16 CLA BC . 27.57 17.94 6.26
C17 CLA BC . 28.35 19.23 5.93
C18 CLA BC . 28.44 20.24 7.07
C19 CLA BC . 28.31 21.66 6.50
C20 CLA BC . 27.42 20.04 8.18
HHB CLA BC . 10.10 16.14 5.52
HHC CLA BC . 4.50 18.57 4.55
HHD CLA BC . 6.00 21.03 -0.60
H2A CLA BC . 12.35 16.18 1.25
H3A CLA BC . 12.33 16.63 4.14
HMA1 CLA BC . 12.79 14.46 3.38
HMA2 CLA BC . 11.34 14.40 2.44
HMA3 CLA BC . 11.24 14.37 4.16
HAA1 CLA BC . 13.13 18.57 3.00
HAA2 CLA BC . 13.68 18.30 1.37
HBA1 CLA BC . 14.36 16.43 3.68
HBA2 CLA BC . 15.35 17.79 3.19
HMB1 CLA BC . 8.56 14.98 6.83
HMB2 CLA BC . 7.10 15.28 7.70
HMB3 CLA BC . 8.51 16.25 8.02
HBB1 CLA BC . 5.29 16.33 9.05
HBB2 CLA BC . 5.47 18.16 9.20
HMC1 CLA BC . 2.96 20.44 4.64
HMC2 CLA BC . 2.07 20.68 3.17
HMC3 CLA BC . 2.84 22.01 3.94
HAC1 CLA BC . 4.24 23.09 0.63
HAC2 CLA BC . 2.83 22.58 1.54
HBC1 CLA BC . 2.31 22.11 -0.70
HBC2 CLA BC . 2.74 20.57 -0.03
HBC3 CLA BC . 3.86 21.42 -1.02
HMD1 CLA BC . 7.59 22.21 -2.44
HMD2 CLA BC . 8.99 21.52 -3.16
HMD3 CLA BC . 9.15 22.86 -2.07
HBD CLA BC . 12.78 19.15 -0.39
HED1 CLA BC . 10.11 17.15 -4.21
HED2 CLA BC . 9.95 16.49 -2.62
HED3 CLA BC . 11.16 15.89 -3.69
H11 CLA BC . 17.28 14.12 1.31
H12 CLA BC . 16.70 13.39 2.79
H2 CLA BC . 17.73 16.12 3.37
H41 CLA BC . 20.41 12.89 3.14
H42 CLA BC . 19.20 13.01 1.91
H43 CLA BC . 18.78 12.44 3.48
H51 CLA BC . 19.85 16.25 4.34
H52 CLA BC . 21.08 15.35 3.48
H61 CLA BC . 19.70 14.15 5.88
H62 CLA BC . 20.89 15.41 6.14
H71 CLA BC . 21.25 12.56 5.33
H72 CLA BC . 22.10 13.51 6.52
H8 CLA BC . 22.54 13.93 3.54
H91 CLA BC . 24.45 12.40 3.80
H92 CLA BC . 22.90 11.63 3.94
H93 CLA BC . 23.84 11.93 5.35
H101 CLA BC . 23.36 15.55 5.48
H102 CLA BC . 24.35 15.17 4.07
H111 CLA BC . 25.57 13.42 5.48
H112 CLA BC . 24.60 13.95 6.85
H121 CLA BC . 26.77 15.02 6.94
H122 CLA BC . 25.54 16.23 6.63
H13 CLA BC . 26.15 16.32 4.26
H141 CLA BC . 28.23 15.01 3.57
H142 CLA BC . 26.76 14.11 3.71
H143 CLA BC . 27.96 14.02 4.96
H151 CLA BC . 28.28 17.31 4.34
H152 CLA BC . 28.83 16.31 5.67
H161 CLA BC . 27.80 17.61 7.28
H162 CLA BC . 26.50 18.15 6.20
H171 CLA BC . 29.36 18.95 5.63
H172 CLA BC . 27.88 19.71 5.07
H18 CLA BC . 29.44 20.16 7.51
H191 CLA BC . 28.52 22.36 7.27
H192 CLA BC . 27.32 21.81 6.15
H193 CLA BC . 28.99 21.78 5.71
H201 CLA BC . 27.35 20.93 8.76
H202 CLA BC . 27.74 19.24 8.81
H203 CLA BC . 26.47 19.81 7.78
HHC2 CLA BC . 5.35 19.88 5.30
HHD2 CLA BC . 6.73 22.26 0.40
MG CLA CC . 10.81 10.28 4.96
CHA CLA CC . 7.77 10.72 6.51
CHB CLA CC . 9.66 11.89 2.12
CHC CLA CC . 13.84 9.94 3.63
CHD CLA CC . 11.97 8.58 7.85
NA CLA CC . 8.92 11.22 4.36
C1A CLA CC . 7.82 11.29 5.12
C2A CLA CC . 6.70 11.99 4.40
C3A CLA CC . 7.30 12.27 3.02
C4A CLA CC . 8.71 11.79 3.16
CMA CLA CC . 6.51 11.69 1.86
CAA CLA CC . 6.42 13.28 5.17
CBA CLA CC . 4.97 13.44 5.61
CGA CLA CC . 4.16 14.15 4.55
O1A CLA CC . 3.95 15.34 4.68
O2A CLA CC . 3.70 13.50 3.49
NB CLA CC . 11.61 10.83 3.17
C1B CLA CC . 11.00 11.45 2.12
C2B CLA CC . 11.95 11.59 1.03
C3B CLA CC . 13.11 11.02 1.47
C4B CLA CC . 12.88 10.55 2.83
CMB CLA CC . 11.69 12.21 -0.32
CAB CLA CC . 14.42 10.88 0.80
CBB CLA CC . 14.94 11.90 -0.19
NC CLA CC . 12.62 9.48 5.66
C1C CLA CC . 13.72 9.38 4.93
C2C CLA CC . 14.81 8.67 5.62
C3C CLA CC . 14.27 8.33 6.83
C4C CLA CC . 12.90 8.82 6.85
CMC CLA CC . 16.19 8.38 5.09
CAC CLA CC . 14.96 7.55 7.92
CBC CLA CC . 14.90 6.08 7.59
ND CLA CC . 10.15 9.74 6.74
C1D CLA CC . 10.65 9.09 7.82
C2D CLA CC . 9.67 9.00 8.90
C3D CLA CC . 8.55 9.63 8.38
C4D CLA CC . 8.85 10.07 7.09
CMD CLA CC . 9.69 8.39 10.28
CAD CLA CC . 7.18 9.99 8.70
OBD CLA CC . 6.52 9.49 9.60
CBD CLA CC . 6.61 10.68 7.50
CGD CLA CC . 5.47 9.85 6.98
O1D CLA CC . 4.32 10.22 7.11
O2D CLA CC . 5.71 8.68 6.39
CED CLA CC . 4.90 8.35 5.27
C1 CLA CC . 2.87 12.30 3.56
C2 CLA CC . 2.81 11.43 2.33
C3 CLA CC . 2.31 10.19 2.34
C4 CLA CC . 1.76 9.52 3.57
C5 CLA CC . 2.27 9.36 1.08
C6 CLA CC . 3.67 8.81 0.81
C7 CLA CC . 3.94 7.51 1.56
C8 CLA CC . 5.00 6.65 0.87
C9 CLA CC . 5.14 5.32 1.61
C10 CLA CC . 6.36 7.36 0.82
C11 CLA CC . 7.16 6.94 -0.41
C12 CLA CC . 8.60 6.60 -0.06
C13 CLA CC . 9.37 7.78 0.56
C14 CLA CC . 10.24 8.45 -0.49
C15 CLA CC . 10.22 7.28 1.72
C16 CLA CC . 9.40 7.06 2.99
C17 CLA CC . 10.33 6.70 4.16
C18 CLA CC . 9.57 6.21 5.39
C19 CLA CC . 8.20 6.87 5.55
C20 CLA CC . 9.42 4.70 5.36
HHB CLA CC . 9.34 12.44 1.25
HHC CLA CC . 14.23 9.13 3.02
HHD CLA CC . 11.88 7.50 7.93
H2A CLA CC . 5.80 11.36 4.33
H3A CLA CC . 7.34 13.36 2.84
HMA1 CLA CC . 5.58 12.18 1.77
HMA2 CLA CC . 6.35 10.66 2.06
HMA3 CLA CC . 7.07 11.78 0.97
HAA1 CLA CC . 6.69 14.16 4.57
HAA2 CLA CC . 7.05 13.31 6.06
HBA1 CLA CC . 4.96 14.07 6.51
HBA2 CLA CC . 4.54 12.48 5.87
HMB1 CLA CC . 10.69 11.99 -0.63
HMB2 CLA CC . 12.36 11.82 -1.03
HMB3 CLA CC . 11.81 13.26 -0.26
HBB1 CLA CC . 15.86 12.39 0.04
HBB2 CLA CC . 14.69 11.75 -1.23
HMC1 CLA CC . 16.90 8.74 5.79
HMC2 CLA CC . 16.32 8.86 4.16
HMC3 CLA CC . 16.32 7.34 4.97
HAC1 CLA CC . 14.48 7.74 8.88
HAC2 CLA CC . 16.01 7.87 7.99
HBC1 CLA CC . 15.33 5.51 8.37
HBC2 CLA CC . 15.43 5.90 6.69
HBC3 CLA CC . 13.89 5.79 7.45
HMD1 CLA CC . 10.37 8.92 10.89
HMD2 CLA CC . 9.99 7.37 10.21
HMD3 CLA CC . 8.73 8.45 10.70
HBD CLA CC . 6.27 11.69 7.74
HED1 CLA CC . 5.29 7.50 4.79
HED2 CLA CC . 4.89 9.17 4.59
HED3 CLA CC . 3.91 8.14 5.59
H11 CLA CC . 1.84 12.63 3.79
H12 CLA CC . 3.20 11.70 4.40
H2 CLA CC . 3.17 11.83 1.40
H41 CLA CC . 1.60 8.49 3.36
H42 CLA CC . 0.85 9.97 3.85
H43 CLA CC . 2.47 9.61 4.36
H51 CLA CC . 1.97 10.00 0.24
H52 CLA CC . 1.56 8.55 1.16
H61 CLA CC . 4.41 9.57 1.11
H62 CLA CC . 3.81 8.65 -0.27
H71 CLA CC . 3.00 6.94 1.62
H72 CLA CC . 4.26 7.74 2.57
H8 CLA CC . 4.66 6.44 -0.15
H91 CLA CC . 5.87 4.72 1.12
H92 CLA CC . 4.22 4.82 1.62
H93 CLA CC . 5.46 5.51 2.61
H101 CLA CC . 6.92 7.11 1.72
H102 CLA CC . 6.22 8.43 0.79
H111 CLA CC . 7.16 7.76 -1.13
H112 CLA CC . 6.70 6.08 -0.88
H121 CLA CC . 9.12 6.27 -0.95
H122 CLA CC . 8.60 5.76 0.65
H13 CLA CC . 8.66 8.51 0.93
H141 CLA CC . 10.45 9.45 -0.18
H142 CLA CC . 9.75 8.46 -1.42
H143 CLA CC . 11.16 7.92 -0.58
H151 CLA CC . 11.01 8.01 1.92
H152 CLA CC . 10.69 6.34 1.44
H161 CLA CC . 8.69 6.25 2.83
H162 CLA CC . 8.85 7.98 3.22
H171 CLA CC . 10.92 7.58 4.43
H172 CLA CC . 11.01 5.92 3.83
H18 CLA CC . 10.16 6.47 6.27
H191 CLA CC . 7.84 6.71 6.53
H192 CLA CC . 7.52 6.45 4.84
H193 CLA CC . 8.29 7.92 5.38
H201 CLA CC . 8.78 4.39 6.15
H202 CLA CC . 10.36 4.25 5.48
H203 CLA CC . 9.00 4.40 4.44
HHC2 CLA CC . 14.66 10.65 3.70
HHD2 CLA CC . 12.42 8.91 8.79
MG CLA DC . 19.32 0.93 18.20
CHA CLA DC . 19.52 -1.93 20.09
CHB CLA DC . 16.79 -0.49 16.27
CHC CLA DC . 19.14 3.77 16.50
CHD CLA DC . 21.84 2.39 20.23
NA CLA DC . 18.24 -0.99 18.17
C1A CLA DC . 18.47 -2.01 19.01
C2A CLA DC . 17.54 -3.15 18.76
C3A CLA DC . 16.73 -2.70 17.54
C4A CLA DC . 17.25 -1.31 17.30
CMA CLA DC . 16.63 -3.65 16.36
CAA CLA DC . 16.62 -3.31 19.98
CBA CLA DC . 16.11 -1.97 20.51
CGA CLA DC . 15.23 -2.13 21.74
O1A CLA DC . 14.23 -2.83 21.69
O2A CLA DC . 15.62 -1.50 22.83
NB CLA DC . 18.15 1.53 16.65
C1B CLA DC . 17.21 0.82 15.96
C2B CLA DC . 16.69 1.63 14.88
C3B CLA DC . 17.35 2.82 14.97
C4B CLA DC . 18.28 2.74 16.09
CMB CLA DC . 15.64 1.25 13.88
CAB CLA DC . 17.23 4.01 14.09
CBB CLA DC . 17.53 3.84 12.62
NC CLA DC . 20.31 2.77 18.35
C1C CLA DC . 20.09 3.79 17.54
C2C CLA DC . 20.95 4.96 17.85
C3C CLA DC . 21.70 4.56 18.92
C4C CLA DC . 21.30 3.18 19.22
CMC CLA DC . 20.97 6.30 17.16
CAC CLA DC . 22.74 5.36 19.66
CBC CLA DC . 22.10 5.98 20.87
ND CLA DC . 20.43 0.46 19.77
C1D CLA DC . 21.41 1.06 20.50
C2D CLA DC . 21.92 0.17 21.53
C3D CLA DC . 21.19 -0.99 21.37
C4D CLA DC . 20.29 -0.80 20.31
CMD CLA DC . 22.98 0.31 22.60
CAD CLA DC . 21.00 -2.32 21.90
OBD CLA DC . 21.73 -2.87 22.71
CBD CLA DC . 19.93 -3.00 21.08
CGD CLA DC . 20.49 -4.17 20.34
O1D CLA DC . 21.20 -4.01 19.36
O2D CLA DC . 20.23 -5.42 20.73
CED CLA DC . 21.35 -6.30 20.75
C1 CLA DC . 14.75 -0.57 23.57
C2 CLA DC . 13.31 -0.34 23.17
C3 CLA DC . 12.64 0.76 23.57
C4 CLA DC . 11.21 0.96 23.17
C5 CLA DC . 13.24 1.85 24.43
C6 CLA DC . 13.90 2.90 23.55
C7 CLA DC . 15.18 3.45 24.16
C8 CLA DC . 15.23 4.98 24.13
C9 CLA DC . 16.66 5.48 24.19
C10 CLA DC . 14.40 5.53 25.28
C11 CLA DC . 14.07 7.00 25.08
C12 CLA DC . 12.56 7.23 25.07
C13 CLA DC . 12.21 8.71 25.13
C14 CLA DC . 11.98 9.14 26.58
C15 CLA DC . 10.98 8.98 24.26
C16 CLA DC . 10.76 10.47 24.03
C17 CLA DC . 11.59 10.97 22.86
C18 CLA DC . 11.54 12.50 22.74
C19 CLA DC . 12.31 12.97 21.51
C20 CLA DC . 10.12 13.02 22.72
HHB CLA DC . 15.99 -0.89 15.67
HHC CLA DC . 19.69 4.05 15.60
HHD CLA DC . 22.92 2.35 20.08
H2A CLA DC . 18.09 -4.09 18.55
H3A CLA DC . 15.69 -2.57 17.89
HMA1 CLA DC . 16.14 -4.54 16.67
HMA2 CLA DC . 17.60 -3.88 16.02
HMA3 CLA DC . 16.08 -3.19 15.58
HAA1 CLA DC . 17.16 -3.82 20.77
HAA2 CLA DC . 15.77 -3.94 19.70
HBA1 CLA DC . 15.53 -1.45 19.74
HBA2 CLA DC . 16.93 -1.32 20.80
HMB1 CLA DC . 15.71 0.22 13.65
HMB2 CLA DC . 15.76 1.80 12.98
HMB3 CLA DC . 14.67 1.45 14.28
HBB1 CLA DC . 18.33 4.41 12.19
HBB2 CLA DC . 16.77 3.44 11.97
HMC1 CLA DC . 20.52 6.20 16.20
HMC2 CLA DC . 21.96 6.64 17.05
HMC3 CLA DC . 20.42 7.00 17.73
HAC1 CLA DC . 23.13 6.15 19.00
HAC2 CLA DC . 23.57 4.72 19.96
HBC1 CLA DC . 22.84 6.45 21.47
HBC2 CLA DC . 21.60 5.24 21.44
HBC3 CLA DC . 21.39 6.72 20.57
HMD1 CLA DC . 23.29 1.32 22.67
HMD2 CLA DC . 23.82 -0.30 22.35
HMD3 CLA DC . 22.60 -0.01 23.52
HBD CLA DC . 19.09 -3.30 21.72
HED1 CLA DC . 21.07 -7.23 21.17
HED2 CLA DC . 22.14 -5.87 21.32
HED3 CLA DC . 21.70 -6.45 19.76
H11 CLA DC . 15.25 0.39 23.56
H12 CLA DC . 14.76 -0.91 24.61
H2 CLA DC . 12.80 -1.08 22.57
H41 CLA DC . 10.71 1.50 23.93
H42 CLA DC . 10.75 0.02 23.04
H43 CLA DC . 11.16 1.51 22.27
H51 CLA DC . 13.98 1.41 25.11
H52 CLA DC . 12.47 2.31 25.03
H61 CLA DC . 13.19 3.73 23.40
H62 CLA DC . 14.11 2.48 22.57
H71 CLA DC . 16.04 3.06 23.59
H72 CLA DC . 15.29 3.11 25.19
H8 CLA DC . 14.78 5.32 23.18
H91 CLA DC . 16.67 6.52 24.42
H92 CLA DC . 17.14 5.32 23.26
H93 CLA DC . 17.19 4.96 24.96
H101 CLA DC . 14.95 5.42 26.21
H102 CLA DC . 13.47 4.96 25.37
H111 CLA DC . 14.49 7.35 24.12
H112 CLA DC . 14.52 7.59 25.88
H121 CLA DC . 12.11 6.72 25.93
H122 CLA DC . 12.13 6.78 24.16
H13 CLA DC . 13.06 9.28 24.73
H141 CLA DC . 12.10 10.19 26.66
H142 CLA DC . 12.68 8.65 27.20
H143 CLA DC . 11.00 8.87 26.87
H151 CLA DC . 10.09 8.55 24.74
H152 CLA DC . 11.10 8.49 23.29
H161 CLA DC . 11.02 11.04 24.93
H162 CLA DC . 9.70 10.64 23.82
H171 CLA DC . 11.20 10.54 21.92
H172 CLA DC . 12.62 10.65 22.97
H18 CLA DC . 12.05 12.91 23.64
H191 CLA DC . 12.40 14.02 21.54
H192 CLA DC . 11.79 12.68 20.65
H193 CLA DC . 13.28 12.53 21.51
H201 CLA DC . 10.10 13.95 22.23
H202 CLA DC . 9.76 13.13 23.71
H203 CLA DC . 9.50 12.33 22.20
HHC2 CLA DC . 18.48 4.62 16.70
HHD2 CLA DC . 21.70 2.95 21.17
MG CLA EC . 15.78 -5.23 10.17
CHA CLA EC . 18.27 -3.40 8.63
CHB CLA EC . 15.42 -2.79 12.60
CHC CLA EC . 13.28 -7.00 11.47
CHD CLA EC . 16.15 -7.72 7.65
NA CLA EC . 16.72 -3.29 10.58
C1A CLA EC . 17.71 -2.73 9.86
C2A CLA EC . 18.10 -1.39 10.38
C3A CLA EC . 17.24 -1.26 11.65
C4A CLA EC . 16.40 -2.49 11.62
CMA CLA EC . 18.03 -0.99 12.92
CAA CLA EC . 17.83 -0.40 9.22
CBA CLA EC . 17.01 0.86 9.48
CGA CLA EC . 15.54 0.63 9.19
O1A CLA EC . 14.97 -0.31 9.69
O2A CLA EC . 14.92 1.47 8.38
NB CLA EC . 14.54 -4.93 11.76
C1B CLA EC . 14.58 -3.91 12.68
C2B CLA EC . 13.58 -4.15 13.70
C3B CLA EC . 13.00 -5.34 13.37
C4B CLA EC . 13.62 -5.82 12.13
CMB CLA EC . 13.28 -3.27 14.89
CAB CLA EC . 11.93 -6.09 14.07
CBB CLA EC . 11.42 -5.71 15.43
NC CLA EC . 14.85 -7.03 9.63
C1C CLA EC . 13.88 -7.61 10.33
C2C CLA EC . 13.49 -8.93 9.78
C3C CLA EC . 14.30 -9.10 8.70
C4C CLA EC . 15.16 -7.92 8.62
CMC CLA EC . 12.42 -9.86 10.29
CAC CLA EC . 14.35 -10.29 7.76
CBC CLA EC . 15.42 -11.25 8.24
ND CLA EC . 16.86 -5.56 8.55
C1D CLA EC . 16.96 -6.56 7.62
C2D CLA EC . 18.02 -6.29 6.66
C3D CLA EC . 18.52 -5.05 7.05
C4D CLA EC . 17.82 -4.64 8.19
CMD CLA EC . 18.54 -7.04 5.46
CAD CLA EC . 19.51 -4.05 6.72
OBD CLA EC . 20.25 -4.07 5.75
CBD CLA EC . 19.33 -2.90 7.67
CGD CLA EC . 20.65 -2.57 8.32
O1D CLA EC . 21.45 -1.87 7.73
O2D CLA EC . 20.97 -3.03 9.53
CED CLA EC . 21.85 -2.21 10.29
C1 CLA EC . 13.75 2.25 8.79
C2 CLA EC . 12.35 1.70 8.54
C3 CLA EC . 11.27 2.49 8.41
C4 CLA EC . 11.30 3.99 8.51
C5 CLA EC . 9.89 1.91 8.17
C6 CLA EC . 9.00 2.25 9.36
C7 CLA EC . 8.20 1.03 9.80
C8 CLA EC . 7.28 1.29 11.01
C9 CLA EC . 7.76 2.42 11.92
C10 CLA EC . 7.15 -0.01 11.78
C11 CLA EC . 5.98 0.01 12.75
C12 CLA EC . 6.44 -0.10 14.19
C13 CLA EC . 5.42 0.27 15.28
C14 CLA EC . 5.80 -0.50 16.54
C15 CLA EC . 3.96 0.00 14.94
C16 CLA EC . 3.01 0.96 15.65
C17 CLA EC . 2.99 2.40 15.12
C18 CLA EC . 2.76 2.55 13.62
C19 CLA EC . 1.43 1.95 13.18
C20 CLA EC . 2.82 4.02 13.24
HHB CLA EC . 15.34 -2.07 13.40
HHC CLA EC . 13.23 -7.77 12.23
HHD CLA EC . 16.82 -8.57 7.69
H2A CLA EC . 19.18 -1.39 10.65
H3A CLA EC . 16.54 -0.42 11.54
HMA1 CLA EC . 18.36 0.02 12.93
HMA2 CLA EC . 18.87 -1.63 12.94
HMA3 CLA EC . 17.42 -1.18 13.77
HAA1 CLA EC . 17.32 -0.96 8.44
HAA2 CLA EC . 18.80 -0.11 8.80
HBA1 CLA EC . 17.37 1.64 8.80
HBA2 CLA EC . 17.15 1.23 10.49
HMB1 CLA EC . 13.59 -2.28 14.68
HMB2 CLA EC . 13.79 -3.63 15.75
HMB3 CLA EC . 12.24 -3.27 15.08
HBB1 CLA EC . 11.69 -6.32 16.27
HBB2 CLA EC . 10.49 -5.16 15.50
HMC1 CLA EC . 11.77 -9.33 10.92
HMC2 CLA EC . 12.88 -10.66 10.83
HMC3 CLA EC . 11.88 -10.26 9.47
HAC1 CLA EC . 14.58 -9.95 6.75
HAC2 CLA EC . 13.38 -10.78 7.75
HBC1 CLA EC . 15.37 -12.14 7.65
HBC2 CLA EC . 15.26 -11.49 9.25
HBC3 CLA EC . 16.37 -10.82 8.11
HMD1 CLA EC . 19.17 -7.82 5.78
HMD2 CLA EC . 19.10 -6.38 4.85
HMD3 CLA EC . 17.73 -7.43 4.90
HBD CLA EC . 18.96 -2.02 7.12
HED1 CLA EC . 22.01 -2.65 11.25
HED2 CLA EC . 21.43 -1.25 10.41
HED3 CLA EC . 22.78 -2.13 9.79
H11 CLA EC . 13.82 3.22 8.32
H12 CLA EC . 13.84 2.42 9.86
H2 CLA EC . 12.23 0.63 8.46
H41 CLA EC . 10.36 4.38 8.23
H42 CLA EC . 12.05 4.38 7.87
H43 CLA EC . 11.51 4.28 9.50
H51 CLA EC . 9.95 0.83 8.05
H52 CLA EC . 9.48 2.34 7.26
H61 CLA EC . 8.33 3.07 9.09
H62 CLA EC . 9.64 2.60 10.18
H71 CLA EC . 8.89 0.23 10.05
H72 CLA EC . 7.59 0.70 8.96
H8 CLA EC . 6.28 1.56 10.63
H91 CLA EC . 7.11 2.48 12.76
H92 CLA EC . 7.72 3.34 11.40
H93 CLA EC . 8.74 2.22 12.25
H101 CLA EC . 8.08 -0.19 12.34
H102 CLA EC . 7.03 -0.84 11.08
H111 CLA EC . 5.31 -0.83 12.52
H112 CLA EC . 5.41 0.93 12.61
H121 CLA EC . 7.31 0.55 14.31
H122 CLA EC . 6.78 -1.12 14.37
H13 CLA EC . 5.53 1.34 15.50
H141 CLA EC . 5.19 -0.18 17.35
H142 CLA EC . 6.82 -0.32 16.76
H143 CLA EC . 5.66 -1.54 16.38
H151 CLA EC . 3.71 -1.01 15.27
H152 CLA EC . 3.76 0.04 13.86
H161 CLA EC . 3.28 0.99 16.72
H162 CLA EC . 1.99 0.56 15.61
H171 CLA EC . 3.94 2.88 15.39
H172 CLA EC . 2.21 2.95 15.65
H18 CLA EC . 3.57 2.04 13.09
H191 CLA EC . 1.18 2.34 12.24
H192 CLA EC . 0.68 2.18 13.88
H193 CLA EC . 1.52 0.89 13.10
H201 CLA EC . 3.02 4.10 12.20
H202 CLA EC . 3.58 4.50 13.78
H203 CLA EC . 1.89 4.48 13.44
HHC2 CLA EC . 12.24 -6.85 11.17
HHD2 CLA EC . 15.65 -7.76 6.68
MG CLA FC . 10.78 -10.54 17.27
CHA CLA FC . 13.24 -8.18 17.74
CHB CLA FC . 9.61 -9.99 20.49
CHC CLA FC . 8.36 -12.72 16.65
CHD CLA FC . 12.00 -11.07 13.98
NA CLA FC . 11.34 -9.22 18.95
C1A CLA FC . 12.35 -8.35 18.93
C2A CLA FC . 12.42 -7.58 20.22
C3A CLA FC . 11.33 -8.22 21.08
C4A CLA FC . 10.70 -9.20 20.14
CMA CLA FC . 11.79 -8.74 22.43
CAA CLA FC . 12.01 -6.15 19.82
CBA CLA FC . 12.97 -5.04 20.24
CGA CLA FC . 12.75 -3.85 19.32
O1A CLA FC . 13.28 -3.85 18.21
O2A CLA FC . 11.98 -2.86 19.73
NB CLA FC . 9.23 -11.22 18.39
C1B CLA FC . 8.94 -10.95 19.70
C2B CLA FC . 7.80 -11.72 20.11
C3B CLA FC . 7.47 -12.49 19.03
C4B CLA FC . 8.38 -12.16 17.94
CMB CLA FC . 7.16 -11.73 21.47
CAB CLA FC . 6.38 -13.47 18.91
CBB CLA FC . 4.97 -12.95 19.05
NC CLA FC . 10.26 -11.67 15.58
C1C CLA FC . 9.23 -12.51 15.56
C2C CLA FC . 9.09 -13.19 14.24
C3C CLA FC . 10.12 -12.69 13.49
C4C CLA FC . 10.85 -11.75 14.34
CMC CLA FC . 8.05 -14.19 13.84
CAC CLA FC . 10.47 -13.05 12.06
CBC CLA FC . 9.70 -12.18 11.08
ND CLA FC . 12.18 -9.82 16.06
C1D CLA FC . 12.65 -10.13 14.83
C2D CLA FC . 13.89 -9.42 14.53
C3D CLA FC . 14.10 -8.66 15.67
C4D CLA FC . 13.07 -8.91 16.57
CMD CLA FC . 14.83 -9.40 13.35
CAD CLA FC . 15.03 -7.69 16.25
OBD CLA FC . 16.21 -7.63 15.96
CBD CLA FC . 14.46 -7.32 17.59
CGD CLA FC . 15.44 -7.66 18.66
O1D CLA FC . 15.66 -8.84 18.93
O2D CLA FC . 16.08 -6.72 19.34
CED CLA FC . 17.51 -6.78 19.30
C1 CLA FC . 12.31 -1.45 19.54
C2 CLA FC . 12.66 -0.87 18.17
C3 CLA FC . 13.34 0.28 18.03
C4 CLA FC . 13.64 0.78 16.64
C5 CLA FC . 13.86 1.14 19.15
C6 CLA FC . 12.74 2.02 19.70
C7 CLA FC . 13.02 3.51 19.44
C8 CLA FC . 11.74 4.33 19.48
C9 CLA FC . 11.91 5.62 18.69
C10 CLA FC . 11.38 4.63 20.94
C11 CLA FC . 9.86 4.63 21.17
C12 CLA FC . 9.57 4.68 22.66
C13 CLA FC . 8.07 4.83 22.93
C14 CLA FC . 7.67 6.31 23.04
C15 CLA FC . 7.67 4.05 24.19
C16 CLA FC . 8.30 4.59 25.47
C17 CLA FC . 8.43 3.48 26.52
C18 CLA FC . 9.41 3.81 27.64
C19 CLA FC . 10.85 3.57 27.21
C20 CLA FC . 9.24 5.23 28.17
HHB CLA FC . 9.21 -9.85 21.48
HHC CLA FC . 8.35 -13.79 16.81
HHD CLA FC . 12.75 -11.82 13.71
H2A CLA FC . 13.41 -7.62 20.68
H3A CLA FC . 10.56 -7.47 21.32
HMA1 CLA FC . 12.04 -7.93 23.07
HMA2 CLA FC . 12.66 -9.34 22.29
HMA3 CLA FC . 11.03 -9.33 22.87
HAA1 CLA FC . 11.03 -5.91 20.21
HAA2 CLA FC . 11.91 -6.11 18.73
HBA1 CLA FC . 14.00 -5.38 20.19
HBA2 CLA FC . 12.75 -4.75 21.26
HMB1 CLA FC . 7.04 -10.74 21.82
HMB2 CLA FC . 7.75 -12.28 22.14
HMB3 CLA FC . 6.20 -12.18 21.40
HBB1 CLA FC . 4.68 -12.11 18.46
HBB2 CLA FC . 4.21 -13.62 19.42
HMC1 CLA FC . 7.13 -13.94 14.30
HMC2 CLA FC . 8.35 -15.16 14.13
HMC3 CLA FC . 7.92 -14.17 12.78
HAC1 CLA FC . 10.24 -14.10 11.88
HAC2 CLA FC . 11.53 -12.90 11.90
HBC1 CLA FC . 9.86 -12.54 10.10
HBC2 CLA FC . 10.03 -11.19 11.15
HBC3 CLA FC . 8.66 -12.24 11.31
HMD1 CLA FC . 14.30 -9.65 12.47
HMD2 CLA FC . 15.59 -10.12 13.52
HMD3 CLA FC . 15.26 -8.45 13.25
HBD CLA FC . 14.21 -6.24 17.63
HED1 CLA FC . 17.91 -6.06 19.95
HED2 CLA FC . 17.83 -6.58 18.31
HED3 CLA FC . 17.83 -7.74 19.60
H11 CLA FC . 13.15 -1.25 20.21
H12 CLA FC . 11.48 -0.87 19.93
H2 CLA FC . 12.33 -1.40 17.29
H41 CLA FC . 14.52 1.36 16.66
H42 CLA FC . 12.83 1.39 16.32
H43 CLA FC . 13.75 -0.04 15.99
H51 CLA FC . 14.68 1.76 18.79
H52 CLA FC . 14.26 0.52 19.96
H61 CLA FC . 12.66 1.86 20.77
H62 CLA FC . 11.80 1.74 19.24
H71 CLA FC . 13.49 3.63 18.46
H72 CLA FC . 13.71 3.88 20.19
H8 CLA FC . 10.92 3.75 19.02
H91 CLA FC . 11.10 6.28 18.90
H92 CLA FC . 11.91 5.40 17.65
H93 CLA FC . 12.82 6.08 18.95
H101 CLA FC . 11.77 5.62 21.20
H102 CLA FC . 11.84 3.89 21.58
H111 CLA FC . 9.43 3.73 20.74
H112 CLA FC . 9.42 5.49 20.67
H121 CLA FC . 10.10 5.54 23.10
H122 CLA FC . 9.93 3.78 23.14
H13 CLA FC . 7.53 4.40 22.09
H141 CLA FC . 6.64 6.37 23.28
H142 CLA FC . 7.85 6.78 22.11
H143 CLA FC . 8.24 6.77 23.80
H151 CLA FC . 7.96 3.00 24.05
H152 CLA FC . 6.59 4.08 24.28
H161 CLA FC . 7.66 5.38 25.88
H162 CLA FC . 9.27 5.03 25.27
H171 CLA FC . 8.77 2.56 26.02
H172 CLA FC . 7.45 3.28 26.94
H18 CLA FC . 9.20 3.13 28.48
H191 CLA FC . 11.51 3.92 27.97
H192 CLA FC . 11.05 4.08 26.31
H193 CLA FC . 11.01 2.52 27.08
H201 CLA FC . 9.73 5.32 29.10
H202 CLA FC . 8.21 5.44 28.29
H203 CLA FC . 9.67 5.91 27.48
HHC2 CLA FC . 7.36 -12.49 16.27
HHD2 CLA FC . 11.79 -10.54 13.05
MG CLA GC . 19.74 29.69 10.44
CHA CLA GC . 19.42 32.94 11.56
CHB CLA GC . 18.69 30.63 7.27
CHC CLA GC . 20.20 26.53 9.46
CHD CLA GC . 20.82 28.77 13.70
NA CLA GC . 19.12 31.58 9.49
C1A CLA GC . 19.05 32.75 10.10
C2A CLA GC . 18.56 33.84 9.20
C3A CLA GC . 18.32 33.09 7.87
C4A CLA GC . 18.73 31.68 8.21
CMA CLA GC . 16.97 33.28 7.19
CAA CLA GC . 19.54 35.02 9.04
CBA CLA GC . 21.03 34.72 9.16
CGA CLA GC . 21.64 34.34 7.84
O1A CLA GC . 21.39 34.98 6.84
O2A CLA GC . 22.45 33.31 7.83
NB CLA GC . 19.49 28.73 8.66
C1B CLA GC . 19.03 29.27 7.48
C2B CLA GC . 18.99 28.23 6.48
C3B CLA GC . 19.40 27.09 7.09
C4B CLA GC . 19.73 27.42 8.48
CMB CLA GC . 18.55 28.34 5.04
CAB CLA GC . 19.51 25.76 6.43
CBB CLA GC . 19.61 24.45 7.17
NC CLA GC . 20.43 27.95 11.40
C1C CLA GC . 20.57 26.78 10.82
C2C CLA GC . 21.13 25.75 11.73
C3C CLA GC . 21.33 26.41 12.91
C4C CLA GC . 20.88 27.78 12.71
CMC CLA GC . 21.44 24.31 11.41
CAC CLA GC . 21.91 25.86 14.20
CBC CLA GC . 21.02 24.81 14.81
ND CLA GC . 20.07 30.52 12.20
C1D CLA GC . 20.49 30.12 13.43
C2D CLA GC . 20.52 31.20 14.39
C3D CLA GC . 20.09 32.31 13.65
C4D CLA GC . 19.84 31.88 12.35
CMD CLA GC . 20.88 31.30 15.85
CAD CLA GC . 19.83 33.73 13.75
OBD CLA GC . 20.13 34.44 14.69
CBD CLA GC . 19.39 34.20 12.39
CGD CLA GC . 18.00 34.77 12.48
O1D CLA GC . 17.25 34.46 13.39
O2D CLA GC . 17.57 35.63 11.54
CED CLA GC . 17.88 37.01 11.74
C1 CLA GC . 23.86 33.49 8.17
C2 CLA GC . 24.83 32.41 7.77
C3 CLA GC . 26.15 32.47 8.01
C4 CLA GC . 26.99 31.32 7.55
C5 CLA GC . 26.87 33.63 8.66
C6 CLA GC . 27.60 33.29 9.96
C7 CLA GC . 27.08 32.08 10.73
C8 CLA GC . 27.75 31.92 12.11
C9 CLA GC . 29.18 32.46 12.19
C10 CLA GC . 27.76 30.45 12.54
C11 CLA GC . 26.53 30.06 13.35
C12 CLA GC . 26.67 30.54 14.80
C13 CLA GC . 25.38 30.74 15.58
C14 CLA GC . 24.24 29.81 15.12
C15 CLA GC . 24.94 32.21 15.61
C16 CLA GC . 24.39 32.76 14.29
C17 CLA GC . 24.60 34.26 14.15
C18 CLA GC . 24.42 34.72 12.72
C19 CLA GC . 22.98 34.54 12.26
C20 CLA GC . 24.87 36.16 12.51
HHB CLA GC . 18.51 30.91 6.25
HHC CLA GC . 19.45 25.75 9.53
HHD CLA GC . 20.12 28.41 14.45
H2A CLA GC . 17.60 34.23 9.57
H3A CLA GC . 19.07 33.47 7.16
HMA1 CLA GC . 16.33 33.85 7.82
HMA2 CLA GC . 16.54 32.34 7.01
HMA3 CLA GC . 17.12 33.80 6.28
HAA1 CLA GC . 19.29 35.77 9.78
HAA2 CLA GC . 19.38 35.48 8.06
HBA1 CLA GC . 21.24 33.94 9.89
HBA2 CLA GC . 21.54 35.63 9.52
HMB1 CLA GC . 19.19 27.76 4.43
HMB2 CLA GC . 18.58 29.35 4.72
HMB3 CLA GC . 17.56 27.98 4.94
HBB1 CLA GC . 20.57 24.18 7.58
HBB2 CLA GC . 18.97 23.66 6.84
HMC1 CLA GC . 20.74 23.68 11.87
HMC2 CLA GC . 22.41 24.08 11.80
HMC3 CLA GC . 21.45 24.17 10.37
HAC1 CLA GC . 22.06 26.67 14.92
HAC2 CLA GC . 22.89 25.43 13.98
HBC1 CLA GC . 21.34 24.60 15.80
HBC2 CLA GC . 21.08 23.92 14.24
HBC3 CLA GC . 20.01 25.15 14.83
HMD1 CLA GC . 21.19 30.35 16.19
HMD2 CLA GC . 20.04 31.62 16.39
HMD3 CLA GC . 21.66 32.01 15.97
HBD CLA GC . 20.08 34.95 11.99
HED1 CLA GC . 17.58 37.55 10.88
HED2 CLA GC . 18.92 37.12 11.87
HED3 CLA GC . 17.38 37.37 12.59
H11 CLA GC . 23.93 33.62 9.26
H12 CLA GC . 24.19 34.43 7.73
H2 CLA GC . 24.44 31.53 7.29
H41 CLA GC . 27.98 31.44 7.89
H42 CLA GC . 26.98 31.28 6.48
H43 CLA GC . 26.59 30.41 7.93
H51 CLA GC . 26.16 34.45 8.85
H52 CLA GC . 27.60 34.02 7.95
H61 CLA GC . 27.56 34.17 10.62
H62 CLA GC . 28.66 33.13 9.72
H71 CLA GC . 27.25 31.18 10.14
H72 CLA GC . 26.00 32.19 10.88
H8 CLA GC . 27.15 32.48 12.84
H91 CLA GC . 29.56 32.29 13.16
H92 CLA GC . 29.19 33.51 11.99
H93 CLA GC . 29.78 31.96 11.48
H101 CLA GC . 28.65 30.27 13.15
H102 CLA GC . 27.84 29.81 11.66
H111 CLA GC . 26.43 28.97 13.35
H112 CLA GC . 25.63 30.47 12.88
H121 CLA GC . 27.24 31.48 14.80
H122 CLA GC . 27.28 29.81 15.33
H13 CLA GC . 25.59 30.46 16.62
H141 CLA GC . 23.51 29.77 15.87
H142 CLA GC . 24.64 28.83 14.97
H143 CLA GC . 23.82 30.16 14.21
H151 CLA GC . 25.79 32.82 15.92
H152 CLA GC . 24.17 32.32 16.37
H161 CLA GC . 23.31 32.54 14.23
H162 CLA GC . 24.87 32.27 13.44
H171 CLA GC . 25.61 34.52 14.49
H172 CLA GC . 23.89 34.79 14.79
H18 CLA GC . 25.06 34.09 12.06
H191 CLA GC . 22.80 35.14 11.40
H192 CLA GC . 22.33 34.85 13.04
H193 CLA GC . 22.80 33.53 12.02
H201 CLA GC . 24.70 36.46 11.51
H202 CLA GC . 25.90 36.24 12.73
H203 CLA GC . 24.32 36.79 13.16
HHC2 CLA GC . 21.07 26.05 9.02
HHD2 CLA GC . 21.80 28.79 14.18
MG CLA HC . 6.57 22.97 17.72
CHA CLA HC . 3.67 23.84 16.08
CHB CLA HC . 5.02 23.31 20.79
CHC CLA HC . 9.38 21.91 19.17
CHD CLA HC . 8.19 22.72 14.58
NA CLA HC . 4.55 23.50 18.40
C1A CLA HC . 3.54 23.84 17.59
C2A CLA HC . 2.30 24.16 18.38
C3A CLA HC . 2.76 24.03 19.84
C4A CLA HC . 4.19 23.58 19.69
CMA CLA HC . 2.47 25.22 20.74
CAA CLA HC . 1.18 23.14 18.07
CBA CLA HC . 1.55 21.75 17.51
CGA CLA HC . 1.91 20.72 18.56
O1A CLA HC . 2.79 20.99 19.38
O2A CLA HC . 1.31 19.53 18.57
NB CLA HC . 7.10 22.64 19.66
C1B CLA HC . 6.35 22.88 20.78
C2B CLA HC . 7.14 22.59 21.95
C3B CLA HC . 8.36 22.21 21.47
C4B CLA HC . 8.32 22.24 20.02
CMB CLA HC . 6.71 22.70 23.39
CAB CLA HC . 9.54 21.79 22.27
CBB CLA HC . 9.36 20.60 23.17
NC CLA HC . 8.46 22.39 16.99
C1C CLA HC . 9.43 21.94 17.75
C2C CLA HC . 10.58 21.44 16.96
C3C CLA HC . 10.21 21.64 15.66
C4C CLA HC . 8.88 22.25 15.69
CMC CLA HC . 11.85 20.81 17.47
CAC CLA HC . 10.99 21.29 14.42
CBC CLA HC . 10.45 19.98 13.90
ND CLA HC . 6.14 23.17 15.80
C1D CLA HC . 6.82 23.09 14.62
C2D CLA HC . 5.98 23.45 13.49
C3D CLA HC . 4.76 23.75 14.07
C4D CLA HC . 4.87 23.58 15.45
CMD CLA HC . 6.22 23.56 12.00
CAD CLA HC . 3.41 24.16 13.76
OBD CLA HC . 2.93 24.18 12.62
CBD CLA HC . 2.61 24.06 15.02
CGD CLA HC . 1.76 25.29 15.17
O1D CLA HC . 0.73 25.40 14.53
O2D CLA HC . 2.09 26.28 16.00
CED CLA HC . 0.98 27.03 16.49
C1 CLA HC . 2.03 18.27 18.86
C2 CLA HC . 2.53 17.38 17.74
C3 CLA HC . 3.35 16.33 17.94
C4 CLA HC . 3.85 15.97 19.31
C5 CLA HC . 3.84 15.45 16.81
C6 CLA HC . 5.31 15.68 16.46
C7 CLA HC . 5.98 14.42 15.89
C8 CLA HC . 7.51 14.52 15.81
C9 CLA HC . 7.97 15.94 15.46
C10 CLA HC . 8.12 13.57 14.76
C11 CLA HC . 7.62 12.12 14.76
C12 CLA HC . 8.64 11.28 13.99
C13 CLA HC . 8.30 9.79 13.79
C14 CLA HC . 7.01 9.60 12.99
C15 CLA HC . 8.25 9.04 15.12
C16 CLA HC . 8.18 7.53 14.94
C17 CLA HC . 6.78 7.01 15.29
C18 CLA HC . 6.47 5.62 14.74
C19 CLA HC . 6.22 5.64 13.24
C20 CLA HC . 7.54 4.59 15.09
HHB CLA HC . 4.60 23.55 21.76
HHC CLA HC . 10.22 22.52 19.50
HHD CLA HC . 8.73 23.60 14.23
H2A CLA HC . 1.96 25.18 18.18
H3A CLA HC . 2.21 23.18 20.28
HMA1 CLA HC . 1.48 25.18 21.09
HMA2 CLA HC . 2.60 26.12 20.18
HMA3 CLA HC . 3.14 25.22 21.56
HAA1 CLA HC . 0.54 23.62 17.32
HAA2 CLA HC . 0.56 23.01 18.96
HBA1 CLA HC . 2.35 21.79 16.78
HBA2 CLA HC . 0.68 21.37 16.97
HMB1 CLA HC . 6.36 23.68 23.57
HMB2 CLA HC . 7.52 22.49 24.02
HMB3 CLA HC . 5.91 22.01 23.58
HBB1 CLA HC . 9.54 19.61 22.78
HBB2 CLA HC . 9.30 20.74 24.24
HMC1 CLA HC . 11.80 20.73 18.53
HMC2 CLA HC . 12.67 21.41 17.19
HMC3 CLA HC . 11.96 19.85 17.05
HAC1 CLA HC . 12.05 21.19 14.67
HAC2 CLA HC . 10.87 22.07 13.67
HBC1 CLA HC . 10.67 19.89 12.87
HBC2 CLA HC . 9.40 19.94 14.05
HBC3 CLA HC . 10.91 19.18 14.43
HMD1 CLA HC . 6.99 22.89 11.72
HMD2 CLA HC . 6.50 24.55 11.76
HMD3 CLA HC . 5.33 23.30 11.49
HBD CLA HC . 1.95 23.18 14.97
HED1 CLA HC . 1.30 27.68 17.27
HED2 CLA HC . 0.23 26.38 16.86
HED3 CLA HC . 0.58 27.62 15.70
H11 CLA HC . 1.35 17.67 19.47
H12 CLA HC . 2.87 18.52 19.51
H2 CLA HC . 2.21 17.59 16.74
H41 CLA HC . 4.35 15.03 19.26
H42 CLA HC . 3.04 15.89 19.98
H43 CLA HC . 4.52 16.71 19.66
H51 CLA HC . 3.23 15.64 15.92
H52 CLA HC . 3.70 14.40 17.09
H61 CLA HC . 5.85 16.01 17.35
H62 CLA HC . 5.37 16.48 15.71
H71 CLA HC . 5.58 14.22 14.89
H72 CLA HC . 5.73 13.57 16.54
H8 CLA HC . 7.93 14.26 16.79
H91 CLA HC . 8.97 15.90 15.12
H92 CLA HC . 7.92 16.55 16.32
H93 CLA HC . 7.36 16.33 14.70
H101 CLA HC . 9.19 13.55 14.92
H102 CLA HC . 7.95 14.00 13.77
H111 CLA HC . 6.64 12.08 14.28
H112 CLA HC . 7.52 11.76 15.79
H121 CLA HC . 9.60 11.34 14.49
H122 CLA HC . 8.76 11.73 13.00
H13 CLA HC . 9.12 9.35 13.20
H141 CLA HC . 6.91 8.57 12.73
H142 CLA HC . 7.07 10.16 12.10
H143 CLA HC . 6.18 9.90 13.56
H151 CLA HC . 7.39 9.39 15.70
H152 CLA HC . 9.15 9.29 15.70
H161 CLA HC . 8.91 7.05 15.58
H162 CLA HC . 8.42 7.27 13.91
H171 CLA HC . 6.04 7.71 14.91
H172 CLA HC . 6.68 6.98 16.38
H18 CLA HC . 5.53 5.28 15.21
H191 CLA HC . 5.91 4.68 12.92
H192 CLA HC . 7.11 5.90 12.73
H193 CLA HC . 5.46 6.35 13.01
H201 CLA HC . 7.13 3.61 14.99
H202 CLA HC . 7.86 4.73 16.09
H203 CLA HC . 8.36 4.69 14.43
HHC2 CLA HC . 9.65 20.89 19.45
HHD2 CLA HC . 8.29 21.98 13.79
MG CLA IC . 25.27 33.55 1.67
CHA CLA IC . 22.21 34.91 2.39
CHB CLA IC . 25.86 36.01 -0.72
CHC CLA IC . 28.26 32.22 1.13
CHD CLA IC . 24.65 31.01 4.07
NA CLA IC . 24.16 35.30 0.90
C1A CLA IC . 22.95 35.65 1.31
C2A CLA IC . 22.44 36.87 0.56
C3A CLA IC . 23.60 37.18 -0.40
C4A CLA IC . 24.61 36.12 -0.08
CMA CLA IC . 23.24 37.47 -1.86
CAA CLA IC . 22.18 38.06 1.49
CBA CLA IC . 23.29 38.32 2.51
CGA CLA IC . 22.71 38.50 3.90
O1A CLA IC . 23.35 38.13 4.86
O2A CLA IC . 21.52 39.06 4.01
NB CLA IC . 26.81 34.04 0.42
C1B CLA IC . 26.87 35.05 -0.50
C2B CLA IC . 28.14 34.99 -1.20
C3B CLA IC . 28.80 33.91 -0.66
C4B CLA IC . 27.94 33.34 0.36
CMB CLA IC . 28.60 35.93 -2.27
CAB CLA IC . 30.14 33.34 -0.95
CBB CLA IC . 31.19 34.01 -1.79
NC CLA IC . 26.31 31.94 2.52
C1C CLA IC . 27.52 31.55 2.14
C2C CLA IC . 28.00 30.36 2.87
C3C CLA IC . 26.99 30.05 3.72
C4C CLA IC . 25.93 31.03 3.50
CMC CLA IC . 29.33 29.67 2.68
CAC CLA IC . 26.97 28.91 4.72
CBC CLA IC . 26.64 27.61 4.03
ND CLA IC . 23.87 33.01 2.95
C1D CLA IC . 23.68 32.01 3.84
C2D CLA IC . 22.37 32.10 4.49
C3D CLA IC . 21.80 33.24 3.92
C4D CLA IC . 22.71 33.77 3.00
CMD CLA IC . 21.66 31.27 5.53
CAD CLA IC . 20.61 34.07 3.93
OBD CLA IC . 19.53 33.73 4.37
CBD CLA IC . 20.87 35.23 3.02
CGD CLA IC . 19.80 35.40 1.97
O1D CLA IC . 19.50 34.50 1.21
O2D CLA IC . 19.17 36.58 1.87
CED CLA IC . 17.75 36.56 1.86
C1 CLA IC . 21.37 40.46 3.64
C2 CLA IC . 20.51 41.37 4.49
C3 CLA IC . 20.25 42.64 4.13
C4 CLA IC . 20.81 43.20 2.86
C5 CLA IC . 19.40 43.56 4.96
C6 CLA IC . 20.27 44.62 5.64
C7 CLA IC . 19.56 45.98 5.76
C8 CLA IC . 19.72 46.96 4.58
C9 CLA IC . 18.72 46.70 3.47
C10 CLA IC . 21.16 46.97 4.04
C11 CLA IC . 21.53 48.28 3.35
C12 CLA IC . 23.06 48.33 3.18
C13 CLA IC . 23.57 49.43 2.24
C14 CLA IC . 23.03 50.80 2.62
C15 CLA IC . 23.24 49.09 0.78
C16 CLA IC . 24.19 49.78 -0.20
C17 CLA IC . 23.82 49.44 -1.64
C18 CLA IC . 24.85 49.89 -2.69
C19 CLA IC . 25.41 51.28 -2.40
C20 CLA IC . 25.98 48.87 -2.83
HHB CLA IC . 26.10 36.81 -1.40
HHC CLA IC . 28.52 31.44 0.42
HHD CLA IC . 24.20 30.06 3.78
H2A CLA IC . 21.53 36.62 0.00
HMA1 CLA IC . 22.45 38.16 -1.89
HMA2 CLA IC . 22.94 36.57 -2.34
HMA3 CLA IC . 24.08 37.87 -2.35
HAA1 CLA IC . 21.24 37.90 2.02
HAA2 CLA IC . 22.06 38.95 0.88
HBA1 CLA IC . 23.81 39.24 2.23
HBA2 CLA IC . 24.04 37.52 2.52
HMB1 CLA IC . 27.79 36.21 -2.88
HMB2 CLA IC . 29.33 35.45 -2.88
HMB3 CLA IC . 29.03 36.79 -1.84
HBB1 CLA IC . 31.42 33.57 -2.75
HBB2 CLA IC . 32.00 34.51 -1.28
HMC1 CLA IC . 30.08 30.40 2.47
HMC2 CLA IC . 29.27 28.97 1.89
HMC3 CLA IC . 29.60 29.17 3.58
HAC1 CLA IC . 26.23 29.11 5.50
HAC2 CLA IC . 27.94 28.83 5.19
HBC1 CLA IC . 26.88 26.80 4.66
HBC2 CLA IC . 27.19 27.53 3.12
HBC3 CLA IC . 25.60 27.58 3.80
HMD1 CLA IC . 22.34 31.00 6.29
HMD2 CLA IC . 21.27 30.39 5.08
HMD3 CLA IC . 20.87 31.84 5.95
HBD CLA IC . 20.94 36.16 3.61
HED1 CLA IC . 17.38 36.87 2.80
HED2 CLA IC . 17.39 35.59 1.63
HED3 CLA IC . 17.39 37.24 1.13
H11 CLA IC . 20.95 40.48 2.63
H12 CLA IC . 22.35 40.91 3.58
H2 CLA IC . 20.09 40.99 5.42
H41 CLA IC . 20.43 44.17 2.70
H42 CLA IC . 20.55 42.58 2.04
H43 CLA IC . 21.88 43.25 2.93
H51 CLA IC . 18.86 42.99 5.71
H52 CLA IC . 18.66 44.06 4.32
H61 CLA IC . 21.22 44.70 5.12
H62 CLA IC . 20.49 44.27 6.65
H71 CLA IC . 19.91 46.47 6.66
H72 CLA IC . 18.49 45.80 5.89
H8 CLA IC . 19.53 47.96 4.98
H91 CLA IC . 18.70 47.52 2.81
H92 CLA IC . 17.75 46.59 3.90
H93 CLA IC . 18.98 45.82 2.95
H101 CLA IC . 21.26 46.15 3.32
H102 CLA IC . 21.86 46.80 4.85
H111 CLA IC . 21.20 49.12 3.96
H112 CLA IC . 21.05 48.35 2.37
H121 CLA IC . 23.39 47.36 2.82
H122 CLA IC . 23.50 48.48 4.17
H13 CLA IC . 24.66 49.46 2.34
H141 CLA IC . 23.60 51.55 2.16
H142 CLA IC . 23.08 50.90 3.68
H143 CLA IC . 22.02 50.89 2.31
H151 CLA IC . 22.22 49.40 0.55
H152 CLA IC . 23.28 48.01 0.64
H161 CLA IC . 25.22 49.45 0.00
H162 CLA IC . 24.16 50.86 -0.04
H171 CLA IC . 22.87 49.91 -1.87
H172 CLA IC . 23.69 48.36 -1.73
H18 CLA IC . 24.33 49.94 -3.64
H191 CLA IC . 25.96 51.60 -3.26
H192 CLA IC . 26.06 51.24 -1.57
H193 CLA IC . 24.62 51.96 -2.21
H201 CLA IC . 26.71 49.27 -3.48
H202 CLA IC . 25.60 47.97 -3.24
H203 CLA IC . 26.41 48.67 -1.88
HHC2 CLA IC . 29.21 32.48 1.62
HHD2 CLA IC . 24.79 30.95 5.15
MG CLA JC . 19.06 26.26 2.07
CHA CLA JC . 16.67 23.81 2.56
CHB CLA JC . 21.59 23.92 2.34
CHC CLA JC . 21.24 28.69 1.57
CHD CLA JC . 16.44 28.65 1.75
NA CLA JC . 19.14 24.08 2.40
C1A CLA JC . 18.08 23.29 2.59
C2A CLA JC . 18.51 21.86 2.83
C3A CLA JC . 20.04 21.96 2.80
C4A CLA JC . 20.29 23.39 2.48
CMA CLA JC . 20.78 21.49 4.04
CAA CLA JC . 17.98 20.99 1.71
CBA CLA JC . 17.70 19.54 2.12
CGA CLA JC . 18.85 18.64 1.71
O1A CLA JC . 19.12 18.53 0.53
O2A CLA JC . 19.51 17.99 2.65
NB CLA JC . 21.09 26.29 1.95
C1B CLA JC . 21.97 25.25 2.07
C2B CLA JC . 23.32 25.75 1.92
C3B CLA JC . 23.20 27.10 1.71
C4B CLA JC . 21.78 27.42 1.73
CMB CLA JC . 24.60 24.96 1.98
CAB CLA JC . 24.25 28.12 1.50
CBB CLA JC . 25.43 27.91 0.58
NC CLA JC . 18.86 28.30 1.61
C1C CLA JC . 19.89 29.11 1.50
C2C CLA JC . 19.49 30.53 1.31
C3C CLA JC . 18.13 30.50 1.30
C4C CLA JC . 17.74 29.11 1.50
CMC CLA JC . 20.39 31.71 1.16
CAC CLA JC . 17.21 31.69 1.15
CBC CLA JC . 17.16 32.13 -0.29
ND CLA JC . 17.08 26.33 2.11
C1D CLA JC . 16.13 27.30 1.99
C2D CLA JC . 14.78 26.76 2.18
C3D CLA JC . 15.01 25.41 2.39
C4D CLA JC . 16.38 25.16 2.34
CMD CLA JC . 13.42 27.38 2.16
CAD CLA JC . 14.31 24.17 2.65
OBD CLA JC . 13.14 24.07 2.99
CBD CLA JC . 15.36 23.08 2.75
CGD CLA JC . 15.29 22.44 4.11
O1D CLA JC . 15.62 21.28 4.26
O2D CLA JC . 14.88 23.14 5.16
CED CLA JC . 15.58 22.90 6.38
C1 CLA JC . 20.94 18.17 2.84
C2 CLA JC . 21.45 18.46 4.23
C3 CLA JC . 22.77 18.50 4.51
C4 CLA JC . 23.81 18.24 3.48
C5 CLA JC . 23.27 18.80 5.90
C6 CLA JC . 23.96 20.17 5.87
C7 CLA JC . 23.34 21.18 6.85
C8 CLA JC . 24.34 22.27 7.24
C9 CLA JC . 23.92 22.96 8.54
C10 CLA JC . 24.56 23.27 6.09
C11 CLA JC . 23.49 24.36 5.93
C12 CLA JC . 24.01 25.74 6.31
C13 CLA JC . 22.87 26.77 6.40
C14 CLA JC . 22.28 27.03 5.01
C15 CLA JC . 23.32 28.12 6.96
C16 CLA JC . 23.83 28.07 8.39
C17 CLA JC . 23.21 29.23 9.17
C18 CLA JC . 23.97 29.59 10.44
C19 CLA JC . 23.33 30.81 11.08
C20 CLA JC . 24.04 28.40 11.40
HHB CLA JC . 22.41 23.22 2.46
HHC CLA JC . 21.65 29.27 2.39
HHD CLA JC . 16.07 29.21 2.61
H2A CLA JC . 18.16 21.51 3.81
H3A CLA JC . 20.41 21.35 1.97
HMA1 CLA JC . 20.21 20.73 4.52
HMA2 CLA JC . 20.89 22.30 4.71
HMA3 CLA JC . 21.73 21.12 3.78
HAA1 CLA JC . 18.67 20.98 0.87
HAA2 CLA JC . 17.04 21.41 1.33
HBA1 CLA JC . 16.79 19.20 1.64
HBA2 CLA JC . 17.55 19.48 3.20
HMB1 CLA JC . 25.07 25.10 2.92
HMB2 CLA JC . 25.25 25.30 1.23
HMB3 CLA JC . 24.40 23.93 1.83
HBB1 CLA JC . 26.37 28.33 0.88
HBB2 CLA JC . 25.24 27.82 -0.47
HMC1 CLA JC . 21.40 31.40 1.18
HMC2 CLA JC . 20.20 32.38 1.95
HMC3 CLA JC . 20.18 32.19 0.23
HAC1 CLA JC . 17.59 32.51 1.77
HAC2 CLA JC . 16.22 31.44 1.50
HBC1 CLA JC . 17.23 33.19 -0.35
HBC2 CLA JC . 16.24 31.82 -0.72
HBC3 CLA JC . 17.97 31.70 -0.84
HMD1 CLA JC . 13.51 28.45 2.19
HMD2 CLA JC . 12.87 27.07 3.01
HMD3 CLA JC . 12.91 27.10 1.28
HBD CLA JC . 15.20 22.33 1.97
HED1 CLA JC . 15.41 23.72 7.04
HED2 CLA JC . 16.62 22.81 6.18
HED3 CLA JC . 15.22 22.02 6.83
H11 CLA JC . 21.24 19.00 2.20
H12 CLA JC . 21.46 17.29 2.44
H2 CLA JC . 20.75 18.66 5.01
H41 CLA JC . 24.76 18.26 3.93
H42 CLA JC . 23.75 18.97 2.71
H43 CLA JC . 23.66 17.27 3.05
H51 CLA JC . 23.98 18.04 6.21
H52 CLA JC . 22.45 18.80 6.61
H61 CLA JC . 23.88 20.57 4.86
H62 CLA JC . 25.02 20.04 6.10
H71 CLA JC . 23.03 20.64 7.75
H72 CLA JC . 22.45 21.62 6.40
H8 CLA JC . 25.30 21.78 7.44
H91 CLA JC . 24.54 23.79 8.71
H92 CLA JC . 24.01 22.28 9.33
H93 CLA JC . 22.91 23.28 8.47
H101 CLA JC . 24.62 22.72 5.16
H102 CLA JC . 25.53 23.76 6.24
H111 CLA JC . 22.61 24.12 6.52
H112 CLA JC . 23.18 24.37 4.88
H121 CLA JC . 24.73 26.07 5.55
H122 CLA JC . 24.54 25.69 7.27
H13 CLA JC . 22.09 26.35 7.04
H141 CLA JC . 21.56 27.80 5.08
H142 CLA JC . 21.81 26.15 4.66
H143 CLA JC . 23.06 27.32 4.35
H151 CLA JC . 22.45 28.78 6.93
H152 CLA JC . 24.07 28.55 6.31
H161 CLA JC . 24.92 28.18 8.39
H162 CLA JC . 23.58 27.12 8.86
H171 CLA JC . 22.18 28.96 9.43
H172 CLA JC . 23.17 30.12 8.53
H18 CLA JC . 25.00 29.86 10.16
H191 CLA JC . 23.46 30.79 12.13
H192 CLA JC . 22.29 30.81 10.86
H193 CLA JC . 23.77 31.69 10.69
H201 CLA JC . 23.97 28.73 12.40
H202 CLA JC . 24.95 27.88 11.25
H203 CLA JC . 23.23 27.74 11.19
HHC2 CLA JC . 21.72 29.11 0.68
HHD2 CLA JC . 15.83 28.97 0.91
MG CLA KC . 36.12 13.84 5.89
CHA CLA KC . 37.00 11.36 8.13
CHB CLA KC . 32.96 12.46 5.54
CHC CLA KC . 35.32 16.38 3.91
CHD CLA KC . 39.41 15.14 6.13
NA CLA KC . 35.07 12.10 6.74
C1A CLA KC . 35.59 11.22 7.60
C2A CLA KC . 34.61 10.12 7.93
C3A CLA KC . 33.37 10.47 7.08
C4A CLA KC . 33.80 11.75 6.41
CMA CLA KC . 32.80 9.38 6.20
CAA CLA KC . 34.21 10.16 9.40
CBA CLA KC . 34.03 11.59 9.90
CGA CLA KC . 33.13 11.61 11.11
O1A CLA KC . 33.15 10.67 11.90
O2A CLA KC . 32.34 12.65 11.28
NB CLA KC . 34.42 14.34 4.90
C1B CLA KC . 33.24 13.65 4.85
C2B CLA KC . 32.32 14.33 3.98
C3B CLA KC . 33.00 15.42 3.52
C4B CLA KC . 34.33 15.42 4.12
CMB CLA KC . 30.91 13.91 3.65
CAB CLA KC . 32.50 16.47 2.61
CBB CLA KC . 31.30 17.27 3.08
NC CLA KC . 37.16 15.54 5.24
C1C CLA KC . 36.66 16.42 4.37
C2C CLA KC . 37.66 17.45 3.97
C3C CLA KC . 38.80 17.11 4.66
C4C CLA KC . 38.48 15.92 5.44
CMC CLA KC . 37.44 18.59 3.02
CAC CLA KC . 40.11 17.83 4.60
CBC CLA KC . 40.87 17.42 3.35
ND CLA KC . 37.82 13.45 6.83
C1D CLA KC . 39.06 14.00 6.90
C2D CLA KC . 39.93 13.28 7.82
C3D CLA KC . 39.12 12.25 8.29
C4D CLA KC . 37.86 12.36 7.70
CMD CLA KC . 41.36 13.44 8.25
CAD CLA KC . 39.12 11.11 9.18
OBD CLA KC . 39.93 10.94 10.07
CBD CLA KC . 37.73 10.54 9.17
CGD CLA KC . 37.80 9.08 8.82
O1D CLA KC . 37.14 8.27 9.44
O2D CLA KC . 38.60 8.66 7.85
CED CLA KC . 38.29 7.38 7.30
C1 CLA KC . 32.75 13.74 12.16
C2 CLA KC . 32.29 13.73 13.61
C3 CLA KC . 32.32 14.84 14.37
C4 CLA KC . 32.80 16.17 13.86
C5 CLA KC . 31.86 14.84 15.81
C6 CLA KC . 32.88 14.21 16.75
C7 CLA KC . 33.43 15.23 17.76
C8 CLA KC . 33.92 14.67 19.10
C9 CLA KC . 34.12 13.15 19.12
C10 CLA KC . 32.99 15.11 20.24
C11 CLA KC . 31.53 14.71 20.07
C12 CLA KC . 30.60 15.93 20.08
C13 CLA KC . 29.25 15.63 19.44
C14 CLA KC . 29.10 16.44 18.16
C15 CLA KC . 28.09 15.93 20.38
C16 CLA KC . 28.07 15.01 21.61
C17 CLA KC . 26.64 14.65 21.99
C18 CLA KC . 26.47 14.44 23.49
C19 CLA KC . 25.00 14.19 23.82
C20 CLA KC . 27.32 13.29 24.02
HHB CLA KC . 31.96 12.07 5.43
HHC CLA KC . 35.40 16.49 2.83
HHD CLA KC . 40.13 14.79 5.38
H2A CLA KC . 35.01 9.14 7.64
H3A CLA KC . 32.57 10.75 7.78
HMA1 CLA KC . 32.68 8.49 6.78
HMA2 CLA KC . 33.45 9.18 5.40
HMA3 CLA KC . 31.86 9.67 5.83
HAA1 CLA KC . 34.97 9.66 9.99
HAA2 CLA KC . 33.28 9.61 9.53
HBA1 CLA KC . 33.58 12.21 9.12
HBA2 CLA KC . 35.00 12.02 10.16
HMB1 CLA KC . 30.93 12.97 3.17
HMB2 CLA KC . 30.47 14.62 3.00
HMB3 CLA KC . 30.33 13.85 4.54
HBB1 CLA KC . 31.19 18.31 2.82
HBB2 CLA KC . 30.60 16.82 3.76
HMC1 CLA KC . 36.41 18.67 2.78
HMC2 CLA KC . 38.01 18.45 2.15
HMC3 CLA KC . 37.75 19.50 3.49
HAC1 CLA KC . 40.72 17.58 5.49
HAC2 CLA KC . 39.95 18.91 4.59
HBC1 CLA KC . 41.79 17.95 3.31
HBC2 CLA KC . 40.30 17.66 2.50
HBC3 CLA KC . 41.06 16.38 3.38
HMD1 CLA KC . 41.58 14.46 8.41
HMD2 CLA KC . 42.01 13.05 7.50
HMD3 CLA KC . 41.51 12.90 9.16
HBD CLA KC . 37.26 10.66 10.15
HED1 CLA KC . 38.94 7.18 6.49
HED2 CLA KC . 37.29 7.36 6.97
HED3 CLA KC . 38.43 6.64 8.05
H11 CLA KC . 32.39 14.67 11.70
H12 CLA KC . 33.83 13.79 12.16
H2 CLA KC . 31.93 12.81 14.03
H41 CLA KC . 33.18 16.74 14.67
H42 CLA KC . 31.99 16.70 13.43
H43 CLA KC . 33.56 16.03 13.15
H51 CLA KC . 30.93 14.26 15.88
H52 CLA KC . 31.63 15.86 16.11
H61 CLA KC . 33.71 13.80 16.16
H62 CLA KC . 32.40 13.38 17.28
H71 CLA KC . 32.66 15.99 17.96
H72 CLA KC . 34.27 15.75 17.30
H8 CLA KC . 34.90 15.12 19.30
H91 CLA KC . 34.70 12.90 19.98
H92 CLA KC . 34.64 12.84 18.25
H93 CLA KC . 33.19 12.65 19.19
H101 CLA KC . 33.07 16.19 20.35
H102 CLA KC . 33.36 14.66 21.17
H111 CLA KC . 31.24 14.04 20.88
H112 CLA KC . 31.41 14.16 19.13
H121 CLA KC . 31.08 16.74 19.55
H122 CLA KC . 30.45 16.25 21.11
H13 CLA KC . 29.22 14.57 19.17
H141 CLA KC . 28.15 16.26 17.74
H142 CLA KC . 29.85 16.15 17.46
H143 CLA KC . 29.20 17.46 18.38
H151 CLA KC . 27.16 15.81 19.84
H152 CLA KC . 28.16 16.97 20.72
H161 CLA KC . 28.56 15.53 22.45
H162 CLA KC . 28.64 14.11 21.40
H171 CLA KC . 26.34 13.75 21.46
H172 CLA KC . 25.97 15.45 21.68
H18 CLA KC . 26.78 15.36 24.01
H191 CLA KC . 24.90 13.98 24.85
H192 CLA KC . 24.65 13.37 23.25
H193 CLA KC . 24.43 15.05 23.58
H201 CLA KC . 27.22 13.23 25.08
H202 CLA KC . 28.34 13.46 23.78
H203 CLA KC . 27.01 12.38 23.58
HHC2 CLA KC . 34.88 17.32 4.24
HHD2 CLA KC . 39.97 15.80 6.78
MG CLA LC . 44.09 19.56 -1.16
CHA CLA LC . 47.23 19.59 0.25
CHB CLA LC . 42.69 20.61 1.83
CHC CLA LC . 41.11 19.44 -2.62
CHD CLA LC . 45.55 18.55 -4.24
NA CLA LC . 44.85 20.07 0.84
C1A CLA LC . 46.13 20.00 1.20
C2A CLA LC . 46.33 20.43 2.63
C3A CLA LC . 44.90 20.71 3.11
C4A CLA LC . 44.08 20.45 1.88
CMA CLA LC . 44.44 20.18 4.45
CAA CLA LC . 47.17 21.71 2.71
CBA CLA LC . 47.01 22.67 1.53
CGA CLA LC . 48.08 23.73 1.57
O1A CLA LC . 47.78 24.85 1.97
O2A CLA LC . 49.31 23.45 1.19
NB CLA LC . 42.21 19.96 -0.50
C1B CLA LC . 41.82 20.39 0.74
C2B CLA LC . 40.39 20.59 0.77
C3B CLA LC . 39.96 20.25 -0.48
C4B CLA LC . 41.12 19.86 -1.28
CMB CLA LC . 39.60 21.05 1.96
CAB CLA LC . 38.57 20.28 -1.01
CBB CLA LC . 37.63 21.36 -0.55
NC CLA LC . 43.45 19.14 -3.11
C1C CLA LC . 42.18 19.19 -3.50
C2C CLA LC . 42.02 18.94 -4.96
C3C CLA LC . 43.30 18.74 -5.40
C4C CLA LC . 44.18 18.85 -4.25
CMC CLA LC . 40.75 18.94 -5.75
CAC CLA LC . 43.72 18.46 -6.82
CBC CLA LC . 43.54 16.99 -7.09
ND CLA LC . 45.88 19.17 -1.92
C1D CLA LC . 46.38 18.77 -3.11
C2D CLA LC . 47.82 18.56 -3.06
C3D CLA LC . 48.14 18.89 -1.74
C4D CLA LC . 46.97 19.25 -1.08
CMD CLA LC . 48.85 18.12 -4.07
CAD CLA LC . 49.25 18.99 -0.83
OBD CLA LC . 50.44 18.92 -1.13
CBD CLA LC . 48.72 19.50 0.49
CGD CLA LC . 49.06 18.56 1.61
O1D CLA LC . 49.12 18.97 2.75
O2D CLA LC . 49.29 17.28 1.37
CED CLA LC . 48.82 16.37 2.35
C1 CLA LC . 50.02 24.39 0.32
C2 CLA LC . 51.11 23.90 -0.61
C3 CLA LC . 51.74 24.71 -1.48
C4 CLA LC . 52.82 24.12 -2.35
C5 CLA LC . 51.43 26.19 -1.62
C6 CLA LC . 51.62 26.75 -3.05
C7 CLA LC . 52.49 28.00 -3.14
C8 CLA LC . 53.85 27.92 -2.42
C9 CLA LC . 53.84 28.99 -1.32
C10 CLA LC . 55.04 27.99 -3.39
C11 CLA LC . 56.22 28.90 -3.06
C12 CLA LC . 57.51 28.13 -2.77
C13 CLA LC . 57.66 27.70 -1.30
C14 CLA LC . 59.12 27.70 -0.87
C15 CLA LC . 57.01 26.34 -1.01
C16 CLA LC . 57.68 25.14 -1.66
C17 CLA LC . 56.65 24.03 -1.90
C18 CLA LC . 57.13 22.96 -2.88
C19 CLA LC . 58.37 22.24 -2.38
C20 CLA LC . 56.01 21.96 -3.14
HHB CLA LC . 42.24 21.08 2.69
HHC CLA LC . 40.58 18.49 -2.58
HHD CLA LC . 45.65 17.50 -4.51
H2A CLA LC . 46.78 19.62 3.23
HMA1 CLA LC . 45.16 20.40 5.19
HMA2 CLA LC . 44.31 19.12 4.39
HMA3 CLA LC . 43.51 20.62 4.72
HAA1 CLA LC . 48.23 21.43 2.81
HAA2 CLA LC . 46.88 22.22 3.62
HBA1 CLA LC . 46.03 23.14 1.57
HBA2 CLA LC . 47.09 22.17 0.56
HMB1 CLA LC . 39.87 20.48 2.81
HMB2 CLA LC . 38.56 20.92 1.78
HMB3 CLA LC . 39.80 22.08 2.14
HBB1 CLA LC . 37.53 22.25 -1.15
HBB2 CLA LC . 36.86 21.12 0.16
HMC1 CLA LC . 39.96 19.33 -5.17
HMC2 CLA LC . 40.52 17.94 -6.05
HMC3 CLA LC . 40.88 19.55 -6.62
HAC1 CLA LC . 44.76 18.75 -6.96
HAC2 CLA LC . 43.10 19.05 -7.51
HBC1 CLA LC . 44.10 16.72 -7.94
HBC2 CLA LC . 42.51 16.79 -7.26
HBC3 CLA LC . 43.87 16.43 -6.25
HMD1 CLA LC . 48.57 17.17 -4.46
HMD2 CLA LC . 49.79 18.03 -3.60
HMD3 CLA LC . 48.90 18.83 -4.85
HBD CLA LC . 49.14 20.49 0.70
HED1 CLA LC . 48.74 15.40 1.94
HED2 CLA LC . 47.87 16.68 2.72
HED3 CLA LC . 49.51 16.34 3.16
H11 CLA LC . 50.48 25.14 0.97
H12 CLA LC . 49.27 24.90 -0.28
H2 CLA LC . 51.40 22.86 -0.56
H41 CLA LC . 53.54 24.87 -2.58
H42 CLA LC . 52.40 23.75 -3.24
H43 CLA LC . 53.29 23.34 -1.83
H51 CLA LC . 52.03 26.77 -0.91
H52 CLA LC . 50.39 26.37 -1.36
H61 CLA LC . 50.63 27.02 -3.42
H62 CLA LC . 52.01 25.99 -3.73
H71 CLA LC . 51.94 28.84 -2.72
H72 CLA LC . 52.65 28.23 -4.19
H8 CLA LC . 53.91 26.95 -1.92
H91 CLA LC . 54.69 28.86 -0.70
H92 CLA LC . 52.97 28.90 -0.74
H93 CLA LC . 53.87 29.95 -1.76
H101 CLA LC . 54.67 28.29 -4.38
H102 CLA LC . 55.41 26.97 -3.51
H111 CLA LC . 56.02 29.58 -2.24
H112 CLA LC . 56.41 29.52 -3.94
H121 CLA LC . 58.36 28.77 -3.01
H122 CLA LC . 57.58 27.25 -3.42
H13 CLA LC . 57.14 28.45 -0.68
H141 CLA LC . 59.21 27.23 0.07
H142 CLA LC . 59.47 28.69 -0.81
H143 CLA LC . 59.70 27.16 -1.59
H151 CLA LC . 55.96 26.39 -1.32
H152 CLA LC . 57.01 26.19 0.08
H161 CLA LC . 58.46 24.75 -1.00
H162 CLA LC . 58.16 25.41 -2.60
H171 CLA LC . 55.74 24.48 -2.31
H172 CLA LC . 56.40 23.57 -0.96
H18 CLA LC . 57.38 23.45 -3.84
H191 CLA LC . 58.55 21.38 -2.97
H192 CLA LC . 58.23 21.95 -1.37
H193 CLA LC . 59.21 22.88 -2.44
H201 CLA LC . 56.30 21.30 -3.92
H202 CLA LC . 55.14 22.48 -3.44
H203 CLA LC . 55.81 21.41 -2.26
HHC2 CLA LC . 40.43 20.10 -3.16
HHD2 CLA LC . 46.00 19.11 -5.07
MG CLA MC . 40.74 14.09 12.65
CHA CLA MC . 40.21 11.57 14.93
CHB CLA MC . 43.98 14.52 13.79
CHC CLA MC . 41.11 16.53 10.42
CHD CLA MC . 37.42 13.64 11.48
NA CLA MC . 42.00 13.14 14.20
C1A CLA MC . 41.61 12.14 14.99
C2A CLA MC . 42.71 11.72 15.95
C3A CLA MC . 43.87 12.65 15.54
C4A CLA MC . 43.28 13.50 14.46
CMA CLA MC . 44.80 13.25 16.60
CAA CLA MC . 43.14 10.25 15.94
CBA CLA MC . 42.69 9.35 14.79
CGA CLA MC . 42.17 8.01 15.30
O1A CLA MC . 41.67 7.23 14.51
O2A CLA MC . 42.23 7.72 16.59
NB CLA MC . 42.29 15.32 12.19
C1B CLA MC . 43.54 15.36 12.75
C2B CLA MC . 44.32 16.39 12.11
C3B CLA MC . 43.49 16.95 11.18
C4B CLA MC . 42.22 16.25 11.23
CMB CLA MC . 45.74 16.77 12.44
CAB CLA MC . 43.78 18.04 10.21
CBB CLA MC . 45.16 18.24 9.66
NC CLA MC . 39.52 14.84 11.11
C1C CLA MC . 39.84 15.91 10.38
C2C CLA MC . 38.73 16.35 9.51
C3C CLA MC . 37.71 15.48 9.78
C4C CLA MC . 38.21 14.55 10.78
CMC CLA MC . 38.73 17.53 8.56
CAC CLA MC . 36.32 15.48 9.19
CBC CLA MC . 35.39 16.30 10.03
ND CLA MC . 39.15 12.99 13.05
C1D CLA MC . 37.92 12.80 12.50
C2D CLA MC . 37.22 11.66 13.10
C3D CLA MC . 38.13 11.19 14.04
C4D CLA MC . 39.27 11.99 13.99
CMD CLA MC . 35.88 11.01 12.87
CAD CLA MC . 38.30 10.17 15.03
OBD CLA MC . 37.79 9.05 15.00
CBD CLA MC . 39.54 10.53 15.80
CGD CLA MC . 39.04 11.13 17.08
O1D CLA MC . 38.86 10.42 18.06
O2D CLA MC . 38.76 12.42 17.16
CED CLA MC . 37.48 12.74 17.67
C1 CLA MC . 42.87 6.51 17.08
C2 CLA MC . 44.33 6.51 17.46
C3 CLA MC . 44.80 7.24 18.49
C4 CLA MC . 46.25 7.22 18.85
C5 CLA MC . 43.92 8.13 19.34
C6 CLA MC . 43.09 7.34 20.34
C7 CLA MC . 41.70 7.95 20.45
C8 CLA MC . 40.94 7.48 21.69
C9 CLA MC . 40.88 5.96 21.72
C10 CLA MC . 39.52 8.05 21.80
C11 CLA MC . 39.22 9.32 21.00
C12 CLA MC . 39.79 10.58 21.65
C13 CLA MC . 39.79 11.75 20.68
C14 CLA MC . 41.05 11.71 19.81
C15 CLA MC . 39.71 13.07 21.44
C16 CLA MC . 39.21 14.21 20.55
C17 CLA MC . 37.71 14.43 20.69
C18 CLA MC . 37.38 15.21 21.95
C19 CLA MC . 36.89 16.62 21.61
C20 CLA MC . 36.32 14.47 22.78
HHB CLA MC . 45.01 14.65 14.09
HHC CLA MC . 40.90 17.59 10.59
HHD CLA MC . 36.60 14.21 11.91
H2A CLA MC . 42.40 11.98 16.97
HMA1 CLA MC . 45.11 12.50 17.27
HMA2 CLA MC . 44.30 14.02 17.12
HMA3 CLA MC . 45.66 13.66 16.11
HAA1 CLA MC . 42.81 9.82 16.89
HAA2 CLA MC . 44.23 10.23 15.96
HBA1 CLA MC . 43.55 9.16 14.13
HBA2 CLA MC . 41.92 9.80 14.17
HMB1 CLA MC . 45.89 16.73 13.49
HMB2 CLA MC . 45.94 17.75 12.11
HMB3 CLA MC . 46.41 16.09 11.96
HBB1 CLA MC . 45.32 18.10 8.60
HBB2 CLA MC . 45.83 18.91 10.19
HMC1 CLA MC . 39.63 17.54 8.01
HMC2 CLA MC . 38.62 18.43 9.11
HMC3 CLA MC . 37.91 17.43 7.89
HAC1 CLA MC . 35.95 14.45 9.13
HAC2 CLA MC . 36.35 15.88 8.17
HBC1 CLA MC . 34.56 16.60 9.47
HBC2 CLA MC . 35.90 17.15 10.40
HBC3 CLA MC . 35.06 15.72 10.86
HMD1 CLA MC . 35.12 11.66 13.20
HMD2 CLA MC . 35.84 10.11 13.43
HMD3 CLA MC . 35.76 10.80 11.84
HBD CLA MC . 40.18 9.66 15.98
HED1 CLA MC . 37.41 13.79 17.83
HED2 CLA MC . 37.32 12.23 18.59
HED3 CLA MC . 36.73 12.45 16.97
H11 CLA MC . 42.75 5.75 16.30
H12 CLA MC . 42.31 6.15 17.94
H2 CLA MC . 45.02 5.90 16.89
H41 CLA MC . 46.36 7.37 19.89
H42 CLA MC . 46.76 7.99 18.32
H43 CLA MC . 46.67 6.28 18.58
H51 CLA MC . 43.25 8.70 18.69
H52 CLA MC . 44.55 8.84 19.88
H61 CLA MC . 43.58 7.36 21.32
H62 CLA MC . 43.02 6.29 20.02
H71 CLA MC . 41.12 7.70 19.55
H72 CLA MC . 41.81 9.04 20.47
H8 CLA MC . 41.51 7.82 22.58
H91 CLA MC . 40.18 5.65 22.46
H92 CLA MC . 41.84 5.56 21.96
H93 CLA MC . 40.57 5.60 20.78
H101 CLA MC . 39.32 8.25 22.85
H102 CLA MC . 38.83 7.27 21.49
H111 CLA MC . 38.14 9.43 20.93
H112 CLA MC . 39.59 9.23 19.98
H121 CLA MC . 40.82 10.37 21.99
H122 CLA MC . 39.19 10.81 22.53
H13 CLA MC . 38.91 11.67 20.04
H141 CLA MC . 41.03 12.53 19.13
H142 CLA MC . 41.06 10.81 19.26
H143 CLA MC . 41.90 11.78 20.41
H151 CLA MC . 40.69 13.33 21.83
H152 CLA MC . 39.03 12.96 22.30
H161 CLA MC . 39.44 13.99 19.51
H162 CLA MC . 39.74 15.13 20.82
H171 CLA MC . 37.20 13.47 20.72
H172 CLA MC . 37.34 14.98 19.83
H18 CLA MC . 38.28 15.29 22.57
H191 CLA MC . 36.74 17.16 22.51
H192 CLA MC . 35.98 16.56 21.09
H193 CLA MC . 37.62 17.10 21.02
H201 CLA MC . 36.01 15.09 23.57
H202 CLA MC . 36.74 13.58 23.16
H203 CLA MC . 35.50 14.23 22.15
HHC2 CLA MC . 41.49 16.49 9.39
HHD2 CLA MC . 36.96 12.99 10.73
MG CLA NC . 39.78 17.89 -15.68
CHA CLA NC . 41.33 15.74 -17.85
CHB CLA NC . 42.71 18.20 -13.83
CHC CLA NC . 38.24 20.11 -13.76
CHD CLA NC . 36.80 17.62 -17.63
NA CLA NC . 41.82 17.08 -15.81
C1A CLA NC . 42.23 16.23 -16.75
C2A CLA NC . 43.68 15.85 -16.55
C3A CLA NC . 44.08 16.60 -15.28
C4A CLA NC . 42.82 17.35 -14.94
CMA CLA NC . 44.76 15.78 -14.20
CAA CLA NC . 44.56 16.24 -17.76
CBA CLA NC . 44.76 17.72 -18.10
CGA CLA NC . 43.56 18.63 -17.97
O1A CLA NC . 43.46 19.33 -16.97
O2A CLA NC . 42.64 18.66 -18.92
NB CLA NC . 40.38 18.98 -14.07
C1B CLA NC . 41.59 18.95 -13.41
C2B CLA NC . 41.54 19.83 -12.27
C3B CLA NC . 40.27 20.35 -12.27
C4B CLA NC . 39.56 19.81 -13.41
CMB CLA NC . 42.63 20.10 -11.28
CAB CLA NC . 39.67 21.30 -11.30
CBB CLA NC . 39.56 22.76 -11.65
NC CLA NC . 37.83 18.70 -15.67
C1C CLA NC . 37.43 19.61 -14.82
C2C CLA NC . 36.05 20.06 -15.07
C3C CLA NC . 35.65 19.34 -16.16
C4C CLA NC . 36.76 18.48 -16.53
CMC CLA NC . 35.29 21.12 -14.31
CAC CLA NC . 34.29 19.43 -16.84
CBC CLA NC . 34.02 20.85 -17.28
ND CLA NC . 39.14 17.00 -17.33
C1D CLA NC . 37.96 16.88 -17.99
C2D CLA NC . 38.04 15.91 -19.08
C3D CLA NC . 39.36 15.46 -19.01
C4D CLA NC . 40.00 16.13 -17.96
CMD CLA NC . 37.07 15.38 -20.09
CAD CLA NC . 40.31 14.56 -19.64
OBD CLA NC . 39.99 13.55 -20.26
CBD CLA NC . 41.63 14.77 -18.98
CGD CLA NC . 42.17 13.49 -18.39
O1D CLA NC . 41.55 12.92 -17.50
O2D CLA NC . 43.30 12.97 -18.83
CED CLA NC . 43.51 11.59 -18.53
C1 CLA NC . 41.31 19.24 -18.72
C2 CLA NC . 41.07 20.73 -18.64
C3 CLA NC . 39.85 21.29 -18.48
C4 CLA NC . 38.61 20.46 -18.38
C5 CLA NC . 39.69 22.79 -18.39
C6 CLA NC . 38.31 23.34 -18.79
C7 CLA NC . 37.43 23.64 -17.58
C8 CLA NC . 37.35 25.15 -17.25
C9 CLA NC . 37.67 25.39 -15.78
C10 CLA NC . 36.00 25.74 -17.67
C11 CLA NC . 34.88 25.59 -16.65
C12 CLA NC . 33.58 26.22 -17.19
C13 CLA NC . 32.48 25.18 -17.46
C14 CLA NC . 32.84 24.34 -18.68
C15 CLA NC . 31.10 25.84 -17.61
C16 CLA NC . 31.00 26.94 -18.66
C17 CLA NC . 29.69 27.70 -18.51
C18 CLA NC . 29.36 28.62 -19.68
C19 CLA NC . 28.14 29.47 -19.36
C20 CLA NC . 30.53 29.52 -20.09
HHB CLA NC . 43.56 18.22 -13.16
HHC CLA NC . 37.65 19.92 -12.85
HHD CLA NC . 35.98 16.91 -17.52
H2A CLA NC . 43.76 14.77 -16.38
H3A CLA NC . 44.82 17.36 -15.56
HMA1 CLA NC . 45.70 15.47 -14.54
HMA2 CLA NC . 44.17 14.91 -14.00
HMA3 CLA NC . 44.85 16.33 -13.31
HAA1 CLA NC . 44.17 15.72 -18.64
HAA2 CLA NC . 45.55 15.81 -17.57
HBA1 CLA NC . 45.11 17.77 -19.14
HBA2 CLA NC . 45.57 18.11 -17.49
HMB1 CLA NC . 43.57 20.06 -11.76
HMB2 CLA NC . 42.60 19.40 -10.49
HMB3 CLA NC . 42.50 21.08 -10.88
HBB1 CLA NC . 38.60 23.15 -11.93
HBB2 CLA NC . 40.30 23.45 -11.27
HMC1 CLA NC . 35.78 21.28 -13.39
HMC2 CLA NC . 34.29 20.79 -14.14
HMC3 CLA NC . 35.29 22.01 -14.87
HAC1 CLA NC . 33.52 19.12 -16.13
HAC2 CLA NC . 34.26 18.77 -17.70
HBC1 CLA NC . 33.36 20.84 -18.10
HBC2 CLA NC . 34.93 21.33 -17.55
HBC3 CLA NC . 33.56 21.38 -16.48
HMD1 CLA NC . 36.69 16.18 -20.68
HMD2 CLA NC . 36.27 14.88 -19.60
HMD3 CLA NC . 37.56 14.69 -20.73
HBD CLA NC . 42.36 15.20 -19.68
HED1 CLA NC . 44.34 11.23 -19.09
HED2 CLA NC . 42.64 11.04 -18.79
HED3 CLA NC . 43.71 11.48 -17.49
H11 CLA NC . 40.94 18.81 -17.80
H12 CLA NC . 40.67 18.85 -19.52
H2 CLA NC . 41.92 21.38 -18.69
H41 CLA NC . 37.94 20.90 -17.67
H42 CLA NC . 38.83 19.48 -18.08
H43 CLA NC . 38.12 20.42 -19.33
H51 CLA NC . 40.44 23.25 -19.06
H52 CLA NC . 39.92 23.13 -17.38
H61 CLA NC . 37.80 22.63 -19.44
H62 CLA NC . 38.45 24.25 -19.37
H71 CLA NC . 37.81 23.12 -16.71
H72 CLA NC . 36.42 23.29 -17.77
H8 CLA NC . 38.13 25.66 -17.84
H91 CLA NC . 37.52 26.41 -15.55
H92 CLA NC . 38.69 25.13 -15.60
H93 CLA NC . 37.05 24.78 -15.18
H101 CLA NC . 35.69 25.28 -18.61
H102 CLA NC . 36.14 26.81 -17.87
H111 CLA NC . 35.14 26.10 -15.72
H112 CLA NC . 34.71 24.54 -16.42
H121 CLA NC . 33.80 26.75 -18.11
H122 CLA NC . 33.21 26.94 -16.46
H13 CLA NC . 32.44 24.51 -16.60
H141 CLA NC . 32.01 23.73 -18.94
H142 CLA NC . 33.66 23.73 -18.45
H143 CLA NC . 33.08 24.97 -19.50
H151 CLA NC . 30.79 26.24 -16.65
H152 CLA NC . 30.38 25.05 -17.88
H161 CLA NC . 31.07 26.51 -19.66
H162 CLA NC . 31.84 27.64 -18.56
H171 CLA NC . 29.73 28.30 -17.60
H172 CLA NC . 28.88 26.98 -18.39
H18 CLA NC . 29.10 27.99 -20.55
H191 CLA NC . 27.98 30.18 -20.13
H192 CLA NC . 28.30 29.99 -18.45
H193 CLA NC . 27.29 28.85 -19.26
H201 CLA NC . 30.19 30.23 -20.79
H202 CLA NC . 31.30 28.93 -20.51
H203 CLA NC . 30.90 30.01 -19.23
HHC2 CLA NC . 38.21 21.20 -13.88
HHD2 CLA NC . 36.56 18.23 -18.50
MG CLA OC . 31.73 11.37 -14.55
CHA CLA OC . 29.82 8.63 -13.74
CHB CLA OC . 34.63 9.55 -13.99
CHC CLA OC . 33.48 14.08 -15.36
CHD CLA OC . 28.73 13.18 -15.17
NA CLA OC . 32.20 9.31 -13.93
C1A CLA OC . 31.31 8.37 -13.64
C2A CLA OC . 31.95 7.08 -13.21
C3A CLA OC . 33.46 7.43 -13.24
C4A CLA OC . 33.45 8.83 -13.75
CMA CLA OC . 34.22 7.15 -11.96
CAA CLA OC . 31.46 5.96 -14.15
CBA CLA OC . 32.49 5.17 -14.96
CGA CLA OC . 33.08 5.97 -16.10
O1A CLA OC . 34.26 5.78 -16.39
O2A CLA OC . 32.37 6.84 -16.78
NB CLA OC . 33.73 11.75 -14.65
C1B CLA OC . 34.76 10.88 -14.43
C2B CLA OC . 36.02 11.54 -14.67
C3B CLA OC . 35.70 12.81 -15.04
C4B CLA OC . 34.23 12.93 -15.04
CMB CLA OC . 37.39 10.94 -14.54
CAB CLA OC . 36.67 13.84 -15.42
CBB CLA OC . 36.48 15.31 -15.13
NC CLA OC . 31.20 13.27 -15.27
C1C CLA OC . 32.07 14.25 -15.44
C2C CLA OC . 31.41 15.54 -15.73
C3C CLA OC . 30.07 15.25 -15.73
C4C CLA OC . 29.94 13.84 -15.43
CMC CLA OC . 32.06 16.88 -15.97
CAC CLA OC . 28.93 16.23 -15.96
CBC CLA OC . 28.61 16.29 -17.44
ND CLA OC . 29.78 11.08 -14.52
C1D CLA OC . 28.65 11.84 -14.74
C2D CLA OC . 27.44 11.09 -14.47
C3D CLA OC . 27.91 9.83 -14.08
C4D CLA OC . 29.29 9.85 -14.11
CMD CLA OC . 25.96 11.40 -14.55
CAD CLA OC . 27.44 8.53 -13.64
OBD CLA OC . 26.40 8.34 -13.04
CBD CLA OC . 28.68 7.68 -13.46
CGD CLA OC . 28.78 7.19 -12.05
O1D CLA OC . 28.80 7.99 -11.13
O2D CLA OC . 28.86 5.89 -11.77
CED CLA OC . 27.88 5.37 -10.87
C1 CLA OC . 32.99 8.04 -17.32
C2 CLA OC . 32.15 9.29 -17.46
C3 CLA OC . 31.80 9.81 -18.64
C4 CLA OC . 32.20 9.19 -19.96
C5 CLA OC . 30.96 11.05 -18.72
C6 CLA OC . 31.66 12.12 -19.54
C7 CLA OC . 31.42 13.51 -18.97
C8 CLA OC . 32.15 14.56 -19.82
C9 CLA OC . 33.38 15.04 -19.03
C10 CLA OC . 31.19 15.67 -20.28
C11 CLA OC . 31.66 17.11 -19.99
C12 CLA OC . 30.87 18.11 -20.84
C13 CLA OC . 31.08 19.53 -20.32
C14 CLA OC . 29.97 19.92 -19.35
C15 CLA OC . 31.22 20.57 -21.45
C16 CLA OC . 30.21 20.49 -22.60
C17 CLA OC . 28.88 21.19 -22.30
C18 CLA OC . 28.29 21.81 -23.57
C19 CLA OC . 28.08 20.77 -24.65
C20 CLA OC . 26.98 22.53 -23.29
HHB CLA OC . 35.54 8.98 -13.89
HHC CLA OC . 33.81 14.82 -14.63
HHD CLA OC . 28.21 13.78 -14.42
H2A CLA OC . 31.65 6.85 -12.17
H3A CLA OC . 33.99 6.84 -14.00
HMA1 CLA OC . 34.33 6.10 -11.83
HMA2 CLA OC . 33.69 7.56 -11.15
HMA3 CLA OC . 35.19 7.60 -12.01
HAA1 CLA OC . 30.75 6.39 -14.86
HAA2 CLA OC . 30.90 5.25 -13.54
HBA1 CLA OC . 32.00 4.30 -15.37
HBA2 CLA OC . 33.28 4.83 -14.30
HMB1 CLA OC . 37.74 11.06 -13.55
HMB2 CLA OC . 38.05 11.43 -15.20
HMB3 CLA OC . 37.35 9.90 -14.78
HBB1 CLA OC . 35.72 15.84 -15.67
HBB2 CLA OC . 37.32 15.86 -14.76
HMC1 CLA OC . 33.04 16.74 -16.32
HMC2 CLA OC . 32.08 17.42 -15.05
HMC3 CLA OC . 31.50 17.43 -16.68
HAC1 CLA OC . 29.21 17.22 -15.61
HAC2 CLA OC . 28.04 15.90 -15.42
HBC1 CLA OC . 27.67 16.74 -17.58
HBC2 CLA OC . 28.60 15.31 -17.84
HBC3 CLA OC . 29.35 16.86 -17.94
HMD1 CLA OC . 25.55 11.43 -13.57
HMD2 CLA OC . 25.48 10.63 -15.10
HMD3 CLA OC . 25.82 12.33 -15.04
HBD CLA OC . 28.68 6.83 -14.16
HED1 CLA OC . 28.35 4.65 -10.24
HED2 CLA OC . 27.11 4.90 -11.40
HED3 CLA OC . 27.49 6.15 -10.27
H11 CLA OC . 33.45 7.78 -18.28
H12 CLA OC . 33.82 8.29 -16.65
H2 CLA OC . 31.82 9.78 -16.57
H41 CLA OC . 31.76 9.72 -20.76
H42 CLA OC . 31.88 8.18 -19.98
H43 CLA OC . 33.25 9.24 -20.06
H51 CLA OC . 30.76 11.43 -17.72
H52 CLA OC . 29.99 10.81 -19.19
H61 CLA OC . 31.30 12.09 -20.58
H62 CLA OC . 32.73 11.91 -19.55
H71 CLA OC . 31.81 13.54 -17.95
H72 CLA OC . 30.35 13.70 -18.92
H8 CLA OC . 32.52 14.05 -20.71
H91 CLA OC . 34.00 15.62 -19.67
H92 CLA OC . 33.91 14.20 -18.69
H93 CLA OC . 33.07 15.63 -18.21
H101 CLA OC . 30.21 15.54 -19.82
H102 CLA OC . 31.06 15.58 -21.36
H111 CLA OC . 32.72 17.22 -20.24
H112 CLA OC . 31.53 17.33 -18.94
H121 CLA OC . 29.81 17.85 -20.81
H122 CLA OC . 31.22 18.04 -21.87
H13 CLA OC . 32.02 19.54 -19.75
H141 CLA OC . 30.14 20.90 -18.98
H142 CLA OC . 29.96 19.24 -18.54
H143 CLA OC . 29.03 19.90 -19.84
H151 CLA OC . 32.21 20.46 -21.88
H152 CLA OC . 31.18 21.56 -21.00
H161 CLA OC . 30.02 19.46 -22.88
H162 CLA OC . 30.65 20.99 -23.47
H171 CLA OC . 29.02 21.97 -21.55
H172 CLA OC . 28.17 20.45 -21.90
H18 CLA OC . 29.01 22.55 -23.95
H191 CLA OC . 27.40 21.13 -25.38
H192 CLA OC . 27.69 19.87 -24.23
H193 CLA OC . 29.00 20.55 -25.14
H201 CLA OC . 26.73 23.16 -24.11
H202 CLA OC . 27.08 23.13 -22.41
H203 CLA OC . 26.20 21.82 -23.14
HHC2 CLA OC . 33.88 14.42 -16.31
HHD2 CLA OC . 28.13 13.26 -16.08
MG CLA PC . 28.38 11.87 -5.60
CHA CLA PC . 29.56 9.19 -3.79
CHB CLA PC . 28.34 9.95 -8.50
CHC CLA PC . 27.14 14.47 -7.23
CHD CLA PC . 28.49 13.84 -2.65
NA CLA PC . 28.88 9.78 -6.11
C1A CLA PC . 29.36 8.88 -5.25
C2A CLA PC . 29.63 7.56 -5.89
C3A CLA PC . 29.33 7.86 -7.35
C4A CLA PC . 28.80 9.27 -7.36
CMA CLA PC . 29.93 7.09 -8.53
CAA CLA PC . 28.61 6.55 -5.33
CBA CLA PC . 27.46 6.17 -6.29
CGA CLA PC . 26.44 7.25 -6.52
O1A CLA PC . 26.52 8.31 -5.91
O2A CLA PC . 25.46 7.03 -7.39
NB CLA PC . 27.82 12.15 -7.53
C1B CLA PC . 27.88 11.28 -8.59
C2B CLA PC . 27.40 11.91 -9.78
C3B CLA PC . 27.06 13.19 -9.41
C4B CLA PC . 27.35 13.32 -7.98
CMB CLA PC . 27.29 11.29 -11.15
CAB CLA PC . 26.52 14.31 -10.20
CBB CLA PC . 26.60 14.38 -11.71
NC CLA PC . 27.82 13.80 -5.02
C1C CLA PC . 27.38 14.71 -5.86
C2C CLA PC . 27.14 16.02 -5.22
C3C CLA PC . 27.50 15.82 -3.92
C4C CLA PC . 27.92 14.43 -3.79
CMC CLA PC . 26.64 17.26 -5.90
CAC CLA PC . 27.46 16.85 -2.81
CBC CLA PC . 26.14 16.76 -2.08
ND CLA PC . 28.87 11.68 -3.70
C1D CLA PC . 28.88 12.47 -2.59
C2D CLA PC . 29.37 11.76 -1.41
C3D CLA PC . 29.63 10.48 -1.89
C4D CLA PC . 29.32 10.44 -3.25
CMD CLA PC . 29.60 12.14 0.03
CAD CLA PC . 30.10 9.17 -1.48
OBD CLA PC . 30.10 8.76 -0.33
CBD CLA PC . 30.06 8.28 -2.69
CGD CLA PC . 31.41 7.73 -3.07
O1D CLA PC . 32.18 8.39 -3.75
O2D CLA PC . 31.78 6.52 -2.65
CED CLA PC . 32.63 5.79 -3.54
C1 CLA PC . 25.17 7.85 -8.57
C2 CLA PC . 24.69 9.28 -8.42
C3 CLA PC . 24.02 9.91 -9.43
C4 CLA PC . 23.75 9.23 -10.75
C5 CLA PC . 23.50 11.34 -9.37
C6 CLA PC . 23.47 11.91 -7.96
C7 CLA PC . 22.61 13.17 -7.87
C8 CLA PC . 23.20 14.37 -8.59
C9 CLA PC . 23.43 15.55 -7.65
C10 CLA PC . 22.31 14.78 -9.75
C11 CLA PC . 22.96 15.85 -10.62
C12 CLA PC . 22.19 16.07 -11.92
C13 CLA PC . 23.08 16.72 -12.98
C14 CLA PC . 22.42 17.94 -13.61
C15 CLA PC . 23.50 15.68 -14.02
C16 CLA PC . 22.35 15.27 -14.95
C17 CLA PC . 22.53 13.85 -15.47
C18 CLA PC . 22.13 12.76 -14.47
C19 CLA PC . 20.65 12.76 -14.16
C20 CLA PC . 22.54 11.39 -15.01
HHB CLA PC . 28.06 9.30 -9.32
HHC CLA PC . 27.68 15.26 -7.76
HHD CLA PC . 29.38 14.42 -2.40
H2A CLA PC . 30.66 7.23 -5.74
H3A CLA PC . 30.32 8.33 -7.38
HMA1 CLA PC . 30.76 6.53 -8.19
HMA2 CLA PC . 30.26 7.78 -9.26
HMA3 CLA PC . 29.20 6.45 -8.95
HAA1 CLA PC . 28.16 6.97 -4.43
HAA2 CLA PC . 29.14 5.64 -5.04
HBA1 CLA PC . 26.94 5.32 -5.84
HBA2 CLA PC . 27.86 5.82 -7.24
HMB1 CLA PC . 26.29 11.05 -11.35
HMB2 CLA PC . 27.89 10.42 -11.19
HMB3 CLA PC . 27.63 11.98 -11.89
HBB1 CLA PC . 27.56 14.24 -12.16
HBB2 CLA PC . 25.89 15.00 -12.22
HMC1 CLA PC . 25.74 17.04 -6.41
HMC2 CLA PC . 27.36 17.62 -6.58
HMC3 CLA PC . 26.44 18.00 -5.16
HAC1 CLA PC . 27.58 17.85 -3.24
HAC2 CLA PC . 28.28 16.67 -2.11
HBC1 CLA PC . 26.11 17.47 -1.32
HBC2 CLA PC . 26.04 15.79 -1.66
HBC3 CLA PC . 25.35 16.93 -2.76
HMD1 CLA PC . 30.23 12.98 0.08
HMD2 CLA PC . 30.06 11.33 0.53
HMD3 CLA PC . 28.66 12.35 0.48
HBD CLA PC . 29.35 7.44 -2.53
HED1 CLA PC . 32.77 4.81 -3.14
HED2 CLA PC . 33.56 6.27 -3.62
HED3 CLA PC . 32.17 5.73 -4.49
H11 CLA PC . 24.44 7.30 -9.15
H12 CLA PC . 26.09 7.87 -9.17
H2 CLA PC . 24.87 9.80 -7.50
H41 CLA PC . 23.50 9.97 -11.46
H42 CLA PC . 22.95 8.55 -10.63
H43 CLA PC . 24.61 8.72 -11.08
H51 CLA PC . 22.50 11.37 -9.80
H52 CLA PC . 24.15 11.97 -10.00
H61 CLA PC . 24.49 12.15 -7.65
H62 CLA PC . 23.08 11.16 -7.27
H71 CLA PC . 22.46 13.42 -6.82
H72 CLA PC . 21.62 12.96 -8.29
H8 CLA PC . 24.18 14.08 -8.99
H91 CLA PC . 24.16 16.19 -8.06
H92 CLA PC . 23.75 15.21 -6.70
H93 CLA PC . 22.53 16.09 -7.53
H101 CLA PC . 21.36 15.16 -9.36
H102 CLA PC . 22.09 13.90 -10.36
H111 CLA PC . 23.98 15.56 -10.85
H112 CLA PC . 23.00 16.80 -10.06
H121 CLA PC . 21.33 16.70 -11.73
H122 CLA PC . 21.83 15.11 -12.29
H13 CLA PC . 24.00 17.07 -12.48
H141 CLA PC . 23.07 18.36 -14.32
H142 CLA PC . 22.21 18.66 -12.85
H143 CLA PC . 21.51 17.66 -14.07
H151 CLA PC . 23.89 14.81 -13.51
H152 CLA PC . 24.30 16.10 -14.62
H161 CLA PC . 22.33 15.94 -15.80
H162 CLA PC . 21.40 15.37 -14.44
H171 CLA PC . 23.59 13.71 -15.73
H172 CLA PC . 21.95 13.72 -16.38
H18 CLA PC . 22.67 12.93 -13.54
H191 CLA PC . 20.40 11.88 -13.62
H192 CLA PC . 20.09 12.78 -15.07
H193 CLA PC . 20.40 13.61 -13.57
H201 CLA PC . 22.78 10.75 -14.20
H202 CLA PC . 23.36 11.48 -15.65
H203 CLA PC . 21.72 10.97 -15.55
HHC2 CLA PC . 26.09 14.71 -7.38
HHD2 CLA PC . 27.79 14.00 -1.82
MG CLA QC . 30.71 33.60 -5.54
CHA CLA QC . 28.12 35.84 -5.94
CHB CLA QC . 32.89 35.76 -7.17
CHC CLA QC . 33.14 31.41 -5.00
CHD CLA QC . 28.47 31.41 -3.88
NA CLA QC . 30.55 35.61 -6.46
C1A CLA QC . 29.43 36.33 -6.51
C2A CLA QC . 29.65 37.65 -7.20
C3A CLA QC . 31.15 37.58 -7.60
C4A CLA QC . 31.58 36.25 -7.04
CMA CLA QC . 31.50 37.85 -9.04
CAA CLA QC . 29.18 38.74 -6.20
CBA CLA QC . 30.12 39.87 -5.74
CGA CLA QC . 30.20 40.99 -6.75
O1A CLA QC . 30.34 40.74 -7.92
O2A CLA QC . 30.12 42.24 -6.29
NB CLA QC . 32.70 33.59 -6.00
C1B CLA QC . 33.42 34.53 -6.69
C2B CLA QC . 34.77 34.06 -6.84
C3B CLA QC . 34.81 32.85 -6.23
C4B CLA QC . 33.49 32.57 -5.70
CMB CLA QC . 35.92 34.77 -7.54
CAB CLA QC . 35.93 31.89 -6.07
CBB CLA QC . 37.24 32.06 -6.81
NC CLA QC . 30.80 31.75 -4.57
C1C CLA QC . 31.90 31.02 -4.46
C2C CLA QC . 31.68 29.75 -3.71
C3C CLA QC . 30.35 29.79 -3.38
C4C CLA QC . 29.81 31.03 -3.93
CMC CLA QC . 32.73 28.72 -3.40
CAC CLA QC . 29.55 28.76 -2.60
CBC CLA QC . 29.32 29.29 -1.21
ND CLA QC . 28.81 33.52 -5.02
C1D CLA QC . 28.01 32.66 -4.34
C2D CLA QC . 26.66 33.18 -4.20
C3D CLA QC . 26.72 34.42 -4.82
C4D CLA QC . 28.00 34.61 -5.31
CMD CLA QC . 25.39 32.66 -3.55
CAD CLA QC . 25.90 35.57 -5.13
OBD CLA QC . 24.97 35.94 -4.45
CBD CLA QC . 26.76 36.51 -5.93
CGD CLA QC . 26.18 36.65 -7.31
O1D CLA QC . 25.44 37.59 -7.56
O2D CLA QC . 26.42 35.76 -8.26
CED CLA QC . 26.54 36.27 -9.59
C1 CLA QC . 31.28 42.91 -5.70
C2 CLA QC . 32.25 42.11 -4.86
C3 CLA QC . 32.64 42.47 -3.62
C4 CLA QC . 32.17 43.70 -2.92
C5 CLA QC . 33.62 41.60 -2.86
C6 CLA QC . 32.96 40.25 -2.57
C7 CLA QC . 33.64 39.13 -3.36
C8 CLA QC . 32.77 37.87 -3.50
C9 CLA QC . 31.98 37.55 -2.23
C10 CLA QC . 33.63 36.69 -3.97
C11 CLA QC . 34.61 36.13 -2.93
C12 CLA QC . 35.27 34.88 -3.50
C13 CLA QC . 36.31 34.28 -2.56
C14 CLA QC . 37.70 34.36 -3.18
C15 CLA QC . 35.95 32.83 -2.24
C16 CLA QC . 34.63 32.73 -1.47
C17 CLA QC . 34.68 31.58 -0.47
C18 CLA QC . 33.41 31.53 0.36
C19 CLA QC . 32.35 30.64 -0.26
C20 CLA QC . 33.73 31.08 1.79
HHB CLA QC . 33.61 36.44 -7.61
HHC CLA QC . 33.43 30.59 -5.67
HHD CLA QC . 27.91 30.64 -4.42
H2A CLA QC . 29.04 37.70 -8.11
H3A CLA QC . 31.71 38.34 -7.03
HMA1 CLA QC . 31.01 38.73 -9.37
HMA2 CLA QC . 31.19 37.03 -9.64
HMA3 CLA QC . 32.55 37.97 -9.14
HAA1 CLA QC . 28.87 38.23 -5.29
HAA2 CLA QC . 28.29 39.21 -6.61
HBA1 CLA QC . 31.12 39.50 -5.52
HBA2 CLA QC . 29.72 40.27 -4.81
HMB1 CLA QC . 35.68 35.79 -7.67
HMB2 CLA QC . 36.10 34.32 -8.48
HMB3 CLA QC . 36.78 34.70 -6.94
HBB1 CLA QC . 37.25 31.90 -7.88
HBB2 CLA QC . 38.16 31.93 -6.27
HMC1 CLA QC . 33.18 28.38 -4.29
HMC2 CLA QC . 32.27 27.89 -2.90
HMC3 CLA QC . 33.47 29.15 -2.77
HAC1 CLA QC . 30.10 27.81 -2.57
HAC2 CLA QC . 28.60 28.59 -3.10
HBC1 CLA QC . 28.33 29.05 -0.91
HBC2 CLA QC . 29.46 30.34 -1.20
HBC3 CLA QC . 30.00 28.84 -0.53
HMD1 CLA QC . 25.45 31.61 -3.45
HMD2 CLA QC . 24.57 32.90 -4.17
HMD3 CLA QC . 25.28 33.12 -2.60
HBD CLA QC . 26.82 37.48 -5.45
HED1 CLA QC . 26.82 35.49 -10.25
HED2 CLA QC . 27.28 37.03 -9.61
HED3 CLA QC . 25.62 36.68 -9.90
H11 CLA QC . 30.91 43.76 -5.12
H12 CLA QC . 31.85 43.36 -6.51
H2 CLA QC . 32.65 41.20 -5.27
H41 CLA QC . 32.63 43.78 -1.97
H42 CLA QC . 31.12 43.65 -2.78
H43 CLA QC . 32.41 44.56 -3.50
H51 CLA QC . 33.92 42.08 -1.93
H52 CLA QC . 34.52 41.44 -3.46
H61 CLA QC . 31.91 40.29 -2.83
H62 CLA QC . 33.03 40.04 -1.50
H71 CLA QC . 34.58 38.87 -2.86
H72 CLA QC . 33.88 39.50 -4.35
H8 CLA QC . 32.04 38.06 -4.28
H91 CLA QC . 31.59 36.57 -2.30
H92 CLA QC . 31.17 38.22 -2.15
H93 CLA QC . 32.60 37.63 -1.37
H101 CLA QC . 34.20 37.02 -4.84
H102 CLA QC . 32.97 35.90 -4.29
H111 CLA QC . 34.08 35.87 -2.01
H112 CLA QC . 35.37 36.86 -2.70
H121 CLA QC . 35.75 35.13 -4.45
H122 CLA QC . 34.49 34.14 -3.72
H13 CLA QC . 36.31 34.85 -1.63
H141 CLA QC . 38.41 33.99 -2.49
H142 CLA QC . 37.92 35.36 -3.43
H143 CLA QC . 37.73 33.76 -4.06
H151 CLA QC . 36.76 32.38 -1.66
H152 CLA QC . 35.87 32.26 -3.17
H161 CLA QC . 33.82 32.57 -2.17
H162 CLA QC . 34.46 33.67 -0.93
H171 CLA QC . 35.54 31.70 0.19
H172 CLA QC . 34.80 30.64 -1.00
H18 CLA QC . 33.00 32.55 0.43
H191 CLA QC . 31.48 30.65 0.34
H192 CLA QC . 32.72 29.65 -0.32
H193 CLA QC . 32.12 31.00 -1.23
H201 CLA QC . 32.89 30.61 2.21
H202 CLA QC . 34.00 31.92 2.37
H203 CLA QC . 34.54 30.41 1.76
HHC2 CLA QC . 33.85 31.35 -4.17
HHD2 CLA QC . 28.15 31.32 -2.84
MG CLA RC . 20.59 24.29 -14.29
CHA CLA RC . 18.26 26.25 -15.92
CHB CLA RC . 18.22 23.32 -11.95
CHC CLA RC . 22.90 22.37 -12.87
CHD CLA RC . 23.02 25.33 -16.66
NA CLA RC . 18.46 24.72 -13.96
C1A CLA RC . 17.71 25.54 -14.71
C2A CLA RC . 16.31 25.62 -14.20
C3A CLA RC . 16.35 24.76 -12.93
C4A CLA RC . 17.75 24.22 -12.93
CMA CLA RC . 15.94 25.46 -11.65
CAA CLA RC . 15.34 25.01 -15.20
CBA CLA RC . 15.70 23.58 -15.64
CGA CLA RC . 15.77 23.44 -17.14
O1A CLA RC . 16.43 24.25 -17.78
O2A CLA RC . 15.12 22.45 -17.73
NB CLA RC . 20.55 23.05 -12.68
C1B CLA RC . 19.51 22.78 -11.84
C2B CLA RC . 19.95 21.85 -10.82
C3B CLA RC . 21.26 21.60 -11.10
C4B CLA RC . 21.63 22.36 -12.28
CMB CLA RC . 19.15 21.25 -9.69
CAB CLA RC . 22.18 20.70 -10.37
CBB CLA RC . 21.65 19.35 -9.97
NC CLA RC . 22.59 23.85 -14.75
C1C CLA RC . 23.36 23.06 -14.02
C2C CLA RC . 24.74 22.96 -14.53
C3C CLA RC . 24.75 23.77 -15.63
C4C CLA RC . 23.41 24.32 -15.76
CMC CLA RC . 25.87 22.15 -13.94
CAC CLA RC . 25.92 24.03 -16.56
CBC CLA RC . 26.76 25.21 -16.08
ND CLA RC . 20.72 25.46 -15.88
C1D CLA RC . 21.69 25.81 -16.77
C2D CLA RC . 21.20 26.75 -17.76
C3D CLA RC . 19.86 26.91 -17.43
C4D CLA RC . 19.59 26.14 -16.31
CMD CLA RC . 21.84 27.45 -18.93
CAD CLA RC . 18.66 27.60 -17.83
OBD CLA RC . 18.56 28.44 -18.71
CBD CLA RC . 17.55 27.18 -16.89
CGD CLA RC . 16.97 28.38 -16.22
O1D CLA RC . 17.67 29.32 -15.90
O2D CLA RC . 15.66 28.44 -15.97
CED CLA RC . 15.03 29.70 -16.16
C1 CLA RC . 15.42 21.04 -17.52
C2 CLA RC . 14.26 20.08 -17.62
C3 CLA RC . 14.34 18.78 -17.26
C4 CLA RC . 15.61 18.18 -16.74
C5 CLA RC . 13.20 17.81 -17.35
C6 CLA RC . 11.82 18.47 -17.34
C7 CLA RC . 10.73 17.40 -17.20
C8 CLA RC . 9.38 17.87 -16.68
C9 CLA RC . 9.47 18.72 -15.42
C10 CLA RC . 8.51 16.64 -16.42
C11 CLA RC . 7.02 16.89 -16.62
C12 CLA RC . 6.46 15.94 -17.67
C13 CLA RC . 4.96 16.04 -17.90
C14 CLA RC . 4.64 15.53 -19.30
C15 CLA RC . 4.43 17.46 -17.68
C16 CLA RC . 2.96 17.64 -18.06
C17 CLA RC . 2.55 19.09 -17.81
C18 CLA RC . 1.47 19.28 -16.74
C19 CLA RC . 1.12 20.76 -16.66
C20 CLA RC . 0.21 18.45 -16.98
HHB CLA RC . 17.47 22.91 -11.31
HHC CLA RC . 23.57 22.67 -12.07
HHD CLA RC . 23.65 26.19 -16.43
H2A CLA RC . 16.03 26.65 -13.95
H3A CLA RC . 15.66 23.91 -13.07
HMA1 CLA RC . 14.96 25.84 -11.74
HMA2 CLA RC . 16.61 26.26 -11.47
HMA3 CLA RC . 15.99 24.78 -10.84
HAA1 CLA RC . 15.29 25.64 -16.09
HAA2 CLA RC . 14.34 24.99 -14.76
HBA1 CLA RC . 14.94 22.89 -15.26
HBA2 CLA RC . 16.66 23.27 -15.20
HMB1 CLA RC . 18.27 21.81 -9.53
HMB2 CLA RC . 19.74 21.27 -8.82
HMB3 CLA RC . 18.91 20.25 -9.93
HBB1 CLA RC . 21.08 18.78 -10.68
HBB2 CLA RC . 22.11 18.82 -9.15
HMC1 CLA RC . 26.05 21.30 -14.54
HMC2 CLA RC . 25.63 21.86 -12.95
HMC3 CLA RC . 26.75 22.74 -13.93
HAC1 CLA RC . 25.54 24.24 -17.57
HAC2 CLA RC . 26.54 23.14 -16.61
HBC1 CLA RC . 27.32 25.58 -16.89
HBC2 CLA RC . 27.42 24.87 -15.33
HBC3 CLA RC . 26.12 25.96 -15.70
HMD1 CLA RC . 22.86 27.63 -18.72
HMD2 CLA RC . 21.35 28.38 -19.10
HMD3 CLA RC . 21.75 26.84 -19.80
HBD CLA RC . 16.78 26.64 -17.45
HED1 CLA RC . 13.97 29.57 -16.11
HED2 CLA RC . 15.29 30.09 -17.11
HED3 CLA RC . 15.33 30.37 -15.41
H11 CLA RC . 15.89 20.93 -16.53
H12 CLA RC . 16.18 20.74 -18.25
H2 CLA RC . 13.33 20.46 -17.99
H41 CLA RC . 15.55 17.12 -16.82
H42 CLA RC . 15.75 18.44 -15.73
H43 CLA RC . 16.44 18.51 -17.31
H51 CLA RC . 13.25 17.13 -16.49
H52 CLA RC . 13.30 17.20 -18.25
H61 CLA RC . 11.67 19.02 -18.27
H62 CLA RC . 11.76 19.19 -16.52
H71 CLA RC . 11.10 16.60 -16.54
H72 CLA RC . 10.58 16.96 -18.19
H8 CLA RC . 8.90 18.46 -17.47
H91 CLA RC . 8.51 18.76 -14.95
H92 CLA RC . 9.77 19.70 -15.66
H93 CLA RC . 10.16 18.29 -14.74
H101 CLA RC . 8.69 16.30 -15.39
H102 CLA RC . 8.83 15.83 -17.09
H111 CLA RC . 6.88 17.93 -16.92
H112 CLA RC . 6.51 16.73 -15.67
H121 CLA RC . 6.70 14.91 -17.37
H122 CLA RC . 6.98 16.13 -18.62
H13 CLA RC . 4.45 15.38 -17.17
H141 CLA RC . 4.78 16.32 -20.00
H142 CLA RC . 3.64 15.20 -19.35
H143 CLA RC . 5.29 14.73 -19.53
H151 CLA RC . 5.03 18.15 -18.28
H152 CLA RC . 4.55 17.74 -16.64
H161 CLA RC . 2.34 16.97 -17.45
H162 CLA RC . 2.80 17.40 -19.10
H171 CLA RC . 2.19 19.52 -18.76
H172 CLA RC . 3.43 19.66 -17.52
H18 CLA RC . 1.90 18.98 -15.77
H191 CLA RC . 0.40 20.92 -15.90
H192 CLA RC . 0.71 21.07 -17.59
H193 CLA RC . 1.99 21.33 -16.44
H201 CLA RC . -0.63 18.96 -16.57
H202 CLA RC . 0.32 17.52 -16.52
H203 CLA RC . 0.06 18.32 -18.02
HHC2 CLA RC . 23.13 21.32 -13.05
HHD2 CLA RC . 23.33 25.00 -17.65
MG CLA SC . 24.40 33.76 -19.17
CHA CLA SC . 24.63 37.19 -19.05
CHB CLA SC . 22.85 33.92 -22.26
CHC CLA SC . 24.31 30.44 -19.19
CHD CLA SC . 26.11 33.62 -16.06
NA CLA SC . 23.81 35.37 -20.55
C1A CLA SC . 23.98 36.68 -20.32
C2A CLA SC . 23.48 37.53 -21.45
C3A CLA SC . 22.91 36.47 -22.43
C4A CLA SC . 23.19 35.17 -21.73
CMA CLA SC . 21.50 36.72 -22.95
CAA CLA SC . 24.68 38.36 -21.92
CBA CLA SC . 24.92 38.49 -23.43
CGA CLA SC . 26.09 39.43 -23.64
O1A CLA SC . 25.88 40.57 -24.02
O2A CLA SC . 27.30 39.00 -23.37
NB CLA SC . 23.70 32.41 -20.52
C1B CLA SC . 23.08 32.64 -21.71
C2B CLA SC . 22.73 31.37 -22.31
C3B CLA SC . 23.14 30.40 -21.42
C4B CLA SC . 23.76 31.09 -20.30
CMB CLA SC . 22.03 31.14 -23.62
CAB CLA SC . 23.04 28.93 -21.48
CBB CLA SC . 22.33 28.16 -22.56
NC CLA SC . 25.10 32.28 -17.85
C1C CLA SC . 24.94 30.98 -18.05
C2C CLA SC . 25.52 30.16 -16.96
C3C CLA SC . 26.02 31.09 -16.08
C4C CLA SC . 25.75 32.40 -16.64
CMC CLA SC . 25.55 28.66 -16.84
CAC CLA SC . 26.74 30.80 -14.80
CBC CLA SC . 28.19 30.57 -15.17
ND CLA SC . 25.23 34.99 -17.86
C1D CLA SC . 25.80 34.87 -16.63
C2D CLA SC . 26.06 36.17 -16.01
C3D CLA SC . 25.59 37.07 -16.97
C4D CLA SC . 25.11 36.35 -18.06
CMD CLA SC . 26.64 36.59 -14.69
CAD CLA SC . 25.44 38.48 -17.22
OBD CLA SC . 25.38 39.34 -16.36
CBD CLA SC . 24.86 38.62 -18.61
CGD CLA SC . 23.57 39.37 -18.55
O1D CLA SC . 22.58 38.89 -18.03
O2D CLA SC . 23.51 40.60 -19.04
CED CLA SC . 23.37 41.65 -18.09
C1 CLA SC . 27.94 37.87 -24.07
C2 CLA SC . 27.66 37.60 -25.54
C3 CLA SC . 28.22 36.55 -26.17
C4 CLA SC . 27.89 36.34 -27.63
C5 CLA SC . 29.18 35.58 -25.49
C6 CLA SC . 29.77 34.52 -26.42
C7 CLA SC . 30.38 33.31 -25.67
C8 CLA SC . 31.50 33.66 -24.68
C9 CLA SC . 32.51 34.62 -25.32
C10 CLA SC . 32.29 32.45 -24.16
C11 CLA SC . 31.53 31.14 -23.94
C12 CLA SC . 31.91 30.12 -25.00
C13 CLA SC . 30.90 28.97 -25.18
C14 CLA SC . 29.51 29.51 -25.52
C15 CLA SC . 30.87 28.08 -23.93
C16 CLA SC . 30.03 26.82 -24.15
C17 CLA SC . 30.82 25.53 -23.96
C18 CLA SC . 31.08 25.20 -22.49
C19 CLA SC . 29.80 24.88 -21.72
C20 CLA SC . 32.05 24.02 -22.40
HHB CLA SC . 22.17 33.95 -23.11
HHC CLA SC . 23.50 29.83 -18.79
HHD CLA SC . 25.73 33.63 -15.04
H2A CLA SC . 22.67 38.19 -21.10
H3A CLA SC . 23.54 36.44 -23.33
HMA1 CLA SC . 21.43 37.71 -23.31
HMA2 CLA SC . 20.81 36.58 -22.16
HMA3 CLA SC . 21.29 36.04 -23.74
HAA1 CLA SC . 25.58 37.94 -21.49
HAA2 CLA SC . 24.58 39.37 -21.51
HBA1 CLA SC . 24.03 38.87 -23.93
HBA2 CLA SC . 25.19 37.52 -23.86
HMB1 CLA SC . 21.90 32.07 -24.12
HMB2 CLA SC . 21.08 30.70 -23.45
HMB3 CLA SC . 22.61 30.50 -24.23
HBB1 CLA SC . 21.42 28.57 -22.98
HBB2 CLA SC . 22.46 27.10 -22.59
HMC1 CLA SC . 25.07 28.23 -17.67
HMC2 CLA SC . 25.06 28.36 -15.94
HMC3 CLA SC . 26.56 28.33 -16.80
HAC1 CLA SC . 26.32 29.92 -14.30
HAC2 CLA SC . 26.66 31.65 -14.12
HBC1 CLA SC . 28.82 30.88 -14.39
HBC2 CLA SC . 28.41 31.11 -16.05
HBC3 CLA SC . 28.34 29.54 -15.36
HMD1 CLA SC . 27.68 36.40 -14.69
HMD2 CLA SC . 26.17 36.05 -13.91
HMD3 CLA SC . 26.48 37.62 -14.56
HBD CLA SC . 25.57 39.13 -19.27
HED1 CLA SC . 23.97 42.48 -18.39
HED2 CLA SC . 23.66 41.31 -17.13
HED3 CLA SC . 22.36 41.97 -18.06
H11 CLA SC . 27.66 36.97 -23.52
H12 CLA SC . 29.01 37.97 -23.96
H2 CLA SC . 26.98 38.25 -26.07
H41 CLA SC . 28.78 36.24 -28.19
H42 CLA SC . 27.34 37.18 -27.99
H43 CLA SC . 27.29 35.47 -27.74
H51 CLA SC . 28.64 35.09 -24.67
H52 CLA SC . 29.99 36.16 -25.05
H61 CLA SC . 30.54 34.97 -27.05
H62 CLA SC . 28.99 34.13 -27.07
H71 CLA SC . 30.77 32.61 -26.41
H72 CLA SC . 29.58 32.81 -25.13
H8 CLA SC . 31.05 34.17 -23.83
H91 CLA SC . 33.41 34.58 -24.76
H92 CLA SC . 32.13 35.60 -25.33
H93 CLA SC . 32.70 34.30 -26.31
H101 CLA SC . 32.74 32.74 -23.21
H102 CLA SC . 33.11 32.26 -24.84
H111 CLA SC . 30.45 31.32 -23.92
H112 CLA SC . 31.81 30.75 -22.96
H121 CLA SC . 32.87 29.69 -24.75
H122 CLA SC . 32.02 30.62 -25.96
H13 CLA SC . 31.23 28.35 -26.02
H141 CLA SC . 28.99 28.79 -26.11
H142 CLA SC . 29.61 30.41 -26.07
H143 CLA SC . 28.97 29.70 -24.63
H151 CLA SC . 30.47 28.64 -23.09
H152 CLA SC . 31.89 27.79 -23.67
H161 CLA SC . 29.62 26.83 -25.16
H162 CLA SC . 29.18 26.84 -23.46
H171 CLA SC . 31.78 25.61 -24.48
H172 CLA SC . 30.27 24.71 -24.41
H18 CLA SC . 31.56 26.07 -22.01
H191 CLA SC . 30.04 24.30 -20.87
H192 CLA SC . 29.14 24.33 -22.35
H193 CLA SC . 29.35 25.78 -21.42
H201 CLA SC . 32.22 23.78 -21.39
H202 CLA SC . 32.97 24.29 -22.86
H203 CLA SC . 31.64 23.18 -22.90
HHC2 CLA SC . 25.02 29.73 -19.60
HHD2 CLA SC . 27.20 33.60 -15.96
MG CLA TC . 17.49 30.33 -24.93
CHA CLA TC . 18.05 33.54 -23.83
CHB CLA TC . 16.25 31.52 -27.93
CHC CLA TC . 17.06 27.18 -25.88
CHD CLA TC . 18.77 29.14 -21.83
NA CLA TC . 17.19 32.32 -25.81
C1A CLA TC . 17.47 33.48 -25.22
C2A CLA TC . 17.10 34.66 -26.06
C3A CLA TC . 16.54 33.99 -27.33
C4A CLA TC . 16.65 32.53 -27.04
CMA CLA TC . 15.19 34.50 -27.80
CAA CLA TC . 18.30 35.56 -26.39
CBA CLA TC . 19.61 34.78 -26.56
CGA CLA TC . 20.63 35.69 -27.21
O1A CLA TC . 20.60 35.87 -28.41
O2A CLA TC . 21.54 36.26 -26.44
NB CLA TC . 16.78 29.49 -26.63
C1B CLA TC . 16.31 30.12 -27.75
C2B CLA TC . 15.90 29.12 -28.72
C3B CLA TC . 16.12 27.91 -28.12
C4B CLA TC . 16.69 28.16 -26.80
CMB CLA TC . 15.32 29.36 -30.09
CAB CLA TC . 15.90 26.54 -28.65
CBB CLA TC . 15.56 26.28 -30.09
NC CLA TC . 17.96 28.48 -24.05
C1C CLA TC . 17.64 27.31 -24.59
C2C CLA TC . 17.91 26.17 -23.68
C3C CLA TC . 18.45 26.74 -22.57
C4C CLA TC . 18.47 28.18 -22.80
CMC CLA TC . 17.67 24.71 -23.97
CAC CLA TC . 18.94 26.03 -21.32
CBC CLA TC . 17.79 25.46 -20.53
ND CLA TC . 18.23 31.04 -23.23
C1D CLA TC . 18.71 30.52 -22.07
C2D CLA TC . 19.14 31.57 -21.15
C3D CLA TC . 18.87 32.74 -21.84
C4D CLA TC . 18.34 32.40 -23.08
CMD CLA TC . 19.72 31.56 -19.76
CAD CLA TC . 18.95 34.18 -21.73
OBD CLA TC . 19.03 34.79 -20.67
CBD CLA TC . 18.34 34.75 -22.98
CGD CLA TC . 17.04 35.41 -22.64
O1D CLA TC . 16.11 34.76 -22.20
O2D CLA TC . 16.88 36.72 -22.78
CED CLA TC . 16.47 37.42 -21.61
C1 CLA TC . 22.94 36.32 -26.84
C2 CLA TC . 23.57 35.14 -27.54
C3 CLA TC . 24.11 34.10 -26.90
C4 CLA TC . 24.71 32.96 -27.68
C5 CLA TC . 24.15 33.93 -25.39
C6 CLA TC . 25.57 34.14 -24.85
C7 CLA TC . 26.32 32.82 -24.64
C8 CLA TC . 26.49 32.49 -23.16
C9 CLA TC . 27.64 33.31 -22.56
C10 CLA TC . 26.77 31.02 -22.82
C11 CLA TC . 26.17 29.95 -23.75
C12 CLA TC . 26.45 28.57 -23.18
C13 CLA TC . 25.80 27.39 -23.93
C14 CLA TC . 26.37 26.08 -23.41
C15 CLA TC . 26.00 27.51 -25.44
C16 CLA TC . 25.38 26.33 -26.21
C17 CLA TC . 25.49 26.57 -27.71
C18 CLA TC . 25.15 25.32 -28.52
C19 CLA TC . 24.55 25.71 -29.87
C20 CLA TC . 26.36 24.42 -28.70
HHB CLA TC . 15.90 31.86 -28.89
HHC CLA TC . 16.17 26.58 -25.72
HHD CLA TC . 18.10 28.94 -20.99
H2A CLA TC . 16.31 35.25 -25.57
H3A CLA TC . 17.25 34.21 -28.15
HMA1 CLA TC . 15.21 35.56 -27.88
HMA2 CLA TC . 14.45 34.21 -27.11
HMA3 CLA TC . 14.97 34.09 -28.76
HAA1 CLA TC . 18.42 36.28 -25.60
HAA2 CLA TC . 18.09 36.11 -27.32
HBA1 CLA TC . 19.44 33.91 -27.19
HBA2 CLA TC . 19.98 34.46 -25.59
HMB1 CLA TC . 15.03 30.37 -30.19
HMB2 CLA TC . 14.46 28.75 -30.23
HMB3 CLA TC . 16.04 29.12 -30.83
HBB1 CLA TC . 16.28 26.57 -30.85
HBB2 CLA TC . 14.91 25.46 -30.33
HMC1 CLA TC . 16.63 24.52 -23.90
HMC2 CLA TC . 18.17 24.13 -23.24
HMC3 CLA TC . 18.03 24.47 -24.93
HAC1 CLA TC . 19.50 26.74 -20.69
HAC2 CLA TC . 19.62 25.23 -21.60
HBC1 CLA TC . 18.09 25.32 -19.52
HBC2 CLA TC . 17.50 24.53 -20.94
HBC3 CLA TC . 16.96 26.13 -20.56
HMD1 CLA TC . 20.60 30.97 -19.75
HMD2 CLA TC . 19.01 31.17 -19.08
HMD3 CLA TC . 19.98 32.55 -19.48
HBD CLA TC . 19.01 35.44 -23.48
HED1 CLA TC . 16.60 38.45 -21.74
HED2 CLA TC . 17.05 37.09 -20.79
HED3 CLA TC . 15.45 37.21 -21.41
H11 CLA TC . 23.55 36.55 -25.96
H12 CLA TC . 23.05 37.18 -27.50
H2 CLA TC . 23.59 35.14 -28.62
H41 CLA TC . 24.53 32.05 -27.18
H42 CLA TC . 25.75 33.12 -27.79
H43 CLA TC . 24.26 32.94 -28.65
H51 CLA TC . 23.81 32.92 -25.13
H52 CLA TC . 23.47 34.63 -24.92
H61 CLA TC . 25.50 34.67 -23.89
H62 CLA TC . 26.12 34.77 -25.55
H71 CLA TC . 27.31 32.92 -25.09
H72 CLA TC . 25.80 32.03 -25.17
H8 CLA TC . 25.58 32.79 -22.64
H91 CLA TC . 27.76 33.05 -21.54
H92 CLA TC . 27.41 34.34 -22.64
H93 CLA TC . 28.54 33.09 -23.08
H101 CLA TC . 26.37 30.83 -21.82
H102 CLA TC . 27.85 30.86 -22.77
H111 CLA TC . 26.62 30.04 -24.74
H112 CLA TC . 25.09 30.11 -23.86
H121 CLA TC . 26.11 28.54 -22.14
H122 CLA TC . 27.54 28.41 -23.16
H13 CLA TC . 24.72 27.41 -23.72
H141 CLA TC . 25.63 25.33 -23.45
H142 CLA TC . 26.68 26.21 -22.39
H143 CLA TC . 27.20 25.79 -23.99
H151 CLA TC . 27.07 27.56 -25.67
H152 CLA TC . 25.54 28.43 -25.80
H161 CLA TC . 24.33 26.23 -25.92
H162 CLA TC . 25.90 25.40 -25.94
H171 CLA TC . 26.50 26.88 -27.96
H172 CLA TC . 24.82 27.38 -27.99
H18 CLA TC . 24.38 24.76 -27.97
H191 CLA TC . 24.35 24.83 -30.43
H192 CLA TC . 25.24 26.31 -30.40
H193 CLA TC . 23.66 26.25 -29.72
H201 CLA TC . 26.06 23.51 -29.17
H202 CLA TC . 26.79 24.21 -27.76
H203 CLA TC . 27.07 24.91 -29.32
HHC2 CLA TC . 17.75 26.53 -26.42
HHD2 CLA TC . 19.77 28.92 -21.46
MG CLA UC . 9.09 24.32 -20.94
CHA CLA UC . 11.93 25.49 -19.40
CHB CLA UC . 10.78 24.11 -23.98
CHC CLA UC . 6.33 23.06 -22.30
CHD CLA UC . 7.41 24.47 -17.84
NA CLA UC . 11.15 24.74 -21.63
C1A CLA UC . 12.13 25.21 -20.87
C2A CLA UC . 13.39 25.40 -21.64
C3A CLA UC . 13.00 25.01 -23.07
C4A CLA UC . 11.57 24.59 -22.91
CMA CLA UC . 13.32 26.04 -24.13
CAA CLA UC . 14.47 24.43 -21.13
CBA CLA UC . 13.91 23.02 -20.89
CGA CLA UC . 14.89 21.96 -21.34
O1A CLA UC . 15.97 21.86 -20.78
O2A CLA UC . 14.54 21.16 -22.36
NB CLA UC . 8.64 23.68 -22.82
C1B CLA UC . 9.43 23.70 -23.94
C2B CLA UC . 8.68 23.19 -25.07
C3B CLA UC . 7.45 22.90 -24.57
C4B CLA UC . 7.43 23.22 -23.15
CMB CLA UC . 9.16 23.03 -26.48
CAB CLA UC . 6.26 22.37 -25.28
CBB CLA UC . 5.85 22.92 -26.63
NC CLA UC . 7.19 23.87 -20.19
C1C CLA UC . 6.21 23.34 -20.92
C2C CLA UC . 4.99 23.09 -20.12
C3C CLA UC . 5.31 23.50 -18.86
C4C CLA UC . 6.68 24.00 -18.92
CMC CLA UC . 3.70 22.49 -20.59
CAC CLA UC . 4.42 23.46 -17.64
CBC CLA UC . 3.30 24.47 -17.76
ND CLA UC . 9.48 24.78 -19.05
C1D CLA UC . 8.76 24.89 -17.91
C2D CLA UC . 9.55 25.48 -16.83
C3D CLA UC . 10.78 25.71 -17.42
C4D CLA UC . 10.73 25.29 -18.74
CMD CLA UC . 9.26 25.84 -15.38
CAD CLA UC . 12.11 26.23 -17.16
OBD CLA UC . 12.45 26.88 -16.18
CBD CLA UC . 12.93 26.02 -18.40
CGD CLA UC . 13.50 27.30 -18.93
O1D CLA UC . 12.95 28.37 -18.74
O2D CLA UC . 14.63 27.25 -19.64
CED CLA UC . 15.26 28.50 -19.96
C1 CLA UC . 14.70 19.71 -22.28
C2 CLA UC . 13.65 18.84 -22.95
C3 CLA UC . 12.62 18.25 -22.30
C4 CLA UC . 12.39 18.41 -20.82
C5 CLA UC . 11.61 17.40 -23.01
C6 CLA UC . 11.50 16.00 -22.41
C7 CLA UC . 10.35 15.85 -21.43
C8 CLA UC . 8.98 15.89 -22.12
C9 CLA UC . 8.12 16.98 -21.53
C10 CLA UC . 8.28 14.54 -21.99
C11 CLA UC . 7.33 14.26 -23.16
C12 CLA UC . 7.82 13.09 -24.00
C13 CLA UC . 7.33 13.20 -25.44
C14 CLA UC . 5.81 13.25 -25.50
C15 CLA UC . 7.84 12.03 -26.30
C16 CLA UC . 9.32 11.72 -26.09
C17 CLA UC . 9.87 10.93 -27.27
C18 CLA UC . 11.25 10.35 -27.00
C19 CLA UC . 11.62 9.33 -28.07
C20 CLA UC . 12.33 11.43 -26.94
HHB CLA UC . 11.29 24.02 -24.93
HHC CLA UC . 5.52 23.60 -22.78
HHD CLA UC . 6.84 25.27 -17.38
H2A CLA UC . 13.74 26.44 -21.60
H3A CLA UC . 13.57 24.11 -23.32
HMA1 CLA UC . 14.26 25.81 -24.57
HMA2 CLA UC . 13.36 27.00 -23.70
HMA3 CLA UC . 12.56 26.03 -24.87
HAA1 CLA UC . 14.87 24.80 -20.20
HAA2 CLA UC . 15.28 24.38 -21.86
HBA1 CLA UC . 12.98 22.87 -21.45
HBA2 CLA UC . 13.69 22.88 -19.84
HMB1 CLA UC . 10.18 22.75 -26.49
HMB2 CLA UC . 9.03 23.93 -27.02
HMB3 CLA UC . 8.60 22.26 -26.95
HBB1 CLA UC . 4.90 22.64 -27.04
HBB2 CLA UC . 6.58 23.42 -27.25
HMC1 CLA UC . 3.89 21.83 -21.41
HMC2 CLA UC . 3.04 23.26 -20.90
HMC3 CLA UC . 3.27 21.94 -19.81
HAC1 CLA UC . 5.01 23.67 -16.75
HAC2 CLA UC . 4.00 22.45 -17.54
HBC1 CLA UC . 2.64 24.35 -16.94
HBC2 CLA UC . 2.78 24.33 -18.66
HBC3 CLA UC . 3.71 25.45 -17.74
HMD1 CLA UC . 8.44 25.27 -15.04
HMD2 CLA UC . 9.03 26.87 -15.32
HMD3 CLA UC . 10.11 25.63 -14.79
HBD CLA UC . 13.73 25.29 -18.22
HED1 CLA UC . 16.01 28.32 -20.68
HED2 CLA UC . 15.69 28.91 -19.09
HED3 CLA UC . 14.53 29.16 -20.34
H11 CLA UC . 14.80 19.41 -21.24
H12 CLA UC . 15.65 19.47 -22.76
H2 CLA UC . 13.72 18.67 -24.01
H41 CLA UC . 11.36 18.57 -20.65
H42 CLA UC . 12.92 19.24 -20.43
H43 CLA UC . 12.70 17.53 -20.32
H51 CLA UC . 11.87 17.32 -24.07
H52 CLA UC . 10.63 17.88 -22.96
H61 CLA UC . 12.44 15.76 -21.90
H62 CLA UC . 11.38 15.27 -23.21
H71 CLA UC . 10.39 16.65 -20.68
H72 CLA UC . 10.46 14.92 -20.88
H8 CLA UC . 9.15 16.10 -23.19
H91 CLA UC . 7.11 16.85 -21.85
H92 CLA UC . 8.46 17.93 -21.87
H93 CLA UC . 8.16 16.95 -20.47
H101 CLA UC . 7.71 14.52 -21.06
H102 CLA UC . 9.02 13.74 -21.94
H111 CLA UC . 7.26 15.16 -23.78
H112 CLA UC . 6.34 14.05 -22.77
H121 CLA UC . 7.46 12.15 -23.56
H122 CLA UC . 8.91 13.07 -23.98
H13 CLA UC . 7.73 14.13 -25.87
H141 CLA UC . 5.47 12.55 -26.22
H142 CLA UC . 5.51 14.23 -25.79
H143 CLA UC . 5.40 13.02 -24.56
H151 CLA UC . 7.68 12.29 -27.35
H152 CLA UC . 7.25 11.15 -26.07
H161 CLA UC . 9.44 11.13 -25.19
H162 CLA UC . 9.88 12.65 -25.98
H171 CLA UC . 9.91 11.57 -28.15
H172 CLA UC . 9.19 10.11 -27.50
H18 CLA UC . 11.22 9.84 -26.03
H191 CLA UC . 12.61 9.00 -27.92
H192 CLA UC . 11.52 9.77 -29.03
H193 CLA UC . 10.96 8.50 -28.00
H201 CLA UC . 13.20 11.04 -26.47
H202 CLA UC . 11.98 12.25 -26.38
H203 CLA UC . 12.57 11.74 -27.92
HHC2 CLA UC . 6.07 22.00 -22.40
HHD2 CLA UC . 7.39 23.65 -17.13
MG CLA VC . 13.67 24.09 -9.82
CHA CLA VC . 15.22 23.04 -6.95
CHB CLA VC . 13.96 20.91 -11.19
CHC CLA VC . 12.07 25.19 -12.53
CHD CLA VC . 13.31 27.32 -8.39
NA CLA VC . 14.49 22.16 -9.15
C1A CLA VC . 15.06 21.94 -7.97
C2A CLA VC . 15.52 20.52 -7.82
C3A CLA VC . 15.11 19.88 -9.16
C4A CLA VC . 14.48 21.03 -9.90
CMA CLA VC . 16.04 18.90 -9.85
CAA CLA VC . 14.85 19.78 -6.67
CBA CLA VC . 15.87 18.92 -5.94
CGA CLA VC . 15.22 17.92 -5.01
O1A CLA VC . 14.06 17.60 -5.19
O2A CLA VC . 15.95 17.39 -4.06
NB CLA VC . 13.10 23.20 -11.56
C1B CLA VC . 13.32 21.91 -11.96
C2B CLA VC . 12.80 21.73 -13.29
C3B CLA VC . 12.28 22.93 -13.65
C4B CLA VC . 12.48 23.85 -12.54
CMB CLA VC . 12.83 20.47 -14.12
CAB CLA VC . 11.62 23.28 -14.93
CBB CLA VC . 12.08 22.64 -16.21
NC CLA VC . 12.77 25.93 -10.33
C1C CLA VC . 12.26 26.18 -11.53
C2C CLA VC . 11.89 27.61 -11.71
C3C CLA VC . 12.23 28.19 -10.52
C4C CLA VC . 12.78 27.15 -9.67
CMC CLA VC . 11.29 28.25 -12.93
CAC CLA VC . 12.08 29.65 -10.17
CBC CLA VC . 10.69 29.92 -9.64
ND CLA VC . 14.08 25.03 -8.14
C1D CLA VC . 13.95 26.29 -7.65
C2D CLA VC . 14.55 26.43 -6.33
C3D CLA VC . 15.04 25.16 -6.07
C4D CLA VC . 14.76 24.33 -7.15
CMD CLA VC . 14.71 27.58 -5.38
CAD CLA VC . 15.76 24.39 -5.07
OBD CLA VC . 16.45 24.87 -4.19
CBD CLA VC . 15.92 23.00 -5.60
CGD CLA VC . 17.39 22.72 -5.82
O1D CLA VC . 18.07 22.25 -4.94
O2D CLA VC . 17.93 23.01 -7.00
CED CLA VC . 19.29 23.41 -6.99
C1 CLA VC . 15.74 17.72 -2.65
C2 CLA VC . 15.46 19.15 -2.25
C3 CLA VC . 16.46 20.07 -2.16
C4 CLA VC . 17.88 19.74 -2.49
C5 CLA VC . 16.27 21.52 -1.76
C6 CLA VC . 14.84 21.91 -1.40
C7 CLA VC . 14.80 23.42 -1.12
C8 CLA VC . 13.43 24.07 -1.32
C9 CLA VC . 12.42 23.54 -0.30
C10 CLA VC . 12.96 23.92 -2.76
C11 CLA VC . 12.38 25.19 -3.35
C12 CLA VC . 10.86 25.22 -3.14
C13 CLA VC . 10.20 26.57 -3.44
C14 CLA VC . 10.85 27.30 -4.60
C15 CLA VC . 10.22 27.42 -2.16
C16 CLA VC . 9.41 28.71 -2.27
C17 CLA VC . 7.93 28.45 -2.53
C18 CLA VC . 7.06 29.69 -2.43
C19 CLA VC . 5.65 29.34 -2.90
C20 CLA VC . 7.00 30.30 -1.03
HHB CLA VC . 14.32 20.06 -11.75
HHC CLA VC . 12.47 25.63 -13.44
HHD CLA VC . 13.99 28.17 -8.43
H2A CLA VC . 16.62 20.47 -7.71
HMA1 CLA VC . 16.29 18.11 -9.19
HMA2 CLA VC . 16.92 19.39 -10.16
HMA3 CLA VC . 15.55 18.49 -10.71
HAA1 CLA VC . 14.06 19.14 -7.06
HAA2 CLA VC . 14.39 20.49 -5.98
HBA1 CLA VC . 16.53 19.57 -5.35
HBA2 CLA VC . 16.49 18.39 -6.66
HMB1 CLA VC . 13.01 19.63 -13.49
HMB2 CLA VC . 13.60 20.53 -14.84
HMB3 CLA VC . 11.90 20.34 -14.60
HBB1 CLA VC . 11.50 21.84 -16.62
HBB2 CLA VC . 12.68 23.23 -16.90
HMC1 CLA VC . 10.63 27.58 -13.39
HMC2 CLA VC . 12.07 28.52 -13.60
HMC3 CLA VC . 10.76 29.12 -12.65
HAC1 CLA VC . 12.25 30.26 -11.06
HAC2 CLA VC . 12.82 29.93 -9.42
HBC1 CLA VC . 10.64 30.91 -9.27
HBC2 CLA VC . 10.47 29.23 -8.87
HBC3 CLA VC . 10.00 29.81 -10.43
HMD1 CLA VC . 14.23 27.35 -4.46
HMD2 CLA VC . 14.30 28.46 -5.79
HMD3 CLA VC . 15.74 27.73 -5.20
HBD CLA VC . 15.48 22.25 -4.94
HED1 CLA VC . 19.60 23.65 -7.98
HED2 CLA VC . 19.91 22.63 -6.61
HED3 CLA VC . 19.41 24.27 -6.37
H11 CLA VC . 16.58 17.35 -2.08
H12 CLA VC . 14.88 17.13 -2.32
H2 CLA VC . 14.46 19.44 -2.00
H41 CLA VC . 18.53 20.44 -2.01
H42 CLA VC . 18.03 19.80 -3.54
H43 CLA VC . 18.15 18.76 -2.16
H51 CLA VC . 16.62 22.14 -2.59
H52 CLA VC . 16.92 21.73 -0.91
H61 CLA VC . 14.53 21.36 -0.50
H62 CLA VC . 14.17 21.64 -2.21
H71 CLA VC . 15.51 23.91 -1.79
H72 CLA VC . 15.14 23.59 -0.10
H8 CLA VC . 13.56 25.14 -1.11
H91 CLA VC . 11.60 23.09 -0.80
H92 CLA VC . 12.07 24.34 0.29
H93 CLA VC . 12.89 22.81 0.33
H101 CLA VC . 12.22 23.12 -2.83
H102 CLA VC . 13.82 23.61 -3.37
H111 CLA VC . 12.60 25.23 -4.41
H112 CLA VC . 12.82 26.07 -2.89
H121 CLA VC . 10.64 24.93 -2.11
H122 CLA VC . 10.42 24.46 -3.79
H13 CLA VC . 9.15 26.36 -3.70
H141 CLA VC . 10.16 28.02 -4.99
H142 CLA VC . 11.10 26.61 -5.37
H143 CLA VC . 11.72 27.81 -4.27
H151 CLA VC . 11.25 27.66 -1.89
H152 CLA VC . 9.80 26.82 -1.34
H161 CLA VC . 9.82 29.34 -3.06
H162 CLA VC . 9.51 29.26 -1.33
H171 CLA VC . 7.57 27.70 -1.82
H172 CLA VC . 7.82 28.04 -3.53
H18 CLA VC . 7.46 30.45 -3.11
H191 CLA VC . 5.00 30.16 -2.74
H192 CLA VC . 5.30 28.49 -2.37
H193 CLA VC . 5.68 29.11 -3.94
H201 CLA VC . 5.99 30.31 -0.69
H202 CLA VC . 7.38 31.28 -1.06
H203 CLA VC . 7.58 29.72 -0.37
HHC2 CLA VC . 10.99 25.16 -12.68
HHD2 CLA VC . 12.47 27.65 -7.76
MG CLA WC . 9.90 7.72 -16.58
CHA CLA WC . 12.93 6.14 -17.07
CHB CLA WC . 10.90 10.33 -18.63
CHC CLA WC . 6.87 9.03 -16.25
CHD CLA WC . 8.96 5.12 -14.37
NA CLA WC . 11.72 8.20 -17.74
C1A CLA WC . 12.83 7.46 -17.80
C2A CLA WC . 13.91 8.13 -18.62
C3A CLA WC . 13.23 9.44 -19.08
C4A CLA WC . 11.87 9.34 -18.47
CMA CLA WC . 14.01 10.73 -18.87
CAA CLA WC . 14.40 7.31 -19.80
CBA CLA WC . 13.32 6.65 -20.64
CGA CLA WC . 13.91 6.19 -21.95
O1A CLA WC . 13.44 5.21 -22.50
O2A CLA WC . 14.93 6.85 -22.48
NB CLA WC . 9.02 9.40 -17.34
C1B CLA WC . 9.59 10.36 -18.11
C2B CLA WC . 8.65 11.43 -18.32
C3B CLA WC . 7.53 11.05 -17.64
C4B CLA WC . 7.78 9.76 -17.03
CMB CLA WC . 8.85 12.69 -19.10
CAB CLA WC . 6.25 11.79 -17.55
CBB CLA WC . 5.57 12.18 -18.83
NC CLA WC . 8.18 7.10 -15.57
C1C CLA WC . 7.07 7.85 -15.49
C2C CLA WC . 6.10 7.33 -14.51
C3C CLA WC . 6.69 6.19 -14.02
C4C CLA WC . 7.98 6.07 -14.68
CMC CLA WC . 4.74 7.91 -14.18
CAC CLA WC . 6.14 5.25 -12.97
CBC CLA WC . 6.67 5.68 -11.63
ND CLA WC . 10.66 6.05 -15.84
C1D CLA WC . 10.22 5.07 -15.01
C2D CLA WC . 11.22 4.01 -14.85
C3D CLA WC . 12.27 4.44 -15.66
C4D CLA WC . 11.92 5.66 -16.24
CMD CLA WC . 11.25 2.74 -14.05
CAD CLA WC . 13.59 4.07 -16.10
OBD CLA WC . 14.19 3.05 -15.81
CBD CLA WC . 14.05 5.11 -17.08
CGD CLA WC . 15.38 5.67 -16.66
O1D CLA WC . 15.46 6.70 -16.02
O2D CLA WC . 16.50 5.03 -16.99
CED CLA WC . 17.58 5.07 -16.07
C1 CLA WC . 14.73 7.86 -23.52
C2 CLA WC . 14.40 7.44 -24.94
C3 CLA WC . 15.27 7.41 -25.97
C4 CLA WC . 14.76 6.96 -27.31
C5 CLA WC . 16.75 7.74 -25.92
C6 CLA WC . 17.17 8.79 -26.97
C7 CLA WC . 18.67 8.80 -27.25
C8 CLA WC . 19.42 10.02 -26.71
C9 CLA WC . 19.16 10.23 -25.22
C10 CLA WC . 19.03 11.27 -27.52
C11 CLA WC . 20.13 12.05 -28.26
C12 CLA WC . 21.41 11.32 -28.70
C13 CLA WC . 22.00 11.92 -29.98
C14 CLA WC . 21.63 11.03 -31.17
C15 CLA WC . 23.51 12.13 -29.87
C16 CLA WC . 24.11 12.78 -31.12
C17 CLA WC . 25.60 13.09 -31.00
C18 CLA WC . 25.88 14.58 -30.80
C19 CLA WC . 27.11 14.85 -29.93
C20 CLA WC . 26.06 15.28 -32.14
HHB CLA WC . 11.17 11.14 -19.30
HHC CLA WC . 6.41 9.74 -15.57
HHD CLA WC . 9.16 5.23 -13.30
H2A CLA WC . 14.75 8.38 -17.96
H3A CLA WC . 13.10 9.35 -20.16
HMA1 CLA WC . 14.81 10.77 -19.57
HMA2 CLA WC . 14.41 10.74 -17.89
HMA3 CLA WC . 13.37 11.55 -19.00
HAA1 CLA WC . 15.04 6.52 -19.39
HAA2 CLA WC . 15.01 7.95 -20.42
HBA1 CLA WC . 12.50 7.34 -20.83
HBA2 CLA WC . 12.91 5.79 -20.10
HMB1 CLA WC . 9.85 13.00 -19.02
HMB2 CLA WC . 8.21 13.45 -18.72
HMB3 CLA WC . 8.61 12.51 -20.12
HBB1 CLA WC . 6.12 12.20 -19.76
HBB2 CLA WC . 4.56 12.56 -18.80
HMC1 CLA WC . 4.87 8.92 -13.86
HMC2 CLA WC . 4.31 7.36 -13.39
HMC3 CLA WC . 4.12 7.88 -15.02
HAC1 CLA WC . 6.46 4.23 -13.18
HAC2 CLA WC . 5.05 5.29 -12.96
HBC1 CLA WC . 6.98 4.84 -11.08
HBC2 CLA WC . 5.91 6.20 -11.10
HBC3 CLA WC . 7.50 6.33 -11.77
HMD1 CLA WC . 10.66 2.00 -14.54
HMD2 CLA WC . 10.89 2.90 -13.08
HMD3 CLA WC . 12.25 2.39 -14.00
HBD CLA WC . 14.15 4.67 -18.08
HED1 CLA WC . 18.29 4.33 -16.31
HED2 CLA WC . 17.23 4.92 -15.08
HED3 CLA WC . 18.05 6.03 -16.14
H11 CLA WC . 15.59 8.52 -23.54
H12 CLA WC . 13.90 8.48 -23.19
H2 CLA WC . 13.38 7.16 -25.14
H41 CLA WC . 15.47 6.33 -27.77
H42 CLA WC . 14.57 7.80 -27.92
H43 CLA WC . 13.85 6.42 -27.18
H51 CLA WC . 17.33 6.83 -26.10
H52 CLA WC . 17.04 8.11 -24.93
H61 CLA WC . 16.84 9.78 -26.65
H62 CLA WC . 16.66 8.58 -27.91
H71 CLA WC . 18.83 8.76 -28.33
H72 CLA WC . 19.12 7.90 -26.83
H8 CLA WC . 20.50 9.84 -26.82
H91 CLA WC . 19.83 10.96 -24.84
H92 CLA WC . 19.31 9.32 -24.70
H93 CLA WC . 18.16 10.56 -25.07
H101 CLA WC . 18.56 11.97 -26.83
H102 CLA WC . 18.28 10.98 -28.24
H111 CLA WC . 20.42 12.90 -27.66
H112 CLA WC . 19.66 12.46 -29.17
H121 CLA WC . 21.19 10.26 -28.86
H122 CLA WC . 22.15 11.39 -27.90
H13 CLA WC . 21.53 12.91 -30.14
H141 CLA WC . 21.77 11.57 -32.07
H142 CLA WC . 20.61 10.74 -31.09
H143 CLA WC . 22.24 10.18 -31.17
H151 CLA WC . 24.00 11.16 -29.69
H152 CLA WC . 23.71 12.76 -29.01
H161 CLA WC . 23.57 13.70 -31.33
H162 CLA WC . 23.96 12.12 -31.98
H171 CLA WC . 26.10 12.77 -31.91
H172 CLA WC . 26.04 12.52 -30.18
H18 CLA WC . 25.02 15.03 -30.29
H191 CLA WC . 27.35 15.87 -29.97
H192 CLA WC . 27.92 14.29 -30.29
H193 CLA WC . 26.90 14.57 -28.93
H201 CLA WC . 25.83 16.31 -32.04
H202 CLA WC . 25.41 14.84 -32.85
H203 CLA WC . 27.06 15.17 -32.46
HHC2 CLA WC . 6.08 8.75 -16.95
HHD2 CLA WC . 8.50 4.13 -14.48
MG CLA XC . 22.80 6.04 -18.50
CHA CLA XC . 19.67 7.26 -19.24
CHB CLA XC . 24.08 9.26 -18.38
CHC CLA XC . 25.75 4.75 -17.73
CHD CLA XC . 21.45 2.76 -18.48
NA CLA XC . 21.98 8.07 -18.76
C1A CLA XC . 20.70 8.35 -19.06
C2A CLA XC . 20.49 9.83 -19.20
C3A CLA XC . 21.89 10.42 -18.96
C4A CLA XC . 22.71 9.20 -18.67
CMA CLA XC . 22.40 11.36 -20.00
CAA CLA XC . 19.50 10.35 -18.16
CBA CLA XC . 19.10 11.77 -18.50
CGA CLA XC . 17.97 12.23 -17.62
O1A CLA XC . 16.91 11.63 -17.61
O2A CLA XC . 18.18 13.31 -16.88
NB CLA XC . 24.61 6.88 -18.10
C1B CLA XC . 24.97 8.20 -18.11
C2B CLA XC . 26.37 8.33 -17.79
C3B CLA XC . 26.82 7.04 -17.61
C4B CLA XC . 25.69 6.15 -17.81
CMB CLA XC . 27.18 9.59 -17.68
CAB CLA XC . 28.18 6.59 -17.27
CBB CLA XC . 29.39 7.43 -17.60
NC CLA XC . 23.44 4.09 -18.09
C1C CLA XC . 24.72 3.79 -17.89
C2C CLA XC . 24.97 2.33 -17.87
C3C CLA XC . 23.73 1.77 -18.06
C4C CLA XC . 22.80 2.88 -18.20
CMC CLA XC . 26.31 1.69 -17.67
CAC CLA XC . 23.38 0.30 -18.13
CBC CLA XC . 23.79 -0.32 -19.43
ND CLA XC . 21.06 5.14 -18.73
C1D CLA XC . 20.62 3.87 -18.76
C2D CLA XC . 19.20 3.79 -19.13
C3D CLA XC . 18.85 5.12 -19.29
C4D CLA XC . 19.97 5.92 -19.07
CMD CLA XC . 18.24 2.64 -19.28
CAD CLA XC . 17.73 5.96 -19.65
OBD CLA XC . 16.82 5.56 -20.36
CBD CLA XC . 18.23 7.37 -19.66
CGD CLA XC . 18.14 7.93 -21.05
O1D CLA XC . 18.02 7.19 -22.01
O2D CLA XC . 18.23 9.24 -21.26
CED CLA XC . 17.06 10.01 -21.01
C1 CLA XC . 17.31 13.65 -15.76
C2 CLA XC . 17.84 14.69 -14.80
C3 CLA XC . 17.23 14.94 -13.63
C4 CLA XC . 15.99 14.24 -13.19
C5 CLA XC . 17.80 15.98 -12.68
C6 CLA XC . 17.44 17.38 -13.20
C7 CLA XC . 18.52 18.39 -12.79
C8 CLA XC . 18.39 19.73 -13.50
C9 CLA XC . 16.99 20.33 -13.36
C10 CLA XC . 18.80 19.64 -14.98
C11 CLA XC . 19.57 20.88 -15.39
C12 CLA XC . 20.13 20.75 -16.80
C13 CLA XC . 20.40 22.12 -17.43
C14 CLA XC . 19.15 22.62 -18.15
C15 CLA XC . 21.61 22.03 -18.34
C16 CLA XC . 21.68 23.15 -19.37
C17 CLA XC . 23.04 23.19 -20.06
C18 CLA XC . 23.13 24.34 -21.05
C19 CLA XC . 24.29 25.26 -20.71
C20 CLA XC . 23.26 23.83 -22.48
HHB CLA XC . 24.45 10.25 -18.13
HHC CLA XC . 26.52 4.46 -18.44
HHD CLA XC . 21.35 2.06 -19.32
H2A CLA XC . 20.15 10.08 -20.21
H3A CLA XC . 21.84 10.99 -18.02
HMA1 CLA XC . 21.81 12.24 -20.01
HMA2 CLA XC . 22.34 10.90 -20.95
HMA3 CLA XC . 23.42 11.61 -19.80
HAA1 CLA XC . 19.96 10.33 -17.16
HAA2 CLA XC . 18.62 9.72 -18.13
HBA1 CLA XC . 18.79 11.82 -19.54
HBA2 CLA XC . 19.96 12.44 -18.37
HMB1 CLA XC . 26.54 10.39 -17.39
HMB2 CLA XC . 27.63 9.81 -18.61
HMB3 CLA XC . 27.92 9.48 -16.94
HBB1 CLA XC . 30.04 7.74 -16.79
HBB2 CLA XC . 29.76 7.45 -18.61
HMC1 CLA XC . 27.00 2.13 -18.34
HMC2 CLA XC . 26.24 0.66 -17.88
HMC3 CLA XC . 26.64 1.85 -16.67
HAC1 CLA XC . 22.30 0.19 -18.00
HAC2 CLA XC . 23.86 -0.23 -17.31
HBC1 CLA XC . 23.56 -1.36 -19.41
HBC2 CLA XC . 24.84 -0.20 -19.56
HBC3 CLA XC . 23.27 0.13 -20.23
HMD1 CLA XC . 18.68 1.90 -19.89
HMD2 CLA XC . 17.35 2.99 -19.74
HMD3 CLA XC . 18.01 2.24 -18.32
HBD CLA XC . 17.64 7.99 -18.96
HED1 CLA XC . 17.22 11.01 -21.31
HED2 CLA XC . 16.85 9.99 -19.97
HED3 CLA XC . 16.24 9.60 -21.54
H11 CLA XC . 17.09 12.74 -15.21
H12 CLA XC . 16.36 14.01 -16.16
H2 CLA XC . 18.73 15.23 -15.05
H41 CLA XC . 15.60 14.69 -12.32
H42 CLA XC . 16.20 13.21 -13.00
H43 CLA XC . 15.26 14.30 -13.97
H51 CLA XC . 18.88 15.86 -12.63
H52 CLA XC . 17.40 15.83 -11.69
H61 CLA XC . 16.49 17.67 -12.77
H62 CLA XC . 17.35 17.36 -14.28
H71 CLA XC . 19.50 17.96 -13.01
H72 CLA XC . 18.47 18.55 -11.71
H8 CLA XC . 19.10 20.41 -13.02
H91 CLA XC . 16.98 21.29 -13.82
H92 CLA XC . 16.76 20.43 -12.33
H93 CLA XC . 16.28 19.70 -13.84
H101 CLA XC . 17.90 19.55 -15.60
H102 CLA XC . 19.41 18.74 -15.14
H111 CLA XC . 20.40 21.04 -14.70
H112 CLA XC . 18.92 21.76 -15.34
H121 CLA XC . 19.43 20.20 -17.42
H122 CLA XC . 21.07 20.19 -16.76
H13 CLA XC . 20.63 22.83 -16.61
H141 CLA XC . 19.20 23.67 -18.25
H142 CLA XC . 18.30 22.37 -17.57
H143 CLA XC . 19.09 22.17 -19.09
H151 CLA XC . 21.61 21.07 -18.86
H152 CLA XC . 22.52 22.06 -17.73
H161 CLA XC . 21.49 24.10 -18.89
H162 CLA XC . 20.90 23.00 -20.13
H171 CLA XC . 23.22 22.25 -20.57
H172 CLA XC . 23.82 23.30 -19.31
H18 CLA XC . 22.20 24.92 -20.99
H191 CLA XC . 24.33 26.07 -21.41
H192 CLA XC . 25.21 24.71 -20.76
H193 CLA XC . 24.16 25.65 -19.74
H201 CLA XC . 23.28 24.64 -23.16
H202 CLA XC . 22.44 23.19 -22.71
H203 CLA XC . 24.17 23.27 -22.58
HHC2 CLA XC . 26.17 4.54 -16.75
HHD2 CLA XC . 21.00 2.24 -17.62
MG CLA YC . 13.86 -0.46 1.33
CHA CLA YC . 16.28 0.29 3.67
CHB CLA YC . 15.84 -2.96 0.00
CHC CLA YC . 11.38 -1.21 -0.77
CHD CLA YC . 11.88 2.17 2.64
NA CLA YC . 15.86 -1.27 1.77
C1A CLA YC . 16.69 -0.81 2.70
C2A CLA YC . 18.00 -1.54 2.66
C3A CLA YC . 17.85 -2.46 1.45
C4A CLA YC . 16.44 -2.25 1.04
CMA CLA YC . 18.87 -2.19 0.35
CAA CLA YC . 18.18 -2.45 3.89
CBA CLA YC . 17.09 -3.51 4.11
CGA CLA YC . 15.73 -2.94 4.46
O1A CLA YC . 14.75 -3.39 3.92
O2A CLA YC . 15.67 -1.96 5.35
NB CLA YC . 13.64 -1.86 -0.13
C1B CLA YC . 14.55 -2.81 -0.52
C2B CLA YC . 13.99 -3.61 -1.57
C3B CLA YC . 12.74 -3.10 -1.79
C4B CLA YC . 12.54 -1.99 -0.86
CMB CLA YC . 14.69 -4.76 -2.26
CAB CLA YC . 11.71 -3.55 -2.74
CBB CLA YC . 11.37 -5.01 -2.93
NC CLA YC . 11.91 0.28 1.07
C1C CLA YC . 11.11 -0.09 0.08
C2C CLA YC . 9.91 0.79 -0.04
C3C CLA YC . 10.06 1.70 0.96
C4C CLA YC . 11.30 1.38 1.64
CMC CLA YC . 8.79 0.68 -1.05
CAC CLA YC . 9.12 2.85 1.28
CBC CLA YC . 8.12 2.43 2.32
ND CLA YC . 13.95 0.92 2.75
C1D CLA YC . 13.14 1.90 3.21
C2D CLA YC . 13.73 2.62 4.33
C3D CLA YC . 14.96 1.98 4.49
C4D CLA YC . 15.08 0.98 3.54
CMD CLA YC . 13.29 3.76 5.19
CAD CLA YC . 16.16 2.00 5.31
OBD CLA YC . 16.39 2.76 6.23
CBD CLA YC . 17.01 0.83 4.88
CGD CLA YC . 18.40 1.29 4.59
O1D CLA YC . 18.60 2.31 3.96
O2D CLA YC . 19.44 0.57 5.01
CED CLA YC . 20.38 1.26 5.85
C1 CLA YC . 15.22 -2.26 6.70
C2 CLA YC . 14.08 -3.23 6.89
C3 CLA YC . 12.84 -2.88 6.51
C4 CLA YC . 12.59 -1.56 5.87
C5 CLA YC . 11.61 -3.77 6.65
C6 CLA YC . 11.72 -4.82 7.75
C7 CLA YC . 11.86 -4.24 9.16
C8 CLA YC . 10.57 -3.58 9.65
C9 CLA YC . 10.86 -2.15 10.09
C10 CLA YC . 9.95 -4.35 10.81
C11 CLA YC . 9.44 -5.75 10.45
C12 CLA YC . 9.22 -6.52 11.75
C13 CLA YC . 8.57 -7.88 11.54
C14 CLA YC . 7.04 -7.77 11.52
C15 CLA YC . 9.04 -8.86 12.62
C16 CLA YC . 8.73 -8.42 14.05
C17 CLA YC . 7.56 -9.21 14.64
C18 CLA YC . 6.94 -8.54 15.87
C19 CLA YC . 6.04 -9.52 16.59
C20 CLA YC . 8.00 -8.00 16.82
HHB CLA YC . 16.42 -3.78 -0.40
HHC CLA YC . 11.21 -0.84 -1.77
HHD CLA YC . 11.93 3.20 2.25
H2A CLA YC . 18.84 -0.86 2.54
H3A CLA YC . 18.02 -3.51 1.73
HMA1 CLA YC . 19.77 -2.72 0.54
HMA2 CLA YC . 19.08 -1.14 0.34
HMA3 CLA YC . 18.47 -2.46 -0.59
HAA1 CLA YC . 18.26 -1.82 4.78
HAA2 CLA YC . 19.13 -2.96 3.77
HBA1 CLA YC . 17.40 -4.14 4.93
HBA2 CLA YC . 16.97 -4.17 3.26
HMB1 CLA YC . 15.50 -4.40 -2.81
HMB2 CLA YC . 14.02 -5.26 -2.91
HMB3 CLA YC . 15.03 -5.45 -1.52
HBB1 CLA YC . 10.35 -5.32 -2.81
HBB2 CLA YC . 11.99 -5.60 -3.59
HMC1 CLA YC . 9.12 0.14 -1.90
HMC2 CLA YC . 8.50 1.66 -1.35
HMC3 CLA YC . 7.97 0.19 -0.62
HAC1 CLA YC . 8.61 3.17 0.37
HAC2 CLA YC . 9.71 3.69 1.65
HBC1 CLA YC . 7.52 3.26 2.58
HBC2 CLA YC . 8.62 2.07 3.18
HBC3 CLA YC . 7.51 1.66 1.92
HMD1 CLA YC . 12.86 3.39 6.08
HMD2 CLA YC . 12.58 4.35 4.66
HMD3 CLA YC . 14.12 4.37 5.44
HBD CLA YC . 17.03 0.07 5.68
HED1 CLA YC . 21.00 0.55 6.34
HED2 CLA YC . 19.86 1.84 6.56
HED3 CLA YC . 20.98 1.89 5.24
H11 CLA YC . 14.96 -1.32 7.18
H12 CLA YC . 16.08 -2.66 7.24
H2 CLA YC . 14.27 -4.19 7.35
H41 CLA YC . 11.57 -1.47 5.62
H42 CLA YC . 13.17 -1.48 4.98
H43 CLA YC . 12.85 -0.78 6.54
H51 CLA YC . 11.44 -4.27 5.70
H52 CLA YC . 10.75 -3.14 6.85
H61 CLA YC . 12.56 -5.49 7.55
H62 CLA YC . 10.82 -5.44 7.73
H71 CLA YC . 12.66 -3.50 9.17
H72 CLA YC . 12.14 -5.03 9.85
H8 CLA YC . 9.85 -3.55 8.82
H91 CLA YC . 9.98 -1.72 10.49
H92 CLA YC . 11.19 -1.58 9.25
H93 CLA YC . 11.62 -2.15 10.83
H101 CLA YC . 9.11 -3.77 11.20
H102 CLA YC . 10.68 -4.43 11.61
H111 CLA YC . 10.18 -6.27 9.83
H112 CLA YC . 8.50 -5.67 9.89
H121 CLA YC . 8.60 -5.93 12.41
H122 CLA YC . 10.17 -6.67 12.23
H13 CLA YC . 8.88 -8.28 10.57
H141 CLA YC . 6.62 -8.73 11.43
H142 CLA YC . 6.74 -7.17 10.70
H143 CLA YC . 6.72 -7.32 12.42
H151 CLA YC . 10.11 -9.00 12.52
H152 CLA YC . 8.56 -9.84 12.44
H161 CLA YC . 8.49 -7.35 14.09
H162 CLA YC . 9.61 -8.59 14.67
H171 CLA YC . 7.90 -10.22 14.91
H172 CLA YC . 6.78 -9.33 13.87
H18 CLA YC . 6.33 -7.70 15.52
H191 CLA YC . 5.28 -8.99 17.10
H192 CLA YC . 6.61 -10.07 17.30
H193 CLA YC . 5.60 -10.19 15.91
H201 CLA YC . 7.53 -7.71 17.73
H202 CLA YC . 8.47 -7.15 16.39
H203 CLA YC . 8.72 -8.74 17.01
HHC2 CLA YC . 10.57 -1.91 -0.57
HHD2 CLA YC . 11.16 2.21 3.46
MG CLA ZC . 19.43 6.47 -1.19
CHA CLA ZC . 22.68 5.35 -1.18
CHB CLA ZC . 18.73 4.56 1.61
CHC CLA ZC . 16.36 7.73 -1.19
CHD CLA ZC . 20.20 8.50 -4.02
NA CLA ZC . 20.57 5.10 0.10
C1A CLA ZC . 21.85 4.75 -0.08
C2A CLA ZC . 22.29 3.74 0.94
C3A CLA ZC . 21.03 3.48 1.76
C4A CLA ZC . 20.04 4.43 1.15
CMA CLA ZC . 20.60 2.03 1.89
CAA CLA ZC . 23.38 4.30 1.86
CBA CLA ZC . 23.09 5.74 2.30
CGA CLA ZC . 23.84 6.04 3.58
O1A CLA ZC . 23.31 5.75 4.64
O2A CLA ZC . 25.06 6.57 3.56
NB CLA ZC . 17.82 6.19 0.02
C1B CLA ZC . 17.69 5.37 1.10
C2B CLA ZC . 16.36 5.47 1.64
C3B CLA ZC . 15.71 6.36 0.85
C4B CLA ZC . 16.65 6.82 -0.19
CMB CLA ZC . 15.82 4.73 2.84
CAB CLA ZC . 14.31 6.83 0.94
CBB CLA ZC . 13.42 6.32 2.05
NC CLA ZC . 18.46 7.91 -2.38
C1C CLA ZC . 17.17 8.23 -2.24
C2C CLA ZC . 16.70 9.14 -3.31
C3C CLA ZC . 17.80 9.35 -4.09
C4C CLA ZC . 18.89 8.58 -3.50
CMC CLA ZC . 15.31 9.70 -3.47
CAC CLA ZC . 17.86 10.22 -5.33
CBC CLA ZC . 18.54 11.52 -5.03
ND CLA ZC . 20.97 6.91 -2.34
C1D CLA ZC . 21.19 7.66 -3.45
C2D CLA ZC . 22.55 7.48 -3.96
C3D CLA ZC . 23.12 6.58 -3.06
C4D CLA ZC . 22.17 6.24 -2.11
CMD CLA ZC . 23.31 8.05 -5.13
CAD CLA ZC . 24.35 5.86 -2.79
OBD CLA ZC . 25.15 5.52 -3.64
CBD CLA ZC . 24.14 5.15 -1.48
CGD CLA ZC . 24.47 3.68 -1.55
O1D CLA ZC . 23.87 2.93 -2.31
O2D CLA ZC . 25.42 3.21 -0.74
CED CLA ZC . 25.65 1.80 -0.77
C1 CLA ZC . 25.37 7.81 2.84
C2 CLA ZC . 25.61 7.74 1.35
C3 CLA ZC . 26.01 8.79 0.63
C4 CLA ZC . 26.26 10.14 1.25
C5 CLA ZC . 26.26 8.70 -0.86
C6 CLA ZC . 25.17 9.45 -1.62
C7 CLA ZC . 25.80 10.48 -2.57
C8 CLA ZC . 24.74 11.35 -3.26
C9 CLA ZC . 24.94 11.38 -4.77
C10 CLA ZC . 24.79 12.74 -2.64
C11 CLA ZC . 23.96 13.80 -3.37
C12 CLA ZC . 22.46 13.51 -3.38
C13 CLA ZC . 21.67 14.71 -3.93
C14 CLA ZC . 21.44 15.77 -2.85
C15 CLA ZC . 20.36 14.20 -4.53
C16 CLA ZC . 19.44 15.29 -5.07
C17 CLA ZC . 20.07 16.10 -6.21
C18 CLA ZC . 19.13 17.20 -6.67
C19 CLA ZC . 19.12 18.36 -5.68
C20 CLA ZC . 19.50 17.72 -8.06
HHB CLA ZC . 18.59 4.25 2.63
HHC CLA ZC . 15.50 7.30 -1.71
HHD CLA ZC . 20.11 8.23 -5.07
H2A CLA ZC . 22.64 2.82 0.45
H3A CLA ZC . 21.22 3.83 2.78
HMA1 CLA ZC . 20.92 1.63 2.82
HMA2 CLA ZC . 21.03 1.46 1.10
HMA3 CLA ZC . 19.54 1.96 1.82
HAA1 CLA ZC . 24.34 4.27 1.34
HAA2 CLA ZC . 23.46 3.67 2.75
HBA1 CLA ZC . 22.03 5.87 2.48
HBA2 CLA ZC . 23.38 6.44 1.51
HMB1 CLA ZC . 16.56 4.08 3.23
HMB2 CLA ZC . 14.98 4.17 2.54
HMB3 CLA ZC . 15.55 5.43 3.58
HBB1 CLA ZC . 12.67 5.57 1.82
HBB2 CLA ZC . 13.40 6.81 3.00
HMC1 CLA ZC . 14.73 9.47 -2.62
HMC2 CLA ZC . 14.86 9.29 -4.33
HMC3 CLA ZC . 15.37 10.76 -3.56
HAC1 CLA ZC . 16.86 10.40 -5.70
HAC2 CLA ZC . 18.42 9.68 -6.11
HBC1 CLA ZC . 18.46 12.16 -5.88
HBC2 CLA ZC . 19.56 11.36 -4.82
HBC3 CLA ZC . 18.08 11.98 -4.20
HMD1 CLA ZC . 22.73 8.81 -5.60
HMD2 CLA ZC . 23.52 7.28 -5.82
HMD3 CLA ZC . 24.22 8.47 -4.77
HBD CLA ZC . 24.75 5.62 -0.71
HED1 CLA ZC . 26.49 1.58 -0.15
HED2 CLA ZC . 25.85 1.47 -1.75
HED3 CLA ZC . 24.80 1.30 -0.39
H11 CLA ZC . 26.27 8.24 3.30
H12 CLA ZC . 24.57 8.52 3.02
H2 CLA ZC . 25.46 6.80 0.85
H41 CLA ZC . 26.50 10.84 0.49
H42 CLA ZC . 27.07 10.08 1.94
H43 CLA ZC . 25.39 10.46 1.76
H51 CLA ZC . 26.24 7.65 -1.15
H52 CLA ZC . 27.23 9.10 -1.10
H61 CLA ZC . 24.52 9.96 -0.91
H62 CLA ZC . 24.57 8.75 -2.20
H71 CLA ZC . 26.39 9.96 -3.31
H72 CLA ZC . 26.47 11.12 -1.99
H8 CLA ZC . 23.75 10.91 -3.05
H91 CLA ZC . 24.03 11.62 -5.24
H92 CLA ZC . 25.27 10.43 -5.11
H93 CLA ZC . 25.67 12.11 -5.01
H101 CLA ZC . 25.83 13.09 -2.63
H102 CLA ZC . 24.45 12.69 -1.61
H111 CLA ZC . 24.31 13.92 -4.39
H112 CLA ZC . 24.12 14.77 -2.87
H121 CLA ZC . 22.11 13.28 -2.38
H122 CLA ZC . 22.26 12.64 -4.02
H13 CLA ZC . 22.27 15.17 -4.74
H141 CLA ZC . 21.01 16.63 -3.29
H142 CLA ZC . 22.36 16.03 -2.40
H143 CLA ZC . 20.77 15.38 -2.12
H151 CLA ZC . 19.82 13.64 -3.75
H152 CLA ZC . 20.59 13.51 -5.33
H161 CLA ZC . 19.13 15.96 -4.26
H162 CLA ZC . 18.53 14.81 -5.45
H171 CLA ZC . 20.30 15.43 -7.04
H172 CLA ZC . 21.01 16.54 -5.87
H18 CLA ZC . 18.12 16.79 -6.73
H191 CLA ZC . 18.71 19.21 -6.14
H192 CLA ZC . 20.11 18.57 -5.38
H193 CLA ZC . 18.54 18.09 -4.84
H201 CLA ZC . 18.63 18.02 -8.57
H202 CLA ZC . 19.99 16.97 -8.61
H203 CLA ZC . 20.15 18.55 -7.94
HHC2 CLA ZC . 15.97 8.62 -0.69
HHD2 CLA ZC . 20.59 9.51 -3.99
MG CLA AD . 2.07 13.56 -0.54
CHA CLA AD . -1.11 14.53 0.37
CHB CLA AD . 3.44 16.13 1.36
CHC CLA AD . 5.09 12.44 -1.34
CHD CLA AD . 0.65 10.92 -2.44
NA CLA AD . 1.27 15.16 0.75
C1A CLA AD . -0.02 15.39 0.96
C2A CLA AD . -0.23 16.57 1.87
C3A CLA AD . 1.19 17.06 2.13
C4A CLA AD . 2.03 16.07 1.38
CMA CLA AD . 1.46 18.52 1.85
CAA CLA AD . -0.87 16.11 3.19
CBA CLA AD . -0.25 14.83 3.78
CGA CLA AD . -1.05 14.36 4.97
O1A CLA AD . -1.39 15.17 5.81
O2A CLA AD . -1.34 13.07 5.08
NB CLA AD . 3.95 14.18 -0.06
C1B CLA AD . 4.33 15.26 0.69
C2B CLA AD . 5.77 15.36 0.69
C3B CLA AD . 6.21 14.31 -0.08
C4B CLA AD . 5.05 13.58 -0.54
CMB CLA AD . 6.61 16.39 1.38
CAB CLA AD . 7.60 13.93 -0.43
CBB CLA AD . 8.80 14.82 -0.17
NC CLA AD . 2.76 11.97 -1.72
C1C CLA AD . 4.03 11.65 -1.85
C2C CLA AD . 4.23 10.37 -2.54
C3C CLA AD . 2.96 9.94 -2.84
C4C CLA AD . 2.05 10.95 -2.33
CMC CLA AD . 5.55 9.69 -2.82
CAC CLA AD . 2.57 8.67 -3.54
CBC CLA AD . 2.39 7.62 -2.47
ND CLA AD . 0.29 12.80 -0.95
C1D CLA AD . -0.19 11.82 -1.75
C2D CLA AD . -1.65 11.85 -1.83
C3D CLA AD . -1.99 12.91 -0.99
C4D CLA AD . -0.83 13.46 -0.48
CMD CLA AD . -2.66 11.02 -2.56
CAD CLA AD . -3.14 13.63 -0.46
OBD CLA AD . -4.30 13.30 -0.59
CBD CLA AD . -2.61 14.60 0.54
CGD CLA AD . -3.14 15.99 0.29
O1D CLA AD . -2.62 16.72 -0.54
O2D CLA AD . -4.20 16.42 0.96
CED CLA AD . -5.39 16.64 0.21
C1 CLA AD . -1.08 12.32 6.30
C2 CLA AD . -0.17 11.10 6.26
C3 CLA AD . -0.51 9.92 6.83
C4 CLA AD . -1.80 9.68 7.55
C5 CLA AD . 0.43 8.72 6.78
C6 CLA AD . -0.12 7.60 5.89
C7 CLA AD . 0.77 6.35 6.00
C8 CLA AD . 0.96 5.62 4.67
C9 CLA AD . 0.01 4.44 4.53
C10 CLA AD . 2.43 5.18 4.49
C11 CLA AD . 2.85 3.96 5.33
C12 CLA AD . 4.35 3.74 5.16
C13 CLA AD . 4.97 2.66 6.07
C14 CLA AD . 6.37 2.34 5.53
C15 CLA AD . 4.09 1.41 6.19
C16 CLA AD . 4.74 0.22 6.90
C17 CLA AD . 4.73 0.33 8.42
C18 CLA AD . 3.41 -0.14 9.01
C19 CLA AD . 3.41 -1.64 9.32
C20 CLA AD . 3.06 0.65 10.28
HHB CLA AD . 3.88 16.79 2.08
HHC CLA AD . 5.66 12.74 -2.23
HHD CLA AD . 0.41 11.02 -3.51
H2A CLA AD . -0.83 17.34 1.38
H3A CLA AD . 1.40 16.92 3.19
HMA1 CLA AD . 0.78 19.12 2.39
HMA2 CLA AD . 1.33 18.70 0.81
HMA3 CLA AD . 2.45 18.76 2.12
HAA1 CLA AD . -1.94 15.95 3.03
HAA2 CLA AD . -0.77 16.91 3.92
HBA1 CLA AD . 0.78 15.02 4.09
HBA2 CLA AD . -0.24 14.02 3.04
HMB1 CLA AD . 5.99 17.10 1.85
HMB2 CLA AD . 7.22 16.88 0.67
HMB3 CLA AD . 7.22 15.92 2.12
HBB1 CLA AD . 9.60 14.81 -0.89
HBB2 CLA AD . 9.02 15.09 0.84
HMC1 CLA AD . 6.11 9.67 -1.92
HMC2 CLA AD . 6.07 10.22 -3.57
HMC3 CLA AD . 5.36 8.69 -3.13
HAC1 CLA AD . 3.35 8.36 -4.24
HAC2 CLA AD . 1.63 8.81 -4.08
HBC1 CLA AD . 1.86 6.78 -2.85
HBC2 CLA AD . 1.84 8.03 -1.66
HBC3 CLA AD . 3.33 7.30 -2.12
HMD1 CLA AD . -2.17 10.38 -3.26
HMD2 CLA AD . -3.32 11.66 -3.09
HMD3 CLA AD . -3.22 10.43 -1.88
HBD CLA AD . -2.89 14.28 1.56
HED1 CLA AD . -6.19 16.86 0.86
HED2 CLA AD . -5.62 15.77 -0.34
HED3 CLA AD . -5.24 17.45 -0.46
H11 CLA AD . -2.04 12.03 6.71
H12 CLA AD . -0.64 13.01 7.02
H2 CLA AD . 0.78 11.18 5.77
H41 CLA AD . -1.78 8.72 8.01
H42 CLA AD . -2.60 9.73 6.86
H43 CLA AD . -1.92 10.43 8.30
H51 CLA AD . 0.56 8.33 7.79
H52 CLA AD . 1.41 9.03 6.41
H61 CLA AD . -0.16 7.95 4.85
H62 CLA AD . -1.13 7.35 6.20
H71 CLA AD . 0.31 5.66 6.71
H72 CLA AD . 1.74 6.63 6.41
H8 CLA AD . 0.74 6.32 3.85
H91 CLA AD . 0.27 3.86 3.68
H92 CLA AD . -0.98 4.80 4.42
H93 CLA AD . 0.06 3.83 5.39
H101 CLA AD . 3.08 6.01 4.73
H102 CLA AD . 2.59 4.95 3.44
H111 CLA AD . 2.31 3.08 4.98
H112 CLA AD . 2.61 4.13 6.38
H121 CLA AD . 4.86 4.68 5.35
H122 CLA AD . 4.55 3.47 4.12
H13 CLA AD . 5.09 3.09 7.08
H141 CLA AD . 6.97 1.95 6.30
H142 CLA AD . 6.81 3.23 5.15
H143 CLA AD . 6.28 1.63 4.74
H151 CLA AD . 3.80 1.11 5.18
H152 CLA AD . 3.18 1.69 6.72
H161 CLA AD . 5.76 0.08 6.56
H162 CLA AD . 4.19 -0.68 6.62
H171 CLA AD . 4.91 1.37 8.71
H172 CLA AD . 5.54 -0.27 8.83
H18 CLA AD . 2.63 0.05 8.26
H191 CLA AD . 2.45 -1.91 9.68
H192 CLA AD . 4.13 -1.84 10.07
H193 CLA AD . 3.63 -2.18 8.44
H201 CLA AD . 2.14 0.30 10.67
H202 CLA AD . 2.96 1.68 10.04
H203 CLA AD . 3.82 0.53 11.00
HHC2 CLA AD . 5.74 11.74 -0.83
HHD2 CLA AD . 0.34 9.92 -2.15
MG CLA BD . 0.91 19.24 -27.17
CHA CLA BD . 0.26 22.42 -28.33
CHB CLA BD . -1.15 17.89 -29.61
CHC CLA BD . 1.64 16.23 -25.98
CHD CLA BD . 3.01 20.63 -24.67
NA CLA BD . -0.32 20.05 -28.82
C1A CLA BD . -0.46 21.34 -29.12
C2A CLA BD . -1.40 21.53 -30.28
C3A CLA BD . -1.87 20.10 -30.61
C4A CLA BD . -1.07 19.28 -29.63
CMA CLA BD . -3.37 19.86 -30.64
CAA CLA BD . -0.66 22.20 -31.46
CBA CLA BD . 0.20 21.26 -32.31
CGA CLA BD . 1.41 21.94 -32.89
O1A CLA BD . 1.27 22.96 -33.55
O2A CLA BD . 2.58 21.38 -32.68
NB CLA BD . 0.33 17.38 -27.71
C1B CLA BD . -0.51 16.99 -28.72
C2B CLA BD . -0.60 15.56 -28.76
C3B CLA BD . 0.18 15.11 -27.72
C4B CLA BD . 0.77 16.27 -27.08
CMB CLA BD . -1.42 14.74 -29.71
CAB CLA BD . 0.45 13.72 -27.30
CBB CLA BD . 0.51 12.60 -28.31
NC CLA BD . 2.19 18.55 -25.65
C1C CLA BD . 2.32 17.27 -25.33
C2C CLA BD . 3.27 17.06 -24.20
C3C CLA BD . 3.69 18.32 -23.88
C4C CLA BD . 3.01 19.24 -24.79
CMC CLA BD . 3.67 15.75 -23.58
CAC CLA BD . 4.69 18.70 -22.81
CBC CLA BD . 4.12 18.56 -21.41
ND CLA BD . 1.57 21.01 -26.59
C1D CLA BD . 2.34 21.48 -25.58
C2D CLA BD . 2.38 22.94 -25.56
C3D CLA BD . 1.57 23.29 -26.63
C4D CLA BD . 1.09 22.13 -27.24
CMD CLA BD . 3.06 23.94 -24.67
CAD CLA BD . 1.05 24.44 -27.34
OBD CLA BD . 0.98 25.56 -26.87
CBD CLA BD . 0.21 23.93 -28.48
CGD CLA BD . -1.18 24.47 -28.29
O1D CLA BD . -1.46 25.58 -28.71
O2D CLA BD . -2.12 23.78 -27.66
CED CLA BD . -3.44 24.32 -27.72
C1 CLA BD . 3.17 20.43 -33.62
C2 CLA BD . 4.62 20.64 -34.01
C3 CLA BD . 5.32 19.80 -34.80
C4 CLA BD . 6.74 20.17 -35.10
C5 CLA BD . 4.80 18.51 -35.40
C6 CLA BD . 5.77 17.34 -35.21
C7 CLA BD . 5.06 16.10 -34.67
C8 CLA BD . 5.89 14.80 -34.64
C9 CLA BD . 6.82 14.77 -33.43
C10 CLA BD . 6.67 14.58 -35.94
C11 CLA BD . 7.36 13.21 -36.07
C12 CLA BD . 6.46 11.99 -35.88
C13 CLA BD . 7.08 10.77 -36.58
C14 CLA BD . 6.53 10.64 -38.00
C15 CLA BD . 6.86 9.47 -35.80
C16 CLA BD . 7.87 8.39 -36.18
C17 CLA BD . 9.21 8.58 -35.47
C18 CLA BD . 10.41 8.21 -36.33
C19 CLA BD . 10.65 9.22 -37.45
C20 CLA BD . 11.64 8.07 -35.46
HHB CLA BD . -1.63 17.43 -30.46
HHC CLA BD . 1.02 15.79 -25.19
HHD CLA BD . 2.63 20.87 -23.68
H2A CLA BD . -2.25 22.15 -29.98
H3A CLA BD . -1.55 19.80 -31.61
HMA1 CLA BD . -3.74 20.01 -31.61
HMA2 CLA BD . -3.84 20.54 -29.97
HMA3 CLA BD . -3.58 18.87 -30.32
HAA1 CLA BD . -0.01 23.00 -31.07
HAA2 CLA BD . -1.40 22.68 -32.10
HBA1 CLA BD . -0.41 20.87 -33.13
HBA2 CLA BD . 0.53 20.41 -31.71
HMB1 CLA BD . -0.83 13.97 -30.12
HMB2 CLA BD . -1.82 15.34 -30.48
HMB3 CLA BD . -2.22 14.30 -29.16
HBB1 CLA BD . 1.17 12.72 -29.15
HBB2 CLA BD . 0.30 11.60 -27.97
HMC1 CLA BD . 3.79 15.02 -24.34
HMC2 CLA BD . 2.93 15.43 -22.90
HMC3 CLA BD . 4.59 15.87 -23.06
HAC1 CLA BD . 5.00 19.74 -22.96
HAC2 CLA BD . 5.58 18.07 -22.91
HBC1 CLA BD . 3.57 19.42 -21.17
HBC2 CLA BD . 4.92 18.45 -20.73
HBC3 CLA BD . 3.50 17.70 -21.37
HMD1 CLA BD . 3.30 23.49 -23.75
HMD2 CLA BD . 2.41 24.75 -24.50
HMD3 CLA BD . 3.94 24.29 -25.14
HBD CLA BD . 0.63 24.25 -29.44
HED1 CLA BD . -4.12 23.67 -27.26
HED2 CLA BD . -3.72 24.45 -28.74
HED3 CLA BD . -3.45 25.26 -27.24
H11 CLA BD . 2.57 20.45 -34.54
H12 CLA BD . 3.06 19.43 -33.20
H2 CLA BD . 5.10 21.53 -33.66
H41 CLA BD . 7.08 19.64 -35.95
H42 CLA BD . 7.35 19.95 -34.26
H43 CLA BD . 6.80 21.22 -35.29
H51 CLA BD . 4.65 18.68 -36.48
H52 CLA BD . 3.83 18.26 -34.98
H61 CLA BD . 6.58 17.62 -34.54
H62 CLA BD . 6.22 17.11 -36.19
H71 CLA BD . 4.15 15.92 -35.25
H72 CLA BD . 4.74 16.32 -33.64
H8 CLA BD . 5.18 13.97 -34.54
H91 CLA BD . 7.19 13.78 -33.30
H92 CLA BD . 6.28 15.05 -32.56
H93 CLA BD . 7.63 15.43 -33.59
H101 CLA BD . 7.45 15.34 -36.00
H102 CLA BD . 6.00 14.73 -36.79
H111 CLA BD . 8.18 13.16 -35.35
H112 CLA BD . 7.80 13.15 -37.07
H121 CLA BD . 5.48 12.19 -36.30
H122 CLA BD . 6.35 11.78 -34.82
H13 CLA BD . 8.17 10.94 -36.66
H141 CLA BD . 7.01 9.85 -38.51
H142 CLA BD . 6.71 11.54 -38.53
H143 CLA BD . 5.49 10.45 -37.96
H151 CLA BD . 5.84 9.10 -35.99
H152 CLA BD . 6.95 9.67 -34.73
H161 CLA BD . 8.03 8.39 -37.26
H162 CLA BD . 7.46 7.42 -35.91
H171 CLA BD . 9.21 7.94 -34.58
H172 CLA BD . 9.30 9.61 -35.14
H18 CLA BD . 10.21 7.23 -36.80
H191 CLA BD . 11.58 9.01 -37.92
H192 CLA BD . 10.69 10.20 -37.02
H193 CLA BD . 9.87 9.17 -38.15
H201 CLA BD . 12.52 8.03 -36.07
H202 CLA BD . 11.58 7.18 -34.89
H203 CLA BD . 11.71 8.90 -34.82
HHC2 CLA BD . 2.38 15.48 -26.22
HHD2 CLA BD . 4.05 20.94 -24.67
MG CLA CD . 0.07 -3.57 -35.92
CHA CLA CD . -2.31 -1.52 -34.51
CHB CLA CD . -1.81 -6.37 -35.11
CHC CLA CD . 2.40 -5.44 -37.37
CHD CLA CD . 1.99 -0.69 -36.73
NA CLA CD . -1.86 -3.93 -34.91
C1A CLA CD . -2.66 -2.98 -34.41
C2A CLA CD . -3.89 -3.56 -33.75
C3A CLA CD . -3.69 -5.08 -33.95
C4A CLA CD . -2.39 -5.16 -34.69
CMA CLA CD . -3.87 -5.98 -32.75
CAA CLA CD . -5.16 -3.00 -34.40
CBA CLA CD . -6.11 -2.30 -33.45
CGA CLA CD . -6.43 -3.16 -32.25
O1A CLA CD . -6.80 -4.31 -32.42
O2A CLA CD . -6.30 -2.64 -31.04
NB CLA CD . 0.26 -5.57 -36.19
C1B CLA CD . -0.59 -6.57 -35.80
C2B CLA CD . -0.06 -7.83 -36.22
C3B CLA CD . 1.13 -7.55 -36.84
C4B CLA CD . 1.31 -6.11 -36.82
CMB CLA CD . -0.67 -9.19 -35.99
CAB CLA CD . 2.08 -8.48 -37.47
CBB CLA CD . 1.68 -9.22 -38.72
NC CLA CD . 1.85 -3.13 -36.95
C1C CLA CD . 2.67 -4.05 -37.43
C2C CLA CD . 3.91 -3.48 -38.00
C3C CLA CD . 3.75 -2.13 -37.84
C4C CLA CD . 2.47 -1.92 -37.18
CMC CLA CD . 5.05 -4.23 -38.64
CAC CLA CD . 4.73 -1.05 -38.28
CBC CLA CD . 5.73 -0.80 -37.17
ND CLA CD . -0.04 -1.60 -35.72
C1D CLA CD . 0.74 -0.54 -36.07
C2D CLA CD . 0.12 0.73 -35.67
C3D CLA CD . -1.06 0.33 -35.05
C4D CLA CD . -1.14 -1.06 -35.10
CMD CLA CD . 0.53 2.17 -35.78
CAD CLA CD . -2.24 0.85 -34.41
OBD CLA CD . -2.62 2.01 -34.47
CBD CLA CD . -3.08 -0.33 -34.00
CGD CLA CD . -3.21 -0.41 -32.51
O1D CLA CD . -2.36 -0.96 -31.84
O2D CLA CD . -4.26 0.13 -31.89
CED CLA CD . -3.95 1.03 -30.83
C1 CLA CD . -7.31 -2.97 -30.05
C2 CLA CD . -8.67 -2.32 -30.11
C3 CLA CD . -9.82 -2.94 -29.74
C4 CLA CD . -11.12 -2.20 -29.85
C5 CLA CD . -9.88 -4.37 -29.23
C6 CLA CD . -10.91 -4.55 -28.13
C7 CLA CD . -12.22 -5.15 -28.64
C8 CLA CD . -12.39 -6.62 -28.24
C9 CLA CD . -12.49 -7.50 -29.47
C10 CLA CD . -13.63 -6.74 -27.36
C11 CLA CD . -13.81 -8.16 -26.81
C12 CLA CD . -14.79 -8.14 -25.64
C13 CLA CD . -14.96 -9.50 -24.96
C14 CLA CD . -15.02 -10.65 -25.95
C15 CLA CD . -16.20 -9.47 -24.06
C16 CLA CD . -17.49 -9.72 -24.84
C17 CLA CD . -18.70 -9.34 -23.99
C18 CLA CD . -20.02 -9.51 -24.74
C19 CLA CD . -20.08 -8.59 -25.96
C20 CLA CD . -20.24 -10.96 -25.15
HHB CLA CD . -2.37 -7.26 -34.88
HHC CLA CD . 3.27 -5.88 -36.89
HHD CLA CD . 2.75 -0.28 -36.06
H2A CLA CD . -3.87 -3.33 -32.68
H3A CLA CD . -4.46 -5.41 -34.66
HMA1 CLA CD . -4.77 -5.72 -32.24
HMA2 CLA CD . -3.05 -5.87 -32.09
HMA3 CLA CD . -3.93 -6.99 -33.07
HAA1 CLA CD . -5.70 -3.79 -34.94
HAA2 CLA CD . -4.85 -2.27 -35.13
HBA1 CLA CD . -7.04 -2.07 -33.97
HBA2 CLA CD . -5.68 -1.36 -33.12
HMB1 CLA CD . -1.32 -9.43 -36.78
HMB2 CLA CD . -1.19 -9.19 -35.06
HMB3 CLA CD . 0.09 -9.91 -35.96
HBB1 CLA CD . 1.26 -8.64 -39.53
HBB2 CLA CD . 2.20 -10.13 -38.97
HMC1 CLA CD . 5.39 -4.98 -37.98
HMC2 CLA CD . 5.84 -3.55 -38.84
HMC3 CLA CD . 4.73 -4.66 -39.55
HAC1 CLA CD . 4.18 -0.13 -38.49
HAC2 CLA CD . 5.25 -1.36 -39.18
HBC1 CLA CD . 6.46 -0.11 -37.51
HBC2 CLA CD . 6.20 -1.71 -36.90
HBC3 CLA CD . 5.24 -0.40 -36.33
HMD1 CLA CD . 0.55 2.45 -36.81
HMD2 CLA CD . 1.48 2.30 -35.34
HMD3 CLA CD . -0.18 2.77 -35.29
HBD CLA CD . -4.08 -0.27 -34.47
HED1 CLA CD . -4.84 1.52 -30.51
HED2 CLA CD . -3.24 1.74 -31.16
HED3 CLA CD . -3.54 0.48 -30.02
H11 CLA CD . -6.89 -2.74 -29.06
H12 CLA CD . -7.44 -4.06 -30.09
H2 CLA CD . -8.73 -1.30 -30.47
H41 CLA CD . -11.89 -2.88 -30.11
H42 CLA CD . -11.04 -1.45 -30.60
H43 CLA CD . -11.34 -1.74 -28.93
H51 CLA CD . -8.92 -4.66 -28.82
H52 CLA CD . -10.11 -5.03 -30.07
H61 CLA CD . -11.11 -3.59 -27.64
H62 CLA CD . -10.46 -5.19 -27.39
H71 CLA CD . -12.27 -5.07 -29.72
H72 CLA CD . -13.05 -4.58 -28.22
H8 CLA CD . -11.52 -6.95 -27.66
H91 CLA CD . -12.40 -8.52 -29.19
H92 CLA CD . -11.71 -7.25 -30.14
H93 CLA CD . -13.43 -7.34 -29.94
H101 CLA CD . -14.51 -6.48 -27.94
H102 CLA CD . -13.55 -6.04 -26.52
H111 CLA CD . -12.85 -8.56 -26.48
H112 CLA CD . -14.20 -8.80 -27.60
H121 CLA CD . -15.76 -7.78 -25.99
H122 CLA CD . -14.43 -7.43 -24.90
H13 CLA CD . -14.09 -9.65 -24.30
H141 CLA CD . -15.42 -11.50 -25.49
H142 CLA CD . -14.04 -10.87 -26.31
H143 CLA CD . -15.63 -10.37 -26.77
H151 CLA CD . -16.25 -8.49 -23.57
H152 CLA CD . -16.09 -10.23 -23.28
H161 CLA CD . -17.55 -10.77 -25.10
H162 CLA CD . -17.47 -9.14 -25.75
H171 CLA CD . -18.60 -8.30 -23.67
H172 CLA CD . -18.72 -9.95 -23.09
H18 CLA CD . -20.83 -9.22 -24.06
H191 CLA CD . -21.08 -8.55 -26.31
H192 CLA CD . -19.46 -8.97 -26.73
H193 CLA CD . -19.76 -7.62 -25.69
H201 CLA CD . -21.28 -11.13 -25.30
H202 CLA CD . -19.90 -11.60 -24.38
H203 CLA CD . -19.71 -11.16 -26.04
HHC2 CLA CD . 2.44 -5.78 -38.41
HHD2 CLA CD . 1.97 -0.02 -37.59
MG CLA DD . -0.11 -13.68 -33.44
CHA CLA DD . 0.42 -15.67 -36.19
CHB CLA DD . 1.91 -11.21 -34.80
CHC CLA DD . -0.82 -11.75 -30.82
CHD CLA DD . -2.19 -16.20 -32.07
NA CLA DD . 1.04 -13.44 -35.30
C1A CLA DD . 1.12 -14.35 -36.27
C2A CLA DD . 1.96 -13.84 -37.41
C3A CLA DD . 2.46 -12.48 -36.92
C4A CLA DD . 1.76 -12.34 -35.60
CMA CLA DD . 3.96 -12.27 -36.89
CAA CLA DD . 1.03 -13.61 -38.62
CBA CLA DD . -0.33 -13.03 -38.22
CGA CLA DD . -1.03 -12.36 -39.39
O1A CLA DD . -0.92 -12.83 -40.50
O2A CLA DD . -1.79 -11.29 -39.15
NB CLA DD . 0.44 -11.79 -32.91
C1B CLA DD . 1.31 -10.95 -33.55
C2B CLA DD . 1.51 -9.76 -32.79
C3B CLA DD . 0.74 -9.91 -31.68
C4B CLA DD . 0.07 -11.21 -31.76
CMB CLA DD . 2.38 -8.58 -33.15
CAB CLA DD . 0.60 -8.95 -30.57
CBB CLA DD . -0.68 -8.15 -30.48
NC CLA DD . -1.32 -13.93 -31.74
C1C CLA DD . -1.42 -13.03 -30.78
C2C CLA DD . -2.25 -13.51 -29.64
C3C CLA DD . -2.62 -14.77 -30.01
C4C CLA DD . -2.04 -15.04 -31.32
CMC CLA DD . -2.57 -12.74 -28.39
CAC CLA DD . -3.47 -15.74 -29.21
CBC CLA DD . -4.94 -15.45 -29.39
ND CLA DD . -0.76 -15.48 -33.89
C1D CLA DD . -1.59 -16.40 -33.34
C2D CLA DD . -1.74 -17.58 -34.19
C3D CLA DD . -0.96 -17.28 -35.30
C4D CLA DD . -0.38 -16.03 -35.11
CMD CLA DD . -2.53 -18.87 -34.08
CAD CLA DD . -0.52 -17.81 -36.58
OBD CLA DD . -0.89 -18.85 -37.09
CBD CLA DD . 0.49 -16.84 -37.15
CGD CLA DD . 1.85 -17.47 -37.14
O1D CLA DD . 2.08 -18.47 -37.78
O2D CLA DD . 2.84 -16.93 -36.42
CED CLA DD . 4.05 -16.64 -37.11
C1 CLA DD . -2.22 -10.35 -40.17
C2 CLA DD . -1.93 -8.86 -40.04
C3 CLA DD . -2.58 -7.93 -40.76
C4 CLA DD . -3.63 -8.31 -41.77
C5 CLA DD . -2.36 -6.42 -40.69
C6 CLA DD . -1.46 -5.98 -39.54
C7 CLA DD . -1.54 -4.45 -39.30
C8 CLA DD . -0.68 -3.56 -40.21
C9 CLA DD . 0.65 -4.20 -40.59
C10 CLA DD . -0.47 -2.22 -39.49
C11 CLA DD . 0.04 -1.10 -40.40
C12 CLA DD . -0.24 0.28 -39.80
C13 CLA DD . 0.46 1.42 -40.54
C14 CLA DD . 1.91 1.56 -40.12
C15 CLA DD . -0.32 2.71 -40.27
C16 CLA DD . 0.13 3.95 -41.03
C17 CLA DD . -0.14 3.85 -42.53
C18 CLA DD . -0.77 5.09 -43.17
C19 CLA DD . -0.25 6.41 -42.62
C20 CLA DD . -0.57 5.05 -44.68
HHB CLA DD . 2.53 -10.42 -35.21
HHC CLA DD . -0.32 -11.63 -29.86
HHD CLA DD . -1.85 -17.03 -31.43
H2A CLA DD . 2.78 -14.51 -37.66
H3A CLA DD . 2.04 -11.72 -37.58
HMA1 CLA DD . 4.38 -12.54 -37.82
HMA2 CLA DD . 4.38 -12.86 -36.13
HMA3 CLA DD . 4.16 -11.25 -36.69
HAA1 CLA DD . 0.88 -14.56 -39.14
HAA2 CLA DD . 1.52 -12.93 -39.32
HBA1 CLA DD . -0.22 -12.31 -37.42
HBA2 CLA DD . -0.97 -13.84 -37.85
HMB1 CLA DD . 3.39 -8.88 -33.14
HMB2 CLA DD . 2.24 -7.81 -32.44
HMB3 CLA DD . 2.12 -8.22 -34.11
HBB1 CLA DD . -0.62 -7.07 -30.45
HBB2 CLA DD . -1.55 -8.63 -30.08
HMC1 CLA DD . -3.13 -11.89 -28.66
HMC2 CLA DD . -1.68 -12.45 -27.91
HMC3 CLA DD . -3.16 -13.34 -27.75
HAC1 CLA DD . -3.21 -15.66 -28.15
HAC2 CLA DD . -3.26 -16.76 -29.53
HBC1 CLA DD . -5.50 -16.31 -29.13
HBC2 CLA DD . -5.13 -15.18 -30.39
HBC3 CLA DD . -5.22 -14.65 -28.74
HMD1 CLA DD . -2.07 -19.50 -33.37
HMD2 CLA DD . -2.54 -19.35 -35.02
HMD3 CLA DD . -3.52 -18.64 -33.79
HBD CLA DD . 0.21 -16.54 -38.17
HED1 CLA DD . 4.48 -15.75 -36.71
HED2 CLA DD . 3.85 -16.50 -38.14
HED3 CLA DD . 4.74 -17.42 -37.00
H11 CLA DD . -3.30 -10.46 -40.26
H12 CLA DD . -1.80 -10.68 -41.13
H2 CLA DD . -1.17 -8.55 -39.33
H41 CLA DD . -4.00 -7.44 -42.23
H42 CLA DD . -4.43 -8.80 -41.27
H43 CLA DD . -3.21 -8.96 -42.48
H51 CLA DD . -3.32 -5.94 -40.60
H52 CLA DD . -1.92 -6.08 -41.63
H61 CLA DD . -0.43 -6.30 -39.72
H62 CLA DD . -1.79 -6.48 -38.62
H71 CLA DD . -1.27 -4.25 -38.27
H72 CLA DD . -2.57 -4.15 -39.42
H8 CLA DD . -1.25 -3.36 -41.13
H91 CLA DD . 1.29 -3.45 -41.01
H92 CLA DD . 0.48 -4.95 -41.31
H93 CLA DD . 1.11 -4.61 -39.74
H101 CLA DD . 0.25 -2.38 -38.69
H102 CLA DD . -1.41 -1.92 -39.02
H111 CLA DD . -0.46 -1.17 -41.36
H112 CLA DD . 1.11 -1.22 -40.55
H121 CLA DD . 0.09 0.29 -38.75
H122 CLA DD . -1.32 0.45 -39.80
H13 CLA DD . 0.42 1.22 -41.61
H141 CLA DD . 2.42 2.23 -40.77
H142 CLA DD . 2.39 0.60 -40.16
H143 CLA DD . 1.97 1.93 -39.12
H151 CLA DD . -0.24 2.94 -39.20
H152 CLA DD . -1.37 2.54 -40.48
H161 CLA DD . 1.19 4.14 -40.86
H162 CLA DD . -0.42 4.81 -40.63
H171 CLA DD . -0.81 2.99 -42.70
H172 CLA DD . 0.79 3.62 -43.04
H18 CLA DD . -1.85 5.05 -42.98
H191 CLA DD . -0.20 7.12 -43.41
H192 CLA DD . 0.71 6.28 -42.20
H193 CLA DD . -0.91 6.77 -41.88
H201 CLA DD . -1.14 5.80 -45.14
H202 CLA DD . -0.87 4.10 -45.05
H203 CLA DD . 0.46 5.19 -44.90
HHC2 CLA DD . -1.65 -11.05 -30.78
HHD2 CLA DD . -3.26 -16.36 -32.20
MG CLA ED . 26.02 7.66 -25.70
CHA CLA ED . 29.23 8.11 -24.52
CHB CLA ED . 24.86 7.21 -22.47
CHC CLA ED . 22.95 7.37 -26.95
CHD CLA ED . 27.25 8.14 -28.99
NA CLA ED . 26.92 7.66 -23.70
C1A CLA ED . 28.22 7.85 -23.44
C2A CLA ED . 28.51 7.76 -21.97
C3A CLA ED . 27.15 7.38 -21.39
C4A CLA ED . 26.24 7.44 -22.57
CMA CLA ED . 27.13 6.05 -20.69
CAA CLA ED . 28.94 9.14 -21.45
CBA CLA ED . 27.93 10.28 -21.69
CGA CLA ED . 28.61 11.64 -21.72
O1A CLA ED . 29.21 11.94 -22.73
O2A CLA ED . 28.57 12.47 -20.68
NB CLA ED . 24.21 7.35 -24.85
C1B CLA ED . 23.92 7.17 -23.51
C2B CLA ED . 22.51 6.96 -23.34
C3B CLA ED . 21.98 6.99 -24.61
C4B CLA ED . 23.07 7.25 -25.55
CMB CLA ED . 21.81 6.72 -22.03
CAB CLA ED . 20.57 6.83 -24.97
CBB CLA ED . 19.81 5.56 -24.64
NC CLA ED . 25.22 7.81 -27.64
C1C CLA ED . 23.94 7.61 -27.93
C2C CLA ED . 23.69 7.67 -29.39
C3C CLA ED . 24.91 7.91 -29.94
C4C CLA ED . 25.87 8.00 -28.84
CMC CLA ED . 22.37 7.49 -30.09
CAC CLA ED . 25.25 8.07 -31.41
CBC CLA ED . 25.41 9.54 -31.75
ND CLA ED . 27.73 8.05 -26.62
C1D CLA ED . 28.15 8.19 -27.91
C2D CLA ED . 29.58 8.39 -27.99
C3D CLA ED . 29.99 8.34 -26.66
C4D CLA ED . 28.88 8.16 -25.86
CMD CLA ED . 30.55 8.57 -29.12
CAD CLA ED . 31.17 8.45 -25.82
OBD CLA ED . 32.25 8.89 -26.16
CBD CLA ED . 30.72 8.28 -24.40
CGD CLA ED . 31.32 7.05 -23.79
O1D CLA ED . 31.18 5.96 -24.33
O2D CLA ED . 32.02 7.12 -22.66
CED CLA ED . 33.42 7.34 -22.84
C1 CLA ED . 27.42 12.76 -19.83
C2 CLA ED . 26.22 13.56 -20.32
C3 CLA ED . 25.12 13.78 -19.57
C4 CLA ED . 24.98 13.23 -18.17
C5 CLA ED . 23.96 14.58 -20.11
C6 CLA ED . 23.29 15.54 -19.12
C7 CLA ED . 21.77 15.54 -19.29
C8 CLA ED . 21.11 16.68 -18.51
C9 CLA ED . 19.85 16.18 -17.82
C10 CLA ED . 20.89 17.91 -19.40
C11 CLA ED . 19.66 17.89 -20.32
C12 CLA ED . 19.15 19.30 -20.65
C13 CLA ED . 19.67 19.85 -21.98
C14 CLA ED . 21.14 20.24 -21.89
C15 CLA ED . 18.83 21.06 -22.40
C16 CLA ED . 18.93 21.38 -23.91
C17 CLA ED . 17.55 21.32 -24.55
C18 CLA ED . 17.49 21.50 -26.07
C19 CLA ED . 16.25 22.30 -26.44
C20 CLA ED . 18.71 22.16 -26.72
HHB CLA ED . 24.46 7.16 -21.47
HHC CLA ED . 22.45 6.46 -27.26
HHD CLA ED . 27.59 7.33 -29.65
H2A CLA ED . 29.25 6.99 -21.74
H3A CLA ED . 26.84 8.15 -20.66
HMA1 CLA ED . 27.82 6.04 -19.88
HMA2 CLA ED . 27.42 5.31 -21.39
HMA3 CLA ED . 26.16 5.83 -20.35
HAA1 CLA ED . 29.89 9.41 -21.91
HAA2 CLA ED . 29.11 9.06 -20.38
HBA1 CLA ED . 27.16 10.26 -20.92
HBA2 CLA ED . 27.42 10.14 -22.65
HMB1 CLA ED . 21.80 7.63 -21.48
HMB2 CLA ED . 22.31 5.98 -21.48
HMB3 CLA ED . 20.81 6.42 -22.21
HBB1 CLA ED . 19.93 5.12 -23.66
HBB2 CLA ED . 18.93 5.33 -25.20
HMC1 CLA ED . 21.61 7.99 -29.55
HMC2 CLA ED . 22.13 6.46 -30.16
HMC3 CLA ED . 22.43 7.89 -31.07
HAC1 CLA ED . 24.47 7.62 -32.02
HAC2 CLA ED . 26.19 7.55 -31.62
HBC1 CLA ED . 25.91 9.63 -32.67
HBC2 CLA ED . 25.96 10.02 -30.99
HBC3 CLA ED . 24.45 9.98 -31.83
HMD1 CLA ED . 30.03 8.95 -29.97
HMD2 CLA ED . 31.01 7.65 -29.36
HMD3 CLA ED . 31.30 9.27 -28.83
HBD CLA ED . 30.97 9.17 -23.80
HED1 CLA ED . 33.90 7.32 -21.89
HED2 CLA ED . 33.56 8.30 -23.27
HED3 CLA ED . 33.82 6.61 -23.47
H11 CLA ED . 27.80 13.30 -18.96
H12 CLA ED . 27.04 11.81 -19.45
H2 CLA ED . 26.26 13.98 -21.32
H41 CLA ED . 23.95 13.08 -17.96
H42 CLA ED . 25.39 13.90 -17.48
H43 CLA ED . 25.47 12.29 -18.09
H51 CLA ED . 23.20 13.89 -20.48
H52 CLA ED . 24.31 15.15 -20.97
H61 CLA ED . 23.66 16.55 -19.31
H62 CLA ED . 23.54 15.29 -18.09
H71 CLA ED . 21.38 14.58 -18.95
H72 CLA ED . 21.53 15.64 -20.35
H8 CLA ED . 21.81 16.97 -17.73
H91 CLA ED . 19.31 17.00 -17.42
H92 CLA ED . 20.12 15.53 -17.02
H93 CLA ED . 19.24 15.65 -18.50
H101 CLA ED . 21.78 18.02 -20.03
H102 CLA ED . 20.83 18.78 -18.76
H111 CLA ED . 18.85 17.34 -19.86
H112 CLA ED . 19.91 17.38 -21.25
H121 CLA ED . 19.44 19.99 -19.85
H122 CLA ED . 18.06 19.28 -20.68
H13 CLA ED . 19.56 19.07 -22.75
H141 CLA ED . 21.43 20.76 -22.77
H142 CLA ED . 21.73 19.37 -21.79
H143 CLA ED . 21.29 20.86 -21.05
H151 CLA ED . 19.16 21.94 -21.84
H152 CLA ED . 17.79 20.89 -22.16
H161 CLA ED . 19.61 20.67 -24.39
H162 CLA ED . 19.36 22.38 -24.04
H171 CLA ED . 16.93 22.08 -24.08
H172 CLA ED . 17.11 20.36 -24.30
H18 CLA ED . 17.38 20.50 -26.51
H191 CLA ED . 16.31 22.60 -27.46
H192 CLA ED . 16.17 23.16 -25.84
H193 CLA ED . 15.39 21.70 -26.31
H201 CLA ED . 18.63 22.04 -27.77
H202 CLA ED . 19.60 21.71 -26.39
H203 CLA ED . 18.72 23.19 -26.51
HHC2 CLA ED . 22.20 8.16 -27.09
HHD2 CLA ED . 27.41 9.06 -29.56
MG CLA FD . 34.11 13.13 -27.79
CHA CLA FD . 36.46 13.93 -25.38
CHB CLA FD . 31.81 12.36 -25.33
CHC CLA FD . 31.88 12.51 -30.19
CHD CLA FD . 36.50 13.88 -30.29
NA CLA FD . 34.11 13.14 -25.59
C1A CLA FD . 35.14 13.47 -24.80
C2A CLA FD . 34.79 13.33 -23.35
C3A CLA FD . 33.35 12.78 -23.37
C4A CLA FD . 33.05 12.76 -24.83
CMA CLA FD . 33.11 11.47 -22.63
CAA CLA FD . 34.82 14.70 -22.67
CBA CLA FD . 33.80 15.71 -23.24
CGA CLA FD . 34.44 16.96 -23.78
O1A CLA FD . 35.43 16.88 -24.48
O2A CLA FD . 33.88 18.12 -23.47
NB CLA FD . 32.16 12.54 -27.77
C1B CLA FD . 31.40 12.26 -26.67
C2B CLA FD . 30.10 11.84 -27.09
C3B CLA FD . 30.10 11.88 -28.45
C4B CLA FD . 31.43 12.33 -28.88
CMB CLA FD . 28.98 11.46 -26.16
CAB CLA FD . 28.94 11.53 -29.31
CBB CLA FD . 28.93 11.68 -30.81
NC CLA FD . 34.16 13.26 -29.88
C1C CLA FD . 33.15 12.90 -30.67
C2C CLA FD . 33.51 12.96 -32.11
C3C CLA FD . 34.81 13.40 -32.12
C4C CLA FD . 35.21 13.58 -30.73
CMC CLA FD . 32.64 12.64 -33.30
CAC CLA FD . 35.66 13.62 -33.34
CBC CLA FD . 35.52 15.06 -33.77
ND CLA FD . 35.98 13.73 -27.92
C1D CLA FD . 36.86 14.02 -28.93
C2D CLA FD . 38.15 14.46 -28.42
C3D CLA FD . 37.98 14.41 -27.04
C4D CLA FD . 36.69 13.98 -26.75
CMD CLA FD . 39.44 14.88 -29.06
CAD CLA FD . 38.68 14.67 -25.79
OBD CLA FD . 39.78 15.18 -25.68
CBD CLA FD . 37.73 14.36 -24.67
CGD CLA FD . 38.33 13.29 -23.81
O1D CLA FD . 39.39 13.49 -23.24
O2D CLA FD . 37.73 12.12 -23.63
CED CLA FD . 37.83 11.56 -22.32
C1 CLA FD . 33.37 19.01 -24.51
C2 CLA FD . 34.21 20.19 -24.95
C3 CLA FD . 33.76 21.12 -25.79
C4 CLA FD . 32.38 21.05 -26.39
C5 CLA FD . 34.60 22.30 -26.22
C6 CLA FD . 34.06 23.61 -25.64
C7 CLA FD . 33.88 24.70 -26.69
C8 CLA FD . 35.11 25.60 -26.79
C9 CLA FD . 34.82 26.89 -26.02
C10 CLA FD . 35.51 25.97 -28.23
C11 CLA FD . 35.78 24.81 -29.17
C12 CLA FD . 37.26 24.46 -29.33
C13 CLA FD . 37.40 23.02 -29.81
C14 CLA FD . 37.34 22.06 -28.62
C15 CLA FD . 38.69 22.84 -30.63
C16 CLA FD . 38.90 21.40 -31.13
C17 CLA FD . 37.72 20.84 -31.92
C18 CLA FD . 38.09 19.54 -32.64
C19 CLA FD . 36.89 18.61 -32.74
C20 CLA FD . 38.68 19.80 -34.02
HHB CLA FD . 31.02 12.27 -24.59
HHC CLA FD . 31.66 11.58 -30.70
HHD CLA FD . 37.16 13.11 -30.71
H2A CLA FD . 35.45 12.63 -22.84
H3A CLA FD . 32.68 13.51 -22.90
HMA1 CLA FD . 33.50 11.56 -21.65
HMA2 CLA FD . 33.61 10.69 -23.15
HMA3 CLA FD . 32.07 11.26 -22.59
HAA1 CLA FD . 35.82 15.12 -22.75
HAA2 CLA FD . 34.61 14.57 -21.61
HBA1 CLA FD . 33.10 15.98 -22.44
HBA2 CLA FD . 33.22 15.26 -24.04
HMB1 CLA FD . 29.34 10.79 -25.43
HMB2 CLA FD . 28.21 11.00 -26.71
HMB3 CLA FD . 28.62 12.34 -25.70
HBB1 CLA FD . 29.10 12.67 -31.22
HBB2 CLA FD . 28.31 11.01 -31.37
HMC1 CLA FD . 31.64 12.47 -32.96
HMC2 CLA FD . 33.01 11.77 -33.76
HMC3 CLA FD . 32.65 13.44 -33.98
HAC1 CLA FD . 35.33 12.97 -34.15
HAC2 CLA FD . 36.70 13.39 -33.11
HBC1 CLA FD . 36.08 15.23 -34.66
HBC2 CLA FD . 35.90 15.69 -33.00
HBC3 CLA FD . 34.51 15.29 -33.93
HMD1 CLA FD . 39.24 15.40 -29.97
HMD2 CLA FD . 40.04 14.03 -29.26
HMD3 CLA FD . 39.97 15.54 -28.41
HBD CLA FD . 37.55 15.27 -24.08
HED1 CLA FD . 37.09 10.80 -22.20
HED2 CLA FD . 37.68 12.32 -21.60
HED3 CLA FD . 38.78 11.13 -22.18
H11 CLA FD . 32.40 19.40 -24.18
H12 CLA FD . 33.16 18.40 -25.40
H2 CLA FD . 35.21 20.29 -24.55
H41 CLA FD . 32.26 21.85 -27.08
H42 CLA FD . 31.65 21.15 -25.62
H43 CLA FD . 32.25 20.13 -26.87
H51 CLA FD . 34.63 22.36 -27.30
H52 CLA FD . 35.63 22.16 -25.85
H61 CLA FD . 34.73 23.96 -24.85
H62 CLA FD . 33.08 23.41 -25.16
H71 CLA FD . 33.63 24.26 -27.65
H72 CLA FD . 33.03 25.32 -26.39
H8 CLA FD . 35.96 25.10 -26.31
H91 CLA FD . 35.67 27.53 -26.06
H92 CLA FD . 34.61 26.66 -25.00
H93 CLA FD . 33.99 27.39 -26.45
H101 CLA FD . 36.40 26.60 -28.18
H102 CLA FD . 34.72 26.59 -28.66
H111 CLA FD . 35.26 23.91 -28.83
H112 CLA FD . 35.39 25.06 -30.16
H121 CLA FD . 37.78 24.60 -28.37
H122 CLA FD . 37.73 25.14 -30.05
H13 CLA FD . 36.55 22.80 -30.46
H141 CLA FD . 36.64 21.30 -28.82
H142 CLA FD . 37.04 22.60 -27.76
H143 CLA FD . 38.30 21.64 -28.45
H151 CLA FD . 39.53 23.12 -30.01
H152 CLA FD . 38.66 23.51 -31.48
H161 CLA FD . 39.13 20.74 -30.29
H162 CLA FD . 39.78 21.40 -31.78
H171 CLA FD . 37.38 21.57 -32.65
H172 CLA FD . 36.89 20.64 -31.23
H18 CLA FD . 38.86 19.03 -32.03
H191 CLA FD . 37.12 17.80 -33.39
H192 CLA FD . 36.06 19.14 -33.14
H193 CLA FD . 36.65 18.22 -31.79
H201 CLA FD . 39.05 18.90 -34.42
H202 CLA FD . 39.47 20.50 -33.94
H203 CLA FD . 37.92 20.18 -34.65
HHC2 CLA FD . 31.19 13.24 -30.62
HHD2 CLA FD . 36.79 14.81 -30.79
MG CLA GD . 17.46 -0.71 -20.30
CHA CLA GD . 19.81 0.02 -22.69
CHB CLA GD . 15.45 1.90 -21.40
CHC CLA GD . 15.26 -1.55 -17.97
CHD CLA GD . 19.52 -3.40 -19.20
NA CLA GD . 17.59 0.81 -21.90
C1A CLA GD . 18.61 0.94 -22.75
C2A CLA GD . 18.41 2.09 -23.69
C3A CLA GD . 17.05 2.66 -23.25
C4A CLA GD . 16.66 1.76 -22.12
CMA CLA GD . 16.88 4.17 -23.16
CAA CLA GD . 18.29 1.66 -25.15
CBA CLA GD . 19.31 2.31 -26.08
CGA CLA GD . 18.62 2.87 -27.30
O1A CLA GD . 18.08 2.10 -28.08
O2A CLA GD . 18.62 4.17 -27.50
NB CLA GD . 15.66 0.05 -19.78
C1B CLA GD . 14.98 1.11 -20.32
C2B CLA GD . 13.73 1.29 -19.63
C3B CLA GD . 13.70 0.32 -18.66
C4B CLA GD . 14.93 -0.46 -18.77
CMB CLA GD . 12.68 2.35 -19.90
CAB CLA GD . 12.68 0.02 -17.65
CBB CLA GD . 11.68 1.07 -17.23
NC CLA GD . 17.36 -2.27 -18.90
C1C CLA GD . 16.39 -2.39 -18.01
C2C CLA GD . 16.59 -3.54 -17.09
C3C CLA GD . 17.78 -4.08 -17.49
C4C CLA GD . 18.26 -3.29 -18.61
CMC CLA GD . 15.68 -3.95 -15.96
CAC CLA GD . 18.49 -5.28 -16.89
CBC CLA GD . 19.58 -4.87 -15.93
ND CLA GD . 19.19 -1.56 -20.75
C1D CLA GD . 19.94 -2.59 -20.28
C2D CLA GD . 21.20 -2.73 -21.00
C3D CLA GD . 21.14 -1.71 -21.94
C4D CLA GD . 19.93 -1.03 -21.78
CMD CLA GD . 22.38 -3.67 -20.88
CAD CLA GD . 21.88 -1.09 -23.03
OBD CLA GD . 23.05 -1.29 -23.27
CBD CLA GD . 21.09 0.10 -23.48
CGD CLA GD . 21.76 1.37 -23.06
O1D CLA GD . 22.01 1.55 -21.88
O2D CLA GD . 22.07 2.31 -23.93
CED CLA GD . 22.56 3.52 -23.36
C1 CLA GD . 17.80 4.80 -28.53
C2 CLA GD . 18.28 4.91 -29.96
C3 CLA GD . 17.53 5.49 -30.91
C4 CLA GD . 16.17 6.05 -30.60
C5 CLA GD . 18.02 5.62 -32.35
C6 CLA GD . 17.09 4.97 -33.36
C7 CLA GD . 16.35 5.97 -34.25
C8 CLA GD . 16.13 5.42 -35.66
C9 CLA GD . 17.28 5.81 -36.57
C10 CLA GD . 14.81 5.91 -36.27
C11 CLA GD . 14.15 4.82 -37.11
C12 CLA GD . 12.65 5.07 -37.29
C13 CLA GD . 12.11 4.16 -38.40
C14 CLA GD . 11.87 5.00 -39.65
C15 CLA GD . 10.84 3.44 -37.94
C16 CLA GD . 10.53 2.25 -38.84
C17 CLA GD . 9.03 2.08 -39.09
C18 CLA GD . 8.75 1.19 -40.30
C19 CLA GD . 8.84 -0.28 -39.95
C20 CLA GD . 7.38 1.51 -40.90
HHB CLA GD . 14.75 2.61 -21.80
HHC CLA GD . 15.25 -1.15 -16.94
HHD CLA GD . 20.25 -3.25 -18.40
H2A CLA GD . 19.20 2.84 -23.55
HMA1 CLA GD . 16.89 4.58 -24.14
HMA2 CLA GD . 17.69 4.58 -22.61
HMA3 CLA GD . 15.97 4.40 -22.68
HAA1 CLA GD . 17.29 1.94 -25.50
HAA2 CLA GD . 18.36 0.58 -25.22
HBA1 CLA GD . 20.06 1.57 -26.36
HBA2 CLA GD . 19.83 3.12 -25.57
HMB1 CLA GD . 12.70 2.61 -20.93
HMB2 CLA GD . 12.87 3.20 -19.31
HMB3 CLA GD . 11.72 1.96 -19.67
HBB1 CLA GD . 12.00 2.08 -17.07
HBB2 CLA GD . 10.71 0.76 -16.85
HMC1 CLA GD . 14.68 -3.93 -16.29
HMC2 CLA GD . 15.80 -3.29 -15.14
HMC3 CLA GD . 15.91 -4.94 -15.66
HAC1 CLA GD . 18.93 -5.87 -17.71
HAC2 CLA GD . 17.76 -5.92 -16.38
HBC1 CLA GD . 19.70 -5.62 -15.20
HBC2 CLA GD . 19.32 -3.95 -15.47
HBC3 CLA GD . 20.49 -4.75 -16.47
HMD1 CLA GD . 22.43 -4.04 -19.90
HMD2 CLA GD . 23.27 -3.15 -21.11
HMD3 CLA GD . 22.25 -4.47 -21.56
HBD CLA GD . 20.90 0.08 -24.56
HED1 CLA GD . 22.77 4.21 -24.13
HED2 CLA GD . 23.44 3.33 -22.80
HED3 CLA GD . 21.82 3.92 -22.72
H11 CLA GD . 17.62 5.83 -28.19
H12 CLA GD . 16.83 4.31 -28.53
H2 CLA GD . 19.26 4.53 -30.21
H41 CLA GD . 15.64 6.23 -31.51
H42 CLA GD . 16.27 6.96 -30.06
H43 CLA GD . 15.62 5.36 -30.03
H51 CLA GD . 19.00 5.16 -32.41
H52 CLA GD . 18.14 6.68 -32.57
H61 CLA GD . 16.36 4.34 -32.85
H62 CLA GD . 17.69 4.31 -34.00
H71 CLA GD . 16.93 6.89 -34.32
H72 CLA GD . 15.39 6.22 -33.78
H8 CLA GD . 16.09 4.33 -35.59
H91 CLA GD . 17.07 5.45 -37.55
H92 CLA GD . 18.18 5.36 -36.22
H93 CLA GD . 17.38 6.86 -36.60
H101 CLA GD . 15.02 6.77 -36.91
H102 CLA GD . 14.13 6.24 -35.48
H111 CLA GD . 14.29 3.85 -36.63
H112 CLA GD . 14.63 4.79 -38.09
H121 CLA GD . 12.49 6.11 -37.56
H122 CLA GD . 12.13 4.87 -36.35
H13 CLA GD . 12.87 3.41 -38.63
H141 CLA GD . 11.64 4.36 -40.46
H142 CLA GD . 12.75 5.55 -39.88
H143 CLA GD . 11.07 5.67 -39.49
H151 CLA GD . 10.00 4.14 -37.96
H152 CLA GD . 10.97 3.09 -36.92
H161 CLA GD . 10.91 1.34 -38.37
H162 CLA GD . 11.04 2.36 -39.80
H171 CLA GD . 8.57 3.06 -39.26
H172 CLA GD . 8.56 1.64 -38.21
H18 CLA GD . 9.50 1.41 -41.07
H191 CLA GD . 8.82 -0.86 -40.83
H192 CLA GD . 8.01 -0.56 -39.34
H193 CLA GD . 9.74 -0.47 -39.42
H201 CLA GD . 7.23 0.94 -41.78
H202 CLA GD . 7.32 2.54 -41.14
H203 CLA GD . 6.62 1.28 -40.19
HHC2 CLA GD . 14.40 -2.21 -18.01
HHD2 CLA GD . 19.64 -4.44 -19.51
MG CLA HD . 10.67 0.81 -29.71
CHA CLA HD . 13.79 -0.03 -28.54
CHB CLA HD . 9.93 2.42 -26.73
CHC CLA HD . 7.69 1.61 -30.99
CHD CLA HD . 11.43 -0.89 -32.75
NA CLA HD . 11.74 1.18 -27.82
C1A CLA HD . 12.97 0.77 -27.54
C2A CLA HD . 13.40 1.15 -26.15
C3A CLA HD . 12.18 1.91 -25.61
C4A CLA HD . 11.20 1.85 -26.77
CMA CLA HD . 11.72 1.64 -24.18
CAA CLA HD . 14.67 2.00 -26.09
CBA CLA HD . 14.58 3.37 -26.76
CGA CLA HD . 14.43 3.28 -28.27
O1A CLA HD . 15.21 2.58 -28.91
O2A CLA HD . 13.47 3.97 -28.84
NB CLA HD . 9.08 1.84 -28.98
C1B CLA HD . 8.95 2.43 -27.75
C2B CLA HD . 7.66 3.06 -27.64
C3B CLA HD . 7.04 2.82 -28.83
C4B CLA HD . 7.95 2.05 -29.69
CMB CLA HD . 7.12 3.80 -26.45
CAB CLA HD . 5.67 3.28 -29.19
CBB CLA HD . 5.34 3.88 -30.53
NC CLA HD . 9.77 0.50 -31.59
C1C CLA HD . 8.52 0.87 -31.87
C2C CLA HD . 8.09 0.41 -33.22
C3C CLA HD . 9.17 -0.25 -33.71
C4C CLA HD . 10.21 -0.20 -32.69
CMC CLA HD . 6.76 0.62 -33.89
CAC CLA HD . 9.26 -0.93 -35.06
CBC CLA HD . 9.96 0.01 -36.03
ND CLA HD . 12.15 -0.23 -30.53
C1D CLA HD . 12.39 -0.84 -31.71
C2D CLA HD . 13.75 -1.40 -31.77
C3D CLA HD . 14.28 -1.09 -30.52
C4D CLA HD . 13.32 -0.38 -29.79
CMD CLA HD . 14.51 -2.17 -32.81
CAD CLA HD . 15.47 -1.22 -29.72
OBD CLA HD . 16.59 -1.38 -30.18
CBD CLA HD . 15.18 -0.60 -28.38
CGD CLA HD . 15.18 -1.61 -27.28
O1D CLA HD . 14.55 -2.66 -27.40
O2D CLA HD . 15.84 -1.39 -26.15
CED CLA HD . 16.63 -2.46 -25.64
C1 CLA HD . 12.79 3.44 -30.03
C2 CLA HD . 13.36 3.69 -31.40
C3 CLA HD . 12.60 3.73 -32.51
C4 CLA HD . 13.21 3.99 -33.84
C5 CLA HD . 11.09 3.57 -32.54
C6 CLA HD . 10.48 4.97 -32.58
C7 CLA HD . 8.95 4.96 -32.54
C8 CLA HD . 8.26 4.42 -33.80
C9 CLA HD . 9.01 4.69 -35.10
C10 CLA HD . 6.87 5.03 -33.86
C11 CLA HD . 5.97 4.28 -34.83
C12 CLA HD . 4.50 4.60 -34.58
C13 CLA HD . 3.62 4.17 -35.77
C14 CLA HD . 3.96 2.76 -36.23
C15 CLA HD . 3.72 5.17 -36.91
C16 CLA HD . 2.44 5.21 -37.76
C17 CLA HD . 1.26 5.77 -36.96
C18 CLA HD . 0.35 6.64 -37.82
C19 CLA HD . -1.06 6.64 -37.25
C20 CLA HD . 0.87 8.07 -37.93
HHB CLA HD . 9.62 2.82 -25.78
HHC CLA HD . 6.78 1.03 -30.91
HHD CLA HD . 11.18 -1.95 -32.89
H2A CLA HD . 13.54 0.23 -25.55
HMA1 CLA HD . 12.58 1.65 -23.55
HMA2 CLA HD . 11.26 0.69 -24.13
HMA3 CLA HD . 11.05 2.39 -23.88
HAA1 CLA HD . 15.48 1.43 -26.53
HAA2 CLA HD . 14.91 2.15 -25.04
HBA1 CLA HD . 15.50 3.92 -26.54
HBA2 CLA HD . 13.74 3.93 -26.35
HMB1 CLA HD . 7.85 4.49 -26.11
HMB2 CLA HD . 6.88 3.13 -25.68
HMB3 CLA HD . 6.26 4.34 -26.74
HBB1 CLA HD . 4.69 4.73 -30.56
HBB2 CLA HD . 5.36 3.23 -31.40
HMC1 CLA HD . 6.17 1.29 -33.32
HMC2 CLA HD . 6.25 -0.30 -33.99
HMC3 CLA HD . 6.92 1.03 -34.85
HAC1 CLA HD . 8.27 -1.18 -35.43
HAC2 CLA HD . 9.84 -1.86 -34.97
HBC1 CLA HD . 9.99 -0.45 -36.99
HBC2 CLA HD . 10.95 0.20 -35.69
HBC3 CLA HD . 9.41 0.91 -36.08
HMD1 CLA HD . 14.89 -1.50 -33.54
HMD2 CLA HD . 13.89 -2.89 -33.26
HMD3 CLA HD . 15.33 -2.66 -32.33
HBD CLA HD . 15.91 0.19 -28.17
HED1 CLA HD . 17.04 -2.19 -24.71
HED2 CLA HD . 17.41 -2.69 -26.32
HED3 CLA HD . 16.01 -3.31 -25.51
H11 CLA HD . 11.77 3.83 -30.00
H12 CLA HD . 12.73 2.37 -29.90
H2 CLA HD . 14.42 3.82 -31.50
H41 CLA HD . 12.83 3.29 -34.55
H42 CLA HD . 14.26 3.89 -33.78
H43 CLA HD . 12.97 4.97 -34.15
H51 CLA HD . 10.74 3.02 -31.67
H52 CLA HD . 10.80 3.01 -33.43
H61 CLA HD . 10.84 5.50 -33.46
H62 CLA HD . 10.84 5.51 -31.70
H71 CLA HD . 8.61 5.97 -32.37
H72 CLA HD . 8.63 4.36 -31.68
H8 CLA HD . 8.16 3.32 -33.68
H91 CLA HD . 8.48 4.24 -35.90
H92 CLA HD . 9.98 4.25 -35.07
H93 CLA HD . 9.09 5.72 -35.26
H101 CLA HD . 6.96 6.08 -34.17
H102 CLA HD . 6.43 5.01 -32.87
H111 CLA HD . 6.13 3.21 -34.72
H112 CLA HD . 6.23 4.55 -35.86
H121 CLA HD . 4.38 5.68 -34.42
H122 CLA HD . 4.17 4.09 -33.68
H13 CLA HD . 2.58 4.16 -35.40
H141 CLA HD . 3.21 2.42 -36.90
H142 CLA HD . 4.00 2.11 -35.40
H143 CLA HD . 4.90 2.77 -36.73
H151 CLA HD . 4.55 4.89 -37.55
H152 CLA HD . 3.91 6.17 -36.52
H161 CLA HD . 2.20 4.20 -38.10
H162 CLA HD . 2.60 5.82 -38.64
H171 CLA HD . 1.63 6.35 -36.13
H172 CLA HD . 0.68 4.93 -36.57
H18 CLA HD . 0.30 6.21 -38.84
H191 CLA HD . -1.56 5.75 -37.54
H192 CLA HD . -1.59 7.48 -37.59
H193 CLA HD . -1.00 6.67 -36.18
H201 CLA HD . 0.43 8.55 -38.76
H202 CLA HD . 1.93 8.05 -38.05
H203 CLA HD . 0.63 8.60 -37.05
HHC2 CLA HD . 7.42 2.50 -31.55
HHD2 CLA HD . 11.93 -0.57 -33.67
MG CLA ID . 6.19 8.79 -25.64
CHA CLA ID . 9.16 7.42 -24.55
CHB CLA ID . 5.64 10.19 -22.52
CHC CLA ID . 3.44 10.21 -26.85
CHD CLA ID . 6.76 7.34 -28.84
NA CLA ID . 7.28 8.82 -23.72
C1A CLA ID . 8.44 8.21 -23.48
C2A CLA ID . 8.87 8.39 -22.04
C3A CLA ID . 7.73 9.24 -21.44
C4A CLA ID . 6.83 9.44 -22.61
CMA CLA ID . 7.09 8.72 -20.16
CAA CLA ID . 10.24 9.09 -21.95
CBA CLA ID . 10.24 10.57 -22.33
CGA CLA ID . 11.54 11.00 -22.95
O1A CLA ID . 11.53 11.44 -24.09
O2A CLA ID . 12.66 10.89 -22.27
NB CLA ID . 4.79 10.00 -24.82
C1B CLA ID . 4.70 10.44 -23.53
C2B CLA ID . 3.51 11.24 -23.37
C3B CLA ID . 2.89 11.22 -24.59
C4B CLA ID . 3.72 10.45 -25.51
CMB CLA ID . 3.05 11.90 -22.09
CAB CLA ID . 1.63 11.88 -25.01
CBB CLA ID . 0.94 12.86 -24.10
NC CLA ID . 5.28 8.80 -27.54
C1C CLA ID . 4.14 9.42 -27.81
C2C CLA ID . 3.67 9.18 -29.20
C3C CLA ID . 4.64 8.38 -29.75
C4C CLA ID . 5.63 8.14 -28.70
CMC CLA ID . 2.44 9.75 -29.86
CAC CLA ID . 4.65 7.84 -31.16
CBC CLA ID . 5.07 8.91 -32.14
ND CLA ID . 7.54 7.66 -26.55
C1D CLA ID . 7.72 7.15 -27.81
C2D CLA ID . 8.96 6.39 -27.91
C3D CLA ID . 9.52 6.51 -26.64
C4D CLA ID . 8.66 7.27 -25.85
CMD CLA ID . 9.64 5.66 -29.03
CAD CLA ID . 10.66 6.12 -25.84
OBD CLA ID . 11.61 5.46 -26.23
CBD CLA ID . 10.43 6.61 -24.45
CGD CLA ID . 10.18 5.47 -23.50
O1D CLA ID . 9.56 4.49 -23.87
O2D CLA ID . 10.61 5.54 -22.25
CED CLA ID . 10.19 4.49 -21.39
C1 CLA ID . 13.59 12.02 -22.13
C2 CLA ID . 13.74 13.02 -23.26
C3 CLA ID . 14.59 12.79 -24.28
C4 CLA ID . 15.39 11.53 -24.35
C5 CLA ID . 14.82 13.72 -25.47
C6 CLA ID . 14.22 15.12 -25.30
C7 CLA ID . 14.39 15.92 -26.59
C8 CLA ID . 15.37 17.10 -26.56
C9 CLA ID . 15.68 17.48 -28.01
C10 CLA ID . 16.63 16.82 -25.72
C11 CLA ID . 17.93 17.42 -26.27
C12 CLA ID . 18.90 17.75 -25.14
C13 CLA ID . 20.35 17.77 -25.62
C14 CLA ID . 21.33 17.69 -24.45
C15 CLA ID . 20.64 19.01 -26.47
C16 CLA ID . 21.57 18.65 -27.63
C17 CLA ID . 20.81 17.96 -28.76
C18 CLA ID . 21.29 16.53 -28.97
C19 CLA ID . 20.24 15.70 -29.71
C20 CLA ID . 22.61 16.50 -29.72
HHB CLA ID . 5.49 10.68 -21.58
HHC CLA ID . 2.42 9.82 -26.87
HHD CLA ID . 6.40 6.33 -29.09
H2A CLA ID . 8.92 7.42 -21.54
H3A CLA ID . 8.12 10.23 -21.17
HMA1 CLA ID . 7.84 8.44 -19.47
HMA2 CLA ID . 6.49 7.88 -20.40
HMA3 CLA ID . 6.49 9.48 -19.74
HAA1 CLA ID . 10.96 8.57 -22.57
HAA2 CLA ID . 10.60 8.99 -20.92
HBA1 CLA ID . 10.07 11.17 -21.43
HBA2 CLA ID . 9.41 10.77 -23.02
HMB1 CLA ID . 3.27 12.93 -22.13
HMB2 CLA ID . 3.54 11.46 -21.26
HMB3 CLA ID . 2.01 11.76 -21.99
HBB1 CLA ID . 1.05 13.91 -24.31
HBB2 CLA ID . 0.06 12.54 -23.58
HMC1 CLA ID . 1.56 9.35 -29.44
HMC2 CLA ID . 2.45 9.49 -30.89
HMC3 CLA ID . 2.44 10.80 -29.77
HAC1 CLA ID . 3.66 7.47 -31.41
HAC2 CLA ID . 5.34 7.00 -31.21
HBC1 CLA ID . 4.65 8.69 -33.09
HBC2 CLA ID . 6.13 8.92 -32.23
HBC3 CLA ID . 4.73 9.85 -31.80
HMD1 CLA ID . 9.25 4.69 -29.12
HMD2 CLA ID . 10.68 5.59 -28.83
HMD3 CLA ID . 9.50 6.18 -29.94
HBD CLA ID . 11.28 7.22 -24.11
HED1 CLA ID . 10.69 4.57 -20.45
HED2 CLA ID . 10.41 3.55 -21.81
HED3 CLA ID . 9.14 4.57 -21.23
H11 CLA ID . 14.58 11.62 -21.89
H12 CLA ID . 13.27 12.58 -21.25
H2 CLA ID . 13.18 13.93 -23.22
H41 CLA ID . 15.89 11.48 -25.28
H42 CLA ID . 14.74 10.70 -24.26
H43 CLA ID . 16.10 11.51 -23.56
H51 CLA ID . 14.40 13.26 -26.35
H52 CLA ID . 15.90 13.81 -25.62
H61 CLA ID . 14.68 15.64 -24.47
H62 CLA ID . 13.15 15.03 -25.09
H71 CLA ID . 13.41 16.32 -26.87
H72 CLA ID . 14.69 15.24 -27.39
H8 CLA ID . 14.85 17.95 -26.10
H91 CLA ID . 15.92 18.51 -28.06
H92 CLA ID . 14.83 17.28 -28.61
H93 CLA ID . 16.50 16.90 -28.36
H101 CLA ID . 16.77 15.74 -25.62
H102 CLA ID . 16.47 17.21 -24.71
H111 CLA ID . 17.73 18.32 -26.82
H112 CLA ID . 18.40 16.70 -26.95
H121 CLA ID . 18.79 17.02 -24.34
H122 CLA ID . 18.64 18.73 -24.74
H13 CLA ID . 20.51 16.89 -26.25
H141 CLA ID . 22.25 17.32 -24.79
H142 CLA ID . 20.94 17.04 -23.71
H143 CLA ID . 21.46 18.65 -24.03
H151 CLA ID . 21.11 19.78 -25.86
H152 CLA ID . 19.71 19.41 -26.86
H161 CLA ID . 22.36 17.98 -27.27
H162 CLA ID . 22.04 19.56 -28.00
H171 CLA ID . 20.97 18.53 -29.68
H172 CLA ID . 19.74 17.98 -28.54
H18 CLA ID . 21.44 16.07 -27.99
H191 CLA ID . 20.28 14.70 -29.38
H192 CLA ID . 20.43 15.74 -30.75
H193 CLA ID . 19.27 16.10 -29.52
H201 CLA ID . 22.82 15.51 -30.02
H202 CLA ID . 23.39 16.85 -29.09
H203 CLA ID . 22.55 17.12 -30.58
HHC2 CLA ID . 3.37 11.20 -27.31
HHD2 CLA ID . 7.31 7.68 -29.71
MG CLA JD . -3.73 -1.63 8.78
CHA CLA JD . -3.61 1.69 7.88
CHB CLA JD . -0.37 -2.00 7.98
CHC CLA JD . -3.94 -4.80 9.77
CHD CLA JD . -7.15 -1.20 9.61
NA CLA JD . -2.13 -0.31 8.03
C1A CLA JD . -2.29 0.98 7.72
C2A CLA JD . -1.03 1.59 7.20
C3A CLA JD . -0.04 0.41 7.21
C4A CLA JD . -0.87 -0.71 7.77
CMA CLA JD . 0.73 0.16 5.92
CAA CLA JD . -0.52 2.75 8.08
CBA CLA JD . -0.27 2.50 9.57
CGA CLA JD . -1.47 2.17 10.43
O1A CLA JD . -2.55 2.71 10.24
O2A CLA JD . -1.30 1.32 11.44
NB CLA JD . -2.37 -3.15 8.86
C1B CLA JD . -1.05 -3.14 8.48
C2B CLA JD . -0.49 -4.44 8.68
C3B CLA JD . -1.49 -5.21 9.18
C4B CLA JD . -2.69 -4.38 9.30
CMB CLA JD . 0.92 -4.90 8.42
CAB CLA JD . -1.40 -6.65 9.54
CBB CLA JD . -2.25 -7.67 8.86
NC CLA JD . -5.28 -2.79 9.57
C1C CLA JD . -5.15 -4.07 9.92
C2C CLA JD . -6.40 -4.63 10.49
C3C CLA JD . -7.29 -3.58 10.45
C4C CLA JD . -6.59 -2.45 9.87
CMC CLA JD . -6.64 -6.02 11.01
CAC CLA JD . -8.72 -3.60 10.92
CBC CLA JD . -9.63 -4.11 9.83
ND CLA JD . -5.10 -0.21 8.80
C1D CLA JD . -6.41 -0.10 9.12
C2D CLA JD . -6.94 1.23 8.87
C3D CLA JD . -5.82 1.93 8.39
C4D CLA JD . -4.74 1.06 8.35
CMD CLA JD . -8.28 1.87 9.06
CAD CLA JD . -5.40 3.23 7.92
OBD CLA JD . -6.12 4.20 7.71
CBD CLA JD . -3.95 3.12 7.55
CGD CLA JD . -3.74 3.36 6.08
O1D CLA JD . -3.81 2.43 5.29
O2D CLA JD . -3.47 4.57 5.62
CED CLA JD . -4.04 4.88 4.34
C1 CLA JD . -2.01 0.05 11.59
C2 CLA JD . -3.44 0.02 12.09
C3 CLA JD . -4.03 -1.13 12.50
C4 CLA JD . -3.34 -2.46 12.47
C5 CLA JD . -5.46 -1.17 13.00
C6 CLA JD . -5.53 -1.66 14.44
C7 CLA JD . -6.17 -3.05 14.52
C8 CLA JD . -6.23 -3.66 15.93
C9 CLA JD . -7.35 -3.03 16.76
C10 CLA JD . -4.89 -3.54 16.65
C11 CLA JD . -4.66 -4.62 17.71
C12 CLA JD . -3.38 -4.33 18.48
C13 CLA JD . -2.91 -5.48 19.37
C14 CLA JD . -3.63 -5.45 20.71
C15 CLA JD . -1.39 -5.35 19.51
C16 CLA JD . -0.75 -6.30 20.54
C17 CLA JD . -0.32 -5.52 21.78
C18 CLA JD . 0.32 -6.36 22.89
C19 CLA JD . -0.64 -7.42 23.42
C20 CLA JD . 1.63 -7.02 22.45
HHB CLA JD . 0.67 -2.15 7.74
HHC CLA JD . -4.21 -5.64 9.12
HHD CLA JD . -7.96 -1.37 8.89
H2A CLA JD . -1.18 1.94 6.16
H3A CLA JD . 0.71 0.65 7.96
HMA1 CLA JD . 1.07 1.09 5.53
HMA2 CLA JD . 0.09 -0.30 5.21
HMA3 CLA JD . 1.56 -0.47 6.12
HAA1 CLA JD . -1.22 3.59 7.97
HAA2 CLA JD . 0.43 3.08 7.65
HBA1 CLA JD . 0.18 3.41 9.98
HBA2 CLA JD . 0.47 1.72 9.70
HMB1 CLA JD . 0.91 -5.71 7.71
HMB2 CLA JD . 1.34 -5.27 9.32
HMB3 CLA JD . 1.52 -4.11 8.05
HBB1 CLA JD . -1.77 -8.51 8.38
HBB2 CLA JD . -3.27 -7.80 9.19
HMC1 CLA JD . -5.85 -6.66 10.67
HMC2 CLA JD . -7.57 -6.38 10.66
HMC3 CLA JD . -6.64 -6.00 12.07
HAC1 CLA JD . -9.03 -2.59 11.22
HAC2 CLA JD . -8.81 -4.24 11.80
HBC1 CLA JD . -10.51 -3.52 9.81
HBC2 CLA JD . -9.88 -5.12 10.01
HBC3 CLA JD . -9.13 -4.03 8.89
HMD1 CLA JD . -9.03 1.25 8.64
HMD2 CLA JD . -8.30 2.81 8.55
HMD3 CLA JD . -8.47 2.03 10.09
HBD CLA JD . -3.35 3.83 8.15
HED1 CLA JD . -3.90 5.91 4.14
HED2 CLA JD . -5.06 4.65 4.35
HED3 CLA JD . -3.54 4.31 3.59
H11 CLA JD . -1.42 -0.57 12.27
H12 CLA JD . -1.98 -0.46 10.61
H2 CLA JD . -3.99 0.94 12.14
H41 CLA JD . -4.07 -3.22 12.30
H42 CLA JD . -2.86 -2.64 13.39
H43 CLA JD . -2.63 -2.50 11.68
H51 CLA JD . -6.05 -1.83 12.37
H52 CLA JD . -5.89 -0.16 12.93
H61 CLA JD . -6.13 -0.97 15.03
H62 CLA JD . -4.53 -1.68 14.87
H71 CLA JD . -5.63 -3.74 13.86
H72 CLA JD . -7.19 -2.99 14.14
H8 CLA JD . -6.46 -4.73 15.82
H91 CLA JD . -7.43 -3.54 17.68
H92 CLA JD . -8.27 -3.11 16.23
H93 CLA JD . -7.13 -2.01 16.93
H101 CLA JD . -4.83 -2.56 17.13
H102 CLA JD . -4.08 -3.60 15.91
H111 CLA JD . -4.60 -5.60 17.22
H112 CLA JD . -5.52 -4.64 18.40
H121 CLA JD . -3.53 -3.45 19.10
H122 CLA JD . -2.59 -4.09 17.76
H13 CLA JD . -3.13 -6.43 18.87
H141 CLA JD . -3.46 -6.36 21.24
H142 CLA JD . -4.68 -5.35 20.54
H143 CLA JD . -3.29 -4.64 21.29
H151 CLA JD . -1.15 -4.32 19.79
H152 CLA JD . -0.93 -5.53 18.55
H161 CLA JD . 0.13 -6.76 20.09
H162 CLA JD . -1.45 -7.09 20.81
H171 CLA JD . -1.19 -5.00 22.20
H172 CLA JD . 0.40 -4.74 21.49
H18 CLA JD . 0.56 -5.69 23.72
H191 CLA JD . -0.27 -7.79 24.34
H192 CLA JD . -0.72 -8.21 22.73
H193 CLA JD . -1.60 -6.98 23.58
H201 CLA JD . 2.11 -7.43 23.30
H202 CLA JD . 2.25 -6.30 22.01
H203 CLA JD . 1.42 -7.79 21.75
HHC2 CLA JD . -3.75 -5.25 10.74
HHD2 CLA JD . -7.63 -0.87 10.53
MG CLA KD . -12.45 2.42 -32.57
CHA CLA KD . -9.52 3.97 -31.56
CHB CLA KD . -12.04 3.63 -35.79
CHC CLA KD . -15.19 0.76 -33.45
CHD CLA KD . -12.85 1.17 -29.27
NA CLA KD . -10.94 3.66 -33.59
C1A CLA KD . -9.84 4.20 -33.03
C2A CLA KD . -9.06 5.06 -34.00
C3A CLA KD . -9.89 4.91 -35.30
C4A CLA KD . -11.02 4.02 -34.90
CMA CLA KD . -10.16 6.15 -36.14
CAA CLA KD . -7.58 4.70 -34.21
CBA CLA KD . -7.24 3.39 -34.90
CGA CLA KD . -6.98 2.28 -33.91
O1A CLA KD . -6.22 2.49 -32.98
O2A CLA KD . -7.55 1.10 -34.09
NB CLA KD . -13.45 2.22 -34.33
C1B CLA KD . -13.15 2.80 -35.53
C2B CLA KD . -14.17 2.44 -36.49
C3B CLA KD . -15.05 1.64 -35.82
C4B CLA KD . -14.58 1.51 -34.45
CMB CLA KD . -14.24 2.87 -37.94
CAB CLA KD . -16.28 1.00 -36.35
CBB CLA KD . -16.26 -0.03 -37.44
NC CLA KD . -13.78 1.17 -31.54
C1C CLA KD . -14.84 0.59 -32.09
C2C CLA KD . -15.61 -0.22 -31.14
C3C CLA KD . -14.94 -0.11 -29.96
C4C CLA KD . -13.80 0.78 -30.22
CMC CLA KD . -16.86 -1.03 -31.43
CAC CLA KD . -15.30 -0.75 -28.64
CBC CLA KD . -14.67 -2.13 -28.55
ND CLA KD . -11.51 2.47 -30.83
C1D CLA KD . -11.73 1.97 -29.59
C2D CLA KD . -10.71 2.40 -28.64
C3D CLA KD . -9.85 3.17 -29.42
C4D CLA KD . -10.34 3.21 -30.73
CMD CLA KD . -10.47 2.14 -27.18
CAD CLA KD . -8.62 3.96 -29.36
OBD CLA KD . -8.14 4.41 -28.34
CBD CLA KD . -8.34 4.44 -30.76
CGD CLA KD . -8.22 5.94 -30.78
O1D CLA KD . -9.02 6.65 -30.18
O2D CLA KD . -7.22 6.51 -31.45
CED CLA KD . -6.97 7.89 -31.23
C1 CLA KD . -8.39 0.58 -33.03
C2 CLA KD . -9.65 -0.21 -33.33
C3 CLA KD . -10.35 -0.06 -34.46
C4 CLA KD . -9.94 0.87 -35.56
C5 CLA KD . -11.61 -0.87 -34.69
C6 CLA KD . -11.60 -1.61 -36.03
C7 CLA KD . -12.74 -1.16 -36.93
C8 CLA KD . -13.05 -2.23 -37.97
C9 CLA KD . -13.44 -1.58 -39.30
C10 CLA KD . -14.16 -3.13 -37.41
C11 CLA KD . -14.42 -4.36 -38.26
C12 CLA KD . -14.45 -5.64 -37.41
C13 CLA KD . -15.26 -6.80 -38.02
C14 CLA KD . -15.08 -6.91 -39.52
C15 CLA KD . -16.75 -6.69 -37.66
C16 CLA KD . -17.40 -8.07 -37.61
C17 CLA KD . -18.79 -8.03 -38.24
C18 CLA KD . -19.47 -9.39 -38.38
C19 CLA KD . -18.68 -10.34 -39.28
C20 CLA KD . -19.74 -10.04 -37.03
HHB CLA KD . -11.91 3.95 -36.82
HHC CLA KD . -16.24 1.10 -33.44
HHD CLA KD . -13.39 1.69 -28.48
H2A CLA KD . -9.13 6.10 -33.67
HMA1 CLA KD . -9.31 6.79 -36.12
HMA2 CLA KD . -10.99 6.67 -35.73
HMA3 CLA KD . -10.37 5.87 -37.13
HAA1 CLA KD . -7.07 4.75 -33.24
HAA2 CLA KD . -7.15 5.50 -34.82
HBA1 CLA KD . -6.35 3.54 -35.51
HBA2 CLA KD . -8.05 3.09 -35.59
HMB1 CLA KD . -14.52 3.88 -38.00
HMB2 CLA KD . -14.96 2.27 -38.44
HMB3 CLA KD . -13.30 2.71 -38.38
HBB1 CLA KD . -16.41 0.31 -38.46
HBB2 CLA KD . -16.62 -1.01 -37.21
HMC1 CLA KD . -17.49 -0.50 -32.08
HMC2 CLA KD . -17.38 -1.24 -30.53
HMC3 CLA KD . -16.57 -1.96 -31.88
HAC1 CLA KD . -16.38 -0.84 -28.55
HAC2 CLA KD . -14.94 -0.14 -27.82
HBC1 CLA KD . -14.97 -2.60 -27.66
HBC2 CLA KD . -13.61 -2.03 -28.57
HBC3 CLA KD . -14.97 -2.70 -29.39
HMD1 CLA KD . -11.35 2.39 -26.64
HMD2 CLA KD . -9.67 2.73 -26.84
HMD3 CLA KD . -10.24 1.11 -27.04
HBD CLA KD . -7.41 3.99 -31.13
HED1 CLA KD . -6.01 8.14 -31.60
HED2 CLA KD . -7.02 8.11 -30.19
HED3 CLA KD . -7.70 8.47 -31.75
H11 CLA KD . -8.68 1.42 -32.39
H12 CLA KD . -7.76 -0.06 -32.41
H2 CLA KD . -10.01 -0.90 -32.59
H41 CLA KD . -10.75 1.01 -36.23
H42 CLA KD . -9.12 0.46 -36.08
H43 CLA KD . -9.67 1.80 -35.14
H51 CLA KD . -12.46 -0.19 -34.67
H52 CLA KD . -11.74 -1.58 -33.89
H61 CLA KD . -11.72 -2.68 -35.84
H62 CLA KD . -10.64 -1.46 -36.54
H71 CLA KD . -12.48 -0.23 -37.42
H72 CLA KD . -13.64 -0.98 -36.32
H8 CLA KD . -12.14 -2.83 -38.13
H91 CLA KD . -13.63 -2.34 -40.02
H92 CLA KD . -12.65 -0.97 -39.63
H93 CLA KD . -14.30 -0.98 -39.17
H101 CLA KD . -15.07 -2.56 -37.31
H102 CLA KD . -13.86 -3.45 -36.40
H111 CLA KD . -13.65 -4.46 -39.03
H112 CLA KD . -15.38 -4.24 -38.77
H121 CLA KD . -14.86 -5.39 -36.43
H122 CLA KD . -13.42 -5.97 -37.26
H13 CLA KD . -14.88 -7.73 -37.56
H141 CLA KD . -15.66 -7.72 -39.87
H142 CLA KD . -14.06 -7.09 -39.75
H143 CLA KD . -15.41 -6.03 -40.01
H151 CLA KD . -17.25 -6.07 -38.41
H152 CLA KD . -16.87 -6.20 -36.69
H161 CLA KD . -17.50 -8.38 -36.57
H162 CLA KD . -16.78 -8.79 -38.13
H171 CLA KD . -18.72 -7.58 -39.23
H172 CLA KD . -19.44 -7.38 -37.64
H18 CLA KD . -20.45 -9.24 -38.86
H191 CLA KD . -19.27 -11.19 -39.49
H192 CLA KD . -17.79 -10.64 -38.79
H193 CLA KD . -18.43 -9.85 -40.18
H201 CLA KD . -20.29 -10.93 -37.17
H202 CLA KD . -20.30 -9.38 -36.42
H203 CLA KD . -18.82 -10.28 -36.55
HHC2 CLA KD . -15.24 -0.26 -33.85
HHD2 CLA KD . -12.46 0.25 -28.82
C1 PQN LD . -13.47 -2.09 4.27
O1 PQN LD . -12.93 -2.96 3.56
C2 PQN LD . -13.62 -2.33 5.74
C2M PQN LD . -13.13 -3.63 6.33
C3 PQN LD . -14.22 -1.39 6.52
C4 PQN LD . -14.70 -0.11 5.92
O4 PQN LD . -15.23 0.74 6.65
C5 PQN LD . -14.55 0.15 4.48
C6 PQN LD . -15.00 1.33 3.92
C7 PQN LD . -14.87 1.58 2.56
C8 PQN LD . -14.27 0.62 1.75
C9 PQN LD . -13.82 -0.57 2.29
C10 PQN LD . -13.95 -0.82 3.66
C11 PQN LD . -14.39 -1.57 8.01
C12 PQN LD . -13.07 -1.22 8.64
C13 PQN LD . -12.90 -0.57 9.81
C14 PQN LD . -14.07 -0.11 10.63
C15 PQN LD . -11.45 -0.35 10.20
C16 PQN LD . -11.21 0.55 11.42
C17 PQN LD . -11.10 -0.25 12.71
C18 PQN LD . -10.02 0.26 13.66
C19 PQN LD . -8.61 0.08 13.14
C20 PQN LD . -10.15 -0.49 14.99
C21 PQN LD . -10.29 0.44 16.19
C22 PQN LD . -8.95 0.86 16.78
C23 PQN LD . -9.15 1.55 18.12
C24 PQN LD . -8.22 2.75 18.27
C25 PQN LD . -9.02 0.54 19.28
C26 PQN LD . -7.60 0.25 19.75
C27 PQN LD . -7.69 -0.62 21.01
C28 PQN LD . -6.37 -1.26 21.45
C29 PQN LD . -5.92 -2.37 20.51
C30 PQN LD . -5.27 -0.21 21.61
H2M1 PQN LD . -12.27 -3.45 6.92
H2M2 PQN LD . -12.86 -4.28 5.54
H2M3 PQN LD . -13.89 -4.08 6.91
H6 PQN LD . -15.47 2.08 4.56
H7 PQN LD . -15.22 2.50 2.13
H8 PQN LD . -14.17 0.80 0.69
H9 PQN LD . -13.36 -1.30 1.65
H111 PQN LD . -14.68 -2.59 8.26
H112 PQN LD . -15.18 -0.90 8.38
H12 PQN LD . -12.17 -1.52 8.12
H141 PQN LD . -13.79 0.03 11.64
H142 PQN LD . -14.85 -0.83 10.59
H143 PQN LD . -14.43 0.81 10.23
H151 PQN LD . -10.94 0.09 9.36
H152 PQN LD . -10.99 -1.33 10.38
H161 PQN LD . -12.01 1.28 11.50
H162 PQN LD . -10.29 1.10 11.26
H171 PQN LD . -10.91 -1.30 12.49
H172 PQN LD . -12.07 -0.21 13.23
H18 PQN LD . -10.20 1.33 13.84
H191 PQN LD . -7.92 0.40 13.87
H192 PQN LD . -8.47 0.67 12.26
H193 PQN LD . -8.43 -0.94 12.90
H201 PQN LD . -9.27 -1.12 15.13
H202 PQN LD . -11.01 -1.15 14.95
H211 PQN LD . -10.86 -0.07 16.97
H212 PQN LD . -10.86 1.34 15.91
H221 PQN LD . -8.46 1.55 16.09
H222 PQN LD . -8.31 -0.02 16.90
H23 PQN LD . -10.18 1.93 18.14
H241 PQN LD . -8.30 3.15 19.24
H242 PQN LD . -8.50 3.48 17.56
H243 PQN LD . -7.23 2.46 18.08
H251 PQN LD . -9.49 -0.39 18.98
H252 PQN LD . -9.60 0.93 20.13
H261 PQN LD . -7.08 1.17 20.00
H262 PQN LD . -7.05 -0.27 18.98
H271 PQN LD . -8.42 -1.42 20.83
H272 PQN LD . -8.08 -0.01 21.83
H28 PQN LD . -6.54 -1.71 22.44
H291 PQN LD . -5.02 -2.79 20.85
H292 PQN LD . -5.77 -1.98 19.54
H293 PQN LD . -6.67 -3.13 20.48
H301 PQN LD . -4.46 -0.64 22.14
H302 PQN LD . -5.65 0.62 22.14
H303 PQN LD . -4.94 0.09 20.65
O1 LHG MD . -10.70 16.59 7.16
C1 LHG MD . -11.08 16.18 5.85
C2 LHG MD . -10.89 14.67 5.68
O2 LHG MD . -9.65 14.25 6.27
C3 LHG MD . -10.86 14.30 4.21
O3 LHG MD . -9.90 13.27 4.00
P LHG MD . -10.33 11.75 3.65
O4 LHG MD . -11.15 11.78 2.39
O5 LHG MD . -10.91 11.12 4.90
O6 LHG MD . -8.90 11.09 3.36
C4 LHG MD . -8.36 10.08 4.21
C5 LHG MD . -7.05 9.51 3.65
C6 LHG MD . -6.43 10.41 2.59
O7 LHG MD . -6.11 9.33 4.71
C7 LHG MD . -6.28 8.21 5.42
O9 LHG MD . -6.31 7.13 4.85
C8 LHG MD . -6.44 8.31 6.93
C9 LHG MD . -5.09 8.16 7.61
C10 LHG MD . -5.22 7.39 8.93
O8 LHG MD . -5.02 10.19 2.58
C23 LHG MD . -4.17 10.92 3.32
O10 LHG MD . -4.56 11.96 3.83
C24 LHG MD . -2.76 10.46 3.52
C11 LHG MD . -3.93 6.68 9.35
C12 LHG MD . -3.36 7.26 10.65
C13 LHG MD . -2.57 6.22 11.44
C14 LHG MD . -1.11 6.64 11.66
C15 LHG MD . -0.29 6.54 10.38
C16 LHG MD . 1.17 6.26 10.72
C17 LHG MD . 2.10 6.44 9.52
C18 LHG MD . 3.55 6.14 9.88
C19 LHG MD . 4.01 4.81 9.27
C20 LHG MD . 5.48 4.55 9.56
C21 LHG MD . 6.40 5.36 8.65
C22 LHG MD . 7.54 5.98 9.43
C25 LHG MD . -1.85 11.10 2.48
C26 LHG MD . -1.21 10.07 1.55
C27 LHG MD . -2.23 9.43 0.61
C28 LHG MD . -2.70 8.06 1.12
C29 LHG MD . -2.59 6.96 0.08
C30 LHG MD . -2.31 5.62 0.75
C31 LHG MD . -0.82 5.32 0.85
C32 LHG MD . -0.21 4.99 -0.52
C33 LHG MD . 0.78 3.82 -0.56
C34 LHG MD . 1.54 3.52 0.73
C35 LHG MD . 2.69 2.55 0.48
C36 LHG MD . 3.03 1.77 1.74
C37 LHG MD . 4.47 1.27 1.76
C38 LHG MD . 4.81 0.45 0.53
HO1 LHG MD . -10.56 17.56 7.18
HC11 LHG MD . -12.13 16.44 5.67
HC12 LHG MD . -10.47 16.72 5.12
HC2 LHG MD . -11.73 14.16 6.16
H02 LHG MD . -9.46 14.74 7.08
HC31 LHG MD . -11.86 13.95 3.90
HC32 LHG MD . -10.59 15.16 3.60
HC41 LHG MD . -8.17 10.53 5.19
HC42 LHG MD . -9.09 9.28 4.33
HC5 LHG MD . -7.29 8.54 3.18
HC61 LHG MD . -6.64 11.46 2.81
HC62 LHG MD . -6.84 10.17 1.61
HC81 LHG MD . -7.13 7.54 7.26
HC82 LHG MD . -6.88 9.28 7.18
HC91 LHG MD . -4.68 9.16 7.82
HC92 LHG MD . -4.39 7.66 6.94
H101 LHG MD . -6.00 6.63 8.82
H102 LHG MD . -5.54 8.08 9.70
H241 LHG MD . -2.70 9.37 3.45
H242 LHG MD . -2.42 10.74 4.52
H111 LHG MD . -3.18 6.76 8.57
H112 LHG MD . -4.15 5.62 9.49
H121 LHG MD . -4.18 7.63 11.28
H122 LHG MD . -2.71 8.11 10.41
H131 LHG MD . -2.59 5.25 10.94
H132 LHG MD . -3.04 6.10 12.43
H141 LHG MD . -0.67 5.99 12.42
H142 LHG MD . -1.08 7.67 12.03
H151 LHG MD . -0.36 7.47 9.82
H152 LHG MD . -0.68 5.73 9.75
H161 LHG MD . 1.27 5.24 11.10
H162 LHG MD . 1.49 6.94 11.51
H171 LHG MD . 2.02 7.46 9.15
H172 LHG MD . 1.78 5.78 8.71
H181 LHG MD . 3.65 6.09 10.96
H182 LHG MD . 4.18 6.95 9.52
H191 LHG MD . 3.85 4.84 8.20
H192 LHG MD . 3.41 4.00 9.68
H201 LHG MD . 5.69 3.49 9.44
H202 LHG MD . 5.69 4.81 10.60
H211 LHG MD . 5.83 6.14 8.15
H212 LHG MD . 6.82 4.70 7.89
H221 LHG MD . 8.23 6.41 8.77
H222 LHG MD . 8.01 5.24 10.02
H223 LHG MD . 7.15 6.73 10.08
H251 LHG MD . -1.06 11.65 2.99
H252 LHG MD . -2.43 11.82 1.89
H261 LHG MD . -0.70 9.31 2.14
H262 LHG MD . -0.45 10.57 0.95
H271 LHG MD . -1.77 9.31 -0.38
H272 LHG MD . -3.09 10.08 0.50
H281 LHG MD . -3.75 8.15 1.43
H282 LHG MD . -2.13 7.77 2.01
H291 LHG MD . -1.80 7.19 -0.64
H292 LHG MD . -3.54 6.90 -0.47
H301 LHG MD . -2.81 4.83 0.19
H302 LHG MD . -2.75 5.63 1.75
H311 LHG MD . -0.68 4.50 1.55
H312 LHG MD . -0.32 6.19 1.26
H321 LHG MD . 0.29 5.88 -0.89
H322 LHG MD . -1.03 4.77 -1.21
H331 LHG MD . 1.51 4.04 -1.34
H332 LHG MD . 0.25 2.92 -0.87
H341 LHG MD . 0.87 3.08 1.46
H342 LHG MD . 1.93 4.46 1.16
H351 LHG MD . 3.57 3.10 0.13
H352 LHG MD . 2.40 1.85 -0.31
H361 LHG MD . 2.36 0.92 1.83
H362 LHG MD . 2.87 2.41 2.61
H371 LHG MD . 4.63 0.66 2.65
H372 LHG MD . 5.15 2.12 1.82
H381 LHG MD . 5.65 -0.16 0.74
H382 LHG MD . 5.04 1.10 -0.27
H383 LHG MD . 3.98 -0.15 0.26
O1 LHG ND . 10.60 27.59 -25.48
C1 LHG ND . 9.54 28.45 -25.91
C2 LHG ND . 8.60 27.67 -26.82
O2 LHG ND . 9.10 26.35 -27.00
C3 LHG ND . 8.44 28.34 -28.19
O3 LHG ND . 8.76 27.40 -29.21
P LHG ND . 7.63 26.89 -30.23
O4 LHG ND . 6.34 26.67 -29.47
O5 LHG ND . 7.65 27.79 -31.43
O6 LHG ND . 8.21 25.45 -30.68
C4 LHG ND . 7.92 24.30 -29.89
C5 LHG ND . 6.90 23.43 -30.63
C6 LHG ND . 7.58 22.59 -31.69
O7 LHG ND . 6.26 22.58 -29.69
C7 LHG ND . 4.92 22.68 -29.74
O9 LHG ND . 4.39 23.77 -29.62
C8 LHG ND . 4.09 21.44 -29.92
C9 LHG ND . 4.37 20.47 -28.78
C10 LHG ND . 3.99 19.01 -29.06
O8 LHG ND . 7.10 21.24 -31.61
C23 LHG ND . 7.77 20.30 -30.95
O10 LHG ND . 8.88 20.53 -30.52
C24 LHG ND . 7.13 18.94 -30.74
C11 LHG ND . 3.20 18.80 -30.34
C12 LHG ND . 2.53 17.44 -30.36
C13 LHG ND . 3.51 16.31 -30.65
C14 LHG ND . 3.33 15.20 -29.63
C15 LHG ND . 4.01 13.92 -30.08
C16 LHG ND . 4.93 13.39 -28.98
C17 LHG ND . 5.74 12.21 -29.50
C18 LHG ND . 6.99 12.70 -30.23
C19 LHG ND . 7.56 11.61 -31.13
C20 LHG ND . 7.90 10.38 -30.31
C21 LHG ND . 9.17 9.69 -30.79
C22 LHG ND . 8.93 8.94 -32.08
C25 LHG ND . 7.75 17.91 -31.67
C26 LHG ND . 8.78 17.05 -30.96
C27 LHG ND . 8.13 15.95 -30.11
C28 LHG ND . 8.28 16.23 -28.61
C29 LHG ND . 9.29 15.30 -27.92
C30 LHG ND . 10.73 15.67 -28.23
C31 LHG ND . 11.53 14.48 -28.77
C32 LHG ND . 11.53 14.45 -30.30
C33 LHG ND . 11.31 13.05 -30.85
C34 LHG ND . 10.87 13.09 -32.31
C35 LHG ND . 11.98 13.61 -33.23
C36 LHG ND . 11.95 15.13 -33.38
C37 LHG ND . 11.92 15.55 -34.84
C38 LHG ND . 10.49 15.58 -35.35
HO1 LHG ND . 11.34 28.13 -25.16
HC11 LHG ND . 8.99 28.81 -25.03
HC12 LHG ND . 9.96 29.32 -26.43
HC2 LHG ND . 7.60 27.63 -26.34
H02 LHG ND . 9.17 25.91 -26.14
HC31 LHG ND . 7.41 28.68 -28.32
HC32 LHG ND . 9.10 29.21 -28.28
HC41 LHG ND . 8.83 23.74 -29.70
HC42 LHG ND . 7.51 24.61 -28.93
HC5 LHG ND . 6.17 24.09 -31.11
HC61 LHG ND . 8.66 22.61 -31.56
HC62 LHG ND . 7.35 23.00 -32.68
HC81 LHG ND . 4.37 20.99 -30.89
HC82 LHG ND . 3.03 21.70 -29.96
HC91 LHG ND . 3.82 20.80 -27.89
HC92 LHG ND . 5.43 20.51 -28.53
H101 LHG ND . 3.41 18.64 -28.21
H102 LHG ND . 4.91 18.42 -29.10
H241 LHG ND . 6.06 19.02 -30.95
H242 LHG ND . 7.26 18.63 -29.71
H111 LHG ND . 3.86 18.89 -31.21
H112 LHG ND . 2.42 19.57 -30.43
H121 LHG ND . 1.73 17.43 -31.10
H122 LHG ND . 2.09 17.25 -29.38
H131 LHG ND . 4.54 16.69 -30.61
H132 LHG ND . 3.34 15.93 -31.66
H141 LHG ND . 2.26 15.00 -29.50
H142 LHG ND . 3.73 15.52 -28.67
H151 LHG ND . 4.59 14.10 -30.98
H152 LHG ND . 3.25 13.16 -30.30
H161 LHG ND . 4.34 13.08 -28.12
H162 LHG ND . 5.61 14.18 -28.66
H171 LHG ND . 5.13 11.63 -30.18
H172 LHG ND . 6.03 11.57 -28.67
H181 LHG ND . 7.74 13.00 -29.49
H182 LHG ND . 6.75 13.57 -30.83
H191 LHG ND . 8.46 11.98 -31.63
H192 LHG ND . 6.84 11.35 -31.90
H201 LHG ND . 7.06 9.69 -30.38
H202 LHG ND . 8.01 10.66 -29.26
H211 LHG ND . 9.51 8.99 -30.03
H212 LHG ND . 9.95 10.43 -30.93
H221 LHG ND . 9.84 8.52 -32.42
H222 LHG ND . 8.56 9.61 -32.81
H223 LHG ND . 8.24 8.17 -31.92
H251 LHG ND . 8.22 18.43 -32.51
H252 LHG ND . 6.95 17.28 -32.09
H261 LHG ND . 9.41 17.69 -30.35
H262 LHG ND . 9.41 16.58 -31.71
H271 LHG ND . 8.58 14.99 -30.34
H272 LHG ND . 7.07 15.89 -30.34
H281 LHG ND . 7.31 16.12 -28.13
H282 LHG ND . 8.60 17.26 -28.46
H291 LHG ND . 9.08 14.27 -28.21
H292 LHG ND . 9.14 15.38 -26.84
H301 LHG ND . 11.21 16.02 -27.32
H302 LHG ND . 10.75 16.48 -28.96
H311 LHG ND . 11.10 13.55 -28.39
H312 LHG ND . 12.56 14.54 -28.41
H321 LHG ND . 12.49 14.83 -30.66
H322 LHG ND . 10.75 15.12 -30.67
H331 LHG ND . 10.53 12.55 -30.27
H332 LHG ND . 12.22 12.47 -30.76
H341 LHG ND . 9.99 13.72 -32.42
H342 LHG ND . 10.60 12.08 -32.63
H351 LHG ND . 11.87 13.14 -34.22
H352 LHG ND . 12.95 13.30 -32.84
H361 LHG ND . 12.84 15.55 -32.91
H362 LHG ND . 11.08 15.53 -32.86
H371 LHG ND . 12.51 14.86 -35.45
H372 LHG ND . 12.35 16.54 -34.94
H381 LHG ND . 10.48 15.91 -36.36
H382 LHG ND . 9.91 16.24 -34.76
H383 LHG ND . 10.08 14.61 -35.30
C6 C7Z OD . 28.77 12.89 8.87
C17 C7Z OD . 27.47 14.55 10.11
C4 C7Z OD . 27.47 10.66 8.58
C3 C7Z OD . 26.46 11.42 9.67
O3 C7Z OD . 25.58 10.45 10.23
C2 C7Z OD . 27.13 12.04 10.70
C1 C7Z OD . 28.21 13.19 10.19
C5 C7Z OD . 28.71 11.36 8.38
C18 C7Z OD . 29.67 10.89 7.26
C16 C7Z OD . 29.37 13.27 11.24
O23 C7Z OD . 40.78 32.83 -2.49
C26 C7Z OD . 39.91 28.77 -3.18
C7 C7Z OD . 29.69 13.91 8.12
C8 C7Z OD . 30.74 14.51 8.73
C9 C7Z OD . 31.60 15.50 7.91
C19 C7Z OD . 33.06 15.15 7.60
C10 C7Z OD . 31.08 16.66 7.50
C11 C7Z OD . 31.91 17.68 6.65
C12 C7Z OD . 33.07 18.24 7.05
C13 C7Z OD . 33.75 19.26 6.04
C20 C7Z OD . 35.24 19.67 6.23
C14 C7Z OD . 32.98 19.73 5.04
C15 C7Z OD . 33.39 20.72 3.92
C35 C7Z OD . 34.46 21.54 3.92
C34 C7Z OD . 34.65 22.46 2.69
C33 C7Z OD . 35.79 23.09 2.42
C40 C7Z OD . 37.00 22.95 3.36
C32 C7Z OD . 35.90 24.00 1.15
C31 C7Z OD . 36.92 24.85 1.01
C30 C7Z OD . 37.05 25.79 -0.24
C29 C7Z OD . 38.15 26.54 -0.37
C39 C7Z OD . 39.25 26.47 0.68
C28 C7Z OD . 38.35 27.50 -1.61
C27 C7Z OD . 39.60 27.81 -1.98
C21 C7Z OD . 41.33 29.19 -3.40
C36 C7Z OD . 41.77 28.78 -4.82
C37 C7Z OD . 42.22 28.46 -2.36
C22 C7Z OD . 41.56 30.83 -3.22
C23 C7Z OD . 40.52 31.44 -2.57
C24 C7Z OD . 39.00 31.20 -3.35
C25 C7Z OD . 38.79 29.81 -3.69
C38 C7Z OD . 37.37 29.31 -4.09
C1 BCR PD . 20.85 9.45 1.40
C2 BCR PD . 19.62 8.58 1.57
C3 BCR PD . 18.42 9.34 2.13
C4 BCR PD . 18.01 10.41 1.13
C5 BCR PD . 19.17 10.83 0.28
C6 BCR PD . 20.40 10.75 0.77
C7 BCR PD . 21.26 11.96 0.65
C8 BCR PD . 22.53 12.02 0.98
C9 BCR PD . 23.39 13.18 0.83
C10 BCR PD . 24.80 13.11 1.15
C11 BCR PD . 25.95 13.94 1.05
C33 BCR PD . 18.94 11.32 -1.12
C31 BCR PD . 21.86 8.77 0.49
C32 BCR PD . 21.40 9.70 2.81
C34 BCR PD . 22.86 14.50 0.34
C12 BCR PD . 26.96 14.59 0.99
C13 BCR PD . 27.59 15.86 1.00
C14 BCR PD . 26.84 16.89 1.48
C15 BCR PD . 27.31 18.23 1.61
C16 BCR PD . 27.07 19.51 2.02
C17 BCR PD . 27.92 20.50 1.96
C18 BCR PD . 27.87 21.71 2.57
C19 BCR PD . 28.97 22.69 2.47
C20 BCR PD . 29.75 23.71 2.78
C21 BCR PD . 30.86 24.61 2.73
C22 BCR PD . 31.13 25.69 3.48
C23 BCR PD . 32.43 26.36 3.26
C24 BCR PD . 33.04 27.41 4.13
C25 BCR PD . 34.42 27.92 3.90
C26 BCR PD . 35.06 27.88 2.71
C27 BCR PD . 36.54 28.21 2.62
C28 BCR PD . 37.37 27.82 3.83
C29 BCR PD . 36.55 27.65 5.11
C30 BCR PD . 35.24 28.44 5.10
C35 BCR PD . 29.00 16.01 0.52
C36 BCR PD . 26.64 22.07 3.33
C37 BCR PD . 30.15 26.15 4.52
C38 BCR PD . 34.43 27.65 1.36
C39 BCR PD . 35.47 29.94 5.02
C40 BCR PD . 34.58 28.07 6.43
HC21 BCR PD . 19.33 8.21 0.59
HC22 BCR PD . 19.83 7.71 2.19
HC31 BCR PD . 17.60 8.65 2.29
HC32 BCR PD . 18.68 9.79 3.09
HC41 BCR PD . 17.20 10.03 0.50
HC42 BCR PD . 17.62 11.27 1.67
HC7 BCR PD . 20.82 12.84 0.21
HC8 BCR PD . 23.00 11.13 1.36
H331 BCR PD . 19.50 10.73 -1.79
H332 BCR PD . 19.23 12.33 -1.21
H333 BCR PD . 17.91 11.23 -1.36
H311 BCR PD . 22.82 8.75 0.93
H312 BCR PD . 21.89 9.27 -0.45
H313 BCR PD . 21.56 7.77 0.31
H321 BCR PD . 22.45 9.60 2.83
H322 BCR PD . 20.98 8.99 3.48
H323 BCR PD . 21.11 10.67 3.12
H341 BCR PD . 22.71 14.47 -0.70
H342 BCR PD . 23.54 15.27 0.59
H343 BCR PD . 21.93 14.69 0.81
H14C BCR PD . 25.85 16.67 1.82
H15C BCR PD . 28.29 18.50 1.28
H16C BCR PD . 26.08 19.33 2.41
H17C BCR PD . 28.86 20.32 1.48
H19C BCR PD . 29.66 22.17 1.84
H21C BCR PD . 31.37 24.02 1.98
H23C BCR PD . 33.01 25.99 2.44
H24C BCR PD . 32.52 27.59 5.03
H271 BCR PD . 36.64 29.29 2.47
H272 BCR PD . 36.95 27.73 1.73
H281 BCR PD . 38.12 28.58 4.00
H282 BCR PD . 37.88 26.88 3.61
H291 BCR PD . 36.32 26.59 5.23
H292 BCR PD . 37.16 27.97 5.96
H351 BCR PD . 29.08 16.87 -0.11
H352 BCR PD . 29.28 15.16 -0.03
H353 BCR PD . 29.65 16.12 1.35
H361 BCR PD . 26.79 22.99 3.85
H362 BCR PD . 26.41 21.31 4.03
H363 BCR PD . 25.82 22.19 2.65
H371 BCR PD . 29.39 26.73 4.06
H372 BCR PD . 30.62 26.73 5.27
H373 BCR PD . 29.69 25.30 4.98
H381 BCR PD . 34.90 28.30 0.66
H382 BCR PD . 33.40 27.87 1.40
H383 BCR PD . 34.59 26.65 1.05
H391 BCR PD . 36.48 30.15 5.23
H392 BCR PD . 34.85 30.41 5.75
H393 BCR PD . 35.21 30.30 4.06
H401 BCR PD . 35.22 28.39 7.22
H402 BCR PD . 34.45 27.02 6.49
H403 BCR PD . 33.65 28.56 6.53
C1 BCR QD . 16.93 17.97 -33.81
C2 BCR QD . 18.39 18.45 -33.63
C3 BCR QD . 19.08 18.00 -32.33
C4 BCR QD . 18.33 18.56 -31.15
C5 BCR QD . 17.15 19.29 -31.70
C6 BCR QD . 16.37 18.60 -32.52
C7 BCR QD . 14.92 18.43 -32.17
C8 BCR QD . 14.42 18.79 -30.99
C9 BCR QD . 13.04 18.60 -30.54
C10 BCR QD . 12.74 18.94 -29.17
C11 BCR QD . 11.77 19.36 -28.22
C33 BCR QD . 16.90 20.73 -31.37
C31 BCR QD . 15.98 18.90 -34.57
C32 BCR QD . 16.55 16.63 -33.18
C34 BCR QD . 11.95 18.02 -31.40
C12 BCR QD . 11.02 19.81 -27.40
C13 BCR QD . 10.29 19.76 -26.18
C14 BCR QD . 10.94 20.31 -25.11
C15 BCR QD . 10.42 20.38 -23.80
C16 BCR QD . 10.58 20.76 -22.51
C17 BCR QD . 9.73 20.60 -21.53
C18 BCR QD . 9.83 20.94 -20.23
C19 BCR QD . 8.76 20.71 -19.25
C20 BCR QD . 8.11 20.86 -18.10
C21 BCR QD . 7.12 20.75 -17.08
C22 BCR QD . 7.09 21.32 -15.86
C23 BCR QD . 5.88 21.17 -15.04
C24 BCR QD . 5.50 22.06 -13.91
C25 BCR QD . 4.18 21.96 -13.26
C26 BCR QD . 3.45 20.85 -13.34
C27 BCR QD . 1.97 21.01 -13.29
C28 BCR QD . 1.73 21.56 -11.90
C29 BCR QD . 2.29 22.97 -11.82
C30 BCR QD . 3.59 23.21 -12.59
C35 BCR QD . 8.93 19.16 -26.05
C36 BCR QD . 11.06 21.64 -19.77
C37 BCR QD . 8.23 22.16 -15.33
C38 BCR QD . 4.00 19.45 -13.37
C39 BCR QD . 4.62 23.89 -11.69
C40 BCR QD . 3.22 24.15 -13.73
HC21 BCR QD . 18.96 18.02 -34.45
HC22 BCR QD . 18.46 19.54 -33.75
HC31 BCR QD . 19.10 16.91 -32.28
HC32 BCR QD . 20.11 18.37 -32.33
HC41 BCR QD . 18.01 17.75 -30.49
HC42 BCR QD . 18.97 19.25 -30.58
HC7 BCR QD . 14.27 17.91 -32.85
HC8 BCR QD . 15.08 19.24 -30.27
H331 BCR QD . 15.91 20.99 -31.66
H332 BCR QD . 17.59 21.33 -31.91
H333 BCR QD . 17.02 20.88 -30.34
H311 BCR QD . 15.09 18.39 -34.81
H312 BCR QD . 16.46 19.18 -35.47
H313 BCR QD . 15.78 19.79 -34.03
H321 BCR QD . 15.60 16.30 -33.54
H322 BCR QD . 16.58 16.65 -32.12
H323 BCR QD . 17.27 15.92 -33.49
H341 BCR QD . 11.15 18.72 -31.45
H342 BCR QD . 11.60 17.12 -30.97
H343 BCR QD . 12.30 17.84 -32.38
H14C BCR QD . 11.92 20.73 -25.29
H15C BCR QD . 9.44 19.98 -23.57
H16C BCR QD . 11.56 21.19 -22.63
H17C BCR QD . 8.81 20.10 -21.77
H19C BCR QD . 8.02 20.20 -19.82
H21C BCR QD . 6.46 20.17 -17.70
H23C BCR QD . 5.14 20.48 -15.36
H24C BCR QD . 6.15 22.90 -13.76
H271 BCR QD . 1.47 20.04 -13.43
H272 BCR QD . 1.62 21.70 -14.06
H281 BCR QD . 2.24 20.92 -11.17
H282 BCR QD . 0.67 21.56 -11.68
H291 BCR QD . 1.53 23.67 -12.18
H292 BCR QD . 2.46 23.22 -10.76
H351 BCR QD . 8.23 19.92 -25.81
H352 BCR QD . 8.93 18.41 -25.30
H353 BCR QD . 8.66 18.73 -26.97
H361 BCR QD . 11.18 21.49 -18.73
H362 BCR QD . 10.99 22.69 -19.97
H363 BCR QD . 11.91 21.25 -20.26
H371 BCR QD . 7.90 23.15 -15.20
H372 BCR QD . 9.03 22.13 -16.02
H373 BCR QD . 8.54 21.76 -14.40
H381 BCR QD . 3.59 18.92 -12.55
H382 BCR QD . 5.05 19.46 -13.29
H383 BCR QD . 3.71 18.97 -14.27
H391 BCR QD . 4.18 24.77 -11.30
H392 BCR QD . 5.45 24.19 -12.28
H393 BCR QD . 4.92 23.24 -10.93
H401 BCR QD . 3.13 25.15 -13.35
H402 BCR QD . 2.30 23.86 -14.16
H403 BCR QD . 3.97 24.13 -14.47
C1 BCR RD . 3.35 13.12 -14.44
C2 BCR RD . 1.96 13.74 -14.65
C3 BCR RD . 1.71 15.12 -14.07
C4 BCR RD . 2.86 16.03 -14.46
C5 BCR RD . 4.12 15.42 -13.93
C6 BCR RD . 4.44 14.18 -14.30
C7 BCR RD . 5.91 13.90 -14.40
C8 BCR RD . 6.44 12.69 -14.38
C9 BCR RD . 7.87 12.39 -14.38
C10 BCR RD . 8.84 13.43 -14.60
C11 BCR RD . 9.94 13.65 -15.45
C33 BCR RD . 4.97 16.18 -12.97
C31 BCR RD . 3.61 12.29 -15.69
C32 BCR RD . 3.36 12.27 -13.18
C34 BCR RD . 8.44 11.04 -14.12
C12 BCR RD . 10.87 13.89 -16.18
C13 BCR RD . 12.17 13.69 -16.71
C14 BCR RD . 12.42 14.41 -17.83
C15 BCR RD . 13.66 14.40 -18.54
C16 BCR RD . 14.40 14.86 -19.57
C17 BCR RD . 15.61 14.52 -19.87
C18 BCR RD . 16.32 14.73 -20.99
C19 BCR RD . 17.65 14.18 -21.21
C20 BCR RD . 18.76 13.96 -21.90
C21 BCR RD . 20.02 13.51 -22.35
C22 BCR RD . 20.58 13.63 -23.56
C23 BCR RD . 21.90 13.07 -23.81
C24 BCR RD . 22.71 13.28 -25.06
C25 BCR RD . 24.09 12.83 -25.33
C26 BCR RD . 24.69 13.40 -26.37
C27 BCR RD . 25.74 12.63 -27.11
C28 BCR RD . 25.45 11.15 -26.93
C29 BCR RD . 25.42 10.74 -25.47
C30 BCR RD . 24.94 11.83 -24.51
C35 BCR RD . 13.14 12.77 -16.02
C36 BCR RD . 15.76 15.61 -22.06
C37 BCR RD . 19.89 14.39 -24.65
C38 BCR RD . 24.43 14.81 -26.85
C39 BCR RD . 26.07 12.62 -23.88
C40 BCR RD . 24.22 11.04 -23.43
HC21 BCR RD . 1.79 13.82 -15.72
HC22 BCR RD . 1.20 13.05 -14.26
HC31 BCR RD . 0.78 15.53 -14.45
HC32 BCR RD . 1.65 15.06 -12.98
HC41 BCR RD . 2.91 16.14 -15.53
HC42 BCR RD . 2.71 17.02 -14.01
HC7 BCR RD . 6.59 14.71 -14.36
HC8 BCR RD . 5.78 11.85 -14.27
H331 BCR RD . 5.46 15.52 -12.32
H332 BCR RD . 4.36 16.83 -12.39
H333 BCR RD . 5.70 16.76 -13.49
H311 BCR RD . 4.13 11.40 -15.44
H312 BCR RD . 4.17 12.86 -16.38
H313 BCR RD . 2.70 12.00 -16.13
H321 BCR RD . 3.22 11.26 -13.43
H322 BCR RD . 2.56 12.58 -12.56
H323 BCR RD . 4.27 12.40 -12.66
H341 BCR RD . 8.96 10.70 -14.97
H342 BCR RD . 7.67 10.36 -13.89
H343 BCR RD . 9.11 11.09 -13.31
H14C BCR RD . 11.64 15.04 -18.22
H15C BCR RD . 14.48 13.79 -18.22
H16C BCR RD . 13.64 15.49 -20.00
H17C BCR RD . 16.10 13.83 -19.20
H19C BCR RD . 17.85 13.64 -20.31
H21C BCR RD . 20.24 13.00 -21.42
H23C BCR RD . 22.32 12.51 -23.01
H24C BCR RD . 22.25 13.94 -25.77
H271 BCR RD . 26.73 12.87 -26.71
H272 BCR RD . 25.72 12.90 -28.16
H281 BCR RD . 26.21 10.57 -27.47
H282 BCR RD . 24.49 10.92 -27.39
H291 BCR RD . 24.74 9.90 -25.37
H292 BCR RD . 26.42 10.42 -25.17
H351 BCR RD . 13.97 12.57 -16.63
H352 BCR RD . 12.64 11.86 -15.79
H353 BCR RD . 13.46 13.23 -15.12
H361 BCR RD . 16.22 15.35 -22.98
H362 BCR RD . 15.98 16.63 -21.84
H363 BCR RD . 14.73 15.47 -22.14
H371 BCR RD . 20.45 15.25 -24.88
H372 BCR RD . 18.91 14.68 -24.35
H373 BCR RD . 19.81 13.78 -25.50
H381 BCR RD . 25.37 15.30 -26.95
H382 BCR RD . 23.85 15.34 -26.14
H383 BCR RD . 23.96 14.78 -27.79
H391 BCR RD . 26.14 12.39 -22.85
H392 BCR RD . 25.88 13.66 -23.98
H393 BCR RD . 26.99 12.39 -24.35
H401 BCR RD . 24.83 10.21 -23.15
H402 BCR RD . 23.29 10.68 -23.78
H403 BCR RD . 24.08 11.64 -22.57
C1 RRX SD . 7.85 -2.41 3.10
C2 RRX SD . 9.17 -2.26 2.11
O2 RRX SD . -2.53 -9.49 21.10
C3 RRX SD . 10.28 -2.93 2.54
C40 RRX SD . -4.26 -12.79 18.01
C30 RRX SD . -3.71 -11.33 18.00
C39 RRX SD . -4.78 -10.41 17.41
C29 RRX SD . -3.43 -10.91 19.57
C28 RRX SD . -2.79 -9.71 19.70
C27 RRX SD . -1.33 -9.67 18.90
C26 RRX SD . -1.35 -10.23 17.57
C38 RRX SD . 0.00 -10.33 16.86
C25 RRX SD . -2.51 -11.27 17.17
C24 RRX SD . -2.36 -12.16 15.89
C23 RRX SD . -2.27 -11.59 14.65
C22 RRX SD . -2.11 -12.47 13.38
C37 RRX SD . -2.79 -13.85 13.36
C21 RRX SD . -1.38 -12.04 12.29
C20 RRX SD . -0.72 -10.63 12.35
C19 RRX SD . -0.06 -9.97 11.35
C18 RRX SD . 0.31 -10.38 9.88
C36 RRX SD . -0.24 -11.63 9.16
C17 RRX SD . 1.18 -9.46 9.36
C16 RRX SD . 1.89 -9.31 8.00
C15 RRX SD . 2.97 -8.47 8.01
C14 RRX SD . 3.83 -8.14 6.75
C13 RRX SD . 4.50 -6.95 6.63
C35 RRX SD . 5.33 -6.70 5.33
C12 RRX SD . 4.38 -5.86 7.74
C11 RRX SD . 5.00 -4.64 7.85
C10 RRX SD . 6.02 -3.95 6.91
C9 RRX SD . 6.96 -3.13 7.50
C34 RRX SD . 6.96 -3.01 8.99
C8 RRX SD . 8.08 -2.28 6.81
C7 RRX SD . 8.56 -2.28 5.51
C6 RRX SD . 8.09 -3.16 4.32
C32 RRX SD . 7.32 -0.96 3.42
C31 RRX SD . 6.76 -3.18 2.28
C5 RRX SD . 8.94 -4.48 4.10
C33 RRX SD . 8.88 -5.66 5.07
C4 RRX SD . 9.93 -4.47 3.04
H1 RRX SD . 8.95 -2.58 1.22
H2 RRX SD . 9.40 -1.32 2.05
H3 RRX SD . -2.93 -8.79 21.36
H4 RRX SD . 10.92 -2.98 1.81
H5 RRX SD . 10.68 -2.44 3.27
H6 RRX SD . -5.01 -12.85 18.63
H7 RRX SD . -3.57 -13.40 18.30
H8 RRX SD . -4.56 -13.03 17.12
H9 RRX SD . -4.36 -9.57 17.14
H10 RRX SD . -5.46 -10.22 18.09
H11 RRX SD . -5.19 -10.83 16.64
H12 RRX SD . -2.89 -11.61 19.99
H13 RRX SD . -4.28 -10.86 20.04
H14 RRX SD . -3.35 -9.01 19.37
H15 RRX SD . -1.04 -8.75 18.84
H16 RRX SD . -0.68 -10.17 19.43
H17 RRX SD . 0.54 -9.55 17.05
H18 RRX SD . -0.14 -10.39 15.90
H19 RRX SD . 0.48 -11.12 17.16
H20 RRX SD . -2.34 -13.08 15.98
H21 RRX SD . -2.29 -10.67 14.57
H22 RRX SD . -3.74 -13.74 13.41
H23 RRX SD . -2.49 -14.37 14.12
H24 RRX SD . -2.55 -14.30 12.54
H25 RRX SD . -1.29 -12.57 11.54
H26 RRX SD . -0.80 -10.16 13.14
H27 RRX SD . 0.26 -9.13 11.59
H28 RRX SD . -0.47 -11.79 8.23
H29 RRX SD . 0.64 -11.60 8.75
H30 RRX SD . -1.00 -11.04 9.07
H32 RRX SD . 1.58 -9.74 7.23
H33 RRX SD . 3.21 -8.08 8.81
H34 RRX SD . 3.90 -8.78 6.08
H36 RRX SD . 5.56 -7.56 4.94
H37 RRX SD . 6.14 -6.23 5.55
H38 RRX SD . 4.80 -6.18 4.70
H39 RRX SD . 3.79 -6.06 8.44
H40 RRX SD . 4.76 -4.17 8.60
H42 RRX SD . 5.97 -4.04 5.98
H43 RRX SD . 7.03 -3.88 9.39
H44 RRX SD . 6.15 -2.56 9.28
H45 RRX SD . 7.72 -2.47 9.26
H46 RRX SD . 8.50 -1.67 7.37
H47 RRX SD . 9.24 -1.67 5.33
H48 RRX SD . 6.63 -0.99 4.09
H49 RRX SD . 6.96 -0.56 2.61
H50 RRX SD . 8.05 -0.41 3.73
H51 RRX SD . 6.10 -3.55 2.89
H52 RRX SD . 7.18 -3.90 1.78
H53 RRX SD . 6.33 -2.57 1.67
H54 RRX SD . 8.50 -5.36 5.92
H55 RRX SD . 9.77 -6.01 5.23
H56 RRX SD . 8.31 -6.36 4.70
H57 RRX SD . 10.74 -4.88 3.36
H58 RRX SD . 9.58 -4.97 2.28
FE1 SF4 TD . -19.36 4.73 -4.25
FE2 SF4 TD . -19.42 5.75 -6.79
FE3 SF4 TD . -20.38 7.23 -4.70
FE4 SF4 TD . -21.75 5.02 -5.56
S1 SF4 TD . -21.37 6.95 -6.75
S2 SF4 TD . -21.31 5.59 -3.39
S3 SF4 TD . -20.03 3.64 -6.16
S4 SF4 TD . -18.21 6.55 -5.01
O13 3PH UD . 10.72 30.12 23.47
P 3PH UD . 10.99 30.26 24.95
O14 3PH UD . 9.82 30.92 25.63
O12 3PH UD . 12.22 31.12 25.15
O11 3PH UD . 11.25 28.77 25.60
C1 3PH UD . 12.56 28.29 25.66
C2 3PH UD . 12.59 26.91 26.31
O21 3PH UD . 13.83 26.70 26.92
C21 3PH UD . 13.85 25.68 27.87
O22 3PH UD . 12.96 25.56 28.65
C22 3PH UD . 15.02 24.70 27.92
C23 3PH UD . 14.71 23.50 27.04
C24 3PH UD . 15.72 22.37 27.29
C25 3PH UD . 17.14 22.87 27.04
C26 3PH UD . 17.95 21.83 26.26
C27 3PH UD . 18.01 22.26 24.81
C28 3PH UD . 18.46 21.10 23.92
C29 3PH UD . 18.75 21.63 22.51
C2A 3PH UD . 19.01 20.46 21.56
C2B 3PH UD . 17.69 19.73 21.27
C2C 3PH UD . 17.79 18.29 21.79
C2D 3PH UD . 18.66 17.46 20.84
C2E 3PH UD . 19.00 16.13 21.50
C2F 3PH UD . 20.30 15.58 20.90
C2G 3PH UD . 21.49 16.23 21.61
C2H 3PH UD . 22.75 16.06 20.75
C2I 3PH UD . 23.12 14.59 20.67
C3 3PH UD . 12.35 25.85 25.23
O31 3PH UD . 13.55 25.56 24.57
C31 3PH UD . 13.46 24.48 23.69
O32 3PH UD . 12.42 24.17 23.24
C32 3PH UD . 14.73 23.72 23.30
C33 3PH UD . 14.80 23.57 21.78
C34 3PH UD . 14.65 22.10 21.40
C35 3PH UD . 13.20 21.66 21.58
C36 3PH UD . 13.04 20.19 21.21
C37 3PH UD . 13.88 19.32 22.14
C38 3PH UD . 13.31 17.91 22.20
C39 3PH UD . 12.06 17.90 23.07
C3A 3PH UD . 11.79 16.48 23.57
C3B 3PH UD . 10.67 16.52 24.61
C3C 3PH UD . 9.32 16.42 23.89
C3D 3PH UD . 8.20 16.99 24.79
C3E 3PH UD . 8.15 16.30 26.15
C3F 3PH UD . 7.96 14.78 26.02
C3G 3PH UD . 6.72 14.47 25.18
C3H 3PH UD . 6.31 13.01 25.39
C3I 3PH UD . 7.37 12.08 24.78
H11 3PH UD . 13.10 28.90 26.19
H12 3PH UD . 12.93 28.23 24.77
H2 3PH UD . 11.88 26.86 26.97
H221 3PH UD . 15.16 24.41 28.83
H222 3PH UD . 15.82 25.16 27.60
H231 3PH UD . 14.76 23.77 26.11
H232 3PH UD . 13.82 23.17 27.24
H241 3PH UD . 15.52 21.63 26.68
H242 3PH UD . 15.64 22.06 28.20
H251 3PH UD . 17.57 23.04 27.89
H252 3PH UD . 17.11 23.69 26.52
H261 3PH UD . 17.53 20.96 26.33
H262 3PH UD . 18.84 21.78 26.62
H271 3PH UD . 18.66 22.99 24.71
H272 3PH UD . 17.14 22.57 24.51
H281 3PH UD . 17.76 20.43 23.89
H282 3PH UD . 19.27 20.70 24.29
H291 3PH UD . 19.53 22.20 22.53
H292 3PH UD . 17.98 22.14 22.20
H2A1 3PH UD . 19.64 19.85 21.96
H2A2 3PH UD . 19.38 20.80 20.73
H2B1 3PH UD . 17.54 19.72 20.31
H2B2 3PH UD . 16.97 20.18 21.71
H2C1 3PH UD . 16.90 17.90 21.82
H2C2 3PH UD . 18.17 18.30 22.67
H2D1 3PH UD . 19.47 17.94 20.64
H2D2 3PH UD . 18.17 17.30 20.02
H2E1 3PH UD . 18.28 15.50 21.35
H2E2 3PH UD . 19.12 16.26 22.45
H2F1 3PH UD . 20.33 15.79 19.96
H2F2 3PH UD . 20.33 14.62 21.03
H2G1 3PH UD . 21.62 15.80 22.46
H2G2 3PH UD . 21.31 17.18 21.74
H2H1 3PH UD . 23.48 16.56 21.15
H2H2 3PH UD . 22.58 16.39 19.86
H2I1 3PH UD . 24.01 14.50 20.30
H2I2 3PH UD . 22.49 14.12 20.11
H2I3 3PH UD . 23.11 14.20 21.56
H31 3PH UD . 11.70 26.18 24.59
H32 3PH UD . 11.99 25.04 25.64
H321 3PH UD . 14.71 22.85 23.72
H322 3PH UD . 15.51 24.21 23.61
H331 3PH UD . 15.66 23.90 21.47
H332 3PH UD . 14.09 24.08 21.38
H341 3PH UD . 15.22 21.57 21.97
H342 3PH UD . 14.91 21.98 20.47
H351 3PH UD . 12.63 22.21 21.00
H352 3PH UD . 12.93 21.79 22.50
H361 3PH UD . 13.33 20.06 20.29
H362 3PH UD . 12.10 19.94 21.28
H371 3PH UD . 13.89 19.71 23.02
H372 3PH UD . 14.79 19.29 21.80
H381 3PH UD . 13.98 17.31 22.57
H382 3PH UD . 13.09 17.61 21.30
H391 3PH UD . 11.30 18.20 22.55
H392 3PH UD . 12.19 18.49 23.83
H3A1 3PH UD . 12.59 16.12 23.98
H3A2 3PH UD . 11.52 15.92 22.83
H3B1 3PH UD . 10.71 17.34 25.11
H3B2 3PH UD . 10.76 15.76 25.22
H3C1 3PH UD . 9.13 15.51 23.67
H3C2 3PH UD . 9.35 16.94 23.07
H3D1 3PH UD . 7.35 16.88 24.33
H3D2 3PH UD . 8.37 17.94 24.93
H3E1 3PH UD . 7.41 16.66 26.66
H3E2 3PH UD . 8.98 16.46 26.64
H3F1 3PH UD . 7.86 14.40 26.89
H3F2 3PH UD . 8.74 14.39 25.59
H3G1 3PH UD . 6.91 14.61 24.24
H3G2 3PH UD . 5.99 15.04 25.45
H3H1 3PH UD . 5.46 12.84 24.94
H3H2 3PH UD . 6.22 12.83 26.33
H3I1 3PH UD . 7.05 11.17 24.81
H3I2 3PH UD . 8.19 12.15 25.31
H3I3 3PH UD . 7.55 12.34 23.87
C1 BCR VD . 33.50 23.93 7.33
C2 BCR VD . 35.01 23.89 7.05
C3 BCR VD . 35.91 23.83 8.28
C4 BCR VD . 35.42 24.69 9.45
C5 BCR VD . 33.93 24.64 9.56
C6 BCR VD . 33.28 24.94 8.44
C7 BCR VD . 32.40 26.13 8.30
C8 BCR VD . 32.13 26.94 9.30
C9 BCR VD . 31.24 28.10 9.26
C10 BCR VD . 30.70 28.59 8.01
C11 BCR VD . 30.98 29.53 6.96
C33 BCR VD . 33.26 24.26 10.85
C31 BCR VD . 33.03 22.57 7.84
C32 BCR VD . 32.76 24.28 6.06
C34 BCR VD . 30.86 28.79 10.53
C12 BCR VD . 31.20 30.30 6.05
C13 BCR VD . 31.05 31.49 5.29
C14 BCR VD . 29.83 32.10 5.30
C15 BCR VD . 29.55 33.30 4.57
C16 BCR VD . 28.75 34.33 4.21
C17 BCR VD . 27.53 34.50 4.66
C18 BCR VD . 26.67 35.56 4.53
C19 BCR VD . 27.00 36.77 3.73
C20 BCR VD . 26.96 38.01 3.26
C21 BCR VD . 26.53 39.34 2.97
C22 BCR VD . 27.01 40.21 2.05
C23 BCR VD . 26.36 41.52 1.86
C24 BCR VD . 26.65 42.48 0.73
C25 BCR VD . 25.92 43.75 0.47
C26 BCR VD . 25.89 44.22 -0.77
C27 BCR VD . 26.43 45.59 -1.06
C28 BCR VD . 26.10 46.57 0.05
C29 BCR VD . 25.83 45.96 1.43
C30 BCR VD . 25.08 44.62 1.42
C35 BCR VD . 32.20 32.04 4.50
C36 BCR VD . 25.34 35.51 5.22
C37 BCR VD . 28.20 39.80 1.22
C38 BCR VD . 25.28 43.45 -1.90
C39 BCR VD . 23.67 44.76 0.87
C40 BCR VD . 25.04 44.18 2.89
HC21 BCR VD . 35.22 23.02 6.42
HC22 BCR VD . 35.27 24.77 6.46
HC31 BCR VD . 36.01 22.79 8.61
HC32 BCR VD . 36.91 24.18 8.00
HC41 BCR VD . 35.87 24.33 10.38
HC42 BCR VD . 35.74 25.72 9.29
HC7 BCR VD . 31.94 26.34 7.34
HC8 BCR VD . 32.52 26.69 10.27
H331 BCR VD . 32.25 23.99 10.66
H332 BCR VD . 33.28 25.07 11.53
H333 BCR VD . 33.76 23.43 11.26
H311 BCR VD . 32.08 22.69 8.29
H312 BCR VD . 33.72 22.18 8.55
H313 BCR VD . 32.95 21.90 7.02
H321 BCR VD . 31.71 24.17 6.22
H322 BCR VD . 33.06 23.63 5.29
H323 BCR VD . 32.98 25.27 5.77
H341 BCR VD . 30.40 29.73 10.30
H342 BCR VD . 31.72 28.96 11.12
H343 BCR VD . 30.17 28.20 11.05
H14C BCR VD . 29.05 31.68 5.90
H15C BCR VD . 30.32 33.75 3.95
H16C BCR VD . 29.42 34.86 3.56
H17C BCR VD . 27.19 33.73 5.32
H19C BCR VD . 27.94 36.50 3.31
H21C BCR VD . 25.68 39.29 3.64
H23C BCR VD . 25.59 41.77 2.54
H24C BCR VD . 27.28 42.08 -0.02
H271 BCR VD . 25.97 45.95 -1.99
H272 BCR VD . 27.51 45.54 -1.23
H281 BCR VD . 25.24 47.16 -0.24
H282 BCR VD . 26.94 47.27 0.15
H291 BCR VD . 26.79 45.81 1.93
H292 BCR VD . 25.27 46.68 2.02
H351 BCR VD . 31.91 32.15 3.49
H352 BCR VD . 33.03 31.38 4.56
H353 BCR VD . 32.48 32.98 4.89
H361 BCR VD . 24.58 35.73 4.52
H362 BCR VD . 25.33 36.20 6.02
H363 BCR VD . 25.18 34.53 5.60
H371 BCR VD . 28.75 40.66 0.94
H372 BCR VD . 27.88 39.28 0.35
H373 BCR VD . 28.82 39.17 1.78
H381 BCR VD . 24.25 43.65 -1.92
H382 BCR VD . 25.43 42.41 -1.75
H383 BCR VD . 25.72 43.75 -2.82
H391 BCR VD . 22.99 44.92 1.68
H392 BCR VD . 23.39 43.86 0.39
H393 BCR VD . 23.62 45.57 0.19
H401 BCR VD . 24.68 44.98 3.47
H402 BCR VD . 26.01 43.90 3.21
H403 BCR VD . 24.37 43.36 2.99
C1 T7X WD . 12.13 -15.51 -40.22
O1 T7X WD . 12.00 -14.34 -39.45
P1 T7X WD . 11.32 -13.02 -40.17
C2 T7X WD . 11.15 -16.56 -39.70
O2 T7X WD . 11.46 -16.87 -38.36
C3 T7X WD . 11.19 -17.85 -40.53
O3 T7X WD . 10.31 -17.72 -41.62
C4 T7X WD . 12.59 -18.15 -41.08
O4 T7X WD . 12.79 -19.54 -41.11
C5 T7X WD . 13.70 -17.52 -40.21
O5 T7X WD . 14.95 -17.86 -40.77
C6 T7X WD . 13.59 -16.00 -40.13
O6 T7X WD . 14.32 -15.43 -41.19
C7 T7X WD . 10.66 -10.72 -39.09
C8 T7X WD . 11.20 -9.61 -38.19
C9 T7X WD . 12.35 -8.91 -38.93
C10 T7X WD . 9.02 -8.73 -38.51
C11 T7X WD . 14.20 -9.53 -40.22
O11 T7X WD . 11.91 -12.84 -41.55
C12 T7X WD . 7.79 -9.30 -37.80
O12 T7X WD . 9.83 -13.20 -40.27
C13 T7X WD . 6.79 -8.18 -37.54
O13 T7X WD . 11.66 -11.68 -39.28
C14 T7X WD . 5.82 -8.62 -36.45
C15 T7X WD . 6.32 -8.10 -35.10
C16 T7X WD . 5.81 -7.02 -34.58
O16 T7X WD . 10.24 -8.65 -37.85
C17 T7X WD . 6.33 -6.52 -33.23
O17 T7X WD . 8.92 -8.35 -39.63
C18 T7X WD . 6.51 -5.01 -33.27
O18 T7X WD . 13.40 -9.82 -39.11
C19 T7X WD . 6.92 -4.40 -32.17
O19 T7X WD . 14.62 -8.43 -40.39
C20 T7X WD . 7.11 -2.89 -32.14
C21 T7X WD . 6.97 -2.44 -30.69
C22 T7X WD . 5.88 -1.82 -30.30
C23 T7X WD . 5.74 -1.37 -28.84
C31 T7X WD . 14.56 -10.64 -41.21
C32 T7X WD . 15.75 -10.19 -42.05
C33 T7X WD . 16.22 -11.33 -42.95
C34 T7X WD . 17.26 -10.75 -43.91
C35 T7X WD . 17.70 -11.81 -44.92
C36 T7X WD . 18.58 -11.15 -45.98
C37 T7X WD . 17.70 -10.50 -47.04
C38 T7X WD . 17.83 -11.23 -48.39
C39 T7X WD . 17.32 -12.66 -48.31
C40 T7X WD . 15.79 -12.68 -48.15
C41 T7X WD . 15.28 -14.11 -48.28
H1 T7X WD . 11.90 -15.30 -41.25
H2 T7X WD . 10.14 -16.15 -39.74
H3 T7X WD . 12.10 -16.26 -38.03
H4 T7X WD . 10.87 -18.68 -39.92
H5 T7X WD . 10.53 -16.94 -42.11
H6 T7X WD . 12.68 -17.75 -42.08
H7 T7X WD . 12.20 -19.92 -41.75
H8 T7X WD . 13.64 -17.93 -39.21
H9 T7X WD . 14.88 -18.67 -41.24
H10 T7X WD . 14.01 -15.67 -39.18
H11 T7X WD . 14.68 -16.12 -41.72
H12 T7X WD . 10.37 -10.32 -40.05
H13 T7X WD . 9.80 -11.19 -38.61
H14 T7X WD . 11.60 -10.05 -37.28
H15 T7X WD . 12.69 -8.06 -38.37
H16 T7X WD . 11.99 -8.58 -39.91
H17 T7X WD . 8.10 -9.73 -36.85
H18 T7X WD . 7.33 -10.06 -38.42
H20 T7X WD . 7.31 -7.28 -37.21
H21 T7X WD . 6.24 -7.96 -38.44
H22 T7X WD . 5.77 -9.71 -36.43
H23 T7X WD . 4.83 -8.22 -36.66
H24 T7X WD . 7.10 -8.64 -34.59
H25 T7X WD . 5.03 -6.48 -35.09
H26 T7X WD . 5.62 -6.78 -32.46
H27 T7X WD . 7.28 -6.99 -33.02
H28 T7X WD . 6.30 -4.45 -34.17
H29 T7X WD . 7.12 -4.99 -31.28
H30 T7X WD . 8.09 -2.64 -32.51
H32 T7X WD . 7.76 -2.65 -29.99
H34 T7X WD . 5.08 -1.62 -31.01
H36 T7X WD . 5.98 -2.20 -28.19
H47 T7X WD . 13.71 -10.83 -41.86
H48 T7X WD . 14.81 -11.55 -40.66
H49 T7X WD . 15.46 -9.35 -42.66
H50 T7X WD . 16.56 -9.90 -41.38
H51 T7X WD . 16.66 -12.12 -42.36
H52 T7X WD . 15.39 -11.71 -43.53
H53 T7X WD . 18.13 -10.42 -43.35
H54 T7X WD . 16.84 -9.90 -44.44
H55 T7X WD . 16.83 -12.26 -45.38
H56 T7X WD . 18.27 -12.58 -44.41
H57 T7X WD . 19.19 -10.39 -45.51
H58 T7X WD . 19.22 -11.90 -46.45
H59 T7X WD . 18.01 -9.47 -47.18
H60 T7X WD . 16.66 -10.51 -46.73
H61 T7X WD . 18.88 -11.24 -48.68
H62 T7X WD . 17.27 -10.69 -49.14
H63 T7X WD . 17.76 -13.17 -47.46
H64 T7X WD . 17.59 -13.19 -49.22
H65 T7X WD . 15.35 -12.06 -48.93
H66 T7X WD . 15.51 -12.29 -47.18
H67 T7X WD . 15.63 -14.53 -49.22
H68 T7X WD . 14.19 -14.08 -48.28
C42 T7X WD . 15.79 -14.95 -47.12
C43 T7X WD . 14.72 -15.92 -46.60
C44 T7X WD . 14.56 -15.83 -45.08
C45 T7X WD . 14.10 -14.46 -44.60
C46 T7X WD . 12.86 -14.00 -45.37
H31 T7X WD . 6.35 -2.41 -32.76
H33 T7X WD . 6.42 -0.55 -28.65
H71 T7X WD . 16.64 -15.54 -47.46
H72 T7X WD . 16.13 -14.31 -46.32
H73 T7X WD . 15.02 -16.93 -46.86
H74 T7X WD . 13.77 -15.72 -47.08
H75 T7X WD . 15.52 -16.06 -44.62
H76 T7X WD . 13.84 -16.58 -44.76
H77 T7X WD . 13.84 -14.53 -43.54
C47 T7X WD . 12.04 -13.06 -44.49
H78 T7X WD . 14.89 -13.74 -44.71
H79 T7X WD . 13.17 -13.47 -46.27
H80 T7X WD . 12.26 -14.86 -45.65
H81 T7X WD . 11.44 -13.66 -43.79
H82 T7X WD . 12.70 -12.41 -43.93
H83 T7X WD . 11.37 -12.47 -45.11
C1 PTY XD . 17.03 -7.62 -37.41
C2 PTY XD . 17.25 -14.68 -40.40
C3 PTY XD . 18.46 -14.15 -39.64
O4 PTY XD . 16.10 -7.56 -36.36
C5 PTY XD . 16.92 -10.07 -36.93
C6 PTY XD . 17.84 -8.92 -37.32
O7 PTY XD . 18.85 -8.77 -36.36
C8 PTY XD . 20.14 -8.86 -36.89
O10 PTY XD . 20.60 -9.91 -37.16
C11 PTY XD . 20.94 -7.59 -37.13
C12 PTY XD . 21.23 -7.45 -38.63
C13 PTY XD . 21.84 -6.09 -38.92
C14 PTY XD . 20.75 -5.06 -39.21
C15 PTY XD . 21.36 -3.68 -39.42
C16 PTY XD . 21.77 -3.06 -38.09
C17 PTY XD . 22.18 -1.60 -38.30
C18 PTY XD . 22.35 -0.89 -36.96
C19 PTY XD . 21.00 -0.47 -36.39
C20 PTY XD . 20.52 0.84 -37.02
C21 PTY XD . 21.21 2.04 -36.38
C22 PTY XD . 20.37 3.28 -36.68
C23 PTY XD . 21.02 4.52 -36.04
C24 PTY XD . 20.83 4.45 -34.53
C26 PTY XD . 12.14 7.86 -30.99
C27 PTY XD . 12.89 6.84 -30.13
C30 PTY XD . 15.29 -6.43 -36.36
C31 PTY XD . 13.84 -6.53 -35.92
O30 PTY XD . 15.73 -5.39 -36.71
C32 PTY XD . 13.58 -5.56 -34.76
C33 PTY XD . 12.11 -5.20 -34.65
C34 PTY XD . 11.59 -4.36 -35.82
C35 PTY XD . 12.43 -3.10 -36.06
C36 PTY XD . 13.10 -3.17 -37.44
C37 PTY XD . 14.42 -2.40 -37.47
C38 PTY XD . 14.31 -0.96 -36.97
C39 PTY XD . 13.22 -0.14 -37.67
C40 PTY XD . 13.67 0.36 -39.05
C41 PTY XD . 13.19 -0.58 -40.16
C42 PTY XD . 12.89 0.22 -41.44
C43 PTY XD . 14.17 0.85 -42.00
C44 PTY XD . 13.83 1.60 -43.29
P1 PTY XD . 17.16 -12.21 -38.41
O11 PTY XD . 18.03 -13.61 -38.41
O12 PTY XD . 17.44 -11.45 -39.69
O13 PTY XD . 15.69 -12.53 -38.34
O14 PTY XD . 17.59 -11.28 -37.13
N1 PTY XD . 17.69 -15.32 -41.63
HC11 PTY XD . 17.64 -6.86 -37.34
HC12 PTY XD . 16.58 -7.58 -38.25
HC21 PTY XD . 16.66 -13.95 -40.62
HC22 PTY XD . 16.79 -15.32 -39.84
HC31 PTY XD . 18.89 -13.44 -40.16
HC32 PTY XD . 19.09 -14.86 -39.48
HC51 PTY XD . 16.13 -10.04 -37.48
HC52 PTY XD . 16.66 -9.99 -35.99
HC6 PTY XD . 18.24 -9.10 -38.18
H111 PTY XD . 21.79 -7.63 -36.66
H112 PTY XD . 20.45 -6.81 -36.83
H121 PTY XD . 20.39 -7.54 -39.12
H122 PTY XD . 21.83 -8.15 -38.91
H131 PTY XD . 22.42 -6.16 -39.70
H132 PTY XD . 22.37 -5.79 -38.15
H141 PTY XD . 20.14 -5.03 -38.45
H142 PTY XD . 20.27 -5.32 -40.00
H151 PTY XD . 20.71 -3.10 -39.86
H152 PTY XD . 22.14 -3.75 -40.00
H161 PTY XD . 22.52 -3.55 -37.73
H162 PTY XD . 21.03 -3.11 -37.46
H171 PTY XD . 21.49 -1.15 -38.83
H172 PTY XD . 23.03 -1.57 -38.79
H181 PTY XD . 22.91 -0.11 -37.08
H182 PTY XD . 22.79 -1.49 -36.34
H191 PTY XD . 21.07 -0.36 -35.43
H192 PTY XD . 20.35 -1.17 -36.58
H201 PTY XD . 19.56 0.91 -36.88
H202 PTY XD . 20.71 0.83 -37.97
H211 PTY XD . 22.10 2.15 -36.75
H212 PTY XD . 21.27 1.90 -35.42
H221 PTY XD . 19.48 3.17 -36.32
H222 PTY XD . 20.32 3.42 -37.64
H231 PTY XD . 20.59 5.32 -36.39
H232 PTY XD . 21.96 4.53 -36.26
H311 PTY XD . 13.66 -7.44 -35.62
H312 PTY XD . 13.25 -6.32 -36.66
H321 PTY XD . 14.12 -4.78 -34.88
H322 PTY XD . 13.86 -6.00 -33.94
H331 PTY XD . 11.97 -4.70 -33.82
H332 PTY XD . 11.59 -6.01 -34.60
H341 PTY XD . 10.68 -4.09 -35.62
H342 PTY XD . 11.57 -4.90 -36.63
H351 PTY XD . 13.09 -2.99 -35.37
H352 PTY XD . 11.83 -2.33 -36.05
H361 PTY XD . 12.50 -2.81 -38.12
H362 PTY XD . 13.28 -4.11 -37.64
H371 PTY XD . 14.76 -2.39 -38.37
H372 PTY XD . 15.06 -2.87 -36.91
H381 PTY XD . 15.17 -0.52 -37.12
H382 PTY XD . 14.14 -0.96 -36.03
H391 PTY XD . 13.03 0.64 -37.12
H392 PTY XD . 12.41 -0.66 -37.75
H401 PTY XD . 14.64 0.41 -39.08
H402 PTY XD . 13.30 1.25 -39.20
H411 PTY XD . 12.37 -1.01 -39.88
H412 PTY XD . 13.86 -1.24 -40.34
H421 PTY XD . 12.24 0.92 -41.24
H422 PTY XD . 12.52 -0.38 -42.10
H431 PTY XD . 14.81 0.16 -42.19
H432 PTY XD . 14.54 1.47 -41.36
H441 PTY XD . 14.65 1.92 -43.70
H442 PTY XD . 13.26 2.35 -43.09
H443 PTY XD . 13.38 1.00 -43.91
HN11 PTY XD . 18.52 -15.06 -41.82
HN12 PTY XD . 17.15 -15.11 -42.30
C1B LMU YD . 21.20 -8.78 29.96
C2B LMU YD . 22.01 -9.11 31.21
C3B LMU YD . 21.51 -10.40 31.85
C4B LMU YD . 21.69 -11.57 30.87
C5B LMU YD . 21.48 -11.07 29.44
C6B LMU YD . 20.91 -12.18 28.56
O1B LMU YD . 22.01 -8.18 28.93
O2B LMU YD . 23.41 -9.25 30.88
O3B LMU YD . 20.12 -10.27 32.18
O4' LMU YD . 22.99 -12.13 31.01
O5B LMU YD . 20.59 -9.97 29.46
O6B LMU YD . 21.41 -12.04 27.23
C1' LMU YD . 20.32 -5.01 26.99
C2' LMU YD . 21.43 -4.61 27.96
C3' LMU YD . 21.94 -5.78 28.79
C4' LMU YD . 21.36 -7.09 28.28
C5' LMU YD . 21.56 -7.08 26.76
C6' LMU YD . 21.26 -8.44 26.12
O1' LMU YD . 19.99 -3.86 26.21
O2' LMU YD . 22.52 -4.05 27.21
O3' LMU YD . 21.62 -5.58 30.18
O5' LMU YD . 20.71 -6.12 26.16
O6' LMU YD . 22.15 -8.65 25.02
C1 LMU YD . 18.68 -3.38 26.50
C2 LMU YD . 18.41 -2.08 25.76
C3 LMU YD . 19.70 -1.42 25.30
C4 LMU YD . 19.48 0.02 24.86
C5 LMU YD . 18.54 0.10 23.67
C6 LMU YD . 18.59 1.50 23.05
C7 LMU YD . 17.76 1.61 21.78
C8 LMU YD . 18.04 2.96 21.12
C9 LMU YD . 16.94 3.36 20.13
C10 LMU YD . 17.10 4.84 19.78
C11 LMU YD . 16.33 5.20 18.51
C12 LMU YD . 16.83 6.49 17.90
H1B LMU YD . 20.41 -8.08 30.28
H2B LMU YD . 21.89 -8.30 31.93
H3B LMU YD . 22.09 -10.61 32.75
H4B LMU YD . 20.92 -12.33 31.10
H5B LMU YD . 22.46 -10.77 29.03
H6'2 LMU YD . 21.19 -13.16 28.97
H6'1 LMU YD . 19.82 -12.12 28.56
H2O1 LMU YD . 23.73 -8.43 30.49
H3O1 LMU YD . 20.02 -9.64 32.91
H4O1 LMU YD . 23.04 -12.63 31.84
H6B LMU YD . 20.95 -12.66 26.65
H1' LMU YD . 19.44 -5.30 27.58
H2' LMU YD . 21.02 -3.85 28.64
H3' LMU YD . 23.03 -5.82 28.68
H4' LMU YD . 20.28 -7.12 28.48
H5' LMU YD . 22.61 -6.84 26.55
H6D LMU YD . 20.23 -8.44 25.76
H6E LMU YD . 21.36 -9.24 26.86
H2O2 LMU YD . 22.19 -3.37 26.61
H3O2 LMU YD . 22.14 -4.84 30.52
H6' LMU YD . 21.86 -9.43 24.52
H12 LMU YD . 17.94 -4.13 26.21
H11 LMU YD . 18.58 -3.21 27.58
H22 LMU YD . 17.77 -2.27 24.90
H21 LMU YD . 17.87 -1.39 26.42
H32 LMU YD . 20.43 -1.43 26.11
H31 LMU YD . 20.13 -1.99 24.47
H42 LMU YD . 19.05 0.60 25.70
H41 LMU YD . 20.43 0.48 24.61
H52 LMU YD . 18.81 -0.64 22.92
H51 LMU YD . 17.52 -0.10 23.99
H62 LMU YD . 18.24 2.23 23.78
H61 LMU YD . 19.63 1.75 22.82
H72 LMU YD . 18.02 0.80 21.10
H71 LMU YD . 16.70 1.53 22.02
H82 LMU YD . 18.13 3.72 21.89
H81 LMU YD . 19.00 2.90 20.59
H92 LMU YD . 17.03 2.76 19.23
H91 LMU YD . 15.96 3.19 20.57
H102 LMU YD . 16.73 5.45 20.60
H101 LMU YD . 18.16 5.07 19.64
H112 LMU YD . 16.44 4.39 17.77
H111 LMU YD . 15.27 5.29 18.74
H123 LMU YD . 16.50 7.31 18.48
H122 LMU YD . 17.89 6.49 17.88
H121 LMU YD . 16.46 6.58 16.91
MG CLA ZD . -12.90 -10.09 4.59
CHA CLA ZD . -15.40 -9.82 6.97
CHB CLA ZD . -10.61 -10.91 7.03
CHC CLA ZD . -10.62 -10.45 2.19
CHD CLA ZD . -15.23 -9.07 2.15
NA CLA ZD . -12.98 -10.35 6.77
C1A CLA ZD . -14.04 -10.15 7.55
C2A CLA ZD . -13.71 -10.37 8.99
C3A CLA ZD . -12.20 -10.62 8.97
C4A CLA ZD . -11.90 -10.64 7.51
CMA CLA ZD . -11.38 -9.65 9.79
CAA CLA ZD . -14.42 -11.65 9.42
CBA CLA ZD . -14.40 -11.88 10.93
CGA CLA ZD . -13.06 -12.41 11.36
O1A CLA ZD . -12.68 -13.50 10.96
O2A CLA ZD . -12.34 -11.65 12.16
NB CLA ZD . -10.93 -10.60 4.61
C1B CLA ZD . -10.17 -10.92 5.70
C2B CLA ZD . -8.85 -11.26 5.28
C3B CLA ZD . -8.84 -11.12 3.92
C4B CLA ZD . -10.19 -10.70 3.50
CMB CLA ZD . -7.70 -11.67 6.17
CAB CLA ZD . -7.72 -11.36 2.98
CBB CLA ZD . -6.37 -11.81 3.51
NC CLA ZD . -12.96 -9.92 2.51
C1C CLA ZD . -11.91 -10.09 1.71
C2C CLA ZD . -12.25 -9.85 0.28
C3C CLA ZD . -13.58 -9.53 0.30
C4C CLA ZD . -14.02 -9.56 1.69
CMC CLA ZD . -11.36 -9.94 -0.92
CAC CLA ZD . -14.47 -9.19 -0.88
CBC CLA ZD . -14.68 -7.69 -0.95
ND CLA ZD . -14.81 -9.56 4.48
C1D CLA ZD . -15.66 -9.19 3.50
C2D CLA ZD . -16.99 -8.89 4.00
C3D CLA ZD . -16.89 -9.15 5.36
C4D CLA ZD . -15.58 -9.54 5.63
CMD CLA ZD . -18.26 -8.46 3.32
CAD CLA ZD . -17.64 -9.14 6.61
OBD CLA ZD . -18.85 -9.05 6.68
CBD CLA ZD . -16.76 -9.81 7.64
CGD CLA ZD . -16.76 -9.11 8.97
O1D CLA ZD . -16.72 -7.89 9.06
O2D CLA ZD . -16.79 -9.84 10.08
CED CLA ZD . -17.51 -9.36 11.21
C1 CLA ZD . -11.01 -12.03 12.63
C2 CLA ZD . -9.83 -11.15 12.28
C3 CLA ZD . -8.94 -11.47 11.33
C4 CLA ZD . -9.03 -12.71 10.51
C5 CLA ZD . -7.77 -10.55 11.04
C6 CLA ZD . -6.54 -11.10 11.73
C7 CLA ZD . -6.18 -10.31 13.00
C8 CLA ZD . -5.24 -9.13 12.81
C9 CLA ZD . -4.01 -9.49 11.98
C10 CLA ZD . -4.82 -8.66 14.21
C11 CLA ZD . -4.67 -7.14 14.35
C12 CLA ZD . -3.42 -6.51 13.72
C13 CLA ZD . -2.10 -6.97 14.34
C14 CLA ZD . -1.92 -6.42 15.75
C15 CLA ZD . -0.90 -6.63 13.44
C16 CLA ZD . -0.79 -5.19 12.92
C17 CLA ZD . 0.04 -4.30 13.84
C18 CLA ZD . 0.20 -2.85 13.35
C19 CLA ZD . 1.32 -2.16 14.13
C20 CLA ZD . 0.48 -2.74 11.86
HHB CLA ZD . -9.85 -10.98 7.79
HHC CLA ZD . -9.96 -9.66 1.83
HHD CLA ZD . -15.22 -8.00 1.94
H2A CLA ZD . -13.98 -9.51 9.62
H3A CLA ZD . -11.98 -11.63 9.32
HMA1 CLA ZD . -11.72 -9.65 10.79
HMA2 CLA ZD . -11.50 -8.68 9.39
HMA3 CLA ZD . -10.35 -9.90 9.75
HAA1 CLA ZD . -13.95 -12.50 8.92
HAA2 CLA ZD . -15.46 -11.62 9.08
HBA1 CLA ZD . -15.18 -12.60 11.18
HBA2 CLA ZD . -14.61 -10.95 11.44
HMB1 CLA ZD . -8.03 -11.79 7.17
HMB2 CLA ZD . -6.94 -10.95 6.13
HMB3 CLA ZD . -7.32 -12.60 5.84
HBB1 CLA ZD . -5.92 -12.71 3.11
HBB2 CLA ZD . -5.76 -11.12 4.06
HMC1 CLA ZD . -10.44 -10.39 -0.64
HMC2 CLA ZD . -11.18 -8.97 -1.32
HMC3 CLA ZD . -11.83 -10.54 -1.66
HAC1 CLA ZD . -15.44 -9.68 -0.76
HAC2 CLA ZD . -14.02 -9.54 -1.80
HBC1 CLA ZD . -15.17 -7.45 -1.86
HBC2 CLA ZD . -13.74 -7.20 -0.92
HBC3 CLA ZD . -15.27 -7.37 -0.14
HMD1 CLA ZD . -18.12 -7.49 2.91
HMD2 CLA ZD . -19.04 -8.43 4.04
HMD3 CLA ZD . -18.51 -9.14 2.55
HBD CLA ZD . -17.10 -10.84 7.78
HED1 CLA ZD . -17.62 -10.14 11.91
HED2 CLA ZD . -18.47 -9.02 10.91
HED3 CLA ZD . -16.97 -8.56 11.65
H11 CLA ZD . -10.80 -13.05 12.33
H12 CLA ZD . -11.07 -12.05 13.73
H2 CLA ZD . -9.69 -10.23 12.84
H41 CLA ZD . -8.34 -12.65 9.70
H42 CLA ZD . -10.01 -12.82 10.13
H43 CLA ZD . -8.79 -13.55 11.11
H51 CLA ZD . -7.99 -9.54 11.39
H52 CLA ZD . -7.60 -10.50 9.96
H61 CLA ZD . -5.70 -11.13 11.04
H62 CLA ZD . -6.75 -12.13 12.03
H71 CLA ZD . -5.73 -11.01 13.72
H72 CLA ZD . -7.11 -9.95 13.46
H8 CLA ZD . -5.78 -8.32 12.31
H91 CLA ZD . -3.20 -8.87 12.25
H92 CLA ZD . -4.23 -9.36 10.95
H93 CLA ZD . -3.75 -10.51 12.16
H101 CLA ZD . -3.88 -9.15 14.49
H102 CLA ZD . -5.58 -8.99 14.91
H111 CLA ZD . -4.67 -6.90 15.42
H112 CLA ZD . -5.56 -6.66 13.93
H121 CLA ZD . -3.51 -5.43 13.84
H122 CLA ZD . -3.42 -6.71 12.64
H13 CLA ZD . -2.12 -8.06 14.42
H141 CLA ZD . -0.91 -6.57 16.06
H142 CLA ZD . -2.56 -6.93 16.41
H143 CLA ZD . -2.15 -5.38 15.77
H151 CLA ZD . -0.93 -7.30 12.58
H152 CLA ZD . 0.02 -6.86 13.99
H161 CLA ZD . -1.77 -4.74 12.76
H162 CLA ZD . -0.30 -5.23 11.95
H171 CLA ZD . 1.03 -4.73 13.97
H172 CLA ZD . -0.43 -4.27 14.83
H18 CLA ZD . -0.73 -2.31 13.56
H191 CLA ZD . 1.12 -1.12 14.17
H192 CLA ZD . 2.24 -2.32 13.64
H193 CLA ZD . 1.37 -2.55 15.11
H201 CLA ZD . 0.77 -1.74 11.63
H202 CLA ZD . -0.38 -2.98 11.31
H203 CLA ZD . 1.27 -3.39 11.59
HHC2 CLA ZD . -10.33 -11.33 1.62
HHD2 CLA ZD . -16.02 -9.49 1.53
MG CLA AE . -1.60 -8.21 -14.33
CHA CLA AE . -1.45 -11.49 -13.34
CHB CLA AE . -0.62 -9.10 -17.52
CHC CLA AE . -1.92 -5.02 -15.25
CHD CLA AE . -2.52 -7.29 -11.04
NA CLA AE . -1.08 -10.10 -15.34
C1A CLA AE . -1.05 -11.31 -14.78
C2A CLA AE . -0.53 -12.36 -15.74
C3A CLA AE . -0.24 -11.54 -17.00
C4A CLA AE . -0.68 -10.17 -16.62
CMA CLA AE . 1.19 -11.62 -17.53
CAA CLA AE . -1.52 -13.47 -16.06
CBA CLA AE . -0.84 -14.70 -16.68
CGA CLA AE . -0.89 -14.74 -18.20
O1A CLA AE . -1.41 -13.84 -18.82
O2A CLA AE . -0.34 -15.78 -18.82
NB CLA AE . -1.32 -7.23 -16.09
C1B CLA AE . -0.95 -7.76 -17.29
C2B CLA AE . -0.88 -6.73 -18.28
C3B CLA AE . -1.23 -5.59 -17.64
C4B CLA AE . -1.52 -5.92 -16.24
CMB CLA AE . -0.51 -6.91 -19.73
CAB CLA AE . -1.35 -4.26 -18.24
CBB CLA AE . -2.46 -4.05 -19.24
NC CLA AE . -2.24 -6.47 -13.33
C1C CLA AE . -2.15 -5.26 -13.87
C2C CLA AE . -2.36 -4.17 -12.88
C3C CLA AE . -2.56 -4.83 -11.70
C4C CLA AE . -2.48 -6.26 -11.99
CMC CLA AE . -2.32 -2.68 -13.11
CAC CLA AE . -2.79 -4.20 -10.35
CBC CLA AE . -1.44 -3.89 -9.73
ND CLA AE . -1.88 -9.06 -12.58
C1D CLA AE . -2.31 -8.65 -11.36
C2D CLA AE . -2.49 -9.79 -10.45
C3D CLA AE . -2.15 -10.89 -11.24
C4D CLA AE . -1.79 -10.43 -12.51
CMD CLA AE . -2.96 -9.88 -9.02
CAD CLA AE . -2.04 -12.33 -11.21
OBD CLA AE . -2.78 -13.03 -10.54
CBD CLA AE . -1.51 -12.76 -12.54
CGD CLA AE . -0.14 -13.36 -12.42
O1D CLA AE . 0.76 -12.74 -11.89
O2D CLA AE . 0.11 -14.58 -12.90
CED CLA AE . 0.61 -15.53 -11.96
C1 CLA AE . -0.60 -16.04 -20.23
C2 CLA AE . -2.04 -16.13 -20.70
C3 CLA AE . -2.38 -16.64 -21.90
C4 CLA AE . -1.38 -17.18 -22.89
C5 CLA AE . -3.83 -16.72 -22.33
C6 CLA AE . -4.30 -15.44 -23.01
C7 CLA AE . -5.03 -15.78 -24.29
C8 CLA AE . -5.87 -14.67 -24.93
C9 CLA AE . -5.79 -13.33 -24.20
C10 CLA AE . -7.33 -15.11 -25.07
C11 CLA AE . -7.49 -16.42 -25.83
C12 CLA AE . -8.59 -16.36 -26.87
C13 CLA AE . -9.13 -17.75 -27.22
C14 CLA AE . -8.15 -18.53 -28.09
C15 CLA AE . -10.49 -17.56 -27.90
C16 CLA AE . -10.98 -18.80 -28.64
C17 CLA AE . -12.46 -18.64 -29.02
C18 CLA AE . -13.09 -19.92 -29.51
C19 CLA AE . -14.35 -19.60 -30.31
C20 CLA AE . -12.15 -20.77 -30.35
HHB CLA AE . -0.41 -9.37 -18.55
HHC CLA AE . -1.18 -4.21 -15.28
HHD CLA AE . -1.78 -7.03 -10.27
H2A CLA AE . 0.41 -12.78 -15.35
H3A CLA AE . -0.90 -11.87 -17.80
HMA1 CLA AE . 1.31 -12.50 -18.10
HMA2 CLA AE . 1.85 -11.65 -16.70
HMA3 CLA AE . 1.41 -10.77 -18.12
HAA1 CLA AE . -2.28 -13.10 -16.74
HAA2 CLA AE . -2.02 -13.78 -15.15
HBA1 CLA AE . -1.32 -15.60 -16.29
HBA2 CLA AE . 0.21 -14.73 -16.36
HMB1 CLA AE . 0.42 -7.40 -19.79
HMB2 CLA AE . -0.45 -5.96 -20.20
HMB3 CLA AE . -1.26 -7.50 -20.20
HBB1 CLA AE . -2.89 -4.90 -19.74
HBB2 CLA AE . -2.90 -3.07 -19.37
HMC1 CLA AE . -3.31 -2.31 -13.20
HMC2 CLA AE . -1.76 -2.47 -13.99
HMC3 CLA AE . -1.86 -2.22 -12.29
HAC1 CLA AE . -3.35 -4.86 -9.70
HAC2 CLA AE . -3.36 -3.27 -10.47
HBC1 CLA AE . -1.57 -3.40 -8.80
HBC2 CLA AE . -0.88 -3.26 -10.38
HBC3 CLA AE . -0.90 -4.79 -9.58
HMD1 CLA AE . -2.42 -9.18 -8.43
HMD2 CLA AE . -2.75 -10.86 -8.66
HMD3 CLA AE . -3.99 -9.70 -8.97
HBD CLA AE . -2.19 -13.48 -13.01
HED1 CLA AE . 0.79 -16.44 -12.47
HED2 CLA AE . -0.12 -15.69 -11.20
HED3 CLA AE . 1.50 -15.17 -11.53
H11 CLA AE . -0.12 -16.98 -20.49
H12 CLA AE . -0.10 -15.26 -20.81
H2 CLA AE . -2.83 -15.77 -20.06
H41 CLA AE . -1.83 -17.24 -23.84
H42 CLA AE . -1.07 -18.15 -22.59
H43 CLA AE . -0.53 -16.54 -22.94
H51 CLA AE . -4.44 -16.90 -21.46
H52 CLA AE . -3.96 -17.57 -23.00
H61 CLA AE . -3.44 -14.79 -23.22
H62 CLA AE . -4.96 -14.92 -22.32
H71 CLA AE . -5.68 -16.64 -24.08
H72 CLA AE . -4.30 -16.13 -25.03
H8 CLA AE . -5.48 -14.51 -25.95
H91 CLA AE . -6.34 -12.61 -24.74
H92 CLA AE . -4.78 -13.02 -24.12
H93 CLA AE . -6.21 -13.43 -23.23
H101 CLA AE . -7.89 -14.32 -25.58
H102 CLA AE . -7.76 -15.22 -24.07
H111 CLA AE . -7.71 -17.22 -25.11
H112 CLA AE . -6.55 -16.67 -26.32
H121 CLA AE . -8.20 -15.90 -27.78
H122 CLA AE . -9.41 -15.74 -26.51
H13 CLA AE . -9.28 -18.30 -26.29
H141 CLA AE . -8.42 -19.55 -28.11
H142 CLA AE . -7.18 -18.43 -27.69
H143 CLA AE . -8.15 -18.14 -29.08
H151 CLA AE . -10.43 -16.73 -28.60
H152 CLA AE . -11.23 -17.29 -27.14
H161 CLA AE . -10.86 -19.68 -28.01
H162 CLA AE . -10.39 -18.94 -29.54
H171 CLA AE . -12.54 -17.87 -29.80
H172 CLA AE . -13.00 -18.27 -28.16
H18 CLA AE . -13.40 -20.51 -28.64
H191 CLA AE . -14.80 -20.50 -30.66
H192 CLA AE . -14.10 -18.98 -31.14
H193 CLA AE . -15.05 -19.09 -29.70
H201 CLA AE . -12.70 -21.53 -30.85
H202 CLA AE . -11.43 -21.23 -29.72
H203 CLA AE . -11.66 -20.17 -31.07
HHC2 CLA AE . -2.84 -4.57 -15.62
HHD2 CLA AE . -3.49 -7.22 -10.55
MG CLA BE . -16.33 -4.91 21.41
CHA CLA BE . -18.32 -7.39 20.06
CHB CLA BE . -17.38 -5.74 24.60
CHC CLA BE . -14.26 -2.60 22.61
CHD CLA BE . -15.26 -4.09 18.12
NA CLA BE . -17.69 -6.41 22.26
C1A CLA BE . -18.40 -7.31 21.57
C2A CLA BE . -19.23 -8.17 22.48
C3A CLA BE . -18.93 -7.60 23.89
C4A CLA BE . -17.94 -6.53 23.58
CMA CLA BE . -20.12 -7.24 24.77
CAA CLA BE . -18.81 -9.65 22.42
CBA CLA BE . -17.31 -9.96 22.62
CGA CLA BE . -16.43 -9.54 21.46
O1A CLA BE . -16.60 -10.04 20.36
O2A CLA BE . -15.48 -8.64 21.66
NB CLA BE . -15.89 -4.29 23.28
C1B CLA BE . -16.45 -4.70 24.47
C2B CLA BE . -15.92 -3.93 25.56
C3B CLA BE . -15.04 -3.06 25.00
C4B CLA BE . -15.03 -3.30 23.55
CMB CLA BE . -16.30 -4.13 27.01
CAB CLA BE . -14.23 -2.03 25.68
CBB CLA BE . -14.85 -1.12 26.71
NC CLA BE . -14.98 -3.58 20.52
C1C CLA BE . -14.24 -2.71 21.19
C2C CLA BE . -13.39 -1.87 20.31
C3C CLA BE . -13.69 -2.32 19.05
C4C CLA BE . -14.68 -3.38 19.19
CMC CLA BE . -12.42 -0.80 20.71
CAC CLA BE . -13.11 -1.82 17.75
CBC CLA BE . -11.93 -2.69 17.39
ND CLA BE . -16.63 -5.51 19.54
C1D CLA BE . -16.18 -5.15 18.31
C2D CLA BE . -16.78 -5.95 17.25
C3D CLA BE . -17.61 -6.83 17.95
C4D CLA BE . -17.51 -6.55 19.31
CMD CLA BE . -16.62 -5.96 15.75
CAD CLA BE . -18.54 -7.92 17.75
OBD CLA BE . -18.77 -8.49 16.70
CBD CLA BE . -19.06 -8.32 19.11
CGD CLA BE . -20.54 -8.11 19.13
O1D CLA BE . -21.09 -7.47 18.25
O2D CLA BE . -21.29 -8.60 20.12
CED CLA BE . -21.87 -9.89 19.90
C1 CLA BE . -14.52 -8.34 20.61
C2 CLA BE . -13.34 -7.43 20.92
C3 CLA BE . -12.58 -6.92 19.92
C4 CLA BE . -12.87 -7.25 18.48
C5 CLA BE . -11.40 -6.01 20.13
C6 CLA BE . -11.39 -5.34 21.50
C7 CLA BE . -10.45 -4.14 21.52
C8 CLA BE . -9.56 -4.04 22.77
C9 CLA BE . -8.48 -5.12 22.75
C10 CLA BE . -10.36 -4.08 24.08
C11 CLA BE . -10.88 -2.69 24.47
C12 CLA BE . -9.87 -1.97 25.35
C13 CLA BE . -10.40 -0.64 25.88
C14 CLA BE . -9.74 0.51 25.11
C15 CLA BE . -10.14 -0.58 27.38
C16 CLA BE . -10.63 0.69 28.07
C17 CLA BE . -10.16 0.69 29.52
C18 CLA BE . -10.57 1.94 30.28
C19 CLA BE . -10.51 1.68 31.79
C20 CLA BE . -9.72 3.14 29.91
HHB CLA BE . -17.57 -6.08 25.61
HHC CLA BE . -14.40 -1.55 22.82
HHD CLA BE . -15.75 -3.35 17.49
H2A CLA BE . -20.30 -8.07 22.25
H3A CLA BE . -18.41 -8.38 24.44
HMA1 CLA BE . -20.48 -8.11 25.25
HMA2 CLA BE . -20.89 -6.83 24.17
HMA3 CLA BE . -19.81 -6.53 25.49
HAA1 CLA BE . -19.14 -10.08 21.49
HAA2 CLA BE . -19.35 -10.15 23.22
HBA1 CLA BE . -17.21 -11.04 22.74
HBA2 CLA BE . -16.93 -9.50 23.54
HMB1 CLA BE . -17.35 -4.26 27.08
HMB2 CLA BE . -16.02 -3.29 27.58
HMB3 CLA BE . -15.81 -4.99 27.38
HBB1 CLA BE . -15.92 -1.00 26.73
HBB2 CLA BE . -14.23 -0.38 27.18
HMC1 CLA BE . -12.58 -0.52 21.71
HMC2 CLA BE . -12.55 0.05 20.08
HMC3 CLA BE . -11.43 -1.16 20.59
HAC1 CLA BE . -12.79 -0.78 17.86
HAC2 CLA BE . -13.86 -1.87 16.97
HBC1 CLA BE . -11.77 -2.67 16.34
HBC2 CLA BE . -12.14 -3.69 17.69
HBC3 CLA BE . -11.07 -2.35 17.89
HMD1 CLA BE . -16.84 -5.00 15.37
HMD2 CLA BE . -17.30 -6.66 15.34
HMD3 CLA BE . -15.63 -6.23 15.50
HBD CLA BE . -18.82 -9.37 19.32
HED1 CLA BE . -22.72 -10.00 20.52
HED2 CLA BE . -21.16 -10.63 20.15
HED3 CLA BE . -22.14 -9.99 18.88
H11 CLA BE . -15.08 -7.89 19.79
H12 CLA BE . -14.12 -9.28 20.24
H2 CLA BE . -13.12 -7.19 21.94
H41 CLA BE . -12.09 -6.86 17.88
H42 CLA BE . -13.79 -6.82 18.19
H43 CLA BE . -12.92 -8.30 18.36
H51 CLA BE . -11.40 -5.25 19.36
H52 CLA BE . -10.48 -6.59 20.03
H61 CLA BE . -11.10 -6.06 22.25
H62 CLA BE . -12.41 -4.99 21.74
H71 CLA BE . -11.04 -3.22 21.44
H72 CLA BE . -9.81 -4.18 20.64
H8 CLA BE . -9.05 -3.07 22.73
H91 CLA BE . -7.92 -5.08 23.65
H92 CLA BE . -7.83 -4.96 21.93
H93 CLA BE . -8.93 -6.07 22.66
H101 CLA BE . -9.72 -4.45 24.87
H102 CLA BE . -11.20 -4.76 23.99
H111 CLA BE . -11.82 -2.81 25.01
H112 CLA BE . -11.08 -2.11 23.57
H121 CLA BE . -8.96 -1.78 24.77
H122 CLA BE . -9.60 -2.61 26.20
H13 CLA BE . -11.49 -0.59 25.70
H141 CLA BE . -10.16 1.43 25.40
H142 CLA BE . -9.88 0.36 24.07
H143 CLA BE . -8.70 0.52 25.32
H151 CLA BE . -9.06 -0.69 27.55
H152 CLA BE . -10.62 -1.43 27.85
H161 CLA BE . -11.72 0.74 28.03
H162 CLA BE . -10.23 1.58 27.56
H171 CLA BE . -9.08 0.59 29.55
H172 CLA BE . -10.58 -0.19 30.03
H18 CLA BE . -11.62 2.17 30.02
H191 CLA BE . -10.58 2.60 32.31
H192 CLA BE . -9.60 1.20 32.03
H193 CLA BE . -11.32 1.06 32.08
H201 CLA BE . -9.95 3.96 30.54
H202 CLA BE . -9.89 3.41 28.91
H203 CLA BE . -8.69 2.89 30.03
HHC2 CLA BE . -13.23 -2.81 22.91
HHD2 CLA BE . -14.43 -4.49 17.54
C1 BCR CE . 42.94 23.76 -3.59
C2 BCR CE . 42.96 23.00 -2.27
C3 BCR CE . 42.24 23.73 -1.13
C4 BCR CE . 40.89 24.25 -1.57
C5 BCR CE . 40.66 23.82 -2.99
C6 BCR CE . 41.54 24.24 -3.88
C7 BCR CE . 41.39 25.11 -5.10
C8 BCR CE . 40.42 25.81 -5.72
C9 BCR CE . 39.02 25.94 -5.34
C10 BCR CE . 38.18 26.79 -6.17
C11 BCR CE . 36.97 26.80 -6.90
C33 BCR CE . 39.59 22.82 -3.28
C31 BCR CE . 43.34 22.82 -4.73
C32 BCR CE . 43.85 24.97 -3.48
C34 BCR CE . 38.25 25.36 -4.21
C12 BCR CE . 35.90 26.91 -7.46
C13 BCR CE . 35.13 27.45 -8.52
C14 BCR CE . 34.72 28.72 -8.28
C15 BCR CE . 33.96 29.55 -9.16
C16 BCR CE . 33.42 30.78 -9.37
C17 BCR CE . 32.78 31.18 -10.44
C18 BCR CE . 32.38 32.42 -10.79
C19 BCR CE . 31.75 32.75 -12.08
C20 BCR CE . 31.32 33.49 -13.09
C21 BCR CE . 30.95 34.59 -13.92
C22 BCR CE . 30.54 34.58 -15.21
C23 BCR CE . 30.24 35.80 -15.99
C24 BCR CE . 29.85 35.81 -17.44
C25 BCR CE . 29.52 36.97 -18.30
C26 BCR CE . 29.04 36.65 -19.50
C27 BCR CE . 29.49 37.48 -20.65
C28 BCR CE . 28.81 38.80 -20.35
C29 BCR CE . 29.47 39.40 -19.11
C30 BCR CE . 29.68 38.45 -17.92
C35 BCR CE . 34.83 26.66 -9.75
C36 BCR CE . 32.62 33.54 -9.82
C37 BCR CE . 30.38 33.26 -15.91
C38 BCR CE . 28.06 35.54 -19.77
C39 BCR CE . 28.76 38.80 -16.74
C40 BCR CE . 31.13 38.71 -17.53
HC21 BCR CE . 42.49 22.02 -2.41
HC22 BCR CE . 43.99 22.82 -1.98
HC31 BCR CE . 42.10 23.04 -0.29
HC32 BCR CE . 42.86 24.56 -0.78
HC41 BCR CE . 40.10 23.86 -0.93
HC42 BCR CE . 40.87 25.34 -1.51
HC7 BCR CE . 42.33 25.23 -5.61
HC8 BCR CE . 40.72 26.34 -6.61
H331 BCR CE . 39.52 22.66 -4.32
H332 BCR CE . 38.66 23.16 -2.89
H333 BCR CE . 39.84 21.93 -2.79
H311 BCR CE . 43.98 23.31 -5.41
H312 BCR CE . 42.46 22.50 -5.24
H313 BCR CE . 43.84 21.98 -4.33
H321 BCR CE . 43.28 25.85 -3.36
H322 BCR CE . 44.46 25.07 -4.34
H323 BCR CE . 44.49 24.86 -2.63
H341 BCR CE . 38.02 24.36 -4.44
H342 BCR CE . 38.80 25.43 -3.30
H343 BCR CE . 37.36 25.91 -4.09
H14C BCR CE . 35.02 29.17 -7.34
H15C BCR CE . 33.62 29.19 -10.12
H16C BCR CE . 33.75 31.22 -8.44
H17C BCR CE . 32.62 30.45 -11.21
H19C BCR CE . 31.69 31.79 -12.53
H21C BCR CE . 31.19 35.33 -13.18
H23C BCR CE . 30.35 36.75 -15.49
H24C BCR CE . 29.71 34.84 -17.89
H271 BCR CE . 29.17 37.06 -21.59
H272 BCR CE . 30.58 37.60 -20.64
H281 BCR CE . 27.75 38.64 -20.18
H282 BCR CE . 28.92 39.47 -21.20
H291 BCR CE . 30.45 39.76 -19.43
H292 BCR CE . 28.89 40.28 -18.81
H351 BCR CE . 33.80 26.76 -10.00
H352 BCR CE . 35.04 25.64 -9.55
H353 BCR CE . 35.44 26.99 -10.54
H361 BCR CE . 32.32 34.46 -10.25
H362 BCR CE . 33.65 33.58 -9.58
H363 BCR CE . 32.06 33.36 -8.94
H371 BCR CE . 29.40 33.18 -16.29
H372 BCR CE . 30.56 32.46 -15.25
H373 BCR CE . 31.08 33.21 -16.71
H381 BCR CE . 27.25 35.93 -20.33
H382 BCR CE . 27.69 35.15 -18.86
H383 BCR CE . 28.54 34.79 -20.33
H391 BCR CE . 29.35 38.93 -15.87
H392 BCR CE . 28.10 37.99 -16.57
H393 BCR CE . 28.21 39.67 -16.93
H401 BCR CE . 31.27 39.74 -17.32
H402 BCR CE . 31.77 38.42 -18.33
H403 BCR CE . 31.39 38.16 -16.67
MG CLA DE . -5.91 -2.34 -16.63
CHA CLA DE . -5.79 0.42 -18.68
CHB CLA DE . -5.61 -4.43 -19.37
CHC CLA DE . -5.76 -4.91 -14.53
CHD CLA DE . -6.54 -0.22 -13.89
NA CLA DE . -5.71 -2.06 -18.81
C1A CLA DE . -5.72 -0.89 -19.44
C2A CLA DE . -5.67 -1.06 -20.93
C3A CLA DE . -5.66 -2.59 -21.11
C4A CLA DE . -5.64 -3.07 -19.69
CMA CLA DE . -6.72 -3.18 -22.00
CAA CLA DE . -4.38 -0.49 -21.52
CBA CLA DE . -4.47 -0.44 -23.04
CGA CLA DE . -3.74 -1.60 -23.66
O1A CLA DE . -2.52 -1.62 -23.61
O2A CLA DE . -4.42 -2.57 -24.25
NB CLA DE . -5.70 -4.34 -16.90
C1B CLA DE . -5.62 -5.02 -18.09
C2B CLA DE . -5.56 -6.43 -17.85
C3B CLA DE . -5.61 -6.56 -16.48
C4B CLA DE . -5.70 -5.22 -15.90
CMB CLA DE . -5.46 -7.50 -18.90
CAB CLA DE . -5.55 -7.80 -15.70
CBB CLA DE . -4.70 -8.93 -16.22
NC CLA DE . -6.00 -2.51 -14.54
C1C CLA DE . -5.97 -3.67 -13.89
C2C CLA DE . -6.17 -3.48 -12.43
C3C CLA DE . -6.33 -2.14 -12.27
C4C CLA DE . -6.23 -1.54 -13.59
CMC CLA DE . -6.20 -4.55 -11.36
CAC CLA DE . -6.59 -1.42 -10.97
CBC CLA DE . -5.45 -0.50 -10.62
ND CLA DE . -6.17 -0.41 -16.27
C1D CLA DE . -6.35 0.36 -15.16
C2D CLA DE . -6.30 1.77 -15.47
C3D CLA DE . -6.09 1.79 -16.84
C4D CLA DE . -6.01 0.48 -17.31
CMD CLA DE . -6.46 3.00 -14.62
CAD CLA DE . -5.93 2.70 -17.97
OBD CLA DE . -5.53 3.83 -17.84
CBD CLA DE . -5.60 1.84 -19.16
CGD CLA DE . -6.47 2.20 -20.33
O1D CLA DE . -7.60 2.60 -20.16
O2D CLA DE . -6.00 2.07 -21.57
CED CLA DE . -5.06 3.05 -22.01
C1 CLA DE . -3.85 -3.90 -24.43
C2 CLA DE . -4.68 -5.09 -24.00
C3 CLA DE . -4.24 -6.03 -23.14
C4 CLA DE . -2.88 -6.03 -22.51
C5 CLA DE . -5.13 -7.20 -22.76
C6 CLA DE . -4.70 -8.48 -23.47
C7 CLA DE . -4.41 -8.26 -24.94
C8 CLA DE . -4.17 -9.60 -25.65
C9 CLA DE . -2.68 -9.88 -25.75
C10 CLA DE . -4.81 -9.63 -27.04
C11 CLA DE . -5.68 -10.86 -27.24
C12 CLA DE . -6.57 -10.70 -28.47
C13 CLA DE . -7.10 -12.04 -29.00
C14 CLA DE . -7.64 -11.86 -30.42
C15 CLA DE . -8.12 -12.66 -28.05
C16 CLA DE . -9.55 -12.16 -28.21
C17 CLA DE . -10.45 -13.26 -28.79
C18 CLA DE . -11.73 -12.69 -29.42
C19 CLA DE . -12.57 -13.81 -30.00
C20 CLA DE . -12.54 -11.87 -28.44
HHB CLA DE . -5.46 -5.11 -20.19
HHC CLA DE . -6.51 -5.58 -14.11
HHD CLA DE . -7.60 -0.10 -13.67
H2A CLA DE . -6.55 -0.63 -21.41
H3A CLA DE . -4.69 -2.88 -21.54
HMA1 CLA DE . -6.68 -2.72 -22.96
HMA2 CLA DE . -7.68 -2.99 -21.57
HMA3 CLA DE . -6.58 -4.22 -22.10
HAA1 CLA DE . -3.54 -1.12 -21.23
HAA2 CLA DE . -4.21 0.51 -21.13
HBA1 CLA DE . -4.02 0.50 -23.40
HBA2 CLA DE . -5.51 -0.45 -23.36
HMB1 CLA DE . -6.15 -7.27 -19.68
HMB2 CLA DE . -5.73 -8.44 -18.49
HMB3 CLA DE . -4.48 -7.54 -19.29
HBB1 CLA DE . -3.69 -9.02 -15.88
HBB2 CLA DE . -5.19 -9.80 -16.61
HMC1 CLA DE . -5.93 -5.48 -11.78
HMC2 CLA DE . -7.16 -4.59 -10.94
HMC3 CLA DE . -5.50 -4.29 -10.60
HAC1 CLA DE . -6.74 -2.14 -10.16
HAC2 CLA DE . -7.51 -0.82 -11.05
HBC1 CLA DE . -5.41 -0.40 -9.56
HBC2 CLA DE . -5.61 0.46 -11.04
HBC3 CLA DE . -4.54 -0.90 -10.97
HMD1 CLA DE . -5.60 3.12 -14.00
HMD2 CLA DE . -7.33 2.91 -14.02
HMD3 CLA DE . -6.54 3.85 -15.25
HBD CLA DE . -4.55 1.99 -19.44
HED1 CLA DE . -4.78 2.86 -23.01
HED2 CLA DE . -4.18 2.99 -21.40
HED3 CLA DE . -5.48 4.02 -21.93
H11 CLA DE . -2.88 -3.93 -23.94
H12 CLA DE . -3.65 -4.02 -25.50
H2 CLA DE . -5.67 -5.19 -24.40
H41 CLA DE . -2.84 -6.80 -21.78
H42 CLA DE . -2.72 -5.09 -22.05
H43 CLA DE . -2.15 -6.20 -23.25
H51 CLA DE . -6.16 -6.96 -23.03
H52 CLA DE . -5.09 -7.34 -21.68
H61 CLA DE . -5.49 -9.23 -23.35
H62 CLA DE . -3.80 -8.88 -22.97
H71 CLA DE . -3.52 -7.65 -25.06
H72 CLA DE . -5.25 -7.73 -25.40
H8 CLA DE . -4.63 -10.40 -25.05
H91 CLA DE . -2.53 -10.84 -26.17
H92 CLA DE . -2.26 -9.84 -24.78
H93 CLA DE . -2.22 -9.15 -26.36
H101 CLA DE . -4.01 -9.63 -27.79
H102 CLA DE . -5.41 -8.74 -27.22
H111 CLA DE . -6.30 -11.02 -26.36
H112 CLA DE . -5.04 -11.74 -27.37
H121 CLA DE . -5.99 -10.21 -29.26
H122 CLA DE . -7.42 -10.05 -28.23
H13 CLA DE . -6.24 -12.72 -29.06
H141 CLA DE . -8.30 -12.66 -30.65
H142 CLA DE . -6.83 -11.87 -31.10
H143 CLA DE . -8.15 -10.94 -30.49
H151 CLA DE . -7.80 -12.48 -27.01
H152 CLA DE . -8.11 -13.74 -28.18
H161 CLA DE . -9.59 -11.27 -28.83
H162 CLA DE . -9.94 -11.89 -27.22
H171 CLA DE . -10.73 -13.95 -27.99
H172 CLA DE . -9.90 -13.82 -29.54
H18 CLA DE . -11.43 -12.04 -30.26
H191 CLA DE . -13.47 -13.41 -30.40
H192 CLA DE . -12.82 -14.51 -29.22
H193 CLA DE . -12.04 -14.31 -30.76
H201 CLA DE . -13.40 -11.49 -28.94
H202 CLA DE . -11.97 -11.06 -28.07
H203 CLA DE . -12.85 -12.48 -27.63
HHC2 CLA DE . -4.81 -5.28 -14.12
HHD2 CLA DE . -6.02 0.42 -13.17
MG CLA EE . -24.93 -14.26 23.43
CHA CLA EE . -27.15 -11.66 23.79
CHB CLA EE . -27.55 -16.51 23.02
CHC CLA EE . -22.69 -16.66 23.10
CHD CLA EE . -22.26 -11.94 23.85
NA CLA EE . -27.13 -14.12 23.40
C1A CLA EE . -27.82 -13.00 23.56
C2A CLA EE . -29.31 -13.24 23.52
C3A CLA EE . -29.40 -14.76 23.25
C4A CLA EE . -27.95 -15.18 23.22
CMA CLA EE . -30.42 -15.61 24.00
CAA CLA EE . -30.00 -12.38 22.48
CBA CLA EE . -31.02 -11.46 23.15
CGA CLA EE . -31.35 -10.29 22.27
O1A CLA EE . -31.12 -10.35 21.08
O2A CLA EE . -31.87 -9.22 22.83
NB CLA EE . -25.09 -16.27 23.10
C1B CLA EE . -26.23 -17.01 22.97
C2B CLA EE . -25.86 -18.40 22.77
C3B CLA EE . -24.50 -18.43 22.79
C4B CLA EE . -24.02 -17.06 23.00
CMB CLA EE . -26.77 -19.58 22.56
CAB CLA EE . -23.66 -19.65 22.62
CBB CLA EE . -22.18 -19.71 22.93
NC CLA EE . -22.83 -14.26 23.30
C1C CLA EE . -22.13 -15.38 23.30
C2C CLA EE . -20.69 -15.17 23.52
C3C CLA EE . -20.56 -13.82 23.66
C4C CLA EE . -21.91 -13.26 23.54
CMC CLA EE . -19.66 -16.26 23.58
CAC CLA EE . -19.28 -13.07 23.93
CBC CLA EE . -19.27 -12.50 25.33
ND CLA EE . -24.66 -12.33 23.79
C1D CLA EE . -23.60 -11.48 23.86
C2D CLA EE . -24.01 -10.09 23.92
C3D CLA EE . -25.41 -10.17 23.90
C4D CLA EE . -25.77 -11.52 23.81
CMD CLA EE . -23.28 -8.78 24.00
CAD CLA EE . -26.61 -9.37 23.92
OBD CLA EE . -26.68 -8.22 23.51
CBD CLA EE . -27.77 -10.31 24.05
CGD CLA EE . -28.31 -10.22 25.45
O1D CLA EE . -29.37 -9.70 25.68
O2D CLA EE . -27.60 -10.72 26.46
CED CLA EE . -28.28 -11.63 27.32
C1 CLA EE . -33.31 -9.01 22.80
C2 CLA EE . -33.97 -8.61 21.50
C3 CLA EE . -34.36 -7.35 21.26
C4 CLA EE . -34.16 -6.22 22.23
C5 CLA EE . -35.02 -6.95 19.95
C6 CLA EE . -36.47 -6.57 20.23
C7 CLA EE . -37.37 -7.02 19.08
C8 CLA EE . -38.86 -6.79 19.33
C9 CLA EE . -39.16 -5.82 20.48
C10 CLA EE . -39.58 -8.13 19.51
C11 CLA EE . -39.18 -8.93 20.75
C12 CLA EE . -40.40 -9.69 21.26
C13 CLA EE . -40.05 -10.86 22.19
C14 CLA EE . -41.35 -11.46 22.73
C15 CLA EE . -39.11 -10.40 23.31
C16 CLA EE . -39.04 -11.34 24.51
C17 CLA EE . -38.38 -12.68 24.16
C18 CLA EE . -38.57 -13.70 25.28
C19 CLA EE . -38.00 -15.05 24.88
C20 CLA EE . -37.95 -13.22 26.59
HHB CLA EE . -28.33 -17.22 22.82
HHC CLA EE . -22.26 -17.28 23.88
HHD CLA EE . -21.86 -11.74 24.85
H2A CLA EE . -29.74 -13.04 24.51
HMA1 CLA EE . -31.38 -15.17 23.92
HMA2 CLA EE . -30.14 -15.70 25.02
HMA3 CLA EE . -30.45 -16.58 23.56
HAA1 CLA EE . -30.52 -13.02 21.77
HAA2 CLA EE . -29.27 -11.78 21.93
HBA1 CLA EE . -30.61 -11.10 24.10
HBA2 CLA EE . -31.93 -12.03 23.37
HMB1 CLA EE . -26.40 -20.41 23.12
HMB2 CLA EE . -26.79 -19.83 21.54
HMB3 CLA EE . -27.75 -19.34 22.89
HBB1 CLA EE . -21.77 -20.64 23.29
HBB2 CLA EE . -21.51 -19.01 22.44
HMC1 CLA EE . -19.65 -16.79 22.66
HMC2 CLA EE . -19.89 -16.93 24.36
HMC3 CLA EE . -18.69 -15.86 23.76
HAC1 CLA EE . -19.17 -12.26 23.20
HAC2 CLA EE . -18.42 -13.73 23.80
HBC1 CLA EE . -19.74 -11.55 25.33
HBC2 CLA EE . -18.27 -12.40 25.66
HBC3 CLA EE . -19.80 -13.15 25.97
HMD1 CLA EE . -23.04 -8.45 23.03
HMD2 CLA EE . -22.40 -8.89 24.57
HMD3 CLA EE . -23.91 -8.05 24.46
HBD CLA EE . -28.55 -10.08 23.31
HED1 CLA EE . -27.61 -12.00 28.05
HED2 CLA EE . -28.66 -12.43 26.75
HED3 CLA EE . -29.07 -11.12 27.80
H11 CLA EE . -33.57 -8.28 23.57
H12 CLA EE . -33.78 -9.94 23.11
H2 CLA EE . -34.14 -9.37 20.75
H41 CLA EE . -34.35 -5.30 21.76
H42 CLA EE . -33.17 -6.24 22.59
H43 CLA EE . -34.83 -6.35 23.05
H51 CLA EE . -34.98 -7.79 19.25
H52 CLA EE . -34.49 -6.10 19.51
H61 CLA EE . -36.53 -5.49 20.35
H62 CLA EE . -36.80 -7.05 21.16
H71 CLA EE . -37.21 -8.09 18.90
H72 CLA EE . -37.08 -6.48 18.18
H8 CLA EE . -39.27 -6.33 18.43
H91 CLA EE . -40.22 -5.70 20.57
H92 CLA EE . -38.73 -4.88 20.26
H93 CLA EE . -38.79 -6.18 21.40
H101 CLA EE . -39.39 -8.74 18.63
H102 CLA EE . -40.66 -7.96 19.55
H111 CLA EE . -38.80 -8.28 21.53
H112 CLA EE . -38.39 -9.64 20.50
H121 CLA EE . -40.96 -10.07 20.41
H122 CLA EE . -41.05 -9.00 21.80
H13 CLA EE . -39.54 -11.63 21.60
H141 CLA EE . -41.17 -12.45 23.06
H142 CLA EE . -42.07 -11.48 21.95
H143 CLA EE . -41.70 -10.87 23.53
H151 CLA EE . -39.42 -9.41 23.65
H152 CLA EE . -38.10 -10.29 22.89
H161 CLA EE . -40.04 -11.53 24.91
H162 CLA EE . -38.45 -10.87 25.29
H171 CLA EE . -37.32 -12.52 24.00
H172 CLA EE . -38.81 -13.07 23.24
H18 CLA EE . -39.65 -13.83 25.44
H191 CLA EE . -38.17 -15.75 25.66
H192 CLA EE . -36.95 -14.96 24.73
H193 CLA EE . -38.45 -15.39 23.99
H201 CLA EE . -37.91 -14.02 27.27
H202 CLA EE . -38.52 -12.43 26.99
H203 CLA EE . -36.95 -12.88 26.40
HHC2 CLA EE . -22.23 -17.01 22.17
HHD2 CLA EE . -21.70 -11.30 23.17
MG CLA FE . -6.96 -15.06 2.10
CHA CLA FE . -3.83 -15.49 0.74
CHB CLA FE . -5.83 -16.16 5.18
CHC CLA FE . -10.01 -14.47 3.32
CHD CLA FE . -8.15 -14.10 -1.10
NA CLA FE . -5.03 -15.76 2.90
C1A CLA FE . -3.90 -15.89 2.20
C2A CLA FE . -2.80 -16.52 3.03
C3A CLA FE . -3.48 -16.72 4.40
C4A CLA FE . -4.86 -16.19 4.16
CMA CLA FE . -3.40 -18.12 4.99
CAA CLA FE . -1.55 -15.65 3.15
CBA CLA FE . -0.32 -16.50 3.49
CGA CLA FE . -0.16 -16.72 4.97
O1A CLA FE . 0.41 -17.73 5.35
O2A CLA FE . -0.64 -15.83 5.83
NB CLA FE . -7.78 -15.28 3.94
C1B CLA FE . -7.17 -15.73 5.09
C2B CLA FE . -8.11 -15.71 6.17
C3B CLA FE . -9.27 -15.25 5.63
C4B CLA FE . -9.06 -14.97 4.22
CMB CLA FE . -7.89 -16.12 7.61
CAB CLA FE . -10.54 -15.01 6.34
CBB CLA FE . -10.50 -14.27 7.66
NC CLA FE . -8.73 -14.26 1.28
C1C CLA FE . -9.89 -14.21 1.93
C2C CLA FE . -11.02 -13.85 1.05
C3C CLA FE . -10.46 -13.68 -0.18
C4C CLA FE . -9.04 -13.95 -0.04
CMC CLA FE . -12.48 -13.71 1.44
CAC CLA FE . -11.18 -13.33 -1.47
CBC CLA FE . -11.35 -14.55 -2.34
ND CLA FE . -6.29 -14.88 0.25
C1D CLA FE . -6.78 -14.41 -0.93
C2D CLA FE . -5.75 -14.27 -1.94
C3D CLA FE . -4.61 -14.71 -1.28
C4D CLA FE . -4.94 -15.06 0.03
CMD CLA FE . -5.75 -13.81 -3.37
CAD CLA FE . -3.19 -14.90 -1.48
OBD CLA FE . -2.53 -14.22 -2.26
CBD CLA FE . -2.63 -15.37 -0.17
CGD CLA FE . -1.84 -16.63 -0.40
O1D CLA FE . -1.93 -17.59 0.34
O2D CLA FE . -1.02 -16.66 -1.45
CED CLA FE . -0.01 -17.67 -1.46
C1 CLA FE . -0.28 -15.86 7.25
C2 CLA FE . 0.92 -15.09 7.76
C3 CLA FE . 2.02 -15.65 8.30
C4 CLA FE . 2.20 -17.14 8.42
C5 CLA FE . 3.16 -14.80 8.80
C6 CLA FE . 2.87 -14.40 10.25
C7 CLA FE . 3.15 -12.92 10.54
C8 CLA FE . 4.63 -12.51 10.64
C9 CLA FE . 5.55 -13.63 11.11
C10 CLA FE . 4.82 -11.26 11.51
C11 CLA FE . 4.30 -11.37 12.94
C12 CLA FE . 3.07 -10.49 13.17
C13 CLA FE . 3.39 -9.07 13.63
C14 CLA FE . 3.05 -8.91 15.11
C15 CLA FE . 2.62 -8.07 12.78
C16 CLA FE . 2.87 -6.60 13.10
C17 CLA FE . 4.29 -6.16 12.79
C18 CLA FE . 4.42 -4.64 12.75
C19 CLA FE . 4.49 -4.04 14.14
C20 CLA FE . 5.65 -4.23 11.93
HHB CLA FE . -5.47 -16.37 6.17
HHC CLA FE . -10.86 -15.14 3.42
HHD CLA FE . -8.57 -14.89 -1.74
H2A CLA FE . -2.54 -17.50 2.63
H3A CLA FE . -2.99 -16.05 5.12
HMA1 CLA FE . -2.44 -18.51 4.83
HMA2 CLA FE . -4.12 -18.74 4.51
HMA3 CLA FE . -3.60 -18.08 6.03
HAA1 CLA FE . -1.69 -14.88 3.92
HAA2 CLA FE . -1.37 -15.14 2.21
HBA1 CLA FE . 0.57 -15.99 3.11
HBA2 CLA FE . -0.39 -17.47 2.99
HMB1 CLA FE . -6.94 -16.55 7.73
HMB2 CLA FE . -8.64 -16.81 7.90
HMB3 CLA FE . -7.96 -15.26 8.23
HBB1 CLA FE . -9.85 -13.43 7.75
HBB2 CLA FE . -11.32 -14.38 8.34
HMC1 CLA FE . -12.83 -12.76 1.11
HMC2 CLA FE . -12.58 -13.78 2.49
HMC3 CLA FE . -13.04 -14.47 0.97
HAC1 CLA FE . -10.60 -12.58 -2.01
HAC2 CLA FE . -12.16 -12.91 -1.23
HBC1 CLA FE . -12.17 -14.42 -3.00
HBC2 CLA FE . -11.52 -15.40 -1.73
HBC3 CLA FE . -10.47 -14.71 -2.90
HMD1 CLA FE . -6.33 -12.93 -3.46
HMD2 CLA FE . -6.14 -14.57 -4.00
HMD3 CLA FE . -4.75 -13.58 -3.66
HBD CLA FE . -1.96 -14.60 0.22
HED1 CLA FE . 0.71 -17.43 -2.19
HED2 CLA FE . -0.44 -18.61 -1.69
HED3 CLA FE . 0.45 -17.71 -0.51
H11 CLA FE . -0.20 -16.90 7.56
H12 CLA FE . -1.14 -15.47 7.79
H2 CLA FE . 0.88 -14.01 7.73
H41 CLA FE . 3.20 -17.36 8.67
H42 CLA FE . 1.97 -17.60 7.50
H43 CLA FE . 1.56 -17.52 9.17
H51 CLA FE . 3.27 -13.91 8.18
H52 CLA FE . 4.10 -15.35 8.75
H61 CLA FE . 3.44 -15.05 10.93
H62 CLA FE . 1.82 -14.59 10.44
H71 CLA FE . 2.63 -12.66 11.47
H72 CLA FE . 2.69 -12.33 9.75
H8 CLA FE . 4.94 -12.24 9.62
H91 CLA FE . 6.53 -13.25 11.20
H92 CLA FE . 5.54 -14.42 10.40
H93 CLA FE . 5.22 -14.00 12.05
H101 CLA FE . 4.34 -10.41 11.01
H102 CLA FE . 5.89 -11.04 11.55
H111 CLA FE . 5.08 -11.07 13.64
H112 CLA FE . 4.04 -12.41 13.16
H121 CLA FE . 2.42 -10.96 13.90
H122 CLA FE . 2.50 -10.43 12.24
H13 CLA FE . 4.47 -8.90 13.49
H141 CLA FE . 3.60 -8.10 15.51
H142 CLA FE . 3.30 -9.79 15.64
H143 CLA FE . 2.02 -8.72 15.21
H151 CLA FE . 1.55 -8.27 12.93
H152 CLA FE . 2.84 -8.26 11.72
H161 CLA FE . 2.65 -6.42 14.16
H162 CLA FE . 2.18 -6.00 12.51
H171 CLA FE . 4.59 -6.58 11.82
H172 CLA FE . 4.96 -6.56 13.55
H18 CLA FE . 3.54 -4.23 12.25
H191 CLA FE . 4.73 -3.01 14.07
H192 CLA FE . 5.25 -4.54 14.70
H193 CLA FE . 3.56 -4.16 14.63
H201 CLA FE . 5.71 -3.18 11.89
H202 CLA FE . 5.56 -4.62 10.96
H203 CLA FE . 6.52 -4.63 12.39
HHC2 CLA FE . -10.33 -13.53 3.76
HHD2 CLA FE . -8.20 -13.18 -1.70
MG CLA GE . -0.88 -18.71 -8.10
CHA CLA GE . -3.83 -20.39 -7.44
CHB CLA GE . -2.55 -15.68 -8.12
CHC CLA GE . 2.05 -17.19 -8.52
CHD CLA GE . 0.80 -21.81 -8.18
NA CLA GE . -2.98 -18.08 -7.82
C1A CLA GE . -4.01 -18.90 -7.62
C2A CLA GE . -5.30 -18.16 -7.59
C3A CLA GE . -4.87 -16.73 -7.89
C4A CLA GE . -3.38 -16.81 -7.94
CMA CLA GE . -5.48 -16.24 -9.17
CAA CLA GE . -5.95 -18.20 -6.20
CBA CLA GE . -7.31 -17.52 -6.17
CGA CLA GE . -7.51 -16.77 -4.87
O1A CLA GE . -8.37 -15.91 -4.79
O2A CLA GE . -6.73 -17.06 -3.84
NB CLA GE . -0.34 -16.75 -8.29
C1B CLA GE . -1.14 -15.64 -8.26
C2B CLA GE . -0.31 -14.45 -8.42
C3B CLA GE . 0.97 -14.92 -8.54
C4B CLA GE . 0.93 -16.37 -8.46
CMB CLA GE . -0.72 -13.01 -8.44
CAB CLA GE . 2.23 -14.15 -8.71
CBB CLA GE . 2.33 -12.88 -9.51
NC CLA GE . 1.10 -19.38 -8.25
C1C CLA GE . 2.13 -18.60 -8.48
C2C CLA GE . 3.39 -19.35 -8.68
C3C CLA GE . 3.02 -20.65 -8.55
C4C CLA GE . 1.59 -20.67 -8.30
CMC CLA GE . 4.76 -18.79 -8.95
CAC CLA GE . 3.92 -21.85 -8.69
CBC CLA GE . 4.07 -22.10 -10.17
ND CLA GE . -1.29 -20.62 -7.89
C1D CLA GE . -0.59 -21.78 -7.93
C2D CLA GE . -1.42 -22.94 -7.67
C3D CLA GE . -2.69 -22.39 -7.49
C4D CLA GE . -2.60 -21.01 -7.63
CMD CLA GE . -1.14 -24.42 -7.60
CAD CLA GE . -4.06 -22.74 -7.21
OBD CLA GE . -4.41 -23.82 -6.75
CBD CLA GE . -4.81 -21.46 -7.00
CGD CLA GE . -6.11 -21.49 -7.76
O1D CLA GE . -6.26 -22.25 -8.69
O2D CLA GE . -7.10 -20.68 -7.39
CED CLA GE . -8.03 -21.23 -6.46
C1 CLA GE . -7.11 -17.97 -2.78
C2 CLA GE . -6.04 -18.21 -1.72
C3 CLA GE . -5.97 -19.29 -0.95
C4 CLA GE . -6.97 -20.42 -1.02
C5 CLA GE . -4.86 -19.44 0.06
C6 CLA GE . -3.66 -19.98 -0.73
C7 CLA GE . -2.56 -20.74 0.02
C8 CLA GE . -2.73 -20.93 1.52
C9 CLA GE . -1.35 -21.11 2.17
C10 CLA GE . -3.59 -22.16 1.76
C11 CLA GE . -4.01 -22.28 3.22
C12 CLA GE . -5.26 -23.15 3.34
C13 CLA GE . -5.85 -23.09 4.75
C14 CLA GE . -6.49 -24.43 5.08
C15 CLA GE . -6.87 -21.96 4.81
C16 CLA GE . -7.23 -21.52 6.22
C17 CLA GE . -6.13 -20.68 6.87
C18 CLA GE . -6.71 -19.54 7.70
C19 CLA GE . -7.80 -20.00 8.67
C20 CLA GE . -5.59 -18.85 8.47
HHB CLA GE . -3.05 -14.72 -8.12
HHC CLA GE . 2.55 -16.90 -9.46
HHD CLA GE . 0.94 -22.39 -9.11
H2A CLA GE . -6.00 -18.54 -8.36
H3A CLA GE . -5.18 -16.07 -7.07
HMA1 CLA GE . -6.53 -16.16 -9.05
HMA2 CLA GE . -5.28 -16.94 -9.94
HMA3 CLA GE . -5.05 -15.31 -9.44
HAA1 CLA GE . -5.27 -17.69 -5.50
HAA2 CLA GE . -6.04 -19.23 -5.87
HBA1 CLA GE . -8.09 -18.28 -6.26
HBA2 CLA GE . -7.41 -16.83 -7.01
HMB1 CLA GE . -1.77 -12.92 -8.43
HMB2 CLA GE . -0.33 -12.54 -9.30
HMB3 CLA GE . -0.32 -12.53 -7.58
HBB1 CLA GE . 2.41 -11.95 -8.97
HBB2 CLA GE . 2.79 -12.94 -10.47
HMC1 CLA GE . 4.79 -17.78 -8.63
HMC2 CLA GE . 4.97 -18.85 -9.98
HMC3 CLA GE . 5.48 -19.35 -8.41
HAC1 CLA GE . 3.47 -22.72 -8.20
HAC2 CLA GE . 4.89 -21.64 -8.24
HBC1 CLA GE . 4.73 -22.91 -10.33
HBC2 CLA GE . 4.46 -21.23 -10.63
HBC3 CLA GE . 3.12 -22.32 -10.59
HMD1 CLA GE . -0.38 -24.59 -6.89
HMD2 CLA GE . -0.83 -24.76 -8.55
HMD3 CLA GE . -2.02 -24.92 -7.29
HBD CLA GE . -5.03 -21.33 -5.93
HED1 CLA GE . -8.13 -20.57 -5.64
HED2 CLA GE . -7.69 -22.18 -6.12
HED3 CLA GE . -8.98 -21.34 -6.94
H11 CLA GE . -7.37 -18.93 -3.23
H12 CLA GE . -8.01 -17.60 -2.29
H2 CLA GE . -5.28 -17.45 -1.61
H41 CLA GE . -6.66 -21.20 -0.37
H42 CLA GE . -7.01 -20.80 -2.01
H43 CLA GE . -7.92 -20.08 -0.73
H51 CLA GE . -5.15 -20.10 0.86
H52 CLA GE . -4.61 -18.46 0.47
H61 CLA GE . -3.19 -19.14 -1.25
H62 CLA GE . -4.05 -20.65 -1.51
H71 CLA GE . -1.62 -20.22 -0.16
H72 CLA GE . -2.46 -21.73 -0.44
H8 CLA GE . -3.21 -20.05 1.96
H91 CLA GE . -1.47 -21.27 3.21
H92 CLA GE . -0.78 -20.23 2.01
H93 CLA GE . -0.86 -21.94 1.73
H101 CLA GE . -3.03 -23.05 1.47
H102 CLA GE . -4.48 -22.12 1.13
H111 CLA GE . -4.21 -21.29 3.64
H112 CLA GE . -3.20 -22.74 3.79
H121 CLA GE . -5.00 -24.18 3.10
H122 CLA GE . -6.01 -22.81 2.63
H13 CLA GE . -5.04 -22.90 5.47
H141 CLA GE . -7.04 -24.35 5.99
H142 CLA GE . -5.73 -25.16 5.19
H143 CLA GE . -7.15 -24.71 4.31
H151 CLA GE . -7.77 -22.31 4.32
H152 CLA GE . -6.49 -21.11 4.24
H161 CLA GE . -7.40 -22.40 6.84
H162 CLA GE . -8.15 -20.95 6.18
H171 CLA GE . -5.48 -20.26 6.10
H172 CLA GE . -5.53 -21.32 7.52
H18 CLA GE . -7.16 -18.80 7.02
H191 CLA GE . -7.88 -19.30 9.46
H192 CLA GE . -7.53 -20.94 9.07
H193 CLA GE . -8.72 -20.07 8.17
H201 CLA GE . -5.99 -18.10 9.10
H202 CLA GE . -4.92 -18.39 7.78
H203 CLA GE . -5.07 -19.56 9.04
HHC2 CLA GE . 2.72 -16.84 -7.74
HHD2 CLA GE . 1.26 -22.42 -7.39
MG CLA HE . -32.89 -15.98 -23.00
CHA CLA HE . -35.09 -13.58 -24.16
CHB CLA HE . -35.50 -18.23 -22.58
CHC CLA HE . -30.65 -18.28 -22.13
CHD CLA HE . -30.24 -13.66 -23.43
NA CLA HE . -35.08 -15.94 -23.34
C1A CLA HE . -35.76 -14.88 -23.78
C2A CLA HE . -37.24 -15.16 -23.83
C3A CLA HE . -37.34 -16.62 -23.34
C4A CLA HE . -35.91 -16.98 -23.07
CMA CLA HE . -38.38 -16.92 -22.27
CAA CLA HE . -37.85 -14.97 -25.22
CBA CLA HE . -37.07 -15.60 -26.38
CGA CLA HE . -37.47 -14.89 -27.65
O1A CLA HE . -38.64 -14.67 -27.87
O2A CLA HE . -36.52 -14.52 -28.49
NB CLA HE . -33.05 -17.94 -22.47
C1B CLA HE . -34.19 -18.68 -22.30
C2B CLA HE . -33.85 -19.99 -21.79
C3B CLA HE . -32.49 -20.00 -21.67
C4B CLA HE . -32.00 -18.69 -22.09
CMB CLA HE . -34.79 -21.12 -21.48
CAB CLA HE . -31.66 -21.11 -21.19
CBB CLA HE . -30.43 -21.53 -21.96
NC CLA HE . -30.80 -15.97 -22.82
C1C CLA HE . -30.09 -17.02 -22.41
C2C CLA HE . -28.64 -16.71 -22.32
C3C CLA HE . -28.54 -15.39 -22.69
C4C CLA HE . -29.90 -14.94 -22.99
CMC CLA HE . -27.52 -17.64 -21.93
CAC CLA HE . -27.29 -14.56 -22.76
CBC CLA HE . -26.91 -14.13 -21.35
ND CLA HE . -32.62 -14.12 -23.62
C1D CLA HE . -31.56 -13.28 -23.76
C2D CLA HE . -31.96 -11.97 -24.26
C3D CLA HE . -33.35 -12.10 -24.41
C4D CLA HE . -33.72 -13.39 -24.03
CMD CLA HE . -31.23 -10.70 -24.59
CAD CLA HE . -34.52 -11.37 -24.83
OBD CLA HE . -34.51 -10.31 -25.43
CBD CLA HE . -35.68 -12.33 -24.76
CGD CLA HE . -36.76 -11.70 -23.91
O1D CLA HE . -37.53 -10.90 -24.40
O2D CLA HE . -36.88 -11.99 -22.62
CED CLA HE . -38.22 -11.94 -22.11
C1 CLA HE . -35.90 -15.50 -29.38
C2 CLA HE . -35.65 -15.09 -30.81
C3 CLA HE . -35.42 -15.96 -31.81
C4 CLA HE . -35.17 -15.46 -33.20
C5 CLA HE . -35.39 -17.47 -31.65
C6 CLA HE . -34.06 -17.91 -31.03
C7 CLA HE . -33.69 -19.34 -31.43
C8 CLA HE . -32.17 -19.59 -31.40
C9 CLA HE . -31.51 -18.93 -30.20
C10 CLA HE . -31.52 -19.14 -32.72
C11 CLA HE . -30.08 -19.63 -32.81
C12 CLA HE . -29.51 -19.56 -34.23
C13 CLA HE . -29.33 -18.12 -34.72
C14 CLA HE . -30.29 -17.83 -35.87
C15 CLA HE . -27.88 -17.83 -35.09
C16 CLA HE . -27.37 -18.57 -36.34
C17 CLA HE . -27.44 -17.68 -37.59
C18 CLA HE . -27.70 -18.49 -38.86
C19 CLA HE . -28.02 -17.56 -40.03
C20 CLA HE . -26.54 -19.42 -39.19
HHB CLA HE . -36.30 -18.90 -22.30
HHC CLA HE . -30.25 -18.56 -21.15
HHD CLA HE . -29.88 -12.96 -22.68
H2A CLA HE . -37.76 -14.50 -23.12
H3A CLA HE . -37.64 -17.21 -24.22
HMA1 CLA HE . -39.32 -16.55 -22.59
HMA2 CLA HE . -38.10 -16.46 -21.36
HMA3 CLA HE . -38.44 -17.97 -22.12
HAA1 CLA HE . -37.96 -13.90 -25.41
HAA2 CLA HE . -38.85 -15.39 -25.21
HBA1 CLA HE . -37.31 -16.66 -26.46
HBA2 CLA HE . -35.99 -15.50 -26.23
HMB1 CLA HE . -35.47 -20.82 -20.73
HMB2 CLA HE . -34.23 -21.95 -21.12
HMB3 CLA HE . -35.32 -21.40 -22.35
HBB1 CLA HE . -30.39 -21.35 -23.01
HBB2 CLA HE . -29.81 -22.32 -21.55
HMC1 CLA HE . -27.82 -18.64 -22.14
HMC2 CLA HE . -27.30 -17.53 -20.90
HMC3 CLA HE . -26.68 -17.42 -22.51
HAC1 CLA HE . -27.49 -13.67 -23.35
HAC2 CLA HE . -26.48 -15.12 -23.22
HBC1 CLA HE . -25.97 -13.63 -21.38
HBC2 CLA HE . -26.84 -14.97 -20.73
HBC3 CLA HE . -27.65 -13.48 -20.98
HMD1 CLA HE . -30.21 -10.80 -24.30
HMD2 CLA HE . -31.67 -9.89 -24.06
HMD3 CLA HE . -31.29 -10.52 -25.63
HBD CLA HE . -36.07 -12.52 -25.76
HED1 CLA HE . -38.25 -12.41 -21.17
HED2 CLA HE . -38.87 -12.44 -22.79
HED3 CLA HE . -38.52 -10.93 -22.02
H11 CLA HE . -36.53 -16.39 -29.39
H12 CLA HE . -34.95 -15.80 -28.94
H2 CLA HE . -35.64 -14.03 -31.05
H41 CLA HE . -34.46 -16.09 -33.68
H42 CLA HE . -34.79 -14.47 -33.16
H43 CLA HE . -36.08 -15.47 -33.74
H51 CLA HE . -35.51 -17.93 -32.63
H52 CLA HE . -36.22 -17.79 -31.02
H61 CLA HE . -34.15 -17.85 -29.94
H62 CLA HE . -33.28 -17.22 -31.35
H71 CLA HE . -34.07 -19.55 -32.43
H72 CLA HE . -34.17 -20.03 -30.74
H8 CLA HE . -32.03 -20.68 -31.31
H91 CLA HE . -30.61 -19.45 -29.97
H92 CLA HE . -32.16 -18.97 -29.36
H93 CLA HE . -31.29 -17.92 -30.43
H101 CLA HE . -31.55 -18.06 -32.78
H102 CLA HE . -32.09 -19.55 -33.56
H111 CLA HE . -30.02 -20.66 -32.45
H112 CLA HE . -29.45 -19.02 -32.15
H121 CLA HE . -30.18 -20.10 -34.91
H122 CLA HE . -28.55 -20.07 -34.26
H13 CLA HE . -29.59 -17.46 -33.89
H141 CLA HE . -30.16 -16.82 -36.19
H142 CLA HE . -31.29 -17.97 -35.53
H143 CLA HE . -30.09 -18.48 -36.68
H151 CLA HE . -27.23 -18.11 -34.26
H152 CLA HE . -27.76 -16.76 -35.26
H161 CLA HE . -27.96 -19.48 -36.50
H162 CLA HE . -26.34 -18.86 -36.18
H171 CLA HE . -26.49 -17.15 -37.70
H172 CLA HE . -28.22 -16.94 -37.47
H18 CLA HE . -28.59 -19.12 -38.68
H191 CLA HE . -28.00 -18.11 -40.93
H192 CLA HE . -27.31 -16.79 -40.07
H193 CLA HE . -28.99 -17.15 -39.89
H201 CLA HE . -26.59 -19.69 -40.22
H202 CLA HE . -26.59 -20.28 -38.60
H203 CLA HE . -25.62 -18.91 -39.02
HHC2 CLA HE . -30.16 -18.97 -22.83
HHD2 CLA HE . -29.63 -13.48 -24.32
MG CLA IE . -36.90 -20.88 -12.75
CHA CLA IE . -36.81 -23.74 -10.81
CHB CLA IE . -35.01 -22.45 -15.21
CHC CLA IE . -37.13 -18.11 -14.59
CHD CLA IE . -38.87 -19.31 -10.26
NA CLA IE . -36.00 -22.88 -13.01
C1A CLA IE . -36.07 -23.88 -12.13
C2A CLA IE . -35.35 -25.12 -12.61
C3A CLA IE . -34.78 -24.66 -13.96
C4A CLA IE . -35.29 -23.26 -14.09
CMA CLA IE . -33.29 -24.87 -14.13
CAA CLA IE . -36.38 -26.27 -12.63
CBA CLA IE . -36.65 -27.03 -13.93
CGA CLA IE . -35.48 -27.83 -14.43
O1A CLA IE . -34.84 -27.43 -15.39
O2A CLA IE . -35.16 -28.96 -13.82
NB CLA IE . -36.20 -20.38 -14.60
C1B CLA IE . -35.42 -21.12 -15.45
C2B CLA IE . -35.11 -20.35 -16.63
C3B CLA IE . -35.71 -19.13 -16.43
C4B CLA IE . -36.39 -19.16 -15.14
CMB CLA IE . -34.29 -20.82 -17.80
CAB CLA IE . -35.73 -17.94 -17.32
CBB CLA IE . -35.53 -18.03 -18.82
NC CLA IE . -37.88 -19.04 -12.49
C1C CLA IE . -37.79 -18.03 -13.33
C2C CLA IE . -38.45 -16.80 -12.83
C3C CLA IE . -38.95 -17.17 -11.61
C4C CLA IE . -38.58 -18.57 -11.41
CMC CLA IE . -38.57 -15.46 -13.51
CAC CLA IE . -39.72 -16.29 -10.66
CBC CLA IE . -38.77 -15.63 -9.68
ND CLA IE . -37.68 -21.31 -10.99
C1D CLA IE . -38.45 -20.65 -10.07
C2D CLA IE . -38.73 -21.49 -8.91
C3D CLA IE . -38.09 -22.69 -9.21
C4D CLA IE . -37.46 -22.56 -10.46
CMD CLA IE . -39.51 -21.31 -7.63
CAD CLA IE . -37.85 -24.02 -8.70
OBD CLA IE . -38.04 -24.38 -7.54
CBD CLA IE . -36.96 -24.74 -9.69
CGD CLA IE . -35.66 -25.05 -9.00
O1D CLA IE . -35.47 -26.15 -8.51
O2D CLA IE . -34.70 -24.14 -8.89
CED CLA IE . -33.45 -24.58 -8.35
C1 CLA IE . -33.82 -29.16 -13.28
C2 CLA IE . -33.72 -29.90 -11.97
C3 CLA IE . -33.46 -29.30 -10.79
C4 CLA IE . -33.24 -27.82 -10.65
C5 CLA IE . -33.38 -30.08 -9.52
C6 CLA IE . -34.63 -29.82 -8.69
C7 CLA IE . -35.83 -30.64 -9.21
C8 CLA IE . -37.14 -30.13 -8.65
C9 CLA IE . -37.99 -31.30 -8.15
C10 CLA IE . -37.91 -29.31 -9.68
C11 CLA IE . -38.76 -28.23 -9.01
C12 CLA IE . -39.70 -27.58 -10.03
C13 CLA IE . -40.74 -26.68 -9.36
C14 CLA IE . -42.02 -27.48 -9.16
C15 CLA IE . -40.94 -25.42 -10.19
C16 CLA IE . -42.20 -24.64 -9.81
C17 CLA IE . -42.07 -23.16 -10.15
C18 CLA IE . -43.36 -22.52 -10.68
C19 CLA IE . -43.64 -22.91 -12.13
C20 CLA IE . -44.57 -22.81 -9.80
HHB CLA IE . -34.55 -22.95 -16.05
HHC CLA IE . -36.46 -17.26 -14.61
HHD CLA IE . -38.52 -18.75 -9.40
H2A CLA IE . -34.53 -25.36 -11.93
H3A CLA IE . -35.25 -25.21 -14.79
HMA1 CLA IE . -33.07 -25.89 -14.27
HMA2 CLA IE . -32.79 -24.52 -13.27
HMA3 CLA IE . -32.94 -24.31 -14.97
HAA1 CLA IE . -37.34 -25.87 -12.30
HAA2 CLA IE . -36.08 -27.00 -11.87
HBA1 CLA IE . -37.00 -26.34 -14.70
HBA2 CLA IE . -37.49 -27.72 -13.75
HMB1 CLA IE . -33.47 -21.39 -17.44
HMB2 CLA IE . -33.91 -19.99 -18.34
HMB3 CLA IE . -34.89 -21.42 -18.44
HBB1 CLA IE . -35.92 -18.90 -19.32
HBB2 CLA IE . -35.42 -17.12 -19.37
HMC1 CLA IE . -37.81 -15.36 -14.24
HMC2 CLA IE . -38.46 -14.70 -12.79
HMC3 CLA IE . -39.52 -15.38 -13.96
HAC1 CLA IE . -40.44 -16.90 -10.12
HAC2 CLA IE . -40.26 -15.53 -11.22
HBC1 CLA IE . -39.34 -15.18 -8.90
HBC2 CLA IE . -38.21 -14.88 -10.18
HBC3 CLA IE . -38.12 -16.35 -9.27
HMD1 CLA IE . -39.80 -20.29 -7.55
HMD2 CLA IE . -38.90 -21.57 -6.81
HMD3 CLA IE . -40.37 -21.92 -7.65
HBD CLA IE . -37.44 -25.65 -10.04
HED1 CLA IE . -32.77 -23.77 -8.32
HED2 CLA IE . -33.06 -25.35 -8.96
HED3 CLA IE . -33.61 -24.94 -7.38
H11 CLA IE . -33.32 -28.20 -13.21
H12 CLA IE . -33.26 -29.74 -14.02
H2 CLA IE . -33.86 -30.97 -11.96
H41 CLA IE . -32.88 -27.60 -9.67
H42 CLA IE . -34.16 -27.30 -10.80
H43 CLA IE . -32.53 -27.48 -11.36
H51 CLA IE . -32.50 -29.79 -8.94
H52 CLA IE . -33.30 -31.16 -9.74
H61 CLA IE . -34.89 -28.76 -8.72
H62 CLA IE . -34.45 -30.08 -7.64
H71 CLA IE . -35.69 -31.68 -8.93
H72 CLA IE . -35.85 -30.60 -10.31
H8 CLA IE . -36.92 -29.49 -7.80
H91 CLA IE . -38.93 -30.94 -7.82
H92 CLA IE . -37.51 -31.77 -7.33
H93 CLA IE . -38.12 -32.00 -8.93
H101 CLA IE . -38.55 -29.98 -10.26
H102 CLA IE . -37.20 -28.84 -10.37
H111 CLA IE . -38.11 -27.47 -8.57
H112 CLA IE . -39.35 -28.67 -8.21
H121 CLA IE . -40.21 -28.37 -10.58
H122 CLA IE . -39.11 -27.00 -10.74
H13 CLA IE . -40.36 -26.39 -8.37
H141 CLA IE . -42.67 -26.96 -8.50
H142 CLA IE . -41.78 -28.42 -8.75
H143 CLA IE . -42.50 -27.62 -10.10
H151 CLA IE . -41.01 -25.69 -11.25
H152 CLA IE . -40.07 -24.78 -10.08
H161 CLA IE . -42.37 -24.73 -8.73
H162 CLA IE . -43.06 -25.08 -10.32
H171 CLA IE . -41.29 -23.04 -10.90
H172 CLA IE . -41.75 -22.62 -9.27
H18 CLA IE . -43.20 -21.43 -10.67
H191 CLA IE . -44.56 -22.49 -12.44
H192 CLA IE . -43.69 -23.96 -12.21
H193 CLA IE . -42.85 -22.56 -12.75
H201 CLA IE . -45.42 -22.30 -10.19
H202 CLA IE . -44.38 -22.46 -8.82
H203 CLA IE . -44.76 -23.85 -9.77
HHC2 CLA IE . -37.90 -17.88 -15.33
HHD2 CLA IE . -39.96 -19.33 -10.17
MG CLA JE . -28.46 -24.74 -15.90
CHA CLA JE . -28.97 -21.61 -17.26
CHB CLA JE . -29.73 -23.66 -12.86
CHC CLA JE . -28.09 -27.83 -14.76
CHD CLA JE . -27.16 -25.80 -19.02
NA CLA JE . -29.27 -22.84 -15.13
C1A CLA JE . -29.38 -21.70 -15.82
C2A CLA JE . -29.91 -20.58 -14.98
C3A CLA JE . -30.10 -21.25 -13.61
C4A CLA JE . -29.70 -22.68 -13.86
CMA CLA JE . -29.43 -20.59 -12.43
CAA CLA JE . -31.21 -20.04 -15.57
CBA CLA JE . -31.95 -19.13 -14.60
CGA CLA JE . -32.28 -17.82 -15.27
O1A CLA JE . -32.82 -17.85 -16.37
O2A CLA JE . -31.99 -16.69 -14.68
NB CLA JE . -28.87 -25.60 -14.11
C1B CLA JE . -29.35 -25.02 -12.98
C2B CLA JE . -29.41 -26.00 -11.92
C3B CLA JE . -28.94 -27.16 -12.47
C4B CLA JE . -28.59 -26.89 -13.85
CMB CLA JE . -29.89 -25.77 -10.51
CAB CLA JE . -28.79 -28.49 -11.82
CBB CLA JE . -29.96 -29.18 -11.18
NC CLA JE . -27.83 -26.53 -16.78
C1C CLA JE . -27.67 -27.66 -16.09
C2C CLA JE . -27.00 -28.71 -16.89
C3C CLA JE . -26.79 -28.13 -18.11
C4C CLA JE . -27.29 -26.76 -18.02
CMC CLA JE . -26.67 -30.11 -16.45
CAC CLA JE . -26.13 -28.72 -19.32
CBC CLA JE . -24.63 -28.54 -19.20
ND CLA JE . -28.13 -24.01 -17.70
C1D CLA JE . -27.59 -24.47 -18.87
C2D CLA JE . -27.53 -23.43 -19.89
C3D CLA JE . -28.07 -22.32 -19.25
C4D CLA JE . -28.42 -22.68 -17.96
CMD CLA JE . -27.03 -23.40 -21.31
CAD CLA JE . -28.37 -20.92 -19.45
OBD CLA JE . -27.88 -20.21 -20.32
CBD CLA JE . -29.05 -20.42 -18.21
CGD CLA JE . -28.32 -19.25 -17.64
O1D CLA JE . -27.14 -19.33 -17.35
O2D CLA JE . -28.95 -18.09 -17.45
CED CLA JE . -28.56 -17.03 -18.30
C1 CLA JE . -30.63 -16.15 -14.71
C2 CLA JE . -29.55 -16.77 -13.85
C3 CLA JE . -28.83 -16.07 -12.96
C4 CLA JE . -28.99 -14.60 -12.71
C5 CLA JE . -27.77 -16.74 -12.13
C6 CLA JE . -26.57 -17.09 -13.00
C7 CLA JE . -25.88 -18.31 -12.43
C8 CLA JE . -24.48 -18.53 -12.99
C9 CLA JE . -24.44 -18.29 -14.50
C10 CLA JE . -23.98 -19.94 -12.70
C11 CLA JE . -24.33 -20.49 -11.30
C12 CLA JE . -24.19 -22.00 -11.27
C13 CLA JE . -25.29 -22.67 -12.09
C14 CLA JE . -26.11 -23.63 -11.23
C15 CLA JE . -24.67 -23.39 -13.28
C16 CLA JE . -25.71 -23.76 -14.32
C17 CLA JE . -25.05 -24.23 -15.63
C18 CLA JE . -24.36 -23.14 -16.43
C19 CLA JE . -24.17 -23.61 -17.86
C20 CLA JE . -25.10 -21.81 -16.41
HHB CLA JE . -30.11 -23.36 -11.90
HHC CLA JE . -27.24 -28.28 -14.24
HHD CLA JE . -26.09 -25.76 -19.27
H2A CLA JE . -29.16 -19.78 -14.90
H3A CLA JE . -31.19 -21.27 -13.40
HMA1 CLA JE . -29.87 -19.63 -12.26
HMA2 CLA JE . -28.40 -20.46 -12.65
HMA3 CLA JE . -29.54 -21.19 -11.57
HAA1 CLA JE . -31.84 -20.87 -15.84
HAA2 CLA JE . -30.98 -19.48 -16.48
HBA1 CLA JE . -31.35 -18.92 -13.71
HBA2 CLA JE . -32.87 -19.61 -14.27
HMB1 CLA JE . -29.34 -24.97 -10.07
HMB2 CLA JE . -29.73 -26.64 -9.94
HMB3 CLA JE . -30.92 -25.54 -10.51
HBB1 CLA JE . -29.97 -30.25 -11.13
HBB2 CLA JE . -30.62 -28.61 -10.53
HMC1 CLA JE . -26.02 -30.08 -15.62
HMC2 CLA JE . -26.18 -30.61 -17.25
HMC3 CLA JE . -27.56 -30.63 -16.19
HAC1 CLA JE . -26.50 -28.24 -20.22
HAC2 CLA JE . -26.38 -29.78 -19.38
HBC1 CLA JE . -24.18 -28.78 -20.12
HBC2 CLA JE . -24.25 -29.17 -18.45
HBC3 CLA JE . -24.43 -27.52 -18.95
HMD1 CLA JE . -27.82 -23.63 -21.97
HMD2 CLA JE . -26.23 -24.09 -21.42
HMD3 CLA JE . -26.68 -22.41 -21.53
HBD CLA JE . -30.09 -20.16 -18.41
HED1 CLA JE . -29.07 -16.13 -17.99
HED2 CLA JE . -28.84 -17.25 -19.30
HED3 CLA JE . -27.52 -16.88 -18.25
H11 CLA JE . -30.69 -15.08 -14.51
H12 CLA JE . -30.28 -16.23 -15.75
H2 CLA JE . -29.36 -17.82 -13.95
H41 CLA JE . -28.19 -14.24 -12.11
H42 CLA JE . -29.91 -14.43 -12.20
H43 CLA JE . -29.00 -14.07 -13.63
H51 CLA JE . -28.18 -17.66 -11.70
H52 CLA JE . -27.46 -16.10 -11.30
H61 CLA JE . -25.88 -16.25 -13.03
H62 CLA JE . -26.90 -17.30 -14.02
H71 CLA JE . -26.49 -19.20 -12.63
H72 CLA JE . -25.82 -18.19 -11.35
H8 CLA JE . -23.80 -17.81 -12.51
H91 CLA JE . -23.56 -18.71 -14.90
H92 CLA JE . -24.46 -17.24 -14.69
H93 CLA JE . -25.29 -18.74 -14.94
H101 CLA JE . -22.89 -19.95 -12.80
H102 CLA JE . -24.37 -20.61 -13.46
H111 CLA JE . -25.35 -20.25 -11.01
H112 CLA JE . -23.65 -20.05 -10.56
H121 CLA JE . -24.25 -22.36 -10.23
H122 CLA JE . -23.22 -22.30 -11.65
H13 CLA JE . -25.97 -21.88 -12.46
H141 CLA JE . -26.92 -24.01 -11.79
H142 CLA JE . -26.49 -23.10 -10.38
H143 CLA JE . -25.50 -24.43 -10.90
H151 CLA JE . -24.16 -24.28 -12.93
H152 CLA JE . -23.92 -22.74 -13.74
H161 CLA JE . -26.38 -22.92 -14.51
H162 CLA JE . -26.33 -24.58 -13.93
H171 CLA JE . -25.81 -24.71 -16.25
H172 CLA JE . -24.32 -25.01 -15.37
H18 CLA JE . -23.37 -22.98 -15.99
H191 CLA JE . -23.42 -23.04 -18.33
H192 CLA JE . -25.08 -23.49 -18.39
H193 CLA JE . -23.90 -24.63 -17.86
H201 CLA JE . -24.70 -21.18 -17.17
H202 CLA JE . -24.98 -21.35 -15.47
H203 CLA JE . -26.13 -21.98 -16.60
HHC2 CLA JE . -28.84 -28.62 -14.79
HHD2 CLA JE . -27.65 -26.20 -19.91
MG CLA KE . -14.39 -30.65 -23.81
CHA CLA KE . -15.97 -33.24 -22.18
CHB CLA KE . -17.32 -29.86 -25.49
CHC CLA KE . -12.79 -28.11 -25.23
CHD CLA KE . -11.40 -31.47 -22.08
NA CLA KE . -16.44 -31.45 -23.85
C1A CLA KE . -16.87 -32.49 -23.15
C2A CLA KE . -18.32 -32.75 -23.37
C3A CLA KE . -18.71 -31.72 -24.44
C4A CLA KE . -17.44 -30.94 -24.61
CMA CLA KE . -19.39 -32.27 -25.68
CAA CLA KE . -19.08 -32.46 -22.07
CBA CLA KE . -18.87 -31.07 -21.43
CGA CLA KE . -17.46 -30.76 -20.98
O1A CLA KE . -16.97 -31.41 -20.07
O2A CLA KE . -16.77 -29.82 -21.59
NB CLA KE . -14.97 -29.22 -25.13
C1B CLA KE . -16.17 -29.06 -25.74
C2B CLA KE . -16.12 -27.93 -26.63
C3B CLA KE . -14.84 -27.46 -26.55
C4B CLA KE . -14.12 -28.29 -25.59
CMB CLA KE . -17.22 -27.37 -27.50
CAB CLA KE . -14.23 -26.32 -27.26
CBB CLA KE . -14.22 -24.98 -26.58
NC CLA KE . -12.44 -29.90 -23.65
C1C CLA KE . -11.99 -28.86 -24.33
C2C CLA KE . -10.57 -28.56 -24.05
C3C CLA KE . -10.20 -29.50 -23.13
C4C CLA KE . -11.37 -30.34 -22.89
CMC CLA KE . -9.75 -27.44 -24.63
CAC CLA KE . -8.85 -29.67 -22.49
CBC CLA KE . -8.76 -28.76 -21.28
ND CLA KE . -13.74 -31.97 -22.48
C1D CLA KE . -12.57 -32.23 -21.84
C2D CLA KE . -12.70 -33.35 -20.93
C3D CLA KE . -14.02 -33.75 -21.07
C4D CLA KE . -14.63 -32.91 -22.00
CMD CLA KE . -11.73 -34.05 -20.00
CAD CLA KE . -14.99 -34.71 -20.59
OBD CLA KE . -14.84 -35.40 -19.59
CBD CLA KE . -16.30 -34.39 -21.25
CGD CLA KE . -16.81 -35.60 -21.97
O1D CLA KE . -17.19 -36.57 -21.33
O2D CLA KE . -16.87 -35.64 -23.29
CED CLA KE . -17.95 -36.41 -23.83
C1 CLA KE . -15.51 -29.36 -20.99
C2 CLA KE . -14.81 -28.15 -21.56
C3 CLA KE . -13.58 -27.79 -21.14
C4 CLA KE . -12.86 -28.59 -20.10
C5 CLA KE . -12.85 -26.58 -21.70
C6 CLA KE . -13.60 -25.31 -21.32
C7 CLA KE . -14.02 -24.54 -22.57
C8 CLA KE . -15.09 -23.47 -22.33
C9 CLA KE . -15.26 -23.09 -20.86
C10 CLA KE . -16.43 -23.88 -22.95
C11 CLA KE . -16.87 -25.30 -22.58
C12 CLA KE . -18.39 -25.41 -22.54
C13 CLA KE . -18.83 -26.87 -22.47
C14 CLA KE . -18.87 -27.49 -23.86
C15 CLA KE . -20.17 -27.00 -21.75
C16 CLA KE . -21.31 -26.24 -22.42
C17 CLA KE . -22.68 -26.78 -21.99
C18 CLA KE . -23.78 -26.39 -22.96
C19 CLA KE . -25.14 -26.88 -22.46
C20 CLA KE . -23.82 -24.88 -23.18
HHB CLA KE . -18.20 -29.61 -26.06
HHC CLA KE . -12.24 -28.15 -26.18
HHD CLA KE . -10.66 -32.17 -22.47
H2A CLA KE . -18.50 -33.77 -23.72
H3A CLA KE . -19.44 -31.04 -24.00
HMA1 CLA KE . -20.34 -32.66 -25.43
HMA2 CLA KE . -18.80 -33.04 -26.10
HMA3 CLA KE . -19.49 -31.48 -26.39
HAA1 CLA KE . -18.81 -33.22 -21.33
HAA2 CLA KE . -20.14 -32.58 -22.27
HBA1 CLA KE . -19.53 -31.00 -20.56
HBA2 CLA KE . -19.20 -30.28 -22.12
HMB1 CLA KE . -18.16 -27.64 -27.11
HMB2 CLA KE . -17.12 -27.76 -28.48
HMB3 CLA KE . -17.14 -26.32 -27.54
HBB1 CLA KE . -13.26 -24.51 -26.40
HBB2 CLA KE . -15.08 -24.35 -26.65
HMC1 CLA KE . -9.82 -27.46 -25.68
HMC2 CLA KE . -8.75 -27.55 -24.34
HMC3 CLA KE . -10.13 -26.51 -24.26
HAC1 CLA KE . -8.06 -29.41 -23.20
HAC2 CLA KE . -8.71 -30.70 -22.18
HBC1 CLA KE . -7.86 -28.96 -20.75
HBC2 CLA KE . -9.58 -28.95 -20.64
HBC3 CLA KE . -8.78 -27.76 -21.59
HMD1 CLA KE . -10.82 -33.52 -19.98
HMD2 CLA KE . -11.58 -35.03 -20.36
HMD3 CLA KE . -12.15 -34.08 -19.03
HBD CLA KE . -17.02 -34.08 -20.49
HED1 CLA KE . -18.02 -36.23 -24.87
HED2 CLA KE . -18.86 -36.12 -23.36
HED3 CLA KE . -17.77 -37.44 -23.65
H11 CLA KE . -14.80 -30.20 -21.03
H12 CLA KE . -15.70 -29.16 -19.93
H2 CLA KE . -15.30 -27.55 -22.31
H41 CLA KE . -11.94 -28.13 -19.86
H42 CLA KE . -12.69 -29.57 -20.45
H43 CLA KE . -13.45 -28.63 -19.22
H51 CLA KE . -12.79 -26.66 -22.78
H52 CLA KE . -11.84 -26.55 -21.29
H61 CLA KE . -12.96 -24.70 -20.70
H62 CLA KE . -14.48 -25.59 -20.72
H71 CLA KE . -14.36 -25.24 -23.32
H72 CLA KE . -13.13 -24.05 -22.97
H8 CLA KE . -14.75 -22.56 -22.85
H91 CLA KE . -15.86 -22.22 -20.79
H92 CLA KE . -14.31 -22.88 -20.42
H93 CLA KE . -15.72 -23.88 -20.33
H101 CLA KE . -16.35 -23.82 -24.04
H102 CLA KE . -17.19 -23.18 -22.64
H111 CLA KE . -16.47 -25.57 -21.60
H112 CLA KE . -16.48 -26.00 -23.32
H121 CLA KE . -18.82 -24.94 -23.43
H122 CLA KE . -18.77 -24.89 -21.67
H13 CLA KE . -18.09 -27.42 -21.88
H141 CLA KE . -19.35 -28.44 -23.82
H142 CLA KE . -17.89 -27.61 -24.21
H143 CLA KE . -19.39 -26.85 -24.53
H151 CLA KE . -20.07 -26.64 -20.73
H152 CLA KE . -20.44 -28.06 -21.69
H161 CLA KE . -21.23 -26.31 -23.51
H162 CLA KE . -21.24 -25.18 -22.15
H171 CLA KE . -22.91 -26.39 -21.00
H172 CLA KE . -22.63 -27.86 -21.92
H18 CLA KE . -23.57 -26.87 -23.92
H191 CLA KE . -25.89 -26.62 -23.15
H192 CLA KE . -25.34 -26.45 -21.52
H193 CLA KE . -25.10 -27.94 -22.36
H201 CLA KE . -24.79 -24.59 -23.48
H202 CLA KE . -23.13 -24.61 -23.94
H203 CLA KE . -23.56 -24.38 -22.28
HHC2 CLA KE . -12.70 -27.07 -24.91
HHD2 CLA KE . -11.02 -31.17 -21.10
MG CLA LE . -7.61 -24.71 -29.11
CHA CLA LE . -10.15 -27.03 -29.34
CHB CLA LE . -9.28 -22.57 -31.26
CHC CLA LE . -5.19 -22.48 -28.64
CHD CLA LE . -5.90 -26.90 -26.90
NA CLA LE . -9.53 -24.77 -30.20
C1A CLA LE . -10.39 -25.79 -30.18
C2A CLA LE . -11.58 -25.57 -31.08
C3A CLA LE . -11.23 -24.20 -31.68
C4A CLA LE . -9.94 -23.78 -31.02
CMA CLA LE . -11.83 -23.58 -32.95
CAA CLA LE . -12.84 -25.63 -30.20
CBA CLA LE . -13.83 -24.47 -30.28
CGA CLA LE . -15.14 -24.96 -30.85
O1A CLA LE . -15.22 -25.23 -32.04
O2A CLA LE . -16.18 -25.10 -30.05
NB CLA LE . -7.29 -22.83 -29.83
C1B CLA LE . -8.06 -22.12 -30.71
C2B CLA LE . -7.43 -20.85 -30.98
C3B CLA LE . -6.28 -20.85 -30.24
C4B CLA LE . -6.21 -22.10 -29.52
CMB CLA LE . -7.96 -19.78 -31.90
CAB CLA LE . -5.23 -19.80 -30.13
CBB CLA LE . -4.73 -19.01 -31.31
NC CLA LE . -5.86 -24.69 -27.95
C1C CLA LE . -4.99 -23.68 -27.94
C2C CLA LE . -3.80 -23.97 -27.10
C3C CLA LE . -4.03 -25.23 -26.61
C4C CLA LE . -5.30 -25.67 -27.16
CMC CLA LE . -2.63 -23.06 -26.84
CAC CLA LE . -3.13 -26.02 -25.70
CBC CLA LE . -2.02 -26.65 -26.52
ND CLA LE . -7.86 -26.48 -28.27
C1D CLA LE . -7.15 -27.29 -27.44
C2D CLA LE . -7.82 -28.57 -27.20
C3D CLA LE . -8.99 -28.45 -27.95
C4D CLA LE . -8.99 -27.21 -28.58
CMD CLA LE . -7.49 -29.79 -26.40
CAD CLA LE . -10.19 -29.16 -28.31
OBD CLA LE . -10.59 -30.20 -27.79
CBD CLA LE . -11.05 -28.22 -29.13
CGD CLA LE . -11.44 -28.83 -30.44
O1D CLA LE . -10.61 -29.30 -31.20
O2D CLA LE . -12.73 -28.86 -30.79
CED CLA LE . -13.19 -30.06 -31.41
C1 CLA LE . -17.04 -23.97 -29.68
C2 CLA LE . -16.49 -22.81 -28.88
C3 CLA LE . -16.82 -22.58 -27.59
C4 CLA LE . -17.74 -23.44 -26.78
C5 CLA LE . -16.23 -21.41 -26.83
C6 CLA LE . -17.19 -20.22 -26.81
C7 CLA LE . -17.89 -20.03 -25.47
C8 CLA LE . -17.98 -18.55 -25.08
C9 CLA LE . -16.79 -18.20 -24.18
C10 CLA LE . -19.28 -18.18 -24.36
C11 CLA LE . -20.55 -18.29 -25.20
C12 CLA LE . -20.65 -17.25 -26.31
C13 CLA LE . -21.17 -15.90 -25.81
C14 CLA LE . -22.65 -15.94 -25.45
C15 CLA LE . -20.90 -14.82 -26.86
C16 CLA LE . -21.79 -14.95 -28.10
C17 CLA LE . -20.98 -14.72 -29.37
C18 CLA LE . -21.77 -15.01 -30.64
C19 CLA LE . -22.05 -16.50 -30.78
C20 CLA LE . -23.06 -14.21 -30.69
HHB CLA LE . -9.78 -21.87 -31.91
HHC CLA LE . -4.26 -22.32 -29.20
HHD CLA LE . -5.18 -27.67 -27.19
H2A CLA LE . -11.63 -26.34 -31.87
H3A CLA LE . -10.62 -24.74 -32.41
HMA1 CLA LE . -12.89 -23.55 -32.89
HMA2 CLA LE . -11.54 -24.17 -33.78
HMA3 CLA LE . -11.45 -22.60 -33.07
HAA1 CLA LE . -12.51 -25.70 -29.16
HAA2 CLA LE . -13.37 -26.56 -30.43
HBA1 CLA LE . -13.48 -23.63 -30.87
HBA2 CLA LE . -14.02 -24.09 -29.27
HMB1 CLA LE . -8.90 -19.46 -31.54
HMB2 CLA LE . -8.06 -20.15 -32.88
HMB3 CLA LE . -7.31 -18.95 -31.90
HBB1 CLA LE . -3.66 -18.89 -31.41
HBB2 CLA LE . -5.36 -18.24 -31.72
HMC1 CLA LE . -2.97 -22.15 -26.43
HMC2 CLA LE . -2.11 -22.87 -27.75
HMC3 CLA LE . -1.99 -23.53 -26.15
HAC1 CLA LE . -3.71 -26.81 -25.22
HAC2 CLA LE . -2.71 -25.37 -24.93
HBC1 CLA LE . -1.30 -27.09 -25.87
HBC2 CLA LE . -1.55 -25.90 -27.10
HBC3 CLA LE . -2.42 -27.39 -27.15
HMD1 CLA LE . -6.79 -29.54 -25.65
HMD2 CLA LE . -7.08 -30.54 -27.03
HMD3 CLA LE . -8.37 -30.16 -25.95
HBD CLA LE . -11.94 -27.93 -28.57
HED1 CLA LE . -14.24 -30.08 -31.39
HED2 CLA LE . -12.80 -30.90 -30.89
HED3 CLA LE . -12.85 -30.09 -32.41
H11 CLA LE . -17.92 -24.38 -29.19
H12 CLA LE . -17.41 -23.55 -30.63
H2 CLA LE . -15.81 -22.13 -29.36
H41 CLA LE . -18.04 -22.92 -25.92
H42 CLA LE . -17.23 -24.33 -26.48
H43 CLA LE . -18.59 -23.71 -27.35
H51 CLA LE . -15.29 -21.11 -27.30
H52 CLA LE . -15.99 -21.72 -25.82
H61 CLA LE . -17.94 -20.36 -27.60
H62 CLA LE . -16.62 -19.32 -27.05
H71 CLA LE . -17.36 -20.57 -24.69
H72 CLA LE . -18.90 -20.46 -25.52
H8 CLA LE . -17.90 -17.94 -25.99
H91 CLA LE . -16.86 -17.19 -23.89
H92 CLA LE . -15.89 -18.37 -24.71
H93 CLA LE . -16.81 -18.82 -23.32
H101 CLA LE . -19.19 -17.16 -23.99
H102 CLA LE . -19.39 -18.84 -23.49
H111 CLA LE . -21.41 -18.18 -24.53
H112 CLA LE . -20.62 -19.28 -25.64
H121 CLA LE . -21.34 -17.63 -27.08
H122 CLA LE . -19.69 -17.11 -26.79
H13 CLA LE . -20.61 -15.64 -24.91
H141 CLA LE . -23.04 -14.96 -25.41
H142 CLA LE . -22.77 -16.40 -24.50
H143 CLA LE . -23.19 -16.51 -26.18
H151 CLA LE . -19.85 -14.87 -27.17
H152 CLA LE . -21.06 -13.84 -26.41
H161 CLA LE . -22.59 -14.21 -28.04
H162 CLA LE . -22.25 -15.93 -28.13
H171 CLA LE . -20.10 -15.36 -29.35
H172 CLA LE . -20.63 -13.69 -29.39
H18 CLA LE . -21.15 -14.71 -31.49
H191 CLA LE . -22.27 -16.72 -31.80
H192 CLA LE . -22.88 -16.76 -30.17
H193 CLA LE . -21.21 -17.06 -30.49
H201 CLA LE . -23.43 -14.19 -31.68
H202 CLA LE . -22.87 -13.21 -30.37
H203 CLA LE . -23.79 -14.65 -30.05
HHC2 CLA LE . -5.17 -21.70 -27.87
HHD2 CLA LE . -5.99 -26.98 -25.82
MG CLA ME . -48.74 -31.76 -20.64
CHA CLA ME . -52.06 -31.02 -21.15
CHB CLA ME . -48.91 -30.48 -17.42
CHC CLA ME . -45.57 -32.66 -20.22
CHD CLA ME . -48.60 -33.07 -23.94
NA CLA ME . -50.31 -30.85 -19.40
C1A CLA ME . -51.57 -30.63 -19.79
C2A CLA ME . -52.38 -29.95 -18.72
C3A CLA ME . -51.36 -29.75 -17.60
C4A CLA ME . -50.12 -30.40 -18.14
CMA CLA ME . -51.26 -28.33 -17.08
CAA CLA ME . -53.53 -30.83 -18.22
CBA CLA ME . -53.19 -32.32 -18.20
CGA CLA ME . -54.01 -33.08 -17.16
O1A CLA ME . -55.06 -32.60 -16.78
O2A CLA ME . -53.55 -34.23 -16.72
NB CLA ME . -47.47 -31.60 -19.07
C1B CLA ME . -47.68 -31.04 -17.84
C2B CLA ME . -46.48 -31.13 -17.06
C3B CLA ME . -45.55 -31.74 -17.86
C4B CLA ME . -46.20 -32.03 -19.13
CMB CLA ME . -46.27 -30.64 -15.64
CAB CLA ME . -44.14 -32.06 -17.57
CBB CLA ME . -43.37 -31.27 -16.55
NC CLA ME . -47.34 -32.73 -21.86
C1C CLA ME . -46.08 -32.97 -21.49
C2C CLA ME . -45.28 -33.58 -22.58
C3C CLA ME . -46.15 -33.70 -23.62
C4C CLA ME . -47.44 -33.17 -23.16
CMC CLA ME . -43.83 -33.98 -22.52
CAC CLA ME . -45.87 -34.25 -24.99
CBC CLA ME . -45.60 -33.11 -25.94
ND CLA ME . -49.94 -32.05 -22.19
C1D CLA ME . -49.81 -32.52 -23.46
C2D CLA ME . -51.03 -32.36 -24.23
C3D CLA ME . -51.91 -31.77 -23.32
C4D CLA ME . -51.24 -31.60 -22.11
CMD CLA ME . -51.43 -32.68 -25.64
CAD CLA ME . -53.27 -31.27 -23.17
OBD CLA ME . -54.10 -31.16 -24.06
CBD CLA ME . -53.44 -30.84 -21.74
CGD CLA ME . -53.84 -29.40 -21.64
O1D CLA ME . -53.04 -28.51 -21.89
O2D CLA ME . -55.07 -29.06 -21.26
CED CLA ME . -55.63 -27.91 -21.89
C1 CLA ME . -54.19 -35.48 -17.11
C2 CLA ME . -54.22 -36.67 -16.16
C3 CLA ME . -53.24 -37.59 -16.14
C4 CLA ME . -53.33 -38.76 -15.20
C5 CLA ME . -51.99 -37.53 -16.99
C6 CLA ME . -52.11 -38.41 -18.25
C7 CLA ME . -50.75 -38.52 -18.95
C8 CLA ME . -50.09 -39.89 -18.86
C9 CLA ME . -50.16 -40.53 -17.48
C10 CLA ME . -48.63 -39.72 -19.31
C11 CLA ME . -47.97 -41.03 -19.73
C12 CLA ME . -46.71 -41.33 -18.92
C13 CLA ME . -45.44 -40.87 -19.65
C14 CLA ME . -44.88 -42.02 -20.49
C15 CLA ME . -44.37 -40.36 -18.69
C16 CLA ME . -43.46 -39.35 -19.38
C17 CLA ME . -42.03 -39.36 -18.81
C18 CLA ME . -41.02 -38.76 -19.78
C19 CLA ME . -41.45 -37.40 -20.31
C20 CLA ME . -39.64 -38.68 -19.12
HHB CLA ME . -48.92 -30.03 -16.44
HHC CLA ME . -44.67 -32.07 -20.40
HHD CLA ME . -48.33 -32.50 -24.84
H2A CLA ME . -52.77 -28.98 -19.07
H3A CLA ME . -51.69 -30.37 -16.75
HMA1 CLA ME . -51.93 -28.19 -16.28
HMA2 CLA ME . -51.53 -27.66 -17.87
HMA3 CLA ME . -50.26 -28.13 -16.79
HAA1 CLA ME . -54.41 -30.67 -18.85
HAA2 CLA ME . -53.81 -30.51 -17.20
HBA1 CLA ME . -52.13 -32.46 -17.98
HBA2 CLA ME . -53.39 -32.74 -19.19
HMB1 CLA ME . -47.19 -30.57 -15.14
HMB2 CLA ME . -45.78 -29.70 -15.65
HMB3 CLA ME . -45.66 -31.34 -15.14
HBB1 CLA ME . -43.32 -30.19 -16.66
HBB2 CLA ME . -42.62 -31.76 -15.95
HMC1 CLA ME . -43.42 -33.75 -21.57
HMC2 CLA ME . -43.29 -33.47 -23.28
HMC3 CLA ME . -43.75 -35.03 -22.69
HAC1 CLA ME . -46.73 -34.83 -25.34
HAC2 CLA ME . -45.01 -34.92 -24.95
HBC1 CLA ME . -46.13 -33.26 -26.84
HBC2 CLA ME . -44.57 -33.06 -26.14
HBC3 CLA ME . -45.92 -32.20 -25.49
HMD1 CLA ME . -50.56 -32.71 -26.25
HMD2 CLA ME . -52.08 -31.92 -26.01
HMD3 CLA ME . -51.92 -33.61 -25.67
HBD CLA ME . -54.17 -31.47 -21.22
HED1 CLA ME . -56.67 -27.90 -21.73
HED2 CLA ME . -55.43 -27.94 -22.93
HED3 CLA ME . -55.19 -27.05 -21.47
H11 CLA ME . -53.76 -35.82 -18.05
H12 CLA ME . -55.24 -35.24 -17.33
H2 CLA ME . -55.08 -36.81 -15.52
H41 CLA ME . -52.42 -39.31 -15.24
H42 CLA ME . -54.13 -39.38 -15.48
H43 CLA ME . -53.48 -38.40 -14.21
H51 CLA ME . -51.14 -37.88 -16.40
H52 CLA ME . -51.78 -36.50 -17.29
H61 CLA ME . -52.82 -37.94 -18.93
H62 CLA ME . -52.50 -39.39 -17.98
H71 CLA ME . -50.07 -37.78 -18.51
H72 CLA ME . -50.88 -38.26 -19.99
H8 CLA ME . -50.60 -40.56 -19.58
H91 CLA ME . -49.37 -41.22 -17.35
H92 CLA ME . -51.08 -41.03 -17.37
H93 CLA ME . -50.09 -39.78 -16.74
H101 CLA ME . -48.07 -39.25 -18.51
H102 CLA ME . -48.61 -39.02 -20.16
H111 CLA ME . -47.70 -40.96 -20.79
H112 CLA ME . -48.67 -41.85 -19.63
H121 CLA ME . -46.64 -42.41 -18.76
H122 CLA ME . -46.77 -40.86 -17.94
H13 CLA ME . -45.71 -40.05 -20.32
H141 CLA ME . -44.01 -41.68 -21.00
H142 CLA ME . -45.60 -42.31 -21.20
H143 CLA ME . -44.65 -42.83 -19.87
H151 CLA ME . -43.78 -41.20 -18.32
H152 CLA ME . -44.84 -39.88 -17.82
H161 CLA ME . -43.88 -38.35 -19.26
H162 CLA ME . -43.41 -39.56 -20.45
H171 CLA ME . -41.74 -40.37 -18.55
H172 CLA ME . -42.01 -38.77 -17.89
H18 CLA ME . -40.94 -39.45 -20.64
H191 CLA ME . -40.60 -36.86 -20.64
H192 CLA ME . -41.93 -36.86 -19.53
H193 CLA ME . -42.13 -37.53 -21.11
H201 CLA ME . -38.89 -38.82 -19.85
H202 CLA ME . -39.56 -39.43 -18.39
H203 CLA ME . -39.53 -37.74 -18.67
HHC2 CLA ME . -45.20 -33.61 -19.82
HHD2 CLA ME . -48.82 -34.08 -24.28
MG CLA NE . -52.23 -37.07 -12.20
CHA CLA NE . -53.54 -33.93 -12.74
CHB CLA NE . -54.73 -37.74 -9.87
CHC CLA NE . -50.95 -40.11 -11.84
CHD CLA NE . -49.69 -36.35 -14.58
NA CLA NE . -53.97 -35.97 -11.39
C1A CLA NE . -54.32 -34.73 -11.72
C2A CLA NE . -55.53 -34.26 -10.98
C3A CLA NE . -55.86 -35.46 -10.09
C4A CLA NE . -54.81 -36.47 -10.45
CMA CLA NE . -56.18 -35.17 -8.64
CAA CLA NE . -56.70 -34.02 -11.94
CBA CLA NE . -57.68 -32.99 -11.38
CGA CLA NE . -59.08 -33.33 -11.82
O1A CLA NE . -59.48 -32.99 -12.92
O2A CLA NE . -59.84 -34.02 -10.97
NB CLA NE . -52.76 -38.67 -11.05
C1B CLA NE . -53.77 -38.75 -10.15
C2B CLA NE . -53.74 -40.05 -9.51
C3B CLA NE . -52.69 -40.71 -10.06
C4B CLA NE . -52.06 -39.82 -11.04
CMB CLA NE . -54.70 -40.57 -8.45
CAB CLA NE . -52.27 -42.09 -9.73
CBB CLA NE . -51.00 -42.73 -10.26
NC CLA NE . -50.62 -38.07 -13.09
C1C CLA NE . -50.29 -39.33 -12.82
C2C CLA NE . -49.19 -39.81 -13.67
C3C CLA NE . -48.86 -38.76 -14.46
C4C CLA NE . -49.75 -37.67 -14.10
CMC CLA NE . -48.57 -41.19 -13.66
CAC CLA NE . -47.79 -38.74 -15.55
CBC CLA NE . -46.41 -38.49 -14.98
ND CLA NE . -51.69 -35.61 -13.41
C1D CLA NE . -50.67 -35.37 -14.29
C2D CLA NE . -50.71 -34.00 -14.81
C3D CLA NE . -51.84 -33.46 -14.20
C4D CLA NE . -52.41 -34.42 -13.37
CMD CLA NE . -49.86 -33.22 -15.77
CAD CLA NE . -52.63 -32.24 -14.12
OBD CLA NE . -52.57 -31.31 -14.90
CBD CLA NE . -53.81 -32.55 -13.26
CGD CLA NE . -53.96 -31.57 -12.12
O1D CLA NE . -53.16 -31.52 -11.22
O2D CLA NE . -55.00 -30.74 -12.12
CED CLA NE . -55.24 -29.98 -10.95
C1 CLA NE . -59.56 -35.44 -10.78
C2 CLA NE . -60.64 -36.36 -10.25
C3 CLA NE . -60.44 -37.69 -10.17
C4 CLA NE . -61.52 -38.58 -9.63
C5 CLA NE . -59.15 -38.38 -10.60
C6 CLA NE . -59.23 -38.77 -12.07
C7 CLA NE . -58.21 -39.86 -12.44
C8 CLA NE . -56.75 -39.43 -12.28
C9 CLA NE . -56.47 -38.06 -12.85
C10 CLA NE . -55.81 -40.45 -12.95
C11 CLA NE . -55.72 -41.78 -12.21
C12 CLA NE . -55.56 -42.94 -13.19
C13 CLA NE . -55.18 -44.23 -12.46
C14 CLA NE . -53.68 -44.30 -12.18
C15 CLA NE . -55.67 -45.46 -13.23
C16 CLA NE . -55.09 -45.64 -14.64
C17 CLA NE . -56.05 -46.47 -15.49
C18 CLA NE . -55.61 -46.58 -16.95
C19 CLA NE . -54.58 -47.67 -17.15
C20 CLA NE . -56.82 -46.82 -17.85
HHB CLA NE . -55.50 -38.00 -9.17
HHC CLA NE . -50.16 -40.37 -11.13
HHD CLA NE . -48.74 -35.94 -14.24
H2A CLA NE . -55.32 -33.37 -10.38
HMA1 CLA NE . -56.98 -34.49 -8.58
HMA2 CLA NE . -55.33 -34.75 -8.20
HMA3 CLA NE . -56.45 -36.07 -8.14
HAA1 CLA NE . -57.22 -34.96 -12.10
HAA2 CLA NE . -56.32 -33.68 -12.91
HBA1 CLA NE . -57.41 -31.99 -11.76
HBA2 CLA NE . -57.62 -32.97 -10.30
HMB1 CLA NE . -54.67 -39.92 -7.62
HMB2 CLA NE . -54.39 -41.54 -8.15
HMB3 CLA NE . -55.68 -40.63 -8.85
HBB1 CLA NE . -51.04 -43.22 -11.21
HBB2 CLA NE . -50.29 -43.09 -9.54
HMC1 CLA NE . -48.57 -41.58 -14.64
HMC2 CLA NE . -49.12 -41.83 -13.02
HMC3 CLA NE . -47.57 -41.12 -13.32
HAC1 CLA NE . -48.03 -37.97 -16.28
HAC2 CLA NE . -47.80 -39.71 -16.06
HBC1 CLA NE . -45.69 -38.61 -15.75
HBC2 CLA NE . -46.21 -39.20 -14.21
HBC3 CLA NE . -46.37 -37.52 -14.59
HMD1 CLA NE . -48.92 -33.70 -15.88
HMD2 CLA NE . -49.72 -32.24 -15.38
HMD3 CLA NE . -50.35 -33.16 -16.71
HBD CLA NE . -54.74 -32.54 -13.86
HED1 CLA NE . -56.08 -29.37 -11.09
HED2 CLA NE . -54.39 -29.38 -10.72
HED3 CLA NE . -55.41 -30.64 -10.14
H11 CLA NE . -58.72 -35.51 -10.10
H12 CLA NE . -59.23 -35.84 -11.74
H2 CLA NE . -61.57 -35.95 -9.92
H41 CLA NE . -61.35 -39.58 -9.94
H42 CLA NE . -62.46 -38.25 -9.99
H43 CLA NE . -61.51 -38.53 -8.58
H51 CLA NE . -59.02 -39.28 -9.99
H52 CLA NE . -58.30 -37.74 -10.42
H61 CLA NE . -59.09 -37.89 -12.69
H62 CLA NE . -60.23 -39.16 -12.28
H71 CLA NE . -58.38 -40.16 -13.48
H72 CLA NE . -58.40 -40.73 -11.82
H8 CLA NE . -56.51 -39.41 -11.20
H91 CLA NE . -55.43 -37.88 -12.85
H92 CLA NE . -56.96 -37.31 -12.28
H93 CLA NE . -56.82 -38.02 -13.86
H101 CLA NE . -54.82 -40.02 -13.02
H102 CLA NE . -56.17 -40.64 -13.96
H111 CLA NE . -56.60 -41.94 -11.59
H112 CLA NE . -54.85 -41.76 -11.54
H121 CLA NE . -54.79 -42.69 -13.93
H122 CLA NE . -56.49 -43.09 -13.72
H13 CLA NE . -55.69 -44.23 -11.50
H141 CLA NE . -53.53 -44.33 -11.14
H142 CLA NE . -53.21 -43.43 -12.57
H143 CLA NE . -53.26 -45.15 -12.64
H151 CLA NE . -56.76 -45.42 -13.31
H152 CLA NE . -55.44 -46.36 -12.64
H161 CLA NE . -54.13 -46.15 -14.57
H162 CLA NE . -54.92 -44.67 -15.10
H171 CLA NE . -57.04 -46.02 -15.46
H172 CLA NE . -56.13 -47.47 -15.07
H18 CLA NE . -55.16 -45.61 -17.24
H191 CLA NE . -54.23 -47.66 -18.15
H192 CLA NE . -55.02 -48.62 -16.94
H193 CLA NE . -53.76 -47.51 -16.49
H201 CLA NE . -56.49 -46.95 -18.85
H202 CLA NE . -57.47 -46.00 -17.81
H203 CLA NE . -57.32 -47.70 -17.53
HHC2 CLA NE . -51.20 -41.04 -12.34
HHD2 CLA NE . -49.62 -36.41 -15.67
MG CLA OE . -44.74 -31.59 -12.62
CHA CLA OE . -42.26 -29.28 -13.23
CHB CLA OE . -42.55 -34.21 -13.26
CHC CLA OE . -47.22 -33.70 -12.01
CHD CLA OE . -46.95 -28.92 -11.86
NA CLA OE . -42.62 -31.75 -13.19
C1A CLA OE . -41.79 -30.72 -13.40
C2A CLA OE . -40.42 -31.18 -13.78
C3A CLA OE . -40.55 -32.70 -13.82
C4A CLA OE . -41.98 -32.92 -13.41
CMA CLA OE . -40.00 -33.44 -15.03
CAA CLA OE . -39.42 -30.80 -12.69
CBA CLA OE . -37.97 -30.61 -13.17
CGA CLA OE . -37.15 -31.89 -13.18
O1A CLA OE . -35.98 -31.80 -13.50
O2A CLA OE . -37.67 -33.06 -12.88
NB CLA OE . -44.86 -33.62 -12.63
C1B CLA OE . -43.88 -34.54 -12.90
C2B CLA OE . -44.40 -35.87 -12.75
C3B CLA OE . -45.72 -35.71 -12.40
C4B CLA OE . -45.99 -34.28 -12.33
CMB CLA OE . -43.68 -37.18 -12.94
CAB CLA OE . -46.75 -36.72 -12.10
CBB CLA OE . -46.41 -38.03 -11.44
NC CLA OE . -46.71 -31.35 -11.93
C1C CLA OE . -47.57 -32.35 -11.81
C2C CLA OE . -48.94 -31.90 -11.44
C3C CLA OE . -48.83 -30.54 -11.36
C4C CLA OE . -47.45 -30.21 -11.67
CMC CLA OE . -50.16 -32.73 -11.21
CAC CLA OE . -49.95 -29.59 -11.01
CBC CLA OE . -50.16 -29.52 -9.52
ND CLA OE . -44.72 -29.62 -12.50
C1D CLA OE . -45.63 -28.64 -12.25
C2D CLA OE . -45.07 -27.32 -12.46
C3D CLA OE . -43.76 -27.58 -12.84
C4D CLA OE . -43.56 -28.95 -12.86
CMD CLA OE . -45.66 -25.93 -12.34
CAD CLA OE . -42.53 -26.92 -13.22
OBD CLA OE . -42.43 -25.76 -13.59
CBD CLA OE . -41.51 -27.99 -13.45
CGD CLA OE . -40.99 -27.92 -14.86
O1D CLA OE . -39.83 -28.22 -15.11
O2D CLA OE . -41.78 -27.53 -15.85
CED CLA OE . -41.51 -28.09 -17.13
C1 CLA OE . -36.85 -34.10 -12.26
C2 CLA OE . -36.44 -33.98 -10.81
C3 CLA OE . -35.82 -34.96 -10.14
C4 CLA OE . -35.48 -36.30 -10.73
C5 CLA OE . -35.45 -34.79 -8.69
C6 CLA OE . -34.19 -33.92 -8.56
C7 CLA OE . -32.98 -34.71 -8.05
C8 CLA OE . -33.16 -35.12 -6.60
C9 CLA OE . -32.26 -34.31 -5.65
C10 CLA OE . -32.91 -36.62 -6.47
C11 CLA OE . -31.48 -37.05 -6.76
C12 CLA OE . -31.49 -38.31 -7.62
C13 CLA OE . -30.18 -39.07 -7.75
C14 CLA OE . -29.36 -39.08 -6.45
C15 CLA OE . -29.33 -38.59 -8.92
C16 CLA OE . -28.58 -39.78 -9.51
C17 CLA OE . -27.40 -39.39 -10.40
C18 CLA OE . -27.72 -39.23 -11.88
C19 CLA OE . -26.45 -38.88 -12.64
C20 CLA OE . -28.35 -40.47 -12.51
HHB CLA OE . -41.96 -35.01 -13.68
HHC CLA OE . -47.87 -34.02 -12.82
HHD CLA OE . -47.60 -28.45 -12.59
H2A CLA OE . -40.11 -30.78 -14.76
HMA1 CLA OE . -39.02 -33.10 -15.23
HMA2 CLA OE . -40.62 -33.25 -15.86
HMA3 CLA OE . -39.98 -34.48 -14.83
HAA1 CLA OE . -39.43 -31.58 -11.92
HAA2 CLA OE . -39.74 -29.88 -12.21
HBA1 CLA OE . -37.49 -29.90 -12.52
HBA2 CLA OE . -37.99 -30.18 -14.18
HMB1 CLA OE . -42.71 -37.00 -13.36
HMB2 CLA OE . -44.23 -37.80 -13.58
HMB3 CLA OE . -43.57 -37.66 -12.00
HBB1 CLA OE . -47.08 -38.40 -10.67
HBB2 CLA OE . -45.79 -38.74 -11.96
HMC1 CLA OE . -49.92 -33.76 -11.35
HMC2 CLA OE . -50.90 -32.45 -11.90
HMC3 CLA OE . -50.52 -32.58 -10.23
HAC1 CLA OE . -50.88 -29.93 -11.49
HAC2 CLA OE . -49.72 -28.59 -11.39
HBC1 CLA OE . -51.19 -29.32 -9.32
HBC2 CLA OE . -49.58 -28.72 -9.12
HBC3 CLA OE . -49.88 -30.43 -9.06
HMD1 CLA OE . -46.71 -25.99 -12.38
HMD2 CLA OE . -45.31 -25.32 -13.14
HMD3 CLA OE . -45.35 -25.50 -11.42
HBD CLA OE . -40.68 -27.90 -12.73
HED1 CLA OE . -42.36 -27.98 -17.76
HED2 CLA OE . -41.29 -29.12 -17.02
HED3 CLA OE . -40.68 -27.59 -17.56
H11 CLA OE . -35.92 -34.13 -12.83
H12 CLA OE . -37.33 -35.07 -12.40
H2 CLA OE . -36.65 -33.06 -10.31
H41 CLA OE . -34.62 -36.68 -10.25
H42 CLA OE . -35.30 -36.22 -11.76
H43 CLA OE . -36.29 -36.97 -10.57
H51 CLA OE . -35.28 -35.77 -8.23
H52 CLA OE . -36.27 -34.30 -8.16
H61 CLA OE . -34.39 -33.10 -7.87
H62 CLA OE . -33.96 -33.49 -9.53
H71 CLA OE . -32.09 -34.08 -8.15
H72 CLA OE . -32.83 -35.59 -8.67
H8 CLA OE . -34.20 -34.93 -6.30
H91 CLA OE . -32.52 -34.54 -4.66
H92 CLA OE . -32.41 -33.28 -5.84
H93 CLA OE . -31.24 -34.56 -5.82
H101 CLA OE . -33.58 -37.14 -7.16
H102 CLA OE . -33.19 -36.93 -5.46
H111 CLA OE . -30.98 -37.24 -5.80
H112 CLA OE . -30.93 -36.25 -7.27
H121 CLA OE . -31.85 -38.04 -8.62
H122 CLA OE . -32.23 -38.99 -7.21
H13 CLA OE . -30.43 -40.12 -7.97
H141 CLA OE . -28.61 -39.83 -6.51
H142 CLA OE . -30.00 -39.29 -5.64
H143 CLA OE . -28.90 -38.13 -6.31
H151 CLA OE . -28.61 -37.83 -8.58
H152 CLA OE . -29.96 -38.13 -9.69
H161 CLA OE . -29.28 -40.39 -10.07
H162 CLA OE . -28.20 -40.39 -8.69
H171 CLA OE . -26.62 -40.15 -10.30
H172 CLA OE . -26.98 -38.44 -10.03
H18 CLA OE . -28.42 -38.39 -12.00
H191 CLA OE . -26.65 -38.83 -13.68
H192 CLA OE . -25.72 -39.63 -12.47
H193 CLA OE . -26.08 -37.94 -12.30
H201 CLA OE . -28.34 -40.37 -13.56
H202 CLA OE . -29.35 -40.58 -12.18
H203 CLA OE . -27.79 -41.33 -12.24
HHC2 CLA OE . -47.59 -34.23 -11.14
HHD2 CLA OE . -47.13 -28.38 -10.93
MG CLA PE . -33.58 -49.04 -18.51
CHA CLA PE . -31.45 -50.00 -21.05
CHB CLA PE . -31.93 -46.00 -18.24
CHC CLA PE . -35.78 -48.16 -16.21
CHD CLA PE . -35.21 -52.19 -18.79
NA CLA PE . -31.88 -48.08 -19.53
C1A CLA PE . -31.15 -48.63 -20.50
C2A CLA PE . -30.05 -47.72 -20.95
C3A CLA PE . -30.20 -46.50 -20.04
C4A CLA PE . -31.40 -46.85 -19.22
CMA CLA PE . -28.96 -46.04 -19.28
CAA CLA PE . -30.22 -47.33 -22.42
CBA CLA PE . -31.66 -46.93 -22.78
CGA CLA PE . -31.75 -46.67 -24.27
O1A CLA PE . -31.44 -47.57 -25.04
O2A CLA PE . -32.14 -45.49 -24.70
NB CLA PE . -33.82 -47.35 -17.42
C1B CLA PE . -33.05 -46.22 -17.40
C2B CLA PE . -33.56 -45.30 -16.41
C3B CLA PE . -34.63 -45.93 -15.85
C4B CLA PE . -34.79 -47.23 -16.49
CMB CLA PE . -32.98 -43.94 -16.09
CAB CLA PE . -35.54 -45.47 -14.77
CBB CLA PE . -35.12 -44.37 -13.81
NC CLA PE . -35.27 -49.98 -17.70
C1C CLA PE . -35.98 -49.47 -16.70
C2C CLA PE . -37.00 -50.42 -16.18
C3C CLA PE . -36.84 -51.54 -16.94
C4C CLA PE . -35.76 -51.27 -17.88
CMC CLA PE . -37.97 -50.17 -15.06
CAC CLA PE . -37.61 -52.83 -16.82
CBC CLA PE . -38.76 -52.83 -17.80
ND CLA PE . -33.47 -50.69 -19.60
C1D CLA PE . -34.13 -51.89 -19.64
C2D CLA PE . -33.53 -52.79 -20.62
C3D CLA PE . -32.49 -52.04 -21.17
C4D CLA PE . -32.47 -50.79 -20.54
CMD CLA PE . -33.84 -54.19 -21.06
CAD CLA PE . -31.42 -52.09 -22.16
OBD CLA PE . -31.32 -52.94 -23.02
CBD CLA PE . -30.80 -50.74 -22.21
CGD CLA PE . -29.31 -50.81 -22.04
O1D CLA PE . -28.58 -50.24 -22.83
O2D CLA PE . -28.76 -51.51 -21.06
CED CLA PE . -27.80 -50.82 -20.27
C1 CLA PE . -33.48 -44.98 -24.44
C2 CLA PE . -33.62 -43.63 -23.77
C3 CLA PE . -34.79 -43.20 -23.27
C4 CLA PE . -34.85 -41.85 -22.61
C5 CLA PE . -36.07 -44.03 -23.34
C6 CLA PE . -37.36 -43.20 -23.29
C7 CLA PE . -38.05 -43.39 -21.95
C8 CLA PE . -39.12 -42.33 -21.68
C9 CLA PE . -39.43 -42.25 -20.20
C10 CLA PE . -40.38 -42.64 -22.48
C11 CLA PE . -41.14 -41.39 -22.87
C12 CLA PE . -42.00 -41.63 -24.10
C13 CLA PE . -42.74 -40.38 -24.59
C14 CLA PE . -41.83 -39.17 -24.70
C15 CLA PE . -43.93 -40.09 -23.68
C16 CLA PE . -44.57 -38.74 -23.99
C17 CLA PE . -45.96 -38.64 -23.34
C18 CLA PE . -46.18 -37.25 -22.74
C19 CLA PE . -47.66 -36.93 -22.68
C20 CLA PE . -45.54 -37.15 -21.37
HHB CLA PE . -31.42 -45.05 -18.10
HHC CLA PE . -35.76 -48.27 -15.12
HHD CLA PE . -34.94 -53.06 -18.22
H2A CLA PE . -29.07 -48.20 -20.80
H3A CLA PE . -30.48 -45.66 -20.68
HMA1 CLA PE . -28.13 -46.00 -19.94
HMA2 CLA PE . -28.76 -46.73 -18.50
HMA3 CLA PE . -29.14 -45.08 -18.87
HAA1 CLA PE . -29.91 -48.15 -23.06
HAA2 CLA PE . -29.55 -46.48 -22.64
HBA1 CLA PE . -31.95 -46.03 -22.24
HBA2 CLA PE . -32.35 -47.72 -22.52
HMB1 CLA PE . -32.62 -43.50 -16.99
HMB2 CLA PE . -32.19 -44.05 -15.40
HMB3 CLA PE . -33.73 -43.31 -15.69
HBB1 CLA PE . -34.31 -44.58 -13.14
HBB2 CLA PE . -35.86 -43.65 -13.52
HMC1 CLA PE . -38.01 -49.14 -14.84
HMC2 CLA PE . -37.66 -50.72 -14.20
HMC3 CLA PE . -38.93 -50.50 -15.36
HAC1 CLA PE . -38.01 -52.92 -15.80
HAC2 CLA PE . -36.96 -53.67 -17.01
HBC1 CLA PE . -39.32 -53.73 -17.70
HBC2 CLA PE . -38.38 -52.76 -18.79
HBC3 CLA PE . -39.39 -52.01 -17.62
HMD1 CLA PE . -34.17 -54.76 -20.23
HMD2 CLA PE . -32.97 -54.63 -21.45
HMD3 CLA PE . -34.60 -54.17 -21.80
HBD CLA PE . -31.04 -50.24 -23.16
HED1 CLA PE . -27.36 -51.47 -19.56
HED2 CLA PE . -28.28 -50.02 -19.75
HED3 CLA PE . -27.04 -50.42 -20.89
H11 CLA PE . -34.00 -45.72 -23.82
H12 CLA PE . -34.02 -44.95 -25.39
H2 CLA PE . -32.75 -43.00 -23.68
H41 CLA PE . -35.53 -41.87 -21.81
H42 CLA PE . -35.16 -41.12 -23.32
H43 CLA PE . -33.89 -41.59 -22.25
H51 CLA PE . -36.06 -44.74 -22.51
H52 CLA PE . -36.06 -44.61 -24.25
H61 CLA PE . -38.01 -43.57 -24.09
H62 CLA PE . -37.18 -42.15 -23.49
H71 CLA PE . -37.30 -43.34 -21.16
H72 CLA PE . -38.51 -44.39 -21.91
H8 CLA PE . -38.72 -41.36 -22.01
H91 CLA PE . -40.22 -41.58 -20.03
H92 CLA PE . -38.57 -41.91 -19.68
H93 CLA PE . -39.70 -43.22 -19.84
H101 CLA PE . -41.03 -43.29 -21.88
H102 CLA PE . -40.12 -43.20 -23.38
H111 CLA PE . -40.43 -40.58 -23.06
H112 CLA PE . -41.77 -41.09 -22.03
H121 CLA PE . -42.72 -42.41 -23.90
H122 CLA PE . -41.35 -41.99 -24.92
H13 CLA PE . -43.14 -40.59 -25.59
H141 CLA PE . -42.23 -38.47 -25.38
H142 CLA PE . -40.87 -39.49 -25.04
H143 CLA PE . -41.72 -38.72 -23.74
H151 CLA PE . -43.61 -40.10 -22.63
H152 CLA PE . -44.67 -40.88 -23.80
H161 CLA PE . -44.66 -38.62 -25.07
H162 CLA PE . -43.94 -37.94 -23.61
H171 CLA PE . -46.04 -39.39 -22.55
H172 CLA PE . -46.72 -38.84 -24.09
H18 CLA PE . -45.69 -36.51 -23.39
H191 CLA PE . -47.80 -36.03 -22.13
H192 CLA PE . -48.18 -37.72 -22.20
H193 CLA PE . -48.03 -36.81 -23.66
H201 CLA PE . -45.49 -36.13 -21.07
H202 CLA PE . -44.56 -37.55 -21.39
H203 CLA PE . -46.13 -37.67 -20.66
HHC2 CLA PE . -36.72 -47.64 -16.41
HHD2 CLA PE . -36.04 -52.50 -19.44
MG CLA QE . -39.66 -56.55 -12.40
CHA CLA QE . -40.20 -59.58 -13.93
CHB CLA QE . -41.13 -54.89 -15.06
CHC CLA QE . -39.24 -53.69 -10.74
CHD CLA QE . -38.16 -58.26 -9.67
NA CLA QE . -40.59 -57.15 -14.30
C1A CLA QE . -40.71 -58.41 -14.74
C2A CLA QE . -41.33 -58.48 -16.11
C3A CLA QE . -41.60 -56.99 -16.43
C4A CLA QE . -41.10 -56.29 -15.21
CMA CLA QE . -41.17 -56.49 -17.79
CAA CLA QE . -42.60 -59.33 -16.22
CBA CLA QE . -43.40 -59.63 -14.95
CGA CLA QE . -44.35 -58.51 -14.57
O1A CLA QE . -44.61 -57.62 -15.37
O2A CLA QE . -44.90 -58.55 -13.36
NB CLA QE . -40.13 -54.62 -12.82
C1B CLA QE . -40.69 -54.12 -13.96
C2B CLA QE . -40.76 -52.68 -13.88
C3B CLA QE . -40.22 -52.35 -12.65
C4B CLA QE . -39.82 -53.59 -12.01
CMB CLA QE . -41.31 -51.73 -14.91
CAB CLA QE . -40.04 -51.01 -12.06
CBB CLA QE . -41.18 -50.03 -11.99
NC CLA QE . -38.85 -56.07 -10.52
C1C CLA QE . -38.77 -54.83 -10.05
C2C CLA QE . -38.12 -54.77 -8.72
C3C CLA QE . -37.83 -56.07 -8.42
C4C CLA QE . -38.28 -56.87 -9.55
CMC CLA QE . -37.89 -53.54 -7.90
CAC CLA QE . -37.17 -56.58 -7.16
CBC CLA QE . -38.24 -56.92 -6.14
ND CLA QE . -39.27 -58.40 -11.83
C1D CLA QE . -38.64 -59.00 -10.77
C2D CLA QE . -38.54 -60.45 -10.96
C3D CLA QE . -39.15 -60.66 -12.19
C4D CLA QE . -39.57 -59.43 -12.70
CMD CLA QE . -37.96 -61.57 -10.13
CAD CLA QE . -39.50 -61.70 -13.13
OBD CLA QE . -39.41 -62.90 -12.93
CBD CLA QE . -40.25 -61.06 -14.26
CGD CLA QE . -39.61 -61.33 -15.59
O1D CLA QE . -38.47 -60.97 -15.81
O2D CLA QE . -40.29 -61.94 -16.55
CED CLA QE . -39.74 -63.16 -17.03
C1 CLA QE . -45.86 -59.60 -13.03
C2 CLA QE . -46.92 -59.96 -14.05
C3 CLA QE . -48.25 -60.09 -13.79
C4 CLA QE . -49.17 -60.44 -14.92
C5 CLA QE . -48.94 -59.88 -12.45
C6 CLA QE . -49.35 -61.23 -11.87
C7 CLA QE . -50.42 -61.06 -10.79
C8 CLA QE . -49.79 -60.72 -9.44
C9 CLA QE . -49.88 -61.92 -8.50
C10 CLA QE . -50.45 -59.51 -8.80
C11 CLA QE . -50.14 -58.21 -9.54
C12 CLA QE . -48.72 -57.71 -9.28
C13 CLA QE . -48.49 -56.38 -9.98
C14 CLA QE . -47.73 -56.57 -11.29
C15 CLA QE . -47.74 -55.42 -9.03
C16 CLA QE . -48.70 -54.81 -8.02
C17 CLA QE . -47.96 -54.16 -6.85
C18 CLA QE . -47.34 -55.16 -5.88
C19 CLA QE . -46.61 -54.43 -4.76
C20 CLA QE . -48.37 -56.12 -5.30
HHB CLA QE . -41.42 -54.33 -15.94
HHC CLA QE . -38.41 -52.98 -10.74
HHD CLA QE . -37.10 -58.50 -9.58
H2A CLA QE . -40.59 -58.86 -16.82
H3A CLA QE . -42.69 -56.87 -16.41
HMA1 CLA QE . -41.70 -57.00 -18.55
HMA2 CLA QE . -40.13 -56.66 -17.92
HMA3 CLA QE . -41.36 -55.45 -17.87
HAA1 CLA QE . -42.32 -60.29 -16.65
HAA2 CLA QE . -43.27 -58.86 -16.94
HBA1 CLA QE . -42.75 -59.83 -14.10
HBA2 CLA QE . -43.99 -60.53 -15.12
HMB1 CLA QE . -40.72 -51.77 -15.78
HMB2 CLA QE . -41.29 -50.74 -14.53
HMB3 CLA QE . -42.31 -52.00 -15.13
HBB1 CLA QE . -40.95 -48.97 -12.00
HBB2 CLA QE . -42.10 -50.33 -11.51
HMC1 CLA QE . -37.03 -53.02 -8.26
HMC2 CLA QE . -37.73 -53.80 -6.88
HMC3 CLA QE . -38.73 -52.90 -7.95
HAC1 CLA QE . -36.50 -55.82 -6.76
HAC2 CLA QE . -36.59 -57.47 -7.39
HBC1 CLA QE . -37.80 -57.48 -5.36
HBC2 CLA QE . -39.00 -57.49 -6.61
HBC3 CLA QE . -38.65 -56.02 -5.75
HMD1 CLA QE . -36.93 -61.67 -10.34
HMD2 CLA QE . -38.45 -62.47 -10.39
HMD3 CLA QE . -38.12 -61.36 -9.10
HBD CLA QE . -41.30 -61.42 -14.27
HED1 CLA QE . -40.32 -63.52 -17.84
HED2 CLA QE . -39.75 -63.88 -16.25
HED3 CLA QE . -38.74 -63.00 -17.34
H11 CLA QE . -46.32 -59.32 -12.09
H12 CLA QE . -45.29 -60.50 -12.83
H2 CLA QE . -46.59 -60.13 -15.06
H41 CLA QE . -50.17 -60.37 -14.59
H42 CLA QE . -48.97 -61.44 -15.23
H43 CLA QE . -49.01 -59.79 -15.73
H51 CLA QE . -49.82 -59.27 -12.61
H52 CLA QE . -48.30 -59.36 -11.75
H61 CLA QE . -48.49 -61.74 -11.46
H62 CLA QE . -49.76 -61.86 -12.67
H71 CLA QE . -50.99 -61.99 -10.69
H72 CLA QE . -51.12 -60.27 -11.07
H8 CLA QE . -48.72 -60.50 -9.60
H91 CLA QE . -49.33 -61.72 -7.61
H92 CLA QE . -49.47 -62.77 -8.98
H93 CLA QE . -50.89 -62.10 -8.26
H101 CLA QE . -50.11 -59.42 -7.77
H102 CLA QE . -51.53 -59.66 -8.78
H111 CLA QE . -50.85 -57.44 -9.21
H112 CLA QE . -50.29 -58.33 -10.61
H121 CLA QE . -48.00 -58.45 -9.65
H122 CLA QE . -48.57 -57.60 -8.20
H13 CLA QE . -49.47 -55.93 -10.21
H141 CLA QE . -47.49 -55.62 -11.69
H142 CLA QE . -48.35 -57.09 -11.97
H143 CLA QE . -46.85 -57.12 -11.10
H151 CLA QE . -47.27 -54.64 -9.63
H152 CLA QE . -46.95 -55.98 -8.53
H161 CLA QE . -49.39 -55.57 -7.66
H162 CLA QE . -49.29 -54.04 -8.52
H171 CLA QE . -48.66 -53.53 -6.30
H172 CLA QE . -47.17 -53.51 -7.24
H18 CLA QE . -46.59 -55.76 -6.42
H191 CLA QE . -46.22 -55.12 -4.08
H192 CLA QE . -47.29 -53.79 -4.26
H193 CLA QE . -45.83 -53.85 -5.17
H201 CLA QE . -47.97 -56.60 -4.45
H202 CLA QE . -48.63 -56.85 -6.02
H203 CLA QE . -49.24 -55.58 -5.02
HHC2 CLA QE . -39.97 -53.25 -10.07
HHD2 CLA QE . -38.63 -58.69 -8.78
MG CLA RE . -36.35 -54.53 2.68
CHA CLA RE . -34.13 -56.63 4.27
CHB CLA RE . -37.00 -56.97 0.29
CHC CLA RE . -38.57 -52.47 1.28
CHD CLA RE . -35.72 -52.08 5.15
NA CLA RE . -35.66 -56.60 2.30
C1A CLA RE . -34.76 -57.25 3.05
C2A CLA RE . -34.47 -58.62 2.49
C3A CLA RE . -35.37 -58.68 1.23
C4A CLA RE . -36.07 -57.36 1.27
CMA CLA RE . -34.72 -59.09 -0.08
CAA CLA RE . -34.80 -59.71 3.51
CBA CLA RE . -36.28 -59.82 3.87
CGA CLA RE . -36.45 -60.06 5.35
O1A CLA RE . -35.82 -60.96 5.88
O2A CLA RE . -37.31 -59.34 6.04
NB CLA RE . -37.58 -54.70 1.06
C1B CLA RE . -37.71 -55.75 0.21
C2B CLA RE . -38.67 -55.42 -0.82
C3B CLA RE . -39.09 -54.15 -0.53
C4B CLA RE . -38.40 -53.71 0.67
CMB CLA RE . -39.12 -56.31 -1.96
CAB CLA RE . -40.09 -53.33 -1.24
CBB CLA RE . -41.55 -53.67 -1.12
NC CLA RE . -37.03 -52.60 3.14
C1C CLA RE . -37.94 -51.93 2.44
C2C CLA RE . -38.19 -50.58 3.00
C3C CLA RE . -37.39 -50.50 4.09
C4C CLA RE . -36.66 -51.76 4.17
CMC CLA RE . -39.16 -49.54 2.49
CAC CLA RE . -37.25 -49.34 5.04
CBC CLA RE . -38.15 -49.54 6.23
ND CLA RE . -35.29 -54.32 4.32
C1D CLA RE . -35.04 -53.31 5.20
C2D CLA RE . -34.01 -53.67 6.17
C3D CLA RE . -33.66 -54.96 5.79
C4D CLA RE . -34.43 -55.34 4.69
CMD CLA RE . -33.36 -52.93 7.30
CAD CLA RE . -32.77 -56.05 6.14
OBD CLA RE . -31.84 -56.01 6.93
CBD CLA RE . -33.13 -57.22 5.26
CGD CLA RE . -31.92 -57.76 4.58
O1D CLA RE . -31.57 -57.35 3.48
O2D CLA RE . -31.19 -58.71 5.17
CED CLA RE . -29.80 -58.43 5.36
C1 CLA RE . -37.17 -57.88 6.20
C2 CLA RE . -38.08 -56.96 5.41
C3 CLA RE . -38.23 -55.67 5.74
C4 CLA RE . -37.50 -55.06 6.91
C5 CLA RE . -39.14 -54.73 4.97
C6 CLA RE . -40.38 -54.46 5.82
C7 CLA RE . -41.65 -54.30 4.98
C8 CLA RE . -41.86 -52.93 4.33
C9 CLA RE . -42.06 -53.08 2.82
C10 CLA RE . -40.70 -51.97 4.60
HHB CLA RE . -37.26 -57.72 -0.44
HHC CLA RE . -38.35 -51.74 0.49
HHD CLA RE . -34.97 -51.29 5.16
H2A CLA RE . -33.42 -58.70 2.19
H3A CLA RE . -36.14 -59.45 1.41
HMA1 CLA RE . -34.15 -59.97 0.06
HMA2 CLA RE . -34.07 -58.31 -0.40
HMA3 CLA RE . -35.46 -59.26 -0.81
HAA1 CLA RE . -34.23 -59.53 4.42
HAA2 CLA RE . -34.47 -60.67 3.11
HBA1 CLA RE . -36.72 -60.64 3.32
HBA2 CLA RE . -36.81 -58.90 3.58
HMB1 CLA RE . -38.26 -56.65 -2.48
HMB2 CLA RE . -39.72 -55.75 -2.63
HMB3 CLA RE . -39.67 -57.13 -1.58
HBB1 CLA RE . -42.19 -52.99 -0.59
HBB2 CLA RE . -42.00 -54.33 -1.84
HMC1 CLA RE . -39.75 -49.94 1.71
HMC2 CLA RE . -38.62 -48.70 2.14
HMC3 CLA RE . -39.80 -49.24 3.28
HAC1 CLA RE . -37.51 -48.41 4.53
HAC2 CLA RE . -36.21 -49.25 5.38
HBC1 CLA RE . -38.02 -48.75 6.92
HBC2 CLA RE . -37.92 -50.46 6.70
HBC3 CLA RE . -39.16 -49.56 5.91
HMD1 CLA RE . -34.11 -52.43 7.87
HMD2 CLA RE . -32.68 -52.21 6.92
HMD3 CLA RE . -32.84 -53.61 7.92
HBD CLA RE . -33.61 -58.00 5.86
HED1 CLA RE . -29.38 -59.14 6.01
HED2 CLA RE . -29.70 -57.46 5.79
HED3 CLA RE . -29.30 -58.46 4.43
H11 CLA RE . -36.14 -57.63 5.95
H12 CLA RE . -37.30 -57.66 7.26
H2 CLA RE . -38.62 -57.35 4.57
H41 CLA RE . -37.63 -54.00 6.88
H42 CLA RE . -36.48 -55.29 6.85
H43 CLA RE . -37.91 -55.43 7.80
H51 CLA RE . -39.41 -55.18 4.02
H52 CLA RE . -38.62 -53.79 4.78
H61 CLA RE . -40.22 -53.59 6.46
H62 CLA RE . -40.52 -55.31 6.49
H71 CLA RE . -42.51 -54.50 5.63
H72 CLA RE . -41.66 -55.07 4.20
H8 CLA RE . -42.77 -52.49 4.74
H91 CLA RE . -42.15 -52.13 2.38
H92 CLA RE . -42.95 -53.64 2.64
H93 CLA RE . -41.23 -53.60 2.41
HHC2 CLA RE . -39.64 -52.36 1.47
HHD2 CLA RE . -36.25 -51.98 6.11
MG CLA SE . -29.45 -46.37 2.10
CHA CLA SE . -26.60 -44.64 1.31
CHB CLA SE . -27.97 -49.33 1.02
CHC CLA SE . -32.21 -47.97 2.99
CHD CLA SE . -30.90 -43.35 3.29
NA CLA SE . -27.49 -46.95 1.26
C1A CLA SE . -26.48 -46.11 1.01
C2A CLA SE . -25.31 -46.80 0.39
C3A CLA SE . -25.78 -48.27 0.29
C4A CLA SE . -27.15 -48.20 0.89
CMA CLA SE . -25.63 -48.96 -1.06
CAA CLA SE . -24.03 -46.64 1.22
CBA CLA SE . -24.08 -47.20 2.66
CGA CLA SE . -23.30 -48.50 2.80
O1A CLA SE . -22.96 -49.11 1.80
O2A CLA SE . -22.99 -48.95 4.00
NB CLA SE . -30.00 -48.33 2.02
C1B CLA SE . -29.28 -49.39 1.54
C2B CLA SE . -30.08 -50.59 1.66
C3B CLA SE . -31.26 -50.18 2.20
C4B CLA SE . -31.18 -48.75 2.43
CMB CLA SE . -29.69 -51.98 1.25
CAB CLA SE . -32.44 -51.00 2.56
CBB CLA SE . -32.45 -51.64 3.91
NC CLA SE . -31.25 -45.77 3.00
C1C CLA SE . -32.25 -46.59 3.26
C2C CLA SE . -33.40 -45.91 3.90
C3C CLA SE . -33.01 -44.60 3.99
C4C CLA SE . -31.67 -44.51 3.41
CMC CLA SE . -34.69 -46.57 4.33
CAC CLA SE . -33.83 -43.47 4.57
CBC CLA SE . -34.86 -42.98 3.58
ND CLA SE . -28.95 -44.48 2.36
C1D CLA SE . -29.60 -43.34 2.73
C2D CLA SE . -28.79 -42.15 2.45
C3D CLA SE . -27.62 -42.67 1.90
C4D CLA SE . -27.74 -44.06 1.85
CMD CLA SE . -29.00 -40.66 2.63
CAD CLA SE . -26.35 -42.28 1.35
OBD CLA SE . -26.19 -41.27 0.68
CBD CLA SE . -25.57 -43.54 1.11
CGD CLA SE . -25.06 -43.63 -0.30
O1D CLA SE . -25.84 -43.68 -1.24
O2D CLA SE . -23.75 -43.65 -0.55
CED CLA SE . -23.35 -43.12 -1.81
C1 CLA SE . -24.04 -49.38 4.92
C2 CLA SE . -24.28 -48.57 6.18
C3 CLA SE . -25.35 -48.82 6.96
C4 CLA SE . -26.35 -49.88 6.63
C5 CLA SE . -25.61 -48.02 8.22
C6 CLA SE . -26.98 -47.36 8.24
C7 CLA SE . -27.21 -46.49 6.99
C8 CLA SE . -28.30 -47.04 6.08
C9 CLA SE . -27.76 -47.16 4.66
C10 CLA SE . -29.56 -46.18 6.11
C11 CLA SE . -30.81 -47.01 6.36
C12 CLA SE . -30.94 -47.35 7.84
C13 CLA SE . -31.74 -48.62 8.14
C14 CLA SE . -31.03 -49.86 7.61
C15 CLA SE . -33.18 -48.55 7.59
C16 CLA SE . -33.90 -47.29 8.05
C17 CLA SE . -35.43 -47.44 8.01
C18 CLA SE . -36.13 -46.27 8.69
C19 CLA SE . -36.01 -44.99 7.86
C20 CLA SE . -37.60 -46.58 8.96
HHB CLA SE . -27.57 -50.25 0.63
HHC CLA SE . -33.08 -48.16 2.35
HHD CLA SE . -31.50 -42.61 2.76
H2A CLA SE . -25.13 -46.41 -0.62
H3A CLA SE . -25.18 -48.86 0.99
HMA1 CLA SE . -24.65 -48.80 -1.42
HMA2 CLA SE . -26.33 -48.54 -1.74
HMA3 CLA SE . -25.81 -49.99 -0.95
HAA1 CLA SE . -23.78 -45.58 1.28
HAA2 CLA SE . -23.20 -47.12 0.69
HBA1 CLA SE . -25.11 -47.36 2.95
HBA2 CLA SE . -23.65 -46.46 3.33
HMB1 CLA SE . -28.63 -52.09 1.32
HMB2 CLA SE . -29.99 -52.15 0.25
HMB3 CLA SE . -30.15 -52.67 1.90
HBB1 CLA SE . -32.83 -51.09 4.75
HBB2 CLA SE . -32.36 -52.71 3.98
HMC1 CLA SE . -34.47 -47.36 5.01
HMC2 CLA SE . -35.20 -46.94 3.49
HMC3 CLA SE . -35.29 -45.85 4.83
HAC1 CLA SE . -33.16 -42.65 4.86
HAC2 CLA SE . -34.33 -43.82 5.47
HBC1 CLA SE . -35.51 -42.30 4.06
HBC2 CLA SE . -35.40 -43.79 3.19
HBC3 CLA SE . -34.37 -42.47 2.79
HMD1 CLA SE . -30.03 -40.45 2.70
HMD2 CLA SE . -28.59 -40.15 1.80
HMD3 CLA SE . -28.50 -40.34 3.52
HBD CLA SE . -24.75 -43.64 1.82
HED1 CLA SE . -22.30 -43.00 -1.82
HED2 CLA SE . -23.82 -42.19 -1.96
HED3 CLA SE . -23.64 -43.80 -2.57
H11 CLA SE . -23.79 -50.39 5.24
H12 CLA SE . -24.97 -49.45 4.36
H2 CLA SE . -23.59 -47.79 6.46
H41 CLA SE . -26.95 -50.08 7.48
H42 CLA SE . -25.85 -50.77 6.35
H43 CLA SE . -26.97 -49.56 5.83
H51 CLA SE . -24.84 -47.25 8.31
H52 CLA SE . -25.52 -48.67 9.09
H61 CLA SE . -27.05 -46.71 9.11
H62 CLA SE . -27.75 -48.12 8.33
H71 CLA SE . -26.27 -46.43 6.44
H72 CLA SE . -27.45 -45.47 7.31
H8 CLA SE . -28.57 -48.05 6.41
H91 CLA SE . -28.41 -47.77 4.09
H92 CLA SE . -26.80 -47.61 4.68
H93 CLA SE . -27.68 -46.20 4.22
H101 CLA SE . -29.66 -45.64 5.17
H102 CLA SE . -29.49 -45.43 6.90
H111 CLA SE . -30.77 -47.92 5.76
H112 CLA SE . -31.69 -46.44 6.05
H121 CLA SE . -31.40 -46.50 8.36
H122 CLA SE . -29.94 -47.47 8.25
H13 CLA SE . -31.80 -48.72 9.23
H141 CLA SE . -31.38 -50.72 8.13
H142 CLA SE . -29.98 -49.75 7.75
H143 CLA SE . -31.24 -49.98 6.57
H151 CLA SE . -33.73 -49.42 7.95
H152 CLA SE . -33.16 -48.59 6.51
H161 CLA SE . -33.61 -46.46 7.40
H162 CLA SE . -33.59 -47.04 9.07
H171 CLA SE . -35.71 -48.37 8.51
H172 CLA SE . -35.75 -47.51 6.97
H18 CLA SE . -35.63 -46.08 9.65
H191 CLA SE . -36.61 -44.24 8.29
H192 CLA SE . -36.34 -45.18 6.86
H193 CLA SE . -35.01 -44.67 7.83
H201 CLA SE . -38.00 -45.83 9.57
H202 CLA SE . -37.67 -47.51 9.46
H203 CLA SE . -38.12 -46.62 8.05
HHC2 CLA SE . -32.45 -48.46 3.93
HHD2 CLA SE . -30.79 -42.97 4.31
MG CLA TE . -30.24 -42.44 -6.50
CHA CLA TE . -27.84 -43.62 -8.69
CHB CLA TE . -28.06 -42.85 -3.84
CHC CLA TE . -32.56 -41.15 -4.50
CHD CLA TE . -32.46 -42.03 -9.23
NA CLA TE . -28.16 -43.15 -6.27
C1A CLA TE . -27.38 -43.60 -7.25
C2A CLA TE . -26.04 -44.03 -6.73
C3A CLA TE . -26.17 -43.84 -5.20
C4A CLA TE . -27.53 -43.23 -5.07
CMA CLA TE . -25.89 -45.08 -4.37
CAA CLA TE . -24.93 -43.21 -7.41
CBA CLA TE . -24.31 -42.01 -6.65
CGA CLA TE . -25.34 -41.00 -6.22
O1A CLA TE . -26.22 -40.66 -6.98
O2A CLA TE . -25.25 -40.52 -4.98
NB CLA TE . -30.29 -42.05 -4.50
C1B CLA TE . -29.33 -42.30 -3.56
C2B CLA TE . -29.81 -41.89 -2.27
C3B CLA TE . -31.08 -41.43 -2.47
C4B CLA TE . -31.37 -41.53 -3.89
CMB CLA TE . -29.05 -42.00 -0.96
CAB CLA TE . -32.05 -40.89 -1.49
CBB CLA TE . -31.74 -40.84 -0.02
NC CLA TE . -32.17 -41.68 -6.83
C1C CLA TE . -32.96 -41.23 -5.86
C2C CLA TE . -34.29 -40.82 -6.36
C3C CLA TE . -34.24 -41.07 -7.70
C4C CLA TE . -32.92 -41.60 -7.98
CMC CLA TE . -35.43 -40.27 -5.54
CAC CLA TE . -35.33 -40.84 -8.71
CBC CLA TE . -35.18 -39.46 -9.31
ND CLA TE . -30.26 -42.71 -8.46
C1D CLA TE . -31.16 -42.52 -9.46
C2D CLA TE . -30.62 -42.94 -10.75
C3D CLA TE . -29.33 -43.36 -10.44
C4D CLA TE . -29.12 -43.21 -9.07
CMD CLA TE . -31.17 -42.96 -12.16
CAD CLA TE . -28.13 -43.89 -11.05
OBD CLA TE . -27.88 -43.88 -12.24
CBD CLA TE . -27.11 -44.04 -9.95
CGD CLA TE . -26.60 -45.46 -9.88
O1D CLA TE . -26.94 -46.21 -8.99
O2D CLA TE . -25.77 -45.88 -10.83
CED CLA TE . -25.24 -47.20 -10.71
C1 CLA TE . -26.31 -39.69 -4.40
C2 CLA TE . -26.05 -39.00 -3.07
C3 CLA TE . -26.99 -38.27 -2.45
C4 CLA TE . -26.66 -37.64 -1.12
C5 CLA TE . -28.38 -38.05 -3.02
C6 CLA TE . -29.38 -37.45 -2.01
C7 CLA TE . -30.71 -37.15 -2.69
C8 CLA TE . -31.88 -37.08 -1.72
C9 CLA TE . -33.21 -37.20 -2.49
C10 CLA TE . -31.86 -35.79 -0.91
C11 CLA TE . -32.60 -35.91 0.42
C12 CLA TE . -31.87 -35.21 1.57
C13 CLA TE . -31.02 -36.15 2.44
C14 CLA TE . -30.23 -37.16 1.60
C15 CLA TE . -31.89 -36.86 3.47
C16 CLA TE . -31.07 -37.55 4.57
C17 CLA TE . -32.00 -38.10 5.66
C18 CLA TE . -31.44 -39.30 6.41
C19 CLA TE . -32.37 -39.65 7.57
C20 CLA TE . -31.26 -40.51 5.51
HHB CLA TE . -27.34 -42.76 -3.04
HHC CLA TE . -33.35 -41.66 -3.95
HHD CLA TE . -33.15 -42.80 -9.58
H2A CLA TE . -25.88 -45.10 -6.94
H3A CLA TE . -25.46 -43.10 -4.82
HMA1 CLA TE . -24.92 -45.44 -4.58
HMA2 CLA TE . -26.60 -45.83 -4.63
HMA3 CLA TE . -25.99 -44.85 -3.34
HAA1 CLA TE . -25.31 -42.81 -8.34
HAA2 CLA TE . -24.12 -43.88 -7.67
HBA1 CLA TE . -23.59 -41.53 -7.30
HBA2 CLA TE . -23.76 -42.38 -5.78
HMB1 CLA TE . -28.83 -41.02 -0.62
HMB2 CLA TE . -28.17 -42.55 -1.09
HMB3 CLA TE . -29.67 -42.48 -0.24
HBB1 CLA TE . -32.50 -41.16 0.68
HBB2 CLA TE . -30.99 -40.16 0.33
HMC1 CLA TE . -35.08 -39.43 -4.98
HMC2 CLA TE . -35.81 -41.01 -4.89
HMC3 CLA TE . -36.20 -39.93 -6.19
HAC1 CLA TE . -36.31 -40.93 -8.23
HAC2 CLA TE . -35.27 -41.59 -9.50
HBC1 CLA TE . -35.86 -39.34 -10.10
HBC2 CLA TE . -34.19 -39.34 -9.67
HBC3 CLA TE . -35.37 -38.73 -8.56
HMD1 CLA TE . -32.07 -43.52 -12.17
HMD2 CLA TE . -30.47 -43.41 -12.80
HMD3 CLA TE . -31.37 -41.96 -12.47
HBD CLA TE . -26.26 -43.36 -10.15
HED1 CLA TE . -24.60 -47.41 -11.53
HED2 CLA TE . -26.03 -47.91 -10.70
HED3 CLA TE . -24.68 -47.27 -9.81
H11 CLA TE . -27.19 -40.33 -4.27
H12 CLA TE . -26.60 -38.92 -5.13
H2 CLA TE . -25.09 -39.12 -2.61
H41 CLA TE . -27.29 -38.03 -0.37
H42 CLA TE . -26.81 -36.59 -1.19
H43 CLA TE . -25.65 -37.83 -0.89
H51 CLA TE . -28.77 -39.00 -3.37
H52 CLA TE . -28.30 -37.39 -3.88
H61 CLA TE . -28.97 -36.52 -1.62
H62 CLA TE . -29.53 -38.14 -1.18
H71 CLA TE . -30.91 -37.93 -3.43
H72 CLA TE . -30.63 -36.20 -3.23
H8 CLA TE . -31.81 -37.93 -1.04
H91 CLA TE . -34.02 -37.12 -1.81
H92 CLA TE . -33.24 -38.13 -2.99
H93 CLA TE . -33.26 -36.41 -3.20
H101 CLA TE . -32.33 -34.99 -1.50
H102 CLA TE . -30.83 -35.48 -0.74
H111 CLA TE . -32.77 -36.96 0.66
H112 CLA TE . -33.58 -35.44 0.31
H121 CLA TE . -32.61 -34.72 2.21
H122 CLA TE . -31.22 -34.43 1.16
H13 CLA TE . -30.29 -35.53 2.99
H141 CLA TE . -29.48 -37.60 2.20
H142 CLA TE . -29.78 -36.66 0.79
H143 CLA TE . -30.88 -37.92 1.25
H151 CLA TE . -32.52 -37.60 2.98
H152 CLA TE . -32.55 -36.13 3.94
H161 CLA TE . -30.38 -36.83 5.02
H162 CLA TE . -30.48 -38.36 4.14
H171 CLA TE . -32.95 -38.37 5.19
H172 CLA TE . -32.22 -37.30 6.37
H18 CLA TE . -30.46 -39.03 6.82
H191 CLA TE . -31.99 -40.50 8.08
H192 CLA TE . -33.34 -39.86 7.20
H193 CLA TE . -32.42 -38.83 8.24
H201 CLA TE . -31.51 -41.39 6.04
H202 CLA TE . -30.25 -40.56 5.20
H203 CLA TE . -31.88 -40.43 4.66
HHC2 CLA TE . -32.68 -40.09 -4.25
HHD2 CLA TE . -32.60 -41.19 -9.92
MG CLA UE . -41.55 -34.08 3.20
CHA CLA UE . -43.37 -31.91 5.16
CHB CLA UE . -40.64 -31.49 1.09
CHC CLA UE . -39.70 -36.24 1.49
CHD CLA UE . -42.55 -36.75 5.33
NA CLA UE . -41.95 -31.93 3.12
C1A CLA UE . -42.71 -31.25 3.98
C2A CLA UE . -42.82 -29.80 3.60
C3A CLA UE . -42.01 -29.72 2.30
C4A CLA UE . -41.48 -31.11 2.15
CMA CLA UE . -42.76 -29.20 1.10
CAA CLA UE . -42.22 -28.89 4.68
CBA CLA UE . -40.75 -29.19 5.02
CGA CLA UE . -40.55 -29.20 6.51
O1A CLA UE . -41.25 -29.95 7.18
O2A CLA UE . -39.67 -28.41 7.11
NB CLA UE . -40.36 -33.88 1.57
C1B CLA UE . -40.12 -32.77 0.81
C2B CLA UE . -39.24 -33.11 -0.30
C3B CLA UE . -39.00 -34.45 -0.15
C4B CLA UE . -39.70 -34.92 1.01
CMB CLA UE . -38.71 -32.23 -1.38
CAB CLA UE . -38.16 -35.30 -1.03
CBB CLA UE . -36.80 -35.73 -0.55
NC CLA UE . -41.12 -36.13 3.43
C1C CLA UE . -40.39 -36.82 2.58
C2C CLA UE . -40.37 -38.28 2.88
C3C CLA UE . -41.15 -38.39 4.00
C4C CLA UE . -41.63 -37.05 4.33
CMC CLA UE . -39.64 -39.35 2.13
CAC CLA UE . -41.48 -39.66 4.74
CBC CLA UE . -40.57 -39.80 5.95
ND CLA UE . -42.64 -34.37 4.82
C1D CLA UE . -42.99 -35.43 5.61
C2D CLA UE . -43.87 -35.02 6.71
C3D CLA UE . -44.00 -33.64 6.53
C4D CLA UE . -43.27 -33.28 5.39
CMD CLA UE . -44.53 -35.74 7.85
CAD CLA UE . -44.64 -32.47 7.09
OBD CLA UE . -45.17 -32.41 8.18
CBD CLA UE . -44.24 -31.30 6.24
CGD CLA UE . -45.46 -30.65 5.65
O1D CLA UE . -46.44 -31.31 5.37
O2D CLA UE . -45.48 -29.33 5.43
CED CLA UE . -46.43 -28.58 6.18
C1 CLA UE . -38.34 -28.08 6.59
C2 CLA UE . -37.26 -29.11 6.32
C3 CLA UE . -36.17 -29.31 7.08
C4 CLA UE . -35.86 -28.56 8.35
C5 CLA UE . -35.14 -30.35 6.67
C6 CLA UE . -34.65 -31.22 7.83
C7 CLA UE . -34.63 -32.68 7.40
C8 CLA UE . -33.84 -33.60 8.35
C9 CLA UE . -32.39 -33.19 8.48
C10 CLA UE . -33.94 -35.03 7.83
C11 CLA UE . -34.01 -36.08 8.93
C12 CLA UE . -35.19 -37.02 8.64
C13 CLA UE . -35.31 -38.15 9.66
C14 CLA UE . -36.09 -39.30 9.05
C15 CLA UE . -36.01 -37.63 10.92
C16 CLA UE . -35.56 -38.38 12.17
C17 CLA UE . -34.15 -37.98 12.60
C18 CLA UE . -34.05 -37.92 14.12
C19 CLA UE . -34.33 -39.29 14.74
C20 CLA UE . -32.68 -37.40 14.55
HHB CLA UE . -40.28 -30.68 0.47
HHC CLA UE . -39.96 -36.85 0.62
HHD CLA UE . -43.44 -37.33 5.12
H2A CLA UE . -43.87 -29.52 3.41
H3A CLA UE . -41.15 -29.05 2.47
HMA1 CLA UE . -43.09 -28.20 1.30
HMA2 CLA UE . -43.60 -29.82 0.93
HMA3 CLA UE . -42.13 -29.21 0.26
HAA1 CLA UE . -42.82 -28.96 5.58
HAA2 CLA UE . -42.27 -27.86 4.32
HBA1 CLA UE . -40.11 -28.43 4.55
HBA2 CLA UE . -40.45 -30.15 4.60
HMB1 CLA UE . -39.17 -31.27 -1.33
HMB2 CLA UE . -38.91 -32.66 -2.32
HMB3 CLA UE . -37.66 -32.12 -1.27
HBB1 CLA UE . -36.74 -36.39 0.29
HBB2 CLA UE . -36.01 -35.79 -1.29
HMC1 CLA UE . -38.96 -38.92 1.44
HMC2 CLA UE . -40.34 -39.95 1.61
HMC3 CLA UE . -39.10 -39.95 2.81
HAC1 CLA UE . -41.34 -40.52 4.08
HAC2 CLA UE . -42.52 -39.65 5.06
HBC1 CLA UE . -40.99 -40.52 6.61
HBC2 CLA UE . -40.50 -38.87 6.44
HBC3 CLA UE . -39.62 -40.13 5.63
HMD1 CLA UE . -44.49 -36.79 7.67
HMD2 CLA UE . -45.54 -35.44 7.91
HMD3 CLA UE . -44.04 -35.51 8.76
HBD CLA UE . -43.66 -30.57 6.83
HED1 CLA UE . -46.23 -27.55 6.07
HED2 CLA UE . -46.35 -28.85 7.20
HED3 CLA UE . -47.40 -28.79 5.83
H11 CLA UE . -37.91 -27.32 7.27
H12 CLA UE . -38.49 -27.54 5.66
H2 CLA UE . -37.36 -29.70 5.42
H41 CLA UE . -34.82 -28.62 8.55
H42 CLA UE . -36.39 -29.00 9.15
H43 CLA UE . -36.12 -27.54 8.25
H51 CLA UE . -34.29 -29.85 6.23
H52 CLA UE . -35.57 -30.99 5.90
H61 CLA UE . -35.30 -31.10 8.70
H62 CLA UE . -33.65 -30.90 8.12
H71 CLA UE . -34.19 -32.76 6.40
H72 CLA UE . -35.66 -33.04 7.33
H8 CLA UE . -34.31 -33.54 9.34
H91 CLA UE . -31.81 -34.02 8.81
H92 CLA UE . -32.30 -32.40 9.18
H93 CLA UE . -32.02 -32.85 7.55
H101 CLA UE . -33.06 -35.24 7.19
H102 CLA UE . -34.82 -35.12 7.18
H111 CLA UE . -34.15 -35.60 9.90
H112 CLA UE . -33.08 -36.65 8.95
H121 CLA UE . -35.04 -37.45 7.65
H122 CLA UE . -36.11 -36.44 8.62
H13 CLA UE . -34.30 -38.50 9.93
H141 CLA UE . -36.27 -40.05 9.79
H142 CLA UE . -35.54 -39.73 8.26
H143 CLA UE . -37.02 -38.95 8.69
H151 CLA UE . -37.08 -37.75 10.80
H152 CLA UE . -35.81 -36.56 11.03
H161 CLA UE . -35.58 -39.45 11.99
H162 CLA UE . -36.26 -38.17 12.98
H171 CLA UE . -33.91 -36.99 12.19
H172 CLA UE . -33.44 -38.69 12.22
H18 CLA UE . -34.80 -37.21 14.50
H191 CLA UE . -33.85 -39.36 15.69
H192 CLA UE . -33.97 -40.05 14.10
H193 CLA UE . -35.38 -39.39 14.88
H201 CLA UE . -32.59 -37.41 15.61
H202 CLA UE . -32.55 -36.41 14.19
H203 CLA UE . -31.92 -38.02 14.14
HHC2 CLA UE . -38.64 -36.47 1.67
HHD2 CLA UE . -42.14 -37.15 6.25
MG CLA VE . -51.71 -43.42 -5.24
CHA CLA VE . -53.88 -40.95 -4.24
CHB CLA VE . -53.63 -45.81 -3.59
CHC CLA VE . -49.54 -45.72 -6.25
CHD CLA VE . -49.81 -40.97 -6.97
NA CLA VE . -53.57 -43.40 -4.06
C1A CLA VE . -54.29 -42.32 -3.77
C2A CLA VE . -55.51 -42.64 -2.98
C3A CLA VE . -55.39 -44.15 -2.76
C4A CLA VE . -54.13 -44.50 -3.51
CMA CLA VE . -55.60 -44.70 -1.36
CAA CLA VE . -56.80 -42.37 -3.77
CBA CLA VE . -56.60 -42.24 -5.28
CGA CLA VE . -57.87 -42.59 -6.02
O1A CLA VE . -58.94 -42.54 -5.45
O2A CLA VE . -57.78 -42.95 -7.30
NB CLA VE . -51.61 -45.43 -4.98
C1B CLA VE . -52.46 -46.25 -4.27
C2B CLA VE . -51.98 -47.61 -4.32
C3B CLA VE . -50.84 -47.57 -5.08
C4B CLA VE . -50.61 -46.18 -5.48
CMB CLA VE . -52.58 -48.84 -3.71
CAB CLA VE . -50.00 -48.74 -5.40
CBB CLA VE . -49.32 -48.87 -6.74
NC CLA VE . -50.03 -43.37 -6.50
C1C CLA VE . -49.26 -44.41 -6.71
C2C CLA VE . -48.05 -44.08 -7.50
C3C CLA VE . -48.16 -42.74 -7.74
C4C CLA VE . -49.39 -42.29 -7.10
CMC CLA VE . -46.96 -45.02 -7.93
CAC CLA VE . -47.17 -41.88 -8.51
CBC CLA VE . -47.48 -41.97 -9.98
ND CLA VE . -51.73 -41.47 -5.57
C1D CLA VE . -50.98 -40.58 -6.27
C2D CLA VE . -51.53 -39.23 -6.19
C3D CLA VE . -52.67 -39.39 -5.40
C4D CLA VE . -52.77 -40.72 -5.05
CMD CLA VE . -51.16 -37.89 -6.75
CAD CLA VE . -53.78 -38.66 -4.82
OBD CLA VE . -54.15 -37.55 -5.13
CBD CLA VE . -54.47 -39.60 -3.88
CGD CLA VE . -54.07 -39.25 -2.48
O1D CLA VE . -52.94 -38.84 -2.25
O2D CLA VE . -54.91 -39.37 -1.46
CED CLA VE . -54.35 -39.10 -0.17
C1 CLA VE . -57.61 -44.35 -7.67
C2 CLA VE . -56.34 -45.08 -7.26
C3 CLA VE . -56.34 -46.35 -6.79
C4 CLA VE . -57.59 -47.16 -6.60
C5 CLA VE . -55.05 -47.03 -6.40
C6 CLA VE . -54.75 -48.20 -7.35
C7 CLA VE . -53.37 -48.07 -7.98
C8 CLA VE . -53.36 -47.03 -9.09
C9 CLA VE . -53.79 -47.63 -10.44
C10 CLA VE . -52.00 -46.31 -9.16
C11 CLA VE . -50.86 -47.06 -9.86
C12 CLA VE . -50.02 -46.06 -10.66
C13 CLA VE . -48.94 -46.68 -11.54
C14 CLA VE . -49.51 -47.63 -12.59
C15 CLA VE . -47.85 -47.37 -10.69
C16 CLA VE . -46.47 -47.00 -11.21
C17 CLA VE . -45.37 -47.88 -10.60
C18 CLA VE . -44.75 -48.87 -11.58
C19 CLA VE . -45.78 -49.76 -12.26
C20 CLA VE . -43.87 -48.15 -12.62
HHB CLA VE . -54.23 -46.58 -3.14
HHC CLA VE . -48.65 -46.03 -5.71
HHD CLA VE . -48.98 -40.41 -6.52
H2A CLA VE . -55.52 -42.10 -2.01
HMA1 CLA VE . -56.47 -44.26 -0.94
HMA2 CLA VE . -54.76 -44.44 -0.75
HMA3 CLA VE . -55.71 -45.74 -1.38
HAA1 CLA VE . -57.27 -41.46 -3.39
HAA2 CLA VE . -57.50 -43.19 -3.58
HBA1 CLA VE . -55.81 -42.89 -5.64
HBA2 CLA VE . -56.32 -41.21 -5.52
HMB1 CLA VE . -51.85 -49.34 -3.14
HMB2 CLA VE . -52.91 -49.48 -4.49
HMB3 CLA VE . -53.40 -48.58 -3.09
HBB1 CLA VE . -49.61 -49.68 -7.38
HBB2 CLA VE . -48.33 -48.46 -6.87
HMC1 CLA VE . -47.21 -46.01 -7.65
HMC2 CLA VE . -46.04 -44.74 -7.45
HMC3 CLA VE . -46.84 -44.97 -8.97
HAC1 CLA VE . -46.15 -42.22 -8.31
HAC2 CLA VE . -47.25 -40.85 -8.17
HBC1 CLA VE . -46.73 -41.45 -10.53
HBC2 CLA VE . -48.42 -41.52 -10.18
HBC3 CLA VE . -47.50 -42.99 -10.28
HMD1 CLA VE . -50.18 -37.95 -7.15
HMD2 CLA VE . -51.18 -37.18 -5.98
HMD3 CLA VE . -51.86 -37.63 -7.50
HBD CLA VE . -55.56 -39.59 -4.00
HED1 CLA VE . -55.08 -39.19 0.58
HED2 CLA VE . -53.94 -38.12 -0.14
HED3 CLA VE . -53.58 -39.80 0.02
H11 CLA VE . -57.66 -44.40 -8.76
H12 CLA VE . -58.48 -44.89 -7.30
H2 CLA VE . -55.40 -44.57 -7.37
H41 CLA VE . -57.33 -48.11 -6.23
H42 CLA VE . -58.10 -47.26 -7.52
H43 CLA VE . -58.22 -46.67 -5.90
H51 CLA VE . -55.14 -47.41 -5.38
H52 CLA VE . -54.23 -46.32 -6.43
H61 CLA VE . -55.51 -48.23 -8.13
H62 CLA VE . -54.81 -49.13 -6.79
H71 CLA VE . -53.07 -49.05 -8.39
H72 CLA VE . -52.64 -47.81 -7.22
H8 CLA VE . -54.12 -46.27 -8.83
H91 CLA VE . -53.44 -47.02 -11.22
H92 CLA VE . -54.84 -47.68 -10.48
H93 CLA VE . -53.39 -48.61 -10.54
H101 CLA VE . -51.68 -46.07 -8.14
H102 CLA VE . -52.15 -45.35 -9.67
H111 CLA VE . -51.24 -47.84 -10.51
H112 CLA VE . -50.24 -47.53 -9.10
H121 CLA VE . -49.56 -45.35 -9.97
H122 CLA VE . -50.70 -45.49 -11.31
H13 CLA VE . -48.44 -45.85 -12.07
H141 CLA VE . -48.77 -47.78 -13.35
H142 CLA VE . -50.37 -47.20 -13.01
H143 CLA VE . -49.75 -48.55 -12.13
H151 CLA VE . -47.99 -48.45 -10.74
H152 CLA VE . -47.95 -47.06 -9.65
H161 CLA VE . -46.26 -45.96 -10.96
H162 CLA VE . -46.45 -47.09 -12.30
H171 CLA VE . -45.80 -48.44 -9.76
H172 CLA VE . -44.59 -47.23 -10.20
H18 CLA VE . -44.09 -49.53 -11.00
H191 CLA VE . -45.29 -50.52 -12.81
H192 CLA VE . -46.37 -49.18 -12.93
H193 CLA VE . -46.41 -50.20 -11.53
H201 CLA VE . -43.46 -48.87 -13.28
H202 CLA VE . -43.10 -47.64 -12.12
H203 CLA VE . -44.46 -47.48 -13.18
HHC2 CLA VE . -49.56 -46.33 -7.15
HHD2 CLA VE . -49.90 -40.58 -7.99
MG CLA WE . -51.24 -37.96 8.54
CHA CLA WE . -54.67 -37.86 8.75
CHB CLA WE . -50.95 -36.58 11.72
CHC CLA WE . -47.93 -38.11 8.22
CHD CLA WE . -51.54 -39.35 5.28
NA CLA WE . -52.65 -37.30 10.10
C1A CLA WE . -53.98 -37.34 10.00
C2A CLA WE . -54.66 -36.78 11.21
C3A CLA WE . -53.47 -36.40 12.12
C4A CLA WE . -52.28 -36.77 11.29
CMA CLA WE . -53.50 -35.07 12.86
CAA CLA WE . -55.61 -37.75 11.93
CBA CLA WE . -55.28 -39.24 11.76
CGA CLA WE . -56.35 -40.03 12.47
O1A CLA WE . -57.41 -39.50 12.75
O2A CLA WE . -56.13 -41.30 12.80
NB CLA WE . -49.70 -37.44 9.76
C1B CLA WE . -49.76 -36.89 11.02
C2B CLA WE . -48.42 -36.67 11.51
C3B CLA WE . -47.60 -37.11 10.52
C4B CLA WE . -48.41 -37.59 9.41
CMB CLA WE . -48.04 -36.11 12.85
CAB CLA WE . -46.11 -37.12 10.52
CBB CLA WE . -45.36 -38.42 10.67
NC CLA WE . -49.95 -38.71 7.05
C1C CLA WE . -48.64 -38.64 7.11
C2C CLA WE . -47.98 -39.19 5.91
C3C CLA WE . -49.02 -39.59 5.11
C4C CLA WE . -50.24 -39.29 5.83
CMC CLA WE . -46.50 -39.27 5.62
CAC CLA WE . -48.93 -40.23 3.75
CBC CLA WE . -48.93 -41.73 3.92
ND CLA WE . -52.65 -38.50 7.27
C1D CLA WE . -52.71 -39.04 6.02
C2D CLA WE . -54.08 -39.24 5.57
C3D CLA WE . -54.84 -38.77 6.64
C4D CLA WE . -53.97 -38.34 7.65
CMD CLA WE . -54.70 -39.78 4.32
CAD CLA WE . -56.20 -38.58 7.08
OBD CLA WE . -57.20 -38.67 6.38
CBD CLA WE . -56.14 -37.90 8.42
CGD CLA WE . -56.68 -36.50 8.30
O1D CLA WE . -55.95 -35.54 8.50
O2D CLA WE . -57.95 -36.30 7.98
CED CLA WE . -58.18 -35.62 6.75
C1 CLA WE . -55.25 -41.64 13.91
C2 CLA WE . -53.97 -42.40 13.64
C3 CLA WE . -53.08 -42.68 14.61
C4 CLA WE . -51.83 -43.45 14.29
C5 CLA WE . -53.23 -42.25 16.06
C6 CLA WE . -52.16 -41.22 16.44
C7 CLA WE . -52.63 -39.78 16.22
C8 CLA WE . -51.62 -38.99 15.37
C9 CLA WE . -51.85 -37.50 15.53
C10 CLA WE . -51.74 -39.40 13.91
C11 CLA WE . -50.39 -39.89 13.36
C12 CLA WE . -50.54 -40.39 11.93
C13 CLA WE . -49.34 -41.21 11.47
C14 CLA WE . -48.03 -40.68 12.04
C15 CLA WE . -49.29 -41.20 9.94
C16 CLA WE . -48.43 -42.34 9.39
C17 CLA WE . -47.33 -41.81 8.49
C18 CLA WE . -46.27 -42.88 8.22
C19 CLA WE . -45.76 -42.78 6.79
C20 CLA WE . -45.12 -42.75 9.21
HHB CLA WE . -50.83 -36.17 12.70
HHC CLA WE . -47.32 -37.30 7.79
HHD CLA WE . -51.54 -38.69 4.42
H2A CLA WE . -55.22 -35.86 10.94
HMA1 CLA WE . -54.40 -34.98 13.42
HMA2 CLA WE . -53.44 -34.27 12.17
HMA3 CLA WE . -52.67 -35.01 13.52
HAA1 CLA WE . -56.62 -37.57 11.57
HAA2 CLA WE . -55.59 -37.52 13.00
HBA1 CLA WE . -54.30 -39.46 12.16
HBA2 CLA WE . -55.29 -39.51 10.70
HMB1 CLA WE . -48.33 -35.09 12.91
HMB2 CLA WE . -46.97 -36.15 12.95
HMB3 CLA WE . -48.48 -36.66 13.63
HBB1 CLA WE . -44.43 -38.55 10.14
HBB2 CLA WE . -45.57 -39.04 11.53
HMC1 CLA WE . -46.01 -39.68 6.46
HMC2 CLA WE . -46.12 -38.31 5.41
HMC3 CLA WE . -46.34 -39.91 4.78
HAC1 CLA WE . -48.01 -39.92 3.24
HAC2 CLA WE . -49.78 -39.93 3.14
HBC1 CLA WE . -49.15 -42.20 3.00
HBC2 CLA WE . -49.68 -42.00 4.63
HBC3 CLA WE . -47.99 -42.05 4.26
HMD1 CLA WE . -54.18 -40.64 4.00
HMD2 CLA WE . -54.67 -39.04 3.56
HMD3 CLA WE . -55.71 -40.05 4.51
HBD CLA WE . -56.70 -38.46 9.19
HED1 CLA WE . -59.23 -35.63 6.53
HED2 CLA WE . -57.66 -36.11 5.97
HED3 CLA WE . -57.85 -34.62 6.82
H11 CLA WE . -55.84 -42.22 14.62
H12 CLA WE . -54.98 -40.71 14.41
H2 CLA WE . -53.78 -42.75 12.64
H41 CLA WE . -51.32 -43.67 15.19
H42 CLA WE . -51.22 -42.86 13.66
H43 CLA WE . -52.09 -44.35 13.80
H51 CLA WE . -53.12 -43.13 16.70
H52 CLA WE . -54.22 -41.83 16.25
H61 CLA WE . -51.26 -41.40 15.84
H62 CLA WE . -51.89 -41.36 17.48
H71 CLA WE . -52.74 -39.30 17.18
H72 CLA WE . -53.60 -39.77 15.73
H8 CLA WE . -50.62 -39.23 15.73
H91 CLA WE . -51.14 -36.96 14.95
H92 CLA WE . -51.75 -37.23 16.55
H93 CLA WE . -52.83 -37.25 15.21
H101 CLA WE . -52.08 -38.55 13.33
H102 CLA WE . -52.47 -40.19 13.80
H111 CLA WE . -50.01 -40.69 13.99
H112 CLA WE . -49.69 -39.06 13.39
H121 CLA WE . -50.67 -39.53 11.26
H122 CLA WE . -51.44 -41.00 11.86
H13 CLA WE . -49.47 -42.24 11.81
H141 CLA WE . -47.21 -41.08 11.50
H142 CLA WE . -47.95 -40.97 13.05
H143 CLA WE . -48.00 -39.62 11.97
H151 CLA WE . -48.89 -40.25 9.60
H152 CLA WE . -50.30 -41.29 9.56
H161 CLA WE . -49.06 -43.03 8.83
H162 CLA WE . -47.98 -42.89 10.22
H171 CLA WE . -46.85 -40.95 8.98
H172 CLA WE . -47.75 -41.47 7.55
H18 CLA WE . -46.74 -43.85 8.35
H191 CLA WE . -45.00 -43.50 6.64
H192 CLA WE . -45.36 -41.81 6.61
H193 CLA WE . -46.56 -42.96 6.11
H201 CLA WE . -44.47 -43.58 9.10
H202 CLA WE . -45.51 -42.72 10.19
H203 CLA WE . -44.58 -41.85 9.02
HHC2 CLA WE . -47.21 -38.87 8.50
HHD2 CLA WE . -51.66 -40.35 4.89
MG CLA XE . -46.92 -31.65 14.72
CHA CLA XE . -50.18 -31.79 13.62
CHB CLA XE . -47.95 -30.59 17.85
CHC CLA XE . -43.72 -31.58 15.66
CHD CLA XE . -45.86 -32.78 11.52
NA CLA XE . -48.87 -31.24 15.66
C1A CLA XE . -50.07 -31.35 15.06
C2A CLA XE . -51.21 -30.94 15.95
C3A CLA XE . -50.46 -30.58 17.25
C4A CLA XE . -49.01 -30.81 16.94
CMA CLA XE . -51.00 -29.80 18.46
CAA CLA XE . -52.28 -32.06 16.06
CBA CLA XE . -52.41 -32.76 17.41
CGA CLA XE . -51.38 -33.86 17.54
O1A CLA XE . -50.47 -33.93 16.72
O2A CLA XE . -51.47 -34.73 18.53
NB CLA XE . -45.99 -31.17 16.47
C1B CLA XE . -46.56 -30.76 17.64
C2B CLA XE . -45.53 -30.53 18.62
C3B CLA XE . -44.36 -30.81 18.00
C4B CLA XE . -44.66 -31.20 16.62
CMB CLA XE . -45.68 -30.08 20.05
CAB CLA XE . -43.02 -30.68 18.63
CBB CLA XE . -41.84 -31.54 18.27
NC CLA XE . -45.12 -32.21 13.79
C1C CLA XE . -43.91 -32.03 14.33
C2C CLA XE . -42.81 -32.36 13.40
C3C CLA XE . -43.44 -32.75 12.24
C4C CLA XE . -44.87 -32.66 12.50
CMC CLA XE . -41.34 -32.25 13.70
CAC CLA XE . -42.80 -33.22 10.95
CBC CLA XE . -42.48 -32.07 10.03
ND CLA XE . -47.70 -32.17 12.99
C1D CLA XE . -47.24 -32.61 11.79
C2D CLA XE . -48.31 -32.83 10.84
C3D CLA XE . -49.45 -32.52 11.56
C4D CLA XE . -49.08 -32.13 12.84
CMD CLA XE . -48.36 -33.31 9.42
CAD CLA XE . -50.89 -32.46 11.46
OBD CLA XE . -51.56 -32.86 10.52
CBD CLA XE . -51.41 -31.89 12.73
CGD CLA XE . -51.93 -30.51 12.47
O1D CLA XE . -51.19 -29.65 12.01
O2D CLA XE . -53.20 -30.19 12.71
CED CLA XE . -53.92 -29.68 11.59
C1 CLA XE . -51.48 -34.28 19.92
C2 CLA XE . -50.57 -33.16 20.37
C3 CLA XE . -49.24 -33.32 20.47
C4 CLA XE . -48.38 -32.19 20.93
C5 CLA XE . -48.50 -34.59 20.11
C6 CLA XE . -48.15 -34.56 18.62
C7 CLA XE . -46.67 -34.83 18.39
C8 CLA XE . -46.23 -34.77 16.92
C9 CLA XE . -47.38 -34.72 15.92
C10 CLA XE . -45.32 -35.95 16.61
C11 CLA XE . -44.53 -35.74 15.31
C12 CLA XE . -43.18 -36.46 15.33
C13 CLA XE . -42.23 -35.88 14.29
C14 CLA XE . -42.69 -36.27 12.88
C15 CLA XE . -40.80 -36.29 14.59
C16 CLA XE . -39.80 -35.67 13.60
C17 CLA XE . -38.39 -35.58 14.15
C18 CLA XE . -37.56 -34.48 13.50
C19 CLA XE . -36.08 -34.68 13.76
C20 CLA XE . -37.80 -34.38 11.99
HHB CLA XE . -48.24 -30.10 18.77
HHC CLA XE . -43.05 -30.72 15.57
HHD CLA XE . -45.60 -32.08 10.72
H2A CLA XE . -51.70 -30.03 15.55
H3A CLA XE . -50.34 -29.56 16.83
HMA1 CLA XE . -52.05 -29.93 18.53
HMA2 CLA XE . -50.77 -28.78 18.35
HMA3 CLA XE . -50.55 -30.17 19.35
HAA1 CLA XE . -52.08 -32.81 15.30
HAA2 CLA XE . -53.25 -31.61 15.83
HBA1 CLA XE . -52.32 -32.07 18.25
HBA2 CLA XE . -53.40 -33.21 17.47
HMB1 CLA XE . -46.63 -29.65 20.20
HMB2 CLA XE . -44.92 -29.36 20.27
HMB3 CLA XE . -45.55 -30.91 20.69
HBB1 CLA XE . -41.24 -31.25 17.42
HBB2 CLA XE . -41.33 -32.03 19.08
HMC1 CLA XE . -41.08 -32.93 14.47
HMC2 CLA XE . -41.11 -31.27 13.98
HMC3 CLA XE . -40.78 -32.51 12.83
HAC1 CLA XE . -43.48 -33.92 10.45
HAC2 CLA XE . -41.88 -33.77 11.18
HBC1 CLA XE . -42.28 -32.45 9.06
HBC2 CLA XE . -41.63 -31.56 10.38
HBC3 CLA XE . -43.31 -31.41 9.99
HMD1 CLA XE . -48.29 -32.48 8.77
HMD2 CLA XE . -49.28 -33.81 9.25
HMD3 CLA XE . -47.54 -33.97 9.24
HBD CLA XE . -52.19 -32.52 13.18
HED1 CLA XE . -54.93 -29.54 11.86
HED2 CLA XE . -53.86 -30.37 10.79
HED3 CLA XE . -53.49 -28.76 11.29
H11 CLA XE . -51.29 -35.15 20.55
H12 CLA XE . -52.51 -33.97 20.15
H2 CLA XE . -51.00 -32.23 20.66
H41 CLA XE . -47.41 -32.27 20.50
H42 CLA XE . -48.28 -32.22 21.99
H43 CLA XE . -48.81 -31.27 20.65
H51 CLA XE . -49.10 -35.47 20.34
H52 CLA XE . -47.58 -34.66 20.70
H61 CLA XE . -48.41 -33.58 18.22
H62 CLA XE . -48.75 -35.31 18.11
H71 CLA XE . -46.43 -35.82 18.79
H72 CLA XE . -46.09 -34.10 18.96
H8 CLA XE . -45.64 -33.85 16.79
H91 CLA XE . -46.98 -34.65 14.94
H92 CLA XE . -47.99 -33.88 16.10
H93 CLA XE . -47.97 -35.60 16.00
H101 CLA XE . -45.93 -36.86 16.52
H102 CLA XE . -44.63 -36.10 17.44
H111 CLA XE . -44.37 -34.68 15.16
H112 CLA XE . -45.12 -36.13 14.48
H121 CLA XE . -43.32 -37.52 15.13
H122 CLA XE . -42.73 -36.37 16.32
H13 CLA XE . -42.29 -34.78 14.38
H141 CLA XE . -42.01 -35.90 12.16
H142 CLA XE . -43.65 -35.85 12.70
H143 CLA XE . -42.74 -37.32 12.81
H151 CLA XE . -40.72 -37.38 14.54
H152 CLA XE . -40.54 -35.98 15.60
H161 CLA XE . -40.15 -34.68 13.33
H162 CLA XE . -39.78 -36.27 12.69
H171 CLA XE . -37.88 -36.54 14.00
H172 CLA XE . -38.42 -35.40 15.23
H18 CLA XE . -37.86 -33.52 13.95
H191 CLA XE . -35.56 -33.77 13.57
H192 CLA XE . -35.70 -35.43 13.12
H193 CLA XE . -35.93 -34.96 14.77
H201 CLA XE . -37.01 -33.82 11.55
H202 CLA XE . -38.72 -33.89 11.80
H203 CLA XE . -37.82 -35.35 11.57
HHC2 CLA XE . -43.12 -32.36 16.12
HHD2 CLA XE . -45.75 -33.78 11.09
MG CLA YE . -40.55 -23.42 10.85
CHA CLA YE . -42.24 -25.91 9.21
CHB CLA YE . -40.39 -25.36 13.73
CHC CLA YE . -38.73 -21.02 12.26
CHD CLA YE . -40.76 -21.42 7.92
NA CLA YE . -41.23 -25.43 11.44
C1A CLA YE . -41.91 -26.27 10.65
C2A CLA YE . -42.29 -27.53 11.36
C3A CLA YE . -41.72 -27.32 12.78
C4A CLA YE . -41.07 -25.96 12.67
CMA CLA YE . -42.59 -27.66 13.98
CAA CLA YE . -41.64 -28.79 10.79
CBA CLA YE . -40.13 -28.64 10.62
CGA CLA YE . -39.42 -29.98 10.66
O1A CLA YE . -39.62 -30.72 11.60
O2A CLA YE . -38.57 -30.29 9.69
NB CLA YE . -39.69 -23.23 12.69
C1B CLA YE . -39.75 -24.09 13.75
C2B CLA YE . -39.04 -23.54 14.87
C3B CLA YE . -38.60 -22.31 14.44
C4B CLA YE . -39.01 -22.13 13.06
CMB CLA YE . -38.84 -24.12 16.24
CAB CLA YE . -37.80 -21.36 15.23
CBB CLA YE . -36.43 -21.87 15.64
NC CLA YE . -39.83 -21.56 10.18
C1C CLA YE . -39.15 -20.71 10.94
C2C CLA YE . -38.87 -19.42 10.26
C3C CLA YE . -39.44 -19.56 9.02
C4C CLA YE . -40.04 -20.89 8.98
CMC CLA YE . -38.12 -18.23 10.80
CAC CLA YE . -39.46 -18.52 7.93
CBC CLA YE . -38.35 -18.74 6.93
ND CLA YE . -41.25 -23.54 9.01
C1D CLA YE . -41.33 -22.72 7.93
C2D CLA YE . -42.08 -23.34 6.84
C3D CLA YE . -42.43 -24.58 7.36
C4D CLA YE . -41.93 -24.69 8.65
CMD CLA YE . -42.47 -22.88 5.45
CAD CLA YE . -43.13 -25.81 7.03
OBD CLA YE . -43.67 -26.07 5.97
CBD CLA YE . -42.92 -26.76 8.17
CGD CLA YE . -44.21 -27.31 8.70
O1D CLA YE . -45.11 -26.56 9.06
O2D CLA YE . -44.38 -28.63 8.75
CED CLA YE . -45.17 -29.18 9.80
C1 CLA YE . -38.40 -31.67 9.24
C2 CLA YE . -38.87 -32.02 7.84
C3 CLA YE . -38.99 -33.28 7.39
C4 CLA YE . -39.46 -33.50 5.98
C5 CLA YE . -38.65 -34.53 8.17
C6 CLA YE . -39.89 -35.39 8.39
C7 CLA YE . -39.68 -36.30 9.59
C8 CLA YE . -40.46 -37.61 9.53
C9 CLA YE . -41.94 -37.41 9.24
C10 CLA YE . -40.26 -38.34 10.85
C11 CLA YE . -40.51 -39.85 10.74
C12 CLA YE . -40.07 -40.59 12.00
C13 CLA YE . -40.92 -40.29 13.23
C14 CLA YE . -40.14 -40.61 14.50
C15 CLA YE . -42.23 -41.07 13.20
C16 CLA YE . -43.36 -40.26 13.84
C17 CLA YE . -44.62 -41.09 14.05
C18 CLA YE . -45.45 -40.59 15.22
C19 CLA YE . -46.14 -39.26 14.88
C20 CLA YE . -46.48 -41.63 15.65
HHB CLA YE . -40.23 -25.97 14.60
HHC CLA YE . -39.05 -20.16 12.85
HHD CLA YE . -41.58 -20.72 7.71
H2A CLA YE . -43.39 -27.65 11.41
HMA1 CLA YE . -43.12 -28.54 13.78
HMA2 CLA YE . -43.27 -26.86 14.16
HMA3 CLA YE . -41.98 -27.79 14.83
HAA1 CLA YE . -42.09 -29.02 9.81
HAA2 CLA YE . -41.84 -29.62 11.46
HBA1 CLA YE . -39.73 -28.03 11.43
HBA2 CLA YE . -39.90 -28.13 9.68
HMB1 CLA YE . -39.61 -24.82 16.45
HMB2 CLA YE . -38.85 -23.36 16.97
HMB3 CLA YE . -37.90 -24.62 16.28
HBB1 CLA YE . -35.98 -22.65 15.05
HBB2 CLA YE . -35.78 -21.23 16.21
HMC1 CLA YE . -37.52 -18.54 11.61
HMC2 CLA YE . -38.82 -17.50 11.13
HMC3 CLA YE . -37.51 -17.82 10.03
HAC1 CLA YE . -39.37 -17.53 8.36
HAC2 CLA YE . -40.42 -18.58 7.41
HBC1 CLA YE . -38.45 -18.04 6.14
HBC2 CLA YE . -38.41 -19.73 6.53
HBC3 CLA YE . -37.42 -18.60 7.40
HMD1 CLA YE . -41.91 -22.04 5.19
HMD2 CLA YE . -43.51 -22.64 5.44
HMD3 CLA YE . -42.27 -23.67 4.77
HBD CLA YE . -42.27 -27.59 7.87
HED1 CLA YE . -45.66 -30.05 9.46
HED2 CLA YE . -45.87 -28.47 10.13
HED3 CLA YE . -44.53 -29.45 10.60
H11 CLA YE . -38.93 -32.32 9.94
H12 CLA YE . -37.34 -31.92 9.31
H2 CLA YE . -39.13 -31.22 7.17
H41 CLA YE . -39.26 -34.49 5.68
H42 CLA YE . -38.97 -32.82 5.34
H43 CLA YE . -40.51 -33.33 5.94
H51 CLA YE . -38.22 -34.27 9.15
H52 CLA YE . -37.90 -35.11 7.63
H61 CLA YE . -40.07 -36.00 7.50
H62 CLA YE . -40.76 -34.76 8.54
H71 CLA YE . -39.99 -35.76 10.50
H72 CLA YE . -38.62 -36.52 9.69
H8 CLA YE . -40.02 -38.23 8.73
H91 CLA YE . -42.40 -38.35 9.11
H92 CLA YE . -42.06 -36.84 8.37
H93 CLA YE . -42.38 -36.91 10.07
H101 CLA YE . -40.96 -37.92 11.58
H102 CLA YE . -39.25 -38.17 11.23
H111 CLA YE . -39.96 -40.24 9.89
H112 CLA YE . -41.57 -40.03 10.56
H121 CLA YE . -39.03 -40.34 12.21
H122 CLA YE . -40.09 -41.67 11.80
H13 CLA YE . -41.16 -39.22 13.24
H141 CLA YE . -40.77 -40.48 15.34
H142 CLA YE . -39.32 -39.95 14.57
H143 CLA YE . -39.79 -41.61 14.46
H151 CLA YE . -42.11 -42.01 13.74
H152 CLA YE . -42.50 -41.31 12.16
H161 CLA YE . -43.59 -39.41 13.21
H162 CLA YE . -43.02 -39.87 14.80
H171 CLA YE . -44.34 -42.13 14.24
H172 CLA YE . -45.22 -41.08 13.14
H18 CLA YE . -44.78 -40.41 16.07
H191 CLA YE . -46.83 -39.02 15.64
H192 CLA YE . -46.64 -39.34 13.96
H193 CLA YE . -45.40 -38.50 14.81
H201 CLA YE . -47.19 -41.18 16.30
H202 CLA YE . -45.99 -42.42 16.15
H203 CLA YE . -46.98 -42.01 14.79
HHC2 CLA YE . -37.64 -20.95 12.24
HHD2 CLA YE . -40.11 -21.37 7.04
MG CLA ZE . -41.45 -26.81 -0.45
CHA CLA ZE . -40.77 -28.19 -3.53
CHB CLA ZE . -38.17 -27.29 0.54
CHC CLA ZE . -42.21 -25.43 2.48
CHD CLA ZE . -44.81 -26.26 -1.50
NA CLA ZE . -39.64 -27.63 -1.39
C1A CLA ZE . -39.56 -28.14 -2.62
C2A CLA ZE . -38.18 -28.67 -2.92
C3A CLA ZE . -37.41 -28.36 -1.62
C4A CLA ZE . -38.45 -27.72 -0.76
CMA CLA ZE . -36.64 -29.48 -0.97
CAA CLA ZE . -37.53 -28.00 -4.14
CBA CLA ZE . -37.10 -29.01 -5.21
CGA CLA ZE . -36.22 -30.12 -4.66
O1A CLA ZE . -36.75 -31.13 -4.23
O2A CLA ZE . -34.91 -29.98 -4.68
NB CLA ZE . -40.37 -26.41 1.23
C1B CLA ZE . -39.05 -26.68 1.45
C2B CLA ZE . -38.68 -26.25 2.77
C3B CLA ZE . -39.83 -25.74 3.32
C4B CLA ZE . -40.89 -25.85 2.32
CMB CLA ZE . -37.31 -26.38 3.38
CAB CLA ZE . -40.04 -25.15 4.66
CBB CLA ZE . -38.98 -24.29 5.32
NC CLA ZE . -43.19 -25.90 0.32
C1C CLA ZE . -43.30 -25.50 1.57
C2C CLA ZE . -44.68 -25.10 1.92
C3C CLA ZE . -45.40 -25.30 0.76
C4C CLA ZE . -44.45 -25.80 -0.22
CMC CLA ZE . -45.20 -24.58 3.23
CAC CLA ZE . -46.86 -25.04 0.57
CBC CLA ZE . -47.04 -23.62 0.07
ND CLA ZE . -42.58 -27.09 -2.04
C1D CLA ZE . -43.88 -26.87 -2.38
C2D CLA ZE . -44.19 -27.37 -3.72
C3D CLA ZE . -42.96 -27.87 -4.16
C4D CLA ZE . -42.01 -27.69 -3.15
CMD CLA ZE . -45.43 -27.38 -4.56
CAD CLA ZE . -42.33 -28.51 -5.29
OBD CLA ZE . -42.94 -29.12 -6.17
CBD CLA ZE . -40.90 -28.79 -4.90
CGD CLA ZE . -40.74 -30.28 -4.82
O1D CLA ZE . -40.44 -30.94 -5.81
O2D CLA ZE . -40.92 -30.89 -3.66
CED CLA ZE . -41.30 -32.26 -3.72
C1 CLA ZE . -34.04 -31.03 -4.14
C2 CLA ZE . -33.72 -31.05 -2.66
C3 CLA ZE . -34.00 -32.08 -1.83
C4 CLA ZE . -34.71 -33.32 -2.27
C5 CLA ZE . -33.64 -32.03 -0.37
C6 CLA ZE . -34.86 -31.70 0.48
C7 CLA ZE . -35.00 -32.62 1.70
C8 CLA ZE . -36.31 -32.38 2.46
C9 CLA ZE . -36.59 -30.91 2.74
C10 CLA ZE . -36.27 -33.15 3.78
C11 CLA ZE . -36.85 -34.55 3.62
C12 CLA ZE . -36.43 -35.44 4.79
C13 CLA ZE . -36.89 -36.88 4.59
C14 CLA ZE . -37.94 -37.27 5.63
C15 CLA ZE . -35.72 -37.85 4.66
C16 CLA ZE . -35.91 -39.04 3.73
C17 CLA ZE . -35.71 -38.63 2.28
C18 CLA ZE . -35.25 -39.79 1.42
C19 CLA ZE . -36.40 -40.74 1.11
C20 CLA ZE . -34.61 -39.26 0.14
HHB CLA ZE . -37.12 -27.25 0.80
HHC CLA ZE . -42.56 -25.90 3.39
HHD CLA ZE . -45.64 -26.95 -1.38
H2A CLA ZE . -38.24 -29.75 -3.06
H3A CLA ZE . -36.68 -27.58 -1.83
HMA1 CLA ZE . -36.11 -30.03 -1.70
HMA2 CLA ZE . -37.31 -30.12 -0.45
HMA3 CLA ZE . -35.95 -29.08 -0.27
HAA1 CLA ZE . -36.65 -27.44 -3.84
HAA2 CLA ZE . -38.24 -27.30 -4.58
HBA1 CLA ZE . -36.54 -28.47 -5.98
HBA2 CLA ZE . -37.98 -29.44 -5.69
HMB1 CLA ZE . -36.64 -25.73 2.88
HMB2 CLA ZE . -36.97 -27.39 3.27
HMB3 CLA ZE . -37.34 -26.14 4.41
HBB1 CLA ZE . -39.23 -23.26 5.54
HBB2 CLA ZE . -38.22 -24.76 5.92
HMC1 CLA ZE . -44.41 -24.15 3.79
HMC2 CLA ZE . -45.62 -25.38 3.78
HMC3 CLA ZE . -45.95 -23.84 3.06
HAC1 CLA ZE . -47.40 -25.17 1.51
HAC2 CLA ZE . -47.28 -25.75 -0.16
HBC1 CLA ZE . -48.05 -23.47 -0.23
HBC2 CLA ZE . -46.40 -23.45 -0.75
HBC3 CLA ZE . -46.80 -22.94 0.85
HMD1 CLA ZE . -46.22 -27.78 -3.98
HMD2 CLA ZE . -45.27 -28.00 -5.40
HMD3 CLA ZE . -45.66 -26.40 -4.87
HBD CLA ZE . -40.19 -28.35 -5.62
HED1 CLA ZE . -41.55 -32.60 -2.75
HED2 CLA ZE . -40.51 -32.84 -4.11
HED3 CLA ZE . -42.15 -32.35 -4.36
H11 CLA ZE . -33.09 -30.95 -4.67
H12 CLA ZE . -34.45 -32.00 -4.43
H2 CLA ZE . -33.20 -30.19 -2.24
H41 CLA ZE . -34.78 -33.99 -1.46
H42 CLA ZE . -34.17 -33.78 -3.05
H43 CLA ZE . -35.68 -33.08 -2.61
H51 CLA ZE . -32.87 -31.27 -0.21
H52 CLA ZE . -33.22 -32.99 -0.06
H61 CLA ZE . -35.75 -31.78 -0.13
H62 CLA ZE . -34.78 -30.66 0.82
H71 CLA ZE . -34.15 -32.46 2.37
H72 CLA ZE . -34.96 -33.65 1.36
H8 CLA ZE . -37.13 -32.77 1.85
H91 CLA ZE . -37.46 -30.82 3.32
H92 CLA ZE . -36.73 -30.39 1.83
H93 CLA ZE . -35.77 -30.48 3.27
H101 CLA ZE . -36.85 -32.61 4.53
H102 CLA ZE . -35.24 -33.22 4.14
H111 CLA ZE . -36.50 -34.99 2.69
H112 CLA ZE . -37.93 -34.49 3.57
H121 CLA ZE . -36.87 -35.04 5.71
H122 CLA ZE . -35.35 -35.40 4.91
H13 CLA ZE . -37.36 -36.96 3.60
H141 CLA ZE . -38.21 -38.29 5.50
H142 CLA ZE . -38.80 -36.66 5.52
H143 CLA ZE . -37.54 -37.14 6.61
H151 CLA ZE . -35.61 -38.22 5.69
H152 CLA ZE . -34.79 -37.34 4.39
H161 CLA ZE . -36.92 -39.44 3.86
H162 CLA ZE . -35.21 -39.83 3.99
H171 CLA ZE . -34.96 -37.82 2.23
H172 CLA ZE . -36.65 -38.23 1.88
H18 CLA ZE . -34.48 -40.35 1.96
H191 CLA ZE . -36.07 -41.51 0.47
H192 CLA ZE . -37.18 -40.20 0.64
H193 CLA ZE . -36.76 -41.16 2.02
H201 CLA ZE . -34.62 -40.00 -0.61
H202 CLA ZE . -33.62 -38.97 0.34
H203 CLA ZE . -35.15 -38.40 -0.19
HHC2 CLA ZE . -42.14 -24.37 2.73
HHD2 CLA ZE . -45.21 -25.40 -2.03
MG CLA AF . -23.71 -24.75 4.58
CHA CLA AF . -22.48 -27.96 4.60
CHB CLA AF . -25.92 -25.54 7.11
CHC CLA AF . -24.77 -21.60 4.53
CHD CLA AF . -21.44 -23.96 1.97
NA CLA AF . -24.17 -26.55 5.76
C1A CLA AF . -23.57 -27.73 5.62
C2A CLA AF . -24.04 -28.72 6.63
C3A CLA AF . -25.15 -27.94 7.37
C4A CLA AF . -25.10 -26.61 6.72
CMA CLA AF . -26.47 -28.65 7.54
CAA CLA AF . -22.84 -28.93 7.55
CBA CLA AF . -23.06 -29.61 8.91
CGA CLA AF . -21.83 -29.35 9.74
O1A CLA AF . -21.02 -28.50 9.41
O2A CLA AF . -21.65 -30.04 10.85
NB CLA AF . -25.11 -23.73 5.66
C1B CLA AF . -25.95 -24.23 6.61
C2B CLA AF . -26.83 -23.18 7.07
C3B CLA AF . -26.49 -22.08 6.34
C4B CLA AF . -25.39 -22.44 5.45
CMB CLA AF . -27.90 -23.32 8.12
CAB CLA AF . -27.09 -20.73 6.40
CBB CLA AF . -27.53 -20.15 7.73
NC CLA AF . -23.13 -23.05 3.50
C1C CLA AF . -23.68 -21.86 3.64
C2C CLA AF . -23.07 -20.84 2.76
C3C CLA AF . -22.09 -21.52 2.09
C4C CLA AF . -22.15 -22.91 2.55
CMC CLA AF . -23.42 -19.38 2.68
CAC CLA AF . -21.11 -20.99 1.07
CBC CLA AF . -19.76 -20.83 1.74
ND CLA AF . -22.30 -25.63 3.52
C1D CLA AF . -21.46 -25.27 2.50
C2D CLA AF . -20.63 -26.40 2.06
C3D CLA AF . -21.05 -27.44 2.88
C4D CLA AF . -22.03 -26.96 3.75
CMD CLA AF . -19.59 -26.56 1.00
CAD CLA AF . -20.80 -28.84 3.16
OBD CLA AF . -20.28 -29.62 2.39
CBD CLA AF . -21.74 -29.24 4.27
CGD CLA AF . -22.73 -30.27 3.82
O1D CLA AF . -23.63 -29.97 3.05
O2D CLA AF . -22.62 -31.52 4.25
CED CLA AF . -22.81 -32.51 3.24
C1 CLA AF . -22.12 -29.52 12.13
C2 CLA AF . -22.84 -30.48 13.03
C3 CLA AF . -23.41 -30.12 14.18
C4 CLA AF . -23.35 -28.70 14.69
C5 CLA AF . -24.12 -31.13 15.03
C6 CLA AF . -23.10 -32.07 15.69
C7 CLA AF . -23.65 -33.49 15.77
C8 CLA AF . -24.94 -33.61 16.56
C9 CLA AF . -24.85 -32.92 17.92
C10 CLA AF . -25.30 -35.08 16.73
C11 CLA AF . -26.80 -35.32 16.71
C12 CLA AF . -27.11 -36.81 16.72
C13 CLA AF . -28.57 -37.14 17.04
C14 CLA AF . -29.53 -36.19 16.33
C15 CLA AF . -28.81 -37.11 18.54
C16 CLA AF . -28.53 -38.46 19.21
C17 CLA AF . -29.71 -39.41 19.06
C18 CLA AF . -29.41 -40.79 19.67
C19 CLA AF . -29.72 -40.83 21.16
C20 CLA AF . -30.19 -41.87 18.94
HHB CLA AF . -26.63 -25.76 7.89
HHC CLA AF . -25.56 -21.21 3.90
HHD CLA AF . -21.79 -24.04 0.94
H2A CLA AF . -24.42 -29.65 6.18
H3A CLA AF . -24.78 -27.75 8.39
HMA1 CLA AF . -26.31 -29.57 8.05
HMA2 CLA AF . -26.89 -28.84 6.59
HMA3 CLA AF . -27.12 -28.04 8.11
HAA1 CLA AF . -22.43 -27.94 7.73
HAA2 CLA AF . -22.08 -29.49 7.01
HBA1 CLA AF . -23.20 -30.68 8.76
HBA2 CLA AF . -23.94 -29.23 9.42
HMB1 CLA AF . -28.36 -24.27 8.03
HMB2 CLA AF . -28.62 -22.57 8.00
HMB3 CLA AF . -27.46 -23.23 9.09
HBB1 CLA AF . -27.30 -20.68 8.63
HBB2 CLA AF . -27.77 -19.10 7.79
HMC1 CLA AF . -24.46 -19.26 2.87
HMC2 CLA AF . -23.21 -19.02 1.71
HMC3 CLA AF . -22.86 -18.83 3.40
HAC1 CLA AF . -21.46 -20.02 0.69
HAC2 CLA AF . -21.03 -21.68 0.23
HBC1 CLA AF . -19.27 -20.00 1.34
HBC2 CLA AF . -19.18 -21.70 1.57
HBC3 CLA AF . -19.91 -20.70 2.78
HMD1 CLA AF . -18.78 -25.90 1.19
HMD2 CLA AF . -20.00 -26.37 0.04
HMD3 CLA AF . -19.22 -27.56 1.02
HBD CLA AF . -21.16 -29.61 5.13
HED1 CLA AF . -22.41 -33.43 3.58
HED2 CLA AF . -22.32 -32.21 2.35
HED3 CLA AF . -23.85 -32.63 3.06
H11 CLA AF . -22.79 -28.67 11.93
H12 CLA AF . -21.26 -29.11 12.67
H2 CLA AF . -22.92 -31.51 12.72
H41 CLA AF . -23.86 -28.63 15.62
H42 CLA AF . -23.82 -28.05 14.00
H43 CLA AF . -22.35 -28.41 14.82
H51 CLA AF . -24.78 -31.72 14.39
H52 CLA AF . -24.72 -30.65 15.79
H61 CLA AF . -22.86 -31.70 16.69
H62 CLA AF . -22.18 -32.07 15.10
H71 CLA AF . -22.89 -34.14 16.22
H72 CLA AF . -23.82 -33.86 14.75
H8 CLA AF . -25.74 -33.12 15.99
H91 CLA AF . -25.67 -33.22 18.52
H92 CLA AF . -24.86 -31.87 17.80
H93 CLA AF . -23.94 -33.22 18.40
H101 CLA AF . -24.88 -35.44 17.67
H102 CLA AF . -24.83 -35.66 15.92
H111 CLA AF . -27.24 -34.86 15.83
H112 CLA AF . -27.25 -34.85 17.60
H121 CLA AF . -26.46 -37.31 17.45
H122 CLA AF . -26.87 -37.22 15.74
H13 CLA AF . -28.77 -38.16 16.68
H141 CLA AF . -30.51 -36.57 16.41
H142 CLA AF . -29.27 -36.12 15.31
H143 CLA AF . -29.49 -35.24 16.78
H151 CLA AF . -29.86 -36.84 18.73
H152 CLA AF . -28.18 -36.34 19.00
H161 CLA AF . -28.32 -38.30 20.27
H162 CLA AF . -27.64 -38.90 18.75
H171 CLA AF . -29.95 -39.54 18.01
H172 CLA AF . -30.58 -38.99 19.56
H18 CLA AF . -28.34 -41.00 19.53
H191 CLA AF . -29.37 -41.74 21.57
H192 CLA AF . -30.76 -40.76 21.31
H193 CLA AF . -29.24 -40.01 21.64
H201 CLA AF . -30.03 -42.81 19.41
H202 CLA AF . -29.88 -41.92 17.93
H203 CLA AF . -31.23 -41.64 18.98
HHC2 CLA AF . -24.44 -20.74 5.12
HHD2 CLA AF . -20.39 -23.66 1.91
MG CLA BF . -23.13 -38.08 5.91
CHA CLA BF . -24.08 -34.86 6.65
CHB CLA BF . -26.41 -39.17 6.12
CHC CLA BF . -22.09 -41.06 4.95
CHD CLA BF . -19.75 -36.95 5.70
NA CLA BF . -25.07 -37.12 6.33
C1A CLA BF . -25.25 -35.83 6.62
C2A CLA BF . -26.69 -35.50 6.89
C3A CLA BF . -27.38 -36.87 6.72
C4A CLA BF . -26.24 -37.79 6.38
CMA CLA BF . -28.48 -37.26 7.69
CAA CLA BF . -27.28 -34.55 5.86
CBA CLA BF . -28.44 -33.74 6.44
CGA CLA BF . -29.34 -33.28 5.33
O1A CLA BF . -28.90 -32.55 4.46
O2A CLA BF . -30.61 -33.67 5.32
NB CLA BF . -24.10 -39.83 5.58
C1B CLA BF . -25.43 -40.12 5.76
C2B CLA BF . -25.64 -41.53 5.50
C3B CLA BF . -24.41 -42.04 5.18
C4B CLA BF . -23.45 -40.95 5.24
CMB CLA BF . -26.94 -42.31 5.57
CAB CLA BF . -24.01 -43.41 4.82
CBB CLA BF . -24.90 -44.62 5.00
NC CLA BF . -21.25 -38.85 5.37
C1C CLA BF . -21.04 -40.14 5.13
C2C CLA BF . -19.60 -40.49 5.05
C3C CLA BF . -18.95 -39.32 5.26
C4C CLA BF . -19.98 -38.30 5.46
CMC CLA BF . -19.02 -41.86 4.79
CAC CLA BF . -17.46 -39.09 5.30
CBC CLA BF . -16.95 -39.28 6.72
ND CLA BF . -22.10 -36.41 6.09
C1D CLA BF . -20.78 -36.04 6.01
C2D CLA BF . -20.58 -34.63 6.30
C3D CLA BF . -21.87 -34.18 6.55
C4D CLA BF . -22.77 -35.25 6.42
CMD CLA BF . -19.36 -33.77 6.34
CAD CLA BF . -22.62 -32.99 6.89
OBD CLA BF . -22.16 -31.86 6.97
CBD CLA BF . -24.08 -33.36 6.90
CGD CLA BF . -24.67 -32.98 8.23
O1D CLA BF . -25.56 -32.16 8.30
O2D CLA BF . -24.21 -33.53 9.35
CED CLA BF . -24.83 -33.10 10.57
C1 CLA BF . -31.59 -32.90 4.55
C2 CLA BF . -31.66 -31.41 4.79
C3 CLA BF . -31.56 -30.49 3.82
C4 CLA BF . -31.32 -30.84 2.38
C5 CLA BF . -31.64 -29.01 4.12
C6 CLA BF . -32.87 -28.36 3.50
C7 CLA BF . -32.68 -26.85 3.33
C8 CLA BF . -33.75 -26.03 4.03
C9 CLA BF . -33.99 -24.73 3.29
C10 CLA BF . -33.32 -25.76 5.46
C11 CLA BF . -34.50 -25.63 6.42
C12 CLA BF . -34.24 -24.61 7.52
C13 CLA BF . -33.22 -25.09 8.55
C14 CLA BF . -33.92 -25.66 9.79
C15 CLA BF . -32.28 -23.94 8.93
C16 CLA BF . -31.13 -24.38 9.82
C17 CLA BF . -30.57 -23.21 10.63
C18 CLA BF . -29.36 -23.61 11.47
C19 CLA BF . -28.48 -22.41 11.77
C20 CLA BF . -29.79 -24.30 12.76
HHB CLA BF . -27.44 -39.51 6.09
HHC CLA BF . -21.75 -42.00 5.37
HHD CLA BF . -19.01 -36.88 6.50
H2A CLA BF . -26.83 -35.12 7.91
HMA1 CLA BF . -29.43 -37.12 7.24
HMA2 CLA BF . -28.43 -36.66 8.57
HMA3 CLA BF . -28.38 -38.29 7.97
HAA1 CLA BF . -27.65 -35.12 5.01
HAA2 CLA BF . -26.50 -33.87 5.50
HBA1 CLA BF . -28.04 -32.87 6.98
HBA2 CLA BF . -29.00 -34.35 7.15
HMB1 CLA BF . -27.74 -41.65 5.75
HMB2 CLA BF . -26.88 -43.02 6.35
HMB3 CLA BF . -27.10 -42.81 4.65
HBB1 CLA BF . -25.52 -44.91 4.17
HBB2 CLA BF . -24.54 -45.40 5.64
HMC1 CLA BF . -19.42 -42.55 5.47
HMC2 CLA BF . -17.97 -41.82 4.92
HMC3 CLA BF . -19.24 -42.15 3.80
HAC1 CLA BF . -17.23 -38.08 4.96
HAC2 CLA BF . -16.96 -39.79 4.63
HBC1 CLA BF . -15.90 -39.37 6.70
HBC2 CLA BF . -17.38 -40.14 7.13
HBC3 CLA BF . -17.21 -38.43 7.30
HMD1 CLA BF . -18.87 -33.91 7.27
HMD2 CLA BF . -19.64 -32.75 6.24
HMD3 CLA BF . -18.70 -34.04 5.55
HBD CLA BF . -24.60 -32.83 6.10
HED1 CLA BF . -24.44 -33.65 11.38
HED2 CLA BF . -25.88 -33.24 10.50
HED3 CLA BF . -24.62 -32.07 10.71
H11 CLA BF . -32.56 -33.32 4.78
H12 CLA BF . -31.41 -33.10 3.50
H2 CLA BF . -31.83 -31.07 5.80
H41 CLA BF . -31.21 -29.96 1.80
H42 CLA BF . -32.13 -31.42 2.00
H43 CLA BF . -30.42 -31.42 2.30
H51 CLA BF . -30.73 -28.52 3.73
H52 CLA BF . -31.66 -28.86 5.20
H61 CLA BF . -33.74 -28.55 4.15
H62 CLA BF . -33.08 -28.82 2.53
H71 CLA BF . -32.68 -26.62 2.27
H72 CLA BF . -31.70 -26.57 3.72
H8 CLA BF . -34.69 -26.60 4.05
H91 CLA BF . -34.74 -24.17 3.78
H92 CLA BF . -34.31 -24.94 2.29
H93 CLA BF . -33.09 -24.16 3.25
H101 CLA BF . -32.75 -24.82 5.48
H102 CLA BF . -32.65 -26.55 5.81
H111 CLA BF . -34.68 -26.61 6.87
H112 CLA BF . -35.39 -25.35 5.86
H121 CLA BF . -35.18 -24.38 8.01
H122 CLA BF . -33.88 -23.68 7.06
H13 CLA BF . -32.62 -25.89 8.10
H141 CLA BF . -33.35 -26.45 10.18
H142 CLA BF . -34.88 -26.00 9.52
H143 CLA BF . -34.01 -24.89 10.51
H151 CLA BF . -32.86 -23.16 9.44
H152 CLA BF . -31.87 -23.49 8.02
H161 CLA BF . -30.33 -24.80 9.20
H162 CLA BF . -31.46 -25.17 10.50
H171 CLA BF . -31.36 -22.83 11.29
H172 CLA BF . -30.28 -22.40 9.95
H18 CLA BF . -28.76 -24.33 10.89
H191 CLA BF . -27.62 -22.73 12.30
H192 CLA BF . -29.02 -21.72 12.36
H193 CLA BF . -28.18 -21.95 10.86
H201 CLA BF . -28.95 -24.77 13.20
H202 CLA BF . -30.53 -25.01 12.56
H203 CLA BF . -30.17 -23.57 13.43
HHC2 CLA BF . -22.09 -41.21 3.88
HHD2 CLA BF . -19.25 -36.56 4.81
MG CLA CF . -17.59 -28.03 -13.88
CHA CLA CF . -18.48 -30.16 -16.42
CHB CLA CF . -14.87 -30.05 -13.07
CHC CLA CF . -16.76 -25.87 -11.50
CHD CLA CF . -20.38 -25.99 -14.67
NA CLA CF . -16.74 -29.91 -14.66
C1A CLA CF . -17.25 -30.62 -15.66
C2A CLA CF . -16.47 -31.88 -15.92
C3A CLA CF . -15.37 -31.82 -14.84
C4A CLA CF . -15.67 -30.53 -14.13
CMA CLA CF . -15.22 -33.07 -13.98
CAA CLA CF . -15.98 -31.85 -17.37
CBA CLA CF . -14.61 -32.47 -17.62
CGA CLA CF . -13.50 -31.43 -17.59
O1A CLA CF . -12.34 -31.81 -17.73
O2A CLA CF . -13.78 -30.15 -17.41
NB CLA CF . -16.07 -27.97 -12.52
C1B CLA CF . -15.05 -28.86 -12.34
C2B CLA CF . -14.18 -28.41 -11.28
C3B CLA CF . -14.75 -27.25 -10.83
C4B CLA CF . -15.93 -26.98 -11.64
CMB CLA CF . -12.96 -29.11 -10.76
CAB CLA CF . -14.27 -26.34 -9.77
CBB CLA CF . -12.81 -25.92 -9.75
NC CLA CF . -18.37 -26.18 -13.27
C1C CLA CF . -17.93 -25.52 -12.22
C2C CLA CF . -18.78 -24.35 -11.87
C3C CLA CF . -19.78 -24.37 -12.81
C4C CLA CF . -19.51 -25.53 -13.67
CMC CLA CF . -18.58 -23.39 -10.73
CAC CLA CF . -20.94 -23.41 -12.91
CBC CLA CF . -20.78 -22.50 -14.11
ND CLA CF . -19.10 -28.00 -15.14
C1D CLA CF . -20.13 -27.16 -15.43
C2D CLA CF . -20.89 -27.61 -16.58
C3D CLA CF . -20.25 -28.78 -16.95
C4D CLA CF . -19.17 -29.01 -16.09
CMD CLA CF . -22.10 -27.08 -17.32
CAD CLA CF . -20.29 -29.85 -17.93
OBD CLA CF . -20.89 -29.80 -18.99
CBD CLA CF . -19.16 -30.79 -17.61
CGD CLA CF . -19.73 -32.15 -17.27
O1D CLA CF . -20.79 -32.24 -16.69
O2D CLA CF . -19.07 -33.24 -17.62
CED CLA CF . -19.71 -34.06 -18.61
C1 CLA CF . -12.89 -29.33 -16.58
C2 CLA CF . -13.47 -28.17 -15.80
C3 CLA CF . -13.25 -26.88 -16.11
C4 CLA CF . -12.42 -26.44 -17.29
C5 CLA CF . -13.84 -25.75 -15.28
C6 CLA CF . -15.35 -25.68 -15.46
C7 CLA CF . -15.77 -25.28 -16.87
C8 CLA CF . -16.98 -26.10 -17.31
C9 CLA CF . -16.54 -27.49 -17.73
C10 CLA CF . -17.74 -25.45 -18.46
C11 CLA CF . -18.50 -24.17 -18.10
C12 CLA CF . -18.95 -23.49 -19.39
C13 CLA CF . -19.51 -22.09 -19.18
C14 CLA CF . -21.01 -22.14 -18.89
C15 CLA CF . -19.20 -21.19 -20.38
C16 CLA CF . -19.56 -21.78 -21.75
C17 CLA CF . -21.05 -21.68 -22.09
C18 CLA CF . -21.25 -21.59 -23.60
C19 CLA CF . -20.75 -22.85 -24.29
C20 CLA CF . -22.71 -21.31 -23.95
HHB CLA CF . -14.01 -30.65 -12.82
HHC CLA CF . -17.07 -25.88 -10.45
HHD CLA CF . -21.35 -26.14 -14.19
H2A CLA CF . -17.11 -32.76 -15.75
H3A CLA CF . -14.39 -31.66 -15.29
HMA1 CLA CF . -14.64 -33.78 -14.50
HMA2 CLA CF . -16.17 -33.48 -13.78
HMA3 CLA CF . -14.75 -32.81 -13.06
HAA1 CLA CF . -15.99 -30.82 -17.72
HAA2 CLA CF . -16.70 -32.40 -17.97
HBA1 CLA CF . -14.60 -32.93 -18.60
HBA2 CLA CF . -14.40 -33.25 -16.88
HMB1 CLA CF . -12.17 -29.00 -11.46
HMB2 CLA CF . -13.16 -30.13 -10.59
HMB3 CLA CF . -12.66 -28.65 -9.85
HBB1 CLA CF . -12.42 -25.43 -10.62
HBB2 CLA CF . -12.37 -25.70 -8.80
HMC1 CLA CF . -17.55 -23.34 -10.50
HMC2 CLA CF . -19.12 -23.73 -9.89
HMC3 CLA CF . -18.92 -22.43 -11.03
HAC1 CLA CF . -20.99 -22.81 -11.99
HAC2 CLA CF . -21.86 -23.98 -12.99
HBC1 CLA CF . -21.57 -21.80 -14.12
HBC2 CLA CF . -20.82 -23.08 -15.00
HBC3 CLA CF . -19.85 -22.00 -14.05
HMD1 CLA CF . -21.87 -26.15 -17.75
HMD2 CLA CF . -22.91 -26.98 -16.64
HMD3 CLA CF . -22.35 -27.76 -18.08
HBD CLA CF . -18.48 -30.87 -18.46
HED1 CLA CF . -19.02 -34.77 -18.97
HED2 CLA CF . -20.06 -33.44 -19.40
HED3 CLA CF . -20.53 -34.56 -18.16
H11 CLA CF . -12.08 -28.98 -17.22
H12 CLA CF . -12.43 -29.99 -15.86
H2 CLA CF . -14.07 -28.38 -14.94
H41 CLA CF . -12.24 -25.40 -17.25
H42 CLA CF . -12.94 -26.66 -18.18
H43 CLA CF . -11.49 -26.96 -17.28
H51 CLA CF . -13.39 -24.81 -15.56
H52 CLA CF . -13.61 -25.92 -14.23
H61 CLA CF . -15.75 -24.95 -14.76
H62 CLA CF . -15.78 -26.65 -15.21
H71 CLA CF . -14.95 -25.46 -17.57
H72 CLA CF . -16.00 -24.22 -16.89
H8 CLA CF . -17.67 -26.19 -16.45
H91 CLA CF . -17.37 -28.04 -18.09
H92 CLA CF . -16.12 -28.00 -16.90
H93 CLA CF . -15.82 -27.41 -18.49
H101 CLA CF . -18.47 -26.17 -18.84
H102 CLA CF . -17.04 -25.24 -19.26
H111 CLA CF . -17.86 -23.49 -17.53
H112 CLA CF . -19.37 -24.41 -17.49
H121 CLA CF . -19.70 -24.11 -19.88
H122 CLA CF . -18.09 -23.43 -20.07
H13 CLA CF . -19.01 -21.65 -18.31
H141 CLA CF . -21.42 -21.18 -19.03
H142 CLA CF . -21.16 -22.44 -17.89
H143 CLA CF . -21.48 -22.83 -19.54
H151 CLA CF . -18.13 -20.96 -20.38
H152 CLA CF . -19.73 -20.24 -20.26
H161 CLA CF . -19.26 -22.82 -21.82
H162 CLA CF . -18.99 -21.23 -22.51
H171 CLA CF . -21.48 -20.79 -21.61
H172 CLA CF . -21.56 -22.55 -21.71
H18 CLA CF . -20.65 -20.74 -23.97
H191 CLA CF . -21.16 -22.90 -25.27
H192 CLA CF . -21.06 -23.70 -23.74
H193 CLA CF . -19.70 -22.84 -24.35
H201 CLA CF . -22.81 -21.25 -24.99
H202 CLA CF . -23.01 -20.41 -23.50
H203 CLA CF . -23.31 -22.11 -23.58
HHC2 CLA CF . -16.10 -25.00 -11.58
HHD2 CLA CF . -20.52 -25.18 -15.39
MG CLA DF . -24.45 -33.46 -11.09
CHA CLA DF . -23.41 -36.70 -11.50
CHB CLA DF . -22.79 -32.52 -14.00
CHC CLA DF . -25.57 -30.35 -10.66
CHD CLA DF . -26.18 -34.43 -8.15
NA CLA DF . -23.23 -34.50 -12.61
C1A CLA DF . -22.92 -35.78 -12.59
C2A CLA DF . -22.09 -36.19 -13.77
C3A CLA DF . -21.88 -34.85 -14.50
C4A CLA DF . -22.68 -33.89 -13.68
CMA CLA DF . -20.43 -34.48 -14.79
CAA CLA DF . -22.91 -37.27 -14.52
CBA CLA DF . -22.92 -37.24 -16.06
CGA CLA DF . -24.25 -36.76 -16.65
O1A CLA DF . -24.22 -36.28 -17.77
O2A CLA DF . -25.38 -36.88 -15.98
NB CLA DF . -24.22 -31.73 -12.16
C1B CLA DF . -23.50 -31.53 -13.30
C2B CLA DF . -23.60 -30.14 -13.68
C3B CLA DF . -24.38 -29.55 -12.74
C4B CLA DF . -24.77 -30.57 -11.77
CMB CLA DF . -22.95 -29.51 -14.89
CAB CLA DF . -24.80 -28.14 -12.63
CBB CLA DF . -24.50 -27.16 -13.73
NC CLA DF . -25.70 -32.56 -9.66
C1C CLA DF . -26.02 -31.27 -9.68
C2C CLA DF . -26.91 -30.90 -8.55
C3C CLA DF . -27.10 -32.07 -7.87
C4C CLA DF . -26.32 -33.10 -8.56
CMC CLA DF . -27.49 -29.54 -8.27
CAC CLA DF . -27.93 -32.26 -6.63
CBC CLA DF . -29.27 -32.86 -7.01
ND CLA DF . -24.78 -35.08 -10.04
C1D CLA DF . -25.45 -35.40 -8.89
C2D CLA DF . -25.30 -36.81 -8.54
C3D CLA DF . -24.50 -37.31 -9.57
C4D CLA DF . -24.21 -36.27 -10.44
CMD CLA DF . -25.81 -37.66 -7.43
CAD CLA DF . -23.87 -38.52 -10.05
OBD CLA DF . -23.68 -39.53 -9.38
CBD CLA DF . -23.17 -38.19 -11.34
CGD CLA DF . -21.70 -38.47 -11.30
O1D CLA DF . -20.98 -37.97 -10.45
O2D CLA DF . -21.16 -39.27 -12.22
CED CLA DF . -19.77 -39.57 -12.12
C1 CLA DF . -26.69 -36.85 -16.66
C2 CLA DF . -27.95 -37.08 -15.83
C3 CLA DF . -29.21 -37.03 -16.33
C4 CLA DF . -29.49 -36.71 -17.78
C5 CLA DF . -30.41 -37.27 -15.46
C6 CLA DF . -30.30 -38.60 -14.71
C7 CLA DF . -31.64 -39.35 -14.55
C8 CLA DF . -32.63 -38.75 -13.55
C9 CLA DF . -31.95 -38.18 -12.32
C10 CLA DF . -33.65 -39.77 -13.07
C11 CLA DF . -34.42 -40.53 -14.16
C12 CLA DF . -35.61 -39.74 -14.69
C13 CLA DF . -36.41 -40.56 -15.71
C14 CLA DF . -37.11 -39.68 -16.75
C15 CLA DF . -37.45 -41.42 -14.98
C16 CLA DF . -38.02 -42.49 -15.90
C17 CLA DF . -38.92 -43.44 -15.14
C18 CLA DF . -40.20 -43.75 -15.92
C19 CLA DF . -39.89 -44.67 -17.09
C20 CLA DF . -41.25 -44.38 -15.00
HHB CLA DF . -22.55 -32.29 -15.02
HHC CLA DF . -25.06 -29.58 -10.09
HHD CLA DF . -25.75 -34.41 -7.15
H2A CLA DF . -21.13 -36.61 -13.44
H3A CLA DF . -22.38 -34.88 -15.47
HMA1 CLA DF . -20.14 -34.84 -15.74
HMA2 CLA DF . -19.81 -34.94 -14.05
HMA3 CLA DF . -20.30 -33.44 -14.74
HAA1 CLA DF . -23.93 -37.22 -14.17
HAA2 CLA DF . -22.52 -38.24 -14.21
HBA1 CLA DF . -22.76 -38.27 -16.41
HBA2 CLA DF . -22.10 -36.66 -16.45
HMB1 CLA DF . -22.24 -30.15 -15.31
HMB2 CLA DF . -22.48 -28.60 -14.60
HMB3 CLA DF . -23.70 -29.29 -15.62
HBB1 CLA DF . -23.84 -26.34 -13.54
HBB2 CLA DF . -25.06 -27.20 -14.65
HMC1 CLA DF . -26.93 -28.80 -8.79
HMC2 CLA DF . -27.43 -29.34 -7.23
HMC3 CLA DF . -28.49 -29.50 -8.59
HAC1 CLA DF . -28.09 -31.31 -6.12
HAC2 CLA DF . -27.41 -32.94 -5.93
HBC1 CLA DF . -29.96 -32.72 -6.22
HBC2 CLA DF . -29.16 -33.89 -7.20
HBC3 CLA DF . -29.63 -32.37 -7.89
HMD1 CLA DF . -26.40 -37.08 -6.77
HMD2 CLA DF . -25.00 -38.08 -6.88
HMD3 CLA DF . -26.41 -38.44 -7.82
HBD CLA DF . -23.63 -38.74 -12.18
HED1 CLA DF . -19.55 -40.41 -12.74
HED2 CLA DF . -19.51 -39.78 -11.12
HED3 CLA DF . -19.22 -38.74 -12.47
H11 CLA DF . -26.66 -37.63 -17.44
H12 CLA DF . -26.79 -35.91 -17.18
H2 CLA DF . -27.83 -37.32 -14.79
H41 CLA DF . -30.51 -36.43 -17.88
H42 CLA DF . -29.30 -37.56 -18.37
H43 CLA DF . -28.88 -35.90 -18.09
H51 CLA DF . -31.33 -37.26 -16.05
H52 CLA DF . -30.49 -36.46 -14.72
H61 CLA DF . -29.85 -38.42 -13.73
H62 CLA DF . -29.61 -39.25 -15.27
H71 CLA DF . -31.42 -40.38 -14.26
H72 CLA DF . -32.12 -39.40 -15.54
H8 CLA DF . -33.17 -37.93 -14.05
H91 CLA DF . -32.68 -37.94 -11.59
H92 CLA DF . -31.42 -37.29 -12.57
H93 CLA DF . -31.28 -38.89 -11.92
H101 CLA DF . -34.39 -39.25 -12.45
H102 CLA DF . -33.16 -40.50 -12.43
H111 CLA DF . -34.79 -41.47 -13.74
H112 CLA DF . -33.75 -40.80 -14.99
H121 CLA DF . -35.25 -38.83 -15.16
H122 CLA DF . -36.26 -39.46 -13.86
H13 CLA DF . -35.72 -41.24 -16.24
H141 CLA DF . -37.16 -40.21 -17.67
H142 CLA DF . -36.56 -38.79 -16.89
H143 CLA DF . -38.09 -39.47 -16.42
H151 CLA DF . -38.26 -40.78 -14.62
H152 CLA DF . -36.98 -41.89 -14.12
H161 CLA DF . -37.20 -43.06 -16.36
H162 CLA DF . -38.58 -42.02 -16.71
H171 CLA DF . -39.18 -43.01 -14.17
H172 CLA DF . -38.38 -44.37 -14.94
H18 CLA DF . -40.61 -42.81 -16.31
H191 CLA DF . -40.79 -44.92 -17.59
H192 CLA DF . -39.42 -45.55 -16.74
H193 CLA DF . -39.24 -44.17 -17.77
H201 CLA DF . -42.09 -44.66 -15.58
H202 CLA DF . -41.54 -43.68 -14.27
H203 CLA DF . -40.84 -45.24 -14.53
HHC2 CLA DF . -26.48 -29.88 -11.05
HHD2 CLA DF . -27.19 -34.83 -8.02
MG CLA EF . -30.78 -15.78 -9.89
CHA CLA EF . -31.45 -12.45 -10.41
CHB CLA EF . -33.68 -16.67 -11.58
CHC CLA EF . -29.99 -18.97 -9.40
CHD CLA EF . -27.78 -14.87 -8.23
NA CLA EF . -32.40 -14.70 -10.91
C1A CLA EF . -32.49 -13.37 -10.99
C2A CLA EF . -33.71 -12.93 -11.74
C3A CLA EF . -34.41 -14.27 -12.07
C4A CLA EF . -33.46 -15.28 -11.50
CMA CLA EF . -35.87 -14.38 -11.67
CAA CLA EF . -33.30 -12.20 -13.03
CBA CLA EF . -32.11 -12.85 -13.76
CGA CLA EF . -31.66 -12.04 -14.95
O1A CLA EF . -32.48 -11.33 -15.53
O2A CLA EF . -30.40 -12.09 -15.35
NB CLA EF . -31.68 -17.52 -10.41
C1B CLA EF . -32.86 -17.71 -11.07
C2B CLA EF . -33.12 -19.13 -11.19
C3B CLA EF . -32.09 -19.76 -10.55
C4B CLA EF . -31.18 -18.73 -10.09
CMB CLA EF . -34.31 -19.77 -11.82
CAB CLA EF . -31.83 -21.20 -10.37
CBB CLA EF . -32.79 -22.30 -10.80
NC CLA EF . -29.15 -16.75 -8.99
C1C CLA EF . -29.01 -18.07 -8.96
C2C CLA EF . -27.70 -18.49 -8.42
C3C CLA EF . -27.07 -17.31 -8.12
C4C CLA EF . -27.98 -16.23 -8.46
CMC CLA EF . -27.21 -19.90 -8.26
CAC CLA EF . -25.68 -17.19 -7.55
CBC CLA EF . -24.67 -17.33 -8.66
ND CLA EF . -29.77 -14.15 -9.44
C1D CLA EF . -28.64 -13.86 -8.73
C2D CLA EF . -28.49 -12.42 -8.54
C3D CLA EF . -29.59 -11.88 -9.21
C4D CLA EF . -30.34 -12.93 -9.73
CMD CLA EF . -27.47 -11.56 -7.83
CAD CLA EF . -30.23 -10.62 -9.54
OBD CLA EF . -29.77 -9.52 -9.35
CBD CLA EF . -31.39 -10.94 -10.45
CGD CLA EF . -32.68 -10.34 -9.94
O1D CLA EF . -33.27 -10.82 -8.99
O2D CLA EF . -33.18 -9.26 -10.54
CED CLA EF . -33.56 -8.18 -9.68
C1 CLA EF . -29.96 -12.92 -16.48
C2 CLA EF . -28.61 -13.63 -16.42
C3 CLA EF . -27.59 -13.38 -17.28
C4 CLA EF . -27.67 -12.38 -18.39
C5 CLA EF . -26.27 -14.13 -17.18
C6 CLA EF . -25.18 -13.18 -16.68
C7 CLA EF . -23.78 -13.54 -17.18
C8 CLA EF . -23.05 -14.66 -16.43
C9 CLA EF . -23.17 -14.54 -14.92
C10 CLA EF . -21.57 -14.64 -16.86
C11 CLA EF . -20.77 -15.83 -16.35
C12 CLA EF . -19.65 -16.28 -17.27
C13 CLA EF . -20.13 -16.97 -18.55
C14 CLA EF . -20.81 -18.30 -18.25
C15 CLA EF . -18.99 -17.13 -19.56
C16 CLA EF . -17.80 -17.98 -19.09
C17 CLA EF . -16.84 -18.21 -20.24
C18 CLA EF . -15.43 -18.62 -19.81
C19 CLA EF . -15.46 -19.85 -18.91
C20 CLA EF . -14.53 -18.85 -21.01
HHB CLA EF . -34.48 -16.98 -12.23
HHC CLA EF . -30.30 -19.50 -8.49
HHD CLA EF . -27.72 -14.73 -7.15
H2A CLA EF . -34.36 -12.30 -11.12
H3A CLA EF . -34.38 -14.38 -13.16
HMA1 CLA EF . -36.44 -13.64 -12.16
HMA2 CLA EF . -35.97 -14.26 -10.63
HMA3 CLA EF . -36.23 -15.35 -11.95
HAA1 CLA EF . -33.05 -11.17 -12.79
HAA2 CLA EF . -34.16 -12.18 -13.71
HBA1 CLA EF . -32.41 -13.85 -14.11
HBA2 CLA EF . -31.26 -12.96 -13.10
HMB1 CLA EF . -34.81 -19.08 -12.44
HMB2 CLA EF . -34.96 -20.13 -11.07
HMB3 CLA EF . -33.99 -20.58 -12.42
HBB1 CLA EF . -32.40 -23.28 -10.98
HBB2 CLA EF . -33.84 -22.19 -10.60
HMC1 CLA EF . -27.20 -20.38 -9.22
HMC2 CLA EF . -27.84 -20.44 -7.60
HMC3 CLA EF . -26.22 -19.90 -7.90
HAC1 CLA EF . -25.52 -17.94 -6.78
HAC2 CLA EF . -25.58 -16.20 -7.10
HBC1 CLA EF . -23.72 -17.01 -8.32
HBC2 CLA EF . -24.96 -16.74 -9.49
HBC3 CLA EF . -24.61 -18.34 -8.95
HMD1 CLA EF . -27.14 -12.08 -6.98
HMD2 CLA EF . -27.92 -10.66 -7.54
HMD3 CLA EF . -26.65 -11.37 -8.49
HBD CLA EF . -31.19 -10.59 -11.46
HED1 CLA EF . -33.77 -7.32 -10.26
HED2 CLA EF . -32.77 -7.96 -8.99
HED3 CLA EF . -34.43 -8.45 -9.13
H11 CLA EF . -30.02 -12.31 -17.38
H12 CLA EF . -30.71 -13.70 -16.61
H2 CLA EF . -28.47 -14.38 -15.66
H41 CLA EF . -26.81 -12.47 -19.00
H42 CLA EF . -27.70 -11.41 -17.98
H43 CLA EF . -28.53 -12.55 -18.98
H51 CLA EF . -25.99 -14.52 -18.16
H52 CLA EF . -26.37 -14.97 -16.50
H61 CLA EF . -25.20 -13.15 -15.58
H62 CLA EF . -25.40 -12.17 -17.02
H71 CLA EF . -23.16 -12.65 -17.15
H72 CLA EF . -23.85 -13.83 -18.24
H8 CLA EF . -23.47 -15.63 -16.74
H91 CLA EF . -22.49 -15.21 -14.45
H92 CLA EF . -24.17 -14.80 -14.63
H93 CLA EF . -22.96 -13.56 -14.62
H101 CLA EF . -21.11 -13.72 -16.47
H102 CLA EF . -21.51 -14.59 -17.95
H111 CLA EF . -21.45 -16.67 -16.15
H112 CLA EF . -20.33 -15.56 -15.39
H121 CLA EF . -18.99 -16.97 -16.73
H122 CLA EF . -19.04 -15.41 -17.54
H13 CLA EF . -20.87 -16.32 -19.02
H141 CLA EF . -21.04 -18.80 -19.16
H142 CLA EF . -21.71 -18.13 -17.73
H143 CLA EF . -20.17 -18.92 -17.67
H151 CLA EF . -18.62 -16.14 -19.82
H152 CLA EF . -19.39 -17.58 -20.47
H161 CLA EF . -18.16 -18.95 -18.71
H162 CLA EF . -17.28 -17.47 -18.27
H171 CLA EF . -16.76 -17.29 -20.83
H172 CLA EF . -17.24 -18.98 -20.90
H18 CLA EF . -15.01 -17.78 -19.22
H191 CLA EF . -14.53 -20.35 -18.97
H192 CLA EF . -16.23 -20.50 -19.22
H193 CLA EF . -15.62 -19.55 -17.90
H201 CLA EF . -13.53 -18.99 -20.68
H202 CLA EF . -14.59 -18.02 -21.66
H203 CLA EF . -14.86 -19.71 -21.53
HHC2 CLA EF . -29.45 -19.72 -9.98
HHD2 CLA EF . -26.77 -14.63 -8.61
MG CLA FF . -33.81 -16.31 17.11
CHA CLA FF . -36.86 -15.46 18.46
CHB CLA FF . -32.19 -14.43 19.55
CHC CLA FF . -30.91 -17.27 15.81
CHD CLA FF . -35.48 -18.32 14.71
NA CLA FF . -34.44 -15.07 18.84
C1A CLA FF . -35.70 -14.85 19.19
C2A CLA FF . -35.79 -13.94 20.38
C3A CLA FF . -34.31 -13.62 20.69
C4A CLA FF . -33.59 -14.41 19.64
CMA CLA FF . -33.94 -12.17 20.87
CAA CLA FF . -36.47 -14.57 21.61
CBA CLA FF . -36.27 -16.08 21.81
CGA CLA FF . -35.06 -16.42 22.63
O1A CLA FF . -34.61 -15.61 23.43
O2A CLA FF . -34.52 -17.63 22.47
NB CLA FF . -31.87 -15.93 17.61
C1B CLA FF . -31.40 -15.13 18.61
C2B CLA FF . -29.96 -15.12 18.56
C3B CLA FF . -29.62 -15.91 17.51
C4B CLA FF . -30.85 -16.42 16.92
CMB CLA FF . -29.02 -14.37 19.48
CAB CLA FF . -28.27 -16.26 17.01
CBB CLA FF . -27.27 -16.86 17.96
NC CLA FF . -33.28 -17.59 15.53
C1C CLA FF . -32.03 -17.82 15.16
C2C CLA FF . -31.94 -18.73 14.00
C3C CLA FF . -33.24 -19.01 13.70
C4C CLA FF . -34.08 -18.28 14.65
CMC CLA FF . -30.69 -19.23 13.31
CAC CLA FF . -33.72 -19.91 12.58
CBC CLA FF . -34.00 -21.27 13.20
ND CLA FF . -35.65 -16.86 16.65
C1D CLA FF . -36.24 -17.58 15.64
C2D CLA FF . -37.69 -17.44 15.68
C3D CLA FF . -37.92 -16.62 16.77
C4D CLA FF . -36.70 -16.28 17.34
CMD CLA FF . -38.83 -17.97 14.84
CAD CLA FF . -38.98 -15.99 17.54
OBD CLA FF . -40.10 -15.74 17.13
CBD CLA FF . -38.34 -15.35 18.74
CGD CLA FF . -38.77 -13.91 18.86
O1D CLA FF . -39.39 -13.53 19.84
O2D CLA FF . -38.50 -13.03 17.90
CED CLA FF . -38.56 -11.66 18.29
C1 CLA FF . -34.99 -18.74 23.28
C2 CLA FF . -34.60 -20.15 22.89
C3 CLA FF . -33.76 -20.94 23.58
C4 CLA FF . -33.47 -22.32 23.08
C5 CLA FF . -33.03 -20.56 24.85
C6 CLA FF . -33.70 -21.22 26.05
C7 CLA FF . -34.33 -20.21 27.01
C8 CLA FF . -33.33 -19.31 27.72
C9 CLA FF . -32.08 -20.05 28.19
C10 CLA FF . -34.04 -18.65 28.90
C11 CLA FF . -33.50 -17.26 29.21
C12 CLA FF . -34.54 -16.43 29.95
C13 CLA FF . -34.00 -15.07 30.36
C14 CLA FF . -33.55 -15.09 31.82
C15 CLA FF . -35.06 -13.99 30.13
C16 CLA FF . -34.45 -12.59 30.19
C17 CLA FF . -35.52 -11.53 29.91
C18 CLA FF . -34.89 -10.20 29.50
C19 CLA FF . -35.98 -9.20 29.13
C20 CLA FF . -34.00 -9.65 30.59
HHB CLA FF . -31.68 -13.71 20.15
HHC CLA FF . -30.34 -16.76 15.03
HHD CLA FF . -35.86 -18.10 13.72
H2A CLA FF . -36.31 -13.01 20.12
H3A CLA FF . -34.09 -14.10 21.65
HMA1 CLA FF . -34.62 -11.70 21.54
HMA2 CLA FF . -33.96 -11.67 19.93
HMA3 CLA FF . -32.96 -12.11 21.26
HAA1 CLA FF . -37.54 -14.39 21.53
HAA2 CLA FF . -36.13 -14.06 22.51
HBA1 CLA FF . -36.18 -16.60 20.85
HBA2 CLA FF . -37.15 -16.49 22.30
HMB1 CLA FF . -29.49 -13.52 19.85
HMB2 CLA FF . -28.18 -14.08 18.91
HMB3 CLA FF . -28.72 -15.01 20.28
HBB1 CLA FF . -27.17 -17.93 17.99
HBB2 CLA FF . -26.40 -16.27 18.22
HMC1 CLA FF . -29.87 -18.65 13.63
HMC2 CLA FF . -30.80 -19.13 12.26
HMC3 CLA FF . -30.53 -20.24 13.56
HAC1 CLA FF . -32.95 -20.00 11.82
HAC2 CLA FF . -34.63 -19.51 12.13
HBC1 CLA FF . -33.34 -21.98 12.77
HBC2 CLA FF . -34.99 -21.55 13.00
HBC3 CLA FF . -33.84 -21.22 14.25
HMD1 CLA FF . -38.86 -17.45 13.91
HMD2 CLA FF . -39.74 -17.81 15.34
HMD3 CLA FF . -38.69 -19.00 14.67
HBD CLA FF . -38.60 -15.89 19.65
HED1 CLA FF . -38.19 -11.05 17.50
HED2 CLA FF . -37.98 -11.51 19.17
HED3 CLA FF . -39.58 -11.41 18.48
H11 CLA FF . -36.09 -18.71 23.27
H12 CLA FF . -34.71 -18.57 24.32
H2 CLA FF . -35.05 -20.57 22.00
H41 CLA FF . -32.60 -22.70 23.54
H42 CLA FF . -33.33 -22.30 22.03
H43 CLA FF . -34.29 -22.96 23.30
H51 CLA FF . -33.00 -19.47 24.99
H52 CLA FF . -32.00 -20.91 24.79
H61 CLA FF . -32.97 -21.85 26.57
H62 CLA FF . -34.48 -21.89 25.68
H71 CLA FF . -34.91 -20.75 27.76
H72 CLA FF . -35.03 -19.59 26.45
H8 CLA FF . -33.02 -18.52 27.01
H91 CLA FF . -31.53 -19.43 28.85
H92 CLA FF . -31.47 -20.27 27.35
H93 CLA FF . -32.36 -20.94 28.67
H101 CLA FF . -33.91 -19.28 29.78
H102 CLA FF . -35.10 -18.59 28.69
H111 CLA FF . -33.23 -16.74 28.29
H112 CLA FF . -32.60 -17.34 29.83
H121 CLA FF . -34.87 -16.98 30.85
H122 CLA FF . -35.42 -16.31 29.31
H13 CLA FF . -33.13 -14.84 29.73
H141 CLA FF . -32.95 -14.24 32.02
H142 CLA FF . -32.98 -15.97 31.99
H143 CLA FF . -34.40 -15.08 32.45
H151 CLA FF . -35.84 -14.08 30.90
H152 CLA FF . -35.53 -14.14 29.15
H161 CLA FF . -33.65 -12.51 29.45
H162 CLA FF . -34.02 -12.41 31.17
H171 CLA FF . -36.13 -11.38 30.80
H172 CLA FF . -36.17 -11.89 29.11
H18 CLA FF . -34.28 -10.38 28.61
H191 CLA FF . -35.53 -8.27 28.89
H192 CLA FF . -36.64 -9.06 29.96
H193 CLA FF . -36.52 -9.55 28.30
H201 CLA FF . -33.73 -8.65 30.37
H202 CLA FF . -33.12 -10.24 30.67
H203 CLA FF . -34.51 -9.67 31.52
HHC2 CLA FF . -30.28 -18.13 16.08
HHD2 CLA FF . -35.74 -19.37 14.88
MG CLA GF . 1.96 -17.85 20.25
CHA CLA GF . 4.61 -19.09 22.05
CHB CLA GF . -0.26 -19.41 22.40
CHC CLA GF . -0.52 -16.46 18.53
CHD CLA GF . 4.27 -16.34 18.02
NA CLA GF . 2.13 -19.10 22.05
C1A CLA GF . 3.28 -19.49 22.61
C2A CLA GF . 3.06 -20.37 23.80
C3A CLA GF . 1.53 -20.48 23.88
C4A CLA GF . 1.09 -19.62 22.73
CMA CLA GF . 0.97 -21.89 23.99
CAA CLA GF . 3.64 -19.79 25.09
CBA CLA GF . 3.56 -18.27 25.21
CGA CLA GF . 4.23 -17.88 26.50
O1A CLA GF . 5.31 -18.38 26.80
O2A CLA GF . 3.65 -17.01 27.31
NB CLA GF . -0.06 -17.90 20.44
C1B CLA GF . -0.79 -18.62 21.35
C2B CLA GF . -2.19 -18.46 21.06
C3B CLA GF . -2.25 -17.63 19.98
C4B CLA GF . -0.89 -17.29 19.59
CMB CLA GF . -3.32 -19.06 21.84
CAB CLA GF . -3.46 -17.12 19.29
CBB CLA GF . -4.51 -18.10 18.81
NC CLA GF . 1.90 -16.59 18.58
C1C CLA GF . 0.77 -16.11 18.06
C2C CLA GF . 1.02 -15.18 16.94
C3C CLA GF . 2.39 -15.12 16.83
C4C CLA GF . 2.92 -16.02 17.85
CMC CLA GF . 0.01 -14.43 16.13
CAC CLA GF . 3.18 -14.30 15.84
CBC CLA GF . 3.02 -12.84 16.20
ND CLA GF . 3.92 -17.69 20.01
C1D CLA GF . 4.75 -17.07 19.13
C2D CLA GF . 6.15 -17.31 19.47
C3D CLA GF . 6.09 -18.10 20.61
C4D CLA GF . 4.75 -18.30 20.92
CMD CLA GF . 7.45 -16.87 18.84
CAD CLA GF . 6.92 -18.77 21.60
OBD CLA GF . 8.07 -18.47 21.86
CBD CLA GF . 5.98 -19.48 22.54
CGD CLA GF . 6.09 -20.98 22.41
O1D CLA GF . 6.25 -21.51 21.32
O2D CLA GF . 5.98 -21.74 23.50
CED CLA GF . 5.52 -23.07 23.31
C1 CLA GF . 3.50 -17.30 28.73
C2 CLA GF . 2.20 -16.90 29.39
C3 CLA GF . 2.10 -16.61 30.70
C4 CLA GF . 3.27 -16.65 31.65
C5 CLA GF . 0.78 -16.19 31.29
C6 CLA GF . 0.70 -14.69 31.11
C7 CLA GF . -0.66 -14.11 31.49
C8 CLA GF . -0.53 -12.80 32.24
C9 CLA GF . 0.40 -11.82 31.54
C10 CLA GF . -0.07 -13.09 33.67
C11 CLA GF . -1.18 -12.81 34.69
C12 CLA GF . -0.89 -13.54 36.00
C13 CLA GF . -1.58 -12.84 37.17
C14 CLA GF . -0.60 -11.91 37.87
C15 CLA GF . -2.15 -13.86 38.17
C16 CLA GF . -3.28 -14.68 37.57
C17 CLA GF . -4.45 -14.95 38.52
C18 CLA GF . -4.04 -15.55 39.88
C19 CLA GF . -5.29 -15.80 40.72
C20 CLA GF . -3.25 -16.84 39.74
HHB CLA GF . -0.99 -19.89 23.03
HHC CLA GF . -1.03 -16.87 17.66
HHD CLA GF . 4.55 -16.91 17.14
H2A CLA GF . 3.48 -21.37 23.62
H3A CLA GF . 1.22 -19.95 24.79
HMA1 CLA GF . 1.14 -22.25 24.97
HMA2 CLA GF . 1.46 -22.50 23.29
HMA3 CLA GF . -0.07 -21.89 23.78
HAA1 CLA GF . 4.69 -20.09 25.16
HAA2 CLA GF . 3.12 -20.23 25.94
HBA1 CLA GF . 2.53 -17.94 25.20
HBA2 CLA GF . 4.09 -17.79 24.38
HMB1 CLA GF . -3.46 -20.06 21.51
HMB2 CLA GF . -4.20 -18.50 21.68
HMB3 CLA GF . -3.08 -19.07 22.88
HBB1 CLA GF . -5.51 -17.74 18.60
HBB2 CLA GF . -4.20 -19.03 18.36
HMC1 CLA GF . -0.84 -15.04 15.97
HMC2 CLA GF . 0.43 -14.14 15.21
HMC3 CLA GF . -0.27 -13.57 16.67
HAC1 CLA GF . 2.81 -14.48 14.83
HAC2 CLA GF . 4.23 -14.59 15.87
HBC1 CLA GF . 3.89 -12.31 15.91
HBC2 CLA GF . 2.88 -12.75 17.25
HBC3 CLA GF . 2.19 -12.45 15.69
HMD1 CLA GF . 7.29 -16.63 17.82
HMD2 CLA GF . 8.17 -17.64 18.91
HMD3 CLA GF . 7.80 -16.01 19.35
HBD CLA GF . 6.14 -19.17 23.58
HED1 CLA GF . 5.22 -23.47 24.24
HED2 CLA GF . 6.29 -23.66 22.89
HED3 CLA GF . 4.69 -23.06 22.64
H11 CLA GF . 4.31 -16.81 29.25
H12 CLA GF . 3.62 -18.37 28.87
H2 CLA GF . 1.31 -16.83 28.78
H41 CLA GF . 2.94 -16.45 32.63
H42 CLA GF . 3.98 -15.93 31.35
H43 CLA GF . 3.72 -17.61 31.61
H51 CLA GF . 0.73 -16.46 32.35
H52 CLA GF . -0.04 -16.69 30.77
H61 CLA GF . 0.91 -14.44 30.07
H62 CLA GF . 1.48 -14.22 31.72
H71 CLA GF . -1.20 -14.84 32.10
H72 CLA GF . -1.24 -13.95 30.57
H8 CLA GF . -1.53 -12.34 32.29
H91 CLA GF . 0.16 -10.83 31.81
H92 CLA GF . 0.30 -11.93 30.49
H93 CLA GF . 1.41 -12.02 31.81
H101 CLA GF . 0.79 -12.46 33.91
H102 CLA GF . 0.24 -14.12 33.76
H111 CLA GF . -2.14 -13.17 34.28
H112 CLA GF . -1.26 -11.74 34.86
H121 CLA GF . 0.18 -13.55 36.17
H122 CLA GF . -1.23 -14.58 35.93
H13 CLA GF . -2.41 -12.24 36.79
H141 CLA GF . -1.09 -11.35 38.61
H142 CLA GF . -0.19 -11.24 37.15
H143 CLA GF . 0.19 -12.48 38.31
H151 CLA GF . -2.51 -13.33 39.05
H152 CLA GF . -1.34 -14.53 38.50
H161 CLA GF . -2.88 -15.64 37.21
H162 CLA GF . -3.67 -14.15 36.70
H171 CLA GF . -5.14 -15.63 38.04
H172 CLA GF . -4.98 -14.02 38.70
H18 CLA GF . -3.43 -14.81 40.41
H191 CLA GF . -5.01 -16.11 41.69
H192 CLA GF . -5.89 -16.54 40.26
H193 CLA GF . -5.85 -14.90 40.79
H201 CLA GF . -3.00 -17.19 40.71
H202 CLA GF . -2.36 -16.66 39.19
H203 CLA GF . -3.83 -17.56 39.25
HHC2 CLA GF . -1.01 -15.51 18.72
HHD2 CLA GF . 4.84 -15.41 17.97
MG CLA HF . -23.44 -41.30 13.27
CHA CLA HF . -24.04 -44.41 11.92
CHB CLA HF . -23.03 -39.94 10.10
CHC CLA HF . -23.03 -38.34 14.70
CHD CLA HF . -23.80 -42.72 16.51
NA CLA HF . -23.53 -42.07 11.21
C1A CLA HF . -23.77 -43.34 10.88
C2A CLA HF . -23.74 -43.54 9.40
C3A CLA HF . -23.36 -42.16 8.88
C4A CLA HF . -23.31 -41.32 10.11
CMA CLA HF . -22.12 -42.17 8.00
CAA CLA HF . -25.13 -43.93 8.88
CBA CLA HF . -26.24 -42.96 9.27
CGA CLA HF . -27.58 -43.67 9.33
O1A CLA HF . -27.75 -44.52 10.19
O2A CLA HF . -28.51 -43.37 8.45
NB CLA HF . -23.11 -39.44 12.51
C1B CLA HF . -22.92 -39.06 11.21
C2B CLA HF . -22.65 -37.64 11.16
C3B CLA HF . -22.65 -37.22 12.46
C4B CLA HF . -22.94 -38.37 13.30
CMB CLA HF . -22.39 -36.79 9.94
CAB CLA HF . -22.42 -35.88 13.04
CBB CLA HF . -21.92 -34.71 12.24
NC CLA HF . -23.50 -40.64 15.26
C1C CLA HF . -23.27 -39.38 15.62
C2C CLA HF . -23.28 -39.19 17.09
C3C CLA HF . -23.54 -40.44 17.59
C4C CLA HF . -23.67 -41.33 16.44
CMC CLA HF . -23.05 -37.90 17.83
CAC CLA HF . -23.66 -40.82 19.04
CBC CLA HF . -25.12 -41.00 19.41
ND CLA HF . -23.82 -43.05 14.10
C1D CLA HF . -23.94 -43.54 15.36
C2D CLA HF . -24.23 -44.97 15.38
C3D CLA HF . -24.26 -45.30 14.02
C4D CLA HF . -24.02 -44.15 13.29
CMD CLA HF . -24.43 -45.98 16.47
CAD CLA HF . -24.45 -46.41 13.11
OBD CLA HF . -24.78 -47.54 13.41
CBD CLA HF . -24.27 -45.88 11.72
CGD CLA HF . -23.05 -46.49 11.09
O1D CLA HF . -21.95 -46.33 11.59
O2D CLA HF . -23.15 -47.23 9.99
CED CLA HF . -22.97 -48.62 10.16
C1 CLA HF . -29.42 -42.24 8.65
C2 CLA HF . -30.41 -42.23 9.79
C3 CLA HF . -31.61 -42.84 9.72
C4 CLA HF . -32.04 -43.62 8.49
C5 CLA HF . -32.61 -42.82 10.85
C6 CLA HF . -32.02 -43.34 12.16
C7 CLA HF . -31.37 -42.23 13.00
C8 CLA HF . -31.76 -42.27 14.48
C9 CLA HF . -31.23 -41.03 15.18
C10 CLA HF . -31.25 -43.53 15.17
C11 CLA HF . -32.20 -44.00 16.27
C12 CLA HF . -31.51 -44.93 17.25
C13 CLA HF . -32.37 -45.23 18.49
C14 CLA HF . -31.53 -45.76 19.63
C15 CLA HF . -33.53 -46.17 18.17
C16 CLA HF . -33.13 -47.49 17.50
C17 CLA HF . -34.20 -48.55 17.72
C18 CLA HF . -33.92 -49.81 16.92
C19 CLA HF . -34.16 -51.06 17.76
C20 CLA HF . -34.76 -49.86 15.65
HHB CLA HF . -22.92 -39.49 9.13
HHC CLA HF . -22.11 -37.86 15.03
HHD CLA HF . -22.91 -43.08 17.03
H2A CLA HF . -22.99 -44.28 9.11
H3A CLA HF . -24.18 -41.78 8.24
HMA1 CLA HF . -22.29 -42.83 7.19
HMA2 CLA HF . -21.31 -42.53 8.58
HMA3 CLA HF . -21.91 -41.19 7.65
HAA1 CLA HF . -25.38 -44.94 9.23
HAA2 CLA HF . -25.08 -43.98 7.78
HBA1 CLA HF . -26.32 -42.17 8.52
HBA2 CLA HF . -26.04 -42.49 10.23
HMB1 CLA HF . -22.62 -37.34 9.07
HMB2 CLA HF . -21.38 -36.49 9.92
HMB3 CLA HF . -23.00 -35.93 9.98
HBB1 CLA HF . -20.98 -34.83 11.70
HBB2 CLA HF . -22.17 -33.72 12.57
HMC1 CLA HF . -23.33 -37.09 17.22
HMC2 CLA HF . -22.02 -37.81 18.09
HMC3 CLA HF . -23.62 -37.89 18.71
HAC1 CLA HF . -23.22 -40.04 19.66
HAC2 CLA HF . -23.12 -41.76 19.22
HBC1 CLA HF . -25.18 -41.47 20.36
HBC2 CLA HF . -25.60 -41.61 18.69
HBC3 CLA HF . -25.59 -40.05 19.45
HMD1 CLA HF . -24.89 -45.51 17.30
HMD2 CLA HF . -23.50 -46.39 16.75
HMD3 CLA HF . -25.06 -46.76 16.13
HBD CLA HF . -25.16 -46.07 11.09
HED1 CLA HF . -23.02 -49.12 9.23
HED2 CLA HF . -23.72 -49.00 10.80
HED3 CLA HF . -22.02 -48.81 10.60
H11 CLA HF . -29.97 -42.08 7.71
H12 CLA HF . -28.79 -41.35 8.77
H2 CLA HF . -30.17 -41.69 10.68
H41 CLA HF . -32.68 -44.42 8.78
H42 CLA HF . -31.20 -44.01 7.99
H43 CLA HF . -32.57 -42.98 7.83
H51 CLA HF . -33.48 -43.43 10.59
H52 CLA HF . -32.96 -41.79 10.98
H61 CLA HF . -31.28 -44.10 11.94
H62 CLA HF . -32.82 -43.81 12.75
H71 CLA HF . -31.65 -41.26 12.60
H72 CLA HF . -30.29 -42.33 12.93
H8 CLA HF . -32.86 -42.27 14.55
H91 CLA HF . -31.51 -41.04 16.20
H92 CLA HF . -31.63 -40.17 14.72
H93 CLA HF . -30.17 -41.01 15.10
H101 CLA HF . -30.27 -43.30 15.63
H102 CLA HF . -31.10 -44.33 14.46
H111 CLA HF . -33.05 -44.51 15.81
H112 CLA HF . -32.59 -43.13 16.81
H121 CLA HF . -30.58 -44.47 17.59
H122 CLA HF . -31.25 -45.87 16.75
H13 CLA HF . -32.81 -44.27 18.81
H141 CLA HF . -32.14 -45.91 20.49
H142 CLA HF . -30.77 -45.06 19.88
H143 CLA HF . -31.08 -46.68 19.36
H151 CLA HF . -34.24 -45.65 17.52
H152 CLA HF . -34.06 -46.40 19.10
H161 CLA HF . -32.18 -47.84 17.91
H162 CLA HF . -32.99 -47.33 16.43
H171 CLA HF . -35.17 -48.15 17.44
H172 CLA HF . -34.25 -48.79 18.79
H18 CLA HF . -32.87 -49.80 16.63
H191 CLA HF . -34.12 -51.91 17.14
H192 CLA HF . -35.13 -51.00 18.22
H193 CLA HF . -33.43 -51.14 18.52
H201 CLA HF . -34.45 -50.67 15.05
H202 CLA HF . -34.63 -48.95 15.11
H203 CLA HF . -35.78 -49.97 15.90
HHC2 CLA HF . -23.81 -37.61 14.90
HHD2 CLA HF . -24.63 -42.94 17.17
MG CLA IF . -28.82 -47.12 16.45
CHA CLA IF . -30.33 -49.97 15.25
CHB CLA IF . -28.79 -45.76 13.27
CHC CLA IF . -27.52 -44.34 17.75
CHD CLA IF . -28.90 -48.53 19.72
NA CLA IF . -29.50 -47.77 14.45
C1A CLA IF . -30.06 -48.95 14.17
C2A CLA IF . -30.37 -49.09 12.71
C3A CLA IF . -29.86 -47.77 12.13
C4A CLA IF . -29.35 -47.04 13.33
CMA CLA IF . -29.00 -47.81 10.87
CAA CLA IF . -31.86 -49.36 12.48
CBA CLA IF . -32.69 -48.28 11.77
CGA CLA IF . -33.57 -47.56 12.77
O1A CLA IF . -33.06 -47.17 13.81
O2A CLA IF . -34.84 -47.37 12.50
NB CLA IF . -28.26 -45.34 15.64
C1B CLA IF . -28.28 -44.98 14.32
C2B CLA IF . -27.73 -43.65 14.18
C3B CLA IF . -27.37 -43.26 15.44
C4B CLA IF . -27.72 -44.35 16.36
CMB CLA IF . -27.55 -42.86 12.92
CAB CLA IF . -26.74 -41.98 15.80
CBB CLA IF . -27.58 -40.79 16.22
NC CLA IF . -28.32 -46.53 18.41
C1C CLA IF . -27.78 -45.36 18.70
C2C CLA IF . -27.48 -45.22 20.15
C3C CLA IF . -27.89 -46.41 20.69
C4C CLA IF . -28.40 -47.22 19.60
CMC CLA IF . -26.87 -44.02 20.83
CAC CLA IF . -27.83 -46.82 22.15
CBC CLA IF . -26.48 -47.43 22.48
ND CLA IF . -29.43 -48.76 17.35
C1D CLA IF . -29.41 -49.27 18.62
C2D CLA IF . -29.95 -50.63 18.68
C3D CLA IF . -30.30 -50.89 17.36
C4D CLA IF . -29.99 -49.77 16.58
CMD CLA IF . -30.14 -51.63 19.78
CAD CLA IF . -30.87 -51.91 16.51
OBD CLA IF . -31.51 -52.87 16.90
CBD CLA IF . -30.92 -51.35 15.11
CGD CLA IF . -30.08 -52.15 14.18
O1D CLA IF . -28.88 -52.26 14.36
O2D CLA IF . -30.63 -52.75 13.13
CED CLA IF . -30.32 -54.14 12.98
C1 CLA IF . -35.77 -48.41 12.06
C2 CLA IF . -35.43 -49.89 12.16
C3 CLA IF . -36.18 -50.82 11.54
C4 CLA IF . -37.38 -50.44 10.70
C5 CLA IF . -35.88 -52.30 11.61
C6 CLA IF . -35.24 -52.77 10.31
C7 CLA IF . -35.63 -54.20 9.90
C8 CLA IF . -34.79 -55.37 10.42
C9 CLA IF . -33.41 -54.99 10.94
C10 CLA IF . -34.68 -56.39 9.28
C11 CLA IF . -34.09 -57.74 9.68
C12 CLA IF . -34.74 -58.87 8.87
C13 CLA IF . -34.05 -60.23 8.96
C14 CLA IF . -33.52 -60.52 10.37
C15 CLA IF . -32.93 -60.38 7.93
C16 CLA IF . -32.71 -61.86 7.58
C17 CLA IF . -31.43 -62.13 6.78
C18 CLA IF . -30.14 -61.79 7.53
C19 CLA IF . -30.08 -62.39 8.93
C20 CLA IF . -28.93 -62.25 6.72
HHB CLA IF . -28.91 -45.25 12.32
HHC CLA IF . -26.47 -44.07 17.89
HHD CLA IF . -28.10 -49.13 20.16
H2A CLA IF . -29.78 -49.93 12.29
HMA1 CLA IF . -29.36 -48.55 10.21
HMA2 CLA IF . -27.99 -48.04 11.13
HMA3 CLA IF . -29.03 -46.86 10.39
HAA1 CLA IF . -32.33 -49.56 13.44
HAA2 CLA IF . -31.95 -50.28 11.89
HBA1 CLA IF . -33.32 -48.76 11.02
HBA2 CLA IF . -32.08 -47.55 11.24
HMB1 CLA IF . -28.36 -43.02 12.27
HMB2 CLA IF . -26.65 -43.15 12.44
HMB3 CLA IF . -27.49 -41.83 13.16
HBB1 CLA IF . -27.52 -39.90 15.63
HBB2 CLA IF . -27.81 -40.69 17.27
HMC1 CLA IF . -27.55 -43.21 20.78
HMC2 CLA IF . -25.96 -43.76 20.35
HMC3 CLA IF . -26.69 -44.25 21.85
HAC1 CLA IF . -28.62 -47.54 22.37
HAC2 CLA IF . -27.99 -45.95 22.78
HBC1 CLA IF . -26.51 -47.86 23.44
HBC2 CLA IF . -25.73 -46.68 22.45
HBC3 CLA IF . -26.25 -48.18 21.76
HMD1 CLA IF . -29.92 -51.19 20.72
HMD2 CLA IF . -29.50 -52.46 19.62
HMD3 CLA IF . -31.16 -51.97 19.78
HBD CLA IF . -31.96 -51.30 14.75
HED1 CLA IF . -30.96 -54.57 12.25
HED2 CLA IF . -30.47 -54.64 13.91
HED3 CLA IF . -29.31 -54.24 12.68
H11 CLA IF . -35.96 -48.21 11.01
H12 CLA IF . -36.72 -48.25 12.58
H2 CLA IF . -34.58 -50.20 12.74
H41 CLA IF . -37.88 -51.32 10.41
H42 CLA IF . -37.06 -49.91 9.85
H43 CLA IF . -38.03 -49.83 11.28
H51 CLA IF . -36.80 -52.85 11.80
H52 CLA IF . -35.19 -52.49 12.45
H61 CLA IF . -34.16 -52.65 10.37
H62 CLA IF . -35.57 -52.09 9.52
H71 CLA IF . -35.61 -54.23 8.80
H72 CLA IF . -36.67 -54.36 10.19
H8 CLA IF . -35.33 -55.83 11.25
H91 CLA IF . -32.90 -55.85 11.29
H92 CLA IF . -33.49 -54.29 11.73
H93 CLA IF . -32.84 -54.54 10.15
H101 CLA IF . -34.06 -55.96 8.49
H102 CLA IF . -35.67 -56.55 8.86
H111 CLA IF . -34.24 -57.91 10.75
H112 CLA IF . -33.01 -57.74 9.49
H121 CLA IF . -34.80 -58.56 7.82
H122 CLA IF . -35.77 -58.98 9.23
H13 CLA IF . -34.81 -61.00 8.73
H141 CLA IF . -33.29 -61.54 10.46
H142 CLA IF . -34.27 -60.27 11.08
H143 CLA IF . -32.65 -59.93 10.54
H151 CLA IF . -32.01 -59.95 8.32
H152 CLA IF . -33.20 -59.84 7.02
H161 CLA IF . -33.56 -62.19 6.97
H162 CLA IF . -32.71 -62.46 8.49
H171 CLA IF . -31.46 -61.55 5.85
H172 CLA IF . -31.40 -63.18 6.51
H18 CLA IF . -30.07 -60.69 7.62
H191 CLA IF . -29.08 -62.37 9.28
H192 CLA IF . -30.42 -63.39 8.89
H193 CLA IF . -30.70 -61.83 9.57
H201 CLA IF . -28.04 -61.87 7.16
H202 CLA IF . -29.00 -61.89 5.72
H203 CLA IF . -28.89 -63.31 6.70
HHC2 CLA IF . -28.08 -43.48 18.10
HHD2 CLA IF . -29.69 -48.49 20.47
MG CLA JF . -15.71 -32.92 7.07
CHA CLA JF . -16.09 -35.09 9.73
CHB CLA JF . -18.34 -30.99 8.20
CHC CLA JF . -15.15 -30.87 4.53
CHD CLA JF . -12.94 -34.88 5.98
NA CLA JF . -17.08 -33.01 8.79
C1A CLA JF . -17.09 -33.95 9.74
C2A CLA JF . -18.18 -33.73 10.75
C3A CLA JF . -18.89 -32.47 10.20
C4A CLA JF . -18.06 -32.11 9.00
CMA CLA JF . -20.39 -32.58 9.97
CAA CLA JF . -17.59 -33.47 12.14
CBA CLA JF . -18.12 -34.40 13.23
CGA CLA JF . -18.09 -33.66 14.55
O1A CLA JF . -17.02 -33.47 15.09
O2A CLA JF . -19.23 -33.25 15.08
NB CLA JF . -16.59 -31.20 6.47
C1B CLA JF . -17.66 -30.56 7.03
C2B CLA JF . -17.99 -29.39 6.24
C3B CLA JF . -17.08 -29.38 5.22
C4B CLA JF . -16.21 -30.54 5.38
CMB CLA JF . -19.10 -28.42 6.51
CAB CLA JF . -16.95 -28.41 4.11
CBB CLA JF . -17.59 -27.04 4.15
NC CLA JF . -14.28 -32.88 5.53
C1C CLA JF . -14.22 -31.93 4.60
C2C CLA JF . -13.09 -32.12 3.67
C3C CLA JF . -12.47 -33.26 4.11
C4C CLA JF . -13.23 -33.72 5.26
CMC CLA JF . -12.73 -31.22 2.52
CAC CLA JF . -11.24 -33.93 3.55
CBC CLA JF . -11.60 -35.14 2.72
ND CLA JF . -14.67 -34.52 7.65
C1D CLA JF . -13.67 -35.26 7.14
C2D CLA JF . -13.44 -36.48 7.89
C3D CLA JF . -14.39 -36.40 8.91
C4D CLA JF . -15.13 -35.23 8.74
CMD CLA JF . -12.47 -37.63 7.74
CAD CLA JF . -14.90 -37.11 10.06
OBD CLA JF . -14.84 -38.32 10.19
CBD CLA JF . -15.97 -36.27 10.67
CGD CLA JF . -17.24 -37.07 10.70
O1D CLA JF . -17.48 -37.80 11.65
O2D CLA JF . -18.09 -37.00 9.69
CED CLA JF . -19.01 -38.08 9.57
C1 CLA JF . -19.34 -32.91 16.50
C2 CLA JF . -18.94 -33.93 17.56
C3 CLA JF . -19.73 -34.40 18.54
C4 CLA JF . -19.14 -35.42 19.48
C5 CLA JF . -21.18 -34.02 18.78
C6 CLA JF . -21.62 -34.10 20.25
C7 CLA JF . -22.42 -35.38 20.53
C8 CLA JF . -22.40 -35.85 21.99
C9 CLA JF . -21.01 -36.14 22.51
C10 CLA JF . -23.27 -37.10 22.09
C11 CLA JF . -23.96 -37.26 23.44
C12 CLA JF . -25.27 -38.04 23.34
C13 CLA JF . -25.13 -39.47 22.82
C14 CLA JF . -26.52 -40.13 22.91
C15 CLA JF . -24.07 -40.26 23.60
C16 CLA JF . -23.99 -41.76 23.28
C17 CLA JF . -23.66 -42.56 24.54
C18 CLA JF . -24.07 -44.04 24.46
C19 CLA JF . -25.56 -44.22 24.70
C20 CLA JF . -23.65 -44.69 23.14
HHB CLA JF . -19.03 -30.27 8.62
HHC CLA JF . -15.61 -30.96 3.54
HHD CLA JF . -12.98 -35.71 5.28
H2A CLA JF . -18.88 -34.58 10.77
H3A CLA JF . -18.76 -31.65 10.92
HMA1 CLA JF . -20.90 -32.54 10.90
HMA2 CLA JF . -20.59 -33.51 9.51
HMA3 CLA JF . -20.72 -31.79 9.34
HAA1 CLA JF . -17.77 -32.46 12.46
HAA2 CLA JF . -16.51 -33.60 12.07
HBA1 CLA JF . -17.50 -35.29 13.29
HBA2 CLA JF . -19.15 -34.71 13.00
HMB1 CLA JF . -19.84 -28.88 7.11
HMB2 CLA JF . -19.53 -28.10 5.60
HMB3 CLA JF . -18.70 -27.58 7.02
HBB1 CLA JF . -18.57 -26.93 3.73
HBB2 CLA JF . -16.95 -26.18 4.13
HMC1 CLA JF . -12.73 -30.21 2.84
HMC2 CLA JF . -13.42 -31.35 1.72
HMC3 CLA JF . -11.75 -31.46 2.18
HAC1 CLA JF . -10.60 -34.24 4.38
HAC2 CLA JF . -10.67 -33.22 2.95
HBC1 CLA JF . -10.98 -35.17 1.86
HBC2 CLA JF . -12.61 -35.09 2.43
HBC3 CLA JF . -11.44 -36.01 3.30
HMD1 CLA JF . -12.73 -38.19 6.88
HMD2 CLA JF . -12.53 -38.25 8.59
HMD3 CLA JF . -11.48 -37.24 7.64
HBD CLA JF . -15.69 -35.94 11.69
HED1 CLA JF . -19.62 -37.93 8.71
HED2 CLA JF . -19.62 -38.14 10.43
HED3 CLA JF . -18.47 -38.98 9.46
H11 CLA JF . -20.36 -32.58 16.68
H12 CLA JF . -18.72 -32.03 16.67
H2 CLA JF . -17.93 -34.30 17.51
H41 CLA JF . -19.88 -36.13 19.74
H42 CLA JF . -18.79 -34.94 20.35
H43 CLA JF . -18.34 -35.91 19.00
H51 CLA JF . -21.82 -34.68 18.19
H52 CLA JF . -21.37 -33.00 18.43
H61 CLA JF . -22.25 -33.24 20.47
H62 CLA JF . -20.76 -34.02 20.91
H71 CLA JF . -22.06 -36.18 19.90
H72 CLA JF . -23.46 -35.19 20.25
H8 CLA JF . -22.85 -35.05 22.62
H91 CLA JF . -21.08 -36.64 23.46
H92 CLA JF . -20.47 -35.24 22.65
H93 CLA JF . -20.49 -36.77 21.83
H101 CLA JF . -22.65 -37.98 21.93
H102 CLA JF . -24.03 -37.08 21.31
H111 CLA JF . -24.19 -36.27 23.85
H112 CLA JF . -23.29 -37.74 24.16
H121 CLA JF . -25.95 -37.49 22.69
H122 CLA JF . -25.74 -38.08 24.34
H13 CLA JF . -24.84 -39.44 21.76
H141 CLA JF . -26.61 -40.86 22.14
H142 CLA JF . -27.26 -39.39 22.80
H143 CLA JF . -26.62 -40.60 23.85
H151 CLA JF . -24.24 -40.12 24.67
H152 CLA JF . -23.09 -39.82 23.38
H161 CLA JF . -23.22 -41.93 22.54
H162 CLA JF . -24.94 -42.12 22.86
H171 CLA JF . -24.17 -42.12 25.40
H172 CLA JF . -22.58 -42.51 24.72
H18 CLA JF . -23.55 -44.56 25.26
H191 CLA JF . -25.85 -45.21 24.46
H192 CLA JF . -26.11 -43.54 24.10
H193 CLA JF . -25.78 -44.02 25.72
H201 CLA JF . -23.64 -45.74 23.26
H202 CLA JF . -22.69 -44.35 22.87
H203 CLA JF . -24.35 -44.43 22.38
HHC2 CLA JF . -14.54 -29.96 4.47
HHD2 CLA JF . -11.90 -34.80 6.29
MG CLA KF . -14.82 -26.65 17.73
CHA CLA KF . -14.48 -29.67 16.12
CHB CLA KF . -16.78 -25.44 15.14
CHC CLA KF . -15.20 -23.84 19.47
CHD CLA KF . -12.76 -27.90 20.33
NA CLA KF . -15.58 -27.46 15.83
C1A CLA KF . -15.33 -28.68 15.35
C2A CLA KF . -15.96 -28.89 14.01
C3A CLA KF . -16.63 -27.53 13.72
C4A CLA KF . -16.33 -26.75 14.96
CMA CLA KF . -16.25 -26.90 12.39
CAA CLA KF . -16.90 -30.12 14.01
CBA CLA KF . -18.40 -29.95 14.28
CGA CLA KF . -18.78 -29.42 15.66
O1A CLA KF . -19.97 -29.22 15.84
O2A CLA KF . -17.90 -29.22 16.62
NB CLA KF . -15.83 -24.93 17.37
C1B CLA KF . -16.55 -24.59 16.26
C2B CLA KF . -17.05 -23.24 16.38
C3B CLA KF . -16.59 -22.80 17.59
C4B CLA KF . -15.82 -23.88 18.20
CMB CLA KF . -17.88 -22.52 15.35
CAB CLA KF . -16.80 -21.49 18.25
CBB CLA KF . -17.77 -20.45 17.74
NC CLA KF . -14.14 -26.01 19.61
C1C CLA KF . -14.38 -24.81 20.12
C2C CLA KF . -13.69 -24.61 21.43
C3C CLA KF . -13.04 -25.78 21.65
C4C CLA KF . -13.31 -26.65 20.52
CMC CLA KF . -13.71 -23.41 22.33
CAC CLA KF . -12.18 -26.14 22.83
CBC CLA KF . -10.75 -25.73 22.57
ND CLA KF . -13.85 -28.31 18.21
C1D CLA KF . -13.05 -28.73 19.23
C2D CLA KF . -12.57 -30.09 19.02
C3D CLA KF . -13.12 -30.44 17.81
C4D CLA KF . -13.90 -29.38 17.33
CMD CLA KF . -11.66 -31.00 19.81
CAD CLA KF . -13.20 -31.53 16.85
OBD CLA KF . -12.84 -32.68 17.05
CBD CLA KF . -14.04 -31.06 15.71
CGD CLA KF . -13.23 -30.97 14.46
O1D CLA KF . -12.22 -30.27 14.43
O2D CLA KF . -13.57 -31.63 13.36
CED CLA KF . -12.55 -32.43 12.77
C1 CLA KF . -18.19 -28.24 17.68
C2 CLA KF . -17.53 -28.36 19.05
C3 CLA KF . -17.88 -27.63 20.12
C4 CLA KF . -17.16 -27.86 21.42
C5 CLA KF . -18.97 -26.56 20.19
C6 CLA KF . -18.40 -25.16 20.46
C7 CLA KF . -19.43 -24.27 21.15
C8 CLA KF . -18.91 -23.00 21.86
C9 CLA KF . -18.61 -21.89 20.86
C10 CLA KF . -17.70 -23.26 22.75
C11 CLA KF . -17.49 -22.14 23.77
C12 CLA KF . -16.44 -22.50 24.82
C13 CLA KF . -15.63 -21.30 25.30
C14 CLA KF . -14.55 -20.86 24.32
C15 CLA KF . -15.03 -21.57 26.69
C16 CLA KF . -13.99 -22.69 26.69
C17 CLA KF . -14.19 -23.67 27.85
C18 CLA KF . -13.56 -23.19 29.16
C19 CLA KF . -14.63 -22.79 30.17
C20 CLA KF . -12.66 -24.27 29.75
HHB CLA KF . -17.48 -25.08 14.42
HHC CLA KF . -14.63 -22.91 19.48
HHD CLA KF . -11.67 -27.76 20.32
H2A CLA KF . -15.17 -29.05 13.26
H3A CLA KF . -17.71 -27.64 13.69
HMA1 CLA KF . -16.33 -27.62 11.62
HMA2 CLA KF . -15.25 -26.56 12.45
HMA3 CLA KF . -16.90 -26.09 12.19
HAA1 CLA KF . -16.53 -30.83 14.75
HAA2 CLA KF . -16.79 -30.59 13.05
HBA1 CLA KF . -18.86 -30.93 14.17
HBA2 CLA KF . -18.85 -29.32 13.51
HMB1 CLA KF . -17.59 -22.84 14.38
HMB2 CLA KF . -17.72 -21.48 15.41
HMB3 CLA KF . -18.91 -22.73 15.51
HBB1 CLA KF . -18.56 -20.13 18.38
HBB2 CLA KF . -17.43 -19.79 16.95
HMC1 CLA KF . -14.35 -22.66 21.93
HMC2 CLA KF . -12.72 -23.03 22.44
HMC3 CLA KF . -14.06 -23.71 23.28
HAC1 CLA KF . -12.22 -27.22 23.01
HAC2 CLA KF . -12.55 -25.64 23.73
HBC1 CLA KF . -10.12 -26.09 23.34
HBC2 CLA KF . -10.70 -24.66 22.55
HBC3 CLA KF . -10.43 -26.10 21.64
HMD1 CLA KF . -11.98 -31.03 20.83
HMD2 CLA KF . -10.66 -30.66 19.75
HMD3 CLA KF . -11.73 -31.98 19.41
HBD CLA KF . -14.89 -31.74 15.56
HED1 CLA KF . -12.93 -32.94 11.93
HED2 CLA KF . -12.20 -33.12 13.49
HED3 CLA KF . -11.74 -31.80 12.48
H11 CLA KF . -19.26 -28.22 17.84
H12 CLA KF . -17.92 -27.26 17.29
H2 CLA KF . -16.74 -29.09 19.16
H41 CLA KF . -17.63 -27.29 22.19
H42 CLA KF . -16.16 -27.55 21.32
H43 CLA KF . -17.20 -28.89 21.66
H51 CLA KF . -19.65 -26.83 21.00
H52 CLA KF . -19.55 -26.56 19.27
H61 CLA KF . -18.12 -24.71 19.51
H62 CLA KF . -17.50 -25.25 21.07
H71 CLA KF . -19.99 -24.86 21.88
H72 CLA KF . -20.16 -23.95 20.40
H8 CLA KF . -19.73 -22.64 22.51
H91 CLA KF . -19.14 -21.02 21.14
H92 CLA KF . -18.89 -22.19 19.88
H93 CLA KF . -17.57 -21.67 20.87
H101 CLA KF . -16.80 -23.37 22.15
H102 CLA KF . -17.85 -24.21 23.29
H111 CLA KF . -18.44 -21.92 24.27
H112 CLA KF . -17.19 -21.22 23.24
H121 CLA KF . -15.77 -23.26 24.40
H122 CLA KF . -16.94 -22.96 25.67
H13 CLA KF . -16.33 -20.46 25.41
H141 CLA KF . -14.19 -19.90 24.60
H142 CLA KF . -14.97 -20.80 23.34
H143 CLA KF . -13.76 -21.55 24.31
H151 CLA KF . -15.83 -21.81 27.38
H152 CLA KF . -14.55 -20.65 27.04
H161 CLA KF . -12.99 -22.26 26.75
H162 CLA KF . -14.04 -23.25 25.76
H171 CLA KF . -13.74 -24.62 27.58
H172 CLA KF . -15.25 -23.84 28.00
H18 CLA KF . -12.94 -22.30 28.95
H191 CLA KF . -14.16 -22.45 31.06
H192 CLA KF . -15.24 -23.62 30.39
H193 CLA KF . -15.22 -22.01 29.76
H201 CLA KF . -12.23 -23.91 30.65
H202 CLA KF . -11.89 -24.51 29.06
H203 CLA KF . -13.24 -25.13 29.96
HHC2 CLA KF . -16.02 -23.67 20.16
HHD2 CLA KF . -12.97 -28.49 21.23
MG CLA LF . -23.43 -21.69 14.06
CHA CLA LF . -22.05 -24.49 12.58
CHB CLA LF . -25.12 -20.92 11.14
CHC CLA LF . -24.70 -19.04 15.63
CHD CLA LF . -21.66 -22.50 17.03
NA CLA LF . -23.60 -22.60 12.06
C1A CLA LF . -22.97 -23.71 11.67
C2A CLA LF . -23.26 -24.04 10.25
C3A CLA LF . -24.19 -22.90 9.81
C4A CLA LF . -24.33 -22.08 11.06
CMA CLA LF . -23.79 -22.15 8.55
CAA CLA LF . -23.95 -25.40 10.14
CBA CLA LF . -24.85 -25.72 11.33
CGA CLA LF . -25.77 -26.87 11.02
O1A CLA LF . -26.75 -26.69 10.32
O2A CLA LF . -25.47 -28.06 11.52
NB CLA LF . -24.71 -20.23 13.48
C1B CLA LF . -25.31 -20.07 12.25
C2B CLA LF . -26.13 -18.90 12.27
C3B CLA LF . -26.01 -18.37 13.52
C4B CLA LF . -25.11 -19.22 14.29
CMB CLA LF . -26.97 -18.38 11.13
CAB CLA LF . -26.72 -17.16 14.01
CBB CLA LF . -26.04 -16.13 14.87
NC CLA LF . -23.30 -20.96 16.04
C1C CLA LF . -23.85 -19.82 16.45
C2C CLA LF . -23.44 -19.47 17.82
C3C CLA LF . -22.62 -20.50 18.21
C4C CLA LF . -22.54 -21.42 17.09
CMC CLA LF . -23.87 -18.26 18.61
CAC CLA LF . -21.91 -20.69 19.53
CBC CLA LF . -22.57 -21.76 20.36
ND CLA LF . -22.16 -23.05 14.72
C1D CLA LF . -21.57 -23.35 15.90
C2D CLA LF . -20.85 -24.62 15.86
C3D CLA LF . -21.04 -25.05 14.56
C4D CLA LF . -21.82 -24.11 13.89
CMD CLA LF . -20.03 -25.40 16.85
CAD CLA LF . -20.72 -26.12 13.65
OBD CLA LF . -20.12 -27.15 13.92
CBD CLA LF . -21.23 -25.72 12.30
CGD CLA LF . -20.04 -25.40 11.44
O1D CLA LF . -19.19 -24.63 11.84
O2D CLA LF . -19.89 -25.95 10.24
CED CLA LF . -18.69 -26.69 10.07
C1 CLA LF . -26.49 -28.93 12.11
C2 CLA LF . -27.74 -28.32 12.71
C3 CLA LF . -28.63 -29.02 13.42
C4 CLA LF . -29.84 -28.33 13.96
C5 CLA LF . -28.55 -30.52 13.71
C6 CLA LF . -27.83 -30.77 15.04
C7 CLA LF . -28.58 -31.75 15.96
C8 CLA LF . -29.73 -31.13 16.76
C9 CLA LF . -29.35 -29.83 17.46
C10 CLA LF . -30.30 -32.14 17.77
C11 CLA LF . -29.35 -32.52 18.91
C12 CLA LF . -29.87 -32.16 20.31
C13 CLA LF . -31.01 -33.02 20.89
C14 CLA LF . -30.85 -34.51 20.56
C15 CLA LF . -32.42 -32.56 20.48
C16 CLA LF . -32.70 -31.08 20.70
C17 CLA LF . -34.20 -30.83 20.74
C18 CLA LF . -34.61 -29.36 20.56
C19 CLA LF . -33.80 -28.42 21.44
C20 CLA LF . -34.54 -28.93 19.11
HHB CLA LF . -25.63 -20.64 10.24
HHC CLA LF . -24.25 -18.05 15.64
HHD CLA LF . -20.66 -22.12 17.22
H2A CLA LF . -22.34 -24.03 9.64
H3A CLA LF . -25.18 -23.34 9.60
HMA1 CLA LF . -23.61 -22.84 7.76
HMA2 CLA LF . -22.89 -21.60 8.74
HMA3 CLA LF . -24.55 -21.48 8.26
HAA1 CLA LF . -23.20 -26.18 10.04
HAA2 CLA LF . -24.55 -25.43 9.23
HBA1 CLA LF . -25.45 -24.84 11.59
HBA2 CLA LF . -24.24 -25.98 12.20
HMB1 CLA LF . -26.35 -18.10 10.32
HMB2 CLA LF . -27.52 -17.53 11.45
HMB3 CLA LF . -27.66 -19.13 10.82
HBB1 CLA LF . -24.96 -16.08 14.88
HBB2 CLA LF . -26.58 -15.21 15.08
HMC1 CLA LF . -23.61 -17.39 18.08
HMC2 CLA LF . -23.38 -18.25 19.55
HMC3 CLA LF . -24.92 -18.29 18.76
HAC1 CLA LF . -21.89 -19.74 20.09
HAC2 CLA LF . -20.88 -20.97 19.34
HBC1 CLA LF . -22.03 -21.91 21.26
HBC2 CLA LF . -22.60 -22.67 19.82
HBC3 CLA LF . -23.57 -21.47 20.58
HMD1 CLA LF . -20.60 -26.23 17.20
HMD2 CLA LF . -19.76 -24.78 17.66
HMD3 CLA LF . -19.16 -25.76 16.36
HBD CLA LF . -21.83 -26.52 11.84
HED1 CLA LF . -18.76 -27.27 9.18
HED2 CLA LF . -18.55 -27.34 10.90
HED3 CLA LF . -17.87 -26.02 9.99
H11 CLA LF . -26.00 -29.52 12.90
H12 CLA LF . -26.80 -29.65 11.35
H2 CLA LF . -27.92 -27.26 12.56
H41 CLA LF . -30.45 -29.01 14.49
H42 CLA LF . -30.39 -27.91 13.16
H43 CLA LF . -29.53 -27.55 14.63
H51 CLA LF . -28.02 -31.02 12.90
H52 CLA LF . -29.56 -30.93 13.77
H61 CLA LF . -27.65 -29.82 15.54
H62 CLA LF . -26.86 -31.21 14.81
H71 CLA LF . -27.86 -32.19 16.65
H72 CLA LF . -28.98 -32.56 15.35
H8 CLA LF . -30.54 -30.90 16.05
H91 CLA LF . -30.04 -29.64 18.24
H92 CLA LF . -29.39 -29.03 16.76
H93 CLA LF . -28.38 -29.90 17.86
H101 CLA LF . -30.59 -33.05 17.23
H102 CLA LF . -31.21 -31.72 18.20
H111 CLA LF . -28.41 -32.00 18.76
H112 CLA LF . -29.13 -33.58 18.85
H121 CLA LF . -30.15 -31.12 20.33
H122 CLA LF . -29.02 -32.26 21.00
H13 CLA LF . -30.94 -32.94 21.98
H141 CLA LF . -31.53 -35.07 21.13
H142 CLA LF . -29.86 -34.82 20.78
H143 CLA LF . -31.04 -34.66 19.52
H151 CLA LF . -33.13 -33.13 21.08
H152 CLA LF . -32.59 -32.82 19.44
H161 CLA LF . -32.26 -30.49 19.89
H162 CLA LF . -32.25 -30.76 21.65
H171 CLA LF . -34.59 -31.19 21.70
H172 CLA LF . -34.68 -31.42 19.96
H18 CLA LF . -35.67 -29.28 20.88
H191 CLA LF . -34.23 -27.45 21.40
H192 CLA LF . -32.80 -28.37 21.08
H193 CLA LF . -33.81 -28.77 22.44
H201 CLA LF . -34.95 -27.96 19.01
H202 CLA LF . -35.10 -29.60 18.51
H203 CLA LF . -33.53 -28.93 18.78
HHC2 CLA LF . -25.63 -18.93 16.20
HHD2 CLA LF . -21.90 -23.15 17.87
MG CLA MF . -18.86 1.16 -30.04
CHA CLA MF . -20.05 0.64 -33.23
CHB CLA MF . -20.78 -1.49 -28.85
CHC CLA MF . -17.53 1.65 -27.04
CHD CLA MF . -16.87 3.83 -31.27
NA CLA MF . -20.27 -0.30 -30.94
C1A CLA MF . -20.61 -0.34 -32.22
C2A CLA MF . -21.58 -1.44 -32.51
C3A CLA MF . -21.80 -2.07 -31.13
C4A CLA MF . -20.90 -1.26 -30.24
CMA CLA MF . -23.23 -2.40 -30.70
CAA CLA MF . -20.99 -2.49 -33.47
CBA CLA MF . -19.65 -3.06 -33.01
CGA CLA MF . -18.62 -2.99 -34.11
O1A CLA MF . -18.29 -1.90 -34.54
O2A CLA MF . -18.11 -4.11 -34.59
NB CLA MF . -19.10 0.22 -28.25
C1B CLA MF . -19.95 -0.80 -27.94
C2B CLA MF . -19.85 -1.08 -26.53
C3B CLA MF . -18.95 -0.20 -26.04
C4B CLA MF . -18.48 0.62 -27.14
CMB CLA MF . -20.61 -2.12 -25.74
CAB CLA MF . -18.48 -0.03 -24.64
CBB CLA MF . -19.47 -0.11 -23.50
NC CLA MF . -17.43 2.50 -29.29
C1C CLA MF . -17.05 2.53 -28.02
C2C CLA MF . -16.07 3.59 -27.74
C3C CLA MF . -15.87 4.20 -28.95
C4C CLA MF . -16.74 3.51 -29.91
CMC CLA MF . -15.41 3.90 -26.42
CAC CLA MF . -14.95 5.36 -29.21
CBC CLA MF . -13.53 4.82 -29.28
ND CLA MF . -18.46 2.04 -31.76
C1D CLA MF . -17.72 3.11 -32.15
C2D CLA MF . -17.94 3.42 -33.57
C3D CLA MF . -18.85 2.45 -33.97
C4D CLA MF . -19.15 1.64 -32.89
CMD CLA MF . -17.42 4.47 -34.50
CAD CLA MF . -19.60 1.99 -35.13
OBD CLA MF . -19.92 2.70 -36.07
CBD CLA MF . -20.33 0.74 -34.71
CGD CLA MF . -21.80 0.86 -34.96
O1D CLA MF . -22.54 1.35 -34.13
O2D CLA MF . -22.32 0.42 -36.10
CED CLA MF . -23.44 1.16 -36.61
C1 CLA MF . -17.08 -4.82 -33.83
C2 CLA MF . -15.67 -4.27 -33.82
C3 CLA MF . -14.84 -4.40 -32.77
C4 CLA MF . -15.24 -5.07 -31.48
C5 CLA MF . -13.44 -3.84 -32.80
C6 CLA MF . -12.41 -4.96 -32.80
C7 CLA MF . -11.55 -4.86 -34.06
C8 CLA MF . -10.43 -5.90 -34.18
C9 CLA MF . -10.18 -6.72 -32.91
C10 CLA MF . -9.13 -5.20 -34.57
C11 CLA MF . -9.16 -4.64 -36.00
C12 CLA MF . -8.92 -5.71 -37.06
C13 CLA MF . -10.03 -5.75 -38.09
C14 CLA MF . -9.97 -7.06 -38.87
C15 CLA MF . -10.00 -4.53 -39.02
C16 CLA MF . -8.95 -4.61 -40.14
C17 CLA MF . -8.94 -3.28 -40.91
C18 CLA MF . -7.74 -3.05 -41.84
C19 CLA MF . -6.71 -4.18 -41.85
C20 CLA MF . -8.20 -2.78 -43.27
HHB CLA MF . -21.43 -2.24 -28.44
HHC CLA MF . -17.89 2.29 -26.23
HHD CLA MF . -17.16 4.88 -31.33
H2A CLA MF . -22.53 -1.05 -32.91
HMA1 CLA MF . -23.70 -2.96 -31.46
HMA2 CLA MF . -23.76 -1.50 -30.55
HMA3 CLA MF . -23.21 -2.95 -29.80
HAA1 CLA MF . -20.87 -2.05 -34.46
HAA2 CLA MF . -21.71 -3.31 -33.56
HBA1 CLA MF . -19.79 -4.12 -32.73
HBA2 CLA MF . -19.27 -2.54 -32.12
HMB1 CLA MF . -20.60 -3.03 -26.28
HMB2 CLA MF . -21.60 -1.80 -25.58
HMB3 CLA MF . -20.12 -2.27 -24.82
HBB1 CLA MF . -20.42 0.36 -23.60
HBB2 CLA MF . -19.10 -0.35 -22.51
HMC1 CLA MF . -16.13 3.82 -25.65
HMC2 CLA MF . -15.03 4.89 -26.43
HMC3 CLA MF . -14.63 3.21 -26.24
HAC1 CLA MF . -15.03 6.10 -28.40
HAC2 CLA MF . -15.20 5.85 -30.15
HBC1 CLA MF . -12.87 5.59 -29.56
HBC2 CLA MF . -13.50 4.04 -29.98
HBC3 CLA MF . -13.26 4.45 -28.32
HMD1 CLA MF . -17.07 5.29 -33.92
HMD2 CLA MF . -18.20 4.81 -35.13
HMD3 CLA MF . -16.63 4.07 -35.09
HBD CLA MF . -19.92 -0.13 -35.25
HED1 CLA MF . -23.66 0.83 -37.60
HED2 CLA MF . -23.22 2.18 -36.61
HED3 CLA MF . -24.29 0.98 -36.00
H11 CLA MF . -17.03 -5.83 -34.23
H12 CLA MF . -17.44 -4.92 -32.81
H2 CLA MF . -15.31 -3.77 -34.70
H41 CLA MF . -14.44 -5.02 -30.80
H42 CLA MF . -15.49 -6.08 -31.67
H43 CLA MF . -16.08 -4.56 -31.07
H51 CLA MF . -13.29 -3.19 -31.92
H52 CLA MF . -13.32 -3.22 -33.69
H61 CLA MF . -12.91 -5.92 -32.77
H62 CLA MF . -11.78 -4.86 -31.91
H71 CLA MF . -11.10 -3.87 -34.09
H72 CLA MF . -12.19 -4.95 -34.93
H8 CLA MF . -10.69 -6.60 -34.99
H91 CLA MF . -9.44 -7.46 -33.11
H92 CLA MF . -11.08 -7.21 -32.62
H93 CLA MF . -9.85 -6.09 -32.13
H101 CLA MF . -8.30 -5.90 -34.49
H102 CLA MF . -8.94 -4.38 -33.87
H111 CLA MF . -8.40 -3.87 -36.09
H112 CLA MF . -10.12 -4.16 -36.18
H121 CLA MF . -8.85 -6.69 -36.56
H122 CLA MF . -7.96 -5.52 -37.55
H13 CLA MF . -10.99 -5.73 -37.56
H141 CLA MF . -10.67 -7.04 -39.67
H142 CLA MF . -10.22 -7.87 -38.22
H143 CLA MF . -9.00 -7.21 -39.26
H151 CLA MF . -9.79 -3.65 -38.42
H152 CLA MF . -10.98 -4.41 -39.47
H161 CLA MF . -9.19 -5.43 -40.82
H162 CLA MF . -7.96 -4.81 -39.70
H171 CLA MF . -8.97 -2.47 -40.19
H172 CLA MF . -9.85 -3.22 -41.51
H18 CLA MF . -7.23 -2.15 -41.49
H191 CLA MF . -6.00 -3.99 -42.61
H192 CLA MF . -7.19 -5.10 -42.04
H193 CLA MF . -6.22 -4.21 -40.92
H201 CLA MF . -7.37 -2.44 -43.85
H202 CLA MF . -8.95 -2.02 -43.27
H203 CLA MF . -8.59 -3.67 -43.70
HHC2 CLA MF . -16.65 1.16 -26.63
HHD2 CLA MF . -15.86 3.78 -31.71
MG CLA NF . -13.73 -9.55 -20.72
CHA CLA NF . -17.09 -10.09 -20.19
CHB CLA NF . -13.08 -12.94 -20.48
CHC CLA NF . -10.52 -8.89 -21.32
CHD CLA NF . -14.41 -6.07 -21.02
NA CLA NF . -14.95 -11.36 -20.38
C1A CLA NF . -16.29 -11.37 -20.18
C2A CLA NF . -16.82 -12.75 -19.87
C3A CLA NF . -15.52 -13.58 -19.97
C4A CLA NF . -14.43 -12.59 -20.31
CMA CLA NF . -15.30 -15.01 -19.46
CAA CLA NF . -18.00 -13.16 -20.78
CBA CLA NF . -17.79 -14.29 -21.78
CGA CLA NF . -17.70 -13.70 -23.17
O1A CLA NF . -16.99 -12.73 -23.37
O2A CLA NF . -18.41 -14.27 -24.13
NB CLA NF . -12.07 -10.72 -20.89
C1B CLA NF . -12.00 -12.08 -20.77
C2B CLA NF . -10.62 -12.50 -20.92
C3B CLA NF . -9.90 -11.36 -21.16
C4B CLA NF . -10.85 -10.24 -21.13
CMB CLA NF . -10.08 -13.90 -20.86
CAB CLA NF . -8.44 -11.32 -21.40
CBB CLA NF . -7.59 -10.09 -21.18
NC CLA NF . -12.67 -7.78 -21.18
C1C CLA NF . -11.35 -7.75 -21.25
C2C CLA NF . -10.81 -6.37 -21.27
C3C CLA NF . -11.92 -5.58 -21.18
C4C CLA NF . -13.08 -6.47 -21.13
CMC CLA NF . -9.36 -5.97 -21.33
CAC CLA NF . -11.95 -4.07 -21.13
CBC CLA NF . -12.64 -3.50 -22.34
ND CLA NF . -15.28 -8.31 -20.67
C1D CLA NF . -15.48 -6.97 -20.75
C2D CLA NF . -16.88 -6.61 -20.52
C3D CLA NF . -17.49 -7.83 -20.30
C4D CLA NF . -16.53 -8.84 -20.40
CMD CLA NF . -17.65 -5.32 -20.48
CAD CLA NF . -18.78 -8.43 -20.02
OBD CLA NF . -19.85 -7.85 -20.06
CBD CLA NF . -18.57 -9.91 -19.91
CGD CLA NF . -18.86 -10.38 -18.52
O1D CLA NF . -18.03 -10.24 -17.64
O2D CLA NF . -20.03 -10.94 -18.21
CED CLA NF . -20.82 -10.23 -17.26
C1 CLA NF . -17.73 -14.74 -25.32
C2 CLA NF . -17.43 -13.75 -26.43
C3 CLA NF . -16.55 -14.02 -27.41
C4 CLA NF . -15.79 -15.32 -27.43
C5 CLA NF . -16.23 -13.06 -28.54
C6 CLA NF . -17.40 -12.13 -28.85
C7 CLA NF . -17.35 -11.57 -30.27
C8 CLA NF . -16.25 -10.53 -30.50
C9 CLA NF . -16.52 -9.25 -29.72
C10 CLA NF . -16.15 -10.22 -32.00
C11 CLA NF . -14.87 -10.73 -32.65
C12 CLA NF . -13.76 -9.67 -32.67
C13 CLA NF . -13.62 -8.93 -34.00
C14 CLA NF . -14.89 -8.15 -34.35
C15 CLA NF . -13.23 -9.89 -35.14
C16 CLA NF . -12.41 -9.18 -36.22
C17 CLA NF . -12.47 -9.91 -37.57
C18 CLA NF . -11.63 -11.18 -37.60
C19 CLA NF . -11.87 -11.93 -38.91
C20 CLA NF . -10.14 -10.90 -37.45
HHB CLA NF . -12.87 -14.00 -20.51
HHC CLA NF . -9.73 -8.69 -20.61
HHD CLA NF . -14.47 -5.26 -20.29
H2A CLA NF . -17.16 -12.78 -18.83
H3A CLA NF . -15.35 -13.33 -18.92
HMA1 CLA NF . -16.23 -15.48 -19.33
HMA2 CLA NF . -14.79 -14.98 -18.54
HMA3 CLA NF . -14.73 -15.55 -20.17
HAA1 CLA NF . -18.34 -12.28 -21.32
HAA2 CLA NF . -18.82 -13.45 -20.12
HBA1 CLA NF . -16.89 -14.88 -21.58
HBA2 CLA NF . -18.65 -14.96 -21.75
HMB1 CLA NF . -10.65 -14.48 -20.18
HMB2 CLA NF . -9.07 -13.86 -20.54
HMB3 CLA NF . -10.12 -14.34 -21.83
HBB1 CLA NF . -6.63 -10.22 -20.71
HBB2 CLA NF . -7.74 -9.24 -21.81
HMC1 CLA NF . -8.88 -6.51 -22.12
HMC2 CLA NF . -8.88 -6.22 -20.41
HMC3 CLA NF . -9.27 -4.94 -21.51
HAC1 CLA NF . -10.94 -3.66 -21.05
HAC2 CLA NF . -12.51 -3.76 -20.23
HBC1 CLA NF . -12.26 -2.53 -22.54
HBC2 CLA NF . -13.67 -3.43 -22.14
HBC3 CLA NF . -12.48 -4.13 -23.17
HMD1 CLA NF . -16.99 -4.51 -20.64
HMD2 CLA NF . -18.11 -5.22 -19.53
HMD3 CLA NF . -18.40 -5.33 -21.23
HBD CLA NF . -19.19 -10.44 -20.64
HED1 CLA NF . -21.72 -10.75 -17.08
HED2 CLA NF . -21.04 -9.25 -17.63
HED3 CLA NF . -20.26 -10.13 -16.35
H11 CLA NF . -18.33 -15.54 -25.75
H12 CLA NF . -16.80 -15.21 -25.01
H2 CLA NF . -17.96 -12.82 -26.44
H41 CLA NF . -15.26 -15.42 -28.34
H42 CLA NF . -16.47 -16.14 -27.33
H43 CLA NF . -15.11 -15.33 -26.61
H51 CLA NF . -15.97 -13.63 -29.43
H52 CLA NF . -15.36 -12.46 -28.26
H61 CLA NF . -17.43 -11.32 -28.13
H62 CLA NF . -18.34 -12.70 -28.73
H71 CLA NF . -18.31 -11.11 -30.50
H72 CLA NF . -17.21 -12.40 -30.97
H8 CLA NF . -15.30 -10.95 -30.15
H91 CLA NF . -15.79 -8.52 -29.99
H92 CLA NF . -16.47 -9.43 -28.68
H93 CLA NF . -17.48 -8.88 -29.98
H101 CLA NF . -16.23 -9.14 -32.14
H102 CLA NF . -17.00 -10.69 -32.50
H111 CLA NF . -15.10 -11.05 -33.66
H112 CLA NF . -14.51 -11.61 -32.11
H121 CLA NF . -12.81 -10.15 -32.44
H122 CLA NF . -13.95 -8.94 -31.88
H13 CLA NF . -12.80 -8.21 -33.90
H141 CLA NF . -14.68 -7.48 -35.13
H142 CLA NF . -15.19 -7.60 -33.49
H143 CLA NF . -15.66 -8.82 -34.64
H151 CLA NF . -14.14 -10.30 -35.59
H152 CLA NF . -12.64 -10.71 -34.73
H161 CLA NF . -11.38 -9.07 -35.88
H162 CLA NF . -12.82 -8.17 -36.36
H171 CLA NF . -12.12 -9.24 -38.34
H172 CLA NF . -13.50 -10.16 -37.79
H18 CLA NF . -11.94 -11.83 -36.78
H191 CLA NF . -11.36 -12.86 -38.88
H192 CLA NF . -11.51 -11.35 -39.72
H193 CLA NF . -12.91 -12.10 -39.03
H201 CLA NF . -9.60 -11.79 -37.63
H202 CLA NF . -9.93 -10.58 -36.46
H203 CLA NF . -9.84 -10.16 -38.13
HHC2 CLA NF . -10.04 -8.85 -22.30
HHD2 CLA NF . -14.66 -5.60 -21.98
MG CLA OF . -44.43 -27.75 22.75
CHA CLA OF . -43.45 -26.36 19.75
CHB CLA OF . -41.13 -27.94 23.80
CHC CLA OF . -45.51 -28.96 25.66
CHD CLA OF . -47.82 -27.53 21.68
NA CLA OF . -42.49 -27.20 21.88
C1A CLA OF . -42.29 -26.67 20.67
C2A CLA OF . -40.83 -26.44 20.38
C3A CLA OF . -40.14 -26.95 21.66
C4A CLA OF . -41.31 -27.38 22.51
CMA CLA OF . -38.97 -27.91 21.50
CAA CLA OF . -40.53 -24.96 20.16
CBA CLA OF . -41.41 -24.07 21.04
CGA CLA OF . -40.83 -22.69 21.19
O1A CLA OF . -41.60 -21.75 21.15
O2A CLA OF . -39.54 -22.52 21.38
NB CLA OF . -43.48 -28.33 24.45
C1B CLA OF . -42.14 -28.37 24.69
C2B CLA OF . -41.89 -28.90 26.01
C3B CLA OF . -43.14 -29.20 26.52
C4B CLA OF . -44.13 -28.82 25.51
CMB CLA OF . -40.54 -29.11 26.65
CAB CLA OF . -43.52 -29.77 27.83
CBB CLA OF . -42.74 -30.90 28.47
NC CLA OF . -46.34 -28.12 23.56
C1C CLA OF . -46.55 -28.66 24.75
C2C CLA OF . -48.00 -28.90 25.03
C3C CLA OF . -48.63 -28.46 23.90
C4C CLA OF . -47.59 -27.98 22.99
CMC CLA OF . -48.60 -29.48 26.27
CAC CLA OF . -50.12 -28.48 23.64
CBC CLA OF . -50.52 -29.80 23.02
ND CLA OF . -45.48 -27.11 21.20
C1D CLA OF . -46.78 -27.09 20.83
C2D CLA OF . -46.96 -26.60 19.47
C3D CLA OF . -45.65 -26.31 19.06
C4D CLA OF . -44.78 -26.62 20.10
CMD CLA OF . -48.15 -26.38 18.58
CAD CLA OF . -44.89 -25.82 17.94
OBD CLA OF . -45.31 -25.59 16.82
CBD CLA OF . -43.45 -25.73 18.38
CGD CLA OF . -42.58 -26.46 17.39
O1D CLA OF . -41.96 -25.83 16.55
O2D CLA OF . -42.49 -27.79 17.37
CED CLA OF . -41.18 -28.34 17.30
C1 CLA OF . -38.89 -21.27 21.01
C2 CLA OF . -37.75 -21.26 20.00
C3 CLA OF . -37.15 -20.11 19.66
C4 CLA OF . -37.56 -18.79 20.23
C5 CLA OF . -36.00 -20.07 18.66
C6 CLA OF . -34.87 -19.19 19.15
C7 CLA OF . -33.54 -19.56 18.47
C8 CLA OF . -32.69 -20.46 19.37
C9 CLA OF . -31.77 -19.61 20.25
C10 CLA OF . -31.91 -21.48 18.54
C11 CLA OF . -30.68 -20.90 17.84
C12 CLA OF . -30.10 -21.93 16.87
C13 CLA OF . -28.60 -21.74 16.66
C14 CLA OF . -28.29 -20.34 16.13
C15 CLA OF . -28.10 -22.80 15.69
C16 CLA OF . -26.66 -23.19 15.97
C17 CLA OF . -26.11 -24.10 14.86
C18 CLA OF . -25.66 -25.47 15.38
C19 CLA OF . -24.66 -25.35 16.51
C20 CLA OF . -26.86 -26.31 15.79
HHB CLA OF . -40.12 -27.97 24.16
HHC CLA OF . -45.66 -30.01 25.93
HHD CLA OF . -48.33 -28.34 21.15
H2A CLA OF . -40.51 -27.03 19.52
H3A CLA OF . -39.73 -26.07 22.15
HMA1 CLA OF . -38.26 -27.49 20.84
HMA2 CLA OF . -39.31 -28.83 21.11
HMA3 CLA OF . -38.52 -28.06 22.45
HAA1 CLA OF . -40.69 -24.71 19.12
HAA2 CLA OF . -39.48 -24.77 20.39
HBA1 CLA OF . -41.52 -24.53 22.03
HBA2 CLA OF . -42.39 -24.00 20.58
HMB1 CLA OF . -40.29 -28.26 27.23
HMB2 CLA OF . -39.82 -29.27 25.91
HMB3 CLA OF . -40.57 -29.95 27.29
HBB1 CLA OF . -43.30 -31.72 28.89
HBB2 CLA OF . -41.78 -30.67 28.91
HMC1 CLA OF . -47.84 -29.73 26.96
HMC2 CLA OF . -49.14 -30.36 26.02
HMC3 CLA OF . -49.26 -28.78 26.71
HAC1 CLA OF . -50.38 -27.66 22.98
HAC2 CLA OF . -50.65 -28.34 24.59
HBC1 CLA OF . -51.58 -29.86 22.99
HBC2 CLA OF . -50.14 -30.59 23.61
HBC3 CLA OF . -50.13 -29.86 22.04
HMD1 CLA OF . -48.56 -27.31 18.31
HMD2 CLA OF . -47.83 -25.90 17.70
HMD3 CLA OF . -48.87 -25.79 19.07
HBD CLA OF . -43.14 -24.68 18.43
HED1 CLA OF . -41.18 -29.15 16.62
HED2 CLA OF . -40.89 -28.70 18.25
HED3 CLA OF . -40.49 -27.61 16.98
H11 CLA OF . -38.52 -20.80 21.91
H12 CLA OF . -39.66 -20.61 20.62
H2 CLA OF . -37.43 -22.18 19.57
H41 CLA OF . -37.23 -18.01 19.59
H42 CLA OF . -37.14 -18.66 21.19
H43 CLA OF . -38.62 -18.74 20.30
H51 CLA OF . -36.37 -19.69 17.71
H52 CLA OF . -35.64 -21.09 18.49
H61 CLA OF . -34.76 -19.28 20.23
H62 CLA OF . -35.09 -18.15 18.92
H71 CLA OF . -32.99 -18.65 18.23
H72 CLA OF . -33.75 -20.08 17.53
H8 CLA OF . -33.37 -21.01 20.03
H91 CLA OF . -31.11 -20.24 20.78
H92 CLA OF . -32.35 -19.05 20.94
H93 CLA OF . -31.21 -18.94 19.64
H101 CLA OF . -32.58 -21.91 17.78
H102 CLA OF . -31.60 -22.29 19.19
H111 CLA OF . -29.93 -20.64 18.58
H112 CLA OF . -30.96 -20.00 17.30
H121 CLA OF . -30.62 -21.85 15.91
H122 CLA OF . -30.28 -22.93 17.26
H13 CLA OF . -28.09 -21.88 17.62
H141 CLA OF . -27.35 -20.35 15.67
H142 CLA OF . -28.28 -19.65 16.94
H143 CLA OF . -29.04 -20.06 15.44
H151 CLA OF . -28.19 -22.42 14.66
H152 CLA OF . -28.73 -23.69 15.76
H161 CLA OF . -26.60 -23.69 16.94
H162 CLA OF . -26.04 -22.29 16.03
H171 CLA OF . -25.28 -23.61 14.38
H172 CLA OF . -26.90 -24.25 14.11
H18 CLA OF . -25.16 -25.98 14.54
H191 CLA OF . -23.97 -26.15 16.47
H192 CLA OF . -25.16 -25.38 17.44
H193 CLA OF . -24.14 -24.43 16.43
H201 CLA OF . -26.53 -27.27 16.11
H202 CLA OF . -27.51 -26.43 14.97
H203 CLA OF . -27.37 -25.84 16.59
HHC2 CLA OF . -45.75 -28.40 26.57
HHD2 CLA OF . -48.55 -26.72 21.75
C1 PQN PF . -13.31 -0.92 -16.65
O1 PQN PF . -12.44 -1.62 -16.09
C2 PQN PF . -13.26 -0.73 -18.12
C2M PQN PF . -12.14 -1.40 -18.88
C3 PQN PF . -14.21 0.02 -18.75
C4 PQN PF . -15.29 0.65 -17.95
O4 PQN PF . -16.17 1.34 -18.52
C5 PQN PF . -15.36 0.47 -16.48
C6 PQN PF . -16.38 1.06 -15.74
C7 PQN PF . -16.43 0.89 -14.37
C8 PQN PF . -15.47 0.13 -13.73
C9 PQN PF . -14.45 -0.48 -14.46
C10 PQN PF . -14.40 -0.30 -15.84
C11 PQN PF . -14.23 0.26 -20.23
C12 PQN PF . -14.82 -0.94 -20.95
C13 PQN PF . -15.56 -0.82 -22.07
C14 PQN PF . -15.88 0.54 -22.64
C15 PQN PF . -16.11 -2.05 -22.75
C16 PQN PF . -15.56 -2.12 -24.17
C17 PQN PF . -15.38 -3.55 -24.68
C18 PQN PF . -16.71 -4.24 -24.98
C19 PQN PF . -16.91 -5.42 -24.03
C20 PQN PF . -16.82 -4.73 -26.42
C21 PQN PF . -17.96 -4.01 -27.13
C22 PQN PF . -18.01 -4.32 -28.62
C23 PQN PF . -18.89 -5.53 -28.91
C24 PQN PF . -18.48 -6.20 -30.20
C25 PQN PF . -20.37 -5.12 -28.96
C26 PQN PF . -21.27 -6.34 -28.88
C27 PQN PF . -22.64 -5.99 -28.32
C28 PQN PF . -22.58 -5.79 -26.81
C29 PQN PF . -23.07 -4.38 -26.45
C30 PQN PF . -23.40 -6.84 -26.08
H2M1 PQN PF . -12.41 -1.54 -19.90
H2M2 PQN PF . -11.94 -2.35 -18.45
H2M3 PQN PF . -11.27 -0.80 -18.82
H6 PQN PF . -17.13 1.67 -16.25
H7 PQN PF . -17.23 1.35 -13.80
H8 PQN PF . -15.52 -0.01 -12.66
H9 PQN PF . -13.70 -1.07 -13.97
H111 PQN PF . -13.20 0.43 -20.58
H112 PQN PF . -14.80 1.15 -20.43
H12 PQN PF . -14.60 -1.93 -20.58
H141 PQN PF . -16.15 0.43 -23.67
H142 PQN PF . -15.05 1.18 -22.57
H143 PQN PF . -16.70 0.95 -22.12
H151 PQN PF . -17.19 -1.99 -22.78
H152 PQN PF . -15.83 -2.95 -22.19
H161 PQN PF . -14.60 -1.61 -24.20
H162 PQN PF . -16.24 -1.59 -24.84
H171 PQN PF . -14.84 -4.13 -23.94
H172 PQN PF . -14.76 -3.52 -25.58
H18 PQN PF . -17.52 -3.53 -24.79
H191 PQN PF . -17.84 -5.88 -24.22
H192 PQN PF . -16.89 -5.06 -23.03
H193 PQN PF . -16.12 -6.12 -24.17
H201 PQN PF . -17.01 -5.81 -26.42
H202 PQN PF . -15.88 -4.56 -26.96
H211 PQN PF . -17.84 -2.93 -26.99
H212 PQN PF . -18.90 -4.30 -26.67
H221 PQN PF . -17.00 -4.50 -28.99
H222 PQN PF . -18.41 -3.44 -29.15
H23 PQN PF . -18.76 -6.25 -28.08
H241 PQN PF . -19.04 -7.10 -30.33
H242 PQN PF . -17.45 -6.43 -30.18
H243 PQN PF . -18.67 -5.56 -31.02
H251 PQN PF . -20.56 -4.59 -29.90
H252 PQN PF . -20.58 -4.44 -28.15
H261 PQN PF . -20.81 -7.10 -28.25
H262 PQN PF . -21.39 -6.76 -29.88
H271 PQN PF . -23.35 -6.80 -28.55
H272 PQN PF . -23.02 -5.08 -28.80
H28 PQN PF . -21.54 -5.87 -26.50
H291 PQN PF . -22.92 -4.21 -25.42
H292 PQN PF . -24.09 -4.29 -26.69
H293 PQN PF . -22.52 -3.67 -27.01
H301 PQN PF . -23.17 -6.81 -25.05
H302 PQN PF . -23.17 -7.80 -26.47
H303 PQN PF . -24.43 -6.65 -26.22
C1 BCR QF . -53.05 -43.06 7.79
C2 BCR QF . -52.99 -42.23 9.07
C3 BCR QF . -54.28 -42.21 9.88
C4 BCR QF . -55.38 -41.69 8.99
C5 BCR QF . -55.47 -42.52 7.74
C6 BCR QF . -54.36 -42.80 7.04
C7 BCR QF . -54.56 -42.88 5.55
C8 BCR QF . -53.67 -43.25 4.64
C9 BCR QF . -53.91 -43.31 3.20
C10 BCR QF . -52.80 -43.58 2.31
C11 BCR QF . -51.97 -44.55 1.68
C33 BCR QF . -56.82 -43.03 7.32
C31 BCR QF . -53.03 -44.54 8.13
C32 BCR QF . -51.81 -42.61 7.03
C34 BCR QF . -55.25 -43.02 2.63
C12 BCR QF . -51.21 -45.33 1.17
C13 BCR QF . -50.56 -45.91 0.05
C14 BCR QF . -49.28 -46.32 0.21
C15 BCR QF . -48.48 -46.91 -0.82
C16 BCR QF . -47.33 -47.50 -1.19
C17 BCR QF . -47.03 -47.98 -2.37
C18 BCR QF . -46.00 -48.77 -2.76
C19 BCR QF . -45.84 -49.33 -4.11
C20 BCR QF . -45.36 -50.16 -5.03
C21 BCR QF . -45.05 -50.87 -6.22
C22 BCR QF . -44.20 -51.90 -6.39
C23 BCR QF . -44.08 -52.58 -7.70
C24 BCR QF . -43.33 -53.86 -7.94
C25 BCR QF . -43.29 -54.57 -9.24
C26 BCR QF . -43.71 -54.03 -10.39
C27 BCR QF . -44.39 -54.86 -11.45
C28 BCR QF . -43.84 -56.28 -11.50
C29 BCR QF . -42.58 -56.46 -10.67
C30 BCR QF . -42.75 -56.00 -9.22
C35 BCR QF . -51.29 -46.01 -1.27
C36 BCR QF . -44.94 -49.09 -1.76
C37 BCR QF . -43.35 -52.38 -5.26
C38 BCR QF . -43.48 -52.58 -10.75
C39 BCR QF . -41.45 -56.03 -8.45
C40 BCR QF . -43.81 -56.90 -8.57
HC21 BCR QF . -52.18 -42.62 9.70
HC22 BCR QF . -52.74 -41.19 8.82
HC31 BCR QF . -54.52 -43.22 10.22
HC32 BCR QF . -54.16 -41.57 10.75
HC41 BCR QF . -56.33 -41.71 9.53
HC42 BCR QF . -55.18 -40.65 8.73
HC7 BCR QF . -55.53 -42.66 5.18
HC8 BCR QF . -52.67 -43.48 4.94
H331 BCR QF . -56.73 -44.05 7.04
H332 BCR QF . -57.19 -42.46 6.51
H333 BCR QF . -57.48 -42.95 8.13
H311 BCR QF . -52.14 -44.99 7.80
H312 BCR QF . -53.86 -45.03 7.68
H313 BCR QF . -53.11 -44.65 9.18
H321 BCR QF . -51.31 -43.44 6.62
H322 BCR QF . -51.16 -42.13 7.69
H323 BCR QF . -52.09 -41.93 6.26
H341 BCR QF . -55.27 -43.30 1.61
H342 BCR QF . -55.47 -41.99 2.71
H343 BCR QF . -55.99 -43.59 3.15
H14C BCR QF . -48.85 -46.22 1.19
H15C BCR QF . -48.87 -47.04 -1.81
H16C BCR QF . -46.85 -47.47 -0.22
H17C BCR QF . -47.76 -47.84 -3.15
H19C BCR QF . -46.68 -48.91 -4.64
H21C BCR QF . -45.81 -50.37 -6.80
H23C BCR QF . -44.63 -52.18 -8.52
H24C BCR QF . -42.90 -54.33 -7.08
H271 BCR QF . -44.22 -54.39 -12.42
H272 BCR QF . -45.46 -54.87 -11.27
H281 BCR QF . -43.61 -56.53 -12.53
H282 BCR QF . -44.62 -56.97 -11.15
H291 BCR QF . -42.27 -57.51 -10.68
H292 BCR QF . -41.77 -55.87 -11.11
H351 BCR QF . -51.77 -46.94 -1.33
H352 BCR QF . -50.63 -45.87 -2.07
H353 BCR QF . -52.04 -45.26 -1.30
H361 BCR QF . -44.04 -49.30 -2.27
H362 BCR QF . -45.24 -49.95 -1.19
H363 BCR QF . -44.80 -48.28 -1.11
H371 BCR QF . -42.33 -52.22 -5.49
H372 BCR QF . -43.52 -53.42 -5.10
H373 BCR QF . -43.58 -51.86 -4.37
H381 BCR QF . -42.91 -52.54 -11.63
H382 BCR QF . -42.96 -52.08 -9.98
H383 BCR QF . -44.41 -52.11 -10.93
H391 BCR QF . -40.88 -56.89 -8.75
H392 BCR QF . -41.65 -56.10 -7.42
H393 BCR QF . -40.91 -55.15 -8.64
H401 BCR QF . -43.45 -57.24 -7.64
H402 BCR QF . -44.03 -57.73 -9.20
H403 BCR QF . -44.70 -56.33 -8.42
C1 BCR RF . -50.93 -45.13 -16.06
C2 BCR RF . -51.97 -44.66 -17.07
C3 BCR RF . -51.54 -44.77 -18.54
C4 BCR RF . -50.20 -44.10 -18.73
C5 BCR RF . -49.22 -44.72 -17.77
C6 BCR RF . -49.51 -44.74 -16.47
C7 BCR RF . -48.52 -44.42 -15.41
C8 BCR RF . -47.30 -43.95 -15.63
C9 BCR RF . -46.31 -43.59 -14.61
C10 BCR RF . -45.05 -43.03 -15.01
C11 BCR RF . -44.20 -41.93 -14.74
C33 BCR RF . -48.00 -45.40 -18.33
C31 BCR RF . -50.95 -46.64 -15.92
C32 BCR RF . -51.30 -44.46 -14.75
C34 BCR RF . -46.54 -43.78 -13.14
C12 BCR RF . -43.48 -40.98 -14.56
C13 BCR RF . -42.24 -40.36 -14.26
C14 BCR RF . -41.91 -39.32 -15.06
C15 BCR RF . -40.69 -38.57 -14.98
C16 BCR RF . -39.92 -37.58 -15.51
C17 BCR RF . -38.74 -37.21 -15.10
C18 BCR RF . -37.84 -36.38 -15.68
C19 BCR RF . -36.51 -36.10 -15.11
C20 BCR RF . -35.34 -35.50 -14.96
C21 BCR RF . -34.07 -35.22 -14.38
C22 BCR RF . -33.12 -34.35 -14.77
C23 BCR RF . -31.92 -34.33 -13.93
C24 BCR RF . -30.71 -33.47 -14.14
C25 BCR RF . -29.57 -33.62 -13.23
C26 BCR RF . -29.63 -34.34 -12.12
C27 BCR RF . -28.75 -35.56 -12.07
C28 BCR RF . -27.34 -35.16 -12.48
C29 BCR RF . -27.18 -33.64 -12.64
C30 BCR RF . -28.21 -33.00 -13.56
C35 BCR RF . -41.38 -40.84 -13.13
C36 BCR RF . -38.20 -35.64 -16.93
C37 BCR RF . -33.27 -33.48 -15.99
C38 BCR RF . -30.49 -34.02 -10.94
C39 BCR RF . -27.87 -33.26 -15.01
C40 BCR RF . -28.27 -31.49 -13.26
HC21 BCR RF . -52.89 -45.23 -16.94
HC22 BCR RF . -52.21 -43.61 -16.87
HC31 BCR RF . -51.47 -45.82 -18.82
HC32 BCR RF . -52.29 -44.29 -19.18
HC41 BCR RF . -49.85 -44.24 -19.75
HC42 BCR RF . -50.28 -43.03 -18.53
HC7 BCR RF . -48.82 -44.52 -14.38
HC8 BCR RF . -46.99 -43.78 -16.65
H331 BCR RF . -47.54 -45.97 -17.57
H332 BCR RF . -47.33 -44.66 -18.70
H333 BCR RF . -48.30 -46.04 -19.13
H311 BCR RF . -50.11 -46.96 -15.36
H312 BCR RF . -50.94 -47.08 -16.88
H313 BCR RF . -51.82 -46.93 -15.41
H321 BCR RF . -51.01 -45.07 -13.93
H322 BCR RF . -52.36 -44.33 -14.72
H323 BCR RF . -50.85 -43.50 -14.68
H341 BCR RF . -46.04 -42.99 -12.62
H342 BCR RF . -46.13 -44.71 -12.83
H343 BCR RF . -47.56 -43.74 -12.90
H14C BCR RF . -42.60 -39.07 -15.84
H15C BCR RF . -39.96 -38.77 -14.22
H16C BCR RF . -40.59 -37.32 -16.32
H17C BCR RF . -38.36 -37.71 -14.22
H19C BCR RF . -36.51 -36.73 -14.24
H21C BCR RF . -34.20 -35.93 -13.58
H23C BCR RF . -31.92 -34.99 -13.09
H24C BCR RF . -30.65 -32.84 -15.01
H271 BCR RF . -29.13 -36.31 -12.77
H272 BCR RF . -28.76 -35.99 -11.07
H281 BCR RF . -27.07 -35.65 -13.41
H282 BCR RF . -26.65 -35.51 -11.71
H291 BCR RF . -27.21 -33.17 -11.66
H292 BCR RF . -26.19 -33.45 -13.06
H351 BCR RF . -40.57 -41.41 -13.50
H352 BCR RF . -41.95 -41.46 -12.49
H353 BCR RF . -41.02 -40.01 -12.57
H361 BCR RF . -37.69 -34.72 -16.96
H362 BCR RF . -39.25 -35.45 -16.94
H363 BCR RF . -37.94 -36.23 -17.77
H371 BCR RF . -33.70 -32.55 -15.72
H372 BCR RF . -33.93 -33.95 -16.68
H373 BCR RF . -32.33 -33.32 -16.45
H381 BCR RF . -31.37 -34.62 -10.96
H382 BCR RF . -30.76 -32.99 -10.96
H383 BCR RF . -29.97 -34.23 -10.05
H391 BCR RF . -26.89 -32.90 -15.22
H392 BCR RF . -28.56 -32.76 -15.64
H393 BCR RF . -27.91 -34.30 -15.20
H401 BCR RF . -27.55 -30.99 -13.86
H402 BCR RF . -28.08 -31.31 -12.24
H403 BCR RF . -29.24 -31.14 -13.52
C1 BCR SF . -45.31 -57.07 -21.67
C2 BCR SF . -45.04 -58.55 -22.02
C3 BCR SF . -45.74 -59.56 -21.13
C4 BCR SF . -45.43 -59.25 -19.68
C5 BCR SF . -45.81 -57.83 -19.41
C6 BCR SF . -45.23 -56.88 -20.16
C7 BCR SF . -44.62 -55.77 -19.36
C8 BCR SF . -43.91 -54.71 -19.78
C9 BCR SF . -43.32 -53.70 -18.91
C10 BCR SF . -42.43 -52.68 -19.43
C11 BCR SF . -41.79 -51.47 -19.06
C33 BCR SF . -46.83 -57.50 -18.36
C31 BCR SF . -46.73 -56.71 -22.08
C32 BCR SF . -44.30 -56.28 -22.50
C34 BCR SF . -43.59 -53.71 -17.43
C12 BCR SF . -41.24 -50.43 -18.75
C13 BCR SF . -41.25 -49.16 -18.11
C14 BCR SF . -40.25 -48.24 -18.20
C15 BCR SF . -39.05 -48.41 -18.97
C16 BCR SF . -37.87 -47.94 -19.45
C17 BCR SF . -37.38 -46.74 -19.23
C18 BCR SF . -36.29 -46.12 -19.73
C19 BCR SF . -36.02 -44.73 -19.32
C20 BCR SF . -35.31 -43.60 -19.28
C21 BCR SF . -35.04 -42.26 -18.86
C22 BCR SF . -33.91 -41.53 -18.95
C23 BCR SF . -32.62 -42.00 -19.52
C24 BCR SF . -31.30 -41.34 -19.28
C25 BCR SF . -29.96 -41.85 -19.70
C26 BCR SF . -29.76 -42.69 -20.72
C27 BCR SF . -28.39 -43.25 -21.06
C28 BCR SF . -27.30 -43.11 -20.00
C29 BCR SF . -27.74 -42.53 -18.68
C30 BCR SF . -28.79 -41.43 -18.78
C35 BCR SF . -42.45 -48.82 -17.28
C36 BCR SF . -35.33 -46.78 -20.68
C37 BCR SF . -33.94 -40.16 -18.34
C38 BCR SF . -30.78 -43.03 -21.75
C39 BCR SF . -28.20 -40.10 -19.22
C40 BCR SF . -29.31 -41.34 -17.35
HC21 BCR SF . -45.35 -58.72 -23.05
HC22 BCR SF . -43.96 -58.73 -21.98
HC31 BCR SF . -46.82 -59.53 -21.29
HC32 BCR SF . -45.39 -60.57 -21.36
HC41 BCR SF . -46.00 -59.92 -19.02
HC42 BCR SF . -44.37 -59.39 -19.48
HC7 BCR SF . -44.75 -55.85 -18.30
HC8 BCR SF . -43.69 -54.61 -20.81
H331 BCR SF . -47.44 -56.70 -18.68
H332 BCR SF . -46.32 -57.22 -17.46
H333 BCR SF . -47.43 -58.34 -18.18
H311 BCR SF . -46.78 -55.66 -22.26
H312 BCR SF . -47.40 -56.98 -21.32
H313 BCR SF . -46.98 -57.21 -22.98
H321 BCR SF . -44.65 -55.29 -22.63
H322 BCR SF . -44.22 -56.74 -23.45
H323 BCR SF . -43.35 -56.29 -22.02
H341 BCR SF . -43.00 -52.97 -16.97
H342 BCR SF . -43.37 -54.66 -17.02
H343 BCR SF . -44.62 -53.48 -17.27
H14C BCR SF . -40.39 -47.30 -17.68
H15C BCR SF . -38.87 -49.33 -19.50
H16C BCR SF . -37.56 -48.80 -20.02
H17C BCR SF . -37.99 -46.14 -18.59
H21C BCR SF . -36.01 -42.15 -18.42
H23C BCR SF . -32.61 -42.93 -20.03
H24C BCR SF . -31.38 -40.56 -18.57
H271 BCR SF . -28.03 -42.74 -21.96
H272 BCR SF . -28.50 -44.30 -21.32
H281 BCR SF . -26.49 -42.50 -20.40
H282 BCR SF . -26.87 -44.11 -19.82
H291 BCR SF . -28.11 -43.32 -18.03
H292 BCR SF . -26.86 -42.11 -18.19
H351 BCR SF . -42.15 -48.42 -16.35
H352 BCR SF . -43.01 -49.70 -17.11
H353 BCR SF . -43.05 -48.12 -17.80
H361 BCR SF . -34.46 -46.19 -20.76
H362 BCR SF . -35.79 -46.88 -21.63
H363 BCR SF . -35.07 -47.73 -20.30
H371 BCR SF . -33.42 -39.49 -18.97
H372 BCR SF . -33.51 -40.18 -17.38
H373 BCR SF . -34.95 -39.84 -18.27
H381 BCR SF . -30.29 -43.22 -22.67
H382 BCR SF . -31.46 -42.23 -21.88
H383 BCR SF . -31.32 -43.91 -21.47
H391 BCR SF . -27.96 -39.52 -18.37
H392 BCR SF . -28.92 -39.57 -19.79
H393 BCR SF . -27.34 -40.26 -19.81
H401 BCR SF . -28.49 -41.42 -16.67
H402 BCR SF . -29.98 -42.14 -17.16
H403 BCR SF . -29.79 -40.43 -17.18
C1 BCR TF . -41.01 -35.56 19.55
C2 BCR TF . -41.80 -36.80 19.98
C3 BCR TF . -42.05 -37.83 18.89
C4 BCR TF . -40.81 -38.11 18.05
C5 BCR TF . -39.63 -37.29 18.49
C6 BCR TF . -39.80 -35.99 18.74
C7 BCR TF . -38.76 -35.05 18.22
C8 BCR TF . -38.76 -33.74 18.39
C9 BCR TF . -37.75 -32.82 17.89
C10 BCR TF . -37.89 -31.38 18.01
C11 BCR TF . -37.80 -30.21 17.22
C33 BCR TF . -38.28 -37.93 18.64
C31 BCR TF . -40.54 -34.84 20.79
C32 BCR TF . -41.93 -34.70 18.68
C34 BCR TF . -36.53 -33.29 17.15
C12 BCR TF . -37.73 -29.19 16.56
C13 BCR TF . -37.83 -28.46 15.36
C14 BCR TF . -37.19 -27.28 15.16
C15 BCR TF . -37.33 -26.62 13.90
C16 BCR TF . -37.10 -25.71 12.92
C17 BCR TF . -37.68 -25.70 11.76
C18 BCR TF . -37.46 -24.96 10.66
C19 BCR TF . -36.52 -23.83 10.54
C20 BCR TF . -35.96 -22.76 10.00
C21 BCR TF . -35.09 -21.66 9.79
C22 BCR TF . -35.02 -20.81 8.74
C23 BCR TF . -34.02 -19.73 8.82
C24 BCR TF . -33.90 -18.57 7.88
C25 BCR TF . -32.90 -17.51 8.16
C26 BCR TF . -31.93 -17.71 9.06
C27 BCR TF . -31.75 -16.71 10.15
C28 BCR TF . -31.43 -15.41 9.44
C29 BCR TF . -32.57 -15.03 8.51
C30 BCR TF . -32.94 -16.12 7.49
C35 BCR TF . -38.71 -29.01 14.28
C36 BCR TF . -38.28 -25.24 9.44
C37 BCR TF . -35.96 -21.01 7.58
C38 BCR TF . -30.97 -18.87 8.97
C39 BCR TF . -31.99 -16.12 6.30
C40 BCR TF . -34.37 -15.80 7.06
HC21 BCR TF . -41.25 -37.30 20.78
HC22 BCR TF . -42.75 -36.49 20.40
HC31 BCR TF . -42.38 -38.77 19.35
HC32 BCR TF . -42.86 -37.50 18.24
HC41 BCR TF . -40.56 -39.17 18.11
HC42 BCR TF . -41.03 -37.89 17.00
HC7 BCR TF . -37.94 -35.48 17.68
HC8 BCR TF . -39.59 -33.31 18.91
H331 BCR TF . -37.85 -37.65 19.56
H332 BCR TF . -37.65 -37.65 17.83
H333 BCR TF . -38.40 -38.99 18.63
H311 BCR TF . -40.92 -33.84 20.80
H312 BCR TF . -39.49 -34.82 20.83
H313 BCR TF . -40.92 -35.33 21.66
H321 BCR TF . -42.45 -34.01 19.30
H322 BCR TF . -42.64 -35.31 18.21
H323 BCR TF . -41.36 -34.18 17.95
H341 BCR TF . -35.74 -32.60 17.31
H342 BCR TF . -36.74 -33.35 16.11
H343 BCR TF . -36.23 -34.24 17.50
H14C BCR TF . -36.53 -26.88 15.92
H16C BCR TF . -36.36 -25.13 13.45
H17C BCR TF . -38.40 -26.49 11.62
H19C BCR TF . -36.04 -23.84 11.51
H21C BCR TF . -34.61 -21.77 10.74
H23C BCR TF . -33.37 -19.74 9.68
H24C BCR TF . -34.63 -18.45 7.12
H271 BCR TF . -30.92 -17.00 10.80
H272 BCR TF . -32.66 -16.63 10.75
H281 BCR TF . -30.50 -15.51 8.87
H282 BCR TF . -31.29 -14.61 10.18
H291 BCR TF . -33.45 -14.79 9.10
H292 BCR TF . -32.30 -14.13 7.96
H351 BCR TF . -38.11 -29.26 13.44
H352 BCR TF . -39.45 -28.31 14.01
H353 BCR TF . -39.18 -29.89 14.64
H361 BCR TF . -37.80 -26.00 8.89
H362 BCR TF . -38.38 -24.37 8.85
H363 BCR TF . -39.25 -25.59 9.72
H371 BCR TF . -35.79 -20.28 6.85
H372 BCR TF . -36.96 -20.95 7.92
H373 BCR TF . -35.79 -21.97 7.17
H381 BCR TF . -30.07 -18.54 8.50
H382 BCR TF . -31.39 -19.66 8.40
H383 BCR TF . -30.74 -19.22 9.94
H391 BCR TF . -32.51 -15.83 5.44
H392 BCR TF . -31.61 -17.09 6.17
H393 BCR TF . -31.19 -15.45 6.49
H401 BCR TF . -34.42 -14.80 6.72
H402 BCR TF . -35.03 -15.93 7.88
H403 BCR TF . -34.66 -16.44 6.27
C1 BCR UF . -27.11 -36.74 11.92
C2 BCR UF . -26.36 -37.99 12.37
C3 BCR UF . -26.91 -39.32 11.85
C4 BCR UF . -28.36 -39.41 12.27
C5 BCR UF . -29.08 -38.25 11.65
C6 BCR UF . -28.62 -37.01 11.84
C7 BCR UF . -29.68 -35.96 11.87
C8 BCR UF . -29.48 -34.65 11.75
C9 BCR UF . -30.53 -33.64 11.71
C10 BCR UF . -30.20 -32.26 11.46
C11 BCR UF . -30.15 -31.28 10.43
C33 BCR UF . -30.27 -38.52 10.78
C31 BCR UF . -26.61 -36.33 10.55
C32 BCR UF . -26.80 -35.68 12.96
C34 BCR UF . -31.99 -33.99 11.85
C12 BCR UF . -30.08 -30.46 9.55
C13 BCR UF . -30.40 -29.23 8.91
C14 BCR UF . -29.62 -28.85 7.87
C15 BCR UF . -29.80 -27.62 7.15
C16 BCR UF . -29.36 -26.73 6.21
C17 BCR UF . -29.93 -25.58 5.92
C18 BCR UF . -29.55 -24.61 5.05
C19 BCR UF . -30.32 -23.37 4.85
C20 BCR UF . -30.69 -22.24 4.28
C21 BCR UF . -31.35 -21.00 4.02
C22 BCR UF . -30.97 -20.00 3.20
C23 BCR UF . -31.79 -18.79 3.06
C24 BCR UF . -33.17 -18.61 3.64
C25 BCR UF . -34.07 -17.45 3.37
C26 BCR UF . -33.62 -16.20 3.09
C27 BCR UF . -34.48 -15.01 3.42
C28 BCR UF . -35.92 -15.26 3.01
C29 BCR UF . -36.39 -16.50 3.73
C30 BCR UF . -35.58 -17.74 3.35
C35 BCR UF . -31.55 -28.40 9.39
C36 BCR UF . -28.34 -24.76 4.17
C37 BCR UF . -29.74 -20.19 2.36
C38 BCR UF . -32.28 -15.81 2.56
C39 BCR UF . -35.89 -18.18 1.91
C40 BCR UF . -35.98 -18.84 4.31
HC21 BCR UF . -25.32 -37.91 12.06
HC22 BCR UF . -26.36 -38.04 13.46
HC31 BCR UF . -26.84 -39.35 10.76
HC32 BCR UF . -26.34 -40.14 12.26
HC41 BCR UF . -28.79 -40.35 11.92
HC42 BCR UF . -28.44 -39.36 13.36
HC7 BCR UF . -30.71 -36.27 11.85
HC8 BCR UF . -28.48 -34.30 11.66
H331 BCR UF . -30.35 -37.76 10.05
H332 BCR UF . -31.15 -38.55 11.37
H333 BCR UF . -30.14 -39.45 10.29
H311 BCR UF . -27.14 -35.47 10.22
H312 BCR UF . -26.74 -37.13 9.86
H313 BCR UF . -25.58 -36.09 10.62
H321 BCR UF . -26.53 -34.78 12.47
H322 BCR UF . -25.97 -35.99 13.54
H323 BCR UF . -27.63 -35.52 13.59
H341 BCR UF . -32.57 -33.13 11.68
H342 BCR UF . -32.16 -34.35 12.83
H343 BCR UF . -32.24 -34.74 11.15
H14C BCR UF . -28.81 -29.50 7.60
H15C BCR UF . -30.60 -26.96 7.40
H16C BCR UF . -28.51 -27.29 5.88
H17C BCR UF . -30.81 -25.31 6.48
H19C BCR UF . -31.12 -23.49 5.56
H21C BCR UF . -32.12 -21.19 4.74
H23C BCR UF . -31.38 -18.04 2.44
H24C BCR UF . -33.53 -19.52 4.03
H271 BCR UF . -34.13 -14.11 2.92
H272 BCR UF . -34.45 -14.83 4.50
H281 BCR UF . -35.99 -15.39 1.93
H282 BCR UF . -36.54 -14.40 3.30
H291 BCR UF . -36.33 -16.35 4.81
H292 BCR UF . -37.43 -16.63 3.47
H351 BCR UF . -31.19 -27.53 9.87
H352 BCR UF . -32.11 -28.97 10.09
H353 BCR UF . -32.18 -28.15 8.57
H361 BCR UF . -27.73 -23.91 4.29
H362 BCR UF . -28.63 -24.87 3.17
H363 BCR UF . -27.78 -25.61 4.47
H371 BCR UF . -29.87 -21.05 1.75
H372 BCR UF . -28.90 -20.35 2.98
H373 BCR UF . -29.58 -19.34 1.75
H381 BCR UF . -32.24 -14.76 2.42
H382 BCR UF . -32.09 -16.29 1.64
H383 BCR UF . -31.55 -16.06 3.29
H391 BCR UF . -36.24 -19.18 1.92
H392 BCR UF . -35.00 -18.15 1.35
H393 BCR UF . -36.61 -17.53 1.48
H401 BCR UF . -37.03 -18.92 4.35
H402 BCR UF . -35.60 -18.63 5.28
H403 BCR UF . -35.59 -19.78 3.97
C1 BCR VF . -9.48 -23.34 -25.71
C2 BCR VF . -8.28 -24.18 -25.28
C3 BCR VF . -7.24 -23.35 -24.54
C4 BCR VF . -7.83 -22.84 -23.23
C5 BCR VF . -9.31 -22.57 -23.37
C6 BCR VF . -9.87 -22.40 -24.58
C7 BCR VF . -10.84 -21.32 -24.87
C8 BCR VF . -10.97 -20.24 -24.11
C9 BCR VF . -11.82 -19.09 -24.40
C10 BCR VF . -11.69 -17.87 -23.64
C11 BCR VF . -11.92 -16.47 -23.73
C33 BCR VF . -10.15 -22.55 -22.14
C31 BCR VF . -10.66 -24.24 -26.04
C32 BCR VF . -9.06 -22.51 -26.93
C34 BCR VF . -12.80 -19.10 -25.53
C12 BCR VF . -12.09 -15.27 -23.80
C13 BCR VF . -13.05 -14.23 -23.87
C14 BCR VF . -12.88 -12.90 -24.09
C15 BCR VF . -11.67 -12.15 -24.31
C16 BCR VF . -11.15 -10.92 -24.57
C17 BCR VF . -9.89 -10.62 -24.71
C18 BCR VF . -9.28 -9.41 -24.80
C19 BCR VF . -10.00 -8.12 -24.84
C20 BCR VF . -10.12 -6.80 -24.90
C21 BCR VF . -10.58 -5.44 -24.89
C22 BCR VF . -9.86 -4.30 -24.79
C23 BCR VF . -10.50 -2.97 -24.71
C24 BCR VF . -9.80 -1.68 -24.35
C25 BCR VF . -10.55 -0.42 -24.17
C26 BCR VF . -11.79 -0.24 -24.61
C27 BCR VF . -12.76 0.48 -23.74
C28 BCR VF . -12.22 1.84 -23.30
C29 BCR VF . -10.71 2.00 -23.53
C30 BCR VF . -9.93 0.71 -23.34
C35 BCR VF . -14.47 -14.66 -23.68
C36 BCR VF . -7.79 -9.31 -24.90
C37 BCR VF . -8.37 -4.45 -24.72
C38 BCR VF . -12.26 -0.67 -25.97
C39 BCR VF . -9.96 0.26 -21.89
C40 BCR VF . -8.50 0.98 -23.81
HC21 BCR VF . -8.62 -24.98 -24.63
HC22 BCR VF . -7.81 -24.64 -26.16
HC31 BCR VF . -6.36 -23.97 -24.33
HC32 BCR VF . -6.92 -22.51 -25.15
HC41 BCR VF . -7.68 -23.60 -22.46
HC42 BCR VF . -7.31 -21.93 -22.92
HC7 BCR VF . -11.33 -21.31 -25.82
HC8 BCR VF . -10.35 -20.18 -23.23
H331 BCR VF . -11.18 -22.51 -22.40
H332 BCR VF . -9.90 -21.71 -21.54
H333 BCR VF . -9.98 -23.43 -21.58
H311 BCR VF . -11.24 -23.79 -26.80
H312 BCR VF . -11.25 -24.39 -25.17
H313 BCR VF . -10.30 -25.17 -26.39
H321 BCR VF . -9.57 -22.85 -27.79
H322 BCR VF . -8.02 -22.64 -27.10
H323 BCR VF . -9.25 -21.48 -26.78
H341 BCR VF . -13.03 -18.11 -25.80
H342 BCR VF . -13.69 -19.60 -25.23
H343 BCR VF . -12.39 -19.59 -26.38
H14C BCR VF . -13.77 -12.31 -24.10
H15C BCR VF . -10.71 -12.62 -24.33
H16C BCR VF . -12.08 -10.39 -24.56
H17C BCR VF . -9.19 -11.43 -24.65
H19C BCR VF . -11.04 -8.41 -24.78
H21C BCR VF . -11.62 -5.72 -24.90
H23C BCR VF . -11.57 -2.93 -24.83
H24C BCR VF . -8.79 -1.76 -24.06
H271 BCR VF . -12.98 -0.12 -22.85
H272 BCR VF . -13.70 0.62 -24.28
H281 BCR VF . -12.45 2.00 -22.26
H282 BCR VF . -12.74 2.62 -23.88
H291 BCR VF . -10.53 2.39 -24.53
H292 BCR VF . -10.34 2.74 -22.81
H351 BCR VF . -15.05 -14.23 -24.44
H352 BCR VF . -14.81 -14.32 -22.73
H353 BCR VF . -14.54 -15.71 -23.73
H361 BCR VF . -7.45 -8.51 -24.30
H362 BCR VF . -7.52 -9.13 -25.91
H363 BCR VF . -7.34 -10.21 -24.57
H371 BCR VF . -7.89 -3.52 -24.93
H372 BCR VF . -8.06 -5.16 -25.44
H373 BCR VF . -8.08 -4.78 -23.76
H381 BCR VF . -12.75 0.14 -26.46
H382 BCR VF . -12.94 -1.47 -25.87
H383 BCR VF . -11.44 -0.97 -26.56
H391 BCR VF . -9.09 -0.31 -21.66
H392 BCR VF . -10.81 -0.34 -21.72
H393 BCR VF . -10.00 1.11 -21.25
H401 BCR VF . -8.16 1.89 -23.37
H402 BCR VF . -8.49 1.07 -24.86
H403 BCR VF . -7.87 0.19 -23.50
C1A DGD WF . -25.43 -5.17 -16.10
C2A DGD WF . -24.70 -6.41 -16.57
C3A DGD WF . -24.44 -6.38 -18.07
C4A DGD WF . -23.52 -7.52 -18.52
C5A DGD WF . -24.24 -8.85 -18.59
C6A DGD WF . -24.22 -9.47 -19.99
C7A DGD WF . -22.80 -9.87 -20.42
C8A DGD WF . -22.81 -10.67 -21.72
C9A DGD WF . -22.76 -12.15 -21.41
CAA DGD WF . -22.16 -13.00 -22.25
CBA DGD WF . -22.12 -14.47 -21.92
CCA DGD WF . -23.50 -15.05 -22.14
CDA DGD WF . -24.06 -15.97 -21.34
CEA DGD WF . -23.35 -16.53 -20.13
CFA DGD WF . -24.31 -17.36 -19.30
CGA DGD WF . -24.63 -18.63 -19.60
CHA DGD WF . -24.07 -19.37 -20.79
CIA DGD WF . -24.29 -20.85 -20.56
O1A DGD WF . -25.96 -4.42 -16.91
C1B DGD WF . -28.17 -7.60 -13.16
C2B DGD WF . -27.72 -8.73 -12.27
C3B DGD WF . -28.27 -10.05 -12.78
C4B DGD WF . -27.82 -11.19 -11.87
C5B DGD WF . -26.53 -11.81 -12.35
C6B DGD WF . -25.81 -12.49 -11.19
C7B DGD WF . -24.86 -13.56 -11.71
C8B DGD WF . -23.90 -14.03 -10.62
C9B DGD WF . -22.99 -15.08 -11.19
CAB DGD WF . -22.01 -15.61 -10.47
CBB DGD WF . -21.11 -16.67 -11.07
CCB DGD WF . -20.20 -16.01 -12.07
CDB DGD WF . -19.50 -16.72 -12.95
CEB DGD WF . -19.57 -18.23 -13.00
CFB DGD WF . -18.46 -18.75 -13.88
CGB DGD WF . -18.00 -20.00 -13.72
CHB DGD WF . -16.89 -20.52 -14.58
CIB DGD WF . -17.01 -22.02 -14.73
O1B DGD WF . -29.02 -7.79 -14.01
O1G DGD WF . -25.49 -4.86 -14.69
C1G DGD WF . -26.70 -4.45 -14.05
C2G DGD WF . -27.76 -5.54 -14.13
O2G DGD WF . -27.62 -6.39 -12.99
C3G DGD WF . -29.17 -4.95 -14.19
O3G DGD WF . -29.69 -4.77 -12.88
C1D DGD WF . -31.08 -4.45 -12.88
C2D DGD WF . -31.58 -4.30 -11.46
O2D DGD WF . -31.66 -5.62 -10.88
C3D DGD WF . -32.95 -3.65 -11.36
O3D DGD WF . -33.20 -3.26 -10.00
C4D DGD WF . -33.07 -2.43 -12.27
O4D DGD WF . -32.28 -1.35 -11.79
C5D DGD WF . -32.64 -2.82 -13.67
O5D DGD WF . -33.94 -0.97 -14.61
C6D DGD WF . -32.73 -1.69 -14.70
O6D DGD WF . -31.28 -3.24 -13.62
C1E DGD WF . -34.39 -0.61 -15.92
C2E DGD WF . -35.30 0.61 -15.88
O2E DGD WF . -34.62 1.69 -15.23
C3E DGD WF . -36.61 0.30 -15.15
O3E DGD WF . -37.52 1.39 -15.33
C4E DGD WF . -37.24 -0.98 -15.69
O4E DGD WF . -37.72 -0.78 -17.02
C5E DGD WF . -36.20 -2.10 -15.69
O6E DGD WF . -35.08 -1.71 -16.49
C6E DGD WF . -36.77 -3.42 -16.22
O5E DGD WF . -35.70 -4.30 -16.57
HA21 DGD WF . -25.30 -7.30 -16.32
HA22 DGD WF . -23.76 -6.49 -16.03
HA31 DGD WF . -23.98 -5.42 -18.34
HA32 DGD WF . -25.38 -6.45 -18.61
HA41 DGD WF . -22.69 -7.60 -17.80
HA42 DGD WF . -23.09 -7.27 -19.49
HA51 DGD WF . -25.28 -8.72 -18.28
HA52 DGD WF . -23.78 -9.55 -17.88
HA61 DGD WF . -24.62 -8.75 -20.70
HA62 DGD WF . -24.85 -10.36 -20.00
HA71 DGD WF . -22.34 -10.46 -19.63
HA72 DGD WF . -22.19 -8.97 -20.56
HA81 DGD WF . -21.95 -10.40 -22.32
HA82 DGD WF . -23.71 -10.45 -22.29
HA91 DGD WF . -23.21 -12.54 -20.51
HAT1 DGD WF . -21.70 -12.63 -23.15
HAE1 DGD WF . -21.78 -14.61 -20.89
HAE2 DGD WF . -21.40 -14.97 -22.58
HAW1 DGD WF . -24.07 -14.69 -22.98
HAH1 DGD WF . -25.04 -16.31 -21.57
HAF1 DGD WF . -23.00 -15.71 -19.50
HAF2 DGD WF . -22.49 -17.12 -20.43
HAN1 DGD WF . -24.76 -16.92 -18.43
HAS1 DGD WF . -25.33 -19.15 -18.96
HAV1 DGD WF . -23.00 -19.17 -20.91
HAV2 DGD WF . -24.59 -19.05 -21.70
HAG1 DGD WF . -23.71 -21.16 -19.74
HAG2 DGD WF . -25.32 -21.03 -20.36
HAG3 DGD WF . -24.00 -21.39 -21.42
HB21 DGD WF . -28.08 -8.55 -11.25
HB22 DGD WF . -26.63 -8.76 -12.25
HB31 DGD WF . -27.91 -10.23 -13.80
HB32 DGD WF . -29.36 -10.01 -12.81
HB41 DGD WF . -28.61 -11.95 -11.82
HB42 DGD WF . -27.67 -10.80 -10.86
HB51 DGD WF . -25.88 -11.04 -12.79
HB52 DGD WF . -26.74 -12.55 -13.12
HB61 DGD WF . -26.55 -12.94 -10.52
HB62 DGD WF . -25.25 -11.75 -10.62
HB71 DGD WF . -24.30 -13.18 -12.55
HB72 DGD WF . -25.44 -14.41 -12.05
HB81 DGD WF . -24.46 -14.43 -9.77
HB82 DGD WF . -23.30 -13.18 -10.27
HB91 DGD WF . -23.15 -15.43 -12.20
HBT1 DGD WF . -21.84 -15.27 -9.45
HBE1 DGD WF . -21.73 -17.43 -11.56
HBE2 DGD WF . -20.54 -17.15 -10.28
HBW1 DGD WF . -20.11 -14.94 -12.07
HBH1 DGD WF . -18.85 -16.21 -13.64
HBF1 DGD WF . -20.53 -18.54 -13.40
HBF2 DGD WF . -19.47 -18.65 -11.99
HBN1 DGD WF . -18.03 -18.13 -14.64
HBS1 DGD WF . -18.42 -20.63 -12.95
HBV1 DGD WF . -15.92 -20.28 -14.14
HBV2 DGD WF . -16.93 -20.05 -15.57
HBG1 DGD WF . -17.17 -22.46 -13.78
HBG2 DGD WF . -17.82 -22.25 -15.37
HBG3 DGD WF . -16.11 -22.40 -15.15
HG11 DGD WF . -26.50 -4.23 -13.00
HG12 DGD WF . -27.06 -3.53 -14.52
HG2 DGD WF . -27.60 -6.12 -15.04
HG31 DGD WF . -29.83 -5.63 -14.75
HG32 DGD WF . -29.15 -4.00 -14.72
HD1 DGD WF . -31.64 -5.26 -13.36
HD2 DGD WF . -30.85 -3.70 -10.89
HO2D DGD WF . -30.82 -6.08 -11.03
HD3 DGD WF . -33.70 -4.39 -11.66
HO3D DGD WF . -32.60 -2.55 -9.75
HD4 DGD WF . -34.13 -2.13 -12.30
HO4D DGD WF . -31.34 -1.57 -11.88
HD5 DGD WF . -33.27 -3.65 -14.01
HD61 DGD WF . -32.64 -2.13 -15.69
HD62 DGD WF . -31.89 -1.01 -14.55
HE1 DGD WF . -33.52 -0.36 -16.54
HE2 DGD WF . -35.54 0.90 -16.92
HO2E DGD WF . -35.06 2.53 -15.44
HE3 DGD WF . -36.39 0.17 -14.09
HO3E DGD WF . -37.19 2.17 -14.88
HE4 DGD WF . -38.07 -1.27 -15.03
HO4E DGD WF . -38.39 -0.07 -17.02
HE5 DGD WF . -35.88 -2.27 -14.65
HE61 DGD WF . -37.41 -3.23 -17.08
HE62 DGD WF . -37.38 -3.89 -15.44
HO5E DGD WF . -35.18 -3.90 -17.30
C1 BCR XF . -31.48 -22.89 -27.40
C2 BCR XF . -30.55 -23.98 -27.94
C3 BCR XF . -31.34 -25.11 -28.58
C4 BCR XF . -32.15 -25.76 -27.49
C5 BCR XF . -33.01 -24.76 -26.74
C6 BCR XF . -32.79 -23.42 -26.86
C7 BCR XF . -33.78 -22.37 -26.47
C8 BCR XF . -34.87 -21.84 -25.96
C9 BCR XF . -35.15 -20.42 -25.82
C10 BCR XF . -34.15 -19.41 -26.07
C11 BCR XF . -32.83 -18.95 -25.79
C33 BCR XF . -34.05 -25.39 -25.85
C31 BCR XF . -31.85 -21.93 -28.54
C32 BCR XF . -30.76 -22.12 -26.31
C34 BCR XF . -36.50 -20.00 -25.34
C12 BCR XF . -31.78 -18.45 -25.50
C13 BCR XF . -30.51 -17.86 -25.78
C14 BCR XF . -30.48 -16.57 -26.22
C15 BCR XF . -31.69 -15.84 -26.46
C16 BCR XF . -32.37 -14.74 -26.86
C17 BCR XF . -31.84 -13.66 -27.33
C18 BCR XF . -32.37 -12.62 -28.02
C19 BCR XF . -33.81 -12.44 -28.29
C20 BCR XF . -34.82 -11.84 -28.89
C21 BCR XF . -35.34 -10.79 -29.70
C22 BCR XF . -36.59 -10.57 -30.15
C23 BCR XF . -36.71 -9.38 -31.01
C24 BCR XF . -37.97 -8.90 -31.66
C25 BCR XF . -38.03 -7.65 -32.47
C26 BCR XF . -39.21 -7.09 -32.62
C27 BCR XF . -39.36 -5.82 -31.83
C28 BCR XF . -38.03 -5.52 -31.09
C29 BCR XF . -36.76 -5.67 -31.93
C30 BCR XF . -36.87 -6.77 -32.99
C35 BCR XF . -29.23 -18.59 -25.54
C36 BCR XF . -31.47 -11.54 -28.55
C37 BCR XF . -37.73 -11.45 -29.72
C38 BCR XF . -40.33 -7.62 -33.47
C39 BCR XF . -35.59 -7.55 -33.27
C40 BCR XF . -37.30 -6.06 -34.27
HC21 BCR XF . -29.86 -23.56 -28.68
HC22 BCR XF . -29.96 -24.38 -27.12
HC31 BCR XF . -31.99 -24.73 -29.37
HC32 BCR XF . -30.66 -25.85 -29.02
HC41 BCR XF . -32.79 -26.53 -27.92
HC42 BCR XF . -31.48 -26.24 -26.77
HC7 BCR XF . -34.38 -23.21 -26.24
HC8 BCR XF . -35.69 -22.50 -25.71
H331 BCR XF . -34.99 -25.34 -26.34
H332 BCR XF . -34.09 -24.90 -24.92
H333 BCR XF . -33.81 -26.42 -25.70
H311 BCR XF . -31.00 -21.76 -29.15
H312 BCR XF . -32.62 -22.36 -29.12
H313 BCR XF . -32.17 -21.01 -28.14
H321 BCR XF . -30.32 -22.79 -25.63
H322 BCR XF . -31.43 -21.48 -25.80
H323 BCR XF . -29.99 -21.53 -26.75
H341 BCR XF . -37.24 -20.64 -25.78
H342 BCR XF . -36.69 -18.99 -25.62
H343 BCR XF . -36.55 -20.09 -24.29
H14C BCR XF . -29.53 -16.11 -26.42
H15C BCR XF . -32.65 -16.29 -26.27
H16C BCR XF . -33.38 -15.10 -26.71
H17C BCR XF . -30.76 -13.67 -27.32
H19C BCR XF . -34.27 -13.28 -27.83
H21C BCR XF . -34.37 -10.35 -29.85
H23C BCR XF . -35.80 -8.86 -31.19
H24C BCR XF . -38.89 -9.38 -31.41
H271 BCR XF . -40.16 -5.95 -31.09
H272 BCR XF . -39.61 -4.99 -32.48
H281 BCR XF . -37.97 -6.17 -30.22
H282 BCR XF . -38.08 -4.50 -30.73
H291 BCR XF . -36.53 -4.73 -32.42
H292 BCR XF . -35.93 -5.90 -31.26
H351 BCR XF . -28.68 -18.13 -24.77
H352 BCR XF . -28.66 -18.60 -26.43
H353 BCR XF . -29.44 -19.59 -25.25
H361 BCR XF . -31.87 -10.61 -28.25
H362 BCR XF . -31.44 -11.60 -29.60
H363 BCR XF . -30.51 -11.65 -28.15
H371 BCR XF . -37.56 -12.44 -30.07
H372 BCR XF . -38.64 -11.08 -30.10
H373 BCR XF . -37.78 -11.46 -28.66
H381 BCR XF . -40.42 -8.67 -33.33
H382 BCR XF . -40.10 -7.43 -34.50
H383 BCR XF . -41.23 -7.15 -33.21
H391 BCR XF . -35.20 -7.25 -34.21
H392 BCR XF . -35.81 -8.59 -33.33
H393 BCR XF . -34.87 -7.37 -32.52
H401 BCR XF . -36.46 -5.64 -34.75
H402 BCR XF . -38.00 -5.30 -34.06
H403 BCR XF . -37.73 -6.77 -34.93
C46 PGT YF . -33.78 -31.54 14.54
C45 PGT YF . -34.36 -30.84 13.29
C44 PGT YF . -33.45 -29.70 12.72
C43 PGT YF . -34.06 -28.25 12.76
C42 PGT YF . -33.09 -27.12 13.29
C41 PGT YF . -33.78 -25.81 13.80
C40 PGT YF . -32.89 -24.83 14.65
C39 PGT YF . -33.57 -24.24 15.95
C38 PGT YF . -33.04 -24.82 17.32
C37 PGT YF . -33.95 -24.63 18.60
C36 PGT YF . -35.51 -24.72 18.38
C35 PGT YF . -36.39 -24.93 19.67
C34 PGT YF . -35.77 -24.41 21.03
C33 PGT YF . -36.76 -24.38 22.25
C32 PGT YF . -36.53 -25.49 23.37
C31 PGT YF . -37.67 -25.56 24.43
O31 PGT YF . -37.78 -26.54 25.16
O2 PGT YF . -38.61 -24.52 24.59
C2 PGT YF . -39.71 -24.69 25.55
C1 PGT YF . -40.96 -23.87 25.00
O3P PGT YF . -42.13 -24.65 25.03
P PGT YF . -43.61 -24.05 24.42
O1P PGT YF . -44.32 -25.16 23.66
O2P PGT YF . -43.30 -22.82 23.60
O4P PGT YF . -44.61 -23.64 25.75
C4 PGT YF . -44.47 -24.29 26.99
C5 PGT YF . -45.45 -25.53 27.10
O5 PGT YF . -44.80 -26.47 27.94
C6 PGT YF . -46.83 -25.18 27.78
O6 PGT YF . -47.66 -26.32 27.70
C3 PGT YF . -39.22 -24.12 26.96
O3 PGT YF . -40.19 -24.45 27.99
C11 PGT YF . -40.16 -25.72 28.56
O11 PGT YF . -39.07 -26.25 28.75
C12 PGT YF . -41.46 -26.44 28.92
H461 PGT YF . -34.52 -32.18 15.06
H462 PGT YF . -33.43 -30.83 15.31
H451 PGT YF . -35.37 -30.45 13.54
H452 PGT YF . -34.53 -31.61 12.51
H441 PGT YF . -33.22 -29.96 11.67
H442 PGT YF . -32.49 -29.71 13.25
H431 PGT YF . -34.98 -28.26 13.39
H432 PGT YF . -34.41 -27.97 11.74
H421 PGT YF . -32.38 -26.84 12.48
H422 PGT YF . -32.47 -27.54 14.10
H411 PGT YF . -34.66 -26.11 14.41
H412 PGT YF . -34.19 -25.25 12.94
H401 PGT YF . -32.57 -23.97 14.01
H402 PGT YF . -31.96 -25.36 14.93
H391 PGT YF . -34.67 -24.41 15.88
H392 PGT YF . -33.44 -23.13 15.95
H381 PGT YF . -32.05 -24.36 17.52
H382 PGT YF . -32.84 -25.90 17.17
H371 PGT YF . -33.71 -23.66 19.08
H372 PGT YF . -33.65 -25.40 19.35
H361 PGT YF . -35.74 -25.54 17.66
H362 PGT YF . -35.84 -23.79 17.87
H351 PGT YF . -36.60 -26.01 19.77
H352 PGT YF . -37.37 -24.44 19.52
H341 PGT YF . -35.38 -23.39 20.87
H342 PGT YF . -34.89 -25.03 21.28
H331 PGT YF . -37.80 -24.46 21.87
H332 PGT YF . -36.71 -23.38 22.74
H321 PGT YF . -35.56 -25.30 23.87
H322 PGT YF . -36.44 -26.47 22.86
H2 PGT YF . -40.00 -25.75 25.62
H11 PGT YF . -40.78 -23.53 23.96
H12 PGT YF . -41.16 -22.95 25.59
H41 PGT YF . -44.70 -23.55 27.78
H42 PGT YF . -43.42 -24.60 27.12
H5 PGT YF . -45.64 -25.94 26.08
HO5 PGT YF . -45.48 -26.96 28.43
H61 PGT YF . -46.65 -24.93 28.86
H62 PGT YF . -47.32 -24.29 27.33
HO6 PGT YF . -48.49 -26.08 27.25
H31 PGT YF . -38.23 -24.53 27.22
H32 PGT YF . -39.13 -23.02 26.89
H121 PGT YF . -41.32 -27.47 29.31
H122 PGT YF . -42.19 -26.51 28.10
H013 PGT YF . -32.92 -32.19 14.31
H243 PGT YF . -42.01 -25.92 29.74
C1A DGD ZF . -10.66 -24.49 -41.57
C2A DGD ZF . -11.67 -23.96 -42.55
C3A DGD ZF . -11.79 -22.44 -42.46
C4A DGD ZF . -13.17 -21.98 -42.91
C5A DGD ZF . -13.10 -20.61 -43.60
C6A DGD ZF . -14.48 -20.06 -43.93
C7A DGD ZF . -15.25 -20.87 -44.96
C8A DGD ZF . -14.56 -20.91 -46.32
C9A DGD ZF . -13.67 -22.14 -46.43
CAA DGD ZF . -12.77 -22.22 -47.40
CBA DGD ZF . -11.87 -23.43 -47.51
CCA DGD ZF . -10.81 -23.34 -46.44
CDA DGD ZF . -9.74 -24.13 -46.48
CEA DGD ZF . -8.69 -24.00 -45.40
CFA DGD ZF . -7.56 -24.98 -45.61
CGA DGD ZF . -6.51 -24.94 -44.80
CHA DGD ZF . -5.36 -25.91 -44.99
CIA DGD ZF . -4.23 -25.56 -44.05
O1A DGD ZF . -10.59 -24.05 -40.44
C1B DGD ZF . -8.49 -28.32 -43.64
C2B DGD ZF . -9.99 -28.45 -43.49
C3B DGD ZF . -10.69 -27.55 -44.51
C4B DGD ZF . -12.17 -27.38 -44.16
C5B DGD ZF . -12.96 -26.89 -45.36
C6B DGD ZF . -14.02 -25.86 -44.96
C7B DGD ZF . -15.08 -26.44 -44.05
C8B DGD ZF . -15.97 -25.35 -43.48
C9B DGD ZF . -16.91 -24.81 -44.53
CAB DGD ZF . -17.92 -25.56 -44.96
CBB DGD ZF . -18.87 -25.01 -46.01
CCB DGD ZF . -19.56 -26.15 -46.73
CDB DGD ZF . -18.83 -27.01 -47.45
CEB DGD ZF . -19.51 -28.14 -48.17
CFB DGD ZF . -20.09 -29.13 -47.18
CGB DGD ZF . -20.75 -30.19 -47.63
CHB DGD ZF . -21.34 -31.19 -46.65
CIB DGD ZF . -22.01 -32.31 -47.41
O1B DGD ZF . -7.83 -29.25 -44.07
O1G DGD ZF . -9.77 -25.58 -41.96
C1G DGD ZF . -8.40 -25.58 -41.59
C2G DGD ZF . -7.80 -26.96 -41.88
O2G DGD ZF . -7.86 -27.18 -43.29
C3G DGD ZF . -6.36 -27.04 -41.41
O3G DGD ZF . -6.21 -27.81 -40.22
C1D DGD ZF . -6.37 -29.23 -40.29
C2D DGD ZF . -5.21 -29.90 -41.02
O2D DGD ZF . -5.24 -29.59 -42.42
C3D DGD ZF . -5.27 -31.42 -40.89
O3D DGD ZF . -4.08 -31.99 -41.44
C4D DGD ZF . -5.39 -31.82 -39.44
O4D DGD ZF . -4.20 -31.44 -38.74
C5D DGD ZF . -6.60 -31.13 -38.83
O5D DGD ZF . -6.96 -32.97 -37.31
C6D DGD ZF . -6.79 -31.55 -37.37
O6D DGD ZF . -6.44 -29.71 -38.94
C1E DGD ZF . -6.41 -33.60 -36.15
C2E DGD ZF . -5.47 -34.71 -36.61
O2E DGD ZF . -4.44 -34.17 -37.42
C3E DGD ZF . -6.24 -35.78 -37.37
O3E DGD ZF . -5.38 -36.86 -37.71
C4E DGD ZF . -7.40 -36.29 -36.52
O4E DGD ZF . -6.90 -37.05 -35.42
C5E DGD ZF . -8.26 -35.13 -36.01
O6E DGD ZF . -7.44 -34.16 -35.34
C6E DGD ZF . -9.30 -35.64 -35.01
O5E DGD ZF . -10.09 -36.67 -35.61
HA21 DGD ZF . -12.65 -24.41 -42.36
HA22 DGD ZF . -11.38 -24.24 -43.57
HA31 DGD ZF . -11.02 -21.98 -43.09
HA32 DGD ZF . -11.62 -22.12 -41.43
HA41 DGD ZF . -13.83 -21.91 -42.05
HA42 DGD ZF . -13.59 -22.71 -43.60
HA51 DGD ZF . -12.50 -20.70 -44.51
HA52 DGD ZF . -12.58 -19.92 -42.94
HA61 DGD ZF . -14.37 -19.03 -44.30
HA62 DGD ZF . -15.07 -20.00 -43.01
HA71 DGD ZF . -16.24 -20.43 -45.09
HA72 DGD ZF . -15.40 -21.89 -44.59
HA81 DGD ZF . -13.95 -20.02 -46.45
HA82 DGD ZF . -15.31 -20.94 -47.12
HA91 DGD ZF . -13.77 -22.95 -45.72
HAT1 DGD ZF . -12.66 -21.42 -48.10
HAE1 DGD ZF . -11.42 -23.48 -48.49
HAE2 DGD ZF . -12.47 -24.35 -47.36
HAW1 DGD ZF . -10.91 -22.62 -45.64
HAH1 DGD ZF . -9.62 -24.85 -47.27
HAF1 DGD ZF . -9.15 -24.17 -44.42
HAF2 DGD ZF . -8.29 -22.98 -45.39
HAN1 DGD ZF . -7.61 -25.70 -46.41
HAS1 DGD ZF . -6.47 -24.22 -44.01
HAV1 DGD ZF . -5.02 -25.87 -46.03
HAV2 DGD ZF . -5.71 -26.92 -44.79
HAG1 DGD ZF . -3.74 -24.68 -44.42
HAG2 DGD ZF . -4.62 -25.35 -43.09
HAG3 DGD ZF . -3.55 -26.35 -44.00
HB21 DGD ZF . -10.29 -28.17 -42.48
HB22 DGD ZF . -10.28 -29.48 -43.65
HB31 DGD ZF . -10.59 -27.99 -45.50
HB32 DGD ZF . -10.20 -26.58 -44.53
HB41 DGD ZF . -12.26 -26.67 -43.35
HB42 DGD ZF . -12.57 -28.34 -43.82
HB51 DGD ZF . -13.45 -27.74 -45.84
HB52 DGD ZF . -12.28 -26.44 -46.09
HB61 DGD ZF . -14.49 -25.46 -45.86
HB62 DGD ZF . -13.52 -25.02 -44.45
HB71 DGD ZF . -14.61 -26.99 -43.22
HB72 DGD ZF . -15.69 -27.16 -44.61
HB81 DGD ZF . -15.35 -24.53 -43.10
HB82 DGD ZF . -16.55 -25.74 -42.63
HB91 DGD ZF . -16.77 -23.83 -44.92
HBT1 DGD ZF . -18.07 -26.54 -44.56
HBE1 DGD ZF . -18.31 -24.41 -46.72
HBE2 DGD ZF . -19.62 -24.37 -45.54
HBW1 DGD ZF . -20.62 -26.25 -46.66
HBH1 DGD ZF . -17.77 -26.89 -47.51
HBF1 DGD ZF . -18.78 -28.65 -48.81
HBF2 DGD ZF . -20.30 -27.75 -48.82
HBN1 DGD ZF . -19.99 -28.96 -46.12
HBS1 DGD ZF . -20.85 -30.36 -48.69
HBV1 DGD ZF . -22.07 -30.68 -46.01
HBV2 DGD ZF . -20.55 -31.59 -46.02
HBG1 DGD ZF . -22.78 -31.91 -48.02
HBG2 DGD ZF . -21.29 -32.80 -48.02
HBG3 DGD ZF . -22.42 -33.00 -46.72
HG11 DGD ZF . -7.86 -24.81 -42.14
HG12 DGD ZF . -8.30 -25.36 -40.52
HG2 DGD ZF . -8.40 -27.71 -41.36
HG31 DGD ZF . -6.00 -26.02 -41.21
HG32 DGD ZF . -5.73 -27.44 -42.21
HD1 DGD ZF . -7.30 -29.48 -40.81
HD2 DGD ZF . -4.27 -29.55 -40.59
HO2D DGD ZF . -6.00 -30.04 -42.82
HD3 DGD ZF . -6.14 -31.79 -41.43
HO3D DGD ZF . -4.02 -31.77 -42.38
HD4 DGD ZF . -5.54 -32.91 -39.38
HO4D DGD ZF . -4.16 -31.88 -37.89
HD5 DGD ZF . -7.50 -31.44 -39.40
HD61 DGD ZF . -7.67 -31.04 -36.95
HD62 DGD ZF . -5.92 -31.22 -36.79
HE1 DGD ZF . -5.83 -32.89 -35.55
HE2 DGD ZF . -5.02 -35.17 -35.70
HO2E DGD ZF . -3.71 -34.81 -37.49
HE3 DGD ZF . -6.66 -35.32 -38.28
HO3E DGD ZF . -4.73 -36.56 -38.36
HE4 DGD ZF . -8.03 -36.92 -37.15
HO4E DGD ZF . -6.43 -37.83 -35.75
HE5 DGD ZF . -8.77 -34.67 -36.85
HE61 DGD ZF . -9.95 -34.80 -34.72
HE62 DGD ZF . -8.81 -36.02 -34.12
HO5E DGD ZF . -10.74 -36.99 -34.97
C1A DGD AG . -28.91 -55.04 -32.62
C2A DGD AG . -28.07 -54.18 -33.54
C3A DGD AG . -27.65 -54.97 -34.77
C4A DGD AG . -27.30 -54.04 -35.91
C5A DGD AG . -28.32 -54.09 -37.05
C6A DGD AG . -29.73 -53.69 -36.59
C7A DGD AG . -30.60 -53.39 -37.81
C8A DGD AG . -32.08 -53.61 -37.54
C9A DGD AG . -32.63 -52.53 -36.62
CAA DGD AG . -33.94 -52.45 -36.42
CBA DGD AG . -34.51 -51.40 -35.51
CCA DGD AG . -33.88 -51.52 -34.14
CDA DGD AG . -34.25 -52.49 -33.29
CEA DGD AG . -35.33 -53.49 -33.63
CFA DGD AG . -35.25 -54.66 -32.66
CGA DGD AG . -34.32 -55.60 -32.79
CHA DGD AG . -33.30 -55.56 -33.90
CIA DGD AG . -32.44 -56.80 -33.86
O1A DGD AG . -28.40 -55.97 -32.01
C1B DGD AG . -30.56 -51.97 -32.44
C2B DGD AG . -29.38 -51.14 -31.99
C3B DGD AG . -29.28 -49.89 -32.86
C4B DGD AG . -28.53 -50.18 -34.15
C5B DGD AG . -28.86 -49.14 -35.22
C6B DGD AG . -30.11 -49.55 -36.01
C7B DGD AG . -30.49 -48.46 -37.00
C8B DGD AG . -31.69 -48.88 -37.85
C9B DGD AG . -32.13 -47.73 -38.71
CAB DGD AG . -32.67 -46.64 -38.15
CBB DGD AG . -33.11 -45.47 -39.00
CCB DGD AG . -33.46 -44.32 -38.08
CDB DGD AG . -33.82 -43.13 -38.55
CEB DGD AG . -33.92 -42.84 -40.03
CFB DGD AG . -33.90 -41.34 -40.25
CGB DGD AG . -34.88 -40.59 -39.76
CHB DGD AG . -34.84 -39.09 -39.98
CIB DGD AG . -35.99 -38.43 -39.25
O1B DGD AG . -30.72 -52.24 -33.61
O1G DGD AG . -30.34 -54.79 -32.48
C1G DGD AG . -30.94 -54.77 -31.20
C2G DGD AG . -30.98 -53.37 -30.60
O2G DGD AG . -31.47 -52.41 -31.54
C3G DGD AG . -31.94 -53.36 -29.42
O3G DGD AG . -33.27 -53.34 -29.96
C1D DGD AG . -34.23 -52.68 -29.15
C2D DGD AG . -34.42 -51.23 -29.64
O2D DGD AG . -33.26 -50.46 -29.30
C3D DGD AG . -35.66 -50.56 -29.03
O3D DGD AG . -35.93 -49.35 -29.73
C4D DGD AG . -36.87 -51.48 -29.09
O4D DGD AG . -37.28 -51.68 -30.45
C5D DGD AG . -36.49 -52.81 -28.45
O5D DGD AG . -38.29 -53.54 -27.03
C6D DGD AG . -37.67 -53.76 -28.30
O6D DGD AG . -35.46 -53.41 -29.23
C1E DGD AG . -39.54 -52.89 -27.11
C2E DGD AG . -39.74 -51.98 -25.90
O2E DGD AG . -38.66 -51.05 -25.82
C3E DGD AG . -39.82 -52.80 -24.62
O3E DGD AG . -40.15 -51.95 -23.52
C4E DGD AG . -40.86 -53.89 -24.75
O4E DGD AG . -42.17 -53.32 -24.80
C5E DGD AG . -40.62 -54.71 -26.02
O6E DGD AG . -40.60 -53.85 -27.16
C6E DGD AG . -41.72 -55.76 -26.21
O5E DGD AG . -41.87 -56.53 -25.03
HA21 DGD AG . -27.19 -53.83 -33.00
HA22 DGD AG . -28.65 -53.31 -33.85
HA31 DGD AG . -28.46 -55.64 -35.08
HA32 DGD AG . -26.79 -55.59 -34.53
HA41 DGD AG . -26.32 -54.31 -36.31
HA42 DGD AG . -27.22 -53.01 -35.54
HA51 DGD AG . -28.34 -55.10 -37.45
HA52 DGD AG . -28.01 -53.42 -37.85
HA61 DGD AG . -29.67 -52.81 -35.95
HA62 DGD AG . -30.17 -54.50 -36.02
HA71 DGD AG . -30.29 -54.03 -38.64
HA72 DGD AG . -30.43 -52.35 -38.11
HA81 DGD AG . -32.23 -54.59 -37.08
HA82 DGD AG . -32.63 -53.59 -38.48
HA91 DGD AG . -31.96 -51.84 -36.14
HAT1 DGD AG . -34.60 -53.15 -36.91
HAE1 DGD AG . -35.60 -51.50 -35.44
HAE2 DGD AG . -34.29 -50.40 -35.91
HAW1 DGD AG . -33.11 -50.84 -33.85
HAH1 DGD AG . -33.77 -52.55 -32.33
HAF1 DGD AG . -35.22 -53.85 -34.66
HAF2 DGD AG . -36.31 -53.02 -33.54
HAN1 DGD AG . -35.96 -54.72 -31.85
HAS1 DGD AG . -34.29 -56.41 -32.08
HAV1 DGD AG . -32.67 -54.67 -33.80
HAV2 DGD AG . -33.81 -55.49 -34.87
HAG1 DGD AG . -31.98 -56.88 -32.92
HAG2 DGD AG . -33.05 -57.65 -34.04
HAG3 DGD AG . -31.70 -56.74 -34.62
HB21 DGD AG . -28.47 -51.73 -32.06
HB22 DGD AG . -29.51 -50.85 -30.94
HB31 DGD AG . -28.76 -49.11 -32.30
HB32 DGD AG . -30.28 -49.53 -33.09
HB41 DGD AG . -28.79 -51.17 -34.52
HB42 DGD AG . -27.45 -50.16 -33.96
HB51 DGD AG . -28.02 -49.04 -35.90
HB52 DGD AG . -29.04 -48.17 -34.75
HB61 DGD AG . -30.94 -49.72 -35.31
HB62 DGD AG . -29.91 -50.48 -36.54
HB71 DGD AG . -29.64 -48.26 -37.65
HB72 DGD AG . -30.73 -47.54 -36.46
HB81 DGD AG . -32.52 -49.18 -37.20
HB82 DGD AG . -31.42 -49.73 -38.48
HB91 DGD AG . -32.00 -47.77 -39.78
HBT1 DGD AG . -32.79 -46.62 -37.08
HBE1 DGD AG . -33.99 -45.75 -39.59
HBE2 DGD AG . -32.31 -45.18 -39.67
HBW1 DGD AG . -33.41 -44.46 -37.01
HBH1 DGD AG . -34.06 -42.34 -37.85
HBF1 DGD AG . -34.84 -43.27 -40.43
HBF2 DGD AG . -33.07 -43.29 -40.55
HBN1 DGD AG . -33.09 -40.89 -40.80
HBS1 DGD AG . -35.68 -41.03 -39.19
HBV1 DGD AG . -34.91 -38.88 -41.05
HBV2 DGD AG . -33.89 -38.69 -39.61
HBG1 DGD AG . -36.91 -38.85 -39.57
HBG2 DGD AG . -35.87 -38.59 -38.21
HBG3 DGD AG . -35.98 -37.39 -39.46
HG11 DGD AG . -31.96 -55.15 -31.27
HG12 DGD AG . -30.40 -55.43 -30.52
HG2 DGD AG . -29.97 -53.09 -30.25
HG31 DGD AG . -31.77 -52.48 -28.80
HG32 DGD AG . -31.80 -54.25 -28.81
HD1 DGD AG . -33.89 -52.65 -28.11
HD2 DGD AG . -34.54 -51.25 -30.73
HO2D DGD AG . -32.53 -50.71 -29.87
HD3 DGD AG . -35.44 -50.34 -27.97
HO3D DGD AG . -35.17 -48.75 -29.64
HD4 DGD AG . -37.69 -51.02 -28.52
HO4D DGD AG . -36.59 -52.16 -30.94
HD5 DGD AG . -36.10 -52.57 -27.45
HD61 DGD AG . -37.31 -54.79 -28.35
HD62 DGD AG . -38.38 -53.61 -29.11
HE1 DGD AG . -39.59 -52.25 -28.01
HE2 DGD AG . -40.69 -51.44 -26.02
HO2E DGD AG . -37.82 -51.53 -25.72
HE3 DGD AG . -38.83 -53.27 -24.44
HO3E DGD AG . -39.47 -51.26 -23.42
HE4 DGD AG . -40.78 -54.57 -23.89
HO4E DGD AG . -42.36 -52.88 -23.95
HE5 DGD AG . -39.66 -55.23 -25.93
HE61 DGD AG . -41.46 -56.42 -27.04
HE62 DGD AG . -42.66 -55.26 -26.46
HO5E DGD AG . -42.57 -57.18 -25.15
O1 LHG BG . -56.63 -28.70 -14.90
C1 LHG BG . -56.65 -29.69 -15.94
C2 LHG BG . -56.74 -29.01 -17.30
O2 LHG BG . -57.26 -27.68 -17.15
C3 LHG BG . -57.66 -29.79 -18.24
O3 LHG BG . -57.00 -30.98 -18.67
P LHG BG . -57.78 -32.38 -18.77
O4 LHG BG . -57.95 -32.95 -17.37
O5 LHG BG . -58.97 -32.21 -19.66
O6 LHG BG . -56.69 -33.28 -19.55
C4 LHG BG . -57.05 -34.47 -20.24
C5 LHG BG . -56.45 -34.42 -21.64
C6 LHG BG . -57.40 -33.72 -22.61
O7 LHG BG . -55.22 -33.70 -21.60
C7 LHG BG . -54.19 -34.46 -22.02
O9 LHG BG . -53.90 -34.47 -23.20
C8 LHG BG . -53.44 -35.30 -21.02
C9 LHG BG . -51.94 -35.25 -21.28
C10 LHG BG . -51.18 -34.73 -20.06
O8 LHG BG . -56.76 -32.58 -23.19
C23 LHG BG . -57.24 -31.36 -22.98
O10 LHG BG . -57.57 -31.03 -21.85
C24 LHG BG . -57.40 -30.43 -24.15
C11 LHG BG . -49.72 -35.18 -20.10
C12 LHG BG . -49.05 -35.00 -18.75
C13 LHG BG . -47.66 -35.62 -18.78
C14 LHG BG . -46.87 -35.32 -17.51
C15 LHG BG . -45.46 -35.90 -17.63
C16 LHG BG . -44.61 -35.52 -16.42
C17 LHG BG . -43.17 -35.99 -16.62
C18 LHG BG . -42.39 -35.00 -17.47
C25 LHG BG . -58.85 -30.48 -24.62
C26 LHG BG . -58.98 -30.63 -26.13
C27 LHG BG . -59.32 -32.05 -26.57
C28 LHG BG . -58.14 -33.01 -26.46
C29 LHG BG . -57.26 -32.96 -27.71
C30 LHG BG . -55.90 -33.60 -27.46
C31 LHG BG . -54.87 -32.56 -27.02
C32 LHG BG . -54.14 -31.90 -28.19
C33 LHG BG . -53.19 -32.85 -28.90
C34 LHG BG . -51.96 -32.13 -29.44
C35 LHG BG . -52.31 -31.15 -30.57
C36 LHG BG . -51.93 -29.73 -30.19
C37 LHG BG . -52.60 -28.70 -31.10
C38 LHG BG . -51.77 -27.44 -31.20
HO1 LHG BG . -56.51 -29.13 -14.04
HC11 LHG BG . -55.73 -30.28 -15.89
HC12 LHG BG . -57.50 -30.36 -15.80
HC2 LHG BG . -55.73 -28.97 -17.75
H02 LHG BG . -56.63 -27.14 -16.65
HC31 LHG BG . -58.59 -30.05 -17.73
HC32 LHG BG . -57.89 -29.18 -19.11
HC41 LHG BG . -56.65 -35.35 -19.71
HC42 LHG BG . -58.14 -34.58 -20.29
HC5 LHG BG . -56.28 -35.44 -22.00
HC61 LHG BG . -58.31 -33.40 -22.10
HC62 LHG BG . -57.68 -34.41 -23.41
HC81 LHG BG . -53.79 -36.33 -21.06
HC82 LHG BG . -53.66 -34.92 -20.01
HC91 LHG BG . -51.75 -34.60 -22.14
HC92 LHG BG . -51.59 -36.25 -21.53
H101 LHG BG . -51.65 -35.11 -19.14
H102 LHG BG . -51.24 -33.64 -20.04
H241 LHG BG . -56.72 -30.73 -24.95
H242 LHG BG . -57.14 -29.41 -23.85
H111 LHG BG . -49.19 -34.59 -20.84
H112 LHG BG . -49.67 -36.22 -20.40
H121 LHG BG . -49.65 -35.47 -17.97
H122 LHG BG . -48.97 -33.93 -18.51
H131 LHG BG . -47.12 -35.25 -19.65
H132 LHG BG . -47.75 -36.71 -18.88
H141 LHG BG . -47.38 -35.74 -16.65
H142 LHG BG . -46.80 -34.23 -17.37
H151 LHG BG . -45.00 -35.54 -18.54
H152 LHG BG . -45.53 -36.99 -17.69
H161 LHG BG . -45.02 -35.97 -15.51
H162 LHG BG . -44.62 -34.43 -16.29
H171 LHG BG . -43.17 -36.96 -17.10
H172 LHG BG . -42.68 -36.09 -15.64
H251 LHG BG . -59.36 -29.57 -24.29
H252 LHG BG . -59.35 -31.33 -24.13
H261 LHG BG . -58.06 -30.30 -26.61
H262 LHG BG . -59.79 -29.96 -26.47
H271 LHG BG . -59.65 -32.02 -27.61
H272 LHG BG . -60.15 -32.43 -25.98
H281 LHG BG . -58.51 -34.02 -26.34
H282 LHG BG . -57.54 -32.76 -25.59
H291 LHG BG . -57.76 -33.49 -28.52
H292 LHG BG . -57.13 -31.92 -28.03
H301 LHG BG . -55.55 -34.09 -28.37
H302 LHG BG . -55.99 -34.36 -26.68
H311 LHG BG . -54.14 -33.03 -26.36
H312 LHG BG . -55.38 -31.79 -26.44
H321 LHG BG . -53.57 -31.05 -27.82
H322 LHG BG . -54.87 -31.52 -28.90
H331 LHG BG . -53.71 -33.34 -29.73
H332 LHG BG . -52.87 -33.64 -28.22
H341 LHG BG . -51.25 -32.86 -29.82
H342 LHG BG . -51.48 -31.58 -28.62
H351 LHG BG . -53.37 -31.20 -30.79
H352 LHG BG . -51.77 -31.45 -31.47
H361 LHG BG . -50.84 -29.61 -30.25
H362 LHG BG . -52.23 -29.54 -29.16
H371 LHG BG . -53.59 -28.45 -30.71
H372 LHG BG . -52.74 -29.12 -32.09
H381 LHG BG . -52.28 -26.73 -31.79
H382 LHG BG . -50.83 -27.67 -31.64
H383 LHG BG . -51.60 -27.04 -30.23
CA CA CG . -25.95 -53.93 -22.24
CA CA DG . -32.18 -56.57 -25.65
O13 3PH EG . -19.98 -34.52 27.01
P 3PH EG . -20.08 -35.12 28.40
O14 3PH EG . -21.46 -34.87 28.96
O12 3PH EG . -19.05 -34.48 29.29
O11 3PH EG . -19.81 -36.74 28.32
C1 3PH EG . -18.68 -37.20 27.63
C2 3PH EG . -18.12 -38.42 28.36
O21 3PH EG . -17.18 -37.99 29.29
C21 3PH EG . -17.65 -37.99 30.62
O22 3PH EG . -18.70 -37.47 30.87
C22 3PH EG . -16.82 -38.61 31.73
C23 3PH EG . -16.98 -40.13 31.70
C24 3PH EG . -15.95 -40.78 30.78
C25 3PH EG . -16.56 -42.05 30.20
C26 3PH EG . -15.52 -42.95 29.52
C27 3PH EG . -14.74 -42.21 28.43
C28 3PH EG . -14.34 -43.20 27.33
C29 3PH EG . -13.28 -42.59 26.41
C2A 3PH EG . -11.88 -43.01 26.84
C2B 3PH EG . -11.51 -44.38 26.27
C2C 3PH EG . -10.56 -44.25 25.08
C2D 3PH EG . -9.12 -44.03 25.55
C2E 3PH EG . -8.44 -45.37 25.85
C2F 3PH EG . -7.75 -45.91 24.59
C2G 3PH EG . -7.72 -47.43 24.60
C2H 3PH EG . -6.94 -47.96 25.81
C2I 3PH EG . -6.71 -49.46 25.65
C3 3PH EG . -17.44 -39.36 27.36
O31 3PH EG . -18.39 -40.05 26.61
C31 3PH EG . -18.09 -41.41 26.43
O32 3PH EG . -17.40 -41.75 25.53
C32 3PH EG . -18.65 -42.45 27.40
C33 3PH EG . -19.81 -43.22 26.77
C34 3PH EG . -19.96 -44.55 27.50
C35 3PH EG . -21.42 -45.01 27.49
C36 3PH EG . -22.19 -44.30 28.62
C37 3PH EG . -23.57 -43.90 28.12
C38 3PH EG . -24.34 -43.20 29.24
C39 3PH EG . -25.46 -42.31 28.65
C3A 3PH EG . -25.51 -40.97 29.37
C3B 3PH EG . -26.11 -39.86 28.50
C3C 3PH EG . -25.25 -39.53 27.27
C3D 3PH EG . -23.85 -39.05 27.66
C3E 3PH EG . -22.85 -40.18 27.41
C3F 3PH EG . -21.47 -39.82 27.98
C3G 3PH EG . -21.27 -40.42 29.36
C3H 3PH EG . -21.76 -39.47 30.45
C3I 3PH EG . -21.14 -39.87 31.78
H11 3PH EG . -18.01 -36.50 27.61
H12 3PH EG . -18.93 -37.45 26.72
H2 3PH EG . -18.84 -38.89 28.80
H221 3PH EG . -17.11 -38.27 32.59
H222 3PH EG . -15.89 -38.38 31.60
H231 3PH EG . -17.88 -40.35 31.40
H232 3PH EG . -16.86 -40.48 32.61
H241 3PH EG . -15.15 -40.99 31.28
H242 3PH EG . -15.74 -40.16 30.06
H251 3PH EG . -17.24 -41.80 29.55
H252 3PH EG . -16.98 -42.55 30.91
H261 3PH EG . -15.97 -43.71 29.12
H262 3PH EG . -14.90 -43.27 30.19
H271 3PH EG . -13.94 -41.82 28.81
H272 3PH EG . -15.30 -41.51 28.04
H281 3PH EG . -15.13 -43.42 26.80
H282 3PH EG . -13.99 -44.01 27.73
H291 3PH EG . -13.35 -41.62 26.45
H292 3PH EG . -13.45 -42.88 25.50
H2A1 3PH EG . -11.84 -43.05 27.81
H2A2 3PH EG . -11.23 -42.35 26.53
H2B1 3PH EG . -12.32 -44.83 25.97
H2B2 3PH EG . -11.08 -44.92 26.96
H2C1 3PH EG . -10.83 -43.49 24.53
H2C2 3PH EG . -10.59 -45.06 24.54
H2D1 3PH EG . -9.12 -43.49 26.36
H2D2 3PH EG . -8.62 -43.56 24.87
H2E1 3PH EG . -9.10 -46.01 26.15
H2E2 3PH EG . -7.77 -45.25 26.54
H2F1 3PH EG . -6.84 -45.56 24.56
H2F2 3PH EG . -8.23 -45.61 23.81
H2G1 3PH EG . -7.29 -47.75 23.79
H2G2 3PH EG . -8.63 -47.78 24.63
H2H1 3PH EG . -7.46 -47.80 26.62
H2H2 3PH EG . -6.09 -47.50 25.88
H2I1 3PH EG . -6.37 -49.83 26.48
H2I2 3PH EG . -6.05 -49.62 24.95
H2I3 3PH EG . -7.54 -49.90 25.42
H31 3PH EG . -16.89 -39.99 27.85
H32 3PH EG . -16.87 -38.84 26.76
H321 3PH EG . -18.97 -42.00 28.19
H322 3PH EG . -17.96 -43.06 27.64
H331 3PH EG . -19.62 -43.37 25.83
H332 3PH EG . -20.63 -42.70 26.85
H341 3PH EG . -19.65 -44.46 28.41
H342 3PH EG . -19.42 -45.22 27.04
H351 3PH EG . -21.46 -45.96 27.63
H352 3PH EG . -21.83 -44.78 26.65
H361 3PH EG . -21.70 -43.51 28.89
H362 3PH EG . -22.28 -44.89 29.38
H371 3PH EG . -24.06 -44.69 27.85
H372 3PH EG . -23.48 -43.31 27.36
H381 3PH EG . -23.73 -42.65 29.75
H382 3PH EG . -24.74 -43.86 29.83
H391 3PH EG . -26.30 -42.77 28.77
H392 3PH EG . -25.31 -42.18 27.70
H3A1 3PH EG . -24.62 -40.71 29.66
H3A2 3PH EG . -26.07 -41.07 30.16
H3B1 3PH EG . -26.20 -39.06 29.04
H3B2 3PH EG . -26.99 -40.13 28.20
H3C1 3PH EG . -25.69 -38.81 26.78
H3C2 3PH EG . -25.18 -40.30 26.70
H3D1 3PH EG . -23.84 -38.80 28.60
H3D2 3PH EG . -23.61 -38.29 27.11
H3E1 3PH EG . -22.77 -40.33 26.45
H3E2 3PH EG . -23.18 -41.00 27.82
H3F1 3PH EG . -21.39 -38.86 28.02
H3F2 3PH EG . -20.79 -40.17 27.38
H3G1 3PH EG . -20.33 -40.60 29.50
H3G2 3PH EG . -21.76 -41.26 29.44
H3H1 3PH EG . -22.73 -39.52 30.51
H3H2 3PH EG . -21.49 -38.56 30.23
H3I1 3PH EG . -21.58 -39.39 32.51
H3I2 3PH EG . -20.20 -39.65 31.78
H3I3 3PH EG . -21.25 -40.83 31.92
C1 BCR FG . 6.10 -23.82 33.10
C2 BCR FG . 7.55 -24.16 32.74
C3 BCR FG . 8.59 -23.93 33.82
C4 BCR FG . 8.45 -22.53 34.38
C5 BCR FG . 7.03 -22.37 34.83
C6 BCR FG . 6.06 -22.53 33.93
C7 BCR FG . 5.04 -21.44 33.93
C8 BCR FG . 3.93 -21.39 33.21
C9 BCR FG . 2.95 -20.32 33.25
C10 BCR FG . 1.80 -20.43 32.38
C11 BCR FG . 1.32 -20.98 31.15
C33 BCR FG . 6.71 -22.06 36.26
C31 BCR FG . 5.50 -24.91 33.97
C32 BCR FG . 5.38 -23.75 31.76
C34 BCR FG . 3.11 -19.13 34.14
C12 BCR FG . 0.89 -21.45 30.13
C13 BCR FG . 0.48 -21.26 28.78
C14 BCR FG . -0.56 -22.00 28.28
C15 BCR FG . -1.04 -21.82 26.95
C16 BCR FG . -1.90 -22.07 25.93
C17 BCR FG . -2.87 -22.92 25.97
C18 BCR FG . -3.96 -23.09 25.18
C19 BCR FG . -4.29 -22.43 23.90
C20 BCR FG . -5.10 -22.15 22.89
C21 BCR FG . -6.31 -22.32 22.13
C22 BCR FG . -6.67 -21.75 20.96
C23 BCR FG . -7.94 -22.12 20.31
C24 BCR FG . -8.34 -21.81 18.89
C25 BCR FG . -9.56 -22.26 18.18
C26 BCR FG . -9.51 -22.28 16.86
C27 BCR FG . -10.58 -21.64 16.03
C28 BCR FG . -11.91 -21.50 16.75
C29 BCR FG . -12.02 -22.08 18.17
C30 BCR FG . -10.84 -22.80 18.82
C35 BCR FG . 1.21 -20.23 27.99
C36 BCR FG . -4.98 -24.10 25.60
C37 BCR FG . -5.72 -20.79 20.32
C38 BCR FG . -8.41 -22.99 16.12
C39 BCR FG . -10.88 -24.32 18.67
C40 BCR FG . -11.02 -22.42 20.29
HC21 BCR FG . 7.59 -25.21 32.45
HC22 BCR FG . 7.83 -23.59 31.85
HC31 BCR FG . 8.47 -24.65 34.62
HC32 BCR FG . 9.59 -24.05 33.41
HC41 BCR FG . 9.13 -22.37 35.22
HC42 BCR FG . 8.68 -21.79 33.61
HC7 BCR FG . 5.22 -20.63 34.60
HC8 BCR FG . 3.69 -22.19 32.54
H331 BCR FG . 5.73 -22.40 36.48
H332 BCR FG . 6.78 -21.02 36.43
H333 BCR FG . 7.40 -22.57 36.89
H311 BCR FG . 4.48 -24.68 34.18
H312 BCR FG . 6.04 -24.99 34.87
H313 BCR FG . 5.52 -25.83 33.45
H321 BCR FG . 4.40 -24.11 31.87
H322 BCR FG . 5.89 -24.37 31.07
H323 BCR FG . 5.38 -22.75 31.39
H341 BCR FG . 2.29 -18.46 33.99
H342 BCR FG . 4.01 -18.63 33.91
H343 BCR FG . 3.13 -19.44 35.15
H14C BCR FG . -1.04 -22.73 28.92
H16C BCR FG . -1.49 -21.36 25.23
H17C BCR FG . -2.95 -23.47 26.90
H19C BCR FG . -3.45 -21.77 23.73
H21C BCR FG . -6.72 -23.02 22.83
H23C BCR FG . -8.61 -22.73 20.87
H24C BCR FG . -7.57 -21.36 18.31
H271 BCR FG . -10.74 -22.24 15.12
H272 BCR FG . -10.23 -20.65 15.71
H281 BCR FG . -12.69 -21.94 16.14
H282 BCR FG . -12.13 -20.43 16.81
H291 BCR FG . -12.24 -21.23 18.80
H292 BCR FG . -12.89 -22.72 18.20
H351 BCR FG . 1.09 -20.40 26.95
H352 BCR FG . 2.24 -20.29 28.23
H353 BCR FG . 0.86 -19.27 28.25
H361 BCR FG . -5.67 -24.23 24.80
H362 BCR FG . -5.47 -23.77 26.47
H363 BCR FG . -4.48 -25.02 25.77
H371 BCR FG . -6.08 -20.46 19.37
H372 BCR FG . -4.77 -21.23 20.20
H373 BCR FG . -5.65 -19.95 20.95
H381 BCR FG . -8.79 -23.36 15.21
H382 BCR FG . -8.06 -23.80 16.71
H383 BCR FG . -7.62 -22.31 15.92
H391 BCR FG . -11.84 -24.68 18.91
H392 BCR FG . -10.17 -24.74 19.33
H393 BCR FG . -10.63 -24.59 17.68
H401 BCR FG . -12.06 -22.39 20.50
H402 BCR FG . -10.59 -21.47 20.48
H403 BCR FG . -10.59 -23.16 20.91
FE1 SF4 GG . -28.46 16.34 -8.54
FE2 SF4 GG . -30.26 18.40 -8.77
FE3 SF4 GG . -30.66 16.46 -6.90
FE4 SF4 GG . -30.97 15.87 -9.56
S1 SF4 GG . -32.23 17.33 -8.32
S2 SF4 GG . -29.86 14.60 -8.00
S3 SF4 GG . -29.34 17.19 -10.49
S4 SF4 GG . -28.92 17.95 -6.97
FE1 SF4 HG . -34.44 21.33 0.30
FE2 SF4 HG . -36.44 20.85 2.12
FE3 SF4 HG . -34.19 22.21 2.89
FE4 SF4 HG . -34.06 19.52 2.33
S1 SF4 HG . -35.23 20.51 4.04
S2 SF4 HG . -32.58 21.15 1.63
S3 SF4 HG . -35.57 19.36 0.61
S4 SF4 HG . -35.74 22.90 1.35
MG CLA IG . -13.78 2.32 19.17
CHA CLA IG . -12.98 2.86 22.48
CHB CLA IG . -11.22 4.45 18.16
CHC CLA IG . -14.57 1.62 16.02
CHD CLA IG . -16.38 0.15 20.23
NA CLA IG . -12.25 3.53 20.20
C1A CLA IG . -12.11 3.63 21.52
C2A CLA IG . -10.99 4.57 21.89
C3A CLA IG . -10.49 5.07 20.53
C4A CLA IG . -11.35 4.31 19.56
CMA CLA IG . -10.38 6.58 20.35
CAA CLA IG . -9.89 3.79 22.61
CBA CLA IG . -8.71 4.65 23.02
CGA CLA IG . -7.44 3.83 22.96
O1A CLA IG . -7.18 3.20 21.95
O2A CLA IG . -6.62 3.82 24.00
NB CLA IG . -13.02 2.93 17.39
C1B CLA IG . -11.99 3.80 17.17
C2B CLA IG . -11.80 3.97 15.75
C3B CLA IG . -12.74 3.18 15.15
C4B CLA IG . -13.51 2.51 16.20
CMB CLA IG . -10.78 4.84 15.06
CAB CLA IG . -12.92 3.04 13.68
CBB CLA IG . -14.25 2.72 13.07
NC CLA IG . -15.20 1.05 18.28
C1C CLA IG . -15.36 0.92 16.97
C2C CLA IG . -16.45 -0.03 16.63
C3C CLA IG . -16.93 -0.45 17.84
C4C CLA IG . -16.15 0.24 18.85
CMC CLA IG . -16.92 -0.44 15.26
CAC CLA IG . -18.04 -1.44 18.09
CBC CLA IG . -19.37 -0.71 18.23
ND CLA IG . -14.54 1.60 20.85
C1D CLA IG . -15.58 0.80 21.19
C2D CLA IG . -15.75 0.70 22.64
C3D CLA IG . -14.72 1.52 23.13
C4D CLA IG . -14.02 2.04 22.05
CMD CLA IG . -16.73 -0.03 23.51
CAD CLA IG . -14.15 2.00 24.36
OBD CLA IG . -14.41 1.60 25.48
CBD CLA IG . -12.92 2.78 23.99
CGD CLA IG . -12.94 4.15 24.60
O1D CLA IG . -13.91 4.88 24.48
O2D CLA IG . -11.89 4.58 25.31
CED CLA IG . -12.01 4.52 26.72
C1 CLA IG . -6.80 2.90 25.12
C2 CLA IG . -5.71 2.88 26.16
C3 CLA IG . -5.74 2.12 27.26
C4 CLA IG . -6.89 1.21 27.58
C5 CLA IG . -4.60 2.13 28.24
C6 CLA IG . -4.80 3.24 29.28
C7 CLA IG . -3.72 3.14 30.35
C8 CLA IG . -3.63 4.35 31.30
C9 CLA IG . -4.91 5.19 31.30
C10 CLA IG . -2.42 5.22 30.98
C11 CLA IG . -1.35 5.24 32.08
C12 CLA IG . -0.90 3.86 32.54
C13 CLA IG . 0.62 3.69 32.48
C14 CLA IG . 1.03 3.07 31.15
C15 CLA IG . 1.12 2.85 33.65
C16 CLA IG . 0.38 1.52 33.77
HHB CLA IG . -10.40 5.04 17.83
HHC CLA IG . -15.30 2.17 15.42
HHD CLA IG . -17.42 0.48 20.40
H2A CLA IG . -11.35 5.40 22.51
H3A CLA IG . -9.47 4.69 20.41
HMA1 CLA IG . -9.92 7.00 21.20
HMA2 CLA IG . -11.36 6.98 20.23
HMA3 CLA IG . -9.81 6.80 19.48
HAA1 CLA IG . -9.54 2.99 21.94
HAA2 CLA IG . -10.30 3.31 23.50
HBA1 CLA IG . -8.86 5.02 24.04
HBA2 CLA IG . -8.62 5.51 22.36
HMB1 CLA IG . -10.60 5.71 15.63
HMB2 CLA IG . -11.15 5.12 14.10
HMB3 CLA IG . -9.88 4.30 14.93
HBB1 CLA IG . -15.11 3.29 13.39
HBB2 CLA IG . -14.26 2.33 12.07
HMC1 CLA IG . -16.35 0.06 14.52
HMC2 CLA IG . -17.95 -0.19 15.14
HMC3 CLA IG . -16.80 -1.49 15.16
HAC1 CLA IG . -17.84 -2.00 18.99
HAC2 CLA IG . -18.09 -2.14 17.25
HBC1 CLA IG . -20.13 -1.41 18.44
HBC2 CLA IG . -19.59 -0.22 17.31
HBC3 CLA IG . -19.30 0.00 19.00
HMD1 CLA IG . -16.91 -0.98 23.11
HMD2 CLA IG . -17.65 0.52 23.55
HMD3 CLA IG . -16.34 -0.12 24.49
HBD CLA IG . -12.02 2.25 24.32
HED1 CLA IG . -11.14 4.93 27.17
HED2 CLA IG . -12.13 3.52 27.02
HED3 CLA IG . -12.86 5.08 27.02
H11 CLA IG . -6.90 1.89 24.71
H12 CLA IG . -7.75 3.14 25.61
H2 CLA IG . -4.84 3.50 25.99
H41 CLA IG . -6.76 0.82 28.56
H42 CLA IG . -6.92 0.40 26.89
H43 CLA IG . -7.80 1.75 27.53
H51 CLA IG . -3.67 2.31 27.70
H52 CLA IG . -4.53 1.16 28.74
H61 CLA IG . -5.78 3.13 29.74
H62 CLA IG . -4.75 4.21 28.78
H71 CLA IG . -2.75 3.00 29.85
H72 CLA IG . -3.89 2.25 30.94
H8 CLA IG . -3.51 3.94 32.31
H91 CLA IG . -4.84 5.91 32.08
H92 CLA IG . -5.74 4.58 31.47
H93 CLA IG . -5.01 5.69 30.38
H101 CLA IG . -2.77 6.24 30.83
H102 CLA IG . -1.96 4.91 30.04
H111 CLA IG . -1.74 5.80 32.93
H112 CLA IG . -0.49 5.79 31.69
H121 CLA IG . -1.37 3.09 31.93
H122 CLA IG . -1.23 3.72 33.58
H13 CLA IG . 1.09 4.68 32.56
H141 CLA IG . 2.09 3.10 31.07
H142 CLA IG . 0.60 3.61 30.36
H143 CLA IG . 0.71 2.06 31.11
H151 CLA IG . 0.99 3.41 34.58
H152 CLA IG . 2.19 2.66 33.53
HHC2 CLA IG . -14.18 0.85 15.35
HHD2 CLA IG . -16.38 -0.91 20.48
MG CLA JG . -9.30 -15.28 22.82
CHA CLA JG . -11.95 -13.27 21.96
CHB CLA JG . -7.06 -13.04 21.40
CHC CLA JG . -6.84 -17.21 23.91
CHD CLA JG . -11.62 -17.57 24.26
NA CLA JG . -9.47 -13.34 21.78
C1A CLA JG . -10.63 -12.70 21.52
C2A CLA JG . -10.41 -11.44 20.70
C3A CLA JG . -8.88 -11.46 20.52
C4A CLA JG . -8.41 -12.67 21.28
CMA CLA JG . -8.09 -10.63 19.53
CAA CLA JG . -10.89 -10.17 21.39
CBA CLA JG . -9.94 -9.60 22.46
CGA CLA JG . -10.67 -9.45 23.78
O1A CLA JG . -11.27 -10.41 24.24
O2A CLA JG . -10.60 -8.29 24.39
NB CLA JG . -7.28 -15.14 22.70
C1B CLA JG . -6.54 -14.17 22.07
C2B CLA JG . -5.14 -14.49 22.18
C3B CLA JG . -5.09 -15.66 22.88
C4B CLA JG . -6.45 -16.07 23.20
CMB CLA JG . -3.98 -13.70 21.64
CAB CLA JG . -3.86 -16.38 23.27
CBB CLA JG . -3.82 -17.02 24.63
NC CLA JG . -9.25 -17.08 23.92
C1C CLA JG . -8.12 -17.72 24.22
C2C CLA JG . -8.37 -19.00 24.92
C3C CLA JG . -9.73 -19.10 25.01
C4C CLA JG . -10.27 -17.89 24.38
CMC CLA JG . -7.34 -19.99 25.42
CAC CLA JG . -10.52 -20.22 25.63
CBC CLA JG . -11.43 -19.71 26.72
ND CLA JG . -11.25 -15.47 23.09
C1D CLA JG . -12.09 -16.38 23.67
C2D CLA JG . -13.49 -15.97 23.59
C3D CLA JG . -13.42 -14.76 22.91
C4D CLA JG . -12.09 -14.47 22.63
CMD CLA JG . -14.77 -16.59 24.06
CAD CLA JG . -14.26 -13.68 22.42
OBD CLA JG . -15.31 -13.36 22.94
CBD CLA JG . -13.34 -12.72 21.71
CGD CLA JG . -13.58 -12.74 20.23
O1D CLA JG . -13.12 -13.65 19.56
O2D CLA JG . -14.30 -11.80 19.64
CED CLA JG . -15.10 -12.25 18.56
C1 CLA JG . -11.16 -8.11 25.73
C2 CLA JG . -12.59 -8.53 26.01
C3 CLA JG . -13.62 -7.79 25.58
C4 CLA JG . -13.38 -6.53 24.80
C5 CLA JG . -15.08 -8.11 25.80
C6 CLA JG . -15.35 -9.34 26.66
C7 CLA JG . -15.05 -10.65 25.94
C8 CLA JG . -14.63 -11.75 26.91
C9 CLA JG . -13.70 -12.76 26.24
C10 CLA JG . -15.88 -12.43 27.47
C11 CLA JG . -15.58 -13.22 28.75
C12 CLA JG . -16.80 -13.40 29.64
C13 CLA JG . -18.05 -13.98 28.97
C14 CLA JG . -19.12 -14.18 30.04
C15 CLA JG . -17.77 -15.29 28.24
C16 CLA JG . -18.96 -15.78 27.41
C17 CLA JG . -19.05 -17.30 27.34
C18 CLA JG . -18.06 -17.90 26.34
C19 CLA JG . -16.76 -18.29 27.02
C20 CLA JG . -18.65 -19.10 25.62
HHB CLA JG . -6.35 -12.39 20.95
HHC CLA JG . -6.31 -18.03 23.43
HHD CLA JG . -12.12 -18.40 23.77
H2A CLA JG . -10.90 -11.55 19.72
H3A CLA JG . -9.03 -12.12 19.66
HMA1 CLA JG . -8.53 -9.67 19.42
HMA2 CLA JG . -8.08 -11.13 18.59
HMA3 CLA JG . -7.09 -10.52 19.86
HAA1 CLA JG . -11.86 -10.33 21.83
HAA2 CLA JG . -11.00 -9.40 20.62
HBA1 CLA JG . -9.58 -8.63 22.14
HBA2 CLA JG . -9.07 -10.24 22.62
HMB1 CLA JG . -4.15 -12.67 21.80
HMB2 CLA JG . -3.85 -13.90 20.62
HMB3 CLA JG . -3.09 -13.98 22.17
HBB1 CLA JG . -3.59 -16.42 25.49
HBB2 CLA JG . -4.09 -18.06 24.76
HMC1 CLA JG . -6.39 -19.71 25.06
HMC2 CLA JG . -7.58 -20.96 25.07
HMC3 CLA JG . -7.34 -19.98 26.48
HAC1 CLA JG . -9.83 -20.97 26.04
HAC2 CLA JG . -11.12 -20.72 24.86
HBC1 CLA JG . -11.61 -20.48 27.43
HBC2 CLA JG . -12.36 -19.42 26.31
HBC3 CLA JG . -10.97 -18.89 27.21
HMD1 CLA JG . -14.78 -16.60 25.12
HMD2 CLA JG . -14.85 -17.58 23.69
HMD3 CLA JG . -15.59 -16.01 23.72
HBD CLA JG . -13.46 -11.71 22.12
HED1 CLA JG . -15.73 -11.47 18.24
HED2 CLA JG . -15.70 -13.07 18.88
HED3 CLA JG . -14.49 -12.55 17.76
H11 CLA JG . -11.06 -7.06 25.99
H12 CLA JG . -10.51 -8.66 26.42
H2 CLA JG . -12.75 -9.44 26.58
H41 CLA JG . -14.25 -6.30 24.24
H42 CLA JG . -12.57 -6.65 24.13
H43 CLA JG . -13.17 -5.72 25.46
H51 CLA JG . -15.56 -8.22 24.83
H52 CLA JG . -15.55 -7.25 26.29
H61 CLA JG . -16.40 -9.34 26.93
H62 CLA JG . -14.78 -9.28 27.58
H71 CLA JG . -14.25 -10.49 25.20
H72 CLA JG . -15.94 -10.97 25.39
H8 CLA JG . -14.08 -11.29 27.75
H91 CLA JG . -13.32 -13.42 26.98
H92 CLA JG . -12.90 -12.25 25.78
H93 CLA JG . -14.24 -13.31 25.52
H101 CLA JG . -16.29 -13.10 26.72
H102 CLA JG . -16.63 -11.66 27.69
H111 CLA JG . -14.81 -12.69 29.32
H112 CLA JG . -15.16 -14.19 28.49
H121 CLA JG . -17.07 -12.44 30.07
H122 CLA JG . -16.53 -14.05 30.48
H13 CLA JG . -18.42 -13.25 28.24
H141 CLA JG . -20.08 -14.04 29.62
H142 CLA JG . -18.97 -13.48 30.82
H143 CLA JG . -19.04 -15.16 30.43
H151 CLA JG . -17.51 -16.06 28.98
H152 CLA JG . -16.91 -15.17 27.57
H161 CLA JG . -18.89 -15.37 26.40
H162 CLA JG . -19.89 -15.40 27.84
H171 CLA JG . -20.06 -17.58 27.05
H172 CLA JG . -18.86 -17.73 28.33
H18 CLA JG . -17.82 -17.14 25.59
H191 CLA JG . -16.01 -18.44 26.30
H192 CLA JG . -16.90 -19.18 27.59
H193 CLA JG . -16.44 -17.51 27.68
H201 CLA JG . -18.12 -19.26 24.71
H202 CLA JG . -19.67 -18.93 25.40
H203 CLA JG . -18.56 -19.96 26.22
HHC2 CLA JG . -6.37 -17.09 24.90
HHD2 CLA JG . -12.02 -17.56 25.28
C1 BCR KG . -2.88 -17.24 28.76
C2 BCR KG . -1.82 -18.29 28.43
C3 BCR KG . -1.56 -18.38 26.93
C4 BCR KG . -0.99 -17.08 26.41
C5 BCR KG . -1.47 -15.92 27.24
C6 BCR KG . -2.60 -16.00 27.93
C7 BCR KG . -3.63 -14.93 27.93
C8 BCR KG . -3.64 -13.96 27.03
C9 BCR KG . -4.64 -12.91 26.91
C10 BCR KG . -4.56 -12.01 25.78
C11 BCR KG . -5.08 -10.88 25.10
C33 BCR KG . -0.62 -14.69 27.32
C31 BCR KG . -2.83 -16.86 30.23
C32 BCR KG . -4.24 -17.80 28.36
C34 BCR KG . -5.73 -12.75 27.93
C12 BCR KG . -5.39 -9.90 24.46
C13 BCR KG . -6.27 -9.05 23.73
C14 BCR KG . -5.91 -8.89 22.42
C15 BCR KG . -6.57 -8.13 21.40
C16 BCR KG . -6.56 -7.79 20.08
C17 BCR KG . -7.45 -7.09 19.44
C18 BCR KG . -7.70 -7.03 18.11
C19 BCR KG . -8.81 -6.34 17.41
C20 BCR KG . -9.59 -6.15 16.35
C21 BCR KG . -10.56 -5.77 15.36
C22 BCR KG . -10.67 -6.18 14.08
C23 BCR KG . -11.77 -5.78 13.18
C24 BCR KG . -12.98 -4.98 13.57
C25 BCR KG . -14.06 -4.60 12.63
C26 BCR KG . -14.85 -3.62 13.01
C27 BCR KG . -16.30 -3.71 12.66
C28 BCR KG . -16.33 -3.69 11.15
C29 BCR KG . -15.65 -4.95 10.64
C30 BCR KG . -14.25 -5.24 11.23
C35 BCR KG . -7.43 -8.39 24.41
C36 BCR KG . -6.79 -7.79 17.21
C37 BCR KG . -9.65 -7.13 13.51
C38 BCR KG . -14.36 -2.38 13.73
C39 BCR KG . -13.15 -4.76 10.29
C40 BCR KG . -14.29 -6.77 11.33
HC21 BCR KG . -0.88 -18.03 28.93
HC22 BCR KG . -2.12 -19.26 28.81
HC31 BCR KG . -0.86 -19.19 26.71
HC32 BCR KG . -2.49 -18.61 26.41
HC41 BCR KG . 0.10 -17.12 26.46
HC42 BCR KG . -1.26 -16.93 25.36
HC7 BCR KG . -4.47 -15.01 28.59
HC8 BCR KG . -2.87 -13.95 26.28
H331 BCR KG . -0.93 -14.10 28.14
H332 BCR KG . -0.69 -14.12 26.42
H333 BCR KG . 0.40 -14.97 27.46
H311 BCR KG . -3.80 -16.66 30.59
H312 BCR KG . -2.21 -16.02 30.37
H313 BCR KG . -2.43 -17.68 30.78
H321 BCR KG . -4.94 -17.66 29.13
H322 BCR KG . -4.14 -18.84 28.17
H323 BCR KG . -4.58 -17.32 27.47
H341 BCR KG . -6.36 -11.96 27.66
H342 BCR KG . -5.28 -12.54 28.87
H343 BCR KG . -6.29 -13.64 28.03
H14C BCR KG . -5.04 -9.44 22.11
H15C BCR KG . -7.44 -7.54 21.58
H16C BCR KG . -5.71 -8.41 19.81
H17C BCR KG . -8.20 -6.59 20.03
H19C BCR KG . -9.35 -5.84 18.20
H21C BCR KG . -11.12 -5.16 16.06
H23C BCR KG . -11.73 -6.18 12.19
H24C BCR KG . -12.96 -4.54 14.55
H271 BCR KG . -16.87 -2.88 13.07
H272 BCR KG . -16.73 -4.65 13.04
H281 BCR KG . -15.81 -2.81 10.78
H282 BCR KG . -17.36 -3.65 10.80
H291 BCR KG . -16.30 -5.79 10.87
H292 BCR KG . -15.58 -4.89 9.56
H351 BCR KG . -8.07 -7.94 23.69
H352 BCR KG . -7.06 -7.64 25.06
H353 BCR KG . -7.97 -9.11 24.97
H361 BCR KG . -6.88 -7.42 16.23
H362 BCR KG . -7.05 -8.81 17.23
H363 BCR KG . -5.79 -7.68 17.53
H371 BCR KG . -9.14 -6.65 12.71
H372 BCR KG . -10.14 -8.00 13.14
H373 BCR KG . -8.94 -7.41 14.24
H381 BCR KG . -14.84 -1.53 13.30
H382 BCR KG . -13.31 -2.30 13.61
H383 BCR KG . -14.62 -2.44 14.74
H391 BCR KG . -12.64 -5.59 9.89
H392 BCR KG . -12.46 -4.17 10.85
H393 BCR KG . -13.56 -4.17 9.51
H401 BCR KG . -14.62 -7.17 10.41
H402 BCR KG . -14.94 -7.06 12.11
H403 BCR KG . -13.32 -7.16 11.51
MG CLA LG . -4.55 -6.49 29.39
CHA CLA LG . -5.47 -5.78 32.63
CHB CLA LG . -2.89 -9.35 30.43
CHC CLA LG . -3.80 -7.12 26.21
CHD CLA LG . -6.28 -3.58 28.31
NA CLA LG . -4.22 -7.49 31.33
C1A CLA LG . -4.66 -7.05 32.51
C2A CLA LG . -4.22 -7.95 33.65
C3A CLA LG . -3.40 -9.03 32.92
C4A CLA LG . -3.50 -8.63 31.47
CMA CLA LG . -2.03 -9.34 33.48
CAA CLA LG . -5.42 -8.55 34.37
CBA CLA LG . -5.07 -9.57 35.45
CGA CLA LG . -4.33 -8.95 36.62
O1A CLA LG . -4.48 -7.76 36.86
O2A CLA LG . -3.56 -9.71 37.37
NB CLA LG . -3.52 -8.00 28.47
C1B CLA LG . -2.90 -9.08 29.05
C2B CLA LG . -2.25 -9.86 28.02
C3B CLA LG . -2.52 -9.22 26.84
C4B CLA LG . -3.32 -8.04 27.14
CMB CLA LG . -1.46 -11.13 28.20
CAB CLA LG . -2.11 -9.57 25.46
CBB CLA LG . -1.51 -10.90 25.08
NC CLA LG . -5.01 -5.54 27.57
C1C CLA LG . -4.57 -5.95 26.39
C2C CLA LG . -4.99 -5.05 25.28
C3C CLA LG . -5.71 -4.07 25.90
C4C CLA LG . -5.70 -4.38 27.32
CMC CLA LG . -4.69 -5.19 23.81
CAC CLA LG . -6.38 -2.87 25.28
CBC CLA LG . -5.41 -1.71 25.14
ND CLA LG . -5.59 -5.01 30.16
C1D CLA LG . -6.26 -3.93 29.68
C2D CLA LG . -6.92 -3.18 30.73
C3D CLA LG . -6.62 -3.91 31.88
C4D CLA LG . -5.82 -5.00 31.52
CMD CLA LG . -7.78 -1.95 30.72
CAD CLA LG . -6.82 -3.94 33.31
OBD CLA LG . -7.50 -3.17 33.97
CBD CLA LG . -6.05 -5.11 33.85
CGD CLA LG . -4.94 -4.64 34.75
O1D CLA LG . -3.93 -4.15 34.29
O2D CLA LG . -5.06 -4.76 36.07
CED CLA LG . -4.94 -3.53 36.80
C1 CLA LG . -4.11 -10.52 38.46
C2 CLA LG . -4.70 -9.82 39.67
C3 CLA LG . -5.31 -10.51 40.64
C4 CLA LG . -5.50 -12.00 40.58
C5 CLA LG . -5.91 -9.82 41.85
C6 CLA LG . -5.16 -10.18 43.13
C7 CLA LG . -5.80 -9.46 44.32
C8 CLA LG . -5.72 -10.16 45.70
C9 CLA LG . -4.41 -10.92 45.94
C10 CLA LG . -6.96 -11.02 45.96
C11 CLA LG . -7.08 -12.34 45.19
C12 CLA LG . -8.14 -12.22 44.08
C13 CLA LG . -8.56 -13.54 43.46
C14 CLA LG . -7.43 -14.57 43.42
C15 CLA LG . -9.07 -13.25 42.04
C16 CLA LG . -10.12 -14.24 41.54
C17 CLA LG . -11.54 -13.75 41.85
C18 CLA LG . -12.61 -14.46 41.02
C19 CLA LG . -12.49 -15.99 41.10
C20 CLA LG . -14.00 -14.03 41.47
HHB CLA LG . -2.46 -10.29 30.73
HHC CLA LG . -2.91 -6.79 25.66
HHD CLA LG . -5.82 -2.59 28.23
H2A CLA LG . -3.58 -7.39 34.35
H3A CLA LG . -3.97 -9.96 33.00
HMA1 CLA LG . -2.09 -9.46 34.53
HMA2 CLA LG . -1.37 -8.53 33.27
HMA3 CLA LG . -1.65 -10.22 33.04
HAA1 CLA LG . -6.06 -9.04 33.64
HAA2 CLA LG . -6.01 -7.76 34.83
HBA1 CLA LG . -4.46 -10.37 35.05
HBA2 CLA LG . -5.98 -10.03 35.83
HMB1 CLA LG . -0.45 -10.96 27.97
HMB2 CLA LG . -1.85 -11.87 27.56
HMB3 CLA LG . -1.54 -11.48 29.20
HBB1 CLA LG . -0.66 -10.89 24.43
HBB2 CLA LG . -2.13 -11.77 25.07
HMC1 CLA LG . -5.51 -5.67 23.33
HMC2 CLA LG . -3.81 -5.78 23.68
HMC3 CLA LG . -4.55 -4.24 23.39
HAC1 CLA LG . -7.22 -2.56 25.90
HAC2 CLA LG . -6.77 -3.13 24.29
HBC1 CLA LG . -5.90 -0.89 24.71
HBC2 CLA LG . -4.60 -2.00 24.51
HBC3 CLA LG . -5.03 -1.46 26.10
HMD1 CLA LG . -7.21 -1.13 30.35
HMD2 CLA LG . -8.11 -1.72 31.70
HMD3 CLA LG . -8.62 -2.10 30.09
HBD CLA LG . -6.71 -5.80 34.40
HED1 CLA LG . -5.29 -3.67 37.79
HED2 CLA LG . -5.50 -2.78 36.32
HED3 CLA LG . -3.91 -3.24 36.83
H11 CLA LG . -3.33 -11.19 38.81
H12 CLA LG . -4.89 -11.15 38.04
H2 CLA LG . -4.60 -8.75 39.77
H41 CLA LG . -6.01 -12.33 41.45
H42 CLA LG . -4.55 -12.47 40.53
H43 CLA LG . -6.07 -12.25 39.72
H51 CLA LG . -6.96 -10.11 41.95
H52 CLA LG . -5.87 -8.74 41.70
H61 CLA LG . -4.12 -9.88 43.04
H62 CLA LG . -5.19 -11.27 43.29
H71 CLA LG . -6.84 -9.27 44.09
H72 CLA LG . -5.31 -8.48 44.42
H8 CLA LG . -5.74 -9.35 46.44
H91 CLA LG . -4.47 -11.39 46.88
H92 CLA LG . -3.61 -10.23 45.94
H93 CLA LG . -4.25 -11.65 45.19
H101 CLA LG . -7.85 -10.41 45.78
H102 CLA LG . -6.95 -11.27 47.02
H111 CLA LG . -7.39 -13.12 45.88
H112 CLA LG . -6.12 -12.62 44.76
H121 CLA LG . -7.75 -11.57 43.29
H122 CLA LG . -9.03 -11.73 44.49
H13 CLA LG . -9.38 -13.96 44.05
H141 CLA LG . -7.71 -15.38 42.79
H142 CLA LG . -7.25 -14.93 44.40
H143 CLA LG . -6.55 -14.12 43.04
H151 CLA LG . -8.23 -13.25 41.36
H152 CLA LG . -9.50 -12.24 42.03
H161 CLA LG . -9.97 -15.21 42.01
H162 CLA LG . -10.01 -14.36 40.47
H171 CLA LG . -11.61 -12.68 41.65
H172 CLA LG . -11.76 -13.90 42.91
H18 CLA LG . -12.48 -14.16 39.97
H191 CLA LG . -13.38 -16.42 40.73
H192 CLA LG . -12.34 -16.28 42.10
H193 CLA LG . -11.68 -16.30 40.50
H201 CLA LG . -14.74 -14.50 40.87
H202 CLA LG . -14.09 -12.98 41.38
H203 CLA LG . -14.14 -14.31 42.49
HHC2 CLA LG . -4.36 -7.71 25.48
HHD2 CLA LG . -7.32 -3.45 28.04
MG CLA MG . -16.38 -34.06 27.48
CHA CLA MG . -15.49 -33.60 30.77
CHB CLA MG . -18.19 -31.09 27.50
CHC CLA MG . -17.18 -34.62 24.31
CHD CLA MG . -14.45 -37.05 27.43
NA CLA MG . -16.80 -32.48 28.97
C1A CLA MG . -16.35 -32.49 30.22
C2A CLA MG . -16.80 -31.25 30.97
C3A CLA MG . -17.66 -30.51 29.93
C4A CLA MG . -17.55 -31.40 28.72
CMA CLA MG . -19.02 -29.97 30.35
CAA CLA MG . -15.58 -30.39 31.28
CBA CLA MG . -15.78 -29.50 32.50
CGA CLA MG . -14.83 -28.32 32.39
O1A CLA MG . -13.63 -28.54 32.34
O2A CLA MG . -15.32 -27.10 32.36
NB CLA MG . -17.50 -33.02 26.13
C1B CLA MG . -18.17 -31.84 26.30
C2B CLA MG . -18.83 -31.47 25.06
C3B CLA MG . -18.53 -32.48 24.18
C4B CLA MG . -17.69 -33.44 24.87
CMB CLA MG . -19.68 -30.27 24.76
CAB CLA MG . -18.98 -32.60 22.77
CBB CLA MG . -18.63 -31.55 21.75
NC CLA MG . -15.85 -35.54 26.09
C1C CLA MG . -16.29 -35.56 24.84
C2C CLA MG . -15.74 -36.71 24.07
C3C CLA MG . -14.93 -37.36 24.95
C4C CLA MG . -15.00 -36.63 26.21
CMC CLA MG . -16.02 -37.04 22.63
CAC CLA MG . -14.11 -38.59 24.65
CBC CLA MG . -14.96 -39.83 24.84
ND CLA MG . -15.23 -35.12 28.68
C1D CLA MG . -14.53 -36.28 28.61
C2D CLA MG . -13.91 -36.62 29.89
C3D CLA MG . -14.29 -35.57 30.73
C4D CLA MG . -15.08 -34.68 29.99
CMD CLA MG . -13.06 -37.77 30.37
CAD CLA MG . -14.17 -35.07 32.08
OBD CLA MG . -13.48 -35.56 32.96
CBD CLA MG . -15.00 -33.83 32.18
CGD CLA MG . -16.18 -34.05 33.09
O1D CLA MG . -16.89 -35.03 32.92
O2D CLA MG . -16.46 -33.20 34.06
CED CLA MG . -17.12 -33.74 35.20
C1 CLA MG . -14.58 -25.99 32.95
C2 CLA MG . -13.92 -26.17 34.29
C3 CLA MG . -14.55 -25.94 35.47
C4 CLA MG . -13.79 -26.15 36.75
C5 CLA MG . -15.98 -25.48 35.64
C6 CLA MG . -16.03 -24.20 36.46
C7 CLA MG . -17.15 -23.25 36.02
C8 CLA MG . -16.88 -22.37 34.79
C9 CLA MG . -15.41 -22.24 34.42
C10 CLA MG . -17.45 -20.96 35.02
C11 CLA MG . -18.94 -20.91 35.31
C12 CLA MG . -19.77 -20.85 34.02
C13 CLA MG . -21.13 -21.52 34.20
C14 CLA MG . -21.02 -23.02 33.90
C15 CLA MG . -22.17 -20.82 33.34
C16 CLA MG . -23.56 -21.49 33.36
C17 CLA MG . -24.17 -21.49 34.75
C18 CLA MG . -25.63 -21.94 34.72
C19 CLA MG . -25.75 -23.45 34.52
C20 CLA MG . -26.37 -21.52 35.99
HHB CLA MG . -18.65 -30.11 27.45
HHC CLA MG . -18.08 -35.21 24.08
HHD CLA MG . -14.87 -38.03 27.65
H2A CLA MG . -17.37 -31.50 31.87
HMA1 CLA MG . -18.93 -29.48 31.29
HMA2 CLA MG . -19.70 -30.77 30.44
HMA3 CLA MG . -19.36 -29.28 29.63
HAA1 CLA MG . -15.37 -29.76 30.41
HAA2 CLA MG . -14.72 -31.03 31.44
HBA1 CLA MG . -15.58 -30.06 33.41
HBA2 CLA MG . -16.81 -29.14 32.53
HMB1 CLA MG . -19.82 -29.70 25.64
HMB2 CLA MG . -20.62 -30.58 24.40
HMB3 CLA MG . -19.20 -29.68 24.03
HBB1 CLA MG . -19.32 -30.74 21.61
HBB2 CLA MG . -18.03 -31.85 20.91
HMC1 CLA MG . -16.73 -36.36 22.23
HMC2 CLA MG . -16.40 -38.02 22.57
HMC3 CLA MG . -15.12 -36.96 22.07
HAC1 CLA MG . -13.25 -38.62 25.31
HAC2 CLA MG . -13.75 -38.55 23.62
HBC1 CLA MG . -14.49 -40.65 24.35
HBC2 CLA MG . -15.92 -39.67 24.41
HBC3 CLA MG . -15.06 -40.04 25.87
HMD1 CLA MG . -12.53 -37.49 31.24
HMD2 CLA MG . -12.38 -38.05 29.60
HMD3 CLA MG . -13.68 -38.60 30.60
HBD CLA MG . -14.40 -32.98 32.54
HED1 CLA MG . -17.05 -33.06 36.00
HED2 CLA MG . -16.66 -34.66 35.48
HED3 CLA MG . -18.14 -33.91 34.97
H11 CLA MG . -15.22 -25.11 32.98
H12 CLA MG . -13.77 -25.75 32.25
H2 CLA MG . -12.89 -26.50 34.33
H41 CLA MG . -14.48 -26.27 37.55
H42 CLA MG . -13.16 -25.32 36.93
H43 CLA MG . -13.20 -27.03 36.66
H51 CLA MG . -16.54 -26.26 36.15
H52 CLA MG . -16.46 -25.32 34.66
H61 CLA MG . -15.06 -23.70 36.45
H62 CLA MG . -16.23 -24.48 37.50
H71 CLA MG . -17.39 -22.60 36.86
H72 CLA MG . -18.05 -23.85 35.82
H8 CLA MG . -17.42 -22.80 33.93
H91 CLA MG . -15.31 -21.64 33.55
H92 CLA MG . -15.01 -23.20 34.21
H93 CLA MG . -14.88 -21.80 35.21
H101 CLA MG . -17.23 -20.35 34.14
H102 CLA MG . -16.91 -20.51 35.86
H111 CLA MG . -19.16 -20.02 35.90
H112 CLA MG . -19.26 -21.77 35.89
H121 CLA MG . -19.23 -21.35 33.21
H122 CLA MG . -19.92 -19.81 33.73
H13 CLA MG . -21.43 -21.42 35.26
H141 CLA MG . -21.85 -23.53 34.29
H142 CLA MG . -20.13 -23.40 34.32
H143 CLA MG . -20.99 -23.15 32.84
H151 CLA MG . -21.82 -20.79 32.31
H152 CLA MG . -22.28 -19.79 33.68
H161 CLA MG . -23.47 -22.51 32.99
H162 CLA MG . -24.21 -20.93 32.69
H171 CLA MG . -24.12 -20.49 35.18
H172 CLA MG . -23.61 -22.16 35.40
H18 CLA MG . -26.13 -21.45 33.87
H191 CLA MG . -26.76 -23.74 34.61
H192 CLA MG . -25.18 -23.95 35.26
H193 CLA MG . -25.40 -23.72 33.57
H201 CLA MG . -27.37 -21.85 35.93
H202 CLA MG . -26.34 -20.47 36.07
H203 CLA MG . -25.90 -21.95 36.83
HHC2 CLA MG . -16.80 -34.35 23.33
HHD2 CLA MG . -13.39 -37.22 27.24
C1 BCR NG . -19.37 -8.06 29.75
C2 BCR NG . -18.10 -7.43 30.32
C3 BCR NG . -16.89 -8.35 30.19
C4 BCR NG . -17.11 -9.54 31.10
C5 BCR NG . -18.58 -9.89 31.18
C6 BCR NG . -19.41 -9.52 30.21
C7 BCR NG . -20.40 -10.53 29.74
C8 BCR NG . -21.43 -10.24 28.96
C9 BCR NG . -22.45 -11.18 28.51
C10 BCR NG . -22.43 -12.61 28.75
C11 BCR NG . -23.11 -13.70 28.14
C33 BCR NG . -19.13 -10.64 32.35
C31 BCR NG . -19.27 -8.02 28.23
C32 BCR NG . -20.59 -7.33 30.29
C34 BCR NG . -23.65 -10.65 27.77
C12 BCR NG . -23.65 -14.71 27.73
C13 BCR NG . -24.78 -15.15 26.99
C14 BCR NG . -25.01 -16.41 26.51
C15 BCR NG . -24.15 -17.55 26.60
C16 BCR NG . -23.97 -18.86 26.26
C17 BCR NG . -22.95 -19.63 26.54
C18 BCR NG . -22.68 -20.90 26.15
C19 BCR NG . -21.46 -21.67 26.47
C20 BCR NG . -20.60 -22.68 26.29
C21 BCR NG . -19.54 -23.65 26.32
C22 BCR NG . -19.38 -24.74 25.52
C23 BCR NG . -18.23 -25.66 25.63
C24 BCR NG . -17.15 -25.62 26.69
C25 BCR NG . -16.09 -26.67 26.81
C26 BCR NG . -15.54 -26.88 28.01
C27 BCR NG . -14.15 -27.45 28.11
C28 BCR NG . -14.13 -28.71 27.26
C29 BCR NG . -14.38 -28.29 25.82
C30 BCR NG . -15.73 -27.60 25.63
C35 BCR NG . -25.85 -14.14 26.74
C36 BCR NG . -23.67 -21.64 25.29
C37 BCR NG . -20.48 -25.05 24.55
C38 BCR NG . -16.25 -26.64 29.31
C39 BCR NG . -16.82 -28.64 25.39
C40 BCR NG . -15.46 -26.76 24.37
HC21 BCR NG . -17.89 -6.49 29.79
HC22 BCR NG . -18.24 -7.18 31.37
HC31 BCR NG . -16.76 -8.68 29.17
HC32 BCR NG . -15.99 -7.82 30.50
HC41 BCR NG . -16.55 -10.40 30.72
HC42 BCR NG . -16.75 -9.32 32.11
HC7 BCR NG . -20.32 -11.53 30.10
HC8 BCR NG . -21.57 -9.21 28.67
H331 BCR NG . -20.13 -10.38 32.49
H332 BCR NG . -18.58 -10.37 33.22
H333 BCR NG . -19.03 -11.68 32.19
H311 BCR NG . -20.07 -7.45 27.82
H312 BCR NG . -19.30 -9.00 27.83
H313 BCR NG . -18.36 -7.56 27.94
H321 BCR NG . -20.92 -6.61 29.59
H322 BCR NG . -20.33 -6.82 31.19
H323 BCR NG . -21.37 -8.01 30.51
H341 BCR NG . -24.46 -11.32 27.91
H342 BCR NG . -23.43 -10.58 26.74
H343 BCR NG . -23.93 -9.71 28.15
H14C BCR NG . -25.92 -16.56 25.96
H15C BCR NG . -23.20 -17.52 27.12
H16C BCR NG . -24.91 -18.96 25.72
H17C BCR NG . -22.17 -19.19 27.13
H19C BCR NG . -20.91 -21.02 27.11
H21C BCR NG . -18.97 -23.10 27.04
H23C BCR NG . -18.19 -26.47 24.94
H24C BCR NG . -17.31 -24.91 27.46
H271 BCR NG . -13.93 -27.69 29.14
H272 BCR NG . -13.41 -26.74 27.74
H281 BCR NG . -14.90 -29.41 27.60
H282 BCR NG . -13.16 -29.19 27.35
H291 BCR NG . -13.58 -27.63 25.50
H292 BCR NG . -14.33 -29.18 25.18
H351 BCR NG . -26.37 -14.35 25.84
H352 BCR NG . -25.42 -13.17 26.65
H353 BCR NG . -26.54 -14.14 27.54
H361 BCR NG . -23.16 -22.13 24.51
H362 BCR NG . -24.38 -20.96 24.88
H363 BCR NG . -24.17 -22.36 25.89
H371 BCR NG . -20.16 -25.83 23.91
H372 BCR NG . -20.71 -24.19 23.99
H373 BCR NG . -21.33 -25.37 25.09
H381 BCR NG . -16.37 -27.58 29.80
H382 BCR NG . -17.21 -26.22 29.17
H383 BCR NG . -15.67 -26.01 29.92
H391 BCR NG . -16.47 -29.60 25.65
H392 BCR NG . -17.09 -28.64 24.36
H393 BCR NG . -17.67 -28.41 25.98
H401 BCR NG . -15.00 -27.38 23.64
H402 BCR NG . -14.81 -25.96 24.62
H403 BCR NG . -16.36 -26.37 23.97
MG CLA OG . -21.53 -32.26 -30.96
CHA CLA OG . -18.91 -32.03 -33.17
CHB CLA OG . -19.87 -30.19 -28.71
CHC CLA OG . -24.23 -32.33 -29.05
CHD CLA OG . -23.20 -34.38 -33.27
NA CLA OG . -19.60 -31.21 -30.94
C1A CLA OG . -18.69 -31.25 -31.90
C2A CLA OG . -17.47 -30.47 -31.55
C3A CLA OG . -17.77 -29.96 -30.14
C4A CLA OG . -19.16 -30.45 -29.90
CMA CLA OG . -16.72 -30.31 -29.11
CAA CLA OG . -17.30 -29.28 -32.49
CBA CLA OG . -18.58 -28.44 -32.65
CGA CLA OG . -19.22 -28.69 -33.99
O1A CLA OG . -18.79 -28.08 -34.96
O2A CLA OG . -20.21 -29.55 -34.10
NB CLA OG . -21.98 -31.38 -29.17
C1B CLA OG . -21.18 -30.61 -28.37
C2B CLA OG . -21.88 -30.30 -27.15
C3B CLA OG . -23.10 -30.92 -27.27
C4B CLA OG . -23.14 -31.60 -28.54
CMB CLA OG . -21.40 -29.48 -25.98
CAB CLA OG . -24.22 -30.92 -26.30
CBB CLA OG . -24.54 -29.67 -25.50
NC CLA OG . -23.40 -33.19 -31.13
C1C CLA OG . -24.31 -33.18 -30.17
C2C CLA OG . -25.42 -34.14 -30.43
C3C CLA OG . -25.08 -34.72 -31.61
C4C CLA OG . -23.83 -34.13 -32.05
CMC CLA OG . -26.62 -34.40 -29.57
CAC CLA OG . -25.83 -35.80 -32.36
CBC CLA OG . -26.43 -35.22 -33.61
ND CLA OG . -21.24 -33.03 -32.75
C1D CLA OG . -21.91 -33.88 -33.58
C2D CLA OG . -21.15 -34.19 -34.79
C3D CLA OG . -19.97 -33.47 -34.62
C4D CLA OG . -20.05 -32.78 -33.41
CMD CLA OG . -21.40 -35.05 -36.00
CAD CLA OG . -18.70 -33.17 -35.24
OBD CLA OG . -18.28 -33.65 -36.27
CBD CLA OG . -17.99 -32.19 -34.36
CGD CLA OG . -16.68 -32.74 -33.85
O1D CLA OG . -16.63 -33.83 -33.32
O2D CLA OG . -15.57 -32.03 -33.99
CED CLA OG . -14.40 -32.58 -33.40
C1 CLA OG . -21.59 -29.09 -34.23
C2 CLA OG . -22.68 -29.74 -33.42
C3 CLA OG . -23.98 -29.62 -33.76
C4 CLA OG . -24.43 -28.83 -34.95
C5 CLA OG . -25.09 -30.26 -32.95
C6 CLA OG . -25.78 -29.20 -32.11
C7 CLA OG . -26.70 -29.80 -31.05
C8 CLA OG . -26.47 -29.19 -29.66
C9 CLA OG . -27.18 -30.00 -28.58
C10 CLA OG . -26.95 -27.73 -29.61
C11 CLA OG . -26.54 -27.05 -28.31
C12 CLA OG . -27.74 -26.70 -27.42
C13 CLA OG . -27.33 -26.62 -25.95
C14 CLA OG . -27.98 -27.77 -25.18
C15 CLA OG . -27.70 -25.29 -25.32
C16 CLA OG . -26.90 -24.11 -25.87
C17 CLA OG . -27.03 -22.90 -24.95
C18 CLA OG . -26.14 -21.73 -25.36
C19 CLA OG . -26.61 -21.10 -26.66
C20 CLA OG . -26.11 -20.68 -24.25
HHB CLA OG . -19.41 -29.48 -28.05
HHC CLA OG . -24.66 -32.87 -28.22
HHD CLA OG . -23.18 -35.46 -33.42
H2A CLA OG . -16.56 -31.10 -31.55
H3A CLA OG . -17.81 -28.87 -30.19
HMA1 CLA OG . -15.83 -29.77 -29.31
HMA2 CLA OG . -16.51 -31.35 -29.18
HMA3 CLA OG . -17.08 -30.09 -28.15
HAA1 CLA OG . -17.00 -29.64 -33.48
HAA2 CLA OG . -16.51 -28.64 -32.11
HBA1 CLA OG . -18.31 -27.39 -32.57
HBA2 CLA OG . -19.29 -28.66 -31.86
HMB1 CLA OG . -20.39 -29.22 -26.12
HMB2 CLA OG . -21.50 -30.04 -25.09
HMB3 CLA OG . -21.98 -28.60 -25.91
HBB1 CLA OG . -25.54 -29.28 -25.56
HBB2 CLA OG . -23.94 -29.45 -24.64
HMC1 CLA OG . -26.90 -33.51 -29.07
HMC2 CLA OG . -26.39 -35.15 -28.85
HMC3 CLA OG . -27.42 -34.73 -30.17
HAC1 CLA OG . -26.60 -36.22 -31.72
HAC2 CLA OG . -25.13 -36.60 -32.62
HBC1 CLA OG . -27.47 -35.39 -33.59
HBC2 CLA OG . -26.01 -35.71 -34.45
HBC3 CLA OG . -26.23 -34.19 -33.66
HMD1 CLA OG . -21.32 -34.47 -36.87
HMD2 CLA OG . -22.37 -35.48 -35.93
HMD3 CLA OG . -20.67 -35.83 -36.03
HBD CLA OG . -17.84 -31.23 -34.87
HED1 CLA OG . -13.56 -31.97 -33.63
HED2 CLA OG . -14.24 -33.56 -33.76
HED3 CLA OG . -14.52 -32.62 -32.35
H11 CLA OG . -21.85 -29.16 -35.29
H12 CLA OG . -21.60 -28.03 -33.98
H2 CLA OG . -22.42 -30.32 -32.55
H41 CLA OG . -25.49 -28.81 -34.98
H42 CLA OG . -24.04 -29.26 -35.83
H43 CLA OG . -24.07 -27.84 -34.87
H51 CLA OG . -24.67 -31.04 -32.30
H52 CLA OG . -25.81 -30.73 -33.62
H61 CLA OG . -26.37 -28.55 -32.76
H62 CLA OG . -25.03 -28.58 -31.62
H71 CLA OG . -26.55 -30.87 -31.00
H72 CLA OG . -27.74 -29.63 -31.34
H8 CLA OG . -25.40 -29.20 -29.46
H91 CLA OG . -26.62 -29.94 -27.68
H92 CLA OG . -27.24 -31.02 -28.89
H93 CLA OG . -28.15 -29.61 -28.42
H101 CLA OG . -28.03 -27.70 -29.72
H102 CLA OG . -26.51 -27.18 -30.45
H111 CLA OG . -26.00 -26.13 -28.55
H112 CLA OG . -25.87 -27.71 -27.77
H121 CLA OG . -28.51 -27.46 -27.54
H122 CLA OG . -28.15 -25.74 -27.74
H13 CLA OG . -26.24 -26.74 -25.87
H141 CLA OG . -27.57 -27.82 -24.20
H142 CLA OG . -27.81 -28.68 -25.69
H143 CLA OG . -29.02 -27.59 -25.11
H151 CLA OG . -27.53 -25.34 -24.24
H152 CLA OG . -28.77 -25.10 -25.47
H161 CLA OG . -27.27 -23.85 -26.86
H162 CLA OG . -25.85 -24.40 -25.97
H171 CLA OG . -26.74 -23.21 -23.93
H172 CLA OG . -28.07 -22.58 -24.91
H18 CLA OG . -25.12 -22.10 -25.50
H191 CLA OG . -26.15 -20.15 -26.79
H192 CLA OG . -27.66 -20.97 -26.64
H193 CLA OG . -26.35 -21.72 -27.47
H201 CLA OG . -25.50 -19.86 -24.54
H202 CLA OG . -25.71 -21.11 -23.37
H203 CLA OG . -27.09 -20.33 -24.06
HHC2 CLA OG . -24.96 -31.55 -29.27
HHD2 CLA OG . -23.86 -34.00 -34.04
MG CLA PG . -8.01 -19.00 -36.24
CHA CLA PG . -5.16 -18.80 -38.17
CHB CLA PG . -9.14 -21.67 -38.15
CHC CLA PG . -10.67 -19.16 -34.27
CHD CLA PG . -6.76 -16.34 -34.24
NA CLA PG . -7.24 -20.13 -37.98
C1A CLA PG . -6.09 -19.90 -38.61
C2A CLA PG . -5.87 -20.84 -39.75
C3A CLA PG . -7.13 -21.71 -39.73
C4A CLA PG . -7.89 -21.16 -38.57
CMA CLA PG . -7.87 -21.86 -41.05
CAA CLA PG . -4.59 -21.65 -39.46
CBA CLA PG . -4.50 -22.96 -40.23
CGA CLA PG . -3.08 -23.21 -40.64
O1A CLA PG . -2.23 -23.44 -39.79
O2A CLA PG . -2.76 -23.14 -41.93
NB CLA PG . -9.63 -20.22 -36.21
C1B CLA PG . -9.93 -21.23 -37.08
C2B CLA PG . -11.20 -21.82 -36.70
C3B CLA PG . -11.63 -21.11 -35.62
C4B CLA PG . -10.63 -20.09 -35.32
CMB CLA PG . -11.90 -22.96 -37.38
CAB CLA PG . -12.90 -21.35 -34.90
CBB CLA PG . -13.29 -20.67 -33.61
NC CLA PG . -8.58 -17.96 -34.52
C1C CLA PG . -9.75 -18.14 -33.92
C2C CLA PG . -9.98 -17.17 -32.83
C3C CLA PG . -8.86 -16.39 -32.82
C4C CLA PG . -7.99 -16.88 -33.89
CMC CLA PG . -11.18 -17.06 -31.92
CAC CLA PG . -8.57 -15.23 -31.90
CBC CLA PG . -7.95 -15.73 -30.62
ND CLA PG . -6.40 -17.84 -36.13
C1D CLA PG . -6.00 -16.80 -35.34
C2D CLA PG . -4.75 -16.22 -35.82
C3D CLA PG . -4.42 -17.02 -36.91
C4D CLA PG . -5.43 -17.97 -37.08
CMD CLA PG . -3.88 -15.10 -35.34
CAD CLA PG . -3.42 -17.19 -37.95
OBD CLA PG . -2.64 -16.33 -38.31
CBD CLA PG . -3.84 -18.37 -38.77
CGD CLA PG . -4.02 -17.96 -40.20
O1D CLA PG . -3.48 -18.58 -41.11
O2D CLA PG . -4.76 -16.90 -40.51
CED CLA PG . -5.29 -16.86 -41.84
C1 CLA PG . -3.01 -21.91 -42.66
C2 CLA PG . -4.10 -21.86 -43.71
C3 CLA PG . -4.22 -20.80 -44.53
C4 CLA PG . -3.30 -19.62 -44.44
C5 CLA PG . -5.28 -20.73 -45.60
C6 CLA PG . -6.23 -19.57 -45.29
C7 CLA PG . -7.68 -20.05 -45.27
C8 CLA PG . -8.67 -18.90 -45.15
C9 CLA PG . -8.41 -18.06 -43.90
C10 CLA PG . -10.08 -19.46 -45.14
C11 CLA PG . -10.85 -19.13 -46.41
C12 CLA PG . -11.59 -17.81 -46.31
C13 CLA PG . -12.40 -17.54 -47.58
C14 CLA PG . -11.49 -17.02 -48.69
C15 CLA PG . -13.51 -16.54 -47.30
C16 CLA PG . -14.91 -17.13 -47.45
C17 CLA PG . -15.25 -17.64 -48.86
C18 CLA PG . -15.35 -16.53 -49.91
C19 CLA PG . -15.17 -17.11 -51.30
C20 CLA PG . -16.69 -15.80 -49.81
HHB CLA PG . -9.51 -22.51 -38.71
HHC CLA PG . -11.61 -18.63 -34.42
HHD CLA PG . -6.89 -15.27 -34.37
H2A CLA PG . -5.77 -20.30 -40.69
H3A CLA PG . -6.85 -22.73 -39.43
HMA1 CLA PG . -7.18 -22.08 -41.82
HMA2 CLA PG . -8.38 -20.96 -41.26
HMA3 CLA PG . -8.58 -22.65 -40.98
HAA1 CLA PG . -4.55 -21.88 -38.39
HAA2 CLA PG . -3.72 -21.05 -39.70
HBA1 CLA PG . -5.15 -22.94 -41.11
HBA2 CLA PG . -4.84 -23.79 -39.59
HMB1 CLA PG . -11.41 -23.86 -37.16
HMB2 CLA PG . -11.91 -22.80 -38.44
HMB3 CLA PG . -12.90 -23.01 -37.03
HBB1 CLA PG . -13.91 -21.21 -32.91
HBB2 CLA PG . -13.32 -19.60 -33.57
HMC1 CLA PG . -11.69 -17.99 -31.91
HMC2 CLA PG . -11.83 -16.30 -32.28
HMC3 CLA PG . -10.86 -16.84 -30.94
HAC1 CLA PG . -9.51 -14.70 -31.68
HAC2 CLA PG . -7.89 -14.53 -32.40
HBC1 CLA PG . -7.55 -14.91 -30.08
HBC2 CLA PG . -7.17 -16.41 -30.86
HBC3 CLA PG . -8.68 -16.21 -30.04
HMD1 CLA PG . -4.28 -14.18 -35.68
HMD2 CLA PG . -2.91 -15.21 -35.73
HMD3 CLA PG . -3.84 -15.09 -34.28
HBD CLA PG . -3.10 -19.18 -38.70
HED1 CLA PG . -6.00 -16.07 -41.91
HED2 CLA PG . -5.74 -17.78 -42.08
HED3 CLA PG . -4.49 -16.67 -42.52
H11 CLA PG . -2.07 -21.64 -43.15
H12 CLA PG . -3.23 -21.14 -41.94
H2 CLA PG . -4.77 -22.70 -43.82
H41 CLA PG . -3.47 -18.98 -45.26
H42 CLA PG . -2.29 -19.94 -44.44
H43 CLA PG . -3.50 -19.10 -43.53
H51 CLA PG . -5.84 -21.66 -45.64
H52 CLA PG . -4.81 -20.55 -46.57
H61 CLA PG . -6.11 -18.79 -46.04
H62 CLA PG . -5.97 -19.14 -44.32
H71 CLA PG . -7.81 -20.74 -44.43
H72 CLA PG . -7.88 -20.61 -46.19
H8 CLA PG . -8.55 -18.25 -46.03
H91 CLA PG . -9.19 -17.36 -43.79
H92 CLA PG . -7.50 -17.53 -44.00
H93 CLA PG . -8.37 -18.69 -43.06
H101 CLA PG . -10.62 -19.05 -44.28
H102 CLA PG . -10.03 -20.55 -45.01
H111 CLA PG . -11.56 -19.94 -46.61
H112 CLA PG . -10.15 -19.10 -47.26
H121 CLA PG . -10.88 -17.00 -46.15
H122 CLA PG . -12.26 -17.85 -45.44
H13 CLA PG . -12.84 -18.49 -47.90
H141 CLA PG . -12.07 -16.80 -49.54
H142 CLA PG . -10.77 -17.76 -48.93
H143 CLA PG . -10.99 -16.15 -48.36
H151 CLA PG . -13.40 -15.69 -47.97
H152 CLA PG . -13.41 -16.16 -46.28
H161 CLA PG . -15.65 -16.37 -47.17
H162 CLA PG . -15.02 -17.96 -46.75
H171 CLA PG . -16.20 -18.16 -48.82
H172 CLA PG . -14.49 -18.35 -49.19
H18 CLA PG . -14.55 -15.79 -49.75
H191 CLA PG . -15.41 -16.38 -52.03
H192 CLA PG . -15.81 -17.95 -51.42
H193 CLA PG . -14.16 -17.42 -51.43
H201 CLA PG . -16.67 -14.95 -50.44
H202 CLA PG . -16.86 -15.50 -48.82
H203 CLA PG . -17.47 -16.45 -50.13
HHC2 CLA PG . -10.81 -19.75 -33.36
HHD2 CLA PG . -6.11 -16.45 -33.36
C1 BCR QG . -22.32 -26.45 -28.16
C2 BCR QG . -23.01 -27.42 -29.11
C3 BCR QG . -22.36 -27.57 -30.49
C4 BCR QG . -22.61 -26.29 -31.26
C5 BCR QG . -23.01 -25.24 -30.26
C6 BCR QG . -22.42 -25.20 -29.06
C7 BCR QG . -21.85 -23.90 -28.58
C8 BCR QG . -21.68 -22.83 -29.36
C9 BCR QG . -21.07 -21.57 -28.94
C10 BCR QG . -20.79 -20.53 -29.90
C11 BCR QG . -19.68 -19.78 -30.40
C33 BCR QG . -24.12 -24.29 -30.61
C31 BCR QG . -23.21 -25.70 -27.17
C32 BCR QG . -20.79 -26.29 -28.28
C34 BCR QG . -20.65 -21.35 -27.53
C12 BCR QG . -18.77 -19.14 -30.87
C13 BCR QG . -17.80 -18.11 -30.96
C14 BCR QG . -17.02 -18.12 -32.06
C15 BCR QG . -16.02 -17.15 -32.39
C16 BCR QG . -15.14 -16.67 -33.30
C17 BCR QG . -14.37 -15.61 -33.16
C18 BCR QG . -13.48 -15.07 -34.02
C19 BCR QG . -12.70 -13.88 -33.67
C20 BCR QG . -11.56 -13.22 -33.86
C21 BCR QG . -10.47 -12.31 -33.77
C22 BCR QG . -9.22 -12.43 -34.29
C23 BCR QG . -8.18 -11.44 -34.00
C24 BCR QG . -6.71 -11.61 -34.27
C25 BCR QG . -5.71 -10.63 -33.83
C26 BCR QG . -6.05 -9.40 -33.41
C27 BCR QG . -5.63 -9.00 -32.02
C28 BCR QG . -4.17 -9.36 -31.80
C29 BCR QG . -3.48 -9.86 -33.08
C30 BCR QG . -4.23 -11.00 -33.75
C35 BCR QG . -17.65 -17.08 -29.87
C36 BCR QG . -13.26 -15.70 -35.36
C37 BCR QG . -8.95 -13.64 -35.12
C38 BCR QG . -6.82 -8.44 -34.26
C39 BCR QG . -4.06 -12.29 -32.95
C40 BCR QG . -3.69 -11.18 -35.16
HC21 BCR QG . -22.98 -28.42 -28.65
HC22 BCR QG . -24.07 -27.19 -29.21
HC31 BCR QG . -21.28 -27.75 -30.40
HC32 BCR QG . -22.80 -28.41 -31.02
HC41 BCR QG . -21.70 -25.98 -31.78
HC42 BCR QG . -23.40 -26.44 -31.98
HC7 BCR QG . -21.43 -23.84 -27.59
HC8 BCR QG . -22.00 -22.89 -30.38
H331 BCR QG . -24.27 -23.61 -29.81
H332 BCR QG . -25.01 -24.83 -30.79
H333 BCR QG . -23.86 -23.75 -31.48
H311 BCR QG . -22.61 -25.24 -26.42
H312 BCR QG . -23.81 -26.41 -26.68
H313 BCR QG . -23.85 -25.00 -27.64
H321 BCR QG . -20.40 -25.75 -27.46
H322 BCR QG . -20.51 -25.85 -29.21
H323 BCR QG . -20.37 -27.26 -28.26
H341 BCR QG . -20.21 -20.39 -27.46
H342 BCR QG . -19.94 -22.07 -27.25
H343 BCR QG . -21.48 -21.41 -26.90
H14C BCR QG . -17.23 -18.89 -32.79
H15C BCR QG . -15.77 -16.36 -31.71
H16C BCR QG . -15.33 -17.40 -34.07
H17C BCR QG . -14.43 -15.08 -32.24
H21C BCR QG . -11.00 -11.63 -33.12
H23C BCR QG . -8.46 -10.56 -33.45
H24C BCR QG . -6.39 -12.54 -34.68
H271 BCR QG . -6.26 -9.51 -31.29
H272 BCR QG . -5.78 -7.93 -31.89
H281 BCR QG . -4.10 -10.14 -31.03
H282 BCR QG . -3.64 -8.48 -31.43
H291 BCR QG . -3.39 -9.04 -33.79
H292 BCR QG . -2.48 -10.20 -32.83
H351 BCR QG . -18.17 -16.20 -30.14
H352 BCR QG . -16.62 -16.87 -29.72
H353 BCR QG . -18.06 -17.46 -28.97
H361 BCR QG . -12.73 -15.04 -35.98
H362 BCR QG . -14.20 -15.93 -35.80
H363 BCR QG . -12.71 -16.60 -35.24
H371 BCR QG . -7.93 -13.70 -35.39
H372 BCR QG . -9.53 -13.60 -36.00
H373 BCR QG . -9.21 -14.51 -34.58
H381 BCR QG . -6.83 -7.49 -33.78
H382 BCR QG . -7.81 -8.77 -34.41
H383 BCR QG . -6.33 -8.33 -35.20
H391 BCR QG . -3.15 -12.75 -33.23
H392 BCR QG . -4.84 -12.97 -33.17
H393 BCR QG . -4.06 -12.09 -31.91
H401 BCR QG . -3.55 -12.20 -35.37
H402 BCR QG . -2.77 -10.67 -35.25
H403 BCR QG . -4.39 -10.78 -35.86
CA1 DGA RG . 7.77 22.14 31.64
CA2 DGA RG . 9.06 21.33 31.96
CA3 DGA RG . 10.00 21.35 30.72
CA4 DGA RG . 11.26 20.49 31.00
CA5 DGA RG . 10.91 18.98 30.84
CA6 DGA RG . 12.22 18.13 30.74
CA7 DGA RG . 12.53 17.48 32.11
CA8 DGA RG . 13.75 16.53 31.95
CA9 DGA RG . 13.22 15.08 31.67
CAA DGA RG . 14.32 14.23 31.00
CBA DGA RG . 13.82 12.78 30.86
CCA DGA RG . 14.15 11.98 32.15
CDA DGA RG . 15.45 11.14 31.94
CEA DGA RG . 15.17 9.92 31.03
CFA DGA RG . 15.15 8.59 31.86
CGA DGA RG . 13.82 8.50 32.66
CHA DGA RG . 13.62 7.05 33.19
CIA DGA RG . 14.49 6.81 34.42
OA1 DGA RG . 7.86 23.28 31.32
CB1 DGA RG . 3.34 19.66 33.80
CB2 DGA RG . 4.15 18.38 33.45
CB3 DGA RG . 5.10 18.02 34.63
CB4 DGA RG . 5.00 16.51 34.96
CB5 DGA RG . 5.61 15.66 33.82
CB6 DGA RG . 4.68 14.48 33.48
CB7 DGA RG . 4.67 13.46 34.64
CB8 DGA RG . 3.23 13.05 35.00
CB9 DGA RG . 3.23 12.14 36.24
CAB DGA RG . 2.76 10.72 35.86
CBB DGA RG . 3.18 9.62 36.89
CCB DGA RG . 3.05 10.09 38.36
CDB DGA RG . 3.32 8.74 39.10
CEB DGA RG . 4.84 8.38 39.13
CFB DGA RG . 5.06 6.99 38.47
CGB DGA RG . 6.55 6.55 38.64
CHB DGA RG . 6.64 5.03 38.93
CIB DGA RG . 6.23 4.22 37.68
OB1 DGA RG . 2.14 19.65 33.72
OG1 DGA RG . 6.50 21.51 31.70
CG1 DGA RG . 6.07 21.24 33.04
CG2 DGA RG . 4.58 21.59 33.17
OG2 DGA RG . 4.02 20.85 34.22
CG3 DGA RG . 4.44 23.07 33.47
OXT DGA RG . 5.26 23.81 32.59
HA21 DGA RG . 8.81 20.41 32.17
HA22 DGA RG . 9.51 21.73 32.72
HA31 DGA RG . 10.27 22.26 30.54
HA32 DGA RG . 9.53 20.99 29.95
HA41 DGA RG . 11.57 20.65 31.91
HA42 DGA RG . 11.96 20.73 30.38
HA51 DGA RG . 10.39 18.86 30.02
HA52 DGA RG . 10.39 18.68 31.60
HA61 DGA RG . 12.96 18.70 30.49
HA62 DGA RG . 12.10 17.43 30.08
HA71 DGA RG . 11.76 16.98 32.42
HA72 DGA RG . 12.75 18.17 32.76
HA81 DGA RG . 14.26 16.52 32.78
HA82 DGA RG . 14.31 16.82 31.23
HA91 DGA RG . 12.45 15.14 31.07
HA92 DGA RG . 12.95 14.66 32.50
HAT1 DGA RG . 15.12 14.26 31.53
HAT2 DGA RG . 14.51 14.59 30.11
HAE1 DGA RG . 14.26 12.36 30.10
HAE2 DGA RG . 12.87 12.78 30.72
HAW1 DGA RG . 13.42 11.37 32.35
HAW2 DGA RG . 14.28 12.60 32.89
HAH1 DGA RG . 15.78 10.84 32.80
HAH2 DGA RG . 16.13 11.71 31.53
HAF1 DGA RG . 15.88 9.86 30.36
HAF2 DGA RG . 14.33 10.04 30.57
HAN1 DGA RG . 15.89 8.57 32.47
HAN2 DGA RG . 15.21 7.83 31.25
HAS1 DGA RG . 13.09 8.72 32.08
HAS2 DGA RG . 13.85 9.11 33.41
HAV1 DGA RG . 13.85 6.42 32.49
HAV2 DGA RG . 12.69 6.93 33.43
HAG1 DGA RG . 14.31 5.93 34.77
HAG2 DGA RG . 14.30 7.47 35.10
HAG3 DGA RG . 15.43 6.86 34.17
HB21 DGA RG . 4.67 18.53 32.65
HB22 DGA RG . 3.53 17.64 33.30
HB31 DGA RG . 4.83 18.53 35.41
HB32 DGA RG . 6.01 18.24 34.39
HB41 DGA RG . 4.07 16.25 35.08
HB42 DGA RG . 5.49 16.33 35.78
HB51 DGA RG . 6.48 15.32 34.09
HB52 DGA RG . 5.73 16.21 33.04
HB61 DGA RG . 5.01 14.04 32.68
HB62 DGA RG . 3.79 14.80 33.32
HB71 DGA RG . 5.09 13.86 35.41
HB72 DGA RG . 5.17 12.67 34.38
HB81 DGA RG . 2.83 12.59 34.25
HB82 DGA RG . 2.71 13.85 35.19
HB91 DGA RG . 2.62 12.51 36.90
HB92 DGA RG . 4.12 12.10 36.61
HBT1 DGA RG . 3.15 10.49 35.00
HBT2 DGA RG . 1.79 10.72 35.77
HBE1 DGA RG . 4.09 9.36 36.71
HBE2 DGA RG . 2.60 8.86 36.76
HBW1 DGA RG . 2.33 10.72 38.20
HBW2 DGA RG . 3.49 10.65 39.02
HBH1 DGA RG . 2.83 8.02 38.68
HBH2 DGA RG . 3.01 8.83 40.02
HBF1 DGA RG . 5.14 8.34 40.05
HBF2 DGA RG . 5.34 9.05 38.66
HBN1 DGA RG . 4.85 7.05 37.52
HBN2 DGA RG . 4.49 6.33 38.89
HBS1 DGA RG . 6.94 7.04 39.38
HBS2 DGA RG . 7.03 6.74 37.82
HBV1 DGA RG . 6.06 4.80 39.67
HBV2 DGA RG . 7.56 4.81 39.17
HBG1 DGA RG . 6.25 3.27 37.90
HBG2 DGA RG . 6.86 4.39 36.96
HBG3 DGA RG . 5.34 4.47 37.40
HG11 DGA RG . 6.59 21.77 33.66
HG12 DGA RG . 6.20 20.29 33.23
HG2 DGA RG . 4.13 21.38 32.34
HG31 DGA RG . 4.74 23.24 34.38
HG32 DGA RG . 3.52 23.34 33.37
HXT DGA RG . 5.78 24.31 33.03
MG CLA SG . 13.13 -5.33 31.99
CHA CLA SG . 15.55 -6.87 33.93
CHB CLA SG . 10.65 -6.27 34.22
CHC CLA SG . 10.93 -3.73 30.08
CHD CLA SG . 15.68 -4.37 29.72
NA CLA SG . 13.08 -6.45 33.89
C1A CLA SG . 14.14 -7.00 34.50
C2A CLA SG . 13.78 -7.73 35.78
C3A CLA SG . 12.25 -7.52 35.81
C4A CLA SG . 11.94 -6.69 34.58
CMA CLA SG . 11.23 -8.25 36.68
CAA CLA SG . 14.56 -7.10 36.94
CBA CLA SG . 13.78 -6.93 38.24
CGA CLA SG . 12.89 -5.72 38.26
O1A CLA SG . 11.92 -5.73 38.99
O2A CLA SG . 13.17 -4.66 37.51
NB CLA SG . 11.12 -5.04 32.13
C1B CLA SG . 10.27 -5.51 33.10
C2B CLA SG . 8.92 -5.09 32.80
C3B CLA SG . 9.01 -4.38 31.63
C4B CLA SG . 10.41 -4.36 31.22
CMB CLA SG . 7.68 -5.39 33.59
CAB CLA SG . 7.86 -3.75 30.93
CBB CLA SG . 7.99 -2.48 30.14
NC CLA SG . 13.29 -4.18 30.24
C1C CLA SG . 12.26 -3.65 29.61
C2C CLA SG . 12.66 -2.93 28.37
C3C CLA SG . 14.01 -3.10 28.31
C4C CLA SG . 14.40 -3.88 29.47
CMC CLA SG . 11.77 -2.19 27.40
CAC CLA SG . 14.93 -2.57 27.23
CBC CLA SG . 14.92 -3.49 26.03
ND CLA SG . 15.09 -5.51 31.79
C1D CLA SG . 16.02 -5.11 30.88
C2D CLA SG . 17.36 -5.54 31.24
C3D CLA SG . 17.16 -6.23 32.43
C4D CLA SG . 15.81 -6.20 32.75
CMD CLA SG . 18.71 -5.39 30.61
CAD CLA SG . 17.87 -6.96 33.47
OBD CLA SG . 19.04 -7.29 33.44
CBD CLA SG . 16.86 -7.40 34.49
CGD CLA SG . 16.87 -8.90 34.60
O1D CLA SG . 17.10 -9.59 33.62
O2D CLA SG . 16.64 -9.49 35.77
CED CLA SG . 17.53 -10.54 36.14
C1 CLA SG . 12.10 -4.00 36.75
C2 CLA SG . 12.43 -3.42 35.39
C3 CLA SG . 11.53 -2.70 34.70
C4 CLA SG . 10.14 -2.44 35.22
C5 CLA SG . 11.87 -2.12 33.34
C6 CLA SG . 12.90 -1.00 33.48
C7 CLA SG . 13.83 -0.96 32.28
C8 CLA SG . 14.84 0.18 32.44
C9 CLA SG . 14.66 1.24 31.35
C10 CLA SG . 16.27 -0.38 32.50
C11 CLA SG . 16.87 -0.77 31.15
C12 CLA SG . 18.12 0.06 30.89
C13 CLA SG . 18.67 -0.15 29.48
C14 CLA SG . 19.72 -1.26 29.50
C15 CLA SG . 19.30 1.13 28.92
C16 CLA SG . 18.35 2.33 28.73
C17 CLA SG . 16.93 1.94 28.33
C18 CLA SG . 16.04 3.15 28.04
C19 CLA SG . 14.60 2.69 27.83
C20 CLA SG . 16.07 4.21 29.13
HHB CLA SG . 9.87 -6.47 34.94
HHC CLA SG . 10.35 -4.13 29.25
HHD CLA SG . 15.96 -4.97 28.86
H2A CLA SG . 14.02 -8.79 35.68
H3A CLA SG . 12.18 -8.42 35.18
HMA1 CLA SG . 11.72 -9.00 37.23
HMA2 CLA SG . 10.50 -8.69 36.05
HMA3 CLA SG . 10.77 -7.55 37.33
HAA1 CLA SG . 14.95 -6.13 36.62
HAA2 CLA SG . 15.43 -7.73 37.13
HBA1 CLA SG . 14.51 -6.84 39.06
HBA2 CLA SG . 13.19 -7.83 38.44
HMB1 CLA SG . 7.81 -5.03 34.58
HMB2 CLA SG . 7.50 -6.43 33.59
HMB3 CLA SG . 6.85 -4.88 33.15
HBB1 CLA SG . 7.30 -1.67 30.35
HBB2 CLA SG . 8.41 -2.53 29.15
HMC1 CLA SG . 12.04 -1.17 27.38
HMC2 CLA SG . 10.76 -2.29 27.71
HMC3 CLA SG . 11.89 -2.60 26.44
HAC1 CLA SG . 15.94 -2.47 27.63
HAC2 CLA SG . 14.60 -1.56 26.93
HBC1 CLA SG . 15.54 -3.08 25.28
HBC2 CLA SG . 13.94 -3.58 25.66
HBC3 CLA SG . 15.28 -4.43 26.32
HMD1 CLA SG . 18.76 -4.45 30.11
HMD2 CLA SG . 18.87 -6.17 29.91
HMD3 CLA SG . 19.47 -5.43 31.36
HBD CLA SG . 17.08 -6.95 35.46
HED1 CLA SG . 17.44 -10.72 37.18
HED2 CLA SG . 18.52 -10.25 35.92
HED3 CLA SG . 17.30 -11.42 35.60
H11 CLA SG . 11.72 -3.19 37.38
H12 CLA SG . 11.29 -4.71 36.62
H2 CLA SG . 13.41 -3.57 34.98
H41 CLA SG . 9.54 -2.06 34.44
H42 CLA SG . 10.19 -1.74 36.01
H43 CLA SG . 9.73 -3.34 35.57
H51 CLA SG . 10.97 -1.73 32.87
H52 CLA SG . 12.29 -2.90 32.71
H61 CLA SG . 13.49 -1.16 34.39
H62 CLA SG . 12.39 -0.05 33.58
H71 CLA SG . 13.24 -0.81 31.37
H72 CLA SG . 14.35 -1.91 32.17
H8 CLA SG . 14.64 0.66 33.40
H91 CLA SG . 15.52 1.85 31.32
H92 CLA SG . 13.81 1.84 31.58
H93 CLA SG . 14.51 0.78 30.42
H101 CLA SG . 16.27 -1.25 33.16
H102 CLA SG . 16.91 0.37 32.96
H111 CLA SG . 16.15 -0.64 30.34
H112 CLA SG . 17.15 -1.82 31.18
H121 CLA SG . 18.89 -0.21 31.61
H122 CLA SG . 17.89 1.12 31.03
H13 CLA SG . 17.86 -0.47 28.82
H141 CLA SG . 20.08 -1.43 28.52
H142 CLA SG . 19.29 -2.14 29.88
H143 CLA SG . 20.54 -0.96 30.12
H151 CLA SG . 19.78 0.91 27.96
H152 CLA SG . 20.09 1.45 29.60
H161 CLA SG . 18.77 2.97 27.95
H162 CLA SG . 18.33 2.90 29.65
H171 CLA SG . 16.47 1.35 29.11
H172 CLA SG . 16.97 1.32 27.43
H18 CLA SG . 16.38 3.62 27.11
H191 CLA SG . 14.08 3.41 27.26
H192 CLA SG . 14.13 2.58 28.78
H193 CLA SG . 14.59 1.76 27.32
H201 CLA SG . 15.31 4.92 28.95
H202 CLA SG . 17.01 4.71 29.13
H203 CLA SG . 15.92 3.76 30.07
HHC2 CLA SG . 10.60 -2.68 30.17
HHD2 CLA SG . 16.35 -3.50 29.71
C1 RRX TG . 1.01 -12.73 21.38
C2 RRX TG . -0.02 -13.81 22.10
O2 RRX TG . 12.89 8.57 13.54
C3 RRX TG . 0.43 -15.09 22.12
C40 RRX TG . 12.06 6.24 11.60
C30 RRX TG . 13.44 5.78 12.16
C39 RRX TG . 14.19 5.03 11.04
C29 RRX TG . 14.34 7.11 12.54
C28 RRX TG . 14.04 7.74 13.73
C27 RRX TG . 13.73 6.72 15.00
C26 RRX TG . 13.87 5.33 14.66
C38 RRX TG . 13.97 4.30 15.80
C25 RRX TG . 13.20 4.88 13.28
C24 RRX TG . 12.81 3.37 13.14
C23 RRX TG . 11.58 2.97 13.57
C22 RRX TG . 11.09 1.50 13.53
C37 RRX TG . 11.26 0.60 12.31
C21 RRX TG . 10.48 1.13 14.71
C20 RRX TG . 9.84 -0.22 15.17
C19 RRX TG . 10.00 -1.50 14.69
C18 RRX TG . 9.18 -2.59 15.51
C36 RRX TG . 8.09 -3.48 14.90
C17 RRX TG . 9.58 -2.61 16.82
C16 RRX TG . 9.11 -3.41 18.05
C15 RRX TG . 8.33 -4.53 18.23
C14 RRX TG . 8.24 -4.86 19.76
C13 RRX TG . 7.49 -5.76 20.46
C35 RRX TG . 7.76 -5.69 21.99
C12 RRX TG . 6.44 -6.79 19.96
C11 RRX TG . 6.40 -7.99 20.60
C10 RRX TG . 5.42 -9.14 20.27
C9 RRX TG . 4.59 -9.60 21.25
C34 RRX TG . 4.61 -8.97 22.60
C8 RRX TG . 3.59 -10.77 20.97
C7 RRX TG . 3.38 -11.71 21.95
C6 RRX TG . 2.41 -12.92 21.75
C32 RRX TG . 0.54 -11.28 21.81
C31 RRX TG . 0.88 -12.88 19.84
C5 RRX TG . 2.89 -14.37 22.23
C33 RRX TG . 4.37 -14.69 22.40
C4 RRX TG . 1.90 -15.21 22.86
H1 RRX TG . -0.17 -13.53 23.02
H2 RRX TG . -0.87 -13.79 21.63
H3 RRX TG . 13.07 9.37 13.78
H4 RRX TG . -0.21 -15.65 22.59
H5 RRX TG . 0.52 -15.41 21.20
H6 RRX TG . 12.19 6.63 10.72
H7 RRX TG . 11.68 6.91 12.19
H8 RRX TG . 11.47 5.48 11.54
H9 RRX TG . 14.78 4.36 11.43
H10 RRX TG . 14.72 5.66 10.53
H11 RRX TG . 13.55 4.59 10.46
H12 RRX TG . 14.23 7.76 11.83
H13 RRX TG . 15.27 6.84 12.57
H14 RRX TG . 14.79 8.30 13.97
H15 RRX TG . 14.36 6.93 15.73
H16 RRX TG . 12.83 6.88 15.32
H17 RRX TG . 14.44 4.69 16.55
H18 RRX TG . 14.47 3.53 15.48
H19 RRX TG . 13.08 4.03 16.07
H20 RRX TG . 13.41 2.75 12.78
H21 RRX TG . 11.02 3.61 13.95
H22 RRX TG . 11.83 1.05 11.66
H23 RRX TG . 10.41 0.41 11.90
H24 RRX TG . 11.69 -0.23 12.57
H25 RRX TG . 10.45 1.80 15.36
H26 RRX TG . 9.27 -0.14 15.91
H27 RRX TG . 10.55 -1.72 13.97
H28 RRX TG . 8.04 -3.32 13.94
H29 RRX TG . 7.23 -3.27 15.31
H30 RRX TG . 8.31 -4.41 15.06
H31 RRX TG . 10.24 -1.99 17.02
H32 RRX TG . 9.44 -3.04 18.84
H33 RRX TG . 7.92 -5.01 17.56
H34 RRX TG . 8.79 -4.35 20.30
H36 RRX TG . 7.52 -4.81 22.32
H37 RRX TG . 8.69 -5.86 22.17
H38 RRX TG . 7.22 -6.35 22.47
H39 RRX TG . 5.84 -6.58 19.28
H40 RRX TG . 7.01 -8.14 21.29
H42 RRX TG . 5.42 -9.52 19.42
H43 RRX TG . 4.55 -8.01 22.52
H44 RRX TG . 5.43 -9.21 23.06
H45 RRX TG . 3.86 -9.29 23.12
H46 RRX TG . 3.14 -10.83 20.15
H47 RRX TG . 3.84 -11.63 22.75
H48 RRX TG . 0.90 -10.62 21.20
H49 RRX TG . 0.83 -11.09 22.72
H50 RRX TG . -0.43 -11.25 21.78
H51 RRX TG . 1.23 -12.09 19.40
H52 RRX TG . -0.04 -13.01 19.60
H53 RRX TG . 1.40 -13.66 19.54
H54 RRX TG . 4.89 -14.17 21.77
H55 RRX TG . 4.52 -15.63 22.22
H56 RRX TG . 4.65 -14.49 23.30
H57 RRX TG . 2.19 -16.13 22.83
H58 RRX TG . 1.80 -14.93 23.80
C6 C7Z UG . 15.22 -8.63 26.72
C17 C7Z UG . 16.47 -7.78 28.66
C4 C7Z UG . 16.35 -10.57 25.40
C3 C7Z UG . 17.50 -10.33 26.59
O3 C7Z UG . 18.69 -11.02 26.20
C2 C7Z UG . 17.81 -9.02 26.79
C1 C7Z UG . 16.50 -8.06 27.12
C5 C7Z UG . 15.22 -9.66 25.50
C18 C7Z UG . 13.89 -10.01 24.81
C16 C7Z UG . 16.68 -6.70 26.37
O23 C7Z UG . 1.26 11.07 20.05
C26 C7Z UG . 3.72 7.76 18.99
C7 C7Z UG . 14.02 -8.64 27.72
C8 C7Z UG . 12.89 -7.88 27.60
C9 C7Z UG . 12.50 -6.87 26.48
C19 C7Z UG . 13.42 -6.55 25.30
C10 C7Z UG . 11.31 -6.29 26.63
C11 C7Z UG . 10.60 -5.23 25.73
C12 C7Z UG . 10.88 -4.85 24.46
C13 C7Z UG . 9.91 -3.75 23.89
C20 C7Z UG . 8.62 -3.43 24.69
C14 C7Z UG . 10.13 -3.06 22.76
C15 C7Z UG . 9.06 -2.00 22.37
C35 C7Z UG . 9.02 -1.37 21.19
C34 C7Z UG . 7.92 -0.33 20.91
C33 C7Z UG . 7.91 0.39 19.79
C40 C7Z UG . 9.04 0.20 18.74
C32 C7Z UG . 6.78 1.45 19.53
C31 C7Z UG . 6.75 2.10 18.36
C30 C7Z UG . 5.64 3.18 18.08
C29 C7Z UG . 5.87 4.45 18.47
C39 C7Z UG . 7.19 4.78 19.17
C28 C7Z UG . 4.84 5.60 18.23
C27 C7Z UG . 4.74 6.55 19.16
C21 C7Z UG . 4.27 9.14 18.84
C36 C7Z UG . 4.95 9.26 17.46
C37 C7Z UG . 5.32 9.37 19.94
C22 C7Z UG . 3.09 10.30 18.98
C23 C7Z UG . 2.39 10.23 20.16
C24 C7Z UG . 1.86 8.63 20.56
C25 C7Z UG . 2.23 7.65 19.57
C38 C7Z UG . 1.43 6.31 19.47
O13 3PH VG . -5.45 15.30 32.19
P 3PH VG . -5.49 14.17 33.19
O14 3PH VG . -5.90 12.90 32.49
O12 3PH VG . -6.48 14.49 34.27
O11 3PH VG . -3.99 13.97 33.85
C1 3PH VG . -3.71 12.80 34.56
C2 3PH VG . -2.20 12.69 34.79
O21 3PH VG . -1.72 11.61 34.04
C21 3PH VG . -0.53 11.81 33.33
O22 3PH VG . 0.14 12.77 33.51
C22 3PH VG . -0.10 10.79 32.28
C23 3PH VG . 0.99 9.91 32.90
C24 3PH VG . 1.43 8.82 31.92
C25 3PH VG . 1.70 7.51 32.67
C26 3PH VG . 2.81 7.70 33.70
C27 3PH VG . 3.37 6.34 34.12
C28 3PH VG . 4.56 5.94 33.24
C29 3PH VG . 4.66 4.42 33.08
C2A 3PH VG . 4.67 3.71 34.44
C2B 3PH VG . 5.00 2.22 34.24
C2C 3PH VG . 6.37 1.90 34.84
C2D 3PH VG . 6.76 0.44 34.53
C2E 3PH VG . 7.35 0.31 33.13
C2F 3PH VG . 8.82 0.76 33.11
C2G 3PH VG . 9.21 1.04 31.66
C2H 3PH VG . 10.74 1.08 31.52
C2I 3PH VG . 11.11 1.76 30.20
C3 3PH VG . -1.87 12.46 36.27
O31 3PH VG . -0.88 11.48 36.36
C31 3PH VG . -1.32 10.16 36.52
O32 3PH VG . -2.46 9.89 36.36
C32 3PH VG . -0.31 9.07 36.91
C33 3PH VG . -1.05 7.77 37.26
C34 3PH VG . -0.06 6.71 37.77
C35 3PH VG . 0.67 6.05 36.60
C36 3PH VG . 1.81 5.16 37.09
C37 3PH VG . 1.30 4.06 38.04
C38 3PH VG . 2.39 2.99 38.22
C39 3PH VG . 2.27 1.91 37.14
C3A 3PH VG . 3.27 0.79 37.44
C3B 3PH VG . 2.97 -0.44 36.57
C3C 3PH VG . 3.58 -1.69 37.21
C3D 3PH VG . 2.63 -2.27 38.26
C3E 3PH VG . 3.42 -2.75 39.49
C3F 3PH VG . 2.47 -3.30 40.55
C3G 3PH VG . 2.17 -2.21 41.59
C3H 3PH VG . 1.37 -2.74 42.79
C3I 3PH VG . 0.30 -3.76 42.40
H11 3PH VG . -4.02 12.03 34.04
H12 3PH VG . -4.18 12.82 35.41
H2 3PH VG . -1.79 13.51 34.49
H221 3PH VG . 0.24 11.23 31.50
H222 3PH VG . -0.86 10.24 32.05
H231 3PH VG . 0.65 9.50 33.72
H232 3PH VG . 1.76 10.47 33.11
H241 3PH VG . 2.23 9.10 31.46
H242 3PH VG . 0.72 8.68 31.27
H251 3PH VG . 1.96 6.84 32.03
H252 3PH VG . 0.89 7.23 33.12
H261 3PH VG . 2.46 8.16 34.48
H262 3PH VG . 3.52 8.23 33.31
H271 3PH VG . 2.67 5.68 34.03
H272 3PH VG . 3.66 6.39 35.04
H281 3PH VG . 5.37 6.28 33.64
H282 3PH VG . 4.45 6.35 32.36
H291 3PH VG . 5.47 4.21 32.61
H292 3PH VG . 3.90 4.10 32.57
H2A1 3PH VG . 3.81 3.80 34.86
H2A2 3PH VG . 5.35 4.12 35.00
H2B1 3PH VG . 4.99 2.01 33.30
H2B2 3PH VG . 4.32 1.70 34.70
H2C1 3PH VG . 6.33 2.02 35.80
H2C2 3PH VG . 7.03 2.50 34.46
H2D1 3PH VG . 5.98 -0.12 34.60
H2D2 3PH VG . 7.41 0.15 35.19
H2E1 3PH VG . 6.84 0.85 32.52
H2E2 3PH VG . 7.30 -0.62 32.86
H2F1 3PH VG . 9.38 0.06 33.47
H2F2 3PH VG . 8.93 1.57 33.64
H2G1 3PH VG . 8.85 1.90 31.38
H2G2 3PH VG . 8.87 0.34 31.09
H2H1 3PH VG . 11.08 0.19 31.53
H2H2 3PH VG . 11.12 1.58 32.26
H2I1 3PH VG . 12.01 1.51 29.96
H2I2 3PH VG . 11.06 2.72 30.30
H2I3 3PH VG . 10.50 1.47 29.51
H31 3PH VG . -2.67 12.18 36.75
H32 3PH VG . -1.54 13.29 36.65
H321 3PH VG . 0.20 9.36 37.68
H322 3PH VG . 0.28 8.91 36.16
H331 3PH VG . -1.50 7.43 36.46
H332 3PH VG . -1.71 7.94 37.95
H341 3PH VG . -0.56 6.04 38.26
H342 3PH VG . 0.58 7.14 38.35
H351 3PH VG . 1.04 6.74 36.02
H352 3PH VG . 0.04 5.51 36.10
H361 3PH VG . 2.47 5.71 37.55
H362 3PH VG . 2.24 4.74 36.33
H371 3PH VG . 0.50 3.66 37.67
H372 3PH VG . 1.10 4.46 38.89
H381 3PH VG . 2.27 2.58 39.08
H382 3PH VG . 3.26 3.41 38.17
H391 3PH VG . 2.46 2.31 36.27
H392 3PH VG . 1.37 1.55 37.12
H3A1 3PH VG . 3.21 0.56 38.37
H3A2 3PH VG . 4.17 1.11 37.23
H3B1 3PH VG . 3.35 -0.31 35.70
H3B2 3PH VG . 2.01 -0.55 36.49
H3C1 3PH VG . 4.42 -1.45 37.63
H3C2 3PH VG . 3.74 -2.35 36.52
H3D1 3PH VG . 2.15 -3.01 37.88
H3D2 3PH VG . 1.99 -1.58 38.54
H3E1 3PH VG . 3.92 -2.01 39.85
H3E2 3PH VG . 4.03 -3.45 39.21
H3F1 3PH VG . 2.88 -4.06 40.99
H3F2 3PH VG . 1.64 -3.58 40.12
H3G1 3PH VG . 1.67 -1.49 41.17
H3G2 3PH VG . 3.00 -1.86 41.92
H3H1 3PH VG . 0.93 -1.99 43.22
H3H2 3PH VG . 1.98 -3.15 43.42
H3I1 3PH VG . -0.25 -3.95 43.17
H3I2 3PH VG . 0.72 -4.58 42.09
H3I3 3PH VG . -0.25 -3.40 41.69
MG CLA WG . 38.35 23.52 -24.49
CHA CLA WG . 37.95 20.20 -23.66
CHB CLA WG . 40.54 22.67 -27.05
CHC CLA WG . 38.56 26.75 -25.27
CHD CLA WG . 36.10 24.37 -21.87
NA CLA WG . 39.16 21.64 -25.30
C1A CLA WG . 38.88 20.41 -24.83
C2A CLA WG . 39.61 19.34 -25.59
C3A CLA WG . 40.42 20.15 -26.63
C4A CLA WG . 40.03 21.57 -26.33
CMA CLA WG . 41.88 19.80 -26.86
CAA CLA WG . 38.69 18.33 -26.29
CBA CLA WG . 37.34 18.88 -26.71
CGA CLA WG . 36.90 18.19 -27.98
O1A CLA WG . 37.22 18.66 -29.06
O2A CLA WG . 36.20 17.07 -27.92
NB CLA WG . 39.37 24.54 -25.93
C1B CLA WG . 40.24 24.04 -26.86
C2B CLA WG . 40.81 25.12 -27.62
C3B CLA WG . 40.25 26.26 -27.11
C4B CLA WG . 39.34 25.88 -26.03
CMB CLA WG . 41.81 25.04 -28.74
CAB CLA WG . 40.52 27.64 -27.58
CBB CLA WG . 39.39 28.54 -28.03
NC CLA WG . 37.43 25.26 -23.74
C1C CLA WG . 37.71 26.48 -24.16
C2C CLA WG . 37.02 27.53 -23.37
C3C CLA WG . 36.32 26.84 -22.43
C4C CLA WG . 36.58 25.42 -22.66
CMC CLA WG . 37.10 29.03 -23.55
CAC CLA WG . 35.44 27.42 -21.35
CBC CLA WG . 34.02 27.55 -21.84
ND CLA WG . 37.29 22.63 -23.09
C1D CLA WG . 36.40 23.01 -22.12
C2D CLA WG . 35.83 21.87 -21.42
C3D CLA WG . 36.45 20.78 -22.03
C4D CLA WG . 37.30 21.25 -23.02
CMD CLA WG . 34.84 21.73 -20.30
CAD CLA WG . 36.50 19.34 -22.01
OBD CLA WG . 35.86 18.60 -21.28
CBD CLA WG . 37.58 18.92 -22.95
CGD CLA WG . 38.74 18.40 -22.16
O1D CLA WG . 38.73 18.44 -20.94
O2D CLA WG . 39.81 17.89 -22.76
CED CLA WG . 40.20 16.58 -22.37
C1 CLA WG . 34.84 16.99 -28.45
C2 CLA WG . 33.73 16.49 -27.55
C3 CLA WG . 32.49 16.25 -28.01
C4 CLA WG . 32.10 16.48 -29.44
C5 CLA WG . 31.39 15.76 -27.10
C6 CLA WG . 30.52 16.92 -26.65
C7 CLA WG . 30.14 16.86 -25.17
C8 CLA WG . 29.23 15.69 -24.78
C9 CLA WG . 28.20 15.33 -25.84
C10 CLA WG . 28.59 15.98 -23.42
C11 CLA WG . 27.23 16.69 -23.49
C12 CLA WG . 26.86 17.19 -22.09
C13 CLA WG . 25.42 17.69 -21.86
C14 CLA WG . 24.41 17.19 -22.89
C15 CLA WG . 25.38 19.23 -21.81
C16 CLA WG . 25.80 19.81 -20.46
C17 CLA WG . 24.80 19.51 -19.34
C18 CLA WG . 25.05 20.32 -18.07
C19 CLA WG . 24.19 19.80 -16.93
C20 CLA WG . 26.52 20.31 -17.66
HHB CLA WG . 41.18 22.43 -27.88
HHC CLA WG . 39.25 27.51 -24.91
HHD CLA WG . 36.43 24.58 -20.85
H2A CLA WG . 40.31 18.82 -24.92
HMA1 CLA WG . 41.99 18.76 -26.97
HMA2 CLA WG . 42.45 20.12 -26.03
HMA3 CLA WG . 42.23 20.28 -27.73
HAA1 CLA WG . 38.53 17.49 -25.61
HAA2 CLA WG . 39.21 17.94 -27.17
HBA1 CLA WG . 37.41 19.96 -26.91
HBA2 CLA WG . 36.60 18.73 -25.93
HMB1 CLA WG . 42.79 25.20 -28.37
HMB2 CLA WG . 41.59 25.82 -29.44
HMB3 CLA WG . 41.74 24.11 -29.23
HBB1 CLA WG . 39.50 29.06 -28.96
HBB2 CLA WG . 38.73 28.94 -27.29
HMC1 CLA WG . 37.46 29.25 -24.53
HMC2 CLA WG . 37.76 29.44 -22.84
HMC3 CLA WG . 36.14 29.43 -23.43
HAC1 CLA WG . 35.82 28.40 -21.06
HAC2 CLA WG . 35.47 26.78 -20.47
HBC1 CLA WG . 33.37 27.62 -21.01
HBC2 CLA WG . 33.77 26.70 -22.42
HBC3 CLA WG . 33.93 28.42 -22.43
HMD1 CLA WG . 33.86 21.86 -20.68
HMD2 CLA WG . 35.05 22.45 -19.56
HMD3 CLA WG . 34.92 20.75 -19.90
HBD CLA WG . 37.23 18.15 -23.66
HED1 CLA WG . 40.73 16.12 -23.16
HED2 CLA WG . 39.33 16.00 -22.14
HED3 CLA WG . 40.81 16.64 -21.51
H11 CLA WG . 34.87 16.34 -29.33
H12 CLA WG . 34.56 17.98 -28.81
H2 CLA WG . 33.95 16.31 -26.52
H41 CLA WG . 31.07 16.28 -29.56
H42 CLA WG . 32.66 15.84 -30.07
H43 CLA WG . 32.30 17.49 -29.71
H51 CLA WG . 31.83 15.26 -26.23
H52 CLA WG . 30.78 15.02 -27.62
H61 CLA WG . 29.62 16.97 -27.27
H62 CLA WG . 31.08 17.85 -26.81
H71 CLA WG . 29.64 17.79 -24.89
H72 CLA WG . 31.06 16.80 -24.57
H8 CLA WG . 29.88 14.79 -24.65
H91 CLA WG . 27.48 14.68 -25.43
H92 CLA WG . 28.68 14.86 -26.66
H93 CLA WG . 27.72 16.22 -26.18
H101 CLA WG . 29.27 16.60 -22.84
H102 CLA WG . 28.46 15.04 -22.88
H111 CLA WG . 26.48 15.98 -23.84
H112 CLA WG . 27.27 17.53 -24.19
H121 CLA WG . 27.55 18.01 -21.83
H122 CLA WG . 27.05 16.39 -21.38
H13 CLA WG . 25.11 17.32 -20.88
H141 CLA WG . 23.43 17.43 -22.56
H142 CLA WG . 24.48 16.14 -22.99
H143 CLA WG . 24.58 17.65 -23.82
H151 CLA WG . 24.35 19.55 -22.03
H152 CLA WG . 26.03 19.62 -22.59
H161 CLA WG . 25.89 20.90 -20.56
H162 CLA WG . 26.78 19.42 -20.19
H171 CLA WG . 24.83 18.45 -19.09
H172 CLA WG . 23.78 19.73 -19.70
H18 CLA WG . 24.77 21.37 -18.26
H191 CLA WG . 24.12 20.53 -16.17
H192 CLA WG . 24.63 18.92 -16.53
H193 CLA WG . 23.23 19.57 -17.29
H201 CLA WG . 26.61 20.65 -16.67
H202 CLA WG . 27.07 20.95 -18.31
H203 CLA WG . 26.90 19.32 -17.73
HHC2 CLA WG . 37.93 27.27 -25.99
HHD2 CLA WG . 35.01 24.46 -21.85
MG CLA XG . 44.44 34.25 -10.70
CHA CLA XG . 46.64 35.44 -13.05
CHB CLA XG . 44.07 37.45 -9.38
CHC CLA XG . 42.30 33.00 -8.50
CHD CLA XG . 44.80 31.00 -12.10
NA CLA XG . 45.26 36.26 -11.16
C1A CLA XG . 46.12 36.52 -12.14
C2A CLA XG . 46.48 37.97 -12.21
C3A CLA XG . 45.65 38.58 -11.04
C4A CLA XG . 44.94 37.37 -10.47
CMA CLA XG . 46.37 39.50 -10.07
CAA CLA XG . 46.13 38.47 -13.62
CBA CLA XG . 45.57 39.89 -13.70
CGA CLA XG . 45.67 40.39 -15.12
O1A CLA XG . 45.21 39.72 -16.03
O2A CLA XG . 46.25 41.56 -15.32
NB CLA XG . 43.36 35.09 -9.20
C1B CLA XG . 43.35 36.40 -8.78
C2B CLA XG . 42.45 36.53 -7.65
C3B CLA XG . 41.97 35.27 -7.42
C4B CLA XG . 42.55 34.37 -8.41
CMB CLA XG . 42.11 37.77 -6.87
CAB CLA XG . 41.02 34.82 -6.38
CBB CLA XG . 39.55 34.83 -6.70
NC CLA XG . 43.61 32.35 -10.41
C1C CLA XG . 42.80 32.04 -9.42
C2C CLA XG . 42.44 30.61 -9.37
C3C CLA XG . 43.12 30.07 -10.44
C4C CLA XG . 43.85 31.15 -11.08
CMC CLA XG . 41.54 29.94 -8.38
CAC CLA XG . 43.11 28.61 -10.87
CBC CLA XG . 44.32 27.90 -10.30
ND CLA XG . 45.40 33.35 -12.17
C1D CLA XG . 45.51 32.08 -12.66
C2D CLA XG . 46.47 32.01 -13.76
C3D CLA XG . 46.89 33.32 -13.92
C4D CLA XG . 46.25 34.11 -12.96
CMD CLA XG . 46.95 30.89 -14.64
CAD CLA XG . 47.76 34.16 -14.71
OBD CLA XG . 48.67 33.75 -15.41
CBD CLA XG . 47.65 35.56 -14.18
CGD CLA XG . 48.99 35.96 -13.65
O1D CLA XG . 49.74 36.67 -14.31
O2D CLA XG . 49.40 35.54 -12.45
CED CLA XG . 50.42 36.30 -11.82
C1 CLA XG . 45.44 42.76 -15.43
C2 CLA XG . 45.59 43.64 -16.65
C3 CLA XG . 45.08 44.87 -16.72
C4 CLA XG . 45.27 45.69 -17.97
C5 CLA XG . 44.27 45.54 -15.63
C6 CLA XG . 42.82 45.65 -16.05
C7 CLA XG . 42.18 46.88 -15.41
C8 CLA XG . 42.49 48.14 -16.23
C9 CLA XG . 42.43 49.38 -15.34
C10 CLA XG . 41.51 48.25 -17.39
C11 CLA XG . 42.25 48.43 -18.71
C12 CLA XG . 41.29 48.28 -19.90
C13 CLA XG . 41.93 48.54 -21.27
C14 CLA XG . 43.45 48.73 -21.24
C15 CLA XG . 41.24 49.74 -21.93
C16 CLA XG . 41.38 51.03 -21.15
C17 CLA XG . 40.03 51.61 -20.77
C18 CLA XG . 40.12 52.63 -19.64
C19 CLA XG . 40.29 51.93 -18.30
C20 CLA XG . 41.24 53.63 -19.89
HHB CLA XG . 43.94 38.43 -8.95
HHC CLA XG . 42.55 32.61 -7.51
HHD CLA XG . 45.54 30.29 -11.73
H2A CLA XG . 47.55 38.11 -12.01
H3A CLA XG . 44.85 39.19 -11.45
HMA1 CLA XG . 46.86 40.27 -10.60
HMA2 CLA XG . 47.09 38.95 -9.51
HMA3 CLA XG . 45.67 39.92 -9.39
HAA1 CLA XG . 45.40 37.79 -14.05
HAA2 CLA XG . 47.03 38.42 -14.23
HBA1 CLA XG . 46.13 40.55 -13.04
HBA2 CLA XG . 44.52 39.89 -13.40
HMB1 CLA XG . 42.45 37.67 -5.87
HMB2 CLA XG . 41.06 37.89 -6.86
HMB3 CLA XG . 42.55 38.62 -7.33
HBB1 CLA XG . 39.07 33.90 -6.91
HBB2 CLA XG . 38.93 35.63 -6.30
HMC1 CLA XG . 40.63 30.46 -8.33
HMC2 CLA XG . 42.00 29.93 -7.43
HMC3 CLA XG . 41.35 28.94 -8.68
HAC1 CLA XG . 43.15 28.55 -11.96
HAC2 CLA XG . 42.20 28.12 -10.52
HBC1 CLA XG . 44.20 26.85 -10.41
HBC2 CLA XG . 44.42 28.14 -9.27
HBC3 CLA XG . 45.18 28.21 -10.82
HMD1 CLA XG . 47.66 30.31 -14.11
HMD2 CLA XG . 47.43 31.29 -15.49
HMD3 CLA XG . 46.13 30.29 -14.93
HBD CLA XG . 47.32 36.26 -14.95
HED1 CLA XG . 50.55 35.97 -10.83
HED2 CLA XG . 50.16 37.32 -11.82
HED3 CLA XG . 51.33 36.18 -12.35
H11 CLA XG . 45.67 43.37 -14.55
H12 CLA XG . 44.39 42.48 -15.34
H2 CLA XG . 46.16 43.26 -17.49
H41 CLA XG . 45.02 46.71 -17.76
H42 CLA XG . 44.65 45.32 -18.74
H43 CLA XG . 46.28 45.64 -18.27
H51 CLA XG . 44.68 46.54 -15.44
H52 CLA XG . 44.33 44.99 -14.69
H61 CLA XG . 42.28 44.76 -15.73
H62 CLA XG . 42.75 45.73 -17.14
H71 CLA XG . 42.55 47.01 -14.40
H72 CLA XG . 41.10 46.74 -15.35
H8 CLA XG . 43.50 48.05 -16.63
H91 CLA XG . 42.44 50.25 -15.95
H92 CLA XG . 43.28 49.39 -14.70
H93 CLA XG . 41.56 49.37 -14.76
H101 CLA XG . 40.85 49.10 -17.24
H102 CLA XG . 40.90 47.35 -17.46
H111 CLA XG . 43.04 47.68 -18.79
H112 CLA XG . 42.71 49.42 -18.73
H121 CLA XG . 40.45 48.95 -19.75
H122 CLA XG . 40.89 47.26 -19.89
H13 CLA XG . 41.72 47.66 -21.89
H141 CLA XG . 43.80 48.85 -22.22
H142 CLA XG . 43.90 47.88 -20.80
H143 CLA XG . 43.69 49.58 -20.67
H151 CLA XG . 40.18 49.51 -22.07
H152 CLA XG . 41.67 49.88 -22.93
H161 CLA XG . 41.94 51.76 -21.75
H162 CLA XG . 41.96 50.86 -20.24
H171 CLA XG . 39.35 50.81 -20.48
H172 CLA XG . 39.59 52.09 -21.65
H18 CLA XG . 39.17 53.18 -19.60
H191 CLA XG . 40.20 52.64 -17.52
H192 CLA XG . 41.25 51.50 -18.24
H193 CLA XG . 39.55 51.19 -18.18
H201 CLA XG . 41.08 54.48 -19.28
H202 CLA XG . 41.23 53.92 -20.90
H203 CLA XG . 42.16 53.19 -19.65
HHC2 CLA XG . 41.21 32.92 -8.56
HHD2 CLA XG . 44.29 30.50 -12.91
C1 RRX YG . 41.99 50.97 -10.39
C2 RRX YG . 43.25 52.03 -10.18
O2 RRX YG . 40.26 27.04 -12.01
C3 RRX YG . 44.02 51.75 -9.08
C40 RRX YG . 38.27 29.14 -13.78
C30 RRX YG . 37.78 28.66 -12.39
C39 RRX YG . 36.27 28.94 -12.28
C29 RRX YG . 37.99 27.02 -12.33
C28 RRX YG . 39.00 26.60 -11.48
C27 RRX YG . 38.82 27.20 -9.94
C26 RRX YG . 38.46 28.58 -9.92
C38 RRX YG . 38.25 29.32 -8.59
C25 RRX YG . 38.42 29.39 -11.30
C24 RRX YG . 39.57 30.44 -11.57
C23 RRX YG . 39.51 31.82 -11.42
C22 RRX YG . 38.31 32.70 -10.97
C37 RRX YG . 36.88 32.13 -10.95
C21 RRX YG . 38.48 34.04 -10.62
C20 RRX YG . 39.89 34.71 -10.61
C19 RRX YG . 40.27 36.02 -10.37
C18 RRX YG . 39.43 37.32 -10.00
C36 RRX YG . 37.93 37.29 -9.64
C17 RRX YG . 40.13 38.50 -10.00
C16 RRX YG . 39.49 39.86 -9.65
C15 RRX YG . 40.11 41.08 -9.89
C14 RRX YG . 41.52 41.22 -10.54
C13 RRX YG . 42.32 42.30 -10.32
C35 RRX YG . 43.72 42.35 -11.02
C12 RRX YG . 41.84 43.47 -9.40
C11 RRX YG . 42.24 44.77 -9.44
C10 RRX YG . 43.27 45.41 -10.40
C9 RRX YG . 42.97 46.56 -11.08
C34 RRX YG . 43.99 47.17 -11.99
C8 RRX YG . 41.54 47.18 -10.95
C7 RRX YG . 41.28 48.50 -10.61
C6 RRX YG . 42.37 49.57 -10.29
C32 RRX YG . 41.38 51.26 -11.83
C31 RRX YG . 40.91 51.29 -9.31
C5 RRX YG . 43.50 49.23 -9.21
C33 RRX YG . 43.14 48.36 -8.00
C4 RRX YG . 44.56 50.19 -9.10
H1 RRX YG . 43.82 51.99 -10.96
H2 RRX YG . 42.89 52.92 -10.09
H3 RRX YG . 40.33 26.79 -12.82
H4 RRX YG . 44.77 52.35 -9.07
H5 RRX YG . 43.48 51.88 -8.29
H6 RRX YG . 37.71 28.74 -14.47
H7 RRX YG . 39.19 28.84 -13.91
H8 RRX YG . 38.23 30.10 -13.84
H9 RRX YG . 36.00 28.89 -11.35
H10 RRX YG . 35.77 28.29 -12.80
H11 RRX YG . 36.08 29.84 -12.61
H12 RRX YG . 38.19 26.71 -13.23
H13 RRX YG . 37.16 26.61 -12.03
H14 RRX YG . 38.99 25.63 -11.44
H15 RRX YG . 38.14 26.68 -9.50
H16 RRX YG . 39.67 27.08 -9.48
H17 RRX YG . 38.86 28.95 -7.92
H18 RRX YG . 37.34 29.19 -8.29
H19 RRX YG . 38.43 30.26 -8.72
H20 RRX YG . 40.38 30.09 -11.84
H21 RRX YG . 40.30 32.26 -11.62
H22 RRX YG . 36.86 31.29 -10.49
H23 RRX YG . 36.56 32.01 -11.86
H24 RRX YG . 36.29 32.76 -10.49
H25 RRX YG . 37.74 34.53 -10.37
H26 RRX YG . 40.60 34.15 -10.81
H27 RRX YG . 41.18 36.17 -10.42
H28 RRX YG . 37.65 36.39 -9.44
H29 RRX YG . 37.42 37.64 -10.38
H30 RRX YG . 37.77 37.86 -8.86
H31 RRX YG . 41.04 38.48 -10.21
H32 RRX YG . 38.65 39.88 -9.26
H33 RRX YG . 39.66 41.85 -9.65
H34 RRX YG . 41.83 40.53 -11.10
H36 RRX YG . 44.04 41.45 -11.14
H37 RRX YG . 44.34 42.83 -10.46
H38 RRX YG . 43.64 42.79 -11.88
H39 RRX YG . 41.21 43.25 -8.75
H40 RRX YG . 41.86 45.35 -8.81
H42 RRX YG . 44.12 45.05 -10.47
H43 RRX YG . 44.33 46.49 -12.59
H44 RRX YG . 44.71 47.53 -11.48
H45 RRX YG . 43.58 47.87 -12.51
H46 RRX YG . 40.83 46.62 -11.12
H47 RRX YG . 40.39 48.75 -10.56
H48 RRX YG . 40.69 50.62 -12.03
H49 RRX YG . 42.08 51.22 -12.50
H50 RRX YG . 40.98 52.16 -11.83
H51 RRX YG . 40.04 51.00 -9.63
H52 RRX YG . 40.89 52.24 -9.14
H53 RRX YG . 41.12 50.81 -8.50
H54 RRX YG . 42.17 48.31 -7.91
H55 RRX YG . 43.52 48.74 -7.20
H56 RRX YG . 43.49 47.47 -8.13
H57 RRX YG . 45.06 50.02 -8.28
H58 RRX YG . 45.16 50.08 -9.86
C1 BCR ZG . 35.38 54.33 -9.53
C2 BCR ZG . 34.26 55.21 -10.09
C3 BCR ZG . 32.86 54.86 -9.59
C4 BCR ZG . 32.54 53.41 -9.91
C5 BCR ZG . 33.66 52.55 -9.39
C6 BCR ZG . 34.94 52.88 -9.63
C7 BCR ZG . 35.89 51.88 -10.12
C8 BCR ZG . 35.46 50.85 -10.82
C9 BCR ZG . 36.30 49.91 -11.52
C10 BCR ZG . 35.77 49.15 -12.63
C11 BCR ZG . 36.16 49.02 -13.99
C33 BCR ZG . 33.33 51.35 -8.54
C31 BCR ZG . 35.75 54.69 -8.10
C32 BCR ZG . 36.56 54.56 -10.46
C34 BCR ZG . 37.78 49.87 -11.28
C12 BCR ZG . 36.51 48.92 -15.14
C13 BCR ZG . 37.62 48.52 -15.92
C14 BCR ZG . 37.85 48.51 -17.25
C15 BCR ZG . 37.03 48.82 -18.38
C16 BCR ZG . 37.15 48.69 -19.72
C17 BCR ZG . 36.23 48.90 -20.61
C18 BCR ZG . 36.03 48.27 -21.77
C19 BCR ZG . 34.86 48.38 -22.68
C20 BCR ZG . 34.09 47.89 -23.64
C21 BCR ZG . 33.84 46.93 -24.66
C22 BCR ZG . 32.77 46.80 -25.48
C23 BCR ZG . 32.82 45.61 -26.36
C24 BCR ZG . 31.74 45.15 -27.30
C25 BCR ZG . 31.90 43.88 -28.05
C26 BCR ZG . 33.00 43.16 -27.95
C27 BCR ZG . 32.84 41.87 -27.20
C28 BCR ZG . 31.35 41.59 -27.03
C29 BCR ZG . 30.58 41.83 -28.33
C30 BCR ZG . 30.80 43.23 -28.90
C35 BCR ZG . 38.79 48.04 -15.11
C36 BCR ZG . 37.11 47.34 -22.23
C37 BCR ZG . 31.63 47.76 -25.48
C38 BCR ZG . 34.34 43.52 -28.51
C39 BCR ZG . 29.51 44.05 -28.86
C40 BCR ZG . 31.32 43.13 -30.33
HC21 BCR ZG . 34.47 56.25 -9.84
HC22 BCR ZG . 34.27 55.13 -11.17
HC31 BCR ZG . 32.79 55.03 -8.51
HC32 BCR ZG . 32.12 55.50 -10.08
HC41 BCR ZG . 31.61 53.12 -9.43
HC42 BCR ZG . 32.44 53.27 -10.99
HC7 BCR ZG . 36.94 52.06 -10.19
HC8 BCR ZG . 34.42 50.79 -10.97
H331 BCR ZG . 32.42 50.92 -8.87
H332 BCR ZG . 33.20 51.67 -7.53
H333 BCR ZG . 34.11 50.64 -8.58
H311 BCR ZG . 36.13 53.84 -7.60
H312 BCR ZG . 34.91 55.07 -7.60
H313 BCR ZG . 36.50 55.44 -8.13
H321 BCR ZG . 37.46 54.35 -9.94
H322 BCR ZG . 36.57 55.59 -10.73
H323 BCR ZG . 36.48 53.98 -11.34
H341 BCR ZG . 38.13 48.88 -11.40
H342 BCR ZG . 37.98 50.17 -10.29
H343 BCR ZG . 38.27 50.52 -11.96
H14C BCR ZG . 38.81 48.09 -17.51
H16C BCR ZG . 38.09 48.18 -19.70
H17C BCR ZG . 35.38 49.44 -20.27
H19C BCR ZG . 34.25 49.14 -22.25
H21C BCR ZG . 34.75 46.41 -24.46
H23C BCR ZG . 33.70 45.00 -26.28
H24C BCR ZG . 30.83 45.72 -27.36
H271 BCR ZG . 33.31 41.95 -26.20
H272 BCR ZG . 33.32 41.05 -27.73
H281 BCR ZG . 30.94 42.21 -26.24
H282 BCR ZG . 31.21 40.54 -26.73
H291 BCR ZG . 30.86 41.06 -29.06
H292 BCR ZG . 29.51 41.70 -28.12
H351 BCR ZG . 39.64 48.62 -15.36
H352 BCR ZG . 38.59 48.16 -14.08
H353 BCR ZG . 38.96 47.02 -15.33
H361 BCR ZG . 37.07 47.25 -23.29
H362 BCR ZG . 36.98 46.39 -21.79
H363 BCR ZG . 38.06 47.72 -21.95
H371 BCR ZG . 31.53 48.18 -24.50
H372 BCR ZG . 30.73 47.27 -25.76
H373 BCR ZG . 31.83 48.54 -26.17
H381 BCR ZG . 34.90 44.08 -27.80
H382 BCR ZG . 34.22 44.10 -29.39
H383 BCR ZG . 34.88 42.64 -28.75
H391 BCR ZG . 28.86 43.71 -29.62
H392 BCR ZG . 29.71 45.07 -29.03
H393 BCR ZG . 29.05 43.92 -27.91
H401 BCR ZG . 30.54 43.31 -31.02
H402 BCR ZG . 31.74 42.17 -30.52
H403 BCR ZG . 32.07 43.86 -30.48
MG CLA AH . -2.56 12.46 -34.42
CHA CLA AH . -3.59 15.73 -34.44
CHB CLA AH . -5.85 11.39 -34.78
CHC CLA AH . -1.44 9.33 -34.49
CHD CLA AH . 0.78 13.57 -33.99
NA CLA AH . -4.53 13.44 -34.61
C1A CLA AH . -4.74 14.75 -34.58
C2A CLA AH . -6.19 15.10 -34.70
C3A CLA AH . -6.87 13.74 -34.78
C4A CLA AH . -5.71 12.78 -34.72
CMA CLA AH . -8.04 13.50 -33.84
CAA CLA AH . -6.48 15.91 -35.98
CBA CLA AH . -5.60 15.49 -37.15
CGA CLA AH . -6.23 15.86 -38.48
O1A CLA AH . -7.01 16.80 -38.53
O2A CLA AH . -5.91 15.14 -39.54
NB CLA AH . -3.49 10.66 -34.61
C1B CLA AH . -4.84 10.40 -34.74
C2B CLA AH . -5.04 8.98 -34.80
C3B CLA AH . -3.79 8.42 -34.71
C4B CLA AH . -2.82 9.50 -34.59
CMB CLA AH . -6.35 8.24 -34.93
CAB CLA AH . -3.42 6.99 -34.74
CBB CLA AH . -4.20 6.02 -35.60
NC CLA AH . -0.64 11.61 -34.36
C1C CLA AH . -0.40 10.31 -34.39
C2C CLA AH . 1.05 9.99 -34.30
C3C CLA AH . 1.66 11.21 -34.21
C4C CLA AH . 0.60 12.21 -34.24
CMC CLA AH . 1.68 8.63 -34.31
CAC CLA AH . 3.14 11.46 -34.12
CBC CLA AH . 3.55 12.10 -32.81
ND CLA AH . -1.56 14.15 -34.27
C1D CLA AH . -0.26 14.52 -34.09
C2D CLA AH . -0.11 15.97 -34.00
C3D CLA AH . -1.42 16.43 -34.13
C4D CLA AH . -2.26 15.34 -34.30
CMD CLA AH . 1.06 16.90 -33.81
CAD CLA AH . -2.21 17.65 -34.17
OBD CLA AH . -1.81 18.76 -33.90
CBD CLA AH . -3.64 17.24 -34.38
CGD CLA AH . -4.51 17.65 -33.24
O1D CLA AH . -4.42 17.10 -32.15
O2D CLA AH . -5.41 18.63 -33.40
CED CLA AH . -6.41 18.76 -32.41
C1 CLA AH . -4.55 15.10 -40.07
C2 CLA AH . -4.31 15.25 -41.56
C3 CLA AH . -3.16 14.93 -42.18
C4 CLA AH . -3.06 15.10 -43.66
C5 CLA AH . -1.91 14.42 -41.50
C6 CLA AH . -0.69 15.28 -41.84
C7 CLA AH . 0.25 14.59 -42.86
C8 CLA AH . 1.06 15.57 -43.72
C9 CLA AH . 0.21 16.61 -44.45
C10 CLA AH . 1.92 14.76 -44.70
C11 CLA AH . 1.17 14.18 -45.91
C12 CLA AH . 1.93 14.36 -47.24
C13 CLA AH . 2.01 15.81 -47.71
C14 CLA AH . 0.67 16.32 -48.23
C15 CLA AH . 3.06 15.93 -48.81
C16 CLA AH . 3.96 17.15 -48.56
C17 CLA AH . 4.85 17.44 -49.77
C18 CLA AH . 5.42 18.85 -49.72
C19 CLA AH . 6.27 19.08 -48.48
C20 CLA AH . 6.23 19.16 -50.98
HHB CLA AH . -6.84 11.03 -35.05
HHC CLA AH . -1.29 8.67 -33.63
HHD CLA AH . 1.16 13.64 -32.98
H2A CLA AH . -6.53 15.65 -33.82
H3A CLA AH . -7.29 13.64 -35.80
HMA1 CLA AH . -8.60 14.39 -33.75
HMA2 CLA AH . -7.67 13.23 -32.89
HMA3 CLA AH . -8.66 12.74 -34.21
HAA1 CLA AH . -6.31 16.96 -35.77
HAA2 CLA AH . -7.53 15.78 -36.25
HBA1 CLA AH . -5.44 14.41 -37.13
HBA2 CLA AH . -4.63 15.97 -37.07
HMB1 CLA AH . -7.15 8.90 -34.72
HMB2 CLA AH . -6.37 7.44 -34.25
HMB3 CLA AH . -6.45 7.87 -35.92
HBB1 CLA AH . -3.87 5.86 -36.61
HBB2 CLA AH . -4.74 5.23 -35.11
HMC1 CLA AH . 0.96 7.89 -34.53
HMC2 CLA AH . 2.11 8.43 -33.36
HMC3 CLA AH . 2.44 8.59 -35.05
HAC1 CLA AH . 3.44 12.12 -34.94
HAC2 CLA AH . 3.69 10.52 -34.24
HBC1 CLA AH . 4.59 11.99 -32.68
HBC2 CLA AH . 3.03 11.63 -32.01
HBC3 CLA AH . 3.30 13.13 -32.83
HMD1 CLA AH . 1.87 16.36 -33.37
HMD2 CLA AH . 0.78 17.69 -33.16
HMD3 CLA AH . 1.36 17.28 -34.75
HBD CLA AH . -4.02 17.65 -35.33
HED1 CLA AH . -6.99 19.62 -32.59
HED2 CLA AH . -5.97 18.81 -31.45
HED3 CLA AH . -7.05 17.91 -32.45
H11 CLA AH . -4.12 14.14 -39.77
H12 CLA AH . -3.97 15.88 -39.56
H2 CLA AH . -5.13 15.60 -42.16
H41 CLA AH . -2.33 14.45 -44.06
H42 CLA AH . -2.81 16.11 -43.89
H43 CLA AH . -4.00 14.87 -44.11
H51 CLA AH . -1.71 13.39 -41.83
H52 CLA AH . -2.03 14.40 -40.42
H61 CLA AH . -0.13 15.47 -40.93
H62 CLA AH . -1.04 16.24 -42.22
H71 CLA AH . -0.32 13.93 -43.49
H72 CLA AH . 0.95 13.98 -42.30
H8 CLA AH . 1.74 16.11 -43.05
H91 CLA AH . 0.75 17.00 -45.27
H92 CLA AH . -0.03 17.39 -43.78
H93 CLA AH . -0.69 16.16 -44.80
H101 CLA AH . 2.37 13.92 -44.16
H102 CLA AH . 2.74 15.38 -45.06
H111 CLA AH . 0.17 14.61 -46.00
H112 CLA AH . 1.03 13.11 -45.74
H121 CLA AH . 1.43 13.76 -48.00
H122 CLA AH . 2.94 13.96 -47.11
H13 CLA AH . 2.31 16.44 -46.87
H141 CLA AH . 0.80 17.28 -48.64
H142 CLA AH . -0.02 16.37 -47.43
H143 CLA AH . 0.30 15.66 -48.97
H151 CLA AH . 2.57 16.04 -49.78
H152 CLA AH . 3.68 15.03 -48.85
H161 CLA AH . 4.59 16.96 -47.70
H162 CLA AH . 3.35 18.02 -48.35
H171 CLA AH . 4.27 17.32 -50.68
H172 CLA AH . 5.68 16.72 -49.80
H18 CLA AH . 4.58 19.55 -49.69
H191 CLA AH . 6.88 19.93 -48.61
H192 CLA AH . 6.89 18.23 -48.32
H193 CLA AH . 5.64 19.22 -47.64
H201 CLA AH . 6.52 20.17 -50.97
H202 CLA AH . 5.63 18.97 -51.84
H203 CLA AH . 7.08 18.54 -51.01
HHC2 CLA AH . -1.16 8.74 -35.36
HHD2 CLA AH . 1.59 13.91 -34.64
C1 BCR BH . -7.44 5.29 -39.53
C2 BCR BH . -8.32 6.22 -40.34
C3 BCR BH . -8.26 5.89 -41.82
C4 BCR BH . -6.86 6.16 -42.33
C5 BCR BH . -5.79 5.66 -41.41
C6 BCR BH . -6.05 5.19 -40.17
C7 BCR BH . -4.93 4.50 -39.45
C8 BCR BH . -5.11 3.73 -38.40
C9 BCR BH . -4.08 2.93 -37.74
C10 BCR BH . -4.46 1.84 -36.89
C11 BCR BH . -4.68 0.45 -37.07
C33 BCR BH . -4.40 5.64 -41.98
C31 BCR BH . -8.11 3.92 -39.47
C32 BCR BH . -7.27 5.93 -38.16
C34 BCR BH . -2.63 3.08 -38.03
C12 BCR BH . -4.87 -0.73 -37.21
C13 BCR BH . -5.38 -1.96 -37.72
C14 BCR BH . -4.59 -3.05 -37.52
C15 BCR BH . -4.91 -4.39 -37.89
C16 BCR BH . -4.56 -5.71 -37.83
C17 BCR BH . -5.23 -6.73 -38.29
C18 BCR BH . -5.03 -8.05 -38.09
C19 BCR BH . -5.90 -9.13 -38.60
C20 BCR BH . -6.36 -10.38 -38.69
C21 BCR BH . -7.06 -11.59 -39.00
C22 BCR BH . -6.84 -12.84 -38.55
C23 BCR BH . -7.69 -13.98 -38.96
C24 BCR BH . -8.84 -13.90 -39.92
C25 BCR BH . -9.62 -15.09 -40.35
C26 BCR BH . -10.29 -14.97 -41.50
C27 BCR BH . -11.64 -15.61 -41.61
C28 BCR BH . -11.42 -17.08 -41.33
C29 BCR BH . -10.88 -17.24 -39.91
C30 BCR BH . -9.60 -16.46 -39.64
C35 BCR BH . -6.69 -2.02 -38.44
C36 BCR BH . -3.86 -8.49 -37.27
C37 BCR BH . -5.69 -13.13 -37.63
C38 BCR BH . -9.74 -14.26 -42.71
C39 BCR BH . -8.37 -17.25 -40.10
C40 BCR BH . -9.61 -16.29 -38.12
HC21 BCR BH . -9.34 6.16 -39.99
HC22 BCR BH . -7.98 7.26 -40.21
HC31 BCR BH . -8.50 4.83 -41.97
HC32 BCR BH . -8.99 6.48 -42.37
HC41 BCR BH . -6.75 5.68 -43.30
HC42 BCR BH . -6.74 7.23 -42.48
HC7 BCR BH . -3.95 4.50 -39.86
HC8 BCR BH . -6.11 3.57 -38.06
H331 BCR BH . -4.12 4.64 -42.18
H332 BCR BH . -3.72 6.09 -41.30
H333 BCR BH . -4.39 6.17 -42.89
H311 BCR BH . -8.45 3.73 -38.49
H312 BCR BH . -7.43 3.18 -39.76
H313 BCR BH . -8.95 3.91 -40.11
H321 BCR BH . -7.59 5.28 -37.39
H322 BCR BH . -7.88 6.80 -38.11
H323 BCR BH . -6.26 6.20 -38.00
H341 BCR BH . -2.31 2.25 -38.60
H342 BCR BH . -2.09 3.11 -37.12
H343 BCR BH . -2.43 3.98 -38.56
H14C BCR BH . -3.68 -2.90 -36.97
H15C BCR BH . -5.80 -4.64 -38.43
H16C BCR BH . -3.66 -5.56 -37.24
H17C BCR BH . -6.13 -6.50 -38.84
H19C BCR BH . -6.65 -8.59 -39.16
H21C BCR BH . -7.79 -11.08 -39.60
H23C BCR BH . -7.44 -14.93 -38.54
H24C BCR BH . -8.98 -12.97 -40.42
H271 BCR BH . -12.05 -15.47 -42.61
H272 BCR BH . -12.33 -15.17 -40.89
H281 BCR BH . -10.71 -17.50 -42.04
H282 BCR BH . -12.38 -17.62 -41.42
H291 BCR BH . -11.66 -16.90 -39.22
H292 BCR BH . -10.71 -18.29 -39.72
H351 BCR BH . -7.40 -2.52 -37.84
H352 BCR BH . -6.56 -2.53 -39.36
H353 BCR BH . -7.03 -1.04 -38.63
H361 BCR BH . -3.47 -9.39 -37.68
H362 BCR BH . -4.16 -8.64 -36.27
H363 BCR BH . -3.09 -7.76 -37.30
H371 BCR BH . -5.13 -13.94 -38.01
H372 BCR BH . -6.07 -13.36 -36.67
H373 BCR BH . -5.06 -12.29 -37.57
H381 BCR BH . -9.59 -14.98 -43.48
H382 BCR BH . -8.81 -13.79 -42.49
H383 BCR BH . -10.44 -13.55 -43.04
H391 BCR BH . -7.94 -17.75 -39.28
H392 BCR BH . -7.66 -16.58 -40.49
H393 BCR BH . -8.66 -17.95 -40.84
H401 BCR BH . -10.19 -17.05 -37.68
H402 BCR BH . -10.03 -15.34 -37.87
H403 BCR BH . -8.63 -16.35 -37.73
MG CLA CH . -5.61 7.65 -56.47
CHA CLA CH . -7.32 8.53 -59.33
CHB CLA CH . -5.87 4.30 -57.29
CHC CLA CH . -3.82 6.95 -53.75
CHD CLA CH . -5.36 11.10 -55.63
NA CLA CH . -6.49 6.51 -58.13
C1A CLA CH . -7.14 7.03 -59.17
C2A CLA CH . -7.66 5.97 -60.10
C3A CLA CH . -7.20 4.66 -59.42
C4A CLA CH . -6.48 5.16 -58.21
CMA CLA CH . -8.26 3.59 -59.22
CAA CLA CH . -7.16 6.11 -61.55
CBA CLA CH . -5.67 5.85 -61.82
CGA CLA CH . -4.77 6.63 -60.90
O1A CLA CH . -4.55 7.81 -61.15
O2A CLA CH . -4.22 6.04 -59.85
NB CLA CH . -4.95 5.91 -55.66
C1B CLA CH . -5.17 4.64 -56.11
C2B CLA CH . -4.54 3.70 -55.22
C3B CLA CH . -3.98 4.44 -54.23
C4B CLA CH . -4.24 5.85 -54.51
CMB CLA CH . -4.53 2.19 -55.36
CAB CLA CH . -3.21 3.89 -53.07
CBB CLA CH . -2.19 4.70 -52.32
NC CLA CH . -4.68 8.83 -54.99
C1C CLA CH . -4.05 8.33 -53.94
C2C CLA CH . -3.62 9.37 -52.97
C3C CLA CH . -4.03 10.54 -53.54
C4C CLA CH . -4.70 10.20 -54.80
CMC CLA CH . -2.88 9.16 -51.68
CAC CLA CH . -3.84 11.94 -52.98
CBC CLA CH . -4.88 12.20 -51.90
ND CLA CH . -6.13 9.42 -57.20
C1D CLA CH . -6.02 10.71 -56.82
C2D CLA CH . -6.65 11.62 -57.78
C3D CLA CH . -7.16 10.76 -58.74
C4D CLA CH . -6.84 9.45 -58.38
CMD CLA CH . -6.84 13.11 -57.86
CAD CLA CH . -7.90 10.74 -59.99
OBD CLA CH . -8.53 11.67 -60.46
CBD CLA CH . -7.98 9.31 -60.45
CGD CLA CH . -9.41 8.88 -60.62
O1D CLA CH . -10.26 9.17 -59.79
O2D CLA CH . -9.75 8.19 -61.70
CED CLA CH . -10.41 8.92 -62.73
C1 CLA CH . -3.52 6.84 -58.86
C2 CLA CH . -2.05 7.12 -59.04
C3 CLA CH . -1.44 8.17 -58.46
C4 CLA CH . 0.04 8.39 -58.66
C5 CLA CH . -2.13 9.20 -57.59
C6 CLA CH . -2.37 10.48 -58.39
C7 CLA CH . -3.30 10.26 -59.60
C8 CLA CH . -3.25 11.45 -60.55
C9 CLA CH . -4.59 11.62 -61.27
C10 CLA CH . -2.10 11.30 -61.54
C11 CLA CH . -2.29 10.15 -62.53
C12 CLA CH . -1.13 9.15 -62.43
C13 CLA CH . -1.06 8.21 -63.62
C14 CLA CH . -0.56 8.92 -64.86
C15 CLA CH . -2.41 7.55 -63.86
C16 CLA CH . -2.25 6.14 -64.42
C17 CLA CH . -2.18 5.12 -63.30
C18 CLA CH . -1.66 3.76 -63.77
C19 CLA CH . -2.42 3.29 -65.00
C20 CLA CH . -0.16 3.80 -64.03
HHB CLA CH . -5.93 3.25 -57.52
HHC CLA CH . -4.18 6.73 -52.74
HHD CLA CH . -6.09 11.63 -55.01
H2A CLA CH . -8.77 6.00 -60.10
H3A CLA CH . -6.45 4.19 -60.05
HMA1 CLA CH . -8.54 3.18 -60.16
HMA2 CLA CH . -9.12 4.03 -58.77
HMA3 CLA CH . -7.89 2.83 -58.59
HAA1 CLA CH . -7.39 7.12 -61.91
HAA2 CLA CH . -7.74 5.42 -62.17
HBA1 CLA CH . -5.46 6.14 -62.85
HBA2 CLA CH . -5.45 4.79 -61.74
HMB1 CLA CH . -3.69 1.90 -55.92
HMB2 CLA CH . -5.43 1.88 -55.84
HMB3 CLA CH . -4.47 1.75 -54.40
HBB1 CLA CH . -1.36 4.17 -51.88
HBB2 CLA CH . -2.47 5.63 -51.87
HMC1 CLA CH . -3.19 8.25 -51.24
HMC2 CLA CH . -3.11 9.95 -51.01
HMC3 CLA CH . -1.84 9.13 -51.86
HAC1 CLA CH . -3.95 12.67 -53.78
HAC2 CLA CH . -2.85 12.03 -52.56
HBC1 CLA CH . -4.82 13.22 -51.60
HBC2 CLA CH . -4.68 11.58 -51.07
HBC3 CLA CH . -5.84 12.00 -52.28
HMD1 CLA CH . -5.91 13.57 -58.05
HMD2 CLA CH . -7.24 13.46 -56.94
HMD3 CLA CH . -7.51 13.34 -58.64
HBD CLA CH . -7.43 9.18 -61.38
HED1 CLA CH . -10.57 8.29 -63.56
HED2 CLA CH . -9.81 9.74 -63.01
HED3 CLA CH . -11.35 9.28 -62.38
H11 CLA CH . -3.64 6.35 -57.90
H12 CLA CH . -4.04 7.80 -58.80
H2 CLA CH . -1.46 6.45 -59.64
H41 CLA CH . 0.34 9.23 -58.08
H42 CLA CH . 0.22 8.61 -59.69
H43 CLA CH . 0.57 7.54 -58.37
H51 CLA CH . -1.50 9.43 -56.73
H52 CLA CH . -3.08 8.81 -57.20
H61 CLA CH . -1.42 10.87 -58.74
H62 CLA CH . -2.82 11.22 -57.74
H71 CLA CH . -4.31 10.11 -59.25
H72 CLA CH . -3.00 9.35 -60.13
H8 CLA CH . -3.08 12.36 -59.95
H91 CLA CH . -4.44 12.13 -62.18
H92 CLA CH . -5.25 12.19 -60.66
H93 CLA CH . -5.02 10.67 -61.46
H101 CLA CH . -1.18 11.15 -60.98
H102 CLA CH . -1.99 12.24 -62.09
H111 CLA CH . -2.32 10.55 -63.55
H112 CLA CH . -3.23 9.64 -62.34
H121 CLA CH . -1.26 8.56 -61.51
H122 CLA CH . -0.19 9.70 -62.33
H13 CLA CH . -0.34 7.41 -63.37
H141 CLA CH . -0.25 8.21 -65.58
H142 CLA CH . 0.26 9.55 -64.61
H143 CLA CH . -1.34 9.51 -65.27
H151 CLA CH . -3.00 8.16 -64.55
H152 CLA CH . -2.96 7.49 -62.93
H161 CLA CH . -1.34 6.09 -65.03
H162 CLA CH . -3.10 5.90 -65.07
H171 CLA CH . -3.17 4.99 -62.86
H172 CLA CH . -1.52 5.49 -62.51
H18 CLA CH . -1.84 3.03 -62.97
H191 CLA CH . -2.25 2.25 -65.14
H192 CLA CH . -2.08 3.81 -65.86
H193 CLA CH . -3.45 3.46 -64.88
H201 CLA CH . 0.21 2.81 -64.11
H202 CLA CH . 0.32 4.30 -63.24
H203 CLA CH . 0.03 4.31 -64.94
HHC2 CLA CH . -2.74 6.86 -53.70
HHD2 CLA CH . -4.62 11.86 -55.91
MG CLA DH . -7.18 3.17 -44.44
CHA CLA DH . -7.35 5.40 -47.04
CHB CLA DH . -3.79 2.66 -45.04
CHC CLA DH . -7.11 1.11 -41.83
CHD CLA DH . -10.63 3.69 -43.85
NA CLA DH . -5.70 3.95 -45.89
C1A CLA DH . -5.97 4.82 -46.85
C2A CLA DH . -4.75 5.13 -47.67
C3A CLA DH . -3.66 4.25 -47.04
C4A CLA DH . -4.41 3.57 -45.92
CMA CLA DH . -2.81 3.40 -47.96
CAA CLA DH . -4.39 6.61 -47.58
CBA CLA DH . -4.55 7.18 -46.17
CGA CLA DH . -4.11 8.63 -46.16
O1A CLA DH . -4.78 9.44 -46.77
O2A CLA DH . -3.01 8.97 -45.52
NB CLA DH . -5.70 2.08 -43.57
C1B CLA DH . -4.38 1.97 -43.96
C2B CLA DH . -3.71 1.04 -43.08
C3B CLA DH . -4.65 0.63 -42.19
C4B CLA DH . -5.91 1.28 -42.51
CMB CLA DH . -2.25 0.62 -43.11
CAB CLA DH . -4.46 -0.33 -41.08
CBB CLA DH . -3.75 -1.65 -41.31
NC CLA DH . -8.63 2.54 -43.05
C1C CLA DH . -8.38 1.70 -42.05
C2C CLA DH . -9.57 1.47 -41.19
C3C CLA DH . -10.55 2.23 -41.78
C4C CLA DH . -9.95 2.89 -42.93
CMC CLA DH . -9.67 0.59 -39.98
CAC CLA DH . -11.97 2.38 -41.30
CBC CLA DH . -12.11 3.72 -40.59
ND CLA DH . -8.68 4.23 -45.17
C1D CLA DH . -10.00 4.38 -44.90
C2D CLA DH . -10.64 5.32 -45.82
C3D CLA DH . -9.59 5.70 -46.66
C4D CLA DH . -8.43 5.05 -46.25
CMD CLA DH . -12.04 5.84 -46.00
CAD CLA DH . -9.28 6.55 -47.79
OBD CLA DH . -10.10 7.03 -48.56
CBD CLA DH . -7.81 6.42 -48.06
CGD CLA DH . -7.58 5.94 -49.46
O1D CLA DH . -6.83 6.52 -50.21
O2D CLA DH . -8.21 4.85 -49.88
CED CLA DH . -7.37 3.83 -50.38
C1 CLA DH . -2.96 8.87 -44.06
C2 CLA DH . -4.22 9.10 -43.25
C3 CLA DH . -4.52 10.31 -42.74
C4 CLA DH . -3.65 11.52 -42.98
C5 CLA DH . -5.76 10.57 -41.92
C6 CLA DH . -6.10 9.43 -40.96
C7 CLA DH . -6.38 9.92 -39.54
C8 CLA DH . -5.18 10.16 -38.62
C9 CLA DH . -5.28 11.57 -38.06
C10 CLA DH . -3.83 9.90 -39.30
C11 CLA DH . -2.64 10.32 -38.43
C12 CLA DH . -2.07 11.64 -38.94
C13 CLA DH . -1.42 12.45 -37.80
C14 CLA DH . -2.31 13.63 -37.43
C15 CLA DH . -0.04 12.95 -38.22
C16 CLA DH . 0.93 11.82 -38.50
C17 CLA DH . 2.31 12.09 -37.92
C18 CLA DH . 2.91 13.42 -38.41
C19 CLA DH . 3.12 14.38 -37.26
C20 CLA DH . 4.21 13.17 -39.15
HHB CLA DH . -2.75 2.46 -45.22
HHC CLA DH . -7.30 0.03 -41.87
HHD CLA DH . -11.38 3.04 -44.32
H2A CLA DH . -4.90 4.84 -48.73
H3A CLA DH . -2.95 4.94 -46.56
HMA1 CLA DH . -2.41 4.00 -48.73
HMA2 CLA DH . -3.41 2.63 -48.39
HMA3 CLA DH . -2.01 2.96 -47.41
HAA1 CLA DH . -5.04 7.17 -48.26
HAA2 CLA DH . -3.36 6.75 -47.91
HBA1 CLA DH . -3.94 6.61 -45.47
HBA2 CLA DH . -5.58 7.13 -45.85
HMB1 CLA DH . -1.73 1.20 -43.83
HMB2 CLA DH . -2.19 -0.40 -43.35
HMB3 CLA DH . -1.83 0.78 -42.16
HBB1 CLA DH . -2.85 -1.83 -40.77
HBB2 CLA DH . -4.35 -2.49 -41.63
HMC1 CLA DH . -8.78 0.69 -39.40
HMC2 CLA DH . -9.79 -0.42 -40.27
HMC3 CLA DH . -10.49 0.90 -39.39
HAC1 CLA DH . -12.23 1.58 -40.63
HAC2 CLA DH . -12.66 2.35 -42.15
HBC1 CLA DH . -13.13 3.93 -40.42
HBC2 CLA DH . -11.67 4.49 -41.17
HBC3 CLA DH . -11.61 3.66 -39.65
HMD1 CLA DH . -12.22 6.62 -45.30
HMD2 CLA DH . -12.73 5.05 -45.86
HMD3 CLA DH . -12.15 6.23 -46.98
HBD CLA DH . -7.31 7.39 -47.90
HED1 CLA DH . -7.81 2.88 -50.17
HED2 CLA DH . -6.42 3.88 -49.90
HED3 CLA DH . -7.25 3.94 -51.42
H11 CLA DH . -2.18 9.56 -43.71
H12 CLA DH . -2.60 7.87 -43.82
H2 CLA DH . -4.87 8.27 -43.06
H41 CLA DH . -4.20 12.39 -42.77
H42 CLA DH . -3.35 11.54 -43.99
H43 CLA DH . -2.80 11.47 -42.36
H51 CLA DH . -6.62 10.74 -42.59
H52 CLA DH . -5.62 11.49 -41.34
H61 CLA DH . -5.32 8.67 -40.95
H62 CLA DH . -7.00 8.95 -41.33
H71 CLA DH . -7.04 9.19 -39.05
H72 CLA DH . -6.96 10.85 -39.61
H8 CLA DH . -5.26 9.46 -37.78
H91 CLA DH . -4.63 11.67 -37.23
H92 CLA DH . -6.27 11.76 -37.74
H93 CLA DH . -5.01 12.27 -38.81
H101 CLA DH . -3.78 10.45 -40.23
H102 CLA DH . -3.73 8.84 -39.52
H111 CLA DH . -1.87 9.55 -38.50
H112 CLA DH . -2.93 10.40 -37.39
H121 CLA DH . -2.86 12.24 -39.38
H122 CLA DH . -1.33 11.45 -39.73
H13 CLA DH . -1.30 11.80 -36.93
H141 CLA DH . -1.79 14.24 -36.74
H142 CLA DH . -3.21 13.29 -37.00
H143 CLA DH . -2.52 14.20 -38.30
H151 CLA DH . 0.35 13.57 -37.41
H152 CLA DH . -0.14 13.58 -39.09
H161 CLA DH . 1.02 11.68 -39.59
H162 CLA DH . 0.55 10.89 -38.09
H171 CLA DH . 2.98 11.28 -38.17
H172 CLA DH . 2.23 12.12 -36.83
H18 CLA DH . 2.20 13.88 -39.12
H191 CLA DH . 3.55 15.27 -37.62
H192 CLA DH . 3.77 13.93 -36.54
H193 CLA DH . 2.19 14.60 -36.80
H201 CLA DH . 4.46 14.04 -39.71
H202 CLA DH . 4.11 12.35 -39.81
H203 CLA DH . 4.99 12.98 -38.46
HHC2 CLA DH . -6.88 1.30 -40.78
HHD2 CLA DH . -11.20 4.43 -43.28
MG CLA EH . 3.81 -4.55 -47.26
CHA CLA EH . 4.82 -5.12 -50.50
CHB CLA EH . 5.11 -7.61 -46.26
CHC CLA EH . 2.84 -3.87 -44.15
CHD CLA EH . 2.49 -1.41 -48.28
NA CLA EH . 4.87 -6.21 -48.26
C1A CLA EH . 5.18 -6.25 -49.56
C2A CLA EH . 5.89 -7.52 -49.93
C3A CLA EH . 5.95 -8.29 -48.60
C4A CLA EH . 5.28 -7.34 -47.63
CMA CLA EH . 5.61 -9.76 -48.57
CAA CLA EH . 7.30 -7.21 -50.43
CBA CLA EH . 7.65 -7.95 -51.71
CGA CLA EH . 9.09 -7.69 -52.04
O1A CLA EH . 9.90 -7.61 -51.13
O2A CLA EH . 9.48 -7.56 -53.30
NB CLA EH . 3.96 -5.56 -45.51
C1B CLA EH . 4.50 -6.81 -45.28
C2B CLA EH . 4.38 -7.14 -43.88
C3B CLA EH . 3.74 -6.08 -43.31
C4B CLA EH . 3.48 -5.09 -44.35
CMB CLA EH . 4.85 -8.40 -43.21
CAB CLA EH . 3.34 -5.88 -41.89
CBB CLA EH . 2.86 -7.03 -41.04
NC CLA EH . 2.92 -2.88 -46.36
C1C CLA EH . 2.56 -2.84 -45.08
C2C CLA EH . 1.86 -1.59 -44.72
C3C CLA EH . 1.81 -0.89 -45.89
C4C CLA EH . 2.46 -1.70 -46.91
CMC CLA EH . 1.32 -1.19 -43.38
CAC CLA EH . 1.18 0.47 -46.08
CBC CLA EH . -0.28 0.36 -46.43
ND CLA EH . 3.64 -3.47 -48.90
C1D CLA EH . 3.14 -2.24 -49.23
C2D CLA EH . 3.35 -1.93 -50.65
C3D CLA EH . 3.99 -3.07 -51.12
C4D CLA EH . 4.17 -3.97 -50.08
CMD CLA EH . 3.00 -0.77 -51.53
CAD CLA EH . 4.57 -3.63 -52.33
OBD CLA EH . 4.81 -3.03 -53.36
CBD CLA EH . 5.06 -5.01 -51.99
CGD CLA EH . 4.26 -6.03 -52.75
O1D CLA EH . 4.77 -6.69 -53.63
O2D CLA EH . 2.98 -6.20 -52.46
CED CLA EH . 2.58 -7.50 -52.04
C1 CLA EH . 8.99 -6.47 -54.14
C2 CLA EH . 7.93 -6.77 -55.19
C3 CLA EH . 7.55 -5.86 -56.10
C4 CLA EH . 6.51 -6.23 -57.12
C5 CLA EH . 8.10 -4.45 -56.20
C6 CLA EH . 6.99 -3.41 -56.05
C7 CLA EH . 7.08 -2.33 -57.11
C8 CLA EH . 5.72 -1.68 -57.39
C9 CLA EH . 4.94 -1.41 -56.11
C10 CLA EH . 4.92 -2.56 -58.36
C11 CLA EH . 5.37 -2.35 -59.80
C12 CLA EH . 5.42 -3.66 -60.59
C13 CLA EH . 6.66 -3.79 -61.48
C14 CLA EH . 7.95 -3.76 -60.66
C15 CLA EH . 6.67 -2.71 -62.56
C16 CLA EH . 5.75 -3.10 -63.71
C17 CLA EH . 6.01 -2.22 -64.93
C18 CLA EH . 5.40 -0.82 -64.77
C19 CLA EH . 6.49 0.21 -64.50
C20 CLA EH . 4.58 -0.44 -65.99
HHB CLA EH . 5.50 -8.56 -45.92
HHC CLA EH . 1.87 -4.12 -43.72
HHD CLA EH . 1.45 -1.31 -48.61
H2A CLA EH . 5.32 -8.09 -50.68
HMA1 CLA EH . 5.82 -10.20 -49.50
HMA2 CLA EH . 4.58 -9.89 -48.33
HMA3 CLA EH . 6.20 -10.24 -47.83
HAA1 CLA EH . 8.01 -7.48 -49.65
HAA2 CLA EH . 7.39 -6.14 -50.60
HBA1 CLA EH . 7.00 -7.62 -52.53
HBA2 CLA EH . 7.49 -9.03 -51.57
HMB1 CLA EH . 5.86 -8.58 -43.45
HMB2 CLA EH . 4.25 -9.21 -43.54
HMB3 CLA EH . 4.76 -8.30 -42.16
HBB1 CLA EH . 3.14 -7.06 -40.00
HBB2 CLA EH . 2.00 -7.58 -41.35
HMC1 CLA EH . 1.69 -0.24 -43.11
HMC2 CLA EH . 1.58 -1.91 -42.66
HMC3 CLA EH . 0.26 -1.13 -43.44
HAC1 CLA EH . 1.73 0.99 -46.88
HAC2 CLA EH . 1.30 1.05 -45.16
HBC1 CLA EH . -0.72 1.33 -46.43
HBC2 CLA EH . -0.77 -0.25 -45.71
HBC3 CLA EH . -0.38 -0.07 -47.39
HMD1 CLA EH . 3.87 -0.39 -51.98
HMD2 CLA EH . 2.52 -0.02 -50.96
HMD3 CLA EH . 2.34 -1.09 -52.29
HBD CLA EH . 6.14 -5.11 -52.23
HED1 CLA EH . 1.56 -7.49 -51.75
HED2 CLA EH . 3.17 -7.81 -51.22
HED3 CLA EH . 2.71 -8.18 -52.85
H11 CLA EH . 9.85 -6.05 -54.65
H12 CLA EH . 8.59 -5.70 -53.49
H2 CLA EH . 7.48 -7.74 -55.20
H41 CLA EH . 6.51 -5.50 -57.90
H42 CLA EH . 5.55 -6.24 -56.65
H43 CLA EH . 6.72 -7.18 -57.52
H51 CLA EH . 8.59 -4.33 -57.17
H52 CLA EH . 8.85 -4.28 -55.43
H61 CLA EH . 7.07 -2.96 -55.06
H62 CLA EH . 6.02 -3.91 -56.09
H71 CLA EH . 7.47 -2.75 -58.04
H72 CLA EH . 7.78 -1.56 -56.77
H8 CLA EH . 5.91 -0.71 -57.89
H91 CLA EH . 4.23 -0.65 -56.29
H92 CLA EH . 5.61 -1.10 -55.35
H93 CLA EH . 4.45 -2.30 -55.81
H101 CLA EH . 3.87 -2.31 -58.27
H102 CLA EH . 5.04 -3.60 -58.06
H111 CLA EH . 6.35 -1.87 -59.80
H112 CLA EH . 4.67 -1.67 -60.29
H121 CLA EH . 4.53 -3.73 -61.21
H122 CLA EH . 5.40 -4.52 -59.90
H13 CLA EH . 6.62 -4.78 -61.97
H141 CLA EH . 8.71 -4.29 -61.18
H142 CLA EH . 7.79 -4.22 -59.72
H143 CLA EH . 8.25 -2.76 -60.52
H151 CLA EH . 7.69 -2.60 -62.94
H152 CLA EH . 6.35 -1.76 -62.15
H161 CLA EH . 4.71 -3.00 -63.41
H162 CLA EH . 5.91 -4.14 -63.99
H171 CLA EH . 5.58 -2.69 -65.82
H172 CLA EH . 7.08 -2.13 -65.10
H18 CLA EH . 4.73 -0.84 -63.90
H191 CLA EH . 6.04 1.15 -64.35
H192 CLA EH . 7.15 0.25 -65.32
H193 CLA EH . 7.03 -0.07 -63.63
H201 CLA EH . 4.19 0.53 -65.86
H202 CLA EH . 3.79 -1.14 -66.12
H203 CLA EH . 5.21 -0.47 -66.85
HHC2 CLA EH . 3.39 -3.39 -43.35
HHD2 CLA EH . 2.93 -0.42 -48.38
C1 BCR FH . -25.71 -11.91 -26.10
C2 BCR FH . -27.16 -12.05 -25.64
C3 BCR FH . -28.14 -11.79 -26.76
C4 BCR FH . -28.00 -10.35 -27.21
C5 BCR FH . -26.57 -9.94 -27.41
C6 BCR FH . -25.56 -10.79 -27.11
C7 BCR FH . -24.21 -10.76 -27.75
C8 BCR FH . -23.91 -10.13 -28.87
C9 BCR FH . -22.64 -10.18 -29.57
C10 BCR FH . -22.56 -9.56 -30.86
C11 BCR FH . -21.88 -8.66 -31.70
C33 BCR FH . -26.38 -8.54 -27.92
C31 BCR FH . -25.30 -13.19 -26.80
C32 BCR FH . -24.80 -11.62 -24.90
C34 BCR FH . -21.43 -10.89 -29.03
C12 BCR FH . -21.37 -7.85 -32.43
C13 BCR FH . -20.55 -7.40 -33.49
C14 BCR FH . -21.14 -6.41 -34.20
C15 BCR FH . -20.59 -5.72 -35.31
C16 BCR FH . -20.74 -4.72 -36.22
C17 BCR FH . -19.87 -4.36 -37.12
C18 BCR FH . -19.82 -3.25 -37.89
C19 BCR FH . -18.72 -2.97 -38.82
C20 BCR FH . -17.96 -2.27 -39.66
C21 BCR FH . -16.92 -1.94 -40.56
C22 BCR FH . -16.75 -0.82 -41.31
C23 BCR FH . -15.56 -0.72 -42.16
C24 BCR FH . -15.21 0.46 -43.03
C25 BCR FH . -14.03 0.56 -43.91
C26 BCR FH . -13.95 1.66 -44.66
C27 BCR FH . -13.47 1.54 -46.08
C28 BCR FH . -12.12 0.86 -46.13
C29 BCR FH . -11.75 0.06 -44.88
C30 BCR FH . -12.90 -0.50 -44.05
C35 BCR FH . -19.21 -8.00 -33.78
C36 BCR FH . -20.95 -2.27 -37.82
C37 BCR FH . -17.78 0.27 -41.29
C38 BCR FH . -14.35 3.04 -44.20
C39 BCR FH . -12.40 -0.89 -42.66
C40 BCR FH . -13.34 -1.78 -44.76
HC21 BCR FH . -27.32 -13.07 -25.28
HC22 BCR FH . -27.36 -11.37 -24.81
HC31 BCR FH . -27.96 -12.46 -27.60
HC32 BCR FH . -29.16 -11.96 -26.40
HC41 BCR FH . -28.56 -10.21 -28.14
HC42 BCR FH . -28.46 -9.70 -26.46
HC7 BCR FH . -23.46 -11.41 -27.37
HC8 BCR FH . -24.68 -9.56 -29.35
H331 BCR FH . -25.41 -8.19 -27.67
H332 BCR FH . -27.10 -7.91 -27.46
H333 BCR FH . -26.52 -8.52 -28.96
H311 BCR FH . -24.26 -13.32 -26.76
H312 BCR FH . -25.62 -13.16 -27.81
H313 BCR FH . -25.75 -14.02 -26.32
H321 BCR FH . -23.98 -12.29 -24.91
H322 BCR FH . -25.34 -11.77 -24.01
H323 BCR FH . -24.44 -10.62 -24.94
H341 BCR FH . -20.75 -11.06 -29.82
H342 BCR FH . -21.71 -11.81 -28.59
H343 BCR FH . -20.97 -10.27 -28.30
H14C BCR FH . -22.11 -6.08 -33.85
H15C BCR FH . -19.63 -5.98 -35.72
H16C BCR FH . -21.68 -4.36 -35.86
H17C BCR FH . -18.98 -4.96 -37.21
H19C BCR FH . -18.08 -3.82 -38.67
H21C BCR FH . -16.37 -2.85 -40.37
H23C BCR FH . -14.88 -1.55 -42.14
H24C BCR FH . -15.91 1.28 -43.01
H271 BCR FH . -13.39 2.53 -46.54
H272 BCR FH . -14.18 0.98 -46.69
H281 BCR FH . -11.36 1.62 -46.29
H282 BCR FH . -12.08 0.19 -47.00
H291 BCR FH . -11.12 -0.78 -45.18
H292 BCR FH . -11.14 0.69 -44.23
H351 BCR FH . -18.50 -7.62 -33.10
H352 BCR FH . -18.91 -7.80 -34.77
H353 BCR FH . -19.27 -9.05 -33.65
H361 BCR FH . -20.59 -1.31 -38.09
H362 BCR FH . -21.33 -2.23 -36.84
H363 BCR FH . -21.72 -2.56 -38.49
H371 BCR FH . -18.27 0.31 -42.23
H372 BCR FH . -17.32 1.21 -41.10
H373 BCR FH . -18.51 0.09 -40.54
H381 BCR FH . -13.50 3.68 -44.26
H382 BCR FH . -14.69 3.02 -43.20
H383 BCR FH . -15.11 3.42 -44.83
H391 BCR FH . -12.80 -1.84 -42.41
H392 BCR FH . -12.71 -0.18 -41.95
H393 BCR FH . -11.34 -0.95 -42.67
H401 BCR FH . -12.61 -2.54 -44.61
H402 BCR FH . -13.47 -1.59 -45.78
H403 BCR FH . -14.25 -2.12 -44.33
C1 BCR GH . -9.46 -4.09 -59.98
C2 BCR GH . -10.94 -4.45 -60.06
C3 BCR GH . -11.23 -5.94 -60.09
C4 BCR GH . -10.48 -6.55 -61.24
C5 BCR GH . -9.01 -6.32 -61.02
C6 BCR GH . -8.55 -5.11 -60.67
C7 BCR GH . -7.11 -4.83 -60.94
C8 BCR GH . -6.40 -3.80 -60.49
C9 BCR GH . -4.99 -3.57 -60.72
C10 BCR GH . -4.25 -2.49 -60.11
C11 BCR GH . -3.69 -2.08 -58.87
C33 BCR GH . -8.09 -7.50 -61.17
C31 BCR GH . -9.08 -4.00 -58.51
C32 BCR GH . -9.29 -2.74 -60.68
C34 BCR GH . -4.21 -4.52 -61.59
C12 BCR GH . -3.14 -1.76 -57.83
C13 BCR GH . -2.39 -0.90 -57.00
C14 BCR GH . -2.49 -1.04 -55.64
C15 BCR GH . -1.77 -0.23 -54.71
C16 BCR GH . -1.43 0.14 -53.44
C17 BCR GH . -0.59 1.09 -53.11
C18 BCR GH . -0.23 1.56 -51.89
C19 BCR GH . 0.75 2.66 -51.73
C20 BCR GH . 1.62 3.52 -51.19
C21 BCR GH . 2.33 4.28 -50.20
C22 BCR GH . 2.29 4.19 -48.87
C23 BCR GH . 3.14 5.07 -48.04
C24 BCR GH . 3.24 5.06 -46.54
C25 BCR GH . 4.16 5.93 -45.77
C26 BCR GH . 4.32 5.68 -44.47
C27 BCR GH . 5.73 5.65 -43.95
C28 BCR GH . 6.41 6.98 -44.21
C29 BCR GH . 5.63 7.85 -45.20
C30 BCR GH . 5.00 7.07 -46.36
C35 BCR GH . -1.47 0.09 -57.65
C36 BCR GH . -0.81 0.95 -50.64
C37 BCR GH . 1.37 3.17 -48.27
C38 BCR GH . 3.17 5.40 -43.53
C39 BCR GH . 6.08 6.49 -47.28
C40 BCR GH . 4.12 8.08 -47.09
HC21 BCR GH . -11.47 -4.01 -59.22
HC22 BCR GH . -11.38 -4.03 -60.98
HC31 BCR GH . -10.93 -6.41 -59.15
HC32 BCR GH . -12.31 -6.12 -60.22
HC41 BCR GH . -10.69 -7.61 -61.33
HC42 BCR GH . -10.78 -6.07 -62.18
HC7 BCR GH . -6.54 -5.57 -61.47
HC8 BCR GH . -6.91 -3.07 -59.89
H331 BCR GH . -7.53 -7.62 -60.28
H332 BCR GH . -7.44 -7.38 -62.00
H333 BCR GH . -8.66 -8.38 -61.33
H311 BCR GH . -8.04 -4.19 -58.38
H312 BCR GH . -9.64 -4.70 -57.95
H313 BCR GH . -9.29 -3.03 -58.15
H321 BCR GH . -8.84 -2.04 -60.02
H322 BCR GH . -10.24 -2.35 -60.96
H323 BCR GH . -8.70 -2.85 -61.55
H341 BCR GH . -3.20 -4.24 -61.59
H342 BCR GH . -4.60 -4.51 -62.57
H343 BCR GH . -4.30 -5.50 -61.20
H14C BCR GH . -3.17 -1.78 -55.26
H15C BCR GH . -1.09 0.52 -55.07
H16C BCR GH . -2.07 -0.56 -52.92
H17C BCR GH . -0.11 1.62 -53.91
H19C BCR GH . 0.98 2.87 -52.77
H21C BCR GH . 2.85 4.86 -50.95
H23C BCR GH . 3.75 5.78 -48.58
H24C BCR GH . 2.68 4.31 -45.99
H271 BCR GH . 6.28 4.85 -44.44
H272 BCR GH . 5.72 5.43 -42.87
H281 BCR GH . 7.41 6.81 -44.60
H282 BCR GH . 6.51 7.53 -43.27
H291 BCR GH . 4.83 8.37 -44.66
H292 BCR GH . 6.30 8.61 -45.61
H351 BCR GH . -2.00 0.98 -57.87
H352 BCR GH . -1.13 -0.32 -58.57
H353 BCR GH . -0.63 0.30 -57.04
H361 BCR GH . -0.96 1.70 -49.91
H362 BCR GH . -0.15 0.21 -50.27
H363 BCR GH . -1.75 0.51 -50.86
H371 BCR GH . 0.40 3.30 -48.67
H372 BCR GH . 1.33 3.26 -47.21
H373 BCR GH . 1.73 2.21 -48.54
H381 BCR GH . 2.78 4.44 -43.73
H382 BCR GH . 2.41 6.13 -43.68
H383 BCR GH . 3.52 5.44 -42.53
H391 BCR GH . 6.20 7.13 -48.11
H392 BCR GH . 5.78 5.54 -47.63
H393 BCR GH . 7.00 6.40 -46.77
H401 BCR GH . 4.62 9.01 -47.13
H402 BCR GH . 3.20 8.19 -46.55
H403 BCR GH . 3.91 7.75 -48.07
C1 PTY HH . 10.74 -7.91 -47.84
C2 PTY HH . 8.40 -11.66 -53.50
C3 PTY HH . 9.77 -11.76 -52.84
O4 PTY HH . 10.33 -7.92 -46.50
C5 PTY HH . 9.76 -10.02 -48.77
C6 PTY HH . 11.05 -9.34 -48.29
O7 PTY HH . 11.59 -10.06 -47.20
C8 PTY HH . 12.99 -10.09 -47.13
O10 PTY HH . 13.63 -10.11 -48.13
C11 PTY HH . 13.72 -10.11 -45.79
C12 PTY HH . 12.84 -9.57 -44.64
C13 PTY HH . 12.78 -8.03 -44.66
C14 PTY HH . 13.76 -7.40 -43.67
C15 PTY HH . 15.11 -7.13 -44.35
C16 PTY HH . 16.19 -6.73 -43.34
C17 PTY HH . 16.16 -5.23 -43.08
C18 PTY HH . 16.87 -4.93 -41.76
C19 PTY HH . 17.04 -3.42 -41.59
C20 PTY HH . 17.45 -3.09 -40.15
C21 PTY HH . 18.04 -1.67 -40.05
C22 PTY HH . 17.11 -0.65 -40.71
C23 PTY HH . 17.64 0.76 -40.49
C24 PTY HH . 17.39 1.25 -39.06
C25 PTY HH . 16.68 2.60 -39.08
C26 PTY HH . 17.65 3.68 -39.58
C27 PTY HH . 16.88 4.74 -40.36
C28 PTY HH . 17.84 5.81 -40.87
C29 PTY HH . 18.58 5.32 -42.11
C30 PTY HH . 9.00 -7.55 -46.30
C31 PTY HH . 8.58 -6.07 -46.32
O30 PTY HH . 8.17 -8.38 -46.12
C32 PTY HH . 9.19 -5.33 -45.12
C33 PTY HH . 8.70 -5.89 -43.79
C34 PTY HH . 7.32 -5.34 -43.43
C35 PTY HH . 7.47 -4.01 -42.70
C36 PTY HH . 6.13 -3.27 -42.68
C37 PTY HH . 6.31 -1.91 -41.98
C38 PTY HH . 5.14 -0.97 -42.30
C39 PTY HH . 5.31 -0.34 -43.68
C40 PTY HH . 4.57 1.00 -43.74
C41 PTY HH . 4.98 1.81 -44.98
C42 PTY HH . 4.98 0.94 -46.23
C43 PTY HH . 4.90 1.80 -47.50
C44 PTY HH . 6.13 2.72 -47.61
P1 PTY HH . 10.21 -12.16 -50.29
O11 PTY HH . 9.71 -11.22 -51.54
O12 PTY HH . 11.68 -12.46 -50.45
O13 PTY HH . 9.43 -13.45 -50.29
O14 PTY HH . 9.98 -11.41 -48.83
N1 PTY HH . 8.42 -12.35 -54.78
HC11 PTY HH . 11.55 -7.37 -47.92
HC12 PTY HH . 10.04 -7.54 -48.40
HC21 PTY HH . 8.18 -10.72 -53.65
HC22 PTY HH . 7.73 -12.05 -52.92
HC31 PTY HH . 10.42 -11.26 -53.36
HC32 PTY HH . 10.04 -12.68 -52.78
HC51 PTY HH . 9.55 -9.68 -49.65
HC52 PTY HH . 9.05 -9.83 -48.16
HC6 PTY HH . 11.69 -9.32 -49.02
H111 PTY HH . 14.53 -9.57 -45.86
H112 PTY HH . 13.96 -11.02 -45.58
H121 PTY HH . 13.22 -9.87 -43.80
H122 PTY HH . 11.95 -9.92 -44.74
H131 PTY HH . 11.87 -7.77 -44.41
H132 PTY HH . 12.96 -7.71 -45.55
H141 PTY HH . 13.88 -7.97 -42.90
H142 PTY HH . 13.39 -6.55 -43.36
H151 PTY HH . 15.01 -6.42 -45.00
H152 PTY HH . 15.40 -7.94 -44.81
H161 PTY HH . 17.06 -6.97 -43.69
H162 PTY HH . 16.04 -7.20 -42.50
H171 PTY HH . 15.23 -4.92 -43.03
H172 PTY HH . 16.61 -4.76 -43.80
H181 PTY HH . 17.74 -5.35 -41.75
H182 PTY HH . 16.34 -5.27 -41.02
H191 PTY HH . 16.20 -2.98 -41.80
H192 PTY HH . 17.73 -3.10 -42.20
H201 PTY HH . 18.12 -3.73 -39.86
H202 PTY HH . 16.67 -3.15 -39.58
H211 PTY HH . 18.90 -1.65 -40.49
H212 PTY HH . 18.15 -1.45 -39.11
H221 PTY HH . 16.22 -0.73 -40.32
H222 PTY HH . 17.06 -0.82 -41.66
H231 PTY HH . 17.20 1.37 -41.11
H232 PTY HH . 18.59 0.78 -40.67
H241 PTY HH . 18.24 1.34 -38.60
H242 PTY HH . 16.85 0.60 -38.59
H251 PTY HH . 16.40 2.82 -38.18
H252 PTY HH . 15.92 2.56 -39.67
H261 PTY HH . 18.32 3.28 -40.16
H262 PTY HH . 18.10 4.09 -38.82
H271 PTY HH . 16.22 5.15 -39.78
H272 PTY HH . 16.43 4.33 -41.11
H281 PTY HH . 18.48 6.02 -40.18
H282 PTY HH . 17.34 6.61 -41.08
H291 PTY HH . 18.01 5.47 -42.89
H292 PTY HH . 18.76 4.37 -42.03
H293 PTY HH . 19.40 5.80 -42.22
H311 PTY HH . 7.62 -6.00 -46.29
H312 PTY HH . 8.91 -5.66 -47.13
H321 PTY HH . 8.95 -4.39 -45.18
H322 PTY HH . 10.15 -5.41 -45.16
H331 PTY HH . 9.32 -5.65 -43.09
H332 PTY HH . 8.65 -6.87 -43.84
H341 PTY HH . 6.86 -5.97 -42.85
H342 PTY HH . 6.81 -5.21 -44.24
H351 PTY HH . 8.14 -3.47 -43.14
H352 PTY HH . 7.74 -4.17 -41.78
H361 PTY HH . 5.47 -3.79 -42.21
H362 PTY HH . 5.84 -3.12 -43.60
H371 PTY HH . 7.13 -1.51 -42.28
H372 PTY HH . 6.35 -2.06 -41.02
H381 PTY HH . 5.10 -0.29 -41.63
H382 PTY HH . 4.30 -1.48 -42.29
H391 PTY HH . 4.96 -0.94 -44.35
H392 PTY HH . 6.26 -0.19 -43.85
H401 PTY HH . 4.77 1.51 -42.94
H402 PTY HH . 3.61 0.82 -43.77
H411 PTY HH . 5.87 2.17 -44.83
H412 PTY HH . 4.35 2.55 -45.08
H421 PTY HH . 4.20 0.35 -46.21
H422 PTY HH . 5.78 0.41 -46.26
H431 PTY HH . 4.10 2.35 -47.47
H432 PTY HH . 4.87 1.23 -48.27
H441 PTY HH . 6.07 3.22 -48.44
H442 PTY HH . 6.93 2.18 -47.60
H443 PTY HH . 6.14 3.33 -46.87
HN11 PTY HH . 9.25 -12.48 -55.04
HN12 PTY HH . 7.99 -11.86 -55.38
MG CLA IH . 10.90 26.40 -32.10
CHA CLA IH . 9.61 25.31 -35.10
CHB CLA IH . 10.11 29.69 -32.90
CHC CLA IH . 12.09 27.30 -29.14
CHD CLA IH . 11.70 23.04 -31.33
NA CLA IH . 9.94 27.42 -33.81
C1A CLA IH . 9.49 26.80 -34.91
C2A CLA IH . 8.87 27.76 -35.87
C3A CLA IH . 9.03 29.12 -35.17
C4A CLA IH . 9.73 28.76 -33.88
CMA CLA IH . 9.46 30.32 -36.00
CAA CLA IH . 7.41 27.39 -36.04
CBA CLA IH . 7.08 27.01 -37.49
CGA CLA IH . 5.91 26.06 -37.54
O1A CLA IH . 5.15 25.98 -36.59
O2A CLA IH . 5.74 25.35 -38.63
NB CLA IH . 11.05 28.20 -31.17
C1B CLA IH . 10.73 29.44 -31.65
C2B CLA IH . 11.12 30.44 -30.69
C3B CLA IH . 11.66 29.75 -29.64
C4B CLA IH . 11.63 28.33 -29.96
CMB CLA IH . 10.93 31.93 -30.84
CAB CLA IH . 12.23 30.26 -28.36
CBB CLA IH . 12.92 31.59 -28.23
NC CLA IH . 11.66 25.33 -30.48
C1C CLA IH . 12.18 25.91 -29.39
C2C CLA IH . 12.82 24.91 -28.49
C3C CLA IH . 12.66 23.72 -29.12
C4C CLA IH . 11.94 23.99 -30.35
CMC CLA IH . 13.51 25.12 -27.17
CAC CLA IH . 13.12 22.38 -28.67
CBC CLA IH . 14.44 22.03 -29.35
ND CLA IH . 10.76 24.60 -32.91
C1D CLA IH . 11.06 23.33 -32.55
C2D CLA IH . 10.65 22.34 -33.54
C3D CLA IH . 10.09 23.13 -34.54
C4D CLA IH . 10.15 24.47 -34.14
CMD CLA IH . 10.77 20.85 -33.64
CAD CLA IH . 9.45 23.07 -35.83
OBD CLA IH . 9.04 22.06 -36.37
CBD CLA IH . 9.28 24.48 -36.30
CGD CLA IH . 10.30 24.76 -37.38
O1D CLA IH . 11.42 25.13 -37.07
O2D CLA IH . 9.99 24.58 -38.65
CED CLA IH . 10.51 23.39 -39.23
C1 CLA IH . 6.38 24.04 -38.79
C2 CLA IH . 5.68 23.06 -39.70
C3 CLA IH . 4.70 22.28 -39.25
C4 CLA IH . 4.22 22.33 -37.83
C5 CLA IH . 4.01 21.32 -40.19
C6 CLA IH . 3.19 22.18 -41.16
C7 CLA IH . 1.86 21.55 -41.54
C8 CLA IH . 1.90 20.73 -42.82
C9 CLA IH . 0.59 19.94 -42.91
C10 CLA IH . 3.10 19.79 -42.91
C11 CLA IH . 3.07 18.96 -44.19
C12 CLA IH . 4.43 18.87 -44.91
C13 CLA IH . 5.58 18.27 -44.10
C14 CLA IH . 6.85 18.36 -44.95
C15 CLA IH . 5.31 16.82 -43.69
C16 CLA IH . 6.30 16.31 -42.64
C17 CLA IH . 5.70 16.19 -41.26
C18 CLA IH . 5.48 17.53 -40.56
C19 CLA IH . 4.69 17.32 -39.26
C20 CLA IH . 6.78 18.27 -40.26
HHB CLA IH . 9.93 30.72 -33.14
HHC CLA IH . 13.09 27.60 -28.84
HHD CLA IH . 12.67 22.60 -31.58
H2A CLA IH . 9.40 27.74 -36.84
HMA1 CLA IH . 8.77 30.46 -36.80
HMA2 CLA IH . 10.42 30.16 -36.41
HMA3 CLA IH . 9.47 31.19 -35.40
HAA1 CLA IH . 6.78 28.22 -35.73
HAA2 CLA IH . 7.17 26.53 -35.39
HBA1 CLA IH . 7.94 26.56 -37.96
HBA2 CLA IH . 6.83 27.92 -38.03
HMB1 CLA IH . 11.65 32.30 -31.51
HMB2 CLA IH . 11.05 32.40 -29.90
HMB3 CLA IH . 9.95 32.13 -31.20
HBB1 CLA IH . 13.19 31.95 -27.24
HBB2 CLA IH . 13.41 32.02 -29.09
HMC1 CLA IH . 13.53 26.16 -26.94
HMC2 CLA IH . 14.50 24.75 -27.23
HMC3 CLA IH . 12.98 24.60 -26.43
HAC1 CLA IH . 12.37 21.65 -28.97
HAC2 CLA IH . 13.23 22.35 -27.58
HBC1 CLA IH . 14.92 21.26 -28.80
HBC2 CLA IH . 15.05 22.89 -29.39
HBC3 CLA IH . 14.25 21.69 -30.33
HMD1 CLA IH . 9.82 20.41 -33.44
HMD2 CLA IH . 11.48 20.49 -32.95
HMD3 CLA IH . 11.06 20.58 -34.63
HBD CLA IH . 8.26 24.66 -36.67
HED1 CLA IH . 10.01 23.19 -40.14
HED2 CLA IH . 10.36 22.58 -38.56
HED3 CLA IH . 11.55 23.51 -39.40
H11 CLA IH . 6.53 23.59 -37.81
H12 CLA IH . 7.38 24.22 -39.20
H2 CLA IH . 5.99 22.99 -40.73
H41 CLA IH . 3.39 21.67 -37.71
H42 CLA IH . 3.90 23.32 -37.60
H43 CLA IH . 4.99 22.04 -37.18
H51 CLA IH . 3.36 20.64 -39.64
H52 CLA IH . 4.75 20.74 -40.74
H61 CLA IH . 3.79 22.39 -42.05
H62 CLA IH . 2.99 23.14 -40.67
H71 CLA IH . 1.13 22.36 -41.67
H72 CLA IH . 1.49 20.94 -40.72
H8 CLA IH . 1.93 21.42 -43.68
H91 CLA IH . 0.34 19.77 -43.93
H92 CLA IH . -0.17 20.49 -42.44
H93 CLA IH . 0.72 19.01 -42.41
H101 CLA IH . 3.10 19.13 -42.05
H102 CLA IH . 4.03 20.37 -42.88
H111 CLA IH . 2.37 19.42 -44.88
H112 CLA IH . 2.70 17.96 -43.97
H121 CLA IH . 4.71 19.88 -45.22
H122 CLA IH . 4.30 18.28 -45.81
H13 CLA IH . 5.74 18.87 -43.19
H141 CLA IH . 7.70 18.10 -44.36
H142 CLA IH . 6.96 19.34 -45.31
H143 CLA IH . 6.77 17.69 -45.77
H151 CLA IH . 5.37 16.19 -44.58
H152 CLA IH . 4.30 16.73 -43.29
H161 CLA IH . 7.18 16.96 -42.60
H162 CLA IH . 6.65 15.33 -42.96
H171 CLA IH . 6.35 15.58 -40.64
H172 CLA IH . 4.73 15.67 -41.34
H18 CLA IH . 4.87 18.16 -41.23
H191 CLA IH . 4.41 18.26 -38.86
H192 CLA IH . 5.31 16.81 -38.57
H193 CLA IH . 3.83 16.75 -39.47
H201 CLA IH . 6.57 19.08 -39.63
H202 CLA IH . 7.20 18.62 -41.16
H203 CLA IH . 7.45 17.60 -39.78
HHC2 CLA IH . 11.49 27.38 -28.23
HHD2 CLA IH . 11.13 22.23 -30.85
MG CLA JH . 18.34 -1.30 -48.16
CHA CLA JH . 18.92 -4.46 -46.93
CHB CLA JH . 17.24 -2.63 -51.18
CHC CLA JH . 17.71 1.79 -49.20
CHD CLA JH . 19.46 0.05 -45.07
NA CLA JH . 18.09 -3.33 -48.99
C1A CLA JH . 18.39 -4.46 -48.34
C2A CLA JH . 18.09 -5.67 -49.17
C3A CLA JH . 17.58 -5.08 -50.49
C4A CLA JH . 17.63 -3.59 -50.23
CMA CLA JH . 18.13 -5.63 -51.81
CAA CLA JH . 16.95 -6.45 -48.53
CBA CLA JH . 15.96 -5.53 -47.81
CGA CLA JH . 14.59 -6.14 -47.70
O1A CLA JH . 14.48 -7.33 -47.42
O2A CLA JH . 13.54 -5.36 -47.89
NB CLA JH . 17.59 -0.54 -49.90
C1B CLA JH . 17.23 -1.23 -51.03
C2B CLA JH . 16.82 -0.30 -52.05
C3B CLA JH . 16.94 0.95 -51.49
C4B CLA JH . 17.43 0.77 -50.12
CMB CLA JH . 16.34 -0.61 -53.45
CAB CLA JH . 16.64 2.22 -52.19
CBB CLA JH . 16.39 3.53 -51.48
NC CLA JH . 18.47 0.59 -47.25
C1C CLA JH . 18.21 1.72 -47.88
C2C CLA JH . 18.51 2.91 -47.04
C3C CLA JH . 18.98 2.39 -45.87
C4C CLA JH . 18.96 0.95 -46.00
CMC CLA JH . 18.34 4.37 -47.42
CAC CLA JH . 19.43 3.17 -44.66
CBC CLA JH . 20.90 3.50 -44.76
ND CLA JH . 19.01 -1.93 -46.41
C1D CLA JH . 19.44 -1.36 -45.26
C2D CLA JH . 19.87 -2.36 -44.28
C3D CLA JH . 19.67 -3.57 -44.94
C4D CLA JH . 19.15 -3.29 -46.21
CMD CLA JH . 20.43 -2.29 -42.89
CAD CLA JH . 19.80 -5.00 -44.80
OBD CLA JH . 20.13 -5.60 -43.78
CBD CLA JH . 19.31 -5.64 -46.07
CGD CLA JH . 20.41 -6.41 -46.74
O1D CLA JH . 21.56 -6.00 -46.73
O2D CLA JH . 20.14 -7.55 -47.37
CED CLA JH . 21.03 -8.64 -47.13
C1 CLA JH . 13.29 -4.19 -47.05
C2 CLA JH . 12.78 -4.38 -45.64
C3 CLA JH . 12.43 -3.36 -44.85
C4 CLA JH . 11.93 -3.62 -43.45
C5 CLA JH . 12.50 -1.89 -45.25
C6 CLA JH . 11.13 -1.33 -45.59
C7 CLA JH . 10.27 -1.08 -44.34
C8 CLA JH . 9.44 0.18 -44.42
C9 CLA JH . 8.69 0.32 -45.75
C10 CLA JH . 10.30 1.41 -44.14
C11 CLA JH . 9.43 2.66 -44.00
C12 CLA JH . 10.11 3.73 -43.14
C13 CLA JH . 9.55 5.11 -43.47
C14 CLA JH . 10.32 5.74 -44.62
C15 CLA JH . 9.59 6.03 -42.25
C16 CLA JH . 8.53 5.66 -41.22
C17 CLA JH . 8.02 6.92 -40.50
C18 CLA JH . 6.89 6.64 -39.52
C19 CLA JH . 5.64 6.16 -40.23
C20 CLA JH . 7.31 5.65 -38.44
HHB CLA JH . 16.94 -3.02 -52.14
HHC CLA JH . 18.38 2.47 -49.72
HHD CLA JH . 20.50 0.33 -44.89
H2A CLA JH . 18.98 -6.29 -49.32
HMA1 CLA JH . 18.01 -6.68 -51.82
HMA2 CLA JH . 19.16 -5.39 -51.89
HMA3 CLA JH . 17.60 -5.21 -52.61
HAA1 CLA JH . 17.36 -7.17 -47.81
HAA2 CLA JH . 16.41 -7.02 -49.30
HBA1 CLA JH . 15.86 -4.59 -48.36
HBA2 CLA JH . 16.33 -5.30 -46.81
HMB1 CLA JH . 17.13 -0.48 -54.13
HMB2 CLA JH . 15.55 0.05 -53.70
HMB3 CLA JH . 15.99 -1.60 -53.48
HBB1 CLA JH . 15.78 4.27 -51.99
HBB2 CLA JH . 17.09 3.88 -50.76
HMC1 CLA JH . 17.85 4.87 -46.64
HMC2 CLA JH . 17.77 4.43 -48.32
HMC3 CLA JH . 19.29 4.80 -47.57
HAC1 CLA JH . 19.24 2.58 -43.75
HAC2 CLA JH . 18.85 4.10 -44.58
HBC1 CLA JH . 21.20 4.07 -43.92
HBC2 CLA JH . 21.08 4.05 -45.64
HBC3 CLA JH . 21.46 2.60 -44.79
HMD1 CLA JH . 20.07 -1.43 -42.41
HMD2 CLA JH . 21.48 -2.28 -42.93
HMD3 CLA JH . 20.12 -3.15 -42.34
HBD CLA JH . 18.45 -6.30 -45.88
HED1 CLA JH . 20.64 -9.53 -47.55
HED2 CLA JH . 21.18 -8.76 -46.09
HED3 CLA JH . 21.97 -8.43 -47.59
H11 CLA JH . 12.56 -3.56 -47.57
H12 CLA JH . 14.21 -3.62 -47.00
H2 CLA JH . 12.69 -5.38 -45.25
H41 CLA JH . 12.22 -2.83 -42.82
H42 CLA JH . 12.38 -4.52 -43.09
H43 CLA JH . 10.89 -3.72 -43.46
H51 CLA JH . 13.17 -1.77 -46.09
H52 CLA JH . 12.92 -1.32 -44.42
H61 CLA JH . 10.61 -2.02 -46.25
H62 CLA JH . 11.26 -0.39 -46.13
H71 CLA JH . 10.92 -1.04 -43.46
H72 CLA JH . 9.61 -1.94 -44.21
H8 CLA JH . 8.67 0.13 -43.62
H91 CLA JH . 7.91 1.01 -45.65
H92 CLA JH . 8.30 -0.62 -46.03
H93 CLA JH . 9.37 0.66 -46.49
H101 CLA JH . 11.00 1.56 -44.96
H102 CLA JH . 10.88 1.26 -43.23
H111 CLA JH . 8.48 2.39 -43.53
H112 CLA JH . 9.22 3.07 -44.99
H121 CLA JH . 11.18 3.72 -43.33
H122 CLA JH . 9.95 3.51 -42.08
H13 CLA JH . 8.50 4.99 -43.78
H141 CLA JH . 9.82 6.60 -44.96
H142 CLA JH . 10.41 5.05 -45.42
H143 CLA JH . 11.29 6.01 -44.29
H151 CLA JH . 9.44 7.05 -42.57
H152 CLA JH . 10.58 5.96 -41.79
H161 CLA JH . 8.97 4.98 -40.48
H162 CLA JH . 7.70 5.15 -41.70
H171 CLA JH . 7.68 7.64 -41.25
H172 CLA JH . 8.86 7.38 -39.96
H18 CLA JH . 6.64 7.59 -39.03
H191 CLA JH . 4.81 6.20 -39.57
H192 CLA JH . 5.77 5.16 -40.56
H193 CLA JH . 5.44 6.78 -41.07
H201 CLA JH . 6.77 5.85 -37.56
H202 CLA JH . 8.35 5.76 -38.25
H203 CLA JH . 7.10 4.67 -38.77
HHC2 CLA JH . 16.77 2.34 -49.11
HHD2 CLA JH . 18.94 0.24 -44.12
MG CLA KH . 19.29 12.87 -45.26
CHA CLA KH . 18.34 9.68 -44.36
CHB CLA KH . 16.36 14.15 -43.91
CHC CLA KH . 20.33 15.90 -46.15
CHD CLA KH . 22.29 11.53 -46.61
NA CLA KH . 17.53 12.03 -44.24
C1A CLA KH . 17.34 10.73 -43.97
C2A CLA KH . 16.02 10.46 -43.31
C3A CLA KH . 15.43 11.87 -43.15
C4A CLA KH . 16.48 12.76 -43.80
CMA CLA KH . 13.94 12.06 -43.45
CAA CLA KH . 16.12 9.73 -41.95
CBA CLA KH . 17.30 10.14 -41.07
CGA CLA KH . 17.45 9.10 -39.98
O1A CLA KH . 16.45 8.60 -39.50
O2A CLA KH . 18.65 8.77 -39.57
NB CLA KH . 18.48 14.73 -45.06
C1B CLA KH . 17.28 15.07 -44.48
C2B CLA KH . 17.11 16.50 -44.57
C3B CLA KH . 18.23 16.97 -45.19
C4B CLA KH . 19.10 15.84 -45.50
CMB CLA KH . 15.95 17.32 -44.07
CAB CLA KH . 18.54 18.38 -45.53
CBB CLA KH . 17.67 19.10 -46.52
NC CLA KH . 21.06 13.60 -46.14
C1C CLA KH . 21.27 14.88 -46.44
C2C CLA KH . 22.57 15.09 -47.11
C3C CLA KH . 23.14 13.85 -47.17
C4C CLA KH . 22.18 12.92 -46.58
CMC CLA KH . 23.17 16.40 -47.58
CAC CLA KH . 24.49 13.49 -47.76
CBC CLA KH . 24.36 12.96 -49.16
ND CLA KH . 20.17 11.12 -45.49
C1D CLA KH . 21.35 10.66 -46.00
C2D CLA KH . 21.47 9.22 -45.86
C3D CLA KH . 20.30 8.85 -45.22
C4D CLA KH . 19.53 9.99 -45.01
CMD CLA KH . 22.53 8.21 -46.22
CAD CLA KH . 19.60 7.70 -44.70
OBD CLA KH . 19.90 6.53 -44.92
CBD CLA KH . 18.29 8.17 -44.15
CGD CLA KH . 17.15 7.56 -44.91
O1D CLA KH . 17.16 7.52 -46.13
O2D CLA KH . 16.12 7.05 -44.25
CED CLA KH . 15.74 5.71 -44.57
C1 CLA KH . 19.13 9.14 -38.24
C2 CLA KH . 18.94 10.56 -37.75
C3 CLA KH . 17.80 11.01 -37.18
C4 CLA KH . 16.57 10.16 -36.99
C5 CLA KH . 17.63 12.44 -36.70
C6 CLA KH . 18.87 13.02 -36.01
C7 CLA KH . 18.51 13.65 -34.65
C8 CLA KH . 18.23 12.71 -33.48
C9 CLA KH . 18.78 13.32 -32.19
C10 CLA KH . 18.79 11.28 -33.63
C11 CLA KH . 18.05 10.29 -32.73
C12 CLA KH . 16.73 9.91 -33.38
C13 CLA KH . 15.78 9.08 -32.53
C14 CLA KH . 14.47 8.92 -33.28
C15 CLA KH . 15.56 9.60 -31.11
C16 CLA KH . 15.12 11.07 -30.98
C17 CLA KH . 15.87 11.68 -29.79
C18 CLA KH . 15.56 13.14 -29.47
C19 CLA KH . 16.70 13.68 -28.62
C20 CLA KH . 15.35 14.03 -30.69
HHB CLA KH . 15.49 14.60 -43.47
HHC CLA KH . 20.11 16.34 -47.13
HHD CLA KH . 22.32 11.25 -47.67
H2A CLA KH . 15.38 9.87 -43.97
HMA1 CLA KH . 13.39 11.37 -42.85
HMA2 CLA KH . 13.76 11.87 -44.47
HMA3 CLA KH . 13.65 13.04 -43.21
HAA1 CLA KH . 16.17 8.66 -42.14
HAA2 CLA KH . 15.20 9.92 -41.40
HBA1 CLA KH . 17.13 11.12 -40.63
HBA2 CLA KH . 18.23 10.17 -41.64
HMB1 CLA KH . 15.05 16.80 -44.24
HMB2 CLA KH . 15.92 18.25 -44.59
HMB3 CLA KH . 16.08 17.51 -43.03
HBB1 CLA KH . 17.56 20.17 -46.47
HBB2 CLA KH . 17.27 18.56 -47.37
HMC1 CLA KH . 22.40 17.13 -47.66
HMC2 CLA KH . 23.61 16.26 -48.53
HMC3 CLA KH . 23.90 16.72 -46.90
HAC1 CLA KH . 24.96 12.73 -47.13
HAC2 CLA KH . 25.12 14.37 -47.76
HBC1 CLA KH . 25.41 12.90 -49.04
HBC2 CLA KH . 23.71 13.79 -49.26
HBC3 CLA KH . 24.69 13.34 -50.11
HMD1 CLA KH . 23.17 8.61 -46.96
HMD2 CLA KH . 22.06 7.33 -46.60
HMD3 CLA KH . 23.09 7.96 -45.36
HBD CLA KH . 18.21 7.95 -43.08
HED1 CLA KH . 15.11 5.32 -43.82
HED2 CLA KH . 16.60 5.10 -44.67
HED3 CLA KH . 15.21 5.71 -45.50
H11 CLA KH . 20.20 8.96 -38.21
H12 CLA KH . 18.69 8.46 -37.51
H2 CLA KH . 19.76 11.24 -37.84
H41 CLA KH . 16.06 10.46 -36.11
H42 CLA KH . 16.81 9.14 -36.92
H43 CLA KH . 15.92 10.31 -37.82
H51 CLA KH . 16.78 12.50 -36.01
H52 CLA KH . 17.40 13.06 -37.57
H61 CLA KH . 19.28 13.81 -36.64
H62 CLA KH . 19.66 12.27 -35.88
H71 CLA KH . 17.61 14.25 -34.81
H72 CLA KH . 19.30 14.34 -34.37
H8 CLA KH . 17.14 12.64 -33.36
H91 CLA KH . 18.28 12.91 -31.36
H92 CLA KH . 18.62 14.37 -32.20
H93 CLA KH . 19.81 13.12 -32.10
H101 CLA KH . 19.85 11.27 -33.40
H102 CLA KH . 18.66 10.92 -34.65
H111 CLA KH . 17.88 10.75 -31.75
H112 CLA KH . 18.67 9.40 -32.59
H121 CLA KH . 16.97 9.34 -34.28
H122 CLA KH . 16.21 10.81 -33.72
H13 CLA KH . 16.24 8.08 -32.44
H141 CLA KH . 13.99 8.04 -32.95
H142 CLA KH . 14.67 8.84 -34.31
H143 CLA KH . 13.85 9.76 -33.10
H151 CLA KH . 16.48 9.46 -30.53
H152 CLA KH . 14.80 8.98 -30.63
H161 CLA KH . 14.05 11.10 -30.79
H162 CLA KH . 15.33 11.62 -31.90
H171 CLA KH . 16.94 11.59 -29.97
H172 CLA KH . 15.65 11.08 -28.91
H18 CLA KH . 14.64 13.17 -28.86
H191 CLA KH . 16.54 14.71 -28.40
H192 CLA KH . 17.61 13.59 -29.15
H193 CLA KH . 16.76 13.14 -27.71
H201 CLA KH . 15.18 15.02 -30.36
H202 CLA KH . 14.51 13.70 -31.25
H203 CLA KH . 16.21 14.01 -31.30
HHC2 CLA KH . 20.90 16.67 -45.63
HHD2 CLA KH . 23.26 11.27 -46.21
MG CLA LH . 20.65 31.52 -35.82
CHA CLA LH . 19.53 34.55 -34.65
CHB CLA LH . 21.52 30.55 -32.60
CHC CLA LH . 21.60 28.59 -37.05
CHD CLA LH . 19.68 32.51 -39.09
NA CLA LH . 20.53 32.43 -33.81
C1A CLA LH . 20.06 33.65 -33.56
C2A CLA LH . 20.11 33.98 -32.10
C3A CLA LH . 20.74 32.73 -31.48
C4A CLA LH . 20.95 31.83 -32.68
CMA CLA LH . 21.85 32.90 -30.44
CAA CLA LH . 18.66 34.22 -31.62
CBA CLA LH . 18.11 33.23 -30.59
CGA CLA LH . 17.99 31.82 -31.13
O1A CLA LH . 17.92 31.67 -32.35
O2A CLA LH . 17.94 30.78 -30.31
NB CLA LH . 21.42 29.84 -34.96
C1B CLA LH . 21.74 29.63 -33.65
C2B CLA LH . 22.32 28.32 -33.50
C3B CLA LH . 22.35 27.79 -34.76
C4B CLA LH . 21.77 28.76 -35.67
CMB CLA LH . 22.81 27.68 -32.22
CAB CLA LH . 22.83 26.45 -35.17
CBB CLA LH . 22.32 25.21 -34.51
NC CLA LH . 20.60 30.68 -37.74
C1C CLA LH . 21.11 29.49 -38.03
C2C CLA LH . 21.10 29.21 -39.50
C3C CLA LH . 20.54 30.32 -40.05
C4C CLA LH . 20.25 31.25 -38.95
CMC CLA LH . 21.59 27.97 -40.20
CAC CLA LH . 20.31 30.58 -41.52
CBC CLA LH . 18.85 30.46 -41.87
ND CLA LH . 19.82 33.06 -36.74
C1D CLA LH . 19.48 33.39 -38.00
C2D CLA LH . 18.90 34.73 -38.09
C3D CLA LH . 18.92 35.18 -36.77
C4D CLA LH . 19.48 34.17 -35.97
CMD CLA LH . 18.36 35.58 -39.21
CAD CLA LH . 18.58 36.30 -35.94
OBD CLA LH . 18.38 37.44 -36.35
CBD CLA LH . 18.97 35.95 -34.53
CGD CLA LH . 20.02 36.89 -34.02
O1D CLA LH . 20.93 37.29 -34.73
O2D CLA LH . 19.96 37.29 -32.74
CED CLA LH . 19.24 38.49 -32.51
C1 CLA LH . 19.09 30.21 -29.61
C2 CLA LH . 19.79 30.98 -28.51
C3 CLA LH . 20.82 30.50 -27.81
C4 CLA LH . 21.44 31.35 -26.73
C5 CLA LH . 21.46 29.14 -27.99
C6 CLA LH . 21.01 28.18 -26.90
C7 CLA LH . 21.29 26.74 -27.36
C8 CLA LH . 20.90 25.64 -26.37
C9 CLA LH . 21.19 26.01 -24.92
C10 CLA LH . 21.64 24.35 -26.73
C11 CLA LH . 21.52 24.00 -28.22
C12 CLA LH . 22.11 22.63 -28.53
C13 CLA LH . 21.92 22.27 -30.00
C14 CLA LH . 20.53 21.70 -30.21
C15 CLA LH . 23.04 21.33 -30.45
C16 CLA LH . 22.85 20.83 -31.89
C17 CLA LH . 23.97 19.90 -32.34
C18 CLA LH . 25.22 20.59 -32.87
C19 CLA LH . 26.21 19.55 -33.38
C20 CLA LH . 24.93 21.60 -33.97
HHB CLA LH . 21.84 30.22 -31.61
HHC CLA LH . 22.58 28.27 -37.42
HHD CLA LH . 20.26 33.05 -39.84
H2A CLA LH . 20.72 34.86 -31.91
HMA1 CLA LH . 21.48 33.48 -29.63
HMA2 CLA LH . 22.67 33.40 -30.89
HMA3 CLA LH . 22.17 31.95 -30.09
HAA1 CLA LH . 18.00 34.21 -32.49
HAA2 CLA LH . 18.61 35.23 -31.20
HBA1 CLA LH . 17.11 33.57 -30.29
HBA2 CLA LH . 18.74 33.26 -29.71
HMB1 CLA LH . 23.25 26.74 -32.43
HMB2 CLA LH . 21.99 27.55 -31.56
HMB3 CLA LH . 23.53 28.32 -31.78
HBB1 CLA LH . 22.52 24.23 -34.93
HBB2 CLA LH . 21.59 25.29 -33.71
HMC1 CLA LH . 21.74 27.19 -39.50
HMC2 CLA LH . 22.49 28.18 -40.71
HMC3 CLA LH . 20.86 27.66 -40.91
HAC1 CLA LH . 20.88 29.86 -42.11
HAC2 CLA LH . 20.67 31.58 -41.78
HBC1 CLA LH . 18.72 30.64 -42.91
HBC2 CLA LH . 18.29 31.18 -41.33
HBC3 CLA LH . 18.51 29.49 -41.64
HMD1 CLA LH . 17.65 36.27 -38.83
HMD2 CLA LH . 17.88 34.96 -39.93
HMD3 CLA LH . 19.15 36.10 -39.68
HBD CLA LH . 18.10 35.97 -33.87
HED1 CLA LH . 18.72 38.40 -31.58
HED2 CLA LH . 18.56 38.65 -33.30
HED3 CLA LH . 19.92 39.30 -32.45
H11 CLA LH . 19.85 29.98 -30.37
H12 CLA LH . 18.78 29.25 -29.19
H2 CLA LH . 19.42 31.97 -28.26
H41 CLA LH . 21.22 32.33 -26.41
H42 CLA LH . 20.48 31.19 -26.31
H43 CLA LH . 21.75 31.89 -27.58
H51 CLA LH . 22.55 29.26 -27.94
H52 CLA LH . 21.22 28.74 -28.98
H61 CLA LH . 19.94 28.30 -26.71
H62 CLA LH . 21.55 28.39 -25.98
H71 CLA LH . 22.36 26.66 -27.58
H72 CLA LH . 20.75 26.58 -28.29
H8 CLA LH . 19.82 25.46 -26.46
H91 CLA LH . 20.99 25.17 -24.30
H92 CLA LH . 20.58 26.81 -24.61
H93 CLA LH . 22.21 26.28 -24.81
H101 CLA LH . 21.23 23.53 -26.13
H102 CLA LH . 22.70 24.46 -26.47
H111 CLA LH . 22.04 24.75 -28.82
H112 CLA LH . 20.46 24.01 -28.49
H121 CLA LH . 21.63 21.87 -27.91
H122 CLA LH . 23.18 22.63 -28.29
H13 CLA LH . 22.00 23.21 -30.59
H141 CLA LH . 20.45 20.76 -29.73
H142 CLA LH . 20.34 21.57 -31.25
H143 CLA LH . 19.80 22.36 -29.81
H151 CLA LH . 23.09 20.48 -29.77
H152 CLA LH . 23.99 21.86 -30.39
H161 CLA LH . 22.77 21.69 -32.55
H162 CLA LH . 21.91 20.28 -31.95
H171 CLA LH . 23.57 19.25 -33.14
H172 CLA LH . 24.25 19.24 -31.52
H18 CLA LH . 25.69 21.13 -32.03
H191 CLA LH . 27.10 20.02 -33.69
H192 CLA LH . 25.78 19.02 -34.19
H193 CLA LH . 26.43 18.86 -32.60
H201 CLA LH . 25.82 21.78 -34.52
H202 CLA LH . 24.59 22.52 -33.55
H203 CLA LH . 24.19 21.23 -34.62
HHC2 CLA LH . 20.96 27.70 -37.15
HHD2 CLA LH . 18.70 32.36 -39.53
C1 BCR MH . 23.74 4.09 -48.66
C2 BCR MH . 23.77 2.59 -48.39
C3 BCR MH . 22.40 2.06 -48.03
C4 BCR MH . 21.49 2.24 -49.22
C5 BCR MH . 21.64 3.59 -49.89
C6 BCR MH . 22.50 4.51 -49.43
C7 BCR MH . 22.34 5.98 -49.58
C8 BCR MH . 21.26 6.65 -49.93
C9 BCR MH . 21.14 8.10 -49.98
C10 BCR MH . 19.85 8.76 -50.12
C11 BCR MH . 19.14 9.87 -49.61
C33 BCR MH . 20.80 3.81 -51.12
C31 BCR MH . 24.99 4.50 -49.42
C32 BCR MH . 23.68 4.79 -47.31
C34 BCR MH . 22.32 8.99 -49.78
C12 BCR MH . 18.51 10.81 -49.16
C13 BCR MH . 18.09 12.17 -49.18
C14 BCR MH . 17.04 12.53 -48.40
C15 BCR MH . 16.51 13.87 -48.36
C16 BCR MH . 15.65 14.79 -47.86
C17 BCR MH . 14.73 14.55 -46.97
C18 BCR MH . 13.79 15.35 -46.40
C19 BCR MH . 13.61 16.79 -46.68
C20 BCR MH . 13.19 18.02 -46.42
C21 BCR MH . 12.88 19.41 -46.42
C22 BCR MH . 12.19 20.12 -45.50
C23 BCR MH . 12.04 21.59 -45.58
C24 BCR MH . 11.56 22.48 -44.48
C25 BCR MH . 11.55 23.96 -44.57
C26 BCR MH . 11.67 24.60 -45.75
C27 BCR MH . 12.48 25.85 -45.86
C28 BCR MH . 12.07 26.77 -44.72
C29 BCR MH . 12.33 26.06 -43.41
C30 BCR MH . 11.50 24.78 -43.26
C35 BCR MH . 18.79 13.12 -50.10
C36 BCR MH . 12.87 14.76 -45.38
C37 BCR MH . 11.57 19.42 -44.33
C38 BCR MH . 10.94 24.17 -47.00
C39 BCR MH . 10.05 25.08 -42.90
C40 BCR MH . 12.19 24.01 -42.15
HC21 BCR MH . 24.14 2.06 -49.26
HC22 BCR MH . 24.46 2.37 -47.57
HC31 BCR MH . 22.46 1.01 -47.76
HC32 BCR MH . 22.00 2.62 -47.18
HC41 BCR MH . 21.73 1.46 -49.96
HC42 BCR MH . 20.46 2.09 -48.92
HC7 BCR MH . 23.16 6.58 -49.23
HC8 BCR MH . 20.38 6.08 -50.15
H331 BCR MH . 21.29 4.49 -51.76
H332 BCR MH . 19.85 4.17 -50.85
H333 BCR MH . 20.69 2.89 -51.62
H311 BCR MH . 24.88 5.47 -49.84
H312 BCR MH . 25.19 3.81 -50.20
H313 BCR MH . 25.82 4.53 -48.76
H321 BCR MH . 24.46 5.49 -47.24
H322 BCR MH . 23.79 4.09 -46.53
H323 BCR MH . 22.74 5.28 -47.19
H341 BCR MH . 22.21 9.85 -50.40
H342 BCR MH . 23.21 8.49 -50.08
H343 BCR MH . 22.39 9.28 -48.77
H14C BCR MH . 16.58 11.79 -47.76
H15C BCR MH . 16.93 14.64 -48.96
H16C BCR MH . 15.97 15.66 -48.43
H17C BCR MH . 14.72 13.53 -46.63
H19C BCR MH . 14.33 16.98 -47.46
H21C BCR MH . 13.49 19.62 -47.28
H23C BCR MH . 12.43 22.07 -46.46
H24C BCR MH . 11.35 21.99 -43.55
H271 BCR MH . 12.29 26.35 -46.81
H272 BCR MH . 13.55 25.63 -45.79
H281 BCR MH . 11.01 27.03 -44.81
H282 BCR MH . 12.66 27.69 -44.76
H291 BCR MH . 13.39 25.79 -43.36
H292 BCR MH . 12.12 26.72 -42.58
H351 BCR MH . 19.54 13.63 -49.56
H352 BCR MH . 18.11 13.82 -50.51
H353 BCR MH . 19.24 12.58 -50.88
H361 BCR MH . 11.87 14.98 -45.64
H362 BCR MH . 13.10 15.15 -44.43
H363 BCR MH . 12.98 13.70 -45.37
H371 BCR MH . 10.51 19.36 -44.47
H372 BCR MH . 11.78 19.93 -43.43
H373 BCR MH . 11.94 18.43 -44.25
H381 BCR MH . 10.16 24.86 -47.18
H382 BCR MH . 10.51 23.21 -46.88
H383 BCR MH . 11.60 24.18 -47.82
H391 BCR MH . 9.75 24.44 -42.12
H392 BCR MH . 9.44 24.90 -43.75
H393 BCR MH . 9.97 26.09 -42.60
H401 BCR MH . 12.31 24.65 -41.30
H402 BCR MH . 13.15 23.68 -42.48
H403 BCR MH . 11.62 23.18 -41.86
#